data_7YF0
#
_entry.id   7YF0
#
_cell.length_a   1.00
_cell.length_b   1.00
_cell.length_c   1.00
_cell.angle_alpha   90.00
_cell.angle_beta   90.00
_cell.angle_gamma   90.00
#
_symmetry.space_group_name_H-M   'P 1'
#
loop_
_entity.id
_entity.type
_entity.pdbx_description
1 polymer 'RNA helicase'
2 polymer 'Lambda-2 protein'
3 polymer 'RNA-directed RNA polymerase'
4 polymer 'Mu-2 protein'
5 non-polymer 'ZINC ION'
#
loop_
_entity_poly.entity_id
_entity_poly.type
_entity_poly.pdbx_seq_one_letter_code
_entity_poly.pdbx_strand_id
1 'polypeptide(L)'
;MKRIPRKTKGKSSGKGNDSTSRSDDGSSQLRDKQSNKANPATAEPGTSNCEHYKARPGIASVQKATESAELPMKNNDEGT
PDKRGNTKGALVNEHVEARDEADDATKKQAKDTEKAKAQVTYSDTGINNANELSRSGNVDNEGGSNQKPMSTRIAEATSA
IVSKHPARVGLPPTASSGHGYQCHVCSAVLFSPLDLDAHVASHGLHGNMTLTSSEIQRHITEFISSWQNHPIVQVSADVE
NRKTAQLLHADTPRLVTWDAGLCTSFKIVPIVPAQVPQDVLAYTFFTSSYAIQSPFPEAAVSRIVVHTRWASNVDFDRDS
SVIMAPPTENNIHLFKQLLNTETLSVRGANPLMFRANVLHMLLEFVLDNLYLNRHTGFSQDHTPFTEGANLRSLPGPDAE
KWYSIMYPTRMGTPNVSKICNFVASCVRNRVGRFDRAQMMNGAMSEWVDVFETSDALTVSIRGRWMARLARMNINPTEIE
WALTECAQGYVTVTSPYAPSVNRLMPYRISNAERQISQIIRVMNIGNNATVIQPVLQDISVLLQRISPLQIDPTIISNTM
STVSESTTQTLSPASSILGKLRPSNSDFSSFRVALAGWLYNGVVTTVIDDSSYPKDGGSVTSLENLWDFFILALALPLTT
DPCAPVKAFMTLANMMVGFETIPMDNQIYTQSRRASAFSTPHTWPRCFMNIQLISPIDAPILRQWAEIIHRYWPNPSQIR
YGTPNVFGSANLFTPPEVLLLPIDHQPANVTTPTLDFTNELTNWRARVCELMKNLVDNQRYQPGWTQSLVSSMRGTLGKL
KLIKSMTPMYLQQLAPVELAVIAPMLPFPPFQVPYVRLDRDRVPTMVGVTRQSRDTITQPALSLSTTNTTVGVPLALDAR
AITVALLSGKYPPDLVTNVWYADAIYPMYADTEVFSNLQRDVITCEAVQTLVTLVAQISETQYPVDRYLDWIPSLRASAA
TAATFAEWVNTSMKTAFDLSDMLLEPLLSGDPRMTQLAIQYQQYNGRTFNVIPEMPGSVIADCVQLTAEVFNHEYNLFGI
ARGDIIIGRVQSTHLWSPLAPPPDLVFDRDTPGVHIFGRDCRISFGMNGAAPMIRDETGMMVPFEGNWIFPLALWQMNTR
YFNQQFDAWIKTGELRIRIEMGAYPYMLHYYDPRQYANAWNLTSAWLEEITPTSIPSVPFMVPISSDHDISSAPAVQYII
STEYNDRSLFCTNSSSPQTIAGPDKHIPVERYNILTNPDAPPTQIQLPEVVDLYNVVTRYAYETPPITAVVMGVP
;
1,2,3,4,5,A,B,C,D,E,a,b,c,d,e
2 'polypeptide(L)'
;MANVWGVRLADSLSSPTIETRTRHYTLHDFYSDLDASVGKEPWRPLRNQRTNEIVAVQLFRPLQGLVFDTQLYGFPGTFS
QWEQFMKEKLRVLKYEVLRIYPISTYNHDRVNVFVANALVGAFLSNQAFYDLLPLLIVNDTMISDLLGTGAALSQFFQSH
GEVLEVAAGRKYLQMNNYSNDDDDPPLFAKDLSDYAKAFYSDTYEVLDRFFWTHDSSAGVLVHYDKPTNGNHYILGTLTQ
MVSAPPHIINATDALLLESCLEQFAANVRARSAQPVTRLDQCYHLRWGAQYVGEDSLTYRLGVLSLLATNGYQLARPIPK
QLTNRWLSSFVSQVVSDGINETPLWPQERYVQIAYDSPSVVDGATQYGYVRRNQLRLGMRISALQSLSDTPAPVQWLPQY
TIDQVAVDEGDAMVSQLTQLPLRPDYGSIWIGEALSYYVDYNRSHRVVLSSELPQLPDTYFDGDEQYGRSLFSLARKVGD
RSLVKDTAVLKHAYQAIDPNTGKEYLRAGQSVAYFGASAGHSGADQPLVIEPWMQGKISGVPPPSSVRQFGYDVAKGAIV
DLARPFPSGDYQFVYSDVDQVVDGHDDLSISSGLVESLLDSCVHATAPGGSFVMKINFPTRTVWHYIEQKILPNVTSYML
IKPFVTNNVEVFFVAFGVHQQSALTWTSGVYFFLVDHFYRYETLSAISRQLPSFGYVDDGSSVTGIEIISIENPGFSNMT
QAARVGISGLCANVGNARKSIAIYESHGARVLTITSRRSPASARRKARLRYLPLIDPRSLEVQARTILPSNPVLFDNING
ASPHVCLTMMYNFEVSSAVYDGDVVLDLGTGPEAKILELIPSTSPVTCVDIRPTAQPNGCWNVRTTFLELDYLSDGWITG
VRGDIVTCMLSLGAAAAGKSMTFDAAFQQLVRVLTRSTANVLLIQVNCPTDVIRTIKGYLEIDQTNKRYKFPKFGRDEPY
SDMDSLERICRAAWPNCSITWVPLSYDLRWTKLALLESTTLSSASVRIAELMYKYMPIMRIDIHGLPMEKQGNFIVGQNC
SLVIPGFNAQDVFNCYFNSALAFSTEDVNSAMIPQVTAQFDANKGEWSLDMVFSDAGIYTMQALVGSNANPVSLGSFVVD
SPDVDITDAWPAQLDFTIAGTDVDITVNPYYRLMAFVKIDGQWQIANPDKFQFFSSNTGTLVMNVKLDIADRYLLYYIRD
VQSRDVGFYIQHPLQLLNTITLPTNEDLFLSAPDMREWAVKESGNTICILNSPGFIPPQDWDVLTDTISWSPSLPTYVVP
PGDYTLTPL
;
H,I,J,K,L
3 'polypeptide(L)'
;MSSMILTQFGPFIESISGITDQSNDVFENAAKAFSMFTRSDVYKALDEIPFSEDAMLPIPPTIYTKPSHDSYYYIDALNR
VRRKTYQGPDDVYVPNCSIVELLEPHETLTSYGRLSEAIENRAKDGDSQARIATTYGRIAESQARQIKAPLEKFVLALLV
AEAGGSLYDPVLQKYDEIPGLSHNCPLWCFREICRHISGPLPDRAPYLYLSAGVFWLMSPRMTSAIPPLLSDLVNLAILQ
QTAGLDPSLVRLGVQICLHAAASSSYAWFILKTKSIFPQNTLHSMYESLEGGYCPNLEWLEPRSDYKFMYMGAMPLSTKY
ARSAPSNDKKARELGEKYGLSSVVSELRRRTKTYSKHDFTSVRYIRDAMACTSGIFLVRTPTETVLQEYTQSPEIKVPIP
QKDWTGPIGEIRILKDTTSSIARYLYRTWYLAAARMAAQPRTWDPLFQAIMRSQYVTARGGSGATLRESLYAINVSLPDF
KGLPVKAATKIFQAAQLANLPFSHTSVAILADTSMGLRNQVQRRPRSIMPLNVPQQQVSAPHTLTADYINYHMNLSTTSG
SAVIEKVIPLGVYASSPPNQSINIDISACDASITWDFFLSVIMAAIHEGVASSSIGKPFMGVPASIVNDESVVGVRAARP
ISGMQNMIQHLSKLYKRGFSYRVNDSFSPGNDFTHMTTTFPSGSTATSTEHTANNSTMMETFLTVWGPEHTDDPDVLRLM
KSLTIQRNYVCQGDDGLMIIDGNTAGKVNSETIQKMLELISKYGEEFGWKYDIAYDGTAEYLKLYFIFGCRIPNLSRHPI
VGKERANSSAEEPWPAILDQIMGIFFNGVHDGLQWQRWIRYSWALCCAFSRQRTMTGESVGYLQYPMWSFVYWGLPLVKV
FGSDPWIFSWYMPTGDLGMYSWISLIRPLMTRWMVANGYVTDKCSPVFGNADYRKCFNELKLYQGYYMAQLPRNPKKSGR
AAPREVREQFTQALSDYLMQNPELKSRVLRGRSEWEKYGAGIIHNPPSLFDVPHKWYQGAQEAATATREELAEMDETLMR
ARKHSYSSFSKLLEAYLLVKWRMCEAREPSVDLRLPLCAGIDPLNSDPFLKMVSVGPMLQSTRKYFAQTLFMAKTVSGLD
VNAIDSALLRLRTLGADKKALTAQLLMVGLQESEADALAGKIMLQDVNTVQLARVVNLAVPDTWMSLDFDTMFKHHVKLL
PKDGRHLNTDIPPRMGWLRAILRFLGAGMAMTATGVAVDIYLEDIHGGGRSLGQRFMTWMRQEGRSA
;
R
4 'polypeptide(L)'
;MAYIAVPAVVDSRSSEAIGLLESFGVDAGSDANDVSYQDHDYVVDQLQYMLDGYEAGDVIDALVYRNWLHHSVYCLLPPK
SQLLEYWKSNPSVIPDNVDRRLRKRLMLKKDLRKDDEYNQLARAFKISDVYAPLISSTTSPMTMIQNLNQGEIVYTTTDR
VIGARVLLYAPRKYYASTLSFTMTRCVLPFGKEVSRVPHSRFNVGTFPSIATPKCSVMSGVDIESIPNEFIKLFYQRVKS
IHANILNDISPQIVSDMINRKRLRVHTPSNRRAAQLMHLPYHVKRGASHVDVYRVDVVNVLFEVVDVADGLRSVSRKLIM
HTVPVCILELLGIEIADYCIRQEDGMFTDWFLLLTMLSDGLTDRRTHCQYLINPSSMPPDVILNISITGFINRHTIDVMP
DVYDFIKPIGAVLPKGSFKSTIMRVLDSISVLGVKIMPRAHVVDSDEVGEQMEPTFEHAVMEIYKGIAGVDSLDDLTKWV
LNSDLVPHDDRLGQLFQAFLPLAKDLLAPMARQFYDNSMSEGRLLTFAHADSELLNANYFGHLLRLKIPYITEVNLMIRK
NREGGELFQLVLSYLYKMYATSAQPKWFGSLLRLLICPWLHMEKLIGEADPASTSAEIGWHVPREQLMQDGWCGCEDGFI
PYVSIRAPRLVIEELMEKNWGQYHAQVIVTDQLVVGEPRRVSAKAVIKGNHLPVKLISRFACFTLTSKYEMRLPCGHSTG
RGAAYNARLAFRSDLA
;
U
#
loop_
_chem_comp.id
_chem_comp.type
_chem_comp.name
_chem_comp.formula
ZN non-polymer 'ZINC ION' 'Zn 2'
#
# COMPACT_ATOMS: atom_id res chain seq x y z
N PRO A 40 77.12 -27.95 115.11
CA PRO A 40 75.75 -28.33 114.78
C PRO A 40 75.44 -28.10 113.31
N ALA A 41 74.33 -27.41 113.03
CA ALA A 41 73.93 -27.16 111.66
C ALA A 41 73.25 -25.80 111.58
N THR A 42 73.03 -25.34 110.35
CA THR A 42 72.40 -24.07 110.05
C THR A 42 71.73 -24.26 108.69
N ALA A 43 70.65 -23.51 108.44
CA ALA A 43 70.04 -23.46 107.13
C ALA A 43 71.05 -23.00 106.08
N GLU A 44 71.37 -23.89 105.15
CA GLU A 44 72.39 -23.62 104.14
C GLU A 44 71.89 -22.52 103.20
N PRO A 45 72.75 -21.55 102.83
CA PRO A 45 72.28 -20.41 102.04
C PRO A 45 71.88 -20.75 100.61
N GLY A 46 72.14 -21.96 100.12
CA GLY A 46 71.80 -22.31 98.76
C GLY A 46 70.33 -22.53 98.51
N THR A 47 69.71 -23.44 99.25
CA THR A 47 68.39 -23.92 98.92
C THR A 47 67.29 -22.93 99.34
N SER A 48 66.13 -23.08 98.71
CA SER A 48 64.94 -22.28 98.99
C SER A 48 63.73 -23.05 98.51
N ASN A 49 62.55 -22.52 98.82
CA ASN A 49 61.31 -23.23 98.52
C ASN A 49 60.50 -22.64 97.37
N CYS A 50 60.48 -21.33 97.21
CA CYS A 50 59.57 -20.70 96.26
C CYS A 50 60.07 -20.89 94.83
N GLU A 51 59.29 -21.61 94.03
CA GLU A 51 59.53 -21.68 92.60
C GLU A 51 59.19 -20.34 91.96
N HIS A 52 59.79 -20.09 90.81
CA HIS A 52 59.49 -18.88 90.08
C HIS A 52 59.36 -19.08 88.57
N TYR A 53 59.55 -20.30 88.07
CA TYR A 53 59.56 -20.57 86.64
C TYR A 53 58.52 -21.60 86.29
N LYS A 54 57.70 -21.30 85.29
CA LYS A 54 56.84 -22.29 84.66
C LYS A 54 57.41 -22.62 83.29
N ALA A 55 57.37 -23.91 82.94
CA ALA A 55 57.99 -24.36 81.70
C ALA A 55 57.10 -24.01 80.52
N ARG A 56 57.73 -23.63 79.42
CA ARG A 56 56.96 -23.04 78.32
C ARG A 56 56.26 -24.07 77.44
N PRO A 57 56.85 -25.22 77.05
CA PRO A 57 56.01 -26.27 76.44
C PRO A 57 55.08 -26.93 77.44
N GLY A 58 55.40 -26.90 78.71
CA GLY A 58 54.53 -27.48 79.71
C GLY A 58 54.94 -28.89 80.09
N ILE A 59 55.49 -29.05 81.28
CA ILE A 59 55.99 -30.34 81.74
C ILE A 59 54.86 -31.21 82.25
N ALA A 60 53.63 -30.71 82.21
CA ALA A 60 52.46 -31.54 82.40
C ALA A 60 51.91 -32.05 81.09
N SER A 61 51.88 -31.21 80.07
CA SER A 61 51.34 -31.61 78.77
C SER A 61 52.27 -32.56 78.05
N VAL A 62 53.58 -32.30 78.09
CA VAL A 62 54.53 -33.22 77.51
C VAL A 62 54.55 -34.54 78.28
N GLN A 63 54.32 -34.49 79.58
CA GLN A 63 54.30 -35.70 80.39
C GLN A 63 53.00 -36.50 80.19
N LYS A 64 51.90 -35.84 79.84
CA LYS A 64 50.68 -36.54 79.47
C LYS A 64 50.79 -37.15 78.08
N ALA A 65 51.54 -36.49 77.19
CA ALA A 65 52.04 -37.13 75.99
C ALA A 65 53.24 -38.00 76.38
N THR A 66 53.94 -38.55 75.39
CA THR A 66 55.03 -39.55 75.47
C THR A 66 54.79 -40.66 76.50
N GLU A 67 53.53 -41.00 76.70
CA GLU A 67 53.07 -42.19 77.37
C GLU A 67 52.31 -43.07 76.42
N SER A 68 51.38 -42.47 75.67
CA SER A 68 50.72 -43.17 74.59
C SER A 68 51.69 -43.50 73.47
N ALA A 69 52.67 -42.63 73.23
CA ALA A 69 53.75 -42.98 72.31
C ALA A 69 54.71 -43.97 72.92
N GLU A 70 54.82 -43.97 74.25
CA GLU A 70 55.67 -44.93 74.96
C GLU A 70 55.05 -46.33 74.98
N LEU A 71 53.73 -46.44 74.74
CA LEU A 71 53.05 -47.73 74.78
C LEU A 71 53.63 -48.68 73.74
N PRO A 72 53.88 -49.94 74.10
CA PRO A 72 54.56 -50.85 73.19
C PRO A 72 53.64 -51.31 72.06
N MET A 73 54.25 -52.00 71.11
CA MET A 73 53.53 -52.51 69.96
C MET A 73 52.59 -53.63 70.39
N LYS A 74 51.34 -53.58 69.93
CA LYS A 74 50.36 -54.56 70.36
C LYS A 74 50.61 -55.90 69.69
N ASN A 75 49.95 -56.92 70.21
CA ASN A 75 50.23 -58.27 69.79
C ASN A 75 49.35 -58.66 68.61
N ASN A 76 49.89 -59.50 67.74
CA ASN A 76 49.15 -60.07 66.62
C ASN A 76 49.18 -61.57 66.81
N ASP A 77 48.03 -62.16 67.17
CA ASP A 77 48.00 -63.56 67.54
C ASP A 77 47.04 -64.31 66.62
N GLU A 78 47.16 -64.08 65.32
CA GLU A 78 46.33 -64.74 64.32
C GLU A 78 47.15 -65.79 63.58
N GLY A 79 46.58 -66.97 63.40
CA GLY A 79 47.24 -68.03 62.68
C GLY A 79 48.22 -68.85 63.47
N THR A 80 48.67 -68.35 64.60
CA THR A 80 49.62 -69.07 65.44
C THR A 80 48.91 -70.21 66.17
N PRO A 81 49.62 -71.31 66.45
CA PRO A 81 49.01 -72.40 67.21
C PRO A 81 48.90 -72.04 68.69
N ASP A 82 48.38 -72.98 69.47
CA ASP A 82 48.16 -72.74 70.89
C ASP A 82 48.83 -73.80 71.75
N LYS A 83 48.47 -73.82 73.04
CA LYS A 83 48.94 -74.83 73.97
C LYS A 83 48.55 -76.23 73.51
N ARG A 84 47.34 -76.37 72.94
CA ARG A 84 46.81 -77.68 72.57
C ARG A 84 47.23 -78.11 71.18
N GLY A 85 47.22 -77.21 70.21
CA GLY A 85 47.65 -77.57 68.87
C GLY A 85 46.84 -76.90 67.78
N ASN A 86 45.76 -76.23 68.17
CA ASN A 86 44.83 -75.65 67.23
C ASN A 86 45.20 -74.20 66.92
N THR A 87 45.01 -73.79 65.67
CA THR A 87 45.21 -72.40 65.32
C THR A 87 44.09 -71.56 65.91
N LYS A 88 44.42 -70.34 66.32
CA LYS A 88 43.47 -69.46 66.96
C LYS A 88 43.18 -68.25 66.08
N GLY A 89 41.96 -67.74 66.19
CA GLY A 89 41.52 -66.60 65.41
C GLY A 89 40.18 -66.85 64.76
N ALA A 90 39.65 -65.79 64.17
CA ALA A 90 38.33 -65.85 63.54
C ALA A 90 38.39 -66.62 62.24
N LEU A 91 37.40 -67.47 62.01
CA LEU A 91 37.34 -68.29 60.81
C LEU A 91 36.75 -67.45 59.70
N VAL A 92 37.61 -66.79 58.91
CA VAL A 92 37.16 -65.83 57.93
C VAL A 92 38.22 -65.76 56.83
N ASN A 93 37.86 -65.19 55.69
CA ASN A 93 38.76 -65.04 54.56
C ASN A 93 39.94 -64.12 54.94
N GLU A 94 41.12 -64.47 54.41
CA GLU A 94 42.35 -63.76 54.73
C GLU A 94 42.32 -62.31 54.23
N HIS A 95 41.55 -62.05 53.18
CA HIS A 95 41.43 -60.70 52.65
C HIS A 95 40.31 -59.91 53.30
N VAL A 96 39.20 -60.58 53.61
CA VAL A 96 38.09 -59.95 54.32
C VAL A 96 38.53 -59.53 55.72
N GLU A 97 39.44 -60.30 56.34
CA GLU A 97 39.99 -59.91 57.63
C GLU A 97 40.80 -58.62 57.54
N ALA A 98 41.58 -58.45 56.46
CA ALA A 98 42.36 -57.23 56.31
C ALA A 98 41.47 -56.03 56.04
N ARG A 99 40.42 -56.20 55.23
CA ARG A 99 39.50 -55.11 54.97
C ARG A 99 38.71 -54.73 56.22
N ASP A 100 38.28 -55.72 57.00
CA ASP A 100 37.63 -55.49 58.29
C ASP A 100 38.54 -54.75 59.25
N GLU A 101 39.82 -55.11 59.26
CA GLU A 101 40.74 -54.46 60.16
C GLU A 101 41.04 -53.02 59.74
N ALA A 102 41.05 -52.76 58.43
CA ALA A 102 41.18 -51.38 57.97
C ALA A 102 39.98 -50.52 58.37
N ASP A 103 38.77 -51.09 58.29
CA ASP A 103 37.59 -50.36 58.76
C ASP A 103 37.63 -50.10 60.27
N ASP A 104 38.08 -51.08 61.05
CA ASP A 104 38.18 -50.89 62.50
C ASP A 104 39.24 -49.86 62.86
N ALA A 105 40.35 -49.82 62.13
CA ALA A 105 41.36 -48.80 62.36
C ALA A 105 40.89 -47.41 61.98
N THR A 106 40.09 -47.29 60.92
CA THR A 106 39.50 -45.99 60.60
C THR A 106 38.54 -45.52 61.69
N LYS A 107 37.75 -46.44 62.24
CA LYS A 107 36.84 -46.09 63.34
C LYS A 107 37.61 -45.67 64.59
N LYS A 108 38.72 -46.35 64.88
CA LYS A 108 39.56 -45.98 66.01
C LYS A 108 40.22 -44.63 65.79
N GLN A 109 40.60 -44.33 64.55
CA GLN A 109 41.15 -43.01 64.22
C GLN A 109 40.14 -41.90 64.45
N ALA A 110 38.89 -42.13 64.05
CA ALA A 110 37.84 -41.16 64.29
C ALA A 110 37.56 -40.96 65.77
N LYS A 111 37.54 -42.04 66.55
CA LYS A 111 37.34 -41.91 67.99
C LYS A 111 38.52 -41.26 68.70
N ASP A 112 39.73 -41.38 68.16
CA ASP A 112 40.87 -40.69 68.76
C ASP A 112 40.91 -39.21 68.41
N THR A 113 40.57 -38.84 67.19
CA THR A 113 40.56 -37.45 66.78
C THR A 113 39.28 -36.74 67.26
N GLU A 114 38.30 -37.50 67.76
CA GLU A 114 37.03 -37.00 68.30
C GLU A 114 36.21 -36.27 67.24
N LYS A 115 36.13 -36.87 66.06
CA LYS A 115 35.29 -36.38 64.98
C LYS A 115 34.27 -37.44 64.61
N ALA A 116 33.32 -37.06 63.76
CA ALA A 116 32.34 -38.02 63.27
C ALA A 116 32.97 -38.95 62.25
N LYS A 117 33.53 -38.38 61.18
CA LYS A 117 34.21 -39.14 60.14
C LYS A 117 35.71 -38.91 60.27
N ALA A 118 36.48 -39.99 60.17
CA ALA A 118 37.93 -39.90 60.28
C ALA A 118 38.52 -39.20 59.08
N GLN A 119 39.71 -38.65 59.27
CA GLN A 119 40.40 -37.88 58.24
C GLN A 119 41.59 -38.63 57.67
N VAL A 120 42.48 -39.12 58.52
CA VAL A 120 43.57 -40.00 58.09
C VAL A 120 42.96 -41.39 58.07
N THR A 121 42.39 -41.77 56.93
CA THR A 121 41.69 -43.03 56.81
C THR A 121 42.62 -44.10 56.28
N TYR A 122 42.44 -45.32 56.79
CA TYR A 122 43.19 -46.46 56.31
C TYR A 122 42.40 -47.31 55.34
N SER A 123 41.10 -47.11 55.29
CA SER A 123 40.21 -47.90 54.43
C SER A 123 39.67 -47.03 53.31
N ASP A 124 39.43 -47.67 52.16
CA ASP A 124 38.89 -47.05 50.95
C ASP A 124 39.75 -45.88 50.49
N THR A 125 41.05 -46.13 50.37
CA THR A 125 41.97 -45.17 49.80
C THR A 125 41.87 -45.19 48.28
N GLY A 126 42.71 -44.40 47.62
CA GLY A 126 42.70 -44.41 46.17
C GLY A 126 43.45 -45.57 45.53
N ILE A 127 44.05 -46.43 46.34
CA ILE A 127 44.93 -47.48 45.84
C ILE A 127 44.20 -48.81 45.86
N ASN A 128 44.15 -49.46 44.71
CA ASN A 128 43.54 -50.79 44.59
C ASN A 128 44.47 -51.79 45.25
N ASN A 129 44.13 -52.23 46.46
CA ASN A 129 44.96 -53.25 47.10
C ASN A 129 44.59 -54.64 46.60
N ALA A 130 43.37 -55.10 46.95
CA ALA A 130 42.71 -56.29 46.40
C ALA A 130 43.46 -57.62 46.56
N ASN A 131 44.64 -57.60 47.16
CA ASN A 131 45.45 -58.79 47.35
C ASN A 131 46.08 -58.82 48.73
N GLU A 132 45.71 -57.89 49.62
CA GLU A 132 46.29 -57.86 50.94
C GLU A 132 45.79 -59.01 51.78
N LEU A 133 46.41 -60.15 51.66
CA LEU A 133 46.14 -61.24 52.58
C LEU A 133 46.71 -60.87 53.93
N SER A 134 45.94 -61.16 54.98
CA SER A 134 46.38 -60.91 56.34
C SER A 134 45.89 -62.05 57.21
N ARG A 135 46.69 -62.39 58.22
CA ARG A 135 46.57 -63.67 58.91
C ARG A 135 45.27 -63.79 59.68
N SER A 136 44.66 -64.97 59.61
CA SER A 136 43.41 -65.28 60.30
C SER A 136 43.43 -66.75 60.68
N GLY A 137 42.30 -67.23 61.20
CA GLY A 137 42.19 -68.60 61.63
C GLY A 137 41.70 -69.56 60.59
N ASN A 138 41.66 -69.16 59.32
CA ASN A 138 41.14 -70.05 58.29
C ASN A 138 42.17 -71.10 57.90
N VAL A 139 43.43 -70.72 57.80
CA VAL A 139 44.47 -71.61 57.35
C VAL A 139 45.18 -72.21 58.55
N ASP A 140 45.94 -73.26 58.30
CA ASP A 140 46.83 -73.82 59.31
C ASP A 140 48.25 -73.85 58.73
N ASN A 141 49.14 -74.51 59.46
CA ASN A 141 50.55 -74.50 59.08
C ASN A 141 50.86 -75.41 57.90
N GLU A 142 49.99 -76.37 57.62
CA GLU A 142 50.18 -77.21 56.43
C GLU A 142 49.75 -76.46 55.18
N GLY A 143 48.57 -75.88 55.20
CA GLY A 143 48.04 -75.19 54.04
C GLY A 143 46.57 -75.53 53.83
N GLY A 144 46.02 -76.29 54.76
CA GLY A 144 44.64 -76.72 54.65
C GLY A 144 43.68 -75.79 55.35
N SER A 145 42.39 -76.03 55.12
CA SER A 145 41.36 -75.22 55.75
C SER A 145 41.08 -75.71 57.15
N ASN A 146 40.83 -74.78 58.05
CA ASN A 146 40.58 -75.11 59.44
C ASN A 146 39.07 -75.18 59.70
N GLN A 147 38.40 -76.06 58.96
CA GLN A 147 37.01 -76.36 59.25
C GLN A 147 36.89 -77.12 60.57
N LYS A 148 37.50 -78.29 60.63
CA LYS A 148 37.62 -78.95 61.93
C LYS A 148 38.96 -78.60 62.55
N PRO A 149 39.04 -78.46 63.87
CA PRO A 149 40.32 -78.16 64.51
C PRO A 149 41.27 -79.34 64.41
N MET A 150 42.56 -79.02 64.60
CA MET A 150 43.61 -80.02 64.41
C MET A 150 43.55 -81.14 65.43
N SER A 151 43.12 -80.83 66.66
CA SER A 151 42.99 -81.88 67.67
C SER A 151 41.88 -82.85 67.32
N THR A 152 40.73 -82.34 66.90
CA THR A 152 39.62 -83.17 66.43
C THR A 152 40.02 -83.99 65.22
N ARG A 153 40.82 -83.39 64.34
CA ARG A 153 41.25 -84.06 63.13
C ARG A 153 42.22 -85.22 63.40
N ILE A 154 43.19 -85.01 64.28
CA ILE A 154 44.12 -86.09 64.62
C ILE A 154 43.43 -87.15 65.48
N ALA A 155 42.42 -86.75 66.27
CA ALA A 155 41.65 -87.73 67.01
C ALA A 155 40.83 -88.63 66.08
N GLU A 156 40.21 -88.06 65.07
CA GLU A 156 39.53 -88.86 64.06
C GLU A 156 40.51 -89.67 63.22
N ALA A 157 41.76 -89.22 63.09
CA ALA A 157 42.77 -90.03 62.41
C ALA A 157 43.16 -91.26 63.23
N THR A 158 43.28 -91.11 64.54
CA THR A 158 43.63 -92.26 65.38
C THR A 158 42.44 -93.14 65.70
N SER A 159 41.22 -92.64 65.52
CA SER A 159 40.05 -93.45 65.88
C SER A 159 39.79 -94.59 64.91
N ALA A 160 40.34 -94.55 63.69
CA ALA A 160 40.17 -95.61 62.72
C ALA A 160 41.26 -96.68 62.82
N ILE A 161 41.88 -96.81 63.98
CA ILE A 161 43.08 -97.62 64.15
C ILE A 161 42.80 -98.69 65.21
N VAL A 162 41.92 -98.35 66.16
CA VAL A 162 41.83 -99.12 67.40
C VAL A 162 41.13 -100.45 67.16
N SER A 163 41.31 -101.34 68.13
CA SER A 163 40.75 -102.69 68.08
C SER A 163 40.50 -103.14 69.52
N LYS A 164 39.43 -103.88 69.71
CA LYS A 164 38.96 -104.23 71.04
C LYS A 164 39.35 -105.65 71.39
N HIS A 165 38.85 -106.13 72.53
CA HIS A 165 39.01 -107.52 72.91
C HIS A 165 38.17 -108.41 72.00
N PRO A 166 38.53 -109.68 71.88
CA PRO A 166 37.61 -110.64 71.26
C PRO A 166 36.40 -110.88 72.15
N ALA A 167 35.32 -111.28 71.51
CA ALA A 167 34.07 -111.53 72.22
C ALA A 167 34.11 -112.86 72.94
N PRO B 40 -2.35 -139.51 33.85
CA PRO B 40 -1.40 -139.04 34.86
C PRO B 40 -0.81 -137.67 34.51
N ALA B 41 -1.63 -136.83 33.88
CA ALA B 41 -1.17 -135.51 33.47
C ALA B 41 -1.06 -134.60 34.69
N THR B 42 0.13 -134.07 34.92
CA THR B 42 0.36 -133.13 36.02
C THR B 42 0.61 -131.73 35.46
N ALA B 43 -0.19 -131.37 34.44
CA ALA B 43 -0.26 -130.03 33.84
C ALA B 43 1.09 -129.60 33.27
N GLU B 44 1.47 -130.28 32.17
CA GLU B 44 2.74 -130.21 31.43
C GLU B 44 3.25 -128.79 31.24
N PRO B 45 4.57 -128.55 31.32
CA PRO B 45 5.06 -127.19 31.59
C PRO B 45 5.03 -126.22 30.43
N GLY B 46 4.31 -126.54 29.36
CA GLY B 46 4.27 -125.67 28.21
C GLY B 46 3.48 -124.40 28.39
N THR B 47 2.37 -124.44 29.12
CA THR B 47 1.42 -123.34 29.13
C THR B 47 1.17 -122.79 30.53
N SER B 48 1.04 -121.46 30.59
CA SER B 48 0.60 -120.71 31.77
C SER B 48 0.27 -119.31 31.28
N ASN B 49 -0.97 -118.86 31.53
CA ASN B 49 -1.41 -117.57 30.99
C ASN B 49 -1.46 -116.48 32.07
N CYS B 50 -1.06 -115.27 31.68
CA CYS B 50 -1.22 -114.10 32.51
C CYS B 50 -1.64 -112.86 31.75
N GLU B 51 -1.82 -112.93 30.42
CA GLU B 51 -2.12 -111.81 29.53
C GLU B 51 -1.05 -110.72 29.66
N HIS B 52 0.14 -111.07 29.18
CA HIS B 52 1.26 -110.13 29.24
C HIS B 52 1.22 -109.11 28.12
N TYR B 53 1.02 -109.56 26.88
CA TYR B 53 1.09 -108.65 25.74
C TYR B 53 -0.29 -108.08 25.45
N LYS B 54 -0.34 -106.76 25.25
CA LYS B 54 -1.55 -106.11 24.78
C LYS B 54 -1.35 -105.67 23.34
N ALA B 55 -2.44 -105.61 22.60
CA ALA B 55 -2.36 -105.35 21.17
C ALA B 55 -2.03 -103.90 20.91
N ARG B 56 -1.09 -103.66 20.01
CA ARG B 56 -0.57 -102.31 19.84
C ARG B 56 -1.49 -101.44 18.96
N PRO B 57 -2.09 -101.93 17.86
CA PRO B 57 -3.25 -101.21 17.33
C PRO B 57 -4.52 -101.47 18.10
N GLY B 58 -4.62 -102.57 18.83
CA GLY B 58 -5.79 -102.84 19.62
C GLY B 58 -6.82 -103.68 18.90
N ILE B 59 -7.08 -104.89 19.43
CA ILE B 59 -8.03 -105.80 18.81
C ILE B 59 -9.43 -105.23 18.86
N ALA B 60 -9.79 -104.64 20.00
CA ALA B 60 -11.11 -104.05 20.16
C ALA B 60 -11.31 -102.80 19.31
N SER B 61 -10.23 -102.20 18.81
CA SER B 61 -10.37 -101.05 17.92
C SER B 61 -10.37 -101.46 16.46
N VAL B 62 -9.58 -102.47 16.09
CA VAL B 62 -9.55 -102.89 14.69
C VAL B 62 -10.80 -103.68 14.34
N GLN B 63 -11.28 -104.51 15.27
CA GLN B 63 -12.39 -105.38 14.97
C GLN B 63 -13.70 -104.61 14.83
N LYS B 64 -13.86 -103.51 15.57
CA LYS B 64 -15.08 -102.73 15.44
C LYS B 64 -15.18 -101.97 14.13
N ALA B 65 -14.06 -101.74 13.45
CA ALA B 65 -14.12 -101.21 12.09
C ALA B 65 -14.25 -102.30 11.05
N THR B 66 -13.69 -103.48 11.30
CA THR B 66 -13.89 -104.58 10.38
C THR B 66 -15.33 -105.09 10.40
N GLU B 67 -16.05 -104.92 11.53
CA GLU B 67 -17.46 -105.30 11.59
C GLU B 67 -18.33 -104.50 10.64
N SER B 68 -17.94 -103.28 10.30
CA SER B 68 -18.70 -102.47 9.38
C SER B 68 -18.06 -102.39 8.00
N ALA B 69 -16.82 -102.84 7.85
CA ALA B 69 -16.34 -103.18 6.51
C ALA B 69 -16.94 -104.48 6.02
N GLU B 70 -17.35 -105.36 6.92
CA GLU B 70 -17.94 -106.64 6.54
C GLU B 70 -19.34 -106.46 5.94
N LEU B 71 -19.99 -105.33 6.18
CA LEU B 71 -21.41 -105.15 5.84
C LEU B 71 -21.59 -105.10 4.33
N PRO B 72 -22.61 -105.79 3.80
CA PRO B 72 -22.82 -105.81 2.35
C PRO B 72 -23.39 -104.49 1.85
N MET B 73 -23.40 -104.38 0.52
CA MET B 73 -23.91 -103.18 -0.14
C MET B 73 -25.41 -103.08 0.04
N LYS B 74 -25.89 -101.85 0.25
CA LYS B 74 -27.32 -101.60 0.40
C LYS B 74 -28.06 -101.92 -0.88
N ASN B 75 -29.25 -102.49 -0.74
CA ASN B 75 -30.04 -102.87 -1.91
C ASN B 75 -30.61 -101.63 -2.58
N ASN B 76 -30.82 -101.73 -3.89
CA ASN B 76 -31.48 -100.69 -4.68
C ASN B 76 -32.61 -101.41 -5.41
N ASP B 77 -33.84 -101.16 -4.98
CA ASP B 77 -34.95 -101.96 -5.43
C ASP B 77 -35.88 -101.22 -6.39
N GLU B 78 -35.94 -99.89 -6.29
CA GLU B 78 -36.96 -99.13 -6.98
C GLU B 78 -36.73 -99.13 -8.49
N GLY B 79 -37.83 -99.22 -9.24
CA GLY B 79 -37.79 -99.38 -10.68
C GLY B 79 -38.10 -100.78 -11.15
N THR B 80 -38.11 -101.76 -10.24
CA THR B 80 -38.28 -103.16 -10.52
C THR B 80 -39.68 -103.64 -10.10
N PRO B 81 -40.26 -104.59 -10.81
CA PRO B 81 -41.65 -104.96 -10.53
C PRO B 81 -41.76 -105.95 -9.38
N ASP B 82 -42.94 -105.96 -8.78
CA ASP B 82 -43.26 -106.87 -7.68
C ASP B 82 -43.92 -108.13 -8.25
N LYS B 83 -44.55 -108.92 -7.38
CA LYS B 83 -45.19 -110.17 -7.82
C LYS B 83 -46.41 -109.89 -8.69
N ARG B 84 -47.15 -108.82 -8.41
CA ARG B 84 -48.32 -108.50 -9.21
C ARG B 84 -47.92 -107.95 -10.57
N GLY B 85 -46.95 -107.05 -10.60
CA GLY B 85 -46.52 -106.47 -11.84
C GLY B 85 -46.27 -104.98 -11.76
N ASN B 86 -46.54 -104.39 -10.60
CA ASN B 86 -46.38 -102.96 -10.44
C ASN B 86 -44.93 -102.63 -10.13
N THR B 87 -44.41 -101.60 -10.80
CA THR B 87 -43.06 -101.16 -10.52
C THR B 87 -43.03 -100.42 -9.19
N LYS B 88 -42.25 -100.94 -8.24
CA LYS B 88 -42.23 -100.38 -6.90
C LYS B 88 -41.26 -99.22 -6.81
N GLY B 89 -41.51 -98.34 -5.85
CA GLY B 89 -40.82 -97.07 -5.74
C GLY B 89 -41.79 -95.91 -5.70
N ALA B 90 -41.23 -94.71 -5.63
CA ALA B 90 -42.04 -93.51 -5.54
C ALA B 90 -42.21 -92.87 -6.91
N LEU B 91 -43.23 -92.02 -7.02
CA LEU B 91 -43.52 -91.31 -8.26
C LEU B 91 -42.83 -89.96 -8.22
N VAL B 92 -41.83 -89.77 -9.07
CA VAL B 92 -40.96 -88.61 -8.99
C VAL B 92 -40.21 -88.49 -10.31
N ASN B 93 -39.85 -87.26 -10.67
CA ASN B 93 -38.85 -87.04 -11.71
C ASN B 93 -37.55 -87.70 -11.30
N GLU B 94 -36.93 -88.38 -12.27
CA GLU B 94 -35.75 -89.19 -11.98
C GLU B 94 -34.56 -88.33 -11.59
N HIS B 95 -34.39 -87.17 -12.22
CA HIS B 95 -33.28 -86.31 -11.87
C HIS B 95 -33.49 -85.62 -10.52
N VAL B 96 -34.74 -85.26 -10.22
CA VAL B 96 -35.07 -84.72 -8.91
C VAL B 96 -34.80 -85.77 -7.83
N GLU B 97 -35.09 -87.05 -8.11
CA GLU B 97 -34.79 -88.13 -7.18
C GLU B 97 -33.29 -88.33 -7.03
N ALA B 98 -32.53 -88.23 -8.12
CA ALA B 98 -31.09 -88.39 -8.02
C ALA B 98 -30.42 -87.23 -7.32
N ARG B 99 -31.09 -86.07 -7.26
CA ARG B 99 -30.62 -85.00 -6.41
C ARG B 99 -31.01 -85.20 -4.95
N ASP B 100 -32.20 -85.78 -4.72
CA ASP B 100 -32.65 -86.09 -3.37
C ASP B 100 -31.75 -87.12 -2.69
N GLU B 101 -31.26 -88.12 -3.43
CA GLU B 101 -30.35 -89.05 -2.73
C GLU B 101 -28.99 -88.42 -2.46
N ALA B 102 -28.56 -87.44 -3.24
CA ALA B 102 -27.34 -86.70 -2.90
C ALA B 102 -27.52 -85.92 -1.61
N ASP B 103 -28.69 -85.31 -1.42
CA ASP B 103 -29.04 -84.69 -0.16
C ASP B 103 -29.04 -85.68 1.00
N ASP B 104 -29.66 -86.84 0.79
CA ASP B 104 -29.79 -87.83 1.87
C ASP B 104 -28.45 -88.41 2.27
N ALA B 105 -27.59 -88.70 1.31
CA ALA B 105 -26.27 -89.22 1.61
C ALA B 105 -25.33 -88.17 2.16
N THR B 106 -25.51 -86.89 1.81
CA THR B 106 -24.76 -85.85 2.47
C THR B 106 -25.14 -85.73 3.95
N LYS B 107 -26.44 -85.81 4.26
CA LYS B 107 -26.85 -85.80 5.66
C LYS B 107 -26.40 -87.04 6.41
N LYS B 108 -26.39 -88.19 5.73
CA LYS B 108 -25.88 -89.42 6.36
C LYS B 108 -24.39 -89.33 6.63
N GLN B 109 -23.64 -88.70 5.73
CA GLN B 109 -22.22 -88.43 5.94
C GLN B 109 -22.00 -87.51 7.12
N ALA B 110 -22.82 -86.45 7.23
CA ALA B 110 -22.72 -85.52 8.34
C ALA B 110 -23.06 -86.17 9.67
N LYS B 111 -23.96 -87.14 9.69
CA LYS B 111 -24.24 -87.85 10.92
C LYS B 111 -23.18 -88.89 11.25
N ASP B 112 -22.59 -89.53 10.24
CA ASP B 112 -21.58 -90.55 10.53
C ASP B 112 -20.25 -89.93 10.92
N THR B 113 -19.97 -88.69 10.51
CA THR B 113 -18.78 -87.99 10.98
C THR B 113 -19.02 -87.25 12.30
N GLU B 114 -20.14 -87.53 12.97
CA GLU B 114 -20.48 -87.05 14.31
C GLU B 114 -20.51 -85.52 14.40
N LYS B 115 -20.89 -84.84 13.31
CA LYS B 115 -20.91 -83.38 13.33
C LYS B 115 -22.22 -82.82 12.76
N ALA B 116 -22.28 -81.51 12.56
CA ALA B 116 -23.48 -80.83 12.09
C ALA B 116 -23.50 -80.61 10.59
N LYS B 117 -22.39 -80.15 10.02
CA LYS B 117 -22.26 -79.99 8.58
C LYS B 117 -21.27 -81.02 8.05
N ALA B 118 -21.61 -81.63 6.92
CA ALA B 118 -20.74 -82.60 6.30
C ALA B 118 -19.50 -81.93 5.72
N GLN B 119 -18.41 -82.67 5.65
CA GLN B 119 -17.19 -82.19 5.02
C GLN B 119 -16.94 -82.82 3.66
N VAL B 120 -17.17 -84.12 3.53
CA VAL B 120 -17.14 -84.80 2.24
C VAL B 120 -18.58 -84.77 1.75
N THR B 121 -18.92 -83.72 1.00
CA THR B 121 -20.28 -83.52 0.56
C THR B 121 -20.51 -84.18 -0.80
N TYR B 122 -21.71 -84.71 -0.98
CA TYR B 122 -22.08 -85.38 -2.22
C TYR B 122 -22.98 -84.53 -3.09
N SER B 123 -23.46 -83.39 -2.59
CA SER B 123 -24.28 -82.49 -3.37
C SER B 123 -23.65 -81.10 -3.35
N ASP B 124 -24.07 -80.27 -4.30
CA ASP B 124 -23.58 -78.91 -4.50
C ASP B 124 -22.06 -78.90 -4.67
N THR B 125 -21.57 -79.82 -5.49
CA THR B 125 -20.15 -79.88 -5.82
C THR B 125 -19.87 -78.91 -6.96
N GLY B 126 -18.67 -79.00 -7.53
CA GLY B 126 -18.34 -78.12 -8.64
C GLY B 126 -18.93 -78.54 -9.97
N ILE B 127 -19.30 -79.80 -10.12
CA ILE B 127 -19.65 -80.37 -11.42
C ILE B 127 -21.12 -80.11 -11.69
N ASN B 128 -21.41 -79.60 -12.88
CA ASN B 128 -22.79 -79.53 -13.34
C ASN B 128 -23.25 -80.94 -13.72
N ASN B 129 -23.82 -81.65 -12.76
CA ASN B 129 -24.36 -82.98 -13.02
C ASN B 129 -25.87 -82.81 -13.19
N ALA B 130 -26.26 -82.33 -14.36
CA ALA B 130 -27.66 -82.02 -14.61
C ALA B 130 -28.38 -83.10 -15.42
N ASN B 131 -27.65 -84.03 -16.02
CA ASN B 131 -28.27 -85.15 -16.72
C ASN B 131 -28.26 -86.43 -15.91
N GLU B 132 -27.98 -86.34 -14.61
CA GLU B 132 -27.89 -87.52 -13.77
C GLU B 132 -29.29 -88.11 -13.56
N LEU B 133 -29.46 -89.37 -13.92
CA LEU B 133 -30.72 -90.08 -13.76
C LEU B 133 -30.56 -91.21 -12.76
N SER B 134 -31.61 -91.46 -12.00
CA SER B 134 -31.68 -92.60 -11.10
C SER B 134 -32.95 -93.37 -11.37
N ARG B 135 -33.02 -94.57 -10.83
CA ARG B 135 -34.21 -95.39 -10.99
C ARG B 135 -35.29 -94.93 -10.03
N SER B 136 -36.53 -94.91 -10.50
CA SER B 136 -37.67 -94.58 -9.67
C SER B 136 -38.90 -95.28 -10.22
N GLY B 137 -40.00 -95.17 -9.48
CA GLY B 137 -41.24 -95.78 -9.89
C GLY B 137 -42.04 -95.02 -10.91
N ASN B 138 -41.47 -94.00 -11.53
CA ASN B 138 -42.22 -93.19 -12.48
C ASN B 138 -42.41 -93.88 -13.81
N VAL B 139 -41.42 -94.62 -14.28
CA VAL B 139 -41.49 -95.31 -15.55
C VAL B 139 -41.54 -96.81 -15.30
N ASP B 140 -42.12 -97.54 -16.25
CA ASP B 140 -42.21 -98.98 -16.12
C ASP B 140 -41.04 -99.64 -16.83
N ASN B 141 -41.11 -100.95 -16.98
CA ASN B 141 -40.10 -101.69 -17.72
C ASN B 141 -40.30 -101.60 -19.22
N GLU B 142 -41.47 -101.16 -19.66
CA GLU B 142 -41.73 -101.02 -21.09
C GLU B 142 -41.17 -99.71 -21.63
N GLY B 143 -41.42 -98.61 -20.92
CA GLY B 143 -40.99 -97.31 -21.39
C GLY B 143 -42.11 -96.30 -21.27
N GLY B 144 -43.23 -96.72 -20.68
CA GLY B 144 -44.35 -95.85 -20.45
C GLY B 144 -44.33 -95.23 -19.06
N SER B 145 -45.40 -94.53 -18.76
CA SER B 145 -45.54 -93.87 -17.47
C SER B 145 -46.22 -94.77 -16.46
N ASN B 146 -46.16 -94.38 -15.20
CA ASN B 146 -46.77 -95.14 -14.12
C ASN B 146 -47.62 -94.22 -13.28
N GLN B 147 -48.33 -93.30 -13.95
CA GLN B 147 -49.34 -92.48 -13.28
C GLN B 147 -50.48 -93.35 -12.79
N LYS B 148 -50.77 -94.40 -13.51
CA LYS B 148 -51.70 -95.48 -13.25
C LYS B 148 -50.92 -96.78 -13.13
N PRO B 149 -51.26 -97.65 -12.18
CA PRO B 149 -50.54 -98.92 -12.05
C PRO B 149 -50.85 -99.87 -13.20
N MET B 150 -49.89 -100.77 -13.45
CA MET B 150 -50.03 -101.76 -14.53
C MET B 150 -51.11 -102.78 -14.22
N SER B 151 -51.25 -103.15 -12.95
CA SER B 151 -52.21 -104.16 -12.56
C SER B 151 -53.65 -103.68 -12.72
N THR B 152 -53.87 -102.38 -12.86
CA THR B 152 -55.17 -101.88 -13.23
C THR B 152 -55.23 -101.36 -14.66
N ARG B 153 -54.09 -101.08 -15.31
CA ARG B 153 -54.13 -100.86 -16.76
C ARG B 153 -54.57 -102.12 -17.49
N ILE B 154 -54.05 -103.28 -17.08
CA ILE B 154 -54.45 -104.53 -17.71
C ILE B 154 -55.88 -104.88 -17.35
N ALA B 155 -56.32 -104.51 -16.14
CA ALA B 155 -57.68 -104.75 -15.72
C ALA B 155 -58.67 -103.92 -16.53
N GLU B 156 -58.33 -102.67 -16.82
CA GLU B 156 -59.19 -101.86 -17.68
C GLU B 156 -59.19 -102.37 -19.12
N ALA B 157 -58.02 -102.80 -19.63
CA ALA B 157 -57.95 -103.29 -21.00
C ALA B 157 -58.74 -104.58 -21.19
N THR B 158 -58.82 -105.43 -20.17
CA THR B 158 -59.67 -106.61 -20.30
C THR B 158 -61.12 -106.34 -19.95
N SER B 159 -61.39 -105.43 -19.00
CA SER B 159 -62.75 -105.11 -18.62
C SER B 159 -63.46 -104.25 -19.63
N ALA B 160 -62.75 -103.71 -20.61
CA ALA B 160 -63.42 -103.06 -21.73
C ALA B 160 -64.17 -104.04 -22.62
N ILE B 161 -63.91 -105.33 -22.52
CA ILE B 161 -64.64 -106.35 -23.25
C ILE B 161 -65.25 -107.32 -22.25
N VAL B 162 -66.57 -107.33 -22.17
CA VAL B 162 -67.32 -108.37 -21.49
C VAL B 162 -68.41 -108.84 -22.43
N SER B 163 -69.13 -109.87 -22.00
CA SER B 163 -70.29 -110.35 -22.73
C SER B 163 -71.23 -111.01 -21.74
N LYS B 164 -72.44 -110.49 -21.62
CA LYS B 164 -73.40 -110.98 -20.66
C LYS B 164 -74.46 -111.85 -21.34
N HIS B 165 -75.25 -112.51 -20.51
CA HIS B 165 -76.31 -113.37 -21.01
C HIS B 165 -77.46 -112.52 -21.56
N PRO B 166 -78.24 -113.05 -22.50
CA PRO B 166 -79.46 -112.35 -22.90
C PRO B 166 -80.54 -112.49 -21.84
N ALA B 167 -81.43 -111.52 -21.80
CA ALA B 167 -82.53 -111.54 -20.84
C ALA B 167 -83.57 -112.59 -21.19
N PRO C 40 -116.58 -71.01 -48.97
CA PRO C 40 -115.71 -70.08 -48.26
C PRO C 40 -114.73 -70.78 -47.33
N ALA C 41 -113.60 -70.14 -47.03
CA ALA C 41 -112.59 -70.74 -46.19
C ALA C 41 -111.85 -69.65 -45.42
N THR C 42 -111.56 -69.96 -44.16
CA THR C 42 -110.84 -69.07 -43.26
C THR C 42 -109.35 -69.42 -43.33
N ALA C 43 -108.51 -68.42 -43.05
CA ALA C 43 -107.05 -68.55 -42.90
C ALA C 43 -106.40 -69.04 -44.20
N GLU C 44 -106.46 -68.18 -45.20
CA GLU C 44 -105.68 -68.34 -46.41
C GLU C 44 -104.19 -68.34 -46.08
N PRO C 45 -103.38 -69.06 -46.84
CA PRO C 45 -101.95 -69.15 -46.50
C PRO C 45 -101.21 -67.87 -46.81
N GLY C 46 -100.36 -67.46 -45.88
CA GLY C 46 -99.44 -66.38 -46.11
C GLY C 46 -99.72 -65.07 -45.40
N THR C 47 -100.53 -65.08 -44.34
CA THR C 47 -100.81 -63.87 -43.57
C THR C 47 -100.87 -64.18 -42.08
N SER C 48 -99.75 -63.90 -41.40
CA SER C 48 -99.63 -64.00 -39.96
C SER C 48 -98.43 -63.16 -39.54
N ASN C 49 -98.63 -62.30 -38.54
CA ASN C 49 -97.60 -61.31 -38.19
C ASN C 49 -97.13 -61.48 -36.75
N CYS C 50 -95.85 -61.13 -36.54
CA CYS C 50 -95.31 -60.96 -35.20
C CYS C 50 -94.36 -59.78 -35.11
N GLU C 51 -94.38 -58.86 -36.10
CA GLU C 51 -93.42 -57.78 -36.37
C GLU C 51 -91.97 -58.23 -36.16
N HIS C 52 -91.55 -59.20 -36.97
CA HIS C 52 -90.21 -59.77 -36.88
C HIS C 52 -89.10 -58.79 -37.24
N TYR C 53 -89.43 -57.69 -37.92
CA TYR C 53 -88.45 -56.69 -38.34
C TYR C 53 -88.68 -55.40 -37.56
N LYS C 54 -87.61 -54.83 -37.05
CA LYS C 54 -87.64 -53.48 -36.50
C LYS C 54 -86.87 -52.56 -37.42
N ALA C 55 -87.35 -51.32 -37.56
CA ALA C 55 -86.84 -50.41 -38.56
C ALA C 55 -85.45 -49.93 -38.20
N ARG C 56 -84.54 -49.97 -39.17
CA ARG C 56 -83.13 -49.79 -38.85
C ARG C 56 -82.74 -48.32 -38.65
N PRO C 57 -83.24 -47.32 -39.43
CA PRO C 57 -83.16 -45.94 -38.93
C PRO C 57 -84.24 -45.61 -37.92
N GLY C 58 -85.42 -46.23 -38.06
CA GLY C 58 -86.46 -46.04 -37.06
C GLY C 58 -87.63 -45.19 -37.51
N ILE C 59 -88.77 -45.84 -37.76
CA ILE C 59 -89.97 -45.13 -38.20
C ILE C 59 -90.61 -44.30 -37.11
N ALA C 60 -90.21 -44.49 -35.85
CA ALA C 60 -90.69 -43.65 -34.77
C ALA C 60 -89.94 -42.33 -34.68
N SER C 61 -88.76 -42.24 -35.29
CA SER C 61 -87.94 -41.04 -35.22
C SER C 61 -87.84 -40.29 -36.54
N VAL C 62 -87.84 -41.00 -37.66
CA VAL C 62 -87.87 -40.32 -38.96
C VAL C 62 -89.18 -39.57 -39.13
N GLN C 63 -90.28 -40.13 -38.63
CA GLN C 63 -91.55 -39.41 -38.63
C GLN C 63 -91.51 -38.19 -37.72
N LYS C 64 -90.83 -38.28 -36.57
CA LYS C 64 -90.77 -37.14 -35.67
C LYS C 64 -89.96 -36.00 -36.26
N ALA C 65 -88.86 -36.31 -36.95
CA ALA C 65 -88.14 -35.26 -37.66
C ALA C 65 -88.92 -34.72 -38.84
N THR C 66 -89.70 -35.57 -39.52
CA THR C 66 -90.46 -35.12 -40.67
C THR C 66 -91.62 -34.23 -40.24
N GLU C 67 -92.15 -34.42 -39.03
CA GLU C 67 -93.20 -33.54 -38.54
C GLU C 67 -92.67 -32.13 -38.28
N SER C 68 -91.40 -32.00 -37.90
CA SER C 68 -90.83 -30.68 -37.71
C SER C 68 -90.44 -30.05 -39.03
N ALA C 69 -89.90 -30.84 -39.96
CA ALA C 69 -89.57 -30.28 -41.27
C ALA C 69 -90.79 -30.05 -42.15
N GLU C 70 -91.94 -30.61 -41.79
CA GLU C 70 -93.16 -30.51 -42.57
C GLU C 70 -93.85 -29.15 -42.41
N LEU C 71 -93.55 -28.43 -41.33
CA LEU C 71 -94.30 -27.24 -40.96
C LEU C 71 -94.07 -26.13 -41.98
N PRO C 72 -95.13 -25.39 -42.35
CA PRO C 72 -94.98 -24.34 -43.35
C PRO C 72 -94.29 -23.11 -42.76
N MET C 73 -93.97 -22.18 -43.64
CA MET C 73 -93.22 -21.00 -43.25
C MET C 73 -94.10 -20.04 -42.48
N LYS C 74 -93.52 -19.39 -41.48
CA LYS C 74 -94.25 -18.46 -40.62
C LYS C 74 -94.69 -17.24 -41.42
N ASN C 75 -95.89 -16.76 -41.14
CA ASN C 75 -96.37 -15.52 -41.72
C ASN C 75 -95.59 -14.34 -41.17
N ASN C 76 -95.05 -13.51 -42.05
CA ASN C 76 -94.42 -12.25 -41.66
C ASN C 76 -95.41 -11.16 -42.03
N ASP C 77 -96.08 -10.62 -41.02
CA ASP C 77 -97.20 -9.73 -41.29
C ASP C 77 -96.94 -8.35 -40.69
N GLU C 78 -95.77 -7.80 -40.95
CA GLU C 78 -95.40 -6.47 -40.49
C GLU C 78 -95.49 -5.47 -41.64
N GLY C 79 -95.88 -4.24 -41.33
CA GLY C 79 -95.88 -3.18 -42.30
C GLY C 79 -96.96 -3.24 -43.36
N THR C 80 -97.90 -4.18 -43.25
CA THR C 80 -98.96 -4.36 -44.22
C THR C 80 -100.27 -3.80 -43.66
N PRO C 81 -101.08 -3.16 -44.49
CA PRO C 81 -102.30 -2.51 -43.97
C PRO C 81 -103.36 -3.53 -43.60
N ASP C 82 -104.21 -3.14 -42.67
CA ASP C 82 -105.32 -4.00 -42.26
C ASP C 82 -106.55 -3.68 -43.11
N LYS C 83 -107.72 -4.16 -42.69
CA LYS C 83 -108.94 -3.85 -43.40
C LYS C 83 -109.35 -2.40 -43.24
N ARG C 84 -108.92 -1.74 -42.17
CA ARG C 84 -109.34 -0.37 -41.92
C ARG C 84 -108.51 0.62 -42.72
N GLY C 85 -107.20 0.40 -42.82
CA GLY C 85 -106.34 1.27 -43.59
C GLY C 85 -105.02 1.55 -42.92
N ASN C 86 -104.91 1.20 -41.64
CA ASN C 86 -103.72 1.49 -40.86
C ASN C 86 -102.71 0.37 -41.02
N THR C 87 -101.44 0.74 -41.18
CA THR C 87 -100.39 -0.25 -41.20
C THR C 87 -100.13 -0.74 -39.78
N LYS C 88 -100.04 -2.05 -39.61
CA LYS C 88 -99.97 -2.66 -38.29
C LYS C 88 -98.56 -3.18 -38.01
N GLY C 89 -98.20 -3.17 -36.73
CA GLY C 89 -96.90 -3.59 -36.27
C GLY C 89 -96.37 -2.62 -35.24
N ALA C 90 -95.12 -2.83 -34.84
CA ALA C 90 -94.49 -1.97 -33.86
C ALA C 90 -94.07 -0.66 -34.49
N LEU C 91 -93.82 0.33 -33.65
CA LEU C 91 -93.40 1.66 -34.10
C LEU C 91 -91.90 1.85 -33.96
N VAL C 92 -91.14 0.80 -34.23
CA VAL C 92 -89.71 0.81 -34.00
C VAL C 92 -89.02 1.12 -35.33
N ASN C 93 -87.76 1.54 -35.25
CA ASN C 93 -86.95 1.77 -36.44
C ASN C 93 -86.69 0.47 -37.17
N GLU C 94 -86.52 0.57 -38.50
CA GLU C 94 -86.39 -0.60 -39.35
C GLU C 94 -85.10 -1.35 -39.08
N HIS C 95 -83.98 -0.64 -38.90
CA HIS C 95 -82.71 -1.30 -38.63
C HIS C 95 -82.68 -1.91 -37.23
N VAL C 96 -83.32 -1.26 -36.26
CA VAL C 96 -83.43 -1.82 -34.92
C VAL C 96 -84.27 -3.10 -34.95
N GLU C 97 -85.32 -3.12 -35.78
CA GLU C 97 -86.10 -4.33 -35.93
C GLU C 97 -85.29 -5.44 -36.60
N ALA C 98 -84.53 -5.10 -37.65
CA ALA C 98 -83.68 -6.08 -38.31
C ALA C 98 -82.59 -6.64 -37.39
N ARG C 99 -82.17 -5.87 -36.40
CA ARG C 99 -81.21 -6.36 -35.42
C ARG C 99 -81.84 -7.26 -34.36
N ASP C 100 -82.94 -6.83 -33.75
CA ASP C 100 -83.43 -7.64 -32.65
C ASP C 100 -84.28 -8.84 -33.11
N GLU C 101 -84.71 -8.88 -34.38
CA GLU C 101 -85.24 -10.13 -34.92
C GLU C 101 -84.16 -11.20 -34.99
N ALA C 102 -82.94 -10.82 -35.40
CA ALA C 102 -81.82 -11.75 -35.37
C ALA C 102 -81.45 -12.13 -33.95
N ASP C 103 -81.59 -11.20 -33.01
CA ASP C 103 -81.39 -11.51 -31.59
C ASP C 103 -82.38 -12.58 -31.12
N ASP C 104 -83.67 -12.41 -31.43
CA ASP C 104 -84.68 -13.37 -31.01
C ASP C 104 -84.50 -14.72 -31.69
N ALA C 105 -84.05 -14.71 -32.95
CA ALA C 105 -83.79 -15.97 -33.63
C ALA C 105 -82.59 -16.70 -33.06
N THR C 106 -81.57 -15.97 -32.61
CA THR C 106 -80.45 -16.60 -31.90
C THR C 106 -80.92 -17.23 -30.59
N LYS C 107 -81.82 -16.54 -29.87
CA LYS C 107 -82.37 -17.10 -28.63
C LYS C 107 -83.16 -18.38 -28.89
N LYS C 108 -83.99 -18.39 -29.92
CA LYS C 108 -84.77 -19.59 -30.22
C LYS C 108 -83.89 -20.72 -30.72
N GLN C 109 -82.80 -20.38 -31.42
CA GLN C 109 -81.80 -21.38 -31.80
C GLN C 109 -81.14 -22.02 -30.59
N ALA C 110 -80.82 -21.21 -29.57
CA ALA C 110 -80.28 -21.75 -28.33
C ALA C 110 -81.27 -22.69 -27.64
N LYS C 111 -82.54 -22.29 -27.60
CA LYS C 111 -83.54 -23.15 -26.97
C LYS C 111 -83.80 -24.43 -27.77
N ASP C 112 -83.63 -24.40 -29.09
CA ASP C 112 -83.82 -25.61 -29.89
C ASP C 112 -82.63 -26.55 -29.79
N THR C 113 -81.41 -25.99 -29.69
CA THR C 113 -80.24 -26.81 -29.44
C THR C 113 -80.24 -27.35 -28.01
N GLU C 114 -81.01 -26.71 -27.12
CA GLU C 114 -81.13 -27.05 -25.70
C GLU C 114 -79.78 -26.91 -24.99
N LYS C 115 -79.09 -25.83 -25.31
CA LYS C 115 -77.98 -25.32 -24.53
C LYS C 115 -78.40 -23.99 -23.90
N ALA C 116 -77.57 -23.50 -22.99
CA ALA C 116 -77.81 -22.17 -22.46
C ALA C 116 -77.29 -21.08 -23.39
N LYS C 117 -76.36 -21.42 -24.28
CA LYS C 117 -75.77 -20.48 -25.20
C LYS C 117 -75.86 -21.06 -26.61
N ALA C 118 -76.28 -20.24 -27.57
CA ALA C 118 -76.43 -20.71 -28.94
C ALA C 118 -75.08 -20.95 -29.58
N GLN C 119 -75.03 -21.97 -30.43
CA GLN C 119 -73.81 -22.26 -31.17
C GLN C 119 -73.83 -21.61 -32.54
N VAL C 120 -74.87 -21.89 -33.33
CA VAL C 120 -75.09 -21.18 -34.59
C VAL C 120 -75.81 -19.89 -34.27
N THR C 121 -75.15 -18.75 -34.48
CA THR C 121 -75.72 -17.47 -34.12
C THR C 121 -76.02 -16.66 -35.36
N TYR C 122 -77.03 -15.80 -35.25
CA TYR C 122 -77.41 -14.91 -36.34
C TYR C 122 -77.00 -13.48 -36.10
N SER C 123 -77.00 -13.04 -34.85
CA SER C 123 -76.30 -11.84 -34.45
C SER C 123 -74.91 -12.22 -33.95
N ASP C 124 -74.12 -11.19 -33.60
CA ASP C 124 -72.73 -11.33 -33.14
C ASP C 124 -71.89 -12.08 -34.18
N THR C 125 -72.08 -11.71 -35.43
CA THR C 125 -71.36 -12.34 -36.53
C THR C 125 -70.26 -11.42 -37.02
N GLY C 126 -69.38 -11.97 -37.86
CA GLY C 126 -68.28 -11.18 -38.38
C GLY C 126 -68.66 -10.19 -39.44
N ILE C 127 -69.82 -10.36 -40.06
CA ILE C 127 -70.26 -9.52 -41.16
C ILE C 127 -70.75 -8.19 -40.61
N ASN C 128 -70.30 -7.09 -41.20
CA ASN C 128 -70.87 -5.79 -40.90
C ASN C 128 -72.10 -5.62 -41.75
N ASN C 129 -73.27 -5.67 -41.14
CA ASN C 129 -74.53 -5.60 -41.83
C ASN C 129 -75.32 -4.37 -41.39
N ALA C 130 -74.63 -3.24 -41.29
CA ALA C 130 -75.20 -2.03 -40.71
C ALA C 130 -76.21 -1.35 -41.62
N ASN C 131 -76.30 -1.74 -42.89
CA ASN C 131 -77.29 -1.18 -43.80
C ASN C 131 -78.47 -2.10 -44.00
N GLU C 132 -78.67 -3.06 -43.10
CA GLU C 132 -79.76 -4.02 -43.25
C GLU C 132 -81.06 -3.41 -42.75
N LEU C 133 -82.08 -3.46 -43.60
CA LEU C 133 -83.41 -2.99 -43.23
C LEU C 133 -84.34 -4.18 -43.09
N SER C 134 -85.42 -3.96 -42.36
CA SER C 134 -86.45 -4.98 -42.16
C SER C 134 -87.77 -4.36 -42.60
N ARG C 135 -88.88 -4.98 -42.21
CA ARG C 135 -90.20 -4.45 -42.48
C ARG C 135 -90.90 -4.23 -41.14
N SER C 136 -91.42 -3.02 -40.93
CA SER C 136 -92.03 -2.65 -39.67
C SER C 136 -93.17 -1.68 -39.91
N GLY C 137 -93.88 -1.34 -38.83
CA GLY C 137 -94.97 -0.40 -38.87
C GLY C 137 -94.58 1.04 -38.69
N ASN C 138 -93.30 1.36 -38.83
CA ASN C 138 -92.87 2.75 -38.74
C ASN C 138 -93.28 3.53 -39.99
N VAL C 139 -93.33 2.87 -41.14
CA VAL C 139 -93.65 3.52 -42.39
C VAL C 139 -95.04 3.09 -42.84
N ASP C 140 -95.65 3.91 -43.69
CA ASP C 140 -96.89 3.51 -44.33
C ASP C 140 -96.56 2.96 -45.71
N ASN C 141 -97.59 2.72 -46.51
CA ASN C 141 -97.37 2.23 -47.87
C ASN C 141 -96.98 3.33 -48.83
N GLU C 142 -97.06 4.60 -48.41
CA GLU C 142 -96.71 5.72 -49.26
C GLU C 142 -95.25 6.11 -49.11
N GLY C 143 -94.75 6.13 -47.87
CA GLY C 143 -93.37 6.50 -47.64
C GLY C 143 -93.27 7.52 -46.52
N GLY C 144 -94.37 7.73 -45.81
CA GLY C 144 -94.42 8.68 -44.73
C GLY C 144 -94.37 8.01 -43.36
N SER C 145 -94.31 8.86 -42.33
CA SER C 145 -94.19 8.37 -40.97
C SER C 145 -95.54 7.91 -40.43
N ASN C 146 -95.50 6.84 -39.65
CA ASN C 146 -96.71 6.29 -39.02
C ASN C 146 -96.74 6.63 -37.53
N GLN C 147 -96.37 7.86 -37.18
CA GLN C 147 -96.55 8.32 -35.81
C GLN C 147 -98.02 8.39 -35.46
N LYS C 148 -98.78 9.09 -36.28
CA LYS C 148 -100.23 9.03 -36.22
C LYS C 148 -100.73 7.94 -37.16
N PRO C 149 -101.85 7.31 -36.85
CA PRO C 149 -102.41 6.32 -37.79
C PRO C 149 -103.03 7.00 -38.99
N MET C 150 -103.12 6.21 -40.07
CA MET C 150 -103.69 6.70 -41.32
C MET C 150 -105.16 7.04 -41.18
N SER C 151 -105.89 6.33 -40.33
CA SER C 151 -107.29 6.67 -40.08
C SER C 151 -107.44 8.05 -39.45
N THR C 152 -106.56 8.40 -38.51
CA THR C 152 -106.59 9.74 -37.93
C THR C 152 -106.12 10.79 -38.93
N ARG C 153 -105.10 10.47 -39.74
CA ARG C 153 -104.65 11.41 -40.77
C ARG C 153 -105.74 11.66 -41.82
N ILE C 154 -106.58 10.67 -42.09
CA ILE C 154 -107.70 10.86 -43.00
C ILE C 154 -108.81 11.67 -42.33
N ALA C 155 -109.14 11.34 -41.08
CA ALA C 155 -110.26 11.96 -40.39
C ALA C 155 -110.03 13.44 -40.12
N GLU C 156 -108.81 13.82 -39.75
CA GLU C 156 -108.54 15.24 -39.52
C GLU C 156 -108.54 16.04 -40.81
N ALA C 157 -108.01 15.47 -41.90
CA ALA C 157 -108.03 16.17 -43.18
C ALA C 157 -109.43 16.30 -43.75
N THR C 158 -110.31 15.35 -43.48
CA THR C 158 -111.67 15.46 -43.99
C THR C 158 -112.59 16.21 -43.03
N SER C 159 -112.20 16.40 -41.78
CA SER C 159 -112.95 17.22 -40.85
C SER C 159 -112.42 18.64 -40.77
N ALA C 160 -111.32 18.93 -41.44
CA ALA C 160 -110.78 20.28 -41.44
C ALA C 160 -111.68 21.27 -42.14
N ILE C 161 -112.38 20.86 -43.20
CA ILE C 161 -113.28 21.74 -43.92
C ILE C 161 -114.64 21.06 -43.95
N VAL C 162 -115.52 21.45 -43.03
CA VAL C 162 -116.93 21.08 -43.03
C VAL C 162 -117.75 22.35 -42.96
N SER C 163 -119.06 22.19 -42.90
CA SER C 163 -119.96 23.34 -42.86
C SER C 163 -121.25 22.96 -42.18
N LYS C 164 -121.82 23.88 -41.42
CA LYS C 164 -122.96 23.62 -40.55
C LYS C 164 -124.15 24.47 -40.98
N HIS C 165 -125.21 24.44 -40.18
CA HIS C 165 -126.38 25.24 -40.43
C HIS C 165 -126.14 26.68 -39.98
N PRO C 166 -126.89 27.65 -40.54
CA PRO C 166 -126.83 29.03 -40.04
C PRO C 166 -127.33 29.18 -38.61
N PRO D 40 -111.30 83.81 -18.40
CA PRO D 40 -111.03 83.08 -19.64
C PRO D 40 -109.56 82.70 -19.78
N ALA D 41 -108.73 83.11 -18.82
CA ALA D 41 -107.31 82.75 -18.79
C ALA D 41 -107.20 81.31 -18.29
N THR D 42 -107.51 80.37 -19.17
CA THR D 42 -107.60 78.97 -18.81
C THR D 42 -106.24 78.30 -18.95
N ALA D 43 -106.23 76.96 -18.93
CA ALA D 43 -104.99 76.20 -18.84
C ALA D 43 -104.18 76.29 -20.14
N GLU D 44 -102.92 76.67 -20.00
CA GLU D 44 -102.02 76.77 -21.14
C GLU D 44 -101.63 75.38 -21.61
N PRO D 45 -101.58 75.14 -22.93
CA PRO D 45 -101.27 73.78 -23.43
C PRO D 45 -99.82 73.35 -23.29
N GLY D 46 -98.93 74.16 -22.71
CA GLY D 46 -97.54 73.76 -22.61
C GLY D 46 -97.03 73.61 -21.19
N THR D 47 -97.85 73.04 -20.30
CA THR D 47 -97.50 72.91 -18.90
C THR D 47 -97.54 71.43 -18.50
N SER D 48 -96.59 71.02 -17.65
CA SER D 48 -96.56 69.66 -17.16
C SER D 48 -95.78 69.61 -15.84
N ASN D 49 -95.85 68.46 -15.19
CA ASN D 49 -95.09 68.17 -13.97
C ASN D 49 -94.55 66.75 -14.07
N CYS D 50 -93.99 66.40 -15.23
CA CYS D 50 -93.52 65.03 -15.43
C CYS D 50 -92.14 64.81 -14.80
N GLU D 51 -91.11 65.50 -15.33
CA GLU D 51 -89.70 65.34 -14.97
C GLU D 51 -89.27 63.87 -15.02
N HIS D 52 -89.35 63.31 -16.22
CA HIS D 52 -88.81 61.98 -16.45
C HIS D 52 -87.41 62.05 -17.06
N TYR D 53 -86.53 62.84 -16.47
CA TYR D 53 -85.16 62.93 -16.96
C TYR D 53 -84.23 63.04 -15.77
N LYS D 54 -83.58 61.93 -15.43
CA LYS D 54 -82.45 62.01 -14.53
C LYS D 54 -81.30 62.71 -15.22
N ALA D 55 -80.66 63.61 -14.51
CA ALA D 55 -79.47 64.26 -15.04
C ALA D 55 -78.34 63.24 -15.13
N ARG D 56 -77.62 63.27 -16.24
CA ARG D 56 -76.74 62.16 -16.58
C ARG D 56 -75.44 62.15 -15.77
N PRO D 57 -74.80 63.29 -15.45
CA PRO D 57 -73.87 63.29 -14.31
C PRO D 57 -74.55 63.56 -12.98
N GLY D 58 -75.84 63.85 -12.97
CA GLY D 58 -76.53 64.26 -11.77
C GLY D 58 -76.35 65.74 -11.49
N ILE D 59 -77.29 66.30 -10.74
CA ILE D 59 -77.23 67.70 -10.36
C ILE D 59 -76.63 67.88 -8.98
N ALA D 60 -77.15 67.12 -8.00
CA ALA D 60 -76.69 67.27 -6.62
C ALA D 60 -75.25 66.82 -6.45
N SER D 61 -74.83 65.81 -7.21
CA SER D 61 -73.46 65.33 -7.12
C SER D 61 -72.47 66.34 -7.67
N VAL D 62 -72.87 67.14 -8.66
CA VAL D 62 -72.01 68.19 -9.17
C VAL D 62 -72.04 69.39 -8.23
N GLN D 63 -73.22 69.71 -7.69
CA GLN D 63 -73.34 70.86 -6.79
C GLN D 63 -72.59 70.64 -5.48
N LYS D 64 -72.50 69.40 -5.02
CA LYS D 64 -71.80 69.12 -3.77
C LYS D 64 -70.31 69.38 -3.89
N ALA D 65 -69.74 69.19 -5.08
CA ALA D 65 -68.34 69.53 -5.31
C ALA D 65 -68.17 71.00 -5.68
N THR D 66 -69.15 71.59 -6.35
CA THR D 66 -69.03 72.99 -6.75
C THR D 66 -69.18 73.92 -5.55
N GLU D 67 -70.01 73.57 -4.58
CA GLU D 67 -70.07 74.36 -3.34
C GLU D 67 -68.78 74.27 -2.55
N SER D 68 -68.05 73.16 -2.68
CA SER D 68 -66.72 73.08 -2.09
C SER D 68 -65.76 74.00 -2.83
N ALA D 69 -65.69 73.87 -4.16
CA ALA D 69 -64.80 74.66 -5.01
C ALA D 69 -65.10 76.15 -4.99
N GLU D 70 -66.29 76.54 -4.55
CA GLU D 70 -66.65 77.95 -4.44
C GLU D 70 -65.97 78.64 -3.25
N LEU D 71 -65.38 77.86 -2.33
CA LEU D 71 -64.82 78.43 -1.12
C LEU D 71 -63.54 79.21 -1.41
N PRO D 72 -63.35 80.37 -0.77
CA PRO D 72 -62.16 81.16 -1.05
C PRO D 72 -60.94 80.60 -0.33
N MET D 73 -59.80 81.22 -0.61
CA MET D 73 -58.55 80.80 -0.01
C MET D 73 -58.51 81.15 1.47
N LYS D 74 -57.92 80.27 2.26
CA LYS D 74 -57.76 80.47 3.69
C LYS D 74 -56.91 81.69 3.99
N ASN D 75 -57.28 82.43 5.02
CA ASN D 75 -56.52 83.59 5.43
C ASN D 75 -55.21 83.18 6.10
N ASN D 76 -54.19 84.03 5.96
CA ASN D 76 -52.89 83.83 6.58
C ASN D 76 -52.45 85.17 7.13
N ASP D 77 -52.51 85.35 8.45
CA ASP D 77 -52.26 86.65 9.05
C ASP D 77 -51.16 86.65 10.08
N GLU D 78 -50.32 85.62 10.11
CA GLU D 78 -49.16 85.63 10.98
C GLU D 78 -48.17 86.69 10.51
N GLY D 79 -47.36 87.20 11.43
CA GLY D 79 -46.38 88.20 11.07
C GLY D 79 -46.90 89.62 10.96
N THR D 80 -48.16 89.78 10.59
CA THR D 80 -48.80 91.08 10.48
C THR D 80 -49.10 91.63 11.87
N PRO D 81 -49.04 92.94 12.04
CA PRO D 81 -49.37 93.53 13.34
C PRO D 81 -50.87 93.56 13.58
N ASP D 82 -51.24 93.99 14.78
CA ASP D 82 -52.63 94.12 15.18
C ASP D 82 -52.93 95.59 15.47
N LYS D 83 -54.08 95.82 16.12
CA LYS D 83 -54.48 97.17 16.50
C LYS D 83 -53.46 97.84 17.41
N ARG D 84 -52.98 97.13 18.42
CA ARG D 84 -52.03 97.72 19.37
C ARG D 84 -50.62 97.83 18.82
N GLY D 85 -50.31 97.17 17.71
CA GLY D 85 -49.00 97.22 17.12
C GLY D 85 -48.16 95.99 17.32
N ASN D 86 -48.60 95.04 18.15
CA ASN D 86 -47.87 93.80 18.34
C ASN D 86 -48.14 92.87 17.16
N THR D 87 -47.12 92.14 16.75
CA THR D 87 -47.36 91.13 15.72
C THR D 87 -48.03 89.92 16.34
N LYS D 88 -48.78 89.19 15.52
CA LYS D 88 -49.60 88.10 15.99
C LYS D 88 -49.07 86.77 15.46
N GLY D 89 -49.63 85.69 15.98
CA GLY D 89 -49.13 84.36 15.70
C GLY D 89 -48.18 83.88 16.77
N ALA D 90 -48.05 82.56 16.88
CA ALA D 90 -47.19 81.98 17.90
C ALA D 90 -45.74 82.10 17.51
N LEU D 91 -44.86 81.86 18.48
CA LEU D 91 -43.43 81.98 18.25
C LEU D 91 -42.95 80.79 17.44
N ASP D 100 -43.31 71.10 10.16
CA ASP D 100 -44.24 71.79 11.04
C ASP D 100 -45.58 71.97 10.34
N GLU D 101 -45.64 72.97 9.46
CA GLU D 101 -46.90 73.35 8.81
C GLU D 101 -47.28 72.42 7.66
N ALA D 102 -46.39 71.51 7.25
CA ALA D 102 -46.75 70.53 6.24
C ALA D 102 -47.33 69.26 6.84
N ASP D 103 -47.04 68.98 8.11
CA ASP D 103 -47.61 67.82 8.78
C ASP D 103 -49.12 67.99 8.97
N ASP D 104 -49.55 69.21 9.32
CA ASP D 104 -50.98 69.49 9.44
C ASP D 104 -51.69 69.39 8.10
N ALA D 105 -51.04 69.81 7.02
CA ALA D 105 -51.60 69.68 5.69
C ALA D 105 -51.71 68.23 5.23
N THR D 106 -50.71 67.40 5.53
CA THR D 106 -50.79 65.98 5.21
C THR D 106 -51.86 65.27 6.06
N LYS D 107 -52.03 65.70 7.32
CA LYS D 107 -53.06 65.11 8.16
C LYS D 107 -54.46 65.49 7.68
N LYS D 108 -54.64 66.76 7.28
CA LYS D 108 -55.90 67.16 6.67
C LYS D 108 -56.13 66.44 5.34
N GLN D 109 -55.05 66.20 4.58
CA GLN D 109 -55.14 65.42 3.35
C GLN D 109 -55.62 64.00 3.60
N ALA D 110 -55.16 63.39 4.70
CA ALA D 110 -55.65 62.06 5.05
C ALA D 110 -57.09 62.08 5.53
N LYS D 111 -57.48 63.11 6.29
CA LYS D 111 -58.85 63.19 6.78
C LYS D 111 -59.85 63.51 5.68
N ASP D 112 -59.42 64.17 4.59
CA ASP D 112 -60.33 64.45 3.49
C ASP D 112 -60.73 63.21 2.72
N THR D 113 -59.91 62.17 2.73
CA THR D 113 -60.23 60.92 2.05
C THR D 113 -60.54 59.79 3.01
N GLU D 114 -60.44 60.04 4.32
CA GLU D 114 -60.82 59.10 5.39
C GLU D 114 -60.01 57.81 5.35
N LYS D 115 -58.76 57.88 4.89
CA LYS D 115 -57.91 56.70 4.78
C LYS D 115 -56.79 56.76 5.81
N ALA D 116 -56.04 55.64 5.87
CA ALA D 116 -55.05 55.46 6.93
C ALA D 116 -53.84 56.35 6.72
N LYS D 117 -53.13 56.17 5.61
CA LYS D 117 -52.01 57.04 5.27
C LYS D 117 -52.44 57.95 4.12
N ALA D 118 -51.97 59.19 4.14
CA ALA D 118 -52.26 60.09 3.05
C ALA D 118 -51.39 59.73 1.85
N GLN D 119 -51.91 60.02 0.66
CA GLN D 119 -51.21 59.68 -0.57
C GLN D 119 -50.50 60.86 -1.19
N VAL D 120 -51.19 61.99 -1.35
CA VAL D 120 -50.55 63.22 -1.77
C VAL D 120 -49.91 63.85 -0.55
N THR D 121 -48.63 63.61 -0.34
CA THR D 121 -47.94 64.14 0.82
C THR D 121 -47.23 65.44 0.47
N TYR D 122 -47.15 66.34 1.45
CA TYR D 122 -46.40 67.57 1.27
C TYR D 122 -45.06 67.56 1.98
N SER D 123 -44.93 66.78 3.04
CA SER D 123 -43.68 66.63 3.77
C SER D 123 -43.04 65.30 3.43
N ASP D 124 -41.75 65.19 3.75
CA ASP D 124 -40.92 64.02 3.49
C ASP D 124 -40.91 63.65 2.01
N THR D 125 -40.84 64.67 1.16
CA THR D 125 -40.71 64.45 -0.28
C THR D 125 -39.24 64.20 -0.61
N GLY D 126 -38.97 63.97 -1.90
CA GLY D 126 -37.60 63.85 -2.34
C GLY D 126 -36.86 65.16 -2.43
N ILE D 127 -37.58 66.28 -2.43
CA ILE D 127 -36.97 67.59 -2.61
C ILE D 127 -36.35 68.02 -1.29
N ASN D 128 -35.08 68.43 -1.35
CA ASN D 128 -34.43 69.01 -0.19
C ASN D 128 -34.86 70.47 -0.09
N ASN D 129 -35.63 70.78 0.94
CA ASN D 129 -36.26 72.08 1.07
C ASN D 129 -35.89 72.72 2.40
N ALA D 130 -34.61 72.66 2.75
CA ALA D 130 -34.17 73.12 4.05
C ALA D 130 -34.01 74.63 4.14
N ASN D 131 -34.05 75.33 3.02
CA ASN D 131 -33.84 76.78 3.03
C ASN D 131 -35.15 77.56 2.88
N GLU D 132 -36.29 76.96 3.16
CA GLU D 132 -37.53 77.70 3.06
C GLU D 132 -37.85 78.40 4.36
N LEU D 133 -38.66 79.45 4.25
CA LEU D 133 -39.09 80.21 5.41
C LEU D 133 -40.60 80.34 5.39
N SER D 134 -41.22 80.10 6.53
CA SER D 134 -42.63 80.42 6.69
C SER D 134 -42.77 81.79 7.33
N ARG D 135 -43.94 82.38 7.17
CA ARG D 135 -44.22 83.71 7.71
C ARG D 135 -44.46 83.54 9.20
N SER D 136 -43.38 83.59 9.98
CA SER D 136 -43.45 83.26 11.39
C SER D 136 -43.81 84.47 12.23
N GLY D 137 -44.28 84.21 13.44
CA GLY D 137 -44.57 85.23 14.42
C GLY D 137 -43.40 85.65 15.26
N ASN D 138 -42.19 85.22 14.93
CA ASN D 138 -41.01 85.56 15.72
C ASN D 138 -40.41 86.89 15.32
N VAL D 139 -40.48 87.24 14.05
CA VAL D 139 -39.86 88.47 13.57
C VAL D 139 -40.89 89.59 13.65
N ASP D 140 -40.39 90.80 13.86
CA ASP D 140 -41.24 91.96 13.76
C ASP D 140 -41.09 92.59 12.39
N ASN D 141 -41.63 93.79 12.22
CA ASN D 141 -41.55 94.47 10.94
C ASN D 141 -40.23 95.18 10.72
N GLU D 142 -39.47 95.44 11.79
CA GLU D 142 -38.13 95.97 11.63
C GLU D 142 -37.16 94.88 11.19
N GLY D 143 -37.12 93.79 11.93
CA GLY D 143 -36.17 92.73 11.68
C GLY D 143 -35.68 92.13 12.98
N GLY D 144 -36.06 92.75 14.10
CA GLY D 144 -35.70 92.26 15.40
C GLY D 144 -36.52 91.06 15.81
N SER D 145 -36.21 90.53 16.98
CA SER D 145 -36.93 89.38 17.48
C SER D 145 -38.07 89.80 18.38
N ASN D 146 -38.84 88.81 18.83
CA ASN D 146 -40.00 89.10 19.65
C ASN D 146 -39.91 88.32 20.95
N GLN D 147 -38.76 88.40 21.62
CA GLN D 147 -38.64 87.87 22.96
C GLN D 147 -39.53 88.66 23.93
N LYS D 148 -39.69 89.95 23.67
CA LYS D 148 -40.53 90.88 24.38
C LYS D 148 -41.46 91.57 23.40
N PRO D 149 -42.74 91.71 23.71
CA PRO D 149 -43.68 92.33 22.76
C PRO D 149 -43.41 93.81 22.55
N MET D 150 -43.95 94.30 21.43
CA MET D 150 -43.59 95.61 20.91
C MET D 150 -44.09 96.73 21.80
N SER D 151 -45.31 96.61 22.31
CA SER D 151 -45.84 97.62 23.20
C SER D 151 -45.09 97.66 24.53
N THR D 152 -44.61 96.50 25.00
CA THR D 152 -43.79 96.48 26.20
C THR D 152 -42.46 97.15 25.96
N ARG D 153 -41.86 96.92 24.78
CA ARG D 153 -40.61 97.60 24.43
C ARG D 153 -40.78 99.11 24.37
N ILE D 154 -41.88 99.58 23.78
CA ILE D 154 -42.15 101.01 23.71
C ILE D 154 -42.42 101.60 25.10
N ALA D 155 -43.13 100.85 25.94
CA ALA D 155 -43.45 101.31 27.29
C ALA D 155 -42.20 101.46 28.13
N GLU D 156 -41.26 100.52 28.00
CA GLU D 156 -40.00 100.67 28.74
C GLU D 156 -39.13 101.77 28.15
N ALA D 157 -39.13 101.91 26.82
CA ALA D 157 -38.35 102.94 26.15
C ALA D 157 -38.80 104.34 26.50
N THR D 158 -40.08 104.51 26.84
CA THR D 158 -40.53 105.82 27.29
C THR D 158 -40.66 105.94 28.80
N SER D 159 -40.63 104.85 29.55
CA SER D 159 -40.58 104.95 31.00
C SER D 159 -39.17 105.06 31.50
N ALA D 160 -38.18 104.96 30.61
CA ALA D 160 -36.80 105.19 31.00
C ALA D 160 -36.57 106.59 31.55
N ILE D 161 -37.08 107.61 30.87
CA ILE D 161 -36.87 109.00 31.29
C ILE D 161 -38.24 109.63 31.48
N VAL D 162 -38.68 109.70 32.73
CA VAL D 162 -39.81 110.53 33.15
C VAL D 162 -39.35 111.32 34.38
N SER D 163 -40.07 112.40 34.66
CA SER D 163 -39.76 113.25 35.79
C SER D 163 -40.93 113.29 36.77
N LYS D 164 -40.62 113.72 38.00
CA LYS D 164 -41.65 113.82 39.02
C LYS D 164 -41.65 115.21 39.64
N HIS D 165 -42.42 115.39 40.71
CA HIS D 165 -42.44 116.66 41.41
C HIS D 165 -41.31 116.70 42.45
N PRO D 166 -40.76 117.88 42.72
CA PRO D 166 -39.73 117.97 43.76
C PRO D 166 -40.35 117.84 45.14
N ALA D 167 -39.63 117.19 46.04
CA ALA D 167 -40.13 116.92 47.39
C ALA D 167 -40.18 118.19 48.23
N PRO E 40 8.43 111.99 80.29
CA PRO E 40 8.84 110.67 79.81
C PRO E 40 7.66 109.83 79.39
N ALA E 41 7.72 109.24 78.21
CA ALA E 41 6.63 108.43 77.69
C ALA E 41 7.12 107.03 77.40
N THR E 42 6.17 106.15 77.09
CA THR E 42 6.45 104.80 76.62
C THR E 42 5.58 104.52 75.41
N ALA E 43 5.59 105.46 74.46
CA ALA E 43 4.89 105.26 73.20
C ALA E 43 5.70 104.35 72.27
N GLU E 44 6.90 104.84 71.86
CA GLU E 44 7.90 104.13 71.07
C GLU E 44 7.31 103.54 69.79
N PRO E 45 7.15 104.35 68.72
CA PRO E 45 6.39 103.92 67.54
C PRO E 45 6.90 102.70 66.76
N GLY E 46 7.97 102.05 67.21
CA GLY E 46 8.49 100.91 66.49
C GLY E 46 7.88 99.54 66.75
N THR E 47 7.93 99.06 68.00
CA THR E 47 7.77 97.64 68.28
C THR E 47 6.43 97.31 68.95
N SER E 48 5.50 96.82 68.13
CA SER E 48 4.28 96.15 68.62
C SER E 48 3.72 95.33 67.48
N ASN E 49 3.74 94.00 67.61
CA ASN E 49 3.14 93.16 66.60
C ASN E 49 2.73 91.81 67.19
N CYS E 50 2.06 91.02 66.36
CA CYS E 50 1.87 89.61 66.59
C CYS E 50 3.05 88.86 65.95
N GLU E 51 2.93 87.55 65.76
CA GLU E 51 4.03 86.79 65.17
C GLU E 51 4.20 87.11 63.70
N HIS E 52 3.13 86.93 62.92
CA HIS E 52 3.01 87.25 61.50
C HIS E 52 3.95 86.47 60.58
N TYR E 53 4.74 85.52 61.10
CA TYR E 53 5.80 84.91 60.29
C TYR E 53 6.18 83.56 60.89
N LYS E 54 5.67 82.48 60.29
CA LYS E 54 6.29 81.16 60.42
C LYS E 54 7.37 81.09 59.36
N ALA E 55 8.51 80.48 59.70
CA ALA E 55 9.76 81.01 59.15
C ALA E 55 9.99 80.82 57.65
N ARG E 56 10.71 79.79 57.17
CA ARG E 56 10.26 78.97 56.05
C ARG E 56 10.17 77.49 56.43
N PRO E 57 11.22 76.83 56.99
CA PRO E 57 11.05 75.44 57.41
C PRO E 57 10.57 75.31 58.84
N GLY E 58 10.50 76.41 59.57
CA GLY E 58 10.25 76.36 60.99
C GLY E 58 11.56 76.20 61.72
N ILE E 59 11.81 77.08 62.69
CA ILE E 59 13.08 76.99 63.41
C ILE E 59 13.09 75.82 64.37
N ALA E 60 11.93 75.27 64.73
CA ALA E 60 11.88 74.14 65.65
C ALA E 60 12.48 72.87 65.07
N SER E 61 12.32 72.64 63.77
CA SER E 61 12.86 71.45 63.13
C SER E 61 14.38 71.47 63.08
N VAL E 62 14.96 72.58 62.62
CA VAL E 62 16.40 72.73 62.61
C VAL E 62 16.96 72.79 64.02
N GLN E 63 16.18 73.37 64.95
CA GLN E 63 16.59 73.50 66.34
C GLN E 63 16.61 72.15 67.03
N LYS E 64 15.77 71.21 66.57
CA LYS E 64 15.81 69.85 67.08
C LYS E 64 16.92 69.04 66.42
N ALA E 65 17.10 69.21 65.11
CA ALA E 65 18.09 68.41 64.39
C ALA E 65 19.52 68.85 64.69
N THR E 66 19.72 70.06 65.19
CA THR E 66 21.07 70.51 65.49
C THR E 66 21.57 69.88 66.79
N GLU E 67 20.67 69.63 67.75
CA GLU E 67 21.07 69.02 69.02
C GLU E 67 21.55 67.59 68.85
N SER E 68 21.09 66.90 67.81
CA SER E 68 21.55 65.53 67.57
C SER E 68 22.97 65.52 67.04
N ALA E 69 23.28 66.38 66.07
CA ALA E 69 24.64 66.49 65.57
C ALA E 69 25.57 67.20 66.54
N GLU E 70 25.03 67.89 67.53
CA GLU E 70 25.82 68.58 68.54
C GLU E 70 26.51 67.62 69.50
N LEU E 71 25.97 66.41 69.66
CA LEU E 71 26.45 65.48 70.68
C LEU E 71 27.86 64.99 70.36
N PRO E 72 28.75 64.93 71.35
CA PRO E 72 30.14 64.59 71.07
C PRO E 72 30.30 63.10 70.80
N MET E 73 31.51 62.75 70.36
CA MET E 73 31.80 61.38 69.96
C MET E 73 31.91 60.48 71.18
N LYS E 74 31.40 59.26 71.03
CA LYS E 74 31.34 58.30 72.12
C LYS E 74 32.74 57.86 72.53
N ASN E 75 32.90 57.64 73.83
CA ASN E 75 34.20 57.28 74.38
C ASN E 75 34.50 55.80 74.14
N ASN E 76 35.68 55.52 73.60
CA ASN E 76 36.17 54.15 73.46
C ASN E 76 36.92 53.85 74.74
N ASP E 77 36.26 53.14 75.65
CA ASP E 77 36.80 52.87 76.97
C ASP E 77 37.68 51.63 76.99
N GLU E 78 37.66 50.83 75.94
CA GLU E 78 38.35 49.54 75.92
C GLU E 78 39.86 49.72 75.92
N GLY E 79 40.57 48.64 76.23
CA GLY E 79 42.00 48.58 76.08
C GLY E 79 42.83 49.27 77.15
N THR E 80 42.31 50.35 77.71
CA THR E 80 43.04 51.21 78.63
C THR E 80 43.12 50.56 80.01
N PRO E 81 44.21 50.79 80.74
CA PRO E 81 44.27 50.32 82.12
C PRO E 81 43.39 51.19 83.01
N ASP E 82 42.89 50.57 84.07
CA ASP E 82 41.93 51.24 84.94
C ASP E 82 42.67 51.95 86.08
N LYS E 83 41.92 52.30 87.13
CA LYS E 83 42.48 52.92 88.32
C LYS E 83 43.54 52.05 88.98
N ARG E 84 43.22 50.77 89.21
CA ARG E 84 44.16 49.89 89.89
C ARG E 84 45.30 49.47 88.97
N GLY E 85 45.00 49.22 87.71
CA GLY E 85 46.07 48.94 86.77
C GLY E 85 45.95 47.72 85.89
N ASN E 86 44.76 47.17 85.71
CA ASN E 86 44.54 46.16 84.69
C ASN E 86 43.61 46.69 83.61
N THR E 87 43.70 46.09 82.43
CA THR E 87 42.95 46.59 81.28
C THR E 87 41.48 46.27 81.43
N LYS E 88 40.66 47.32 81.39
CA LYS E 88 39.22 47.16 81.52
C LYS E 88 38.61 46.76 80.19
N GLY E 89 37.39 46.23 80.26
CA GLY E 89 36.67 45.82 79.08
C GLY E 89 36.41 44.32 79.07
N ALA E 90 35.66 43.90 78.04
CA ALA E 90 35.28 42.51 77.92
C ALA E 90 36.47 41.65 77.49
N LEU E 91 36.39 40.37 77.82
CA LEU E 91 37.44 39.41 77.48
C LEU E 91 36.97 38.64 76.26
N VAL E 92 37.46 39.03 75.09
CA VAL E 92 36.97 38.48 73.83
C VAL E 92 38.06 38.70 72.78
N ASN E 93 38.04 37.88 71.74
CA ASN E 93 38.97 38.03 70.63
C ASN E 93 38.73 39.35 69.90
N GLU E 94 39.80 39.89 69.33
CA GLU E 94 39.77 41.25 68.80
C GLU E 94 38.99 41.33 67.49
N HIS E 95 39.15 40.35 66.61
CA HIS E 95 38.38 40.35 65.37
C HIS E 95 36.91 40.05 65.63
N VAL E 96 36.62 39.20 66.62
CA VAL E 96 35.24 38.94 67.02
C VAL E 96 34.61 40.19 67.59
N GLU E 97 35.37 40.97 68.37
CA GLU E 97 34.86 42.24 68.88
C GLU E 97 34.66 43.25 67.76
N ALA E 98 35.54 43.26 66.76
CA ALA E 98 35.39 44.15 65.62
C ALA E 98 34.13 43.84 64.81
N ARG E 99 33.78 42.56 64.69
CA ARG E 99 32.55 42.24 63.98
C ARG E 99 31.31 42.47 64.84
N ASP E 100 31.40 42.23 66.14
CA ASP E 100 30.24 42.41 67.01
C ASP E 100 29.89 43.89 67.19
N GLU E 101 30.90 44.76 67.19
CA GLU E 101 30.62 46.19 67.22
C GLU E 101 29.96 46.68 65.95
N ALA E 102 30.32 46.09 64.80
CA ALA E 102 29.64 46.40 63.55
C ALA E 102 28.19 45.94 63.57
N ASP E 103 27.92 44.76 64.12
CA ASP E 103 26.55 44.29 64.24
C ASP E 103 25.72 45.16 65.18
N ASP E 104 26.29 45.56 66.32
CA ASP E 104 25.57 46.43 67.25
C ASP E 104 25.32 47.80 66.66
N ALA E 105 26.28 48.34 65.91
CA ALA E 105 26.06 49.62 65.26
C ALA E 105 25.05 49.54 64.13
N THR E 106 24.97 48.41 63.44
CA THR E 106 23.92 48.22 62.44
C THR E 106 22.54 48.14 63.09
N LYS E 107 22.44 47.50 64.25
CA LYS E 107 21.15 47.46 64.95
C LYS E 107 20.75 48.82 65.47
N LYS E 108 21.71 49.62 65.96
CA LYS E 108 21.39 50.98 66.39
C LYS E 108 21.02 51.86 65.20
N GLN E 109 21.64 51.61 64.04
CA GLN E 109 21.27 52.28 62.81
C GLN E 109 19.84 51.98 62.41
N ALA E 110 19.42 50.72 62.55
CA ALA E 110 18.04 50.35 62.28
C ALA E 110 17.08 51.00 63.26
N LYS E 111 17.46 51.08 64.54
CA LYS E 111 16.60 51.70 65.54
C LYS E 111 16.47 53.20 65.32
N ASP E 112 17.54 53.85 64.86
CA ASP E 112 17.47 55.29 64.61
C ASP E 112 16.72 55.62 63.33
N THR E 113 16.89 54.82 62.27
CA THR E 113 16.09 55.01 61.06
C THR E 113 14.65 54.55 61.24
N GLU E 114 14.37 53.78 62.30
CA GLU E 114 13.06 53.27 62.67
C GLU E 114 12.47 52.41 61.54
N LYS E 115 13.13 51.29 61.32
CA LYS E 115 12.67 50.25 60.41
C LYS E 115 12.93 48.90 61.07
N ALA E 116 12.70 47.83 60.30
CA ALA E 116 13.07 46.50 60.75
C ALA E 116 14.51 46.17 60.36
N LYS E 117 14.89 46.50 59.14
CA LYS E 117 16.26 46.35 58.67
C LYS E 117 16.86 47.73 58.46
N ALA E 118 18.08 47.92 58.96
CA ALA E 118 18.85 49.10 58.62
C ALA E 118 19.14 49.10 57.12
N GLN E 119 18.82 50.20 56.45
CA GLN E 119 19.12 50.29 55.03
C GLN E 119 20.61 50.47 54.80
N VAL E 120 21.26 51.21 55.67
CA VAL E 120 22.69 51.52 55.55
C VAL E 120 23.40 50.61 56.55
N THR E 121 23.98 49.53 56.05
CA THR E 121 24.55 48.50 56.92
C THR E 121 26.06 48.65 57.04
N TYR E 122 26.60 48.07 58.11
CA TYR E 122 28.03 48.07 58.35
C TYR E 122 28.66 46.70 58.21
N SER E 123 27.91 45.65 58.53
CA SER E 123 28.39 44.28 58.39
C SER E 123 27.82 43.67 57.12
N ASP E 124 28.48 42.59 56.67
CA ASP E 124 28.12 41.83 55.48
C ASP E 124 28.08 42.70 54.23
N THR E 125 29.10 43.56 54.11
CA THR E 125 29.33 44.31 52.89
C THR E 125 30.02 43.40 51.89
N GLY E 126 30.26 43.92 50.67
CA GLY E 126 30.98 43.14 49.69
C GLY E 126 32.45 43.01 49.97
N ILE E 127 33.01 43.86 50.81
CA ILE E 127 34.43 43.87 51.08
C ILE E 127 34.77 42.79 52.10
N ASN E 128 35.72 41.94 51.76
CA ASN E 128 36.29 41.04 52.75
C ASN E 128 37.12 41.85 53.73
N ASN E 129 36.85 41.67 55.02
CA ASN E 129 37.51 42.44 56.04
C ASN E 129 37.94 41.51 57.17
N ALA E 130 38.59 40.40 56.80
CA ALA E 130 38.95 39.38 57.78
C ALA E 130 40.14 39.79 58.64
N ASN E 131 40.91 40.79 58.23
CA ASN E 131 42.06 41.25 59.00
C ASN E 131 41.75 42.46 59.86
N GLU E 132 40.47 42.77 60.07
CA GLU E 132 40.10 43.93 60.87
C GLU E 132 40.24 43.58 62.34
N LEU E 133 41.16 44.23 63.03
CA LEU E 133 41.25 44.14 64.48
C LEU E 133 40.55 45.32 65.11
N SER E 134 40.12 45.14 66.35
CA SER E 134 39.61 46.24 67.15
C SER E 134 40.19 46.14 68.55
N ARG E 135 39.90 47.16 69.36
CA ARG E 135 40.45 47.23 70.69
C ARG E 135 39.57 46.47 71.67
N SER E 136 40.18 45.59 72.46
CA SER E 136 39.44 44.75 73.39
C SER E 136 40.24 44.61 74.68
N GLY E 137 39.71 43.84 75.62
CA GLY E 137 40.37 43.58 76.87
C GLY E 137 41.14 42.28 76.94
N ASN E 138 41.32 41.58 75.81
CA ASN E 138 42.05 40.33 75.83
C ASN E 138 43.55 40.54 75.97
N VAL E 139 44.07 41.58 75.33
CA VAL E 139 45.50 41.86 75.38
C VAL E 139 45.72 42.95 76.42
N ASP E 140 46.88 42.92 77.07
CA ASP E 140 47.25 43.99 77.96
C ASP E 140 47.96 45.08 77.17
N ASN E 141 48.60 46.01 77.86
CA ASN E 141 49.42 47.03 77.22
C ASN E 141 50.79 46.52 76.85
N GLU E 142 51.09 45.26 77.12
CA GLU E 142 52.39 44.67 76.88
C GLU E 142 52.41 43.73 75.69
N GLY E 143 51.43 42.84 75.58
CA GLY E 143 51.40 41.88 74.50
C GLY E 143 50.89 40.54 74.98
N GLY E 144 50.74 40.40 76.28
CA GLY E 144 50.26 39.15 76.84
C GLY E 144 48.77 39.11 77.02
N SER E 145 48.25 37.89 77.15
CA SER E 145 46.83 37.70 77.32
C SER E 145 46.39 38.09 78.72
N ASN E 146 45.11 38.33 78.86
CA ASN E 146 44.52 38.81 80.12
C ASN E 146 43.57 37.76 80.70
N GLN E 147 43.95 36.48 80.62
CA GLN E 147 43.20 35.44 81.30
C GLN E 147 43.35 35.53 82.82
N LYS E 148 44.44 36.12 83.29
CA LYS E 148 44.64 36.38 84.71
C LYS E 148 44.95 37.87 84.80
N PRO E 149 44.26 38.63 85.65
CA PRO E 149 44.43 40.08 85.67
C PRO E 149 45.80 40.50 86.20
N MET E 150 46.15 41.75 85.89
CA MET E 150 47.51 42.23 86.15
C MET E 150 47.79 42.40 87.64
N SER E 151 46.78 42.78 88.42
CA SER E 151 46.98 42.92 89.86
C SER E 151 47.25 41.58 90.52
N THR E 152 46.48 40.55 90.14
CA THR E 152 46.71 39.19 90.63
C THR E 152 48.07 38.68 90.17
N ARG E 153 48.42 38.97 88.93
CA ARG E 153 49.68 38.51 88.35
C ARG E 153 50.89 39.16 89.03
N ILE E 154 50.75 40.41 89.46
CA ILE E 154 51.82 41.07 90.19
C ILE E 154 51.88 40.57 91.63
N ALA E 155 50.72 40.40 92.26
CA ALA E 155 50.66 39.96 93.66
C ALA E 155 51.21 38.57 93.84
N GLU E 156 50.99 37.67 92.88
CA GLU E 156 51.62 36.35 92.96
C GLU E 156 53.13 36.43 92.79
N ALA E 157 53.62 37.31 91.91
CA ALA E 157 55.05 37.44 91.70
C ALA E 157 55.75 38.04 92.91
N THR E 158 55.06 38.88 93.68
CA THR E 158 55.66 39.38 94.89
C THR E 158 55.52 38.40 96.05
N SER E 159 54.39 37.71 96.15
CA SER E 159 54.17 36.80 97.26
C SER E 159 54.79 35.43 97.04
N ALA E 160 55.40 35.19 95.89
CA ALA E 160 56.05 33.90 95.66
C ALA E 160 57.29 33.74 96.53
N ILE E 161 58.03 34.81 96.78
CA ILE E 161 59.25 34.75 97.59
C ILE E 161 59.11 35.81 98.67
N VAL E 162 58.66 35.39 99.85
CA VAL E 162 58.70 36.17 101.08
C VAL E 162 59.28 35.26 102.15
N SER E 163 59.60 35.86 103.30
CA SER E 163 60.24 35.13 104.38
C SER E 163 59.61 35.53 105.70
N LYS E 164 59.52 34.56 106.61
CA LYS E 164 58.86 34.74 107.89
C LYS E 164 59.85 34.57 109.04
N HIS E 165 59.33 34.72 110.25
CA HIS E 165 60.12 34.65 111.46
C HIS E 165 60.51 33.20 111.76
N PRO E 166 61.51 32.99 112.63
CA PRO E 166 61.80 31.61 113.07
C PRO E 166 60.72 31.03 113.98
N ALA E 167 60.94 29.82 114.46
CA ALA E 167 60.00 29.19 115.38
C ALA E 167 60.30 29.59 116.83
N GLN F 147 8.06 -10.40 72.56
CA GLN F 147 7.37 -11.45 71.83
C GLN F 147 7.46 -11.18 70.33
N LYS F 148 8.51 -11.74 69.70
CA LYS F 148 8.72 -11.88 68.26
C LYS F 148 8.52 -10.57 67.52
N PRO F 149 9.51 -9.67 67.55
CA PRO F 149 9.31 -8.33 67.00
C PRO F 149 9.11 -8.33 65.49
N MET F 150 8.48 -7.24 65.03
CA MET F 150 8.16 -7.05 63.62
C MET F 150 9.41 -6.99 62.75
N SER F 151 10.52 -6.53 63.32
CA SER F 151 11.79 -6.48 62.60
C SER F 151 12.27 -7.87 62.22
N THR F 152 11.96 -8.89 63.02
CA THR F 152 12.25 -10.26 62.63
C THR F 152 11.12 -10.87 61.80
N ARG F 153 9.87 -10.46 62.07
CA ARG F 153 8.75 -11.03 61.35
C ARG F 153 8.72 -10.61 59.89
N ILE F 154 9.25 -9.43 59.56
CA ILE F 154 9.34 -9.03 58.16
C ILE F 154 10.52 -9.72 57.48
N ALA F 155 11.63 -9.88 58.20
CA ALA F 155 12.81 -10.53 57.65
C ALA F 155 12.55 -12.00 57.32
N GLU F 156 11.73 -12.67 58.12
CA GLU F 156 11.36 -14.05 57.80
C GLU F 156 10.52 -14.11 56.53
N ALA F 157 9.68 -13.10 56.28
CA ALA F 157 8.89 -13.07 55.06
C ALA F 157 9.75 -12.77 53.83
N THR F 158 10.72 -11.87 53.98
CA THR F 158 11.66 -11.61 52.89
C THR F 158 12.48 -12.86 52.55
N SER F 159 12.90 -13.61 53.58
CA SER F 159 13.63 -14.84 53.33
C SER F 159 12.73 -15.92 52.76
N ALA F 160 11.44 -15.91 53.09
CA ALA F 160 10.52 -16.87 52.50
C ALA F 160 10.25 -16.57 51.04
N ILE F 161 10.24 -15.29 50.65
CA ILE F 161 10.08 -14.95 49.24
C ILE F 161 11.36 -15.24 48.47
N VAL F 162 12.47 -14.61 48.87
CA VAL F 162 13.75 -14.79 48.17
C VAL F 162 14.38 -16.08 48.70
N SER F 163 14.26 -17.16 47.94
CA SER F 163 14.81 -18.44 48.34
C SER F 163 15.09 -19.29 47.11
N LYS F 164 16.29 -19.85 47.05
CA LYS F 164 16.74 -20.83 46.05
C LYS F 164 16.62 -20.32 44.61
N VAL F 169 26.18 -22.78 41.47
CA VAL F 169 27.60 -23.06 41.53
C VAL F 169 28.14 -23.12 40.09
N GLY F 170 29.39 -22.69 39.90
CA GLY F 170 29.99 -22.75 38.58
C GLY F 170 30.78 -24.01 38.37
N LEU F 171 30.14 -25.01 37.75
CA LEU F 171 30.71 -26.31 37.45
C LEU F 171 30.06 -26.82 36.19
N PRO F 172 30.74 -27.64 35.40
CA PRO F 172 30.09 -28.32 34.28
C PRO F 172 29.07 -29.32 34.80
N PRO F 173 27.89 -29.39 34.20
CA PRO F 173 26.83 -30.24 34.74
C PRO F 173 27.07 -31.70 34.44
N THR F 174 26.58 -32.54 35.34
CA THR F 174 26.64 -33.98 35.18
C THR F 174 25.22 -34.53 35.08
N ALA F 175 25.13 -35.78 34.63
CA ALA F 175 23.83 -36.40 34.46
C ALA F 175 23.14 -36.70 35.79
N SER F 176 23.90 -36.78 36.88
CA SER F 176 23.30 -36.95 38.20
C SER F 176 22.54 -35.70 38.61
N SER F 177 23.21 -34.56 38.60
CA SER F 177 22.58 -33.29 38.94
C SER F 177 21.65 -32.82 37.83
N GLY F 207 -2.71 -26.65 26.40
CA GLY F 207 -3.58 -25.57 25.99
C GLY F 207 -3.88 -24.60 27.13
N ASN F 208 -5.03 -24.79 27.76
CA ASN F 208 -5.42 -23.97 28.90
C ASN F 208 -4.88 -24.54 30.20
N MET F 209 -5.02 -23.77 31.26
CA MET F 209 -4.68 -24.23 32.59
C MET F 209 -5.47 -23.44 33.61
N THR F 210 -5.83 -24.10 34.70
CA THR F 210 -6.46 -23.41 35.81
C THR F 210 -5.42 -22.69 36.64
N LEU F 211 -5.88 -22.02 37.69
CA LEU F 211 -4.97 -21.40 38.62
C LEU F 211 -4.65 -22.40 39.72
N THR F 212 -3.38 -22.50 40.08
CA THR F 212 -2.95 -23.37 41.15
C THR F 212 -1.82 -22.65 41.89
N SER F 213 -1.71 -22.93 43.19
CA SER F 213 -0.59 -22.45 43.98
C SER F 213 0.77 -22.88 43.42
N SER F 214 0.82 -24.05 42.75
CA SER F 214 1.98 -24.43 41.97
C SER F 214 2.33 -23.39 40.91
N GLU F 215 1.33 -22.94 40.15
CA GLU F 215 1.56 -21.93 39.14
C GLU F 215 1.89 -20.57 39.73
N ILE F 216 1.36 -20.27 40.92
CA ILE F 216 1.72 -19.04 41.63
C ILE F 216 3.20 -19.04 41.98
N GLN F 217 3.68 -20.14 42.58
CA GLN F 217 5.09 -20.25 42.94
C GLN F 217 5.99 -20.26 41.71
N ARG F 218 5.52 -20.88 40.62
CA ARG F 218 6.28 -20.87 39.37
C ARG F 218 6.43 -19.48 38.80
N HIS F 219 5.42 -18.63 38.95
CA HIS F 219 5.57 -17.25 38.53
C HIS F 219 6.48 -16.46 39.47
N ILE F 220 6.35 -16.67 40.78
CA ILE F 220 7.10 -15.87 41.75
C ILE F 220 8.59 -16.16 41.68
N THR F 221 8.98 -17.43 41.48
CA THR F 221 10.40 -17.75 41.40
C THR F 221 11.06 -17.15 40.15
N GLU F 222 10.36 -17.15 39.02
CA GLU F 222 10.86 -16.50 37.82
C GLU F 222 10.99 -15.00 38.02
N PHE F 223 10.02 -14.39 38.70
CA PHE F 223 10.07 -12.96 38.99
C PHE F 223 11.25 -12.59 39.88
N ILE F 224 11.47 -13.36 40.94
CA ILE F 224 12.56 -13.08 41.87
C ILE F 224 13.91 -13.35 41.21
N SER F 225 13.97 -14.35 40.31
CA SER F 225 15.23 -14.60 39.61
C SER F 225 15.57 -13.49 38.62
N SER F 226 14.59 -13.03 37.84
CA SER F 226 14.82 -11.95 36.90
C SER F 226 15.10 -10.62 37.61
N TRP F 227 14.63 -10.46 38.84
CA TRP F 227 15.03 -9.30 39.62
C TRP F 227 16.41 -9.47 40.23
N GLN F 228 16.73 -10.67 40.68
CA GLN F 228 17.97 -10.92 41.40
C GLN F 228 19.18 -10.83 40.49
N ASN F 229 19.01 -11.20 39.23
CA ASN F 229 20.13 -11.14 38.30
C ASN F 229 20.28 -9.78 37.62
N HIS F 230 19.76 -8.72 38.23
CA HIS F 230 20.03 -7.38 37.73
C HIS F 230 21.37 -6.89 38.27
N PRO F 231 22.20 -6.26 37.43
CA PRO F 231 23.58 -5.97 37.83
C PRO F 231 23.73 -4.94 38.94
N ILE F 232 22.83 -3.97 39.03
CA ILE F 232 22.89 -3.02 40.14
C ILE F 232 22.50 -3.72 41.45
N VAL F 233 21.54 -4.64 41.37
CA VAL F 233 21.11 -5.40 42.53
C VAL F 233 22.21 -6.35 42.99
N GLN F 234 23.01 -6.88 42.06
CA GLN F 234 24.06 -7.83 42.41
C GLN F 234 25.19 -7.20 43.22
N VAL F 235 25.34 -5.88 43.20
CA VAL F 235 26.46 -5.21 43.83
C VAL F 235 26.02 -4.32 44.98
N SER F 236 24.93 -3.55 44.79
CA SER F 236 24.59 -2.49 45.71
C SER F 236 24.09 -3.02 47.05
N ALA F 237 24.41 -2.28 48.11
CA ALA F 237 23.99 -2.59 49.47
C ALA F 237 23.63 -1.29 50.18
N ASP F 238 22.94 -1.41 51.30
CA ASP F 238 22.41 -0.24 51.99
C ASP F 238 23.41 0.41 52.95
N VAL F 239 24.24 -0.36 53.63
CA VAL F 239 25.12 0.12 54.69
C VAL F 239 26.56 -0.09 54.24
N GLU F 240 27.35 0.98 54.29
CA GLU F 240 28.76 0.86 53.94
C GLU F 240 29.53 0.18 55.06
N ASN F 241 30.65 -0.44 54.70
CA ASN F 241 31.42 -1.21 55.67
C ASN F 241 32.59 -0.39 56.21
N ARG F 242 33.45 -1.05 56.99
CA ARG F 242 34.56 -0.37 57.63
C ARG F 242 35.66 0.02 56.66
N LYS F 243 35.66 -0.52 55.45
CA LYS F 243 36.59 -0.07 54.42
C LYS F 243 36.04 1.12 53.66
N THR F 244 34.75 1.07 53.31
CA THR F 244 34.13 2.15 52.56
C THR F 244 34.01 3.40 53.41
N ALA F 245 33.74 3.26 54.72
CA ALA F 245 33.69 4.42 55.59
C ALA F 245 35.05 5.09 55.72
N GLN F 246 36.12 4.31 55.78
CA GLN F 246 37.47 4.88 55.77
C GLN F 246 37.77 5.54 54.43
N LEU F 247 37.35 4.93 53.32
CA LEU F 247 37.68 5.45 52.00
C LEU F 247 36.91 6.73 51.70
N LEU F 248 35.70 6.87 52.25
CA LEU F 248 34.91 8.07 52.00
C LEU F 248 35.23 9.17 52.99
N HIS F 249 35.15 8.89 54.30
CA HIS F 249 35.52 9.89 55.29
C HIS F 249 36.46 9.26 56.31
N ALA F 250 37.75 9.28 55.99
CA ALA F 250 38.76 9.03 56.99
C ALA F 250 38.86 10.25 57.90
N ASP F 251 38.91 9.99 59.21
CA ASP F 251 38.87 11.08 60.18
C ASP F 251 40.17 11.87 60.17
N THR F 252 40.06 13.14 60.55
CA THR F 252 41.27 13.94 60.44
C THR F 252 42.11 13.78 61.70
N PRO F 253 43.43 13.76 61.57
CA PRO F 253 44.29 13.79 62.74
C PRO F 253 44.35 15.18 63.34
N ARG F 254 44.85 15.25 64.56
CA ARG F 254 44.92 16.50 65.31
C ARG F 254 46.37 16.94 65.35
N LEU F 255 46.70 18.00 64.61
CA LEU F 255 48.08 18.44 64.47
C LEU F 255 48.47 19.48 65.51
N VAL F 256 47.82 20.64 65.49
CA VAL F 256 48.21 21.75 66.34
C VAL F 256 47.68 21.52 67.76
N THR F 257 48.59 21.50 68.72
CA THR F 257 48.27 21.35 70.13
C THR F 257 49.20 22.27 70.90
N TRP F 258 48.67 23.01 71.85
CA TRP F 258 49.40 24.11 72.48
C TRP F 258 49.69 23.82 73.94
N ASP F 259 50.91 24.12 74.37
CA ASP F 259 51.35 23.91 75.74
C ASP F 259 51.48 25.26 76.41
N ALA F 260 50.79 25.43 77.53
CA ALA F 260 50.81 26.68 78.27
C ALA F 260 51.76 26.66 79.46
N GLY F 261 52.25 25.48 79.86
CA GLY F 261 53.23 25.36 80.90
C GLY F 261 54.63 25.51 80.36
N LEU F 262 55.60 25.22 81.22
CA LEU F 262 57.00 25.28 80.83
C LEU F 262 57.46 23.92 80.30
N CYS F 263 58.17 23.94 79.19
CA CYS F 263 58.56 22.71 78.50
C CYS F 263 59.74 22.06 79.21
N THR F 264 59.49 20.94 79.86
CA THR F 264 60.55 20.16 80.47
C THR F 264 60.08 18.71 80.53
N SER F 265 61.03 17.83 80.81
CA SER F 265 60.71 16.44 81.03
C SER F 265 61.43 15.84 82.22
N PHE F 266 62.43 16.52 82.76
CA PHE F 266 63.25 15.99 83.84
C PHE F 266 62.97 16.80 85.09
N LYS F 267 62.62 16.14 86.18
CA LYS F 267 62.33 16.83 87.42
C LYS F 267 63.31 16.40 88.50
N ILE F 268 63.50 17.26 89.48
CA ILE F 268 64.38 17.01 90.60
C ILE F 268 63.53 16.53 91.77
N VAL F 269 63.88 15.37 92.33
CA VAL F 269 63.09 14.82 93.43
C VAL F 269 64.01 14.55 94.62
N PRO F 270 63.61 14.90 95.84
CA PRO F 270 64.41 14.54 97.01
C PRO F 270 64.18 13.08 97.39
N ILE F 271 65.27 12.42 97.76
CA ILE F 271 65.20 11.00 98.04
C ILE F 271 65.18 10.76 99.55
N VAL F 272 66.16 11.29 100.26
CA VAL F 272 66.14 11.29 101.72
C VAL F 272 66.15 12.73 102.21
N PRO F 273 65.39 13.07 103.24
CA PRO F 273 65.35 14.45 103.69
C PRO F 273 66.63 14.83 104.43
N ALA F 274 66.81 16.14 104.60
CA ALA F 274 67.98 16.65 105.29
C ALA F 274 67.77 16.57 106.80
N GLN F 275 68.77 17.05 107.54
CA GLN F 275 68.67 17.17 108.99
C GLN F 275 68.65 18.67 109.33
N VAL F 276 67.46 19.24 109.37
CA VAL F 276 67.33 20.67 109.64
C VAL F 276 67.49 20.93 111.14
N PRO F 277 66.90 20.13 112.08
CA PRO F 277 67.41 20.26 113.45
C PRO F 277 68.57 19.31 113.69
N GLN F 278 69.69 19.84 114.18
CA GLN F 278 70.84 19.00 114.48
C GLN F 278 71.62 19.66 115.61
N ASP F 279 72.71 18.99 116.00
CA ASP F 279 73.46 19.41 117.18
C ASP F 279 74.54 20.42 116.85
N VAL F 280 75.28 20.20 115.76
CA VAL F 280 76.49 20.95 115.49
C VAL F 280 76.16 22.36 115.04
N LEU F 281 75.22 22.49 114.11
CA LEU F 281 74.90 23.75 113.49
C LEU F 281 73.50 24.18 113.89
N ALA F 282 73.33 25.46 114.19
CA ALA F 282 72.08 25.98 114.73
C ALA F 282 70.98 25.97 113.67
N TYR F 283 69.74 25.99 114.15
CA TYR F 283 68.58 25.94 113.26
C TYR F 283 68.27 27.28 112.62
N THR F 284 68.85 28.36 113.11
CA THR F 284 68.69 29.65 112.46
C THR F 284 69.56 29.80 111.23
N PHE F 285 70.45 28.84 110.96
CA PHE F 285 71.30 28.92 109.77
C PHE F 285 70.50 28.66 108.52
N PHE F 286 69.66 27.63 108.52
CA PHE F 286 69.10 27.10 107.29
C PHE F 286 67.95 27.94 106.80
N THR F 287 67.84 28.04 105.47
CA THR F 287 66.77 28.83 104.86
C THR F 287 65.42 28.15 104.95
N SER F 288 65.39 26.85 105.27
CA SER F 288 64.14 26.17 105.52
C SER F 288 63.46 26.65 106.79
N SER F 289 64.21 27.26 107.71
CA SER F 289 63.61 27.79 108.93
C SER F 289 62.76 29.02 108.67
N TYR F 290 62.89 29.64 107.50
CA TYR F 290 62.20 30.89 107.20
C TYR F 290 61.13 30.72 106.14
N ALA F 291 60.90 29.49 105.68
CA ALA F 291 60.00 29.14 104.58
C ALA F 291 60.33 29.93 103.31
N ILE F 292 61.61 29.93 102.96
CA ILE F 292 62.08 30.55 101.72
C ILE F 292 61.93 29.55 100.59
N GLN F 293 61.23 29.95 99.54
CA GLN F 293 60.98 29.04 98.42
C GLN F 293 62.23 28.81 97.60
N SER F 294 62.96 27.75 97.90
CA SER F 294 64.17 27.44 97.17
C SER F 294 63.82 26.86 95.80
N PRO F 295 64.64 27.11 94.77
CA PRO F 295 64.39 26.52 93.46
C PRO F 295 64.65 25.03 93.41
N PHE F 296 65.35 24.48 94.40
CA PHE F 296 65.65 23.06 94.41
C PHE F 296 65.28 22.49 95.77
N PRO F 297 64.84 21.24 95.83
CA PRO F 297 64.44 20.66 97.12
C PRO F 297 65.66 20.44 98.00
N GLU F 298 65.62 21.01 99.20
CA GLU F 298 66.67 20.77 100.16
C GLU F 298 66.55 19.35 100.70
N ALA F 299 67.67 18.63 100.69
CA ALA F 299 67.65 17.21 101.01
C ALA F 299 69.07 16.79 101.32
N ALA F 300 69.17 15.64 101.98
CA ALA F 300 70.48 15.01 102.13
C ALA F 300 71.00 14.53 100.78
N VAL F 301 70.18 13.76 100.07
CA VAL F 301 70.51 13.24 98.74
C VAL F 301 69.33 13.54 97.83
N SER F 302 69.60 14.12 96.66
CA SER F 302 68.55 14.37 95.69
C SER F 302 69.03 13.96 94.31
N ARG F 303 68.17 13.22 93.60
CA ARG F 303 68.43 12.75 92.25
C ARG F 303 67.43 13.37 91.29
N ILE F 304 67.67 13.19 90.00
CA ILE F 304 66.75 13.68 88.98
C ILE F 304 66.15 12.49 88.24
N VAL F 305 64.84 12.55 88.03
CA VAL F 305 64.13 11.47 87.36
C VAL F 305 63.42 12.04 86.16
N VAL F 306 62.69 11.19 85.43
CA VAL F 306 62.12 11.55 84.15
C VAL F 306 60.61 11.41 84.23
N HIS F 307 59.91 12.53 84.13
CA HIS F 307 58.46 12.55 84.18
C HIS F 307 58.00 13.54 83.12
N THR F 308 57.45 13.04 82.03
CA THR F 308 57.06 13.92 80.93
C THR F 308 55.79 14.68 81.30
N ARG F 309 55.83 16.00 81.08
CA ARG F 309 54.74 16.93 81.35
C ARG F 309 54.28 16.88 82.81
N TRP F 310 55.21 17.21 83.71
CA TRP F 310 54.81 17.56 85.06
C TRP F 310 54.58 19.04 85.20
N ALA F 311 54.79 19.81 84.13
CA ALA F 311 54.50 21.24 84.09
C ALA F 311 53.84 21.50 82.74
N SER F 312 52.53 21.42 82.71
CA SER F 312 51.83 21.41 81.43
C SER F 312 50.37 21.76 81.63
N ASN F 313 49.84 22.56 80.70
CA ASN F 313 48.43 22.94 80.67
C ASN F 313 47.88 22.81 79.26
N VAL F 314 48.14 21.65 78.65
CA VAL F 314 47.75 21.46 77.25
C VAL F 314 46.25 21.28 77.14
N ASP F 315 45.73 21.58 75.95
CA ASP F 315 44.31 21.43 75.68
C ASP F 315 43.94 20.05 75.17
N PHE F 316 44.92 19.25 74.75
CA PHE F 316 44.65 17.91 74.23
C PHE F 316 45.67 16.96 74.81
N ASP F 317 45.21 15.80 75.26
CA ASP F 317 46.07 14.85 75.92
C ASP F 317 46.57 13.82 74.90
N ARG F 318 47.83 13.92 74.52
CA ARG F 318 48.49 12.80 73.89
C ARG F 318 48.65 11.71 74.94
N ASP F 319 48.10 10.53 74.68
CA ASP F 319 47.93 9.53 75.71
C ASP F 319 49.27 8.95 76.17
N SER F 320 50.25 8.88 75.28
CA SER F 320 51.53 8.28 75.63
C SER F 320 52.29 9.18 76.58
N SER F 321 52.71 8.64 77.72
CA SER F 321 53.44 9.40 78.72
C SER F 321 54.44 8.48 79.40
N VAL F 322 55.65 8.99 79.63
CA VAL F 322 56.71 8.24 80.28
C VAL F 322 56.84 8.76 81.69
N ILE F 323 56.47 7.94 82.66
CA ILE F 323 56.46 8.31 84.07
C ILE F 323 57.37 7.34 84.82
N MET F 324 58.37 7.88 85.51
CA MET F 324 59.27 7.08 86.32
C MET F 324 59.10 7.38 87.79
N ALA F 325 59.20 6.35 88.58
CA ALA F 325 59.26 6.49 90.02
C ALA F 325 60.67 6.86 90.43
N PRO F 326 60.87 7.40 91.63
CA PRO F 326 62.24 7.57 92.15
C PRO F 326 62.93 6.23 92.32
N PRO F 327 64.27 6.20 92.30
CA PRO F 327 64.99 4.91 92.27
C PRO F 327 64.89 4.08 93.55
N THR F 328 64.20 4.54 94.59
CA THR F 328 63.91 3.65 95.70
C THR F 328 62.82 2.67 95.34
N GLU F 329 61.76 3.12 94.68
CA GLU F 329 60.81 2.20 94.10
C GLU F 329 61.42 1.56 92.86
N ASN F 330 60.82 0.45 92.42
CA ASN F 330 61.33 -0.12 91.19
C ASN F 330 60.68 0.55 89.98
N ASN F 331 61.35 0.43 88.85
CA ASN F 331 60.84 0.94 87.59
C ASN F 331 60.73 -0.18 86.57
N ILE F 332 60.47 -1.40 87.06
CA ILE F 332 60.47 -2.56 86.18
C ILE F 332 59.18 -2.66 85.39
N HIS F 333 58.13 -1.94 85.78
CA HIS F 333 56.88 -1.97 85.03
C HIS F 333 56.96 -1.21 83.73
N LEU F 334 58.05 -0.46 83.50
CA LEU F 334 58.27 0.17 82.21
C LEU F 334 58.97 -0.74 81.24
N PHE F 335 59.60 -1.81 81.71
CA PHE F 335 60.46 -2.64 80.87
C PHE F 335 59.83 -4.00 80.58
N LYS F 336 58.53 -4.13 80.79
CA LYS F 336 57.83 -5.37 80.46
C LYS F 336 56.48 -5.07 79.80
N GLN F 337 56.30 -3.88 79.25
CA GLN F 337 55.07 -3.55 78.55
C GLN F 337 55.01 -4.25 77.20
N LEU F 338 56.18 -4.46 76.59
CA LEU F 338 56.31 -5.07 75.28
C LEU F 338 56.49 -6.57 75.49
N LEU F 339 57.13 -7.30 74.57
CA LEU F 339 56.93 -8.73 74.36
C LEU F 339 57.32 -9.58 75.55
N ASN F 340 56.49 -9.53 76.59
CA ASN F 340 56.78 -10.20 77.85
C ASN F 340 55.44 -10.59 78.47
N THR F 341 55.00 -11.83 78.21
CA THR F 341 53.71 -12.30 78.68
C THR F 341 53.81 -13.61 79.44
N GLU F 342 55.01 -14.13 79.67
CA GLU F 342 55.24 -15.42 80.28
C GLU F 342 56.29 -15.32 81.36
N THR F 343 56.10 -14.36 82.26
CA THR F 343 57.04 -14.18 83.36
C THR F 343 56.86 -15.23 84.45
N LEU F 344 55.63 -15.41 84.92
CA LEU F 344 55.32 -15.85 86.27
C LEU F 344 56.15 -15.01 87.26
N SER F 345 55.85 -13.71 87.24
CA SER F 345 56.36 -12.71 88.16
C SER F 345 55.58 -11.42 87.92
N VAL F 346 55.49 -10.61 88.97
CA VAL F 346 55.10 -9.22 88.80
C VAL F 346 56.34 -8.36 88.64
N ARG F 347 57.47 -8.83 89.14
CA ARG F 347 58.68 -8.05 89.30
C ARG F 347 59.77 -8.40 88.30
N GLY F 348 59.75 -9.61 87.73
CA GLY F 348 60.76 -9.98 86.77
C GLY F 348 60.54 -9.37 85.41
N ALA F 349 61.58 -9.45 84.57
CA ALA F 349 61.52 -8.94 83.22
C ALA F 349 62.50 -9.71 82.34
N ASN F 350 62.08 -9.99 81.11
CA ASN F 350 62.90 -10.76 80.19
C ASN F 350 64.09 -9.92 79.74
N PRO F 351 65.33 -10.36 79.98
CA PRO F 351 66.48 -9.52 79.61
C PRO F 351 66.74 -9.47 78.13
N LEU F 352 66.21 -10.40 77.35
CA LEU F 352 66.37 -10.35 75.91
C LEU F 352 65.33 -9.48 75.23
N MET F 353 64.55 -8.73 76.00
CA MET F 353 63.56 -7.82 75.46
C MET F 353 63.89 -6.36 75.73
N PHE F 354 65.03 -6.09 76.37
CA PHE F 354 65.35 -4.76 76.88
C PHE F 354 65.46 -3.73 75.77
N ARG F 355 66.01 -4.13 74.61
CA ARG F 355 66.17 -3.17 73.51
C ARG F 355 64.83 -2.76 72.94
N ALA F 356 63.91 -3.71 72.77
CA ALA F 356 62.57 -3.39 72.29
C ALA F 356 61.80 -2.56 73.30
N ASN F 357 61.96 -2.86 74.59
CA ASN F 357 61.29 -2.07 75.63
C ASN F 357 61.79 -0.64 75.67
N VAL F 358 63.11 -0.45 75.54
CA VAL F 358 63.67 0.90 75.54
C VAL F 358 63.28 1.65 74.27
N LEU F 359 63.18 0.96 73.14
CA LEU F 359 62.69 1.62 71.92
C LEU F 359 61.24 2.07 72.05
N HIS F 360 60.39 1.25 72.67
CA HIS F 360 59.02 1.66 72.88
C HIS F 360 58.90 2.81 73.87
N MET F 361 59.76 2.82 74.89
CA MET F 361 59.81 3.95 75.81
C MET F 361 60.25 5.23 75.12
N LEU F 362 61.24 5.15 74.21
CA LEU F 362 61.68 6.34 73.50
C LEU F 362 60.62 6.83 72.53
N LEU F 363 59.86 5.91 71.93
CA LEU F 363 58.79 6.33 71.03
C LEU F 363 57.65 7.01 71.79
N GLU F 364 57.27 6.48 72.96
CA GLU F 364 56.33 7.20 73.82
C GLU F 364 56.88 8.56 74.24
N PHE F 365 58.17 8.63 74.53
CA PHE F 365 58.79 9.86 74.99
C PHE F 365 58.80 10.94 73.92
N VAL F 366 58.97 10.55 72.66
CA VAL F 366 58.91 11.53 71.58
C VAL F 366 57.47 11.89 71.25
N LEU F 367 56.57 10.90 71.15
CA LEU F 367 55.18 11.17 70.81
C LEU F 367 54.43 11.92 71.89
N ASP F 368 54.96 11.99 73.12
CA ASP F 368 54.33 12.85 74.10
C ASP F 368 54.60 14.32 73.80
N ASN F 369 55.85 14.69 73.60
CA ASN F 369 56.24 16.09 73.58
C ASN F 369 55.96 16.79 72.26
N LEU F 370 55.09 16.27 71.40
CA LEU F 370 54.74 16.96 70.16
C LEU F 370 53.66 18.00 70.43
N TYR F 371 54.08 19.08 71.08
CA TYR F 371 53.22 20.23 71.33
C TYR F 371 53.88 21.48 70.75
N LEU F 372 53.19 22.59 70.91
CA LEU F 372 53.70 23.89 70.53
C LEU F 372 53.63 24.81 71.74
N ASN F 373 54.64 25.65 71.89
CA ASN F 373 54.73 26.52 73.05
C ASN F 373 53.84 27.74 72.87
N ARG F 374 53.02 28.02 73.88
CA ARG F 374 52.05 29.11 73.83
C ARG F 374 52.56 30.30 74.62
N HIS F 375 52.34 31.50 74.08
CA HIS F 375 52.62 32.76 74.74
C HIS F 375 51.45 33.11 75.67
N THR F 376 51.73 33.18 76.97
CA THR F 376 50.67 33.39 77.96
C THR F 376 50.49 34.86 78.35
N GLY F 377 51.50 35.46 78.94
CA GLY F 377 51.35 36.81 79.46
C GLY F 377 52.26 37.11 80.61
N PHE F 378 52.85 38.31 80.63
CA PHE F 378 53.99 38.61 81.49
C PHE F 378 53.61 39.71 82.48
N SER F 379 54.57 40.03 83.36
CA SER F 379 54.42 41.11 84.33
C SER F 379 55.80 41.52 84.80
N GLN F 380 55.96 42.80 85.12
CA GLN F 380 57.19 43.32 85.68
C GLN F 380 57.12 43.28 87.19
N ASP F 381 58.17 42.81 87.83
CA ASP F 381 58.11 42.70 89.28
C ASP F 381 58.36 44.05 89.95
N HIS F 382 58.09 44.09 91.25
CA HIS F 382 58.33 45.25 92.06
C HIS F 382 59.39 45.01 93.13
N THR F 383 59.77 43.76 93.35
CA THR F 383 60.83 43.45 94.29
C THR F 383 62.19 43.83 93.69
N PRO F 384 63.19 44.11 94.52
CA PRO F 384 64.51 44.41 93.99
C PRO F 384 65.37 43.18 93.77
N PHE F 385 64.75 41.99 93.69
CA PHE F 385 65.48 40.77 93.41
C PHE F 385 66.13 40.81 92.04
N THR F 386 65.36 41.17 91.02
CA THR F 386 65.86 41.34 89.67
C THR F 386 65.82 42.81 89.30
N GLU F 387 66.37 43.14 88.13
CA GLU F 387 66.35 44.52 87.67
C GLU F 387 65.16 44.69 86.73
N GLY F 388 63.98 44.86 87.34
CA GLY F 388 62.75 45.15 86.61
C GLY F 388 62.36 44.16 85.55
N ALA F 389 62.65 42.88 85.76
CA ALA F 389 62.51 41.89 84.70
C ALA F 389 61.05 41.56 84.43
N ASN F 390 60.80 41.08 83.22
CA ASN F 390 59.45 40.74 82.78
C ASN F 390 59.24 39.25 83.05
N LEU F 391 58.72 38.93 84.22
CA LEU F 391 58.51 37.56 84.64
C LEU F 391 57.26 36.98 83.98
N ARG F 392 57.32 35.69 83.69
CA ARG F 392 56.21 34.97 83.07
C ARG F 392 55.17 34.62 84.12
N SER F 393 53.92 34.42 83.70
CA SER F 393 52.86 33.93 84.56
C SER F 393 52.26 32.67 83.96
N LEU F 394 52.02 31.64 84.81
CA LEU F 394 51.39 30.43 84.30
C LEU F 394 49.91 30.42 84.57
N PRO F 395 49.12 29.82 83.69
CA PRO F 395 47.71 29.58 84.02
C PRO F 395 47.56 28.30 84.83
N GLY F 396 46.60 28.30 85.74
CA GLY F 396 46.34 27.14 86.53
C GLY F 396 45.88 27.42 87.94
N PRO F 397 45.93 26.41 88.81
CA PRO F 397 45.49 26.57 90.20
C PRO F 397 46.34 27.54 91.01
N ASP F 398 47.65 27.32 91.05
CA ASP F 398 48.57 28.23 91.72
C ASP F 398 49.77 28.50 90.82
N ALA F 399 49.87 29.74 90.37
CA ALA F 399 51.12 30.21 89.76
C ALA F 399 52.07 30.78 90.80
N GLU F 400 51.70 30.75 92.08
CA GLU F 400 52.58 31.23 93.13
C GLU F 400 53.75 30.27 93.33
N LYS F 401 53.49 28.97 93.18
CA LYS F 401 54.52 27.97 93.40
C LYS F 401 55.57 27.96 92.31
N TRP F 402 55.16 28.24 91.07
CA TRP F 402 56.04 28.03 89.92
C TRP F 402 57.12 29.10 89.78
N TYR F 403 57.00 30.24 90.47
CA TYR F 403 57.93 31.33 90.24
C TYR F 403 59.29 31.09 90.87
N SER F 404 59.40 30.11 91.75
CA SER F 404 60.70 29.67 92.22
C SER F 404 61.23 28.47 91.45
N ILE F 405 60.34 27.68 90.84
CA ILE F 405 60.78 26.59 89.99
C ILE F 405 61.36 27.13 88.70
N MET F 406 60.77 28.20 88.18
CA MET F 406 61.21 28.75 86.90
C MET F 406 62.57 29.43 87.00
N TYR F 407 62.71 30.34 87.96
CA TYR F 407 63.88 31.21 87.98
C TYR F 407 64.76 30.90 89.19
N PRO F 408 65.87 30.18 89.01
CA PRO F 408 66.74 29.90 90.15
C PRO F 408 67.55 31.09 90.59
N THR F 409 67.96 31.97 89.68
CA THR F 409 68.78 33.11 90.04
C THR F 409 67.97 34.32 90.46
N ARG F 410 66.67 34.16 90.69
CA ARG F 410 65.84 35.24 91.20
C ARG F 410 65.89 35.32 92.71
N MET F 411 66.26 34.24 93.38
CA MET F 411 66.25 34.21 94.84
C MET F 411 67.35 35.09 95.42
N GLY F 412 67.21 35.40 96.70
CA GLY F 412 68.28 36.04 97.41
C GLY F 412 69.35 35.06 97.80
N THR F 413 70.53 35.58 98.14
CA THR F 413 71.67 34.75 98.50
C THR F 413 72.14 35.14 99.90
N PRO F 414 71.57 34.58 100.95
CA PRO F 414 72.00 34.95 102.30
C PRO F 414 73.01 33.98 102.88
N ASN F 415 73.24 32.87 102.19
CA ASN F 415 73.76 31.70 102.86
C ASN F 415 75.07 31.27 102.22
N VAL F 416 75.72 30.28 102.82
CA VAL F 416 76.89 29.65 102.22
C VAL F 416 76.48 28.19 102.05
N SER F 417 75.17 27.96 101.99
CA SER F 417 74.66 26.67 101.55
C SER F 417 74.96 26.48 100.08
N LYS F 418 74.87 25.22 99.62
CA LYS F 418 75.30 24.89 98.26
C LYS F 418 74.43 25.53 97.19
N ILE F 419 73.13 25.65 97.47
CA ILE F 419 72.22 26.38 96.60
C ILE F 419 72.69 27.81 96.42
N CYS F 420 73.05 28.46 97.53
CA CYS F 420 73.44 29.85 97.47
C CYS F 420 74.86 30.05 96.94
N ASN F 421 75.76 29.08 97.15
CA ASN F 421 77.05 29.08 96.48
C ASN F 421 76.88 28.99 94.98
N PHE F 422 75.86 28.26 94.52
CA PHE F 422 75.60 28.25 93.09
C PHE F 422 75.04 29.58 92.62
N VAL F 423 74.00 30.08 93.28
CA VAL F 423 73.28 31.26 92.81
C VAL F 423 74.14 32.52 92.87
N ALA F 424 75.07 32.60 93.82
CA ALA F 424 75.93 33.77 93.90
C ALA F 424 77.00 33.83 92.82
N SER F 425 77.11 32.82 91.96
CA SER F 425 78.14 32.81 90.93
C SER F 425 77.51 32.73 89.54
N CYS F 426 76.49 33.54 89.28
CA CYS F 426 75.74 33.47 88.04
C CYS F 426 75.53 34.87 87.48
N VAL F 427 74.97 34.92 86.29
CA VAL F 427 74.81 36.16 85.53
C VAL F 427 73.42 36.72 85.80
N ARG F 428 73.35 38.03 86.00
CA ARG F 428 72.13 38.66 86.48
C ARG F 428 71.11 38.90 85.37
N ASN F 429 71.53 39.33 84.18
CA ASN F 429 70.58 39.82 83.18
C ASN F 429 70.00 38.71 82.31
N ARG F 430 69.98 37.47 82.76
CA ARG F 430 69.37 36.39 81.99
C ARG F 430 68.21 35.83 82.80
N VAL F 431 67.07 36.52 82.71
CA VAL F 431 65.79 36.13 83.30
C VAL F 431 64.71 36.74 82.43
N GLY F 432 63.54 36.11 82.42
CA GLY F 432 62.35 36.64 81.80
C GLY F 432 62.48 36.81 80.30
N ARG F 433 61.68 37.71 79.77
CA ARG F 433 61.70 38.00 78.35
C ARG F 433 62.87 38.91 78.00
N PHE F 434 63.50 38.65 76.86
CA PHE F 434 64.56 39.50 76.37
C PHE F 434 64.42 39.79 74.88
N ASP F 435 63.35 39.34 74.24
CA ASP F 435 63.14 39.59 72.83
C ASP F 435 61.65 39.46 72.58
N ARG F 436 61.14 40.24 71.64
CA ARG F 436 59.71 40.25 71.34
C ARG F 436 59.52 40.73 69.92
N ALA F 437 58.30 40.53 69.41
CA ALA F 437 57.92 40.99 68.07
C ALA F 437 56.54 41.61 68.18
N GLN F 438 56.49 42.90 68.44
CA GLN F 438 55.24 43.63 68.60
C GLN F 438 54.93 44.28 67.26
N MET F 439 54.12 43.61 66.45
CA MET F 439 53.87 44.07 65.09
C MET F 439 52.70 45.05 64.99
N MET F 440 51.77 45.02 65.93
CA MET F 440 50.63 45.93 65.90
C MET F 440 50.33 46.37 67.33
N ASN F 441 49.97 47.63 67.47
CA ASN F 441 49.65 48.19 68.77
C ASN F 441 48.29 47.67 69.21
N GLY F 442 48.19 47.25 70.47
CA GLY F 442 46.93 46.73 70.96
C GLY F 442 46.63 45.32 70.50
N ALA F 443 47.65 44.53 70.21
CA ALA F 443 47.46 43.12 69.89
C ALA F 443 48.61 42.34 70.53
N MET F 444 48.52 41.02 70.46
CA MET F 444 49.52 40.18 71.10
C MET F 444 50.83 40.23 70.31
N SER F 445 51.94 40.12 71.03
CA SER F 445 53.22 39.89 70.39
C SER F 445 53.22 38.51 69.76
N GLU F 446 53.80 38.40 68.58
CA GLU F 446 53.67 37.15 67.85
C GLU F 446 54.61 36.08 68.39
N TRP F 447 55.82 36.45 68.77
CA TRP F 447 56.73 35.49 69.37
C TRP F 447 57.67 36.22 70.31
N VAL F 448 57.96 35.62 71.46
CA VAL F 448 58.93 36.14 72.40
C VAL F 448 59.99 35.07 72.65
N ASP F 449 61.07 35.47 73.31
CA ASP F 449 62.12 34.57 73.77
C ASP F 449 62.34 34.80 75.25
N VAL F 450 62.37 33.73 76.05
CA VAL F 450 62.43 33.85 77.50
C VAL F 450 63.60 33.05 78.06
N PHE F 451 64.11 33.50 79.21
CA PHE F 451 65.14 32.77 79.94
C PHE F 451 64.52 31.97 81.10
N GLU F 452 63.76 30.94 80.77
CA GLU F 452 63.15 30.15 81.84
C GLU F 452 63.80 28.79 81.92
N THR F 453 63.40 28.01 82.93
CA THR F 453 63.90 26.65 83.04
C THR F 453 63.24 25.79 81.96
N SER F 454 64.05 24.98 81.30
CA SER F 454 63.59 24.21 80.15
C SER F 454 64.56 23.11 79.83
N ASP F 455 64.04 21.91 79.62
CA ASP F 455 64.89 20.81 79.21
C ASP F 455 65.29 21.01 77.74
N ALA F 456 66.60 21.00 77.49
CA ALA F 456 67.12 21.30 76.15
C ALA F 456 66.70 20.26 75.11
N LEU F 457 66.48 19.02 75.54
CA LEU F 457 66.04 17.98 74.62
C LEU F 457 64.62 18.26 74.13
N THR F 458 63.71 18.59 75.04
CA THR F 458 62.35 18.82 74.58
C THR F 458 62.21 20.18 73.89
N VAL F 459 63.09 21.14 74.18
CA VAL F 459 63.17 22.34 73.36
C VAL F 459 63.59 21.99 71.93
N SER F 460 64.59 21.09 71.80
CA SER F 460 65.02 20.67 70.48
C SER F 460 64.00 19.80 69.76
N ILE F 461 63.12 19.10 70.48
CA ILE F 461 62.05 18.40 69.81
C ILE F 461 61.01 19.38 69.27
N ARG F 462 60.56 20.29 70.13
CA ARG F 462 59.48 21.19 69.74
C ARG F 462 59.93 22.21 68.69
N GLY F 463 61.23 22.50 68.62
CA GLY F 463 61.73 23.31 67.53
C GLY F 463 61.59 22.63 66.18
N ARG F 464 61.92 21.33 66.12
CA ARG F 464 61.78 20.59 64.86
C ARG F 464 60.32 20.43 64.47
N TRP F 465 59.45 20.23 65.45
CA TRP F 465 58.03 20.11 65.14
C TRP F 465 57.46 21.43 64.66
N MET F 466 57.90 22.55 65.24
CA MET F 466 57.47 23.86 64.77
C MET F 466 58.02 24.15 63.37
N ALA F 467 59.23 23.65 63.06
CA ALA F 467 59.78 23.83 61.72
C ALA F 467 58.99 23.04 60.69
N ARG F 468 58.55 21.84 61.04
CA ARG F 468 57.70 21.05 60.15
C ARG F 468 56.37 21.76 59.88
N LEU F 469 55.71 22.23 60.94
CA LEU F 469 54.45 22.93 60.74
C LEU F 469 54.61 24.28 60.07
N ALA F 470 55.78 24.90 60.19
CA ALA F 470 56.04 26.13 59.45
C ALA F 470 56.29 25.84 57.98
N ARG F 471 56.84 24.68 57.65
CA ARG F 471 56.95 24.31 56.25
C ARG F 471 55.61 23.98 55.63
N MET F 472 54.67 23.46 56.42
CA MET F 472 53.33 23.19 55.89
C MET F 472 52.43 24.44 55.77
N ASN F 473 52.94 25.65 55.96
CA ASN F 473 52.07 26.81 56.07
C ASN F 473 51.66 27.35 54.71
N ILE F 474 50.45 27.89 54.62
CA ILE F 474 49.95 28.58 53.44
C ILE F 474 49.27 29.88 53.86
N ASN F 475 49.06 30.77 52.90
CA ASN F 475 48.47 32.06 53.21
C ASN F 475 47.15 32.27 52.46
N PRO F 476 46.28 33.20 52.92
CA PRO F 476 44.96 33.36 52.29
C PRO F 476 44.98 33.76 50.82
N THR F 477 46.05 34.40 50.35
CA THR F 477 46.11 34.75 48.94
C THR F 477 46.28 33.51 48.07
N GLU F 478 47.17 32.60 48.48
CA GLU F 478 47.28 31.33 47.78
C GLU F 478 46.06 30.45 47.94
N ILE F 479 45.33 30.56 49.06
CA ILE F 479 44.06 29.85 49.16
C ILE F 479 43.05 30.39 48.14
N GLU F 480 42.98 31.72 48.00
CA GLU F 480 42.08 32.34 47.03
C GLU F 480 42.42 31.92 45.61
N TRP F 481 43.71 31.93 45.28
CA TRP F 481 44.14 31.54 43.93
C TRP F 481 43.86 30.08 43.66
N ALA F 482 44.09 29.20 44.65
CA ALA F 482 43.85 27.78 44.45
C ALA F 482 42.37 27.46 44.31
N LEU F 483 41.52 28.09 45.12
CA LEU F 483 40.08 27.84 45.01
C LEU F 483 39.51 28.39 43.71
N THR F 484 40.00 29.55 43.26
CA THR F 484 39.51 30.09 42.00
C THR F 484 39.96 29.24 40.82
N GLU F 485 41.22 28.77 40.84
CA GLU F 485 41.72 27.92 39.76
C GLU F 485 41.05 26.56 39.76
N CYS F 486 40.66 26.05 40.93
CA CYS F 486 39.90 24.81 40.99
C CYS F 486 38.49 25.01 40.46
N ALA F 487 37.89 26.15 40.77
CA ALA F 487 36.54 26.42 40.29
C ALA F 487 36.48 26.77 38.82
N GLN F 488 37.63 27.12 38.22
CA GLN F 488 37.75 27.52 36.82
C GLN F 488 36.87 28.74 36.52
N GLY F 489 36.93 29.71 37.42
CA GLY F 489 36.30 30.99 37.20
C GLY F 489 34.82 31.06 37.53
N TYR F 490 34.17 29.94 37.82
CA TYR F 490 32.75 29.98 38.11
C TYR F 490 32.47 30.50 39.51
N VAL F 491 33.38 30.26 40.44
CA VAL F 491 33.25 30.72 41.82
C VAL F 491 34.41 31.63 42.13
N THR F 492 34.11 32.82 42.64
CA THR F 492 35.13 33.84 42.92
C THR F 492 35.18 34.10 44.41
N VAL F 493 36.23 33.61 45.06
CA VAL F 493 36.45 33.87 46.47
C VAL F 493 37.41 35.04 46.60
N THR F 494 37.46 35.61 47.80
CA THR F 494 38.29 36.77 48.08
C THR F 494 39.25 36.48 49.23
N SER F 495 40.08 37.47 49.54
CA SER F 495 41.01 37.43 50.64
C SER F 495 41.36 38.85 51.00
N PRO F 496 41.52 39.18 52.29
CA PRO F 496 41.75 40.58 52.66
C PRO F 496 43.16 41.02 52.33
N TYR F 497 43.30 42.33 52.14
CA TYR F 497 44.57 42.96 51.80
C TYR F 497 44.89 43.95 52.90
N ALA F 498 45.61 43.50 53.92
CA ALA F 498 45.87 44.27 55.11
C ALA F 498 47.05 43.64 55.84
N PRO F 499 47.68 44.34 56.78
CA PRO F 499 48.69 43.69 57.63
C PRO F 499 48.09 42.55 58.47
N SER F 500 48.70 41.37 58.34
CA SER F 500 48.16 40.13 58.87
C SER F 500 48.31 40.08 60.39
N VAL F 501 47.67 39.08 60.98
CA VAL F 501 47.77 38.83 62.41
C VAL F 501 48.68 37.63 62.68
N ASN F 502 49.35 37.14 61.62
CA ASN F 502 50.31 36.03 61.64
C ASN F 502 49.63 34.74 62.13
N ARG F 503 48.69 34.30 61.32
CA ARG F 503 47.94 33.09 61.62
C ARG F 503 48.63 31.88 61.01
N LEU F 504 48.28 30.70 61.52
CA LEU F 504 48.98 29.46 61.23
C LEU F 504 47.99 28.44 60.70
N MET F 505 48.35 27.78 59.60
CA MET F 505 47.49 26.77 58.99
C MET F 505 48.33 25.75 58.21
N PRO F 506 48.53 24.55 58.75
CA PRO F 506 49.35 23.54 58.07
C PRO F 506 48.55 22.74 57.04
N TYR F 507 48.78 23.04 55.76
CA TYR F 507 48.06 22.27 54.74
C TYR F 507 48.90 21.84 53.55
N ARG F 508 50.02 22.45 53.23
CA ARG F 508 50.74 22.13 52.01
C ARG F 508 51.70 20.98 52.23
N ILE F 509 51.59 19.92 51.43
CA ILE F 509 52.51 18.80 51.45
C ILE F 509 53.04 18.57 50.04
N SER F 510 54.12 17.79 49.96
CA SER F 510 54.76 17.55 48.69
C SER F 510 53.99 16.52 47.87
N ASN F 511 54.43 16.33 46.62
CA ASN F 511 53.74 15.38 45.75
C ASN F 511 54.04 13.94 46.12
N ALA F 512 55.20 13.70 46.74
CA ALA F 512 55.60 12.34 47.08
C ALA F 512 54.70 11.76 48.16
N GLU F 513 54.26 12.58 49.11
CA GLU F 513 53.37 12.08 50.15
C GLU F 513 51.99 11.78 49.59
N ARG F 514 51.51 12.59 48.64
CA ARG F 514 50.26 12.30 47.95
C ARG F 514 50.34 11.00 47.16
N GLN F 515 51.48 10.75 46.51
CA GLN F 515 51.62 9.52 45.75
C GLN F 515 51.72 8.29 46.63
N ILE F 516 52.43 8.39 47.78
CA ILE F 516 52.52 7.27 48.70
C ILE F 516 51.15 6.97 49.30
N SER F 517 50.41 8.00 49.69
CA SER F 517 49.08 7.80 50.23
C SER F 517 48.12 7.27 49.17
N GLN F 518 48.32 7.63 47.90
CA GLN F 518 47.49 7.08 46.83
C GLN F 518 47.76 5.61 46.61
N ILE F 519 49.04 5.20 46.69
CA ILE F 519 49.38 3.78 46.57
C ILE F 519 48.76 2.99 47.73
N ILE F 520 48.81 3.54 48.94
CA ILE F 520 48.23 2.85 50.08
C ILE F 520 46.70 2.80 49.97
N ARG F 521 46.07 3.84 49.41
CA ARG F 521 44.64 3.78 49.17
C ARG F 521 44.25 2.79 48.10
N VAL F 522 45.10 2.59 47.09
CA VAL F 522 44.78 1.58 46.08
C VAL F 522 45.00 0.18 46.65
N MET F 523 45.93 0.04 47.59
CA MET F 523 46.37 -1.27 48.05
C MET F 523 45.28 -2.05 48.77
N ASN F 524 44.47 -1.38 49.60
CA ASN F 524 43.49 -2.13 50.37
C ASN F 524 42.28 -2.52 49.53
N ILE F 525 41.93 -1.70 48.54
CA ILE F 525 40.79 -2.01 47.67
C ILE F 525 41.34 -2.84 46.52
N GLY F 526 41.49 -4.12 46.79
CA GLY F 526 42.09 -5.00 45.81
C GLY F 526 41.17 -6.15 45.46
N ASN F 527 40.65 -6.14 44.23
CA ASN F 527 39.79 -7.19 43.69
C ASN F 527 38.54 -7.42 44.53
N ASN F 528 37.87 -6.33 44.92
CA ASN F 528 36.76 -6.44 45.84
C ASN F 528 35.43 -6.01 45.24
N ALA F 529 35.37 -4.82 44.64
CA ALA F 529 34.22 -4.24 43.91
C ALA F 529 32.99 -3.98 44.76
N THR F 530 33.04 -4.19 46.07
CA THR F 530 31.98 -3.76 46.95
C THR F 530 32.40 -2.60 47.81
N VAL F 531 33.67 -2.21 47.74
CA VAL F 531 34.12 -0.95 48.33
C VAL F 531 34.05 0.17 47.31
N ILE F 532 34.25 -0.13 46.02
CA ILE F 532 34.35 0.92 45.02
C ILE F 532 32.98 1.38 44.52
N GLN F 533 31.92 0.59 44.75
CA GLN F 533 30.58 0.97 44.28
C GLN F 533 30.03 2.24 44.96
N PRO F 534 30.15 2.46 46.28
CA PRO F 534 29.68 3.75 46.82
C PRO F 534 30.50 4.94 46.36
N VAL F 535 31.77 4.74 46.01
CA VAL F 535 32.59 5.82 45.47
C VAL F 535 32.03 6.28 44.13
N LEU F 536 31.70 5.33 43.26
CA LEU F 536 31.08 5.67 41.99
C LEU F 536 29.67 6.20 42.16
N GLN F 537 28.93 5.75 43.17
CA GLN F 537 27.56 6.23 43.32
C GLN F 537 27.50 7.64 43.90
N ASP F 538 28.48 8.04 44.72
CA ASP F 538 28.56 9.42 45.18
C ASP F 538 28.75 10.37 44.00
N ILE F 539 29.64 10.00 43.07
CA ILE F 539 29.87 10.83 41.90
C ILE F 539 28.67 10.77 40.97
N SER F 540 27.94 9.65 40.95
CA SER F 540 26.71 9.56 40.16
C SER F 540 25.64 10.53 40.65
N VAL F 541 25.36 10.53 41.95
CA VAL F 541 24.40 11.47 42.52
C VAL F 541 24.88 12.90 42.38
N LEU F 542 26.19 13.12 42.46
CA LEU F 542 26.73 14.47 42.39
C LEU F 542 26.66 15.02 40.96
N LEU F 543 26.88 14.16 39.95
CA LEU F 543 26.68 14.59 38.57
C LEU F 543 25.21 14.81 38.25
N GLN F 544 24.32 14.00 38.84
CA GLN F 544 22.89 14.24 38.66
C GLN F 544 22.46 15.57 39.28
N ARG F 545 23.12 15.96 40.37
CA ARG F 545 22.84 17.25 40.98
C ARG F 545 23.37 18.40 40.14
N ILE F 546 24.61 18.32 39.69
CA ILE F 546 25.24 19.47 39.04
C ILE F 546 24.86 19.59 37.56
N SER F 547 24.35 18.52 36.94
CA SER F 547 24.16 18.53 35.51
C SER F 547 22.94 19.35 35.12
N PRO F 548 23.03 20.15 34.06
CA PRO F 548 21.88 20.96 33.65
C PRO F 548 20.82 20.17 32.91
N LEU F 549 21.17 19.10 32.20
CA LEU F 549 20.14 18.35 31.52
C LEU F 549 19.51 17.31 32.42
N GLN F 550 18.63 16.53 31.81
CA GLN F 550 17.94 15.43 32.46
C GLN F 550 17.41 14.51 31.38
N ILE F 551 17.35 13.22 31.72
CA ILE F 551 16.86 12.21 30.78
C ILE F 551 15.34 12.34 30.70
N ASP F 552 14.76 12.07 29.51
CA ASP F 552 13.32 12.14 29.33
C ASP F 552 12.88 11.24 28.17
N PRO F 553 12.30 10.07 28.44
CA PRO F 553 11.87 9.18 27.35
C PRO F 553 10.59 9.59 26.64
N THR F 554 9.93 10.66 27.08
CA THR F 554 8.78 11.16 26.35
C THR F 554 9.15 11.77 25.01
N ILE F 555 10.41 12.13 24.80
CA ILE F 555 10.90 12.49 23.46
C ILE F 555 10.72 11.32 22.51
N ILE F 556 11.11 10.12 22.96
CA ILE F 556 10.97 8.93 22.14
C ILE F 556 9.51 8.58 21.95
N SER F 557 8.71 8.66 23.02
CA SER F 557 7.30 8.31 22.88
C SER F 557 6.52 9.34 22.06
N ASN F 558 7.02 10.57 21.95
CA ASN F 558 6.40 11.54 21.06
C ASN F 558 6.82 11.30 19.61
N THR F 559 8.10 11.00 19.38
CA THR F 559 8.51 10.82 18.00
C THR F 559 8.10 9.48 17.41
N MET F 560 7.68 8.52 18.23
CA MET F 560 7.16 7.28 17.67
C MET F 560 5.69 7.35 17.29
N SER F 561 4.99 8.42 17.67
CA SER F 561 3.56 8.46 17.42
C SER F 561 3.25 8.74 15.96
N THR F 562 4.04 9.59 15.32
CA THR F 562 3.82 9.94 13.92
C THR F 562 4.58 9.05 12.95
N VAL F 563 4.47 7.75 13.14
CA VAL F 563 5.10 6.79 12.27
C VAL F 563 4.04 6.29 11.29
N SER F 564 4.47 5.82 10.13
CA SER F 564 3.58 5.37 9.07
C SER F 564 3.60 3.85 9.03
N GLU F 565 2.48 3.23 9.38
CA GLU F 565 2.38 1.78 9.39
C GLU F 565 0.92 1.40 9.22
N SER F 566 0.69 0.12 8.95
CA SER F 566 -0.65 -0.40 8.72
C SER F 566 -1.05 -1.32 9.85
N THR F 567 -2.34 -1.35 10.15
CA THR F 567 -2.87 -2.26 11.15
C THR F 567 -3.41 -3.52 10.49
N THR F 568 -2.56 -4.18 9.71
CA THR F 568 -2.85 -5.50 9.17
C THR F 568 -1.65 -6.37 9.44
N GLN F 569 -0.48 -5.75 9.54
CA GLN F 569 0.77 -6.49 9.69
C GLN F 569 0.87 -7.08 11.09
N THR F 570 1.60 -8.19 11.18
CA THR F 570 1.66 -8.95 12.41
C THR F 570 2.77 -8.50 13.35
N LEU F 571 3.65 -7.60 12.92
CA LEU F 571 4.66 -7.07 13.82
C LEU F 571 5.00 -5.65 13.40
N SER F 572 5.28 -4.81 14.41
CA SER F 572 5.47 -3.38 14.20
C SER F 572 6.73 -2.92 14.92
N PRO F 573 7.70 -2.36 14.20
CA PRO F 573 8.97 -1.98 14.83
C PRO F 573 8.83 -0.78 15.76
N ALA F 574 7.95 0.16 15.43
CA ALA F 574 7.77 1.35 16.26
C ALA F 574 7.13 1.02 17.59
N SER F 575 6.39 -0.08 17.67
CA SER F 575 5.89 -0.53 18.96
C SER F 575 6.79 -1.58 19.60
N SER F 576 7.73 -2.15 18.86
CA SER F 576 8.72 -3.01 19.50
C SER F 576 9.80 -2.22 20.23
N ILE F 577 10.20 -1.07 19.69
CA ILE F 577 11.26 -0.28 20.30
C ILE F 577 10.81 0.31 21.65
N LEU F 578 9.53 0.68 21.76
CA LEU F 578 9.05 1.24 23.01
C LEU F 578 8.93 0.19 24.12
N GLY F 579 8.81 -1.07 23.74
CA GLY F 579 8.89 -2.15 24.70
C GLY F 579 10.32 -2.47 25.06
N LYS F 580 11.22 -2.46 24.08
CA LYS F 580 12.61 -2.81 24.34
C LYS F 580 13.38 -1.72 25.07
N LEU F 581 12.87 -0.48 25.11
CA LEU F 581 13.60 0.61 25.75
C LEU F 581 13.04 0.95 27.13
N ARG F 582 12.52 -0.04 27.84
CA ARG F 582 12.11 0.11 29.24
C ARG F 582 12.97 -0.80 30.08
N PRO F 583 13.92 -0.27 30.86
CA PRO F 583 14.90 -1.13 31.53
C PRO F 583 14.32 -1.87 32.72
N SER F 584 14.87 -3.06 32.94
CA SER F 584 14.51 -3.87 34.09
C SER F 584 14.93 -3.17 35.36
N ASN F 585 14.06 -3.21 36.37
CA ASN F 585 14.07 -2.52 37.67
C ASN F 585 13.85 -1.02 37.51
N SER F 586 13.75 -0.50 36.27
CA SER F 586 13.48 0.90 35.95
C SER F 586 14.46 1.86 36.60
N ASP F 587 15.74 1.49 36.58
CA ASP F 587 16.78 2.40 37.05
C ASP F 587 17.59 2.94 35.88
N PHE F 588 17.90 4.23 35.96
CA PHE F 588 18.68 4.91 34.93
C PHE F 588 20.03 5.36 35.46
N SER F 589 20.44 4.83 36.60
CA SER F 589 21.64 5.28 37.27
C SER F 589 22.92 4.82 36.59
N SER F 590 22.83 3.79 35.73
CA SER F 590 24.02 3.24 35.10
C SER F 590 24.66 4.20 34.12
N PHE F 591 23.91 5.16 33.59
CA PHE F 591 24.49 6.19 32.73
C PHE F 591 25.44 7.08 33.51
N ARG F 592 25.02 7.59 34.65
CA ARG F 592 25.91 8.42 35.45
C ARG F 592 27.01 7.61 36.10
N VAL F 593 26.78 6.31 36.37
CA VAL F 593 27.86 5.46 36.85
C VAL F 593 28.91 5.25 35.75
N ALA F 594 28.46 5.13 34.50
CA ALA F 594 29.41 5.01 33.39
C ALA F 594 30.17 6.30 33.15
N LEU F 595 29.53 7.46 33.37
CA LEU F 595 30.27 8.71 33.30
C LEU F 595 31.24 8.85 34.46
N ALA F 596 30.88 8.37 35.65
CA ALA F 596 31.78 8.47 36.79
C ALA F 596 32.95 7.51 36.66
N GLY F 597 32.75 6.39 35.96
CA GLY F 597 33.81 5.42 35.76
C GLY F 597 34.93 5.88 34.86
N TRP F 598 34.78 7.02 34.18
CA TRP F 598 35.86 7.54 33.36
C TRP F 598 37.03 8.01 34.21
N LEU F 599 36.76 8.42 35.44
CA LEU F 599 37.81 8.79 36.38
C LEU F 599 38.60 7.60 36.88
N TYR F 600 38.12 6.37 36.68
CA TYR F 600 38.77 5.19 37.22
C TYR F 600 38.73 4.08 36.19
N ASN F 601 39.79 3.95 35.41
CA ASN F 601 40.01 2.71 34.67
C ASN F 601 41.08 1.85 35.31
N GLY F 602 41.91 2.44 36.19
CA GLY F 602 43.00 1.71 36.79
C GLY F 602 42.54 0.67 37.78
N VAL F 603 41.39 0.88 38.40
CA VAL F 603 40.85 -0.10 39.33
C VAL F 603 39.50 -0.66 38.89
N VAL F 604 38.78 0.00 38.00
CA VAL F 604 37.43 -0.41 37.63
C VAL F 604 37.34 -0.44 36.12
N THR F 605 36.92 -1.57 35.58
CA THR F 605 36.61 -1.68 34.16
C THR F 605 35.11 -1.87 34.05
N THR F 606 34.38 -0.79 33.79
CA THR F 606 32.94 -0.89 33.64
C THR F 606 32.61 -1.55 32.31
N VAL F 607 31.95 -2.70 32.37
CA VAL F 607 31.53 -3.42 31.18
C VAL F 607 30.02 -3.59 31.24
N ILE F 608 29.45 -4.02 30.13
CA ILE F 608 28.01 -4.25 30.02
C ILE F 608 27.72 -5.69 30.41
N ASP F 609 26.68 -5.87 31.22
CA ASP F 609 26.32 -7.17 31.79
C ASP F 609 25.95 -8.17 30.70
N ASP F 610 26.16 -9.45 31.01
CA ASP F 610 25.86 -10.54 30.09
C ASP F 610 24.37 -10.69 29.82
N SER F 611 23.51 -10.22 30.73
CA SER F 611 22.07 -10.34 30.57
C SER F 611 21.48 -9.38 29.54
N SER F 612 22.28 -8.47 28.99
CA SER F 612 21.81 -7.59 27.93
C SER F 612 22.14 -8.12 26.54
N TYR F 613 22.72 -9.25 26.45
CA TYR F 613 23.05 -9.83 25.16
C TYR F 613 21.95 -10.80 24.73
N PRO F 614 21.66 -10.93 23.41
CA PRO F 614 20.36 -11.48 23.01
C PRO F 614 20.18 -12.98 23.13
N LYS F 615 20.30 -13.52 24.35
CA LYS F 615 19.89 -14.89 24.72
C LYS F 615 20.61 -15.93 23.85
N ASP F 616 21.91 -16.04 24.12
CA ASP F 616 22.95 -16.86 23.45
C ASP F 616 22.75 -16.97 21.93
N GLY F 617 22.71 -15.81 21.30
CA GLY F 617 22.61 -15.74 19.87
C GLY F 617 21.25 -15.28 19.42
N GLY F 618 21.22 -14.49 18.36
CA GLY F 618 19.97 -14.04 17.77
C GLY F 618 20.07 -14.09 16.26
N SER F 619 18.92 -14.02 15.62
CA SER F 619 18.84 -14.06 14.16
C SER F 619 18.66 -12.66 13.60
N VAL F 620 19.27 -12.42 12.44
CA VAL F 620 19.00 -11.18 11.72
C VAL F 620 17.63 -11.19 11.06
N THR F 621 16.98 -12.34 11.00
CA THR F 621 15.62 -12.40 10.50
C THR F 621 14.59 -12.12 11.57
N SER F 622 15.01 -11.87 12.81
CA SER F 622 14.10 -11.56 13.90
C SER F 622 14.30 -10.12 14.33
N LEU F 623 13.19 -9.39 14.47
CA LEU F 623 13.25 -7.94 14.60
C LEU F 623 13.70 -7.51 15.99
N GLU F 624 13.30 -8.25 17.02
CA GLU F 624 13.70 -7.91 18.38
C GLU F 624 15.21 -8.03 18.57
N ASN F 625 15.84 -8.97 17.86
CA ASN F 625 17.29 -9.06 17.92
C ASN F 625 17.98 -7.95 17.14
N LEU F 626 17.33 -7.37 16.13
CA LEU F 626 17.86 -6.16 15.51
C LEU F 626 17.82 -4.99 16.47
N TRP F 627 16.72 -4.84 17.21
CA TRP F 627 16.66 -3.79 18.22
C TRP F 627 17.68 -4.01 19.32
N ASP F 628 17.88 -5.26 19.70
CA ASP F 628 18.87 -5.58 20.71
C ASP F 628 20.29 -5.36 20.20
N PHE F 629 20.52 -5.47 18.89
CA PHE F 629 21.79 -5.04 18.35
C PHE F 629 21.95 -3.54 18.39
N PHE F 630 20.87 -2.80 18.11
CA PHE F 630 20.93 -1.35 18.11
C PHE F 630 21.29 -0.80 19.48
N ILE F 631 20.65 -1.33 20.52
CA ILE F 631 20.85 -0.86 21.89
C ILE F 631 22.29 -1.08 22.32
N LEU F 632 22.83 -2.26 22.04
CA LEU F 632 24.21 -2.57 22.41
C LEU F 632 25.21 -1.76 21.60
N ALA F 633 24.98 -1.60 20.31
CA ALA F 633 25.91 -0.83 19.48
C ALA F 633 25.92 0.64 19.82
N LEU F 634 24.84 1.17 20.38
CA LEU F 634 24.91 2.53 20.91
C LEU F 634 25.45 2.60 22.34
N ALA F 635 25.29 1.56 23.14
CA ALA F 635 25.73 1.64 24.52
C ALA F 635 27.23 1.40 24.69
N LEU F 636 27.85 0.65 23.79
CA LEU F 636 29.26 0.30 23.94
C LEU F 636 30.31 1.43 23.91
N PRO F 637 30.14 2.58 23.24
CA PRO F 637 31.22 3.59 23.31
C PRO F 637 31.48 4.20 24.69
N LEU F 638 30.53 4.16 25.62
CA LEU F 638 30.77 4.81 26.90
C LEU F 638 31.53 3.96 27.88
N THR F 639 31.49 2.65 27.75
CA THR F 639 32.16 1.77 28.69
C THR F 639 33.67 1.84 28.50
N THR F 640 34.40 1.87 29.60
CA THR F 640 35.84 1.99 29.57
C THR F 640 36.56 0.65 29.41
N ASP F 641 35.85 -0.35 28.93
CA ASP F 641 36.47 -1.63 28.60
C ASP F 641 37.40 -1.45 27.39
N PRO F 642 38.66 -1.86 27.49
CA PRO F 642 39.51 -1.82 26.30
C PRO F 642 39.09 -2.82 25.23
N CYS F 643 38.41 -3.89 25.61
CA CYS F 643 37.92 -4.90 24.68
C CYS F 643 36.46 -4.66 24.31
N ALA F 644 36.06 -3.41 24.18
CA ALA F 644 34.73 -3.03 23.74
C ALA F 644 34.48 -3.11 22.22
N PRO F 645 35.38 -2.67 21.31
CA PRO F 645 35.04 -2.81 19.88
C PRO F 645 35.01 -4.23 19.38
N VAL F 646 35.74 -5.15 20.00
CA VAL F 646 35.66 -6.55 19.57
C VAL F 646 34.31 -7.13 19.97
N LYS F 647 33.71 -6.67 21.07
CA LYS F 647 32.37 -7.10 21.42
C LYS F 647 31.33 -6.44 20.53
N ALA F 648 31.58 -5.19 20.14
CA ALA F 648 30.72 -4.52 19.17
C ALA F 648 30.73 -5.21 17.82
N PHE F 649 31.85 -5.84 17.46
CA PHE F 649 31.88 -6.62 16.22
C PHE F 649 31.25 -7.98 16.40
N MET F 650 31.54 -8.65 17.50
CA MET F 650 31.10 -10.03 17.67
C MET F 650 29.63 -10.15 18.03
N THR F 651 28.97 -9.07 18.45
CA THR F 651 27.52 -9.10 18.55
C THR F 651 26.88 -9.30 17.17
N LEU F 652 27.34 -8.55 16.17
CA LEU F 652 26.84 -8.72 14.81
C LEU F 652 27.32 -10.04 14.21
N ALA F 653 28.50 -10.50 14.59
CA ALA F 653 28.94 -11.82 14.11
C ALA F 653 28.12 -12.94 14.72
N ASN F 654 27.59 -12.74 15.93
CA ASN F 654 26.64 -13.71 16.47
C ASN F 654 25.29 -13.61 15.78
N MET F 655 24.91 -12.39 15.36
CA MET F 655 23.68 -12.20 14.61
C MET F 655 23.72 -12.96 13.29
N MET F 656 24.74 -12.70 12.48
CA MET F 656 24.89 -13.43 11.21
C MET F 656 25.66 -14.71 11.45
N VAL F 657 24.96 -15.83 11.58
CA VAL F 657 25.56 -17.15 11.49
C VAL F 657 24.86 -17.88 10.35
N GLY F 658 25.61 -18.25 9.34
CA GLY F 658 25.07 -18.86 8.13
C GLY F 658 24.66 -17.86 7.08
N PHE F 659 24.05 -16.75 7.50
CA PHE F 659 23.71 -15.67 6.59
C PHE F 659 24.96 -14.95 6.09
N GLU F 660 26.04 -14.97 6.85
CA GLU F 660 27.32 -14.39 6.46
C GLU F 660 28.42 -15.08 7.23
N THR F 661 29.48 -15.49 6.54
CA THR F 661 30.58 -16.24 7.16
C THR F 661 31.89 -15.48 6.99
N ILE F 662 32.66 -15.38 8.07
CA ILE F 662 33.98 -14.76 8.07
C ILE F 662 34.95 -15.74 8.73
N PRO F 663 36.25 -15.71 8.40
CA PRO F 663 37.18 -16.66 9.02
C PRO F 663 37.50 -16.29 10.45
N MET F 664 37.91 -17.29 11.23
CA MET F 664 38.02 -17.14 12.67
C MET F 664 39.43 -17.41 13.17
N ASP F 665 39.57 -17.44 14.50
CA ASP F 665 40.83 -17.60 15.18
C ASP F 665 41.16 -19.07 15.41
N ASN F 666 40.29 -19.78 16.14
CA ASN F 666 40.45 -21.20 16.40
C ASN F 666 39.08 -21.84 16.32
N GLN F 667 38.95 -23.06 16.82
CA GLN F 667 37.65 -23.71 16.89
C GLN F 667 36.88 -23.34 18.15
N ILE F 668 37.54 -22.74 19.11
CA ILE F 668 36.91 -22.39 20.38
C ILE F 668 36.22 -21.04 20.29
N TYR F 669 36.95 -20.04 19.83
CA TYR F 669 36.41 -18.69 19.68
C TYR F 669 35.93 -18.46 18.25
N THR F 670 34.95 -19.28 17.87
CA THR F 670 34.39 -19.26 16.53
C THR F 670 33.24 -18.27 16.46
N GLN F 671 32.45 -18.34 15.38
CA GLN F 671 31.43 -17.34 15.11
C GLN F 671 30.26 -17.46 16.06
N SER F 672 29.95 -18.66 16.54
CA SER F 672 28.84 -18.84 17.46
C SER F 672 29.24 -18.69 18.91
N ARG F 673 30.48 -18.28 19.19
CA ARG F 673 30.87 -18.03 20.56
C ARG F 673 30.23 -16.75 21.06
N ARG F 674 29.73 -16.79 22.30
CA ARG F 674 29.05 -15.68 22.93
C ARG F 674 29.94 -14.44 22.99
N ALA F 675 29.35 -13.28 22.72
CA ALA F 675 30.11 -12.05 22.54
C ALA F 675 30.80 -11.57 23.80
N SER F 676 30.33 -11.97 24.98
CA SER F 676 30.96 -11.57 26.22
C SER F 676 32.27 -12.28 26.49
N ALA F 677 32.60 -13.32 25.74
CA ALA F 677 33.78 -14.12 26.00
C ALA F 677 35.00 -13.66 25.22
N PHE F 678 34.98 -12.46 24.66
CA PHE F 678 36.12 -11.90 23.94
C PHE F 678 36.79 -10.79 24.72
N SER F 679 36.89 -10.92 26.04
CA SER F 679 37.18 -9.78 26.90
C SER F 679 38.66 -9.59 27.21
N THR F 680 39.54 -10.34 26.55
CA THR F 680 40.97 -10.14 26.74
C THR F 680 41.63 -9.83 25.41
N PRO F 681 42.70 -9.04 25.40
CA PRO F 681 43.28 -8.58 24.12
C PRO F 681 43.97 -9.68 23.32
N HIS F 682 44.23 -10.84 23.91
CA HIS F 682 44.73 -11.96 23.14
C HIS F 682 43.68 -12.54 22.22
N THR F 683 42.40 -12.37 22.53
CA THR F 683 41.32 -12.98 21.78
C THR F 683 40.77 -12.08 20.68
N TRP F 684 41.48 -11.01 20.34
CA TRP F 684 41.02 -10.18 19.24
C TRP F 684 41.38 -10.85 17.92
N PRO F 685 40.41 -11.20 17.09
CA PRO F 685 40.71 -12.06 15.95
C PRO F 685 41.36 -11.30 14.81
N ARG F 686 42.00 -12.06 13.94
CA ARG F 686 42.68 -11.48 12.79
C ARG F 686 41.68 -10.92 11.79
N CYS F 687 40.48 -11.49 11.72
CA CYS F 687 39.45 -10.95 10.85
C CYS F 687 38.93 -9.61 11.33
N PHE F 688 39.07 -9.29 12.61
CA PHE F 688 38.75 -7.96 13.08
C PHE F 688 39.93 -7.01 13.00
N MET F 689 41.15 -7.50 13.19
CA MET F 689 42.31 -6.63 13.15
C MET F 689 42.65 -6.22 11.71
N ASN F 690 42.68 -7.18 10.80
CA ASN F 690 42.86 -6.92 9.38
C ASN F 690 41.53 -7.26 8.71
N ILE F 691 40.88 -6.25 8.14
CA ILE F 691 39.54 -6.44 7.58
C ILE F 691 39.62 -6.81 6.11
N GLN F 692 40.83 -7.05 5.61
CA GLN F 692 40.96 -7.62 4.27
C GLN F 692 40.51 -9.06 4.22
N LEU F 693 40.47 -9.75 5.36
CA LEU F 693 40.09 -11.15 5.38
C LEU F 693 38.61 -11.33 5.10
N ILE F 694 37.79 -10.36 5.47
CA ILE F 694 36.37 -10.41 5.16
C ILE F 694 36.20 -10.08 3.69
N SER F 695 35.48 -10.93 2.97
CA SER F 695 35.41 -10.82 1.51
C SER F 695 34.46 -9.69 1.10
N PRO F 696 34.94 -8.69 0.36
CA PRO F 696 34.01 -7.72 -0.25
C PRO F 696 33.56 -8.17 -1.63
N ILE F 697 33.36 -9.47 -1.82
CA ILE F 697 32.84 -10.05 -3.05
C ILE F 697 31.59 -10.86 -2.77
N ASP F 698 31.64 -11.72 -1.76
CA ASP F 698 30.44 -11.99 -1.00
C ASP F 698 30.17 -10.72 -0.21
N ALA F 699 29.38 -9.82 -0.80
CA ALA F 699 29.16 -8.42 -0.43
C ALA F 699 28.68 -8.00 0.98
N PRO F 700 27.90 -8.80 1.78
CA PRO F 700 27.24 -8.19 2.95
C PRO F 700 28.07 -7.66 4.12
N ILE F 701 27.30 -7.39 5.18
CA ILE F 701 27.46 -6.23 6.08
C ILE F 701 28.79 -6.26 6.81
N LEU F 702 29.28 -7.45 7.18
CA LEU F 702 30.36 -7.58 8.16
C LEU F 702 31.69 -7.01 7.71
N ARG F 703 31.86 -6.68 6.42
CA ARG F 703 32.98 -5.86 6.01
C ARG F 703 32.71 -4.39 6.32
N GLN F 704 31.49 -3.92 6.04
CA GLN F 704 31.14 -2.52 6.21
C GLN F 704 31.08 -2.12 7.69
N TRP F 705 30.56 -3.01 8.53
CA TRP F 705 30.50 -2.74 9.97
C TRP F 705 31.89 -2.68 10.59
N ALA F 706 32.77 -3.60 10.18
CA ALA F 706 34.14 -3.57 10.67
C ALA F 706 34.91 -2.38 10.13
N GLU F 707 34.51 -1.85 8.97
CA GLU F 707 35.08 -0.60 8.50
C GLU F 707 34.60 0.58 9.34
N ILE F 708 33.33 0.59 9.72
CA ILE F 708 32.77 1.66 10.54
C ILE F 708 33.39 1.69 11.93
N ILE F 709 33.67 0.50 12.51
CA ILE F 709 34.33 0.42 13.82
C ILE F 709 35.71 1.06 13.76
N HIS F 710 36.44 0.83 12.68
CA HIS F 710 37.77 1.42 12.55
C HIS F 710 37.70 2.92 12.24
N ARG F 711 36.70 3.37 11.51
CA ARG F 711 36.68 4.78 11.13
C ARG F 711 36.14 5.68 12.23
N TYR F 712 34.94 5.38 12.73
CA TYR F 712 34.13 6.38 13.43
C TYR F 712 33.98 6.08 14.91
N TRP F 713 34.86 5.29 15.50
CA TRP F 713 34.91 5.10 16.94
C TRP F 713 35.73 6.23 17.56
N PRO F 714 35.28 6.82 18.68
CA PRO F 714 35.87 8.08 19.14
C PRO F 714 37.23 7.90 19.80
N ASN F 715 38.03 8.97 19.75
CA ASN F 715 39.39 9.04 20.24
C ASN F 715 39.48 9.79 21.58
N PRO F 716 40.50 9.52 22.39
CA PRO F 716 40.61 10.18 23.70
C PRO F 716 41.06 11.64 23.60
N SER F 717 41.16 12.27 24.78
CA SER F 717 41.50 13.69 24.92
C SER F 717 41.95 13.94 26.37
N GLN F 718 42.05 15.22 26.75
CA GLN F 718 42.63 15.62 28.03
C GLN F 718 42.16 17.02 28.42
N ILE F 719 41.91 17.26 29.71
CA ILE F 719 41.05 18.38 30.12
C ILE F 719 41.61 19.29 31.22
N ARG F 720 42.73 18.90 31.85
CA ARG F 720 43.46 19.75 32.81
C ARG F 720 42.67 20.13 34.07
N TYR F 721 42.57 19.21 35.03
CA TYR F 721 42.04 19.52 36.35
C TYR F 721 43.16 20.09 37.23
N GLY F 722 42.89 20.28 38.52
CA GLY F 722 43.92 20.33 39.53
C GLY F 722 44.50 21.71 39.77
N THR F 723 44.97 21.91 41.01
CA THR F 723 45.70 23.11 41.42
C THR F 723 46.92 22.69 42.21
N PRO F 724 48.04 22.40 41.55
CA PRO F 724 49.20 21.86 42.27
C PRO F 724 50.00 22.87 43.07
N ASN F 725 49.60 24.14 43.08
CA ASN F 725 50.28 25.12 43.92
C ASN F 725 50.05 24.83 45.39
N VAL F 726 48.81 24.50 45.75
CA VAL F 726 48.45 24.21 47.12
C VAL F 726 48.20 22.71 47.32
N PHE F 727 47.34 22.13 46.49
CA PHE F 727 46.91 20.76 46.72
C PHE F 727 47.95 19.73 46.34
N GLY F 728 48.94 20.10 45.55
CA GLY F 728 49.81 19.10 44.97
C GLY F 728 49.08 18.35 43.88
N SER F 729 49.52 17.12 43.63
CA SER F 729 48.89 16.31 42.61
C SER F 729 49.06 14.84 42.97
N ALA F 730 47.96 14.11 43.02
CA ALA F 730 47.97 12.74 43.52
C ALA F 730 47.91 11.69 42.43
N ASN F 731 47.89 12.07 41.16
CA ASN F 731 47.77 11.07 40.11
C ASN F 731 49.11 10.43 39.82
N LEU F 732 49.04 9.18 39.38
CA LEU F 732 50.20 8.41 38.98
C LEU F 732 49.98 7.99 37.54
N PHE F 733 51.06 7.57 36.88
CA PHE F 733 51.08 6.97 35.53
C PHE F 733 50.73 7.95 34.42
N THR F 734 50.38 9.18 34.78
CA THR F 734 50.09 10.28 33.87
C THR F 734 50.96 11.43 34.35
N PRO F 735 51.16 12.49 33.56
CA PRO F 735 51.66 13.73 34.12
C PRO F 735 50.63 14.32 35.07
N PRO F 736 51.03 15.22 35.97
CA PRO F 736 50.06 15.81 36.89
C PRO F 736 49.11 16.75 36.18
N GLU F 737 48.06 17.15 36.93
CA GLU F 737 47.00 18.09 36.54
C GLU F 737 46.41 17.84 35.14
N VAL F 738 46.11 16.58 34.82
CA VAL F 738 45.45 16.28 33.56
C VAL F 738 44.58 15.02 33.64
N LEU F 739 43.28 15.14 33.36
CA LEU F 739 42.47 13.95 33.21
C LEU F 739 42.67 13.30 31.86
N LEU F 740 42.07 12.13 31.68
CA LEU F 740 41.98 11.50 30.39
C LEU F 740 40.53 11.08 30.17
N LEU F 741 40.00 11.40 29.00
CA LEU F 741 38.62 11.14 28.69
C LEU F 741 38.52 10.14 27.54
N PRO F 742 37.45 9.35 27.47
CA PRO F 742 37.34 8.41 26.35
C PRO F 742 36.99 9.06 25.03
N ILE F 743 36.11 10.05 25.06
CA ILE F 743 35.72 10.75 23.86
C ILE F 743 36.41 12.11 23.84
N ASP F 744 36.41 12.76 22.69
CA ASP F 744 37.03 14.08 22.66
C ASP F 744 36.07 15.13 23.20
N HIS F 745 36.55 16.36 23.22
CA HIS F 745 35.77 17.49 23.71
C HIS F 745 36.10 18.73 22.89
N GLN F 746 35.12 19.60 22.75
CA GLN F 746 35.31 20.89 22.12
C GLN F 746 34.67 21.92 23.03
N PRO F 747 35.42 22.90 23.52
CA PRO F 747 34.86 23.92 24.42
C PRO F 747 33.80 24.77 23.74
N ALA F 748 32.85 25.23 24.55
CA ALA F 748 31.70 25.97 24.05
C ALA F 748 32.06 27.43 23.90
N ASN F 749 31.68 28.02 22.76
CA ASN F 749 31.92 29.44 22.56
C ASN F 749 30.82 30.28 23.20
N VAL F 750 29.57 29.86 23.08
CA VAL F 750 28.44 30.64 23.52
C VAL F 750 27.93 30.09 24.85
N THR F 751 27.06 30.85 25.49
CA THR F 751 26.43 30.42 26.73
C THR F 751 24.94 30.18 26.59
N THR F 752 24.37 30.42 25.42
CA THR F 752 22.99 30.04 25.18
C THR F 752 22.99 28.87 24.21
N PRO F 753 23.04 27.64 24.69
CA PRO F 753 23.32 26.50 23.82
C PRO F 753 22.11 26.12 22.98
N THR F 754 22.40 25.43 21.89
CA THR F 754 21.39 25.07 20.90
C THR F 754 21.85 23.87 20.10
N LEU F 755 20.88 23.18 19.51
CA LEU F 755 21.09 21.85 18.96
C LEU F 755 21.77 21.90 17.61
N ASP F 756 22.86 21.13 17.46
CA ASP F 756 23.44 20.84 16.15
C ASP F 756 24.00 19.42 16.14
N PHE F 757 24.32 18.93 14.95
CA PHE F 757 24.63 17.53 14.71
C PHE F 757 26.10 17.29 14.34
N THR F 758 27.02 18.08 14.88
CA THR F 758 28.43 17.97 14.52
C THR F 758 29.25 17.57 15.74
N ASN F 759 29.33 16.27 16.00
CA ASN F 759 30.22 15.69 17.01
C ASN F 759 30.42 14.22 16.66
N GLU F 760 30.91 13.44 17.62
CA GLU F 760 31.19 12.03 17.37
C GLU F 760 30.00 11.14 17.66
N LEU F 761 29.20 11.46 18.67
CA LEU F 761 28.17 10.50 19.09
C LEU F 761 26.95 10.53 18.19
N THR F 762 26.56 11.70 17.71
CA THR F 762 25.49 11.77 16.72
C THR F 762 25.92 11.13 15.41
N ASN F 763 27.20 11.28 15.07
CA ASN F 763 27.79 10.55 13.95
C ASN F 763 27.65 9.04 14.12
N TRP F 764 27.98 8.54 15.32
CA TRP F 764 27.90 7.11 15.61
C TRP F 764 26.48 6.59 15.50
N ARG F 765 25.52 7.33 16.06
CA ARG F 765 24.12 6.96 15.95
C ARG F 765 23.64 6.94 14.51
N ALA F 766 24.09 7.93 13.72
CA ALA F 766 23.71 8.00 12.32
C ALA F 766 24.28 6.82 11.53
N ARG F 767 25.51 6.40 11.84
CA ARG F 767 26.10 5.28 11.12
C ARG F 767 25.44 3.96 11.47
N VAL F 768 25.07 3.77 12.74
CA VAL F 768 24.33 2.56 13.10
C VAL F 768 22.98 2.51 12.40
N CYS F 769 22.29 3.66 12.32
CA CYS F 769 21.01 3.68 11.59
C CYS F 769 21.17 3.45 10.10
N GLU F 770 22.21 4.01 9.48
CA GLU F 770 22.41 3.80 8.04
C GLU F 770 22.79 2.37 7.72
N LEU F 771 23.59 1.73 8.57
CA LEU F 771 23.93 0.34 8.33
C LEU F 771 22.74 -0.58 8.56
N MET F 772 21.86 -0.26 9.50
CA MET F 772 20.65 -1.08 9.62
C MET F 772 19.73 -0.89 8.42
N LYS F 773 19.69 0.32 7.84
CA LYS F 773 18.96 0.49 6.58
C LYS F 773 19.57 -0.33 5.44
N ASN F 774 20.90 -0.41 5.36
CA ASN F 774 21.52 -1.25 4.33
C ASN F 774 21.27 -2.72 4.58
N LEU F 775 21.25 -3.14 5.85
CA LEU F 775 20.91 -4.53 6.19
C LEU F 775 19.50 -4.87 5.74
N VAL F 776 18.56 -3.94 5.91
CA VAL F 776 17.20 -4.17 5.44
C VAL F 776 17.15 -4.19 3.92
N ASP F 777 17.91 -3.30 3.26
CA ASP F 777 17.88 -3.20 1.81
C ASP F 777 18.77 -4.20 1.10
N ASN F 778 19.37 -5.13 1.84
CA ASN F 778 20.04 -6.28 1.24
C ASN F 778 19.09 -7.06 0.33
N GLN F 779 19.60 -7.46 -0.84
CA GLN F 779 18.81 -8.21 -1.81
C GLN F 779 18.46 -9.60 -1.32
N ARG F 780 19.36 -10.20 -0.54
CA ARG F 780 19.11 -11.52 0.03
C ARG F 780 18.17 -11.47 1.23
N TYR F 781 17.73 -10.30 1.65
CA TYR F 781 17.03 -10.15 2.90
C TYR F 781 15.68 -9.48 2.77
N GLN F 782 15.52 -8.57 1.81
CA GLN F 782 14.22 -7.90 1.62
C GLN F 782 13.06 -8.80 1.19
N PRO F 783 13.19 -9.80 0.30
CA PRO F 783 12.03 -10.65 -0.01
C PRO F 783 11.56 -11.54 1.13
N GLY F 784 12.31 -11.64 2.23
CA GLY F 784 11.80 -12.34 3.39
C GLY F 784 10.71 -11.60 4.12
N TRP F 785 10.57 -10.30 3.89
CA TRP F 785 9.57 -9.48 4.53
C TRP F 785 8.45 -9.12 3.55
N THR F 786 7.42 -8.46 4.10
CA THR F 786 6.32 -7.92 3.32
C THR F 786 6.72 -6.56 2.74
N GLN F 787 5.74 -5.78 2.29
CA GLN F 787 6.06 -4.44 1.79
C GLN F 787 5.91 -3.37 2.87
N SER F 788 4.78 -3.40 3.58
CA SER F 788 4.48 -2.39 4.59
C SER F 788 5.44 -2.45 5.77
N LEU F 789 5.99 -3.63 6.06
CA LEU F 789 6.92 -3.73 7.17
C LEU F 789 8.26 -3.10 6.83
N VAL F 790 8.72 -3.25 5.59
CA VAL F 790 9.95 -2.59 5.19
C VAL F 790 9.73 -1.08 5.12
N SER F 791 8.57 -0.66 4.61
CA SER F 791 8.28 0.76 4.55
C SER F 791 8.14 1.38 5.94
N SER F 792 7.69 0.61 6.92
CA SER F 792 7.67 1.11 8.29
C SER F 792 9.04 1.11 8.93
N MET F 793 9.88 0.11 8.62
CA MET F 793 11.19 0.01 9.24
C MET F 793 12.12 1.13 8.79
N ARG F 794 12.07 1.50 7.50
CA ARG F 794 12.90 2.60 7.03
C ARG F 794 12.49 3.92 7.66
N GLY F 795 11.19 4.17 7.76
CA GLY F 795 10.68 5.37 8.41
C GLY F 795 10.92 5.40 9.90
N THR F 796 11.07 4.24 10.52
CA THR F 796 11.47 4.21 11.92
C THR F 796 12.94 4.56 12.08
N LEU F 797 13.80 3.97 11.25
CA LEU F 797 15.23 4.24 11.37
C LEU F 797 15.60 5.67 10.99
N GLY F 798 14.82 6.30 10.10
CA GLY F 798 15.02 7.72 9.84
C GLY F 798 14.79 8.59 11.05
N LYS F 799 13.74 8.33 11.82
CA LYS F 799 13.49 9.05 13.05
C LYS F 799 14.53 8.75 14.12
N LEU F 800 15.00 7.51 14.20
CA LEU F 800 16.08 7.20 15.15
C LEU F 800 17.40 7.87 14.77
N LYS F 801 17.63 8.12 13.49
CA LYS F 801 18.79 8.90 13.12
C LYS F 801 18.60 10.37 13.47
N LEU F 802 17.43 10.93 13.16
CA LEU F 802 17.20 12.36 13.29
C LEU F 802 16.39 12.74 14.52
N ILE F 803 16.53 11.99 15.61
CA ILE F 803 15.90 12.40 16.86
C ILE F 803 16.70 13.54 17.48
N LYS F 804 16.01 14.46 18.13
CA LYS F 804 16.64 15.65 18.69
C LYS F 804 16.91 15.40 20.17
N SER F 805 18.16 15.14 20.51
CA SER F 805 18.56 14.89 21.89
C SER F 805 19.85 15.64 22.17
N MET F 806 19.96 16.19 23.37
CA MET F 806 21.07 17.06 23.72
C MET F 806 22.19 16.30 24.43
N THR F 807 22.02 15.00 24.66
CA THR F 807 23.04 14.21 25.33
C THR F 807 24.38 14.10 24.59
N PRO F 808 24.45 13.91 23.25
CA PRO F 808 25.79 13.93 22.61
C PRO F 808 26.49 15.26 22.69
N MET F 809 25.78 16.37 22.56
CA MET F 809 26.39 17.67 22.74
C MET F 809 26.84 17.88 24.18
N TYR F 810 26.07 17.36 25.12
CA TYR F 810 26.44 17.45 26.54
C TYR F 810 27.75 16.73 26.81
N LEU F 811 27.85 15.47 26.36
CA LEU F 811 29.08 14.72 26.50
C LEU F 811 30.23 15.34 25.71
N GLN F 812 29.94 16.10 24.65
CA GLN F 812 31.00 16.80 23.97
C GLN F 812 31.52 17.98 24.79
N GLN F 813 30.63 18.83 25.30
CA GLN F 813 31.08 20.14 25.71
C GLN F 813 30.64 20.64 27.08
N LEU F 814 29.99 19.84 27.91
CA LEU F 814 29.68 20.34 29.25
C LEU F 814 30.14 19.35 30.32
N ALA F 815 30.08 18.07 30.00
CA ALA F 815 30.55 17.03 30.90
C ALA F 815 32.05 17.04 31.18
N PRO F 816 32.96 17.33 30.22
CA PRO F 816 34.36 17.51 30.62
C PRO F 816 34.61 18.69 31.54
N VAL F 817 33.87 19.79 31.35
CA VAL F 817 33.94 20.93 32.27
C VAL F 817 33.54 20.51 33.68
N GLU F 818 32.47 19.73 33.79
CA GLU F 818 32.00 19.30 35.09
C GLU F 818 32.95 18.30 35.74
N LEU F 819 33.53 17.39 34.96
CA LEU F 819 34.49 16.46 35.53
C LEU F 819 35.74 17.18 36.01
N ALA F 820 36.22 18.17 35.26
CA ALA F 820 37.37 18.93 35.68
C ALA F 820 37.08 19.82 36.88
N VAL F 821 35.83 20.26 37.05
CA VAL F 821 35.48 21.02 38.24
C VAL F 821 35.37 20.09 39.46
N ILE F 822 34.70 18.96 39.31
CA ILE F 822 34.39 18.10 40.45
C ILE F 822 35.63 17.36 40.95
N ALA F 823 36.44 16.83 40.03
CA ALA F 823 37.50 15.89 40.39
C ALA F 823 38.59 16.34 41.39
N PRO F 824 39.01 17.62 41.48
CA PRO F 824 40.00 17.95 42.53
C PRO F 824 39.49 17.84 43.94
N MET F 825 38.19 17.98 44.19
CA MET F 825 37.67 17.90 45.54
C MET F 825 36.78 16.66 45.62
N LEU F 826 37.39 15.59 46.10
CA LEU F 826 36.85 14.24 45.96
C LEU F 826 37.66 13.38 46.92
N PRO F 827 37.02 12.45 47.65
CA PRO F 827 37.76 11.73 48.71
C PRO F 827 38.80 10.76 48.18
N PHE F 828 38.45 9.99 47.15
CA PHE F 828 39.44 9.12 46.52
C PHE F 828 39.86 9.77 45.22
N PRO F 829 41.11 10.19 45.08
CA PRO F 829 41.53 10.97 43.90
C PRO F 829 41.52 10.12 42.65
N PRO F 830 41.46 10.73 41.47
CA PRO F 830 41.39 9.94 40.22
C PRO F 830 42.66 9.14 39.97
N PHE F 831 42.46 7.90 39.53
CA PHE F 831 43.54 6.95 39.30
C PHE F 831 43.35 6.38 37.90
N GLN F 832 44.19 6.82 36.96
CA GLN F 832 43.98 6.53 35.55
C GLN F 832 45.22 5.94 34.91
N VAL F 833 44.99 4.94 34.05
CA VAL F 833 45.98 4.42 33.13
C VAL F 833 45.45 4.79 31.74
N PRO F 834 46.28 4.92 30.70
CA PRO F 834 45.83 5.62 29.49
C PRO F 834 44.79 4.88 28.68
N TYR F 835 43.87 5.67 28.11
CA TYR F 835 42.89 5.18 27.18
C TYR F 835 43.51 5.01 25.81
N VAL F 836 43.06 3.99 25.08
CA VAL F 836 43.49 3.79 23.71
C VAL F 836 42.38 3.05 22.97
N ARG F 837 42.10 3.47 21.74
CA ARG F 837 41.13 2.78 20.91
C ARG F 837 41.90 1.85 19.98
N LEU F 838 41.48 0.58 19.93
CA LEU F 838 41.73 -0.37 18.86
C LEU F 838 43.20 -0.80 18.71
N ASP F 839 44.13 -0.20 19.46
CA ASP F 839 45.53 -0.58 19.40
C ASP F 839 45.78 -1.67 20.43
N ARG F 840 46.02 -2.90 19.98
CA ARG F 840 46.21 -4.00 20.91
C ARG F 840 47.56 -3.92 21.61
N ASP F 841 48.55 -3.30 20.98
CA ASP F 841 49.91 -3.24 21.52
C ASP F 841 50.03 -2.40 22.78
N ARG F 842 49.06 -1.53 23.07
CA ARG F 842 49.16 -0.62 24.20
C ARG F 842 48.01 -0.78 25.18
N VAL F 843 47.36 -1.94 25.20
CA VAL F 843 46.27 -2.17 26.15
C VAL F 843 46.87 -2.54 27.50
N PRO F 844 46.47 -1.87 28.59
CA PRO F 844 46.94 -2.27 29.92
C PRO F 844 46.37 -3.62 30.35
N THR F 845 47.23 -4.63 30.45
CA THR F 845 46.79 -5.95 30.86
C THR F 845 46.75 -6.13 32.36
N MET F 846 47.53 -5.35 33.10
CA MET F 846 47.51 -5.43 34.55
C MET F 846 47.93 -4.10 35.16
N VAL F 847 47.72 -4.00 36.46
CA VAL F 847 48.31 -2.96 37.30
C VAL F 847 48.50 -3.56 38.68
N GLY F 848 49.65 -3.30 39.28
CA GLY F 848 49.99 -3.98 40.52
C GLY F 848 50.80 -3.10 41.44
N VAL F 849 50.62 -3.33 42.74
CA VAL F 849 51.38 -2.64 43.76
C VAL F 849 52.28 -3.65 44.45
N THR F 850 53.23 -3.14 45.24
CA THR F 850 54.08 -4.01 46.04
C THR F 850 54.16 -3.45 47.44
N ARG F 851 54.54 -4.31 48.37
CA ARG F 851 54.73 -3.85 49.74
C ARG F 851 55.92 -4.49 50.44
N GLN F 852 56.79 -5.19 49.71
CA GLN F 852 57.98 -5.81 50.29
C GLN F 852 58.97 -6.14 49.19
N SER F 853 60.17 -6.53 49.60
CA SER F 853 61.21 -7.01 48.71
C SER F 853 61.44 -8.49 49.01
N ARG F 854 61.32 -9.33 47.99
CA ARG F 854 61.13 -10.76 48.20
C ARG F 854 62.40 -11.51 48.60
N ASP F 855 63.57 -10.92 48.41
CA ASP F 855 64.84 -11.62 48.62
C ASP F 855 65.88 -10.66 49.13
N THR F 856 67.14 -10.99 48.88
CA THR F 856 68.25 -10.08 49.14
C THR F 856 68.46 -9.09 48.00
N ILE F 857 67.39 -8.78 47.25
CA ILE F 857 67.49 -7.95 46.07
C ILE F 857 67.79 -6.50 46.42
N THR F 858 67.09 -5.96 47.43
CA THR F 858 67.34 -4.69 48.13
C THR F 858 66.95 -3.47 47.28
N GLN F 859 66.67 -3.67 46.00
CA GLN F 859 66.38 -2.55 45.13
C GLN F 859 64.98 -2.66 44.56
N PRO F 860 64.17 -1.61 44.66
CA PRO F 860 62.76 -1.72 44.27
C PRO F 860 62.55 -1.83 42.78
N ALA F 861 63.47 -1.32 41.96
CA ALA F 861 63.33 -1.47 40.52
C ALA F 861 63.58 -2.89 40.06
N LEU F 862 64.28 -3.69 40.86
CA LEU F 862 64.54 -5.07 40.52
C LEU F 862 63.66 -6.06 41.26
N SER F 863 63.11 -5.68 42.41
CA SER F 863 62.26 -6.59 43.19
C SER F 863 60.78 -6.27 43.03
N LEU F 864 60.36 -5.88 41.83
CA LEU F 864 59.01 -5.44 41.58
C LEU F 864 58.20 -6.41 40.75
N SER F 865 58.79 -6.95 39.67
CA SER F 865 58.07 -7.78 38.72
C SER F 865 57.70 -9.15 39.27
N THR F 866 58.32 -9.58 40.35
CA THR F 866 57.96 -10.83 41.01
C THR F 866 57.32 -10.62 42.36
N THR F 867 56.96 -9.38 42.69
CA THR F 867 56.39 -9.06 43.98
C THR F 867 55.14 -8.18 43.80
N ASN F 868 54.76 -7.88 42.56
CA ASN F 868 53.51 -7.15 42.32
C ASN F 868 52.29 -7.97 42.74
N THR F 869 51.22 -7.26 43.09
CA THR F 869 49.92 -7.87 43.36
C THR F 869 48.88 -7.18 42.51
N THR F 870 48.27 -7.94 41.60
CA THR F 870 47.37 -7.36 40.61
C THR F 870 46.09 -6.84 41.26
N VAL F 871 45.75 -5.59 40.95
CA VAL F 871 44.59 -4.92 41.53
C VAL F 871 43.65 -4.52 40.39
N GLY F 872 42.36 -4.53 40.67
CA GLY F 872 41.39 -4.08 39.67
C GLY F 872 40.21 -4.99 39.44
N VAL F 873 39.01 -4.42 39.46
CA VAL F 873 37.78 -5.20 39.33
C VAL F 873 37.10 -4.92 38.00
N PRO F 874 36.18 -5.76 37.56
CA PRO F 874 35.18 -5.33 36.57
C PRO F 874 33.92 -4.85 37.28
N LEU F 875 33.00 -4.34 36.48
CA LEU F 875 31.71 -3.88 37.00
C LEU F 875 30.70 -3.94 35.86
N ALA F 876 29.48 -4.33 36.20
CA ALA F 876 28.45 -4.58 35.20
C ALA F 876 27.44 -3.43 35.17
N LEU F 877 26.98 -3.10 33.98
CA LEU F 877 26.05 -2.00 33.75
C LEU F 877 24.84 -2.50 32.97
N ASP F 878 24.02 -1.56 32.51
CA ASP F 878 22.78 -1.90 31.82
C ASP F 878 22.70 -1.11 30.52
N ALA F 879 22.74 -1.83 29.39
CA ALA F 879 22.75 -1.19 28.09
C ALA F 879 21.42 -0.52 27.78
N ARG F 880 20.31 -1.13 28.20
CA ARG F 880 19.00 -0.51 28.01
C ARG F 880 18.84 0.72 28.87
N ALA F 881 19.58 0.84 29.96
CA ALA F 881 19.53 2.04 30.77
C ALA F 881 20.52 3.10 30.31
N ILE F 882 21.53 2.74 29.54
CA ILE F 882 22.43 3.73 28.94
C ILE F 882 21.84 4.30 27.65
N THR F 883 21.18 3.46 26.86
CA THR F 883 20.77 3.88 25.53
C THR F 883 19.55 4.81 25.58
N VAL F 884 18.71 4.68 26.61
CA VAL F 884 17.64 5.66 26.83
C VAL F 884 18.24 7.06 27.04
N ALA F 885 19.28 7.14 27.87
CA ALA F 885 19.92 8.41 28.14
C ALA F 885 20.64 8.95 26.92
N LEU F 886 21.21 8.09 26.10
CA LEU F 886 21.82 8.55 24.84
C LEU F 886 20.76 9.08 23.87
N LEU F 887 19.65 8.36 23.71
CA LEU F 887 18.67 8.73 22.73
C LEU F 887 17.78 9.88 23.17
N SER F 888 17.72 10.20 24.46
CA SER F 888 16.74 11.19 24.90
C SER F 888 17.29 11.93 26.10
N GLY F 889 17.55 13.22 25.92
CA GLY F 889 17.96 14.08 27.01
C GLY F 889 17.90 15.53 26.55
N LYS F 890 17.26 16.39 27.31
CA LYS F 890 16.96 17.75 26.86
C LYS F 890 17.46 18.77 27.87
N TYR F 891 17.76 19.96 27.38
CA TYR F 891 18.15 21.07 28.21
C TYR F 891 16.93 21.79 28.75
N PRO F 892 17.10 22.68 29.72
CA PRO F 892 16.10 23.69 30.00
C PRO F 892 15.85 24.60 28.81
N PRO F 893 14.65 25.20 28.72
CA PRO F 893 14.37 26.09 27.59
C PRO F 893 15.12 27.40 27.64
N ASP F 894 15.40 27.93 28.83
CA ASP F 894 16.28 29.08 28.97
C ASP F 894 17.49 28.67 29.80
N LEU F 895 18.46 28.08 29.14
CA LEU F 895 19.70 27.74 29.80
C LEU F 895 20.71 28.82 29.50
N VAL F 896 21.42 29.25 30.54
CA VAL F 896 22.58 30.12 30.42
C VAL F 896 23.67 29.48 31.24
N THR F 897 24.80 29.15 30.59
CA THR F 897 25.76 28.20 31.16
C THR F 897 26.46 28.77 32.37
N ASN F 898 26.93 30.03 32.29
CA ASN F 898 27.70 30.60 33.38
C ASN F 898 26.82 30.87 34.60
N VAL F 899 25.59 31.30 34.39
CA VAL F 899 24.64 31.48 35.48
C VAL F 899 24.33 30.14 36.14
N TRP F 900 24.03 29.11 35.34
CA TRP F 900 23.67 27.81 35.89
C TRP F 900 24.83 27.17 36.65
N TYR F 901 26.04 27.28 36.12
CA TYR F 901 27.17 26.65 36.78
C TYR F 901 27.63 27.44 37.99
N ALA F 902 27.54 28.78 37.97
CA ALA F 902 27.87 29.51 39.17
C ALA F 902 26.77 29.42 40.22
N ASP F 903 25.58 28.98 39.83
CA ASP F 903 24.60 28.56 40.83
C ASP F 903 24.97 27.20 41.41
N ALA F 904 25.35 26.25 40.57
CA ALA F 904 25.49 24.88 41.03
C ALA F 904 26.79 24.64 41.80
N ILE F 905 27.88 25.28 41.37
CA ILE F 905 29.19 24.97 41.92
C ILE F 905 29.43 25.69 43.25
N TYR F 906 28.77 26.83 43.46
CA TYR F 906 29.03 27.66 44.64
C TYR F 906 28.85 27.01 46.02
N PRO F 907 27.83 26.18 46.30
CA PRO F 907 27.73 25.63 47.67
C PRO F 907 28.80 24.62 48.00
N MET F 908 29.48 24.06 47.02
CA MET F 908 30.49 23.03 47.29
C MET F 908 31.85 23.62 47.61
N TYR F 909 32.19 24.78 47.08
CA TYR F 909 33.55 25.26 47.24
C TYR F 909 33.74 26.25 48.38
N ALA F 910 32.67 26.67 49.05
CA ALA F 910 32.85 27.39 50.29
C ALA F 910 33.27 26.44 51.40
N ASP F 911 32.41 25.45 51.71
CA ASP F 911 32.70 24.46 52.74
C ASP F 911 33.19 23.20 52.04
N THR F 912 34.51 23.15 51.81
CA THR F 912 35.05 22.17 50.88
C THR F 912 35.62 20.92 51.54
N GLU F 913 36.15 21.03 52.78
CA GLU F 913 36.67 19.95 53.65
C GLU F 913 37.65 18.98 52.96
N VAL F 914 38.24 19.37 51.82
CA VAL F 914 39.25 18.52 51.20
C VAL F 914 40.57 18.62 51.93
N PHE F 915 40.75 19.67 52.74
CA PHE F 915 42.01 19.94 53.39
C PHE F 915 42.35 18.95 54.50
N SER F 916 41.33 18.32 55.09
CA SER F 916 41.59 17.33 56.13
C SER F 916 42.25 16.08 55.57
N ASN F 917 41.96 15.72 54.32
CA ASN F 917 42.67 14.62 53.69
C ASN F 917 44.13 14.96 53.47
N LEU F 918 44.43 16.21 53.14
CA LEU F 918 45.82 16.66 53.07
C LEU F 918 46.48 16.61 54.43
N GLN F 919 45.74 16.89 55.50
CA GLN F 919 46.29 16.71 56.85
C GLN F 919 46.48 15.26 57.24
N ARG F 920 45.74 14.32 56.67
CA ARG F 920 45.96 12.92 57.03
C ARG F 920 47.07 12.29 56.19
N ASP F 921 47.24 12.76 54.96
CA ASP F 921 48.25 12.17 54.08
C ASP F 921 49.68 12.50 54.51
N VAL F 922 49.87 13.47 55.40
CA VAL F 922 51.20 13.63 55.97
C VAL F 922 51.42 12.61 57.10
N ILE F 923 50.39 12.32 57.89
CA ILE F 923 50.54 11.43 59.03
C ILE F 923 50.77 10.00 58.56
N THR F 924 50.18 9.61 57.43
CA THR F 924 50.42 8.28 56.89
C THR F 924 51.90 8.11 56.47
N CYS F 925 52.44 9.10 55.77
CA CYS F 925 53.82 9.03 55.33
C CYS F 925 54.80 9.19 56.48
N GLU F 926 54.41 9.88 57.55
CA GLU F 926 55.24 9.91 58.75
C GLU F 926 55.29 8.55 59.43
N ALA F 927 54.14 7.88 59.52
CA ALA F 927 54.06 6.59 60.19
C ALA F 927 54.85 5.52 59.44
N VAL F 928 54.86 5.58 58.10
CA VAL F 928 55.60 4.59 57.33
C VAL F 928 57.10 4.70 57.58
N GLN F 929 57.65 5.91 57.55
CA GLN F 929 59.07 6.10 57.80
C GLN F 929 59.43 5.81 59.24
N THR F 930 58.52 6.11 60.17
CA THR F 930 58.75 5.76 61.58
C THR F 930 58.80 4.25 61.77
N LEU F 931 57.94 3.52 61.06
CA LEU F 931 57.96 2.07 61.14
C LEU F 931 59.24 1.48 60.58
N VAL F 932 59.65 1.92 59.39
CA VAL F 932 60.87 1.37 58.80
C VAL F 932 62.13 1.85 59.50
N THR F 933 62.05 2.90 60.30
CA THR F 933 63.18 3.28 61.13
C THR F 933 63.26 2.44 62.40
N LEU F 934 62.13 2.25 63.07
CA LEU F 934 62.14 1.58 64.36
C LEU F 934 62.29 0.07 64.25
N VAL F 935 61.81 -0.55 63.17
CA VAL F 935 61.97 -1.99 63.05
C VAL F 935 63.43 -2.35 62.73
N ALA F 936 64.13 -1.46 62.01
CA ALA F 936 65.51 -1.70 61.63
C ALA F 936 66.49 -1.68 62.81
N GLN F 937 66.05 -1.27 64.00
CA GLN F 937 66.91 -1.36 65.17
C GLN F 937 67.03 -2.79 65.67
N ILE F 938 65.95 -3.57 65.57
CA ILE F 938 65.97 -4.96 66.06
C ILE F 938 66.08 -5.97 64.94
N SER F 939 65.89 -5.57 63.69
CA SER F 939 66.08 -6.52 62.59
C SER F 939 67.20 -6.04 61.68
N GLU F 940 67.39 -6.73 60.55
CA GLU F 940 68.40 -6.35 59.56
C GLU F 940 67.67 -6.00 58.27
N THR F 941 67.43 -4.72 58.05
CA THR F 941 66.68 -4.29 56.88
C THR F 941 67.63 -3.84 55.79
N GLN F 942 67.04 -3.31 54.71
CA GLN F 942 67.78 -2.85 53.56
C GLN F 942 67.98 -1.35 53.55
N TYR F 943 67.55 -0.66 54.60
CA TYR F 943 67.68 0.79 54.57
C TYR F 943 68.89 1.22 55.37
N PRO F 944 69.64 2.23 54.92
CA PRO F 944 70.87 2.59 55.62
C PRO F 944 70.62 3.45 56.85
N VAL F 945 70.02 2.84 57.86
CA VAL F 945 69.72 3.57 59.09
C VAL F 945 70.97 3.63 59.94
N ASP F 946 70.94 4.46 60.97
CA ASP F 946 72.06 4.64 61.88
C ASP F 946 71.62 4.17 63.25
N ARG F 947 72.15 3.03 63.69
CA ARG F 947 71.74 2.43 64.95
C ARG F 947 72.76 2.73 66.04
N TYR F 948 72.26 3.11 67.21
CA TYR F 948 73.07 3.52 68.36
C TYR F 948 72.81 2.63 69.57
N LEU F 949 72.29 1.44 69.35
CA LEU F 949 71.70 0.68 70.44
C LEU F 949 72.09 -0.79 70.33
N ASP F 950 73.35 -1.03 69.99
CA ASP F 950 73.87 -2.38 69.95
C ASP F 950 74.22 -2.92 71.33
N TRP F 951 74.42 -2.04 72.31
CA TRP F 951 75.00 -2.47 73.58
C TRP F 951 73.98 -3.17 74.47
N ILE F 952 72.72 -2.81 74.35
CA ILE F 952 71.65 -3.48 75.11
C ILE F 952 71.40 -4.86 74.50
N PRO F 953 71.37 -5.92 75.31
CA PRO F 953 71.08 -7.25 74.74
C PRO F 953 69.64 -7.37 74.27
N SER F 954 69.47 -8.11 73.17
CA SER F 954 68.13 -8.39 72.69
C SER F 954 68.11 -9.74 71.97
N LEU F 955 66.90 -10.26 71.80
CA LEU F 955 66.70 -11.56 71.20
C LEU F 955 66.89 -11.48 69.70
N ARG F 956 67.04 -12.64 69.08
CA ARG F 956 67.11 -12.75 67.63
C ARG F 956 65.68 -12.70 67.09
N ALA F 957 65.37 -11.61 66.39
CA ALA F 957 63.99 -11.29 66.05
C ALA F 957 63.49 -12.18 64.93
N SER F 958 62.43 -12.92 65.20
CA SER F 958 61.76 -13.72 64.19
C SER F 958 60.65 -12.90 63.55
N ALA F 959 59.74 -13.56 62.82
CA ALA F 959 58.70 -12.84 62.12
C ALA F 959 57.62 -12.31 63.06
N ALA F 960 57.23 -13.10 64.06
CA ALA F 960 56.20 -12.65 64.98
C ALA F 960 56.68 -11.49 65.84
N THR F 961 57.98 -11.42 66.13
CA THR F 961 58.53 -10.29 66.87
C THR F 961 58.37 -9.00 66.10
N ALA F 962 58.79 -8.99 64.83
CA ALA F 962 58.67 -7.78 64.02
C ALA F 962 57.22 -7.42 63.76
N ALA F 963 56.36 -8.42 63.54
CA ALA F 963 54.94 -8.14 63.32
C ALA F 963 54.29 -7.55 64.55
N THR F 964 54.59 -8.10 65.73
CA THR F 964 53.97 -7.59 66.94
C THR F 964 54.50 -6.21 67.31
N PHE F 965 55.82 -5.99 67.16
CA PHE F 965 56.40 -4.69 67.42
C PHE F 965 55.86 -3.63 66.47
N ALA F 966 55.62 -3.99 65.20
CA ALA F 966 54.94 -3.10 64.28
C ALA F 966 53.50 -2.82 64.69
N GLU F 967 52.79 -3.81 65.24
CA GLU F 967 51.46 -3.56 65.78
C GLU F 967 51.48 -2.57 66.94
N TRP F 968 52.48 -2.65 67.80
CA TRP F 968 52.57 -1.71 68.92
C TRP F 968 52.94 -0.30 68.46
N VAL F 969 53.80 -0.18 67.44
CA VAL F 969 54.06 1.13 66.84
C VAL F 969 52.79 1.69 66.20
N ASN F 970 52.00 0.85 65.54
CA ASN F 970 50.73 1.25 64.96
C ASN F 970 49.77 1.77 66.02
N THR F 971 49.58 1.01 67.09
CA THR F 971 48.60 1.44 68.08
C THR F 971 49.09 2.61 68.91
N SER F 972 50.40 2.85 69.02
CA SER F 972 50.86 4.07 69.66
C SER F 972 50.68 5.30 68.79
N MET F 973 51.01 5.22 67.49
CA MET F 973 50.73 6.31 66.57
C MET F 973 49.24 6.58 66.44
N LYS F 974 48.41 5.56 66.63
CA LYS F 974 46.98 5.72 66.49
C LYS F 974 46.31 6.20 67.77
N THR F 975 46.86 5.88 68.94
CA THR F 975 46.32 6.47 70.17
C THR F 975 46.82 7.88 70.39
N ALA F 976 47.93 8.25 69.77
CA ALA F 976 48.19 9.68 69.59
C ALA F 976 47.43 10.15 68.37
N PHE F 977 47.40 11.47 68.18
CA PHE F 977 46.82 12.16 67.02
C PHE F 977 45.32 11.97 66.81
N ASP F 978 44.64 11.30 67.76
CA ASP F 978 43.18 11.11 67.78
C ASP F 978 42.68 10.44 66.50
N LEU F 979 43.14 9.22 66.28
CA LEU F 979 42.70 8.41 65.15
C LEU F 979 42.00 7.18 65.66
N SER F 980 40.87 6.85 65.04
CA SER F 980 40.08 5.67 65.42
C SER F 980 39.61 4.93 64.17
N ASP F 981 40.46 4.87 63.16
CA ASP F 981 40.20 4.05 61.99
C ASP F 981 41.46 3.28 61.65
N MET F 982 41.48 2.67 60.47
CA MET F 982 42.64 1.89 60.09
C MET F 982 43.75 2.79 59.57
N LEU F 983 44.98 2.47 59.96
CA LEU F 983 46.17 3.20 59.52
C LEU F 983 47.34 2.24 59.57
N LEU F 984 48.04 2.08 58.45
CA LEU F 984 49.27 1.32 58.25
C LEU F 984 49.01 -0.20 58.23
N GLU F 985 47.79 -0.67 58.48
CA GLU F 985 47.48 -2.11 58.43
C GLU F 985 47.65 -2.82 57.08
N PRO F 986 47.47 -2.18 55.91
CA PRO F 986 47.92 -2.83 54.67
C PRO F 986 49.42 -3.14 54.63
N LEU F 987 50.24 -2.42 55.38
CA LEU F 987 51.62 -2.83 55.56
C LEU F 987 51.81 -3.76 56.74
N LEU F 988 50.92 -3.72 57.73
CA LEU F 988 51.01 -4.66 58.84
C LEU F 988 50.74 -6.10 58.41
N SER F 989 49.82 -6.31 57.47
CA SER F 989 49.35 -7.66 57.17
C SER F 989 50.40 -8.53 56.50
N GLY F 990 51.44 -7.94 55.92
CA GLY F 990 52.53 -8.70 55.32
C GLY F 990 53.69 -8.85 56.27
N ASP F 991 54.89 -8.96 55.70
CA ASP F 991 56.11 -9.00 56.49
C ASP F 991 56.62 -7.59 56.68
N PRO F 992 56.70 -7.07 57.90
CA PRO F 992 57.15 -5.69 58.11
C PRO F 992 58.65 -5.48 58.21
N ARG F 993 59.46 -6.51 57.94
CA ARG F 993 60.92 -6.32 58.02
C ARG F 993 61.44 -5.54 56.83
N MET F 994 61.30 -6.11 55.64
CA MET F 994 61.85 -5.52 54.43
C MET F 994 60.68 -4.99 53.60
N THR F 995 60.28 -3.75 53.86
CA THR F 995 59.15 -3.16 53.16
C THR F 995 59.61 -2.11 52.16
N GLN F 996 58.77 -1.89 51.16
CA GLN F 996 58.99 -0.91 50.12
C GLN F 996 57.63 -0.55 49.55
N LEU F 997 57.58 0.52 48.76
CA LEU F 997 56.32 0.88 48.12
C LEU F 997 56.58 1.28 46.68
N ALA F 998 55.87 0.66 45.75
CA ALA F 998 55.97 0.96 44.34
C ALA F 998 54.70 0.51 43.65
N ILE F 999 54.66 0.67 42.34
CA ILE F 999 53.47 0.37 41.54
C ILE F 999 53.93 0.28 40.09
N GLN F 1000 53.20 -0.48 39.29
CA GLN F 1000 53.50 -0.56 37.86
C GLN F 1000 52.25 -0.99 37.10
N TYR F 1001 52.31 -0.82 35.78
CA TYR F 1001 51.32 -1.37 34.90
C TYR F 1001 52.01 -1.83 33.62
N GLN F 1002 51.55 -2.94 33.07
CA GLN F 1002 52.22 -3.61 31.97
C GLN F 1002 51.28 -3.64 30.78
N GLN F 1003 51.79 -3.31 29.60
CA GLN F 1003 51.00 -3.33 28.39
C GLN F 1003 50.89 -4.76 27.86
N TYR F 1004 50.36 -4.91 26.65
CA TYR F 1004 50.29 -6.23 26.04
C TYR F 1004 51.66 -6.68 25.55
N ASN F 1005 52.45 -5.76 25.02
CA ASN F 1005 53.76 -6.09 24.46
C ASN F 1005 54.87 -6.10 25.51
N GLY F 1006 54.53 -6.14 26.79
CA GLY F 1006 55.53 -6.31 27.81
C GLY F 1006 56.22 -5.05 28.27
N ARG F 1007 55.83 -3.89 27.76
CA ARG F 1007 56.38 -2.63 28.23
C ARG F 1007 55.84 -2.35 29.63
N THR F 1008 56.73 -2.40 30.62
CA THR F 1008 56.36 -2.14 32.00
C THR F 1008 56.71 -0.70 32.34
N PHE F 1009 55.72 0.04 32.82
CA PHE F 1009 55.90 1.42 33.25
C PHE F 1009 55.64 1.46 34.75
N ASN F 1010 56.66 1.86 35.52
CA ASN F 1010 56.57 1.83 36.97
C ASN F 1010 56.82 3.20 37.57
N VAL F 1011 56.31 3.38 38.80
CA VAL F 1011 56.50 4.60 39.56
C VAL F 1011 56.98 4.19 40.95
N ILE F 1012 58.22 4.52 41.27
CA ILE F 1012 58.74 4.31 42.62
C ILE F 1012 58.88 5.68 43.26
N PRO F 1013 57.97 6.06 44.17
CA PRO F 1013 58.07 7.37 44.79
C PRO F 1013 59.17 7.41 45.84
N GLU F 1014 59.83 8.56 45.93
CA GLU F 1014 60.85 8.73 46.96
C GLU F 1014 60.18 8.96 48.30
N MET F 1015 60.85 8.51 49.35
CA MET F 1015 60.29 8.61 50.69
C MET F 1015 60.85 9.85 51.36
N PRO F 1016 60.06 10.88 51.59
CA PRO F 1016 60.59 12.10 52.23
C PRO F 1016 60.86 11.86 53.70
N GLY F 1017 61.64 12.77 54.27
CA GLY F 1017 62.07 12.61 55.65
C GLY F 1017 60.93 12.76 56.63
N SER F 1018 61.17 12.29 57.85
CA SER F 1018 60.17 12.27 58.90
C SER F 1018 60.74 12.90 60.16
N VAL F 1019 60.02 13.88 60.69
CA VAL F 1019 60.48 14.56 61.91
C VAL F 1019 60.38 13.67 63.13
N ILE F 1020 59.43 12.74 63.16
CA ILE F 1020 59.32 11.82 64.28
C ILE F 1020 60.43 10.79 64.23
N ALA F 1021 60.74 10.28 63.04
CA ALA F 1021 61.88 9.38 62.89
C ALA F 1021 63.21 10.08 63.09
N ASP F 1022 63.25 11.40 62.94
CA ASP F 1022 64.46 12.14 63.28
C ASP F 1022 64.58 12.33 64.78
N CYS F 1023 63.47 12.68 65.45
CA CYS F 1023 63.53 12.92 66.88
C CYS F 1023 63.72 11.66 67.71
N VAL F 1024 63.25 10.51 67.22
CA VAL F 1024 63.51 9.26 67.93
C VAL F 1024 65.01 8.91 67.89
N GLN F 1025 65.64 9.10 66.73
CA GLN F 1025 67.09 8.93 66.65
C GLN F 1025 67.84 9.96 67.48
N LEU F 1026 67.30 11.18 67.59
CA LEU F 1026 67.92 12.17 68.46
C LEU F 1026 67.83 11.77 69.93
N THR F 1027 66.69 11.21 70.33
CA THR F 1027 66.53 10.75 71.70
C THR F 1027 67.42 9.56 71.98
N ALA F 1028 67.67 8.71 70.97
CA ALA F 1028 68.65 7.65 71.12
C ALA F 1028 70.08 8.18 71.26
N GLU F 1029 70.42 9.24 70.50
CA GLU F 1029 71.71 9.92 70.68
C GLU F 1029 71.88 10.42 72.10
N VAL F 1030 70.82 10.96 72.69
CA VAL F 1030 70.94 11.43 74.07
C VAL F 1030 71.02 10.25 75.03
N PHE F 1031 70.24 9.20 74.78
CA PHE F 1031 70.20 8.02 75.64
C PHE F 1031 71.54 7.30 75.74
N ASN F 1032 72.33 7.34 74.65
CA ASN F 1032 73.70 6.81 74.67
C ASN F 1032 74.54 7.44 75.79
N HIS F 1033 74.37 8.74 76.05
CA HIS F 1033 75.17 9.42 77.04
C HIS F 1033 74.46 9.62 78.38
N GLU F 1034 73.14 9.57 78.40
CA GLU F 1034 72.35 9.80 79.62
C GLU F 1034 71.38 8.67 79.83
N TYR F 1035 71.85 7.44 79.67
CA TYR F 1035 71.07 6.25 80.01
C TYR F 1035 70.72 6.19 81.49
N ASN F 1036 71.55 6.78 82.36
CA ASN F 1036 71.35 6.68 83.80
C ASN F 1036 70.08 7.36 84.28
N LEU F 1037 69.51 8.26 83.51
CA LEU F 1037 68.30 8.93 83.95
C LEU F 1037 67.07 8.07 83.71
N PHE F 1038 67.11 7.14 82.77
CA PHE F 1038 65.96 6.31 82.47
C PHE F 1038 65.94 5.03 83.27
N GLY F 1039 66.73 4.93 84.33
CA GLY F 1039 66.78 3.72 85.13
C GLY F 1039 67.63 2.61 84.55
N ILE F 1040 68.68 2.95 83.80
CA ILE F 1040 69.54 1.99 83.14
C ILE F 1040 70.96 2.19 83.64
N ALA F 1041 71.66 1.09 83.91
CA ALA F 1041 73.09 1.13 84.17
C ALA F 1041 73.80 0.29 83.12
N ARG F 1042 74.86 0.84 82.55
CA ARG F 1042 75.63 0.19 81.50
C ARG F 1042 76.80 -0.58 82.12
N GLY F 1043 77.10 -1.74 81.55
CA GLY F 1043 78.22 -2.52 82.02
C GLY F 1043 77.76 -3.81 82.66
N ASP F 1044 78.35 -4.17 83.80
CA ASP F 1044 77.97 -5.38 84.49
C ASP F 1044 78.33 -5.26 85.97
N ILE F 1045 77.91 -6.25 86.74
CA ILE F 1045 78.08 -6.23 88.18
C ILE F 1045 79.09 -7.30 88.57
N ILE F 1046 79.60 -7.20 89.79
CA ILE F 1046 80.57 -8.14 90.34
C ILE F 1046 80.09 -8.53 91.73
N ILE F 1047 79.93 -9.82 91.96
CA ILE F 1047 79.35 -10.32 93.20
C ILE F 1047 80.45 -10.93 94.06
N GLY F 1048 80.60 -10.41 95.26
CA GLY F 1048 81.61 -10.88 96.20
C GLY F 1048 81.67 -10.02 97.43
N ARG F 1049 82.23 -10.53 98.52
CA ARG F 1049 82.18 -9.79 99.78
C ARG F 1049 83.21 -8.67 99.81
N VAL F 1050 82.79 -7.50 100.29
CA VAL F 1050 83.67 -6.39 100.59
C VAL F 1050 83.27 -5.91 101.97
N GLN F 1051 84.13 -6.15 102.95
CA GLN F 1051 83.87 -5.76 104.32
C GLN F 1051 84.82 -4.63 104.69
N SER F 1052 84.26 -3.43 104.83
CA SER F 1052 85.07 -2.26 105.12
C SER F 1052 84.18 -1.22 105.78
N THR F 1053 84.80 -0.12 106.21
CA THR F 1053 84.10 1.01 106.79
C THR F 1053 84.12 2.23 105.88
N HIS F 1054 84.59 2.09 104.66
CA HIS F 1054 84.70 3.22 103.76
C HIS F 1054 83.34 3.52 103.12
N LEU F 1055 83.20 4.74 102.63
CA LEU F 1055 81.91 5.29 102.26
C LEU F 1055 81.76 5.55 100.77
N TRP F 1056 82.48 4.81 99.94
CA TRP F 1056 82.31 4.95 98.50
C TRP F 1056 81.02 4.29 98.06
N SER F 1057 80.45 4.81 96.99
CA SER F 1057 79.18 4.24 96.59
C SER F 1057 79.37 3.24 95.47
N PRO F 1058 78.57 2.17 95.45
CA PRO F 1058 78.69 1.16 94.38
C PRO F 1058 78.29 1.63 92.99
N LEU F 1059 77.78 2.85 92.83
CA LEU F 1059 77.66 3.39 91.49
C LEU F 1059 78.95 4.03 91.00
N ALA F 1060 79.98 4.11 91.84
CA ALA F 1060 81.30 4.57 91.43
C ALA F 1060 82.34 3.81 92.24
N PRO F 1061 82.63 2.57 91.88
CA PRO F 1061 83.48 1.73 92.70
C PRO F 1061 84.95 2.09 92.51
N PRO F 1062 85.82 1.75 93.46
CA PRO F 1062 87.24 1.97 93.26
C PRO F 1062 87.79 1.02 92.21
N PRO F 1063 88.87 1.38 91.53
CA PRO F 1063 89.39 0.53 90.46
C PRO F 1063 90.12 -0.72 90.93
N ASP F 1064 90.30 -0.92 92.23
CA ASP F 1064 90.92 -2.14 92.71
C ASP F 1064 89.99 -3.34 92.53
N LEU F 1065 88.70 -3.14 92.81
CA LEU F 1065 87.80 -4.26 92.94
C LEU F 1065 87.37 -4.84 91.60
N VAL F 1066 87.29 -4.01 90.56
CA VAL F 1066 86.88 -4.52 89.27
C VAL F 1066 88.05 -5.22 88.58
N PHE F 1067 87.71 -6.11 87.65
CA PHE F 1067 88.70 -6.85 86.88
C PHE F 1067 88.09 -7.18 85.53
N ASP F 1068 88.88 -7.02 84.48
CA ASP F 1068 88.35 -7.19 83.13
C ASP F 1068 88.58 -8.60 82.64
N ARG F 1069 88.31 -8.82 81.35
CA ARG F 1069 88.61 -10.11 80.73
C ARG F 1069 90.12 -10.30 80.57
N ASP F 1070 90.86 -9.20 80.42
CA ASP F 1070 92.30 -9.25 80.19
C ASP F 1070 93.11 -9.26 81.47
N THR F 1071 92.47 -9.30 82.63
CA THR F 1071 93.20 -9.37 83.89
C THR F 1071 93.80 -10.77 84.02
N PRO F 1072 95.08 -10.89 84.34
CA PRO F 1072 95.68 -12.22 84.52
C PRO F 1072 95.17 -12.91 85.77
N GLY F 1073 95.15 -14.24 85.71
CA GLY F 1073 94.63 -15.03 86.80
C GLY F 1073 93.13 -15.05 86.91
N VAL F 1074 92.43 -14.79 85.81
CA VAL F 1074 90.97 -14.73 85.79
C VAL F 1074 90.46 -15.82 84.88
N HIS F 1075 89.58 -16.67 85.39
CA HIS F 1075 89.09 -17.82 84.64
C HIS F 1075 87.78 -17.46 83.95
N ILE F 1076 87.70 -17.80 82.67
CA ILE F 1076 86.62 -17.37 81.79
C ILE F 1076 85.78 -18.57 81.43
N PHE F 1077 84.49 -18.52 81.72
CA PHE F 1077 83.60 -19.62 81.41
C PHE F 1077 82.71 -19.22 80.24
N GLY F 1078 81.75 -20.08 79.92
CA GLY F 1078 80.76 -19.71 78.92
C GLY F 1078 80.29 -20.80 77.98
N ARG F 1079 81.07 -21.87 77.83
CA ARG F 1079 80.65 -22.94 76.93
C ARG F 1079 79.63 -23.84 77.62
N ASP F 1080 80.04 -24.49 78.69
CA ASP F 1080 79.15 -25.25 79.54
C ASP F 1080 79.71 -25.28 80.95
N CYS F 1081 79.10 -26.10 81.79
CA CYS F 1081 79.40 -26.13 83.22
C CYS F 1081 79.48 -27.59 83.68
N ARG F 1082 80.65 -28.18 83.56
CA ARG F 1082 80.88 -29.54 84.02
C ARG F 1082 81.45 -29.49 85.42
N ILE F 1083 80.60 -29.67 86.41
CA ILE F 1083 80.99 -29.62 87.82
C ILE F 1083 81.17 -31.05 88.30
N SER F 1084 82.38 -31.37 88.76
CA SER F 1084 82.64 -32.66 89.38
C SER F 1084 82.66 -32.48 90.89
N PHE F 1085 82.07 -33.42 91.60
CA PHE F 1085 81.99 -33.32 93.05
C PHE F 1085 83.35 -33.62 93.67
N GLY F 1086 83.46 -33.32 94.97
CA GLY F 1086 84.67 -33.62 95.69
C GLY F 1086 84.42 -34.57 96.83
N MET F 1087 84.96 -35.77 96.74
CA MET F 1087 84.77 -36.80 97.75
C MET F 1087 86.03 -36.96 98.59
N ASN F 1088 85.84 -37.57 99.76
CA ASN F 1088 86.91 -37.87 100.72
C ASN F 1088 87.66 -36.63 101.17
N GLY F 1089 86.95 -35.51 101.28
CA GLY F 1089 87.55 -34.29 101.76
C GLY F 1089 88.29 -33.49 100.72
N ALA F 1090 88.05 -33.75 99.45
CA ALA F 1090 88.69 -32.99 98.38
C ALA F 1090 87.90 -31.71 98.14
N ALA F 1091 88.18 -31.05 97.03
CA ALA F 1091 87.44 -29.84 96.72
C ALA F 1091 86.62 -30.04 95.46
N PRO F 1092 85.39 -29.55 95.42
CA PRO F 1092 84.62 -29.62 94.18
C PRO F 1092 85.16 -28.65 93.14
N MET F 1093 85.10 -29.06 91.88
CA MET F 1093 85.74 -28.31 90.81
C MET F 1093 84.75 -28.06 89.68
N ILE F 1094 85.09 -27.07 88.86
CA ILE F 1094 84.30 -26.71 87.68
C ILE F 1094 85.28 -26.49 86.54
N ARG F 1095 84.86 -26.81 85.32
CA ARG F 1095 85.77 -26.84 84.19
C ARG F 1095 85.89 -25.47 83.54
N ASP F 1096 87.12 -25.01 83.38
CA ASP F 1096 87.42 -23.80 82.65
C ASP F 1096 87.15 -24.03 81.15
N GLU F 1097 86.94 -22.93 80.42
CA GLU F 1097 86.72 -23.04 78.99
C GLU F 1097 87.98 -23.48 78.26
N THR F 1098 89.16 -23.14 78.79
CA THR F 1098 90.41 -23.54 78.17
C THR F 1098 90.75 -25.00 78.43
N GLY F 1099 89.98 -25.70 79.25
CA GLY F 1099 90.18 -27.11 79.52
C GLY F 1099 90.55 -27.44 80.94
N MET F 1100 91.02 -26.45 81.71
CA MET F 1100 91.41 -26.69 83.09
C MET F 1100 90.17 -26.88 83.96
N MET F 1101 90.41 -27.36 85.18
CA MET F 1101 89.35 -27.49 86.18
C MET F 1101 89.82 -26.83 87.47
N VAL F 1102 89.05 -25.86 87.95
CA VAL F 1102 89.48 -25.01 89.05
C VAL F 1102 88.56 -25.20 90.24
N PRO F 1103 89.03 -25.01 91.47
CA PRO F 1103 88.14 -25.09 92.63
C PRO F 1103 87.31 -23.81 92.75
N PHE F 1104 86.41 -23.81 93.74
CA PHE F 1104 85.41 -22.75 93.86
C PHE F 1104 86.00 -21.55 94.60
N GLU F 1105 86.90 -20.85 93.91
CA GLU F 1105 87.52 -19.65 94.44
C GLU F 1105 88.04 -18.82 93.28
N GLY F 1106 88.60 -17.65 93.61
CA GLY F 1106 89.25 -16.83 92.61
C GLY F 1106 88.39 -15.71 92.04
N ASN F 1107 88.64 -15.34 90.80
CA ASN F 1107 87.89 -14.29 90.11
C ASN F 1107 87.40 -14.86 88.79
N TRP F 1108 86.08 -14.89 88.60
CA TRP F 1108 85.48 -15.56 87.46
C TRP F 1108 84.70 -14.57 86.60
N ILE F 1109 84.31 -15.04 85.42
CA ILE F 1109 83.51 -14.27 84.47
C ILE F 1109 82.44 -15.18 83.90
N PHE F 1110 81.17 -14.85 84.13
CA PHE F 1110 80.07 -15.54 83.50
C PHE F 1110 79.47 -14.70 82.40
N PRO F 1111 78.85 -15.32 81.41
CA PRO F 1111 77.73 -14.69 80.73
C PRO F 1111 76.47 -14.87 81.56
N LEU F 1112 75.50 -13.99 81.33
CA LEU F 1112 74.26 -14.04 82.10
C LEU F 1112 73.42 -15.26 81.76
N ALA F 1113 73.44 -15.69 80.49
CA ALA F 1113 72.64 -16.83 80.06
C ALA F 1113 73.14 -18.13 80.67
N LEU F 1114 74.43 -18.22 81.00
CA LEU F 1114 74.95 -19.41 81.64
C LEU F 1114 74.38 -19.58 83.04
N TRP F 1115 74.25 -18.48 83.78
CA TRP F 1115 73.58 -18.55 85.08
C TRP F 1115 72.09 -18.81 84.91
N GLN F 1116 71.48 -18.20 83.88
CA GLN F 1116 70.03 -18.36 83.72
C GLN F 1116 69.64 -19.79 83.37
N MET F 1117 70.44 -20.49 82.57
CA MET F 1117 70.12 -21.87 82.24
C MET F 1117 70.36 -22.82 83.40
N ASN F 1118 71.03 -22.38 84.47
CA ASN F 1118 71.34 -23.25 85.60
C ASN F 1118 71.10 -22.51 86.90
N THR F 1119 70.03 -21.71 86.95
CA THR F 1119 69.75 -20.81 88.06
C THR F 1119 69.40 -21.50 89.37
N ARG F 1120 69.23 -22.82 89.38
CA ARG F 1120 69.02 -23.55 90.62
C ARG F 1120 70.24 -24.38 90.99
N TYR F 1121 70.83 -25.05 90.02
CA TYR F 1121 71.95 -25.95 90.32
C TYR F 1121 73.20 -25.16 90.66
N PHE F 1122 73.38 -24.00 90.04
CA PHE F 1122 74.43 -23.10 90.50
C PHE F 1122 74.11 -22.54 91.87
N ASN F 1123 72.82 -22.28 92.11
CA ASN F 1123 72.40 -21.58 93.31
C ASN F 1123 72.62 -22.40 94.57
N GLN F 1124 72.66 -23.73 94.46
CA GLN F 1124 72.95 -24.61 95.58
C GLN F 1124 74.41 -25.02 95.65
N GLN F 1125 75.26 -24.54 94.75
CA GLN F 1125 76.68 -24.84 94.80
C GLN F 1125 77.54 -23.65 95.19
N PHE F 1126 77.07 -22.43 95.00
CA PHE F 1126 77.96 -21.29 95.09
C PHE F 1126 77.64 -20.30 96.21
N ASP F 1127 76.50 -20.40 96.87
CA ASP F 1127 76.15 -19.39 97.87
C ASP F 1127 77.03 -19.50 99.11
N ALA F 1128 77.42 -20.72 99.49
CA ALA F 1128 78.29 -20.89 100.63
C ALA F 1128 79.71 -20.38 100.37
N TRP F 1129 80.09 -20.23 99.11
CA TRP F 1129 81.41 -19.76 98.75
C TRP F 1129 81.44 -18.28 98.40
N ILE F 1130 80.32 -17.70 98.00
CA ILE F 1130 80.28 -16.25 97.82
C ILE F 1130 80.16 -15.55 99.16
N LYS F 1131 79.37 -16.12 100.07
CA LYS F 1131 79.06 -15.43 101.32
C LYS F 1131 80.26 -15.43 102.26
N THR F 1132 80.99 -16.53 102.34
CA THR F 1132 82.13 -16.63 103.24
C THR F 1132 83.45 -16.77 102.50
N GLY F 1133 83.53 -17.66 101.52
CA GLY F 1133 84.77 -17.93 100.83
C GLY F 1133 85.19 -16.82 99.90
N GLU F 1134 86.31 -17.05 99.23
CA GLU F 1134 86.92 -16.03 98.37
C GLU F 1134 86.57 -16.30 96.90
N LEU F 1135 85.28 -16.22 96.62
CA LEU F 1135 84.76 -16.39 95.26
C LEU F 1135 84.14 -15.07 94.81
N ARG F 1136 84.59 -14.56 93.67
CA ARG F 1136 84.09 -13.31 93.13
C ARG F 1136 83.70 -13.54 91.68
N ILE F 1137 82.44 -13.29 91.35
CA ILE F 1137 81.89 -13.61 90.03
C ILE F 1137 81.47 -12.32 89.35
N ARG F 1138 81.93 -12.14 88.12
CA ARG F 1138 81.51 -11.02 87.27
C ARG F 1138 80.51 -11.54 86.25
N ILE F 1139 79.26 -11.10 86.36
CA ILE F 1139 78.19 -11.57 85.48
C ILE F 1139 77.95 -10.52 84.41
N GLU F 1140 78.40 -10.82 83.19
CA GLU F 1140 78.31 -9.86 82.09
C GLU F 1140 76.88 -9.72 81.60
N MET F 1141 76.35 -8.50 81.66
CA MET F 1141 74.96 -8.25 81.29
C MET F 1141 74.79 -7.20 80.20
N GLY F 1142 75.56 -6.12 80.24
CA GLY F 1142 75.41 -5.07 79.25
C GLY F 1142 74.47 -3.96 79.70
N ALA F 1143 73.22 -4.31 79.97
CA ALA F 1143 72.24 -3.35 80.45
C ALA F 1143 71.38 -4.02 81.50
N TYR F 1144 71.01 -3.25 82.54
CA TYR F 1144 70.19 -3.79 83.60
C TYR F 1144 69.51 -2.67 84.35
N PRO F 1145 68.26 -2.83 84.75
CA PRO F 1145 67.62 -1.85 85.62
C PRO F 1145 68.01 -2.07 87.07
N TYR F 1146 68.00 -0.98 87.84
CA TYR F 1146 68.49 -1.03 89.20
C TYR F 1146 67.51 -0.33 90.14
N MET F 1147 67.65 -0.64 91.43
CA MET F 1147 66.95 0.10 92.47
C MET F 1147 67.90 0.25 93.65
N LEU F 1148 67.56 1.18 94.53
CA LEU F 1148 68.49 1.64 95.56
C LEU F 1148 67.92 1.45 96.95
N HIS F 1149 68.81 1.18 97.89
CA HIS F 1149 68.49 1.12 99.31
C HIS F 1149 69.55 1.92 100.04
N TYR F 1150 69.13 2.95 100.77
CA TYR F 1150 70.08 3.85 101.43
C TYR F 1150 70.20 3.42 102.88
N TYR F 1151 71.37 2.93 103.26
CA TYR F 1151 71.61 2.61 104.66
C TYR F 1151 72.21 3.82 105.37
N ASP F 1152 72.08 3.82 106.67
CA ASP F 1152 72.70 4.90 107.41
C ASP F 1152 74.09 4.49 107.85
N PRO F 1153 75.12 5.32 107.62
CA PRO F 1153 76.50 4.88 107.83
C PRO F 1153 76.92 4.77 109.28
N ARG F 1154 76.08 5.20 110.22
CA ARG F 1154 76.44 5.12 111.62
C ARG F 1154 76.28 3.71 112.18
N GLN F 1155 75.47 2.86 111.54
CA GLN F 1155 75.19 1.53 112.05
C GLN F 1155 75.66 0.45 111.08
N TYR F 1156 75.39 -0.79 111.47
CA TYR F 1156 75.77 -1.98 110.74
C TYR F 1156 74.86 -2.18 109.52
N ALA F 1157 75.37 -2.88 108.52
CA ALA F 1157 74.59 -3.12 107.30
C ALA F 1157 75.04 -4.42 106.66
N ASN F 1158 74.09 -5.18 106.12
CA ASN F 1158 74.34 -6.47 105.50
C ASN F 1158 73.54 -6.52 104.20
N ALA F 1159 74.19 -6.92 103.13
CA ALA F 1159 73.56 -6.95 101.83
C ALA F 1159 73.07 -8.34 101.41
N TRP F 1160 73.34 -9.36 102.21
CA TRP F 1160 73.04 -10.74 101.80
C TRP F 1160 71.56 -10.99 101.64
N ASN F 1161 70.74 -10.36 102.47
CA ASN F 1161 69.29 -10.56 102.38
C ASN F 1161 68.70 -9.95 101.12
N LEU F 1162 69.40 -9.03 100.46
CA LEU F 1162 68.97 -8.53 99.17
C LEU F 1162 69.62 -9.29 98.02
N THR F 1163 70.91 -9.59 98.12
CA THR F 1163 71.61 -10.23 97.02
C THR F 1163 71.17 -11.68 96.84
N SER F 1164 70.94 -12.40 97.93
CA SER F 1164 70.46 -13.76 97.82
C SER F 1164 69.02 -13.80 97.30
N ALA F 1165 68.20 -12.81 97.65
CA ALA F 1165 66.87 -12.73 97.10
C ALA F 1165 66.88 -12.39 95.62
N TRP F 1166 67.91 -11.70 95.15
CA TRP F 1166 68.05 -11.47 93.71
C TRP F 1166 68.52 -12.73 92.99
N LEU F 1167 69.57 -13.37 93.52
CA LEU F 1167 70.16 -14.54 92.89
C LEU F 1167 69.23 -15.74 92.89
N GLU F 1168 68.35 -15.84 93.89
CA GLU F 1168 67.39 -16.94 93.90
C GLU F 1168 66.31 -16.74 92.86
N GLU F 1169 66.06 -15.50 92.45
CA GLU F 1169 64.95 -15.20 91.56
C GLU F 1169 65.42 -14.82 90.16
N ILE F 1170 66.71 -14.95 89.87
CA ILE F 1170 67.12 -15.09 88.47
C ILE F 1170 66.50 -16.36 87.92
N THR F 1171 65.91 -16.28 86.74
CA THR F 1171 65.00 -17.27 86.17
C THR F 1171 65.40 -17.41 84.71
N PRO F 1172 65.22 -18.59 84.10
CA PRO F 1172 65.57 -18.76 82.68
C PRO F 1172 64.82 -17.88 81.69
N THR F 1173 63.82 -17.11 82.12
CA THR F 1173 63.17 -16.18 81.22
C THR F 1173 62.98 -14.79 81.82
N SER F 1174 63.50 -14.53 83.02
CA SER F 1174 63.32 -13.23 83.65
C SER F 1174 64.39 -13.01 84.70
N ILE F 1175 64.71 -11.75 84.94
CA ILE F 1175 65.48 -11.37 86.13
C ILE F 1175 64.76 -10.22 86.82
N PRO F 1176 64.89 -10.05 88.12
CA PRO F 1176 64.44 -8.83 88.77
C PRO F 1176 65.54 -7.79 88.83
N SER F 1177 65.14 -6.57 89.15
CA SER F 1177 66.06 -5.43 89.15
C SER F 1177 67.11 -5.59 90.24
N VAL F 1178 68.27 -4.97 90.01
CA VAL F 1178 69.49 -5.25 90.76
C VAL F 1178 69.53 -4.30 91.95
N PRO F 1179 69.65 -4.81 93.18
CA PRO F 1179 69.66 -3.91 94.34
C PRO F 1179 71.06 -3.44 94.75
N PHE F 1180 71.19 -2.15 95.05
CA PHE F 1180 72.45 -1.56 95.49
C PHE F 1180 72.28 -1.01 96.90
N MET F 1181 73.39 -0.72 97.55
CA MET F 1181 73.38 -0.11 98.88
C MET F 1181 74.43 0.99 98.93
N VAL F 1182 74.02 2.22 98.71
CA VAL F 1182 74.94 3.35 98.82
C VAL F 1182 74.71 3.99 100.17
N PRO F 1183 75.66 4.69 100.76
CA PRO F 1183 75.43 5.31 102.07
C PRO F 1183 74.65 6.61 101.93
N ILE F 1184 74.46 7.27 103.06
CA ILE F 1184 73.80 8.56 103.15
C ILE F 1184 74.83 9.58 103.60
N SER F 1185 75.10 10.57 102.74
CA SER F 1185 76.13 11.55 103.04
C SER F 1185 75.64 12.51 104.12
N SER F 1186 76.56 12.93 104.98
CA SER F 1186 76.22 13.72 106.15
C SER F 1186 77.05 15.00 106.19
N ASP F 1187 76.57 15.96 106.96
CA ASP F 1187 77.22 17.27 107.08
C ASP F 1187 78.35 17.22 108.12
N HIS F 1188 77.99 17.01 109.37
CA HIS F 1188 78.98 16.89 110.42
C HIS F 1188 79.61 15.51 110.35
N ASP F 1189 80.77 15.37 111.00
CA ASP F 1189 81.46 14.09 110.99
C ASP F 1189 80.71 13.07 111.85
N ILE F 1190 80.73 11.82 111.40
CA ILE F 1190 79.99 10.75 112.04
C ILE F 1190 80.97 9.67 112.48
N SER F 1191 80.55 8.91 113.48
CA SER F 1191 81.28 7.72 113.84
C SER F 1191 81.06 6.65 112.78
N SER F 1192 82.07 5.81 112.57
CA SER F 1192 82.06 4.86 111.48
C SER F 1192 81.75 3.46 112.00
N ALA F 1193 81.04 2.68 111.20
CA ALA F 1193 80.60 1.34 111.54
C ALA F 1193 80.85 0.40 110.36
N PRO F 1194 81.17 -0.86 110.61
CA PRO F 1194 81.43 -1.78 109.51
C PRO F 1194 80.16 -2.15 108.77
N ALA F 1195 80.26 -2.20 107.44
CA ALA F 1195 79.13 -2.49 106.59
C ALA F 1195 79.60 -3.30 105.40
N VAL F 1196 79.04 -4.48 105.22
CA VAL F 1196 79.38 -5.33 104.09
C VAL F 1196 78.42 -5.02 102.95
N GLN F 1197 78.89 -5.26 101.73
CA GLN F 1197 78.06 -5.13 100.55
C GLN F 1197 78.63 -6.03 99.46
N TYR F 1198 77.75 -6.57 98.63
CA TYR F 1198 78.10 -7.69 97.77
C TYR F 1198 78.02 -7.40 96.29
N ILE F 1199 77.17 -6.49 95.84
CA ILE F 1199 77.05 -6.17 94.42
C ILE F 1199 77.61 -4.78 94.20
N ILE F 1200 78.63 -4.67 93.35
CA ILE F 1200 79.17 -3.39 92.92
C ILE F 1200 79.00 -3.29 91.42
N SER F 1201 79.03 -2.07 90.91
CA SER F 1201 79.01 -1.89 89.47
C SER F 1201 80.43 -2.00 88.93
N THR F 1202 80.56 -1.84 87.61
CA THR F 1202 81.87 -1.91 86.97
C THR F 1202 82.39 -0.53 86.61
N GLU F 1203 81.61 0.23 85.86
CA GLU F 1203 81.96 1.58 85.47
C GLU F 1203 81.07 2.58 86.19
N TYR F 1204 81.23 3.84 85.83
CA TYR F 1204 80.49 4.91 86.49
C TYR F 1204 79.03 4.88 86.08
N ASN F 1205 78.14 4.85 87.07
CA ASN F 1205 76.70 4.87 86.83
C ASN F 1205 76.02 5.80 87.82
N ASP F 1206 76.70 6.88 88.18
CA ASP F 1206 76.15 7.78 89.18
C ASP F 1206 75.93 9.14 88.54
N ARG F 1207 75.32 9.13 87.37
CA ARG F 1207 75.07 10.38 86.66
C ARG F 1207 73.81 11.07 87.15
N SER F 1208 72.82 10.30 87.60
CA SER F 1208 71.52 10.84 87.99
C SER F 1208 71.54 11.58 89.31
N LEU F 1209 72.63 11.51 90.07
CA LEU F 1209 72.73 12.26 91.32
C LEU F 1209 72.79 13.75 91.01
N PHE F 1210 72.00 14.54 91.73
CA PHE F 1210 71.93 15.97 91.44
C PHE F 1210 72.76 16.79 92.42
N CYS F 1211 72.49 16.62 93.72
CA CYS F 1211 73.23 17.37 94.72
C CYS F 1211 73.09 16.64 96.05
N THR F 1212 74.18 16.63 96.81
CA THR F 1212 74.21 16.01 98.13
C THR F 1212 74.31 17.10 99.17
N ASN F 1213 73.39 17.09 100.13
CA ASN F 1213 73.32 18.04 101.25
C ASN F 1213 73.24 19.48 100.75
N SER F 1214 72.17 19.75 100.01
CA SER F 1214 72.06 21.00 99.28
C SER F 1214 71.77 22.20 100.17
N SER F 1215 71.35 21.99 101.41
CA SER F 1215 70.98 23.09 102.28
C SER F 1215 72.09 23.48 103.26
N SER F 1216 73.20 22.77 103.26
CA SER F 1216 74.28 22.89 104.21
C SER F 1216 75.57 23.32 103.51
N PRO F 1217 76.57 23.84 104.23
CA PRO F 1217 77.74 24.40 103.52
C PRO F 1217 78.64 23.36 102.87
N GLN F 1218 78.85 22.20 103.48
CA GLN F 1218 79.74 21.21 102.91
C GLN F 1218 79.18 19.83 103.18
N THR F 1219 79.87 18.82 102.66
CA THR F 1219 79.59 17.42 102.93
C THR F 1219 80.91 16.77 103.34
N ILE F 1220 81.07 16.51 104.63
CA ILE F 1220 82.34 16.01 105.12
C ILE F 1220 82.48 14.51 104.87
N ALA F 1221 81.51 13.73 105.33
CA ALA F 1221 81.55 12.29 105.18
C ALA F 1221 80.50 11.85 104.19
N GLY F 1222 80.85 10.88 103.35
CA GLY F 1222 79.96 10.39 102.33
C GLY F 1222 80.34 10.94 100.97
N PRO F 1223 79.65 10.47 99.93
CA PRO F 1223 79.91 10.98 98.58
C PRO F 1223 79.33 12.37 98.38
N ASP F 1224 80.19 13.35 98.12
CA ASP F 1224 79.69 14.67 97.83
C ASP F 1224 79.61 14.91 96.33
N LYS F 1225 78.70 15.79 95.95
CA LYS F 1225 78.52 16.15 94.55
C LYS F 1225 77.84 17.51 94.53
N HIS F 1226 78.55 18.53 94.03
CA HIS F 1226 78.00 19.87 93.99
C HIS F 1226 76.92 19.97 92.92
N ILE F 1227 76.27 21.13 92.88
CA ILE F 1227 75.25 21.41 91.87
C ILE F 1227 75.96 21.47 90.52
N PRO F 1228 75.52 20.68 89.53
CA PRO F 1228 76.30 20.53 88.30
C PRO F 1228 76.33 21.79 87.44
N VAL F 1229 77.51 22.40 87.39
CA VAL F 1229 77.71 23.64 86.66
C VAL F 1229 77.61 23.42 85.16
N GLU F 1230 78.06 22.26 84.68
CA GLU F 1230 78.05 21.97 83.25
C GLU F 1230 76.64 21.78 82.70
N ARG F 1231 75.67 21.50 83.56
CA ARG F 1231 74.28 21.54 83.12
C ARG F 1231 73.85 22.97 82.87
N TYR F 1232 73.97 23.82 83.89
CA TYR F 1232 73.49 25.20 83.81
C TYR F 1232 74.59 26.05 83.21
N ASN F 1233 74.66 26.02 81.88
CA ASN F 1233 75.76 26.64 81.17
C ASN F 1233 75.62 28.16 81.15
N ILE F 1234 74.48 28.65 80.68
CA ILE F 1234 74.36 30.07 80.35
C ILE F 1234 74.23 30.97 81.56
N LEU F 1235 74.06 30.42 82.76
CA LEU F 1235 74.25 31.25 83.94
C LEU F 1235 75.70 31.35 84.36
N THR F 1236 76.46 30.28 84.18
CA THR F 1236 77.79 30.16 84.77
C THR F 1236 78.90 30.36 83.76
N ASN F 1237 78.58 30.85 82.57
CA ASN F 1237 79.60 31.16 81.57
C ASN F 1237 79.23 32.51 80.96
N PRO F 1238 79.90 33.59 81.37
CA PRO F 1238 79.63 34.89 80.75
C PRO F 1238 80.08 34.97 79.30
N ASP F 1239 81.02 34.12 78.88
CA ASP F 1239 81.52 34.11 77.53
C ASP F 1239 80.73 33.19 76.61
N ALA F 1240 79.51 32.84 76.97
CA ALA F 1240 78.74 31.95 76.14
C ALA F 1240 77.60 32.69 75.46
N PRO F 1241 77.29 32.35 74.21
CA PRO F 1241 76.11 32.92 73.56
C PRO F 1241 74.85 32.39 74.20
N PRO F 1242 73.72 33.12 74.09
CA PRO F 1242 72.51 32.71 74.81
C PRO F 1242 71.88 31.43 74.30
N THR F 1243 71.76 31.26 72.99
CA THR F 1243 71.07 30.08 72.44
C THR F 1243 72.03 28.93 72.14
N GLN F 1244 72.87 28.60 73.10
CA GLN F 1244 73.85 27.53 72.93
C GLN F 1244 73.35 26.26 73.59
N ILE F 1245 73.32 25.17 72.84
CA ILE F 1245 73.08 23.85 73.41
C ILE F 1245 74.29 22.98 73.11
N GLN F 1246 74.57 22.06 74.02
CA GLN F 1246 75.53 20.97 73.81
C GLN F 1246 74.78 19.66 74.03
N LEU F 1247 74.10 19.23 73.00
CA LEU F 1247 72.98 18.31 73.14
C LEU F 1247 73.32 16.82 73.25
N PRO F 1248 74.13 16.19 72.38
CA PRO F 1248 74.18 14.72 72.40
C PRO F 1248 74.97 14.13 73.54
N GLU F 1249 75.73 14.92 74.31
CA GLU F 1249 76.50 14.34 75.40
C GLU F 1249 76.01 14.73 76.79
N VAL F 1250 75.50 15.96 76.98
CA VAL F 1250 74.92 16.36 78.24
C VAL F 1250 73.58 17.05 77.95
N VAL F 1251 72.83 17.32 79.00
CA VAL F 1251 71.58 18.06 78.90
C VAL F 1251 71.82 19.41 79.58
N ASP F 1252 70.86 20.33 79.48
CA ASP F 1252 71.05 21.67 80.00
C ASP F 1252 70.16 22.03 81.18
N LEU F 1253 68.87 21.69 81.11
CA LEU F 1253 67.83 21.99 82.09
C LEU F 1253 67.56 23.48 82.29
N TYR F 1254 68.14 24.35 81.45
CA TYR F 1254 67.87 25.78 81.44
C TYR F 1254 68.40 26.33 80.13
N ASN F 1255 67.51 26.86 79.28
CA ASN F 1255 67.96 27.60 78.11
C ASN F 1255 66.88 28.58 77.69
N VAL F 1256 67.10 29.19 76.54
CA VAL F 1256 66.11 30.04 75.91
C VAL F 1256 65.10 29.16 75.17
N VAL F 1257 63.82 29.48 75.31
CA VAL F 1257 62.77 28.84 74.55
C VAL F 1257 61.88 29.92 73.95
N THR F 1258 61.49 29.74 72.69
CA THR F 1258 60.62 30.70 72.02
C THR F 1258 59.15 30.35 72.31
N ARG F 1259 58.30 31.37 72.21
CA ARG F 1259 56.90 31.24 72.61
C ARG F 1259 56.01 31.88 71.56
N TYR F 1260 55.18 31.08 70.91
CA TYR F 1260 54.36 31.59 69.82
C TYR F 1260 52.96 31.96 70.30
N ALA F 1261 52.31 32.81 69.51
CA ALA F 1261 50.94 33.23 69.77
C ALA F 1261 50.13 33.18 68.48
N TYR F 1262 50.43 32.20 67.64
CA TYR F 1262 49.73 32.07 66.37
C TYR F 1262 48.34 31.53 66.61
N GLU F 1263 47.32 32.24 66.15
CA GLU F 1263 45.99 31.67 66.14
C GLU F 1263 45.78 30.91 64.84
N THR F 1264 44.93 29.89 64.90
CA THR F 1264 44.67 29.00 63.77
C THR F 1264 43.18 29.00 63.42
N PRO F 1265 42.72 30.00 62.67
CA PRO F 1265 41.30 30.05 62.30
C PRO F 1265 41.03 29.04 61.20
N PRO F 1266 39.77 28.65 60.99
CA PRO F 1266 39.44 27.81 59.84
C PRO F 1266 39.47 28.61 58.54
N ILE F 1267 39.32 27.86 57.44
CA ILE F 1267 39.49 28.45 56.11
C ILE F 1267 38.33 29.37 55.77
N THR F 1268 37.12 28.97 56.15
CA THR F 1268 35.93 29.74 55.82
C THR F 1268 35.77 30.98 56.69
N ALA F 1269 36.52 31.09 57.78
CA ALA F 1269 36.51 32.28 58.60
C ALA F 1269 37.51 33.32 58.11
N VAL F 1270 38.23 33.01 57.04
CA VAL F 1270 39.18 33.94 56.44
C VAL F 1270 38.81 34.25 55.00
N VAL F 1271 38.46 33.23 54.24
CA VAL F 1271 38.18 33.37 52.81
C VAL F 1271 36.67 33.47 52.62
N MET F 1272 36.20 34.61 52.13
CA MET F 1272 34.78 34.79 51.93
C MET F 1272 34.33 34.15 50.63
N GLY F 1273 33.03 34.27 50.33
CA GLY F 1273 32.45 33.52 49.24
C GLY F 1273 32.08 34.30 47.99
N VAL F 1274 31.53 35.50 48.15
CA VAL F 1274 30.90 36.31 47.10
C VAL F 1274 29.87 35.47 46.37
N PRO F 1275 28.67 35.28 46.93
CA PRO F 1275 27.63 34.50 46.26
C PRO F 1275 26.99 35.22 45.08
N GLY G 180 -10.38 -38.63 48.55
CA GLY G 180 -9.44 -37.66 49.10
C GLY G 180 -10.13 -36.60 49.91
N TYR G 181 -9.75 -36.48 51.19
CA TYR G 181 -10.44 -35.57 52.11
C TYR G 181 -9.70 -34.26 52.33
N GLN G 182 -8.47 -34.33 52.86
CA GLN G 182 -7.87 -33.12 53.44
C GLN G 182 -6.37 -33.28 53.57
N CYS G 183 -5.63 -32.27 53.12
CA CYS G 183 -4.19 -32.20 53.31
C CYS G 183 -3.85 -31.70 54.71
N HIS G 184 -2.66 -32.04 55.19
CA HIS G 184 -2.19 -31.55 56.47
C HIS G 184 -0.89 -30.76 56.29
N VAL G 185 -1.04 -29.54 55.76
CA VAL G 185 -0.08 -28.47 55.91
C VAL G 185 -0.91 -27.28 56.36
N CYS G 186 -1.88 -26.93 55.52
CA CYS G 186 -3.01 -26.10 55.88
C CYS G 186 -4.25 -26.99 55.91
N SER G 187 -5.18 -26.67 56.79
CA SER G 187 -6.42 -27.43 56.87
C SER G 187 -7.28 -27.03 55.68
N ALA G 188 -7.07 -27.70 54.55
CA ALA G 188 -7.82 -27.44 53.34
C ALA G 188 -8.43 -28.75 52.84
N VAL G 189 -9.74 -28.76 52.64
CA VAL G 189 -10.43 -29.97 52.22
C VAL G 189 -10.68 -29.93 50.72
N LEU G 190 -10.49 -31.07 50.07
CA LEU G 190 -10.67 -31.21 48.63
C LEU G 190 -11.44 -32.48 48.31
N PHE G 191 -11.51 -32.83 47.03
CA PHE G 191 -11.94 -34.13 46.56
C PHE G 191 -10.93 -34.60 45.53
N SER G 192 -11.08 -35.86 45.06
CA SER G 192 -10.29 -36.45 43.98
C SER G 192 -8.79 -36.39 44.23
N PRO G 193 -8.22 -37.34 44.99
CA PRO G 193 -6.80 -37.24 45.42
C PRO G 193 -5.75 -37.07 44.32
N LEU G 194 -6.12 -37.22 43.04
CA LEU G 194 -5.35 -36.68 41.93
C LEU G 194 -5.15 -35.17 42.06
N ASP G 195 -6.08 -34.47 42.71
CA ASP G 195 -5.83 -33.07 43.07
C ASP G 195 -5.00 -32.96 44.34
N LEU G 196 -5.17 -33.89 45.28
CA LEU G 196 -4.56 -33.74 46.60
C LEU G 196 -3.06 -33.97 46.56
N ASP G 197 -2.58 -34.91 45.74
CA ASP G 197 -1.14 -35.13 45.68
C ASP G 197 -0.43 -33.96 45.00
N ALA G 198 -1.07 -33.34 44.01
CA ALA G 198 -0.54 -32.11 43.44
C ALA G 198 -0.57 -30.97 44.43
N HIS G 199 -1.58 -30.94 45.31
CA HIS G 199 -1.64 -29.92 46.35
C HIS G 199 -0.53 -30.09 47.37
N VAL G 200 -0.21 -31.35 47.72
CA VAL G 200 0.89 -31.61 48.63
C VAL G 200 2.23 -31.29 47.98
N ALA G 201 2.37 -31.58 46.68
CA ALA G 201 3.56 -31.17 45.94
C ALA G 201 3.71 -29.66 45.84
N SER G 202 2.60 -28.93 45.80
CA SER G 202 2.64 -27.48 45.85
C SER G 202 3.05 -26.97 47.22
N HIS G 203 2.64 -27.65 48.30
CA HIS G 203 3.19 -27.33 49.61
C HIS G 203 4.70 -27.57 49.64
N GLY G 204 5.14 -28.67 49.06
CA GLY G 204 6.53 -29.08 49.15
C GLY G 204 7.50 -28.23 48.36
N LEU G 205 7.31 -28.13 47.06
CA LEU G 205 8.22 -27.36 46.21
C LEU G 205 8.04 -25.85 46.42
N ASN G 241 6.62 -63.83 25.19
CA ASN G 241 6.89 -64.22 26.56
C ASN G 241 8.28 -64.82 26.65
N ARG G 242 8.43 -66.04 26.13
CA ARG G 242 9.66 -66.80 26.36
C ARG G 242 10.83 -66.22 25.58
N LYS G 243 10.65 -65.94 24.29
CA LYS G 243 11.72 -65.35 23.50
C LYS G 243 12.06 -63.95 23.96
N THR G 244 11.04 -63.18 24.38
CA THR G 244 11.26 -61.85 24.92
C THR G 244 12.08 -61.90 26.22
N ALA G 245 11.84 -62.91 27.05
CA ALA G 245 12.61 -63.07 28.27
C ALA G 245 14.03 -63.54 28.00
N GLN G 246 14.20 -64.50 27.09
CA GLN G 246 15.53 -65.03 26.82
C GLN G 246 16.38 -64.08 25.99
N LEU G 247 15.78 -63.09 25.35
CA LEU G 247 16.56 -62.15 24.57
C LEU G 247 17.17 -61.06 25.45
N LEU G 248 16.69 -60.89 26.67
CA LEU G 248 17.16 -59.85 27.56
C LEU G 248 17.79 -60.37 28.84
N HIS G 249 17.24 -61.43 29.41
CA HIS G 249 17.61 -61.92 30.74
C HIS G 249 17.81 -63.42 30.71
N ALA G 250 18.64 -63.90 29.78
CA ALA G 250 18.94 -65.32 29.66
C ALA G 250 19.61 -65.85 30.92
N ASP G 251 19.31 -67.11 31.23
CA ASP G 251 19.77 -67.72 32.47
C ASP G 251 21.28 -67.92 32.47
N THR G 252 21.83 -68.04 33.68
CA THR G 252 23.26 -68.10 33.90
C THR G 252 23.62 -69.52 34.31
N PRO G 253 24.46 -70.22 33.56
CA PRO G 253 24.79 -71.59 33.93
C PRO G 253 25.75 -71.65 35.11
N ARG G 254 25.65 -72.73 35.86
CA ARG G 254 26.55 -72.98 36.99
C ARG G 254 27.73 -73.81 36.50
N LEU G 255 28.83 -73.13 36.18
CA LEU G 255 30.01 -73.83 35.68
C LEU G 255 30.84 -74.42 36.81
N VAL G 256 31.29 -73.59 37.74
CA VAL G 256 32.24 -74.01 38.76
C VAL G 256 31.48 -74.64 39.93
N THR G 257 31.83 -75.88 40.25
CA THR G 257 31.24 -76.63 41.34
C THR G 257 32.35 -77.43 42.01
N TRP G 258 32.42 -77.37 43.33
CA TRP G 258 33.50 -77.99 44.08
C TRP G 258 33.03 -79.26 44.76
N ASP G 259 33.99 -80.16 45.00
CA ASP G 259 33.71 -81.49 45.56
C ASP G 259 34.75 -81.77 46.64
N ALA G 260 34.33 -81.71 47.89
CA ALA G 260 35.24 -81.96 48.99
C ALA G 260 35.43 -83.44 49.30
N GLY G 261 34.55 -84.30 48.80
CA GLY G 261 34.69 -85.72 49.00
C GLY G 261 35.67 -86.32 48.01
N LEU G 262 35.84 -87.62 48.11
CA LEU G 262 36.78 -88.31 47.24
C LEU G 262 36.11 -88.67 45.93
N CYS G 263 36.86 -88.54 44.84
CA CYS G 263 36.34 -88.68 43.48
C CYS G 263 36.32 -90.16 43.10
N THR G 264 35.17 -90.79 43.31
CA THR G 264 34.98 -92.14 42.82
C THR G 264 33.55 -92.29 42.34
N SER G 265 33.31 -93.35 41.59
CA SER G 265 31.97 -93.69 41.20
C SER G 265 31.69 -95.18 41.28
N PHE G 266 32.69 -95.99 41.64
CA PHE G 266 32.54 -97.44 41.70
C PHE G 266 32.74 -97.86 43.15
N LYS G 267 31.71 -98.43 43.76
CA LYS G 267 31.82 -98.90 45.13
C LYS G 267 31.89 -100.41 45.15
N ILE G 268 32.21 -100.95 46.32
CA ILE G 268 32.38 -102.39 46.51
C ILE G 268 31.36 -102.83 47.54
N VAL G 269 30.32 -103.53 47.09
CA VAL G 269 29.23 -103.93 47.99
C VAL G 269 29.37 -105.41 48.30
N PRO G 270 29.18 -105.83 49.55
CA PRO G 270 29.17 -107.26 49.85
C PRO G 270 27.86 -107.90 49.41
N ILE G 271 27.91 -109.20 49.17
CA ILE G 271 26.72 -109.91 48.71
C ILE G 271 26.27 -110.92 49.75
N VAL G 272 27.10 -111.92 50.03
CA VAL G 272 26.73 -112.92 51.02
C VAL G 272 27.73 -112.86 52.18
N PRO G 273 27.28 -113.02 53.42
CA PRO G 273 28.20 -112.88 54.55
C PRO G 273 29.08 -114.11 54.73
N ALA G 274 30.32 -113.83 55.16
CA ALA G 274 31.26 -114.90 55.45
C ALA G 274 30.85 -115.63 56.73
N GLN G 275 31.33 -116.86 56.88
CA GLN G 275 30.95 -117.67 58.03
C GLN G 275 31.93 -117.41 59.19
N VAL G 276 31.73 -116.28 59.83
CA VAL G 276 32.53 -115.88 60.98
C VAL G 276 32.38 -116.80 62.21
N PRO G 277 31.21 -117.45 62.55
CA PRO G 277 31.25 -118.35 63.71
C PRO G 277 31.62 -119.79 63.38
N GLN G 278 32.27 -120.04 62.24
CA GLN G 278 32.51 -121.40 61.73
C GLN G 278 33.35 -122.24 62.71
N ASP G 279 33.34 -123.55 62.47
CA ASP G 279 33.95 -124.47 63.41
C ASP G 279 35.27 -125.08 62.95
N VAL G 280 35.55 -125.04 61.65
CA VAL G 280 36.81 -125.59 61.15
C VAL G 280 37.98 -124.74 61.60
N LEU G 281 37.77 -123.43 61.68
CA LEU G 281 38.80 -122.50 62.09
C LEU G 281 38.24 -121.60 63.18
N ALA G 282 39.03 -121.36 64.22
CA ALA G 282 38.57 -120.67 65.41
C ALA G 282 38.27 -119.21 65.13
N TYR G 283 37.47 -118.61 66.01
CA TYR G 283 37.01 -117.24 65.77
C TYR G 283 38.10 -116.21 66.05
N THR G 284 39.17 -116.59 66.74
CA THR G 284 40.25 -115.66 66.98
C THR G 284 41.14 -115.46 65.76
N PHE G 285 40.96 -116.27 64.71
CA PHE G 285 41.68 -116.04 63.46
C PHE G 285 41.24 -114.75 62.80
N PHE G 286 39.95 -114.45 62.86
CA PHE G 286 39.38 -113.40 62.04
C PHE G 286 39.61 -112.03 62.65
N THR G 287 39.86 -111.05 61.78
CA THR G 287 39.97 -109.67 62.22
C THR G 287 38.60 -109.02 62.42
N SER G 288 37.52 -109.72 62.06
CA SER G 288 36.19 -109.26 62.43
C SER G 288 35.93 -109.46 63.92
N SER G 289 36.65 -110.37 64.57
CA SER G 289 36.47 -110.60 65.99
C SER G 289 37.07 -109.51 66.86
N TYR G 290 37.82 -108.58 66.27
CA TYR G 290 38.48 -107.51 67.00
C TYR G 290 37.94 -106.14 66.65
N ALA G 291 36.91 -106.08 65.79
CA ALA G 291 36.35 -104.84 65.24
C ALA G 291 37.42 -104.00 64.55
N ILE G 292 38.29 -104.66 63.80
CA ILE G 292 39.31 -103.97 63.01
C ILE G 292 38.68 -103.46 61.73
N GLN G 293 38.76 -102.16 61.49
CA GLN G 293 38.25 -101.60 60.24
C GLN G 293 39.14 -102.02 59.09
N SER G 294 38.52 -102.53 58.03
CA SER G 294 39.25 -103.02 56.87
C SER G 294 38.91 -102.15 55.67
N PRO G 295 39.84 -102.02 54.71
CA PRO G 295 39.53 -101.24 53.50
C PRO G 295 38.52 -101.90 52.59
N PHE G 296 38.30 -103.21 52.73
CA PHE G 296 37.37 -103.90 51.88
C PHE G 296 36.39 -104.67 52.74
N PRO G 297 35.11 -104.74 52.35
CA PRO G 297 34.11 -105.41 53.19
C PRO G 297 34.34 -106.91 53.21
N GLU G 298 34.48 -107.46 54.42
CA GLU G 298 34.66 -108.89 54.54
C GLU G 298 33.34 -109.60 54.28
N ALA G 299 33.38 -110.59 53.38
CA ALA G 299 32.19 -111.27 52.91
C ALA G 299 32.65 -112.53 52.22
N ALA G 300 31.71 -113.44 52.00
CA ALA G 300 32.05 -114.64 51.24
C ALA G 300 32.19 -114.32 49.76
N VAL G 301 31.29 -113.51 49.22
CA VAL G 301 31.34 -113.07 47.83
C VAL G 301 31.06 -111.57 47.80
N SER G 302 31.93 -110.80 47.17
CA SER G 302 31.76 -109.36 47.08
C SER G 302 31.88 -108.92 45.63
N ARG G 303 30.90 -108.14 45.17
CA ARG G 303 30.89 -107.58 43.83
C ARG G 303 31.29 -106.11 43.87
N ILE G 304 31.50 -105.55 42.69
CA ILE G 304 31.68 -104.11 42.55
C ILE G 304 30.56 -103.57 41.67
N VAL G 305 29.88 -102.54 42.15
CA VAL G 305 28.76 -101.93 41.45
C VAL G 305 29.05 -100.45 41.27
N VAL G 306 28.10 -99.75 40.66
CA VAL G 306 28.30 -98.40 40.18
C VAL G 306 27.29 -97.49 40.84
N HIS G 307 27.76 -96.61 41.71
CA HIS G 307 26.95 -95.57 42.32
C HIS G 307 27.75 -94.28 42.22
N THR G 308 27.29 -93.35 41.41
CA THR G 308 27.98 -92.08 41.29
C THR G 308 27.79 -91.27 42.55
N ARG G 309 28.89 -90.75 43.09
CA ARG G 309 28.93 -89.87 44.26
C ARG G 309 28.33 -90.53 45.51
N TRP G 310 28.77 -91.75 45.79
CA TRP G 310 28.45 -92.32 47.09
C TRP G 310 29.40 -91.79 48.16
N ALA G 311 30.52 -91.22 47.76
CA ALA G 311 31.55 -90.76 48.68
C ALA G 311 31.86 -89.28 48.47
N SER G 312 30.88 -88.51 48.02
CA SER G 312 31.10 -87.13 47.65
C SER G 312 30.41 -86.18 48.61
N ASN G 313 30.79 -84.91 48.49
CA ASN G 313 30.25 -83.85 49.33
C ASN G 313 30.37 -82.57 48.52
N VAL G 314 29.26 -82.17 47.89
CA VAL G 314 29.27 -81.04 46.96
C VAL G 314 28.48 -79.89 47.54
N ASP G 315 28.48 -78.76 46.83
CA ASP G 315 27.65 -77.63 47.23
C ASP G 315 26.38 -77.50 46.39
N PHE G 316 26.43 -77.87 45.12
CA PHE G 316 25.30 -77.79 44.21
C PHE G 316 25.21 -79.10 43.46
N ASP G 317 24.17 -79.88 43.73
CA ASP G 317 24.02 -81.18 43.10
C ASP G 317 23.50 -81.03 41.68
N ARG G 318 23.89 -81.96 40.82
CA ARG G 318 23.29 -82.09 39.51
C ARG G 318 22.23 -83.17 39.57
N ASP G 319 20.99 -82.84 39.21
CA ASP G 319 19.89 -83.80 39.31
C ASP G 319 19.99 -84.84 38.20
N SER G 320 21.04 -85.66 38.25
CA SER G 320 21.31 -86.69 37.26
C SER G 320 22.35 -87.61 37.89
N SER G 321 22.02 -88.89 38.02
CA SER G 321 22.92 -89.81 38.69
C SER G 321 22.61 -91.22 38.22
N VAL G 322 23.63 -92.06 38.25
CA VAL G 322 23.51 -93.46 37.88
C VAL G 322 23.63 -94.24 39.18
N ILE G 323 22.51 -94.75 39.68
CA ILE G 323 22.47 -95.50 40.92
C ILE G 323 22.07 -96.92 40.57
N MET G 324 22.92 -97.88 40.91
CA MET G 324 22.66 -99.29 40.63
C MET G 324 22.47 -100.07 41.91
N ALA G 325 21.49 -100.95 41.88
CA ALA G 325 21.34 -101.96 42.90
C ALA G 325 22.44 -103.01 42.73
N PRO G 326 22.78 -103.74 43.79
CA PRO G 326 23.66 -104.89 43.64
C PRO G 326 23.01 -105.96 42.78
N PRO G 327 23.80 -106.81 42.10
CA PRO G 327 23.23 -107.69 41.05
C PRO G 327 22.28 -108.75 41.55
N THR G 328 22.13 -108.94 42.86
CA THR G 328 21.07 -109.81 43.35
C THR G 328 19.71 -109.18 43.15
N GLU G 329 19.63 -107.85 43.13
CA GLU G 329 18.37 -107.16 42.91
C GLU G 329 18.20 -106.90 41.42
N ASN G 330 17.21 -106.10 41.06
CA ASN G 330 16.81 -105.91 39.68
C ASN G 330 17.24 -104.53 39.21
N ASN G 331 17.94 -104.47 38.07
CA ASN G 331 18.40 -103.22 37.50
C ASN G 331 17.72 -102.90 36.19
N ILE G 332 16.49 -103.39 36.00
CA ILE G 332 15.80 -103.18 34.73
C ILE G 332 15.24 -101.78 34.61
N HIS G 333 15.13 -101.05 35.72
CA HIS G 333 14.60 -99.69 35.69
C HIS G 333 15.60 -98.67 35.19
N LEU G 334 16.84 -99.07 34.93
CA LEU G 334 17.79 -98.21 34.26
C LEU G 334 17.81 -98.44 32.76
N PHE G 335 17.15 -99.50 32.28
CA PHE G 335 17.11 -99.80 30.86
C PHE G 335 15.71 -99.76 30.29
N LYS G 336 14.70 -99.54 31.13
CA LYS G 336 13.35 -99.32 30.61
C LYS G 336 12.97 -97.84 30.64
N GLN G 337 13.95 -96.95 30.72
CA GLN G 337 13.66 -95.57 31.07
C GLN G 337 13.22 -94.73 29.86
N LEU G 338 13.81 -94.95 28.69
CA LEU G 338 13.77 -93.88 27.68
C LEU G 338 12.60 -94.00 26.71
N LEU G 339 12.55 -95.07 25.92
CA LEU G 339 11.56 -95.18 24.85
C LEU G 339 10.53 -96.26 25.11
N ASN G 340 10.37 -96.67 26.36
CA ASN G 340 9.47 -97.76 26.71
C ASN G 340 8.21 -97.18 27.34
N THR G 341 7.28 -96.76 26.49
CA THR G 341 5.99 -96.26 26.94
C THR G 341 4.85 -97.19 26.58
N GLU G 342 5.12 -98.28 25.87
CA GLU G 342 4.10 -99.26 25.53
C GLU G 342 4.49 -100.65 26.02
N THR G 343 5.26 -100.71 27.09
CA THR G 343 5.64 -101.97 27.73
C THR G 343 4.72 -102.20 28.92
N LEU G 344 4.07 -103.36 28.94
CA LEU G 344 3.05 -103.61 29.94
C LEU G 344 3.66 -103.89 31.30
N SER G 345 4.55 -104.87 31.36
CA SER G 345 5.05 -105.37 32.64
C SER G 345 6.01 -104.38 33.28
N VAL G 346 6.06 -104.41 34.63
CA VAL G 346 6.96 -103.56 35.38
C VAL G 346 8.34 -104.18 35.55
N ARG G 347 8.60 -105.32 34.92
CA ARG G 347 9.90 -105.96 34.96
C ARG G 347 10.49 -106.19 33.58
N GLY G 348 9.79 -105.80 32.52
CA GLY G 348 10.28 -106.04 31.18
C GLY G 348 10.72 -104.79 30.46
N ALA G 349 11.65 -104.93 29.51
CA ALA G 349 12.13 -103.82 28.72
C ALA G 349 12.38 -104.30 27.31
N ASN G 350 12.31 -103.37 26.37
CA ASN G 350 12.41 -103.71 24.96
C ASN G 350 13.87 -103.89 24.58
N PRO G 351 14.27 -105.03 24.00
CA PRO G 351 15.67 -105.18 23.57
C PRO G 351 16.02 -104.48 22.27
N LEU G 352 15.13 -103.64 21.74
CA LEU G 352 15.47 -102.81 20.60
C LEU G 352 15.82 -101.38 21.00
N MET G 353 15.64 -101.02 22.27
CA MET G 353 15.97 -99.69 22.76
C MET G 353 17.11 -99.71 23.77
N PHE G 354 17.83 -100.83 23.84
CA PHE G 354 18.96 -100.93 24.76
C PHE G 354 20.06 -99.93 24.43
N ARG G 355 20.28 -99.65 23.15
CA ARG G 355 21.34 -98.74 22.78
C ARG G 355 21.02 -97.31 23.21
N ALA G 356 19.79 -96.87 22.96
CA ALA G 356 19.38 -95.54 23.41
C ALA G 356 19.39 -95.42 24.92
N ASN G 357 19.00 -96.48 25.63
CA ASN G 357 19.06 -96.49 27.08
C ASN G 357 20.49 -96.39 27.60
N VAL G 358 21.42 -97.13 27.00
CA VAL G 358 22.81 -97.08 27.43
C VAL G 358 23.43 -95.72 27.14
N LEU G 359 23.08 -95.12 25.99
CA LEU G 359 23.60 -93.80 25.67
C LEU G 359 23.10 -92.74 26.65
N HIS G 360 21.82 -92.82 27.02
CA HIS G 360 21.31 -91.87 28.00
C HIS G 360 21.90 -92.09 29.38
N MET G 361 22.20 -93.33 29.74
CA MET G 361 22.88 -93.60 31.00
C MET G 361 24.30 -93.04 31.00
N LEU G 362 25.03 -93.15 29.88
CA LEU G 362 26.37 -92.60 29.84
C LEU G 362 26.37 -91.08 29.87
N LEU G 363 25.37 -90.46 29.24
CA LEU G 363 25.27 -89.00 29.31
C LEU G 363 24.96 -88.52 30.73
N GLU G 364 24.03 -89.22 31.43
CA GLU G 364 23.81 -88.96 32.85
C GLU G 364 25.09 -89.15 33.65
N PHE G 365 25.87 -90.16 33.31
CA PHE G 365 27.07 -90.51 34.06
C PHE G 365 28.15 -89.44 33.93
N VAL G 366 28.27 -88.83 32.76
CA VAL G 366 29.26 -87.77 32.62
C VAL G 366 28.77 -86.46 33.24
N LEU G 367 27.51 -86.10 32.95
CA LEU G 367 26.93 -84.86 33.47
C LEU G 367 26.80 -84.85 34.98
N ASP G 368 26.80 -86.02 35.62
CA ASP G 368 26.98 -86.01 37.06
C ASP G 368 28.41 -85.64 37.42
N ASN G 369 29.40 -86.41 36.94
CA ASN G 369 30.77 -86.31 37.40
C ASN G 369 31.49 -85.02 37.00
N LEU G 370 30.87 -84.12 36.25
CA LEU G 370 31.51 -82.84 35.93
C LEU G 370 31.57 -81.93 37.16
N TYR G 371 32.54 -82.20 38.04
CA TYR G 371 32.83 -81.35 39.20
C TYR G 371 34.30 -80.95 39.20
N LEU G 372 34.72 -80.31 40.30
CA LEU G 372 36.12 -79.97 40.53
C LEU G 372 36.54 -80.49 41.90
N ASN G 373 37.79 -80.92 42.01
CA ASN G 373 38.29 -81.48 43.25
C ASN G 373 38.71 -80.36 44.20
N ARG G 374 38.36 -80.50 45.47
CA ARG G 374 38.53 -79.45 46.45
C ARG G 374 39.57 -79.84 47.49
N HIS G 375 40.41 -78.87 47.86
CA HIS G 375 41.42 -79.04 48.89
C HIS G 375 40.82 -78.73 50.26
N THR G 376 41.00 -79.65 51.21
CA THR G 376 40.33 -79.55 52.51
C THR G 376 41.31 -79.32 53.66
N GLY G 377 42.26 -80.23 53.87
CA GLY G 377 43.14 -80.16 55.01
C GLY G 377 43.77 -81.50 55.28
N PHE G 378 44.80 -81.48 56.12
CA PHE G 378 45.62 -82.66 56.33
C PHE G 378 46.00 -82.80 57.80
N SER G 379 46.57 -83.96 58.11
CA SER G 379 47.03 -84.29 59.45
C SER G 379 48.49 -84.72 59.43
N GLN G 380 48.96 -85.27 60.54
CA GLN G 380 50.15 -86.10 60.52
C GLN G 380 49.87 -87.31 61.38
N ASP G 381 50.15 -88.49 60.86
CA ASP G 381 49.75 -89.72 61.53
C ASP G 381 50.68 -89.96 62.71
N HIS G 382 50.13 -89.86 63.92
CA HIS G 382 50.92 -90.12 65.11
C HIS G 382 51.20 -91.60 65.30
N THR G 383 50.34 -92.45 64.75
CA THR G 383 50.51 -93.89 64.89
C THR G 383 51.63 -94.37 63.97
N PRO G 384 52.29 -95.49 64.30
CA PRO G 384 53.35 -96.00 63.42
C PRO G 384 52.86 -96.63 62.12
N PHE G 385 51.55 -96.64 61.85
CA PHE G 385 51.06 -96.97 60.53
C PHE G 385 51.46 -95.85 59.57
N THR G 386 52.28 -96.17 58.56
CA THR G 386 52.61 -95.28 57.43
C THR G 386 53.20 -93.96 57.93
N GLU G 387 54.43 -94.07 58.43
CA GLU G 387 55.06 -93.03 59.24
C GLU G 387 55.18 -91.69 58.53
N GLY G 388 54.86 -90.63 59.25
CA GLY G 388 54.99 -89.27 58.77
C GLY G 388 54.08 -88.85 57.64
N ALA G 389 53.13 -89.68 57.24
CA ALA G 389 52.29 -89.34 56.11
C ALA G 389 51.27 -88.27 56.49
N ASN G 390 50.88 -87.47 55.51
CA ASN G 390 49.91 -86.40 55.70
C ASN G 390 48.58 -86.87 55.13
N LEU G 391 47.64 -87.18 56.00
CA LEU G 391 46.40 -87.84 55.63
C LEU G 391 45.28 -86.82 55.47
N ARG G 392 44.49 -86.97 54.40
CA ARG G 392 43.44 -86.01 54.11
C ARG G 392 42.31 -86.19 55.13
N SER G 393 41.61 -85.10 55.42
CA SER G 393 40.46 -85.14 56.32
C SER G 393 39.26 -84.56 55.60
N LEU G 394 38.36 -85.42 55.18
CA LEU G 394 37.26 -84.85 54.42
C LEU G 394 36.10 -84.51 55.34
N PRO G 395 35.39 -83.42 55.08
CA PRO G 395 34.34 -82.98 56.01
C PRO G 395 33.09 -83.83 55.90
N GLY G 396 32.22 -83.67 56.89
CA GLY G 396 30.97 -84.39 56.93
C GLY G 396 30.50 -84.61 58.35
N PRO G 397 29.49 -85.47 58.52
CA PRO G 397 29.04 -85.77 59.89
C PRO G 397 30.03 -86.61 60.67
N ASP G 398 30.64 -87.61 60.05
CA ASP G 398 31.74 -88.35 60.65
C ASP G 398 32.87 -88.48 59.65
N ALA G 399 34.01 -88.91 60.16
CA ALA G 399 35.15 -89.20 59.30
C ALA G 399 35.89 -90.47 59.68
N GLU G 400 35.45 -91.16 60.74
CA GLU G 400 36.19 -92.32 61.21
C GLU G 400 36.04 -93.51 60.29
N LYS G 401 34.91 -93.62 59.60
CA LYS G 401 34.71 -94.72 58.66
C LYS G 401 35.42 -94.50 57.34
N TRP G 402 35.99 -93.33 57.11
CA TRP G 402 36.57 -93.00 55.82
C TRP G 402 38.05 -93.30 55.72
N TYR G 403 38.77 -93.34 56.84
CA TYR G 403 40.22 -93.44 56.78
C TYR G 403 40.68 -94.86 56.50
N SER G 404 39.79 -95.83 56.60
CA SER G 404 40.10 -97.16 56.11
C SER G 404 39.77 -97.31 54.64
N ILE G 405 38.72 -96.64 54.16
CA ILE G 405 38.34 -96.74 52.76
C ILE G 405 39.31 -95.98 51.88
N MET G 406 39.79 -94.83 52.34
CA MET G 406 40.71 -94.02 51.55
C MET G 406 42.07 -94.67 51.42
N TYR G 407 42.59 -95.27 52.50
CA TYR G 407 43.97 -95.73 52.57
C TYR G 407 44.01 -97.22 52.85
N PRO G 408 44.05 -98.06 51.82
CA PRO G 408 44.15 -99.50 52.05
C PRO G 408 45.48 -99.92 52.62
N THR G 409 46.53 -99.16 52.38
CA THR G 409 47.85 -99.53 52.84
C THR G 409 48.14 -99.10 54.26
N ARG G 410 47.17 -98.54 54.97
CA ARG G 410 47.43 -98.09 56.33
C ARG G 410 47.22 -99.20 57.35
N MET G 411 46.32 -100.14 57.05
CA MET G 411 45.98 -101.22 57.98
C MET G 411 47.15 -102.16 58.18
N GLY G 412 47.33 -102.61 59.42
CA GLY G 412 48.32 -103.63 59.70
C GLY G 412 47.93 -104.98 59.11
N THR G 413 48.95 -105.83 58.93
CA THR G 413 48.77 -107.14 58.28
C THR G 413 49.20 -108.25 59.21
N PRO G 414 48.30 -108.76 60.06
CA PRO G 414 48.64 -109.92 60.89
C PRO G 414 48.29 -111.26 60.29
N ASN G 415 47.52 -111.28 59.22
CA ASN G 415 46.78 -112.47 58.86
C ASN G 415 47.28 -113.04 57.56
N VAL G 416 46.78 -114.22 57.22
CA VAL G 416 47.04 -114.81 55.91
C VAL G 416 45.69 -114.80 55.21
N SER G 417 44.78 -113.98 55.73
CA SER G 417 43.58 -113.59 55.01
C SER G 417 43.95 -112.86 53.73
N LYS G 418 43.04 -112.88 52.75
CA LYS G 418 43.36 -112.38 51.42
C LYS G 418 43.61 -110.87 51.40
N ILE G 419 42.90 -110.12 52.24
CA ILE G 419 43.15 -108.68 52.33
C ILE G 419 44.54 -108.43 52.92
N CYS G 420 44.95 -109.22 53.89
CA CYS G 420 46.28 -109.08 54.45
C CYS G 420 47.36 -109.70 53.57
N ASN G 421 47.00 -110.58 52.62
CA ASN G 421 47.95 -110.96 51.59
C ASN G 421 48.18 -109.82 50.62
N PHE G 422 47.12 -109.05 50.35
CA PHE G 422 47.21 -107.92 49.44
C PHE G 422 48.03 -106.79 50.03
N VAL G 423 47.67 -106.35 51.24
CA VAL G 423 48.28 -105.16 51.83
C VAL G 423 49.74 -105.40 52.18
N ALA G 424 50.08 -106.62 52.60
CA ALA G 424 51.48 -106.95 52.82
C ALA G 424 52.27 -107.05 51.53
N SER G 425 51.59 -107.27 50.40
CA SER G 425 52.26 -107.25 49.10
C SER G 425 52.42 -105.85 48.55
N CYS G 426 51.61 -104.91 49.03
CA CYS G 426 51.65 -103.54 48.51
C CYS G 426 52.95 -102.81 48.90
N VAL G 427 53.09 -101.59 48.39
CA VAL G 427 54.24 -100.75 48.65
C VAL G 427 53.84 -99.72 49.69
N ARG G 428 54.84 -99.10 50.33
CA ARG G 428 54.59 -98.34 51.55
C ARG G 428 54.67 -96.82 51.36
N ASN G 429 55.58 -96.32 50.52
CA ASN G 429 55.83 -94.89 50.49
C ASN G 429 54.78 -94.08 49.72
N ARG G 430 53.77 -94.72 49.14
CA ARG G 430 52.78 -94.04 48.32
C ARG G 430 51.48 -93.96 49.12
N VAL G 431 51.37 -92.93 49.95
CA VAL G 431 50.23 -92.77 50.84
C VAL G 431 50.14 -91.29 51.22
N GLY G 432 48.92 -90.76 51.22
CA GLY G 432 48.70 -89.40 51.65
C GLY G 432 49.17 -88.36 50.66
N ARG G 433 49.61 -87.20 51.16
CA ARG G 433 50.05 -86.11 50.34
C ARG G 433 51.55 -86.21 50.07
N PHE G 434 51.96 -85.89 48.84
CA PHE G 434 53.39 -85.92 48.52
C PHE G 434 53.82 -84.73 47.67
N ASP G 435 52.96 -83.75 47.44
CA ASP G 435 53.32 -82.59 46.63
C ASP G 435 52.38 -81.46 47.02
N ARG G 436 52.90 -80.23 46.95
CA ARG G 436 52.09 -79.05 47.19
C ARG G 436 52.77 -77.86 46.55
N ALA G 437 52.01 -76.79 46.36
CA ALA G 437 52.52 -75.53 45.82
C ALA G 437 52.21 -74.45 46.85
N GLN G 438 53.10 -74.30 47.83
CA GLN G 438 52.93 -73.35 48.91
C GLN G 438 53.54 -72.03 48.46
N MET G 439 52.68 -71.08 48.09
CA MET G 439 53.17 -69.83 47.52
C MET G 439 53.34 -68.73 48.56
N MET G 440 52.56 -68.74 49.65
CA MET G 440 52.63 -67.67 50.63
C MET G 440 52.58 -68.26 52.03
N ASN G 441 53.08 -67.48 52.99
CA ASN G 441 53.08 -67.89 54.38
C ASN G 441 51.76 -67.52 55.03
N GLY G 442 51.08 -68.50 55.60
CA GLY G 442 49.79 -68.24 56.20
C GLY G 442 48.66 -68.13 55.20
N ALA G 443 48.75 -68.85 54.09
CA ALA G 443 47.67 -68.91 53.13
C ALA G 443 47.47 -70.37 52.74
N MET G 444 46.49 -70.61 51.89
CA MET G 444 46.23 -71.96 51.40
C MET G 444 47.35 -72.41 50.47
N SER G 445 47.68 -73.69 50.53
CA SER G 445 48.41 -74.30 49.44
C SER G 445 47.51 -74.30 48.21
N GLU G 446 48.13 -74.15 47.04
CA GLU G 446 47.33 -74.00 45.84
C GLU G 446 46.74 -75.32 45.38
N TRP G 447 47.60 -76.28 45.05
CA TRP G 447 47.16 -77.58 44.62
C TRP G 447 48.06 -78.62 45.25
N VAL G 448 47.48 -79.76 45.64
CA VAL G 448 48.26 -80.85 46.20
C VAL G 448 48.05 -82.09 45.33
N ASP G 449 48.93 -83.08 45.52
CA ASP G 449 48.76 -84.39 44.92
C ASP G 449 48.67 -85.42 46.03
N VAL G 450 47.58 -86.18 46.05
CA VAL G 450 47.34 -87.17 47.10
C VAL G 450 47.22 -88.54 46.48
N PHE G 451 47.85 -89.53 47.13
CA PHE G 451 47.56 -90.93 46.82
C PHE G 451 46.36 -91.33 47.64
N GLU G 452 45.27 -91.73 46.99
CA GLU G 452 44.09 -92.16 47.72
C GLU G 452 43.20 -93.00 46.81
N THR G 453 42.09 -93.46 47.36
CA THR G 453 41.14 -94.25 46.59
C THR G 453 40.36 -93.34 45.66
N SER G 454 40.38 -93.67 44.38
CA SER G 454 39.63 -92.97 43.36
C SER G 454 39.30 -94.00 42.29
N ASP G 455 38.98 -93.55 41.07
CA ASP G 455 39.21 -94.37 39.89
C ASP G 455 39.52 -93.49 38.70
N ALA G 456 40.28 -94.06 37.77
CA ALA G 456 40.89 -93.35 36.66
C ALA G 456 39.87 -92.70 35.76
N LEU G 457 38.67 -93.24 35.69
CA LEU G 457 37.67 -92.70 34.77
C LEU G 457 37.13 -91.36 35.27
N THR G 458 36.75 -91.27 36.54
CA THR G 458 36.27 -89.97 36.99
C THR G 458 37.41 -89.01 37.28
N VAL G 459 38.62 -89.52 37.55
CA VAL G 459 39.78 -88.64 37.61
C VAL G 459 40.05 -88.03 36.25
N SER G 460 39.88 -88.81 35.18
CA SER G 460 40.06 -88.30 33.82
C SER G 460 38.98 -87.30 33.46
N ILE G 461 37.72 -87.58 33.83
CA ILE G 461 36.64 -86.66 33.51
C ILE G 461 36.83 -85.33 34.22
N ARG G 462 37.15 -85.35 35.51
CA ARG G 462 37.36 -84.11 36.22
C ARG G 462 38.65 -83.40 35.80
N GLY G 463 39.64 -84.14 35.32
CA GLY G 463 40.85 -83.51 34.80
C GLY G 463 40.64 -82.79 33.49
N ARG G 464 39.94 -83.43 32.55
CA ARG G 464 39.64 -82.75 31.29
C ARG G 464 38.69 -81.58 31.49
N TRP G 465 37.76 -81.69 32.46
CA TRP G 465 36.91 -80.53 32.76
C TRP G 465 37.69 -79.40 33.41
N MET G 466 38.68 -79.72 34.24
CA MET G 466 39.53 -78.69 34.82
C MET G 466 40.37 -78.01 33.77
N ALA G 467 40.87 -78.76 32.79
CA ALA G 467 41.63 -78.15 31.70
C ALA G 467 40.74 -77.29 30.81
N ARG G 468 39.51 -77.74 30.56
CA ARG G 468 38.57 -76.95 29.77
C ARG G 468 38.22 -75.64 30.45
N LEU G 469 38.06 -75.66 31.78
CA LEU G 469 37.83 -74.40 32.48
C LEU G 469 39.10 -73.55 32.56
N ALA G 470 40.27 -74.17 32.69
CA ALA G 470 41.50 -73.40 32.80
C ALA G 470 41.90 -72.76 31.49
N ARG G 471 41.35 -73.22 30.36
CA ARG G 471 41.58 -72.54 29.09
C ARG G 471 40.90 -71.16 29.07
N MET G 472 39.78 -71.01 29.80
CA MET G 472 39.01 -69.79 29.75
C MET G 472 39.51 -68.70 30.69
N ASN G 473 40.63 -68.90 31.36
CA ASN G 473 40.99 -68.05 32.50
C ASN G 473 41.49 -66.70 32.04
N ILE G 474 41.15 -65.66 32.80
CA ILE G 474 41.63 -64.31 32.57
C ILE G 474 42.13 -63.75 33.89
N ASN G 475 43.12 -62.87 33.80
CA ASN G 475 43.71 -62.28 34.99
C ASN G 475 43.05 -60.93 35.26
N PRO G 476 43.25 -60.33 36.44
CA PRO G 476 42.70 -58.99 36.69
C PRO G 476 43.26 -57.89 35.81
N THR G 477 44.40 -58.09 35.14
CA THR G 477 44.98 -57.02 34.33
C THR G 477 44.24 -56.88 33.01
N GLU G 478 43.93 -58.01 32.36
CA GLU G 478 43.25 -57.96 31.07
C GLU G 478 41.80 -57.55 31.19
N ILE G 479 41.18 -57.69 32.37
CA ILE G 479 39.87 -57.10 32.57
C ILE G 479 39.95 -55.59 32.54
N GLU G 480 40.99 -55.01 33.16
CA GLU G 480 41.23 -53.58 33.09
C GLU G 480 41.50 -53.13 31.66
N TRP G 481 42.35 -53.88 30.95
CA TRP G 481 42.67 -53.53 29.57
C TRP G 481 41.49 -53.69 28.63
N ALA G 482 40.53 -54.55 28.95
CA ALA G 482 39.32 -54.67 28.14
C ALA G 482 38.32 -53.56 28.46
N LEU G 483 38.07 -53.31 29.73
CA LEU G 483 37.07 -52.30 30.10
C LEU G 483 37.53 -50.90 29.76
N THR G 484 38.84 -50.63 29.75
CA THR G 484 39.32 -49.31 29.35
C THR G 484 39.06 -49.06 27.87
N GLU G 485 39.33 -50.06 27.02
CA GLU G 485 39.05 -49.91 25.59
C GLU G 485 37.56 -49.90 25.30
N CYS G 486 36.77 -50.63 26.10
CA CYS G 486 35.32 -50.59 25.91
C CYS G 486 34.74 -49.24 26.31
N ALA G 487 35.33 -48.59 27.32
CA ALA G 487 34.92 -47.24 27.66
C ALA G 487 35.52 -46.21 26.73
N GLN G 488 36.55 -46.59 25.96
CA GLN G 488 37.30 -45.72 25.05
C GLN G 488 37.90 -44.52 25.79
N GLY G 489 38.36 -44.78 27.01
CA GLY G 489 39.11 -43.80 27.77
C GLY G 489 38.29 -43.00 28.76
N TYR G 490 36.96 -43.09 28.71
CA TYR G 490 36.16 -42.24 29.59
C TYR G 490 36.11 -42.78 31.01
N VAL G 491 36.02 -44.11 31.16
CA VAL G 491 35.98 -44.74 32.48
C VAL G 491 37.27 -45.52 32.66
N THR G 492 37.96 -45.26 33.76
CA THR G 492 39.22 -45.93 34.06
C THR G 492 39.06 -46.81 35.27
N VAL G 493 39.38 -48.08 35.12
CA VAL G 493 39.38 -49.03 36.22
C VAL G 493 40.82 -49.38 36.54
N THR G 494 41.02 -49.99 37.71
CA THR G 494 42.36 -50.32 38.19
C THR G 494 42.44 -51.80 38.54
N SER G 495 43.65 -52.31 38.50
CA SER G 495 43.95 -53.68 38.87
C SER G 495 45.19 -53.68 39.76
N PRO G 496 45.27 -54.59 40.73
CA PRO G 496 46.41 -54.58 41.65
C PRO G 496 47.69 -55.06 40.99
N TYR G 497 48.80 -54.68 41.61
CA TYR G 497 50.15 -55.05 41.18
C TYR G 497 50.85 -55.65 42.37
N ALA G 498 50.65 -56.95 42.58
CA ALA G 498 51.18 -57.67 43.73
C ALA G 498 51.07 -59.16 43.45
N PRO G 499 51.89 -59.98 44.11
CA PRO G 499 51.63 -61.42 44.09
C PRO G 499 50.30 -61.73 44.76
N SER G 500 49.51 -62.57 44.12
CA SER G 500 48.14 -62.84 44.54
C SER G 500 47.89 -64.33 44.71
N VAL G 501 46.65 -64.72 44.88
CA VAL G 501 46.29 -66.13 45.04
C VAL G 501 45.30 -66.47 43.94
N ASN G 502 45.87 -66.83 42.79
CA ASN G 502 45.41 -67.83 41.80
C ASN G 502 43.90 -67.95 41.66
N ARG G 503 43.29 -66.85 41.23
CA ARG G 503 41.86 -66.84 41.01
C ARG G 503 41.49 -67.66 39.79
N LEU G 504 40.21 -67.99 39.70
CA LEU G 504 39.67 -68.72 38.56
C LEU G 504 38.45 -67.97 38.05
N MET G 505 38.57 -67.38 36.88
CA MET G 505 37.51 -66.58 36.28
C MET G 505 37.32 -67.04 34.84
N PRO G 506 36.48 -68.02 34.60
CA PRO G 506 36.34 -68.54 33.24
C PRO G 506 35.47 -67.64 32.36
N TYR G 507 36.09 -66.85 31.49
CA TYR G 507 35.33 -65.93 30.66
C TYR G 507 35.82 -65.74 29.24
N ARG G 508 36.88 -66.39 28.80
CA ARG G 508 37.43 -66.16 27.48
C ARG G 508 37.06 -67.31 26.56
N ILE G 509 36.33 -67.01 25.49
CA ILE G 509 35.89 -68.02 24.53
C ILE G 509 36.29 -67.60 23.13
N SER G 510 36.37 -68.58 22.24
CA SER G 510 36.77 -68.32 20.87
C SER G 510 35.64 -67.64 20.10
N ASN G 511 35.98 -67.09 18.94
CA ASN G 511 35.01 -66.34 18.15
C ASN G 511 33.99 -67.25 17.48
N ALA G 512 34.33 -68.53 17.27
CA ALA G 512 33.41 -69.45 16.62
C ALA G 512 32.18 -69.69 17.50
N GLU G 513 32.37 -69.77 18.81
CA GLU G 513 31.24 -69.95 19.72
C GLU G 513 30.34 -68.73 19.74
N ARG G 514 30.93 -67.53 19.65
CA ARG G 514 30.12 -66.31 19.56
C ARG G 514 29.34 -66.27 18.26
N GLN G 515 29.94 -66.72 17.16
CA GLN G 515 29.22 -66.70 15.88
C GLN G 515 28.08 -67.72 15.87
N ILE G 516 28.29 -68.91 16.45
CA ILE G 516 27.23 -69.91 16.51
C ILE G 516 26.09 -69.45 17.40
N SER G 517 26.42 -68.86 18.55
CA SER G 517 25.39 -68.32 19.43
C SER G 517 24.71 -67.10 18.84
N GLN G 518 25.36 -66.40 17.91
CA GLN G 518 24.67 -65.33 17.19
C GLN G 518 23.67 -65.89 16.19
N ILE G 519 24.06 -66.94 15.47
CA ILE G 519 23.19 -67.54 14.46
C ILE G 519 21.94 -68.14 15.09
N ILE G 520 22.09 -68.74 16.28
CA ILE G 520 20.93 -69.32 16.95
C ILE G 520 19.96 -68.23 17.44
N ARG G 521 20.49 -67.07 17.87
CA ARG G 521 19.61 -65.98 18.26
C ARG G 521 18.89 -65.37 17.07
N VAL G 522 19.57 -65.26 15.93
CA VAL G 522 18.90 -64.75 14.72
C VAL G 522 17.82 -65.71 14.27
N MET G 523 18.07 -67.01 14.40
CA MET G 523 17.05 -68.02 14.13
C MET G 523 15.90 -67.97 15.13
N ASN G 524 16.15 -67.55 16.36
CA ASN G 524 15.05 -67.22 17.26
C ASN G 524 14.27 -66.00 16.82
N ILE G 525 14.92 -65.02 16.19
CA ILE G 525 14.22 -63.80 15.80
C ILE G 525 13.95 -63.90 14.29
N GLY G 526 13.76 -65.12 13.83
CA GLY G 526 12.91 -65.33 12.65
C GLY G 526 11.59 -64.65 12.90
N ASN G 527 10.98 -64.10 11.85
CA ASN G 527 10.41 -62.75 11.83
C ASN G 527 9.70 -62.27 13.09
N ASN G 528 8.50 -62.77 13.36
CA ASN G 528 7.75 -62.66 14.61
C ASN G 528 7.36 -61.26 15.08
N ALA G 529 7.99 -60.21 14.54
CA ALA G 529 7.59 -58.80 14.61
C ALA G 529 7.48 -58.18 16.00
N THR G 530 7.65 -58.95 17.08
CA THR G 530 7.46 -58.47 18.43
C THR G 530 8.56 -58.92 19.38
N VAL G 531 9.45 -59.80 18.95
CA VAL G 531 10.49 -60.30 19.83
C VAL G 531 11.57 -59.24 20.02
N ILE G 532 11.86 -58.48 18.96
CA ILE G 532 12.99 -57.55 18.97
C ILE G 532 12.58 -56.13 19.34
N GLN G 533 11.28 -55.83 19.34
CA GLN G 533 10.80 -54.52 19.77
C GLN G 533 11.17 -54.11 21.21
N PRO G 534 11.14 -54.97 22.24
CA PRO G 534 11.64 -54.53 23.54
C PRO G 534 13.14 -54.28 23.58
N VAL G 535 13.93 -54.86 22.67
CA VAL G 535 15.35 -54.57 22.63
C VAL G 535 15.58 -53.14 22.18
N LEU G 536 14.87 -52.71 21.13
CA LEU G 536 14.96 -51.33 20.68
C LEU G 536 14.41 -50.35 21.71
N GLN G 537 13.36 -50.75 22.45
CA GLN G 537 12.90 -49.93 23.56
C GLN G 537 13.97 -49.80 24.66
N ASP G 538 14.67 -50.89 24.95
CA ASP G 538 15.71 -50.89 25.97
C ASP G 538 16.89 -50.01 25.56
N ILE G 539 17.26 -50.06 24.27
CA ILE G 539 18.38 -49.24 23.82
C ILE G 539 18.00 -47.77 23.78
N SER G 540 16.72 -47.45 23.52
CA SER G 540 16.29 -46.05 23.60
C SER G 540 16.33 -45.54 25.04
N VAL G 541 15.83 -46.33 25.98
CA VAL G 541 15.91 -45.95 27.39
C VAL G 541 17.36 -45.86 27.86
N LEU G 542 18.25 -46.69 27.31
CA LEU G 542 19.65 -46.62 27.69
C LEU G 542 20.34 -45.39 27.12
N LEU G 543 19.96 -44.97 25.92
CA LEU G 543 20.47 -43.71 25.37
C LEU G 543 19.94 -42.49 26.13
N GLN G 544 18.78 -42.62 26.79
CA GLN G 544 18.25 -41.51 27.58
C GLN G 544 19.19 -41.13 28.72
N ARG G 545 19.74 -42.11 29.42
CA ARG G 545 20.55 -41.84 30.60
C ARG G 545 21.94 -41.34 30.26
N ILE G 546 22.33 -41.32 28.99
CA ILE G 546 23.67 -40.93 28.58
C ILE G 546 23.66 -39.65 27.76
N SER G 547 22.71 -39.51 26.85
CA SER G 547 22.78 -38.47 25.83
C SER G 547 22.60 -37.07 26.42
N PRO G 548 23.56 -36.17 26.23
CA PRO G 548 23.38 -34.80 26.70
C PRO G 548 22.43 -33.98 25.85
N LEU G 549 22.10 -34.46 24.65
CA LEU G 549 21.19 -33.72 23.78
C LEU G 549 19.78 -33.78 24.35
N GLN G 550 19.18 -32.61 24.52
CA GLN G 550 17.82 -32.48 25.01
C GLN G 550 16.99 -31.75 23.96
N ILE G 551 15.79 -32.24 23.72
CA ILE G 551 14.91 -31.59 22.76
C ILE G 551 14.28 -30.37 23.40
N ASP G 552 14.18 -29.29 22.64
CA ASP G 552 13.55 -28.05 23.11
C ASP G 552 12.50 -27.66 22.09
N PRO G 553 11.24 -28.03 22.31
CA PRO G 553 10.18 -27.66 21.35
C PRO G 553 9.89 -26.18 21.28
N THR G 554 10.37 -25.39 22.23
CA THR G 554 10.16 -23.95 22.18
C THR G 554 11.04 -23.25 21.16
N ILE G 555 12.04 -23.93 20.58
CA ILE G 555 12.89 -23.31 19.56
C ILE G 555 12.08 -22.98 18.32
N ILE G 556 11.25 -23.92 17.88
CA ILE G 556 10.45 -23.73 16.67
C ILE G 556 9.34 -22.72 16.92
N SER G 557 8.71 -22.80 18.11
CA SER G 557 7.67 -21.83 18.46
C SER G 557 8.23 -20.44 18.67
N ASN G 558 9.50 -20.33 19.05
CA ASN G 558 10.16 -19.04 19.09
C ASN G 558 10.42 -18.53 17.69
N THR G 559 11.02 -19.37 16.84
CA THR G 559 11.51 -18.88 15.56
C THR G 559 10.39 -18.70 14.53
N MET G 560 9.19 -19.22 14.78
CA MET G 560 8.06 -18.98 13.90
C MET G 560 7.16 -17.85 14.37
N SER G 561 7.54 -17.17 15.45
CA SER G 561 6.75 -16.05 15.92
C SER G 561 6.93 -14.83 15.03
N THR G 562 8.19 -14.46 14.79
CA THR G 562 8.53 -13.22 14.11
C THR G 562 8.61 -13.37 12.59
N VAL G 563 7.57 -13.94 12.00
CA VAL G 563 7.45 -14.06 10.55
C VAL G 563 6.42 -13.05 10.09
N SER G 564 6.83 -12.15 9.19
CA SER G 564 5.95 -11.08 8.76
C SER G 564 4.86 -11.60 7.83
N GLU G 565 3.61 -11.29 8.16
CA GLU G 565 2.49 -11.73 7.35
C GLU G 565 1.31 -10.79 7.60
N SER G 566 0.37 -10.80 6.67
CA SER G 566 -0.81 -9.97 6.77
C SER G 566 -1.94 -10.72 7.47
N THR G 567 -2.76 -9.98 8.19
CA THR G 567 -3.95 -10.57 8.80
C THR G 567 -5.01 -10.85 7.74
N THR G 568 -5.06 -10.04 6.69
CA THR G 568 -6.08 -10.16 5.66
C THR G 568 -5.91 -11.38 4.76
N GLN G 569 -4.77 -12.06 4.82
CA GLN G 569 -4.60 -13.30 4.08
C GLN G 569 -5.26 -14.45 4.84
N THR G 570 -5.50 -15.55 4.13
CA THR G 570 -6.24 -16.68 4.68
C THR G 570 -5.43 -17.97 4.67
N LEU G 571 -4.10 -17.87 4.69
CA LEU G 571 -3.29 -19.09 4.71
C LEU G 571 -2.41 -19.23 5.94
N SER G 572 -1.60 -18.21 6.27
CA SER G 572 -0.60 -18.21 7.35
C SER G 572 0.35 -19.39 7.24
N PRO G 573 1.33 -19.32 6.32
CA PRO G 573 2.31 -20.42 6.20
C PRO G 573 3.16 -20.60 7.43
N ALA G 574 3.38 -19.55 8.22
CA ALA G 574 4.12 -19.69 9.45
C ALA G 574 3.32 -20.40 10.54
N SER G 575 2.00 -20.44 10.41
CA SER G 575 1.15 -21.03 11.41
C SER G 575 0.55 -22.36 10.99
N SER G 576 0.63 -22.71 9.70
CA SER G 576 0.20 -24.04 9.29
C SER G 576 1.21 -25.09 9.73
N ILE G 577 2.48 -24.73 9.77
CA ILE G 577 3.53 -25.70 10.07
C ILE G 577 3.56 -26.05 11.55
N LEU G 578 3.07 -25.20 12.42
CA LEU G 578 2.97 -25.58 13.83
C LEU G 578 1.83 -26.56 14.06
N GLY G 579 0.71 -26.40 13.38
CA GLY G 579 -0.31 -27.43 13.37
C GLY G 579 0.10 -28.70 12.66
N LYS G 580 1.08 -28.62 11.76
CA LYS G 580 1.67 -29.84 11.21
C LYS G 580 2.57 -30.57 12.21
N LEU G 581 3.47 -29.84 12.86
CA LEU G 581 4.44 -30.47 13.75
C LEU G 581 3.80 -30.96 15.04
N ARG G 582 3.01 -30.10 15.71
CA ARG G 582 2.43 -30.32 17.03
C ARG G 582 3.53 -30.72 18.02
N PRO G 583 4.38 -29.79 18.46
CA PRO G 583 5.53 -30.15 19.28
C PRO G 583 5.11 -30.67 20.65
N SER G 584 5.46 -31.92 20.93
CA SER G 584 4.96 -32.65 22.09
C SER G 584 6.11 -33.43 22.71
N ASN G 585 5.77 -34.36 23.59
CA ASN G 585 6.76 -35.02 24.44
C ASN G 585 7.30 -36.32 23.86
N SER G 586 6.56 -36.98 22.97
CA SER G 586 6.91 -38.32 22.53
C SER G 586 7.81 -38.34 21.30
N ASP G 587 8.59 -37.29 21.07
CA ASP G 587 9.56 -37.33 19.98
C ASP G 587 10.74 -38.22 20.32
N PHE G 588 11.05 -38.33 21.61
CA PHE G 588 12.26 -39.01 22.04
C PHE G 588 12.18 -40.51 21.80
N SER G 589 11.07 -41.13 22.18
CA SER G 589 10.90 -42.57 22.04
C SER G 589 10.55 -42.98 20.62
N SER G 590 10.53 -42.05 19.67
CA SER G 590 10.49 -42.37 18.26
C SER G 590 11.76 -41.98 17.53
N PHE G 591 12.60 -41.15 18.14
CA PHE G 591 13.87 -40.79 17.54
C PHE G 591 14.97 -41.74 17.96
N ARG G 592 15.00 -42.13 19.24
CA ARG G 592 16.04 -43.01 19.70
C ARG G 592 15.83 -44.45 19.25
N VAL G 593 14.60 -44.83 18.91
CA VAL G 593 14.39 -46.13 18.29
C VAL G 593 14.99 -46.15 16.88
N ALA G 594 14.88 -45.03 16.16
CA ALA G 594 15.52 -44.91 14.86
C ALA G 594 17.03 -44.93 14.98
N LEU G 595 17.58 -44.35 16.04
CA LEU G 595 19.02 -44.48 16.26
C LEU G 595 19.43 -45.87 16.71
N ALA G 596 18.58 -46.57 17.45
CA ALA G 596 18.92 -47.92 17.88
C ALA G 596 18.81 -48.91 16.74
N GLY G 597 17.99 -48.63 15.75
CA GLY G 597 17.85 -49.52 14.61
C GLY G 597 19.04 -49.58 13.67
N TRP G 598 20.04 -48.71 13.87
CA TRP G 598 21.22 -48.75 13.03
C TRP G 598 22.09 -49.96 13.33
N LEU G 599 21.96 -50.54 14.53
CA LEU G 599 22.74 -51.71 14.89
C LEU G 599 22.19 -52.99 14.31
N TYR G 600 20.95 -52.97 13.83
CA TYR G 600 20.28 -54.21 13.48
C TYR G 600 19.74 -54.14 12.07
N ASN G 601 20.63 -53.80 11.14
CA ASN G 601 20.28 -53.73 9.72
C ASN G 601 19.89 -55.09 9.18
N GLY G 602 20.44 -56.17 9.74
CA GLY G 602 20.20 -57.49 9.18
C GLY G 602 18.82 -58.03 9.47
N VAL G 603 18.22 -57.65 10.59
CA VAL G 603 16.94 -58.17 11.03
C VAL G 603 15.84 -57.12 10.91
N VAL G 604 16.06 -55.95 11.50
CA VAL G 604 15.04 -54.92 11.55
C VAL G 604 15.26 -53.94 10.42
N THR G 605 14.22 -53.67 9.66
CA THR G 605 14.26 -52.67 8.60
C THR G 605 13.24 -51.60 8.98
N THR G 606 13.70 -50.54 9.63
CA THR G 606 12.80 -49.49 10.08
C THR G 606 12.39 -48.63 8.90
N VAL G 607 11.08 -48.46 8.71
CA VAL G 607 10.56 -47.64 7.63
C VAL G 607 9.63 -46.58 8.22
N ILE G 608 9.39 -45.54 7.42
CA ILE G 608 8.42 -44.51 7.78
C ILE G 608 7.02 -45.12 7.74
N ASP G 609 6.16 -44.67 8.66
CA ASP G 609 4.79 -45.17 8.80
C ASP G 609 3.99 -44.96 7.52
N ASP G 610 3.00 -45.83 7.34
CA ASP G 610 2.05 -45.71 6.25
C ASP G 610 1.25 -44.42 6.36
N SER G 611 0.92 -44.02 7.59
CA SER G 611 0.03 -42.89 7.85
C SER G 611 0.71 -41.54 7.72
N SER G 612 2.02 -41.49 7.68
CA SER G 612 2.71 -40.21 7.61
C SER G 612 2.76 -39.64 6.19
N TYR G 613 2.25 -40.36 5.22
CA TYR G 613 2.18 -39.87 3.85
C TYR G 613 0.82 -39.18 3.65
N PRO G 614 0.69 -38.30 2.65
CA PRO G 614 -0.60 -37.67 2.40
C PRO G 614 -1.64 -38.66 1.88
N LYS G 615 -2.88 -38.18 1.80
CA LYS G 615 -4.00 -39.06 1.51
C LYS G 615 -4.01 -39.49 0.05
N ASP G 616 -4.16 -38.54 -0.86
CA ASP G 616 -4.26 -38.83 -2.29
C ASP G 616 -2.95 -38.58 -3.02
N GLY G 617 -1.90 -38.23 -2.31
CA GLY G 617 -0.66 -37.83 -2.93
C GLY G 617 -0.50 -36.33 -2.86
N GLY G 618 -1.62 -35.63 -2.91
CA GLY G 618 -1.62 -34.19 -2.76
C GLY G 618 -1.12 -33.47 -3.99
N SER G 619 -1.08 -32.14 -3.88
CA SER G 619 -0.60 -31.30 -4.95
C SER G 619 0.25 -30.18 -4.37
N VAL G 620 1.12 -29.62 -5.21
CA VAL G 620 2.00 -28.56 -4.76
C VAL G 620 1.26 -27.25 -4.56
N THR G 621 0.08 -27.09 -5.14
CA THR G 621 -0.73 -25.92 -4.85
C THR G 621 -1.25 -25.95 -3.42
N SER G 622 -1.36 -27.13 -2.85
CA SER G 622 -1.76 -27.27 -1.45
C SER G 622 -0.59 -26.90 -0.54
N LEU G 623 -0.79 -25.88 0.29
CA LEU G 623 0.25 -25.46 1.22
C LEU G 623 0.48 -26.51 2.30
N GLU G 624 -0.59 -27.17 2.74
CA GLU G 624 -0.44 -28.18 3.78
C GLU G 624 0.28 -29.42 3.26
N ASN G 625 0.03 -29.82 2.02
CA ASN G 625 0.80 -30.90 1.42
C ASN G 625 2.22 -30.44 1.08
N LEU G 626 2.40 -29.16 0.82
CA LEU G 626 3.74 -28.62 0.61
C LEU G 626 4.58 -28.71 1.88
N TRP G 627 3.95 -28.53 3.04
CA TRP G 627 4.70 -28.76 4.28
C TRP G 627 4.82 -30.25 4.62
N ASP G 628 3.83 -31.05 4.25
CA ASP G 628 3.88 -32.49 4.49
C ASP G 628 4.97 -33.16 3.67
N PHE G 629 5.35 -32.57 2.54
CA PHE G 629 6.55 -33.04 1.86
C PHE G 629 7.81 -32.70 2.64
N PHE G 630 7.85 -31.51 3.23
CA PHE G 630 9.03 -31.06 3.97
C PHE G 630 9.27 -31.89 5.22
N ILE G 631 8.20 -32.36 5.85
CA ILE G 631 8.35 -33.19 7.04
C ILE G 631 9.00 -34.53 6.69
N LEU G 632 8.68 -35.08 5.52
CA LEU G 632 9.24 -36.36 5.09
C LEU G 632 10.67 -36.22 4.57
N ALA G 633 10.97 -35.09 3.92
CA ALA G 633 12.29 -34.91 3.32
C ALA G 633 13.41 -34.85 4.34
N LEU G 634 13.11 -34.42 5.57
CA LEU G 634 14.11 -34.44 6.63
C LEU G 634 14.19 -35.78 7.33
N ALA G 635 13.07 -36.51 7.41
CA ALA G 635 13.04 -37.73 8.20
C ALA G 635 13.63 -38.92 7.44
N LEU G 636 13.40 -38.99 6.13
CA LEU G 636 13.88 -40.11 5.32
C LEU G 636 15.38 -40.44 5.28
N PRO G 637 16.33 -39.53 5.48
CA PRO G 637 17.73 -39.99 5.56
C PRO G 637 18.06 -40.78 6.82
N LEU G 638 17.24 -40.72 7.86
CA LEU G 638 17.60 -41.39 9.10
C LEU G 638 17.06 -42.81 9.21
N THR G 639 16.25 -43.26 8.26
CA THR G 639 15.78 -44.63 8.28
C THR G 639 16.88 -45.57 7.78
N THR G 640 16.60 -46.87 7.86
CA THR G 640 17.59 -47.86 7.48
C THR G 640 17.12 -48.78 6.35
N ASP G 641 15.96 -48.51 5.77
CA ASP G 641 15.58 -49.28 4.59
C ASP G 641 16.42 -48.82 3.40
N PRO G 642 16.80 -49.74 2.51
CA PRO G 642 17.63 -49.32 1.37
C PRO G 642 16.85 -48.58 0.31
N CYS G 643 15.53 -48.59 0.35
CA CYS G 643 14.69 -47.92 -0.64
C CYS G 643 14.19 -46.58 -0.15
N ALA G 644 14.95 -45.92 0.72
CA ALA G 644 14.60 -44.57 1.15
C ALA G 644 14.72 -43.49 0.07
N PRO G 645 15.78 -43.42 -0.76
CA PRO G 645 15.84 -42.30 -1.73
C PRO G 645 14.78 -42.36 -2.81
N VAL G 646 14.33 -43.55 -3.21
CA VAL G 646 13.27 -43.61 -4.21
C VAL G 646 11.94 -43.14 -3.62
N LYS G 647 11.71 -43.33 -2.32
CA LYS G 647 10.52 -42.79 -1.71
C LYS G 647 10.63 -41.28 -1.55
N ALA G 648 11.84 -40.79 -1.26
CA ALA G 648 12.06 -39.34 -1.20
C ALA G 648 11.85 -38.67 -2.54
N PHE G 649 12.14 -39.37 -3.64
CA PHE G 649 11.88 -38.82 -4.96
C PHE G 649 10.41 -38.91 -5.31
N MET G 650 9.79 -40.05 -5.01
CA MET G 650 8.45 -40.32 -5.46
C MET G 650 7.40 -39.54 -4.69
N THR G 651 7.72 -39.06 -3.48
CA THR G 651 6.79 -38.19 -2.78
C THR G 651 6.60 -36.87 -3.52
N LEU G 652 7.68 -36.29 -4.03
CA LEU G 652 7.56 -35.08 -4.83
C LEU G 652 6.95 -35.39 -6.20
N ALA G 653 7.26 -36.56 -6.77
CA ALA G 653 6.63 -36.89 -8.04
C ALA G 653 5.14 -37.21 -7.89
N ASN G 654 4.66 -37.53 -6.68
CA ASN G 654 3.23 -37.59 -6.42
C ASN G 654 2.64 -36.22 -6.14
N MET G 655 3.43 -35.32 -5.55
CA MET G 655 2.98 -33.93 -5.40
C MET G 655 2.76 -33.27 -6.74
N MET G 656 3.53 -33.65 -7.76
CA MET G 656 3.39 -33.06 -9.09
C MET G 656 2.87 -34.11 -10.07
N VAL G 657 1.55 -34.19 -10.22
CA VAL G 657 0.91 -34.89 -11.33
C VAL G 657 0.12 -33.88 -12.12
N GLY G 658 0.26 -33.91 -13.45
CA GLY G 658 -0.39 -32.91 -14.28
C GLY G 658 0.35 -31.60 -14.39
N PHE G 659 0.92 -31.13 -13.29
CA PHE G 659 1.80 -29.97 -13.31
C PHE G 659 3.01 -30.24 -14.20
N GLU G 660 3.67 -31.39 -13.99
CA GLU G 660 4.74 -31.85 -14.86
C GLU G 660 4.94 -33.34 -14.67
N THR G 661 5.25 -34.03 -15.78
CA THR G 661 5.26 -35.49 -15.83
C THR G 661 6.62 -36.02 -16.27
N ILE G 662 6.93 -37.24 -15.85
CA ILE G 662 8.18 -37.93 -16.18
C ILE G 662 7.86 -39.35 -16.64
N PRO G 663 8.69 -39.98 -17.48
CA PRO G 663 8.38 -41.34 -17.95
C PRO G 663 8.66 -42.42 -16.91
N MET G 664 7.69 -43.31 -16.71
CA MET G 664 7.78 -44.40 -15.76
C MET G 664 8.16 -45.69 -16.47
N ASP G 665 8.04 -46.81 -15.74
CA ASP G 665 8.36 -48.13 -16.28
C ASP G 665 7.16 -48.81 -16.92
N ASN G 666 6.10 -49.05 -16.14
CA ASN G 666 4.94 -49.78 -16.62
C ASN G 666 3.66 -49.02 -16.32
N GLN G 667 2.53 -49.60 -16.71
CA GLN G 667 1.25 -49.03 -16.33
C GLN G 667 0.88 -49.36 -14.90
N ILE G 668 1.53 -50.37 -14.31
CA ILE G 668 1.24 -50.73 -12.93
C ILE G 668 1.86 -49.72 -11.97
N TYR G 669 3.19 -49.59 -12.01
CA TYR G 669 3.89 -48.65 -11.14
C TYR G 669 4.13 -47.34 -11.88
N THR G 670 3.04 -46.62 -12.11
CA THR G 670 3.07 -45.36 -12.84
C THR G 670 3.48 -44.23 -11.91
N GLN G 671 3.31 -42.98 -12.37
CA GLN G 671 3.67 -41.83 -11.54
C GLN G 671 2.71 -41.68 -10.37
N SER G 672 1.42 -41.88 -10.60
CA SER G 672 0.44 -41.62 -9.56
C SER G 672 0.31 -42.73 -8.53
N ARG G 673 1.22 -43.71 -8.52
CA ARG G 673 1.20 -44.70 -7.45
C ARG G 673 1.66 -44.07 -6.15
N ARG G 674 1.17 -44.62 -5.05
CA ARG G 674 1.56 -44.12 -3.75
C ARG G 674 3.01 -44.47 -3.48
N ALA G 675 3.76 -43.51 -2.93
CA ALA G 675 5.19 -43.66 -2.76
C ALA G 675 5.58 -44.68 -1.70
N SER G 676 4.64 -45.15 -0.90
CA SER G 676 4.95 -46.20 0.07
C SER G 676 5.20 -47.54 -0.60
N ALA G 677 4.67 -47.75 -1.80
CA ALA G 677 4.73 -49.07 -2.42
C ALA G 677 6.08 -49.39 -3.03
N PHE G 678 6.98 -48.42 -3.15
CA PHE G 678 8.26 -48.66 -3.79
C PHE G 678 9.24 -49.12 -2.72
N SER G 679 9.20 -50.42 -2.43
CA SER G 679 9.89 -50.99 -1.29
C SER G 679 11.00 -51.98 -1.66
N THR G 680 11.17 -52.32 -2.93
CA THR G 680 12.17 -53.27 -3.38
C THR G 680 13.02 -52.63 -4.47
N PRO G 681 14.24 -53.14 -4.71
CA PRO G 681 15.06 -52.56 -5.78
C PRO G 681 14.51 -52.75 -7.18
N HIS G 682 13.60 -53.69 -7.40
CA HIS G 682 13.07 -53.89 -8.74
C HIS G 682 12.16 -52.74 -9.15
N THR G 683 11.54 -52.07 -8.19
CA THR G 683 10.60 -51.00 -8.50
C THR G 683 11.27 -49.63 -8.64
N TRP G 684 12.59 -49.57 -8.63
CA TRP G 684 13.24 -48.28 -8.78
C TRP G 684 13.16 -47.84 -10.23
N PRO G 685 12.59 -46.68 -10.53
CA PRO G 685 12.32 -46.33 -11.91
C PRO G 685 13.56 -45.94 -12.68
N ARG G 686 13.51 -46.20 -13.98
CA ARG G 686 14.63 -45.94 -14.87
C ARG G 686 14.90 -44.45 -14.99
N CYS G 687 13.86 -43.62 -14.90
CA CYS G 687 14.04 -42.17 -14.90
C CYS G 687 14.72 -41.66 -13.64
N PHE G 688 14.68 -42.41 -12.55
CA PHE G 688 15.44 -42.05 -11.37
C PHE G 688 16.85 -42.59 -11.42
N MET G 689 17.03 -43.81 -11.92
CA MET G 689 18.38 -44.37 -11.94
C MET G 689 19.24 -43.74 -13.03
N ASN G 690 18.62 -43.20 -14.07
CA ASN G 690 19.31 -42.43 -15.09
C ASN G 690 18.64 -41.07 -15.13
N ILE G 691 19.37 -40.05 -14.65
CA ILE G 691 18.79 -38.72 -14.44
C ILE G 691 18.52 -37.98 -15.74
N GLN G 692 19.14 -38.40 -16.84
CA GLN G 692 18.98 -37.70 -18.12
C GLN G 692 17.58 -37.81 -18.68
N LEU G 693 16.80 -38.81 -18.26
CA LEU G 693 15.47 -39.00 -18.81
C LEU G 693 14.50 -37.94 -18.34
N ILE G 694 14.74 -37.32 -17.19
CA ILE G 694 13.91 -36.20 -16.74
C ILE G 694 14.35 -34.98 -17.53
N SER G 695 13.49 -34.51 -18.40
CA SER G 695 13.87 -33.38 -19.25
C SER G 695 13.70 -32.08 -18.47
N PRO G 696 14.73 -31.24 -18.41
CA PRO G 696 14.64 -30.01 -17.61
C PRO G 696 13.78 -28.93 -18.24
N ILE G 697 13.32 -29.13 -19.48
CA ILE G 697 12.42 -28.18 -20.11
C ILE G 697 11.04 -28.24 -19.45
N ASP G 698 10.46 -29.43 -19.34
CA ASP G 698 9.13 -29.57 -18.77
C ASP G 698 9.12 -30.37 -17.48
N ALA G 699 10.27 -30.54 -16.83
CA ALA G 699 10.30 -31.01 -15.44
C ALA G 699 11.55 -30.54 -14.69
N PRO G 700 11.76 -29.22 -14.56
CA PRO G 700 13.03 -28.75 -13.99
C PRO G 700 13.14 -28.98 -12.49
N ILE G 701 12.02 -28.95 -11.77
CA ILE G 701 12.04 -29.16 -10.33
C ILE G 701 12.29 -30.62 -9.98
N LEU G 702 11.72 -31.54 -10.75
CA LEU G 702 12.04 -32.94 -10.54
C LEU G 702 13.46 -33.27 -10.98
N ARG G 703 13.97 -32.64 -12.06
CA ARG G 703 15.37 -32.80 -12.41
C ARG G 703 16.29 -32.30 -11.30
N GLN G 704 15.94 -31.17 -10.69
CA GLN G 704 16.75 -30.59 -9.62
C GLN G 704 16.70 -31.44 -8.35
N TRP G 705 15.52 -31.94 -7.98
CA TRP G 705 15.40 -32.80 -6.81
C TRP G 705 16.07 -34.14 -7.01
N ALA G 706 16.07 -34.68 -8.23
CA ALA G 706 16.84 -35.88 -8.51
C ALA G 706 18.33 -35.64 -8.42
N GLU G 707 18.81 -34.48 -8.86
CA GLU G 707 20.22 -34.16 -8.70
C GLU G 707 20.60 -33.98 -7.24
N ILE G 708 19.71 -33.38 -6.45
CA ILE G 708 19.97 -33.19 -5.02
C ILE G 708 20.03 -34.54 -4.30
N ILE G 709 19.15 -35.48 -4.66
CA ILE G 709 19.21 -36.81 -4.08
C ILE G 709 20.49 -37.54 -4.49
N HIS G 710 20.85 -37.48 -5.77
CA HIS G 710 22.05 -38.17 -6.20
C HIS G 710 23.35 -37.49 -5.75
N ARG G 711 23.29 -36.25 -5.27
CA ARG G 711 24.50 -35.52 -4.92
C ARG G 711 24.72 -35.39 -3.43
N TYR G 712 23.68 -35.05 -2.67
CA TYR G 712 23.81 -34.67 -1.27
C TYR G 712 23.23 -35.70 -0.30
N TRP G 713 23.04 -36.92 -0.76
CA TRP G 713 22.61 -37.98 0.13
C TRP G 713 23.79 -38.42 0.98
N PRO G 714 23.57 -38.71 2.27
CA PRO G 714 24.68 -39.02 3.17
C PRO G 714 25.42 -40.30 2.82
N ASN G 715 26.64 -40.43 3.36
CA ASN G 715 27.58 -41.50 3.11
C ASN G 715 27.75 -42.39 4.33
N PRO G 716 27.91 -43.69 4.14
CA PRO G 716 28.20 -44.58 5.27
C PRO G 716 29.64 -44.45 5.73
N SER G 717 29.90 -45.00 6.92
CA SER G 717 31.21 -44.89 7.56
C SER G 717 31.37 -46.02 8.57
N GLN G 718 32.37 -45.91 9.45
CA GLN G 718 32.71 -47.00 10.37
C GLN G 718 33.40 -46.46 11.62
N ILE G 719 33.09 -47.03 12.78
CA ILE G 719 33.38 -46.38 14.05
C ILE G 719 34.31 -47.17 14.97
N ARG G 720 34.50 -48.48 14.77
CA ARG G 720 35.38 -49.33 15.57
C ARG G 720 34.98 -49.38 17.04
N TYR G 721 33.95 -50.16 17.37
CA TYR G 721 33.68 -50.53 18.76
C TYR G 721 34.56 -51.72 19.13
N GLY G 722 34.32 -52.29 20.31
CA GLY G 722 34.73 -53.65 20.56
C GLY G 722 36.12 -53.85 21.14
N THR G 723 36.24 -54.88 21.98
CA THR G 723 37.49 -55.28 22.60
C THR G 723 37.64 -56.78 22.38
N PRO G 724 38.24 -57.19 21.27
CA PRO G 724 38.28 -58.62 20.93
C PRO G 724 39.25 -59.46 21.73
N ASN G 725 39.94 -58.90 22.73
CA ASN G 725 40.84 -59.71 23.53
C ASN G 725 40.07 -60.56 24.52
N VAL G 726 39.38 -59.92 25.47
CA VAL G 726 38.65 -60.66 26.47
C VAL G 726 37.31 -61.11 25.92
N PHE G 727 36.56 -60.19 25.34
CA PHE G 727 35.34 -60.57 24.65
C PHE G 727 35.68 -61.21 23.31
N GLY G 728 34.67 -61.69 22.63
CA GLY G 728 34.82 -62.15 21.26
C GLY G 728 33.90 -61.35 20.36
N SER G 729 34.40 -61.06 19.17
CA SER G 729 33.59 -60.31 18.22
C SER G 729 32.52 -61.23 17.65
N ALA G 730 31.28 -61.05 18.11
CA ALA G 730 30.20 -61.95 17.73
C ALA G 730 29.59 -61.63 16.39
N ASN G 731 30.07 -60.60 15.69
CA ASN G 731 29.45 -60.20 14.44
C ASN G 731 29.99 -61.06 13.30
N LEU G 732 29.11 -61.36 12.36
CA LEU G 732 29.47 -61.90 11.06
C LEU G 732 29.05 -60.92 9.99
N PHE G 733 29.43 -61.23 8.74
CA PHE G 733 29.22 -60.44 7.52
C PHE G 733 30.03 -59.16 7.47
N THR G 734 30.73 -58.84 8.54
CA THR G 734 31.62 -57.69 8.67
C THR G 734 32.92 -58.21 9.26
N PRO G 735 34.02 -57.48 9.11
CA PRO G 735 35.21 -57.78 9.89
C PRO G 735 34.98 -57.50 11.36
N PRO G 736 35.77 -58.08 12.25
CA PRO G 736 35.64 -57.78 13.67
C PRO G 736 36.06 -56.35 13.98
N GLU G 737 35.60 -55.87 15.15
CA GLU G 737 35.99 -54.58 15.73
C GLU G 737 35.58 -53.42 14.81
N VAL G 738 34.42 -53.54 14.17
CA VAL G 738 33.97 -52.45 13.31
C VAL G 738 32.45 -52.46 13.29
N LEU G 739 31.86 -51.26 13.24
CA LEU G 739 30.44 -51.05 13.13
C LEU G 739 30.20 -50.31 11.83
N LEU G 740 28.97 -50.32 11.32
CA LEU G 740 28.65 -49.58 10.10
C LEU G 740 27.52 -48.61 10.38
N LEU G 741 27.69 -47.37 9.94
CA LEU G 741 26.74 -46.32 10.19
C LEU G 741 26.09 -45.86 8.89
N PRO G 742 24.85 -45.37 8.94
CA PRO G 742 24.26 -44.80 7.73
C PRO G 742 24.81 -43.44 7.36
N ILE G 743 25.26 -42.67 8.35
CA ILE G 743 25.70 -41.31 8.12
C ILE G 743 27.18 -41.18 8.45
N ASP G 744 27.81 -40.19 7.84
CA ASP G 744 29.22 -39.94 8.07
C ASP G 744 29.42 -39.30 9.43
N HIS G 745 30.57 -39.55 10.03
CA HIS G 745 30.89 -39.05 11.35
C HIS G 745 32.26 -38.40 11.36
N GLN G 746 32.46 -37.50 12.31
CA GLN G 746 33.74 -36.91 12.62
C GLN G 746 34.01 -37.09 14.10
N PRO G 747 35.27 -37.06 14.52
CA PRO G 747 35.57 -37.07 15.94
C PRO G 747 35.55 -35.66 16.52
N ALA G 748 35.26 -35.60 17.81
CA ALA G 748 35.18 -34.33 18.51
C ALA G 748 36.58 -33.77 18.72
N ASN G 749 36.82 -32.58 18.19
CA ASN G 749 38.11 -31.92 18.38
C ASN G 749 38.14 -31.16 19.70
N VAL G 750 37.20 -30.26 19.91
CA VAL G 750 37.13 -29.49 21.14
C VAL G 750 36.18 -30.21 22.10
N THR G 751 36.37 -29.93 23.40
CA THR G 751 35.46 -30.42 24.41
C THR G 751 34.53 -29.36 24.95
N THR G 752 34.59 -28.14 24.44
CA THR G 752 33.57 -27.13 24.66
C THR G 752 32.80 -26.99 23.36
N PRO G 753 31.74 -27.76 23.14
CA PRO G 753 31.08 -27.74 21.84
C PRO G 753 30.22 -26.51 21.65
N THR G 754 30.14 -26.03 20.42
CA THR G 754 29.33 -24.87 20.09
C THR G 754 28.83 -25.00 18.66
N LEU G 755 27.94 -24.09 18.30
CA LEU G 755 27.12 -24.25 17.11
C LEU G 755 27.91 -24.01 15.84
N ASP G 756 27.69 -24.86 14.83
CA ASP G 756 28.18 -24.60 13.49
C ASP G 756 27.21 -25.21 12.47
N PHE G 757 27.46 -24.91 11.19
CA PHE G 757 26.55 -25.25 10.11
C PHE G 757 27.16 -26.15 9.05
N THR G 758 28.22 -26.88 9.38
CA THR G 758 28.95 -27.66 8.38
C THR G 758 28.84 -29.15 8.67
N ASN G 759 27.74 -29.76 8.21
CA ASN G 759 27.64 -31.22 8.08
C ASN G 759 26.52 -31.55 7.10
N GLU G 760 26.41 -32.84 6.80
CA GLU G 760 25.51 -33.33 5.78
C GLU G 760 24.05 -33.15 6.15
N LEU G 761 23.72 -33.21 7.44
CA LEU G 761 22.33 -33.00 7.84
C LEU G 761 21.91 -31.54 7.68
N THR G 762 22.80 -30.59 7.97
CA THR G 762 22.47 -29.19 7.74
C THR G 762 22.43 -28.87 6.25
N ASN G 763 23.31 -29.48 5.44
CA ASN G 763 23.20 -29.33 3.99
C ASN G 763 21.89 -29.89 3.48
N TRP G 764 21.45 -31.03 4.03
CA TRP G 764 20.19 -31.61 3.64
C TRP G 764 19.01 -30.76 4.08
N ARG G 765 19.12 -30.07 5.21
CA ARG G 765 18.06 -29.15 5.60
C ARG G 765 18.04 -27.92 4.70
N ALA G 766 19.20 -27.48 4.24
CA ALA G 766 19.26 -26.27 3.43
C ALA G 766 18.74 -26.50 2.02
N ARG G 767 19.10 -27.63 1.41
CA ARG G 767 18.80 -27.80 -0.01
C ARG G 767 17.33 -28.10 -0.27
N VAL G 768 16.65 -28.73 0.68
CA VAL G 768 15.20 -28.93 0.56
C VAL G 768 14.47 -27.58 0.60
N CYS G 769 14.89 -26.71 1.52
CA CYS G 769 14.32 -25.37 1.59
C CYS G 769 14.62 -24.56 0.34
N GLU G 770 15.81 -24.73 -0.24
CA GLU G 770 16.10 -23.99 -1.46
C GLU G 770 15.36 -24.54 -2.67
N LEU G 771 15.06 -25.85 -2.69
CA LEU G 771 14.17 -26.37 -3.73
C LEU G 771 12.77 -25.79 -3.59
N MET G 772 12.26 -25.73 -2.36
CA MET G 772 10.93 -25.16 -2.15
C MET G 772 10.87 -23.67 -2.48
N LYS G 773 11.98 -22.95 -2.27
CA LYS G 773 12.03 -21.56 -2.72
C LYS G 773 12.08 -21.45 -4.24
N ASN G 774 12.79 -22.35 -4.91
CA ASN G 774 12.75 -22.37 -6.38
C ASN G 774 11.39 -22.81 -6.91
N LEU G 775 10.63 -23.57 -6.13
CA LEU G 775 9.28 -23.94 -6.51
C LEU G 775 8.32 -22.77 -6.40
N VAL G 776 8.41 -22.00 -5.30
CA VAL G 776 7.57 -20.83 -5.19
C VAL G 776 8.06 -19.71 -6.11
N ASP G 777 9.26 -19.82 -6.65
CA ASP G 777 9.77 -18.88 -7.66
C ASP G 777 9.54 -19.41 -9.07
N ASN G 778 8.40 -20.04 -9.32
CA ASN G 778 8.09 -20.60 -10.63
C ASN G 778 7.02 -19.75 -11.29
N GLN G 779 7.22 -19.43 -12.58
CA GLN G 779 6.27 -18.63 -13.34
C GLN G 779 4.97 -19.38 -13.56
N ARG G 780 5.02 -20.71 -13.62
CA ARG G 780 3.81 -21.52 -13.70
C ARG G 780 3.06 -21.60 -12.37
N TYR G 781 3.63 -21.07 -11.29
CA TYR G 781 3.11 -21.39 -9.97
C TYR G 781 2.83 -20.13 -9.14
N GLN G 782 3.68 -19.12 -9.28
CA GLN G 782 3.60 -17.88 -8.50
C GLN G 782 2.34 -17.03 -8.71
N PRO G 783 1.81 -16.79 -9.93
CA PRO G 783 0.63 -15.90 -10.04
C PRO G 783 -0.66 -16.46 -9.46
N GLY G 784 -0.67 -17.71 -9.00
CA GLY G 784 -1.83 -18.19 -8.26
C GLY G 784 -1.91 -17.67 -6.84
N TRP G 785 -0.84 -17.08 -6.33
CA TRP G 785 -0.78 -16.61 -4.95
C TRP G 785 -0.62 -15.10 -4.89
N THR G 786 -1.06 -14.55 -3.76
CA THR G 786 -0.89 -13.12 -3.52
C THR G 786 0.55 -12.81 -3.13
N GLN G 787 0.91 -11.54 -3.28
CA GLN G 787 2.31 -11.14 -3.14
C GLN G 787 2.77 -11.18 -1.68
N SER G 788 1.92 -10.76 -0.75
CA SER G 788 2.25 -10.88 0.67
C SER G 788 2.34 -12.34 1.11
N LEU G 789 1.55 -13.23 0.51
CA LEU G 789 1.65 -14.64 0.86
C LEU G 789 2.93 -15.26 0.32
N VAL G 790 3.33 -14.88 -0.89
CA VAL G 790 4.62 -15.33 -1.44
C VAL G 790 5.76 -14.81 -0.58
N SER G 791 5.67 -13.56 -0.12
CA SER G 791 6.69 -12.99 0.76
C SER G 791 6.75 -13.72 2.09
N SER G 792 5.60 -14.07 2.66
CA SER G 792 5.59 -14.77 3.94
C SER G 792 6.11 -16.20 3.83
N MET G 793 5.77 -16.89 2.73
CA MET G 793 6.29 -18.25 2.54
C MET G 793 7.80 -18.24 2.32
N ARG G 794 8.29 -17.29 1.52
CA ARG G 794 9.73 -17.18 1.29
C ARG G 794 10.46 -16.78 2.57
N GLY G 795 9.86 -15.90 3.38
CA GLY G 795 10.43 -15.56 4.66
C GLY G 795 10.43 -16.70 5.65
N THR G 796 9.42 -17.55 5.63
CA THR G 796 9.40 -18.72 6.50
C THR G 796 10.46 -19.74 6.08
N LEU G 797 10.67 -19.91 4.78
CA LEU G 797 11.72 -20.82 4.33
C LEU G 797 13.11 -20.30 4.65
N GLY G 798 13.35 -18.99 4.44
CA GLY G 798 14.62 -18.41 4.84
C GLY G 798 14.82 -18.38 6.35
N LYS G 799 13.72 -18.34 7.11
CA LYS G 799 13.81 -18.48 8.55
C LYS G 799 14.19 -19.91 8.93
N LEU G 800 13.57 -20.89 8.28
CA LEU G 800 13.70 -22.30 8.62
C LEU G 800 14.99 -22.92 8.12
N LYS G 801 15.70 -22.24 7.21
CA LYS G 801 17.01 -22.70 6.79
C LYS G 801 17.99 -22.71 7.96
N LEU G 802 18.10 -21.60 8.69
CA LEU G 802 19.16 -21.39 9.65
C LEU G 802 18.71 -21.53 11.10
N ILE G 803 17.71 -22.39 11.35
CA ILE G 803 17.25 -22.65 12.71
C ILE G 803 18.36 -23.35 13.50
N LYS G 804 18.64 -22.84 14.69
CA LYS G 804 19.70 -23.40 15.53
C LYS G 804 19.18 -24.67 16.20
N SER G 805 19.83 -25.79 15.92
CA SER G 805 19.52 -27.06 16.55
C SER G 805 20.80 -27.88 16.65
N MET G 806 21.07 -28.38 17.84
CA MET G 806 22.29 -29.16 18.04
C MET G 806 22.15 -30.61 17.59
N THR G 807 20.97 -31.02 17.13
CA THR G 807 20.78 -32.41 16.70
C THR G 807 21.62 -32.81 15.49
N PRO G 808 21.79 -32.01 14.41
CA PRO G 808 22.70 -32.46 13.35
C PRO G 808 24.15 -32.58 13.77
N MET G 809 24.68 -31.64 14.53
CA MET G 809 26.07 -31.73 14.99
C MET G 809 26.24 -32.87 15.99
N TYR G 810 25.22 -33.09 16.83
CA TYR G 810 25.17 -34.27 17.69
C TYR G 810 25.31 -35.55 16.89
N LEU G 811 24.38 -35.78 15.95
CA LEU G 811 24.39 -36.98 15.11
C LEU G 811 25.66 -37.13 14.31
N GLN G 812 26.27 -36.02 13.88
CA GLN G 812 27.53 -36.10 13.15
C GLN G 812 28.64 -36.59 14.05
N GLN G 813 28.97 -35.81 15.09
CA GLN G 813 30.27 -36.00 15.71
C GLN G 813 30.25 -36.42 17.16
N LEU G 814 29.10 -36.73 17.75
CA LEU G 814 29.12 -37.08 19.16
C LEU G 814 28.21 -38.24 19.53
N ALA G 815 27.28 -38.64 18.68
CA ALA G 815 26.47 -39.83 18.85
C ALA G 815 27.13 -41.16 18.48
N PRO G 816 27.97 -41.28 17.42
CA PRO G 816 28.66 -42.56 17.21
C PRO G 816 29.62 -42.95 18.33
N VAL G 817 30.14 -41.99 19.09
CA VAL G 817 30.91 -42.31 20.28
C VAL G 817 30.04 -43.02 21.31
N GLU G 818 28.81 -42.53 21.51
CA GLU G 818 27.88 -43.20 22.40
C GLU G 818 27.49 -44.58 21.89
N LEU G 819 27.31 -44.74 20.58
CA LEU G 819 26.97 -46.05 20.04
C LEU G 819 28.10 -47.05 20.21
N ALA G 820 29.35 -46.64 19.94
CA ALA G 820 30.48 -47.52 20.12
C ALA G 820 30.77 -47.81 21.58
N VAL G 821 30.42 -46.90 22.48
CA VAL G 821 30.56 -47.17 23.91
C VAL G 821 29.52 -48.17 24.39
N ILE G 822 28.28 -48.05 23.90
CA ILE G 822 27.22 -48.92 24.38
C ILE G 822 27.33 -50.33 23.78
N ALA G 823 27.74 -50.42 22.52
CA ALA G 823 27.56 -51.65 21.73
C ALA G 823 28.14 -52.96 22.28
N PRO G 824 29.24 -53.01 23.04
CA PRO G 824 29.55 -54.29 23.68
C PRO G 824 28.63 -54.62 24.84
N MET G 825 28.29 -53.64 25.68
CA MET G 825 27.47 -53.85 26.87
C MET G 825 26.02 -54.04 26.46
N LEU G 826 25.72 -55.24 25.97
CA LEU G 826 24.47 -55.41 25.26
C LEU G 826 24.08 -56.89 25.25
N PRO G 827 22.83 -57.22 25.56
CA PRO G 827 22.46 -58.64 25.64
C PRO G 827 22.34 -59.31 24.29
N PHE G 828 21.89 -58.60 23.27
CA PHE G 828 21.82 -59.11 21.91
C PHE G 828 22.85 -58.38 21.07
N PRO G 829 24.01 -58.99 20.79
CA PRO G 829 25.09 -58.25 20.13
C PRO G 829 24.74 -57.98 18.67
N PRO G 830 25.28 -56.90 18.08
CA PRO G 830 24.72 -56.37 16.84
C PRO G 830 24.92 -57.27 15.63
N PHE G 831 24.16 -56.96 14.59
CA PHE G 831 24.00 -57.84 13.45
C PHE G 831 23.65 -56.96 12.25
N GLN G 832 24.63 -56.75 11.37
CA GLN G 832 24.52 -55.74 10.34
C GLN G 832 24.86 -56.32 8.97
N VAL G 833 24.19 -55.78 7.95
CA VAL G 833 24.56 -55.98 6.55
C VAL G 833 24.99 -54.62 6.04
N PRO G 834 25.85 -54.56 5.00
CA PRO G 834 26.45 -53.28 4.60
C PRO G 834 25.45 -52.26 4.08
N TYR G 835 25.54 -51.04 4.64
CA TYR G 835 24.74 -49.91 4.20
C TYR G 835 25.26 -49.46 2.86
N VAL G 836 24.55 -49.77 1.82
CA VAL G 836 24.91 -49.30 0.49
C VAL G 836 24.12 -48.04 0.20
N ARG G 837 24.77 -47.05 -0.41
CA ARG G 837 24.21 -45.72 -0.45
C ARG G 837 23.11 -45.60 -1.49
N LEU G 838 23.47 -45.77 -2.75
CA LEU G 838 22.50 -45.67 -3.82
C LEU G 838 22.76 -46.70 -4.90
N ASP G 839 23.76 -47.56 -4.72
CA ASP G 839 24.06 -48.59 -5.70
C ASP G 839 22.98 -49.65 -5.67
N ARG G 840 22.22 -49.76 -6.75
CA ARG G 840 21.18 -50.78 -6.86
C ARG G 840 21.77 -52.18 -6.99
N ASP G 841 23.04 -52.29 -7.35
CA ASP G 841 23.67 -53.59 -7.59
C ASP G 841 23.83 -54.38 -6.29
N ARG G 842 24.12 -53.70 -5.18
CA ARG G 842 24.50 -54.37 -3.95
C ARG G 842 23.48 -54.17 -2.84
N VAL G 843 22.22 -53.96 -3.18
CA VAL G 843 21.20 -53.88 -2.13
C VAL G 843 20.91 -55.27 -1.60
N PRO G 844 20.98 -55.50 -0.29
CA PRO G 844 20.63 -56.81 0.26
C PRO G 844 19.13 -57.07 0.16
N THR G 845 18.77 -58.17 -0.47
CA THR G 845 17.36 -58.52 -0.62
C THR G 845 16.91 -59.58 0.37
N MET G 846 17.83 -60.36 0.94
CA MET G 846 17.46 -61.36 1.92
C MET G 846 18.63 -61.58 2.87
N VAL G 847 18.35 -62.35 3.92
CA VAL G 847 19.36 -62.98 4.75
C VAL G 847 18.74 -64.26 5.31
N GLY G 848 19.48 -65.35 5.23
CA GLY G 848 18.90 -66.64 5.58
C GLY G 848 19.79 -67.56 6.38
N VAL G 849 19.21 -68.26 7.35
CA VAL G 849 19.94 -69.21 8.16
C VAL G 849 19.45 -70.60 7.83
N THR G 850 20.28 -71.60 8.11
CA THR G 850 19.93 -72.98 7.87
C THR G 850 20.04 -73.77 9.16
N ARG G 851 19.37 -74.92 9.19
CA ARG G 851 19.57 -75.84 10.30
C ARG G 851 19.63 -77.30 9.89
N GLN G 852 19.51 -77.61 8.60
CA GLN G 852 19.57 -79.00 8.15
C GLN G 852 20.02 -79.03 6.70
N SER G 853 20.16 -80.24 6.17
CA SER G 853 20.59 -80.46 4.79
C SER G 853 19.56 -81.28 4.04
N ARG G 854 19.81 -81.46 2.75
CA ARG G 854 18.95 -82.24 1.88
C ARG G 854 19.31 -83.72 1.97
N ASP G 855 18.87 -84.52 0.99
CA ASP G 855 18.94 -85.98 1.09
C ASP G 855 20.37 -86.50 1.08
N THR G 856 21.22 -85.97 0.22
CA THR G 856 22.54 -86.55 -0.03
C THR G 856 23.67 -85.65 0.41
N ILE G 857 23.55 -84.35 0.20
CA ILE G 857 24.67 -83.42 0.28
C ILE G 857 25.10 -83.26 1.73
N THR G 858 26.31 -83.71 2.04
CA THR G 858 26.90 -83.58 3.36
C THR G 858 27.79 -82.34 3.46
N GLN G 859 27.60 -81.37 2.58
CA GLN G 859 28.46 -80.19 2.54
C GLN G 859 27.62 -78.93 2.60
N PRO G 860 27.83 -78.07 3.61
CA PRO G 860 26.97 -76.89 3.76
C PRO G 860 27.15 -75.86 2.68
N ALA G 861 28.35 -75.75 2.10
CA ALA G 861 28.59 -74.78 1.04
C ALA G 861 27.82 -75.13 -0.23
N LEU G 862 27.43 -76.38 -0.41
CA LEU G 862 26.57 -76.79 -1.52
C LEU G 862 25.10 -76.82 -1.15
N SER G 863 24.76 -77.30 0.04
CA SER G 863 23.36 -77.41 0.43
C SER G 863 22.87 -76.20 1.22
N LEU G 864 23.55 -75.05 1.09
CA LEU G 864 23.10 -73.86 1.79
C LEU G 864 22.10 -73.03 1.00
N SER G 865 22.32 -72.85 -0.29
CA SER G 865 21.49 -71.94 -1.08
C SER G 865 20.08 -72.47 -1.27
N THR G 866 19.87 -73.78 -1.21
CA THR G 866 18.56 -74.37 -1.40
C THR G 866 17.87 -74.74 -0.10
N THR G 867 18.48 -74.42 1.04
CA THR G 867 17.92 -74.77 2.35
C THR G 867 18.20 -73.61 3.29
N ASN G 868 17.23 -72.70 3.40
CA ASN G 868 17.39 -71.57 4.31
C ASN G 868 16.02 -71.03 4.69
N THR G 869 16.01 -70.25 5.77
CA THR G 869 14.82 -69.55 6.23
C THR G 869 15.12 -68.06 6.22
N THR G 870 14.37 -67.30 5.44
CA THR G 870 14.61 -65.87 5.34
C THR G 870 14.18 -65.18 6.63
N VAL G 871 15.09 -64.38 7.19
CA VAL G 871 14.89 -63.73 8.48
C VAL G 871 14.84 -62.23 8.25
N GLY G 872 13.88 -61.56 8.88
CA GLY G 872 13.86 -60.11 8.81
C GLY G 872 12.46 -59.52 8.78
N VAL G 873 12.25 -58.49 9.58
CA VAL G 873 10.90 -57.93 9.74
C VAL G 873 10.97 -56.42 9.65
N PRO G 874 10.03 -55.77 8.97
CA PRO G 874 10.00 -54.30 8.96
C PRO G 874 9.48 -53.73 10.26
N LEU G 875 9.62 -52.41 10.39
CA LEU G 875 9.25 -51.71 11.60
C LEU G 875 8.88 -50.28 11.24
N ALA G 876 7.85 -49.75 11.88
CA ALA G 876 7.30 -48.45 11.53
C ALA G 876 7.85 -47.36 12.43
N LEU G 877 7.96 -46.15 11.89
CA LEU G 877 8.45 -45.00 12.63
C LEU G 877 7.62 -43.77 12.31
N ASP G 878 7.75 -42.76 13.16
CA ASP G 878 6.98 -41.53 13.03
C ASP G 878 7.87 -40.45 12.43
N ALA G 879 7.60 -40.10 11.17
CA ALA G 879 8.39 -39.10 10.48
C ALA G 879 8.22 -37.71 11.09
N ARG G 880 7.04 -37.43 11.64
CA ARG G 880 6.80 -36.15 12.30
C ARG G 880 7.63 -36.01 13.55
N ALA G 881 7.70 -37.05 14.38
CA ALA G 881 8.52 -37.03 15.57
C ALA G 881 10.01 -36.97 15.24
N ILE G 882 10.44 -37.68 14.19
CA ILE G 882 11.83 -37.58 13.77
C ILE G 882 12.16 -36.18 13.26
N THR G 883 11.22 -35.53 12.57
CA THR G 883 11.45 -34.17 12.07
C THR G 883 11.54 -33.17 13.21
N VAL G 884 10.67 -33.29 14.21
CA VAL G 884 10.72 -32.42 15.38
C VAL G 884 12.01 -32.61 16.15
N ALA G 885 12.43 -33.87 16.32
CA ALA G 885 13.68 -34.15 17.03
C ALA G 885 14.89 -33.67 16.25
N LEU G 886 14.81 -33.63 14.92
CA LEU G 886 15.92 -33.11 14.16
C LEU G 886 15.97 -31.59 14.23
N LEU G 887 14.82 -30.93 14.08
CA LEU G 887 14.78 -29.48 14.06
C LEU G 887 14.94 -28.85 15.44
N SER G 888 14.78 -29.58 16.53
CA SER G 888 14.81 -28.97 17.85
C SER G 888 15.70 -29.80 18.77
N GLY G 889 16.91 -29.33 19.01
CA GLY G 889 17.79 -29.97 19.95
C GLY G 889 18.82 -29.00 20.50
N LYS G 890 18.96 -28.94 21.82
CA LYS G 890 19.91 -28.04 22.45
C LYS G 890 20.73 -28.79 23.48
N TYR G 891 21.76 -28.12 23.95
CA TYR G 891 22.72 -28.63 24.91
C TYR G 891 22.45 -28.06 26.29
N PRO G 892 23.07 -28.61 27.33
CA PRO G 892 23.17 -27.88 28.59
C PRO G 892 23.95 -26.59 28.38
N PRO G 893 23.68 -25.55 29.17
CA PRO G 893 24.13 -24.20 28.81
C PRO G 893 25.64 -23.99 28.84
N ASP G 894 26.37 -24.73 29.67
CA ASP G 894 27.83 -24.73 29.57
C ASP G 894 28.29 -26.13 29.98
N LEU G 895 28.38 -27.02 29.01
CA LEU G 895 28.75 -28.41 29.27
C LEU G 895 30.14 -28.68 28.74
N VAL G 896 30.76 -29.72 29.28
CA VAL G 896 32.04 -30.22 28.77
C VAL G 896 31.87 -31.72 28.51
N THR G 897 32.15 -32.11 27.27
CA THR G 897 31.80 -33.44 26.78
C THR G 897 32.86 -34.49 27.09
N ASN G 898 33.70 -34.27 28.09
CA ASN G 898 34.36 -35.40 28.74
C ASN G 898 33.95 -35.59 30.17
N VAL G 899 33.69 -34.50 30.91
CA VAL G 899 33.13 -34.60 32.24
C VAL G 899 31.75 -35.25 32.19
N TRP G 900 30.91 -34.85 31.23
CA TRP G 900 29.58 -35.44 31.09
C TRP G 900 29.65 -36.94 30.88
N TYR G 901 30.58 -37.42 30.08
CA TYR G 901 30.66 -38.83 29.83
C TYR G 901 31.38 -39.61 30.92
N ALA G 902 32.41 -39.04 31.55
CA ALA G 902 33.05 -39.70 32.67
C ALA G 902 32.11 -39.80 33.86
N ASP G 903 31.10 -38.94 33.95
CA ASP G 903 30.09 -39.16 34.96
C ASP G 903 28.98 -40.10 34.51
N ALA G 904 28.56 -40.03 33.25
CA ALA G 904 27.39 -40.80 32.84
C ALA G 904 27.70 -42.26 32.58
N ILE G 905 28.84 -42.56 31.95
CA ILE G 905 29.16 -43.93 31.57
C ILE G 905 29.68 -44.74 32.76
N TYR G 906 30.05 -44.08 33.84
CA TYR G 906 30.64 -44.77 34.99
C TYR G 906 29.74 -45.79 35.69
N PRO G 907 28.48 -45.52 36.07
CA PRO G 907 27.78 -46.47 36.93
C PRO G 907 27.36 -47.75 36.24
N MET G 908 27.28 -47.78 34.91
CA MET G 908 26.85 -48.99 34.23
C MET G 908 27.99 -49.92 33.90
N TYR G 909 29.19 -49.65 34.41
CA TYR G 909 30.32 -50.54 34.18
C TYR G 909 30.69 -51.31 35.45
N ALA G 910 29.67 -51.69 36.22
CA ALA G 910 29.79 -52.65 37.31
C ALA G 910 28.77 -53.75 37.15
N ASP G 911 28.46 -54.12 35.90
CA ASP G 911 27.53 -55.21 35.63
C ASP G 911 28.28 -56.46 35.19
N THR G 912 27.63 -57.60 35.36
CA THR G 912 28.22 -58.88 35.03
C THR G 912 27.43 -59.64 33.99
N GLU G 913 26.36 -59.07 33.46
CA GLU G 913 25.62 -59.74 32.40
C GLU G 913 26.41 -59.84 31.12
N VAL G 914 27.28 -58.86 30.85
CA VAL G 914 28.12 -58.89 29.67
C VAL G 914 29.19 -59.99 29.75
N PHE G 915 29.46 -60.51 30.94
CA PHE G 915 30.33 -61.66 31.12
C PHE G 915 29.54 -62.96 31.22
N SER G 916 28.34 -62.91 31.80
CA SER G 916 27.56 -64.12 31.98
C SER G 916 26.98 -64.60 30.66
N ASN G 917 26.75 -63.71 29.71
CA ASN G 917 26.36 -64.17 28.38
C ASN G 917 27.49 -64.89 27.67
N LEU G 918 28.74 -64.47 27.90
CA LEU G 918 29.89 -65.23 27.43
C LEU G 918 29.99 -66.58 28.11
N GLN G 919 29.59 -66.68 29.38
CA GLN G 919 29.49 -67.99 30.00
C GLN G 919 28.38 -68.83 29.38
N ARG G 920 27.28 -68.20 28.99
CA ARG G 920 26.13 -68.92 28.46
C ARG G 920 26.39 -69.51 27.08
N ASP G 921 27.14 -68.78 26.26
CA ASP G 921 27.42 -69.23 24.90
C ASP G 921 28.28 -70.50 24.84
N VAL G 922 29.03 -70.81 25.91
CA VAL G 922 29.72 -72.09 26.01
C VAL G 922 28.73 -73.23 26.03
N ILE G 923 27.73 -73.13 26.91
CA ILE G 923 26.72 -74.19 27.04
C ILE G 923 25.92 -74.30 25.76
N THR G 924 25.60 -73.16 25.14
CA THR G 924 24.86 -73.18 23.88
C THR G 924 25.66 -73.84 22.76
N CYS G 925 26.97 -73.61 22.70
CA CYS G 925 27.76 -74.23 21.64
C CYS G 925 28.10 -75.68 21.93
N GLU G 926 28.26 -76.06 23.19
CA GLU G 926 28.62 -77.44 23.49
C GLU G 926 27.43 -78.37 23.47
N ALA G 927 26.23 -77.86 23.74
CA ALA G 927 25.06 -78.71 23.71
C ALA G 927 24.73 -79.22 22.31
N VAL G 928 24.91 -78.38 21.28
CA VAL G 928 24.62 -78.83 19.93
C VAL G 928 25.67 -79.82 19.45
N GLN G 929 26.90 -79.71 19.93
CA GLN G 929 27.92 -80.67 19.57
C GLN G 929 27.68 -82.02 20.26
N THR G 930 27.23 -81.98 21.52
CA THR G 930 26.86 -83.22 22.20
C THR G 930 25.66 -83.87 21.54
N LEU G 931 24.71 -83.06 21.07
CA LEU G 931 23.55 -83.60 20.38
C LEU G 931 23.94 -84.26 19.06
N VAL G 932 24.78 -83.60 18.27
CA VAL G 932 25.14 -84.17 16.97
C VAL G 932 26.10 -85.34 17.13
N THR G 933 26.80 -85.45 18.27
CA THR G 933 27.57 -86.65 18.52
C THR G 933 26.66 -87.82 18.92
N LEU G 934 25.71 -87.57 19.83
CA LEU G 934 24.92 -88.67 20.37
C LEU G 934 23.86 -89.18 19.41
N VAL G 935 23.38 -88.34 18.49
CA VAL G 935 22.39 -88.81 17.52
C VAL G 935 23.03 -89.77 16.52
N ALA G 936 24.30 -89.51 16.17
CA ALA G 936 25.04 -90.30 15.19
C ALA G 936 25.26 -91.75 15.61
N GLN G 937 25.07 -92.08 16.89
CA GLN G 937 25.15 -93.46 17.31
C GLN G 937 23.93 -94.25 16.86
N ILE G 938 22.73 -93.70 17.07
CA ILE G 938 21.51 -94.43 16.76
C ILE G 938 21.05 -94.23 15.32
N SER G 939 21.50 -93.18 14.64
CA SER G 939 21.12 -93.00 13.24
C SER G 939 22.34 -92.54 12.45
N GLU G 940 22.23 -92.65 11.13
CA GLU G 940 23.31 -92.21 10.27
C GLU G 940 23.31 -90.69 10.17
N THR G 941 24.51 -90.11 10.10
CA THR G 941 24.66 -88.67 9.97
C THR G 941 25.71 -88.38 8.91
N GLN G 942 26.14 -87.13 8.86
CA GLN G 942 27.15 -86.67 7.94
C GLN G 942 28.50 -86.45 8.60
N TYR G 943 28.56 -86.41 9.92
CA TYR G 943 29.84 -86.10 10.54
C TYR G 943 30.60 -87.38 10.88
N PRO G 944 31.91 -87.41 10.68
CA PRO G 944 32.70 -88.62 10.96
C PRO G 944 32.90 -88.81 12.46
N VAL G 945 32.24 -89.82 13.01
CA VAL G 945 32.42 -90.20 14.40
C VAL G 945 32.79 -91.68 14.45
N ASP G 946 33.32 -92.08 15.59
CA ASP G 946 33.52 -93.50 15.86
C ASP G 946 32.26 -94.09 16.47
N ARG G 947 32.10 -95.40 16.31
CA ARG G 947 30.97 -96.11 16.91
C ARG G 947 31.50 -97.33 17.61
N TYR G 948 31.36 -97.34 18.94
CA TYR G 948 31.83 -98.43 19.78
C TYR G 948 30.72 -99.33 20.29
N LEU G 949 29.47 -98.96 20.07
CA LEU G 949 28.32 -99.63 20.68
C LEU G 949 27.41 -100.23 19.63
N ASP G 950 27.99 -100.73 18.54
CA ASP G 950 27.18 -101.40 17.53
C ASP G 950 26.73 -102.79 17.98
N TRP G 951 27.43 -103.39 18.94
CA TRP G 951 27.07 -104.73 19.39
C TRP G 951 25.81 -104.73 20.23
N ILE G 952 25.48 -103.61 20.87
CA ILE G 952 24.21 -103.51 21.58
C ILE G 952 23.09 -103.37 20.57
N PRO G 953 22.05 -104.21 20.61
CA PRO G 953 21.03 -104.17 19.57
C PRO G 953 20.12 -102.96 19.66
N SER G 954 19.89 -102.32 18.53
CA SER G 954 19.08 -101.12 18.47
C SER G 954 17.99 -101.26 17.41
N LEU G 955 16.97 -100.41 17.55
CA LEU G 955 15.91 -100.37 16.58
C LEU G 955 16.33 -99.51 15.38
N ARG G 956 15.47 -99.47 14.38
CA ARG G 956 15.72 -98.69 13.17
C ARG G 956 15.11 -97.31 13.35
N ALA G 957 15.95 -96.28 13.38
CA ALA G 957 15.53 -94.96 13.81
C ALA G 957 14.72 -94.26 12.72
N SER G 958 13.52 -93.83 13.08
CA SER G 958 12.68 -92.99 12.24
C SER G 958 12.94 -91.53 12.59
N ALA G 959 12.06 -90.64 12.15
CA ALA G 959 12.21 -89.23 12.51
C ALA G 959 11.80 -89.00 13.97
N ALA G 960 10.72 -89.65 14.41
CA ALA G 960 10.21 -89.42 15.74
C ALA G 960 11.12 -89.99 16.82
N THR G 961 11.87 -91.05 16.53
CA THR G 961 12.84 -91.58 17.49
C THR G 961 13.95 -90.59 17.76
N ALA G 962 14.52 -90.01 16.69
CA ALA G 962 15.57 -89.01 16.87
C ALA G 962 15.03 -87.74 17.50
N ALA G 963 13.81 -87.33 17.14
CA ALA G 963 13.23 -86.13 17.73
C ALA G 963 12.88 -86.33 19.19
N THR G 964 12.59 -87.56 19.62
CA THR G 964 12.34 -87.81 21.03
C THR G 964 13.65 -87.85 21.81
N PHE G 965 14.64 -88.60 21.29
CA PHE G 965 15.94 -88.74 21.92
C PHE G 965 16.65 -87.40 22.07
N ALA G 966 16.48 -86.51 21.10
CA ALA G 966 17.08 -85.18 21.20
C ALA G 966 16.43 -84.35 22.29
N GLU G 967 15.13 -84.50 22.50
CA GLU G 967 14.46 -83.79 23.60
C GLU G 967 14.91 -84.29 24.95
N TRP G 968 15.13 -85.61 25.08
CA TRP G 968 15.67 -86.12 26.34
C TRP G 968 17.09 -85.62 26.59
N VAL G 969 17.90 -85.47 25.53
CA VAL G 969 19.22 -84.88 25.68
C VAL G 969 19.12 -83.41 26.11
N ASN G 970 18.13 -82.69 25.56
CA ASN G 970 17.91 -81.30 25.93
C ASN G 970 17.53 -81.17 27.40
N THR G 971 16.65 -82.04 27.89
CA THR G 971 16.27 -82.01 29.29
C THR G 971 17.43 -82.38 30.19
N SER G 972 18.24 -83.36 29.80
CA SER G 972 19.40 -83.75 30.60
C SER G 972 20.48 -82.68 30.64
N MET G 973 20.56 -81.82 29.62
CA MET G 973 21.46 -80.67 29.73
C MET G 973 20.87 -79.57 30.58
N LYS G 974 19.59 -79.26 30.34
CA LYS G 974 18.93 -78.11 30.94
C LYS G 974 18.75 -78.28 32.44
N THR G 975 18.59 -79.53 32.90
CA THR G 975 18.53 -79.78 34.33
C THR G 975 19.91 -79.73 34.97
N ALA G 976 20.91 -80.31 34.31
CA ALA G 976 22.22 -80.49 34.92
C ALA G 976 22.99 -79.17 35.02
N PHE G 977 22.76 -78.24 34.11
CA PHE G 977 23.51 -77.00 34.18
C PHE G 977 22.75 -75.85 34.82
N ASP G 978 21.64 -76.14 35.50
CA ASP G 978 20.75 -75.16 36.16
C ASP G 978 20.27 -74.10 35.16
N LEU G 979 19.53 -74.57 34.18
CA LEU G 979 18.91 -73.70 33.19
C LEU G 979 17.40 -73.84 33.33
N SER G 980 16.71 -72.70 33.43
CA SER G 980 15.26 -72.70 33.49
C SER G 980 14.62 -72.26 32.19
N ASP G 981 15.36 -71.61 31.32
CA ASP G 981 14.86 -71.18 30.02
C ASP G 981 15.13 -72.30 29.00
N MET G 982 15.00 -71.99 27.73
CA MET G 982 15.03 -72.98 26.66
C MET G 982 16.32 -72.84 25.86
N LEU G 983 16.99 -73.97 25.61
CA LEU G 983 18.17 -74.02 24.77
C LEU G 983 18.00 -75.11 23.71
N LEU G 984 18.62 -74.88 22.54
CA LEU G 984 18.59 -75.72 21.34
C LEU G 984 17.18 -76.08 20.86
N GLU G 985 16.17 -75.26 21.16
CA GLU G 985 14.82 -75.55 20.70
C GLU G 985 14.61 -75.35 19.20
N PRO G 986 15.16 -74.28 18.51
CA PRO G 986 15.02 -74.25 17.05
C PRO G 986 15.74 -75.39 16.34
N LEU G 987 16.78 -75.93 16.98
CA LEU G 987 17.37 -77.16 16.50
C LEU G 987 16.46 -78.36 16.66
N LEU G 988 15.50 -78.30 17.60
CA LEU G 988 14.52 -79.35 17.77
C LEU G 988 13.31 -79.19 16.89
N SER G 989 13.05 -77.98 16.39
CA SER G 989 11.88 -77.76 15.53
C SER G 989 12.01 -78.52 14.21
N GLY G 990 13.22 -78.62 13.68
CA GLY G 990 13.46 -79.33 12.44
C GLY G 990 13.84 -80.78 12.69
N ASP G 991 14.47 -81.37 11.68
CA ASP G 991 14.95 -82.74 11.77
C ASP G 991 16.32 -82.74 12.42
N PRO G 992 16.50 -83.37 13.58
CA PRO G 992 17.78 -83.27 14.29
C PRO G 992 18.84 -84.26 13.83
N ARG G 993 18.58 -85.08 12.81
CA ARG G 993 19.60 -86.03 12.38
C ARG G 993 20.75 -85.33 11.67
N MET G 994 20.46 -84.70 10.54
CA MET G 994 21.47 -83.99 9.75
C MET G 994 21.36 -82.52 10.09
N THR G 995 22.17 -82.06 11.03
CA THR G 995 22.16 -80.67 11.44
C THR G 995 23.41 -79.96 10.94
N GLN G 996 23.23 -78.70 10.59
CA GLN G 996 24.32 -77.83 10.19
C GLN G 996 23.92 -76.41 10.59
N LEU G 997 24.90 -75.52 10.69
CA LEU G 997 24.61 -74.12 11.02
C LEU G 997 25.38 -73.22 10.07
N ALA G 998 24.66 -72.39 9.34
CA ALA G 998 25.28 -71.47 8.39
C ALA G 998 24.33 -70.31 8.15
N ILE G 999 24.84 -69.28 7.49
CA ILE G 999 24.10 -68.04 7.28
C ILE G 999 24.63 -67.39 6.02
N GLN G 1000 23.75 -66.71 5.29
CA GLN G 1000 24.15 -66.04 4.06
C GLN G 1000 23.24 -64.87 3.80
N TYR G 1001 23.72 -63.96 2.96
CA TYR G 1001 22.87 -62.90 2.45
C TYR G 1001 23.19 -62.67 0.98
N GLN G 1002 22.20 -62.20 0.24
CA GLN G 1002 22.27 -62.11 -1.21
C GLN G 1002 22.01 -60.69 -1.64
N GLN G 1003 22.79 -60.22 -2.61
CA GLN G 1003 22.62 -58.89 -3.15
C GLN G 1003 21.52 -58.92 -4.22
N TYR G 1004 21.41 -57.84 -4.99
CA TYR G 1004 20.44 -57.83 -6.07
C TYR G 1004 20.88 -58.73 -7.21
N ASN G 1005 22.15 -58.70 -7.56
CA ASN G 1005 22.62 -59.42 -8.74
C ASN G 1005 22.84 -60.91 -8.50
N GLY G 1006 22.54 -61.43 -7.32
CA GLY G 1006 22.71 -62.83 -7.03
C GLY G 1006 24.03 -63.19 -6.38
N ARG G 1007 24.89 -62.22 -6.11
CA ARG G 1007 26.16 -62.48 -5.45
C ARG G 1007 25.89 -62.75 -3.97
N THR G 1008 26.16 -63.97 -3.54
CA THR G 1008 25.86 -64.40 -2.19
C THR G 1008 27.14 -64.46 -1.36
N PHE G 1009 27.04 -64.03 -0.11
CA PHE G 1009 28.14 -64.02 0.83
C PHE G 1009 27.74 -64.94 1.99
N ASN G 1010 28.35 -66.11 2.08
CA ASN G 1010 28.00 -67.06 3.12
C ASN G 1010 29.03 -67.07 4.24
N VAL G 1011 28.59 -67.48 5.42
CA VAL G 1011 29.43 -67.68 6.59
C VAL G 1011 29.10 -69.03 7.17
N ILE G 1012 30.07 -69.94 7.18
CA ILE G 1012 29.92 -71.25 7.79
C ILE G 1012 30.92 -71.35 8.93
N PRO G 1013 30.48 -71.17 10.17
CA PRO G 1013 31.41 -71.22 11.29
C PRO G 1013 31.78 -72.65 11.64
N GLU G 1014 33.03 -72.83 12.04
CA GLU G 1014 33.50 -74.15 12.39
C GLU G 1014 33.00 -74.52 13.78
N MET G 1015 32.98 -75.83 14.05
CA MET G 1015 32.50 -76.32 15.32
C MET G 1015 33.68 -76.66 16.21
N PRO G 1016 33.93 -75.91 17.27
CA PRO G 1016 34.99 -76.29 18.21
C PRO G 1016 34.56 -77.50 19.03
N GLY G 1017 35.56 -78.21 19.54
CA GLY G 1017 35.31 -79.46 20.24
C GLY G 1017 34.72 -79.22 21.62
N SER G 1018 33.80 -80.10 22.01
CA SER G 1018 33.17 -80.04 23.31
C SER G 1018 33.66 -81.19 24.18
N VAL G 1019 34.15 -80.84 25.37
CA VAL G 1019 34.66 -81.85 26.29
C VAL G 1019 33.58 -82.76 26.84
N ILE G 1020 32.31 -82.34 26.78
CA ILE G 1020 31.21 -83.21 27.18
C ILE G 1020 31.09 -84.38 26.22
N ALA G 1021 31.07 -84.11 24.91
CA ALA G 1021 31.03 -85.19 23.94
C ALA G 1021 32.32 -85.99 23.91
N ASP G 1022 33.46 -85.34 24.19
CA ASP G 1022 34.72 -86.06 24.32
C ASP G 1022 34.66 -87.06 25.47
N CYS G 1023 34.14 -86.65 26.62
CA CYS G 1023 34.04 -87.55 27.75
C CYS G 1023 32.96 -88.61 27.56
N VAL G 1024 31.90 -88.32 26.81
CA VAL G 1024 30.90 -89.34 26.52
C VAL G 1024 31.49 -90.42 25.63
N GLN G 1025 32.26 -90.03 24.60
CA GLN G 1025 32.97 -91.02 23.80
C GLN G 1025 34.02 -91.77 24.60
N LEU G 1026 34.65 -91.12 25.58
CA LEU G 1026 35.62 -91.82 26.42
C LEU G 1026 34.94 -92.86 27.30
N THR G 1027 33.79 -92.50 27.87
CA THR G 1027 33.05 -93.43 28.71
C THR G 1027 32.49 -94.58 27.87
N ALA G 1028 32.17 -94.33 26.60
CA ALA G 1028 31.81 -95.41 25.70
C ALA G 1028 32.97 -96.37 25.46
N GLU G 1029 34.17 -95.82 25.22
CA GLU G 1029 35.35 -96.65 25.05
C GLU G 1029 35.67 -97.47 26.29
N VAL G 1030 35.42 -96.92 27.48
CA VAL G 1030 35.63 -97.69 28.71
C VAL G 1030 34.54 -98.74 28.89
N PHE G 1031 33.29 -98.40 28.52
CA PHE G 1031 32.18 -99.33 28.61
C PHE G 1031 32.36 -100.55 27.73
N ASN G 1032 33.05 -100.40 26.59
CA ASN G 1032 33.35 -101.53 25.71
C ASN G 1032 34.19 -102.62 26.40
N HIS G 1033 34.93 -102.29 27.44
CA HIS G 1033 35.65 -103.29 28.22
C HIS G 1033 35.09 -103.51 29.61
N GLU G 1034 34.28 -102.59 30.12
CA GLU G 1034 33.70 -102.71 31.44
C GLU G 1034 32.18 -102.80 31.36
N TYR G 1035 31.68 -103.54 30.36
CA TYR G 1035 30.24 -103.75 30.23
C TYR G 1035 29.64 -104.51 31.41
N ASN G 1036 30.42 -105.37 32.07
CA ASN G 1036 29.90 -106.16 33.17
C ASN G 1036 29.59 -105.34 34.41
N LEU G 1037 30.15 -104.14 34.54
CA LEU G 1037 29.88 -103.36 35.74
C LEU G 1037 28.52 -102.72 35.69
N PHE G 1038 28.05 -102.31 34.52
CA PHE G 1038 26.77 -101.63 34.41
C PHE G 1038 25.60 -102.59 34.28
N GLY G 1039 25.80 -103.86 34.64
CA GLY G 1039 24.72 -104.83 34.61
C GLY G 1039 24.35 -105.34 33.23
N ILE G 1040 25.32 -105.44 32.33
CA ILE G 1040 25.08 -105.96 30.98
C ILE G 1040 26.10 -107.06 30.73
N ALA G 1041 25.63 -108.18 30.17
CA ALA G 1041 26.54 -109.18 29.64
C ALA G 1041 26.62 -109.07 28.12
N ARG G 1042 27.75 -109.51 27.58
CA ARG G 1042 27.97 -109.53 26.14
C ARG G 1042 27.82 -110.95 25.64
N GLY G 1043 27.22 -111.09 24.46
CA GLY G 1043 27.13 -112.40 23.86
C GLY G 1043 25.71 -112.92 23.90
N ASP G 1044 25.54 -114.20 24.22
CA ASP G 1044 24.22 -114.80 24.23
C ASP G 1044 24.19 -115.98 25.18
N ILE G 1045 23.04 -116.64 25.25
CA ILE G 1045 22.77 -117.65 26.26
C ILE G 1045 22.40 -118.97 25.59
N ILE G 1046 22.46 -120.04 26.38
CA ILE G 1046 22.13 -121.39 25.96
C ILE G 1046 21.20 -121.99 27.01
N ILE G 1047 20.10 -122.60 26.56
CA ILE G 1047 19.05 -123.03 27.48
C ILE G 1047 18.99 -124.56 27.45
N GLY G 1048 20.16 -125.19 27.42
CA GLY G 1048 20.22 -126.62 27.60
C GLY G 1048 20.02 -127.04 29.04
N ARG G 1049 20.19 -128.35 29.26
CA ARG G 1049 20.05 -128.96 30.57
C ARG G 1049 21.41 -129.51 30.98
N VAL G 1050 21.94 -129.03 32.10
CA VAL G 1050 23.20 -129.52 32.64
C VAL G 1050 22.96 -129.88 34.10
N GLN G 1051 23.05 -131.17 34.42
CA GLN G 1051 22.89 -131.65 35.79
C GLN G 1051 24.17 -132.32 36.21
N SER G 1052 24.91 -131.69 37.13
CA SER G 1052 26.15 -132.24 37.64
C SER G 1052 26.44 -131.60 38.99
N THR G 1053 27.33 -132.23 39.73
CA THR G 1053 27.73 -131.74 41.04
C THR G 1053 28.95 -130.84 40.99
N HIS G 1054 29.28 -130.31 39.81
CA HIS G 1054 30.43 -129.44 39.69
C HIS G 1054 30.06 -128.02 40.12
N LEU G 1055 31.09 -127.21 40.35
CA LEU G 1055 30.91 -125.91 40.97
C LEU G 1055 31.38 -124.78 40.06
N TRP G 1056 31.28 -124.95 38.75
CA TRP G 1056 31.67 -123.90 37.83
C TRP G 1056 30.56 -122.85 37.74
N SER G 1057 30.97 -121.60 37.63
CA SER G 1057 30.03 -120.50 37.61
C SER G 1057 29.45 -120.31 36.21
N PRO G 1058 28.14 -120.06 36.09
CA PRO G 1058 27.54 -119.93 34.75
C PRO G 1058 27.91 -118.66 34.01
N LEU G 1059 28.54 -117.69 34.66
CA LEU G 1059 29.07 -116.54 33.95
C LEU G 1059 30.44 -116.81 33.35
N ALA G 1060 31.04 -117.97 33.64
CA ALA G 1060 32.28 -118.41 33.02
C ALA G 1060 32.19 -119.90 32.77
N PRO G 1061 31.47 -120.32 31.73
CA PRO G 1061 31.21 -121.74 31.53
C PRO G 1061 32.41 -122.43 30.92
N PRO G 1062 32.54 -123.75 31.09
CA PRO G 1062 33.58 -124.47 30.37
C PRO G 1062 33.20 -124.59 28.90
N PRO G 1063 34.18 -124.60 28.00
CA PRO G 1063 33.88 -124.57 26.56
C PRO G 1063 33.41 -125.89 25.97
N ASP G 1064 33.17 -126.91 26.80
CA ASP G 1064 32.55 -128.13 26.30
C ASP G 1064 31.11 -127.88 25.89
N LEU G 1065 30.40 -127.04 26.64
CA LEU G 1065 28.96 -126.96 26.52
C LEU G 1065 28.50 -126.04 25.39
N VAL G 1066 29.30 -125.04 25.05
CA VAL G 1066 28.86 -124.06 24.08
C VAL G 1066 29.06 -124.60 22.66
N PHE G 1067 28.42 -123.93 21.71
CA PHE G 1067 28.52 -124.25 20.30
C PHE G 1067 28.25 -122.98 19.51
N ASP G 1068 28.45 -123.04 18.20
CA ASP G 1068 28.23 -121.86 17.37
C ASP G 1068 27.76 -122.28 15.99
N ARG G 1069 27.73 -121.32 15.07
CA ARG G 1069 27.38 -121.60 13.69
C ARG G 1069 28.46 -122.44 13.00
N ASP G 1070 29.71 -122.30 13.45
CA ASP G 1070 30.81 -123.07 12.89
C ASP G 1070 30.83 -124.51 13.40
N THR G 1071 30.12 -124.79 14.49
CA THR G 1071 30.09 -126.15 15.02
C THR G 1071 29.28 -127.04 14.08
N PRO G 1072 29.83 -128.17 13.64
CA PRO G 1072 29.10 -129.01 12.70
C PRO G 1072 27.96 -129.75 13.37
N GLY G 1073 26.95 -130.08 12.59
CA GLY G 1073 25.76 -130.75 13.11
C GLY G 1073 24.82 -129.86 13.88
N VAL G 1074 24.85 -128.55 13.62
CA VAL G 1074 24.04 -127.59 14.35
C VAL G 1074 23.08 -126.95 13.37
N HIS G 1075 21.78 -127.07 13.63
CA HIS G 1075 20.78 -126.54 12.73
C HIS G 1075 20.49 -125.08 13.06
N ILE G 1076 20.25 -124.29 12.02
CA ILE G 1076 20.12 -122.84 12.12
C ILE G 1076 18.73 -122.44 11.62
N PHE G 1077 18.02 -121.66 12.42
CA PHE G 1077 16.67 -121.24 12.07
C PHE G 1077 16.64 -119.73 11.85
N GLY G 1078 15.98 -119.32 10.78
CA GLY G 1078 15.96 -117.91 10.43
C GLY G 1078 14.57 -117.31 10.47
N ARG G 1079 14.12 -116.80 9.33
CA ARG G 1079 12.82 -116.16 9.25
C ARG G 1079 11.68 -117.14 9.01
N ASP G 1080 11.99 -118.40 8.73
CA ASP G 1080 11.00 -119.39 8.34
C ASP G 1080 10.77 -120.34 9.49
N CYS G 1081 9.50 -120.50 9.88
CA CYS G 1081 9.12 -121.51 10.87
C CYS G 1081 7.81 -122.16 10.43
N ARG G 1082 7.93 -123.37 9.89
CA ARG G 1082 6.79 -124.23 9.60
C ARG G 1082 6.94 -125.47 10.45
N ILE G 1083 5.95 -125.74 11.29
CA ILE G 1083 5.99 -126.88 12.20
C ILE G 1083 4.90 -127.86 11.81
N SER G 1084 5.31 -129.07 11.43
CA SER G 1084 4.38 -130.16 11.17
C SER G 1084 4.14 -130.94 12.44
N PHE G 1085 2.88 -131.27 12.69
CA PHE G 1085 2.55 -132.06 13.86
C PHE G 1085 2.88 -133.54 13.61
N GLY G 1086 3.09 -134.26 14.69
CA GLY G 1086 3.45 -135.66 14.57
C GLY G 1086 2.28 -136.59 14.72
N MET G 1087 1.81 -137.16 13.61
CA MET G 1087 0.68 -138.06 13.63
C MET G 1087 1.15 -139.49 13.87
N ASN G 1088 0.39 -140.22 14.69
CA ASN G 1088 0.55 -141.66 14.93
C ASN G 1088 1.90 -141.99 15.54
N GLY G 1089 2.27 -141.26 16.59
CA GLY G 1089 3.46 -141.55 17.35
C GLY G 1089 4.74 -140.97 16.79
N ALA G 1090 4.74 -140.51 15.54
CA ALA G 1090 5.94 -139.91 14.98
C ALA G 1090 6.19 -138.55 15.61
N ALA G 1091 7.43 -138.12 15.56
CA ALA G 1091 7.79 -136.89 16.22
C ALA G 1091 7.39 -135.68 15.35
N PRO G 1092 7.00 -134.58 15.98
CA PRO G 1092 6.76 -133.36 15.22
C PRO G 1092 8.08 -132.76 14.75
N MET G 1093 8.01 -132.05 13.62
CA MET G 1093 9.20 -131.53 12.98
C MET G 1093 9.07 -130.04 12.75
N ILE G 1094 10.23 -129.38 12.62
CA ILE G 1094 10.31 -127.95 12.35
C ILE G 1094 11.22 -127.76 11.14
N ARG G 1095 10.95 -126.73 10.35
CA ARG G 1095 11.63 -126.51 9.09
C ARG G 1095 12.94 -125.77 9.30
N ASP G 1096 14.03 -126.38 8.82
CA ASP G 1096 15.36 -125.79 8.84
C ASP G 1096 15.40 -124.59 7.87
N GLU G 1097 16.46 -123.78 7.99
CA GLU G 1097 16.69 -122.72 7.02
C GLU G 1097 16.97 -123.29 5.63
N THR G 1098 17.71 -124.38 5.57
CA THR G 1098 17.99 -125.03 4.29
C THR G 1098 17.00 -126.14 3.98
N GLY G 1099 15.70 -125.83 4.12
CA GLY G 1099 14.63 -126.70 3.65
C GLY G 1099 14.48 -128.06 4.29
N MET G 1100 15.17 -128.33 5.39
CA MET G 1100 15.09 -129.64 6.02
C MET G 1100 14.07 -129.63 7.14
N MET G 1101 13.60 -130.82 7.49
CA MET G 1101 12.64 -131.01 8.57
C MET G 1101 13.34 -131.82 9.66
N VAL G 1102 13.49 -131.23 10.84
CA VAL G 1102 14.26 -131.88 11.91
C VAL G 1102 13.38 -132.13 13.12
N PRO G 1103 13.61 -133.21 13.86
CA PRO G 1103 12.89 -133.44 15.11
C PRO G 1103 13.44 -132.56 16.22
N PHE G 1104 12.88 -132.73 17.42
CA PHE G 1104 13.18 -131.83 18.53
C PHE G 1104 14.35 -132.37 19.34
N GLU G 1105 15.53 -132.33 18.71
CA GLU G 1105 16.76 -132.82 19.33
C GLU G 1105 17.91 -131.88 18.97
N GLY G 1106 19.09 -132.19 19.51
CA GLY G 1106 20.31 -131.58 19.02
C GLY G 1106 20.55 -130.16 19.51
N ASN G 1107 21.23 -129.38 18.68
CA ASN G 1107 21.59 -128.01 18.99
C ASN G 1107 20.97 -127.08 17.98
N TRP G 1108 20.26 -126.08 18.45
CA TRP G 1108 19.61 -125.11 17.59
C TRP G 1108 20.17 -123.72 17.83
N ILE G 1109 19.93 -122.82 16.89
CA ILE G 1109 20.33 -121.42 17.01
C ILE G 1109 19.15 -120.55 16.60
N PHE G 1110 18.65 -119.77 17.54
CA PHE G 1110 17.56 -118.85 17.24
C PHE G 1110 18.04 -117.41 17.28
N PRO G 1111 17.47 -116.53 16.47
CA PRO G 1111 17.45 -115.12 16.83
C PRO G 1111 16.33 -114.85 17.81
N LEU G 1112 16.51 -113.80 18.60
CA LEU G 1112 15.57 -113.51 19.69
C LEU G 1112 14.22 -113.08 19.17
N ALA G 1113 14.20 -112.33 18.05
CA ALA G 1113 12.95 -111.87 17.47
C ALA G 1113 12.09 -113.02 16.96
N LEU G 1114 12.71 -114.13 16.57
CA LEU G 1114 11.95 -115.30 16.14
C LEU G 1114 11.17 -115.91 17.29
N TRP G 1115 11.77 -115.95 18.49
CA TRP G 1115 11.03 -116.37 19.66
C TRP G 1115 9.97 -115.34 20.05
N GLN G 1116 10.29 -114.06 19.89
CA GLN G 1116 9.37 -113.01 20.34
C GLN G 1116 8.10 -112.98 19.49
N MET G 1117 8.22 -113.20 18.18
CA MET G 1117 7.04 -113.15 17.33
C MET G 1117 6.13 -114.35 17.52
N ASN G 1118 6.62 -115.44 18.11
CA ASN G 1118 5.87 -116.68 18.22
C ASN G 1118 6.04 -117.29 19.59
N THR G 1119 6.01 -116.45 20.63
CA THR G 1119 6.31 -116.89 21.99
C THR G 1119 5.31 -117.89 22.57
N ARG G 1120 4.01 -117.70 22.35
CA ARG G 1120 3.07 -118.64 22.96
C ARG G 1120 3.00 -119.93 22.17
N TYR G 1121 3.14 -119.86 20.86
CA TYR G 1121 3.15 -121.07 20.05
C TYR G 1121 4.42 -121.87 20.27
N PHE G 1122 5.52 -121.22 20.65
CA PHE G 1122 6.74 -121.98 20.91
C PHE G 1122 6.79 -122.53 22.32
N ASN G 1123 6.11 -121.88 23.28
CA ASN G 1123 6.12 -122.37 24.65
C ASN G 1123 5.44 -123.72 24.78
N GLN G 1124 4.31 -123.90 24.11
CA GLN G 1124 3.57 -125.15 24.25
C GLN G 1124 4.19 -126.27 23.45
N GLN G 1125 5.11 -125.97 22.54
CA GLN G 1125 5.76 -127.00 21.74
C GLN G 1125 7.12 -127.40 22.29
N PHE G 1126 7.87 -126.46 22.86
CA PHE G 1126 9.28 -126.69 23.15
C PHE G 1126 9.60 -126.89 24.62
N ASP G 1127 8.81 -126.33 25.53
CA ASP G 1127 9.20 -126.33 26.93
C ASP G 1127 9.08 -127.70 27.58
N ALA G 1128 8.24 -128.57 27.03
CA ALA G 1128 8.17 -129.93 27.55
C ALA G 1128 9.38 -130.76 27.13
N TRP G 1129 10.12 -130.32 26.13
CA TRP G 1129 11.30 -131.02 25.65
C TRP G 1129 12.59 -130.49 26.24
N ILE G 1130 12.63 -129.21 26.60
CA ILE G 1130 13.83 -128.64 27.20
C ILE G 1130 14.04 -129.18 28.60
N LYS G 1131 12.94 -129.41 29.33
CA LYS G 1131 13.02 -129.80 30.72
C LYS G 1131 13.54 -131.23 30.88
N THR G 1132 12.83 -132.20 30.32
CA THR G 1132 13.15 -133.60 30.55
C THR G 1132 13.81 -134.31 29.39
N GLY G 1133 13.64 -133.81 28.16
CA GLY G 1133 14.32 -134.38 27.01
C GLY G 1133 15.73 -133.85 26.89
N GLU G 1134 16.22 -133.78 25.66
CA GLU G 1134 17.49 -133.11 25.40
C GLU G 1134 17.42 -132.36 24.08
N LEU G 1135 17.66 -131.06 24.16
CA LEU G 1135 17.92 -130.16 23.04
C LEU G 1135 18.44 -128.86 23.63
N ARG G 1136 19.30 -128.19 22.89
CA ARG G 1136 19.89 -126.93 23.32
C ARG G 1136 19.46 -125.85 22.34
N ILE G 1137 19.17 -124.67 22.86
CA ILE G 1137 18.72 -123.55 22.05
C ILE G 1137 19.59 -122.36 22.38
N ARG G 1138 20.40 -121.91 21.42
CA ARG G 1138 21.25 -120.74 21.61
C ARG G 1138 20.51 -119.52 21.07
N ILE G 1139 19.84 -118.80 21.96
CA ILE G 1139 19.12 -117.60 21.58
C ILE G 1139 20.10 -116.44 21.58
N GLU G 1140 20.28 -115.80 20.43
CA GLU G 1140 21.27 -114.73 20.31
C GLU G 1140 20.61 -113.37 20.34
N MET G 1141 21.14 -112.50 21.21
CA MET G 1141 20.66 -111.12 21.30
C MET G 1141 21.76 -110.08 21.44
N GLY G 1142 23.00 -110.46 21.74
CA GLY G 1142 24.06 -109.48 21.87
C GLY G 1142 24.24 -108.94 23.27
N ALA G 1143 23.23 -108.24 23.77
CA ALA G 1143 23.30 -107.63 25.09
C ALA G 1143 22.03 -107.95 25.87
N TYR G 1144 22.19 -108.16 27.18
CA TYR G 1144 21.06 -108.45 28.03
C TYR G 1144 21.41 -108.14 29.46
N PRO G 1145 20.49 -107.61 30.26
CA PRO G 1145 20.73 -107.47 31.69
C PRO G 1145 20.58 -108.80 32.40
N TYR G 1146 21.36 -108.98 33.45
CA TYR G 1146 21.39 -110.24 34.17
C TYR G 1146 21.03 -110.03 35.64
N MET G 1147 20.38 -111.03 36.20
CA MET G 1147 20.00 -111.05 37.61
C MET G 1147 20.54 -112.33 38.20
N LEU G 1148 20.96 -112.29 39.46
CA LEU G 1148 21.68 -113.41 40.05
C LEU G 1148 20.89 -114.05 41.19
N HIS G 1149 21.21 -115.31 41.46
CA HIS G 1149 20.66 -116.05 42.58
C HIS G 1149 21.74 -116.95 43.13
N TYR G 1150 22.10 -116.76 44.40
CA TYR G 1150 23.18 -117.53 45.01
C TYR G 1150 22.59 -118.67 45.81
N TYR G 1151 22.92 -119.89 45.43
CA TYR G 1151 22.42 -121.07 46.12
C TYR G 1151 23.51 -121.69 46.98
N ASP G 1152 23.09 -122.44 47.97
CA ASP G 1152 24.06 -123.14 48.80
C ASP G 1152 24.45 -124.45 48.14
N PRO G 1153 25.75 -124.70 47.93
CA PRO G 1153 26.16 -125.87 47.15
C PRO G 1153 26.03 -127.19 47.87
N ARG G 1154 25.68 -127.21 49.15
CA ARG G 1154 25.52 -128.47 49.87
C ARG G 1154 24.11 -129.03 49.77
N GLN G 1155 23.18 -128.32 49.14
CA GLN G 1155 21.78 -128.77 49.06
C GLN G 1155 21.34 -128.87 47.61
N TYR G 1156 20.17 -129.47 47.43
CA TYR G 1156 19.60 -129.63 46.09
C TYR G 1156 19.12 -128.28 45.57
N ALA G 1157 19.21 -128.12 44.26
CA ALA G 1157 18.75 -126.92 43.59
C ALA G 1157 18.15 -127.27 42.25
N ASN G 1158 17.35 -126.37 41.71
CA ASN G 1158 16.71 -126.58 40.42
C ASN G 1158 16.41 -125.22 39.83
N ALA G 1159 16.59 -125.09 38.53
CA ALA G 1159 16.49 -123.80 37.87
C ALA G 1159 15.19 -123.63 37.10
N TRP G 1160 14.29 -124.60 37.14
CA TRP G 1160 13.15 -124.59 36.24
C TRP G 1160 12.14 -123.52 36.60
N ASN G 1161 11.92 -123.26 37.89
CA ASN G 1161 10.97 -122.23 38.28
C ASN G 1161 11.48 -120.82 37.97
N LEU G 1162 12.78 -120.66 37.72
CA LEU G 1162 13.31 -119.39 37.28
C LEU G 1162 13.32 -119.28 35.76
N THR G 1163 13.80 -120.32 35.08
CA THR G 1163 13.92 -120.24 33.63
C THR G 1163 12.57 -120.33 32.93
N SER G 1164 11.63 -121.10 33.47
CA SER G 1164 10.28 -121.09 32.92
C SER G 1164 9.61 -119.74 33.14
N ALA G 1165 9.86 -119.11 34.30
CA ALA G 1165 9.32 -117.78 34.54
C ALA G 1165 9.96 -116.74 33.63
N TRP G 1166 11.19 -116.98 33.18
CA TRP G 1166 11.76 -116.08 32.18
C TRP G 1166 11.19 -116.35 30.80
N LEU G 1167 10.99 -117.62 30.45
CA LEU G 1167 10.54 -117.95 29.10
C LEU G 1167 9.08 -117.62 28.88
N GLU G 1168 8.25 -117.66 29.93
CA GLU G 1168 6.85 -117.32 29.75
C GLU G 1168 6.67 -115.83 29.50
N GLU G 1169 7.48 -115.00 30.15
CA GLU G 1169 7.29 -113.57 30.11
C GLU G 1169 7.91 -112.90 28.90
N ILE G 1170 8.50 -113.66 27.99
CA ILE G 1170 8.94 -113.07 26.73
C ILE G 1170 7.70 -112.81 25.89
N THR G 1171 7.46 -111.56 25.56
CA THR G 1171 6.57 -110.62 24.90
C THR G 1171 7.19 -110.17 23.59
N PRO G 1172 6.40 -109.94 22.53
CA PRO G 1172 6.95 -109.38 21.29
C PRO G 1172 7.53 -107.98 21.44
N THR G 1173 7.30 -107.28 22.55
CA THR G 1173 7.89 -105.98 22.77
C THR G 1173 8.81 -105.89 23.98
N SER G 1174 8.98 -106.96 24.76
CA SER G 1174 9.81 -106.86 25.95
C SER G 1174 10.32 -108.22 26.37
N ILE G 1175 11.47 -108.22 27.02
CA ILE G 1175 11.96 -109.37 27.77
C ILE G 1175 12.27 -108.91 29.19
N PRO G 1176 12.20 -109.78 30.19
CA PRO G 1176 12.71 -109.41 31.51
C PRO G 1176 14.18 -109.76 31.62
N SER G 1177 14.82 -109.43 32.73
CA SER G 1177 16.24 -109.71 32.86
C SER G 1177 16.48 -111.21 33.05
N VAL G 1178 17.69 -111.63 32.70
CA VAL G 1178 18.00 -113.06 32.61
C VAL G 1178 18.52 -113.56 33.95
N PRO G 1179 17.94 -114.62 34.51
CA PRO G 1179 18.41 -115.13 35.80
C PRO G 1179 19.52 -116.16 35.67
N PHE G 1180 20.40 -116.18 36.66
CA PHE G 1180 21.47 -117.16 36.73
C PHE G 1180 21.54 -117.73 38.14
N MET G 1181 22.26 -118.84 38.28
CA MET G 1181 22.45 -119.50 39.57
C MET G 1181 23.94 -119.71 39.80
N VAL G 1182 24.51 -118.96 40.73
CA VAL G 1182 25.94 -119.01 41.03
C VAL G 1182 26.10 -119.67 42.39
N PRO G 1183 26.95 -120.69 42.52
CA PRO G 1183 27.16 -121.31 43.82
C PRO G 1183 27.98 -120.42 44.75
N ILE G 1184 27.65 -120.49 46.03
CA ILE G 1184 28.36 -119.71 47.04
C ILE G 1184 29.67 -120.41 47.37
N SER G 1185 30.78 -119.74 47.09
CA SER G 1185 32.09 -120.33 47.32
C SER G 1185 32.40 -120.33 48.81
N SER G 1186 32.33 -121.50 49.44
CA SER G 1186 32.71 -121.65 50.83
C SER G 1186 34.21 -121.87 50.91
N ASP G 1187 34.78 -121.58 52.08
CA ASP G 1187 36.20 -121.83 52.27
C ASP G 1187 36.51 -123.30 52.49
N HIS G 1188 36.05 -123.85 53.61
CA HIS G 1188 36.51 -125.15 54.05
C HIS G 1188 35.85 -126.26 53.23
N ASP G 1189 36.22 -127.50 53.55
CA ASP G 1189 35.73 -128.66 52.81
C ASP G 1189 34.24 -128.83 53.04
N ILE G 1190 33.49 -128.93 51.95
CA ILE G 1190 32.05 -129.08 52.00
C ILE G 1190 31.66 -130.39 51.35
N SER G 1191 30.39 -130.74 51.46
CA SER G 1191 29.87 -131.94 50.84
C SER G 1191 29.51 -131.63 49.38
N SER G 1192 28.84 -132.56 48.73
CA SER G 1192 28.50 -132.41 47.33
C SER G 1192 27.03 -132.78 47.13
N ALA G 1193 26.33 -131.98 46.32
CA ALA G 1193 24.91 -132.16 46.11
C ALA G 1193 24.62 -131.88 44.64
N PRO G 1194 23.62 -132.54 44.06
CA PRO G 1194 23.32 -132.30 42.64
C PRO G 1194 22.62 -130.97 42.43
N ALA G 1195 23.04 -130.26 41.40
CA ALA G 1195 22.47 -128.98 41.02
C ALA G 1195 22.16 -129.02 39.53
N VAL G 1196 21.06 -128.39 39.14
CA VAL G 1196 20.54 -128.47 37.78
C VAL G 1196 20.53 -127.07 37.20
N GLN G 1197 21.48 -126.77 36.32
CA GLN G 1197 21.59 -125.47 35.67
C GLN G 1197 20.99 -125.51 34.28
N TYR G 1198 20.31 -124.42 33.90
CA TYR G 1198 19.69 -124.33 32.58
C TYR G 1198 20.29 -123.23 31.72
N ILE G 1199 20.27 -121.98 32.16
CA ILE G 1199 20.76 -120.87 31.36
C ILE G 1199 22.22 -120.64 31.69
N ILE G 1200 23.09 -120.84 30.72
CA ILE G 1200 24.50 -120.51 30.84
C ILE G 1200 24.80 -119.37 29.89
N SER G 1201 25.93 -118.71 30.10
CA SER G 1201 26.37 -117.67 29.20
C SER G 1201 27.24 -118.27 28.12
N THR G 1202 27.73 -117.42 27.23
CA THR G 1202 28.64 -117.84 26.18
C THR G 1202 30.07 -117.41 26.43
N GLU G 1203 30.27 -116.12 26.71
CA GLU G 1203 31.58 -115.56 26.95
C GLU G 1203 31.83 -115.42 28.44
N TYR G 1204 32.96 -114.84 28.77
CA TYR G 1204 33.26 -114.51 30.16
C TYR G 1204 32.44 -113.29 30.57
N ASN G 1205 31.74 -113.40 31.69
CA ASN G 1205 30.96 -112.29 32.22
C ASN G 1205 31.16 -112.13 33.72
N ASP G 1206 32.25 -112.69 34.26
CA ASP G 1206 32.49 -112.69 35.69
C ASP G 1206 33.48 -111.61 36.09
N ARG G 1207 33.39 -110.44 35.45
CA ARG G 1207 34.37 -109.40 35.69
C ARG G 1207 34.03 -108.55 36.92
N SER G 1208 32.74 -108.42 37.23
CA SER G 1208 32.32 -107.63 38.39
C SER G 1208 32.65 -108.30 39.72
N LEU G 1209 33.02 -109.57 39.71
CA LEU G 1209 33.42 -110.24 40.94
C LEU G 1209 34.73 -109.66 41.45
N PHE G 1210 34.78 -109.31 42.74
CA PHE G 1210 35.95 -108.66 43.31
C PHE G 1210 36.83 -109.63 44.09
N CYS G 1211 36.28 -110.25 45.12
CA CYS G 1211 37.08 -111.14 45.96
C CYS G 1211 36.17 -112.16 46.59
N THR G 1212 36.69 -113.36 46.78
CA THR G 1212 35.93 -114.47 47.34
C THR G 1212 36.50 -114.83 48.70
N ASN G 1213 35.62 -114.77 49.72
CA ASN G 1213 35.77 -115.19 51.10
C ASN G 1213 36.67 -114.29 51.95
N SER G 1214 37.53 -113.46 51.33
CA SER G 1214 38.01 -112.17 51.82
C SER G 1214 38.60 -112.08 53.24
N SER G 1215 38.51 -113.15 54.03
CA SER G 1215 39.08 -113.23 55.36
C SER G 1215 39.65 -114.60 55.66
N SER G 1216 39.35 -115.59 54.84
CA SER G 1216 39.87 -116.92 54.98
C SER G 1216 41.25 -116.97 54.32
N PRO G 1217 42.06 -117.99 54.64
CA PRO G 1217 43.34 -118.11 53.94
C PRO G 1217 43.23 -118.40 52.46
N GLN G 1218 42.18 -119.08 52.01
CA GLN G 1218 42.08 -119.53 50.64
C GLN G 1218 40.61 -119.77 50.30
N THR G 1219 40.36 -120.50 49.23
CA THR G 1219 39.02 -120.94 48.87
C THR G 1219 39.17 -122.32 48.23
N ILE G 1220 38.79 -123.36 48.96
CA ILE G 1220 38.98 -124.71 48.45
C ILE G 1220 37.94 -125.03 47.38
N ALA G 1221 36.66 -124.88 47.69
CA ALA G 1221 35.60 -125.28 46.79
C ALA G 1221 34.78 -124.07 46.38
N GLY G 1222 34.55 -123.92 45.07
CA GLY G 1222 33.78 -122.83 44.54
C GLY G 1222 34.59 -121.95 43.62
N PRO G 1223 33.93 -120.97 43.00
CA PRO G 1223 34.65 -120.01 42.16
C PRO G 1223 35.42 -119.04 43.04
N ASP G 1224 36.72 -118.93 42.82
CA ASP G 1224 37.52 -117.99 43.57
C ASP G 1224 38.24 -117.00 42.67
N LYS G 1225 38.56 -115.86 43.25
CA LYS G 1225 39.53 -114.95 42.68
C LYS G 1225 40.10 -114.12 43.82
N HIS G 1226 41.35 -113.71 43.67
CA HIS G 1226 41.97 -112.86 44.67
C HIS G 1226 41.65 -111.40 44.36
N ILE G 1227 42.15 -110.51 45.19
CA ILE G 1227 41.97 -109.08 44.95
C ILE G 1227 42.74 -108.70 43.68
N PRO G 1228 42.10 -108.01 42.72
CA PRO G 1228 42.76 -107.80 41.42
C PRO G 1228 43.96 -106.89 41.47
N VAL G 1229 45.12 -107.51 41.23
CA VAL G 1229 46.39 -106.80 41.20
C VAL G 1229 46.43 -105.83 40.02
N GLU G 1230 45.79 -106.20 38.91
CA GLU G 1230 45.78 -105.37 37.71
C GLU G 1230 45.04 -104.06 37.90
N ARG G 1231 44.15 -103.98 38.88
CA ARG G 1231 43.60 -102.68 39.26
C ARG G 1231 44.65 -101.87 40.02
N TYR G 1232 45.07 -102.37 41.18
CA TYR G 1232 45.97 -101.62 42.05
C TYR G 1232 47.39 -101.69 41.51
N ASN G 1233 47.59 -100.96 40.42
CA ASN G 1233 48.86 -100.98 39.71
C ASN G 1233 49.92 -100.18 40.46
N ILE G 1234 49.52 -99.08 41.07
CA ILE G 1234 50.46 -98.15 41.69
C ILE G 1234 51.07 -98.76 42.95
N LEU G 1235 50.31 -99.56 43.69
CA LEU G 1235 50.89 -100.26 44.83
C LEU G 1235 51.79 -101.40 44.37
N THR G 1236 51.24 -102.34 43.61
CA THR G 1236 51.90 -103.61 43.40
C THR G 1236 53.05 -103.56 42.41
N ASN G 1237 53.17 -102.49 41.63
CA ASN G 1237 54.27 -102.39 40.67
C ASN G 1237 55.23 -101.32 41.16
N PRO G 1238 56.41 -101.68 41.67
CA PRO G 1238 57.36 -100.65 42.10
C PRO G 1238 58.00 -99.89 40.97
N ASP G 1239 58.01 -100.47 39.76
CA ASP G 1239 58.57 -99.83 38.58
C ASP G 1239 57.54 -99.02 37.81
N ALA G 1240 56.39 -98.76 38.39
CA ALA G 1240 55.44 -97.94 37.66
C ALA G 1240 55.49 -96.50 38.15
N PRO G 1241 55.43 -95.53 37.24
CA PRO G 1241 55.35 -94.14 37.67
C PRO G 1241 54.00 -93.88 38.31
N PRO G 1242 53.94 -92.95 39.27
CA PRO G 1242 52.68 -92.75 40.02
C PRO G 1242 51.56 -92.16 39.20
N THR G 1243 51.85 -91.35 38.20
CA THR G 1243 50.83 -90.73 37.37
C THR G 1243 50.58 -91.56 36.12
N GLN G 1244 50.24 -92.83 36.32
CA GLN G 1244 49.98 -93.75 35.22
C GLN G 1244 48.56 -94.28 35.32
N ILE G 1245 47.83 -94.18 34.22
CA ILE G 1245 46.53 -94.83 34.09
C ILE G 1245 46.59 -95.81 32.93
N GLN G 1246 45.81 -96.87 33.05
CA GLN G 1246 45.62 -97.87 31.99
C GLN G 1246 44.15 -97.81 31.65
N LEU G 1247 43.78 -96.87 30.81
CA LEU G 1247 42.40 -96.41 30.82
C LEU G 1247 41.40 -97.26 30.04
N PRO G 1248 41.63 -97.68 28.78
CA PRO G 1248 40.56 -98.42 28.09
C PRO G 1248 40.41 -99.86 28.56
N GLU G 1249 41.40 -100.42 29.24
CA GLU G 1249 41.34 -101.83 29.63
C GLU G 1249 40.86 -102.02 31.06
N VAL G 1250 41.42 -101.30 32.00
CA VAL G 1250 41.04 -101.39 33.40
C VAL G 1250 40.72 -100.00 33.93
N VAL G 1251 40.39 -99.92 35.21
CA VAL G 1251 39.85 -98.71 35.82
C VAL G 1251 40.75 -98.27 36.98
N ASP G 1252 41.45 -99.25 37.55
CA ASP G 1252 42.61 -99.15 38.45
C ASP G 1252 42.34 -98.72 39.90
N LEU G 1253 41.16 -98.19 40.22
CA LEU G 1253 40.63 -98.08 41.59
C LEU G 1253 41.47 -97.35 42.64
N TYR G 1254 42.63 -96.80 42.28
CA TYR G 1254 43.50 -96.12 43.24
C TYR G 1254 44.47 -95.28 42.42
N ASN G 1255 44.42 -93.97 42.57
CA ASN G 1255 45.22 -93.11 41.72
C ASN G 1255 45.70 -91.90 42.50
N VAL G 1256 46.64 -91.18 41.90
CA VAL G 1256 46.98 -89.84 42.32
C VAL G 1256 45.98 -88.86 41.74
N VAL G 1257 45.53 -87.90 42.53
CA VAL G 1257 44.57 -86.91 42.06
C VAL G 1257 44.99 -85.53 42.55
N THR G 1258 44.88 -84.54 41.68
CA THR G 1258 45.19 -83.17 42.04
C THR G 1258 43.98 -82.53 42.72
N ARG G 1259 44.25 -81.71 43.73
CA ARG G 1259 43.18 -81.09 44.49
C ARG G 1259 43.43 -79.60 44.60
N TYR G 1260 42.59 -78.82 43.94
CA TYR G 1260 42.80 -77.38 43.84
C TYR G 1260 42.15 -76.65 45.00
N ALA G 1261 42.68 -75.47 45.27
CA ALA G 1261 42.16 -74.58 46.30
C ALA G 1261 42.03 -73.17 45.76
N TYR G 1262 41.57 -73.06 44.52
CA TYR G 1262 41.35 -71.75 43.92
C TYR G 1262 40.10 -71.12 44.52
N GLU G 1263 39.87 -69.86 44.19
CA GLU G 1263 38.69 -69.16 44.64
C GLU G 1263 38.18 -68.28 43.51
N THR G 1264 36.85 -68.13 43.45
CA THR G 1264 36.15 -67.49 42.33
C THR G 1264 35.40 -66.27 42.83
N PRO G 1265 36.02 -65.10 42.86
CA PRO G 1265 35.31 -63.91 43.29
C PRO G 1265 34.61 -63.26 42.12
N PRO G 1266 33.62 -62.39 42.36
CA PRO G 1266 33.06 -61.60 41.28
C PRO G 1266 34.05 -60.54 40.81
N ILE G 1267 33.83 -60.06 39.59
CA ILE G 1267 34.80 -59.20 38.92
C ILE G 1267 34.84 -57.82 39.56
N THR G 1268 33.72 -57.37 40.11
CA THR G 1268 33.71 -56.10 40.83
C THR G 1268 34.36 -56.19 42.19
N ALA G 1269 34.65 -57.39 42.68
CA ALA G 1269 35.37 -57.57 43.93
C ALA G 1269 36.88 -57.56 43.72
N VAL G 1270 37.34 -57.49 42.48
CA VAL G 1270 38.77 -57.44 42.20
C VAL G 1270 39.09 -56.14 41.47
N VAL G 1271 38.44 -55.91 40.34
CA VAL G 1271 38.70 -54.73 39.53
C VAL G 1271 37.77 -53.62 40.01
N MET G 1272 38.36 -52.57 40.56
CA MET G 1272 37.60 -51.41 41.01
C MET G 1272 37.91 -50.22 40.12
N GLY G 1273 36.91 -49.40 39.87
CA GLY G 1273 37.03 -48.20 39.06
C GLY G 1273 36.96 -46.97 39.93
N VAL G 1274 37.73 -45.94 39.56
CA VAL G 1274 37.74 -44.72 40.35
C VAL G 1274 36.56 -43.85 39.90
N PRO G 1275 35.76 -43.34 40.85
CA PRO G 1275 34.62 -42.50 40.49
C PRO G 1275 35.03 -41.05 40.33
N GLY H 180 -9.35 -41.38 30.28
CA GLY H 180 -10.61 -40.90 30.81
C GLY H 180 -10.53 -39.50 31.39
N TYR H 181 -9.98 -38.58 30.62
CA TYR H 181 -9.78 -37.19 31.02
C TYR H 181 -10.62 -36.30 30.10
N GLN H 182 -10.39 -34.99 30.19
CA GLN H 182 -11.17 -34.02 29.44
C GLN H 182 -10.48 -33.66 28.13
N CYS H 183 -11.03 -32.67 27.43
CA CYS H 183 -10.52 -32.18 26.17
C CYS H 183 -9.66 -30.94 26.40
N HIS H 184 -9.23 -30.32 25.30
CA HIS H 184 -8.53 -29.04 25.37
C HIS H 184 -9.13 -28.01 24.42
N VAL H 185 -10.29 -28.29 23.83
CA VAL H 185 -10.95 -27.34 22.95
C VAL H 185 -12.06 -26.63 23.71
N CYS H 186 -13.04 -27.40 24.19
CA CYS H 186 -14.18 -26.85 24.90
C CYS H 186 -14.27 -27.33 26.34
N SER H 187 -13.20 -27.96 26.86
CA SER H 187 -13.06 -28.41 28.25
C SER H 187 -14.13 -29.42 28.65
N ALA H 188 -14.62 -30.20 27.68
CA ALA H 188 -15.61 -31.22 27.96
C ALA H 188 -14.93 -32.47 28.50
N VAL H 189 -15.45 -33.01 29.59
CA VAL H 189 -14.87 -34.21 30.19
C VAL H 189 -15.45 -35.43 29.52
N LEU H 190 -14.65 -36.48 29.43
CA LEU H 190 -15.09 -37.76 28.90
C LEU H 190 -14.64 -38.86 29.84
N PHE H 191 -15.26 -40.02 29.70
CA PHE H 191 -14.99 -41.18 30.55
C PHE H 191 -14.20 -42.26 29.85
N SER H 192 -14.51 -42.54 28.60
CA SER H 192 -13.72 -43.48 27.85
C SER H 192 -12.74 -42.75 26.94
N PRO H 193 -11.56 -43.32 26.68
CA PRO H 193 -10.63 -42.68 25.72
C PRO H 193 -11.08 -42.74 24.27
N LEU H 194 -12.10 -43.53 23.94
CA LEU H 194 -12.51 -43.66 22.54
C LEU H 194 -13.36 -42.47 22.10
N ASP H 195 -14.40 -42.12 22.86
CA ASP H 195 -15.17 -40.94 22.49
C ASP H 195 -14.46 -39.66 22.89
N LEU H 196 -13.46 -39.75 23.77
CA LEU H 196 -12.53 -38.64 23.97
C LEU H 196 -11.75 -38.36 22.69
N ASP H 197 -11.22 -39.41 22.05
CA ASP H 197 -10.52 -39.24 20.79
C ASP H 197 -11.46 -38.92 19.64
N ALA H 198 -12.75 -39.22 19.78
CA ALA H 198 -13.72 -38.74 18.81
C ALA H 198 -14.00 -37.25 19.00
N HIS H 199 -14.09 -36.80 20.26
CA HIS H 199 -14.34 -35.41 20.59
C HIS H 199 -13.15 -34.52 20.25
N VAL H 200 -11.94 -35.08 20.23
CA VAL H 200 -10.76 -34.32 19.80
C VAL H 200 -10.91 -33.90 18.33
N ALA H 201 -11.27 -34.84 17.46
CA ALA H 201 -11.38 -34.57 16.04
C ALA H 201 -12.75 -34.04 15.61
N SER H 202 -13.73 -34.03 16.52
CA SER H 202 -15.07 -33.58 16.14
C SER H 202 -15.20 -32.07 16.03
N HIS H 203 -14.21 -31.30 16.50
CA HIS H 203 -14.26 -29.85 16.41
C HIS H 203 -13.70 -29.32 15.09
N GLY H 204 -13.30 -30.19 14.18
CA GLY H 204 -12.77 -29.76 12.89
C GLY H 204 -13.83 -29.35 11.90
N SER H 213 -11.07 -19.85 8.44
CA SER H 213 -12.01 -18.90 7.88
C SER H 213 -13.44 -19.31 8.22
N SER H 214 -14.11 -18.47 9.04
CA SER H 214 -15.41 -18.84 9.57
C SER H 214 -16.52 -18.78 8.54
N GLU H 215 -16.37 -17.99 7.47
CA GLU H 215 -17.41 -17.93 6.46
C GLU H 215 -17.30 -19.09 5.47
N ILE H 216 -16.06 -19.53 5.19
CA ILE H 216 -15.87 -20.64 4.26
C ILE H 216 -16.36 -21.95 4.87
N GLN H 217 -16.35 -22.05 6.19
CA GLN H 217 -16.93 -23.22 6.86
C GLN H 217 -18.44 -23.30 6.66
N ARG H 218 -19.14 -22.16 6.74
CA ARG H 218 -20.57 -22.17 6.44
C ARG H 218 -20.83 -22.42 4.96
N HIS H 219 -19.96 -21.89 4.07
CA HIS H 219 -20.12 -22.17 2.65
C HIS H 219 -19.94 -23.66 2.34
N ILE H 220 -18.96 -24.33 2.95
CA ILE H 220 -18.77 -25.75 2.66
C ILE H 220 -19.82 -26.62 3.36
N THR H 221 -20.34 -26.18 4.51
CA THR H 221 -21.43 -26.92 5.16
C THR H 221 -22.70 -26.88 4.31
N GLU H 222 -23.06 -25.70 3.79
CA GLU H 222 -24.21 -25.63 2.89
C GLU H 222 -23.92 -26.22 1.52
N PHE H 223 -22.64 -26.36 1.16
CA PHE H 223 -22.25 -27.10 -0.03
C PHE H 223 -22.52 -28.59 0.11
N ILE H 224 -22.15 -29.15 1.27
CA ILE H 224 -22.33 -30.58 1.49
C ILE H 224 -23.80 -30.92 1.71
N SER H 225 -24.54 -30.09 2.46
CA SER H 225 -25.84 -30.50 2.97
C SER H 225 -26.97 -30.43 1.94
N SER H 226 -26.71 -30.06 0.70
CA SER H 226 -27.83 -29.65 -0.16
C SER H 226 -28.30 -30.73 -1.14
N TRP H 227 -27.41 -31.49 -1.79
CA TRP H 227 -27.86 -32.47 -2.78
C TRP H 227 -27.66 -33.89 -2.28
N GLN H 228 -28.32 -34.81 -2.97
CA GLN H 228 -28.15 -36.24 -2.75
C GLN H 228 -27.91 -37.02 -4.04
N ASN H 229 -28.57 -36.65 -5.13
CA ASN H 229 -28.65 -37.53 -6.31
C ASN H 229 -27.66 -37.16 -7.40
N HIS H 230 -27.43 -38.12 -8.29
CA HIS H 230 -26.63 -37.94 -9.47
C HIS H 230 -26.98 -39.02 -10.49
N ALA H 245 -46.27 -49.23 -18.10
CA ALA H 245 -45.23 -50.03 -17.49
C ALA H 245 -45.15 -51.41 -18.13
N GLN H 246 -46.02 -51.65 -19.12
CA GLN H 246 -45.95 -52.89 -19.88
C GLN H 246 -44.74 -52.93 -20.79
N LEU H 247 -44.23 -51.76 -21.20
CA LEU H 247 -42.97 -51.73 -21.93
C LEU H 247 -41.82 -52.08 -21.00
N LEU H 248 -41.95 -51.79 -19.71
CA LEU H 248 -40.97 -52.23 -18.73
C LEU H 248 -41.09 -53.72 -18.44
N HIS H 249 -42.31 -54.26 -18.43
CA HIS H 249 -42.51 -55.67 -18.18
C HIS H 249 -43.79 -56.14 -18.85
N ALA H 250 -43.68 -56.99 -19.86
CA ALA H 250 -44.82 -57.52 -20.58
C ALA H 250 -45.12 -58.95 -20.16
N ASP H 251 -46.29 -59.43 -20.55
CA ASP H 251 -46.72 -60.77 -20.21
C ASP H 251 -46.00 -61.80 -21.08
N THR H 252 -46.11 -63.06 -20.68
CA THR H 252 -45.55 -64.14 -21.47
C THR H 252 -46.64 -65.08 -21.96
N PRO H 253 -46.51 -65.62 -23.16
CA PRO H 253 -47.52 -66.55 -23.67
C PRO H 253 -47.26 -67.98 -23.23
N ARG H 254 -48.29 -68.81 -23.38
CA ARG H 254 -48.24 -70.22 -23.04
C ARG H 254 -48.04 -71.02 -24.32
N LEU H 255 -46.79 -71.34 -24.62
CA LEU H 255 -46.49 -72.08 -25.84
C LEU H 255 -46.63 -73.58 -25.66
N VAL H 256 -45.98 -74.14 -24.64
CA VAL H 256 -46.01 -75.58 -24.41
C VAL H 256 -47.26 -75.96 -23.62
N THR H 257 -48.12 -76.76 -24.25
CA THR H 257 -49.33 -77.28 -23.64
C THR H 257 -49.49 -78.72 -24.11
N TRP H 258 -49.79 -79.62 -23.19
CA TRP H 258 -49.81 -81.04 -23.51
C TRP H 258 -51.24 -81.58 -23.55
N ASP H 259 -51.43 -82.60 -24.36
CA ASP H 259 -52.73 -83.25 -24.55
C ASP H 259 -52.53 -84.74 -24.31
N ALA H 260 -53.27 -85.30 -23.36
CA ALA H 260 -53.15 -86.71 -23.05
C ALA H 260 -54.23 -87.56 -23.72
N GLY H 261 -55.39 -86.98 -24.03
CA GLY H 261 -56.42 -87.71 -24.73
C GLY H 261 -56.10 -87.89 -26.19
N LEU H 262 -56.97 -88.64 -26.85
CA LEU H 262 -56.76 -88.94 -28.27
C LEU H 262 -57.14 -87.74 -29.12
N CYS H 263 -56.27 -87.40 -30.06
CA CYS H 263 -56.41 -86.17 -30.84
C CYS H 263 -57.48 -86.36 -31.91
N THR H 264 -58.63 -85.75 -31.69
CA THR H 264 -59.68 -85.72 -32.70
C THR H 264 -60.53 -84.49 -32.49
N SER H 265 -61.34 -84.19 -33.48
CA SER H 265 -62.33 -83.12 -33.34
C SER H 265 -63.67 -83.49 -33.94
N PHE H 266 -63.80 -84.67 -34.54
CA PHE H 266 -65.03 -85.06 -35.23
C PHE H 266 -65.60 -86.25 -34.49
N LYS H 267 -66.68 -86.04 -33.74
CA LYS H 267 -67.33 -87.14 -33.03
C LYS H 267 -68.51 -87.64 -33.84
N ILE H 268 -69.04 -88.78 -33.42
CA ILE H 268 -70.14 -89.46 -34.10
C ILE H 268 -71.31 -89.53 -33.13
N VAL H 269 -72.42 -88.88 -33.47
CA VAL H 269 -73.56 -88.76 -32.58
C VAL H 269 -74.70 -89.61 -33.13
N PRO H 270 -75.38 -90.39 -32.29
CA PRO H 270 -76.58 -91.10 -32.73
C PRO H 270 -77.79 -90.17 -32.75
N ILE H 271 -78.56 -90.20 -33.83
CA ILE H 271 -79.66 -89.26 -33.98
C ILE H 271 -80.97 -89.87 -33.53
N VAL H 272 -81.43 -90.92 -34.22
CA VAL H 272 -82.68 -91.57 -33.83
C VAL H 272 -82.27 -92.85 -33.09
N PRO H 273 -83.17 -93.54 -32.39
CA PRO H 273 -82.80 -94.85 -31.83
C PRO H 273 -82.92 -95.96 -32.88
N ALA H 274 -82.51 -97.16 -32.47
CA ALA H 274 -82.59 -98.34 -33.32
C ALA H 274 -83.72 -99.24 -32.84
N GLN H 275 -84.24 -100.05 -33.76
CA GLN H 275 -85.39 -100.91 -33.48
C GLN H 275 -84.93 -102.33 -33.12
N VAL H 276 -84.35 -102.44 -31.94
CA VAL H 276 -83.78 -103.72 -31.52
C VAL H 276 -84.86 -104.72 -31.12
N PRO H 277 -85.91 -104.39 -30.32
CA PRO H 277 -87.03 -105.36 -30.24
C PRO H 277 -87.94 -105.21 -31.45
N GLN H 278 -87.90 -106.20 -32.34
CA GLN H 278 -88.69 -106.13 -33.56
C GLN H 278 -89.29 -107.50 -33.85
N ASP H 279 -90.14 -107.54 -34.87
CA ASP H 279 -90.85 -108.76 -35.21
C ASP H 279 -89.99 -109.69 -36.05
N VAL H 280 -89.23 -109.14 -36.99
CA VAL H 280 -88.63 -109.93 -38.06
C VAL H 280 -87.45 -110.73 -37.54
N LEU H 281 -86.44 -110.05 -37.02
CA LEU H 281 -85.33 -110.75 -36.38
C LEU H 281 -85.60 -110.91 -34.90
N ALA H 282 -85.11 -112.00 -34.34
CA ALA H 282 -85.18 -112.19 -32.92
C ALA H 282 -84.20 -111.25 -32.22
N TYR H 283 -84.35 -111.11 -30.91
CA TYR H 283 -83.47 -110.20 -30.19
C TYR H 283 -82.08 -110.78 -29.93
N THR H 284 -81.82 -112.01 -30.36
CA THR H 284 -80.52 -112.62 -30.14
C THR H 284 -79.54 -112.37 -31.27
N PHE H 285 -79.99 -111.78 -32.38
CA PHE H 285 -79.04 -111.45 -33.44
C PHE H 285 -78.17 -110.27 -33.08
N PHE H 286 -78.72 -109.30 -32.35
CA PHE H 286 -78.05 -108.04 -32.16
C PHE H 286 -76.98 -108.14 -31.09
N THR H 287 -75.84 -107.49 -31.33
CA THR H 287 -74.79 -107.45 -30.33
C THR H 287 -75.12 -106.53 -29.17
N SER H 288 -76.13 -105.68 -29.32
CA SER H 288 -76.61 -104.86 -28.22
C SER H 288 -77.29 -105.66 -27.13
N SER H 289 -77.77 -106.88 -27.45
CA SER H 289 -78.41 -107.70 -26.45
C SER H 289 -77.41 -108.29 -25.46
N TYR H 290 -76.13 -108.32 -25.81
CA TYR H 290 -75.11 -108.95 -24.99
C TYR H 290 -74.20 -107.93 -24.32
N ALA H 291 -74.50 -106.64 -24.46
CA ALA H 291 -73.73 -105.51 -23.94
C ALA H 291 -72.29 -105.54 -24.45
N ILE H 292 -72.11 -105.96 -25.69
CA ILE H 292 -70.80 -105.92 -26.33
C ILE H 292 -70.52 -104.48 -26.75
N GLN H 293 -69.44 -103.91 -26.24
CA GLN H 293 -69.11 -102.54 -26.57
C GLN H 293 -68.58 -102.45 -28.00
N SER H 294 -69.16 -101.54 -28.78
CA SER H 294 -68.83 -101.37 -30.17
C SER H 294 -68.27 -99.98 -30.42
N PRO H 295 -67.38 -99.81 -31.39
CA PRO H 295 -66.83 -98.47 -31.66
C PRO H 295 -67.82 -97.51 -32.26
N PHE H 296 -68.94 -98.00 -32.80
CA PHE H 296 -69.89 -97.10 -33.40
C PHE H 296 -71.27 -97.34 -32.80
N PRO H 297 -72.04 -96.28 -32.55
CA PRO H 297 -73.36 -96.46 -31.95
C PRO H 297 -74.34 -97.07 -32.93
N GLU H 298 -75.14 -98.00 -32.44
CA GLU H 298 -76.19 -98.61 -33.24
C GLU H 298 -77.45 -97.77 -33.08
N ALA H 299 -77.84 -97.10 -34.16
CA ALA H 299 -78.91 -96.14 -34.00
C ALA H 299 -79.85 -95.99 -35.18
N ALA H 300 -79.70 -96.77 -36.25
CA ALA H 300 -80.46 -96.79 -37.50
C ALA H 300 -80.26 -95.56 -38.38
N VAL H 301 -79.64 -94.49 -37.86
CA VAL H 301 -78.93 -93.48 -38.63
C VAL H 301 -77.76 -93.03 -37.76
N SER H 302 -76.78 -92.39 -38.37
CA SER H 302 -75.67 -91.83 -37.62
C SER H 302 -75.06 -90.70 -38.44
N ARG H 303 -74.81 -89.58 -37.79
CA ARG H 303 -74.22 -88.43 -38.45
C ARG H 303 -73.02 -87.96 -37.67
N ILE H 304 -71.94 -87.66 -38.37
CA ILE H 304 -70.72 -87.19 -37.73
C ILE H 304 -70.80 -85.68 -37.58
N VAL H 305 -70.45 -85.19 -36.39
CA VAL H 305 -70.53 -83.77 -36.08
C VAL H 305 -69.19 -83.33 -35.51
N VAL H 306 -69.09 -82.03 -35.24
CA VAL H 306 -67.82 -81.38 -34.96
C VAL H 306 -67.85 -80.82 -33.54
N HIS H 307 -67.07 -81.42 -32.65
CA HIS H 307 -66.97 -81.00 -31.27
C HIS H 307 -65.50 -81.08 -30.91
N THR H 308 -64.84 -79.93 -30.82
CA THR H 308 -63.40 -79.90 -30.59
C THR H 308 -63.09 -80.36 -29.17
N ARG H 309 -62.16 -81.32 -29.08
CA ARG H 309 -61.63 -81.85 -27.83
C ARG H 309 -62.72 -82.47 -26.96
N TRP H 310 -63.51 -83.37 -27.55
CA TRP H 310 -64.41 -84.17 -26.74
C TRP H 310 -63.70 -85.34 -26.09
N ALA H 311 -62.46 -85.61 -26.46
CA ALA H 311 -61.69 -86.69 -25.88
C ALA H 311 -60.41 -86.24 -25.22
N SER H 312 -60.10 -84.94 -25.24
CA SER H 312 -58.81 -84.47 -24.80
C SER H 312 -58.73 -84.35 -23.28
N ASN H 313 -57.60 -84.73 -22.74
CA ASN H 313 -57.24 -84.50 -21.34
C ASN H 313 -56.16 -83.43 -21.39
N VAL H 314 -56.57 -82.16 -21.42
CA VAL H 314 -55.66 -81.04 -21.66
C VAL H 314 -54.88 -80.71 -20.40
N ASP H 315 -53.85 -79.89 -20.56
CA ASP H 315 -53.06 -79.37 -19.46
C ASP H 315 -53.45 -77.94 -19.10
N PHE H 316 -53.59 -77.09 -20.12
CA PHE H 316 -54.04 -75.71 -19.97
C PHE H 316 -55.01 -75.46 -21.12
N ASP H 317 -56.25 -75.12 -20.80
CA ASP H 317 -57.27 -75.03 -21.84
C ASP H 317 -57.17 -73.73 -22.61
N ARG H 318 -57.03 -73.85 -23.92
CA ARG H 318 -57.37 -72.76 -24.80
C ARG H 318 -58.88 -72.57 -24.74
N ASP H 319 -59.32 -71.34 -24.50
CA ASP H 319 -60.72 -71.13 -24.12
C ASP H 319 -61.65 -71.28 -25.32
N SER H 320 -61.24 -70.77 -26.47
CA SER H 320 -62.11 -70.78 -27.64
C SER H 320 -62.24 -72.20 -28.18
N SER H 321 -63.46 -72.71 -28.22
CA SER H 321 -63.73 -74.04 -28.74
C SER H 321 -64.99 -74.01 -29.57
N VAL H 322 -65.10 -74.97 -30.49
CA VAL H 322 -66.22 -75.06 -31.41
C VAL H 322 -67.06 -76.26 -31.03
N ILE H 323 -68.28 -76.01 -30.61
CA ILE H 323 -69.21 -77.04 -30.17
C ILE H 323 -70.44 -76.99 -31.05
N MET H 324 -70.76 -78.10 -31.70
CA MET H 324 -71.94 -78.19 -32.55
C MET H 324 -72.93 -79.19 -31.97
N ALA H 325 -74.20 -78.81 -32.04
CA ALA H 325 -75.28 -79.70 -31.69
C ALA H 325 -75.49 -80.74 -32.79
N PRO H 326 -76.21 -81.82 -32.51
CA PRO H 326 -76.65 -82.69 -33.61
C PRO H 326 -77.55 -81.94 -34.56
N PRO H 327 -77.56 -82.34 -35.84
CA PRO H 327 -78.24 -81.54 -36.87
C PRO H 327 -79.76 -81.46 -36.76
N THR H 328 -80.38 -82.20 -35.86
CA THR H 328 -81.79 -81.96 -35.59
C THR H 328 -81.99 -80.74 -34.69
N GLU H 329 -81.03 -80.44 -33.83
CA GLU H 329 -81.12 -79.24 -33.04
C GLU H 329 -80.65 -78.03 -33.86
N ASN H 330 -80.92 -76.85 -33.33
CA ASN H 330 -80.67 -75.63 -34.09
C ASN H 330 -79.21 -75.21 -33.92
N ASN H 331 -78.53 -74.95 -35.04
CA ASN H 331 -77.14 -74.53 -35.03
C ASN H 331 -76.96 -73.10 -35.51
N ILE H 332 -78.00 -72.27 -35.36
CA ILE H 332 -77.92 -70.91 -35.86
C ILE H 332 -77.09 -70.01 -34.94
N HIS H 333 -76.85 -70.44 -33.69
CA HIS H 333 -76.11 -69.61 -32.75
C HIS H 333 -74.64 -69.52 -33.08
N LEU H 334 -74.12 -70.44 -33.88
CA LEU H 334 -72.73 -70.39 -34.28
C LEU H 334 -72.48 -69.48 -35.47
N PHE H 335 -73.53 -69.03 -36.14
CA PHE H 335 -73.40 -68.26 -37.36
C PHE H 335 -73.86 -66.82 -37.17
N LYS H 336 -74.02 -66.37 -35.93
CA LYS H 336 -74.40 -65.00 -35.65
C LYS H 336 -73.57 -64.41 -34.52
N GLN H 337 -72.35 -64.91 -34.34
CA GLN H 337 -71.51 -64.45 -33.26
C GLN H 337 -70.91 -63.08 -33.53
N LEU H 338 -70.60 -62.76 -34.78
CA LEU H 338 -69.67 -61.68 -35.03
C LEU H 338 -70.34 -60.33 -35.28
N LEU H 339 -71.13 -60.23 -36.35
CA LEU H 339 -71.62 -58.93 -36.77
C LEU H 339 -73.14 -58.86 -36.82
N ASN H 340 -73.81 -59.46 -35.84
CA ASN H 340 -75.26 -59.44 -35.81
C ASN H 340 -75.71 -58.86 -34.48
N THR H 341 -75.79 -57.54 -34.44
CA THR H 341 -76.29 -56.81 -33.30
C THR H 341 -77.65 -56.20 -33.54
N GLU H 342 -78.21 -56.40 -34.73
CA GLU H 342 -79.48 -55.80 -35.10
C GLU H 342 -80.49 -56.86 -35.50
N THR H 343 -80.38 -58.05 -34.93
CA THR H 343 -81.28 -59.16 -35.24
C THR H 343 -82.27 -59.31 -34.08
N LEU H 344 -83.53 -58.98 -34.32
CA LEU H 344 -84.54 -59.15 -33.29
C LEU H 344 -84.83 -60.62 -33.05
N SER H 345 -84.72 -61.46 -34.08
CA SER H 345 -85.03 -62.87 -33.94
C SER H 345 -83.93 -63.57 -33.14
N VAL H 346 -84.37 -64.48 -32.25
CA VAL H 346 -83.40 -65.28 -31.51
C VAL H 346 -82.77 -66.31 -32.44
N ARG H 347 -83.51 -66.77 -33.44
CA ARG H 347 -83.06 -67.84 -34.32
C ARG H 347 -82.76 -67.36 -35.73
N GLY H 348 -82.61 -66.05 -35.93
CA GLY H 348 -82.28 -65.51 -37.22
C GLY H 348 -80.81 -65.15 -37.35
N ALA H 349 -80.34 -65.08 -38.60
CA ALA H 349 -78.97 -64.71 -38.89
C ALA H 349 -78.91 -64.01 -40.24
N ASN H 350 -78.04 -63.03 -40.34
CA ASN H 350 -77.92 -62.24 -41.55
C ASN H 350 -77.18 -63.04 -42.62
N PRO H 351 -77.74 -63.21 -43.82
CA PRO H 351 -77.01 -63.95 -44.85
C PRO H 351 -75.81 -63.23 -45.42
N LEU H 352 -75.66 -61.94 -45.13
CA LEU H 352 -74.48 -61.21 -45.57
C LEU H 352 -73.38 -61.24 -44.53
N MET H 353 -73.49 -62.10 -43.52
CA MET H 353 -72.47 -62.26 -42.49
C MET H 353 -71.93 -63.67 -42.43
N PHE H 354 -72.31 -64.51 -43.41
CA PHE H 354 -71.96 -65.92 -43.36
C PHE H 354 -70.47 -66.14 -43.55
N ARG H 355 -69.81 -65.40 -44.43
CA ARG H 355 -68.37 -65.61 -44.61
C ARG H 355 -67.60 -65.13 -43.39
N ALA H 356 -68.01 -64.02 -42.79
CA ALA H 356 -67.37 -63.55 -41.57
C ALA H 356 -67.54 -64.52 -40.42
N ASN H 357 -68.72 -65.12 -40.28
CA ASN H 357 -68.92 -66.11 -39.24
C ASN H 357 -68.23 -67.44 -39.55
N VAL H 358 -68.05 -67.79 -40.82
CA VAL H 358 -67.31 -69.00 -41.14
C VAL H 358 -65.83 -68.82 -40.85
N LEU H 359 -65.26 -67.66 -41.20
CA LEU H 359 -63.86 -67.42 -40.84
C LEU H 359 -63.66 -67.27 -39.33
N HIS H 360 -64.66 -66.72 -38.64
CA HIS H 360 -64.74 -66.77 -37.18
C HIS H 360 -64.61 -68.20 -36.66
N MET H 361 -65.43 -69.11 -37.18
CA MET H 361 -65.43 -70.51 -36.77
C MET H 361 -64.11 -71.20 -37.09
N LEU H 362 -63.53 -70.93 -38.25
CA LEU H 362 -62.26 -71.56 -38.62
C LEU H 362 -61.11 -71.06 -37.76
N LEU H 363 -61.10 -69.77 -37.41
CA LEU H 363 -60.05 -69.24 -36.55
C LEU H 363 -60.15 -69.83 -35.15
N GLU H 364 -61.37 -69.95 -34.60
CA GLU H 364 -61.53 -70.65 -33.32
C GLU H 364 -61.12 -72.10 -33.40
N PHE H 365 -61.42 -72.76 -34.53
CA PHE H 365 -61.10 -74.16 -34.70
C PHE H 365 -59.59 -74.39 -34.77
N VAL H 366 -58.86 -73.47 -35.39
CA VAL H 366 -57.41 -73.64 -35.44
C VAL H 366 -56.78 -73.26 -34.10
N LEU H 367 -57.23 -72.16 -33.48
CA LEU H 367 -56.68 -71.76 -32.19
C LEU H 367 -57.00 -72.73 -31.07
N ASP H 368 -58.03 -73.56 -31.22
CA ASP H 368 -58.30 -74.54 -30.16
C ASP H 368 -57.33 -75.71 -30.21
N ASN H 369 -56.97 -76.18 -31.39
CA ASN H 369 -56.15 -77.39 -31.51
C ASN H 369 -54.67 -77.06 -31.58
N LEU H 370 -54.17 -76.27 -30.63
CA LEU H 370 -52.74 -75.98 -30.53
C LEU H 370 -52.25 -76.62 -29.24
N TYR H 371 -51.92 -77.91 -29.32
CA TYR H 371 -51.39 -78.64 -28.20
C TYR H 371 -50.26 -79.51 -28.71
N LEU H 372 -49.70 -80.32 -27.82
CA LEU H 372 -48.68 -81.29 -28.19
C LEU H 372 -49.11 -82.64 -27.67
N ASN H 373 -48.91 -83.67 -28.49
CA ASN H 373 -49.36 -85.00 -28.14
C ASN H 373 -48.42 -85.61 -27.10
N ARG H 374 -49.00 -86.06 -25.99
CA ARG H 374 -48.23 -86.47 -24.82
C ARG H 374 -48.22 -87.99 -24.69
N HIS H 375 -47.04 -88.53 -24.39
CA HIS H 375 -46.87 -89.95 -24.18
C HIS H 375 -47.49 -90.37 -22.85
N THR H 376 -48.24 -91.46 -22.86
CA THR H 376 -48.78 -92.03 -21.62
C THR H 376 -48.38 -93.48 -21.51
N GLY H 377 -48.94 -94.19 -20.54
CA GLY H 377 -48.55 -95.56 -20.32
C GLY H 377 -49.21 -96.53 -21.27
N PHE H 378 -48.58 -97.70 -21.41
CA PHE H 378 -48.99 -98.76 -22.30
C PHE H 378 -49.31 -100.01 -21.50
N SER H 379 -49.89 -101.00 -22.17
CA SER H 379 -50.20 -102.27 -21.52
C SER H 379 -50.29 -103.37 -22.56
N GLN H 380 -49.80 -104.56 -22.20
CA GLN H 380 -49.86 -105.71 -23.08
C GLN H 380 -51.26 -106.29 -23.12
N ASP H 381 -51.68 -106.74 -24.29
CA ASP H 381 -52.99 -107.37 -24.46
C ASP H 381 -52.92 -108.81 -23.95
N HIS H 382 -53.68 -109.12 -22.91
CA HIS H 382 -53.78 -110.51 -22.47
C HIS H 382 -54.91 -111.26 -23.16
N THR H 383 -55.92 -110.56 -23.65
CA THR H 383 -57.00 -111.16 -24.41
C THR H 383 -56.49 -111.60 -25.78
N PRO H 384 -57.12 -112.59 -26.42
CA PRO H 384 -56.57 -113.08 -27.69
C PRO H 384 -57.06 -112.32 -28.92
N PHE H 385 -57.59 -111.12 -28.73
CA PHE H 385 -58.16 -110.37 -29.84
C PHE H 385 -57.08 -109.91 -30.81
N THR H 386 -56.18 -109.07 -30.33
CA THR H 386 -55.00 -108.72 -31.09
C THR H 386 -53.90 -109.72 -30.75
N GLU H 387 -52.95 -109.85 -31.66
CA GLU H 387 -51.87 -110.83 -31.49
C GLU H 387 -50.74 -110.21 -30.66
N GLY H 388 -51.06 -109.90 -29.41
CA GLY H 388 -50.13 -109.29 -28.50
C GLY H 388 -49.77 -107.86 -28.86
N ALA H 389 -50.77 -106.99 -28.93
CA ALA H 389 -50.52 -105.59 -29.25
C ALA H 389 -50.13 -104.83 -27.99
N ASN H 390 -49.73 -103.59 -28.19
CA ASN H 390 -49.37 -102.70 -27.08
C ASN H 390 -50.41 -101.58 -27.04
N LEU H 391 -51.40 -101.74 -26.17
CA LEU H 391 -52.53 -100.82 -26.09
C LEU H 391 -52.24 -99.74 -25.06
N ARG H 392 -52.74 -98.53 -25.31
CA ARG H 392 -52.45 -97.40 -24.45
C ARG H 392 -53.60 -97.08 -23.51
N SER H 393 -53.25 -96.64 -22.31
CA SER H 393 -54.23 -96.22 -21.33
C SER H 393 -54.48 -94.72 -21.45
N LEU H 394 -55.51 -94.26 -20.75
CA LEU H 394 -55.78 -92.84 -20.69
C LEU H 394 -56.00 -92.41 -19.25
N PRO H 395 -55.45 -91.28 -18.84
CA PRO H 395 -55.81 -90.71 -17.55
C PRO H 395 -57.22 -90.16 -17.59
N GLY H 396 -57.94 -90.32 -16.49
CA GLY H 396 -59.30 -89.84 -16.42
C GLY H 396 -60.13 -90.57 -15.40
N PRO H 397 -61.44 -90.29 -15.36
CA PRO H 397 -62.35 -90.99 -14.45
C PRO H 397 -62.48 -92.49 -14.72
N ASP H 398 -62.87 -92.86 -15.93
CA ASP H 398 -62.95 -94.27 -16.32
C ASP H 398 -62.41 -94.42 -17.74
N ALA H 399 -61.26 -95.06 -17.86
CA ALA H 399 -60.69 -95.31 -19.16
C ALA H 399 -61.25 -96.56 -19.81
N GLU H 400 -62.14 -97.30 -19.14
CA GLU H 400 -62.69 -98.53 -19.70
C GLU H 400 -63.60 -98.25 -20.89
N LYS H 401 -64.23 -97.08 -20.93
CA LYS H 401 -65.12 -96.75 -22.04
C LYS H 401 -64.37 -96.25 -23.26
N TRP H 402 -63.04 -96.13 -23.19
CA TRP H 402 -62.29 -95.52 -24.27
C TRP H 402 -61.62 -96.53 -25.18
N TYR H 403 -61.45 -97.79 -24.74
CA TYR H 403 -60.72 -98.75 -25.57
C TYR H 403 -61.52 -99.16 -26.79
N SER H 404 -62.83 -99.35 -26.65
CA SER H 404 -63.66 -99.70 -27.79
C SER H 404 -63.76 -98.55 -28.78
N ILE H 405 -63.77 -97.31 -28.30
CA ILE H 405 -63.78 -96.17 -29.21
C ILE H 405 -62.43 -95.99 -29.87
N MET H 406 -61.35 -96.27 -29.14
CA MET H 406 -60.03 -95.95 -29.59
C MET H 406 -59.44 -97.00 -30.52
N TYR H 407 -59.90 -98.24 -30.43
CA TYR H 407 -59.44 -99.31 -31.32
C TYR H 407 -60.66 -99.96 -31.96
N PRO H 408 -61.12 -99.44 -33.10
CA PRO H 408 -62.33 -99.99 -33.73
C PRO H 408 -62.13 -101.36 -34.33
N THR H 409 -60.90 -101.79 -34.53
CA THR H 409 -60.57 -103.05 -35.17
C THR H 409 -60.21 -104.13 -34.17
N ARG H 410 -60.51 -103.93 -32.90
CA ARG H 410 -60.17 -104.90 -31.87
C ARG H 410 -61.29 -105.91 -31.63
N MET H 411 -62.54 -105.50 -31.84
CA MET H 411 -63.69 -106.26 -31.38
C MET H 411 -63.85 -107.58 -32.13
N GLY H 412 -64.64 -108.47 -31.55
CA GLY H 412 -64.97 -109.70 -32.21
C GLY H 412 -65.95 -109.48 -33.33
N THR H 413 -66.08 -110.48 -34.20
CA THR H 413 -66.95 -110.40 -35.36
C THR H 413 -67.92 -111.57 -35.33
N PRO H 414 -69.04 -111.43 -34.63
CA PRO H 414 -69.95 -112.57 -34.51
C PRO H 414 -70.91 -112.80 -35.67
N ASN H 415 -71.47 -111.75 -36.26
CA ASN H 415 -72.59 -111.90 -37.18
C ASN H 415 -72.41 -111.01 -38.40
N VAL H 416 -73.42 -111.01 -39.28
CA VAL H 416 -73.42 -110.13 -40.45
C VAL H 416 -74.14 -108.85 -40.05
N SER H 417 -73.43 -108.00 -39.32
CA SER H 417 -73.91 -106.66 -39.03
C SER H 417 -73.25 -105.71 -40.00
N LYS H 418 -73.71 -104.46 -40.04
CA LYS H 418 -72.98 -103.50 -40.87
C LYS H 418 -71.66 -103.10 -40.23
N ILE H 419 -71.57 -103.19 -38.90
CA ILE H 419 -70.30 -102.96 -38.23
C ILE H 419 -69.38 -104.15 -38.44
N CYS H 420 -69.93 -105.35 -38.35
CA CYS H 420 -69.11 -106.55 -38.42
C CYS H 420 -68.78 -106.98 -39.85
N ASN H 421 -69.52 -106.50 -40.85
CA ASN H 421 -69.01 -106.63 -42.21
C ASN H 421 -67.84 -105.71 -42.44
N PHE H 422 -67.71 -104.64 -41.66
CA PHE H 422 -66.59 -103.74 -41.84
C PHE H 422 -65.36 -104.19 -41.07
N VAL H 423 -65.55 -104.62 -39.82
CA VAL H 423 -64.42 -104.90 -38.93
C VAL H 423 -63.61 -106.08 -39.44
N ALA H 424 -64.27 -107.14 -39.89
CA ALA H 424 -63.56 -108.28 -40.45
C ALA H 424 -63.06 -108.02 -41.87
N SER H 425 -63.35 -106.88 -42.45
CA SER H 425 -62.78 -106.50 -43.74
C SER H 425 -61.45 -105.77 -43.60
N CYS H 426 -60.99 -105.54 -42.37
CA CYS H 426 -59.82 -104.71 -42.12
C CYS H 426 -58.55 -105.54 -42.06
N VAL H 427 -57.45 -104.93 -41.62
CA VAL H 427 -56.15 -105.55 -41.53
C VAL H 427 -55.76 -105.60 -40.05
N ARG H 428 -55.36 -106.78 -39.58
CA ARG H 428 -55.30 -107.05 -38.15
C ARG H 428 -54.09 -106.42 -37.47
N ASN H 429 -52.96 -106.26 -38.15
CA ASN H 429 -51.74 -105.94 -37.44
C ASN H 429 -51.58 -104.46 -37.10
N ARG H 430 -52.47 -103.59 -37.55
CA ARG H 430 -52.28 -102.15 -37.33
C ARG H 430 -53.10 -101.69 -36.13
N VAL H 431 -52.65 -102.14 -34.95
CA VAL H 431 -53.25 -101.82 -33.67
C VAL H 431 -52.14 -101.38 -32.72
N GLY H 432 -52.33 -100.23 -32.07
CA GLY H 432 -51.44 -99.86 -31.00
C GLY H 432 -50.09 -99.36 -31.49
N ARG H 433 -49.09 -99.52 -30.62
CA ARG H 433 -47.77 -99.00 -30.91
C ARG H 433 -47.04 -99.93 -31.89
N PHE H 434 -46.30 -99.32 -32.82
CA PHE H 434 -45.41 -100.08 -33.69
C PHE H 434 -44.01 -99.50 -33.73
N ASP H 435 -43.74 -98.41 -33.02
CA ASP H 435 -42.45 -97.76 -33.09
C ASP H 435 -42.20 -97.03 -31.78
N ARG H 436 -40.92 -97.00 -31.37
CA ARG H 436 -40.51 -96.34 -30.16
C ARG H 436 -39.02 -96.02 -30.27
N ALA H 437 -38.57 -95.08 -29.45
CA ALA H 437 -37.18 -94.62 -29.47
C ALA H 437 -36.65 -94.61 -28.04
N GLN H 438 -36.11 -95.73 -27.61
CA GLN H 438 -35.55 -95.87 -26.27
C GLN H 438 -34.11 -95.45 -26.33
N MET H 439 -33.78 -94.31 -25.74
CA MET H 439 -32.42 -93.80 -25.77
C MET H 439 -31.72 -93.95 -24.42
N MET H 440 -32.41 -94.43 -23.41
CA MET H 440 -31.84 -94.49 -22.06
C MET H 440 -32.68 -95.48 -21.27
N ASN H 441 -32.08 -96.60 -20.87
CA ASN H 441 -32.86 -97.61 -20.18
C ASN H 441 -33.12 -97.17 -18.75
N GLY H 442 -34.24 -97.65 -18.20
CA GLY H 442 -34.68 -97.21 -16.91
C GLY H 442 -35.30 -95.83 -16.91
N ALA H 443 -35.68 -95.33 -18.09
CA ALA H 443 -36.24 -93.99 -18.19
C ALA H 443 -37.36 -94.00 -19.22
N MET H 444 -38.04 -92.85 -19.30
CA MET H 444 -39.12 -92.66 -20.26
C MET H 444 -38.59 -92.66 -21.67
N SER H 445 -39.27 -93.37 -22.57
CA SER H 445 -38.89 -93.34 -23.96
C SER H 445 -39.22 -91.99 -24.56
N GLU H 446 -38.62 -91.70 -25.72
CA GLU H 446 -38.68 -90.35 -26.24
C GLU H 446 -39.96 -90.08 -27.00
N TRP H 447 -40.28 -90.92 -27.98
CA TRP H 447 -41.47 -90.71 -28.79
C TRP H 447 -41.91 -92.06 -29.34
N VAL H 448 -43.22 -92.24 -29.46
CA VAL H 448 -43.78 -93.47 -29.99
C VAL H 448 -44.75 -93.12 -31.12
N ASP H 449 -45.11 -94.14 -31.90
CA ASP H 449 -46.10 -94.02 -32.96
C ASP H 449 -47.18 -95.06 -32.74
N VAL H 450 -48.43 -94.61 -32.65
CA VAL H 450 -49.54 -95.50 -32.34
C VAL H 450 -50.53 -95.50 -33.49
N PHE H 451 -51.26 -96.61 -33.63
CA PHE H 451 -52.35 -96.73 -34.59
C PHE H 451 -53.69 -96.40 -33.96
N GLU H 452 -53.82 -95.29 -33.24
CA GLU H 452 -55.08 -95.06 -32.56
C GLU H 452 -56.04 -94.34 -33.49
N THR H 453 -57.30 -94.22 -33.05
CA THR H 453 -58.24 -93.41 -33.79
C THR H 453 -57.88 -91.94 -33.60
N SER H 454 -58.23 -91.14 -34.58
CA SER H 454 -57.65 -89.82 -34.70
C SER H 454 -58.49 -89.02 -35.69
N ASP H 455 -57.94 -87.89 -36.12
CA ASP H 455 -58.59 -87.02 -37.08
C ASP H 455 -57.47 -86.39 -37.90
N ALA H 456 -57.37 -86.77 -39.17
CA ALA H 456 -56.19 -86.47 -39.98
C ALA H 456 -56.00 -84.97 -40.25
N LEU H 457 -57.00 -84.15 -39.97
CA LEU H 457 -56.80 -82.71 -40.05
C LEU H 457 -56.06 -82.19 -38.83
N THR H 458 -56.55 -82.54 -37.64
CA THR H 458 -55.92 -82.02 -36.45
C THR H 458 -54.60 -82.71 -36.15
N VAL H 459 -54.38 -83.91 -36.69
CA VAL H 459 -53.04 -84.51 -36.66
C VAL H 459 -52.07 -83.66 -37.46
N SER H 460 -52.52 -83.15 -38.62
CA SER H 460 -51.67 -82.27 -39.42
C SER H 460 -51.44 -80.92 -38.74
N ILE H 461 -52.45 -80.39 -38.06
CA ILE H 461 -52.29 -79.13 -37.34
C ILE H 461 -51.26 -79.28 -36.23
N ARG H 462 -51.40 -80.32 -35.42
CA ARG H 462 -50.46 -80.49 -34.31
C ARG H 462 -49.08 -80.91 -34.79
N GLY H 463 -49.00 -81.57 -35.95
CA GLY H 463 -47.68 -81.87 -36.51
C GLY H 463 -46.96 -80.63 -37.00
N ARG H 464 -47.69 -79.72 -37.65
CA ARG H 464 -47.05 -78.47 -38.05
C ARG H 464 -46.78 -77.55 -36.87
N TRP H 465 -47.57 -77.65 -35.80
CA TRP H 465 -47.24 -76.88 -34.60
C TRP H 465 -45.99 -77.42 -33.91
N MET H 466 -45.83 -78.75 -33.88
CA MET H 466 -44.60 -79.33 -33.38
C MET H 466 -43.41 -78.97 -34.26
N ALA H 467 -43.62 -78.91 -35.57
CA ALA H 467 -42.55 -78.49 -36.48
C ALA H 467 -42.20 -77.02 -36.31
N ARG H 468 -43.16 -76.18 -35.91
CA ARG H 468 -42.83 -74.80 -35.59
C ARG H 468 -42.04 -74.71 -34.30
N LEU H 469 -42.47 -75.41 -33.27
CA LEU H 469 -41.76 -75.37 -32.00
C LEU H 469 -40.42 -76.08 -32.04
N ALA H 470 -40.19 -76.99 -33.00
CA ALA H 470 -38.91 -77.67 -33.07
C ALA H 470 -37.84 -76.81 -33.72
N ARG H 471 -38.23 -75.81 -34.51
CA ARG H 471 -37.23 -74.90 -35.05
C ARG H 471 -36.67 -73.99 -33.95
N MET H 472 -37.54 -73.51 -33.07
CA MET H 472 -37.10 -72.81 -31.88
C MET H 472 -36.58 -73.84 -30.88
N ASN H 473 -35.29 -74.14 -30.90
CA ASN H 473 -34.77 -75.10 -29.94
C ASN H 473 -33.31 -74.80 -29.71
N ILE H 474 -32.95 -74.58 -28.45
CA ILE H 474 -31.57 -74.36 -28.06
C ILE H 474 -31.17 -75.39 -27.03
N ASN H 475 -29.92 -75.80 -27.08
CA ASN H 475 -29.40 -76.79 -26.15
C ASN H 475 -28.57 -76.09 -25.08
N PRO H 476 -28.32 -76.75 -23.94
CA PRO H 476 -27.54 -76.10 -22.87
C PRO H 476 -26.14 -75.66 -23.25
N THR H 477 -25.52 -76.27 -24.26
CA THR H 477 -24.21 -75.81 -24.70
C THR H 477 -24.29 -74.45 -25.36
N GLU H 478 -25.27 -74.24 -26.23
CA GLU H 478 -25.45 -72.92 -26.82
C GLU H 478 -25.98 -71.90 -25.82
N ILE H 479 -26.72 -72.32 -24.79
CA ILE H 479 -27.07 -71.39 -23.73
C ILE H 479 -25.83 -70.95 -22.96
N GLU H 480 -24.92 -71.90 -22.67
CA GLU H 480 -23.68 -71.60 -21.98
C GLU H 480 -22.81 -70.64 -22.78
N TRP H 481 -22.69 -70.89 -24.08
CA TRP H 481 -21.91 -70.01 -24.94
C TRP H 481 -22.52 -68.63 -25.08
N ALA H 482 -23.85 -68.54 -25.19
CA ALA H 482 -24.50 -67.24 -25.30
C ALA H 482 -24.37 -66.42 -24.03
N LEU H 483 -24.58 -67.04 -22.86
CA LEU H 483 -24.42 -66.28 -21.63
C LEU H 483 -22.97 -65.93 -21.34
N THR H 484 -22.02 -66.79 -21.72
CA THR H 484 -20.61 -66.47 -21.51
C THR H 484 -20.16 -65.32 -22.40
N GLU H 485 -20.57 -65.33 -23.67
CA GLU H 485 -20.21 -64.24 -24.57
C GLU H 485 -20.95 -62.95 -24.21
N CYS H 486 -22.16 -63.06 -23.68
CA CYS H 486 -22.88 -61.87 -23.23
C CYS H 486 -22.27 -61.30 -21.96
N ALA H 487 -21.63 -62.14 -21.15
CA ALA H 487 -21.01 -61.70 -19.90
C ALA H 487 -19.77 -60.83 -20.09
N GLN H 488 -19.24 -60.76 -21.32
CA GLN H 488 -17.90 -60.24 -21.62
C GLN H 488 -16.83 -60.97 -20.79
N GLY H 489 -17.03 -62.27 -20.61
CA GLY H 489 -16.07 -63.11 -19.92
C GLY H 489 -15.98 -62.94 -18.43
N TYR H 490 -16.82 -62.12 -17.82
CA TYR H 490 -16.70 -61.91 -16.39
C TYR H 490 -17.37 -63.04 -15.61
N VAL H 491 -18.61 -63.37 -15.96
CA VAL H 491 -19.36 -64.42 -15.28
C VAL H 491 -19.35 -65.65 -16.18
N THR H 492 -18.93 -66.78 -15.62
CA THR H 492 -18.96 -68.03 -16.37
C THR H 492 -20.13 -68.89 -15.92
N VAL H 493 -20.58 -69.74 -16.83
CA VAL H 493 -21.64 -70.70 -16.59
C VAL H 493 -21.18 -72.06 -17.08
N THR H 494 -21.96 -73.09 -16.78
CA THR H 494 -21.54 -74.46 -17.06
C THR H 494 -22.74 -75.28 -17.50
N SER H 495 -22.60 -76.02 -18.59
CA SER H 495 -23.59 -76.96 -19.07
C SER H 495 -23.03 -78.38 -19.02
N PRO H 496 -23.87 -79.38 -18.76
CA PRO H 496 -23.36 -80.75 -18.61
C PRO H 496 -22.97 -81.40 -19.93
N TYR H 497 -22.19 -82.46 -19.81
CA TYR H 497 -21.62 -83.19 -20.95
C TYR H 497 -21.98 -84.67 -20.76
N ALA H 498 -23.17 -85.05 -21.24
CA ALA H 498 -23.72 -86.36 -20.97
C ALA H 498 -24.80 -86.63 -22.02
N PRO H 499 -25.22 -87.88 -22.19
CA PRO H 499 -26.38 -88.16 -23.04
C PRO H 499 -27.66 -87.52 -22.49
N SER H 500 -28.37 -86.84 -23.38
CA SER H 500 -29.46 -85.95 -22.98
C SER H 500 -30.73 -86.73 -22.68
N VAL H 501 -31.83 -86.01 -22.53
CA VAL H 501 -33.14 -86.60 -22.29
C VAL H 501 -34.11 -85.87 -23.22
N ASN H 502 -33.53 -85.09 -24.15
CA ASN H 502 -34.23 -84.36 -25.22
C ASN H 502 -35.23 -83.35 -24.65
N ARG H 503 -34.67 -82.33 -24.02
CA ARG H 503 -35.43 -81.20 -23.54
C ARG H 503 -36.02 -80.39 -24.69
N LEU H 504 -37.00 -79.56 -24.35
CA LEU H 504 -37.72 -78.75 -25.34
C LEU H 504 -37.73 -77.32 -24.84
N MET H 505 -36.93 -76.46 -25.46
CA MET H 505 -36.77 -75.07 -25.03
C MET H 505 -37.01 -74.15 -26.21
N PRO H 506 -38.22 -73.63 -26.37
CA PRO H 506 -38.53 -72.80 -27.54
C PRO H 506 -38.09 -71.34 -27.42
N TYR H 507 -36.85 -71.03 -27.80
CA TYR H 507 -36.43 -69.65 -27.62
C TYR H 507 -35.84 -68.99 -28.87
N ARG H 508 -35.07 -69.71 -29.68
CA ARG H 508 -34.34 -69.10 -30.78
C ARG H 508 -35.28 -68.68 -31.91
N ILE H 509 -35.32 -67.38 -32.20
CA ILE H 509 -36.12 -66.85 -33.29
C ILE H 509 -35.21 -66.05 -34.24
N SER H 510 -35.76 -65.71 -35.40
CA SER H 510 -35.00 -65.04 -36.43
C SER H 510 -34.97 -63.53 -36.19
N ASN H 511 -34.18 -62.83 -37.01
CA ASN H 511 -33.98 -61.40 -36.81
C ASN H 511 -35.17 -60.57 -37.27
N ALA H 512 -35.92 -61.07 -38.25
CA ALA H 512 -37.08 -60.33 -38.74
C ALA H 512 -38.17 -60.26 -37.69
N GLU H 513 -38.34 -61.33 -36.92
CA GLU H 513 -39.32 -61.34 -35.84
C GLU H 513 -38.90 -60.43 -34.70
N ARG H 514 -37.61 -60.14 -34.55
CA ARG H 514 -37.19 -59.15 -33.58
C ARG H 514 -37.41 -57.73 -34.09
N GLN H 515 -37.12 -57.50 -35.38
CA GLN H 515 -37.24 -56.16 -35.93
C GLN H 515 -38.68 -55.70 -36.04
N ILE H 516 -39.61 -56.62 -36.34
CA ILE H 516 -41.02 -56.27 -36.38
C ILE H 516 -41.52 -55.85 -35.00
N SER H 517 -41.12 -56.59 -33.96
CA SER H 517 -41.50 -56.23 -32.60
C SER H 517 -40.88 -54.91 -32.17
N GLN H 518 -39.65 -54.63 -32.60
CA GLN H 518 -39.02 -53.35 -32.26
C GLN H 518 -39.74 -52.18 -32.94
N ILE H 519 -40.18 -52.37 -34.19
CA ILE H 519 -40.95 -51.33 -34.88
C ILE H 519 -42.28 -51.09 -34.17
N ILE H 520 -42.93 -52.15 -33.70
CA ILE H 520 -44.19 -51.98 -32.98
C ILE H 520 -43.98 -51.31 -31.63
N ARG H 521 -42.83 -51.55 -30.98
CA ARG H 521 -42.51 -50.85 -29.74
C ARG H 521 -42.29 -49.36 -29.96
N VAL H 522 -41.56 -49.00 -31.02
CA VAL H 522 -41.35 -47.58 -31.33
C VAL H 522 -42.67 -46.91 -31.70
N MET H 523 -43.51 -47.63 -32.42
CA MET H 523 -44.84 -47.17 -32.81
C MET H 523 -45.72 -46.95 -31.60
N ASN H 524 -45.56 -47.79 -30.57
CA ASN H 524 -46.20 -47.55 -29.28
C ASN H 524 -45.63 -46.33 -28.58
N ILE H 525 -44.32 -46.11 -28.63
CA ILE H 525 -43.69 -45.04 -27.86
C ILE H 525 -43.68 -43.73 -28.66
N GLY H 526 -44.48 -43.66 -29.73
CA GLY H 526 -45.00 -42.41 -30.26
C GLY H 526 -45.39 -41.43 -29.17
N ASN H 527 -45.05 -40.16 -29.38
CA ASN H 527 -44.19 -39.41 -28.46
C ASN H 527 -44.38 -39.62 -26.96
N ASN H 528 -45.45 -39.08 -26.41
CA ASN H 528 -46.02 -39.37 -25.09
C ASN H 528 -45.13 -39.02 -23.88
N ALA H 529 -43.81 -38.91 -24.07
CA ALA H 529 -42.83 -38.34 -23.14
C ALA H 529 -42.75 -38.95 -21.74
N THR H 530 -43.58 -39.96 -21.43
CA THR H 530 -43.68 -40.51 -20.08
C THR H 530 -43.56 -42.02 -20.01
N VAL H 531 -43.72 -42.73 -21.13
CA VAL H 531 -43.50 -44.16 -21.13
C VAL H 531 -42.01 -44.45 -20.95
N ILE H 532 -41.15 -43.60 -21.50
CA ILE H 532 -39.73 -43.89 -21.52
C ILE H 532 -39.00 -43.47 -20.25
N GLN H 533 -39.60 -42.59 -19.45
CA GLN H 533 -38.98 -42.14 -18.20
C GLN H 533 -38.76 -43.26 -17.17
N PRO H 534 -39.67 -44.23 -16.94
CA PRO H 534 -39.30 -45.35 -16.06
C PRO H 534 -38.20 -46.25 -16.62
N VAL H 535 -38.01 -46.30 -17.94
CA VAL H 535 -36.94 -47.14 -18.50
C VAL H 535 -35.58 -46.55 -18.17
N LEU H 536 -35.44 -45.23 -18.37
CA LEU H 536 -34.19 -44.56 -18.00
C LEU H 536 -33.99 -44.55 -16.49
N GLN H 537 -35.08 -44.49 -15.71
CA GLN H 537 -34.95 -44.64 -14.27
C GLN H 537 -34.47 -46.04 -13.89
N ASP H 538 -34.93 -47.06 -14.61
CA ASP H 538 -34.52 -48.44 -14.34
C ASP H 538 -33.04 -48.65 -14.65
N ILE H 539 -32.58 -48.11 -15.77
CA ILE H 539 -31.16 -48.24 -16.09
C ILE H 539 -30.32 -47.37 -15.15
N SER H 540 -30.89 -46.27 -14.64
CA SER H 540 -30.23 -45.52 -13.58
C SER H 540 -30.08 -46.32 -12.29
N VAL H 541 -31.02 -47.21 -11.99
CA VAL H 541 -30.83 -48.09 -10.85
C VAL H 541 -29.77 -49.15 -11.13
N LEU H 542 -29.83 -49.75 -12.32
CA LEU H 542 -28.90 -50.82 -12.69
C LEU H 542 -27.44 -50.36 -12.70
N LEU H 543 -27.17 -49.20 -13.31
CA LEU H 543 -25.81 -48.69 -13.36
C LEU H 543 -25.28 -48.32 -11.98
N GLN H 544 -26.14 -47.78 -11.12
CA GLN H 544 -25.72 -47.45 -9.76
C GLN H 544 -25.42 -48.69 -8.94
N ARG H 545 -26.13 -49.79 -9.19
CA ARG H 545 -25.78 -51.01 -8.46
C ARG H 545 -24.51 -51.64 -8.99
N ILE H 546 -24.31 -51.67 -10.30
CA ILE H 546 -23.18 -52.41 -10.87
C ILE H 546 -21.88 -51.62 -10.75
N SER H 547 -21.95 -50.30 -10.87
CA SER H 547 -20.76 -49.48 -11.10
C SER H 547 -19.87 -49.40 -9.86
N PRO H 548 -18.55 -49.43 -10.02
CA PRO H 548 -17.66 -49.25 -8.88
C PRO H 548 -17.41 -47.80 -8.51
N LEU H 549 -17.91 -46.85 -9.30
CA LEU H 549 -17.64 -45.45 -9.03
C LEU H 549 -18.49 -44.96 -7.86
N GLN H 550 -17.93 -44.03 -7.10
CA GLN H 550 -18.62 -43.37 -6.02
C GLN H 550 -18.47 -41.86 -6.17
N ILE H 551 -19.47 -41.13 -5.71
CA ILE H 551 -19.46 -39.67 -5.76
C ILE H 551 -19.07 -39.15 -4.39
N ASP H 552 -18.01 -38.34 -4.34
CA ASP H 552 -17.55 -37.71 -3.10
C ASP H 552 -17.63 -36.21 -3.27
N PRO H 553 -18.65 -35.56 -2.71
CA PRO H 553 -18.75 -34.09 -2.84
C PRO H 553 -17.73 -33.35 -2.00
N THR H 554 -17.02 -34.02 -1.10
CA THR H 554 -16.02 -33.33 -0.29
C THR H 554 -14.71 -33.09 -1.03
N ILE H 555 -14.55 -33.62 -2.25
CA ILE H 555 -13.32 -33.41 -3.00
C ILE H 555 -13.18 -31.93 -3.40
N ILE H 556 -14.23 -31.39 -4.02
CA ILE H 556 -14.26 -29.97 -4.39
C ILE H 556 -14.21 -29.10 -3.15
N SER H 557 -14.93 -29.51 -2.11
CA SER H 557 -15.00 -28.76 -0.86
C SER H 557 -13.65 -28.69 -0.15
N ASN H 558 -12.84 -29.74 -0.26
CA ASN H 558 -11.53 -29.72 0.36
C ASN H 558 -10.50 -29.01 -0.50
N THR H 559 -10.57 -29.19 -1.83
CA THR H 559 -9.57 -28.55 -2.66
C THR H 559 -9.85 -27.06 -2.85
N MET H 560 -11.05 -26.57 -2.55
CA MET H 560 -11.31 -25.17 -2.77
C MET H 560 -10.93 -24.33 -1.55
N SER H 561 -10.76 -24.96 -0.39
CA SER H 561 -10.33 -24.25 0.82
C SER H 561 -8.85 -23.91 0.81
N THR H 562 -8.12 -24.27 -0.25
CA THR H 562 -6.69 -24.00 -0.33
C THR H 562 -6.40 -22.61 -0.88
N VAL H 563 -7.32 -22.08 -1.69
CA VAL H 563 -7.04 -20.97 -2.59
C VAL H 563 -6.73 -19.69 -1.82
N SER H 564 -5.60 -19.08 -2.14
CA SER H 564 -5.17 -17.85 -1.47
C SER H 564 -6.04 -16.69 -1.93
N GLU H 565 -6.71 -16.04 -0.99
CA GLU H 565 -7.53 -14.89 -1.30
C GLU H 565 -7.58 -13.96 -0.10
N SER H 566 -7.75 -12.68 -0.36
CA SER H 566 -7.76 -11.69 0.70
C SER H 566 -9.13 -11.62 1.36
N THR H 567 -9.12 -11.26 2.65
CA THR H 567 -10.36 -11.13 3.39
C THR H 567 -11.13 -9.90 2.94
N THR H 568 -10.43 -8.81 2.69
CA THR H 568 -11.06 -7.50 2.47
C THR H 568 -11.60 -7.32 1.06
N GLN H 569 -11.46 -8.30 0.18
CA GLN H 569 -12.02 -8.17 -1.16
C GLN H 569 -13.51 -8.44 -1.12
N THR H 570 -14.23 -7.82 -2.06
CA THR H 570 -15.67 -7.99 -2.15
C THR H 570 -16.01 -9.38 -2.69
N LEU H 571 -15.56 -9.67 -3.90
CA LEU H 571 -15.88 -10.92 -4.55
C LEU H 571 -14.92 -12.02 -4.13
N SER H 572 -15.43 -13.25 -4.11
CA SER H 572 -14.61 -14.40 -3.78
C SER H 572 -14.95 -15.55 -4.71
N PRO H 573 -14.03 -15.95 -5.60
CA PRO H 573 -14.35 -17.04 -6.53
C PRO H 573 -14.47 -18.38 -5.86
N ALA H 574 -13.62 -18.64 -4.85
CA ALA H 574 -13.69 -19.89 -4.11
C ALA H 574 -14.98 -20.01 -3.33
N SER H 575 -15.49 -18.90 -2.80
CA SER H 575 -16.80 -18.92 -2.18
C SER H 575 -17.92 -19.01 -3.21
N SER H 576 -17.74 -18.42 -4.38
CA SER H 576 -18.79 -18.35 -5.38
C SER H 576 -19.07 -19.72 -6.00
N ILE H 577 -18.01 -20.47 -6.31
CA ILE H 577 -18.23 -21.77 -6.95
C ILE H 577 -18.78 -22.77 -5.95
N LEU H 578 -18.46 -22.62 -4.67
CA LEU H 578 -19.04 -23.51 -3.67
C LEU H 578 -20.47 -23.13 -3.34
N GLY H 579 -20.81 -21.85 -3.45
CA GLY H 579 -22.21 -21.47 -3.36
C GLY H 579 -23.00 -21.82 -4.60
N LYS H 580 -22.31 -22.03 -5.72
CA LYS H 580 -22.93 -22.31 -6.99
C LYS H 580 -23.22 -23.78 -7.22
N LEU H 581 -22.25 -24.65 -6.95
CA LEU H 581 -22.44 -26.08 -7.11
C LEU H 581 -23.21 -26.65 -5.93
N SER H 590 -29.35 -37.64 -12.02
CA SER H 590 -29.37 -37.04 -13.34
C SER H 590 -28.04 -37.22 -14.07
N PHE H 591 -27.18 -38.09 -13.56
CA PHE H 591 -26.00 -38.51 -14.28
C PHE H 591 -26.14 -39.89 -14.88
N ARG H 592 -26.72 -40.83 -14.13
CA ARG H 592 -27.00 -42.15 -14.69
C ARG H 592 -28.08 -42.09 -15.76
N VAL H 593 -28.98 -41.10 -15.66
CA VAL H 593 -30.00 -40.92 -16.70
C VAL H 593 -29.36 -40.44 -17.99
N ALA H 594 -28.46 -39.46 -17.91
CA ALA H 594 -27.75 -38.98 -19.08
C ALA H 594 -26.77 -40.01 -19.62
N LEU H 595 -26.31 -40.93 -18.78
CA LEU H 595 -25.47 -42.02 -19.26
C LEU H 595 -26.30 -43.11 -19.92
N ALA H 596 -27.52 -43.34 -19.42
CA ALA H 596 -28.41 -44.31 -20.02
C ALA H 596 -29.02 -43.83 -21.32
N GLY H 597 -29.14 -42.52 -21.50
CA GLY H 597 -29.68 -41.97 -22.72
C GLY H 597 -28.82 -42.16 -23.96
N TRP H 598 -27.60 -42.67 -23.81
CA TRP H 598 -26.78 -42.97 -24.98
C TRP H 598 -27.33 -44.17 -25.73
N LEU H 599 -28.07 -45.04 -25.06
CA LEU H 599 -28.64 -46.21 -25.70
C LEU H 599 -29.82 -45.84 -26.59
N TYR H 600 -30.39 -44.65 -26.43
CA TYR H 600 -31.57 -44.23 -27.18
C TYR H 600 -31.40 -42.80 -27.66
N ASN H 601 -31.04 -42.63 -28.93
CA ASN H 601 -31.15 -41.33 -29.55
C ASN H 601 -32.12 -41.34 -30.71
N GLY H 602 -32.75 -42.47 -31.00
CA GLY H 602 -33.81 -42.48 -31.99
C GLY H 602 -35.10 -41.90 -31.46
N VAL H 603 -35.50 -42.31 -30.28
CA VAL H 603 -36.76 -41.85 -29.69
C VAL H 603 -36.55 -40.92 -28.50
N VAL H 604 -35.32 -40.72 -28.06
CA VAL H 604 -35.02 -39.99 -26.83
C VAL H 604 -33.94 -38.98 -27.16
N THR H 605 -34.12 -37.74 -26.69
CA THR H 605 -33.12 -36.70 -26.90
C THR H 605 -32.90 -36.00 -25.57
N THR H 606 -31.86 -36.38 -24.85
CA THR H 606 -31.59 -35.80 -23.52
C THR H 606 -30.94 -34.45 -23.72
N VAL H 607 -31.75 -33.40 -23.71
CA VAL H 607 -31.24 -32.04 -23.81
C VAL H 607 -31.05 -31.48 -22.41
N ILE H 608 -30.32 -30.38 -22.33
CA ILE H 608 -30.04 -29.76 -21.06
C ILE H 608 -31.14 -28.75 -20.75
N ASP H 609 -31.27 -28.38 -19.48
CA ASP H 609 -32.44 -27.67 -19.00
C ASP H 609 -32.50 -26.23 -19.52
N ASP H 610 -33.73 -25.73 -19.64
CA ASP H 610 -33.94 -24.31 -19.86
C ASP H 610 -33.46 -23.49 -18.66
N SER H 611 -33.79 -23.96 -17.45
CA SER H 611 -33.52 -23.18 -16.24
C SER H 611 -32.08 -23.30 -15.76
N SER H 612 -31.23 -24.05 -16.45
CA SER H 612 -29.84 -24.18 -16.08
C SER H 612 -28.96 -23.14 -16.77
N TYR H 613 -29.56 -22.17 -17.39
CA TYR H 613 -28.98 -21.13 -18.22
C TYR H 613 -28.80 -19.84 -17.41
N PRO H 614 -27.94 -18.89 -17.87
CA PRO H 614 -27.57 -17.76 -16.99
C PRO H 614 -28.60 -16.66 -16.79
N LYS H 615 -29.91 -16.92 -17.00
CA LYS H 615 -30.99 -15.94 -16.80
C LYS H 615 -30.82 -14.77 -17.78
N ASP H 616 -31.18 -15.10 -19.02
CA ASP H 616 -31.32 -14.22 -20.19
C ASP H 616 -30.06 -13.45 -20.54
N GLY H 617 -28.92 -14.08 -20.37
CA GLY H 617 -27.66 -13.46 -20.73
C GLY H 617 -27.08 -12.69 -19.57
N GLY H 618 -25.84 -13.04 -19.23
CA GLY H 618 -25.09 -12.30 -18.26
C GLY H 618 -23.94 -11.58 -18.94
N SER H 619 -23.20 -10.83 -18.14
CA SER H 619 -22.00 -10.18 -18.62
C SER H 619 -20.79 -11.05 -18.29
N VAL H 620 -19.72 -10.87 -19.05
CA VAL H 620 -18.47 -11.53 -18.70
C VAL H 620 -17.75 -10.83 -17.58
N THR H 621 -18.16 -9.61 -17.23
CA THR H 621 -17.61 -8.96 -16.05
C THR H 621 -18.09 -9.64 -14.79
N SER H 622 -19.29 -10.20 -14.79
CA SER H 622 -19.85 -10.78 -13.58
C SER H 622 -19.28 -12.16 -13.33
N LEU H 623 -18.72 -12.37 -12.14
CA LEU H 623 -18.09 -13.64 -11.80
C LEU H 623 -19.14 -14.74 -11.64
N GLU H 624 -20.29 -14.40 -11.07
CA GLU H 624 -21.36 -15.37 -10.88
C GLU H 624 -21.92 -15.84 -12.21
N ASN H 625 -22.00 -14.94 -13.19
CA ASN H 625 -22.33 -15.37 -14.55
C ASN H 625 -21.19 -16.11 -15.21
N LEU H 626 -19.95 -15.80 -14.82
CA LEU H 626 -18.80 -16.44 -15.45
C LEU H 626 -18.67 -17.91 -15.07
N TRP H 627 -19.13 -18.28 -13.88
CA TRP H 627 -19.09 -19.70 -13.52
C TRP H 627 -20.11 -20.53 -14.31
N ASP H 628 -21.19 -19.90 -14.78
CA ASP H 628 -22.21 -20.58 -15.58
C ASP H 628 -21.64 -21.16 -16.85
N PHE H 629 -20.76 -20.41 -17.51
CA PHE H 629 -20.11 -20.89 -18.73
C PHE H 629 -19.26 -22.11 -18.46
N PHE H 630 -18.59 -22.15 -17.31
CA PHE H 630 -17.76 -23.29 -16.95
C PHE H 630 -18.63 -24.53 -16.71
N ILE H 631 -19.74 -24.35 -15.99
CA ILE H 631 -20.63 -25.47 -15.70
C ILE H 631 -21.26 -26.02 -16.98
N LEU H 632 -21.71 -25.13 -17.87
CA LEU H 632 -22.30 -25.61 -19.12
C LEU H 632 -21.26 -26.21 -20.06
N ALA H 633 -20.05 -25.67 -20.09
CA ALA H 633 -19.02 -26.20 -20.96
C ALA H 633 -18.52 -27.56 -20.48
N LEU H 634 -18.64 -27.84 -19.19
CA LEU H 634 -18.38 -29.21 -18.76
C LEU H 634 -19.55 -30.15 -18.98
N ALA H 635 -20.79 -29.67 -18.82
CA ALA H 635 -21.92 -30.59 -18.84
C ALA H 635 -22.38 -30.95 -20.25
N LEU H 636 -22.24 -30.03 -21.21
CA LEU H 636 -22.80 -30.27 -22.54
C LEU H 636 -22.20 -31.40 -23.39
N PRO H 637 -20.92 -31.81 -23.28
CA PRO H 637 -20.49 -32.96 -24.11
C PRO H 637 -21.14 -34.30 -23.77
N LEU H 638 -21.82 -34.45 -22.63
CA LEU H 638 -22.44 -35.73 -22.33
C LEU H 638 -23.85 -35.86 -22.90
N THR H 639 -24.48 -34.77 -23.31
CA THR H 639 -25.83 -34.84 -23.84
C THR H 639 -25.83 -35.39 -25.25
N THR H 640 -26.96 -35.97 -25.64
CA THR H 640 -27.03 -36.72 -26.89
C THR H 640 -27.71 -35.96 -28.01
N ASP H 641 -28.12 -34.72 -27.81
CA ASP H 641 -28.69 -33.96 -28.90
C ASP H 641 -27.59 -33.54 -29.88
N PRO H 642 -27.86 -33.55 -31.19
CA PRO H 642 -26.82 -33.15 -32.14
C PRO H 642 -26.52 -31.67 -32.14
N CYS H 643 -27.40 -30.84 -31.58
CA CYS H 643 -27.21 -29.40 -31.58
C CYS H 643 -26.61 -28.89 -30.28
N ALA H 644 -25.80 -29.69 -29.61
CA ALA H 644 -25.07 -29.29 -28.41
C ALA H 644 -23.86 -28.38 -28.64
N PRO H 645 -23.00 -28.55 -29.67
CA PRO H 645 -21.88 -27.60 -29.81
C PRO H 645 -22.29 -26.19 -30.14
N VAL H 646 -23.41 -25.98 -30.83
CA VAL H 646 -23.82 -24.62 -31.11
C VAL H 646 -24.34 -23.94 -29.85
N LYS H 647 -24.92 -24.69 -28.92
CA LYS H 647 -25.31 -24.11 -27.65
C LYS H 647 -24.09 -23.83 -26.79
N ALA H 648 -23.12 -24.74 -26.80
CA ALA H 648 -21.89 -24.54 -26.04
C ALA H 648 -21.08 -23.38 -26.61
N PHE H 649 -21.22 -23.08 -27.90
CA PHE H 649 -20.59 -21.91 -28.47
C PHE H 649 -21.34 -20.64 -28.11
N MET H 650 -22.63 -20.60 -28.42
CA MET H 650 -23.38 -19.36 -28.34
C MET H 650 -23.76 -18.96 -26.92
N THR H 651 -23.51 -19.83 -25.93
CA THR H 651 -23.48 -19.37 -24.55
C THR H 651 -22.51 -18.22 -24.36
N LEU H 652 -21.31 -18.35 -24.92
CA LEU H 652 -20.29 -17.32 -24.76
C LEU H 652 -20.62 -16.07 -25.57
N ALA H 653 -21.23 -16.25 -26.74
CA ALA H 653 -21.63 -15.08 -27.53
C ALA H 653 -22.80 -14.35 -26.91
N ASN H 654 -23.68 -15.04 -26.18
CA ASN H 654 -24.65 -14.35 -25.35
C ASN H 654 -23.98 -13.62 -24.20
N MET H 655 -22.99 -14.25 -23.57
CA MET H 655 -22.38 -13.65 -22.39
C MET H 655 -21.51 -12.45 -22.69
N MET H 656 -20.95 -12.34 -23.89
CA MET H 656 -20.26 -11.11 -24.27
C MET H 656 -20.95 -10.50 -25.49
N VAL H 657 -21.96 -9.67 -25.20
CA VAL H 657 -22.60 -8.82 -26.19
C VAL H 657 -22.14 -7.40 -25.92
N GLY H 658 -21.58 -6.74 -26.93
CA GLY H 658 -21.03 -5.43 -26.78
C GLY H 658 -19.55 -5.43 -26.42
N PHE H 659 -19.08 -6.46 -25.71
CA PHE H 659 -17.65 -6.59 -25.49
C PHE H 659 -16.94 -6.91 -26.80
N GLU H 660 -17.50 -7.84 -27.59
CA GLU H 660 -17.06 -8.12 -28.94
C GLU H 660 -18.19 -8.84 -29.68
N THR H 661 -18.32 -8.56 -30.97
CA THR H 661 -19.45 -9.02 -31.76
C THR H 661 -19.00 -9.90 -32.92
N ILE H 662 -19.90 -10.76 -33.37
CA ILE H 662 -19.65 -11.68 -34.47
C ILE H 662 -20.71 -11.50 -35.55
N PRO H 663 -20.41 -11.79 -36.82
CA PRO H 663 -21.44 -11.65 -37.87
C PRO H 663 -22.46 -12.79 -37.92
N MET H 664 -23.54 -12.67 -37.15
CA MET H 664 -24.63 -13.64 -37.22
C MET H 664 -25.39 -13.52 -38.55
N ASP H 665 -26.35 -14.41 -38.77
CA ASP H 665 -26.86 -14.58 -40.13
C ASP H 665 -28.18 -13.87 -40.43
N ASN H 666 -29.03 -13.62 -39.45
CA ASN H 666 -30.27 -12.87 -39.75
C ASN H 666 -30.55 -11.91 -38.61
N GLN H 667 -31.76 -11.38 -38.58
CA GLN H 667 -32.19 -10.50 -37.51
C GLN H 667 -32.95 -11.24 -36.42
N ILE H 668 -33.43 -12.44 -36.70
CA ILE H 668 -34.15 -13.21 -35.68
C ILE H 668 -33.18 -13.91 -34.75
N TYR H 669 -32.39 -14.84 -35.30
CA TYR H 669 -31.42 -15.58 -34.50
C TYR H 669 -30.10 -14.82 -34.51
N THR H 670 -30.12 -13.68 -33.82
CA THR H 670 -28.97 -12.79 -33.76
C THR H 670 -28.02 -13.25 -32.66
N GLN H 671 -27.03 -12.41 -32.33
CA GLN H 671 -26.06 -12.76 -31.29
C GLN H 671 -26.70 -12.77 -29.90
N SER H 672 -27.60 -11.83 -29.64
CA SER H 672 -28.20 -11.73 -28.32
C SER H 672 -29.40 -12.63 -28.12
N ARG H 673 -29.82 -13.37 -29.15
CA ARG H 673 -30.89 -14.35 -28.96
C ARG H 673 -30.36 -15.53 -28.17
N ARG H 674 -31.18 -16.01 -27.24
CA ARG H 674 -30.77 -16.96 -26.21
C ARG H 674 -30.33 -18.29 -26.81
N ALA H 675 -29.35 -18.92 -26.17
CA ALA H 675 -28.76 -20.15 -26.68
C ALA H 675 -29.68 -21.36 -26.54
N SER H 676 -30.80 -21.23 -25.84
CA SER H 676 -31.78 -22.31 -25.80
C SER H 676 -32.42 -22.53 -27.17
N ALA H 677 -32.61 -21.46 -27.93
CA ALA H 677 -33.39 -21.52 -29.15
C ALA H 677 -32.56 -21.85 -30.38
N PHE H 678 -31.39 -22.47 -30.21
CA PHE H 678 -30.59 -22.93 -31.34
C PHE H 678 -30.62 -24.46 -31.28
N SER H 679 -31.65 -25.04 -31.86
CA SER H 679 -31.93 -26.46 -31.64
C SER H 679 -32.14 -27.25 -32.93
N THR H 680 -32.10 -26.61 -34.09
CA THR H 680 -32.24 -27.27 -35.37
C THR H 680 -31.00 -27.01 -36.21
N PRO H 681 -30.67 -27.90 -37.16
CA PRO H 681 -29.47 -27.67 -37.98
C PRO H 681 -29.56 -26.48 -38.90
N HIS H 682 -30.76 -26.04 -39.26
CA HIS H 682 -30.91 -24.81 -40.03
C HIS H 682 -30.53 -23.59 -39.21
N THR H 683 -30.65 -23.68 -37.89
CA THR H 683 -30.40 -22.56 -37.01
C THR H 683 -28.90 -22.36 -36.74
N TRP H 684 -28.06 -23.32 -37.12
CA TRP H 684 -26.62 -23.20 -36.89
C TRP H 684 -26.05 -22.07 -37.74
N PRO H 685 -25.38 -21.09 -37.14
CA PRO H 685 -24.96 -19.93 -37.90
C PRO H 685 -23.79 -20.22 -38.82
N ARG H 686 -23.78 -19.48 -39.93
CA ARG H 686 -22.66 -19.48 -40.86
C ARG H 686 -21.37 -19.02 -40.19
N CYS H 687 -21.47 -18.10 -39.23
CA CYS H 687 -20.33 -17.65 -38.45
C CYS H 687 -19.69 -18.77 -37.65
N PHE H 688 -20.48 -19.74 -37.20
CA PHE H 688 -19.92 -20.88 -36.49
C PHE H 688 -19.48 -21.99 -37.42
N MET H 689 -20.18 -22.19 -38.54
CA MET H 689 -19.80 -23.26 -39.46
C MET H 689 -18.50 -22.94 -40.17
N ASN H 690 -18.25 -21.66 -40.46
CA ASN H 690 -16.99 -21.24 -41.07
C ASN H 690 -16.29 -20.31 -40.09
N ILE H 691 -15.12 -20.74 -39.61
CA ILE H 691 -14.46 -20.11 -38.48
C ILE H 691 -13.85 -18.77 -38.87
N GLN H 692 -13.42 -18.62 -40.13
CA GLN H 692 -12.72 -17.43 -40.60
C GLN H 692 -13.58 -16.17 -40.58
N LEU H 693 -14.89 -16.28 -40.38
CA LEU H 693 -15.75 -15.11 -40.25
C LEU H 693 -15.37 -14.28 -39.03
N ILE H 694 -15.01 -14.94 -37.94
CA ILE H 694 -14.58 -14.23 -36.74
C ILE H 694 -13.16 -13.74 -36.95
N SER H 695 -12.97 -12.43 -36.87
CA SER H 695 -11.58 -12.02 -37.00
C SER H 695 -10.90 -12.07 -35.64
N PRO H 696 -9.65 -12.53 -35.59
CA PRO H 696 -8.98 -12.69 -34.28
C PRO H 696 -8.58 -11.40 -33.63
N ILE H 697 -8.57 -10.29 -34.37
CA ILE H 697 -8.19 -9.01 -33.77
C ILE H 697 -9.39 -8.19 -33.37
N ASP H 698 -10.62 -8.66 -33.64
CA ASP H 698 -11.82 -8.04 -33.12
C ASP H 698 -12.59 -8.92 -32.16
N ALA H 699 -12.46 -10.24 -32.26
CA ALA H 699 -13.06 -11.15 -31.28
C ALA H 699 -12.12 -12.33 -31.08
N PRO H 700 -11.02 -12.14 -30.34
CA PRO H 700 -10.04 -13.22 -30.17
C PRO H 700 -10.57 -14.37 -29.36
N ILE H 701 -11.45 -14.11 -28.40
CA ILE H 701 -11.92 -15.16 -27.51
C ILE H 701 -13.08 -15.94 -28.12
N LEU H 702 -13.93 -15.29 -28.92
CA LEU H 702 -14.87 -16.06 -29.74
C LEU H 702 -14.14 -16.91 -30.77
N ARG H 703 -13.09 -16.37 -31.39
CA ARG H 703 -12.29 -17.17 -32.33
C ARG H 703 -11.65 -18.36 -31.64
N GLN H 704 -11.12 -18.15 -30.44
CA GLN H 704 -10.44 -19.21 -29.72
C GLN H 704 -11.41 -20.27 -29.22
N TRP H 705 -12.61 -19.87 -28.78
CA TRP H 705 -13.59 -20.85 -28.36
C TRP H 705 -14.14 -21.63 -29.53
N ALA H 706 -14.28 -21.01 -30.69
CA ALA H 706 -14.66 -21.78 -31.88
C ALA H 706 -13.57 -22.76 -32.28
N GLU H 707 -12.30 -22.38 -32.10
CA GLU H 707 -11.20 -23.31 -32.33
C GLU H 707 -11.25 -24.50 -31.39
N ILE H 708 -11.52 -24.25 -30.10
CA ILE H 708 -11.56 -25.32 -29.11
C ILE H 708 -12.74 -26.26 -29.37
N ILE H 709 -13.89 -25.71 -29.78
CA ILE H 709 -15.03 -26.55 -30.15
C ILE H 709 -14.70 -27.41 -31.37
N HIS H 710 -14.06 -26.83 -32.38
CA HIS H 710 -13.77 -27.63 -33.57
C HIS H 710 -12.62 -28.60 -33.39
N ARG H 711 -11.78 -28.44 -32.37
CA ARG H 711 -10.69 -29.41 -32.17
C ARG H 711 -10.99 -30.45 -31.10
N TYR H 712 -11.24 -30.01 -29.86
CA TYR H 712 -11.18 -30.92 -28.73
C TYR H 712 -12.54 -31.47 -28.31
N TRP H 713 -13.54 -31.39 -29.18
CA TRP H 713 -14.79 -32.07 -28.94
C TRP H 713 -14.60 -33.58 -29.14
N PRO H 714 -15.33 -34.41 -28.41
CA PRO H 714 -15.16 -35.87 -28.56
C PRO H 714 -15.67 -36.39 -29.90
N ASN H 715 -15.44 -37.67 -30.12
CA ASN H 715 -15.81 -38.33 -31.37
C ASN H 715 -16.43 -39.70 -31.07
N PRO H 716 -17.35 -40.16 -31.92
CA PRO H 716 -18.04 -41.42 -31.63
C PRO H 716 -17.14 -42.64 -31.79
N SER H 717 -17.68 -43.78 -31.34
CA SER H 717 -16.97 -45.06 -31.36
C SER H 717 -18.01 -46.18 -31.27
N GLN H 718 -17.55 -47.41 -31.01
CA GLN H 718 -18.41 -48.59 -31.04
C GLN H 718 -17.83 -49.71 -30.16
N ILE H 719 -18.73 -50.47 -29.52
CA ILE H 719 -18.31 -51.29 -28.37
C ILE H 719 -18.65 -52.78 -28.50
N ARG H 720 -19.51 -53.14 -29.47
CA ARG H 720 -19.84 -54.53 -29.81
C ARG H 720 -20.45 -55.33 -28.65
N TYR H 721 -21.73 -55.09 -28.37
CA TYR H 721 -22.45 -55.88 -27.39
C TYR H 721 -22.98 -57.17 -28.01
N GLY H 722 -23.70 -57.94 -27.21
CA GLY H 722 -24.69 -58.87 -27.72
C GLY H 722 -24.13 -60.18 -28.21
N THR H 723 -25.02 -61.17 -28.27
CA THR H 723 -24.76 -62.49 -28.83
C THR H 723 -25.80 -62.77 -29.90
N PRO H 724 -25.41 -62.92 -31.16
CA PRO H 724 -26.40 -63.06 -32.23
C PRO H 724 -26.89 -64.47 -32.46
N ASN H 725 -26.32 -65.46 -31.75
CA ASN H 725 -26.69 -66.84 -32.01
C ASN H 725 -28.04 -67.16 -31.39
N VAL H 726 -28.14 -67.10 -30.08
CA VAL H 726 -29.39 -67.39 -29.40
C VAL H 726 -30.31 -66.18 -29.44
N PHE H 727 -29.82 -65.05 -28.96
CA PHE H 727 -30.59 -63.81 -28.98
C PHE H 727 -30.56 -63.26 -30.39
N GLY H 728 -31.74 -62.96 -30.95
CA GLY H 728 -31.77 -62.28 -32.23
C GLY H 728 -31.33 -60.83 -32.04
N SER H 729 -30.45 -60.38 -32.92
CA SER H 729 -30.02 -58.99 -32.86
C SER H 729 -31.14 -58.08 -33.33
N ALA H 730 -31.72 -57.32 -32.41
CA ALA H 730 -32.94 -56.58 -32.68
C ALA H 730 -32.69 -55.12 -33.00
N ASN H 731 -31.45 -54.71 -33.23
CA ASN H 731 -31.23 -53.31 -33.53
C ASN H 731 -31.52 -53.02 -35.00
N LEU H 732 -31.93 -51.79 -35.25
CA LEU H 732 -32.24 -51.30 -36.58
C LEU H 732 -31.26 -50.16 -36.86
N PHE H 733 -31.15 -49.78 -38.14
CA PHE H 733 -30.40 -48.63 -38.64
C PHE H 733 -28.89 -48.74 -38.45
N THR H 734 -28.41 -49.80 -37.83
CA THR H 734 -27.01 -50.05 -37.52
C THR H 734 -26.71 -51.46 -38.00
N PRO H 735 -25.45 -51.88 -37.98
CA PRO H 735 -25.17 -53.31 -38.08
C PRO H 735 -25.68 -54.03 -36.84
N PRO H 736 -25.86 -55.35 -36.93
CA PRO H 736 -26.10 -56.12 -35.71
C PRO H 736 -24.88 -56.12 -34.82
N GLU H 737 -25.13 -56.41 -33.53
CA GLU H 737 -24.13 -56.52 -32.44
C GLU H 737 -23.11 -55.38 -32.41
N VAL H 738 -23.60 -54.15 -32.56
CA VAL H 738 -22.75 -52.98 -32.43
C VAL H 738 -23.53 -51.88 -31.72
N LEU H 739 -22.85 -51.15 -30.83
CA LEU H 739 -23.48 -50.10 -30.02
C LEU H 739 -22.70 -48.82 -30.21
N LEU H 740 -23.36 -47.78 -30.67
CA LEU H 740 -22.68 -46.52 -30.97
C LEU H 740 -22.67 -45.65 -29.73
N LEU H 741 -21.54 -44.98 -29.50
CA LEU H 741 -21.32 -44.15 -28.33
C LEU H 741 -21.04 -42.72 -28.74
N PRO H 742 -21.29 -41.75 -27.87
CA PRO H 742 -20.85 -40.38 -28.18
C PRO H 742 -19.36 -40.18 -28.03
N ILE H 743 -18.75 -40.78 -27.00
CA ILE H 743 -17.39 -40.47 -26.63
C ILE H 743 -16.45 -41.58 -27.06
N ASP H 744 -15.15 -41.34 -26.89
CA ASP H 744 -14.13 -42.30 -27.24
C ASP H 744 -13.86 -43.20 -26.04
N HIS H 745 -13.62 -44.47 -26.32
CA HIS H 745 -13.38 -45.45 -25.27
C HIS H 745 -12.10 -46.20 -25.58
N GLN H 746 -11.48 -46.75 -24.53
CA GLN H 746 -10.34 -47.64 -24.67
C GLN H 746 -10.43 -48.74 -23.63
N PRO H 747 -9.93 -49.93 -23.94
CA PRO H 747 -9.92 -51.00 -22.94
C PRO H 747 -8.90 -50.72 -21.85
N ALA H 748 -9.30 -50.98 -20.61
CA ALA H 748 -8.39 -50.84 -19.49
C ALA H 748 -7.35 -51.94 -19.56
N ASN H 749 -6.08 -51.55 -19.66
CA ASN H 749 -5.03 -52.54 -19.82
C ASN H 749 -4.75 -53.27 -18.51
N VAL H 750 -4.82 -52.56 -17.39
CA VAL H 750 -4.55 -53.13 -16.10
C VAL H 750 -5.87 -53.35 -15.36
N THR H 751 -5.80 -54.06 -14.24
CA THR H 751 -6.96 -54.27 -13.40
C THR H 751 -6.84 -53.61 -12.04
N THR H 752 -5.71 -52.97 -11.74
CA THR H 752 -5.58 -52.11 -10.57
C THR H 752 -5.54 -50.68 -11.07
N PRO H 753 -6.68 -50.00 -11.15
CA PRO H 753 -6.71 -48.69 -11.80
C PRO H 753 -6.14 -47.61 -10.89
N THR H 754 -5.65 -46.56 -11.54
CA THR H 754 -4.98 -45.47 -10.84
C THR H 754 -5.15 -44.20 -11.66
N LEU H 755 -4.96 -43.07 -10.98
CA LEU H 755 -5.27 -41.76 -11.55
C LEU H 755 -4.33 -41.42 -12.69
N ASP H 756 -4.91 -41.02 -13.83
CA ASP H 756 -4.12 -40.47 -14.93
C ASP H 756 -4.88 -39.32 -15.57
N PHE H 757 -4.20 -38.60 -16.46
CA PHE H 757 -4.78 -37.43 -17.09
C PHE H 757 -4.86 -37.50 -18.61
N THR H 758 -4.22 -38.49 -19.25
CA THR H 758 -4.37 -38.68 -20.69
C THR H 758 -5.77 -39.21 -20.98
N ASN H 759 -6.66 -38.30 -21.32
CA ASN H 759 -8.09 -38.50 -21.13
C ASN H 759 -8.82 -37.40 -21.87
N GLU H 760 -9.85 -37.75 -22.66
CA GLU H 760 -10.45 -36.76 -23.54
C GLU H 760 -11.25 -35.71 -22.77
N LEU H 761 -11.99 -36.12 -21.76
CA LEU H 761 -12.74 -35.15 -20.97
C LEU H 761 -11.84 -34.35 -20.04
N THR H 762 -10.69 -34.90 -19.64
CA THR H 762 -9.70 -34.11 -18.94
C THR H 762 -9.08 -33.06 -19.84
N ASN H 763 -8.81 -33.42 -21.11
CA ASN H 763 -8.41 -32.43 -22.10
C ASN H 763 -9.47 -31.34 -22.24
N TRP H 764 -10.73 -31.72 -22.24
CA TRP H 764 -11.82 -30.74 -22.37
C TRP H 764 -11.87 -29.78 -21.20
N ARG H 765 -11.78 -30.30 -19.97
CA ARG H 765 -11.74 -29.45 -18.78
C ARG H 765 -10.52 -28.54 -18.79
N ALA H 766 -9.37 -29.05 -19.26
CA ALA H 766 -8.17 -28.24 -19.33
C ALA H 766 -8.32 -27.12 -20.35
N ARG H 767 -8.96 -27.39 -21.49
CA ARG H 767 -9.11 -26.34 -22.50
C ARG H 767 -10.08 -25.26 -22.08
N VAL H 768 -11.15 -25.62 -21.36
CA VAL H 768 -12.06 -24.61 -20.83
C VAL H 768 -11.36 -23.75 -19.78
N CYS H 769 -10.55 -24.37 -18.91
CA CYS H 769 -9.78 -23.61 -17.95
C CYS H 769 -8.74 -22.71 -18.61
N GLU H 770 -8.11 -23.17 -19.70
CA GLU H 770 -7.14 -22.32 -20.39
C GLU H 770 -7.80 -21.16 -21.09
N LEU H 771 -9.02 -21.35 -21.61
CA LEU H 771 -9.76 -20.23 -22.19
C LEU H 771 -10.08 -19.19 -21.13
N MET H 772 -10.53 -19.62 -19.95
CA MET H 772 -10.86 -18.64 -18.91
C MET H 772 -9.63 -17.95 -18.34
N LYS H 773 -8.49 -18.64 -18.30
CA LYS H 773 -7.23 -17.97 -17.96
C LYS H 773 -6.85 -16.94 -19.01
N ASN H 774 -7.08 -17.25 -20.30
CA ASN H 774 -6.81 -16.26 -21.34
C ASN H 774 -7.83 -15.13 -21.34
N LEU H 775 -9.01 -15.37 -20.78
CA LEU H 775 -10.01 -14.32 -20.64
C LEU H 775 -9.63 -13.35 -19.54
N VAL H 776 -9.08 -13.83 -18.44
CA VAL H 776 -8.85 -12.94 -17.30
C VAL H 776 -7.54 -12.15 -17.39
N ASP H 777 -6.86 -12.17 -18.54
CA ASP H 777 -5.74 -11.25 -18.78
C ASP H 777 -5.94 -10.56 -20.13
N ASN H 778 -6.66 -9.45 -20.08
CA ASN H 778 -7.03 -8.71 -21.26
C ASN H 778 -6.96 -7.24 -20.90
N GLN H 779 -6.53 -6.41 -21.83
CA GLN H 779 -6.43 -4.97 -21.58
C GLN H 779 -7.79 -4.30 -21.46
N ARG H 780 -8.85 -4.93 -21.95
CA ARG H 780 -10.19 -4.43 -21.79
C ARG H 780 -10.88 -4.94 -20.53
N TYR H 781 -10.30 -5.94 -19.88
CA TYR H 781 -11.01 -6.72 -18.87
C TYR H 781 -10.34 -6.69 -17.51
N GLN H 782 -9.03 -6.91 -17.46
CA GLN H 782 -8.31 -6.89 -16.19
C GLN H 782 -8.23 -5.51 -15.51
N PRO H 783 -8.12 -4.36 -16.20
CA PRO H 783 -8.28 -3.08 -15.47
C PRO H 783 -9.64 -2.86 -14.83
N GLY H 784 -10.66 -3.66 -15.17
CA GLY H 784 -11.89 -3.61 -14.41
C GLY H 784 -11.83 -4.29 -13.07
N TRP H 785 -10.75 -5.00 -12.76
CA TRP H 785 -10.61 -5.73 -11.51
C TRP H 785 -9.50 -5.14 -10.64
N THR H 786 -9.43 -5.67 -9.42
CA THR H 786 -8.33 -5.38 -8.51
C THR H 786 -7.16 -6.32 -8.83
N GLN H 787 -6.19 -6.42 -7.93
CA GLN H 787 -5.06 -7.31 -8.12
C GLN H 787 -5.24 -8.65 -7.42
N SER H 788 -5.71 -8.63 -6.18
CA SER H 788 -5.96 -9.84 -5.43
C SER H 788 -7.05 -10.70 -6.04
N LEU H 789 -8.03 -10.08 -6.70
CA LEU H 789 -9.07 -10.85 -7.36
C LEU H 789 -8.53 -11.56 -8.59
N VAL H 790 -7.62 -10.92 -9.33
CA VAL H 790 -6.95 -11.58 -10.44
C VAL H 790 -6.13 -12.76 -9.96
N SER H 791 -5.37 -12.56 -8.87
CA SER H 791 -4.54 -13.64 -8.33
C SER H 791 -5.36 -14.81 -7.81
N SER H 792 -6.45 -14.54 -7.09
CA SER H 792 -7.31 -15.61 -6.59
C SER H 792 -8.05 -16.32 -7.71
N MET H 793 -8.49 -15.60 -8.74
CA MET H 793 -9.19 -16.24 -9.85
C MET H 793 -8.26 -17.13 -10.65
N ARG H 794 -7.02 -16.69 -10.87
CA ARG H 794 -6.06 -17.52 -11.58
C ARG H 794 -5.66 -18.74 -10.76
N GLY H 795 -5.55 -18.59 -9.44
CA GLY H 795 -5.32 -19.76 -8.59
C GLY H 795 -6.44 -20.76 -8.61
N THR H 796 -7.69 -20.28 -8.58
CA THR H 796 -8.85 -21.17 -8.61
C THR H 796 -8.96 -21.90 -9.93
N LEU H 797 -8.69 -21.23 -11.04
CA LEU H 797 -8.70 -21.92 -12.33
C LEU H 797 -7.55 -22.91 -12.47
N GLY H 798 -6.36 -22.57 -11.95
CA GLY H 798 -5.25 -23.50 -11.98
C GLY H 798 -5.47 -24.72 -11.12
N LYS H 799 -6.28 -24.60 -10.08
CA LYS H 799 -6.62 -25.77 -9.28
C LYS H 799 -7.80 -26.56 -9.85
N LEU H 800 -8.73 -25.91 -10.53
CA LEU H 800 -9.79 -26.66 -11.20
C LEU H 800 -9.32 -27.40 -12.43
N LYS H 801 -8.22 -26.97 -13.04
CA LYS H 801 -7.64 -27.79 -14.11
C LYS H 801 -7.02 -29.06 -13.56
N LEU H 802 -6.44 -29.01 -12.36
CA LEU H 802 -5.67 -30.11 -11.80
C LEU H 802 -6.41 -30.85 -10.69
N ILE H 803 -7.70 -30.58 -10.51
CA ILE H 803 -8.50 -31.40 -9.59
C ILE H 803 -8.53 -32.84 -10.09
N LYS H 804 -8.49 -33.78 -9.15
CA LYS H 804 -8.44 -35.19 -9.47
C LYS H 804 -9.81 -35.83 -9.26
N SER H 805 -10.20 -36.67 -10.22
CA SER H 805 -11.45 -37.39 -10.18
C SER H 805 -11.36 -38.50 -11.20
N MET H 806 -11.79 -39.69 -10.82
CA MET H 806 -11.66 -40.85 -11.69
C MET H 806 -12.77 -40.94 -12.73
N THR H 807 -13.71 -39.99 -12.72
CA THR H 807 -14.87 -40.05 -13.61
C THR H 807 -14.56 -39.99 -15.10
N PRO H 808 -13.65 -39.14 -15.62
CA PRO H 808 -13.37 -39.23 -17.07
C PRO H 808 -12.65 -40.51 -17.47
N MET H 809 -11.73 -40.99 -16.63
CA MET H 809 -11.12 -42.29 -16.86
C MET H 809 -12.15 -43.41 -16.80
N TYR H 810 -13.12 -43.26 -15.90
CA TYR H 810 -14.22 -44.21 -15.83
C TYR H 810 -15.04 -44.23 -17.11
N LEU H 811 -15.41 -43.06 -17.62
CA LEU H 811 -16.17 -42.96 -18.84
C LEU H 811 -15.39 -43.45 -20.06
N GLN H 812 -14.07 -43.32 -20.07
CA GLN H 812 -13.33 -43.79 -21.23
C GLN H 812 -12.89 -45.25 -21.11
N GLN H 813 -12.98 -45.87 -19.93
CA GLN H 813 -12.55 -47.25 -19.84
C GLN H 813 -13.63 -48.23 -19.38
N LEU H 814 -14.33 -47.94 -18.29
CA LEU H 814 -15.16 -48.94 -17.64
C LEU H 814 -16.63 -48.82 -17.97
N ALA H 815 -17.13 -47.60 -18.16
CA ALA H 815 -18.55 -47.42 -18.46
C ALA H 815 -19.04 -48.03 -19.77
N PRO H 816 -18.31 -47.97 -20.91
CA PRO H 816 -18.82 -48.68 -22.11
C PRO H 816 -18.83 -50.19 -21.96
N VAL H 817 -17.92 -50.76 -21.16
CA VAL H 817 -17.89 -52.19 -20.94
C VAL H 817 -19.16 -52.64 -20.22
N GLU H 818 -19.52 -51.94 -19.16
CA GLU H 818 -20.72 -52.35 -18.44
C GLU H 818 -22.01 -51.95 -19.15
N LEU H 819 -21.98 -50.91 -20.01
CA LEU H 819 -23.13 -50.70 -20.88
C LEU H 819 -23.32 -51.84 -21.85
N ALA H 820 -22.22 -52.36 -22.42
CA ALA H 820 -22.32 -53.52 -23.29
C ALA H 820 -22.71 -54.78 -22.55
N VAL H 821 -22.42 -54.85 -21.26
CA VAL H 821 -22.89 -55.98 -20.45
C VAL H 821 -24.38 -55.88 -20.19
N ILE H 822 -24.87 -54.69 -19.83
CA ILE H 822 -26.27 -54.50 -19.47
C ILE H 822 -27.18 -54.64 -20.68
N ALA H 823 -26.73 -54.15 -21.85
CA ALA H 823 -27.64 -53.89 -22.96
C ALA H 823 -28.46 -55.07 -23.52
N PRO H 824 -28.00 -56.35 -23.53
CA PRO H 824 -28.93 -57.42 -23.92
C PRO H 824 -30.07 -57.67 -22.94
N MET H 825 -29.75 -57.87 -21.67
CA MET H 825 -30.77 -58.16 -20.65
C MET H 825 -31.52 -56.87 -20.36
N LEU H 826 -32.51 -56.60 -21.17
CA LEU H 826 -33.17 -55.31 -21.16
C LEU H 826 -34.52 -55.48 -21.84
N PRO H 827 -35.62 -55.04 -21.23
CA PRO H 827 -36.93 -55.30 -21.81
C PRO H 827 -37.21 -54.49 -23.05
N PHE H 828 -36.55 -53.36 -23.22
CA PHE H 828 -36.70 -52.53 -24.41
C PHE H 828 -35.35 -52.48 -25.08
N PRO H 829 -35.16 -53.12 -26.24
CA PRO H 829 -33.83 -53.24 -26.85
C PRO H 829 -33.33 -51.89 -27.34
N PRO H 830 -32.01 -51.73 -27.51
CA PRO H 830 -31.48 -50.42 -27.93
C PRO H 830 -31.92 -50.04 -29.32
N PHE H 831 -32.09 -48.73 -29.51
CA PHE H 831 -32.64 -48.17 -30.74
C PHE H 831 -31.84 -46.91 -31.03
N GLN H 832 -30.91 -46.99 -31.99
CA GLN H 832 -29.96 -45.90 -32.21
C GLN H 832 -29.91 -45.46 -33.66
N VAL H 833 -29.79 -44.15 -33.84
CA VAL H 833 -29.44 -43.50 -35.10
C VAL H 833 -27.98 -43.10 -34.94
N PRO H 834 -27.18 -42.97 -36.01
CA PRO H 834 -25.74 -42.74 -35.82
C PRO H 834 -25.42 -41.34 -35.30
N TYR H 835 -24.40 -41.29 -34.45
CA TYR H 835 -23.93 -40.02 -33.92
C TYR H 835 -23.19 -39.24 -35.00
N VAL H 836 -23.01 -37.96 -34.73
CA VAL H 836 -22.49 -37.01 -35.71
C VAL H 836 -21.65 -35.98 -34.96
N ARG H 837 -20.47 -35.67 -35.48
CA ARG H 837 -19.54 -34.88 -34.68
C ARG H 837 -19.85 -33.39 -34.85
N LEU H 838 -19.66 -32.84 -36.06
CA LEU H 838 -19.93 -31.41 -36.24
C LEU H 838 -20.58 -30.97 -37.55
N ASP H 839 -20.82 -31.83 -38.53
CA ASP H 839 -21.51 -31.32 -39.71
C ASP H 839 -23.01 -31.50 -39.56
N ARG H 840 -23.74 -30.58 -40.17
CA ARG H 840 -25.18 -30.68 -40.17
C ARG H 840 -25.71 -31.56 -41.28
N ASP H 841 -24.89 -31.91 -42.27
CA ASP H 841 -25.35 -32.72 -43.39
C ASP H 841 -25.56 -34.18 -43.03
N ARG H 842 -25.17 -34.61 -41.83
CA ARG H 842 -25.41 -35.98 -41.40
C ARG H 842 -26.35 -36.02 -40.20
N VAL H 843 -26.76 -34.88 -39.68
CA VAL H 843 -27.63 -34.81 -38.50
C VAL H 843 -29.01 -35.33 -38.87
N PRO H 844 -29.54 -36.31 -38.14
CA PRO H 844 -30.91 -36.77 -38.40
C PRO H 844 -31.94 -35.76 -37.95
N THR H 845 -32.94 -35.52 -38.79
CA THR H 845 -34.00 -34.59 -38.46
C THR H 845 -35.29 -35.27 -38.02
N MET H 846 -35.47 -36.56 -38.32
CA MET H 846 -36.66 -37.28 -37.92
C MET H 846 -36.37 -38.77 -37.88
N VAL H 847 -37.40 -39.51 -37.46
CA VAL H 847 -37.46 -40.96 -37.62
C VAL H 847 -38.94 -41.33 -37.61
N GLY H 848 -39.35 -42.20 -38.53
CA GLY H 848 -40.77 -42.44 -38.67
C GLY H 848 -41.19 -43.85 -39.02
N VAL H 849 -42.13 -44.40 -38.26
CA VAL H 849 -42.67 -45.71 -38.56
C VAL H 849 -43.88 -45.53 -39.46
N THR H 850 -44.28 -46.59 -40.15
CA THR H 850 -45.48 -46.55 -40.96
C THR H 850 -46.50 -47.57 -40.47
N ARG H 851 -47.75 -47.31 -40.80
CA ARG H 851 -48.88 -48.08 -40.33
C ARG H 851 -49.71 -48.66 -41.47
N GLN H 852 -50.05 -47.83 -42.46
CA GLN H 852 -50.82 -48.27 -43.61
C GLN H 852 -50.19 -47.66 -44.87
N SER H 853 -50.88 -47.82 -46.01
CA SER H 853 -50.38 -47.34 -47.28
C SER H 853 -51.43 -46.50 -47.99
N ARG H 854 -50.99 -45.86 -49.06
CA ARG H 854 -51.79 -44.91 -49.83
C ARG H 854 -52.67 -45.71 -50.81
N ASP H 855 -53.43 -45.02 -51.67
CA ASP H 855 -54.28 -45.70 -52.64
C ASP H 855 -53.47 -46.09 -53.88
N THR H 856 -53.64 -47.34 -54.30
CA THR H 856 -53.01 -47.95 -55.48
C THR H 856 -51.48 -47.92 -55.36
N ILE H 857 -50.97 -47.93 -54.13
CA ILE H 857 -49.55 -47.98 -53.87
C ILE H 857 -49.34 -49.22 -53.02
N THR H 858 -49.06 -50.34 -53.66
CA THR H 858 -48.91 -51.60 -52.94
C THR H 858 -47.49 -51.82 -52.47
N GLN H 859 -46.55 -51.13 -53.05
CA GLN H 859 -45.15 -51.30 -52.68
C GLN H 859 -44.80 -50.37 -51.53
N PRO H 860 -44.20 -50.86 -50.46
CA PRO H 860 -43.98 -50.00 -49.28
C PRO H 860 -42.91 -48.96 -49.48
N ALA H 861 -41.95 -49.18 -50.37
CA ALA H 861 -40.88 -48.22 -50.59
C ALA H 861 -41.36 -46.96 -51.30
N LEU H 862 -42.55 -46.98 -51.88
CA LEU H 862 -43.10 -45.80 -52.51
C LEU H 862 -44.07 -45.05 -51.62
N SER H 863 -44.71 -45.73 -50.68
CA SER H 863 -45.64 -45.09 -49.77
C SER H 863 -45.00 -44.67 -48.46
N LEU H 864 -43.80 -45.16 -48.17
CA LEU H 864 -43.17 -44.91 -46.87
C LEU H 864 -42.75 -43.44 -46.73
N SER H 865 -42.42 -42.78 -47.82
CA SER H 865 -41.96 -41.40 -47.74
C SER H 865 -43.06 -40.42 -47.38
N THR H 866 -44.32 -40.76 -47.66
CA THR H 866 -45.43 -39.88 -47.40
C THR H 866 -46.41 -40.42 -46.38
N THR H 867 -46.21 -41.64 -45.88
CA THR H 867 -47.16 -42.22 -44.93
C THR H 867 -46.42 -42.68 -43.68
N ASN H 868 -45.64 -41.79 -43.08
CA ASN H 868 -44.96 -42.11 -41.84
C ASN H 868 -45.47 -41.24 -40.70
N THR H 869 -44.89 -41.42 -39.53
CA THR H 869 -45.27 -40.68 -38.33
C THR H 869 -44.02 -40.42 -37.50
N THR H 870 -43.69 -39.15 -37.29
CA THR H 870 -42.46 -38.79 -36.60
C THR H 870 -42.55 -39.16 -35.13
N VAL H 871 -41.53 -39.83 -34.62
CA VAL H 871 -41.50 -40.31 -33.25
C VAL H 871 -40.25 -39.77 -32.56
N GLY H 872 -40.38 -39.46 -31.28
CA GLY H 872 -39.26 -39.03 -30.47
C GLY H 872 -39.62 -37.89 -29.54
N VAL H 873 -39.03 -37.90 -28.35
CA VAL H 873 -39.26 -36.85 -27.37
C VAL H 873 -37.95 -36.27 -26.87
N PRO H 874 -37.91 -34.99 -26.51
CA PRO H 874 -36.84 -34.48 -25.68
C PRO H 874 -37.21 -34.48 -24.20
N LEU H 875 -36.21 -34.70 -23.36
CA LEU H 875 -36.40 -34.58 -21.93
C LEU H 875 -35.17 -33.91 -21.32
N ALA H 876 -35.38 -33.20 -20.22
CA ALA H 876 -34.39 -32.27 -19.72
C ALA H 876 -33.46 -32.93 -18.71
N LEU H 877 -32.46 -32.17 -18.28
CA LEU H 877 -31.44 -32.62 -17.34
C LEU H 877 -31.16 -31.46 -16.39
N ASP H 878 -30.01 -31.50 -15.71
CA ASP H 878 -29.70 -30.53 -14.67
C ASP H 878 -28.54 -29.61 -15.02
N ALA H 879 -27.41 -30.19 -15.44
CA ALA H 879 -26.05 -29.66 -15.66
C ALA H 879 -25.33 -29.39 -14.34
N ARG H 880 -26.06 -29.24 -13.25
CA ARG H 880 -25.43 -29.07 -11.96
C ARG H 880 -24.95 -30.41 -11.42
N ALA H 881 -25.83 -31.40 -11.44
CA ALA H 881 -25.46 -32.75 -11.03
C ALA H 881 -24.47 -33.36 -12.00
N ILE H 882 -24.57 -33.02 -13.28
CA ILE H 882 -23.64 -33.56 -14.28
C ILE H 882 -22.25 -32.97 -14.07
N THR H 883 -22.16 -31.67 -13.76
CA THR H 883 -20.85 -31.07 -13.53
C THR H 883 -20.25 -31.56 -12.21
N VAL H 884 -21.06 -31.73 -11.17
CA VAL H 884 -20.55 -32.23 -9.89
C VAL H 884 -20.07 -33.67 -10.01
N ALA H 885 -20.87 -34.52 -10.67
CA ALA H 885 -20.46 -35.91 -10.88
C ALA H 885 -19.28 -36.02 -11.83
N LEU H 886 -19.09 -35.05 -12.72
CA LEU H 886 -17.94 -35.06 -13.59
C LEU H 886 -16.69 -34.59 -12.86
N LEU H 887 -16.83 -33.66 -11.92
CA LEU H 887 -15.68 -33.11 -11.22
C LEU H 887 -15.27 -33.92 -10.00
N SER H 888 -16.13 -34.74 -9.44
CA SER H 888 -15.82 -35.40 -8.18
C SER H 888 -16.29 -36.85 -8.21
N GLY H 889 -15.37 -37.75 -8.54
CA GLY H 889 -15.67 -39.17 -8.49
C GLY H 889 -14.48 -39.98 -8.01
N LYS H 890 -14.72 -40.93 -7.13
CA LYS H 890 -13.63 -41.72 -6.55
C LYS H 890 -13.94 -43.21 -6.64
N TYR H 891 -12.88 -44.00 -6.57
CA TYR H 891 -12.96 -45.45 -6.52
C TYR H 891 -12.90 -45.92 -5.08
N PRO H 892 -13.19 -47.20 -4.83
CA PRO H 892 -12.76 -47.81 -3.57
C PRO H 892 -11.25 -47.83 -3.44
N PRO H 893 -10.72 -47.88 -2.21
CA PRO H 893 -9.25 -47.76 -2.05
C PRO H 893 -8.46 -48.95 -2.60
N ASP H 894 -8.93 -50.17 -2.41
CA ASP H 894 -8.27 -51.34 -2.99
C ASP H 894 -9.28 -52.10 -3.87
N LEU H 895 -9.42 -51.63 -5.10
CA LEU H 895 -10.33 -52.30 -6.02
C LEU H 895 -9.52 -53.07 -7.05
N VAL H 896 -9.97 -54.29 -7.32
CA VAL H 896 -9.48 -55.09 -8.43
C VAL H 896 -10.69 -55.36 -9.31
N THR H 897 -10.57 -55.04 -10.59
CA THR H 897 -11.76 -54.85 -11.42
C THR H 897 -12.42 -56.17 -11.78
N ASN H 898 -11.65 -57.23 -12.02
CA ASN H 898 -12.30 -58.49 -12.34
C ASN H 898 -13.00 -59.09 -11.13
N VAL H 899 -12.42 -58.92 -9.94
CA VAL H 899 -13.06 -59.34 -8.70
C VAL H 899 -14.32 -58.51 -8.44
N TRP H 900 -14.30 -57.23 -8.81
CA TRP H 900 -15.49 -56.40 -8.64
C TRP H 900 -16.62 -56.82 -9.57
N TYR H 901 -16.33 -56.92 -10.87
CA TYR H 901 -17.40 -57.21 -11.82
C TYR H 901 -17.87 -58.66 -11.73
N ALA H 902 -17.02 -59.59 -11.30
CA ALA H 902 -17.49 -60.95 -11.09
C ALA H 902 -18.41 -61.07 -9.89
N ASP H 903 -18.40 -60.11 -8.98
CA ASP H 903 -19.40 -60.02 -7.92
C ASP H 903 -20.65 -59.30 -8.40
N ALA H 904 -20.47 -58.24 -9.19
CA ALA H 904 -21.59 -57.40 -9.57
C ALA H 904 -22.49 -58.06 -10.61
N ILE H 905 -21.90 -58.66 -11.65
CA ILE H 905 -22.70 -59.16 -12.77
C ILE H 905 -23.31 -60.52 -12.48
N TYR H 906 -22.79 -61.24 -11.47
CA TYR H 906 -23.27 -62.60 -11.19
C TYR H 906 -24.73 -62.73 -10.78
N PRO H 907 -25.35 -61.85 -9.95
CA PRO H 907 -26.78 -62.03 -9.70
C PRO H 907 -27.69 -61.77 -10.89
N MET H 908 -27.16 -61.16 -11.96
CA MET H 908 -27.96 -60.92 -13.14
C MET H 908 -28.18 -62.19 -13.94
N TYR H 909 -27.29 -63.17 -13.83
CA TYR H 909 -27.28 -64.28 -14.78
C TYR H 909 -27.91 -65.54 -14.19
N ALA H 910 -28.97 -65.35 -13.42
CA ALA H 910 -30.01 -66.35 -13.23
C ALA H 910 -31.34 -65.85 -13.78
N ASP H 911 -31.36 -64.70 -14.43
CA ASP H 911 -32.60 -64.06 -14.86
C ASP H 911 -33.11 -64.64 -16.16
N THR H 912 -34.41 -64.91 -16.20
CA THR H 912 -35.07 -65.46 -17.37
C THR H 912 -36.02 -64.46 -18.04
N GLU H 913 -36.05 -63.22 -17.57
CA GLU H 913 -36.86 -62.18 -18.21
C GLU H 913 -36.33 -61.83 -19.59
N VAL H 914 -35.03 -62.02 -19.85
CA VAL H 914 -34.51 -61.80 -21.19
C VAL H 914 -34.97 -62.91 -22.15
N PHE H 915 -35.15 -64.14 -21.65
CA PHE H 915 -35.65 -65.21 -22.49
C PHE H 915 -37.15 -65.16 -22.65
N SER H 916 -37.87 -64.55 -21.71
CA SER H 916 -39.32 -64.50 -21.78
C SER H 916 -39.84 -63.60 -22.89
N ASN H 917 -39.07 -62.60 -23.31
CA ASN H 917 -39.53 -61.69 -24.35
C ASN H 917 -39.43 -62.27 -25.75
N LEU H 918 -38.49 -63.19 -25.95
CA LEU H 918 -38.33 -63.85 -27.24
C LEU H 918 -39.51 -64.73 -27.58
N GLN H 919 -40.25 -65.20 -26.59
CA GLN H 919 -41.46 -65.95 -26.88
C GLN H 919 -42.64 -65.04 -27.16
N ARG H 920 -42.66 -63.83 -26.57
CA ARG H 920 -43.73 -62.90 -26.90
C ARG H 920 -43.56 -62.31 -28.30
N ASP H 921 -42.32 -62.18 -28.75
CA ASP H 921 -42.07 -61.71 -30.11
C ASP H 921 -42.59 -62.68 -31.17
N VAL H 922 -42.63 -63.98 -30.87
CA VAL H 922 -43.25 -64.96 -31.75
C VAL H 922 -44.72 -64.64 -31.94
N ILE H 923 -45.45 -64.46 -30.83
CA ILE H 923 -46.89 -64.22 -30.89
C ILE H 923 -47.19 -62.88 -31.54
N THR H 924 -46.35 -61.88 -31.29
CA THR H 924 -46.52 -60.58 -31.93
C THR H 924 -46.32 -60.66 -33.44
N CYS H 925 -45.37 -61.47 -33.90
CA CYS H 925 -45.19 -61.60 -35.33
C CYS H 925 -46.24 -62.50 -35.98
N GLU H 926 -46.71 -63.53 -35.27
CA GLU H 926 -47.75 -64.39 -35.81
C GLU H 926 -49.09 -63.69 -35.90
N ALA H 927 -49.39 -62.79 -34.96
CA ALA H 927 -50.68 -62.12 -34.91
C ALA H 927 -50.90 -61.20 -36.10
N VAL H 928 -49.85 -60.49 -36.54
CA VAL H 928 -50.04 -59.55 -37.63
C VAL H 928 -50.20 -60.28 -38.96
N GLN H 929 -49.53 -61.42 -39.15
CA GLN H 929 -49.74 -62.18 -40.37
C GLN H 929 -51.10 -62.88 -40.38
N THR H 930 -51.56 -63.32 -39.21
CA THR H 930 -52.92 -63.84 -39.09
C THR H 930 -53.94 -62.76 -39.40
N LEU H 931 -53.71 -61.54 -38.93
CA LEU H 931 -54.61 -60.43 -39.22
C LEU H 931 -54.65 -60.09 -40.70
N VAL H 932 -53.49 -60.08 -41.36
CA VAL H 932 -53.42 -59.78 -42.79
C VAL H 932 -54.17 -60.84 -43.60
N THR H 933 -53.88 -62.12 -43.33
CA THR H 933 -54.51 -63.19 -44.08
C THR H 933 -56.01 -63.24 -43.85
N LEU H 934 -56.45 -62.98 -42.62
CA LEU H 934 -57.88 -63.07 -42.31
C LEU H 934 -58.65 -61.87 -42.80
N VAL H 935 -58.03 -60.70 -42.88
CA VAL H 935 -58.74 -59.54 -43.43
C VAL H 935 -58.82 -59.63 -44.95
N ALA H 936 -57.79 -60.21 -45.59
CA ALA H 936 -57.77 -60.36 -47.04
C ALA H 936 -58.84 -61.29 -47.59
N GLN H 937 -59.54 -62.04 -46.74
CA GLN H 937 -60.63 -62.89 -47.21
C GLN H 937 -61.95 -62.14 -47.34
N ILE H 938 -62.11 -61.02 -46.66
CA ILE H 938 -63.34 -60.24 -46.78
C ILE H 938 -63.14 -58.92 -47.50
N SER H 939 -61.92 -58.40 -47.56
CA SER H 939 -61.69 -57.16 -48.29
C SER H 939 -60.45 -57.29 -49.15
N GLU H 940 -60.43 -56.55 -50.24
CA GLU H 940 -59.30 -56.57 -51.16
C GLU H 940 -58.12 -55.85 -50.51
N THR H 941 -57.00 -56.56 -50.38
CA THR H 941 -55.78 -56.00 -49.85
C THR H 941 -54.67 -56.11 -50.88
N GLN H 942 -53.50 -55.62 -50.51
CA GLN H 942 -52.33 -55.60 -51.38
C GLN H 942 -51.53 -56.89 -51.34
N TYR H 943 -51.93 -57.86 -50.53
CA TYR H 943 -51.10 -59.04 -50.39
C TYR H 943 -51.64 -60.21 -51.20
N PRO H 944 -50.77 -60.99 -51.85
CA PRO H 944 -51.23 -62.11 -52.67
C PRO H 944 -51.60 -63.31 -51.82
N VAL H 945 -52.91 -63.57 -51.71
CA VAL H 945 -53.43 -64.77 -51.08
C VAL H 945 -54.42 -65.41 -52.05
N ASP H 946 -54.89 -66.59 -51.69
CA ASP H 946 -55.93 -67.26 -52.45
C ASP H 946 -57.23 -67.29 -51.65
N ARG H 947 -58.32 -67.51 -52.35
CA ARG H 947 -59.66 -67.44 -51.74
C ARG H 947 -60.41 -68.73 -52.05
N TYR H 948 -60.59 -69.56 -51.03
CA TYR H 948 -61.40 -70.76 -51.14
C TYR H 948 -62.84 -70.52 -50.70
N LEU H 949 -63.15 -69.33 -50.21
CA LEU H 949 -64.43 -69.07 -49.56
C LEU H 949 -65.25 -68.06 -50.35
N ASP H 950 -65.04 -67.98 -51.66
CA ASP H 950 -65.77 -67.01 -52.45
C ASP H 950 -67.21 -67.43 -52.71
N TRP H 951 -67.53 -68.72 -52.59
CA TRP H 951 -68.88 -69.16 -52.86
C TRP H 951 -69.86 -68.78 -51.76
N ILE H 952 -69.38 -68.49 -50.56
CA ILE H 952 -70.26 -68.03 -49.49
C ILE H 952 -70.58 -66.56 -49.72
N PRO H 953 -71.85 -66.15 -49.67
CA PRO H 953 -72.16 -64.72 -49.79
C PRO H 953 -71.71 -63.95 -48.56
N SER H 954 -71.30 -62.70 -48.78
CA SER H 954 -70.89 -61.85 -47.67
C SER H 954 -71.19 -60.40 -47.99
N LEU H 955 -70.59 -59.52 -47.20
CA LEU H 955 -70.98 -58.13 -47.10
C LEU H 955 -70.13 -57.26 -48.00
N ARG H 956 -70.74 -56.18 -48.48
CA ARG H 956 -70.00 -55.06 -49.01
C ARG H 956 -69.31 -54.38 -47.85
N ALA H 957 -68.01 -54.62 -47.69
CA ALA H 957 -67.32 -54.36 -46.43
C ALA H 957 -66.71 -52.95 -46.40
N SER H 958 -67.08 -52.18 -45.38
CA SER H 958 -66.54 -50.85 -45.14
C SER H 958 -65.28 -50.97 -44.28
N ALA H 959 -64.81 -49.84 -43.75
CA ALA H 959 -63.70 -49.89 -42.81
C ALA H 959 -64.15 -50.22 -41.40
N ALA H 960 -65.42 -49.96 -41.05
CA ALA H 960 -65.93 -50.37 -39.76
C ALA H 960 -66.04 -51.89 -39.66
N THR H 961 -66.32 -52.56 -40.78
CA THR H 961 -66.32 -54.01 -40.84
C THR H 961 -64.94 -54.57 -40.51
N ALA H 962 -63.92 -54.07 -41.21
CA ALA H 962 -62.56 -54.52 -40.97
C ALA H 962 -62.06 -54.15 -39.58
N ALA H 963 -62.54 -53.02 -39.04
CA ALA H 963 -62.15 -52.63 -37.68
C ALA H 963 -62.73 -53.59 -36.65
N THR H 964 -64.02 -53.90 -36.75
CA THR H 964 -64.64 -54.80 -35.79
C THR H 964 -64.13 -56.22 -35.94
N PHE H 965 -63.88 -56.65 -37.18
CA PHE H 965 -63.30 -57.96 -37.44
C PHE H 965 -61.89 -58.07 -36.88
N ALA H 966 -61.08 -57.02 -37.00
CA ALA H 966 -59.75 -57.01 -36.42
C ALA H 966 -59.79 -56.99 -34.90
N GLU H 967 -60.75 -56.26 -34.31
CA GLU H 967 -60.94 -56.30 -32.86
C GLU H 967 -61.28 -57.70 -32.38
N TRP H 968 -62.12 -58.43 -33.12
CA TRP H 968 -62.42 -59.79 -32.71
C TRP H 968 -61.22 -60.72 -32.87
N VAL H 969 -60.44 -60.57 -33.95
CA VAL H 969 -59.25 -61.40 -34.13
C VAL H 969 -58.24 -61.15 -33.02
N ASN H 970 -58.09 -59.88 -32.61
CA ASN H 970 -57.25 -59.52 -31.48
C ASN H 970 -57.74 -60.16 -30.19
N THR H 971 -59.05 -60.06 -29.91
CA THR H 971 -59.57 -60.61 -28.67
C THR H 971 -59.50 -62.14 -28.66
N SER H 972 -59.77 -62.76 -29.80
CA SER H 972 -59.78 -64.22 -29.88
C SER H 972 -58.39 -64.81 -29.82
N MET H 973 -57.37 -64.07 -30.27
CA MET H 973 -56.02 -64.58 -30.12
C MET H 973 -55.41 -64.23 -28.78
N LYS H 974 -55.83 -63.11 -28.18
CA LYS H 974 -55.39 -62.79 -26.83
C LYS H 974 -56.03 -63.68 -25.78
N THR H 975 -57.21 -64.24 -26.09
CA THR H 975 -57.85 -65.17 -25.17
C THR H 975 -57.07 -66.48 -25.10
N ALA H 976 -56.63 -66.98 -26.25
CA ALA H 976 -55.62 -68.02 -26.24
C ALA H 976 -54.29 -67.43 -25.82
N PHE H 977 -53.35 -68.33 -25.49
CA PHE H 977 -51.97 -68.02 -25.07
C PHE H 977 -51.85 -67.24 -23.77
N ASP H 978 -52.97 -66.91 -23.10
CA ASP H 978 -53.03 -66.28 -21.78
C ASP H 978 -52.28 -64.94 -21.76
N LEU H 979 -52.82 -63.98 -22.50
CA LEU H 979 -52.31 -62.63 -22.50
C LEU H 979 -53.30 -61.67 -21.86
N SER H 980 -52.84 -60.45 -21.62
CA SER H 980 -53.70 -59.41 -21.08
C SER H 980 -53.58 -58.05 -21.77
N ASP H 981 -52.52 -57.78 -22.53
CA ASP H 981 -52.28 -56.43 -23.03
C ASP H 981 -51.53 -56.41 -24.35
N MET H 982 -51.97 -55.52 -25.23
CA MET H 982 -51.15 -54.94 -26.30
C MET H 982 -50.68 -55.95 -27.33
N LEU H 983 -51.58 -56.82 -27.77
CA LEU H 983 -51.31 -57.68 -28.91
C LEU H 983 -51.86 -56.98 -30.14
N LEU H 984 -50.97 -56.35 -30.91
CA LEU H 984 -51.30 -55.49 -32.08
C LEU H 984 -52.42 -54.48 -31.81
N GLU H 985 -52.47 -53.98 -30.58
CA GLU H 985 -53.26 -52.76 -30.34
C GLU H 985 -52.68 -51.52 -31.03
N PRO H 986 -51.34 -51.33 -31.19
CA PRO H 986 -50.90 -50.18 -32.00
C PRO H 986 -51.05 -50.34 -33.50
N LEU H 987 -51.76 -51.35 -34.00
CA LEU H 987 -52.03 -51.45 -35.42
C LEU H 987 -53.46 -51.13 -35.80
N LEU H 988 -54.38 -51.07 -34.83
CA LEU H 988 -55.79 -50.91 -35.13
C LEU H 988 -56.28 -49.48 -34.95
N SER H 989 -55.37 -48.53 -34.74
CA SER H 989 -55.74 -47.13 -34.64
C SER H 989 -56.01 -46.49 -35.99
N GLY H 990 -55.81 -47.21 -37.09
CA GLY H 990 -56.08 -46.67 -38.41
C GLY H 990 -56.84 -47.62 -39.29
N ASP H 991 -56.43 -47.74 -40.54
CA ASP H 991 -57.08 -48.66 -41.48
C ASP H 991 -56.42 -50.03 -41.35
N PRO H 992 -57.16 -51.08 -41.02
CA PRO H 992 -56.55 -52.42 -40.93
C PRO H 992 -56.54 -53.19 -42.24
N ARG H 993 -57.00 -52.62 -43.34
CA ARG H 993 -56.99 -53.34 -44.61
C ARG H 993 -55.58 -53.38 -45.21
N MET H 994 -55.05 -52.21 -45.56
CA MET H 994 -53.77 -52.15 -46.26
C MET H 994 -52.65 -51.82 -45.29
N THR H 995 -52.34 -52.79 -44.44
CA THR H 995 -51.31 -52.60 -43.42
C THR H 995 -49.93 -52.95 -43.96
N GLN H 996 -48.93 -52.23 -43.45
CA GLN H 996 -47.54 -52.49 -43.78
C GLN H 996 -46.69 -51.97 -42.63
N LEU H 997 -45.50 -52.54 -42.47
CA LEU H 997 -44.61 -52.19 -41.37
C LEU H 997 -43.24 -51.87 -41.91
N ALA H 998 -42.77 -50.65 -41.63
CA ALA H 998 -41.46 -50.19 -42.09
C ALA H 998 -41.07 -48.98 -41.24
N ILE H 999 -39.85 -48.50 -41.47
CA ILE H 999 -39.29 -47.41 -40.68
C ILE H 999 -38.22 -46.74 -41.53
N GLN H 1000 -37.99 -45.45 -41.27
CA GLN H 1000 -36.94 -44.72 -41.95
C GLN H 1000 -36.53 -43.53 -41.11
N TYR H 1001 -35.36 -42.99 -41.42
CA TYR H 1001 -34.93 -41.73 -40.85
C TYR H 1001 -34.23 -40.92 -41.94
N GLN H 1002 -34.16 -39.61 -41.73
CA GLN H 1002 -33.74 -38.68 -42.77
C GLN H 1002 -32.72 -37.73 -42.19
N GLN H 1003 -31.64 -37.50 -42.93
CA GLN H 1003 -30.62 -36.54 -42.54
C GLN H 1003 -31.10 -35.13 -42.90
N TYR H 1004 -30.20 -34.14 -42.86
CA TYR H 1004 -30.62 -32.81 -43.25
C TYR H 1004 -30.80 -32.70 -44.75
N ASN H 1005 -29.93 -33.34 -45.54
CA ASN H 1005 -29.89 -33.11 -46.97
C ASN H 1005 -30.83 -34.02 -47.76
N GLY H 1006 -31.95 -34.42 -47.16
CA GLY H 1006 -32.96 -35.21 -47.84
C GLY H 1006 -32.65 -36.68 -47.93
N ARG H 1007 -31.51 -37.12 -47.40
CA ARG H 1007 -31.06 -38.49 -47.56
C ARG H 1007 -31.80 -39.38 -46.58
N THR H 1008 -32.62 -40.28 -47.10
CA THR H 1008 -33.47 -41.14 -46.30
C THR H 1008 -32.94 -42.57 -46.32
N PHE H 1009 -32.97 -43.21 -45.16
CA PHE H 1009 -32.48 -44.57 -44.97
C PHE H 1009 -33.64 -45.41 -44.45
N ASN H 1010 -34.21 -46.24 -45.31
CA ASN H 1010 -35.35 -47.05 -44.89
C ASN H 1010 -34.94 -48.47 -44.52
N VAL H 1011 -35.72 -49.07 -43.64
CA VAL H 1011 -35.57 -50.48 -43.28
C VAL H 1011 -36.95 -51.10 -43.41
N ILE H 1012 -37.13 -51.95 -44.41
CA ILE H 1012 -38.38 -52.69 -44.57
C ILE H 1012 -38.10 -54.15 -44.21
N PRO H 1013 -38.49 -54.60 -43.03
CA PRO H 1013 -38.24 -56.00 -42.68
C PRO H 1013 -39.19 -56.91 -43.42
N GLU H 1014 -38.68 -58.08 -43.79
CA GLU H 1014 -39.52 -59.04 -44.49
C GLU H 1014 -40.51 -59.65 -43.52
N MET H 1015 -41.63 -60.08 -44.07
CA MET H 1015 -42.60 -60.84 -43.30
C MET H 1015 -42.18 -62.31 -43.32
N PRO H 1016 -41.82 -62.91 -42.21
CA PRO H 1016 -41.50 -64.33 -42.19
C PRO H 1016 -42.79 -65.14 -42.23
N GLY H 1017 -42.64 -66.45 -42.29
CA GLY H 1017 -43.77 -67.33 -42.37
C GLY H 1017 -44.58 -67.36 -41.09
N SER H 1018 -45.81 -67.84 -41.23
CA SER H 1018 -46.70 -68.05 -40.11
C SER H 1018 -47.24 -69.47 -40.18
N VAL H 1019 -47.42 -70.08 -39.01
CA VAL H 1019 -48.04 -71.39 -38.93
C VAL H 1019 -49.51 -71.32 -38.58
N ILE H 1020 -49.95 -70.29 -37.85
CA ILE H 1020 -51.36 -70.12 -37.56
C ILE H 1020 -52.13 -69.77 -38.83
N ALA H 1021 -51.61 -68.85 -39.63
CA ALA H 1021 -52.24 -68.51 -40.90
C ALA H 1021 -52.18 -69.67 -41.88
N ASP H 1022 -51.10 -70.45 -41.82
CA ASP H 1022 -50.97 -71.64 -42.65
C ASP H 1022 -52.05 -72.66 -42.32
N CYS H 1023 -52.25 -72.92 -41.03
CA CYS H 1023 -53.28 -73.87 -40.64
C CYS H 1023 -54.69 -73.35 -40.85
N VAL H 1024 -54.90 -72.03 -40.76
CA VAL H 1024 -56.20 -71.46 -41.06
C VAL H 1024 -56.53 -71.61 -42.54
N GLN H 1025 -55.54 -71.35 -43.41
CA GLN H 1025 -55.77 -71.54 -44.84
C GLN H 1025 -55.93 -73.02 -45.20
N LEU H 1026 -55.25 -73.91 -44.48
CA LEU H 1026 -55.45 -75.34 -44.72
C LEU H 1026 -56.84 -75.79 -44.32
N THR H 1027 -57.31 -75.34 -43.15
CA THR H 1027 -58.67 -75.65 -42.71
C THR H 1027 -59.71 -75.05 -43.65
N ALA H 1028 -59.43 -73.85 -44.16
CA ALA H 1028 -60.30 -73.23 -45.15
C ALA H 1028 -60.32 -74.00 -46.45
N GLU H 1029 -59.20 -74.62 -46.81
CA GLU H 1029 -59.16 -75.47 -48.00
C GLU H 1029 -59.93 -76.77 -47.79
N VAL H 1030 -59.88 -77.34 -46.58
CA VAL H 1030 -60.64 -78.56 -46.31
C VAL H 1030 -62.14 -78.27 -46.25
N PHE H 1031 -62.51 -77.07 -45.78
CA PHE H 1031 -63.92 -76.70 -45.68
C PHE H 1031 -64.62 -76.64 -47.03
N ASN H 1032 -63.86 -76.38 -48.11
CA ASN H 1032 -64.38 -76.47 -49.47
C ASN H 1032 -64.94 -77.86 -49.78
N HIS H 1033 -64.36 -78.91 -49.22
CA HIS H 1033 -64.84 -80.26 -49.46
C HIS H 1033 -65.64 -80.85 -48.32
N GLU H 1034 -65.60 -80.22 -47.14
CA GLU H 1034 -66.32 -80.74 -45.97
C GLU H 1034 -67.21 -79.67 -45.35
N TYR H 1035 -67.82 -78.84 -46.21
CA TYR H 1035 -68.85 -77.89 -45.79
C TYR H 1035 -70.02 -78.54 -45.05
N ASN H 1036 -70.35 -79.80 -45.37
CA ASN H 1036 -71.52 -80.43 -44.76
C ASN H 1036 -71.33 -80.76 -43.29
N LEU H 1037 -70.09 -80.86 -42.81
CA LEU H 1037 -69.92 -81.23 -41.41
C LEU H 1037 -70.15 -80.05 -40.48
N PHE H 1038 -69.97 -78.84 -40.98
CA PHE H 1038 -70.13 -77.67 -40.12
C PHE H 1038 -71.54 -77.10 -40.19
N GLY H 1039 -72.47 -77.80 -40.81
CA GLY H 1039 -73.84 -77.34 -40.91
C GLY H 1039 -74.06 -76.35 -42.03
N ILE H 1040 -73.48 -76.62 -43.20
CA ILE H 1040 -73.57 -75.76 -44.38
C ILE H 1040 -73.87 -76.66 -45.58
N ALA H 1041 -74.73 -76.18 -46.48
CA ALA H 1041 -74.92 -76.84 -47.75
C ALA H 1041 -74.51 -75.89 -48.88
N ARG H 1042 -74.07 -76.46 -50.00
CA ARG H 1042 -73.78 -75.65 -51.18
C ARG H 1042 -75.06 -75.39 -51.94
N GLY H 1043 -74.93 -74.71 -53.08
CA GLY H 1043 -76.04 -74.61 -54.01
C GLY H 1043 -77.13 -73.71 -53.49
N ASP H 1044 -78.37 -74.18 -53.65
CA ASP H 1044 -79.53 -73.46 -53.17
C ASP H 1044 -80.68 -74.44 -52.99
N ILE H 1045 -81.88 -73.92 -52.80
CA ILE H 1045 -83.06 -74.74 -52.57
C ILE H 1045 -84.06 -74.46 -53.68
N ILE H 1046 -85.00 -75.39 -53.83
CA ILE H 1046 -86.13 -75.25 -54.75
C ILE H 1046 -87.39 -75.51 -53.95
N ILE H 1047 -88.24 -74.49 -53.84
CA ILE H 1047 -89.48 -74.59 -53.08
C ILE H 1047 -90.60 -74.94 -54.04
N GLY H 1048 -91.17 -76.13 -53.87
CA GLY H 1048 -92.22 -76.60 -54.73
C GLY H 1048 -92.87 -77.86 -54.21
N ARG H 1049 -94.16 -78.02 -54.42
CA ARG H 1049 -94.90 -79.12 -53.83
C ARG H 1049 -94.59 -80.42 -54.58
N VAL H 1050 -94.14 -81.43 -53.84
CA VAL H 1050 -93.84 -82.75 -54.38
C VAL H 1050 -94.57 -83.76 -53.51
N GLN H 1051 -95.57 -84.43 -54.07
CA GLN H 1051 -96.36 -85.41 -53.35
C GLN H 1051 -96.14 -86.78 -53.97
N SER H 1052 -95.47 -87.66 -53.25
CA SER H 1052 -95.23 -89.02 -53.71
C SER H 1052 -94.97 -89.90 -52.51
N THR H 1053 -94.86 -91.20 -52.76
CA THR H 1053 -94.57 -92.19 -51.72
C THR H 1053 -93.15 -92.71 -51.80
N HIS H 1054 -92.33 -92.18 -52.69
CA HIS H 1054 -90.97 -92.67 -52.85
C HIS H 1054 -90.09 -92.17 -51.71
N LEU H 1055 -89.04 -92.94 -51.40
CA LEU H 1055 -88.25 -92.76 -50.20
C LEU H 1055 -86.93 -92.04 -50.46
N TRP H 1056 -86.88 -91.15 -51.44
CA TRP H 1056 -85.65 -90.45 -51.74
C TRP H 1056 -85.41 -89.32 -50.75
N SER H 1057 -84.17 -89.09 -50.41
CA SER H 1057 -83.84 -88.09 -49.41
C SER H 1057 -83.78 -86.70 -50.02
N PRO H 1058 -84.32 -85.69 -49.34
CA PRO H 1058 -84.32 -84.33 -49.90
C PRO H 1058 -82.96 -83.66 -49.90
N LEU H 1059 -81.97 -84.24 -49.24
CA LEU H 1059 -80.60 -83.76 -49.33
C LEU H 1059 -79.87 -84.35 -50.52
N ALA H 1060 -80.50 -85.25 -51.27
CA ALA H 1060 -79.95 -85.77 -52.52
C ALA H 1060 -81.10 -86.05 -53.46
N PRO H 1061 -81.65 -85.02 -54.08
CA PRO H 1061 -82.87 -85.20 -54.87
C PRO H 1061 -82.53 -85.79 -56.22
N PRO H 1062 -83.48 -86.46 -56.87
CA PRO H 1062 -83.23 -86.95 -58.22
C PRO H 1062 -83.23 -85.79 -59.19
N PRO H 1063 -82.48 -85.89 -60.29
CA PRO H 1063 -82.40 -84.77 -61.23
C PRO H 1063 -83.63 -84.60 -62.11
N ASP H 1064 -84.68 -85.41 -61.91
CA ASP H 1064 -85.89 -85.33 -62.72
C ASP H 1064 -86.67 -84.05 -62.47
N LEU H 1065 -86.45 -83.38 -61.34
CA LEU H 1065 -87.29 -82.25 -60.97
C LEU H 1065 -86.49 -81.06 -60.42
N VAL H 1066 -85.22 -80.97 -60.80
CA VAL H 1066 -84.44 -79.76 -60.54
C VAL H 1066 -84.15 -79.08 -61.87
N PHE H 1067 -83.85 -77.79 -61.80
CA PHE H 1067 -83.64 -77.01 -63.01
C PHE H 1067 -82.62 -75.91 -62.72
N ASP H 1068 -82.13 -75.29 -63.79
CA ASP H 1068 -81.17 -74.19 -63.67
C ASP H 1068 -81.52 -73.13 -64.71
N ARG H 1069 -80.59 -72.20 -64.92
CA ARG H 1069 -80.83 -71.09 -65.82
C ARG H 1069 -80.84 -71.50 -67.29
N ASP H 1070 -80.26 -72.64 -67.63
CA ASP H 1070 -80.23 -73.12 -69.00
C ASP H 1070 -81.34 -74.12 -69.29
N THR H 1071 -82.27 -74.28 -68.36
CA THR H 1071 -83.46 -75.09 -68.62
C THR H 1071 -84.37 -74.34 -69.59
N PRO H 1072 -84.90 -75.00 -70.62
CA PRO H 1072 -85.84 -74.31 -71.52
C PRO H 1072 -87.15 -74.02 -70.83
N GLY H 1073 -87.66 -72.81 -71.02
CA GLY H 1073 -88.95 -72.45 -70.46
C GLY H 1073 -88.93 -72.02 -69.02
N VAL H 1074 -87.79 -71.60 -68.51
CA VAL H 1074 -87.69 -71.11 -67.14
C VAL H 1074 -87.75 -69.59 -67.19
N HIS H 1075 -88.22 -68.97 -66.12
CA HIS H 1075 -88.33 -67.53 -66.05
C HIS H 1075 -87.38 -67.00 -64.99
N ILE H 1076 -86.47 -66.14 -65.41
CA ILE H 1076 -85.42 -65.60 -64.55
C ILE H 1076 -85.84 -64.20 -64.12
N PHE H 1077 -85.92 -63.97 -62.83
CA PHE H 1077 -86.29 -62.65 -62.34
C PHE H 1077 -85.04 -61.95 -61.81
N GLY H 1078 -85.23 -60.73 -61.30
CA GLY H 1078 -84.08 -59.87 -61.12
C GLY H 1078 -84.32 -58.61 -60.32
N ARG H 1079 -83.82 -57.48 -60.83
CA ARG H 1079 -83.71 -56.25 -60.05
C ARG H 1079 -85.08 -55.67 -59.71
N ASP H 1080 -86.03 -55.73 -60.64
CA ASP H 1080 -87.34 -55.16 -60.40
C ASP H 1080 -88.41 -56.25 -60.34
N CYS H 1081 -89.56 -55.86 -59.82
CA CYS H 1081 -90.72 -56.75 -59.74
C CYS H 1081 -91.97 -55.89 -59.79
N ARG H 1082 -92.78 -56.08 -60.82
CA ARG H 1082 -94.01 -55.32 -60.99
C ARG H 1082 -95.15 -56.32 -61.06
N ILE H 1083 -95.97 -56.36 -60.01
CA ILE H 1083 -97.09 -57.27 -59.94
C ILE H 1083 -98.36 -56.48 -60.24
N SER H 1084 -98.96 -56.73 -61.39
CA SER H 1084 -100.24 -56.17 -61.74
C SER H 1084 -101.32 -57.21 -61.48
N PHE H 1085 -102.39 -56.79 -60.81
CA PHE H 1085 -103.47 -57.70 -60.46
C PHE H 1085 -104.30 -58.03 -61.69
N GLY H 1086 -105.26 -58.94 -61.50
CA GLY H 1086 -106.12 -59.32 -62.59
C GLY H 1086 -107.57 -59.11 -62.25
N MET H 1087 -108.22 -58.20 -62.95
CA MET H 1087 -109.62 -57.91 -62.70
C MET H 1087 -110.50 -58.77 -63.59
N ASN H 1088 -111.73 -59.00 -63.12
CA ASN H 1088 -112.77 -59.77 -63.81
C ASN H 1088 -112.31 -61.18 -64.14
N GLY H 1089 -111.59 -61.79 -63.20
CA GLY H 1089 -111.20 -63.17 -63.32
C GLY H 1089 -109.92 -63.43 -64.07
N ALA H 1090 -109.17 -62.39 -64.42
CA ALA H 1090 -107.91 -62.60 -65.12
C ALA H 1090 -106.83 -63.06 -64.14
N ALA H 1091 -105.75 -63.58 -64.69
CA ALA H 1091 -104.71 -64.00 -63.76
C ALA H 1091 -103.77 -62.83 -63.46
N PRO H 1092 -103.36 -62.66 -62.21
CA PRO H 1092 -102.37 -61.62 -61.91
C PRO H 1092 -101.01 -62.00 -62.47
N MET H 1093 -100.25 -61.00 -62.87
CA MET H 1093 -99.00 -61.23 -63.59
C MET H 1093 -97.85 -60.47 -62.96
N ILE H 1094 -96.66 -61.04 -63.08
CA ILE H 1094 -95.41 -60.42 -62.66
C ILE H 1094 -94.50 -60.36 -63.88
N ARG H 1095 -93.66 -59.33 -63.96
CA ARG H 1095 -92.86 -59.12 -65.15
C ARG H 1095 -91.56 -59.89 -65.09
N ASP H 1096 -91.19 -60.45 -66.24
CA ASP H 1096 -89.92 -61.15 -66.43
C ASP H 1096 -88.79 -60.11 -66.45
N GLU H 1097 -87.56 -60.60 -66.28
CA GLU H 1097 -86.40 -59.74 -66.49
C GLU H 1097 -86.25 -59.36 -67.96
N THR H 1098 -86.65 -60.26 -68.86
CA THR H 1098 -86.59 -59.96 -70.28
C THR H 1098 -87.64 -58.96 -70.71
N GLY H 1099 -88.71 -58.81 -69.95
CA GLY H 1099 -89.74 -57.82 -70.25
C GLY H 1099 -91.13 -58.39 -70.42
N MET H 1100 -91.28 -59.70 -70.60
CA MET H 1100 -92.60 -60.29 -70.68
C MET H 1100 -93.26 -60.32 -69.31
N MET H 1101 -94.56 -60.59 -69.29
CA MET H 1101 -95.30 -60.72 -68.04
C MET H 1101 -96.00 -62.07 -68.03
N VAL H 1102 -95.79 -62.83 -66.96
CA VAL H 1102 -96.19 -64.23 -66.90
C VAL H 1102 -97.16 -64.43 -65.74
N PRO H 1103 -98.06 -65.41 -65.80
CA PRO H 1103 -98.93 -65.70 -64.66
C PRO H 1103 -98.17 -66.42 -63.55
N PHE H 1104 -98.88 -66.73 -62.48
CA PHE H 1104 -98.26 -67.28 -61.27
C PHE H 1104 -98.16 -68.81 -61.35
N GLU H 1105 -97.36 -69.29 -62.29
CA GLU H 1105 -97.10 -70.71 -62.41
C GLU H 1105 -95.75 -70.91 -63.09
N GLY H 1106 -95.34 -72.16 -63.19
CA GLY H 1106 -94.12 -72.51 -63.88
C GLY H 1106 -92.94 -72.65 -62.95
N ASN H 1107 -91.75 -72.49 -63.53
CA ASN H 1107 -90.49 -72.58 -62.80
C ASN H 1107 -89.82 -71.21 -62.81
N TRP H 1108 -89.58 -70.65 -61.63
CA TRP H 1108 -88.99 -69.33 -61.50
C TRP H 1108 -87.64 -69.42 -60.83
N ILE H 1109 -86.86 -68.35 -60.95
CA ILE H 1109 -85.54 -68.25 -60.32
C ILE H 1109 -85.46 -66.90 -59.62
N PHE H 1110 -85.41 -66.92 -58.32
CA PHE H 1110 -85.20 -65.67 -57.60
C PHE H 1110 -83.77 -65.53 -57.15
N PRO H 1111 -83.26 -64.31 -57.06
CA PRO H 1111 -82.22 -64.04 -56.07
C PRO H 1111 -82.86 -63.97 -54.69
N LEU H 1112 -82.08 -64.32 -53.66
CA LEU H 1112 -82.61 -64.31 -52.30
C LEU H 1112 -82.94 -62.90 -51.84
N ALA H 1113 -82.16 -61.91 -52.27
CA ALA H 1113 -82.37 -60.55 -51.81
C ALA H 1113 -83.64 -59.93 -52.34
N LEU H 1114 -84.13 -60.36 -53.50
CA LEU H 1114 -85.39 -59.85 -54.04
C LEU H 1114 -86.57 -60.25 -53.17
N TRP H 1115 -86.62 -61.52 -52.76
CA TRP H 1115 -87.58 -61.95 -51.77
C TRP H 1115 -87.34 -61.27 -50.43
N GLN H 1116 -86.08 -61.05 -50.09
CA GLN H 1116 -85.73 -60.55 -48.77
C GLN H 1116 -86.17 -59.11 -48.58
N MET H 1117 -86.18 -58.32 -49.65
CA MET H 1117 -86.67 -56.95 -49.58
C MET H 1117 -88.18 -56.84 -49.61
N ASN H 1118 -88.90 -57.89 -50.00
CA ASN H 1118 -90.34 -57.83 -50.23
C ASN H 1118 -91.04 -59.03 -49.62
N THR H 1119 -90.50 -59.49 -48.50
CA THR H 1119 -90.93 -60.68 -47.78
C THR H 1119 -92.39 -60.69 -47.31
N ARG H 1120 -93.07 -59.54 -47.28
CA ARG H 1120 -94.46 -59.53 -46.87
C ARG H 1120 -95.39 -59.46 -48.07
N TYR H 1121 -95.07 -58.56 -49.01
CA TYR H 1121 -95.88 -58.42 -50.21
C TYR H 1121 -95.74 -59.64 -51.12
N PHE H 1122 -94.64 -60.38 -50.99
CA PHE H 1122 -94.57 -61.64 -51.74
C PHE H 1122 -95.30 -62.77 -51.05
N ASN H 1123 -95.32 -62.79 -49.71
CA ASN H 1123 -96.09 -63.80 -49.01
C ASN H 1123 -97.57 -63.64 -49.22
N GLN H 1124 -98.06 -62.40 -49.37
CA GLN H 1124 -99.49 -62.22 -49.60
C GLN H 1124 -99.91 -62.69 -50.99
N GLN H 1125 -98.97 -62.79 -51.92
CA GLN H 1125 -99.30 -63.12 -53.30
C GLN H 1125 -98.95 -64.53 -53.71
N PHE H 1126 -97.90 -65.12 -53.13
CA PHE H 1126 -97.32 -66.32 -53.70
C PHE H 1126 -97.61 -67.61 -52.94
N ASP H 1127 -97.91 -67.53 -51.64
CA ASP H 1127 -97.96 -68.73 -50.82
C ASP H 1127 -99.17 -69.60 -51.14
N ALA H 1128 -100.31 -68.99 -51.42
CA ALA H 1128 -101.50 -69.74 -51.79
C ALA H 1128 -101.34 -70.41 -53.15
N TRP H 1129 -100.41 -69.96 -53.98
CA TRP H 1129 -100.08 -70.64 -55.21
C TRP H 1129 -99.03 -71.72 -55.03
N ILE H 1130 -98.05 -71.50 -54.16
CA ILE H 1130 -97.03 -72.52 -53.91
C ILE H 1130 -97.65 -73.73 -53.22
N LYS H 1131 -98.64 -73.51 -52.35
CA LYS H 1131 -99.25 -74.62 -51.63
C LYS H 1131 -100.08 -75.51 -52.54
N THR H 1132 -100.76 -74.95 -53.54
CA THR H 1132 -101.65 -75.75 -54.37
C THR H 1132 -101.19 -75.85 -55.83
N GLY H 1133 -101.03 -74.73 -56.53
CA GLY H 1133 -100.77 -74.78 -57.95
C GLY H 1133 -99.34 -75.15 -58.28
N GLU H 1134 -99.01 -75.04 -59.56
CA GLU H 1134 -97.72 -75.53 -60.04
C GLU H 1134 -96.64 -74.45 -60.04
N LEU H 1135 -96.55 -73.71 -58.94
CA LEU H 1135 -95.55 -72.66 -58.81
C LEU H 1135 -94.35 -73.22 -58.05
N ARG H 1136 -93.22 -73.33 -58.73
CA ARG H 1136 -92.01 -73.88 -58.14
C ARG H 1136 -90.91 -72.85 -58.29
N ILE H 1137 -90.39 -72.36 -57.17
CA ILE H 1137 -89.45 -71.25 -57.16
C ILE H 1137 -88.10 -71.76 -56.71
N ARG H 1138 -87.05 -71.43 -57.46
CA ARG H 1138 -85.67 -71.69 -57.06
C ARG H 1138 -85.06 -70.40 -56.53
N ILE H 1139 -84.72 -70.40 -55.24
CA ILE H 1139 -84.20 -69.21 -54.58
C ILE H 1139 -82.71 -69.42 -54.37
N GLU H 1140 -81.89 -68.67 -55.10
CA GLU H 1140 -80.44 -68.88 -55.04
C GLU H 1140 -79.82 -68.10 -53.89
N MET H 1141 -79.02 -68.80 -53.09
CA MET H 1141 -78.36 -68.15 -51.96
C MET H 1141 -76.94 -68.59 -51.69
N GLY H 1142 -76.40 -69.57 -52.41
CA GLY H 1142 -75.02 -69.98 -52.18
C GLY H 1142 -74.80 -70.86 -50.97
N ALA H 1143 -75.10 -70.34 -49.78
CA ALA H 1143 -74.88 -71.07 -48.54
C ALA H 1143 -76.05 -70.85 -47.60
N TYR H 1144 -76.31 -71.86 -46.75
CA TYR H 1144 -77.37 -71.76 -45.76
C TYR H 1144 -77.15 -72.82 -44.69
N PRO H 1145 -77.46 -72.52 -43.43
CA PRO H 1145 -77.51 -73.58 -42.43
C PRO H 1145 -78.84 -74.33 -42.49
N TYR H 1146 -78.78 -75.62 -42.18
CA TYR H 1146 -79.95 -76.47 -42.33
C TYR H 1146 -80.32 -77.10 -41.00
N MET H 1147 -81.50 -77.70 -40.98
CA MET H 1147 -82.04 -78.38 -39.82
C MET H 1147 -82.93 -79.51 -40.30
N LEU H 1148 -82.78 -80.68 -39.69
CA LEU H 1148 -83.41 -81.89 -40.19
C LEU H 1148 -84.59 -82.29 -39.30
N HIS H 1149 -85.59 -82.89 -39.94
CA HIS H 1149 -86.71 -83.48 -39.22
C HIS H 1149 -87.00 -84.84 -39.80
N TYR H 1150 -86.94 -85.87 -38.97
CA TYR H 1150 -87.18 -87.23 -39.41
C TYR H 1150 -88.64 -87.59 -39.19
N TYR H 1151 -89.16 -88.45 -40.06
CA TYR H 1151 -90.53 -88.90 -39.95
C TYR H 1151 -90.59 -90.39 -40.22
N ASP H 1152 -91.48 -91.06 -39.53
CA ASP H 1152 -91.75 -92.46 -39.79
C ASP H 1152 -92.45 -92.58 -41.13
N PRO H 1153 -91.89 -93.30 -42.11
CA PRO H 1153 -92.53 -93.38 -43.42
C PRO H 1153 -93.71 -94.33 -43.52
N ARG H 1154 -94.26 -94.79 -42.40
CA ARG H 1154 -95.50 -95.56 -42.42
C ARG H 1154 -96.73 -94.69 -42.25
N GLN H 1155 -96.57 -93.43 -41.88
CA GLN H 1155 -97.68 -92.52 -41.68
C GLN H 1155 -97.58 -91.31 -42.59
N TYR H 1156 -98.61 -90.47 -42.52
CA TYR H 1156 -98.69 -89.26 -43.33
C TYR H 1156 -97.67 -88.24 -42.85
N ALA H 1157 -97.25 -87.37 -43.77
CA ALA H 1157 -96.28 -86.33 -43.44
C ALA H 1157 -96.50 -85.14 -44.36
N ASN H 1158 -96.87 -84.02 -43.78
CA ASN H 1158 -97.08 -82.77 -44.49
C ASN H 1158 -96.02 -81.78 -44.02
N ALA H 1159 -95.35 -81.13 -44.95
CA ALA H 1159 -94.30 -80.20 -44.60
C ALA H 1159 -94.73 -78.75 -44.68
N TRP H 1160 -96.02 -78.47 -44.86
CA TRP H 1160 -96.44 -77.10 -45.08
C TRP H 1160 -96.39 -76.27 -43.80
N ASN H 1161 -96.79 -76.86 -42.68
CA ASN H 1161 -96.70 -76.18 -41.40
C ASN H 1161 -95.26 -75.89 -41.00
N LEU H 1162 -94.32 -76.67 -41.51
CA LEU H 1162 -92.92 -76.51 -41.21
C LEU H 1162 -92.19 -75.62 -42.20
N THR H 1163 -92.71 -75.45 -43.41
CA THR H 1163 -92.10 -74.53 -44.36
C THR H 1163 -92.74 -73.15 -44.39
N SER H 1164 -93.99 -73.01 -43.93
CA SER H 1164 -94.56 -71.67 -43.85
C SER H 1164 -93.96 -70.88 -42.72
N ALA H 1165 -93.53 -71.54 -41.64
CA ALA H 1165 -92.83 -70.87 -40.57
C ALA H 1165 -91.45 -70.40 -41.00
N TRP H 1166 -90.88 -71.00 -42.04
CA TRP H 1166 -89.64 -70.47 -42.60
C TRP H 1166 -89.91 -69.36 -43.60
N LEU H 1167 -90.95 -69.50 -44.43
CA LEU H 1167 -91.25 -68.47 -45.41
C LEU H 1167 -91.77 -67.18 -44.79
N GLU H 1168 -92.35 -67.24 -43.59
CA GLU H 1168 -92.86 -66.05 -42.95
C GLU H 1168 -91.86 -65.40 -42.00
N GLU H 1169 -90.62 -65.87 -41.97
CA GLU H 1169 -89.62 -65.26 -41.14
C GLU H 1169 -88.40 -64.77 -41.90
N ILE H 1170 -88.41 -64.85 -43.23
CA ILE H 1170 -87.42 -64.13 -44.02
C ILE H 1170 -87.68 -62.64 -43.82
N THR H 1171 -86.60 -61.89 -43.62
CA THR H 1171 -86.62 -60.55 -43.09
C THR H 1171 -85.42 -59.87 -43.74
N PRO H 1172 -85.50 -58.57 -44.07
CA PRO H 1172 -84.32 -57.88 -44.63
C PRO H 1172 -83.08 -57.92 -43.76
N THR H 1173 -83.20 -58.16 -42.46
CA THR H 1173 -82.03 -58.41 -41.64
C THR H 1173 -81.61 -59.87 -41.68
N SER H 1174 -82.53 -60.79 -41.40
CA SER H 1174 -82.15 -62.16 -41.08
C SER H 1174 -83.03 -63.18 -41.82
N ILE H 1175 -82.52 -64.40 -41.88
CA ILE H 1175 -83.32 -65.58 -42.22
C ILE H 1175 -83.10 -66.62 -41.13
N PRO H 1176 -84.04 -67.51 -40.88
CA PRO H 1176 -83.77 -68.65 -40.00
C PRO H 1176 -83.27 -69.84 -40.80
N SER H 1177 -82.89 -70.89 -40.07
CA SER H 1177 -82.30 -72.08 -40.67
C SER H 1177 -83.32 -72.81 -41.53
N VAL H 1178 -82.85 -73.34 -42.67
CA VAL H 1178 -83.73 -73.94 -43.67
C VAL H 1178 -84.09 -75.35 -43.23
N PRO H 1179 -85.37 -75.64 -42.99
CA PRO H 1179 -85.73 -76.94 -42.43
C PRO H 1179 -86.06 -77.99 -43.48
N PHE H 1180 -85.60 -79.20 -43.24
CA PHE H 1180 -85.76 -80.31 -44.16
C PHE H 1180 -86.59 -81.41 -43.53
N MET H 1181 -87.10 -82.31 -44.38
CA MET H 1181 -87.95 -83.41 -43.93
C MET H 1181 -87.48 -84.68 -44.64
N VAL H 1182 -86.75 -85.52 -43.92
CA VAL H 1182 -86.04 -86.66 -44.47
C VAL H 1182 -86.53 -87.94 -43.78
N PRO H 1183 -86.79 -89.04 -44.52
CA PRO H 1183 -87.33 -90.24 -43.88
C PRO H 1183 -86.35 -91.02 -43.03
N ILE H 1184 -86.80 -92.15 -42.49
CA ILE H 1184 -86.02 -92.98 -41.58
C ILE H 1184 -85.77 -94.32 -42.25
N SER H 1185 -84.51 -94.75 -42.25
CA SER H 1185 -84.14 -96.03 -42.82
C SER H 1185 -84.65 -97.18 -41.95
N SER H 1186 -84.86 -98.32 -42.57
CA SER H 1186 -85.34 -99.51 -41.88
C SER H 1186 -84.75 -100.75 -42.54
N ASP H 1187 -84.77 -101.86 -41.81
CA ASP H 1187 -84.12 -103.09 -42.26
C ASP H 1187 -85.06 -104.17 -42.71
N HIS H 1188 -86.36 -103.92 -42.72
CA HIS H 1188 -87.34 -104.84 -43.26
C HIS H 1188 -88.39 -104.03 -44.00
N ASP H 1189 -89.08 -104.67 -44.93
CA ASP H 1189 -90.01 -103.93 -45.77
C ASP H 1189 -91.25 -103.51 -44.99
N ILE H 1190 -91.70 -102.28 -45.26
CA ILE H 1190 -92.80 -101.67 -44.53
C ILE H 1190 -93.85 -101.20 -45.53
N SER H 1191 -95.05 -100.97 -45.03
CA SER H 1191 -96.11 -100.40 -45.85
C SER H 1191 -95.86 -98.92 -46.04
N SER H 1192 -96.22 -98.43 -47.22
CA SER H 1192 -95.90 -97.06 -47.60
C SER H 1192 -97.10 -96.15 -47.41
N ALA H 1193 -96.82 -94.87 -47.19
CA ALA H 1193 -97.81 -93.84 -46.93
C ALA H 1193 -97.39 -92.58 -47.66
N PRO H 1194 -98.35 -91.77 -48.14
CA PRO H 1194 -97.96 -90.57 -48.89
C PRO H 1194 -97.38 -89.50 -47.98
N ALA H 1195 -96.34 -88.84 -48.48
CA ALA H 1195 -95.65 -87.82 -47.72
C ALA H 1195 -95.27 -86.70 -48.68
N VAL H 1196 -95.85 -85.52 -48.48
CA VAL H 1196 -95.67 -84.39 -49.38
C VAL H 1196 -94.59 -83.47 -48.81
N GLN H 1197 -93.69 -83.01 -49.68
CA GLN H 1197 -92.58 -82.16 -49.29
C GLN H 1197 -92.63 -80.87 -50.10
N TYR H 1198 -91.95 -79.85 -49.57
CA TYR H 1198 -91.89 -78.57 -50.25
C TYR H 1198 -90.49 -78.07 -50.53
N ILE H 1199 -89.56 -78.21 -49.59
CA ILE H 1199 -88.20 -77.73 -49.76
C ILE H 1199 -87.31 -78.91 -50.09
N ILE H 1200 -86.62 -78.85 -51.23
CA ILE H 1200 -85.57 -79.80 -51.56
C ILE H 1200 -84.27 -79.02 -51.71
N SER H 1201 -83.17 -79.76 -51.73
CA SER H 1201 -81.90 -79.15 -52.07
C SER H 1201 -81.71 -79.16 -53.57
N THR H 1202 -80.61 -78.58 -54.04
CA THR H 1202 -80.27 -78.61 -55.44
C THR H 1202 -79.24 -79.70 -55.76
N GLU H 1203 -78.21 -79.83 -54.94
CA GLU H 1203 -77.18 -80.81 -55.17
C GLU H 1203 -76.96 -81.69 -53.95
N TYR H 1204 -75.93 -82.52 -53.97
CA TYR H 1204 -75.74 -83.55 -52.96
C TYR H 1204 -75.23 -82.93 -51.66
N ASN H 1205 -75.86 -83.28 -50.55
CA ASN H 1205 -75.48 -82.74 -49.25
C ASN H 1205 -75.53 -83.82 -48.18
N ASP H 1206 -75.03 -85.01 -48.49
CA ASP H 1206 -75.01 -86.08 -47.51
C ASP H 1206 -73.60 -86.56 -47.20
N ARG H 1207 -72.67 -85.63 -47.04
CA ARG H 1207 -71.36 -86.00 -46.52
C ARG H 1207 -71.40 -86.22 -45.02
N SER H 1208 -72.40 -85.67 -44.34
CA SER H 1208 -72.48 -85.77 -42.89
C SER H 1208 -73.00 -87.11 -42.43
N LEU H 1209 -73.79 -87.79 -43.26
CA LEU H 1209 -74.38 -89.07 -42.87
C LEU H 1209 -73.30 -90.14 -42.80
N PHE H 1210 -73.16 -90.79 -41.65
CA PHE H 1210 -72.13 -91.82 -41.49
C PHE H 1210 -72.61 -93.18 -41.97
N CYS H 1211 -73.60 -93.74 -41.30
CA CYS H 1211 -74.16 -95.03 -41.70
C CYS H 1211 -75.57 -95.14 -41.17
N THR H 1212 -76.37 -95.95 -41.85
CA THR H 1212 -77.75 -96.20 -41.47
C THR H 1212 -77.95 -97.68 -41.21
N ASN H 1213 -78.72 -97.99 -40.17
CA ASN H 1213 -79.02 -99.34 -39.72
C ASN H 1213 -77.75 -100.13 -39.43
N SER H 1214 -76.87 -99.55 -38.62
CA SER H 1214 -75.74 -100.32 -38.13
C SER H 1214 -76.22 -101.34 -37.11
N SER H 1215 -75.44 -102.40 -36.99
CA SER H 1215 -75.81 -103.65 -36.31
C SER H 1215 -77.13 -104.19 -36.84
N SER H 1216 -77.11 -104.48 -38.13
CA SER H 1216 -78.27 -104.99 -38.88
C SER H 1216 -77.74 -105.54 -40.20
N PRO H 1217 -78.38 -106.55 -40.78
CA PRO H 1217 -77.83 -107.15 -42.01
C PRO H 1217 -77.89 -106.27 -43.24
N GLN H 1218 -79.04 -105.67 -43.54
CA GLN H 1218 -79.15 -104.79 -44.69
C GLN H 1218 -80.14 -103.68 -44.38
N THR H 1219 -80.29 -102.76 -45.32
CA THR H 1219 -81.28 -101.69 -45.25
C THR H 1219 -82.22 -101.85 -46.42
N ILE H 1220 -83.46 -102.21 -46.15
CA ILE H 1220 -84.43 -102.45 -47.22
C ILE H 1220 -84.94 -101.13 -47.78
N ALA H 1221 -85.62 -100.35 -46.95
CA ALA H 1221 -86.24 -99.12 -47.39
C ALA H 1221 -85.51 -97.93 -46.79
N GLY H 1222 -85.72 -96.77 -47.40
CA GLY H 1222 -85.07 -95.56 -46.97
C GLY H 1222 -83.66 -95.46 -47.53
N PRO H 1223 -83.00 -94.35 -47.28
CA PRO H 1223 -81.64 -94.18 -47.78
C PRO H 1223 -80.66 -95.04 -46.97
N ASP H 1224 -79.78 -95.74 -47.67
CA ASP H 1224 -78.76 -96.52 -47.02
C ASP H 1224 -77.39 -95.90 -47.25
N LYS H 1225 -76.49 -96.15 -46.31
CA LYS H 1225 -75.08 -95.82 -46.50
C LYS H 1225 -74.28 -96.78 -45.65
N HIS H 1226 -73.34 -97.46 -46.29
CA HIS H 1226 -72.46 -98.34 -45.56
C HIS H 1226 -71.42 -97.52 -44.80
N ILE H 1227 -70.70 -98.19 -43.91
CA ILE H 1227 -69.62 -97.53 -43.17
C ILE H 1227 -68.54 -97.18 -44.18
N PRO H 1228 -68.15 -95.90 -44.26
CA PRO H 1228 -67.44 -95.40 -45.45
C PRO H 1228 -66.03 -95.97 -45.58
N VAL H 1229 -65.81 -96.68 -46.69
CA VAL H 1229 -64.50 -97.23 -47.02
C VAL H 1229 -63.49 -96.13 -47.27
N GLU H 1230 -63.94 -95.00 -47.85
CA GLU H 1230 -63.04 -93.92 -48.26
C GLU H 1230 -62.37 -93.24 -47.07
N ARG H 1231 -63.00 -93.30 -45.89
CA ARG H 1231 -62.37 -92.71 -44.72
C ARG H 1231 -61.30 -93.63 -44.16
N TYR H 1232 -61.65 -94.86 -43.82
CA TYR H 1232 -60.73 -95.72 -43.08
C TYR H 1232 -59.79 -96.44 -44.06
N ASN H 1233 -58.91 -95.63 -44.66
CA ASN H 1233 -58.03 -96.08 -45.74
C ASN H 1233 -56.97 -97.05 -45.23
N ILE H 1234 -56.41 -96.77 -44.07
CA ILE H 1234 -55.31 -97.57 -43.54
C ILE H 1234 -55.78 -98.94 -43.10
N LEU H 1235 -57.02 -99.04 -42.60
CA LEU H 1235 -57.56 -100.37 -42.34
C LEU H 1235 -57.92 -101.09 -43.63
N THR H 1236 -58.57 -100.39 -44.57
CA THR H 1236 -59.15 -101.10 -45.71
C THR H 1236 -58.11 -101.49 -46.74
N ASN H 1237 -57.38 -100.52 -47.27
CA ASN H 1237 -56.39 -100.77 -48.33
C ASN H 1237 -55.21 -101.50 -47.75
N PRO H 1238 -54.93 -102.75 -48.15
CA PRO H 1238 -53.76 -103.44 -47.59
C PRO H 1238 -52.45 -102.95 -48.17
N ASP H 1239 -52.48 -102.35 -49.35
CA ASP H 1239 -51.27 -101.91 -50.03
C ASP H 1239 -50.98 -100.43 -49.83
N ALA H 1240 -51.74 -99.78 -49.00
CA ALA H 1240 -51.42 -98.39 -48.70
C ALA H 1240 -50.34 -98.32 -47.62
N PRO H 1241 -49.40 -97.38 -47.73
CA PRO H 1241 -48.43 -97.19 -46.66
C PRO H 1241 -49.10 -96.62 -45.43
N PRO H 1242 -48.52 -96.82 -44.24
CA PRO H 1242 -49.24 -96.44 -43.01
C PRO H 1242 -49.38 -94.95 -42.81
N THR H 1243 -48.36 -94.16 -43.12
CA THR H 1243 -48.43 -92.71 -42.88
C THR H 1243 -48.93 -91.94 -44.09
N GLN H 1244 -50.04 -92.40 -44.67
CA GLN H 1244 -50.63 -91.76 -45.83
C GLN H 1244 -51.90 -91.02 -45.42
N ILE H 1245 -52.00 -89.77 -45.85
CA ILE H 1245 -53.22 -88.98 -45.66
C ILE H 1245 -53.68 -88.50 -47.03
N GLN H 1246 -54.98 -88.63 -47.29
CA GLN H 1246 -55.62 -87.98 -48.43
C GLN H 1246 -56.37 -86.74 -47.97
N LEU H 1247 -55.58 -85.78 -47.47
CA LEU H 1247 -56.11 -84.74 -46.58
C LEU H 1247 -57.06 -83.73 -47.23
N PRO H 1248 -56.74 -83.04 -48.35
CA PRO H 1248 -57.59 -81.91 -48.74
C PRO H 1248 -58.93 -82.30 -49.36
N GLU H 1249 -59.25 -83.58 -49.44
CA GLU H 1249 -60.54 -84.03 -49.95
C GLU H 1249 -61.39 -84.71 -48.88
N VAL H 1250 -60.90 -85.77 -48.24
CA VAL H 1250 -61.59 -86.36 -47.10
C VAL H 1250 -60.65 -86.32 -45.91
N VAL H 1251 -61.21 -86.56 -44.71
CA VAL H 1251 -60.51 -86.26 -43.46
C VAL H 1251 -60.08 -87.53 -42.73
N ASP H 1252 -60.38 -88.70 -43.28
CA ASP H 1252 -59.70 -89.97 -43.02
C ASP H 1252 -59.96 -90.57 -41.64
N LEU H 1253 -60.33 -89.76 -40.63
CA LEU H 1253 -60.81 -90.18 -39.30
C LEU H 1253 -59.99 -91.23 -38.55
N TYR H 1254 -58.78 -91.54 -39.01
CA TYR H 1254 -57.90 -92.56 -38.46
C TYR H 1254 -56.53 -92.43 -39.12
N ASN H 1255 -55.47 -92.28 -38.33
CA ASN H 1255 -54.13 -92.40 -38.86
C ASN H 1255 -53.15 -92.75 -37.76
N VAL H 1256 -51.91 -93.00 -38.17
CA VAL H 1256 -50.81 -93.02 -37.24
C VAL H 1256 -50.61 -91.61 -36.69
N VAL H 1257 -50.49 -91.50 -35.37
CA VAL H 1257 -50.14 -90.24 -34.74
C VAL H 1257 -48.90 -90.49 -33.89
N THR H 1258 -47.96 -89.55 -33.95
CA THR H 1258 -46.83 -89.58 -33.04
C THR H 1258 -47.18 -88.85 -31.76
N ARG H 1259 -46.46 -89.18 -30.69
CA ARG H 1259 -46.61 -88.46 -29.44
C ARG H 1259 -45.29 -88.48 -28.70
N TYR H 1260 -45.03 -87.40 -27.99
CA TYR H 1260 -43.72 -87.12 -27.43
C TYR H 1260 -43.74 -87.19 -25.92
N ALA H 1261 -42.56 -87.21 -25.33
CA ALA H 1261 -42.40 -87.20 -23.90
C ALA H 1261 -41.28 -86.25 -23.51
N TYR H 1262 -41.16 -85.15 -24.23
CA TYR H 1262 -40.14 -84.16 -23.93
C TYR H 1262 -40.51 -83.40 -22.67
N GLU H 1263 -39.54 -83.20 -21.79
CA GLU H 1263 -39.76 -82.39 -20.61
C GLU H 1263 -39.20 -80.99 -20.83
N THR H 1264 -39.86 -80.01 -20.22
CA THR H 1264 -39.55 -78.60 -20.40
C THR H 1264 -39.15 -77.99 -19.06
N PRO H 1265 -37.86 -78.02 -18.72
CA PRO H 1265 -37.42 -77.40 -17.48
C PRO H 1265 -37.10 -75.93 -17.72
N PRO H 1266 -36.96 -75.13 -16.67
CA PRO H 1266 -36.49 -73.76 -16.86
C PRO H 1266 -35.00 -73.73 -17.18
N ILE H 1267 -34.51 -72.53 -17.47
CA ILE H 1267 -33.14 -72.37 -17.96
C ILE H 1267 -32.14 -72.63 -16.84
N THR H 1268 -32.35 -71.99 -15.70
CA THR H 1268 -31.45 -72.08 -14.56
C THR H 1268 -31.53 -73.41 -13.83
N ALA H 1269 -32.46 -74.28 -14.19
CA ALA H 1269 -32.45 -75.64 -13.67
C ALA H 1269 -31.36 -76.48 -14.30
N VAL H 1270 -30.94 -76.13 -15.51
CA VAL H 1270 -29.89 -76.85 -16.22
C VAL H 1270 -28.59 -76.07 -16.22
N VAL H 1271 -28.61 -74.86 -16.77
CA VAL H 1271 -27.36 -74.10 -16.92
C VAL H 1271 -27.10 -73.37 -15.60
N MET H 1272 -26.11 -73.83 -14.85
CA MET H 1272 -25.75 -73.23 -13.58
C MET H 1272 -24.43 -72.48 -13.72
N GLY H 1273 -24.37 -71.30 -13.12
CA GLY H 1273 -23.17 -70.49 -13.11
C GLY H 1273 -22.48 -70.59 -11.77
N VAL H 1274 -21.17 -70.82 -11.82
CA VAL H 1274 -20.42 -71.07 -10.59
C VAL H 1274 -20.02 -69.74 -9.97
N PRO H 1275 -20.20 -69.57 -8.65
CA PRO H 1275 -19.73 -68.37 -7.96
C PRO H 1275 -18.42 -68.62 -7.23
N SER I 213 -19.28 -7.04 1.57
CA SER I 213 -20.44 -7.20 0.71
C SER I 213 -21.73 -6.98 1.49
N SER I 214 -21.68 -7.21 2.80
CA SER I 214 -22.82 -6.97 3.67
C SER I 214 -23.13 -5.49 3.83
N GLU I 215 -22.20 -4.61 3.45
CA GLU I 215 -22.49 -3.19 3.35
C GLU I 215 -23.25 -2.87 2.06
N ILE I 216 -22.78 -3.39 0.93
CA ILE I 216 -23.45 -3.07 -0.33
C ILE I 216 -24.81 -3.75 -0.44
N GLN I 217 -25.07 -4.82 0.33
CA GLN I 217 -26.41 -5.41 0.32
C GLN I 217 -27.45 -4.49 0.97
N ARG I 218 -27.11 -3.88 2.11
CA ARG I 218 -28.04 -2.93 2.70
C ARG I 218 -28.08 -1.62 1.92
N HIS I 219 -27.02 -1.28 1.17
CA HIS I 219 -27.17 -0.19 0.21
C HIS I 219 -28.16 -0.53 -0.91
N ILE I 220 -28.15 -1.77 -1.40
CA ILE I 220 -29.12 -2.20 -2.41
C ILE I 220 -30.54 -2.17 -1.85
N THR I 221 -30.69 -2.55 -0.58
CA THR I 221 -31.98 -2.42 0.10
C THR I 221 -32.43 -0.97 0.20
N GLU I 222 -31.50 -0.06 0.48
CA GLU I 222 -31.81 1.37 0.50
C GLU I 222 -32.19 1.89 -0.89
N PHE I 223 -31.61 1.29 -1.94
CA PHE I 223 -32.00 1.65 -3.31
C PHE I 223 -33.43 1.23 -3.60
N ILE I 224 -33.73 -0.06 -3.37
CA ILE I 224 -35.01 -0.62 -3.79
C ILE I 224 -36.15 -0.08 -2.91
N SER I 225 -35.86 0.26 -1.65
CA SER I 225 -36.88 0.81 -0.76
C SER I 225 -37.36 2.18 -1.18
N SER I 226 -36.58 2.90 -1.99
CA SER I 226 -37.06 4.18 -2.51
C SER I 226 -37.49 4.10 -3.98
N TRP I 227 -36.99 3.13 -4.73
CA TRP I 227 -37.47 2.98 -6.10
C TRP I 227 -38.66 2.04 -6.21
N GLN I 228 -39.19 1.57 -5.08
CA GLN I 228 -40.44 0.81 -5.07
C GLN I 228 -41.69 1.68 -5.10
N ASN I 229 -41.55 3.00 -5.28
CA ASN I 229 -42.72 3.88 -5.19
C ASN I 229 -42.80 4.93 -6.29
N HIS I 230 -41.93 4.90 -7.30
CA HIS I 230 -41.98 6.01 -8.24
C HIS I 230 -42.92 5.67 -9.40
N PRO I 231 -43.67 6.65 -9.92
CA PRO I 231 -44.61 6.36 -11.03
C PRO I 231 -43.93 5.96 -12.34
N ILE I 232 -42.63 6.24 -12.51
CA ILE I 232 -41.90 5.60 -13.61
C ILE I 232 -41.85 4.09 -13.42
N VAL I 233 -41.57 3.66 -12.19
CA VAL I 233 -41.63 2.24 -11.87
C VAL I 233 -43.07 1.75 -11.86
N GLN I 234 -43.94 2.49 -11.17
CA GLN I 234 -45.38 2.24 -11.03
C GLN I 234 -45.72 0.86 -10.46
N THR I 244 -57.07 20.40 -15.27
CA THR I 244 -58.36 20.99 -15.58
C THR I 244 -59.32 19.97 -16.17
N ALA I 245 -60.49 20.44 -16.59
CA ALA I 245 -61.45 19.59 -17.30
C ALA I 245 -62.05 20.24 -18.53
N GLN I 246 -61.80 21.53 -18.79
CA GLN I 246 -62.35 22.18 -19.97
C GLN I 246 -61.68 21.67 -21.24
N LEU I 247 -60.36 21.71 -21.29
CA LEU I 247 -59.66 21.18 -22.46
C LEU I 247 -59.75 19.67 -22.51
N LEU I 248 -59.86 19.03 -21.35
CA LEU I 248 -60.00 17.58 -21.32
C LEU I 248 -61.34 17.13 -21.88
N HIS I 249 -62.40 17.91 -21.63
CA HIS I 249 -63.71 17.66 -22.24
C HIS I 249 -64.35 19.01 -22.52
N ALA I 250 -64.11 19.55 -23.72
CA ALA I 250 -64.78 20.75 -24.16
C ALA I 250 -66.24 20.46 -24.48
N ASP I 251 -67.06 21.52 -24.46
CA ASP I 251 -68.48 21.37 -24.67
C ASP I 251 -68.79 21.15 -26.14
N THR I 252 -69.58 20.15 -26.43
CA THR I 252 -69.99 19.91 -27.80
C THR I 252 -71.13 20.84 -28.18
N PRO I 253 -71.19 21.27 -29.43
CA PRO I 253 -72.31 22.10 -29.86
C PRO I 253 -73.45 21.28 -30.39
N ARG I 254 -74.55 21.94 -30.77
CA ARG I 254 -75.76 21.26 -31.25
C ARG I 254 -75.98 21.71 -32.69
N LEU I 255 -75.45 20.94 -33.63
CA LEU I 255 -75.56 21.31 -35.04
C LEU I 255 -76.93 20.93 -35.61
N VAL I 256 -77.27 19.65 -35.56
CA VAL I 256 -78.49 19.16 -36.19
C VAL I 256 -79.69 19.38 -35.29
N THR I 257 -80.66 20.11 -35.79
CA THR I 257 -81.95 20.31 -35.15
C THR I 257 -83.02 20.17 -36.21
N TRP I 258 -84.19 19.69 -35.80
CA TRP I 258 -85.23 19.35 -36.75
C TRP I 258 -86.47 20.20 -36.54
N ASP I 259 -87.40 20.10 -37.49
CA ASP I 259 -88.60 20.93 -37.50
C ASP I 259 -89.68 20.19 -38.27
N ALA I 260 -90.78 19.87 -37.61
CA ALA I 260 -91.90 19.22 -38.27
C ALA I 260 -93.01 20.20 -38.64
N GLY I 261 -93.00 21.41 -38.08
CA GLY I 261 -93.97 22.41 -38.43
C GLY I 261 -93.65 23.07 -39.75
N LEU I 262 -94.49 24.02 -40.11
CA LEU I 262 -94.33 24.73 -41.38
C LEU I 262 -93.43 25.94 -41.20
N CYS I 263 -92.46 26.07 -42.11
CA CYS I 263 -91.42 27.08 -41.98
C CYS I 263 -91.95 28.44 -42.42
N THR I 264 -92.25 29.29 -41.45
CA THR I 264 -92.63 30.67 -41.74
C THR I 264 -92.21 31.53 -40.58
N SER I 265 -92.34 32.84 -40.76
CA SER I 265 -92.14 33.76 -39.66
C SER I 265 -93.12 34.91 -39.65
N PHE I 266 -94.03 34.99 -40.62
CA PHE I 266 -94.95 36.10 -40.73
C PHE I 266 -96.37 35.54 -40.58
N LYS I 267 -97.07 35.97 -39.54
CA LYS I 267 -98.44 35.55 -39.33
C LYS I 267 -99.38 36.71 -39.66
N ILE I 268 -100.64 36.37 -39.88
CA ILE I 268 -101.66 37.32 -40.29
C ILE I 268 -102.65 37.45 -39.15
N VAL I 269 -102.61 38.58 -38.45
CA VAL I 269 -103.44 38.76 -37.25
C VAL I 269 -104.60 39.68 -37.60
N PRO I 270 -105.81 39.42 -37.11
CA PRO I 270 -106.88 40.41 -37.26
C PRO I 270 -106.73 41.50 -36.22
N ILE I 271 -107.20 42.69 -36.59
CA ILE I 271 -107.11 43.87 -35.73
C ILE I 271 -108.47 44.29 -35.21
N VAL I 272 -109.40 44.64 -36.10
CA VAL I 272 -110.76 44.93 -35.70
C VAL I 272 -111.70 43.85 -36.22
N PRO I 273 -112.69 43.44 -35.45
CA PRO I 273 -113.63 42.42 -35.93
C PRO I 273 -114.52 42.95 -37.04
N ALA I 274 -114.92 42.04 -37.92
CA ALA I 274 -115.80 42.42 -39.01
C ALA I 274 -117.22 42.64 -38.50
N GLN I 275 -118.02 43.33 -39.31
CA GLN I 275 -119.40 43.62 -38.97
C GLN I 275 -120.29 42.48 -39.43
N VAL I 276 -120.20 41.36 -38.72
CA VAL I 276 -120.83 40.12 -39.16
C VAL I 276 -122.36 40.16 -38.98
N PRO I 277 -122.99 40.89 -38.03
CA PRO I 277 -124.40 41.25 -38.28
C PRO I 277 -124.52 42.64 -38.88
N GLN I 278 -125.43 42.82 -39.82
CA GLN I 278 -125.66 44.11 -40.44
C GLN I 278 -127.15 44.32 -40.61
N ASP I 279 -127.52 45.50 -41.09
CA ASP I 279 -128.87 45.74 -41.54
C ASP I 279 -128.97 45.95 -43.04
N VAL I 280 -127.84 46.02 -43.74
CA VAL I 280 -127.81 46.17 -45.18
C VAL I 280 -127.76 44.81 -45.88
N LEU I 281 -126.83 43.97 -45.45
CA LEU I 281 -126.58 42.67 -46.06
C LEU I 281 -126.87 41.60 -45.02
N ALA I 282 -127.70 40.63 -45.39
CA ALA I 282 -128.14 39.61 -44.46
C ALA I 282 -126.99 38.68 -44.07
N TYR I 283 -127.16 38.00 -42.95
CA TYR I 283 -126.09 37.16 -42.42
C TYR I 283 -125.94 35.85 -43.16
N THR I 284 -126.86 35.50 -44.05
CA THR I 284 -126.70 34.32 -44.87
C THR I 284 -125.68 34.51 -45.99
N PHE I 285 -125.23 35.75 -46.23
CA PHE I 285 -124.19 35.98 -47.22
C PHE I 285 -122.85 35.46 -46.74
N PHE I 286 -122.57 35.61 -45.46
CA PHE I 286 -121.21 35.45 -44.96
C PHE I 286 -120.87 33.99 -44.76
N THR I 287 -119.61 33.64 -45.02
CA THR I 287 -119.13 32.30 -44.71
C THR I 287 -118.89 32.11 -43.22
N SER I 288 -118.95 33.18 -42.42
CA SER I 288 -118.85 33.06 -40.98
C SER I 288 -120.06 32.35 -40.40
N SER I 289 -121.24 32.58 -40.98
CA SER I 289 -122.46 32.00 -40.45
C SER I 289 -122.53 30.50 -40.66
N TYR I 290 -121.80 29.97 -41.63
CA TYR I 290 -121.77 28.55 -41.88
C TYR I 290 -120.60 27.86 -41.21
N ALA I 291 -119.80 28.62 -40.46
CA ALA I 291 -118.63 28.14 -39.72
C ALA I 291 -117.62 27.43 -40.62
N ILE I 292 -117.33 28.05 -41.75
CA ILE I 292 -116.37 27.52 -42.70
C ILE I 292 -114.98 28.04 -42.33
N GLN I 293 -114.03 27.12 -42.19
CA GLN I 293 -112.67 27.45 -41.78
C GLN I 293 -111.97 28.19 -42.91
N SER I 294 -111.92 29.50 -42.82
CA SER I 294 -111.31 30.34 -43.84
C SER I 294 -109.78 30.28 -43.73
N PRO I 295 -109.09 30.36 -44.87
CA PRO I 295 -107.62 30.33 -44.82
C PRO I 295 -107.00 31.60 -44.28
N PHE I 296 -107.76 32.69 -44.24
CA PHE I 296 -107.29 33.96 -43.71
C PHE I 296 -108.24 34.43 -42.62
N PRO I 297 -107.75 35.19 -41.64
CA PRO I 297 -108.64 35.68 -40.58
C PRO I 297 -109.58 36.75 -41.12
N GLU I 298 -110.88 36.48 -41.04
CA GLU I 298 -111.87 37.47 -41.42
C GLU I 298 -111.87 38.61 -40.41
N ALA I 299 -111.87 39.83 -40.94
CA ALA I 299 -111.74 41.04 -40.14
C ALA I 299 -112.09 42.21 -41.01
N ALA I 300 -112.34 43.36 -40.39
CA ALA I 300 -112.48 44.58 -41.17
C ALA I 300 -111.11 45.08 -41.62
N VAL I 301 -110.11 44.98 -40.74
CA VAL I 301 -108.74 45.39 -41.03
C VAL I 301 -107.81 44.27 -40.57
N SER I 302 -107.00 43.76 -41.49
CA SER I 302 -106.04 42.71 -41.18
C SER I 302 -104.65 43.18 -41.51
N ARG I 303 -103.73 43.03 -40.56
CA ARG I 303 -102.33 43.35 -40.77
C ARG I 303 -101.49 42.11 -40.52
N ILE I 304 -100.25 42.14 -40.98
CA ILE I 304 -99.33 41.03 -40.80
C ILE I 304 -98.18 41.46 -39.91
N VAL I 305 -97.84 40.61 -38.95
CA VAL I 305 -96.80 40.87 -37.98
C VAL I 305 -95.79 39.74 -38.04
N VAL I 306 -94.78 39.82 -37.18
CA VAL I 306 -93.63 38.92 -37.23
C VAL I 306 -93.55 38.16 -35.91
N HIS I 307 -93.71 36.85 -35.98
CA HIS I 307 -93.50 35.96 -34.85
C HIS I 307 -92.56 34.88 -35.33
N THR I 308 -91.47 34.65 -34.60
CA THR I 308 -90.54 33.61 -35.03
C THR I 308 -91.15 32.24 -34.81
N ARG I 309 -91.53 31.66 -35.94
CA ARG I 309 -91.87 30.29 -36.35
C ARG I 309 -93.24 29.78 -35.91
N TRP I 310 -93.86 30.29 -34.84
CA TRP I 310 -95.27 30.18 -34.40
C TRP I 310 -96.11 28.94 -34.81
N ALA I 311 -95.47 27.89 -35.30
CA ALA I 311 -96.19 26.75 -35.86
C ALA I 311 -95.44 25.46 -35.67
N SER I 312 -94.32 25.46 -34.98
CA SER I 312 -93.32 24.43 -35.19
C SER I 312 -93.34 23.38 -34.09
N ASN I 313 -92.59 22.31 -34.33
CA ASN I 313 -92.55 21.16 -33.45
C ASN I 313 -91.11 20.71 -33.28
N VAL I 314 -90.24 21.67 -32.94
CA VAL I 314 -88.82 21.37 -32.77
C VAL I 314 -88.61 20.51 -31.53
N ASP I 315 -87.47 19.81 -31.52
CA ASP I 315 -87.08 19.04 -30.35
C ASP I 315 -86.19 19.83 -29.40
N PHE I 316 -85.32 20.67 -29.94
CA PHE I 316 -84.39 21.48 -29.15
C PHE I 316 -84.53 22.92 -29.60
N ASP I 317 -85.19 23.74 -28.79
CA ASP I 317 -85.39 25.12 -29.19
C ASP I 317 -84.13 25.94 -28.98
N ARG I 318 -84.07 27.06 -29.69
CA ARG I 318 -83.03 28.04 -29.50
C ARG I 318 -83.68 29.28 -28.89
N ASP I 319 -83.14 29.75 -27.77
CA ASP I 319 -83.86 30.68 -26.90
C ASP I 319 -84.04 32.05 -27.54
N SER I 320 -83.29 32.37 -28.59
CA SER I 320 -83.55 33.57 -29.36
C SER I 320 -84.92 33.48 -30.02
N SER I 321 -85.70 34.55 -29.92
CA SER I 321 -87.03 34.57 -30.53
C SER I 321 -87.47 36.02 -30.70
N VAL I 322 -87.55 36.45 -31.94
CA VAL I 322 -88.15 37.75 -32.23
C VAL I 322 -89.67 37.59 -32.19
N ILE I 323 -90.33 38.41 -31.40
CA ILE I 323 -91.77 38.32 -31.24
C ILE I 323 -92.33 39.74 -31.30
N MET I 324 -93.49 39.90 -31.91
CA MET I 324 -94.10 41.22 -32.05
C MET I 324 -95.56 41.20 -31.65
N ALA I 325 -95.97 42.26 -30.97
CA ALA I 325 -97.36 42.55 -30.75
C ALA I 325 -97.96 43.07 -32.05
N PRO I 326 -99.28 43.03 -32.20
CA PRO I 326 -99.91 43.80 -33.27
C PRO I 326 -99.70 45.28 -33.09
N PRO I 327 -99.74 46.08 -34.17
CA PRO I 327 -99.36 47.49 -34.07
C PRO I 327 -100.27 48.36 -33.22
N THR I 328 -101.47 47.89 -32.84
CA THR I 328 -102.27 48.66 -31.90
C THR I 328 -101.71 48.59 -30.48
N GLU I 329 -100.96 47.56 -30.16
CA GLU I 329 -100.28 47.50 -28.88
C GLU I 329 -98.91 48.13 -29.01
N ASN I 330 -98.39 48.62 -27.89
CA ASN I 330 -97.08 49.26 -27.88
C ASN I 330 -96.00 48.22 -28.12
N ASN I 331 -95.02 48.59 -28.93
CA ASN I 331 -93.98 47.64 -29.33
C ASN I 331 -92.62 48.31 -29.23
N ILE I 332 -92.38 48.97 -28.10
CA ILE I 332 -91.11 49.67 -27.90
C ILE I 332 -90.08 48.78 -27.22
N HIS I 333 -90.49 47.67 -26.61
CA HIS I 333 -89.56 46.85 -25.85
C HIS I 333 -88.61 46.06 -26.74
N LEU I 334 -88.86 45.97 -28.03
CA LEU I 334 -87.90 45.34 -28.93
C LEU I 334 -86.73 46.24 -29.25
N PHE I 335 -86.83 47.54 -28.98
CA PHE I 335 -85.82 48.50 -29.39
C PHE I 335 -85.15 49.18 -28.22
N LYS I 336 -85.25 48.60 -27.02
CA LYS I 336 -84.50 49.07 -25.86
C LYS I 336 -83.83 47.90 -25.15
N GLN I 337 -83.51 46.86 -25.90
CA GLN I 337 -82.82 45.71 -25.32
C GLN I 337 -81.38 46.04 -24.99
N LEU I 338 -80.66 46.66 -25.92
CA LEU I 338 -79.21 46.52 -25.91
C LEU I 338 -78.48 47.59 -25.12
N LEU I 339 -78.57 48.85 -25.52
CA LEU I 339 -77.73 49.90 -24.93
C LEU I 339 -78.54 50.93 -24.17
N ASN I 340 -79.76 50.60 -23.78
CA ASN I 340 -80.63 51.53 -23.08
C ASN I 340 -80.61 51.18 -21.59
N THR I 341 -79.57 51.64 -20.92
CA THR I 341 -79.44 51.45 -19.48
C THR I 341 -79.66 52.73 -18.70
N GLU I 342 -79.88 53.85 -19.38
CA GLU I 342 -80.09 55.13 -18.74
C GLU I 342 -81.43 55.76 -19.07
N THR I 343 -82.29 55.08 -19.82
CA THR I 343 -83.62 55.59 -20.06
C THR I 343 -84.45 55.44 -18.80
N LEU I 344 -84.98 56.55 -18.31
CA LEU I 344 -85.78 56.52 -17.09
C LEU I 344 -87.13 55.87 -17.36
N SER I 345 -87.73 56.15 -18.51
CA SER I 345 -89.08 55.70 -18.80
C SER I 345 -89.10 54.22 -19.16
N VAL I 346 -90.30 53.67 -19.18
CA VAL I 346 -90.52 52.34 -19.71
C VAL I 346 -90.84 52.40 -21.20
N ARG I 347 -91.57 53.44 -21.61
CA ARG I 347 -92.01 53.60 -22.98
C ARG I 347 -90.98 54.31 -23.85
N GLY I 348 -89.77 54.53 -23.35
CA GLY I 348 -88.78 55.32 -24.07
C GLY I 348 -87.72 54.47 -24.73
N ALA I 349 -87.07 55.06 -25.73
CA ALA I 349 -85.98 54.43 -26.44
C ALA I 349 -85.10 55.51 -27.04
N ASN I 350 -83.79 55.32 -26.96
CA ASN I 350 -82.85 56.31 -27.49
C ASN I 350 -82.83 56.20 -29.02
N PRO I 351 -83.04 57.31 -29.74
CA PRO I 351 -82.98 57.23 -31.21
C PRO I 351 -81.59 57.01 -31.76
N LEU I 352 -80.55 57.18 -30.96
CA LEU I 352 -79.19 56.91 -31.39
C LEU I 352 -78.77 55.47 -31.13
N MET I 353 -79.72 54.61 -30.73
CA MET I 353 -79.43 53.20 -30.50
C MET I 353 -80.24 52.30 -31.41
N PHE I 354 -80.96 52.88 -32.37
CA PHE I 354 -81.86 52.09 -33.21
C PHE I 354 -81.10 51.11 -34.09
N ARG I 355 -79.91 51.48 -34.57
CA ARG I 355 -79.17 50.55 -35.42
C ARG I 355 -78.62 49.39 -34.61
N ALA I 356 -78.13 49.65 -33.39
CA ALA I 356 -77.64 48.58 -32.54
C ALA I 356 -78.77 47.67 -32.08
N ASN I 357 -79.99 48.17 -31.98
CA ASN I 357 -81.10 47.27 -31.65
C ASN I 357 -81.60 46.50 -32.87
N VAL I 358 -81.66 47.15 -34.04
CA VAL I 358 -82.16 46.48 -35.24
C VAL I 358 -81.20 45.38 -35.68
N LEU I 359 -79.89 45.59 -35.54
CA LEU I 359 -78.93 44.56 -35.91
C LEU I 359 -79.06 43.32 -35.04
N HIS I 360 -79.30 43.50 -33.74
CA HIS I 360 -79.45 42.31 -32.93
C HIS I 360 -80.81 41.67 -33.08
N MET I 361 -81.84 42.44 -33.46
CA MET I 361 -83.11 41.80 -33.83
C MET I 361 -82.95 40.93 -35.06
N LEU I 362 -82.21 41.41 -36.07
CA LEU I 362 -81.93 40.60 -37.25
C LEU I 362 -81.04 39.40 -36.91
N LEU I 363 -80.12 39.55 -35.97
CA LEU I 363 -79.26 38.44 -35.60
C LEU I 363 -80.03 37.35 -34.88
N GLU I 364 -80.93 37.73 -33.95
CA GLU I 364 -81.84 36.75 -33.36
C GLU I 364 -82.69 36.07 -34.41
N PHE I 365 -83.22 36.84 -35.35
CA PHE I 365 -84.11 36.30 -36.37
C PHE I 365 -83.39 35.34 -37.31
N VAL I 366 -82.10 35.54 -37.54
CA VAL I 366 -81.35 34.57 -38.33
C VAL I 366 -80.96 33.36 -37.51
N LEU I 367 -80.48 33.57 -36.28
CA LEU I 367 -79.98 32.47 -35.46
C LEU I 367 -81.07 31.51 -35.02
N ASP I 368 -82.33 31.93 -34.96
CA ASP I 368 -83.35 30.98 -34.54
C ASP I 368 -84.13 30.37 -35.69
N ASN I 369 -83.64 30.46 -36.92
CA ASN I 369 -84.25 29.76 -38.04
C ASN I 369 -83.32 28.72 -38.61
N LEU I 370 -82.33 28.29 -37.83
CA LEU I 370 -81.37 27.30 -38.30
C LEU I 370 -81.91 25.93 -37.92
N TYR I 371 -82.88 25.48 -38.69
CA TYR I 371 -83.49 24.18 -38.49
C TYR I 371 -83.52 23.44 -39.81
N LEU I 372 -83.95 22.20 -39.76
CA LEU I 372 -84.13 21.36 -40.93
C LEU I 372 -85.56 20.83 -40.90
N ASN I 373 -86.17 20.77 -42.07
CA ASN I 373 -87.58 20.41 -42.17
C ASN I 373 -87.74 18.90 -42.15
N ARG I 374 -88.67 18.42 -41.32
CA ARG I 374 -88.91 16.98 -41.26
C ARG I 374 -89.72 16.51 -42.45
N HIS I 375 -89.83 15.20 -42.58
CA HIS I 375 -90.77 14.56 -43.47
C HIS I 375 -91.80 13.85 -42.62
N THR I 376 -93.00 14.42 -42.56
CA THR I 376 -94.12 13.84 -41.82
C THR I 376 -95.08 13.24 -42.84
N GLY I 377 -95.76 12.16 -42.45
CA GLY I 377 -96.54 11.38 -43.39
C GLY I 377 -97.74 12.13 -43.94
N PHE I 378 -98.26 11.60 -45.04
CA PHE I 378 -99.26 12.25 -45.87
C PHE I 378 -100.57 11.46 -45.84
N SER I 379 -101.58 12.00 -46.52
CA SER I 379 -102.88 11.36 -46.61
C SER I 379 -103.58 11.92 -47.84
N GLN I 380 -104.33 11.07 -48.53
CA GLN I 380 -104.94 11.46 -49.79
C GLN I 380 -106.30 12.10 -49.53
N ASP I 381 -106.64 13.10 -50.32
CA ASP I 381 -107.88 13.84 -50.17
C ASP I 381 -109.06 12.96 -50.56
N HIS I 382 -109.93 12.65 -49.60
CA HIS I 382 -111.13 11.88 -49.87
C HIS I 382 -112.30 12.74 -50.30
N THR I 383 -112.12 14.05 -50.33
CA THR I 383 -113.13 15.03 -50.67
C THR I 383 -112.87 15.59 -52.07
N PRO I 384 -113.90 16.09 -52.76
CA PRO I 384 -113.67 16.62 -54.10
C PRO I 384 -113.14 18.05 -54.15
N PHE I 385 -112.57 18.55 -53.04
CA PHE I 385 -111.99 19.88 -53.03
C PHE I 385 -110.78 19.97 -53.95
N THR I 386 -109.88 19.01 -53.85
CA THR I 386 -108.71 18.94 -54.72
C THR I 386 -108.84 17.71 -55.62
N GLU I 387 -107.83 17.52 -56.48
CA GLU I 387 -107.78 16.37 -57.37
C GLU I 387 -106.95 15.26 -56.74
N GLY I 388 -107.45 14.78 -55.60
CA GLY I 388 -106.83 13.65 -54.91
C GLY I 388 -105.43 13.90 -54.42
N ALA I 389 -105.07 15.14 -54.13
CA ALA I 389 -103.69 15.46 -53.80
C ALA I 389 -103.33 14.99 -52.40
N ASN I 390 -102.06 14.65 -52.22
CA ASN I 390 -101.53 14.26 -50.93
C ASN I 390 -101.35 15.50 -50.06
N LEU I 391 -101.69 15.39 -48.79
CA LEU I 391 -101.72 16.53 -47.88
C LEU I 391 -100.88 16.23 -46.65
N ARG I 392 -100.13 17.22 -46.18
CA ARG I 392 -99.22 17.01 -45.06
C ARG I 392 -100.01 17.07 -43.76
N SER I 393 -99.68 16.16 -42.84
CA SER I 393 -100.39 16.02 -41.57
C SER I 393 -99.40 16.21 -40.44
N LEU I 394 -99.17 17.45 -40.07
CA LEU I 394 -98.16 17.74 -39.08
C LEU I 394 -98.72 17.49 -37.68
N PRO I 395 -97.92 16.95 -36.77
CA PRO I 395 -98.43 16.54 -35.46
C PRO I 395 -98.59 17.75 -34.54
N GLY I 396 -99.06 17.47 -33.33
CA GLY I 396 -99.29 18.50 -32.35
C GLY I 396 -100.51 18.20 -31.50
N PRO I 397 -101.06 19.23 -30.84
CA PRO I 397 -102.30 19.03 -30.07
C PRO I 397 -103.50 18.69 -30.95
N ASP I 398 -103.76 19.52 -31.96
CA ASP I 398 -104.72 19.19 -33.00
C ASP I 398 -104.14 19.57 -34.34
N ALA I 399 -104.73 19.00 -35.39
CA ALA I 399 -104.33 19.34 -36.74
C ALA I 399 -105.49 19.74 -37.62
N GLU I 400 -106.72 19.76 -37.08
CA GLU I 400 -107.85 20.26 -37.85
C GLU I 400 -107.73 21.76 -38.12
N LYS I 401 -107.03 22.47 -37.23
CA LYS I 401 -106.78 23.89 -37.42
C LYS I 401 -105.87 24.15 -38.60
N TRP I 402 -104.94 23.23 -38.87
CA TRP I 402 -103.78 23.55 -39.70
C TRP I 402 -104.00 23.41 -41.20
N TYR I 403 -104.96 22.59 -41.64
CA TYR I 403 -105.11 22.37 -43.08
C TYR I 403 -105.63 23.60 -43.79
N SER I 404 -106.56 24.31 -43.17
CA SER I 404 -107.09 25.55 -43.75
C SER I 404 -106.02 26.64 -43.81
N ILE I 405 -105.10 26.65 -42.86
CA ILE I 405 -104.02 27.65 -42.88
C ILE I 405 -102.98 27.26 -43.91
N MET I 406 -102.68 25.97 -44.03
CA MET I 406 -101.66 25.51 -44.97
C MET I 406 -102.09 25.68 -46.41
N TYR I 407 -103.33 25.33 -46.73
CA TYR I 407 -103.78 25.29 -48.13
C TYR I 407 -104.85 26.33 -48.39
N PRO I 408 -104.50 27.49 -48.96
CA PRO I 408 -105.52 28.51 -49.20
C PRO I 408 -106.47 28.15 -50.32
N THR I 409 -106.05 27.31 -51.24
CA THR I 409 -106.88 26.96 -52.38
C THR I 409 -107.62 25.64 -52.20
N ARG I 410 -107.49 24.98 -51.04
CA ARG I 410 -108.38 23.88 -50.68
C ARG I 410 -109.54 24.46 -49.86
N MET I 411 -110.38 25.19 -50.57
CA MET I 411 -111.43 25.97 -49.93
C MET I 411 -112.48 26.29 -50.98
N GLY I 412 -113.70 25.80 -50.78
CA GLY I 412 -114.76 26.04 -51.74
C GLY I 412 -115.17 27.50 -51.73
N THR I 413 -115.40 28.03 -52.93
CA THR I 413 -115.62 29.46 -53.13
C THR I 413 -117.00 29.72 -53.74
N PRO I 414 -118.04 29.87 -52.92
CA PRO I 414 -119.34 30.32 -53.43
C PRO I 414 -119.59 31.81 -53.29
N ASN I 415 -118.69 32.52 -52.61
CA ASN I 415 -118.91 33.86 -52.13
C ASN I 415 -118.31 34.84 -53.11
N VAL I 416 -118.73 36.10 -53.03
CA VAL I 416 -118.04 37.14 -53.79
C VAL I 416 -117.37 37.99 -52.72
N SER I 417 -117.03 37.36 -51.61
CA SER I 417 -116.17 37.98 -50.63
C SER I 417 -114.75 38.10 -51.19
N LYS I 418 -113.96 38.97 -50.56
CA LYS I 418 -112.60 39.18 -51.03
C LYS I 418 -111.70 37.97 -50.81
N ILE I 419 -112.06 37.05 -49.91
CA ILE I 419 -111.33 35.79 -49.80
C ILE I 419 -111.57 34.94 -51.04
N CYS I 420 -112.84 34.71 -51.37
CA CYS I 420 -113.17 33.80 -52.45
C CYS I 420 -112.87 34.36 -53.83
N ASN I 421 -112.98 35.69 -54.01
CA ASN I 421 -112.53 36.32 -55.26
C ASN I 421 -111.04 36.17 -55.47
N PHE I 422 -110.27 35.97 -54.41
CA PHE I 422 -108.87 35.66 -54.58
C PHE I 422 -108.63 34.18 -54.78
N VAL I 423 -109.27 33.33 -53.97
CA VAL I 423 -108.97 31.90 -53.97
C VAL I 423 -109.42 31.27 -55.29
N ALA I 424 -110.56 31.70 -55.82
CA ALA I 424 -111.03 31.18 -57.09
C ALA I 424 -110.27 31.74 -58.29
N SER I 425 -109.36 32.68 -58.07
CA SER I 425 -108.50 33.21 -59.12
C SER I 425 -107.19 32.45 -59.25
N CYS I 426 -107.03 31.33 -58.56
CA CYS I 426 -105.74 30.66 -58.46
C CYS I 426 -105.65 29.52 -59.47
N VAL I 427 -104.59 28.72 -59.35
CA VAL I 427 -104.37 27.55 -60.17
C VAL I 427 -104.58 26.32 -59.29
N ARG I 428 -105.34 25.36 -59.79
CA ARG I 428 -105.86 24.28 -58.95
C ARG I 428 -104.83 23.22 -58.62
N ASN I 429 -103.90 22.91 -59.53
CA ASN I 429 -103.10 21.70 -59.34
C ASN I 429 -101.94 21.87 -58.37
N ARG I 430 -101.72 23.06 -57.83
CA ARG I 430 -100.54 23.31 -57.01
C ARG I 430 -100.88 23.17 -55.53
N VAL I 431 -101.16 21.93 -55.14
CA VAL I 431 -101.52 21.59 -53.77
C VAL I 431 -100.69 20.39 -53.33
N GLY I 432 -100.04 20.50 -52.17
CA GLY I 432 -99.46 19.33 -51.54
C GLY I 432 -98.20 18.85 -52.22
N ARG I 433 -97.93 17.55 -52.09
CA ARG I 433 -96.72 16.99 -52.66
C ARG I 433 -96.87 16.81 -54.16
N PHE I 434 -95.85 17.21 -54.90
CA PHE I 434 -95.79 16.97 -56.33
C PHE I 434 -94.56 16.18 -56.74
N ASP I 435 -93.64 15.91 -55.82
CA ASP I 435 -92.38 15.27 -56.17
C ASP I 435 -91.84 14.58 -54.94
N ARG I 436 -91.18 13.44 -55.16
CA ARG I 436 -90.62 12.67 -54.07
C ARG I 436 -89.35 11.98 -54.57
N ALA I 437 -88.79 11.11 -53.73
CA ALA I 437 -87.62 10.32 -54.12
C ALA I 437 -87.67 9.05 -53.29
N GLN I 438 -88.08 7.95 -53.91
CA GLN I 438 -88.23 6.67 -53.25
C GLN I 438 -87.09 5.76 -53.66
N MET I 439 -86.42 5.16 -52.67
CA MET I 439 -85.35 4.22 -52.95
C MET I 439 -85.66 2.81 -52.43
N MET I 440 -85.95 2.68 -51.15
CA MET I 440 -86.25 1.38 -50.57
C MET I 440 -87.76 1.23 -50.44
N ASN I 441 -88.32 0.23 -51.10
CA ASN I 441 -89.75 -0.02 -51.00
C ASN I 441 -89.99 -0.69 -49.65
N GLY I 442 -90.39 0.10 -48.66
CA GLY I 442 -90.59 -0.39 -47.32
C GLY I 442 -89.85 0.47 -46.31
N ALA I 443 -89.40 1.64 -46.75
CA ALA I 443 -88.70 2.58 -45.88
C ALA I 443 -89.15 3.99 -46.22
N MET I 444 -88.62 4.95 -45.48
CA MET I 444 -89.00 6.34 -45.68
C MET I 444 -88.41 6.88 -46.98
N SER I 445 -89.18 7.69 -47.68
CA SER I 445 -88.62 8.48 -48.77
C SER I 445 -87.67 9.53 -48.20
N GLU I 446 -86.60 9.80 -48.93
CA GLU I 446 -85.55 10.64 -48.37
C GLU I 446 -85.91 12.12 -48.40
N TRP I 447 -86.43 12.61 -49.52
CA TRP I 447 -86.81 14.01 -49.61
C TRP I 447 -88.01 14.15 -50.53
N VAL I 448 -88.92 15.05 -50.18
CA VAL I 448 -90.06 15.39 -51.03
C VAL I 448 -90.05 16.89 -51.25
N ASP I 449 -90.89 17.33 -52.17
CA ASP I 449 -91.12 18.76 -52.41
C ASP I 449 -92.62 19.00 -52.32
N VAL I 450 -93.03 19.92 -51.44
CA VAL I 450 -94.44 20.16 -51.19
C VAL I 450 -94.78 21.62 -51.50
N PHE I 451 -96.03 21.84 -51.86
CA PHE I 451 -96.59 23.18 -52.05
C PHE I 451 -97.40 23.52 -50.81
N GLU I 452 -96.94 24.48 -50.02
CA GLU I 452 -97.68 24.84 -48.82
C GLU I 452 -97.32 26.25 -48.41
N THR I 453 -98.01 26.74 -47.38
CA THR I 453 -97.81 28.09 -46.88
C THR I 453 -96.46 28.18 -46.18
N SER I 454 -95.51 28.90 -46.78
CA SER I 454 -94.19 29.03 -46.20
C SER I 454 -93.59 30.37 -46.62
N ASP I 455 -92.84 30.98 -45.71
CA ASP I 455 -92.24 32.27 -45.96
C ASP I 455 -90.94 32.11 -46.74
N ALA I 456 -90.84 32.80 -47.88
CA ALA I 456 -89.71 32.57 -48.77
C ALA I 456 -88.38 33.12 -48.26
N LEU I 457 -88.39 33.84 -47.14
CA LEU I 457 -87.12 34.22 -46.52
C LEU I 457 -86.58 33.08 -45.68
N THR I 458 -87.43 32.50 -44.83
CA THR I 458 -86.94 31.43 -43.98
C THR I 458 -86.76 30.12 -44.74
N VAL I 459 -87.46 29.96 -45.87
CA VAL I 459 -87.13 28.87 -46.78
C VAL I 459 -85.71 29.02 -47.30
N SER I 460 -85.32 30.25 -47.62
CA SER I 460 -83.95 30.51 -48.08
C SER I 460 -82.94 30.27 -46.98
N ILE I 461 -83.26 30.69 -45.75
CA ILE I 461 -82.32 30.51 -44.63
C ILE I 461 -82.09 29.03 -44.36
N ARG I 462 -83.16 28.25 -44.30
CA ARG I 462 -82.99 26.83 -44.07
C ARG I 462 -82.38 26.11 -45.26
N GLY I 463 -82.55 26.63 -46.48
CA GLY I 463 -81.87 26.05 -47.62
C GLY I 463 -80.37 26.27 -47.59
N ARG I 464 -79.94 27.49 -47.25
CA ARG I 464 -78.51 27.74 -47.13
C ARG I 464 -77.88 27.02 -45.96
N TRP I 465 -78.62 26.82 -44.86
CA TRP I 465 -78.08 26.03 -43.75
C TRP I 465 -77.95 24.56 -44.12
N MET I 466 -78.93 24.02 -44.87
CA MET I 466 -78.82 22.66 -45.35
C MET I 466 -77.66 22.49 -46.33
N ALA I 467 -77.45 23.47 -47.21
CA ALA I 467 -76.32 23.42 -48.12
C ALA I 467 -75.00 23.60 -47.40
N ARG I 468 -75.00 24.25 -46.24
CA ARG I 468 -73.79 24.28 -45.42
C ARG I 468 -73.48 22.91 -44.85
N LEU I 469 -74.47 22.23 -44.30
CA LEU I 469 -74.21 20.92 -43.71
C LEU I 469 -73.90 19.85 -44.75
N ALA I 470 -74.43 20.00 -45.97
CA ALA I 470 -74.17 19.02 -47.02
C ALA I 470 -72.72 19.05 -47.47
N ARG I 471 -72.01 20.16 -47.28
CA ARG I 471 -70.58 20.12 -47.52
C ARG I 471 -69.86 19.35 -46.43
N MET I 472 -70.34 19.42 -45.19
CA MET I 472 -69.71 18.71 -44.09
C MET I 472 -70.01 17.22 -44.09
N ASN I 473 -70.99 16.77 -44.88
CA ASN I 473 -71.35 15.35 -44.91
C ASN I 473 -70.19 14.47 -45.37
N ILE I 474 -70.03 13.32 -44.71
CA ILE I 474 -69.07 12.28 -45.08
C ILE I 474 -69.75 10.93 -45.02
N ASN I 475 -69.12 9.93 -45.60
CA ASN I 475 -69.73 8.60 -45.65
C ASN I 475 -68.88 7.57 -44.93
N PRO I 476 -69.48 6.46 -44.48
CA PRO I 476 -68.74 5.50 -43.63
C PRO I 476 -67.57 4.80 -44.31
N THR I 477 -67.52 4.78 -45.65
CA THR I 477 -66.34 4.24 -46.32
C THR I 477 -65.13 5.13 -46.09
N GLU I 478 -65.29 6.44 -46.24
CA GLU I 478 -64.23 7.38 -45.89
C GLU I 478 -63.93 7.39 -44.41
N ILE I 479 -64.92 7.13 -43.55
CA ILE I 479 -64.63 7.00 -42.12
C ILE I 479 -63.74 5.78 -41.85
N GLU I 480 -64.03 4.66 -42.52
CA GLU I 480 -63.20 3.46 -42.37
C GLU I 480 -61.78 3.70 -42.86
N TRP I 481 -61.63 4.39 -44.00
CA TRP I 481 -60.31 4.66 -44.53
C TRP I 481 -59.52 5.60 -43.63
N ALA I 482 -60.15 6.69 -43.18
CA ALA I 482 -59.47 7.65 -42.33
C ALA I 482 -59.36 7.22 -40.88
N LEU I 483 -59.90 6.05 -40.52
CA LEU I 483 -59.56 5.48 -39.24
C LEU I 483 -58.50 4.38 -39.36
N THR I 484 -58.48 3.64 -40.47
CA THR I 484 -57.45 2.63 -40.65
C THR I 484 -56.09 3.28 -40.91
N GLU I 485 -56.07 4.37 -41.69
CA GLU I 485 -54.81 5.03 -41.99
C GLU I 485 -54.27 5.79 -40.78
N CYS I 486 -55.17 6.17 -39.87
CA CYS I 486 -54.77 6.88 -38.66
C CYS I 486 -53.96 6.00 -37.71
N ALA I 487 -54.18 4.69 -37.76
CA ALA I 487 -53.68 3.78 -36.73
C ALA I 487 -52.47 2.99 -37.16
N GLN I 488 -51.81 3.36 -38.26
CA GLN I 488 -50.70 2.62 -38.87
C GLN I 488 -51.07 1.18 -39.20
N GLY I 489 -52.36 0.93 -39.48
CA GLY I 489 -52.80 -0.38 -39.85
C GLY I 489 -52.81 -1.41 -38.74
N TYR I 490 -52.69 -1.00 -37.49
CA TYR I 490 -52.70 -1.96 -36.39
C TYR I 490 -54.11 -2.45 -36.11
N VAL I 491 -55.00 -1.54 -35.76
CA VAL I 491 -56.40 -1.89 -35.62
C VAL I 491 -57.05 -1.83 -37.00
N THR I 492 -58.11 -2.59 -37.20
CA THR I 492 -58.89 -2.50 -38.43
C THR I 492 -60.37 -2.43 -38.10
N VAL I 493 -61.10 -1.67 -38.91
CA VAL I 493 -62.52 -1.50 -38.79
C VAL I 493 -63.17 -1.88 -40.11
N THR I 494 -64.49 -1.91 -40.12
CA THR I 494 -65.24 -2.37 -41.28
C THR I 494 -66.49 -1.54 -41.47
N SER I 495 -66.68 -1.03 -42.67
CA SER I 495 -67.88 -0.32 -43.12
C SER I 495 -68.63 -1.20 -44.13
N PRO I 496 -69.96 -1.22 -44.09
CA PRO I 496 -70.71 -2.15 -44.94
C PRO I 496 -70.69 -1.73 -46.40
N TYR I 497 -71.24 -2.61 -47.24
CA TYR I 497 -71.29 -2.42 -48.69
C TYR I 497 -72.68 -2.86 -49.15
N ALA I 498 -73.60 -1.91 -49.16
CA ALA I 498 -74.99 -2.19 -49.52
C ALA I 498 -75.65 -0.86 -49.85
N PRO I 499 -76.70 -0.86 -50.68
CA PRO I 499 -77.50 0.35 -50.84
C PRO I 499 -78.21 0.69 -49.53
N SER I 500 -78.18 1.96 -49.16
CA SER I 500 -78.52 2.36 -47.81
C SER I 500 -79.46 3.54 -47.82
N VAL I 501 -80.19 3.69 -46.71
CA VAL I 501 -80.89 4.93 -46.43
C VAL I 501 -79.86 6.03 -46.19
N ASN I 502 -80.19 7.25 -46.63
CA ASN I 502 -79.21 8.32 -46.58
C ASN I 502 -79.02 8.83 -45.17
N ARG I 503 -77.77 9.13 -44.84
CA ARG I 503 -77.39 9.60 -43.52
C ARG I 503 -76.81 11.00 -43.64
N LEU I 504 -76.81 11.71 -42.51
CA LEU I 504 -76.24 13.05 -42.45
C LEU I 504 -75.31 13.07 -41.25
N MET I 505 -74.00 13.08 -41.51
CA MET I 505 -72.98 13.01 -40.48
C MET I 505 -72.00 14.15 -40.72
N PRO I 506 -72.31 15.36 -40.25
CA PRO I 506 -71.45 16.50 -40.56
C PRO I 506 -70.16 16.51 -39.75
N TYR I 507 -69.05 16.14 -40.38
CA TYR I 507 -67.80 16.06 -39.65
C TYR I 507 -66.57 16.51 -40.43
N ARG I 508 -66.73 17.03 -41.65
CA ARG I 508 -65.59 17.48 -42.45
C ARG I 508 -65.53 18.99 -42.49
N ILE I 509 -64.42 19.56 -42.03
CA ILE I 509 -64.16 20.97 -42.15
C ILE I 509 -62.89 21.15 -42.96
N SER I 510 -62.69 22.36 -43.47
CA SER I 510 -61.51 22.66 -44.26
C SER I 510 -60.30 22.84 -43.35
N ASN I 511 -59.13 23.02 -43.98
CA ASN I 511 -57.91 23.22 -43.20
C ASN I 511 -57.88 24.58 -42.53
N ALA I 512 -58.47 25.59 -43.17
CA ALA I 512 -58.36 26.96 -42.68
C ALA I 512 -59.16 27.18 -41.41
N GLU I 513 -60.34 26.57 -41.30
CA GLU I 513 -61.14 26.66 -40.09
C GLU I 513 -60.45 26.00 -38.91
N ARG I 514 -59.78 24.88 -39.16
CA ARG I 514 -59.04 24.20 -38.10
C ARG I 514 -57.81 25.00 -37.69
N GLN I 515 -57.16 25.69 -38.63
CA GLN I 515 -56.03 26.55 -38.25
C GLN I 515 -56.48 27.78 -37.47
N ILE I 516 -57.63 28.35 -37.83
CA ILE I 516 -58.15 29.50 -37.09
C ILE I 516 -58.53 29.10 -35.67
N SER I 517 -59.20 27.96 -35.53
CA SER I 517 -59.48 27.43 -34.19
C SER I 517 -58.21 27.09 -33.43
N GLN I 518 -57.16 26.66 -34.13
CA GLN I 518 -55.88 26.40 -33.48
C GLN I 518 -55.26 27.67 -32.93
N ILE I 519 -55.32 28.77 -33.69
CA ILE I 519 -54.74 30.03 -33.23
C ILE I 519 -55.52 30.58 -32.04
N ILE I 520 -56.86 30.47 -32.09
CA ILE I 520 -57.67 30.92 -30.96
C ILE I 520 -57.43 30.03 -29.73
N ARG I 521 -57.15 28.74 -29.94
CA ARG I 521 -56.86 27.86 -28.82
C ARG I 521 -55.48 28.12 -28.23
N VAL I 522 -54.52 28.55 -29.06
CA VAL I 522 -53.19 28.87 -28.55
C VAL I 522 -53.20 30.18 -27.79
N MET I 523 -54.02 31.13 -28.24
CA MET I 523 -53.93 32.52 -27.78
C MET I 523 -54.33 32.68 -26.32
N ASN I 524 -55.22 31.83 -25.80
CA ASN I 524 -55.48 31.88 -24.37
C ASN I 524 -54.68 30.88 -23.57
N ILE I 525 -54.24 29.78 -24.19
CA ILE I 525 -53.46 28.79 -23.45
C ILE I 525 -52.02 29.25 -23.28
N GLY I 526 -51.60 30.28 -24.01
CA GLY I 526 -50.24 30.77 -23.86
C GLY I 526 -50.02 31.42 -22.50
N ASN I 527 -48.83 31.18 -21.94
CA ASN I 527 -48.39 31.68 -20.64
C ASN I 527 -49.30 31.23 -19.50
N ASN I 528 -49.72 29.97 -19.52
CA ASN I 528 -50.65 29.49 -18.52
C ASN I 528 -50.01 28.48 -17.57
N ALA I 529 -49.46 27.38 -18.08
CA ALA I 529 -48.70 26.37 -17.35
C ALA I 529 -49.46 25.65 -16.24
N THR I 530 -50.75 25.95 -16.05
CA THR I 530 -51.60 25.22 -15.15
C THR I 530 -52.74 24.53 -15.86
N VAL I 531 -52.96 24.85 -17.14
CA VAL I 531 -53.82 24.07 -18.01
C VAL I 531 -52.89 23.15 -18.80
N ILE I 532 -51.66 23.64 -19.01
CA ILE I 532 -50.66 22.91 -19.79
C ILE I 532 -50.29 21.60 -19.11
N GLN I 533 -49.88 21.69 -17.84
CA GLN I 533 -49.39 20.51 -17.14
C GLN I 533 -50.42 19.39 -16.95
N PRO I 534 -51.73 19.63 -16.79
CA PRO I 534 -52.66 18.50 -16.89
C PRO I 534 -52.74 17.87 -18.27
N VAL I 535 -52.49 18.61 -19.35
CA VAL I 535 -52.50 18.02 -20.68
C VAL I 535 -51.36 17.02 -20.82
N LEU I 536 -50.16 17.43 -20.43
CA LEU I 536 -49.01 16.53 -20.48
C LEU I 536 -49.15 15.39 -19.49
N GLN I 537 -49.84 15.61 -18.37
CA GLN I 537 -50.10 14.53 -17.42
C GLN I 537 -51.02 13.47 -18.03
N ASP I 538 -52.08 13.91 -18.70
CA ASP I 538 -53.01 12.95 -19.31
C ASP I 538 -52.38 12.23 -20.49
N ILE I 539 -51.53 12.92 -21.26
CA ILE I 539 -50.83 12.25 -22.34
C ILE I 539 -49.81 11.26 -21.78
N SER I 540 -49.21 11.57 -20.63
CA SER I 540 -48.35 10.60 -19.94
C SER I 540 -49.10 9.34 -19.53
N VAL I 541 -50.31 9.49 -18.99
CA VAL I 541 -51.09 8.32 -18.58
C VAL I 541 -51.52 7.51 -19.81
N LEU I 542 -52.00 8.19 -20.85
CA LEU I 542 -52.42 7.55 -22.09
C LEU I 542 -51.27 6.84 -22.80
N LEU I 543 -50.07 7.37 -22.66
CA LEU I 543 -48.89 6.75 -23.26
C LEU I 543 -48.38 5.58 -22.42
N GLN I 544 -48.51 5.68 -21.09
CA GLN I 544 -48.11 4.58 -20.23
C GLN I 544 -49.01 3.38 -20.40
N ARG I 545 -50.31 3.59 -20.65
CA ARG I 545 -51.19 2.46 -20.87
C ARG I 545 -50.90 1.73 -22.18
N ILE I 546 -50.35 2.43 -23.18
CA ILE I 546 -50.07 1.80 -24.47
C ILE I 546 -48.69 1.17 -24.47
N SER I 547 -47.73 1.80 -23.81
CA SER I 547 -46.31 1.43 -23.91
C SER I 547 -46.03 0.04 -23.35
N PRO I 548 -45.41 -0.85 -24.12
CA PRO I 548 -45.03 -2.17 -23.59
C PRO I 548 -43.82 -2.12 -22.69
N LEU I 549 -43.09 -1.02 -22.66
CA LEU I 549 -41.89 -0.95 -21.84
C LEU I 549 -42.27 -0.90 -20.36
N GLN I 550 -41.50 -1.63 -19.56
CA GLN I 550 -41.65 -1.66 -18.12
C GLN I 550 -40.30 -1.32 -17.51
N ILE I 551 -40.28 -0.36 -16.60
CA ILE I 551 -39.06 0.09 -15.96
C ILE I 551 -38.82 -0.75 -14.72
N ASP I 552 -37.69 -1.44 -14.68
CA ASP I 552 -37.31 -2.26 -13.54
C ASP I 552 -35.97 -1.75 -13.02
N PRO I 553 -35.95 -1.02 -11.90
CA PRO I 553 -34.68 -0.47 -11.41
C PRO I 553 -33.76 -1.50 -10.81
N THR I 554 -34.21 -2.74 -10.62
CA THR I 554 -33.34 -3.78 -10.08
C THR I 554 -32.32 -4.29 -11.08
N ILE I 555 -32.37 -3.85 -12.34
CA ILE I 555 -31.29 -4.15 -13.29
C ILE I 555 -29.99 -3.53 -12.81
N ILE I 556 -30.07 -2.31 -12.27
CA ILE I 556 -28.90 -1.63 -11.73
C ILE I 556 -28.38 -2.35 -10.50
N SER I 557 -29.29 -2.82 -9.64
CA SER I 557 -28.88 -3.55 -8.44
C SER I 557 -28.30 -4.91 -8.78
N ASN I 558 -28.80 -5.56 -9.83
CA ASN I 558 -28.25 -6.84 -10.24
C ASN I 558 -26.87 -6.66 -10.86
N THR I 559 -26.67 -5.61 -11.63
CA THR I 559 -25.37 -5.46 -12.27
C THR I 559 -24.33 -4.86 -11.32
N MET I 560 -24.74 -4.11 -10.30
CA MET I 560 -23.78 -3.40 -9.48
C MET I 560 -23.19 -4.25 -8.37
N SER I 561 -23.87 -5.32 -7.96
CA SER I 561 -23.38 -6.14 -6.86
C SER I 561 -22.20 -7.04 -7.23
N THR I 562 -21.70 -6.97 -8.45
CA THR I 562 -20.55 -7.75 -8.90
C THR I 562 -19.39 -6.86 -9.27
N VAL I 563 -19.19 -5.76 -8.54
CA VAL I 563 -18.09 -4.85 -8.78
C VAL I 563 -17.03 -5.08 -7.72
N SER I 564 -15.84 -5.49 -8.15
CA SER I 564 -14.78 -5.84 -7.22
C SER I 564 -14.19 -4.59 -6.61
N GLU I 565 -14.27 -4.48 -5.28
CA GLU I 565 -13.68 -3.36 -4.58
C GLU I 565 -13.24 -3.82 -3.21
N SER I 566 -12.30 -3.08 -2.63
CA SER I 566 -11.83 -3.38 -1.29
C SER I 566 -12.78 -2.80 -0.26
N THR I 567 -12.90 -3.49 0.86
CA THR I 567 -13.72 -2.96 1.95
C THR I 567 -13.00 -1.83 2.67
N THR I 568 -11.67 -1.90 2.72
CA THR I 568 -10.87 -0.95 3.50
C THR I 568 -10.82 0.44 2.91
N GLN I 569 -11.27 0.64 1.68
CA GLN I 569 -11.28 1.97 1.10
C GLN I 569 -12.36 2.83 1.73
N THR I 570 -12.10 4.12 1.80
CA THR I 570 -13.07 5.08 2.30
C THR I 570 -13.98 5.62 1.21
N LEU I 571 -13.83 5.13 -0.02
CA LEU I 571 -14.67 5.54 -1.14
C LEU I 571 -15.14 4.30 -1.89
N SER I 572 -16.37 4.35 -2.38
CA SER I 572 -16.99 3.23 -3.08
C SER I 572 -17.74 3.75 -4.29
N PRO I 573 -17.13 3.67 -5.49
CA PRO I 573 -17.84 4.10 -6.69
C PRO I 573 -18.98 3.19 -7.05
N ALA I 574 -18.96 1.93 -6.62
CA ALA I 574 -20.10 1.05 -6.83
C ALA I 574 -21.28 1.47 -5.97
N SER I 575 -21.04 1.66 -4.68
CA SER I 575 -22.11 2.03 -3.76
C SER I 575 -22.45 3.51 -3.78
N SER I 576 -21.78 4.31 -4.62
CA SER I 576 -22.12 5.72 -4.71
C SER I 576 -23.39 5.92 -5.53
N ILE I 577 -23.39 5.44 -6.78
CA ILE I 577 -24.53 5.56 -7.69
C ILE I 577 -25.78 4.92 -7.12
N LEU I 578 -25.64 3.76 -6.50
CA LEU I 578 -26.79 3.01 -6.02
C LEU I 578 -27.41 3.60 -4.76
N GLY I 579 -26.87 4.70 -4.24
CA GLY I 579 -27.60 5.52 -3.31
C GLY I 579 -27.78 6.93 -3.87
N LYS I 580 -27.15 7.19 -5.00
CA LYS I 580 -27.21 8.49 -5.63
C LYS I 580 -28.46 8.68 -6.47
N LEU I 581 -28.86 7.65 -7.20
CA LEU I 581 -30.02 7.72 -8.07
C LEU I 581 -31.28 7.78 -7.21
N ARG I 582 -31.87 8.97 -7.12
CA ARG I 582 -32.99 9.23 -6.22
C ARG I 582 -34.11 9.93 -6.97
N PRO I 583 -35.35 9.71 -6.56
CA PRO I 583 -36.44 10.56 -7.05
C PRO I 583 -36.40 11.93 -6.39
N SER I 584 -36.02 12.97 -7.14
CA SER I 584 -36.02 14.30 -6.54
C SER I 584 -37.43 14.86 -6.41
N ASN I 585 -38.37 14.37 -7.21
CA ASN I 585 -39.76 14.77 -7.11
C ASN I 585 -40.61 13.59 -7.53
N SER I 586 -41.54 13.19 -6.67
CA SER I 586 -42.47 12.09 -6.94
C SER I 586 -43.81 12.61 -7.44
N ASP I 587 -43.81 13.70 -8.20
CA ASP I 587 -45.05 14.28 -8.69
C ASP I 587 -45.59 13.51 -9.88
N PHE I 588 -44.79 13.38 -10.94
CA PHE I 588 -45.28 12.85 -12.20
C PHE I 588 -44.24 11.90 -12.79
N SER I 589 -44.69 11.14 -13.78
CA SER I 589 -43.80 10.25 -14.52
C SER I 589 -42.90 11.12 -15.40
N SER I 590 -41.66 11.34 -14.94
CA SER I 590 -40.81 12.35 -15.54
C SER I 590 -40.36 11.97 -16.94
N PHE I 591 -40.00 10.70 -17.14
CA PHE I 591 -39.59 10.24 -18.47
C PHE I 591 -40.74 10.28 -19.46
N ARG I 592 -41.94 9.91 -19.04
CA ARG I 592 -43.08 9.93 -19.94
C ARG I 592 -43.52 11.35 -20.26
N VAL I 593 -43.42 12.28 -19.31
CA VAL I 593 -43.77 13.66 -19.61
C VAL I 593 -42.71 14.30 -20.50
N ALA I 594 -41.45 13.93 -20.31
CA ALA I 594 -40.39 14.37 -21.21
C ALA I 594 -40.59 13.81 -22.61
N LEU I 595 -41.14 12.60 -22.71
CA LEU I 595 -41.43 12.01 -24.00
C LEU I 595 -42.62 12.68 -24.65
N ALA I 596 -43.64 13.02 -23.87
CA ALA I 596 -44.82 13.69 -24.38
C ALA I 596 -44.57 15.14 -24.75
N GLY I 597 -43.53 15.75 -24.18
CA GLY I 597 -43.19 17.12 -24.54
C GLY I 597 -42.59 17.30 -25.91
N TRP I 598 -42.33 16.21 -26.64
CA TRP I 598 -41.83 16.35 -28.00
C TRP I 598 -42.89 16.86 -28.95
N LEU I 599 -44.17 16.75 -28.59
CA LEU I 599 -45.23 17.26 -29.43
C LEU I 599 -45.37 18.77 -29.33
N TYR I 600 -44.69 19.41 -28.38
CA TYR I 600 -44.83 20.85 -28.19
C TYR I 600 -43.47 21.44 -27.86
N ASN I 601 -42.92 22.20 -28.78
CA ASN I 601 -41.81 23.08 -28.46
C ASN I 601 -42.16 24.54 -28.73
N GLY I 602 -43.34 24.79 -29.28
CA GLY I 602 -43.82 26.14 -29.45
C GLY I 602 -44.29 26.69 -28.13
N VAL I 603 -45.23 26.01 -27.49
CA VAL I 603 -45.84 26.57 -26.29
C VAL I 603 -45.10 26.20 -25.00
N VAL I 604 -44.33 25.11 -24.98
CA VAL I 604 -43.57 24.75 -23.79
C VAL I 604 -42.12 24.49 -24.17
N THR I 605 -41.29 24.41 -23.14
CA THR I 605 -39.88 24.13 -23.31
C THR I 605 -39.44 23.36 -22.07
N THR I 606 -39.29 22.05 -22.20
CA THR I 606 -38.94 21.21 -21.07
C THR I 606 -37.48 21.41 -20.71
N VAL I 607 -37.21 21.83 -19.47
CA VAL I 607 -35.85 22.04 -18.99
C VAL I 607 -35.62 21.19 -17.76
N ILE I 608 -34.36 21.12 -17.35
CA ILE I 608 -33.94 20.35 -16.17
C ILE I 608 -33.93 21.29 -14.97
N ASP I 609 -34.36 20.77 -13.83
CA ASP I 609 -34.45 21.54 -12.58
C ASP I 609 -33.08 22.06 -12.16
N ASP I 610 -33.11 23.15 -11.39
CA ASP I 610 -31.92 23.64 -10.70
C ASP I 610 -31.39 22.61 -9.71
N SER I 611 -32.28 21.84 -9.09
CA SER I 611 -31.88 20.94 -8.02
C SER I 611 -31.10 19.71 -8.50
N SER I 612 -31.07 19.45 -9.80
CA SER I 612 -30.30 18.34 -10.34
C SER I 612 -28.89 18.73 -10.73
N TYR I 613 -28.40 19.86 -10.23
CA TYR I 613 -27.08 20.38 -10.51
C TYR I 613 -26.24 20.33 -9.23
N PRO I 614 -24.90 20.35 -9.32
CA PRO I 614 -24.08 20.17 -8.11
C PRO I 614 -24.02 21.37 -7.15
N LYS I 615 -24.90 22.36 -7.33
CA LYS I 615 -25.31 23.37 -6.35
C LYS I 615 -24.12 24.16 -5.76
N ASP I 616 -23.53 24.96 -6.67
CA ASP I 616 -22.22 25.63 -6.78
C ASP I 616 -21.18 24.79 -7.51
N GLY I 617 -21.61 23.72 -8.16
CA GLY I 617 -20.67 22.91 -8.90
C GLY I 617 -19.89 22.02 -7.95
N GLY I 618 -18.79 21.50 -8.45
CA GLY I 618 -17.97 20.61 -7.67
C GLY I 618 -16.65 20.30 -8.33
N SER I 619 -15.63 19.98 -7.54
CA SER I 619 -14.34 19.60 -8.11
C SER I 619 -14.44 18.24 -8.77
N VAL I 620 -13.56 18.02 -9.76
CA VAL I 620 -13.49 16.71 -10.38
C VAL I 620 -12.86 15.69 -9.45
N THR I 621 -12.18 16.13 -8.39
CA THR I 621 -11.64 15.21 -7.40
C THR I 621 -12.75 14.57 -6.59
N SER I 622 -13.88 15.24 -6.45
CA SER I 622 -15.00 14.70 -5.69
C SER I 622 -15.82 13.76 -6.56
N LEU I 623 -15.85 12.49 -6.17
CA LEU I 623 -16.58 11.47 -6.92
C LEU I 623 -18.08 11.69 -6.85
N GLU I 624 -18.56 12.22 -5.73
CA GLU I 624 -19.99 12.46 -5.54
C GLU I 624 -20.50 13.52 -6.50
N ASN I 625 -19.68 14.53 -6.78
CA ASN I 625 -20.03 15.49 -7.82
C ASN I 625 -19.64 14.99 -9.20
N LEU I 626 -18.76 13.98 -9.28
CA LEU I 626 -18.40 13.46 -10.58
C LEU I 626 -19.53 12.65 -11.19
N TRP I 627 -20.30 11.95 -10.37
CA TRP I 627 -21.41 11.18 -10.93
C TRP I 627 -22.58 12.06 -11.36
N ASP I 628 -22.68 13.28 -10.79
CA ASP I 628 -23.66 14.27 -11.23
C ASP I 628 -23.51 14.57 -12.72
N PHE I 629 -22.28 14.68 -13.19
CA PHE I 629 -22.04 14.93 -14.61
C PHE I 629 -22.53 13.78 -15.47
N PHE I 630 -22.40 12.54 -14.98
CA PHE I 630 -22.90 11.39 -15.73
C PHE I 630 -24.41 11.40 -15.83
N ILE I 631 -25.08 11.71 -14.70
CA ILE I 631 -26.54 11.77 -14.68
C ILE I 631 -27.05 12.85 -15.62
N LEU I 632 -26.42 14.02 -15.62
CA LEU I 632 -26.86 15.09 -16.50
C LEU I 632 -26.54 14.82 -17.96
N ALA I 633 -25.38 14.22 -18.23
CA ALA I 633 -25.01 13.91 -19.60
C ALA I 633 -25.86 12.81 -20.21
N LEU I 634 -26.47 11.97 -19.39
CA LEU I 634 -27.51 11.11 -19.95
C LEU I 634 -28.86 11.81 -20.07
N ALA I 635 -29.22 12.67 -19.11
CA ALA I 635 -30.58 13.18 -19.07
C ALA I 635 -30.84 14.28 -20.11
N LEU I 636 -29.82 15.09 -20.42
CA LEU I 636 -30.05 16.26 -21.27
C LEU I 636 -30.49 16.05 -22.72
N PRO I 637 -30.12 15.00 -23.47
CA PRO I 637 -30.59 14.93 -24.87
C PRO I 637 -32.08 14.67 -25.05
N LEU I 638 -32.87 14.47 -24.00
CA LEU I 638 -34.29 14.20 -24.19
C LEU I 638 -35.18 15.40 -23.88
N THR I 639 -34.60 16.55 -23.61
CA THR I 639 -35.38 17.74 -23.35
C THR I 639 -35.49 18.58 -24.61
N THR I 640 -36.60 19.29 -24.74
CA THR I 640 -36.83 20.18 -25.87
C THR I 640 -36.22 21.55 -25.67
N ASP I 641 -35.35 21.71 -24.68
CA ASP I 641 -34.63 22.96 -24.46
C ASP I 641 -33.66 23.15 -25.60
N PRO I 642 -33.73 24.26 -26.35
CA PRO I 642 -32.77 24.46 -27.43
C PRO I 642 -31.35 24.66 -26.95
N CYS I 643 -31.17 25.28 -25.78
CA CYS I 643 -29.84 25.47 -25.21
C CYS I 643 -29.49 24.36 -24.24
N ALA I 644 -29.70 23.12 -24.68
CA ALA I 644 -29.28 21.95 -23.94
C ALA I 644 -27.81 21.56 -24.10
N PRO I 645 -27.20 21.51 -25.31
CA PRO I 645 -25.79 21.09 -25.37
C PRO I 645 -24.83 22.10 -24.77
N VAL I 646 -25.19 23.39 -24.72
CA VAL I 646 -24.29 24.36 -24.14
C VAL I 646 -24.18 24.18 -22.63
N LYS I 647 -25.27 23.86 -21.94
CA LYS I 647 -25.15 23.56 -20.53
C LYS I 647 -24.65 22.15 -20.29
N ALA I 648 -24.79 21.26 -21.26
CA ALA I 648 -24.08 19.98 -21.18
C ALA I 648 -22.57 20.18 -21.20
N PHE I 649 -22.09 21.14 -21.97
CA PHE I 649 -20.66 21.46 -21.98
C PHE I 649 -20.25 22.17 -20.71
N MET I 650 -21.04 23.12 -20.26
CA MET I 650 -20.62 23.96 -19.16
C MET I 650 -20.85 23.33 -17.80
N THR I 651 -21.58 22.21 -17.73
CA THR I 651 -21.56 21.41 -16.51
C THR I 651 -20.15 20.87 -16.24
N LEU I 652 -19.48 20.42 -17.30
CA LEU I 652 -18.10 19.96 -17.14
C LEU I 652 -17.16 21.14 -16.97
N ALA I 653 -17.44 22.26 -17.65
CA ALA I 653 -16.59 23.43 -17.49
C ALA I 653 -16.71 24.08 -16.11
N ASN I 654 -17.82 23.85 -15.39
CA ASN I 654 -17.93 24.27 -14.01
C ASN I 654 -17.19 23.34 -13.06
N MET I 655 -16.82 22.15 -13.51
CA MET I 655 -16.02 21.26 -12.69
C MET I 655 -14.54 21.35 -13.02
N MET I 656 -14.21 21.84 -14.21
CA MET I 656 -12.83 22.09 -14.59
C MET I 656 -12.41 23.51 -14.24
N VAL I 657 -12.60 23.92 -12.98
CA VAL I 657 -12.29 25.28 -12.57
C VAL I 657 -11.00 25.22 -11.75
N GLY I 658 -9.91 25.68 -12.33
CA GLY I 658 -8.60 25.56 -11.74
C GLY I 658 -7.81 24.36 -12.21
N PHE I 659 -8.46 23.38 -12.83
CA PHE I 659 -7.79 22.21 -13.36
C PHE I 659 -7.45 22.38 -14.84
N GLU I 660 -8.44 22.75 -15.66
CA GLU I 660 -8.25 23.01 -17.09
C GLU I 660 -9.13 24.17 -17.49
N THR I 661 -8.51 25.28 -17.92
CA THR I 661 -9.23 26.53 -18.13
C THR I 661 -9.36 26.86 -19.61
N ILE I 662 -10.49 27.46 -19.97
CA ILE I 662 -10.81 27.81 -21.36
C ILE I 662 -11.14 29.30 -21.38
N PRO I 663 -11.00 29.97 -22.53
CA PRO I 663 -11.47 31.34 -22.64
C PRO I 663 -12.99 31.43 -22.69
N MET I 664 -13.50 32.60 -22.33
CA MET I 664 -14.94 32.85 -22.35
C MET I 664 -15.24 34.15 -23.08
N ASP I 665 -16.46 34.65 -22.99
CA ASP I 665 -16.83 35.88 -23.68
C ASP I 665 -16.66 37.12 -22.82
N ASN I 666 -17.40 37.19 -21.71
CA ASN I 666 -17.51 38.40 -20.92
C ASN I 666 -16.79 38.26 -19.60
N GLN I 667 -16.92 39.29 -18.78
CA GLN I 667 -16.55 39.21 -17.37
C GLN I 667 -17.66 38.63 -16.51
N ILE I 668 -18.84 38.40 -17.09
CA ILE I 668 -20.01 37.97 -16.33
C ILE I 668 -20.23 36.48 -16.54
N TYR I 669 -20.49 36.07 -17.78
CA TYR I 669 -20.65 34.66 -18.12
C TYR I 669 -19.27 34.03 -18.28
N THR I 670 -18.63 33.80 -17.15
CA THR I 670 -17.28 33.27 -17.10
C THR I 670 -17.33 31.76 -16.93
N GLN I 671 -16.16 31.15 -16.71
CA GLN I 671 -16.10 29.71 -16.52
C GLN I 671 -16.78 29.29 -15.22
N SER I 672 -16.68 30.11 -14.19
CA SER I 672 -17.31 29.78 -12.92
C SER I 672 -18.79 30.13 -12.87
N ARG I 673 -19.36 30.65 -13.94
CA ARG I 673 -20.78 30.96 -13.96
C ARG I 673 -21.58 29.67 -14.06
N ARG I 674 -22.66 29.59 -13.27
CA ARG I 674 -23.43 28.37 -13.12
C ARG I 674 -24.06 27.94 -14.44
N ALA I 675 -24.17 26.63 -14.64
CA ALA I 675 -24.59 26.08 -15.94
C ALA I 675 -26.05 26.38 -16.24
N SER I 676 -26.88 26.58 -15.23
CA SER I 676 -28.29 26.86 -15.44
C SER I 676 -28.57 28.25 -15.95
N ALA I 677 -27.56 29.11 -16.04
CA ALA I 677 -27.80 30.52 -16.28
C ALA I 677 -27.92 30.87 -17.76
N PHE I 678 -27.59 29.96 -18.67
CA PHE I 678 -27.42 30.42 -20.06
C PHE I 678 -28.75 30.50 -20.79
N SER I 679 -29.34 29.35 -21.12
CA SER I 679 -30.71 29.17 -21.62
C SER I 679 -31.16 30.04 -22.79
N THR I 680 -30.23 30.72 -23.47
CA THR I 680 -30.53 31.67 -24.54
C THR I 680 -29.46 31.55 -25.61
N PRO I 681 -29.81 31.77 -26.87
CA PRO I 681 -28.81 31.63 -27.94
C PRO I 681 -27.74 32.71 -27.92
N HIS I 682 -27.99 33.84 -27.27
CA HIS I 682 -26.98 34.89 -27.24
C HIS I 682 -25.83 34.54 -26.31
N THR I 683 -26.08 33.70 -25.31
CA THR I 683 -25.08 33.39 -24.31
C THR I 683 -24.32 32.10 -24.59
N TRP I 684 -24.27 31.68 -25.85
CA TRP I 684 -23.42 30.53 -26.14
C TRP I 684 -21.99 31.02 -26.32
N PRO I 685 -21.03 30.43 -25.62
CA PRO I 685 -19.66 30.96 -25.65
C PRO I 685 -18.97 30.68 -26.98
N ARG I 686 -18.12 31.64 -27.34
CA ARG I 686 -17.34 31.56 -28.56
C ARG I 686 -16.38 30.38 -28.53
N CYS I 687 -15.88 30.02 -27.35
CA CYS I 687 -15.03 28.84 -27.20
C CYS I 687 -15.80 27.55 -27.42
N PHE I 688 -17.12 27.56 -27.28
CA PHE I 688 -17.90 26.37 -27.61
C PHE I 688 -18.32 26.36 -29.06
N MET I 689 -18.60 27.53 -29.64
CA MET I 689 -18.97 27.53 -31.06
C MET I 689 -17.78 27.30 -31.96
N ASN I 690 -16.58 27.62 -31.52
CA ASN I 690 -15.35 27.30 -32.25
C ASN I 690 -14.51 26.40 -31.36
N ILE I 691 -14.35 25.15 -31.77
CA ILE I 691 -13.64 24.16 -30.96
C ILE I 691 -12.14 24.47 -30.92
N GLN I 692 -11.64 25.16 -31.96
CA GLN I 692 -10.22 25.48 -32.06
C GLN I 692 -9.72 26.41 -30.96
N LEU I 693 -10.62 27.13 -30.30
CA LEU I 693 -10.19 28.00 -29.21
C LEU I 693 -9.79 27.22 -27.96
N ILE I 694 -10.25 25.99 -27.83
CA ILE I 694 -9.84 25.13 -26.73
C ILE I 694 -8.53 24.46 -27.14
N SER I 695 -7.47 24.76 -26.44
CA SER I 695 -6.21 24.14 -26.81
C SER I 695 -6.12 22.74 -26.22
N PRO I 696 -5.59 21.77 -26.97
CA PRO I 696 -5.45 20.41 -26.43
C PRO I 696 -4.33 20.28 -25.41
N ILE I 697 -3.45 21.27 -25.30
CA ILE I 697 -2.41 21.25 -24.29
C ILE I 697 -2.98 21.59 -22.93
N ASP I 698 -3.78 22.65 -22.86
CA ASP I 698 -4.33 23.08 -21.57
C ASP I 698 -5.49 22.19 -21.15
N ALA I 699 -6.53 22.11 -21.98
CA ALA I 699 -7.76 21.41 -21.63
C ALA I 699 -8.06 20.32 -22.67
N PRO I 700 -7.36 19.19 -22.61
CA PRO I 700 -7.64 18.11 -23.57
C PRO I 700 -8.98 17.45 -23.31
N ILE I 701 -9.41 17.37 -22.05
CA ILE I 701 -10.68 16.74 -21.73
C ILE I 701 -11.85 17.63 -22.11
N LEU I 702 -11.70 18.95 -21.98
CA LEU I 702 -12.74 19.86 -22.45
C LEU I 702 -12.78 19.90 -23.97
N ARG I 703 -11.61 19.84 -24.62
CA ARG I 703 -11.55 19.70 -26.08
C ARG I 703 -12.26 18.43 -26.54
N GLN I 704 -12.05 17.34 -25.82
CA GLN I 704 -12.65 16.06 -26.15
C GLN I 704 -14.16 16.06 -25.94
N TRP I 705 -14.63 16.65 -24.84
CA TRP I 705 -16.08 16.70 -24.59
C TRP I 705 -16.78 17.64 -25.56
N ALA I 706 -16.11 18.72 -25.99
CA ALA I 706 -16.70 19.57 -27.02
C ALA I 706 -16.79 18.86 -28.36
N GLU I 707 -15.77 18.06 -28.70
CA GLU I 707 -15.83 17.27 -29.93
C GLU I 707 -16.93 16.21 -29.86
N ILE I 708 -17.09 15.58 -28.70
CA ILE I 708 -18.14 14.57 -28.51
C ILE I 708 -19.52 15.18 -28.62
N ILE I 709 -19.72 16.40 -28.09
CA ILE I 709 -21.00 17.07 -28.25
C ILE I 709 -21.25 17.42 -29.71
N HIS I 710 -20.24 18.00 -30.39
CA HIS I 710 -20.47 18.45 -31.76
C HIS I 710 -20.61 17.31 -32.75
N ARG I 711 -20.16 16.11 -32.41
CA ARG I 711 -20.31 15.01 -33.35
C ARG I 711 -21.41 14.02 -33.00
N TYR I 712 -21.50 13.58 -31.74
CA TYR I 712 -22.36 12.47 -31.36
C TYR I 712 -23.69 12.91 -30.76
N TRP I 713 -24.10 14.13 -31.01
CA TRP I 713 -25.41 14.60 -30.58
C TRP I 713 -26.48 14.16 -31.58
N PRO I 714 -27.64 13.73 -31.12
CA PRO I 714 -28.66 13.21 -32.03
C PRO I 714 -29.29 14.31 -32.86
N ASN I 715 -29.66 13.96 -34.08
CA ASN I 715 -30.30 14.91 -34.98
C ASN I 715 -31.80 14.63 -35.07
N PRO I 716 -32.62 15.65 -35.37
CA PRO I 716 -34.06 15.42 -35.47
C PRO I 716 -34.43 14.62 -36.70
N SER I 717 -35.69 14.19 -36.74
CA SER I 717 -36.21 13.40 -37.83
C SER I 717 -37.67 13.79 -38.06
N GLN I 718 -38.39 12.96 -38.81
CA GLN I 718 -39.78 13.27 -39.16
C GLN I 718 -40.54 11.99 -39.42
N ILE I 719 -41.82 11.99 -39.03
CA ILE I 719 -42.63 10.79 -39.13
C ILE I 719 -44.05 11.18 -39.50
N ARG I 720 -44.70 10.33 -40.29
CA ARG I 720 -46.03 10.58 -40.81
C ARG I 720 -47.07 10.22 -39.76
N TYR I 721 -48.19 10.94 -39.77
CA TYR I 721 -49.31 10.64 -38.90
C TYR I 721 -50.57 11.23 -39.49
N GLY I 722 -51.71 10.85 -38.92
CA GLY I 722 -52.95 11.52 -39.23
C GLY I 722 -53.54 11.23 -40.59
N THR I 723 -54.80 11.61 -40.78
CA THR I 723 -55.51 11.43 -42.04
C THR I 723 -56.07 12.78 -42.46
N PRO I 724 -55.42 13.46 -43.41
CA PRO I 724 -55.92 14.79 -43.81
C PRO I 724 -57.16 14.76 -44.68
N ASN I 725 -57.72 13.59 -44.97
CA ASN I 725 -58.95 13.55 -45.77
C ASN I 725 -60.15 13.95 -44.93
N VAL I 726 -60.47 13.16 -43.92
CA VAL I 726 -61.65 13.45 -43.09
C VAL I 726 -61.29 14.44 -42.00
N PHE I 727 -60.23 14.17 -41.25
CA PHE I 727 -59.70 15.17 -40.35
C PHE I 727 -59.04 16.27 -41.17
N GLY I 728 -58.87 17.43 -40.56
CA GLY I 728 -58.02 18.45 -41.13
C GLY I 728 -56.59 18.22 -40.69
N SER I 729 -55.77 19.25 -40.87
CA SER I 729 -54.41 19.25 -40.37
C SER I 729 -54.18 20.56 -39.62
N ALA I 730 -54.05 20.46 -38.32
CA ALA I 730 -54.03 21.64 -37.47
C ALA I 730 -52.67 22.30 -37.38
N ASN I 731 -51.59 21.64 -37.81
CA ASN I 731 -50.26 22.17 -37.58
C ASN I 731 -49.94 23.27 -38.60
N LEU I 732 -49.68 24.45 -38.09
CA LEU I 732 -48.99 25.50 -38.83
C LEU I 732 -47.51 25.43 -38.51
N PHE I 733 -46.71 26.19 -39.28
CA PHE I 733 -45.24 26.29 -39.22
C PHE I 733 -44.52 25.03 -39.71
N THR I 734 -45.28 23.98 -40.01
CA THR I 734 -44.84 22.73 -40.59
C THR I 734 -45.84 22.40 -41.68
N PRO I 735 -45.45 21.62 -42.69
CA PRO I 735 -46.44 21.13 -43.65
C PRO I 735 -47.40 20.15 -43.00
N PRO I 736 -48.58 19.93 -43.60
CA PRO I 736 -49.48 18.90 -43.08
C PRO I 736 -48.88 17.52 -43.16
N GLU I 737 -49.26 16.67 -42.20
CA GLU I 737 -48.92 15.24 -42.16
C GLU I 737 -47.41 15.04 -42.02
N VAL I 738 -46.83 15.69 -41.01
CA VAL I 738 -45.43 15.44 -40.65
C VAL I 738 -45.28 15.81 -39.18
N LEU I 739 -44.41 15.08 -38.49
CA LEU I 739 -44.25 15.22 -37.05
C LEU I 739 -42.77 15.33 -36.74
N LEU I 740 -42.32 16.50 -36.30
CA LEU I 740 -40.94 16.68 -35.90
C LEU I 740 -40.72 16.01 -34.56
N LEU I 741 -39.56 15.40 -34.39
CA LEU I 741 -39.18 14.81 -33.12
C LEU I 741 -37.67 14.82 -33.04
N PRO I 742 -37.09 15.12 -31.88
CA PRO I 742 -35.68 15.57 -31.84
C PRO I 742 -34.64 14.50 -32.03
N ILE I 743 -35.01 13.22 -32.07
CA ILE I 743 -34.00 12.18 -32.24
C ILE I 743 -34.21 11.44 -33.54
N ASP I 744 -33.35 10.46 -33.82
CA ASP I 744 -33.52 9.63 -34.99
C ASP I 744 -34.52 8.52 -34.67
N HIS I 745 -35.08 7.92 -35.72
CA HIS I 745 -35.92 6.75 -35.55
C HIS I 745 -35.68 5.80 -36.70
N GLN I 746 -35.80 4.51 -36.41
CA GLN I 746 -35.71 3.47 -37.42
C GLN I 746 -36.97 2.62 -37.30
N PRO I 747 -37.63 2.32 -38.41
CA PRO I 747 -38.80 1.44 -38.36
C PRO I 747 -38.41 0.03 -37.97
N ALA I 748 -39.26 -0.60 -37.18
CA ALA I 748 -38.98 -1.94 -36.69
C ALA I 748 -39.10 -2.94 -37.83
N ASN I 749 -38.10 -3.80 -37.96
CA ASN I 749 -38.08 -4.81 -39.00
C ASN I 749 -38.67 -6.13 -38.52
N VAL I 750 -38.55 -6.42 -37.23
CA VAL I 750 -39.05 -7.67 -36.67
C VAL I 750 -40.15 -7.35 -35.69
N THR I 751 -40.99 -8.35 -35.42
CA THR I 751 -42.02 -8.23 -34.41
C THR I 751 -41.67 -8.95 -33.13
N THR I 752 -40.61 -9.76 -33.13
CA THR I 752 -40.03 -10.29 -31.90
C THR I 752 -38.78 -9.50 -31.62
N PRO I 753 -38.81 -8.48 -30.78
CA PRO I 753 -37.63 -7.66 -30.55
C PRO I 753 -36.64 -8.37 -29.63
N THR I 754 -35.37 -8.02 -29.81
CA THR I 754 -34.29 -8.60 -29.02
C THR I 754 -33.24 -7.53 -28.83
N LEU I 755 -32.28 -7.83 -27.97
CA LEU I 755 -31.33 -6.82 -27.50
C LEU I 755 -30.34 -6.44 -28.60
N ASP I 756 -29.95 -5.17 -28.60
CA ASP I 756 -29.09 -4.58 -29.62
C ASP I 756 -28.49 -3.30 -29.05
N PHE I 757 -27.27 -2.98 -29.51
CA PHE I 757 -26.53 -1.82 -29.02
C PHE I 757 -26.30 -0.76 -30.09
N THR I 758 -26.74 -0.97 -31.32
CA THR I 758 -26.33 -0.13 -32.44
C THR I 758 -27.34 0.99 -32.68
N ASN I 759 -27.33 1.96 -31.77
CA ASN I 759 -28.06 3.19 -31.99
C ASN I 759 -27.35 4.33 -31.27
N GLU I 760 -27.73 5.55 -31.66
CA GLU I 760 -27.02 6.75 -31.25
C GLU I 760 -27.13 7.05 -29.76
N LEU I 761 -28.16 6.54 -29.09
CA LEU I 761 -28.26 6.77 -27.67
C LEU I 761 -27.34 5.87 -26.86
N THR I 762 -27.17 4.62 -27.28
CA THR I 762 -26.14 3.77 -26.70
C THR I 762 -24.74 4.28 -27.06
N ASN I 763 -24.57 4.86 -28.27
CA ASN I 763 -23.32 5.55 -28.57
C ASN I 763 -23.06 6.70 -27.62
N TRP I 764 -24.11 7.44 -27.27
CA TRP I 764 -23.99 8.56 -26.34
C TRP I 764 -23.58 8.08 -24.96
N ARG I 765 -24.21 7.02 -24.47
CA ARG I 765 -23.83 6.45 -23.17
C ARG I 765 -22.40 5.94 -23.16
N ALA I 766 -21.99 5.28 -24.26
CA ALA I 766 -20.65 4.74 -24.36
C ALA I 766 -19.60 5.85 -24.37
N ARG I 767 -19.87 6.94 -25.07
CA ARG I 767 -18.86 7.99 -25.13
C ARG I 767 -18.80 8.84 -23.87
N VAL I 768 -19.91 8.98 -23.14
CA VAL I 768 -19.83 9.60 -21.82
C VAL I 768 -19.00 8.74 -20.86
N CYS I 769 -19.23 7.42 -20.88
CA CYS I 769 -18.42 6.52 -20.06
C CYS I 769 -16.94 6.53 -20.44
N GLU I 770 -16.63 6.61 -21.73
CA GLU I 770 -15.22 6.64 -22.11
C GLU I 770 -14.56 7.98 -21.85
N LEU I 771 -15.31 9.08 -21.87
CA LEU I 771 -14.75 10.35 -21.41
C LEU I 771 -14.39 10.27 -19.93
N MET I 772 -15.27 9.68 -19.13
CA MET I 772 -14.94 9.55 -17.70
C MET I 772 -13.78 8.60 -17.46
N LYS I 773 -13.59 7.59 -18.32
CA LYS I 773 -12.39 6.77 -18.22
C LYS I 773 -11.13 7.56 -18.55
N ASN I 774 -11.16 8.42 -19.57
CA ASN I 774 -10.00 9.26 -19.84
C ASN I 774 -9.75 10.26 -18.71
N LEU I 775 -10.82 10.75 -18.09
CA LEU I 775 -10.70 11.68 -16.99
C LEU I 775 -10.06 11.03 -15.77
N VAL I 776 -10.39 9.77 -15.47
CA VAL I 776 -9.70 9.09 -14.38
C VAL I 776 -8.37 8.50 -14.83
N ASP I 777 -8.04 8.57 -16.12
CA ASP I 777 -6.71 8.21 -16.60
C ASP I 777 -5.81 9.40 -16.85
N ASN I 778 -6.26 10.62 -16.53
CA ASN I 778 -5.40 11.79 -16.59
C ASN I 778 -4.24 11.67 -15.60
N GLN I 779 -3.01 11.91 -16.07
CA GLN I 779 -1.83 11.90 -15.20
C GLN I 779 -1.84 13.04 -14.20
N ARG I 780 -2.51 14.15 -14.52
CA ARG I 780 -2.68 15.22 -13.54
C ARG I 780 -3.65 14.85 -12.44
N TYR I 781 -4.44 13.79 -12.62
CA TYR I 781 -5.54 13.46 -11.73
C TYR I 781 -5.36 12.12 -11.02
N GLN I 782 -4.69 11.16 -11.66
CA GLN I 782 -4.62 9.80 -11.12
C GLN I 782 -3.80 9.62 -9.84
N PRO I 783 -2.64 10.26 -9.62
CA PRO I 783 -1.98 10.11 -8.30
C PRO I 783 -2.73 10.73 -7.13
N GLY I 784 -3.80 11.50 -7.38
CA GLY I 784 -4.66 11.91 -6.28
C GLY I 784 -5.38 10.73 -5.65
N TRP I 785 -5.83 9.79 -6.47
CA TRP I 785 -6.46 8.58 -5.96
C TRP I 785 -5.41 7.53 -5.62
N THR I 786 -5.86 6.46 -4.99
CA THR I 786 -4.99 5.38 -4.57
C THR I 786 -5.13 4.20 -5.53
N GLN I 787 -4.39 3.14 -5.25
CA GLN I 787 -4.65 1.86 -5.89
C GLN I 787 -5.97 1.31 -5.35
N SER I 788 -6.62 0.48 -6.18
CA SER I 788 -7.88 -0.22 -5.91
C SER I 788 -9.06 0.73 -5.74
N LEU I 789 -8.91 1.99 -6.08
CA LEU I 789 -10.03 2.87 -6.32
C LEU I 789 -10.20 3.17 -7.80
N VAL I 790 -9.09 3.42 -8.48
CA VAL I 790 -9.13 3.68 -9.92
C VAL I 790 -9.56 2.42 -10.65
N SER I 791 -9.16 1.25 -10.17
CA SER I 791 -9.52 -0.01 -10.81
C SER I 791 -11.01 -0.27 -10.70
N SER I 792 -11.59 -0.10 -9.51
CA SER I 792 -13.02 -0.26 -9.34
C SER I 792 -13.82 0.82 -10.06
N MET I 793 -13.25 2.02 -10.22
CA MET I 793 -13.89 3.06 -11.00
C MET I 793 -13.95 2.69 -12.48
N ARG I 794 -12.84 2.17 -13.03
CA ARG I 794 -12.83 1.69 -14.40
C ARG I 794 -13.78 0.53 -14.59
N GLY I 795 -13.89 -0.36 -13.59
CA GLY I 795 -14.82 -1.47 -13.70
C GLY I 795 -16.26 -1.04 -13.68
N THR I 796 -16.60 -0.07 -12.81
CA THR I 796 -17.95 0.46 -12.75
C THR I 796 -18.32 1.16 -14.06
N LEU I 797 -17.40 1.92 -14.63
CA LEU I 797 -17.70 2.60 -15.89
C LEU I 797 -17.80 1.63 -17.05
N GLY I 798 -16.90 0.65 -17.13
CA GLY I 798 -16.93 -0.33 -18.20
C GLY I 798 -18.10 -1.28 -18.12
N LYS I 799 -18.69 -1.44 -16.93
CA LYS I 799 -19.90 -2.23 -16.78
C LYS I 799 -21.15 -1.40 -17.06
N LEU I 800 -21.15 -0.14 -16.62
CA LEU I 800 -22.26 0.75 -16.85
C LEU I 800 -22.38 1.14 -18.33
N LYS I 801 -21.29 1.03 -19.08
CA LYS I 801 -21.41 1.11 -20.54
C LYS I 801 -22.14 -0.10 -21.10
N LEU I 802 -21.85 -1.29 -20.58
CA LEU I 802 -22.41 -2.53 -21.10
C LEU I 802 -23.67 -2.97 -20.37
N ILE I 803 -24.34 -2.07 -19.65
CA ILE I 803 -25.64 -2.40 -19.06
C ILE I 803 -26.65 -2.71 -20.15
N LYS I 804 -27.55 -3.65 -19.87
CA LYS I 804 -28.51 -4.16 -20.86
C LYS I 804 -29.87 -3.53 -20.57
N SER I 805 -30.14 -2.41 -21.23
CA SER I 805 -31.42 -1.73 -21.10
C SER I 805 -32.06 -1.56 -22.47
N MET I 806 -33.38 -1.74 -22.52
CA MET I 806 -34.12 -1.70 -23.77
C MET I 806 -34.63 -0.31 -24.13
N THR I 807 -34.42 0.67 -23.25
CA THR I 807 -34.95 2.02 -23.48
C THR I 807 -34.39 2.73 -24.71
N PRO I 808 -33.08 2.68 -25.05
CA PRO I 808 -32.68 3.31 -26.33
C PRO I 808 -33.22 2.61 -27.55
N MET I 809 -33.47 1.31 -27.49
CA MET I 809 -34.13 0.62 -28.59
C MET I 809 -35.56 1.09 -28.73
N TYR I 810 -36.26 1.19 -27.61
CA TYR I 810 -37.65 1.63 -27.60
C TYR I 810 -37.81 3.03 -28.17
N LEU I 811 -36.97 3.97 -27.73
CA LEU I 811 -37.07 5.36 -28.16
C LEU I 811 -36.81 5.56 -29.65
N GLN I 812 -36.16 4.62 -30.34
CA GLN I 812 -36.00 4.73 -31.78
C GLN I 812 -36.90 3.80 -32.58
N GLN I 813 -37.49 2.77 -31.99
CA GLN I 813 -38.30 1.87 -32.80
C GLN I 813 -39.78 1.94 -32.50
N LEU I 814 -40.18 2.12 -31.26
CA LEU I 814 -41.58 2.00 -30.91
C LEU I 814 -42.20 3.27 -30.37
N ALA I 815 -41.43 4.11 -29.67
CA ALA I 815 -41.96 5.38 -29.21
C ALA I 815 -42.35 6.36 -30.33
N PRO I 816 -41.63 6.49 -31.47
CA PRO I 816 -42.17 7.36 -32.52
C PRO I 816 -43.46 6.85 -33.15
N VAL I 817 -43.61 5.53 -33.36
CA VAL I 817 -44.86 5.05 -33.94
C VAL I 817 -46.00 5.13 -32.93
N GLU I 818 -45.71 5.08 -31.62
CA GLU I 818 -46.77 5.29 -30.65
C GLU I 818 -47.18 6.75 -30.57
N LEU I 819 -46.23 7.67 -30.69
CA LEU I 819 -46.60 9.08 -30.76
C LEU I 819 -47.41 9.38 -32.02
N ALA I 820 -47.05 8.75 -33.14
CA ALA I 820 -47.82 8.92 -34.37
C ALA I 820 -49.20 8.28 -34.27
N VAL I 821 -49.35 7.23 -33.48
CA VAL I 821 -50.67 6.66 -33.24
C VAL I 821 -51.53 7.59 -32.38
N ILE I 822 -50.97 8.10 -31.29
CA ILE I 822 -51.75 8.88 -30.33
C ILE I 822 -52.13 10.24 -30.88
N ALA I 823 -51.19 10.91 -31.56
CA ALA I 823 -51.28 12.35 -31.81
C ALA I 823 -52.51 12.90 -32.53
N PRO I 824 -53.22 12.19 -33.43
CA PRO I 824 -54.46 12.79 -33.95
C PRO I 824 -55.58 12.85 -32.94
N MET I 825 -55.65 11.94 -31.98
CA MET I 825 -56.75 11.93 -31.02
C MET I 825 -56.39 12.70 -29.76
N LEU I 826 -55.93 13.94 -29.93
CA LEU I 826 -55.65 14.78 -28.80
C LEU I 826 -56.56 16.02 -28.84
N PRO I 827 -57.06 16.48 -27.70
CA PRO I 827 -57.90 17.67 -27.71
C PRO I 827 -57.13 18.94 -28.01
N PHE I 828 -55.86 18.98 -27.64
CA PHE I 828 -54.97 20.06 -28.03
C PHE I 828 -54.02 19.49 -29.06
N PRO I 829 -54.28 19.68 -30.35
CA PRO I 829 -53.49 18.96 -31.36
C PRO I 829 -52.10 19.58 -31.49
N PRO I 830 -51.10 18.82 -31.98
CA PRO I 830 -49.70 19.21 -31.78
C PRO I 830 -49.29 20.47 -32.51
N PHE I 831 -48.41 21.23 -31.85
CA PHE I 831 -48.06 22.59 -32.23
C PHE I 831 -46.54 22.69 -32.13
N GLN I 832 -45.84 22.65 -33.26
CA GLN I 832 -44.39 22.51 -33.27
C GLN I 832 -43.70 23.59 -34.08
N VAL I 833 -42.54 24.01 -33.59
CA VAL I 833 -41.56 24.81 -34.31
C VAL I 833 -40.38 23.87 -34.56
N PRO I 834 -39.53 24.08 -35.57
CA PRO I 834 -38.56 23.04 -35.93
C PRO I 834 -37.45 22.87 -34.90
N TYR I 835 -37.10 21.61 -34.65
CA TYR I 835 -35.97 21.27 -33.78
C TYR I 835 -34.69 21.52 -34.56
N VAL I 836 -33.93 22.48 -34.12
CA VAL I 836 -32.60 22.71 -34.66
C VAL I 836 -31.61 21.93 -33.79
N ARG I 837 -30.61 21.32 -34.44
CA ARG I 837 -29.69 20.47 -33.71
C ARG I 837 -28.67 21.32 -32.95
N LEU I 838 -27.86 22.08 -33.67
CA LEU I 838 -26.85 22.90 -33.01
C LEU I 838 -26.64 24.25 -33.69
N ASP I 839 -27.36 24.55 -34.77
CA ASP I 839 -27.15 25.80 -35.49
C ASP I 839 -27.67 26.97 -34.65
N ARG I 840 -26.78 27.89 -34.31
CA ARG I 840 -27.13 29.00 -33.44
C ARG I 840 -28.07 29.97 -34.15
N ASP I 841 -27.90 30.16 -35.46
CA ASP I 841 -28.66 31.14 -36.21
C ASP I 841 -30.03 30.64 -36.65
N ARG I 842 -30.46 29.46 -36.21
CA ARG I 842 -31.79 28.97 -36.53
C ARG I 842 -32.59 28.61 -35.30
N VAL I 843 -32.16 29.03 -34.11
CA VAL I 843 -32.84 28.66 -32.88
C VAL I 843 -34.15 29.44 -32.76
N PRO I 844 -35.28 28.76 -32.58
CA PRO I 844 -36.55 29.49 -32.46
C PRO I 844 -36.71 30.21 -31.14
N THR I 845 -36.59 31.53 -31.17
CA THR I 845 -37.04 32.39 -30.08
C THR I 845 -38.30 33.11 -30.54
N MET I 846 -39.18 33.43 -29.57
CA MET I 846 -40.41 34.18 -29.81
C MET I 846 -41.37 33.52 -30.79
N VAL I 847 -42.15 32.56 -30.37
CA VAL I 847 -43.42 32.33 -31.06
C VAL I 847 -44.46 33.29 -30.48
N GLY I 848 -45.30 33.86 -31.33
CA GLY I 848 -46.23 34.87 -30.85
C GLY I 848 -47.37 35.17 -31.78
N VAL I 849 -48.55 35.43 -31.22
CA VAL I 849 -49.76 35.60 -32.01
C VAL I 849 -50.16 37.07 -32.01
N THR I 850 -51.16 37.39 -32.83
CA THR I 850 -51.77 38.71 -32.87
C THR I 850 -53.27 38.56 -32.75
N ARG I 851 -53.95 39.68 -32.44
CA ARG I 851 -55.41 39.66 -32.50
C ARG I 851 -56.01 40.96 -33.00
N GLN I 852 -55.21 41.93 -33.43
CA GLN I 852 -55.73 43.20 -33.94
C GLN I 852 -54.68 43.87 -34.81
N SER I 853 -55.15 44.69 -35.74
CA SER I 853 -54.26 45.53 -36.53
C SER I 853 -54.02 46.83 -35.78
N ARG I 854 -52.92 47.51 -36.14
CA ARG I 854 -52.38 48.50 -35.21
C ARG I 854 -53.07 49.87 -35.26
N ASP I 855 -52.79 50.66 -36.29
CA ASP I 855 -53.16 52.07 -36.26
C ASP I 855 -54.08 52.48 -37.40
N THR I 856 -53.60 52.37 -38.64
CA THR I 856 -54.33 52.80 -39.82
C THR I 856 -54.15 51.69 -40.84
N ILE I 857 -53.04 50.98 -40.71
CA ILE I 857 -52.67 49.97 -41.68
C ILE I 857 -53.60 48.77 -41.59
N THR I 858 -53.73 48.08 -42.72
CA THR I 858 -54.76 47.09 -42.94
C THR I 858 -54.19 45.70 -43.13
N GLN I 859 -53.07 45.58 -43.83
CA GLN I 859 -52.50 44.28 -44.14
C GLN I 859 -51.93 43.62 -42.88
N PRO I 860 -52.32 42.39 -42.57
CA PRO I 860 -51.74 41.70 -41.41
C PRO I 860 -50.27 41.42 -41.55
N ALA I 861 -49.77 41.25 -42.78
CA ALA I 861 -48.34 41.13 -42.98
C ALA I 861 -47.60 42.42 -42.65
N LEU I 862 -48.28 43.56 -42.69
CA LEU I 862 -47.69 44.82 -42.30
C LEU I 862 -47.90 45.14 -40.82
N SER I 863 -48.93 44.58 -40.19
CA SER I 863 -49.22 44.88 -38.80
C SER I 863 -48.79 43.79 -37.83
N LEU I 864 -48.25 42.67 -38.32
CA LEU I 864 -47.91 41.56 -37.44
C LEU I 864 -46.65 41.80 -36.63
N SER I 865 -45.78 42.72 -37.07
CA SER I 865 -44.49 42.90 -36.43
C SER I 865 -44.64 43.55 -35.05
N THR I 866 -45.48 44.56 -34.95
CA THR I 866 -45.58 45.39 -33.76
C THR I 866 -46.86 45.13 -32.98
N THR I 867 -47.51 44.00 -33.24
CA THR I 867 -48.68 43.63 -32.45
C THR I 867 -48.60 42.16 -32.04
N ASN I 868 -47.50 41.76 -31.46
CA ASN I 868 -47.37 40.35 -31.09
C ASN I 868 -47.86 40.13 -29.67
N THR I 869 -47.81 38.87 -29.25
CA THR I 869 -48.03 38.48 -27.86
C THR I 869 -47.26 37.18 -27.67
N THR I 870 -46.11 37.25 -27.02
CA THR I 870 -45.18 36.13 -27.00
C THR I 870 -45.71 34.99 -26.14
N VAL I 871 -45.77 33.80 -26.72
CA VAL I 871 -46.40 32.63 -26.13
C VAL I 871 -45.34 31.65 -25.69
N GLY I 872 -45.46 31.15 -24.46
CA GLY I 872 -44.58 30.08 -24.02
C GLY I 872 -44.32 30.01 -22.53
N VAL I 873 -44.20 28.80 -22.00
CA VAL I 873 -43.78 28.60 -20.61
C VAL I 873 -42.60 27.64 -20.55
N PRO I 874 -41.76 27.72 -19.53
CA PRO I 874 -40.81 26.64 -19.27
C PRO I 874 -41.35 25.64 -18.25
N LEU I 875 -41.05 24.37 -18.49
CA LEU I 875 -41.47 23.30 -17.58
C LEU I 875 -40.21 22.62 -17.07
N ALA I 876 -40.14 22.43 -15.77
CA ALA I 876 -38.94 21.91 -15.11
C ALA I 876 -39.11 20.41 -14.88
N LEU I 877 -38.19 19.63 -15.41
CA LEU I 877 -38.18 18.19 -15.25
C LEU I 877 -37.22 17.78 -14.14
N ASP I 878 -36.98 16.47 -14.04
CA ASP I 878 -36.10 15.89 -13.05
C ASP I 878 -35.12 14.98 -13.77
N ALA I 879 -33.83 15.26 -13.61
CA ALA I 879 -32.82 14.54 -14.38
C ALA I 879 -32.62 13.10 -13.92
N ARG I 880 -32.73 12.86 -12.62
CA ARG I 880 -32.41 11.54 -12.08
C ARG I 880 -33.48 10.51 -12.45
N ALA I 881 -34.75 10.92 -12.39
CA ALA I 881 -35.84 10.04 -12.78
C ALA I 881 -35.85 9.74 -14.27
N ILE I 882 -35.28 10.64 -15.09
CA ILE I 882 -35.10 10.34 -16.50
C ILE I 882 -33.95 9.35 -16.68
N THR I 883 -32.84 9.56 -15.96
CA THR I 883 -31.65 8.76 -16.14
C THR I 883 -31.87 7.31 -15.71
N VAL I 884 -32.63 7.09 -14.63
CA VAL I 884 -32.93 5.74 -14.19
C VAL I 884 -33.80 5.01 -15.21
N ALA I 885 -34.77 5.71 -15.80
CA ALA I 885 -35.59 5.11 -16.84
C ALA I 885 -34.80 4.85 -18.12
N LEU I 886 -33.76 5.62 -18.37
CA LEU I 886 -32.84 5.29 -19.47
C LEU I 886 -32.08 4.00 -19.17
N LEU I 887 -31.57 3.88 -17.96
CA LEU I 887 -30.66 2.79 -17.66
C LEU I 887 -31.36 1.49 -17.29
N SER I 888 -32.65 1.49 -17.00
CA SER I 888 -33.28 0.35 -16.37
C SER I 888 -34.63 0.00 -17.01
N GLY I 889 -34.66 -0.08 -18.34
CA GLY I 889 -35.88 -0.42 -19.07
C GLY I 889 -35.80 -1.80 -19.69
N LYS I 890 -36.84 -2.61 -19.47
CA LYS I 890 -36.93 -3.94 -20.03
C LYS I 890 -38.29 -4.16 -20.66
N TYR I 891 -38.41 -5.31 -21.31
CA TYR I 891 -39.58 -5.75 -22.06
C TYR I 891 -40.33 -6.84 -21.31
N PRO I 892 -41.55 -7.16 -21.73
CA PRO I 892 -42.17 -8.43 -21.32
C PRO I 892 -41.39 -9.60 -21.89
N PRO I 893 -41.49 -10.79 -21.29
CA PRO I 893 -40.62 -11.91 -21.72
C PRO I 893 -40.92 -12.46 -23.11
N ASP I 894 -42.18 -12.59 -23.50
CA ASP I 894 -42.50 -13.01 -24.86
C ASP I 894 -43.51 -12.02 -25.44
N LEU I 895 -43.01 -10.90 -25.94
CA LEU I 895 -43.89 -9.93 -26.57
C LEU I 895 -43.75 -10.04 -28.08
N VAL I 896 -44.87 -9.98 -28.77
CA VAL I 896 -44.92 -9.84 -30.21
C VAL I 896 -45.67 -8.55 -30.49
N THR I 897 -45.06 -7.67 -31.27
CA THR I 897 -45.49 -6.28 -31.30
C THR I 897 -46.84 -6.10 -31.98
N ASN I 898 -47.11 -6.86 -33.05
CA ASN I 898 -48.39 -6.71 -33.72
C ASN I 898 -49.54 -7.30 -32.93
N VAL I 899 -49.27 -8.14 -31.94
CA VAL I 899 -50.28 -8.66 -31.03
C VAL I 899 -50.47 -7.73 -29.84
N TRP I 900 -49.38 -7.14 -29.33
CA TRP I 900 -49.49 -6.19 -28.23
C TRP I 900 -50.21 -4.93 -28.67
N TYR I 901 -49.81 -4.35 -29.79
CA TYR I 901 -50.46 -3.14 -30.27
C TYR I 901 -51.83 -3.41 -30.87
N ALA I 902 -52.20 -4.68 -31.06
CA ALA I 902 -53.54 -4.98 -31.53
C ALA I 902 -54.58 -4.67 -30.46
N ASP I 903 -54.33 -5.06 -29.22
CA ASP I 903 -55.29 -4.80 -28.16
C ASP I 903 -54.89 -3.64 -27.27
N ALA I 904 -53.74 -3.02 -27.48
CA ALA I 904 -53.47 -1.78 -26.78
C ALA I 904 -54.18 -0.58 -27.41
N ILE I 905 -54.63 -0.69 -28.65
CA ILE I 905 -55.12 0.46 -29.40
C ILE I 905 -56.61 0.26 -29.72
N TYR I 906 -57.03 -1.01 -29.77
CA TYR I 906 -58.43 -1.32 -30.08
C TYR I 906 -59.48 -0.74 -29.12
N PRO I 907 -59.29 -0.66 -27.80
CA PRO I 907 -60.28 0.07 -26.98
C PRO I 907 -60.24 1.56 -27.16
N MET I 908 -59.16 2.11 -27.72
CA MET I 908 -59.01 3.56 -27.79
C MET I 908 -59.92 4.18 -28.86
N TYR I 909 -60.25 3.44 -29.91
CA TYR I 909 -60.86 4.05 -31.08
C TYR I 909 -62.37 3.82 -31.16
N ALA I 910 -63.03 3.77 -30.01
CA ALA I 910 -64.48 3.78 -29.96
C ALA I 910 -65.03 5.13 -29.51
N ASP I 911 -64.19 6.14 -29.36
CA ASP I 911 -64.64 7.45 -28.92
C ASP I 911 -65.02 8.34 -30.09
N THR I 912 -65.90 9.30 -29.81
CA THR I 912 -66.32 10.29 -30.78
C THR I 912 -65.89 11.70 -30.38
N GLU I 913 -64.96 11.82 -29.43
CA GLU I 913 -64.54 13.11 -28.91
C GLU I 913 -63.76 13.90 -29.95
N VAL I 914 -62.90 13.22 -30.71
CA VAL I 914 -62.15 13.89 -31.77
C VAL I 914 -63.08 14.32 -32.90
N PHE I 915 -64.16 13.57 -33.15
CA PHE I 915 -65.09 13.99 -34.19
C PHE I 915 -65.97 15.13 -33.71
N SER I 916 -66.22 15.22 -32.41
CA SER I 916 -66.98 16.33 -31.88
C SER I 916 -66.18 17.61 -31.81
N ASN I 917 -64.87 17.52 -31.58
CA ASN I 917 -64.04 18.72 -31.63
C ASN I 917 -64.00 19.35 -33.02
N LEU I 918 -64.13 18.55 -34.07
CA LEU I 918 -64.24 19.10 -35.42
C LEU I 918 -65.55 19.84 -35.65
N GLN I 919 -66.61 19.53 -34.91
CA GLN I 919 -67.80 20.35 -34.96
C GLN I 919 -67.71 21.57 -34.06
N ARG I 920 -66.91 21.51 -33.00
CA ARG I 920 -66.71 22.71 -32.18
C ARG I 920 -65.91 23.77 -32.94
N ASP I 921 -64.88 23.34 -33.68
CA ASP I 921 -63.99 24.26 -34.37
C ASP I 921 -64.69 25.09 -35.43
N VAL I 922 -65.71 24.54 -36.09
CA VAL I 922 -66.35 25.31 -37.16
C VAL I 922 -67.23 26.42 -36.59
N ILE I 923 -67.86 26.22 -35.44
CA ILE I 923 -68.65 27.30 -34.87
C ILE I 923 -67.73 28.33 -34.24
N THR I 924 -66.57 27.90 -33.74
CA THR I 924 -65.53 28.85 -33.33
C THR I 924 -65.07 29.71 -34.51
N CYS I 925 -64.97 29.13 -35.69
CA CYS I 925 -64.56 29.92 -36.86
C CYS I 925 -65.68 30.77 -37.41
N GLU I 926 -66.94 30.33 -37.33
CA GLU I 926 -68.05 31.14 -37.84
C GLU I 926 -68.38 32.32 -36.95
N ALA I 927 -68.14 32.21 -35.65
CA ALA I 927 -68.51 33.28 -34.73
C ALA I 927 -67.69 34.53 -34.95
N VAL I 928 -66.40 34.38 -35.29
CA VAL I 928 -65.56 35.56 -35.48
C VAL I 928 -65.91 36.26 -36.79
N GLN I 929 -66.31 35.52 -37.81
CA GLN I 929 -66.76 36.13 -39.05
C GLN I 929 -68.08 36.86 -38.85
N THR I 930 -68.99 36.29 -38.05
CA THR I 930 -70.22 37.00 -37.72
C THR I 930 -69.95 38.26 -36.91
N LEU I 931 -68.97 38.22 -36.02
CA LEU I 931 -68.60 39.39 -35.23
C LEU I 931 -68.06 40.51 -36.12
N VAL I 932 -67.13 40.18 -37.01
CA VAL I 932 -66.56 41.23 -37.86
C VAL I 932 -67.51 41.66 -38.96
N THR I 933 -68.56 40.90 -39.25
CA THR I 933 -69.60 41.41 -40.12
C THR I 933 -70.53 42.38 -39.38
N LEU I 934 -70.90 42.04 -38.15
CA LEU I 934 -71.90 42.85 -37.45
C LEU I 934 -71.32 44.14 -36.90
N VAL I 935 -70.07 44.12 -36.42
CA VAL I 935 -69.50 45.32 -35.81
C VAL I 935 -69.22 46.39 -36.86
N ALA I 936 -68.91 45.98 -38.09
CA ALA I 936 -68.65 46.89 -39.19
C ALA I 936 -69.86 47.69 -39.64
N GLN I 937 -71.06 47.37 -39.15
CA GLN I 937 -72.23 48.17 -39.44
C GLN I 937 -72.36 49.38 -38.52
N ILE I 938 -71.88 49.29 -37.28
CA ILE I 938 -71.96 50.42 -36.36
C ILE I 938 -70.66 51.20 -36.26
N SER I 939 -69.52 50.59 -36.54
CA SER I 939 -68.28 51.35 -36.62
C SER I 939 -67.75 51.23 -38.04
N GLU I 940 -66.54 51.74 -38.27
CA GLU I 940 -65.87 51.51 -39.54
C GLU I 940 -64.66 50.61 -39.32
N THR I 941 -64.52 49.61 -40.18
CA THR I 941 -63.46 48.62 -40.10
C THR I 941 -62.64 48.68 -41.37
N GLN I 942 -61.75 47.70 -41.53
CA GLN I 942 -60.95 47.59 -42.74
C GLN I 942 -61.48 46.52 -43.69
N TYR I 943 -62.38 45.67 -43.25
CA TYR I 943 -62.90 44.63 -44.13
C TYR I 943 -63.97 45.21 -45.06
N PRO I 944 -63.96 44.84 -46.33
CA PRO I 944 -64.98 45.35 -47.26
C PRO I 944 -66.32 44.66 -47.02
N VAL I 945 -67.25 45.40 -46.44
CA VAL I 945 -68.59 44.89 -46.17
C VAL I 945 -69.58 45.77 -46.91
N ASP I 946 -70.82 45.31 -46.95
CA ASP I 946 -71.90 45.98 -47.65
C ASP I 946 -72.90 46.45 -46.61
N ARG I 947 -72.95 47.76 -46.38
CA ARG I 947 -73.87 48.29 -45.40
C ARG I 947 -75.21 48.61 -46.05
N TYR I 948 -76.28 48.23 -45.38
CA TYR I 948 -77.64 48.49 -45.80
C TYR I 948 -78.39 49.36 -44.81
N LEU I 949 -78.01 49.32 -43.55
CA LEU I 949 -78.65 50.11 -42.51
C LEU I 949 -77.89 51.40 -42.27
N ASP I 950 -77.82 52.21 -43.32
CA ASP I 950 -77.20 53.51 -43.21
C ASP I 950 -78.23 54.53 -42.74
N TRP I 951 -79.46 54.39 -43.21
CA TRP I 951 -80.52 55.36 -42.96
C TRP I 951 -81.04 55.31 -41.53
N ILE I 952 -80.77 54.23 -40.81
CA ILE I 952 -81.10 54.17 -39.38
C ILE I 952 -80.22 55.18 -38.64
N PRO I 953 -80.77 56.03 -37.78
CA PRO I 953 -79.92 56.92 -36.99
C PRO I 953 -79.18 56.16 -35.90
N SER I 954 -77.89 56.44 -35.75
CA SER I 954 -77.11 55.81 -34.69
C SER I 954 -76.00 56.73 -34.23
N LEU I 955 -75.45 56.42 -33.07
CA LEU I 955 -74.45 57.23 -32.42
C LEU I 955 -73.09 56.99 -33.04
N ARG I 956 -72.12 57.83 -32.65
CA ARG I 956 -70.73 57.65 -33.01
C ARG I 956 -70.11 56.68 -32.01
N ALA I 957 -69.88 55.44 -32.45
CA ALA I 957 -69.59 54.33 -31.55
C ALA I 957 -68.17 54.38 -31.03
N SER I 958 -68.00 54.20 -29.72
CA SER I 958 -66.68 54.12 -29.12
C SER I 958 -66.27 52.67 -28.93
N ALA I 959 -65.07 52.48 -28.37
CA ALA I 959 -64.59 51.13 -28.12
C ALA I 959 -65.37 50.43 -27.03
N ALA I 960 -65.92 51.16 -26.06
CA ALA I 960 -66.77 50.54 -25.06
C ALA I 960 -68.11 50.11 -25.68
N THR I 961 -68.64 50.90 -26.62
CA THR I 961 -69.85 50.52 -27.32
C THR I 961 -69.63 49.27 -28.16
N ALA I 962 -68.51 49.24 -28.91
CA ALA I 962 -68.18 48.07 -29.71
C ALA I 962 -67.91 46.84 -28.85
N ALA I 963 -67.28 47.01 -27.69
CA ALA I 963 -67.03 45.88 -26.80
C ALA I 963 -68.33 45.35 -26.19
N THR I 964 -69.24 46.24 -25.82
CA THR I 964 -70.52 45.81 -25.27
C THR I 964 -71.36 45.09 -26.31
N PHE I 965 -71.39 45.62 -27.53
CA PHE I 965 -72.07 44.96 -28.63
C PHE I 965 -71.47 43.60 -28.95
N ALA I 966 -70.13 43.48 -28.88
CA ALA I 966 -69.48 42.22 -29.15
C ALA I 966 -69.76 41.17 -28.09
N GLU I 967 -69.71 41.56 -26.82
CA GLU I 967 -70.03 40.63 -25.74
C GLU I 967 -71.48 40.19 -25.78
N TRP I 968 -72.38 41.07 -26.21
CA TRP I 968 -73.77 40.66 -26.37
C TRP I 968 -73.98 39.70 -27.54
N VAL I 969 -73.25 39.90 -28.64
CA VAL I 969 -73.25 38.93 -29.74
C VAL I 969 -72.70 37.58 -29.27
N ASN I 970 -71.69 37.61 -28.40
CA ASN I 970 -71.12 36.38 -27.86
C ASN I 970 -72.13 35.62 -26.99
N THR I 971 -72.83 36.34 -26.12
CA THR I 971 -73.85 35.71 -25.29
C THR I 971 -74.99 35.18 -26.13
N SER I 972 -75.35 35.88 -27.21
CA SER I 972 -76.37 35.39 -28.13
C SER I 972 -75.92 34.15 -28.89
N MET I 973 -74.61 34.00 -29.16
CA MET I 973 -74.12 32.77 -29.76
C MET I 973 -74.13 31.60 -28.78
N LYS I 974 -73.67 31.83 -27.56
CA LYS I 974 -73.62 30.75 -26.58
C LYS I 974 -75.00 30.36 -26.09
N THR I 975 -75.99 31.24 -26.21
CA THR I 975 -77.34 30.88 -25.81
C THR I 975 -77.94 29.84 -26.76
N ALA I 976 -77.70 30.01 -28.05
CA ALA I 976 -77.96 28.92 -28.98
C ALA I 976 -76.82 27.90 -28.90
N PHE I 977 -77.00 26.80 -29.62
CA PHE I 977 -76.00 25.75 -29.88
C PHE I 977 -75.58 24.93 -28.66
N ASP I 978 -76.07 25.28 -27.46
CA ASP I 978 -75.88 24.56 -26.21
C ASP I 978 -74.38 24.40 -25.87
N LEU I 979 -73.75 25.52 -25.60
CA LEU I 979 -72.38 25.50 -25.10
C LEU I 979 -72.18 26.66 -24.14
N SER I 980 -71.31 26.47 -23.15
CA SER I 980 -71.06 27.49 -22.15
C SER I 980 -69.57 27.59 -21.77
N ASP I 981 -68.69 27.57 -22.76
CA ASP I 981 -67.26 27.70 -22.44
C ASP I 981 -66.53 28.44 -23.56
N MET I 982 -66.23 29.72 -23.31
CA MET I 982 -65.03 30.39 -23.81
C MET I 982 -65.10 30.59 -25.33
N LEU I 983 -66.31 30.58 -25.86
CA LEU I 983 -66.51 30.88 -27.26
C LEU I 983 -66.24 32.36 -27.49
N LEU I 984 -65.26 32.68 -28.33
CA LEU I 984 -64.95 34.05 -28.80
C LEU I 984 -64.46 34.96 -27.66
N GLU I 985 -64.21 34.36 -26.51
CA GLU I 985 -63.79 35.08 -25.31
C GLU I 985 -62.36 35.65 -25.33
N PRO I 986 -61.31 34.97 -25.82
CA PRO I 986 -59.99 35.62 -25.86
C PRO I 986 -59.86 36.79 -26.82
N LEU I 987 -60.80 36.97 -27.74
CA LEU I 987 -60.75 38.09 -28.65
C LEU I 987 -61.26 39.39 -28.04
N LEU I 988 -62.06 39.30 -26.98
CA LEU I 988 -62.80 40.47 -26.51
C LEU I 988 -61.96 41.41 -25.64
N SER I 989 -60.72 41.05 -25.32
CA SER I 989 -59.91 41.92 -24.49
C SER I 989 -59.22 43.03 -25.27
N GLY I 990 -59.23 42.98 -26.58
CA GLY I 990 -58.81 44.07 -27.42
C GLY I 990 -59.99 44.95 -27.78
N ASP I 991 -59.86 45.68 -28.90
CA ASP I 991 -61.12 46.26 -29.36
C ASP I 991 -61.63 45.49 -30.56
N PRO I 992 -62.93 45.15 -30.58
CA PRO I 992 -63.47 44.35 -31.68
C PRO I 992 -63.76 45.13 -32.95
N ARG I 993 -63.32 46.38 -33.08
CA ARG I 993 -63.44 47.08 -34.36
C ARG I 993 -62.59 46.38 -35.40
N MET I 994 -61.28 46.44 -35.24
CA MET I 994 -60.36 45.77 -36.14
C MET I 994 -59.83 44.52 -35.47
N THR I 995 -59.91 43.40 -36.17
CA THR I 995 -59.30 42.16 -35.72
C THR I 995 -58.54 41.54 -36.87
N GLN I 996 -57.63 40.66 -36.51
CA GLN I 996 -56.86 39.87 -37.45
C GLN I 996 -56.39 38.65 -36.68
N LEU I 997 -56.08 37.58 -37.39
CA LEU I 997 -55.60 36.37 -36.74
C LEU I 997 -54.37 35.88 -37.48
N ALA I 998 -53.23 35.91 -36.80
CA ALA I 998 -51.98 35.50 -37.41
C ALA I 998 -51.01 35.06 -36.32
N ILE I 999 -49.84 34.59 -36.74
CA ILE I 999 -48.86 34.00 -35.85
C ILE I 999 -47.52 34.03 -36.59
N GLN I 1000 -46.43 34.14 -35.83
CA GLN I 1000 -45.11 34.14 -36.44
C GLN I 1000 -44.10 33.59 -35.46
N TYR I 1001 -42.90 33.32 -35.95
CA TYR I 1001 -41.79 32.98 -35.08
C TYR I 1001 -40.50 33.49 -35.69
N GLN I 1002 -39.59 33.95 -34.85
CA GLN I 1002 -38.31 34.47 -35.28
C GLN I 1002 -37.23 33.40 -35.13
N GLN I 1003 -36.07 33.69 -35.68
CA GLN I 1003 -34.85 32.96 -35.44
C GLN I 1003 -33.85 33.90 -34.80
N TYR I 1004 -32.60 33.45 -34.67
CA TYR I 1004 -31.59 34.32 -34.10
C TYR I 1004 -31.20 35.44 -35.05
N ASN I 1005 -31.20 35.20 -36.35
CA ASN I 1005 -30.81 36.22 -37.31
C ASN I 1005 -31.95 37.15 -37.69
N GLY I 1006 -33.08 37.09 -36.99
CA GLY I 1006 -34.18 37.98 -37.27
C GLY I 1006 -35.10 37.55 -38.38
N ARG I 1007 -34.90 36.37 -38.95
CA ARG I 1007 -35.75 35.90 -40.04
C ARG I 1007 -37.08 35.42 -39.47
N THR I 1008 -38.17 35.88 -40.06
CA THR I 1008 -39.51 35.69 -39.51
C THR I 1008 -40.35 34.91 -40.51
N PHE I 1009 -40.72 33.69 -40.15
CA PHE I 1009 -41.76 32.97 -40.87
C PHE I 1009 -43.09 33.26 -40.21
N ASN I 1010 -44.15 33.33 -41.01
CA ASN I 1010 -45.47 33.60 -40.46
C ASN I 1010 -46.54 32.84 -41.22
N VAL I 1011 -47.66 32.63 -40.54
CA VAL I 1011 -48.84 32.00 -41.12
C VAL I 1011 -50.01 32.93 -40.88
N ILE I 1012 -50.49 33.56 -41.94
CA ILE I 1012 -51.71 34.34 -41.88
C ILE I 1012 -52.79 33.51 -42.58
N PRO I 1013 -53.64 32.83 -41.84
CA PRO I 1013 -54.64 31.97 -42.50
C PRO I 1013 -55.74 32.81 -43.11
N GLU I 1014 -56.21 32.36 -44.26
CA GLU I 1014 -57.33 33.04 -44.89
C GLU I 1014 -58.59 32.76 -44.09
N MET I 1015 -59.51 33.72 -44.10
CA MET I 1015 -60.73 33.60 -43.31
C MET I 1015 -61.86 33.17 -44.21
N PRO I 1016 -62.31 31.92 -44.14
CA PRO I 1016 -63.39 31.48 -45.03
C PRO I 1016 -64.72 32.02 -44.55
N GLY I 1017 -65.64 32.20 -45.49
CA GLY I 1017 -66.92 32.76 -45.16
C GLY I 1017 -67.81 31.81 -44.39
N SER I 1018 -68.77 32.38 -43.69
CA SER I 1018 -69.77 31.62 -42.96
C SER I 1018 -71.14 31.83 -43.58
N VAL I 1019 -72.08 31.01 -43.16
CA VAL I 1019 -73.45 31.12 -43.66
C VAL I 1019 -74.29 32.05 -42.79
N ILE I 1020 -73.96 32.15 -41.50
CA ILE I 1020 -74.71 33.01 -40.60
C ILE I 1020 -74.49 34.48 -40.95
N ALA I 1021 -73.24 34.86 -41.25
CA ALA I 1021 -72.95 36.22 -41.67
C ALA I 1021 -73.48 36.52 -43.06
N ASP I 1022 -73.71 35.49 -43.88
CA ASP I 1022 -74.38 35.72 -45.15
C ASP I 1022 -75.87 35.95 -44.95
N CYS I 1023 -76.49 35.18 -44.07
CA CYS I 1023 -77.93 35.28 -43.89
C CYS I 1023 -78.33 36.51 -43.11
N VAL I 1024 -77.46 37.03 -42.25
CA VAL I 1024 -77.72 38.32 -41.61
C VAL I 1024 -77.75 39.44 -42.64
N GLN I 1025 -76.80 39.42 -43.58
CA GLN I 1025 -76.79 40.39 -44.66
C GLN I 1025 -77.99 40.23 -45.59
N LEU I 1026 -78.44 38.99 -45.80
CA LEU I 1026 -79.64 38.78 -46.61
C LEU I 1026 -80.87 39.34 -45.91
N THR I 1027 -80.96 39.14 -44.59
CA THR I 1027 -82.11 39.64 -43.86
C THR I 1027 -82.10 41.17 -43.80
N ALA I 1028 -80.90 41.77 -43.75
CA ALA I 1028 -80.81 43.22 -43.85
C ALA I 1028 -81.20 43.72 -45.24
N GLU I 1029 -80.85 42.97 -46.28
CA GLU I 1029 -81.28 43.29 -47.64
C GLU I 1029 -82.80 43.23 -47.76
N VAL I 1030 -83.44 42.30 -47.06
CA VAL I 1030 -84.91 42.28 -47.10
C VAL I 1030 -85.49 43.42 -46.27
N PHE I 1031 -84.89 43.73 -45.12
CA PHE I 1031 -85.35 44.82 -44.27
C PHE I 1031 -85.17 46.19 -44.94
N ASN I 1032 -84.31 46.28 -45.95
CA ASN I 1032 -84.22 47.48 -46.79
C ASN I 1032 -85.56 47.78 -47.49
N HIS I 1033 -86.40 46.77 -47.74
CA HIS I 1033 -87.68 46.96 -48.41
C HIS I 1033 -88.89 46.64 -47.54
N GLU I 1034 -88.76 45.72 -46.59
CA GLU I 1034 -89.87 45.27 -45.76
C GLU I 1034 -89.75 45.80 -44.33
N TYR I 1035 -89.35 47.07 -44.21
CA TYR I 1035 -89.15 47.69 -42.90
C TYR I 1035 -90.44 47.85 -42.13
N ASN I 1036 -91.58 47.90 -42.82
CA ASN I 1036 -92.87 48.10 -42.16
C ASN I 1036 -93.25 46.93 -41.28
N LEU I 1037 -92.82 45.72 -41.63
CA LEU I 1037 -93.28 44.55 -40.91
C LEU I 1037 -92.58 44.40 -39.57
N PHE I 1038 -91.42 45.00 -39.41
CA PHE I 1038 -90.71 44.87 -38.14
C PHE I 1038 -91.03 46.02 -37.19
N GLY I 1039 -91.87 46.97 -37.61
CA GLY I 1039 -92.28 48.07 -36.78
C GLY I 1039 -91.63 49.40 -37.10
N ILE I 1040 -90.57 49.40 -37.88
CA ILE I 1040 -89.88 50.63 -38.22
C ILE I 1040 -90.62 51.34 -39.34
N ALA I 1041 -90.71 52.66 -39.23
CA ALA I 1041 -91.29 53.49 -40.28
C ALA I 1041 -90.21 54.43 -40.82
N ARG I 1042 -89.80 54.22 -42.08
CA ARG I 1042 -88.79 55.05 -42.70
C ARG I 1042 -89.35 56.41 -43.07
N GLY I 1043 -88.57 57.46 -42.83
CA GLY I 1043 -88.94 58.79 -43.26
C GLY I 1043 -88.88 59.77 -42.12
N ASP I 1044 -89.88 60.65 -42.03
CA ASP I 1044 -90.00 61.58 -40.92
C ASP I 1044 -91.44 62.07 -40.86
N ILE I 1045 -91.81 62.60 -39.71
CA ILE I 1045 -93.19 62.98 -39.48
C ILE I 1045 -93.33 64.47 -39.68
N ILE I 1046 -94.57 64.91 -39.88
CA ILE I 1046 -94.92 66.32 -40.04
C ILE I 1046 -96.04 66.62 -39.07
N ILE I 1047 -95.81 67.55 -38.15
CA ILE I 1047 -96.80 67.91 -37.14
C ILE I 1047 -97.51 69.18 -37.57
N GLY I 1048 -98.81 69.09 -37.74
CA GLY I 1048 -99.62 70.21 -38.17
C GLY I 1048 -101.08 69.86 -38.23
N ARG I 1049 -101.95 70.82 -37.94
CA ARG I 1049 -103.37 70.53 -37.82
C ARG I 1049 -104.00 70.35 -39.19
N VAL I 1050 -104.69 69.22 -39.37
CA VAL I 1050 -105.51 68.95 -40.55
C VAL I 1050 -106.89 68.56 -40.06
N GLN I 1051 -107.90 69.34 -40.42
CA GLN I 1051 -109.28 69.07 -40.03
C GLN I 1051 -110.14 68.97 -41.27
N SER I 1052 -110.58 67.75 -41.58
CA SER I 1052 -111.46 67.51 -42.71
C SER I 1052 -112.18 66.20 -42.48
N THR I 1053 -113.12 65.89 -43.36
CA THR I 1053 -113.89 64.66 -43.26
C THR I 1053 -113.45 63.60 -44.23
N HIS I 1054 -112.29 63.77 -44.86
CA HIS I 1054 -111.79 62.76 -45.78
C HIS I 1054 -111.23 61.58 -45.00
N LEU I 1055 -111.16 60.43 -45.67
CA LEU I 1055 -110.83 59.17 -45.03
C LEU I 1055 -109.51 58.60 -45.53
N TRP I 1056 -108.50 59.45 -45.66
CA TRP I 1056 -107.20 59.02 -46.12
C TRP I 1056 -106.32 58.62 -44.94
N SER I 1057 -105.57 57.57 -45.13
CA SER I 1057 -104.74 57.08 -44.03
C SER I 1057 -103.46 57.90 -43.92
N PRO I 1058 -103.05 58.29 -42.70
CA PRO I 1058 -101.81 59.05 -42.54
C PRO I 1058 -100.55 58.24 -42.77
N LEU I 1059 -100.64 56.94 -42.98
CA LEU I 1059 -99.46 56.20 -43.46
C LEU I 1059 -99.31 56.30 -44.96
N ALA I 1060 -100.31 56.83 -45.67
CA ALA I 1060 -100.20 57.13 -47.09
C ALA I 1060 -100.80 58.50 -47.35
N PRO I 1061 -100.09 59.56 -46.99
CA PRO I 1061 -100.68 60.89 -47.06
C PRO I 1061 -100.67 61.44 -48.46
N PRO I 1062 -101.55 62.38 -48.79
CA PRO I 1062 -101.49 63.01 -50.09
C PRO I 1062 -100.30 63.94 -50.19
N PRO I 1063 -99.79 64.21 -51.39
CA PRO I 1063 -98.65 65.12 -51.52
C PRO I 1063 -99.00 66.59 -51.39
N ASP I 1064 -100.26 66.94 -51.17
CA ASP I 1064 -100.63 68.34 -50.95
C ASP I 1064 -100.19 68.83 -49.58
N LEU I 1065 -99.81 67.95 -48.66
CA LEU I 1065 -99.50 68.33 -47.29
C LEU I 1065 -98.02 68.29 -46.98
N VAL I 1066 -97.24 67.47 -47.68
CA VAL I 1066 -95.84 67.32 -47.33
C VAL I 1066 -95.01 68.40 -48.02
N PHE I 1067 -93.79 68.58 -47.51
CA PHE I 1067 -92.84 69.54 -48.03
C PHE I 1067 -91.45 69.06 -47.61
N ASP I 1068 -90.44 69.78 -48.06
CA ASP I 1068 -89.06 69.41 -47.79
C ASP I 1068 -88.20 70.66 -47.89
N ARG I 1069 -86.89 70.48 -47.73
CA ARG I 1069 -85.97 71.50 -48.20
C ARG I 1069 -85.99 71.51 -49.72
N ASP I 1070 -85.82 72.70 -50.30
CA ASP I 1070 -86.01 73.20 -51.68
C ASP I 1070 -87.48 73.40 -52.04
N THR I 1071 -88.40 73.19 -51.13
CA THR I 1071 -89.74 73.70 -51.34
C THR I 1071 -89.76 75.19 -51.00
N PRO I 1072 -90.29 76.04 -51.89
CA PRO I 1072 -90.23 77.49 -51.64
C PRO I 1072 -91.13 77.91 -50.49
N GLY I 1073 -90.57 78.72 -49.59
CA GLY I 1073 -91.30 79.19 -48.43
C GLY I 1073 -91.11 78.38 -47.18
N VAL I 1074 -90.01 77.66 -47.05
CA VAL I 1074 -89.78 76.73 -45.94
C VAL I 1074 -88.52 77.16 -45.21
N HIS I 1075 -88.60 77.27 -43.88
CA HIS I 1075 -87.49 77.73 -43.07
C HIS I 1075 -86.80 76.55 -42.39
N ILE I 1076 -85.50 76.50 -42.51
CA ILE I 1076 -84.68 75.39 -42.03
C ILE I 1076 -83.97 75.86 -40.75
N PHE I 1077 -83.75 74.95 -39.80
CA PHE I 1077 -83.11 75.32 -38.55
C PHE I 1077 -82.00 74.32 -38.23
N GLY I 1078 -80.93 74.83 -37.63
CA GLY I 1078 -79.80 74.00 -37.27
C GLY I 1078 -79.43 74.16 -35.80
N ARG I 1079 -78.19 74.59 -35.55
CA ARG I 1079 -77.75 74.83 -34.18
C ARG I 1079 -78.17 76.20 -33.66
N ASP I 1080 -78.96 76.95 -34.40
CA ASP I 1080 -79.29 78.33 -34.07
C ASP I 1080 -80.64 78.35 -33.38
N CYS I 1081 -80.64 78.11 -32.08
CA CYS I 1081 -81.86 78.15 -31.26
C CYS I 1081 -81.86 79.44 -30.45
N ARG I 1082 -82.31 80.51 -31.09
CA ARG I 1082 -82.36 81.83 -30.46
C ARG I 1082 -83.77 82.37 -30.60
N ILE I 1083 -84.61 82.12 -29.60
CA ILE I 1083 -85.99 82.58 -29.62
C ILE I 1083 -86.06 83.95 -28.96
N SER I 1084 -86.44 84.97 -29.71
CA SER I 1084 -86.56 86.31 -29.20
C SER I 1084 -87.99 86.59 -28.79
N PHE I 1085 -88.17 87.14 -27.59
CA PHE I 1085 -89.51 87.42 -27.07
C PHE I 1085 -90.09 88.64 -27.76
N GLY I 1086 -91.37 88.88 -27.52
CA GLY I 1086 -92.07 89.96 -28.19
C GLY I 1086 -92.72 90.92 -27.22
N MET I 1087 -92.50 92.22 -27.43
CA MET I 1087 -93.01 93.25 -26.56
C MET I 1087 -94.21 93.94 -27.18
N ASN I 1088 -95.19 94.28 -26.34
CA ASN I 1088 -96.29 95.19 -26.64
C ASN I 1088 -97.15 94.70 -27.80
N GLY I 1089 -97.32 93.39 -27.91
CA GLY I 1089 -98.16 92.82 -28.93
C GLY I 1089 -97.43 92.31 -30.16
N ALA I 1090 -96.14 92.65 -30.30
CA ALA I 1090 -95.37 92.14 -31.42
C ALA I 1090 -95.15 90.64 -31.27
N ALA I 1091 -94.98 89.98 -32.38
CA ALA I 1091 -94.89 88.53 -32.36
C ALA I 1091 -93.49 88.09 -31.91
N PRO I 1092 -93.40 87.00 -31.16
CA PRO I 1092 -92.08 86.42 -30.88
C PRO I 1092 -91.51 85.79 -32.13
N MET I 1093 -90.20 85.57 -32.11
CA MET I 1093 -89.52 85.16 -33.33
C MET I 1093 -88.29 84.33 -33.02
N ILE I 1094 -87.95 83.45 -33.95
CA ILE I 1094 -86.85 82.49 -33.81
C ILE I 1094 -85.87 82.76 -34.96
N ARG I 1095 -84.61 82.42 -34.74
CA ARG I 1095 -83.55 82.72 -35.71
C ARG I 1095 -83.46 81.62 -36.75
N ASP I 1096 -83.79 81.97 -37.99
CA ASP I 1096 -83.54 81.12 -39.15
C ASP I 1096 -82.03 80.93 -39.31
N GLU I 1097 -81.64 79.82 -39.93
CA GLU I 1097 -80.22 79.52 -40.06
C GLU I 1097 -79.52 80.41 -41.08
N THR I 1098 -80.27 81.13 -41.92
CA THR I 1098 -79.70 82.12 -42.81
C THR I 1098 -79.55 83.49 -42.17
N GLY I 1099 -79.69 83.58 -40.84
CA GLY I 1099 -79.58 84.83 -40.13
C GLY I 1099 -80.88 85.56 -39.93
N MET I 1100 -81.95 85.14 -40.60
CA MET I 1100 -83.22 85.85 -40.50
C MET I 1100 -83.92 85.51 -39.20
N MET I 1101 -84.90 86.34 -38.85
CA MET I 1101 -85.75 86.17 -37.69
C MET I 1101 -87.18 86.03 -38.19
N VAL I 1102 -87.80 84.88 -37.92
CA VAL I 1102 -89.12 84.60 -38.51
C VAL I 1102 -90.16 84.39 -37.41
N PRO I 1103 -91.42 84.76 -37.65
CA PRO I 1103 -92.48 84.50 -36.66
C PRO I 1103 -92.90 83.04 -36.60
N PHE I 1104 -93.91 82.73 -35.80
CA PHE I 1104 -94.29 81.34 -35.56
C PHE I 1104 -95.37 80.90 -36.53
N GLU I 1105 -95.05 80.96 -37.82
CA GLU I 1105 -95.99 80.59 -38.87
C GLU I 1105 -95.27 79.80 -39.94
N GLY I 1106 -96.06 79.19 -40.83
CA GLY I 1106 -95.52 78.59 -42.03
C GLY I 1106 -95.01 77.18 -41.86
N ASN I 1107 -94.07 76.80 -42.72
CA ASN I 1107 -93.53 75.45 -42.75
C ASN I 1107 -92.09 75.48 -42.24
N TRP I 1108 -91.80 74.64 -41.25
CA TRP I 1108 -90.47 74.59 -40.65
C TRP I 1108 -89.87 73.19 -40.80
N ILE I 1109 -88.56 73.11 -40.65
CA ILE I 1109 -87.83 71.85 -40.65
C ILE I 1109 -86.90 71.84 -39.45
N PHE I 1110 -87.12 70.90 -38.55
CA PHE I 1110 -86.21 70.67 -37.44
C PHE I 1110 -85.46 69.36 -37.65
N PRO I 1111 -84.22 69.26 -37.22
CA PRO I 1111 -83.67 67.95 -36.86
C PRO I 1111 -84.27 67.52 -35.54
N LEU I 1112 -84.23 66.21 -35.30
CA LEU I 1112 -84.81 65.68 -34.07
C LEU I 1112 -84.02 66.12 -32.85
N ALA I 1113 -82.70 66.21 -32.98
CA ALA I 1113 -81.85 66.50 -31.83
C ALA I 1113 -82.04 67.90 -31.29
N LEU I 1114 -82.49 68.85 -32.11
CA LEU I 1114 -82.72 70.21 -31.63
C LEU I 1114 -83.89 70.27 -30.66
N TRP I 1115 -85.05 69.73 -31.07
CA TRP I 1115 -86.18 69.58 -30.17
C TRP I 1115 -85.84 68.68 -28.99
N GLN I 1116 -85.05 67.64 -29.24
CA GLN I 1116 -84.73 66.67 -28.22
C GLN I 1116 -83.85 67.28 -27.13
N MET I 1117 -83.00 68.23 -27.50
CA MET I 1117 -82.15 68.92 -26.55
C MET I 1117 -82.84 70.09 -25.89
N ASN I 1118 -83.83 70.69 -26.55
CA ASN I 1118 -84.56 71.79 -25.92
C ASN I 1118 -86.03 71.42 -25.76
N THR I 1119 -86.29 70.21 -25.28
CA THR I 1119 -87.61 69.60 -25.24
C THR I 1119 -88.57 70.22 -24.25
N ARG I 1120 -88.17 71.19 -23.45
CA ARG I 1120 -89.09 71.88 -22.55
C ARG I 1120 -89.28 73.34 -22.91
N TYR I 1121 -88.20 74.01 -23.30
CA TYR I 1121 -88.29 75.40 -23.69
C TYR I 1121 -89.04 75.55 -25.02
N PHE I 1122 -88.76 74.68 -25.98
CA PHE I 1122 -89.51 74.72 -27.24
C PHE I 1122 -90.94 74.30 -27.03
N ASN I 1123 -91.15 73.34 -26.13
CA ASN I 1123 -92.47 72.76 -25.93
C ASN I 1123 -93.42 73.75 -25.28
N GLN I 1124 -92.89 74.58 -24.38
CA GLN I 1124 -93.69 75.62 -23.75
C GLN I 1124 -94.00 76.77 -24.70
N GLN I 1125 -93.14 77.01 -25.68
CA GLN I 1125 -93.38 78.10 -26.62
C GLN I 1125 -94.30 77.69 -27.75
N PHE I 1126 -94.28 76.42 -28.16
CA PHE I 1126 -94.82 76.05 -29.46
C PHE I 1126 -96.16 75.31 -29.43
N ASP I 1127 -96.69 74.95 -28.26
CA ASP I 1127 -97.89 74.12 -28.25
C ASP I 1127 -99.13 74.91 -28.65
N ALA I 1128 -99.25 76.15 -28.17
CA ALA I 1128 -100.44 76.93 -28.48
C ALA I 1128 -100.49 77.38 -29.92
N TRP I 1129 -99.39 77.29 -30.65
CA TRP I 1129 -99.38 77.64 -32.06
C TRP I 1129 -99.62 76.43 -32.95
N ILE I 1130 -99.31 75.23 -32.48
CA ILE I 1130 -99.61 74.03 -33.27
C ILE I 1130 -101.10 73.69 -33.17
N LYS I 1131 -101.68 73.80 -31.97
CA LYS I 1131 -103.08 73.44 -31.79
C LYS I 1131 -104.00 74.46 -32.44
N THR I 1132 -103.62 75.75 -32.42
CA THR I 1132 -104.49 76.81 -32.89
C THR I 1132 -103.98 77.50 -34.15
N GLY I 1133 -102.75 77.99 -34.14
CA GLY I 1133 -102.24 78.80 -35.23
C GLY I 1133 -101.89 77.99 -36.46
N GLU I 1134 -101.14 78.64 -37.34
CA GLU I 1134 -100.72 78.04 -38.61
C GLU I 1134 -99.30 77.53 -38.57
N LEU I 1135 -98.85 77.01 -37.43
CA LEU I 1135 -97.52 76.45 -37.34
C LEU I 1135 -97.54 75.01 -37.83
N ARG I 1136 -96.49 74.62 -38.54
CA ARG I 1136 -96.40 73.27 -39.10
C ARG I 1136 -94.93 72.90 -39.17
N ILE I 1137 -94.56 71.83 -38.47
CA ILE I 1137 -93.16 71.49 -38.25
C ILE I 1137 -92.89 70.11 -38.80
N ARG I 1138 -91.84 70.00 -39.62
CA ARG I 1138 -91.33 68.71 -40.08
C ARG I 1138 -90.13 68.34 -39.23
N ILE I 1139 -90.22 67.25 -38.49
CA ILE I 1139 -89.14 66.81 -37.60
C ILE I 1139 -88.43 65.64 -38.28
N GLU I 1140 -87.21 65.86 -38.73
CA GLU I 1140 -86.45 64.84 -39.43
C GLU I 1140 -85.98 63.77 -38.46
N MET I 1141 -86.28 62.51 -38.78
CA MET I 1141 -85.93 61.41 -37.88
C MET I 1141 -85.11 60.31 -38.53
N GLY I 1142 -85.43 59.93 -39.76
CA GLY I 1142 -84.83 58.73 -40.30
C GLY I 1142 -85.71 57.52 -40.05
N ALA I 1143 -85.44 56.81 -38.97
CA ALA I 1143 -86.27 55.69 -38.55
C ALA I 1143 -86.98 56.03 -37.23
N TYR I 1144 -88.18 55.46 -37.06
CA TYR I 1144 -88.92 55.63 -35.83
C TYR I 1144 -89.93 54.50 -35.71
N PRO I 1145 -90.18 54.00 -34.51
CA PRO I 1145 -91.26 53.03 -34.33
C PRO I 1145 -92.59 53.77 -34.20
N TYR I 1146 -93.67 53.00 -34.20
CA TYR I 1146 -94.99 53.59 -34.17
C TYR I 1146 -95.99 52.62 -33.57
N MET I 1147 -97.13 53.17 -33.16
CA MET I 1147 -98.31 52.38 -32.82
C MET I 1147 -99.52 53.03 -33.44
N LEU I 1148 -100.62 52.29 -33.48
CA LEU I 1148 -101.81 52.71 -34.20
C LEU I 1148 -103.00 52.76 -33.28
N HIS I 1149 -103.95 53.62 -33.62
CA HIS I 1149 -105.22 53.75 -32.91
C HIS I 1149 -106.31 53.87 -33.96
N TYR I 1150 -107.39 53.09 -33.83
CA TYR I 1150 -108.43 53.13 -34.83
C TYR I 1150 -109.66 53.82 -34.27
N TYR I 1151 -110.32 54.62 -35.10
CA TYR I 1151 -111.50 55.36 -34.68
C TYR I 1151 -112.65 55.09 -35.62
N ASP I 1152 -113.85 55.13 -35.08
CA ASP I 1152 -115.05 55.07 -35.89
C ASP I 1152 -115.16 56.36 -36.70
N PRO I 1153 -115.30 56.29 -38.01
CA PRO I 1153 -115.46 57.52 -38.80
C PRO I 1153 -116.82 58.19 -38.64
N ARG I 1154 -117.81 57.52 -38.05
CA ARG I 1154 -119.11 58.15 -37.85
C ARG I 1154 -119.13 59.11 -36.68
N GLN I 1155 -118.08 59.16 -35.87
CA GLN I 1155 -118.04 60.01 -34.69
C GLN I 1155 -116.86 60.95 -34.76
N TYR I 1156 -116.90 61.97 -33.89
CA TYR I 1156 -115.86 62.97 -33.84
C TYR I 1156 -114.55 62.36 -33.32
N ALA I 1157 -113.43 62.92 -33.77
CA ALA I 1157 -112.13 62.40 -33.38
C ALA I 1157 -111.15 63.55 -33.24
N ASN I 1158 -110.25 63.43 -32.27
CA ASN I 1158 -109.26 64.46 -32.00
C ASN I 1158 -107.97 63.78 -31.59
N ALA I 1159 -106.88 64.10 -32.30
CA ALA I 1159 -105.60 63.49 -32.02
C ALA I 1159 -104.75 64.29 -31.04
N TRP I 1160 -105.29 65.37 -30.47
CA TRP I 1160 -104.44 66.26 -29.66
C TRP I 1160 -104.02 65.62 -28.36
N ASN I 1161 -104.90 64.85 -27.73
CA ASN I 1161 -104.54 64.19 -26.48
C ASN I 1161 -103.50 63.11 -26.68
N LEU I 1162 -103.35 62.59 -27.89
CA LEU I 1162 -102.27 61.65 -28.18
C LEU I 1162 -100.99 62.39 -28.54
N THR I 1163 -101.08 63.38 -29.44
CA THR I 1163 -99.86 64.01 -29.91
C THR I 1163 -99.23 64.95 -28.89
N SER I 1164 -100.02 65.53 -27.99
CA SER I 1164 -99.42 66.35 -26.95
C SER I 1164 -98.76 65.49 -25.89
N ALA I 1165 -99.35 64.34 -25.59
CA ALA I 1165 -98.72 63.39 -24.68
C ALA I 1165 -97.48 62.77 -25.31
N TRP I 1166 -97.40 62.73 -26.63
CA TRP I 1166 -96.15 62.33 -27.26
C TRP I 1166 -95.10 63.43 -27.22
N LEU I 1167 -95.50 64.68 -27.46
CA LEU I 1167 -94.54 65.79 -27.46
C LEU I 1167 -94.01 66.10 -26.08
N GLU I 1168 -94.80 65.87 -25.03
CA GLU I 1168 -94.32 66.16 -23.69
C GLU I 1168 -93.34 65.11 -23.16
N GLU I 1169 -93.15 64.01 -23.88
CA GLU I 1169 -92.27 62.95 -23.41
C GLU I 1169 -91.01 62.80 -24.24
N ILE I 1170 -90.78 63.68 -25.22
CA ILE I 1170 -89.47 63.72 -25.86
C ILE I 1170 -88.46 64.24 -24.84
N THR I 1171 -87.31 63.59 -24.79
CA THR I 1171 -86.38 63.66 -23.69
C THR I 1171 -85.00 63.56 -24.31
N PRO I 1172 -83.99 64.28 -23.80
CA PRO I 1172 -82.64 64.22 -24.40
C PRO I 1172 -82.00 62.84 -24.44
N THR I 1173 -82.53 61.86 -23.71
CA THR I 1173 -82.14 60.47 -23.87
C THR I 1173 -83.06 59.71 -24.82
N SER I 1174 -84.38 59.83 -24.67
CA SER I 1174 -85.29 58.89 -25.32
C SER I 1174 -86.49 59.60 -25.91
N ILE I 1175 -87.15 58.91 -26.84
CA ILE I 1175 -88.47 59.31 -27.33
C ILE I 1175 -89.42 58.12 -27.21
N PRO I 1176 -90.72 58.34 -27.08
CA PRO I 1176 -91.66 57.22 -27.15
C PRO I 1176 -92.19 57.01 -28.56
N SER I 1177 -93.04 56.00 -28.75
CA SER I 1177 -93.54 55.65 -30.06
C SER I 1177 -94.49 56.71 -30.60
N VAL I 1178 -94.56 56.81 -31.92
CA VAL I 1178 -95.27 57.90 -32.59
C VAL I 1178 -96.73 57.46 -32.78
N PRO I 1179 -97.70 58.15 -32.20
CA PRO I 1179 -99.10 57.71 -32.31
C PRO I 1179 -99.75 58.22 -33.58
N PHE I 1180 -100.11 57.29 -34.47
CA PHE I 1180 -100.94 57.61 -35.61
C PHE I 1180 -102.38 57.19 -35.31
N MET I 1181 -103.33 57.82 -35.99
CA MET I 1181 -104.67 57.27 -35.99
C MET I 1181 -105.21 57.24 -37.41
N VAL I 1182 -105.72 56.09 -37.82
CA VAL I 1182 -106.25 55.90 -39.17
C VAL I 1182 -107.72 55.57 -39.02
N PRO I 1183 -108.54 55.81 -40.04
CA PRO I 1183 -109.95 55.43 -39.95
C PRO I 1183 -110.14 53.93 -40.13
N ILE I 1184 -111.38 53.50 -39.91
CA ILE I 1184 -111.77 52.10 -40.05
C ILE I 1184 -112.57 51.96 -41.33
N SER I 1185 -112.13 51.05 -42.22
CA SER I 1185 -112.79 50.86 -43.49
C SER I 1185 -114.06 50.03 -43.30
N SER I 1186 -115.16 50.48 -43.90
CA SER I 1186 -116.44 49.79 -43.81
C SER I 1186 -116.92 49.42 -45.20
N ASP I 1187 -117.74 48.37 -45.28
CA ASP I 1187 -118.15 47.83 -46.56
C ASP I 1187 -119.42 48.46 -47.12
N HIS I 1188 -120.12 49.25 -46.32
CA HIS I 1188 -121.30 49.97 -46.79
C HIS I 1188 -121.10 51.44 -46.46
N ASP I 1189 -121.97 52.28 -47.01
CA ASP I 1189 -121.77 53.72 -46.84
C ASP I 1189 -122.17 54.16 -45.44
N ILE I 1190 -121.51 55.23 -44.98
CA ILE I 1190 -121.72 55.79 -43.66
C ILE I 1190 -121.99 57.28 -43.82
N SER I 1191 -122.12 57.96 -42.68
CA SER I 1191 -122.21 59.41 -42.65
C SER I 1191 -120.89 59.98 -42.18
N SER I 1192 -120.47 61.07 -42.79
CA SER I 1192 -119.17 61.65 -42.50
C SER I 1192 -119.19 62.46 -41.21
N ALA I 1193 -118.10 62.43 -40.48
CA ALA I 1193 -117.91 63.17 -39.25
C ALA I 1193 -116.51 63.75 -39.25
N PRO I 1194 -116.32 64.95 -38.69
CA PRO I 1194 -115.02 65.59 -38.78
C PRO I 1194 -113.98 64.93 -37.89
N ALA I 1195 -112.74 64.93 -38.37
CA ALA I 1195 -111.62 64.35 -37.66
C ALA I 1195 -110.46 65.34 -37.68
N VAL I 1196 -109.74 65.43 -36.58
CA VAL I 1196 -108.64 66.38 -36.41
C VAL I 1196 -107.38 65.56 -36.18
N GLN I 1197 -106.46 65.61 -37.13
CA GLN I 1197 -105.21 64.87 -37.06
C GLN I 1197 -104.04 65.84 -36.99
N TYR I 1198 -102.96 65.38 -36.37
CA TYR I 1198 -101.80 66.26 -36.25
C TYR I 1198 -100.52 65.63 -36.80
N ILE I 1199 -100.29 64.35 -36.58
CA ILE I 1199 -99.07 63.69 -37.02
C ILE I 1199 -99.38 62.88 -38.26
N ILE I 1200 -98.69 63.19 -39.37
CA ILE I 1200 -98.78 62.40 -40.58
C ILE I 1200 -97.38 61.98 -40.99
N SER I 1201 -97.30 60.97 -41.85
CA SER I 1201 -96.03 60.50 -42.34
C SER I 1201 -95.62 61.32 -43.56
N THR I 1202 -94.47 60.96 -44.16
CA THR I 1202 -93.94 61.67 -45.32
C THR I 1202 -94.03 60.83 -46.57
N GLU I 1203 -93.47 59.64 -46.56
CA GLU I 1203 -93.53 58.73 -47.70
C GLU I 1203 -94.56 57.66 -47.43
N TYR I 1204 -94.64 56.68 -48.33
CA TYR I 1204 -95.55 55.57 -48.14
C TYR I 1204 -95.05 54.67 -47.03
N ASN I 1205 -95.97 54.24 -46.17
CA ASN I 1205 -95.58 53.68 -44.89
C ASN I 1205 -96.43 52.47 -44.54
N ASP I 1206 -97.12 51.89 -45.52
CA ASP I 1206 -98.25 51.03 -45.28
C ASP I 1206 -98.14 49.74 -46.07
N ARG I 1207 -96.99 49.08 -45.98
CA ARG I 1207 -96.85 47.75 -46.58
C ARG I 1207 -97.17 46.64 -45.62
N SER I 1208 -97.64 46.96 -44.42
CA SER I 1208 -98.02 45.95 -43.45
C SER I 1208 -99.50 45.63 -43.48
N LEU I 1209 -100.31 46.46 -44.11
CA LEU I 1209 -101.73 46.19 -44.23
C LEU I 1209 -101.96 45.04 -45.19
N PHE I 1210 -102.70 44.02 -44.76
CA PHE I 1210 -102.89 42.86 -45.61
C PHE I 1210 -104.15 42.95 -46.45
N CYS I 1211 -105.31 43.03 -45.80
CA CYS I 1211 -106.56 43.05 -46.53
C CYS I 1211 -107.61 43.77 -45.71
N THR I 1212 -108.53 44.45 -46.39
CA THR I 1212 -109.57 45.23 -45.75
C THR I 1212 -110.93 44.62 -46.02
N ASN I 1213 -111.66 44.35 -44.93
CA ASN I 1213 -113.05 43.93 -44.81
C ASN I 1213 -113.33 42.49 -45.25
N SER I 1214 -112.41 41.85 -46.00
CA SER I 1214 -112.10 40.42 -46.02
C SER I 1214 -113.22 39.38 -45.84
N SER I 1215 -114.47 39.78 -45.94
CA SER I 1215 -115.60 38.85 -45.95
C SER I 1215 -116.76 39.42 -46.75
N SER I 1216 -116.61 40.58 -47.36
CA SER I 1216 -117.66 41.41 -47.91
C SER I 1216 -117.42 41.55 -49.40
N PRO I 1217 -118.40 42.02 -50.20
CA PRO I 1217 -118.15 42.14 -51.64
C PRO I 1217 -117.14 43.21 -52.01
N GLN I 1218 -117.19 44.38 -51.36
CA GLN I 1218 -116.21 45.42 -51.62
C GLN I 1218 -116.11 46.31 -50.40
N THR I 1219 -115.08 47.15 -50.39
CA THR I 1219 -114.91 48.21 -49.40
C THR I 1219 -115.25 49.53 -50.07
N ILE I 1220 -116.23 50.24 -49.53
CA ILE I 1220 -116.66 51.49 -50.13
C ILE I 1220 -115.89 52.66 -49.55
N ALA I 1221 -116.02 52.86 -48.24
CA ALA I 1221 -115.46 54.02 -47.57
C ALA I 1221 -114.23 53.61 -46.77
N GLY I 1222 -113.16 54.40 -46.89
CA GLY I 1222 -111.95 54.15 -46.15
C GLY I 1222 -110.84 53.63 -47.03
N PRO I 1223 -109.70 53.29 -46.41
CA PRO I 1223 -108.60 52.69 -47.17
C PRO I 1223 -108.94 51.24 -47.50
N ASP I 1224 -108.92 50.91 -48.79
CA ASP I 1224 -109.12 49.53 -49.20
C ASP I 1224 -107.82 48.92 -49.69
N LYS I 1225 -107.74 47.60 -49.56
CA LYS I 1225 -106.62 46.86 -50.13
C LYS I 1225 -107.09 45.43 -50.33
N HIS I 1226 -106.95 44.95 -51.57
CA HIS I 1226 -107.24 43.55 -51.84
C HIS I 1226 -106.12 42.68 -51.31
N ILE I 1227 -106.36 41.36 -51.34
CA ILE I 1227 -105.35 40.38 -50.93
C ILE I 1227 -104.18 40.50 -51.90
N PRO I 1228 -102.96 40.72 -51.41
CA PRO I 1228 -101.84 41.04 -52.31
C PRO I 1228 -101.43 39.91 -53.22
N VAL I 1229 -101.73 40.11 -54.51
CA VAL I 1229 -101.39 39.16 -55.56
C VAL I 1229 -99.88 39.08 -55.75
N GLU I 1230 -99.17 40.18 -55.45
CA GLU I 1230 -97.73 40.20 -55.59
C GLU I 1230 -97.03 39.26 -54.61
N ARG I 1231 -97.69 38.93 -53.50
CA ARG I 1231 -97.16 37.88 -52.64
C ARG I 1231 -97.31 36.52 -53.29
N TYR I 1232 -98.54 36.10 -53.54
CA TYR I 1232 -98.81 34.75 -54.02
C TYR I 1232 -98.61 34.74 -55.53
N ASN I 1233 -97.34 34.70 -55.93
CA ASN I 1233 -97.01 34.70 -57.35
C ASN I 1233 -97.34 33.35 -57.97
N ILE I 1234 -97.17 32.27 -57.20
CA ILE I 1234 -97.23 30.93 -57.76
C ILE I 1234 -98.68 30.53 -58.06
N LEU I 1235 -99.62 30.94 -57.21
CA LEU I 1235 -101.02 30.65 -57.51
C LEU I 1235 -101.54 31.50 -58.66
N THR I 1236 -101.15 32.77 -58.74
CA THR I 1236 -101.79 33.71 -59.64
C THR I 1236 -101.13 33.80 -61.00
N ASN I 1237 -99.87 33.41 -61.12
CA ASN I 1237 -99.23 33.39 -62.43
C ASN I 1237 -99.16 31.94 -62.89
N PRO I 1238 -99.90 31.55 -63.92
CA PRO I 1238 -99.78 30.17 -64.42
C PRO I 1238 -98.48 29.93 -65.17
N ASP I 1239 -97.76 30.98 -65.56
CA ASP I 1239 -96.53 30.86 -66.33
C ASP I 1239 -95.28 30.98 -65.49
N ALA I 1240 -95.40 31.23 -64.20
CA ALA I 1240 -94.20 31.25 -63.39
C ALA I 1240 -93.77 29.83 -63.04
N PRO I 1241 -92.47 29.56 -63.00
CA PRO I 1241 -91.99 28.24 -62.56
C PRO I 1241 -92.28 28.05 -61.09
N PRO I 1242 -92.36 26.79 -60.62
CA PRO I 1242 -92.70 26.54 -59.21
C PRO I 1242 -91.66 27.05 -58.24
N THR I 1243 -90.39 26.73 -58.50
CA THR I 1243 -89.30 27.26 -57.68
C THR I 1243 -88.92 28.61 -58.28
N GLN I 1244 -89.56 29.66 -57.78
CA GLN I 1244 -89.28 31.01 -58.28
C GLN I 1244 -89.60 31.98 -57.16
N ILE I 1245 -88.56 32.58 -56.58
CA ILE I 1245 -88.72 33.60 -55.57
C ILE I 1245 -88.27 34.93 -56.13
N GLN I 1246 -88.92 36.01 -55.69
CA GLN I 1246 -88.46 37.37 -55.91
C GLN I 1246 -88.18 37.97 -54.54
N LEU I 1247 -86.99 37.70 -54.06
CA LEU I 1247 -86.71 37.78 -52.64
C LEU I 1247 -86.40 39.17 -52.07
N PRO I 1248 -85.57 40.04 -52.65
CA PRO I 1248 -85.24 41.29 -51.96
C PRO I 1248 -86.31 42.37 -52.00
N GLU I 1249 -87.54 42.08 -52.42
CA GLU I 1249 -88.56 43.12 -52.37
C GLU I 1249 -89.87 42.63 -51.77
N VAL I 1250 -90.19 41.33 -51.90
CA VAL I 1250 -91.32 40.72 -51.22
C VAL I 1250 -90.87 39.35 -50.72
N VAL I 1251 -91.71 38.74 -49.88
CA VAL I 1251 -91.39 37.46 -49.25
C VAL I 1251 -92.38 36.37 -49.62
N ASP I 1252 -93.46 36.70 -50.34
CA ASP I 1252 -94.30 35.80 -51.11
C ASP I 1252 -95.20 34.85 -50.33
N LEU I 1253 -94.92 34.60 -49.05
CA LEU I 1253 -95.79 33.91 -48.10
C LEU I 1253 -96.32 32.52 -48.48
N TYR I 1254 -95.85 31.96 -49.60
CA TYR I 1254 -96.27 30.65 -50.11
C TYR I 1254 -95.26 30.26 -51.16
N ASN I 1255 -94.62 29.10 -51.00
CA ASN I 1255 -93.74 28.59 -52.04
C ASN I 1255 -93.60 27.08 -51.89
N VAL I 1256 -92.74 26.52 -52.72
CA VAL I 1256 -92.30 25.15 -52.60
C VAL I 1256 -91.23 25.07 -51.52
N VAL I 1257 -91.26 24.02 -50.72
CA VAL I 1257 -90.24 23.77 -49.72
C VAL I 1257 -89.88 22.29 -49.72
N THR I 1258 -88.58 22.00 -49.66
CA THR I 1258 -88.10 20.63 -49.62
C THR I 1258 -88.06 20.13 -48.19
N ARG I 1259 -88.28 18.82 -48.02
CA ARG I 1259 -88.46 18.25 -46.70
C ARG I 1259 -87.73 16.92 -46.60
N TYR I 1260 -86.74 16.87 -45.73
CA TYR I 1260 -85.83 15.74 -45.65
C TYR I 1260 -86.29 14.74 -44.59
N ALA I 1261 -85.72 13.54 -44.67
CA ALA I 1261 -85.97 12.49 -43.70
C ALA I 1261 -84.68 11.76 -43.36
N TYR I 1262 -83.56 12.48 -43.39
CA TYR I 1262 -82.26 11.88 -43.10
C TYR I 1262 -82.17 11.53 -41.63
N GLU I 1263 -81.53 10.40 -41.33
CA GLU I 1263 -81.27 10.01 -39.96
C GLU I 1263 -79.80 10.24 -39.63
N THR I 1264 -79.54 10.55 -38.37
CA THR I 1264 -78.20 10.92 -37.90
C THR I 1264 -77.77 9.96 -36.81
N PRO I 1265 -77.25 8.79 -37.16
CA PRO I 1265 -76.78 7.86 -36.14
C PRO I 1265 -75.40 8.29 -35.66
N PRO I 1266 -74.96 7.83 -34.49
CA PRO I 1266 -73.56 8.02 -34.12
C PRO I 1266 -72.66 7.15 -34.96
N ILE I 1267 -71.35 7.41 -34.84
CA ILE I 1267 -70.37 6.82 -35.74
C ILE I 1267 -70.21 5.33 -35.46
N THR I 1268 -70.10 4.96 -34.19
CA THR I 1268 -69.93 3.57 -33.80
C THR I 1268 -71.18 2.73 -34.01
N ALA I 1269 -72.32 3.34 -34.27
CA ALA I 1269 -73.50 2.58 -34.64
C ALA I 1269 -73.47 2.15 -36.10
N VAL I 1270 -72.56 2.70 -36.90
CA VAL I 1270 -72.42 2.34 -38.30
C VAL I 1270 -71.12 1.58 -38.55
N VAL I 1271 -69.99 2.17 -38.21
CA VAL I 1271 -68.73 1.45 -38.35
C VAL I 1271 -68.47 0.68 -37.07
N MET I 1272 -67.87 -0.49 -37.21
CA MET I 1272 -67.56 -1.31 -36.06
C MET I 1272 -66.23 -2.01 -36.29
N GLY I 1273 -65.41 -2.03 -35.24
CA GLY I 1273 -64.10 -2.66 -35.32
C GLY I 1273 -64.19 -4.12 -34.95
N VAL I 1274 -63.37 -4.94 -35.59
CA VAL I 1274 -63.30 -6.34 -35.26
C VAL I 1274 -62.24 -6.51 -34.18
N PRO I 1275 -62.55 -7.20 -33.08
CA PRO I 1275 -61.55 -7.38 -32.01
C PRO I 1275 -60.57 -8.50 -32.31
N GLU J 215 3.69 78.20 73.54
CA GLU J 215 3.38 78.01 72.12
C GLU J 215 2.25 77.00 71.93
N ILE J 216 1.47 76.79 73.00
CA ILE J 216 0.35 75.86 72.96
C ILE J 216 -0.71 76.34 71.98
N GLN J 217 -1.03 77.63 72.04
CA GLN J 217 -1.98 78.20 71.08
C GLN J 217 -1.35 78.36 69.71
N ARG J 218 -0.03 78.49 69.66
CA ARG J 218 0.67 78.78 68.40
C ARG J 218 0.83 77.54 67.55
N HIS J 219 0.91 76.37 68.19
CA HIS J 219 0.95 75.11 67.45
C HIS J 219 -0.34 74.82 66.71
N ILE J 220 -1.47 75.36 67.18
CA ILE J 220 -2.72 75.23 66.44
C ILE J 220 -2.64 76.01 65.12
N THR J 221 -2.06 77.21 65.16
CA THR J 221 -1.86 77.98 63.94
C THR J 221 -0.89 77.29 63.00
N GLU J 222 0.16 76.68 63.54
CA GLU J 222 1.08 75.91 62.71
C GLU J 222 0.40 74.68 62.10
N PHE J 223 -0.50 74.03 62.85
CA PHE J 223 -1.20 72.87 62.33
C PHE J 223 -2.15 73.25 61.20
N ILE J 224 -2.89 74.35 61.36
CA ILE J 224 -3.82 74.77 60.31
C ILE J 224 -3.05 75.25 59.09
N SER J 225 -1.92 75.94 59.29
CA SER J 225 -1.13 76.41 58.17
C SER J 225 -0.39 75.29 57.46
N SER J 226 -0.16 74.17 58.12
CA SER J 226 0.32 72.99 57.43
C SER J 226 -0.80 72.10 56.92
N TRP J 227 -2.03 72.35 57.34
CA TRP J 227 -3.16 71.67 56.73
C TRP J 227 -3.56 72.29 55.40
N GLN J 228 -3.46 73.60 55.29
CA GLN J 228 -4.01 74.30 54.12
C GLN J 228 -3.09 74.31 52.90
N ASN J 229 -1.91 73.65 52.96
CA ASN J 229 -1.00 73.65 51.83
C ASN J 229 -1.09 72.38 50.99
N HIS J 230 -2.28 71.80 50.88
CA HIS J 230 -2.47 70.53 50.18
C HIS J 230 -2.20 70.70 48.68
N PRO J 231 -1.69 69.66 48.01
CA PRO J 231 -1.41 69.79 46.58
C PRO J 231 -2.70 69.85 45.76
N ILE J 232 -2.71 70.78 44.80
CA ILE J 232 -3.89 70.98 43.96
C ILE J 232 -4.02 69.92 42.87
N VAL J 233 -2.95 69.19 42.57
CA VAL J 233 -2.93 68.23 41.48
C VAL J 233 -2.58 66.85 42.04
N GLN J 234 -3.45 65.88 41.77
CA GLN J 234 -3.38 64.52 42.32
C GLN J 234 -3.43 63.52 41.14
N VAL J 235 -2.52 63.72 40.20
CA VAL J 235 -2.44 62.84 39.04
C VAL J 235 -1.47 61.70 39.33
N SER J 236 -1.22 61.45 40.61
CA SER J 236 -0.32 60.37 41.03
C SER J 236 -0.83 59.00 40.61
N ALA J 237 -2.15 58.80 40.57
CA ALA J 237 -2.70 57.54 40.08
C ALA J 237 -2.48 57.41 38.57
N ASP J 238 -2.72 56.21 38.05
CA ASP J 238 -2.51 55.97 36.64
C ASP J 238 -3.63 56.60 35.81
N VAL J 239 -3.28 56.98 34.58
CA VAL J 239 -4.19 57.68 33.69
C VAL J 239 -4.42 56.93 32.40
N GLU J 240 -3.89 55.72 32.26
CA GLU J 240 -3.99 55.00 31.00
C GLU J 240 -5.28 54.20 30.88
N ASN J 241 -6.16 54.29 31.87
CA ASN J 241 -7.54 53.86 31.69
C ASN J 241 -8.41 55.00 31.18
N ARG J 242 -7.94 56.23 31.33
CA ARG J 242 -8.65 57.41 30.86
C ARG J 242 -8.17 57.87 29.50
N LYS J 243 -6.87 57.63 29.20
CA LYS J 243 -6.34 57.89 27.86
C LYS J 243 -7.08 57.11 26.79
N THR J 244 -7.46 55.87 27.09
CA THR J 244 -8.15 55.03 26.11
C THR J 244 -9.52 55.58 25.79
N ALA J 245 -10.28 55.95 26.83
CA ALA J 245 -11.59 56.53 26.62
C ALA J 245 -11.52 57.89 25.95
N GLN J 246 -10.49 58.68 26.24
CA GLN J 246 -10.31 59.96 25.56
C GLN J 246 -9.98 59.76 24.09
N LEU J 247 -9.16 58.76 23.77
CA LEU J 247 -8.77 58.55 22.38
C LEU J 247 -9.92 57.99 21.58
N LEU J 248 -10.73 57.14 22.20
CA LEU J 248 -11.85 56.55 21.49
C LEU J 248 -12.99 57.56 21.35
N HIS J 249 -13.16 58.44 22.33
CA HIS J 249 -14.26 59.40 22.28
C HIS J 249 -13.85 60.63 23.09
N ALA J 250 -13.38 61.66 22.40
CA ALA J 250 -13.06 62.93 23.04
C ALA J 250 -14.20 63.92 22.82
N ASP J 251 -14.48 64.72 23.84
CA ASP J 251 -15.64 65.59 23.76
C ASP J 251 -15.32 66.84 22.94
N THR J 252 -16.35 67.50 22.52
CA THR J 252 -16.10 68.75 21.86
C THR J 252 -16.01 69.88 22.88
N PRO J 253 -15.27 70.94 22.59
CA PRO J 253 -15.37 72.17 23.38
C PRO J 253 -16.64 72.92 23.00
N ARG J 254 -16.87 74.02 23.69
CA ARG J 254 -18.03 74.87 23.42
C ARG J 254 -17.53 76.16 22.80
N LEU J 255 -17.69 76.27 21.48
CA LEU J 255 -17.10 77.40 20.76
C LEU J 255 -18.03 78.61 20.71
N VAL J 256 -19.20 78.46 20.12
CA VAL J 256 -20.10 79.58 19.91
C VAL J 256 -21.05 79.72 21.11
N THR J 257 -20.97 80.86 21.77
CA THR J 257 -21.87 81.23 22.86
C THR J 257 -22.31 82.66 22.64
N TRP J 258 -23.57 82.95 22.94
CA TRP J 258 -24.18 84.19 22.54
C TRP J 258 -24.35 85.14 23.73
N ASP J 259 -24.15 86.42 23.49
CA ASP J 259 -24.27 87.46 24.50
C ASP J 259 -25.34 88.44 24.06
N ALA J 260 -26.43 88.49 24.81
CA ALA J 260 -27.53 89.38 24.47
C ALA J 260 -27.46 90.73 25.17
N GLY J 261 -26.53 90.91 26.09
CA GLY J 261 -26.38 92.17 26.80
C GLY J 261 -25.58 93.16 25.98
N LEU J 262 -24.79 93.97 26.68
CA LEU J 262 -23.91 94.92 26.02
C LEU J 262 -22.48 94.67 26.44
N CYS J 263 -21.56 94.73 25.46
CA CYS J 263 -20.17 94.31 25.63
C CYS J 263 -19.39 95.38 26.37
N THR J 264 -19.27 95.19 27.68
CA THR J 264 -18.44 96.08 28.48
C THR J 264 -17.78 95.28 29.59
N SER J 265 -16.76 95.88 30.18
CA SER J 265 -16.12 95.29 31.34
C SER J 265 -15.77 96.31 32.40
N PHE J 266 -16.01 97.59 32.16
CA PHE J 266 -15.67 98.66 33.09
C PHE J 266 -16.97 99.29 33.57
N LYS J 267 -17.20 99.31 34.87
CA LYS J 267 -18.37 100.00 35.40
C LYS J 267 -17.92 101.20 36.23
N ILE J 268 -18.65 102.30 36.09
CA ILE J 268 -18.37 103.52 36.83
C ILE J 268 -19.14 103.46 38.13
N VAL J 269 -18.42 103.39 39.25
CA VAL J 269 -19.03 103.20 40.55
C VAL J 269 -18.92 104.51 41.33
N PRO J 270 -19.94 104.91 42.09
CA PRO J 270 -19.79 106.03 43.00
C PRO J 270 -19.03 105.62 44.25
N ILE J 271 -18.39 106.62 44.87
CA ILE J 271 -17.62 106.37 46.07
C ILE J 271 -18.20 107.16 47.23
N VAL J 272 -18.21 108.48 47.10
CA VAL J 272 -18.71 109.38 48.14
C VAL J 272 -19.96 110.06 47.61
N PRO J 273 -21.09 109.98 48.32
CA PRO J 273 -22.32 110.59 47.80
C PRO J 273 -22.26 112.11 47.84
N ALA J 274 -23.04 112.72 46.96
CA ALA J 274 -23.08 114.18 46.91
C ALA J 274 -23.88 114.73 48.08
N GLN J 275 -23.73 116.04 48.30
CA GLN J 275 -24.41 116.73 49.39
C GLN J 275 -25.72 117.30 48.83
N VAL J 276 -26.73 116.44 48.77
CA VAL J 276 -27.97 116.77 48.08
C VAL J 276 -28.84 117.78 48.83
N PRO J 277 -28.87 117.85 50.17
CA PRO J 277 -29.20 119.13 50.79
C PRO J 277 -27.93 119.88 51.17
N GLN J 278 -27.91 121.19 50.99
CA GLN J 278 -26.82 122.00 51.50
C GLN J 278 -27.35 123.41 51.75
N ASP J 279 -26.45 124.34 52.00
CA ASP J 279 -26.84 125.71 52.32
C ASP J 279 -26.71 126.66 51.14
N VAL J 280 -25.63 126.55 50.37
CA VAL J 280 -25.33 127.53 49.34
C VAL J 280 -26.13 127.36 48.07
N LEU J 281 -26.85 126.25 47.91
CA LEU J 281 -27.59 126.00 46.68
C LEU J 281 -28.83 125.20 47.02
N ALA J 282 -29.97 125.61 46.48
CA ALA J 282 -31.24 125.00 46.82
C ALA J 282 -31.32 123.58 46.29
N TYR J 283 -32.24 122.81 46.88
CA TYR J 283 -32.43 121.43 46.47
C TYR J 283 -33.12 121.32 45.12
N THR J 284 -33.74 122.40 44.64
CA THR J 284 -34.41 122.39 43.35
C THR J 284 -33.45 122.54 42.17
N PHE J 285 -32.15 122.59 42.40
CA PHE J 285 -31.22 122.67 41.29
C PHE J 285 -30.94 121.31 40.69
N PHE J 286 -30.83 120.29 41.54
CA PHE J 286 -30.25 119.02 41.11
C PHE J 286 -31.28 118.21 40.33
N THR J 287 -30.78 117.42 39.38
CA THR J 287 -31.65 116.48 38.68
C THR J 287 -32.09 115.34 39.58
N SER J 288 -31.33 115.07 40.66
CA SER J 288 -31.70 114.01 41.59
C SER J 288 -32.96 114.34 42.38
N SER J 289 -33.29 115.62 42.52
CA SER J 289 -34.51 115.99 43.22
C SER J 289 -35.75 115.64 42.42
N TYR J 290 -35.62 115.56 41.10
CA TYR J 290 -36.75 115.29 40.23
C TYR J 290 -36.83 113.84 39.79
N ALA J 291 -35.99 112.98 40.39
CA ALA J 291 -35.87 111.55 40.07
C ALA J 291 -35.57 111.32 38.59
N ILE J 292 -34.73 112.16 38.02
CA ILE J 292 -34.31 112.03 36.64
C ILE J 292 -33.16 111.04 36.59
N GLN J 293 -33.32 109.99 35.78
CA GLN J 293 -32.27 108.99 35.65
C GLN J 293 -31.15 109.54 34.78
N SER J 294 -29.92 109.35 35.23
CA SER J 294 -28.74 109.87 34.57
C SER J 294 -27.81 108.72 34.19
N PRO J 295 -27.02 108.87 33.12
CA PRO J 295 -26.09 107.79 32.75
C PRO J 295 -24.94 107.60 33.70
N PHE J 296 -24.68 108.55 34.59
CA PHE J 296 -23.54 108.47 35.47
C PHE J 296 -23.95 108.72 36.90
N PRO J 297 -23.28 108.12 37.87
CA PRO J 297 -23.68 108.30 39.28
C PRO J 297 -23.46 109.72 39.75
N GLU J 298 -24.54 110.33 40.24
CA GLU J 298 -24.52 111.73 40.68
C GLU J 298 -23.98 111.78 42.10
N ALA J 299 -22.66 111.63 42.21
CA ALA J 299 -21.99 111.50 43.48
C ALA J 299 -20.86 112.51 43.55
N ALA J 300 -20.17 112.54 44.69
CA ALA J 300 -19.09 113.51 44.86
C ALA J 300 -17.80 113.03 44.23
N VAL J 301 -17.50 111.74 44.33
CA VAL J 301 -16.30 111.15 43.74
C VAL J 301 -16.70 109.88 43.02
N SER J 302 -16.33 109.77 41.74
CA SER J 302 -16.66 108.60 40.93
C SER J 302 -15.39 108.03 40.31
N ARG J 303 -15.25 106.71 40.36
CA ARG J 303 -14.09 106.04 39.80
C ARG J 303 -14.54 104.91 38.88
N ILE J 304 -13.59 104.41 38.11
CA ILE J 304 -13.84 103.32 37.16
C ILE J 304 -13.25 102.05 37.75
N VAL J 305 -14.07 101.04 37.92
CA VAL J 305 -13.58 99.74 38.35
C VAL J 305 -13.89 98.73 37.26
N VAL J 306 -13.43 97.50 37.43
CA VAL J 306 -13.41 96.50 36.38
C VAL J 306 -14.26 95.32 36.79
N HIS J 307 -15.20 94.95 35.94
CA HIS J 307 -16.17 93.89 36.26
C HIS J 307 -16.61 93.30 34.93
N THR J 308 -16.16 92.10 34.62
CA THR J 308 -16.56 91.49 33.36
C THR J 308 -17.94 90.85 33.49
N ARG J 309 -18.71 90.98 32.41
CA ARG J 309 -20.07 90.42 32.28
C ARG J 309 -21.00 90.92 33.38
N TRP J 310 -21.13 92.24 33.46
CA TRP J 310 -22.39 92.83 33.89
C TRP J 310 -23.03 93.39 32.64
N ALA J 311 -24.36 93.31 32.58
CA ALA J 311 -25.15 93.39 31.34
C ALA J 311 -24.67 92.36 30.33
N SER J 312 -24.82 91.10 30.72
CA SER J 312 -24.48 89.98 29.86
C SER J 312 -25.45 88.85 30.15
N ASN J 313 -26.50 88.73 29.33
CA ASN J 313 -27.44 87.62 29.44
C ASN J 313 -26.95 86.48 28.54
N VAL J 314 -25.87 85.85 28.98
CA VAL J 314 -25.21 84.83 28.20
C VAL J 314 -25.99 83.53 28.25
N ASP J 315 -25.64 82.58 27.38
CA ASP J 315 -26.20 81.24 27.47
C ASP J 315 -25.73 80.55 28.74
N PHE J 316 -24.44 80.63 29.01
CA PHE J 316 -23.85 80.18 30.26
C PHE J 316 -22.48 80.83 30.40
N ASP J 317 -22.00 80.91 31.64
CA ASP J 317 -20.75 81.59 31.88
C ASP J 317 -19.56 80.69 31.55
N ARG J 318 -18.42 81.32 31.30
CA ARG J 318 -17.19 80.58 31.12
C ARG J 318 -16.56 80.13 32.42
N ASP J 319 -17.22 80.40 33.56
CA ASP J 319 -16.65 80.31 34.91
C ASP J 319 -15.32 81.06 34.99
N SER J 320 -15.32 82.26 34.43
CA SER J 320 -14.24 83.20 34.58
C SER J 320 -14.85 84.52 35.02
N SER J 321 -14.09 85.27 35.81
CA SER J 321 -14.55 86.56 36.30
C SER J 321 -13.37 87.37 36.83
N VAL J 322 -13.19 88.57 36.31
CA VAL J 322 -12.35 89.53 36.99
C VAL J 322 -13.29 90.53 37.63
N ILE J 323 -13.67 90.28 38.88
CA ILE J 323 -14.59 91.13 39.63
C ILE J 323 -13.77 91.88 40.67
N MET J 324 -13.87 93.20 40.66
CA MET J 324 -13.09 94.02 41.55
C MET J 324 -13.98 94.87 42.43
N ALA J 325 -13.60 94.98 43.69
CA ALA J 325 -14.21 95.90 44.62
C ALA J 325 -13.77 97.32 44.28
N PRO J 326 -14.51 98.33 44.73
CA PRO J 326 -14.03 99.69 44.60
C PRO J 326 -12.75 99.89 45.41
N PRO J 327 -11.89 100.84 45.01
CA PRO J 327 -10.55 100.92 45.60
C PRO J 327 -10.53 101.36 47.06
N THR J 328 -11.65 101.81 47.62
CA THR J 328 -11.69 102.07 49.05
C THR J 328 -11.70 100.78 49.86
N GLU J 329 -12.04 99.67 49.24
CA GLU J 329 -11.96 98.37 49.87
C GLU J 329 -10.64 97.71 49.50
N ASN J 330 -10.49 96.43 49.81
CA ASN J 330 -9.24 95.73 49.68
C ASN J 330 -9.31 94.78 48.50
N ASN J 331 -8.39 94.94 47.55
CA ASN J 331 -8.33 94.09 46.37
C ASN J 331 -7.13 93.16 46.39
N ILE J 332 -6.68 92.76 47.58
CA ILE J 332 -5.46 91.97 47.66
C ILE J 332 -5.71 90.50 47.32
N HIS J 333 -6.96 90.04 47.35
CA HIS J 333 -7.25 88.63 47.10
C HIS J 333 -7.11 88.26 45.63
N LEU J 334 -6.99 89.22 44.73
CA LEU J 334 -6.74 88.92 43.33
C LEU J 334 -5.28 88.65 43.04
N PHE J 335 -4.38 89.03 43.93
CA PHE J 335 -2.95 88.94 43.67
C PHE J 335 -2.25 87.99 44.63
N LYS J 336 -2.98 87.25 45.45
CA LYS J 336 -2.42 86.14 46.20
C LYS J 336 -3.06 84.82 45.81
N GLN J 337 -3.64 84.77 44.61
CA GLN J 337 -4.39 83.60 44.19
C GLN J 337 -3.48 82.48 43.72
N LEU J 338 -2.32 82.79 43.16
CA LEU J 338 -1.61 81.83 42.33
C LEU J 338 -0.56 81.03 43.10
N LEU J 339 0.47 81.68 43.64
CA LEU J 339 1.62 80.97 44.16
C LEU J 339 1.92 81.29 45.61
N ASN J 340 0.94 81.77 46.36
CA ASN J 340 1.17 82.11 47.75
C ASN J 340 0.68 80.97 48.66
N THR J 341 1.41 79.87 48.58
CA THR J 341 1.20 78.76 49.49
C THR J 341 1.68 79.14 50.89
N GLU J 342 2.79 79.85 50.99
CA GLU J 342 3.49 80.08 52.24
C GLU J 342 3.38 81.54 52.69
N THR J 343 2.20 82.13 52.53
CA THR J 343 1.91 83.45 53.06
C THR J 343 0.91 83.29 54.20
N LEU J 344 1.27 83.80 55.38
CA LEU J 344 0.47 83.52 56.57
C LEU J 344 -0.79 84.37 56.60
N SER J 345 -0.65 85.68 56.55
CA SER J 345 -1.74 86.59 56.84
C SER J 345 -2.80 86.61 55.74
N VAL J 346 -4.00 87.02 56.13
CA VAL J 346 -5.08 87.19 55.17
C VAL J 346 -4.79 88.35 54.23
N ARG J 347 -4.41 89.49 54.79
CA ARG J 347 -3.86 90.56 54.01
C ARG J 347 -2.45 90.20 53.57
N GLY J 348 -1.94 90.92 52.57
CA GLY J 348 -0.58 90.73 52.19
C GLY J 348 -0.34 89.67 51.13
N ALA J 349 0.55 89.98 50.18
CA ALA J 349 0.90 89.03 49.13
C ALA J 349 2.39 89.19 48.81
N ASN J 350 2.96 88.14 48.26
CA ASN J 350 4.38 88.13 47.92
C ASN J 350 4.63 89.05 46.75
N PRO J 351 5.49 90.07 46.87
CA PRO J 351 5.74 90.96 45.74
C PRO J 351 6.57 90.35 44.64
N LEU J 352 7.16 89.18 44.86
CA LEU J 352 7.83 88.49 43.78
C LEU J 352 6.88 87.63 42.96
N MET J 353 5.59 87.68 43.24
CA MET J 353 4.58 86.93 42.50
C MET J 353 3.67 87.81 41.69
N PHE J 354 3.95 89.12 41.63
CA PHE J 354 3.02 90.07 41.05
C PHE J 354 2.88 89.87 39.55
N ARG J 355 3.98 89.58 38.85
CA ARG J 355 3.91 89.42 37.40
C ARG J 355 3.10 88.19 37.02
N ALA J 356 3.30 87.08 37.73
CA ALA J 356 2.53 85.88 37.45
C ALA J 356 1.06 86.03 37.82
N ASN J 357 0.78 86.74 38.92
CA ASN J 357 -0.61 87.05 39.28
C ASN J 357 -1.30 87.89 38.22
N VAL J 358 -0.59 88.91 37.69
CA VAL J 358 -1.18 89.76 36.68
C VAL J 358 -1.39 88.99 35.38
N LEU J 359 -0.46 88.08 35.04
CA LEU J 359 -0.65 87.27 33.84
C LEU J 359 -1.85 86.34 33.94
N HIS J 360 -2.05 85.73 35.11
CA HIS J 360 -3.26 84.91 35.25
C HIS J 360 -4.52 85.75 35.26
N MET J 361 -4.45 86.97 35.79
CA MET J 361 -5.61 87.86 35.77
C MET J 361 -5.95 88.29 34.36
N LEU J 362 -4.94 88.56 33.53
CA LEU J 362 -5.20 88.93 32.14
C LEU J 362 -5.70 87.74 31.33
N LEU J 363 -5.26 86.53 31.68
CA LEU J 363 -5.77 85.35 31.01
C LEU J 363 -7.25 85.13 31.33
N GLU J 364 -7.63 85.29 32.59
CA GLU J 364 -9.05 85.24 32.96
C GLU J 364 -9.84 86.35 32.28
N PHE J 365 -9.26 87.54 32.21
CA PHE J 365 -9.94 88.68 31.61
C PHE J 365 -10.17 88.50 30.12
N VAL J 366 -9.26 87.83 29.42
CA VAL J 366 -9.51 87.50 28.02
C VAL J 366 -10.56 86.40 27.91
N LEU J 367 -10.36 85.29 28.61
CA LEU J 367 -11.24 84.12 28.53
C LEU J 367 -12.66 84.37 29.00
N ASP J 368 -12.91 85.47 29.71
CA ASP J 368 -14.26 85.81 30.09
C ASP J 368 -15.01 86.60 29.02
N ASN J 369 -14.33 87.05 27.97
CA ASN J 369 -14.96 87.86 26.93
C ASN J 369 -15.20 87.13 25.63
N LEU J 370 -14.95 85.83 25.58
CA LEU J 370 -15.10 85.06 24.34
C LEU J 370 -16.58 84.74 24.14
N TYR J 371 -17.32 85.72 23.66
CA TYR J 371 -18.72 85.57 23.31
C TYR J 371 -18.98 86.22 21.97
N LEU J 372 -20.17 85.97 21.45
CA LEU J 372 -20.63 86.59 20.22
C LEU J 372 -21.84 87.46 20.54
N ASN J 373 -21.90 88.62 19.91
CA ASN J 373 -22.98 89.56 20.19
C ASN J 373 -24.25 89.14 19.48
N ARG J 374 -25.38 89.30 20.16
CA ARG J 374 -26.66 88.79 19.70
C ARG J 374 -27.57 89.96 19.34
N HIS J 375 -28.36 89.76 18.29
CA HIS J 375 -29.31 90.75 17.80
C HIS J 375 -30.64 90.51 18.52
N THR J 376 -31.05 91.48 19.35
CA THR J 376 -32.21 91.29 20.22
C THR J 376 -33.50 91.83 19.62
N GLY J 377 -33.56 93.13 19.34
CA GLY J 377 -34.77 93.72 18.82
C GLY J 377 -34.91 95.19 19.17
N PHE J 378 -35.47 95.99 18.27
CA PHE J 378 -35.45 97.43 18.38
C PHE J 378 -36.86 97.98 18.58
N SER J 379 -36.93 99.26 18.87
CA SER J 379 -38.21 99.95 19.06
C SER J 379 -37.98 101.44 18.88
N GLN J 380 -38.69 102.05 17.95
CA GLN J 380 -38.54 103.48 17.71
C GLN J 380 -39.17 104.26 18.85
N ASP J 381 -38.46 105.28 19.34
CA ASP J 381 -38.99 106.03 20.47
C ASP J 381 -40.10 106.97 20.05
N HIS J 382 -40.88 107.40 21.03
CA HIS J 382 -41.96 108.34 20.83
C HIS J 382 -41.73 109.66 21.53
N THR J 383 -40.73 109.75 22.40
CA THR J 383 -40.32 111.00 22.98
C THR J 383 -39.63 111.86 21.94
N PRO J 384 -39.53 113.18 22.16
CA PRO J 384 -38.76 114.01 21.24
C PRO J 384 -37.28 114.09 21.61
N PHE J 385 -36.81 113.17 22.46
CA PHE J 385 -35.43 113.20 22.92
C PHE J 385 -34.44 112.95 21.79
N THR J 386 -34.80 112.11 20.83
CA THR J 386 -33.99 111.85 19.65
C THR J 386 -34.76 112.27 18.40
N GLU J 387 -34.14 112.05 17.24
CA GLU J 387 -34.80 112.32 15.96
C GLU J 387 -35.44 111.03 15.43
N GLY J 388 -36.33 110.48 16.24
CA GLY J 388 -36.99 109.24 15.89
C GLY J 388 -36.06 108.04 15.80
N ALA J 389 -35.01 108.00 16.61
CA ALA J 389 -34.01 106.95 16.52
C ALA J 389 -34.57 105.62 17.00
N ASN J 390 -33.79 104.57 16.74
CA ASN J 390 -34.21 103.20 16.97
C ASN J 390 -33.38 102.62 18.10
N LEU J 391 -33.99 102.49 19.27
CA LEU J 391 -33.29 102.11 20.48
C LEU J 391 -33.34 100.60 20.67
N ARG J 392 -32.26 100.05 21.21
CA ARG J 392 -32.18 98.62 21.41
C ARG J 392 -32.94 98.24 22.67
N SER J 393 -33.53 97.05 22.66
CA SER J 393 -34.20 96.51 23.83
C SER J 393 -33.55 95.19 24.19
N LEU J 394 -32.96 95.14 25.34
CA LEU J 394 -32.26 93.96 25.80
C LEU J 394 -33.08 93.23 26.85
N PRO J 395 -33.08 91.90 26.85
CA PRO J 395 -34.00 91.15 27.71
C PRO J 395 -33.50 91.13 29.15
N GLY J 396 -34.28 90.49 29.99
CA GLY J 396 -33.96 90.40 31.40
C GLY J 396 -35.20 90.58 32.25
N PRO J 397 -35.06 90.36 33.56
CA PRO J 397 -36.22 90.50 34.44
C PRO J 397 -36.61 91.93 34.71
N ASP J 398 -35.70 92.87 34.54
CA ASP J 398 -35.91 94.25 34.95
C ASP J 398 -35.06 95.10 34.01
N ALA J 399 -35.69 95.62 32.95
CA ALA J 399 -34.96 96.19 31.83
C ALA J 399 -35.29 97.65 31.56
N GLU J 400 -36.10 98.29 32.37
CA GLU J 400 -36.48 99.68 32.10
C GLU J 400 -35.50 100.69 32.66
N LYS J 401 -34.41 100.24 33.26
CA LYS J 401 -33.39 101.15 33.76
C LYS J 401 -32.08 101.03 33.01
N TRP J 402 -31.98 100.12 32.04
CA TRP J 402 -30.76 100.03 31.25
C TRP J 402 -30.61 101.15 30.25
N TYR J 403 -31.69 101.84 29.90
CA TYR J 403 -31.62 102.74 28.74
C TYR J 403 -30.88 104.03 29.09
N SER J 404 -31.01 104.48 30.34
CA SER J 404 -30.24 105.63 30.80
C SER J 404 -28.76 105.32 30.81
N ILE J 405 -28.39 104.11 31.22
CA ILE J 405 -26.99 103.69 31.18
C ILE J 405 -26.51 103.55 29.75
N MET J 406 -27.36 103.01 28.89
CA MET J 406 -26.91 102.57 27.58
C MET J 406 -26.87 103.70 26.57
N TYR J 407 -27.63 104.77 26.78
CA TYR J 407 -27.58 105.93 25.88
C TYR J 407 -27.36 107.20 26.67
N PRO J 408 -26.12 107.71 26.74
CA PRO J 408 -25.88 108.95 27.49
C PRO J 408 -26.42 110.17 26.81
N THR J 409 -26.49 110.17 25.49
CA THR J 409 -26.92 111.36 24.77
C THR J 409 -28.44 111.49 24.69
N ARG J 410 -29.20 110.54 25.22
CA ARG J 410 -30.65 110.63 25.17
C ARG J 410 -31.20 111.54 26.26
N MET J 411 -30.44 111.78 27.32
CA MET J 411 -30.89 112.56 28.46
C MET J 411 -31.15 114.01 28.09
N GLY J 412 -32.22 114.58 28.66
CA GLY J 412 -32.44 116.01 28.54
C GLY J 412 -31.41 116.82 29.30
N THR J 413 -31.36 118.11 29.01
CA THR J 413 -30.33 118.99 29.56
C THR J 413 -30.95 120.16 30.30
N PRO J 414 -31.26 120.01 31.58
CA PRO J 414 -31.79 121.14 32.34
C PRO J 414 -30.74 122.09 32.91
N ASN J 415 -29.61 121.58 33.36
CA ASN J 415 -28.76 122.32 34.30
C ASN J 415 -27.41 122.66 33.72
N VAL J 416 -26.57 123.26 34.55
CA VAL J 416 -25.17 123.50 34.22
C VAL J 416 -24.38 122.60 35.17
N SER J 417 -25.00 121.49 35.57
CA SER J 417 -24.25 120.42 36.20
C SER J 417 -23.29 119.80 35.19
N LYS J 418 -22.26 119.11 35.68
CA LYS J 418 -21.21 118.62 34.80
C LYS J 418 -21.70 117.57 33.82
N ILE J 419 -22.65 116.74 34.21
CA ILE J 419 -23.26 115.77 33.30
C ILE J 419 -24.00 116.51 32.19
N CYS J 420 -24.74 117.54 32.53
CA CYS J 420 -25.47 118.31 31.54
C CYS J 420 -24.59 119.23 30.73
N ASN J 421 -23.40 119.57 31.22
CA ASN J 421 -22.42 120.26 30.39
C ASN J 421 -21.77 119.31 29.41
N PHE J 422 -21.62 118.05 29.79
CA PHE J 422 -21.04 117.11 28.85
C PHE J 422 -22.02 116.73 27.76
N VAL J 423 -23.26 116.38 28.16
CA VAL J 423 -24.22 115.77 27.24
C VAL J 423 -24.64 116.73 26.14
N ALA J 424 -24.86 117.99 26.50
CA ALA J 424 -25.27 118.99 25.52
C ALA J 424 -24.13 119.50 24.65
N SER J 425 -22.91 119.00 24.84
CA SER J 425 -21.77 119.39 24.03
C SER J 425 -21.32 118.25 23.13
N CYS J 426 -22.26 117.52 22.54
CA CYS J 426 -21.98 116.33 21.76
C CYS J 426 -22.82 116.34 20.48
N VAL J 427 -22.65 115.29 19.67
CA VAL J 427 -23.31 115.17 18.38
C VAL J 427 -24.54 114.30 18.54
N ARG J 428 -25.65 114.72 17.94
CA ARG J 428 -26.95 114.13 18.25
C ARG J 428 -27.24 112.87 17.43
N ASN J 429 -26.85 112.84 16.16
CA ASN J 429 -27.27 111.74 15.30
C ASN J 429 -26.31 110.55 15.34
N ARG J 430 -25.96 110.11 16.55
CA ARG J 430 -25.06 108.98 16.75
C ARG J 430 -25.62 108.11 17.88
N VAL J 431 -26.90 107.78 17.78
CA VAL J 431 -27.62 107.06 18.81
C VAL J 431 -28.40 105.93 18.15
N GLY J 432 -28.37 104.75 18.77
CA GLY J 432 -29.20 103.65 18.32
C GLY J 432 -28.73 102.97 17.06
N ARG J 433 -29.65 102.62 16.18
CA ARG J 433 -29.34 101.92 14.95
C ARG J 433 -28.91 102.92 13.89
N PHE J 434 -27.98 102.52 13.05
CA PHE J 434 -27.70 103.30 11.86
C PHE J 434 -27.39 102.46 10.64
N ASP J 435 -27.39 101.13 10.75
CA ASP J 435 -27.07 100.27 9.62
C ASP J 435 -27.68 98.91 9.87
N ARG J 436 -28.33 98.34 8.86
CA ARG J 436 -28.82 96.97 8.95
C ARG J 436 -28.63 96.30 7.60
N ALA J 437 -28.77 94.98 7.59
CA ALA J 437 -28.75 94.18 6.37
C ALA J 437 -30.05 93.39 6.32
N GLN J 438 -31.00 93.86 5.53
CA GLN J 438 -32.29 93.20 5.39
C GLN J 438 -32.25 92.39 4.10
N MET J 439 -32.10 91.08 4.24
CA MET J 439 -31.96 90.23 3.06
C MET J 439 -33.26 89.59 2.62
N MET J 440 -34.24 89.42 3.52
CA MET J 440 -35.49 88.77 3.13
C MET J 440 -36.66 89.48 3.79
N ASN J 441 -37.81 89.32 3.17
CA ASN J 441 -39.08 89.84 3.72
C ASN J 441 -39.49 88.96 4.88
N GLY J 442 -39.72 89.58 6.04
CA GLY J 442 -40.19 88.86 7.20
C GLY J 442 -39.19 87.88 7.79
N ALA J 443 -37.93 88.29 7.90
CA ALA J 443 -36.91 87.46 8.51
C ALA J 443 -36.08 88.32 9.44
N MET J 444 -35.27 87.67 10.25
CA MET J 444 -34.34 88.38 11.11
C MET J 444 -33.27 89.05 10.28
N SER J 445 -32.94 90.29 10.62
CA SER J 445 -31.78 90.93 10.02
C SER J 445 -30.52 90.21 10.48
N GLU J 446 -29.59 90.01 9.57
CA GLU J 446 -28.43 89.18 9.88
C GLU J 446 -27.44 89.90 10.78
N TRP J 447 -27.16 91.17 10.50
CA TRP J 447 -26.27 91.93 11.34
C TRP J 447 -26.69 93.39 11.30
N VAL J 448 -26.48 94.09 12.41
CA VAL J 448 -26.68 95.53 12.49
C VAL J 448 -25.42 96.16 13.06
N ASP J 449 -25.33 97.47 12.92
CA ASP J 449 -24.31 98.27 13.59
C ASP J 449 -25.02 99.29 14.46
N VAL J 450 -24.72 99.30 15.76
CA VAL J 450 -25.41 100.15 16.71
C VAL J 450 -24.41 101.03 17.45
N PHE J 451 -24.80 102.26 17.73
CA PHE J 451 -24.10 103.11 18.68
C PHE J 451 -24.66 102.87 20.06
N GLU J 452 -23.82 102.47 21.01
CA GLU J 452 -24.22 102.38 22.42
C GLU J 452 -22.96 102.33 23.27
N THR J 453 -23.17 102.31 24.58
CA THR J 453 -22.06 102.20 25.51
C THR J 453 -21.42 100.83 25.43
N SER J 454 -20.10 100.80 25.34
CA SER J 454 -19.38 99.59 25.05
C SER J 454 -18.02 99.69 25.72
N ASP J 455 -17.07 98.90 25.24
CA ASP J 455 -15.71 98.89 25.78
C ASP J 455 -14.84 98.42 24.64
N ALA J 456 -14.06 99.32 24.04
CA ALA J 456 -13.38 99.03 22.77
C ALA J 456 -12.40 97.88 22.85
N LEU J 457 -11.85 97.59 24.02
CA LEU J 457 -11.05 96.39 24.20
C LEU J 457 -11.91 95.13 24.04
N THR J 458 -13.07 95.12 24.69
CA THR J 458 -13.97 93.97 24.58
C THR J 458 -14.51 93.83 23.17
N VAL J 459 -14.78 94.95 22.51
CA VAL J 459 -15.21 94.95 21.11
C VAL J 459 -14.10 94.39 20.23
N SER J 460 -12.83 94.71 20.52
CA SER J 460 -11.73 94.16 19.76
C SER J 460 -11.58 92.66 19.96
N ILE J 461 -11.73 92.18 21.20
CA ILE J 461 -11.62 90.75 21.48
C ILE J 461 -12.71 89.97 20.75
N ARG J 462 -13.95 90.46 20.85
CA ARG J 462 -15.04 89.75 20.19
C ARG J 462 -14.99 89.89 18.67
N GLY J 463 -14.37 90.95 18.15
CA GLY J 463 -14.16 91.04 16.72
C GLY J 463 -13.14 90.03 16.22
N ARG J 464 -12.05 89.84 16.97
CA ARG J 464 -11.07 88.82 16.58
C ARG J 464 -11.65 87.41 16.70
N TRP J 465 -12.46 87.17 17.73
CA TRP J 465 -13.08 85.86 17.88
C TRP J 465 -14.09 85.58 16.77
N MET J 466 -14.86 86.59 16.38
CA MET J 466 -15.76 86.46 15.24
C MET J 466 -15.00 86.25 13.95
N ALA J 467 -13.81 86.86 13.82
CA ALA J 467 -13.00 86.63 12.63
C ALA J 467 -12.49 85.20 12.56
N ARG J 468 -12.11 84.62 13.69
CA ARG J 468 -11.69 83.21 13.70
C ARG J 468 -12.86 82.29 13.33
N LEU J 469 -14.01 82.49 13.96
CA LEU J 469 -15.15 81.62 13.67
C LEU J 469 -15.71 81.85 12.27
N ALA J 470 -15.51 83.03 11.69
CA ALA J 470 -15.87 83.23 10.29
C ALA J 470 -14.85 82.64 9.34
N ARG J 471 -13.61 82.47 9.77
CA ARG J 471 -12.67 81.71 8.95
C ARG J 471 -13.00 80.23 8.97
N MET J 472 -13.55 79.73 10.07
CA MET J 472 -13.93 78.32 10.12
C MET J 472 -15.22 77.97 9.37
N ASN J 473 -15.89 78.91 8.71
CA ASN J 473 -17.25 78.69 8.25
C ASN J 473 -17.30 77.85 6.97
N ILE J 474 -18.32 77.00 6.87
CA ILE J 474 -18.63 76.25 5.66
C ILE J 474 -20.13 76.31 5.41
N ASN J 475 -20.53 76.21 4.15
CA ASN J 475 -21.92 76.13 3.76
C ASN J 475 -22.21 74.76 3.12
N PRO J 476 -23.46 74.22 3.22
CA PRO J 476 -23.66 72.78 3.00
C PRO J 476 -23.38 72.19 1.63
N THR J 477 -22.99 73.02 0.64
CA THR J 477 -22.66 72.48 -0.67
C THR J 477 -21.40 71.62 -0.63
N GLU J 478 -20.33 72.12 -0.04
CA GLU J 478 -19.17 71.26 0.10
C GLU J 478 -19.32 70.22 1.21
N ILE J 479 -20.30 70.36 2.10
CA ILE J 479 -20.62 69.25 2.98
C ILE J 479 -21.21 68.10 2.18
N GLU J 480 -22.10 68.42 1.22
CA GLU J 480 -22.61 67.43 0.28
C GLU J 480 -21.49 66.80 -0.53
N TRP J 481 -20.58 67.63 -1.04
CA TRP J 481 -19.47 67.11 -1.83
C TRP J 481 -18.51 66.26 -1.01
N ALA J 482 -18.26 66.63 0.25
CA ALA J 482 -17.34 65.87 1.08
C ALA J 482 -17.95 64.56 1.51
N LEU J 483 -19.23 64.56 1.88
CA LEU J 483 -19.86 63.29 2.22
C LEU J 483 -20.11 62.42 1.01
N THR J 484 -20.08 62.97 -0.20
CA THR J 484 -20.07 62.12 -1.38
C THR J 484 -18.69 61.52 -1.66
N GLU J 485 -17.64 62.33 -1.58
CA GLU J 485 -16.29 61.84 -1.86
C GLU J 485 -15.81 60.87 -0.81
N CYS J 486 -16.19 61.08 0.46
CA CYS J 486 -15.85 60.14 1.51
C CYS J 486 -16.59 58.82 1.33
N ALA J 487 -17.79 58.86 0.78
CA ALA J 487 -18.53 57.64 0.51
C ALA J 487 -18.06 56.95 -0.76
N GLN J 488 -17.36 57.68 -1.63
CA GLN J 488 -16.95 57.22 -2.96
C GLN J 488 -18.16 56.78 -3.77
N GLY J 489 -19.22 57.58 -3.70
CA GLY J 489 -20.38 57.42 -4.53
C GLY J 489 -21.37 56.37 -4.09
N TYR J 490 -21.05 55.57 -3.08
CA TYR J 490 -21.98 54.51 -2.68
C TYR J 490 -23.19 55.04 -1.95
N VAL J 491 -23.17 56.26 -1.45
CA VAL J 491 -24.36 56.94 -0.97
C VAL J 491 -24.26 58.40 -1.37
N THR J 492 -25.39 58.98 -1.78
CA THR J 492 -25.44 60.39 -2.14
C THR J 492 -26.32 61.16 -1.17
N VAL J 493 -25.97 62.42 -0.98
CA VAL J 493 -26.71 63.33 -0.11
C VAL J 493 -27.05 64.56 -0.92
N THR J 494 -27.91 65.41 -0.37
CA THR J 494 -28.34 66.63 -1.04
C THR J 494 -28.04 67.86 -0.19
N SER J 495 -28.14 69.01 -0.84
CA SER J 495 -28.05 70.32 -0.23
C SER J 495 -28.89 71.22 -1.11
N PRO J 496 -29.71 72.10 -0.53
CA PRO J 496 -30.72 72.81 -1.32
C PRO J 496 -30.10 73.89 -2.20
N TYR J 497 -30.95 74.46 -3.04
CA TYR J 497 -30.54 75.50 -3.99
C TYR J 497 -31.52 76.65 -3.85
N ALA J 498 -31.21 77.56 -2.93
CA ALA J 498 -32.11 78.65 -2.55
C ALA J 498 -31.28 79.70 -1.84
N PRO J 499 -31.77 80.94 -1.74
CA PRO J 499 -31.05 81.96 -0.96
C PRO J 499 -30.97 81.61 0.52
N SER J 500 -29.78 81.78 1.08
CA SER J 500 -29.45 81.27 2.40
C SER J 500 -30.01 82.16 3.50
N VAL J 501 -30.18 81.57 4.67
CA VAL J 501 -30.63 82.29 5.85
C VAL J 501 -29.43 82.67 6.73
N ASN J 502 -28.23 82.55 6.17
CA ASN J 502 -26.96 83.04 6.70
C ASN J 502 -26.63 82.38 8.05
N ARG J 503 -26.39 81.08 7.96
CA ARG J 503 -26.03 80.27 9.10
C ARG J 503 -24.52 80.20 9.28
N LEU J 504 -24.09 79.66 10.42
CA LEU J 504 -22.68 79.61 10.80
C LEU J 504 -22.37 78.21 11.33
N MET J 505 -21.56 77.47 10.58
CA MET J 505 -21.19 76.11 10.94
C MET J 505 -19.67 76.02 10.93
N PRO J 506 -19.02 76.26 12.06
CA PRO J 506 -17.55 76.33 12.06
C PRO J 506 -16.86 74.97 12.05
N TYR J 507 -16.33 74.55 10.89
CA TYR J 507 -15.70 73.23 10.87
C TYR J 507 -14.40 73.15 10.07
N ARG J 508 -14.14 74.00 9.09
CA ARG J 508 -12.94 73.84 8.26
C ARG J 508 -11.74 74.42 8.99
N ILE J 509 -10.76 73.56 9.29
CA ILE J 509 -9.54 73.98 9.95
C ILE J 509 -8.36 73.71 9.02
N SER J 510 -7.19 74.18 9.43
CA SER J 510 -6.01 74.07 8.59
C SER J 510 -5.41 72.67 8.68
N ASN J 511 -4.24 72.50 8.10
CA ASN J 511 -3.60 71.20 8.02
C ASN J 511 -2.68 70.97 9.21
N ALA J 512 -1.97 72.02 9.63
CA ALA J 512 -1.01 71.90 10.72
C ALA J 512 -1.71 71.69 12.05
N GLU J 513 -2.90 72.26 12.24
CA GLU J 513 -3.67 72.02 13.45
C GLU J 513 -4.08 70.56 13.59
N ARG J 514 -4.35 69.92 12.46
CA ARG J 514 -4.67 68.49 12.47
C ARG J 514 -3.43 67.65 12.74
N GLN J 515 -2.30 68.01 12.12
CA GLN J 515 -1.07 67.25 12.29
C GLN J 515 -0.54 67.31 13.71
N ILE J 516 -0.68 68.47 14.37
CA ILE J 516 -0.18 68.62 15.74
C ILE J 516 -0.96 67.74 16.70
N SER J 517 -2.27 67.70 16.56
CA SER J 517 -3.08 66.82 17.41
C SER J 517 -2.81 65.35 17.12
N GLN J 518 -2.51 65.02 15.86
CA GLN J 518 -2.08 63.65 15.54
C GLN J 518 -0.76 63.29 16.24
N ILE J 519 0.18 64.23 16.28
CA ILE J 519 1.44 64.02 17.00
C ILE J 519 1.19 63.82 18.49
N ILE J 520 0.28 64.60 19.06
CA ILE J 520 -0.01 64.49 20.49
C ILE J 520 -0.66 63.14 20.82
N ARG J 521 -1.52 62.64 19.92
CA ARG J 521 -2.13 61.34 20.15
C ARG J 521 -1.13 60.19 20.01
N VAL J 522 -0.19 60.31 19.05
CA VAL J 522 0.84 59.29 18.91
C VAL J 522 1.76 59.29 20.12
N MET J 523 2.04 60.48 20.66
CA MET J 523 2.79 60.59 21.91
C MET J 523 2.01 60.04 23.10
N ASN J 524 0.67 60.10 23.06
CA ASN J 524 -0.14 59.48 24.09
C ASN J 524 -0.01 57.96 24.08
N ILE J 525 -0.06 57.35 22.91
CA ILE J 525 0.00 55.89 22.90
C ILE J 525 1.46 55.42 22.96
N GLY J 526 2.08 55.52 24.13
CA GLY J 526 3.51 55.26 24.17
C GLY J 526 3.88 53.93 24.75
N ASN J 527 4.19 52.97 23.87
CA ASN J 527 4.69 51.63 24.22
C ASN J 527 3.76 50.90 25.17
N ASN J 528 2.46 51.02 24.96
CA ASN J 528 1.50 50.53 25.94
C ASN J 528 0.75 49.28 25.50
N ALA J 529 0.18 49.26 24.31
CA ALA J 529 -0.59 48.16 23.72
C ALA J 529 -1.84 47.78 24.52
N THR J 530 -2.30 48.63 25.42
CA THR J 530 -3.63 48.49 25.98
C THR J 530 -4.50 49.69 25.72
N VAL J 531 -3.93 50.80 25.25
CA VAL J 531 -4.74 51.89 24.73
C VAL J 531 -5.15 51.62 23.30
N ILE J 532 -4.25 51.07 22.49
CA ILE J 532 -4.51 50.89 21.07
C ILE J 532 -5.25 49.58 20.76
N GLN J 533 -5.24 48.63 21.68
CA GLN J 533 -5.99 47.39 21.49
C GLN J 533 -7.51 47.55 21.36
N PRO J 534 -8.21 48.38 22.17
CA PRO J 534 -9.64 48.58 21.89
C PRO J 534 -9.94 49.29 20.59
N VAL J 535 -8.99 50.05 20.03
CA VAL J 535 -9.26 50.71 18.76
C VAL J 535 -9.32 49.70 17.63
N LEU J 536 -8.35 48.79 17.59
CA LEU J 536 -8.37 47.72 16.59
C LEU J 536 -9.55 46.78 16.82
N GLN J 537 -9.91 46.52 18.09
CA GLN J 537 -11.10 45.74 18.38
C GLN J 537 -12.38 46.46 17.95
N ASP J 538 -12.39 47.79 17.96
CA ASP J 538 -13.55 48.55 17.47
C ASP J 538 -13.65 48.48 15.95
N ILE J 539 -12.52 48.63 15.26
CA ILE J 539 -12.54 48.59 13.81
C ILE J 539 -12.84 47.17 13.31
N SER J 540 -12.57 46.14 14.12
CA SER J 540 -13.02 44.79 13.79
C SER J 540 -14.54 44.68 13.69
N VAL J 541 -15.25 45.19 14.71
CA VAL J 541 -16.70 45.18 14.70
C VAL J 541 -17.24 46.07 13.59
N LEU J 542 -16.56 47.18 13.32
CA LEU J 542 -17.02 48.08 12.27
C LEU J 542 -16.85 47.50 10.87
N LEU J 543 -15.79 46.72 10.63
CA LEU J 543 -15.67 45.99 9.37
C LEU J 543 -16.70 44.86 9.29
N GLN J 544 -16.96 44.21 10.43
CA GLN J 544 -17.92 43.11 10.46
C GLN J 544 -19.34 43.57 10.18
N ARG J 545 -19.65 44.83 10.50
CA ARG J 545 -21.01 45.33 10.27
C ARG J 545 -21.33 45.46 8.78
N ILE J 546 -20.39 45.96 7.98
CA ILE J 546 -20.69 46.28 6.59
C ILE J 546 -19.97 45.36 5.61
N SER J 547 -19.25 44.36 6.08
CA SER J 547 -18.60 43.49 5.10
C SER J 547 -19.59 42.46 4.57
N PRO J 548 -19.54 42.16 3.26
CA PRO J 548 -20.45 41.16 2.72
C PRO J 548 -20.01 39.73 2.99
N LEU J 549 -18.75 39.49 3.25
CA LEU J 549 -18.25 38.13 3.43
C LEU J 549 -18.72 37.56 4.76
N GLN J 550 -18.90 36.24 4.79
CA GLN J 550 -19.30 35.56 6.02
C GLN J 550 -18.52 34.25 6.11
N ILE J 551 -18.90 33.39 7.05
CA ILE J 551 -17.97 32.42 7.62
C ILE J 551 -17.84 31.19 6.73
N ASP J 552 -18.93 30.43 6.59
CA ASP J 552 -18.99 29.09 5.99
C ASP J 552 -17.94 28.18 6.62
N PRO J 553 -18.12 27.72 7.85
CA PRO J 553 -17.10 26.86 8.46
C PRO J 553 -17.14 25.44 7.94
N THR J 554 -18.22 25.05 7.27
CA THR J 554 -18.45 23.68 6.86
C THR J 554 -17.83 23.35 5.52
N ILE J 555 -17.16 24.30 4.86
CA ILE J 555 -16.68 24.03 3.51
C ILE J 555 -15.45 23.12 3.53
N ILE J 556 -14.60 23.23 4.54
CA ILE J 556 -13.46 22.33 4.65
C ILE J 556 -13.92 20.94 5.05
N SER J 557 -14.88 20.87 5.98
CA SER J 557 -15.45 19.59 6.38
C SER J 557 -16.25 18.94 5.27
N ASN J 558 -16.77 19.70 4.32
CA ASN J 558 -17.39 19.12 3.15
C ASN J 558 -16.36 18.64 2.15
N THR J 559 -15.31 19.42 1.90
CA THR J 559 -14.38 19.04 0.86
C THR J 559 -13.43 17.94 1.29
N MET J 560 -13.23 17.72 2.59
CA MET J 560 -12.36 16.64 3.02
C MET J 560 -13.10 15.32 3.22
N SER J 561 -14.31 15.20 2.70
CA SER J 561 -15.07 13.96 2.79
C SER J 561 -14.82 13.05 1.60
N THR J 562 -14.09 13.50 0.60
CA THR J 562 -13.81 12.71 -0.59
C THR J 562 -12.31 12.66 -0.83
N VAL J 563 -11.57 12.28 0.20
CA VAL J 563 -10.14 12.04 0.08
C VAL J 563 -9.93 10.54 0.13
N SER J 564 -9.33 10.00 -0.92
CA SER J 564 -9.15 8.56 -1.03
C SER J 564 -8.04 8.11 -0.10
N GLU J 565 -8.37 7.28 0.88
CA GLU J 565 -7.36 6.70 1.76
C GLU J 565 -7.85 5.36 2.26
N SER J 566 -6.96 4.64 2.93
CA SER J 566 -7.22 3.29 3.42
C SER J 566 -7.47 3.32 4.91
N THR J 567 -8.39 2.44 5.36
CA THR J 567 -8.69 2.34 6.78
C THR J 567 -7.55 1.66 7.53
N THR J 568 -6.76 0.83 6.86
CA THR J 568 -5.70 0.06 7.49
C THR J 568 -4.57 0.93 8.02
N GLN J 569 -4.38 2.12 7.47
CA GLN J 569 -3.29 2.99 7.89
C GLN J 569 -3.55 3.58 9.27
N THR J 570 -2.48 3.93 9.96
CA THR J 570 -2.59 4.60 11.25
C THR J 570 -2.64 6.11 11.09
N LEU J 571 -1.83 6.66 10.19
CA LEU J 571 -1.91 8.07 9.87
C LEU J 571 -3.13 8.34 9.01
N SER J 572 -3.61 9.58 9.05
CA SER J 572 -4.75 10.00 8.26
C SER J 572 -4.57 11.45 7.85
N PRO J 573 -4.07 11.69 6.63
CA PRO J 573 -3.88 13.07 6.18
C PRO J 573 -5.16 13.82 5.93
N ALA J 574 -6.27 13.11 5.69
CA ALA J 574 -7.55 13.78 5.54
C ALA J 574 -8.09 14.27 6.87
N SER J 575 -7.84 13.50 7.94
CA SER J 575 -8.43 13.80 9.24
C SER J 575 -7.48 14.54 10.16
N SER J 576 -6.21 14.65 9.81
CA SER J 576 -5.29 15.40 10.66
C SER J 576 -5.47 16.90 10.50
N ILE J 577 -5.81 17.35 9.29
CA ILE J 577 -6.02 18.78 9.04
C ILE J 577 -7.27 19.26 9.76
N LEU J 578 -8.27 18.41 9.92
CA LEU J 578 -9.52 18.85 10.56
C LEU J 578 -9.35 18.99 12.07
N GLY J 579 -8.38 18.31 12.66
CA GLY J 579 -8.06 18.52 14.05
C GLY J 579 -7.08 19.65 14.23
N LYS J 580 -6.21 19.83 13.24
CA LYS J 580 -5.24 20.91 13.31
C LYS J 580 -5.86 22.27 13.04
N LEU J 581 -6.98 22.28 12.33
CA LEU J 581 -7.56 23.47 11.73
C LEU J 581 -9.06 23.53 12.02
N ARG J 582 -9.42 23.39 13.29
CA ARG J 582 -10.83 23.29 13.62
C ARG J 582 -11.49 24.67 13.54
N PRO J 583 -12.67 24.77 12.91
CA PRO J 583 -13.40 26.04 12.89
C PRO J 583 -14.30 26.19 14.11
N SER J 584 -14.47 27.43 14.55
CA SER J 584 -15.21 27.66 15.77
C SER J 584 -16.13 28.88 15.72
N ASN J 585 -16.30 29.51 14.55
CA ASN J 585 -17.19 30.64 14.26
C ASN J 585 -16.77 31.94 14.95
N SER J 586 -15.74 31.90 15.80
CA SER J 586 -15.16 33.09 16.38
C SER J 586 -13.83 33.41 15.73
N ASP J 587 -13.66 32.98 14.49
CA ASP J 587 -12.40 33.09 13.78
C ASP J 587 -12.28 34.37 12.97
N PHE J 588 -13.36 35.07 12.71
CA PHE J 588 -13.21 36.38 12.07
C PHE J 588 -12.84 37.46 13.07
N SER J 589 -13.03 37.21 14.37
CA SER J 589 -12.63 38.17 15.38
C SER J 589 -11.13 38.31 15.45
N SER J 590 -10.38 37.30 15.01
CA SER J 590 -8.93 37.39 14.92
C SER J 590 -8.44 37.67 13.52
N PHE J 591 -9.34 37.75 12.54
CA PHE J 591 -8.98 38.09 11.18
C PHE J 591 -9.20 39.55 10.87
N ARG J 592 -10.29 40.12 11.36
CA ARG J 592 -10.58 41.52 11.10
C ARG J 592 -9.68 42.45 11.90
N VAL J 593 -9.10 41.97 13.00
CA VAL J 593 -8.10 42.76 13.71
C VAL J 593 -6.82 42.87 12.88
N ALA J 594 -6.42 41.77 12.23
CA ALA J 594 -5.27 41.81 11.34
C ALA J 594 -5.57 42.63 10.10
N LEU J 595 -6.82 42.64 9.66
CA LEU J 595 -7.21 43.49 8.55
C LEU J 595 -7.23 44.97 8.95
N ALA J 596 -7.54 45.26 10.21
CA ALA J 596 -7.58 46.62 10.70
C ALA J 596 -6.22 47.14 11.12
N GLY J 597 -5.26 46.27 11.36
CA GLY J 597 -3.93 46.70 11.68
C GLY J 597 -3.14 47.24 10.53
N TRP J 598 -3.66 47.17 9.31
CA TRP J 598 -2.98 47.75 8.16
C TRP J 598 -2.99 49.26 8.19
N LEU J 599 -3.91 49.86 8.93
CA LEU J 599 -3.98 51.30 9.07
C LEU J 599 -2.90 51.86 9.96
N TYR J 600 -2.20 51.02 10.73
CA TYR J 600 -1.19 51.49 11.68
C TYR J 600 -0.03 50.51 11.66
N ASN J 601 1.06 50.87 11.01
CA ASN J 601 2.30 50.15 11.18
C ASN J 601 3.30 50.89 12.04
N GLY J 602 3.10 52.20 12.23
CA GLY J 602 4.02 52.98 13.02
C GLY J 602 3.93 52.65 14.49
N VAL J 603 2.72 52.57 15.01
CA VAL J 603 2.53 52.30 16.43
C VAL J 603 2.18 50.85 16.74
N VAL J 604 1.68 50.10 15.76
CA VAL J 604 1.22 48.73 15.96
C VAL J 604 1.92 47.83 14.96
N THR J 605 2.53 46.75 15.44
CA THR J 605 3.19 45.78 14.58
C THR J 605 2.59 44.42 14.91
N THR J 606 1.60 44.00 14.15
CA THR J 606 0.91 42.73 14.43
C THR J 606 1.81 41.56 14.07
N VAL J 607 2.10 40.71 15.04
CA VAL J 607 2.94 39.54 14.84
C VAL J 607 2.11 38.29 15.10
N ILE J 608 2.68 37.15 14.75
CA ILE J 608 2.05 35.86 15.03
C ILE J 608 2.39 35.46 16.46
N ASP J 609 1.40 34.91 17.16
CA ASP J 609 1.53 34.50 18.55
C ASP J 609 2.64 33.45 18.72
N ASP J 610 3.20 33.40 19.92
CA ASP J 610 4.30 32.49 20.21
C ASP J 610 3.83 31.04 20.18
N SER J 611 2.59 30.78 20.61
CA SER J 611 2.08 29.42 20.69
C SER J 611 1.72 28.83 19.33
N SER J 612 1.81 29.60 18.25
CA SER J 612 1.47 29.10 16.92
C SER J 612 2.66 28.50 16.19
N TYR J 613 3.77 28.31 16.87
CA TYR J 613 4.98 27.74 16.32
C TYR J 613 5.13 26.29 16.77
N PRO J 614 5.89 25.44 16.04
CA PRO J 614 5.82 24.00 16.30
C PRO J 614 6.52 23.48 17.55
N LYS J 615 6.84 24.33 18.53
CA LYS J 615 7.30 23.93 19.86
C LYS J 615 8.59 23.12 19.81
N ASP J 616 9.71 23.83 19.61
CA ASP J 616 11.07 23.30 19.45
C ASP J 616 11.16 22.43 18.18
N GLY J 617 11.01 23.11 17.05
CA GLY J 617 11.41 22.54 15.79
C GLY J 617 10.32 21.77 15.10
N GLY J 618 10.33 20.45 15.29
CA GLY J 618 9.37 19.60 14.64
C GLY J 618 9.90 19.05 13.35
N SER J 619 10.09 17.73 13.28
CA SER J 619 10.67 17.12 12.10
C SER J 619 9.69 17.14 10.94
N VAL J 620 10.23 17.19 9.71
CA VAL J 620 9.39 17.12 8.53
C VAL J 620 8.84 15.73 8.31
N THR J 621 9.42 14.72 8.95
CA THR J 621 8.86 13.39 8.90
C THR J 621 7.51 13.34 9.61
N SER J 622 7.35 14.15 10.64
CA SER J 622 6.06 14.27 11.31
C SER J 622 5.06 14.96 10.40
N LEU J 623 3.81 14.49 10.45
CA LEU J 623 2.76 15.04 9.61
C LEU J 623 2.09 16.25 10.24
N GLU J 624 1.98 16.25 11.56
CA GLU J 624 1.35 17.37 12.25
C GLU J 624 2.17 18.64 12.14
N ASN J 625 3.49 18.53 12.24
CA ASN J 625 4.35 19.69 12.03
C ASN J 625 4.34 20.11 10.56
N LEU J 626 4.10 19.17 9.66
CA LEU J 626 3.98 19.51 8.25
C LEU J 626 2.72 20.31 7.98
N TRP J 627 1.63 20.02 8.69
CA TRP J 627 0.46 20.89 8.60
C TRP J 627 0.69 22.22 9.28
N ASP J 628 1.44 22.21 10.38
CA ASP J 628 1.76 23.42 11.12
C ASP J 628 2.62 24.37 10.30
N PHE J 629 3.42 23.84 9.38
CA PHE J 629 4.12 24.71 8.44
C PHE J 629 3.16 25.38 7.48
N PHE J 630 2.18 24.64 6.99
CA PHE J 630 1.23 25.15 5.99
C PHE J 630 0.38 26.27 6.56
N ILE J 631 -0.04 26.12 7.82
CA ILE J 631 -0.83 27.15 8.49
C ILE J 631 -0.06 28.47 8.58
N LEU J 632 1.20 28.40 9.02
CA LEU J 632 2.02 29.61 9.12
C LEU J 632 2.35 30.20 7.76
N ALA J 633 2.56 29.34 6.76
CA ALA J 633 2.87 29.83 5.42
C ALA J 633 1.68 30.53 4.78
N LEU J 634 0.46 30.16 5.13
CA LEU J 634 -0.67 30.95 4.66
C LEU J 634 -0.94 32.19 5.51
N ALA J 635 -0.68 32.13 6.82
CA ALA J 635 -1.07 33.23 7.68
C ALA J 635 -0.08 34.39 7.69
N LEU J 636 1.20 34.15 7.42
CA LEU J 636 2.20 35.21 7.53
C LEU J 636 2.10 36.41 6.57
N PRO J 637 1.66 36.30 5.30
CA PRO J 637 1.57 37.54 4.50
C PRO J 637 0.51 38.53 4.96
N LEU J 638 -0.41 38.15 5.85
CA LEU J 638 -1.45 39.07 6.27
C LEU J 638 -0.97 40.06 7.32
N THR J 639 0.05 39.70 8.08
CA THR J 639 0.49 40.54 9.18
C THR J 639 1.44 41.62 8.70
N THR J 640 1.42 42.75 9.39
CA THR J 640 2.20 43.91 9.01
C THR J 640 3.59 43.93 9.63
N ASP J 641 4.05 42.82 10.18
CA ASP J 641 5.39 42.76 10.73
C ASP J 641 6.42 42.73 9.61
N PRO J 642 7.48 43.53 9.68
CA PRO J 642 8.45 43.56 8.58
C PRO J 642 9.31 42.32 8.46
N CYS J 643 9.43 41.51 9.51
CA CYS J 643 10.25 40.31 9.46
C CYS J 643 9.44 39.06 9.13
N ALA J 644 8.27 39.22 8.54
CA ALA J 644 7.43 38.13 8.09
C ALA J 644 8.09 37.20 7.06
N PRO J 645 8.83 37.67 6.02
CA PRO J 645 9.47 36.67 5.15
C PRO J 645 10.59 35.89 5.81
N VAL J 646 11.34 36.49 6.73
CA VAL J 646 12.40 35.71 7.35
C VAL J 646 11.83 34.74 8.38
N LYS J 647 10.69 35.08 9.00
CA LYS J 647 10.03 34.07 9.81
C LYS J 647 9.46 32.94 8.96
N ALA J 648 8.94 33.26 7.78
CA ALA J 648 8.47 32.22 6.87
C ALA J 648 9.58 31.31 6.38
N PHE J 649 10.79 31.84 6.21
CA PHE J 649 11.90 31.01 5.76
C PHE J 649 12.44 30.14 6.90
N MET J 650 12.66 30.75 8.06
CA MET J 650 13.20 30.02 9.20
C MET J 650 12.21 29.03 9.80
N THR J 651 10.91 29.17 9.51
CA THR J 651 9.96 28.13 9.88
C THR J 651 10.26 26.81 9.20
N LEU J 652 10.64 26.86 7.92
CA LEU J 652 11.03 25.63 7.24
C LEU J 652 12.44 25.21 7.63
N ALA J 653 13.33 26.18 7.83
CA ALA J 653 14.70 25.83 8.14
C ALA J 653 14.85 25.24 9.55
N ASN J 654 13.92 25.54 10.47
CA ASN J 654 13.91 24.83 11.73
C ASN J 654 13.46 23.39 11.56
N MET J 655 12.49 23.16 10.68
CA MET J 655 11.97 21.83 10.50
C MET J 655 12.92 20.92 9.75
N MET J 656 13.82 21.48 8.95
CA MET J 656 14.83 20.67 8.29
C MET J 656 16.18 20.91 8.96
N VAL J 657 16.45 20.16 10.03
CA VAL J 657 17.75 20.12 10.69
C VAL J 657 18.24 18.69 10.64
N GLY J 658 19.42 18.49 10.05
CA GLY J 658 19.90 17.15 9.76
C GLY J 658 19.36 16.54 8.50
N PHE J 659 18.34 17.14 7.90
CA PHE J 659 17.83 16.74 6.60
C PHE J 659 18.51 17.54 5.50
N GLU J 660 18.45 18.87 5.57
CA GLU J 660 19.13 19.77 4.65
C GLU J 660 19.66 20.96 5.45
N THR J 661 20.92 21.34 5.22
CA THR J 661 21.59 22.35 6.02
C THR J 661 22.05 23.51 5.15
N ILE J 662 21.95 24.73 5.69
CA ILE J 662 22.37 25.96 5.01
C ILE J 662 23.28 26.77 5.93
N PRO J 663 24.23 27.55 5.42
CA PRO J 663 25.15 28.26 6.30
C PRO J 663 24.52 29.46 6.98
N MET J 664 24.91 29.68 8.23
CA MET J 664 24.37 30.71 9.11
C MET J 664 25.32 31.88 9.24
N ASP J 665 25.01 32.80 10.16
CA ASP J 665 25.84 33.96 10.42
C ASP J 665 26.72 33.81 11.66
N ASN J 666 26.22 33.19 12.72
CA ASN J 666 27.02 33.06 13.94
C ASN J 666 26.71 31.71 14.59
N GLN J 667 27.18 31.55 15.82
CA GLN J 667 26.85 30.39 16.63
C GLN J 667 25.59 30.60 17.45
N ILE J 668 24.96 31.75 17.34
CA ILE J 668 23.83 32.12 18.19
C ILE J 668 22.54 31.99 17.41
N TYR J 669 22.45 32.69 16.29
CA TYR J 669 21.29 32.60 15.40
C TYR J 669 21.54 31.50 14.38
N THR J 670 21.56 30.26 14.88
CA THR J 670 21.90 29.11 14.06
C THR J 670 20.65 28.65 13.30
N GLN J 671 20.78 27.52 12.59
CA GLN J 671 19.65 26.98 11.84
C GLN J 671 18.57 26.46 12.77
N SER J 672 18.96 25.88 13.90
CA SER J 672 17.98 25.36 14.86
C SER J 672 17.48 26.44 15.81
N ARG J 673 17.94 27.68 15.69
CA ARG J 673 17.42 28.77 16.49
C ARG J 673 16.00 29.09 16.07
N ARG J 674 15.13 29.29 17.06
CA ARG J 674 13.69 29.33 16.84
C ARG J 674 13.27 30.53 16.01
N ALA J 675 12.32 30.29 15.09
CA ALA J 675 11.98 31.28 14.07
C ALA J 675 11.28 32.50 14.64
N SER J 676 10.64 32.38 15.80
CA SER J 676 9.99 33.54 16.39
C SER J 676 10.98 34.51 17.00
N ALA J 677 12.26 34.13 17.12
CA ALA J 677 13.27 34.99 17.69
C ALA J 677 13.88 35.95 16.68
N PHE J 678 13.42 35.94 15.43
CA PHE J 678 13.91 36.88 14.44
C PHE J 678 12.96 38.06 14.41
N SER J 679 13.32 39.14 15.07
CA SER J 679 12.43 40.29 15.19
C SER J 679 13.01 41.59 14.65
N THR J 680 14.30 41.79 14.78
CA THR J 680 15.11 42.92 14.35
C THR J 680 15.58 42.69 12.92
N PRO J 681 15.48 43.68 12.03
CA PRO J 681 15.73 43.43 10.61
C PRO J 681 17.17 43.19 10.20
N HIS J 682 18.09 42.99 11.13
CA HIS J 682 19.40 42.46 10.74
C HIS J 682 19.77 41.25 11.58
N THR J 683 18.79 40.47 11.99
CA THR J 683 18.99 39.07 12.26
C THR J 683 18.74 38.23 11.03
N TRP J 684 18.60 38.86 9.86
CA TRP J 684 18.32 38.14 8.65
C TRP J 684 19.60 37.43 8.18
N PRO J 685 19.54 36.14 7.88
CA PRO J 685 20.75 35.44 7.48
C PRO J 685 21.20 35.84 6.09
N ARG J 686 22.52 35.80 5.90
CA ARG J 686 23.11 36.16 4.62
C ARG J 686 22.69 35.18 3.52
N CYS J 687 22.49 33.92 3.90
CA CYS J 687 22.02 32.89 2.98
C CYS J 687 20.57 33.09 2.56
N PHE J 688 19.82 33.97 3.21
CA PHE J 688 18.48 34.30 2.75
C PHE J 688 18.50 35.33 1.63
N MET J 689 19.29 36.38 1.76
CA MET J 689 19.34 37.41 0.73
C MET J 689 20.30 37.09 -0.40
N ASN J 690 21.14 36.07 -0.25
CA ASN J 690 21.84 35.50 -1.39
C ASN J 690 21.34 34.07 -1.55
N ILE J 691 20.45 33.88 -2.53
CA ILE J 691 19.89 32.55 -2.80
C ILE J 691 20.97 31.60 -3.33
N GLN J 692 22.02 32.15 -3.94
CA GLN J 692 23.14 31.33 -4.41
C GLN J 692 23.91 30.66 -3.28
N LEU J 693 23.81 31.18 -2.06
CA LEU J 693 24.49 30.52 -0.94
C LEU J 693 23.83 29.21 -0.57
N ILE J 694 22.54 29.07 -0.81
CA ILE J 694 21.86 27.80 -0.60
C ILE J 694 22.21 26.90 -1.79
N SER J 695 22.82 25.77 -1.50
CA SER J 695 23.28 24.87 -2.55
C SER J 695 22.09 24.15 -3.18
N PRO J 696 22.00 24.09 -4.50
CA PRO J 696 20.81 23.49 -5.13
C PRO J 696 20.78 21.98 -5.06
N ILE J 697 21.85 21.33 -4.65
CA ILE J 697 21.90 19.88 -4.62
C ILE J 697 21.98 19.31 -3.21
N ASP J 698 22.31 20.12 -2.20
CA ASP J 698 22.31 19.65 -0.84
C ASP J 698 21.21 20.26 0.01
N ALA J 699 20.57 21.33 -0.45
CA ALA J 699 19.32 21.83 0.14
C ALA J 699 18.40 22.30 -0.97
N PRO J 700 17.87 21.39 -1.79
CA PRO J 700 17.06 21.84 -2.94
C PRO J 700 15.71 22.38 -2.53
N ILE J 701 15.10 21.86 -1.47
CA ILE J 701 13.77 22.32 -1.09
C ILE J 701 13.85 23.69 -0.44
N LEU J 702 14.90 23.96 0.33
CA LEU J 702 15.10 25.32 0.83
C LEU J 702 15.47 26.27 -0.30
N ARG J 703 16.20 25.79 -1.30
CA ARG J 703 16.45 26.59 -2.50
C ARG J 703 15.16 26.92 -3.23
N GLN J 704 14.19 26.01 -3.22
CA GLN J 704 12.87 26.29 -3.79
C GLN J 704 12.13 27.36 -2.98
N TRP J 705 12.03 27.15 -1.67
CA TRP J 705 11.24 28.02 -0.81
C TRP J 705 11.81 29.43 -0.73
N ALA J 706 13.12 29.58 -0.88
CA ALA J 706 13.71 30.92 -0.93
C ALA J 706 13.27 31.67 -2.18
N GLU J 707 13.24 30.99 -3.33
CA GLU J 707 12.78 31.65 -4.56
C GLU J 707 11.29 31.92 -4.52
N ILE J 708 10.51 31.04 -3.87
CA ILE J 708 9.08 31.27 -3.72
C ILE J 708 8.83 32.52 -2.88
N ILE J 709 9.60 32.71 -1.81
CA ILE J 709 9.48 33.93 -1.02
C ILE J 709 9.92 35.15 -1.82
N HIS J 710 11.06 35.06 -2.51
CA HIS J 710 11.58 36.22 -3.22
C HIS J 710 10.77 36.59 -4.46
N ARG J 711 9.92 35.71 -4.96
CA ARG J 711 9.17 36.00 -6.16
C ARG J 711 7.69 36.21 -5.93
N TYR J 712 7.05 35.38 -5.09
CA TYR J 712 5.60 35.35 -4.99
C TYR J 712 5.07 36.02 -3.73
N TRP J 713 5.92 36.70 -2.98
CA TRP J 713 5.44 37.49 -1.84
C TRP J 713 4.66 38.69 -2.36
N PRO J 714 3.59 39.09 -1.66
CA PRO J 714 2.70 40.14 -2.19
C PRO J 714 3.37 41.50 -2.27
N ASN J 715 2.69 42.40 -2.98
CA ASN J 715 3.24 43.66 -3.45
C ASN J 715 2.39 44.82 -2.94
N PRO J 716 2.96 45.82 -2.29
CA PRO J 716 2.16 46.92 -1.75
C PRO J 716 1.57 47.84 -2.82
N SER J 717 0.55 48.60 -2.42
CA SER J 717 -0.22 49.43 -3.34
C SER J 717 -0.76 50.65 -2.60
N GLN J 718 -1.70 51.36 -3.24
CA GLN J 718 -2.24 52.60 -2.67
C GLN J 718 -3.64 52.87 -3.21
N ILE J 719 -4.49 53.48 -2.38
CA ILE J 719 -5.93 53.37 -2.58
C ILE J 719 -6.69 54.71 -2.59
N ARG J 720 -6.13 55.82 -2.10
CA ARG J 720 -6.75 57.15 -2.17
C ARG J 720 -8.09 57.24 -1.41
N TYR J 721 -8.04 57.35 -0.09
CA TYR J 721 -9.22 57.72 0.69
C TYR J 721 -9.31 59.24 0.79
N GLY J 722 -10.28 59.70 1.55
CA GLY J 722 -10.21 61.03 2.13
C GLY J 722 -10.79 62.13 1.27
N THR J 723 -11.21 63.20 1.94
CA THR J 723 -11.70 64.42 1.32
C THR J 723 -10.83 65.57 1.78
N PRO J 724 -9.97 66.13 0.93
CA PRO J 724 -9.01 67.13 1.41
C PRO J 724 -9.63 68.49 1.70
N ASN J 725 -10.81 68.79 1.18
CA ASN J 725 -11.35 70.14 1.29
C ASN J 725 -11.88 70.41 2.70
N VAL J 726 -12.90 69.68 3.11
CA VAL J 726 -13.50 69.94 4.41
C VAL J 726 -12.66 69.32 5.53
N PHE J 727 -12.23 68.09 5.35
CA PHE J 727 -11.43 67.40 6.34
C PHE J 727 -9.96 67.74 6.11
N GLY J 728 -9.31 68.29 7.12
CA GLY J 728 -7.87 68.46 7.06
C GLY J 728 -7.21 67.10 7.13
N SER J 729 -6.32 66.82 6.20
CA SER J 729 -5.68 65.51 6.13
C SER J 729 -4.70 65.33 7.27
N ALA J 730 -4.76 64.18 7.93
CA ALA J 730 -4.05 63.99 9.19
C ALA J 730 -2.73 63.26 9.05
N ASN J 731 -2.45 62.65 7.90
CA ASN J 731 -1.30 61.78 7.82
C ASN J 731 0.00 62.56 7.68
N LEU J 732 1.07 61.92 8.12
CA LEU J 732 2.40 62.49 8.04
C LEU J 732 3.37 61.36 7.70
N PHE J 733 4.38 61.71 6.90
CA PHE J 733 5.35 60.88 6.17
C PHE J 733 4.75 60.19 4.96
N THR J 734 3.45 60.28 4.75
CA THR J 734 2.79 59.97 3.50
C THR J 734 2.12 61.24 3.01
N PRO J 735 1.93 61.40 1.70
CA PRO J 735 1.17 62.56 1.21
C PRO J 735 -0.29 62.46 1.61
N PRO J 736 -1.03 63.57 1.58
CA PRO J 736 -2.47 63.49 1.84
C PRO J 736 -3.19 62.70 0.77
N GLU J 737 -4.39 62.21 1.13
CA GLU J 737 -5.32 61.53 0.23
C GLU J 737 -4.72 60.23 -0.32
N VAL J 738 -4.00 59.49 0.53
CA VAL J 738 -3.48 58.20 0.11
C VAL J 738 -3.31 57.33 1.35
N LEU J 739 -3.54 56.04 1.17
CA LEU J 739 -3.38 55.03 2.19
C LEU J 739 -2.49 53.95 1.61
N LEU J 740 -1.72 53.28 2.45
CA LEU J 740 -0.82 52.25 1.96
C LEU J 740 -1.31 50.88 2.41
N LEU J 741 -1.39 49.96 1.46
CA LEU J 741 -1.81 48.59 1.71
C LEU J 741 -0.62 47.66 1.52
N PRO J 742 -0.58 46.55 2.26
CA PRO J 742 0.50 45.57 2.03
C PRO J 742 0.28 44.71 0.80
N ILE J 743 -0.96 44.56 0.34
CA ILE J 743 -1.28 43.67 -0.76
C ILE J 743 -1.70 44.50 -1.97
N ASP J 744 -1.86 43.83 -3.09
CA ASP J 744 -2.25 44.48 -4.33
C ASP J 744 -3.75 44.40 -4.51
N HIS J 745 -4.32 45.42 -5.14
CA HIS J 745 -5.74 45.49 -5.39
C HIS J 745 -5.98 45.84 -6.85
N GLN J 746 -7.13 45.40 -7.35
CA GLN J 746 -7.60 45.82 -8.66
C GLN J 746 -9.09 46.09 -8.48
N PRO J 747 -9.57 47.25 -8.94
CA PRO J 747 -11.01 47.52 -8.85
C PRO J 747 -11.79 46.60 -9.78
N ALA J 748 -12.87 46.04 -9.25
CA ALA J 748 -13.66 45.10 -10.02
C ALA J 748 -14.51 45.82 -11.03
N ASN J 749 -14.75 45.16 -12.16
CA ASN J 749 -15.63 45.70 -13.19
C ASN J 749 -17.06 45.21 -13.02
N VAL J 750 -17.23 43.98 -12.53
CA VAL J 750 -18.58 43.45 -12.34
C VAL J 750 -19.12 43.88 -10.98
N THR J 751 -20.45 43.86 -10.88
CA THR J 751 -21.12 44.00 -9.61
C THR J 751 -21.86 42.73 -9.21
N THR J 752 -21.85 41.71 -10.06
CA THR J 752 -22.26 40.36 -9.69
C THR J 752 -20.99 39.53 -9.63
N PRO J 753 -20.33 39.43 -8.48
CA PRO J 753 -19.03 38.77 -8.42
C PRO J 753 -19.16 37.27 -8.45
N THR J 754 -18.10 36.61 -8.88
CA THR J 754 -18.06 35.16 -8.97
C THR J 754 -16.62 34.68 -8.86
N LEU J 755 -16.47 33.38 -8.60
CA LEU J 755 -15.21 32.82 -8.16
C LEU J 755 -14.14 32.87 -9.25
N ASP J 756 -12.98 33.47 -8.94
CA ASP J 756 -11.83 33.47 -9.82
C ASP J 756 -10.58 33.03 -9.07
N PHE J 757 -9.51 32.76 -9.82
CA PHE J 757 -8.31 32.13 -9.30
C PHE J 757 -7.04 32.92 -9.62
N THR J 758 -7.15 34.15 -10.09
CA THR J 758 -5.97 34.92 -10.53
C THR J 758 -5.73 36.12 -9.63
N ASN J 759 -5.06 35.88 -8.51
CA ASN J 759 -4.53 36.93 -7.65
C ASN J 759 -3.41 36.35 -6.78
N GLU J 760 -2.79 37.25 -6.01
CA GLU J 760 -1.54 36.94 -5.32
C GLU J 760 -1.75 35.94 -4.18
N LEU J 761 -2.88 36.01 -3.49
CA LEU J 761 -3.11 35.11 -2.37
C LEU J 761 -3.38 33.68 -2.83
N THR J 762 -4.15 33.52 -3.90
CA THR J 762 -4.38 32.19 -4.44
C THR J 762 -3.10 31.62 -5.07
N ASN J 763 -2.30 32.48 -5.71
CA ASN J 763 -1.01 32.02 -6.22
C ASN J 763 -0.08 31.59 -5.10
N TRP J 764 -0.11 32.31 -3.98
CA TRP J 764 0.69 31.97 -2.81
C TRP J 764 0.29 30.62 -2.23
N ARG J 765 -1.03 30.39 -2.09
CA ARG J 765 -1.51 29.10 -1.59
C ARG J 765 -1.14 27.96 -2.53
N ALA J 766 -1.25 28.19 -3.84
CA ALA J 766 -0.93 27.17 -4.81
C ALA J 766 0.55 26.79 -4.77
N ARG J 767 1.43 27.78 -4.61
CA ARG J 767 2.84 27.44 -4.63
C ARG J 767 3.33 26.86 -3.31
N VAL J 768 2.70 27.20 -2.18
CA VAL J 768 2.99 26.48 -0.94
C VAL J 768 2.57 25.02 -1.04
N CYS J 769 1.39 24.78 -1.65
CA CYS J 769 0.94 23.40 -1.87
C CYS J 769 1.88 22.65 -2.82
N GLU J 770 2.41 23.33 -3.84
CA GLU J 770 3.33 22.64 -4.73
C GLU J 770 4.70 22.39 -4.12
N LEU J 771 5.12 23.24 -3.18
CA LEU J 771 6.34 22.93 -2.42
C LEU J 771 6.14 21.69 -1.57
N MET J 772 4.99 21.58 -0.90
CA MET J 772 4.73 20.38 -0.12
C MET J 772 4.58 19.13 -0.99
N LYS J 773 4.11 19.29 -2.23
CA LYS J 773 4.12 18.17 -3.17
C LYS J 773 5.55 17.76 -3.55
N ASN J 774 6.45 18.71 -3.78
CA ASN J 774 7.83 18.35 -4.06
C ASN J 774 8.52 17.73 -2.85
N LEU J 775 8.15 18.14 -1.64
CA LEU J 775 8.69 17.56 -0.42
C LEU J 775 8.22 16.13 -0.22
N VAL J 776 6.94 15.84 -0.46
CA VAL J 776 6.50 14.46 -0.35
C VAL J 776 7.02 13.61 -1.50
N ASP J 777 7.34 14.22 -2.64
CA ASP J 777 7.94 13.47 -3.74
C ASP J 777 9.46 13.45 -3.72
N ASN J 778 10.10 13.98 -2.68
CA ASN J 778 11.54 13.82 -2.53
C ASN J 778 11.91 12.34 -2.32
N GLN J 779 13.11 11.98 -2.75
CA GLN J 779 13.54 10.58 -2.72
C GLN J 779 14.19 10.17 -1.41
N ARG J 780 14.59 11.12 -0.57
CA ARG J 780 15.02 10.80 0.78
C ARG J 780 13.82 10.64 1.71
N TYR J 781 12.67 11.17 1.32
CA TYR J 781 11.51 11.30 2.20
C TYR J 781 10.40 10.32 1.90
N GLN J 782 10.28 9.89 0.64
CA GLN J 782 9.23 8.95 0.26
C GLN J 782 9.42 7.51 0.77
N PRO J 783 10.59 6.86 0.68
CA PRO J 783 10.65 5.44 1.11
C PRO J 783 10.50 5.22 2.61
N GLY J 784 10.46 6.27 3.42
CA GLY J 784 10.02 6.12 4.79
C GLY J 784 8.51 5.96 4.94
N TRP J 785 7.75 6.09 3.86
CA TRP J 785 6.31 5.98 3.89
C TRP J 785 5.82 4.86 2.98
N THR J 786 4.52 4.55 3.09
CA THR J 786 3.89 3.61 2.19
C THR J 786 3.14 4.35 1.09
N GLN J 787 2.82 3.60 0.02
CA GLN J 787 2.23 4.19 -1.18
C GLN J 787 0.81 4.68 -0.95
N SER J 788 0.03 3.95 -0.14
CA SER J 788 -1.33 4.37 0.18
C SER J 788 -1.37 5.59 1.08
N LEU J 789 -0.26 5.94 1.72
CA LEU J 789 -0.18 7.18 2.48
C LEU J 789 0.31 8.33 1.61
N VAL J 790 1.28 8.06 0.74
CA VAL J 790 1.79 9.09 -0.16
C VAL J 790 0.71 9.56 -1.14
N SER J 791 -0.08 8.62 -1.67
CA SER J 791 -1.15 8.98 -2.60
C SER J 791 -2.24 9.78 -1.92
N SER J 792 -2.59 9.43 -0.68
CA SER J 792 -3.59 10.18 0.06
C SER J 792 -3.11 11.59 0.40
N MET J 793 -1.84 11.75 0.78
CA MET J 793 -1.31 13.08 1.04
C MET J 793 -1.23 13.93 -0.23
N ARG J 794 -0.86 13.31 -1.36
CA ARG J 794 -0.81 14.07 -2.61
C ARG J 794 -2.20 14.49 -3.07
N GLY J 795 -3.20 13.63 -2.87
CA GLY J 795 -4.56 14.01 -3.19
C GLY J 795 -5.09 15.11 -2.30
N THR J 796 -4.74 15.06 -1.01
CA THR J 796 -5.16 16.12 -0.07
C THR J 796 -4.54 17.46 -0.45
N LEU J 797 -3.26 17.47 -0.84
CA LEU J 797 -2.65 18.71 -1.27
C LEU J 797 -3.22 19.21 -2.60
N GLY J 798 -3.46 18.31 -3.55
CA GLY J 798 -4.05 18.72 -4.81
C GLY J 798 -5.47 19.24 -4.69
N LYS J 799 -6.20 18.82 -3.67
CA LYS J 799 -7.52 19.38 -3.42
C LYS J 799 -7.45 20.69 -2.65
N LEU J 800 -6.53 20.76 -1.67
CA LEU J 800 -6.37 21.95 -0.85
C LEU J 800 -5.81 23.12 -1.63
N LYS J 801 -5.14 22.86 -2.75
CA LYS J 801 -4.82 23.95 -3.67
C LYS J 801 -6.07 24.53 -4.30
N LEU J 802 -7.01 23.66 -4.70
CA LEU J 802 -8.19 24.04 -5.47
C LEU J 802 -9.45 24.08 -4.63
N ILE J 803 -9.34 24.38 -3.34
CA ILE J 803 -10.51 24.74 -2.54
C ILE J 803 -11.11 26.04 -3.08
N LYS J 804 -12.42 26.21 -2.91
CA LYS J 804 -13.18 27.33 -3.47
C LYS J 804 -13.61 28.27 -2.35
N SER J 805 -12.79 29.28 -2.07
CA SER J 805 -13.10 30.27 -1.04
C SER J 805 -13.06 31.66 -1.63
N MET J 806 -13.93 32.54 -1.14
CA MET J 806 -14.02 33.89 -1.67
C MET J 806 -13.02 34.85 -1.06
N THR J 807 -12.33 34.46 0.01
CA THR J 807 -11.50 35.39 0.78
C THR J 807 -10.32 36.01 0.01
N PRO J 808 -9.56 35.29 -0.84
CA PRO J 808 -8.54 36.01 -1.63
C PRO J 808 -9.14 36.95 -2.66
N MET J 809 -10.32 36.66 -3.19
CA MET J 809 -10.95 37.62 -4.10
C MET J 809 -11.45 38.84 -3.35
N TYR J 810 -11.96 38.64 -2.13
CA TYR J 810 -12.46 39.74 -1.32
C TYR J 810 -11.33 40.68 -0.94
N LEU J 811 -10.22 40.14 -0.43
CA LEU J 811 -9.05 40.95 -0.10
C LEU J 811 -8.47 41.65 -1.32
N GLN J 812 -8.62 41.08 -2.51
CA GLN J 812 -8.17 41.75 -3.71
C GLN J 812 -9.07 42.94 -4.05
N GLN J 813 -10.38 42.73 -4.10
CA GLN J 813 -11.25 43.67 -4.78
C GLN J 813 -12.11 44.53 -3.87
N LEU J 814 -12.65 44.00 -2.78
CA LEU J 814 -13.69 44.72 -2.04
C LEU J 814 -13.20 45.30 -0.73
N ALA J 815 -12.30 44.62 -0.03
CA ALA J 815 -11.75 45.18 1.20
C ALA J 815 -10.97 46.48 1.05
N PRO J 816 -10.14 46.71 0.01
CA PRO J 816 -9.53 48.04 -0.14
C PRO J 816 -10.52 49.16 -0.42
N VAL J 817 -11.69 48.87 -0.99
CA VAL J 817 -12.68 49.93 -1.17
C VAL J 817 -13.28 50.32 0.17
N GLU J 818 -13.68 49.32 0.95
CA GLU J 818 -14.38 49.63 2.18
C GLU J 818 -13.44 49.99 3.33
N LEU J 819 -12.13 49.79 3.19
CA LEU J 819 -11.23 50.44 4.14
C LEU J 819 -11.18 51.95 3.90
N ALA J 820 -11.15 52.36 2.63
CA ALA J 820 -11.15 53.78 2.32
C ALA J 820 -12.50 54.42 2.58
N VAL J 821 -13.57 53.63 2.57
CA VAL J 821 -14.87 54.15 2.98
C VAL J 821 -14.85 54.49 4.47
N ILE J 822 -14.25 53.63 5.29
CA ILE J 822 -14.30 53.78 6.74
C ILE J 822 -13.30 54.81 7.24
N ALA J 823 -12.08 54.82 6.68
CA ALA J 823 -10.95 55.48 7.31
C ALA J 823 -11.05 56.98 7.58
N PRO J 824 -11.74 57.82 6.78
CA PRO J 824 -11.94 59.20 7.25
C PRO J 824 -12.88 59.29 8.44
N MET J 825 -13.87 58.42 8.52
CA MET J 825 -14.88 58.49 9.57
C MET J 825 -14.45 57.59 10.72
N LEU J 826 -13.50 58.10 11.50
CA LEU J 826 -12.77 57.25 12.40
C LEU J 826 -12.25 58.14 13.53
N PRO J 827 -12.39 57.70 14.79
CA PRO J 827 -11.98 58.57 15.91
C PRO J 827 -10.48 58.70 16.07
N PHE J 828 -9.71 57.83 15.45
CA PHE J 828 -8.26 57.98 15.48
C PHE J 828 -7.74 57.81 14.06
N PRO J 829 -7.23 58.87 13.44
CA PRO J 829 -6.94 58.85 12.00
C PRO J 829 -5.75 57.97 11.68
N PRO J 830 -5.60 57.51 10.43
CA PRO J 830 -4.53 56.57 10.12
C PRO J 830 -3.14 57.18 10.24
N PHE J 831 -2.20 56.34 10.67
CA PHE J 831 -0.84 56.76 10.95
C PHE J 831 0.08 55.69 10.37
N GLN J 832 0.69 55.96 9.22
CA GLN J 832 1.42 54.94 8.49
C GLN J 832 2.82 55.41 8.12
N VAL J 833 3.75 54.46 8.12
CA VAL J 833 5.09 54.62 7.55
C VAL J 833 5.14 53.62 6.39
N PRO J 834 6.00 53.79 5.38
CA PRO J 834 5.85 52.97 4.17
C PRO J 834 6.17 51.50 4.37
N TYR J 835 5.27 50.64 3.90
CA TYR J 835 5.50 49.22 3.80
C TYR J 835 6.63 48.92 2.82
N VAL J 836 7.26 47.77 3.00
CA VAL J 836 8.29 47.31 2.08
C VAL J 836 8.40 45.79 2.16
N ARG J 837 8.46 45.13 1.01
CA ARG J 837 8.75 43.72 0.98
C ARG J 837 10.26 43.53 0.85
N LEU J 838 10.83 42.74 1.75
CA LEU J 838 12.09 42.03 1.53
C LEU J 838 13.35 42.91 1.44
N ASP J 839 13.20 44.23 1.41
CA ASP J 839 14.35 45.11 1.30
C ASP J 839 14.86 45.42 2.70
N ARG J 840 16.10 45.05 2.98
CA ARG J 840 16.66 45.23 4.31
C ARG J 840 16.94 46.70 4.61
N ASP J 841 17.29 47.47 3.59
CA ASP J 841 17.73 48.85 3.80
C ASP J 841 16.59 49.83 4.04
N ARG J 842 15.34 49.42 3.85
CA ARG J 842 14.21 50.34 3.98
C ARG J 842 13.22 49.92 5.06
N VAL J 843 13.64 49.05 5.98
CA VAL J 843 12.77 48.67 7.09
C VAL J 843 12.79 49.78 8.13
N PRO J 844 11.64 50.32 8.50
CA PRO J 844 11.64 51.44 9.45
C PRO J 844 11.86 50.98 10.88
N THR J 845 12.72 51.69 11.58
CA THR J 845 12.89 51.56 13.02
C THR J 845 12.77 52.93 13.66
N MET J 846 12.35 52.92 14.93
CA MET J 846 12.26 54.08 15.84
C MET J 846 11.50 55.26 15.24
N VAL J 847 10.20 55.07 15.05
CA VAL J 847 9.35 56.24 14.94
C VAL J 847 9.31 56.93 16.30
N GLY J 848 9.60 58.23 16.31
CA GLY J 848 9.82 58.90 17.58
C GLY J 848 9.38 60.33 17.63
N VAL J 849 8.67 60.70 18.70
CA VAL J 849 8.19 62.05 18.87
C VAL J 849 9.07 62.78 19.88
N THR J 850 9.09 64.10 19.77
CA THR J 850 9.75 64.94 20.75
C THR J 850 8.72 65.85 21.40
N ARG J 851 9.05 66.37 22.57
CA ARG J 851 8.20 67.36 23.19
C ARG J 851 8.99 68.48 23.87
N GLN J 852 10.31 68.48 23.75
CA GLN J 852 11.14 69.51 24.36
C GLN J 852 12.48 69.54 23.64
N SER J 853 13.16 70.67 23.76
CA SER J 853 14.51 70.79 23.24
C SER J 853 15.49 70.43 24.37
N ARG J 854 16.76 70.78 24.21
CA ARG J 854 17.76 70.50 25.22
C ARG J 854 18.63 71.74 25.33
N ASP J 855 19.84 71.57 25.88
CA ASP J 855 20.68 72.55 26.59
C ASP J 855 20.65 73.97 26.04
N THR J 856 21.09 74.15 24.80
CA THR J 856 21.06 75.47 24.20
C THR J 856 20.68 75.46 22.74
N ILE J 857 20.40 74.29 22.16
CA ILE J 857 20.09 74.19 20.74
C ILE J 857 18.61 74.51 20.57
N THR J 858 18.32 75.62 19.90
CA THR J 858 16.97 76.17 19.82
C THR J 858 16.33 75.89 18.48
N GLN J 859 16.87 74.96 17.71
CA GLN J 859 16.28 74.63 16.43
C GLN J 859 15.83 73.18 16.43
N PRO J 860 14.57 72.91 16.06
CA PRO J 860 14.03 71.55 16.19
C PRO J 860 14.69 70.55 15.28
N ALA J 861 15.11 70.95 14.08
CA ALA J 861 15.78 70.03 13.17
C ALA J 861 17.15 69.61 13.66
N LEU J 862 17.78 70.41 14.52
CA LEU J 862 19.05 70.02 15.12
C LEU J 862 18.87 69.28 16.43
N SER J 863 17.93 69.68 17.27
CA SER J 863 17.72 69.01 18.54
C SER J 863 16.76 67.84 18.46
N LEU J 864 16.37 67.44 17.25
CA LEU J 864 15.38 66.37 17.13
C LEU J 864 15.99 64.99 17.33
N SER J 865 17.22 64.78 16.86
CA SER J 865 17.76 63.43 16.78
C SER J 865 18.18 62.86 18.13
N THR J 866 18.39 63.71 19.14
CA THR J 866 18.89 63.24 20.42
C THR J 866 17.90 63.44 21.56
N THR J 867 16.70 63.97 21.29
CA THR J 867 15.74 64.30 22.34
C THR J 867 14.36 63.80 21.93
N ASN J 868 14.26 62.53 21.58
CA ASN J 868 12.98 61.98 21.19
C ASN J 868 12.64 60.78 22.06
N THR J 869 11.47 60.21 21.82
CA THR J 869 10.98 59.05 22.54
C THR J 869 10.43 58.06 21.53
N THR J 870 11.00 56.86 21.48
CA THR J 870 10.56 55.86 20.53
C THR J 870 9.20 55.31 20.92
N VAL J 871 8.31 55.19 19.95
CA VAL J 871 6.93 54.82 20.21
C VAL J 871 6.57 53.62 19.34
N GLY J 872 5.70 52.76 19.85
CA GLY J 872 5.21 51.61 19.12
C GLY J 872 5.18 50.32 19.92
N VAL J 873 4.26 49.43 19.56
CA VAL J 873 4.11 48.14 20.26
C VAL J 873 4.00 47.03 19.24
N PRO J 874 4.35 45.82 19.65
CA PRO J 874 3.86 44.63 18.95
C PRO J 874 2.63 44.05 19.63
N LEU J 875 1.69 43.50 18.87
CA LEU J 875 0.60 42.73 19.45
C LEU J 875 0.47 41.41 18.73
N ALA J 876 0.03 40.40 19.46
CA ALA J 876 0.08 39.02 18.99
C ALA J 876 -1.28 38.56 18.51
N LEU J 877 -1.28 37.85 17.39
CA LEU J 877 -2.46 37.19 16.85
C LEU J 877 -2.11 35.74 16.55
N ASP J 878 -3.10 34.87 16.57
CA ASP J 878 -2.86 33.47 16.27
C ASP J 878 -2.97 33.23 14.76
N ALA J 879 -2.20 32.24 14.30
CA ALA J 879 -2.12 31.94 12.89
C ALA J 879 -3.17 30.95 12.44
N ARG J 880 -3.84 30.28 13.37
CA ARG J 880 -4.87 29.33 12.99
C ARG J 880 -6.12 30.05 12.50
N ALA J 881 -6.52 31.09 13.24
CA ALA J 881 -7.79 31.76 12.94
C ALA J 881 -7.71 32.63 11.71
N ILE J 882 -6.52 33.06 11.31
CA ILE J 882 -6.41 33.82 10.08
C ILE J 882 -6.51 32.90 8.87
N THR J 883 -5.90 31.74 8.93
CA THR J 883 -5.97 30.86 7.77
C THR J 883 -7.27 30.08 7.69
N VAL J 884 -8.01 29.93 8.79
CA VAL J 884 -9.39 29.44 8.68
C VAL J 884 -10.23 30.44 7.90
N ALA J 885 -10.05 31.73 8.18
CA ALA J 885 -10.73 32.77 7.43
C ALA J 885 -10.30 32.80 5.98
N LEU J 886 -9.03 32.51 5.72
CA LEU J 886 -8.55 32.55 4.35
C LEU J 886 -9.04 31.36 3.54
N LEU J 887 -9.12 30.19 4.16
CA LEU J 887 -9.56 28.99 3.45
C LEU J 887 -11.07 28.84 3.41
N SER J 888 -11.80 29.52 4.27
CA SER J 888 -13.24 29.29 4.41
C SER J 888 -13.94 30.64 4.44
N GLY J 889 -14.50 31.06 3.31
CA GLY J 889 -15.26 32.28 3.26
C GLY J 889 -16.09 32.38 2.00
N LYS J 890 -17.36 32.71 2.13
CA LYS J 890 -18.24 32.78 0.97
C LYS J 890 -19.08 34.03 1.04
N TYR J 891 -19.80 34.27 -0.05
CA TYR J 891 -20.65 35.42 -0.30
C TYR J 891 -22.10 35.11 0.08
N PRO J 892 -22.96 36.12 0.11
CA PRO J 892 -24.40 35.89 0.07
C PRO J 892 -24.82 35.24 -1.24
N PRO J 893 -26.02 34.64 -1.31
CA PRO J 893 -26.41 33.92 -2.54
C PRO J 893 -26.58 34.80 -3.77
N ASP J 894 -27.35 35.87 -3.70
CA ASP J 894 -27.44 36.82 -4.81
C ASP J 894 -26.97 38.18 -4.30
N LEU J 895 -25.66 38.37 -4.29
CA LEU J 895 -25.10 39.63 -3.84
C LEU J 895 -24.88 40.53 -5.04
N VAL J 896 -25.27 41.79 -4.91
CA VAL J 896 -25.00 42.81 -5.90
C VAL J 896 -24.42 43.99 -5.13
N THR J 897 -23.19 44.39 -5.49
CA THR J 897 -22.40 45.24 -4.61
C THR J 897 -22.92 46.67 -4.53
N ASN J 898 -23.44 47.21 -5.63
CA ASN J 898 -23.94 48.58 -5.57
C ASN J 898 -25.24 48.69 -4.79
N VAL J 899 -25.90 47.58 -4.50
CA VAL J 899 -27.03 47.56 -3.58
C VAL J 899 -26.56 47.29 -2.16
N TRP J 900 -25.60 46.37 -2.00
CA TRP J 900 -25.15 45.97 -0.67
C TRP J 900 -24.42 47.11 0.04
N TYR J 901 -23.48 47.76 -0.64
CA TYR J 901 -22.77 48.86 0.01
C TYR J 901 -23.64 50.08 0.18
N ALA J 902 -24.56 50.34 -0.75
CA ALA J 902 -25.49 51.45 -0.58
C ALA J 902 -26.46 51.22 0.56
N ASP J 903 -26.78 49.97 0.87
CA ASP J 903 -27.60 49.70 2.04
C ASP J 903 -26.79 49.77 3.32
N ALA J 904 -25.54 49.31 3.30
CA ALA J 904 -24.74 49.25 4.52
C ALA J 904 -24.19 50.60 4.94
N ILE J 905 -23.66 51.39 4.01
CA ILE J 905 -22.97 52.63 4.36
C ILE J 905 -23.93 53.74 4.78
N TYR J 906 -25.22 53.63 4.41
CA TYR J 906 -26.16 54.73 4.64
C TYR J 906 -26.41 55.12 6.11
N PRO J 907 -26.53 54.21 7.09
CA PRO J 907 -26.65 54.71 8.48
C PRO J 907 -25.37 55.26 9.04
N MET J 908 -24.22 54.94 8.43
CA MET J 908 -22.94 55.36 8.97
C MET J 908 -22.71 56.85 8.78
N TYR J 909 -23.28 57.44 7.72
CA TYR J 909 -22.95 58.80 7.34
C TYR J 909 -24.06 59.76 7.71
N ALA J 910 -24.67 59.54 8.86
CA ALA J 910 -25.59 60.50 9.47
C ALA J 910 -25.05 61.08 10.77
N ASP J 911 -23.84 60.69 11.19
CA ASP J 911 -23.29 61.21 12.43
C ASP J 911 -22.46 62.47 12.17
N THR J 912 -21.97 63.04 13.27
CA THR J 912 -21.20 64.29 13.23
C THR J 912 -20.02 64.25 14.19
N GLU J 913 -19.57 63.05 14.57
CA GLU J 913 -18.52 62.90 15.56
C GLU J 913 -17.17 63.35 15.02
N VAL J 914 -16.91 63.12 13.73
CA VAL J 914 -15.69 63.64 13.14
C VAL J 914 -15.75 65.16 13.03
N PHE J 915 -16.94 65.73 12.86
CA PHE J 915 -17.08 67.18 12.88
C PHE J 915 -16.91 67.74 14.28
N SER J 916 -17.11 66.94 15.32
CA SER J 916 -16.73 67.38 16.67
C SER J 916 -15.22 67.28 16.91
N ASN J 917 -14.58 66.24 16.37
CA ASN J 917 -13.13 66.11 16.54
C ASN J 917 -12.37 67.22 15.82
N LEU J 918 -12.86 67.63 14.65
CA LEU J 918 -12.29 68.80 13.99
C LEU J 918 -12.42 70.06 14.82
N GLN J 919 -13.51 70.19 15.60
CA GLN J 919 -13.60 71.34 16.48
C GLN J 919 -12.65 71.24 17.67
N ARG J 920 -12.43 70.02 18.17
CA ARG J 920 -11.52 69.88 19.32
C ARG J 920 -10.07 70.18 18.94
N ASP J 921 -9.68 69.85 17.70
CA ASP J 921 -8.31 70.10 17.28
C ASP J 921 -7.94 71.59 17.24
N VAL J 922 -8.93 72.48 17.09
CA VAL J 922 -8.70 73.92 17.22
C VAL J 922 -8.15 74.25 18.60
N ILE J 923 -8.83 73.77 19.65
CA ILE J 923 -8.43 74.09 21.00
C ILE J 923 -7.14 73.38 21.38
N THR J 924 -6.96 72.16 20.86
CA THR J 924 -5.73 71.42 21.15
C THR J 924 -4.52 72.09 20.52
N CYS J 925 -4.66 72.69 19.35
CA CYS J 925 -3.54 73.45 18.81
C CYS J 925 -3.44 74.84 19.43
N GLU J 926 -4.56 75.39 19.91
CA GLU J 926 -4.59 76.77 20.38
C GLU J 926 -3.96 76.91 21.75
N ALA J 927 -4.28 75.98 22.66
CA ALA J 927 -3.77 76.07 24.02
C ALA J 927 -2.26 75.87 24.11
N VAL J 928 -1.64 75.21 23.13
CA VAL J 928 -0.19 75.04 23.14
C VAL J 928 0.50 76.37 22.89
N GLN J 929 0.02 77.13 21.90
CA GLN J 929 0.60 78.44 21.63
C GLN J 929 0.28 79.42 22.74
N THR J 930 -0.91 79.29 23.35
CA THR J 930 -1.22 80.06 24.55
C THR J 930 -0.25 79.76 25.69
N LEU J 931 0.08 78.48 25.89
CA LEU J 931 1.04 78.09 26.91
C LEU J 931 2.42 78.67 26.65
N VAL J 932 2.88 78.58 25.41
CA VAL J 932 4.21 79.08 25.06
C VAL J 932 4.30 80.59 25.26
N THR J 933 3.28 81.33 24.78
CA THR J 933 3.29 82.79 24.91
C THR J 933 3.21 83.23 26.37
N LEU J 934 2.42 82.54 27.18
CA LEU J 934 2.29 82.96 28.58
C LEU J 934 3.50 82.55 29.43
N VAL J 935 4.12 81.41 29.14
CA VAL J 935 5.27 81.02 29.93
C VAL J 935 6.49 81.86 29.56
N ALA J 936 6.59 82.27 28.28
CA ALA J 936 7.71 83.10 27.84
C ALA J 936 7.74 84.49 28.46
N GLN J 937 6.66 84.92 29.12
CA GLN J 937 6.68 86.21 29.82
C GLN J 937 7.37 86.14 31.17
N ILE J 938 7.52 84.95 31.75
CA ILE J 938 8.24 84.82 33.02
C ILE J 938 9.53 84.03 32.91
N SER J 939 9.68 83.14 31.94
CA SER J 939 10.91 82.39 31.81
C SER J 939 11.66 82.81 30.55
N GLU J 940 12.78 82.16 30.30
CA GLU J 940 13.61 82.45 29.14
C GLU J 940 13.45 81.31 28.13
N THR J 941 12.65 81.54 27.10
CA THR J 941 12.36 80.55 26.09
C THR J 941 13.17 80.84 24.83
N GLN J 942 12.87 80.10 23.76
CA GLN J 942 13.55 80.31 22.48
C GLN J 942 12.67 81.00 21.45
N TYR J 943 11.37 81.06 21.67
CA TYR J 943 10.49 81.66 20.68
C TYR J 943 10.53 83.18 20.80
N PRO J 944 10.50 83.89 19.67
CA PRO J 944 10.46 85.35 19.73
C PRO J 944 9.11 85.87 20.18
N VAL J 945 9.03 86.38 21.40
CA VAL J 945 7.80 86.93 21.93
C VAL J 945 8.03 88.40 22.27
N ASP J 946 6.95 89.06 22.63
CA ASP J 946 6.97 90.48 22.94
C ASP J 946 6.61 90.63 24.42
N ARG J 947 7.54 91.12 25.22
CA ARG J 947 7.30 91.29 26.64
C ARG J 947 6.99 92.75 26.95
N TYR J 948 5.96 92.95 27.77
CA TYR J 948 5.51 94.27 28.19
C TYR J 948 5.60 94.47 29.68
N LEU J 949 5.51 93.41 30.47
CA LEU J 949 5.38 93.51 31.91
C LEU J 949 6.73 93.29 32.59
N ASP J 950 7.67 94.18 32.27
CA ASP J 950 8.96 94.16 32.91
C ASP J 950 9.05 95.10 34.09
N TRP J 951 8.24 96.15 34.11
CA TRP J 951 8.21 97.06 35.24
C TRP J 951 7.57 96.42 36.47
N ILE J 952 6.82 95.33 36.30
CA ILE J 952 6.28 94.57 37.42
C ILE J 952 7.36 93.59 37.88
N PRO J 953 7.68 93.52 39.17
CA PRO J 953 8.75 92.63 39.61
C PRO J 953 8.26 91.20 39.78
N SER J 954 9.19 90.28 39.58
CA SER J 954 8.94 88.86 39.84
C SER J 954 10.26 88.19 40.17
N LEU J 955 10.18 86.90 40.48
CA LEU J 955 11.37 86.17 40.89
C LEU J 955 11.97 85.45 39.70
N ARG J 956 13.11 84.81 39.95
CA ARG J 956 13.80 84.00 38.96
C ARG J 956 13.12 82.64 38.98
N ALA J 957 12.27 82.37 37.99
CA ALA J 957 11.46 81.18 38.00
C ALA J 957 12.29 79.94 37.66
N SER J 958 12.01 78.85 38.35
CA SER J 958 12.65 77.58 38.08
C SER J 958 11.69 76.68 37.30
N ALA J 959 12.12 75.44 37.06
CA ALA J 959 11.30 74.50 36.32
C ALA J 959 10.05 74.11 37.09
N ALA J 960 10.14 74.03 38.42
CA ALA J 960 8.97 73.75 39.23
C ALA J 960 7.97 74.89 39.21
N THR J 961 8.47 76.13 39.25
CA THR J 961 7.59 77.29 39.16
C THR J 961 6.91 77.35 37.79
N ALA J 962 7.65 77.06 36.72
CA ALA J 962 7.07 77.04 35.39
C ALA J 962 6.03 75.94 35.23
N ALA J 963 6.30 74.76 35.81
CA ALA J 963 5.33 73.67 35.75
C ALA J 963 4.06 73.98 36.53
N THR J 964 4.19 74.63 37.70
CA THR J 964 3.01 75.01 38.46
C THR J 964 2.18 76.06 37.73
N PHE J 965 2.85 77.08 37.19
CA PHE J 965 2.15 78.11 36.44
C PHE J 965 1.47 77.56 35.20
N ALA J 966 2.07 76.58 34.55
CA ALA J 966 1.43 75.95 33.41
C ALA J 966 0.24 75.08 33.80
N GLU J 967 0.29 74.44 34.98
CA GLU J 967 -0.89 73.77 35.50
C GLU J 967 -2.05 74.74 35.73
N TRP J 968 -1.78 75.91 36.30
CA TRP J 968 -2.83 76.92 36.42
C TRP J 968 -3.34 77.41 35.08
N VAL J 969 -2.45 77.50 34.09
CA VAL J 969 -2.84 77.92 32.74
C VAL J 969 -3.82 76.92 32.13
N ASN J 970 -3.50 75.62 32.14
CA ASN J 970 -4.43 74.72 31.46
C ASN J 970 -5.67 74.40 32.29
N THR J 971 -5.60 74.54 33.63
CA THR J 971 -6.82 74.43 34.41
C THR J 971 -7.77 75.58 34.12
N SER J 972 -7.25 76.81 34.04
CA SER J 972 -8.10 77.94 33.63
C SER J 972 -8.53 77.81 32.18
N MET J 973 -7.75 77.12 31.35
CA MET J 973 -8.09 76.94 29.95
C MET J 973 -9.25 75.97 29.77
N LYS J 974 -9.26 74.87 30.52
CA LYS J 974 -10.34 73.89 30.39
C LYS J 974 -11.47 74.12 31.37
N THR J 975 -11.37 75.10 32.26
CA THR J 975 -12.54 75.54 33.00
C THR J 975 -13.51 76.27 32.09
N ALA J 976 -13.00 77.22 31.32
CA ALA J 976 -13.72 77.70 30.15
C ALA J 976 -13.73 76.63 29.08
N PHE J 977 -14.58 76.81 28.08
CA PHE J 977 -14.88 75.93 26.94
C PHE J 977 -15.55 74.63 27.33
N ASP J 978 -15.80 74.38 28.63
CA ASP J 978 -16.52 73.22 29.16
C ASP J 978 -15.86 71.90 28.74
N LEU J 979 -14.65 71.69 29.26
CA LEU J 979 -13.97 70.41 29.07
C LEU J 979 -13.86 69.67 30.39
N SER J 980 -13.67 68.36 30.29
CA SER J 980 -13.61 67.52 31.48
C SER J 980 -12.50 66.48 31.42
N ASP J 981 -11.72 66.43 30.35
CA ASP J 981 -10.60 65.49 30.31
C ASP J 981 -9.42 66.02 29.53
N MET J 982 -8.26 66.07 30.20
CA MET J 982 -6.96 65.76 29.61
C MET J 982 -6.59 66.63 28.41
N LEU J 983 -6.39 67.92 28.67
CA LEU J 983 -5.82 68.84 27.70
C LEU J 983 -4.45 69.28 28.20
N LEU J 984 -3.43 69.10 27.35
CA LEU J 984 -2.10 69.71 27.46
C LEU J 984 -1.22 69.08 28.54
N GLU J 985 -1.73 68.10 29.32
CA GLU J 985 -0.88 67.33 30.23
C GLU J 985 0.27 66.53 29.61
N PRO J 986 0.16 65.93 28.37
CA PRO J 986 1.34 65.31 27.75
C PRO J 986 2.51 66.26 27.52
N LEU J 987 2.21 67.51 27.20
CA LEU J 987 3.28 68.49 27.15
C LEU J 987 3.68 68.96 28.54
N LEU J 988 2.73 68.94 29.49
CA LEU J 988 2.96 69.48 30.81
C LEU J 988 3.84 68.59 31.66
N SER J 989 3.91 67.29 31.35
CA SER J 989 4.63 66.35 32.20
C SER J 989 6.12 66.61 32.28
N GLY J 990 6.71 67.25 31.27
CA GLY J 990 8.11 67.62 31.39
C GLY J 990 8.51 68.95 30.79
N ASP J 991 9.04 69.85 31.63
CA ASP J 991 9.74 71.09 31.30
C ASP J 991 8.96 71.98 30.34
N PRO J 992 7.95 72.71 30.82
CA PRO J 992 7.16 73.58 29.93
C PRO J 992 7.88 74.83 29.47
N ARG J 993 9.15 75.06 29.84
CA ARG J 993 9.86 76.24 29.37
C ARG J 993 10.23 76.11 27.89
N MET J 994 11.03 75.11 27.55
CA MET J 994 11.45 74.87 26.18
C MET J 994 10.60 73.73 25.61
N THR J 995 9.60 74.09 24.82
CA THR J 995 8.74 73.09 24.19
C THR J 995 8.83 73.20 22.68
N GLN J 996 8.68 72.06 22.02
CA GLN J 996 8.68 71.98 20.57
C GLN J 996 7.98 70.69 20.20
N LEU J 997 7.49 70.61 18.96
CA LEU J 997 6.73 69.45 18.50
C LEU J 997 7.25 69.01 17.15
N ALA J 998 7.72 67.77 17.07
CA ALA J 998 8.20 67.19 15.83
C ALA J 998 8.09 65.68 15.94
N ILE J 999 8.42 64.99 14.84
CA ILE J 999 8.32 63.54 14.76
C ILE J 999 9.30 63.07 13.69
N GLN J 1000 9.87 61.88 13.89
CA GLN J 1000 10.78 61.33 12.90
C GLN J 1000 10.82 59.83 13.02
N TYR J 1001 11.27 59.18 11.95
CA TYR J 1001 11.72 57.81 12.00
C TYR J 1001 12.97 57.70 11.16
N GLN J 1002 13.52 56.49 11.10
CA GLN J 1002 14.63 56.23 10.19
C GLN J 1002 14.50 54.82 9.65
N GLN J 1003 15.17 54.58 8.53
CA GLN J 1003 15.22 53.25 7.95
C GLN J 1003 16.34 52.47 8.62
N TYR J 1004 16.70 51.32 8.05
CA TYR J 1004 17.81 50.56 8.61
C TYR J 1004 19.15 51.21 8.28
N ASN J 1005 19.28 51.86 7.13
CA ASN J 1005 20.56 52.43 6.74
C ASN J 1005 20.85 53.78 7.37
N GLY J 1006 20.13 54.18 8.42
CA GLY J 1006 20.43 55.40 9.12
C GLY J 1006 19.93 56.67 8.48
N ARG J 1007 19.10 56.57 7.46
CA ARG J 1007 18.56 57.75 6.78
C ARG J 1007 17.25 58.14 7.44
N THR J 1008 17.15 59.41 7.84
CA THR J 1008 16.04 59.87 8.65
C THR J 1008 15.13 60.80 7.86
N PHE J 1009 13.85 60.44 7.80
CA PHE J 1009 12.82 61.40 7.48
C PHE J 1009 12.42 62.13 8.74
N ASN J 1010 11.89 63.35 8.59
CA ASN J 1010 11.32 64.04 9.75
C ASN J 1010 10.23 65.02 9.31
N VAL J 1011 9.34 65.32 10.24
CA VAL J 1011 8.25 66.26 10.05
C VAL J 1011 8.27 67.25 11.20
N ILE J 1012 8.45 68.53 10.89
CA ILE J 1012 8.31 69.60 11.86
C ILE J 1012 7.15 70.47 11.40
N PRO J 1013 5.97 70.32 11.98
CA PRO J 1013 4.82 71.10 11.54
C PRO J 1013 4.91 72.53 12.06
N GLU J 1014 4.47 73.47 11.24
CA GLU J 1014 4.49 74.86 11.65
C GLU J 1014 3.40 75.13 12.66
N MET J 1015 3.63 76.13 13.50
CA MET J 1015 2.62 76.53 14.46
C MET J 1015 1.76 77.62 13.85
N PRO J 1016 0.48 77.37 13.62
CA PRO J 1016 -0.35 78.34 12.89
C PRO J 1016 -0.80 79.49 13.77
N GLY J 1017 -1.71 80.31 13.23
CA GLY J 1017 -2.16 81.49 13.95
C GLY J 1017 -3.01 81.14 15.16
N SER J 1018 -2.76 81.85 16.25
CA SER J 1018 -3.50 81.72 17.50
C SER J 1018 -4.23 83.02 17.80
N VAL J 1019 -5.39 82.89 18.42
CA VAL J 1019 -6.25 84.03 18.70
C VAL J 1019 -6.17 84.46 20.15
N ILE J 1020 -6.22 83.49 21.07
CA ILE J 1020 -6.16 83.79 22.50
C ILE J 1020 -4.79 84.34 22.86
N ALA J 1021 -3.74 83.81 22.25
CA ALA J 1021 -2.39 84.31 22.49
C ALA J 1021 -2.21 85.72 21.95
N ASP J 1022 -2.92 86.07 20.89
CA ASP J 1022 -2.87 87.45 20.41
C ASP J 1022 -3.65 88.37 21.33
N CYS J 1023 -4.80 87.91 21.81
CA CYS J 1023 -5.65 88.77 22.64
C CYS J 1023 -5.05 89.01 24.03
N VAL J 1024 -4.31 88.04 24.58
CA VAL J 1024 -3.64 88.26 25.86
C VAL J 1024 -2.56 89.33 25.72
N GLN J 1025 -1.79 89.29 24.63
CA GLN J 1025 -0.78 90.31 24.39
C GLN J 1025 -1.41 91.67 24.11
N LEU J 1026 -2.58 91.70 23.47
CA LEU J 1026 -3.30 92.95 23.29
C LEU J 1026 -3.75 93.53 24.62
N THR J 1027 -4.25 92.68 25.52
CA THR J 1027 -4.66 93.13 26.83
C THR J 1027 -3.48 93.62 27.64
N ALA J 1028 -2.31 92.99 27.47
CA ALA J 1028 -1.11 93.47 28.15
C ALA J 1028 -0.64 94.82 27.59
N GLU J 1029 -0.77 95.02 26.28
CA GLU J 1029 -0.46 96.30 25.67
C GLU J 1029 -1.38 97.41 26.17
N VAL J 1030 -2.65 97.08 26.45
CA VAL J 1030 -3.51 98.08 27.06
C VAL J 1030 -3.15 98.29 28.52
N PHE J 1031 -2.80 97.21 29.23
CA PHE J 1031 -2.48 97.26 30.65
C PHE J 1031 -1.25 98.09 30.94
N ASN J 1032 -0.30 98.15 30.00
CA ASN J 1032 0.88 99.00 30.15
C ASN J 1032 0.52 100.48 30.28
N HIS J 1033 -0.58 100.92 29.66
CA HIS J 1033 -1.00 102.30 29.77
C HIS J 1033 -2.19 102.50 30.71
N GLU J 1034 -2.88 101.43 31.10
CA GLU J 1034 -4.01 101.53 32.01
C GLU J 1034 -3.87 100.54 33.15
N TYR J 1035 -2.68 100.51 33.74
CA TYR J 1035 -2.45 99.77 34.97
C TYR J 1035 -3.31 100.23 36.13
N ASN J 1036 -3.80 101.47 36.12
CA ASN J 1036 -4.54 102.00 37.26
C ASN J 1036 -5.91 101.37 37.41
N LEU J 1037 -6.56 101.04 36.30
CA LEU J 1037 -7.93 100.55 36.38
C LEU J 1037 -8.00 99.16 36.98
N PHE J 1038 -6.94 98.37 36.89
CA PHE J 1038 -6.93 97.04 37.47
C PHE J 1038 -6.44 97.04 38.90
N GLY J 1039 -6.31 98.22 39.51
CA GLY J 1039 -5.94 98.31 40.91
C GLY J 1039 -4.46 98.23 41.19
N ILE J 1040 -3.62 98.58 40.22
CA ILE J 1040 -2.17 98.51 40.34
C ILE J 1040 -1.61 99.90 40.12
N ALA J 1041 -0.63 100.28 40.94
CA ALA J 1041 0.11 101.51 40.73
C ALA J 1041 1.50 101.21 40.18
N ARG J 1042 2.13 102.25 39.62
CA ARG J 1042 3.44 102.12 39.02
C ARG J 1042 4.38 103.14 39.65
N GLY J 1043 5.65 102.77 39.77
CA GLY J 1043 6.63 103.64 40.38
C GLY J 1043 6.97 103.16 41.77
N ASP J 1044 7.16 104.09 42.70
CA ASP J 1044 7.47 103.72 44.07
C ASP J 1044 7.07 104.86 45.00
N ILE J 1045 7.03 104.57 46.29
CA ILE J 1045 6.47 105.50 47.25
C ILE J 1045 7.60 106.14 48.05
N ILE J 1046 7.28 107.27 48.67
CA ILE J 1046 8.23 108.05 49.46
C ILE J 1046 7.58 108.30 50.81
N ILE J 1047 8.17 107.74 51.86
CA ILE J 1047 7.62 107.87 53.21
C ILE J 1047 8.27 109.06 53.88
N GLY J 1048 7.48 110.06 54.24
CA GLY J 1048 8.00 111.24 54.90
C GLY J 1048 6.91 112.12 55.46
N ARG J 1049 7.21 112.81 56.56
CA ARG J 1049 6.23 113.66 57.21
C ARG J 1049 5.98 114.90 56.35
N VAL J 1050 4.74 115.09 55.93
CA VAL J 1050 4.30 116.28 55.20
C VAL J 1050 3.08 116.81 55.92
N GLN J 1051 3.21 117.99 56.52
CA GLN J 1051 2.13 118.61 57.27
C GLN J 1051 1.78 119.93 56.61
N SER J 1052 0.59 120.02 56.04
CA SER J 1052 0.12 121.25 55.44
C SER J 1052 -1.39 121.23 55.42
N THR J 1053 -1.98 122.34 54.98
CA THR J 1053 -3.41 122.47 54.84
C THR J 1053 -3.86 122.39 53.39
N HIS J 1054 -2.95 122.07 52.48
CA HIS J 1054 -3.25 122.06 51.06
C HIS J 1054 -4.08 120.84 50.69
N LEU J 1055 -4.65 120.89 49.49
CA LEU J 1055 -5.65 119.90 49.07
C LEU J 1055 -5.20 119.09 47.86
N TRP J 1056 -3.90 118.95 47.65
CA TRP J 1056 -3.44 118.11 46.55
C TRP J 1056 -3.59 116.64 46.92
N SER J 1057 -3.60 115.79 45.92
CA SER J 1057 -3.90 114.39 46.15
C SER J 1057 -2.64 113.54 46.05
N PRO J 1058 -2.49 112.53 46.93
CA PRO J 1058 -1.26 111.74 46.94
C PRO J 1058 -1.08 110.81 45.75
N LEU J 1059 -2.07 110.68 44.88
CA LEU J 1059 -1.88 109.99 43.62
C LEU J 1059 -1.43 110.93 42.52
N ALA J 1060 -1.19 112.19 42.85
CA ALA J 1060 -0.60 113.15 41.92
C ALA J 1060 0.15 114.19 42.74
N PRO J 1061 1.32 113.85 43.27
CA PRO J 1061 2.00 114.74 44.20
C PRO J 1061 2.68 115.88 43.46
N PRO J 1062 2.99 116.98 44.14
CA PRO J 1062 3.76 118.03 43.48
C PRO J 1062 5.21 117.60 43.31
N PRO J 1063 5.91 118.10 42.30
CA PRO J 1063 7.27 117.63 42.01
C PRO J 1063 8.34 118.18 42.95
N ASP J 1064 7.97 118.97 43.95
CA ASP J 1064 8.95 119.44 44.92
C ASP J 1064 9.32 118.36 45.93
N LEU J 1065 8.44 117.42 46.19
CA LEU J 1065 8.65 116.47 47.28
C LEU J 1065 9.39 115.22 46.85
N VAL J 1066 9.42 114.91 45.56
CA VAL J 1066 10.04 113.67 45.12
C VAL J 1066 11.53 113.88 44.86
N PHE J 1067 12.27 112.78 44.84
CA PHE J 1067 13.69 112.79 44.58
C PHE J 1067 14.07 111.45 43.98
N ASP J 1068 15.21 111.40 43.30
CA ASP J 1068 15.63 110.20 42.62
C ASP J 1068 17.12 109.98 42.86
N ARG J 1069 17.68 109.03 42.13
CA ARG J 1069 19.11 108.75 42.20
C ARG J 1069 19.95 109.87 41.61
N ASP J 1070 19.36 110.70 40.75
CA ASP J 1070 20.05 111.84 40.16
C ASP J 1070 19.92 113.10 41.00
N THR J 1071 19.20 113.04 42.10
CA THR J 1071 19.05 114.22 42.95
C THR J 1071 20.33 114.43 43.74
N PRO J 1072 20.89 115.64 43.78
CA PRO J 1072 22.12 115.87 44.55
C PRO J 1072 21.87 115.81 46.04
N GLY J 1073 22.74 115.09 46.74
CA GLY J 1073 22.64 114.98 48.18
C GLY J 1073 21.70 113.91 48.66
N VAL J 1074 21.61 112.78 47.97
CA VAL J 1074 20.72 111.69 48.32
C VAL J 1074 21.55 110.42 48.48
N HIS J 1075 21.45 109.78 49.64
CA HIS J 1075 22.26 108.62 49.95
C HIS J 1075 21.54 107.34 49.51
N ILE J 1076 22.29 106.42 48.93
CA ILE J 1076 21.76 105.21 48.32
C ILE J 1076 22.23 104.02 49.13
N PHE J 1077 21.31 103.12 49.46
CA PHE J 1077 21.62 101.98 50.30
C PHE J 1077 21.40 100.69 49.51
N GLY J 1078 22.36 99.79 49.59
CA GLY J 1078 22.31 98.58 48.79
C GLY J 1078 22.43 97.30 49.60
N ARG J 1079 23.47 96.52 49.31
CA ARG J 1079 23.71 95.27 50.01
C ARG J 1079 24.06 95.51 51.48
N ASP J 1080 24.68 96.63 51.78
CA ASP J 1080 25.38 96.85 53.03
C ASP J 1080 24.49 97.63 53.97
N CYS J 1081 24.03 96.96 55.03
CA CYS J 1081 23.17 97.58 56.04
C CYS J 1081 23.78 97.29 57.42
N ARG J 1082 24.74 98.10 57.81
CA ARG J 1082 25.44 97.94 59.07
C ARG J 1082 25.26 99.21 59.88
N ILE J 1083 24.62 99.09 61.04
CA ILE J 1083 24.25 100.24 61.85
C ILE J 1083 25.14 100.27 63.09
N SER J 1084 25.85 101.37 63.27
CA SER J 1084 26.61 101.60 64.49
C SER J 1084 25.78 102.39 65.48
N PHE J 1085 25.81 101.97 66.74
CA PHE J 1085 24.97 102.60 67.74
C PHE J 1085 25.60 103.91 68.20
N GLY J 1086 24.86 104.66 69.03
CA GLY J 1086 25.33 105.93 69.56
C GLY J 1086 25.94 105.73 70.92
N MET J 1087 27.08 106.37 71.13
CA MET J 1087 27.84 106.25 72.37
C MET J 1087 27.91 107.62 73.04
N ASN J 1088 27.39 107.71 74.26
CA ASN J 1088 27.46 108.90 75.12
C ASN J 1088 26.83 110.13 74.46
N GLY J 1089 25.72 109.92 73.76
CA GLY J 1089 24.95 111.01 73.23
C GLY J 1089 25.17 111.31 71.77
N ALA J 1090 26.10 110.63 71.11
CA ALA J 1090 26.27 110.84 69.68
C ALA J 1090 25.14 110.16 68.91
N ALA J 1091 24.96 110.60 67.68
CA ALA J 1091 23.87 110.09 66.87
C ALA J 1091 24.20 108.71 66.31
N PRO J 1092 23.22 107.83 66.22
CA PRO J 1092 23.45 106.54 65.57
C PRO J 1092 23.58 106.72 64.07
N MET J 1093 24.33 105.82 63.46
CA MET J 1093 24.72 105.98 62.06
C MET J 1093 24.49 104.69 61.28
N ILE J 1094 24.22 104.84 59.98
CA ILE J 1094 24.09 103.74 59.05
C ILE J 1094 25.01 104.06 57.87
N ARG J 1095 25.49 103.03 57.19
CA ARG J 1095 26.54 103.22 56.20
C ARG J 1095 26.01 103.18 54.77
N ASP J 1096 26.63 104.01 53.94
CA ASP J 1096 26.23 104.30 52.58
C ASP J 1096 26.61 103.12 51.68
N GLU J 1097 26.21 103.18 50.40
CA GLU J 1097 26.73 102.20 49.45
C GLU J 1097 28.19 102.48 49.14
N THR J 1098 28.58 103.75 49.13
CA THR J 1098 29.93 104.17 48.78
C THR J 1098 30.90 104.10 49.95
N GLY J 1099 30.49 103.53 51.08
CA GLY J 1099 31.38 103.39 52.20
C GLY J 1099 31.39 104.54 53.18
N MET J 1100 30.43 105.47 53.07
CA MET J 1100 30.32 106.56 54.03
C MET J 1100 29.55 106.07 55.25
N MET J 1101 29.16 107.00 56.12
CA MET J 1101 28.52 106.63 57.38
C MET J 1101 27.68 107.83 57.80
N VAL J 1102 26.37 107.76 57.59
CA VAL J 1102 25.51 108.94 57.71
C VAL J 1102 24.55 108.81 58.89
N PRO J 1103 24.10 109.92 59.47
CA PRO J 1103 23.10 109.86 60.54
C PRO J 1103 21.71 109.55 59.99
N PHE J 1104 20.73 109.55 60.87
CA PHE J 1104 19.35 109.22 60.50
C PHE J 1104 18.62 110.50 60.08
N GLU J 1105 19.03 111.03 58.93
CA GLU J 1105 18.53 112.32 58.49
C GLU J 1105 18.79 112.47 56.99
N GLY J 1106 17.80 113.01 56.27
CA GLY J 1106 17.98 113.38 54.88
C GLY J 1106 17.04 112.61 53.97
N ASN J 1107 17.54 112.29 52.77
CA ASN J 1107 16.76 111.60 51.77
C ASN J 1107 17.46 110.30 51.42
N TRP J 1108 16.78 109.17 51.64
CA TRP J 1108 17.36 107.86 51.44
C TRP J 1108 16.65 107.12 50.32
N ILE J 1109 17.33 106.12 49.76
CA ILE J 1109 16.75 105.26 48.74
C ILE J 1109 17.01 103.81 49.14
N PHE J 1110 15.95 103.04 49.33
CA PHE J 1110 16.04 101.62 49.62
C PHE J 1110 15.49 100.80 48.46
N PRO J 1111 15.98 99.58 48.27
CA PRO J 1111 15.17 98.56 47.63
C PRO J 1111 14.17 98.02 48.63
N LEU J 1112 13.13 97.36 48.11
CA LEU J 1112 12.13 96.79 49.01
C LEU J 1112 12.66 95.55 49.73
N ALA J 1113 13.53 94.79 49.08
CA ALA J 1113 14.02 93.56 49.67
C ALA J 1113 14.93 93.81 50.86
N LEU J 1114 15.66 94.93 50.84
CA LEU J 1114 16.49 95.30 51.99
C LEU J 1114 15.64 95.61 53.21
N TRP J 1115 14.48 96.22 53.01
CA TRP J 1115 13.58 96.42 54.14
C TRP J 1115 12.93 95.13 54.57
N GLN J 1116 12.61 94.24 53.61
CA GLN J 1116 11.93 93.01 53.95
C GLN J 1116 12.82 92.06 54.74
N MET J 1117 14.11 92.02 54.42
CA MET J 1117 15.00 91.10 55.14
C MET J 1117 15.30 91.57 56.55
N ASN J 1118 14.97 92.81 56.90
CA ASN J 1118 15.35 93.37 58.19
C ASN J 1118 14.19 94.20 58.76
N THR J 1119 12.97 93.80 58.44
CA THR J 1119 11.75 94.49 58.86
C THR J 1119 11.53 94.61 60.36
N ARG J 1120 12.18 93.81 61.19
CA ARG J 1120 12.05 94.04 62.63
C ARG J 1120 13.13 95.00 63.10
N TYR J 1121 14.38 94.75 62.70
CA TYR J 1121 15.50 95.55 63.15
C TYR J 1121 15.46 96.97 62.60
N PHE J 1122 14.78 97.18 61.47
CA PHE J 1122 14.71 98.54 60.95
C PHE J 1122 13.63 99.37 61.61
N ASN J 1123 12.54 98.73 62.08
CA ASN J 1123 11.41 99.47 62.61
C ASN J 1123 11.77 100.22 63.88
N GLN J 1124 12.41 99.56 64.84
CA GLN J 1124 12.79 100.19 66.10
C GLN J 1124 13.80 101.31 65.87
N GLN J 1125 14.68 101.13 64.89
CA GLN J 1125 15.70 102.13 64.63
C GLN J 1125 15.15 103.32 63.86
N PHE J 1126 14.13 103.13 63.03
CA PHE J 1126 13.76 104.15 62.06
C PHE J 1126 12.44 104.85 62.32
N ASP J 1127 11.44 104.18 62.92
CA ASP J 1127 10.08 104.71 62.91
C ASP J 1127 9.93 105.94 63.80
N ALA J 1128 10.60 105.95 64.95
CA ALA J 1128 10.54 107.11 65.83
C ALA J 1128 11.24 108.32 65.22
N TRP J 1129 12.17 108.10 64.29
CA TRP J 1129 12.78 109.18 63.55
C TRP J 1129 11.95 109.61 62.36
N ILE J 1130 11.21 108.69 61.74
CA ILE J 1130 10.36 109.06 60.60
C ILE J 1130 9.17 109.87 61.09
N LYS J 1131 8.65 109.54 62.27
CA LYS J 1131 7.44 110.18 62.76
C LYS J 1131 7.67 111.64 63.13
N THR J 1132 8.70 111.93 63.92
CA THR J 1132 8.92 113.28 64.42
C THR J 1132 10.11 113.98 63.81
N GLY J 1133 11.14 113.24 63.39
CA GLY J 1133 12.36 113.83 62.89
C GLY J 1133 12.25 114.28 61.45
N GLU J 1134 13.39 114.28 60.75
CA GLU J 1134 13.50 114.94 59.47
C GLU J 1134 14.20 114.05 58.44
N LEU J 1135 13.77 112.80 58.31
CA LEU J 1135 14.27 111.99 57.21
C LEU J 1135 13.10 111.43 56.40
N ARG J 1136 13.37 111.20 55.12
CA ARG J 1136 12.37 110.75 54.17
C ARG J 1136 12.98 109.61 53.35
N ILE J 1137 12.29 108.48 53.31
CA ILE J 1137 12.81 107.26 52.71
C ILE J 1137 12.02 106.93 51.46
N ARG J 1138 12.73 106.79 50.33
CA ARG J 1138 12.13 106.30 49.10
C ARG J 1138 12.37 104.81 48.99
N ILE J 1139 11.30 104.03 48.93
CA ILE J 1139 11.38 102.57 48.88
C ILE J 1139 11.01 102.13 47.48
N GLU J 1140 12.00 101.65 46.72
CA GLU J 1140 11.79 101.25 45.33
C GLU J 1140 11.04 99.92 45.28
N MET J 1141 9.88 99.92 44.63
CA MET J 1141 9.08 98.71 44.50
C MET J 1141 8.76 98.34 43.05
N GLY J 1142 8.45 99.30 42.22
CA GLY J 1142 8.05 99.01 40.85
C GLY J 1142 6.56 98.89 40.62
N ALA J 1143 5.89 98.06 41.42
CA ALA J 1143 4.45 97.90 41.31
C ALA J 1143 3.89 97.49 42.65
N TYR J 1144 2.68 97.95 42.94
CA TYR J 1144 2.04 97.70 44.23
C TYR J 1144 0.55 97.99 44.10
N PRO J 1145 -0.29 97.24 44.81
CA PRO J 1145 -1.70 97.60 44.92
C PRO J 1145 -1.91 98.63 46.02
N TYR J 1146 -3.11 99.19 46.07
CA TYR J 1146 -3.35 100.33 46.94
C TYR J 1146 -4.78 100.40 47.41
N MET J 1147 -4.96 100.85 48.65
CA MET J 1147 -6.26 101.25 49.17
C MET J 1147 -6.42 102.76 49.02
N LEU J 1148 -7.60 103.26 49.36
CA LEU J 1148 -7.89 104.70 49.32
C LEU J 1148 -8.80 105.03 50.51
N HIS J 1149 -8.21 105.56 51.58
CA HIS J 1149 -8.99 106.05 52.71
C HIS J 1149 -9.26 107.54 52.49
N TYR J 1150 -10.50 107.91 52.28
CA TYR J 1150 -10.80 109.33 52.12
C TYR J 1150 -10.97 110.01 53.47
N TYR J 1151 -10.99 111.34 53.46
CA TYR J 1151 -11.21 112.08 54.69
C TYR J 1151 -11.90 113.40 54.39
N ASP J 1152 -12.68 113.85 55.35
CA ASP J 1152 -13.30 115.16 55.31
C ASP J 1152 -12.21 116.21 55.46
N PRO J 1153 -12.03 117.11 54.50
CA PRO J 1153 -10.94 118.09 54.60
C PRO J 1153 -11.19 119.24 55.56
N ARG J 1154 -12.29 119.25 56.29
CA ARG J 1154 -12.56 120.30 57.26
C ARG J 1154 -12.09 119.96 58.67
N GLN J 1155 -11.54 118.77 58.88
CA GLN J 1155 -11.13 118.32 60.19
C GLN J 1155 -9.73 117.74 60.14
N TYR J 1156 -9.15 117.54 61.33
CA TYR J 1156 -7.80 117.03 61.47
C TYR J 1156 -7.72 115.58 61.02
N ALA J 1157 -6.56 115.18 60.52
CA ALA J 1157 -6.38 113.84 59.97
C ALA J 1157 -4.91 113.47 60.02
N ASN J 1158 -4.59 112.43 60.77
CA ASN J 1158 -3.23 111.94 60.92
C ASN J 1158 -3.12 110.59 60.24
N ALA J 1159 -2.08 110.41 59.43
CA ALA J 1159 -1.89 109.18 58.69
C ALA J 1159 -1.01 108.18 59.41
N TRP J 1160 -0.62 108.45 60.66
CA TRP J 1160 0.38 107.62 61.30
C TRP J 1160 -0.18 106.26 61.68
N ASN J 1161 -1.45 106.18 62.08
CA ASN J 1161 -2.04 104.90 62.39
C ASN J 1161 -2.21 104.01 61.18
N LEU J 1162 -2.24 104.59 59.98
CA LEU J 1162 -2.28 103.78 58.77
C LEU J 1162 -0.88 103.39 58.33
N THR J 1163 0.05 104.34 58.31
CA THR J 1163 1.37 104.03 57.78
C THR J 1163 2.20 103.19 58.75
N SER J 1164 1.94 103.25 60.06
CA SER J 1164 2.63 102.36 60.97
C SER J 1164 2.12 100.94 60.85
N ALA J 1165 0.83 100.78 60.65
CA ALA J 1165 0.27 99.46 60.37
C ALA J 1165 0.72 98.93 59.02
N TRP J 1166 1.05 99.81 58.08
CA TRP J 1166 1.64 99.27 56.85
C TRP J 1166 3.09 98.86 57.06
N LEU J 1167 3.87 99.67 57.78
CA LEU J 1167 5.28 99.37 57.97
C LEU J 1167 5.52 98.17 58.88
N GLU J 1168 4.60 97.87 59.79
CA GLU J 1168 4.81 96.74 60.69
C GLU J 1168 4.32 95.42 60.15
N GLU J 1169 3.60 95.41 59.02
CA GLU J 1169 3.16 94.16 58.42
C GLU J 1169 4.06 93.71 57.29
N ILE J 1170 5.12 94.45 56.99
CA ILE J 1170 6.05 94.02 55.96
C ILE J 1170 6.86 92.82 56.46
N THR J 1171 7.00 91.82 55.61
CA THR J 1171 7.47 90.49 55.93
C THR J 1171 8.46 90.12 54.83
N PRO J 1172 9.43 89.24 55.13
CA PRO J 1172 10.23 88.66 54.05
C PRO J 1172 9.43 87.92 52.98
N THR J 1173 8.22 87.45 53.30
CA THR J 1173 7.35 86.87 52.29
C THR J 1173 6.48 87.93 51.63
N SER J 1174 5.68 88.66 52.39
CA SER J 1174 4.60 89.45 51.83
C SER J 1174 4.65 90.90 52.28
N ILE J 1175 3.94 91.75 51.52
CA ILE J 1175 3.62 93.11 51.96
C ILE J 1175 2.11 93.32 51.78
N PRO J 1176 1.46 94.10 52.65
CA PRO J 1176 0.06 94.44 52.43
C PRO J 1176 -0.05 95.61 51.46
N SER J 1177 -1.29 95.91 51.08
CA SER J 1177 -1.54 96.99 50.13
C SER J 1177 -1.26 98.34 50.78
N VAL J 1178 -0.87 99.31 49.95
CA VAL J 1178 -0.35 100.57 50.45
C VAL J 1178 -1.51 101.53 50.69
N PRO J 1179 -1.67 102.08 51.90
CA PRO J 1179 -2.79 102.99 52.16
C PRO J 1179 -2.47 104.44 51.87
N PHE J 1180 -3.43 105.13 51.27
CA PHE J 1180 -3.31 106.55 50.96
C PHE J 1180 -4.44 107.32 51.62
N MET J 1181 -4.30 108.65 51.64
CA MET J 1181 -5.35 109.52 52.16
C MET J 1181 -5.63 110.64 51.17
N VAL J 1182 -6.75 110.53 50.47
CA VAL J 1182 -7.15 111.50 49.45
C VAL J 1182 -8.26 112.37 50.03
N PRO J 1183 -8.18 113.69 49.90
CA PRO J 1183 -9.27 114.54 50.39
C PRO J 1183 -10.51 114.44 49.51
N ILE J 1184 -11.65 114.77 50.10
CA ILE J 1184 -12.94 114.73 49.43
C ILE J 1184 -13.23 116.11 48.87
N SER J 1185 -13.39 116.19 47.56
CA SER J 1185 -13.60 117.49 46.92
C SER J 1185 -15.02 118.00 47.17
N SER J 1186 -15.17 119.31 47.16
CA SER J 1186 -16.44 119.96 47.44
C SER J 1186 -16.74 120.99 46.37
N ASP J 1187 -17.94 121.57 46.43
CA ASP J 1187 -18.38 122.52 45.42
C ASP J 1187 -18.71 123.89 45.99
N HIS J 1188 -18.39 124.14 47.26
CA HIS J 1188 -18.50 125.46 47.84
C HIS J 1188 -17.30 125.66 48.73
N ASP J 1189 -17.07 126.90 49.13
CA ASP J 1189 -15.85 127.20 49.89
C ASP J 1189 -15.92 126.63 51.30
N ILE J 1190 -14.85 125.98 51.71
CA ILE J 1190 -14.76 125.34 53.01
C ILE J 1190 -13.59 125.94 53.78
N SER J 1191 -13.67 125.86 55.09
CA SER J 1191 -12.54 126.21 55.93
C SER J 1191 -11.58 125.03 56.04
N SER J 1192 -10.29 125.33 56.04
CA SER J 1192 -9.28 124.30 55.97
C SER J 1192 -8.71 123.99 57.35
N ALA J 1193 -8.43 122.71 57.58
CA ALA J 1193 -7.84 122.19 58.80
C ALA J 1193 -6.55 121.46 58.46
N PRO J 1194 -5.55 121.47 59.33
CA PRO J 1194 -4.27 120.83 59.00
C PRO J 1194 -4.38 119.32 59.02
N ALA J 1195 -3.76 118.70 58.03
CA ALA J 1195 -3.75 117.25 57.90
C ALA J 1195 -2.33 116.77 57.67
N VAL J 1196 -1.99 115.65 58.29
CA VAL J 1196 -0.64 115.08 58.24
C VAL J 1196 -0.71 113.78 57.45
N GLN J 1197 0.11 113.66 56.42
CA GLN J 1197 0.15 112.44 55.64
C GLN J 1197 1.60 112.06 55.36
N TYR J 1198 1.84 110.76 55.23
CA TYR J 1198 3.18 110.22 55.22
C TYR J 1198 3.57 109.49 53.95
N ILE J 1199 2.64 108.80 53.29
CA ILE J 1199 2.94 108.03 52.10
C ILE J 1199 2.39 108.78 50.89
N ILE J 1200 3.27 109.12 49.95
CA ILE J 1200 2.87 109.70 48.68
C ILE J 1200 3.45 108.86 47.57
N SER J 1201 2.95 109.07 46.36
CA SER J 1201 3.43 108.35 45.19
C SER J 1201 4.54 109.12 44.51
N THR J 1202 5.04 108.60 43.39
CA THR J 1202 6.04 109.28 42.59
C THR J 1202 5.55 109.63 41.20
N GLU J 1203 5.05 108.65 40.46
CA GLU J 1203 4.52 108.93 39.14
C GLU J 1203 3.10 109.47 39.25
N TYR J 1204 2.51 109.79 38.10
CA TYR J 1204 1.09 110.07 38.06
C TYR J 1204 0.32 108.79 38.31
N ASN J 1205 -0.74 108.88 39.09
CA ASN J 1205 -1.38 107.69 39.58
C ASN J 1205 -2.90 107.85 39.62
N ASP J 1206 -3.44 108.77 38.82
CA ASP J 1206 -4.80 109.21 39.00
C ASP J 1206 -5.56 109.13 37.67
N ARG J 1207 -5.43 107.99 36.98
CA ARG J 1207 -6.24 107.75 35.79
C ARG J 1207 -7.56 107.06 36.15
N SER J 1208 -7.62 106.41 37.30
CA SER J 1208 -8.82 105.72 37.74
C SER J 1208 -9.96 106.65 38.08
N LEU J 1209 -9.68 107.92 38.37
CA LEU J 1209 -10.74 108.86 38.69
C LEU J 1209 -11.54 109.21 37.45
N PHE J 1210 -12.87 109.18 37.55
CA PHE J 1210 -13.73 109.51 36.44
C PHE J 1210 -14.20 110.96 36.48
N CYS J 1211 -14.91 111.35 37.54
CA CYS J 1211 -15.44 112.69 37.64
C CYS J 1211 -15.71 113.02 39.09
N THR J 1212 -15.50 114.28 39.45
CA THR J 1212 -15.79 114.77 40.79
C THR J 1212 -16.90 115.81 40.72
N ASN J 1213 -17.85 115.71 41.65
CA ASN J 1213 -19.05 116.54 41.73
C ASN J 1213 -19.83 116.48 40.42
N SER J 1214 -20.35 115.29 40.15
CA SER J 1214 -20.98 114.99 38.87
C SER J 1214 -22.25 115.80 38.65
N SER J 1215 -23.04 115.99 39.69
CA SER J 1215 -24.26 116.81 39.60
C SER J 1215 -24.01 118.05 40.43
N SER J 1216 -23.33 119.02 39.83
CA SER J 1216 -22.88 120.25 40.48
C SER J 1216 -22.31 121.19 39.42
N PRO J 1217 -22.42 122.51 39.60
CA PRO J 1217 -21.93 123.42 38.56
C PRO J 1217 -20.42 123.47 38.44
N GLN J 1218 -19.70 123.54 39.56
CA GLN J 1218 -18.24 123.55 39.50
C GLN J 1218 -17.69 122.93 40.76
N THR J 1219 -16.44 122.49 40.69
CA THR J 1219 -15.71 122.00 41.84
C THR J 1219 -14.69 123.06 42.25
N ILE J 1220 -14.78 123.51 43.49
CA ILE J 1220 -13.95 124.64 43.94
C ILE J 1220 -12.74 124.13 44.71
N ALA J 1221 -12.98 123.44 45.82
CA ALA J 1221 -11.91 123.01 46.70
C ALA J 1221 -11.69 121.50 46.54
N GLY J 1222 -10.43 121.10 46.43
CA GLY J 1222 -10.09 119.71 46.21
C GLY J 1222 -9.73 119.47 44.77
N PRO J 1223 -9.32 118.24 44.45
CA PRO J 1223 -8.97 117.91 43.06
C PRO J 1223 -10.23 117.76 42.21
N ASP J 1224 -10.24 118.38 41.05
CA ASP J 1224 -11.35 118.23 40.14
C ASP J 1224 -10.95 117.47 38.89
N LYS J 1225 -11.95 116.87 38.26
CA LYS J 1225 -11.77 116.24 36.97
C LYS J 1225 -13.13 116.21 36.29
N HIS J 1226 -13.17 116.74 35.07
CA HIS J 1226 -14.41 116.74 34.31
C HIS J 1226 -14.65 115.37 33.69
N ILE J 1227 -15.74 115.25 32.94
CA ILE J 1227 -16.00 114.03 32.18
C ILE J 1227 -14.92 113.89 31.11
N PRO J 1228 -14.22 112.75 31.04
CA PRO J 1228 -13.07 112.65 30.13
C PRO J 1228 -13.47 112.65 28.67
N VAL J 1229 -13.18 113.78 28.02
CA VAL J 1229 -13.53 114.00 26.62
C VAL J 1229 -12.75 113.06 25.71
N GLU J 1230 -11.52 112.73 26.10
CA GLU J 1230 -10.66 111.86 25.29
C GLU J 1230 -11.17 110.44 25.22
N ARG J 1231 -12.04 110.03 26.15
CA ARG J 1231 -12.66 108.72 26.03
C ARG J 1231 -13.84 108.77 25.07
N TYR J 1232 -14.84 109.58 25.37
CA TYR J 1232 -16.04 109.65 24.53
C TYR J 1232 -15.72 110.47 23.27
N ASN J 1233 -14.98 109.82 22.36
CA ASN J 1233 -14.42 110.51 21.21
C ASN J 1233 -15.43 110.68 20.10
N ILE J 1234 -16.32 109.70 19.93
CA ILE J 1234 -17.28 109.72 18.84
C ILE J 1234 -18.33 110.79 19.07
N LEU J 1235 -18.70 111.03 20.33
CA LEU J 1235 -19.65 112.11 20.60
C LEU J 1235 -18.98 113.47 20.46
N THR J 1236 -17.86 113.68 21.15
CA THR J 1236 -17.32 115.02 21.29
C THR J 1236 -16.58 115.53 20.06
N ASN J 1237 -16.16 114.64 19.17
CA ASN J 1237 -15.44 115.07 17.98
C ASN J 1237 -16.33 114.88 16.77
N PRO J 1238 -16.84 115.93 16.14
CA PRO J 1238 -17.74 115.76 15.00
C PRO J 1238 -17.04 115.33 13.73
N ASP J 1239 -15.71 115.36 13.70
CA ASP J 1239 -14.94 115.03 12.52
C ASP J 1239 -14.25 113.68 12.64
N ALA J 1240 -14.63 112.86 13.61
CA ALA J 1240 -14.02 111.55 13.65
C ALA J 1240 -14.96 110.51 13.07
N PRO J 1241 -14.43 109.52 12.34
CA PRO J 1241 -15.28 108.46 11.81
C PRO J 1241 -15.82 107.59 12.92
N PRO J 1242 -16.95 106.91 12.70
CA PRO J 1242 -17.56 106.13 13.78
C PRO J 1242 -16.78 104.89 14.19
N THR J 1243 -15.90 104.38 13.33
CA THR J 1243 -15.20 103.13 13.62
C THR J 1243 -13.97 103.36 14.49
N GLN J 1244 -13.45 104.58 14.53
CA GLN J 1244 -12.12 104.87 15.03
C GLN J 1244 -11.98 104.62 16.52
N ILE J 1245 -10.96 103.83 16.89
CA ILE J 1245 -10.58 103.61 18.28
C ILE J 1245 -9.09 103.88 18.42
N GLN J 1246 -8.69 104.54 19.50
CA GLN J 1246 -7.27 104.71 19.82
C GLN J 1246 -6.85 103.74 20.92
N LEU J 1247 -7.02 102.47 20.60
CA LEU J 1247 -7.05 101.36 21.55
C LEU J 1247 -5.80 101.11 22.40
N PRO J 1248 -4.55 101.25 21.94
CA PRO J 1248 -3.43 101.00 22.86
C PRO J 1248 -3.25 102.04 23.95
N GLU J 1249 -3.86 103.21 23.83
CA GLU J 1249 -3.71 104.26 24.82
C GLU J 1249 -4.89 104.34 25.78
N VAL J 1250 -6.10 104.56 25.26
CA VAL J 1250 -7.30 104.57 26.08
C VAL J 1250 -8.33 103.64 25.45
N VAL J 1251 -9.44 103.43 26.18
CA VAL J 1251 -10.40 102.38 25.89
C VAL J 1251 -11.77 102.95 25.44
N ASP J 1252 -12.04 104.22 25.74
CA ASP J 1252 -13.06 105.08 25.13
C ASP J 1252 -14.51 104.80 25.53
N LEU J 1253 -14.79 103.62 26.12
CA LEU J 1253 -16.06 103.28 26.76
C LEU J 1253 -17.33 103.45 25.92
N TYR J 1254 -17.19 103.70 24.61
CA TYR J 1254 -18.32 103.94 23.71
C TYR J 1254 -17.80 103.79 22.30
N ASN J 1255 -18.32 102.83 21.55
CA ASN J 1255 -18.09 102.79 20.11
C ASN J 1255 -19.21 102.00 19.44
N VAL J 1256 -19.14 101.93 18.12
CA VAL J 1256 -20.02 101.08 17.34
C VAL J 1256 -19.66 99.61 17.59
N VAL J 1257 -20.67 98.78 17.79
CA VAL J 1257 -20.49 97.35 17.88
C VAL J 1257 -21.47 96.67 16.93
N THR J 1258 -20.98 95.68 16.19
CA THR J 1258 -21.83 94.91 15.31
C THR J 1258 -22.52 93.80 16.09
N ARG J 1259 -23.71 93.42 15.63
CA ARG J 1259 -24.52 92.45 16.38
C ARG J 1259 -25.12 91.46 15.40
N TYR J 1260 -24.70 90.20 15.51
CA TYR J 1260 -25.10 89.18 14.56
C TYR J 1260 -26.35 88.46 15.03
N ALA J 1261 -27.02 87.82 14.08
CA ALA J 1261 -28.16 86.98 14.37
C ALA J 1261 -28.08 85.68 13.60
N TYR J 1262 -26.88 85.15 13.41
CA TYR J 1262 -26.70 83.91 12.68
C TYR J 1262 -27.22 82.76 13.52
N GLU J 1263 -27.73 81.73 12.85
CA GLU J 1263 -28.19 80.55 13.55
C GLU J 1263 -27.23 79.41 13.30
N THR J 1264 -27.20 78.46 14.24
CA THR J 1264 -26.26 77.34 14.24
C THR J 1264 -27.07 76.05 14.17
N PRO J 1265 -27.46 75.60 12.99
CA PRO J 1265 -28.23 74.38 12.90
C PRO J 1265 -27.31 73.17 12.88
N PRO J 1266 -27.82 71.99 13.22
CA PRO J 1266 -27.04 70.78 13.02
C PRO J 1266 -26.91 70.43 11.55
N ILE J 1267 -25.99 69.52 11.26
CA ILE J 1267 -25.68 69.18 9.88
C ILE J 1267 -26.82 68.38 9.25
N THR J 1268 -27.42 67.48 10.02
CA THR J 1268 -28.50 66.65 9.50
C THR J 1268 -29.82 67.39 9.37
N ALA J 1269 -29.89 68.64 9.82
CA ALA J 1269 -31.05 69.47 9.54
C ALA J 1269 -30.96 70.17 8.19
N VAL J 1270 -29.82 70.09 7.51
CA VAL J 1270 -29.68 70.70 6.20
C VAL J 1270 -29.20 69.72 5.13
N VAL J 1271 -28.58 68.61 5.48
CA VAL J 1271 -28.09 67.64 4.50
C VAL J 1271 -28.84 66.33 4.72
N MET J 1272 -29.73 65.97 3.81
CA MET J 1272 -30.72 64.93 4.12
C MET J 1272 -30.17 63.51 3.96
N GLY J 1273 -29.86 63.09 2.74
CA GLY J 1273 -29.25 61.79 2.54
C GLY J 1273 -29.95 60.82 1.62
N VAL J 1274 -31.21 61.04 1.25
CA VAL J 1274 -32.05 60.27 0.29
C VAL J 1274 -31.93 58.75 0.44
N PRO J 1275 -32.60 58.15 1.45
CA PRO J 1275 -32.51 56.72 1.75
C PRO J 1275 -33.04 55.82 0.64
CA ALA K 2 76.49 1.30 6.22
C ALA K 2 74.99 1.08 6.19
N ASN K 3 74.52 0.11 6.98
CA ASN K 3 73.11 -0.23 7.04
C ASN K 3 72.60 -0.04 8.46
N VAL K 4 71.31 0.28 8.57
CA VAL K 4 70.71 0.39 9.90
C VAL K 4 69.90 -0.87 10.20
N TRP K 5 68.86 -1.13 9.44
CA TRP K 5 68.19 -2.42 9.45
C TRP K 5 67.87 -2.79 8.01
N GLY K 6 67.65 -1.76 7.20
CA GLY K 6 67.57 -1.88 5.76
C GLY K 6 68.62 -0.96 5.17
N VAL K 7 69.35 -1.46 4.16
CA VAL K 7 70.62 -0.84 3.77
C VAL K 7 70.37 0.47 3.03
N ARG K 8 71.22 1.44 3.29
CA ARG K 8 71.23 2.70 2.55
C ARG K 8 72.53 2.79 1.78
N LEU K 9 72.62 3.84 0.96
CA LEU K 9 73.72 3.93 0.02
C LEU K 9 74.98 4.41 0.75
N ALA K 10 76.13 4.12 0.14
CA ALA K 10 77.44 4.37 0.72
C ALA K 10 77.83 5.84 0.62
N ASP K 11 79.14 6.09 0.77
CA ASP K 11 79.79 7.35 1.17
C ASP K 11 79.21 8.63 0.61
N SER K 12 78.74 8.61 -0.63
CA SER K 12 78.26 9.84 -1.29
C SER K 12 76.97 10.30 -0.63
N LEU K 13 77.08 11.31 0.22
CA LEU K 13 75.94 11.93 0.87
C LEU K 13 75.84 13.37 0.38
N SER K 14 74.62 13.85 0.19
CA SER K 14 74.42 15.17 -0.38
C SER K 14 73.20 15.82 0.25
N SER K 15 72.98 17.08 -0.08
CA SER K 15 71.92 17.88 0.51
C SER K 15 71.70 19.10 -0.38
N PRO K 16 70.52 19.70 -0.34
CA PRO K 16 70.33 20.97 -1.03
C PRO K 16 71.13 22.08 -0.38
N THR K 17 71.40 23.11 -1.17
CA THR K 17 72.28 24.19 -0.74
C THR K 17 71.57 25.52 -0.63
N ILE K 18 70.87 25.95 -1.68
CA ILE K 18 70.25 27.26 -1.73
C ILE K 18 68.78 27.12 -1.33
N GLU K 19 68.36 27.94 -0.37
CA GLU K 19 66.96 28.01 0.04
C GLU K 19 66.35 29.28 -0.49
N THR K 20 65.21 29.15 -1.17
CA THR K 20 64.46 30.33 -1.58
C THR K 20 63.71 30.91 -0.38
N ARG K 21 63.39 32.19 -0.47
CA ARG K 21 62.60 32.84 0.55
C ARG K 21 61.17 33.02 0.06
N THR K 22 60.25 33.07 1.02
CA THR K 22 58.83 33.11 0.72
C THR K 22 58.30 34.53 0.77
N ARG K 23 57.06 34.67 0.32
CA ARG K 23 56.34 35.92 0.41
C ARG K 23 55.03 35.68 1.13
N HIS K 24 54.49 36.75 1.71
CA HIS K 24 53.27 36.68 2.47
C HIS K 24 52.06 36.49 1.56
N TYR K 25 51.05 35.81 2.09
CA TYR K 25 49.85 35.50 1.34
C TYR K 25 48.89 36.67 1.42
N THR K 26 48.63 37.32 0.28
CA THR K 26 47.87 38.56 0.22
C THR K 26 46.50 38.33 -0.39
N LEU K 27 45.65 39.36 -0.30
CA LEU K 27 44.29 39.27 -0.83
C LEU K 27 44.30 39.24 -2.36
N HIS K 28 45.32 39.83 -2.97
CA HIS K 28 45.53 39.74 -4.41
C HIS K 28 45.73 38.31 -4.86
N ASP K 29 46.34 37.48 -4.01
CA ASP K 29 46.50 36.06 -4.31
C ASP K 29 45.27 35.27 -3.87
N PHE K 30 44.62 35.70 -2.80
CA PHE K 30 43.47 34.96 -2.29
C PHE K 30 42.27 35.08 -3.21
N TYR K 31 42.12 36.22 -3.90
CA TYR K 31 41.08 36.33 -4.92
C TYR K 31 41.39 35.39 -6.07
N SER K 32 42.64 35.33 -6.50
CA SER K 32 43.02 34.51 -7.64
C SER K 32 42.93 33.01 -7.35
N ASP K 33 43.11 32.61 -6.10
CA ASP K 33 42.97 31.20 -5.76
C ASP K 33 41.53 30.73 -5.76
N LEU K 34 40.57 31.63 -5.60
CA LEU K 34 39.17 31.21 -5.57
C LEU K 34 38.66 30.90 -6.98
N ASP K 35 38.80 31.84 -7.91
CA ASP K 35 38.41 31.59 -9.30
C ASP K 35 39.51 30.75 -9.96
N ALA K 36 39.43 29.45 -9.73
CA ALA K 36 40.49 28.51 -10.11
C ALA K 36 40.52 28.37 -11.63
N SER K 37 41.57 28.93 -12.23
CA SER K 37 41.75 28.81 -13.67
C SER K 37 42.27 27.42 -14.02
N VAL K 38 42.36 27.16 -15.32
CA VAL K 38 42.84 25.86 -15.76
C VAL K 38 44.35 25.74 -15.55
N GLY K 39 45.06 26.87 -15.53
CA GLY K 39 46.48 26.83 -15.27
C GLY K 39 46.80 26.73 -13.80
N LYS K 40 46.18 27.59 -12.99
CA LYS K 40 46.42 27.63 -11.56
C LYS K 40 45.16 27.18 -10.84
N GLU K 41 45.26 26.09 -10.09
CA GLU K 41 44.21 25.57 -9.26
C GLU K 41 44.84 24.90 -8.05
N PRO K 42 44.16 24.90 -6.90
CA PRO K 42 44.77 24.36 -5.68
C PRO K 42 44.96 22.85 -5.70
N TRP K 43 43.93 22.13 -6.10
CA TRP K 43 43.99 20.68 -6.12
C TRP K 43 44.85 20.20 -7.28
N ARG K 44 45.58 19.11 -7.04
CA ARG K 44 46.23 18.43 -8.15
C ARG K 44 45.94 16.94 -7.95
N PRO K 45 45.65 16.21 -9.02
CA PRO K 45 45.19 14.84 -8.86
C PRO K 45 46.34 13.84 -8.75
N LEU K 46 46.21 12.95 -7.78
CA LEU K 46 47.02 11.74 -7.72
C LEU K 46 46.31 10.65 -8.51
N ARG K 47 47.06 9.64 -8.91
CA ARG K 47 46.47 8.58 -9.72
C ARG K 47 47.17 7.26 -9.48
N ASN K 48 46.42 6.19 -9.75
CA ASN K 48 46.95 4.84 -9.66
C ASN K 48 48.02 4.63 -10.73
N GLN K 49 48.95 3.74 -10.45
CA GLN K 49 50.05 3.53 -11.39
C GLN K 49 49.71 2.47 -12.42
N ARG K 50 48.95 1.44 -12.02
CA ARG K 50 48.62 0.38 -12.96
C ARG K 50 47.45 0.77 -13.86
N THR K 51 46.29 1.05 -13.27
CA THR K 51 45.10 1.36 -14.04
C THR K 51 45.13 2.76 -14.63
N ASN K 52 46.01 3.64 -14.14
CA ASN K 52 46.17 5.03 -14.58
C ASN K 52 44.85 5.80 -14.42
N GLU K 53 44.19 5.60 -13.27
CA GLU K 53 42.95 6.27 -12.94
C GLU K 53 43.13 7.17 -11.73
N ILE K 54 42.40 8.27 -11.71
CA ILE K 54 42.47 9.22 -10.60
C ILE K 54 41.82 8.61 -9.38
N VAL K 55 42.59 8.47 -8.30
CA VAL K 55 42.09 7.87 -7.08
C VAL K 55 42.21 8.78 -5.86
N ALA K 56 43.02 9.83 -5.92
CA ALA K 56 43.20 10.68 -4.76
C ALA K 56 43.55 12.09 -5.22
N VAL K 57 43.29 13.05 -4.34
CA VAL K 57 43.50 14.47 -4.63
C VAL K 57 44.32 15.08 -3.50
N GLN K 58 45.43 15.71 -3.84
CA GLN K 58 46.21 16.46 -2.87
C GLN K 58 45.79 17.93 -2.90
N LEU K 59 45.56 18.50 -1.73
CA LEU K 59 45.07 19.87 -1.60
C LEU K 59 46.19 20.82 -1.21
N PHE K 60 46.04 22.08 -1.60
CA PHE K 60 47.04 23.12 -1.40
C PHE K 60 46.44 24.30 -0.61
N ARG K 61 47.19 25.41 -0.58
CA ARG K 61 47.10 26.59 0.28
C ARG K 61 45.71 27.12 0.66
N PRO K 62 44.78 27.44 -0.28
CA PRO K 62 43.58 28.16 0.18
C PRO K 62 42.56 27.27 0.86
N LEU K 63 42.47 25.99 0.48
CA LEU K 63 41.60 25.04 1.16
C LEU K 63 42.46 23.96 1.80
N GLN K 64 42.68 24.09 3.11
CA GLN K 64 43.42 23.08 3.85
C GLN K 64 42.78 22.92 5.22
N GLY K 65 41.49 23.24 5.33
CA GLY K 65 40.74 23.28 6.56
C GLY K 65 39.53 22.38 6.51
N LEU K 66 39.73 21.16 6.00
CA LEU K 66 38.63 20.24 5.73
C LEU K 66 38.38 19.30 6.89
N VAL K 67 38.48 19.84 8.11
CA VAL K 67 38.58 19.06 9.34
C VAL K 67 37.33 18.23 9.65
N PHE K 68 36.16 18.61 9.14
CA PHE K 68 34.95 17.86 9.44
C PHE K 68 34.88 16.57 8.63
N ASP K 69 33.84 15.79 8.88
CA ASP K 69 33.69 14.49 8.25
C ASP K 69 33.28 14.63 6.80
N THR K 70 33.50 13.55 6.04
CA THR K 70 33.33 13.58 4.59
C THR K 70 31.85 13.67 4.20
N GLN K 71 30.96 13.11 5.02
CA GLN K 71 29.54 13.16 4.72
C GLN K 71 28.94 14.55 4.94
N LEU K 72 29.65 15.43 5.63
CA LEU K 72 29.15 16.79 5.82
C LEU K 72 29.25 17.61 4.54
N TYR K 73 30.24 17.31 3.70
CA TYR K 73 30.49 18.14 2.54
C TYR K 73 29.65 17.74 1.34
N GLY K 74 29.40 16.46 1.15
CA GLY K 74 28.62 16.01 0.02
C GLY K 74 29.36 16.10 -1.28
N PHE K 75 30.60 15.65 -1.28
CA PHE K 75 31.43 15.69 -2.47
C PHE K 75 31.00 14.60 -3.46
N PRO K 76 31.18 14.84 -4.76
CA PRO K 76 30.96 13.77 -5.73
C PRO K 76 32.03 12.70 -5.64
N GLY K 77 31.79 11.60 -6.35
CA GLY K 77 32.70 10.48 -6.32
C GLY K 77 33.81 10.58 -7.34
N THR K 78 33.49 11.04 -8.55
CA THR K 78 34.49 11.11 -9.60
C THR K 78 35.19 12.46 -9.61
N PHE K 79 36.41 12.46 -10.12
CA PHE K 79 37.23 13.67 -10.11
C PHE K 79 36.70 14.74 -11.05
N SER K 80 36.15 14.32 -12.21
CA SER K 80 35.66 15.30 -13.17
C SER K 80 34.41 16.01 -12.67
N GLN K 81 33.60 15.34 -11.87
CA GLN K 81 32.46 16.00 -11.25
C GLN K 81 32.87 16.81 -10.04
N TRP K 82 33.85 16.31 -9.27
CA TRP K 82 34.31 17.00 -8.06
C TRP K 82 34.96 18.33 -8.40
N GLU K 83 35.74 18.37 -9.48
CA GLU K 83 36.42 19.58 -9.88
C GLU K 83 35.44 20.66 -10.33
N GLN K 84 34.41 20.28 -11.08
CA GLN K 84 33.38 21.22 -11.50
C GLN K 84 32.54 21.70 -10.32
N PHE K 85 32.26 20.79 -9.38
CA PHE K 85 31.57 21.14 -8.13
C PHE K 85 32.34 22.20 -7.35
N MET K 86 33.65 21.99 -7.17
CA MET K 86 34.47 22.93 -6.42
C MET K 86 34.61 24.26 -7.13
N LYS K 87 34.82 24.25 -8.46
CA LYS K 87 34.91 25.48 -9.22
C LYS K 87 33.59 26.26 -9.21
N GLU K 88 32.46 25.55 -9.14
CA GLU K 88 31.19 26.24 -9.07
C GLU K 88 30.95 26.86 -7.70
N LYS K 89 31.44 26.22 -6.64
CA LYS K 89 31.13 26.75 -5.31
C LYS K 89 32.11 27.84 -4.86
N LEU K 90 33.36 27.80 -5.35
CA LEU K 90 34.34 28.77 -4.89
C LEU K 90 34.05 30.18 -5.41
N ARG K 91 33.39 30.33 -6.56
CA ARG K 91 33.04 31.67 -7.00
C ARG K 91 31.87 32.25 -6.20
N VAL K 92 30.96 31.39 -5.71
CA VAL K 92 29.89 31.85 -4.84
C VAL K 92 30.47 32.33 -3.52
N LEU K 93 31.52 31.68 -3.05
CA LEU K 93 32.22 32.24 -1.89
C LEU K 93 33.03 33.48 -2.24
N LYS K 94 33.54 33.57 -3.48
CA LYS K 94 34.37 34.69 -3.89
C LYS K 94 33.60 35.99 -3.91
N TYR K 95 32.36 35.95 -4.42
CA TYR K 95 31.54 37.16 -4.37
C TYR K 95 31.16 37.57 -2.96
N GLU K 96 31.03 36.61 -2.03
CA GLU K 96 30.73 36.95 -0.65
C GLU K 96 31.92 37.61 0.02
N VAL K 97 33.13 37.18 -0.32
CA VAL K 97 34.33 37.89 0.15
C VAL K 97 34.40 39.27 -0.49
N LEU K 98 34.07 39.35 -1.79
CA LEU K 98 34.30 40.56 -2.55
C LEU K 98 33.31 41.66 -2.20
N ARG K 99 32.13 41.30 -1.70
CA ARG K 99 31.16 42.32 -1.31
C ARG K 99 31.62 43.07 -0.06
N ILE K 100 32.06 42.33 0.96
CA ILE K 100 32.49 42.98 2.19
C ILE K 100 33.84 43.66 2.00
N TYR K 101 34.78 42.99 1.33
CA TYR K 101 36.08 43.59 1.07
C TYR K 101 36.18 43.96 -0.40
N PRO K 102 36.14 45.24 -0.74
CA PRO K 102 36.23 45.63 -2.15
C PRO K 102 37.62 45.37 -2.71
N ILE K 103 37.66 45.24 -4.03
CA ILE K 103 38.89 44.86 -4.70
C ILE K 103 39.81 46.05 -4.91
N SER K 104 39.34 47.27 -4.60
CA SER K 104 40.21 48.44 -4.62
C SER K 104 41.32 48.36 -3.58
N THR K 105 41.09 47.62 -2.48
CA THR K 105 42.16 47.24 -1.57
C THR K 105 42.75 45.93 -2.09
N TYR K 106 43.83 46.07 -2.87
CA TYR K 106 44.47 44.91 -3.49
C TYR K 106 45.99 44.95 -3.45
N ASN K 107 46.59 46.03 -2.95
CA ASN K 107 48.01 46.26 -3.20
C ASN K 107 48.90 45.45 -2.26
N HIS K 108 48.83 45.75 -0.97
CA HIS K 108 49.77 45.17 -0.01
C HIS K 108 49.06 44.84 1.29
N ASP K 109 47.83 44.35 1.18
CA ASP K 109 47.03 44.02 2.36
C ASP K 109 47.10 42.52 2.64
N ARG K 110 47.76 42.17 3.73
CA ARG K 110 47.95 40.77 4.07
C ARG K 110 46.68 40.20 4.70
N VAL K 111 46.41 38.93 4.41
CA VAL K 111 45.24 38.25 4.97
C VAL K 111 45.73 37.17 5.93
N ASN K 112 44.85 36.82 6.86
CA ASN K 112 45.20 35.80 7.84
C ASN K 112 45.03 34.42 7.22
N VAL K 113 46.10 33.63 7.28
CA VAL K 113 46.11 32.33 6.59
C VAL K 113 45.17 31.35 7.29
N PHE K 114 45.14 31.39 8.62
CA PHE K 114 44.25 30.51 9.37
C PHE K 114 42.79 30.84 9.12
N VAL K 115 42.47 32.14 9.06
CA VAL K 115 41.10 32.56 8.76
C VAL K 115 40.76 32.20 7.32
N ALA K 116 41.74 32.26 6.42
CA ALA K 116 41.51 31.92 5.02
C ALA K 116 41.21 30.43 4.84
N ASN K 117 41.91 29.57 5.58
CA ASN K 117 41.61 28.15 5.53
C ASN K 117 40.28 27.83 6.21
N ALA K 118 40.05 28.38 7.40
CA ALA K 118 38.85 28.07 8.15
C ALA K 118 37.60 28.66 7.53
N LEU K 119 37.72 29.71 6.70
CA LEU K 119 36.55 30.28 6.04
C LEU K 119 36.03 29.34 4.96
N VAL K 120 36.92 28.80 4.13
CA VAL K 120 36.46 27.84 3.13
C VAL K 120 36.10 26.52 3.80
N GLY K 121 36.69 26.19 4.94
CA GLY K 121 36.28 25.00 5.66
C GLY K 121 34.92 25.13 6.30
N ALA K 122 34.53 26.34 6.66
CA ALA K 122 33.20 26.57 7.20
C ALA K 122 32.17 26.70 6.10
N PHE K 123 32.56 27.24 4.95
CA PHE K 123 31.60 27.42 3.87
C PHE K 123 31.33 26.11 3.13
N LEU K 124 32.34 25.26 2.98
CA LEU K 124 32.10 23.96 2.38
C LEU K 124 31.33 23.03 3.29
N SER K 125 31.31 23.29 4.60
CA SER K 125 30.61 22.45 5.55
C SER K 125 29.38 23.11 6.15
N ASN K 126 29.05 24.33 5.70
CA ASN K 126 27.84 25.07 6.08
C ASN K 126 27.78 25.35 7.59
N GLN K 127 28.89 25.85 8.13
CA GLN K 127 29.00 26.06 9.58
C GLN K 127 29.49 27.48 9.87
N ALA K 128 28.58 28.45 9.83
CA ALA K 128 28.71 29.77 10.45
C ALA K 128 29.97 30.53 10.01
N PHE K 129 30.02 30.85 8.72
CA PHE K 129 31.22 31.47 8.17
C PHE K 129 31.30 32.97 8.42
N TYR K 130 30.16 33.64 8.60
CA TYR K 130 30.10 35.09 8.51
C TYR K 130 30.78 35.82 9.66
N ASP K 131 31.02 35.14 10.79
CA ASP K 131 31.81 35.74 11.85
C ASP K 131 33.27 35.86 11.46
N LEU K 132 33.78 34.92 10.67
CA LEU K 132 35.20 34.88 10.39
C LEU K 132 35.60 35.93 9.38
N LEU K 133 34.66 36.44 8.62
CA LEU K 133 34.91 37.35 7.52
C LEU K 133 35.42 38.73 7.92
N PRO K 134 34.98 39.37 9.03
CA PRO K 134 35.68 40.59 9.46
C PRO K 134 37.07 40.35 10.03
N LEU K 135 37.43 39.12 10.38
CA LEU K 135 38.75 38.82 10.90
C LEU K 135 39.72 38.38 9.82
N LEU K 136 39.45 38.72 8.55
CA LEU K 136 40.28 38.21 7.47
C LEU K 136 41.54 39.04 7.30
N ILE K 137 41.45 40.36 7.37
CA ILE K 137 42.60 41.24 7.25
C ILE K 137 43.37 41.20 8.57
N VAL K 138 44.69 41.06 8.48
CA VAL K 138 45.52 40.82 9.65
C VAL K 138 45.99 42.15 10.23
N ASN K 139 46.29 42.14 11.53
CA ASN K 139 46.99 43.25 12.17
C ASN K 139 47.82 42.76 13.35
N ASP K 140 49.06 43.25 13.41
CA ASP K 140 50.06 43.19 14.48
C ASP K 140 50.72 41.82 14.65
N THR K 141 50.07 40.75 14.18
CA THR K 141 50.57 39.41 13.86
C THR K 141 49.36 38.57 13.47
N MET K 142 49.62 37.35 13.02
CA MET K 142 48.52 36.44 12.66
C MET K 142 47.82 35.90 13.90
N ILE K 143 48.59 35.50 14.92
CA ILE K 143 47.99 34.68 15.97
C ILE K 143 47.23 35.54 16.99
N SER K 144 47.79 36.68 17.41
CA SER K 144 47.21 37.48 18.49
C SER K 144 45.92 38.15 18.09
N ASP K 145 45.61 38.21 16.81
CA ASP K 145 44.28 38.59 16.38
C ASP K 145 43.28 37.47 16.63
N LEU K 146 43.75 36.23 16.78
CA LEU K 146 42.89 35.07 16.96
C LEU K 146 42.89 34.50 18.36
N LEU K 147 43.83 34.90 19.22
CA LEU K 147 43.87 34.39 20.58
C LEU K 147 42.65 34.80 21.40
N GLY K 148 42.38 36.11 21.46
CA GLY K 148 41.33 36.60 22.32
C GLY K 148 39.92 36.33 21.83
N THR K 149 39.73 36.13 20.54
CA THR K 149 38.39 36.06 19.98
C THR K 149 37.77 34.69 20.25
N GLY K 150 36.45 34.62 20.05
CA GLY K 150 35.71 33.38 20.13
C GLY K 150 34.69 33.30 19.02
N ALA K 151 35.02 33.86 17.86
CA ALA K 151 34.04 33.98 16.78
C ALA K 151 33.86 32.65 16.04
N ALA K 152 34.97 32.03 15.63
CA ALA K 152 34.88 30.81 14.87
C ALA K 152 34.54 29.62 15.76
N LEU K 153 34.10 28.55 15.13
CA LEU K 153 33.75 27.34 15.85
C LEU K 153 35.01 26.67 16.36
N SER K 154 34.89 26.02 17.52
CA SER K 154 36.05 25.50 18.24
C SER K 154 36.73 24.33 17.54
N GLN K 155 36.07 23.70 16.56
CA GLN K 155 36.73 22.65 15.78
C GLN K 155 37.85 23.23 14.93
N PHE K 156 37.68 24.46 14.44
CA PHE K 156 38.70 25.07 13.59
C PHE K 156 39.92 25.46 14.41
N PHE K 157 39.74 26.34 15.39
CA PHE K 157 40.85 26.72 16.25
C PHE K 157 40.32 27.14 17.62
N GLN K 158 41.23 27.11 18.60
CA GLN K 158 40.91 27.46 19.96
C GLN K 158 42.16 27.96 20.64
N SER K 159 41.99 28.64 21.77
CA SER K 159 43.09 29.27 22.48
C SER K 159 43.18 28.73 23.90
N HIS K 160 44.41 28.57 24.38
CA HIS K 160 44.66 28.13 25.75
C HIS K 160 45.41 29.18 26.56
N GLY K 161 45.55 30.39 26.03
CA GLY K 161 46.28 31.43 26.72
C GLY K 161 47.71 31.44 26.25
N GLU K 162 48.05 32.42 25.40
CA GLU K 162 49.33 32.59 24.73
C GLU K 162 49.72 31.41 23.83
N VAL K 163 48.80 30.48 23.57
CA VAL K 163 49.03 29.33 22.69
C VAL K 163 47.78 29.16 21.84
N LEU K 164 47.94 29.22 20.52
CA LEU K 164 46.84 28.98 19.60
C LEU K 164 46.91 27.54 19.12
N GLU K 165 45.79 26.84 19.24
CA GLU K 165 45.67 25.45 18.81
C GLU K 165 44.74 25.37 17.61
N VAL K 166 45.27 24.97 16.46
CA VAL K 166 44.45 24.74 15.28
C VAL K 166 44.41 23.24 15.04
N ALA K 167 43.48 22.83 14.18
CA ALA K 167 43.29 21.42 13.85
C ALA K 167 43.57 21.26 12.37
N ALA K 168 44.81 20.93 12.04
CA ALA K 168 45.19 20.71 10.65
C ALA K 168 44.56 19.43 10.13
N GLY K 169 44.02 19.48 8.92
CA GLY K 169 43.29 18.33 8.42
C GLY K 169 43.25 18.19 6.92
N ARG K 170 43.39 16.94 6.46
CA ARG K 170 43.16 16.50 5.08
C ARG K 170 44.06 17.22 4.09
N LYS K 171 45.35 16.89 4.19
CA LYS K 171 46.28 17.19 3.12
C LYS K 171 45.87 16.48 1.84
N TYR K 172 45.52 15.20 1.94
CA TYR K 172 45.02 14.42 0.82
C TYR K 172 43.51 14.26 0.93
N LEU K 173 42.89 13.81 -0.16
CA LEU K 173 41.46 13.60 -0.20
C LEU K 173 41.19 12.35 -1.02
N GLN K 174 40.41 11.43 -0.46
CA GLN K 174 40.18 10.12 -1.04
C GLN K 174 38.96 10.14 -1.97
N MET K 175 39.14 9.66 -3.18
CA MET K 175 38.04 9.61 -4.15
C MET K 175 37.28 8.28 -4.03
N ASN K 176 36.42 8.02 -5.01
CA ASN K 176 35.49 6.91 -4.92
C ASN K 176 36.16 5.57 -5.21
N ASN K 177 37.07 5.52 -6.17
CA ASN K 177 37.68 4.27 -6.61
C ASN K 177 39.04 4.04 -5.98
N TYR K 178 39.22 4.45 -4.74
CA TYR K 178 40.44 4.16 -3.98
C TYR K 178 40.16 2.90 -3.16
N SER K 179 40.65 1.76 -3.65
CA SER K 179 40.28 0.47 -3.08
C SER K 179 41.43 -0.20 -2.34
N ASN K 180 42.41 0.59 -1.87
CA ASN K 180 43.58 0.12 -1.11
C ASN K 180 44.37 -0.94 -1.87
N ASP K 181 44.48 -0.77 -3.18
CA ASP K 181 45.27 -1.67 -3.99
C ASP K 181 46.76 -1.44 -3.73
N ASP K 182 47.57 -2.43 -4.08
CA ASP K 182 49.00 -2.34 -3.84
C ASP K 182 49.69 -1.34 -4.75
N ASP K 183 49.05 -0.92 -5.83
CA ASP K 183 49.60 0.09 -6.72
C ASP K 183 49.04 1.48 -6.44
N ASP K 184 48.13 1.61 -5.48
CA ASP K 184 47.60 2.91 -5.11
C ASP K 184 48.67 3.74 -4.41
N PRO K 185 48.59 5.06 -4.51
CA PRO K 185 49.49 5.91 -3.73
C PRO K 185 49.09 5.94 -2.28
N PRO K 186 50.05 5.83 -1.36
CA PRO K 186 49.70 5.89 0.07
C PRO K 186 49.33 7.30 0.47
N LEU K 187 48.48 7.38 1.49
CA LEU K 187 47.95 8.67 1.91
C LEU K 187 48.49 9.15 3.25
N PHE K 188 49.19 8.28 3.99
CA PHE K 188 49.90 8.62 5.23
C PHE K 188 48.96 9.17 6.30
N ALA K 189 47.77 8.56 6.40
CA ALA K 189 46.72 8.88 7.37
C ALA K 189 46.27 10.34 7.28
N LYS K 190 46.38 10.92 6.09
CA LYS K 190 45.99 12.31 5.88
C LYS K 190 44.69 12.43 5.09
N ASP K 191 43.95 11.35 4.92
CA ASP K 191 42.59 11.41 4.44
C ASP K 191 41.58 11.35 5.57
N LEU K 192 42.04 11.49 6.81
CA LEU K 192 41.24 11.27 8.00
C LEU K 192 40.94 12.60 8.66
N SER K 193 39.94 12.60 9.55
CA SER K 193 39.40 13.83 10.11
C SER K 193 40.42 14.56 10.99
N ASP K 194 40.97 13.86 11.98
CA ASP K 194 41.90 14.48 12.93
C ASP K 194 43.11 13.57 13.14
N TYR K 195 44.17 13.85 12.38
CA TYR K 195 45.40 13.10 12.52
C TYR K 195 46.47 13.83 13.34
N ALA K 196 46.36 15.15 13.48
CA ALA K 196 47.34 15.90 14.25
C ALA K 196 46.67 17.18 14.74
N LYS K 197 47.34 17.83 15.69
CA LYS K 197 46.91 19.11 16.22
C LYS K 197 48.13 20.01 16.34
N ALA K 198 48.09 21.17 15.70
CA ALA K 198 49.20 22.11 15.73
C ALA K 198 49.02 23.11 16.86
N PHE K 199 50.12 23.56 17.44
CA PHE K 199 50.11 24.48 18.57
C PHE K 199 51.00 25.68 18.25
N TYR K 200 50.37 26.79 17.89
CA TYR K 200 51.07 28.00 17.48
C TYR K 200 51.25 28.95 18.65
N SER K 201 52.42 29.59 18.70
CA SER K 201 52.68 30.65 19.66
C SER K 201 53.78 31.54 19.09
N ASP K 202 54.16 32.56 19.86
CA ASP K 202 55.23 33.46 19.42
C ASP K 202 56.60 32.82 19.60
N THR K 203 56.93 32.45 20.82
CA THR K 203 58.24 31.88 21.13
C THR K 203 58.08 30.43 21.53
N TYR K 204 59.20 29.71 21.54
CA TYR K 204 59.19 28.30 21.94
C TYR K 204 59.12 28.12 23.45
N GLU K 205 59.47 29.15 24.22
CA GLU K 205 59.45 29.02 25.67
C GLU K 205 58.03 28.97 26.23
N VAL K 206 57.05 29.49 25.48
CA VAL K 206 55.66 29.35 25.91
C VAL K 206 55.16 27.95 25.65
N LEU K 207 55.50 27.38 24.50
CA LEU K 207 55.07 26.03 24.16
C LEU K 207 55.77 24.97 24.99
N ASP K 208 57.02 25.22 25.40
CA ASP K 208 57.70 24.28 26.28
C ASP K 208 57.09 24.28 27.67
N ARG K 209 56.60 25.42 28.15
CA ARG K 209 55.83 25.40 29.39
C ARG K 209 54.43 24.87 29.19
N PHE K 210 53.92 24.92 27.96
CA PHE K 210 52.63 24.32 27.66
C PHE K 210 52.70 22.80 27.75
N PHE K 211 53.78 22.22 27.24
CA PHE K 211 53.94 20.77 27.32
C PHE K 211 54.64 20.30 28.58
N TRP K 212 54.68 21.12 29.63
CA TRP K 212 55.01 20.60 30.95
C TRP K 212 53.75 20.18 31.69
N THR K 213 52.67 20.95 31.52
CA THR K 213 51.40 20.61 32.16
C THR K 213 50.67 19.52 31.38
N HIS K 214 50.41 19.76 30.10
CA HIS K 214 49.71 18.81 29.26
C HIS K 214 50.59 17.61 28.95
N ASP K 215 49.97 16.54 28.48
CA ASP K 215 50.67 15.29 28.23
C ASP K 215 51.29 15.30 26.84
N SER K 216 52.40 14.58 26.71
CA SER K 216 53.07 14.39 25.43
C SER K 216 53.22 12.89 25.19
N SER K 217 52.12 12.16 25.32
CA SER K 217 52.16 10.70 25.34
C SER K 217 52.52 10.13 23.98
N ALA K 218 51.88 10.64 22.91
CA ALA K 218 52.14 10.09 21.59
C ALA K 218 53.50 10.55 21.05
N GLY K 219 53.82 11.83 21.21
CA GLY K 219 55.06 12.35 20.68
C GLY K 219 54.77 13.64 19.96
N VAL K 220 55.68 14.60 20.10
CA VAL K 220 55.49 15.91 19.52
C VAL K 220 56.57 16.15 18.47
N LEU K 221 56.21 16.87 17.40
CA LEU K 221 57.08 17.03 16.25
C LEU K 221 57.26 18.50 15.95
N VAL K 222 58.43 18.84 15.39
CA VAL K 222 58.80 20.23 15.15
C VAL K 222 59.14 20.35 13.67
N HIS K 223 59.23 21.59 13.14
CA HIS K 223 59.83 21.83 11.82
C HIS K 223 61.29 22.27 11.91
N TYR K 224 61.58 23.32 12.68
CA TYR K 224 62.91 23.89 12.98
C TYR K 224 63.63 24.52 11.79
N ASP K 225 63.05 24.53 10.61
CA ASP K 225 63.69 25.15 9.46
C ASP K 225 62.94 26.39 9.00
N LYS K 226 61.66 26.24 8.65
CA LYS K 226 60.90 27.32 8.05
C LYS K 226 59.44 27.02 8.32
N PRO K 227 58.91 27.50 9.44
CA PRO K 227 57.54 27.17 9.80
C PRO K 227 56.55 27.86 8.88
N THR K 228 55.36 27.28 8.78
CA THR K 228 54.41 27.70 7.77
C THR K 228 53.82 29.07 8.08
N ASN K 229 53.25 29.22 9.27
CA ASN K 229 52.64 30.49 9.66
C ASN K 229 53.13 30.93 11.02
N GLY K 230 54.40 30.72 11.31
CA GLY K 230 54.93 31.01 12.63
C GLY K 230 55.35 29.71 13.29
N ASN K 231 56.30 29.80 14.23
CA ASN K 231 56.88 28.62 14.84
C ASN K 231 55.87 27.87 15.70
N HIS K 232 55.86 26.54 15.56
CA HIS K 232 54.82 25.74 16.19
C HIS K 232 55.31 24.32 16.40
N TYR K 233 54.51 23.54 17.11
CA TYR K 233 54.71 22.11 17.30
C TYR K 233 53.55 21.35 16.70
N ILE K 234 53.80 20.07 16.42
CA ILE K 234 52.80 19.16 15.87
C ILE K 234 52.66 18.00 16.84
N LEU K 235 51.46 17.79 17.34
CA LEU K 235 51.16 16.68 18.24
C LEU K 235 50.30 15.67 17.50
N GLY K 236 50.80 14.44 17.37
CA GLY K 236 50.06 13.41 16.70
C GLY K 236 49.08 12.71 17.62
N THR K 237 48.02 12.16 17.03
CA THR K 237 46.99 11.44 17.75
C THR K 237 47.27 9.93 17.70
N LEU K 238 46.31 9.13 18.14
CA LEU K 238 46.45 7.68 18.17
C LEU K 238 45.49 6.98 17.22
N THR K 239 45.16 7.63 16.10
CA THR K 239 44.47 6.93 15.03
C THR K 239 45.47 6.19 14.16
N GLN K 240 44.97 5.27 13.34
CA GLN K 240 45.82 4.31 12.65
C GLN K 240 45.47 4.20 11.18
N MET K 241 46.49 4.27 10.34
CA MET K 241 46.37 3.91 8.94
C MET K 241 46.96 2.51 8.75
N VAL K 242 46.21 1.63 8.10
CA VAL K 242 46.72 0.29 7.94
C VAL K 242 47.59 0.24 6.69
N SER K 243 46.97 0.30 5.51
CA SER K 243 47.59 0.55 4.19
C SER K 243 48.71 -0.40 3.77
N ALA K 244 49.04 -1.37 4.59
CA ALA K 244 50.24 -2.19 4.41
C ALA K 244 49.98 -3.43 5.22
N PRO K 245 49.46 -4.49 4.59
CA PRO K 245 48.80 -5.60 5.33
C PRO K 245 49.67 -6.34 6.33
N PRO K 246 51.01 -6.42 6.21
CA PRO K 246 51.76 -6.91 7.37
C PRO K 246 51.99 -5.91 8.49
N HIS K 247 51.48 -4.67 8.39
CA HIS K 247 51.82 -3.68 9.39
C HIS K 247 50.64 -2.82 9.81
N ILE K 248 50.77 -2.25 11.00
CA ILE K 248 49.83 -1.26 11.54
C ILE K 248 50.67 -0.05 11.93
N ILE K 249 50.42 1.09 11.29
CA ILE K 249 51.19 2.30 11.53
C ILE K 249 50.23 3.36 12.05
N ASN K 250 50.44 3.80 13.28
CA ASN K 250 49.65 4.89 13.84
C ASN K 250 50.06 6.22 13.21
N ALA K 251 49.34 7.28 13.59
CA ALA K 251 49.47 8.56 12.89
C ALA K 251 50.80 9.24 13.16
N THR K 252 51.31 9.14 14.39
CA THR K 252 52.56 9.79 14.74
C THR K 252 53.78 9.11 14.15
N ASP K 253 53.63 7.94 13.53
CA ASP K 253 54.72 7.32 12.80
C ASP K 253 54.63 7.53 11.30
N ALA K 254 53.42 7.51 10.74
CA ALA K 254 53.27 7.82 9.32
C ALA K 254 53.58 9.28 9.02
N LEU K 255 53.21 10.16 9.95
CA LEU K 255 53.51 11.58 9.80
C LEU K 255 55.02 11.84 9.82
N LEU K 256 55.77 11.01 10.53
CA LEU K 256 57.22 11.12 10.51
C LEU K 256 57.82 10.43 9.29
N LEU K 257 57.21 9.32 8.87
CA LEU K 257 57.74 8.50 7.79
C LEU K 257 57.63 9.18 6.43
N GLU K 258 56.51 9.87 6.17
CA GLU K 258 56.37 10.61 4.92
C GLU K 258 57.39 11.73 4.81
N SER K 259 57.59 12.46 5.91
CA SER K 259 58.57 13.54 5.94
C SER K 259 60.00 13.01 5.87
N CYS K 260 60.24 11.79 6.33
CA CYS K 260 61.56 11.18 6.15
C CYS K 260 61.80 10.81 4.70
N LEU K 261 60.80 10.20 4.06
CA LEU K 261 60.96 9.78 2.66
C LEU K 261 61.04 10.96 1.70
N GLU K 262 60.39 12.08 2.00
CA GLU K 262 60.54 13.25 1.15
C GLU K 262 61.96 13.79 1.20
N GLN K 263 62.60 13.73 2.36
CA GLN K 263 63.97 14.23 2.45
C GLN K 263 64.97 13.26 1.86
N PHE K 264 64.71 11.95 2.00
CA PHE K 264 65.51 10.96 1.27
C PHE K 264 65.40 11.11 -0.23
N ALA K 265 64.22 11.52 -0.73
CA ALA K 265 64.08 11.79 -2.15
C ALA K 265 64.78 13.09 -2.53
N ALA K 266 64.70 14.12 -1.68
CA ALA K 266 65.26 15.41 -2.03
C ALA K 266 66.77 15.45 -1.89
N ASN K 267 67.37 14.52 -1.15
CA ASN K 267 68.83 14.48 -1.07
C ASN K 267 69.45 13.94 -2.34
N VAL K 268 68.68 13.31 -3.22
CA VAL K 268 69.22 12.79 -4.47
C VAL K 268 69.13 13.86 -5.56
N ARG K 269 68.04 14.63 -5.57
CA ARG K 269 67.77 15.60 -6.62
C ARG K 269 68.59 16.87 -6.51
N ALA K 270 69.42 17.02 -5.47
CA ALA K 270 70.18 18.24 -5.27
C ALA K 270 71.33 18.31 -6.27
N ARG K 271 71.34 19.35 -7.10
CA ARG K 271 72.38 19.53 -8.11
C ARG K 271 73.22 20.77 -7.86
N SER K 272 73.15 21.35 -6.65
CA SER K 272 73.97 22.46 -6.17
C SER K 272 73.82 23.74 -6.98
N ALA K 273 72.77 23.85 -7.76
CA ALA K 273 72.49 25.10 -8.47
C ALA K 273 71.06 25.57 -8.29
N GLN K 274 70.10 24.65 -8.24
CA GLN K 274 68.73 25.09 -8.15
C GLN K 274 68.26 25.17 -6.71
N PRO K 275 67.45 26.17 -6.37
CA PRO K 275 66.97 26.30 -4.99
C PRO K 275 65.75 25.44 -4.72
N VAL K 276 65.58 25.13 -3.45
CA VAL K 276 64.39 24.42 -2.97
C VAL K 276 63.71 25.30 -1.92
N THR K 277 62.51 24.89 -1.51
CA THR K 277 61.73 25.67 -0.58
C THR K 277 62.07 25.39 0.88
N ARG K 278 62.66 24.23 1.18
CA ARG K 278 63.09 23.90 2.54
C ARG K 278 64.41 23.15 2.46
N LEU K 279 65.36 23.54 3.31
CA LEU K 279 66.64 22.85 3.32
C LEU K 279 66.52 21.45 3.92
N ASP K 280 65.58 21.24 4.82
CA ASP K 280 65.25 19.89 5.24
C ASP K 280 63.75 19.78 5.51
N GLN K 281 63.22 18.59 5.28
CA GLN K 281 61.79 18.32 5.41
C GLN K 281 61.43 17.63 6.72
N CYS K 282 62.41 17.24 7.53
CA CYS K 282 62.21 16.27 8.59
C CYS K 282 61.48 16.89 9.78
N TYR K 283 61.22 16.06 10.78
CA TYR K 283 60.46 16.47 11.95
C TYR K 283 61.20 16.45 13.26
N HIS K 284 61.95 15.37 13.55
CA HIS K 284 62.79 15.26 14.75
C HIS K 284 62.03 15.41 16.07
N LEU K 285 61.35 14.34 16.47
CA LEU K 285 60.66 14.14 17.75
C LEU K 285 61.35 14.82 18.94
N ARG K 286 60.57 15.56 19.71
CA ARG K 286 61.10 16.52 20.67
C ARG K 286 60.92 16.11 22.12
N TRP K 287 59.70 15.87 22.59
CA TRP K 287 59.44 15.63 24.01
C TRP K 287 59.08 14.19 24.34
N GLY K 288 58.29 13.52 23.51
CA GLY K 288 57.73 12.23 23.88
C GLY K 288 58.66 11.05 23.81
N ALA K 289 59.97 11.28 23.65
CA ALA K 289 60.93 10.20 23.45
C ALA K 289 61.10 9.31 24.67
N GLN K 290 60.69 9.77 25.84
CA GLN K 290 60.68 8.88 27.00
C GLN K 290 59.52 7.89 26.93
N TYR K 291 58.37 8.33 26.41
CA TYR K 291 57.20 7.47 26.41
C TYR K 291 57.24 6.48 25.25
N VAL K 292 57.95 6.79 24.17
CA VAL K 292 58.07 5.87 23.06
C VAL K 292 59.10 4.80 23.42
N GLY K 293 58.99 3.65 22.79
CA GLY K 293 59.82 2.52 23.12
C GLY K 293 61.18 2.59 22.44
N GLU K 294 62.20 2.13 23.16
CA GLU K 294 63.49 1.87 22.55
C GLU K 294 63.33 0.76 21.51
N ASP K 295 64.10 0.87 20.43
CA ASP K 295 64.15 0.06 19.20
C ASP K 295 62.77 -0.34 18.68
N SER K 296 61.77 0.54 18.82
CA SER K 296 60.48 0.34 18.19
C SER K 296 60.44 1.17 16.91
N LEU K 297 59.27 1.20 16.26
CA LEU K 297 59.14 1.87 14.97
C LEU K 297 59.33 3.38 15.06
N THR K 298 58.84 4.00 16.14
CA THR K 298 59.02 5.44 16.30
C THR K 298 60.48 5.80 16.49
N TYR K 299 61.19 5.01 17.29
CA TYR K 299 62.62 5.26 17.51
C TYR K 299 63.44 5.04 16.24
N ARG K 300 63.12 4.00 15.48
CA ARG K 300 63.85 3.74 14.26
C ARG K 300 63.57 4.79 13.19
N LEU K 301 62.33 5.28 13.11
CA LEU K 301 62.06 6.36 12.18
C LEU K 301 62.65 7.68 12.65
N GLY K 302 62.84 7.87 13.96
CA GLY K 302 63.60 9.03 14.41
C GLY K 302 65.06 8.97 14.02
N VAL K 303 65.65 7.77 14.09
CA VAL K 303 67.02 7.59 13.63
C VAL K 303 67.13 7.90 12.13
N LEU K 304 66.19 7.37 11.34
CA LEU K 304 66.20 7.66 9.90
C LEU K 304 65.93 9.13 9.60
N SER K 305 65.11 9.79 10.44
CA SER K 305 64.85 11.21 10.24
C SER K 305 66.07 12.05 10.57
N LEU K 306 66.92 11.59 11.49
CA LEU K 306 68.19 12.27 11.71
C LEU K 306 69.15 12.03 10.55
N LEU K 307 69.14 10.80 10.00
CA LEU K 307 70.02 10.48 8.88
C LEU K 307 69.68 11.29 7.64
N ALA K 308 68.38 11.46 7.37
CA ALA K 308 67.94 12.26 6.23
C ALA K 308 68.32 13.71 6.39
N THR K 309 68.30 14.22 7.63
CA THR K 309 68.68 15.60 7.86
C THR K 309 70.17 15.80 7.67
N ASN K 310 70.98 14.84 8.14
CA ASN K 310 72.41 14.92 7.91
C ASN K 310 72.78 14.70 6.44
N GLY K 311 71.93 14.01 5.68
CA GLY K 311 72.09 14.03 4.23
C GLY K 311 72.41 12.71 3.59
N TYR K 312 72.14 11.61 4.28
CA TYR K 312 72.36 10.29 3.73
C TYR K 312 71.40 9.98 2.60
N GLN K 313 71.74 8.95 1.83
CA GLN K 313 70.99 8.57 0.64
C GLN K 313 70.68 7.09 0.70
N LEU K 314 69.51 6.71 0.21
CA LEU K 314 69.10 5.32 0.24
C LEU K 314 69.76 4.52 -0.87
N ALA K 315 69.89 3.21 -0.63
CA ALA K 315 70.52 2.34 -1.61
C ALA K 315 69.63 2.12 -2.83
N ARG K 316 68.46 1.55 -2.63
CA ARG K 316 67.55 1.40 -3.75
C ARG K 316 66.83 2.72 -4.03
N PRO K 317 66.52 3.01 -5.29
CA PRO K 317 65.97 4.33 -5.62
C PRO K 317 64.51 4.46 -5.21
N ILE K 318 64.13 5.71 -4.97
CA ILE K 318 62.77 6.06 -4.57
C ILE K 318 61.98 6.35 -5.84
N PRO K 319 60.78 5.79 -6.01
CA PRO K 319 59.97 6.13 -7.18
C PRO K 319 59.49 7.58 -7.14
N LYS K 320 59.11 8.08 -8.31
CA LYS K 320 58.63 9.45 -8.40
C LYS K 320 57.28 9.60 -7.71
N GLN K 321 56.42 8.60 -7.85
CA GLN K 321 55.18 8.51 -7.11
C GLN K 321 55.23 7.26 -6.25
N LEU K 322 54.94 7.42 -4.97
CA LEU K 322 55.06 6.30 -4.04
C LEU K 322 53.93 5.30 -4.28
N THR K 323 54.25 4.02 -4.14
CA THR K 323 53.26 2.97 -4.27
C THR K 323 53.11 2.22 -2.96
N ASN K 324 51.90 1.72 -2.75
CA ASN K 324 51.52 1.12 -1.48
C ASN K 324 52.22 -0.21 -1.25
N ARG K 325 52.75 -0.84 -2.29
CA ARG K 325 53.52 -2.05 -2.13
C ARG K 325 54.96 -1.73 -1.76
N TRP K 326 55.54 -0.70 -2.40
CA TRP K 326 56.90 -0.29 -2.08
C TRP K 326 57.00 0.25 -0.66
N LEU K 327 55.95 0.93 -0.20
CA LEU K 327 55.96 1.45 1.16
C LEU K 327 55.93 0.32 2.19
N SER K 328 55.12 -0.71 1.93
CA SER K 328 55.07 -1.86 2.80
C SER K 328 56.39 -2.63 2.79
N SER K 329 57.05 -2.70 1.64
CA SER K 329 58.36 -3.34 1.58
C SER K 329 59.40 -2.56 2.36
N PHE K 330 59.34 -1.22 2.30
CA PHE K 330 60.29 -0.41 3.06
C PHE K 330 60.06 -0.51 4.56
N VAL K 331 58.80 -0.56 4.99
CA VAL K 331 58.51 -0.69 6.42
C VAL K 331 58.92 -2.07 6.91
N SER K 332 58.66 -3.13 6.13
CA SER K 332 59.11 -4.46 6.51
C SER K 332 60.62 -4.60 6.45
N GLN K 333 61.29 -3.77 5.66
CA GLN K 333 62.74 -3.76 5.63
C GLN K 333 63.32 -3.00 6.81
N VAL K 334 62.61 -2.01 7.34
CA VAL K 334 63.13 -1.23 8.45
C VAL K 334 62.77 -1.81 9.82
N VAL K 335 61.75 -2.65 9.91
CA VAL K 335 61.41 -3.29 11.19
C VAL K 335 62.16 -4.61 11.38
N SER K 336 63.16 -4.88 10.54
CA SER K 336 63.93 -6.11 10.66
C SER K 336 64.92 -6.00 11.83
N ASP K 337 65.72 -7.04 12.03
CA ASP K 337 66.73 -7.04 13.08
C ASP K 337 68.07 -6.53 12.55
N GLY K 338 68.89 -6.06 13.47
CA GLY K 338 70.17 -5.47 13.14
C GLY K 338 70.47 -4.32 14.08
N ILE K 339 71.70 -3.83 14.04
CA ILE K 339 72.11 -2.74 14.92
C ILE K 339 72.34 -1.47 14.12
N ASN K 340 72.31 -0.34 14.80
CA ASN K 340 72.56 0.96 14.17
C ASN K 340 74.06 1.13 13.97
N GLU K 341 74.51 1.02 12.73
CA GLU K 341 75.93 1.19 12.42
C GLU K 341 76.37 2.64 12.45
N THR K 342 75.45 3.57 12.35
CA THR K 342 75.78 4.98 12.27
C THR K 342 76.08 5.53 13.67
N PRO K 343 77.11 6.36 13.82
CA PRO K 343 77.35 7.01 15.12
C PRO K 343 76.30 8.06 15.51
N LEU K 344 75.36 8.40 14.64
CA LEU K 344 74.30 9.33 15.01
C LEU K 344 73.30 8.69 15.96
N TRP K 345 72.81 9.48 16.91
CA TRP K 345 71.81 9.04 17.87
C TRP K 345 70.87 10.20 18.15
N PRO K 346 69.57 9.93 18.26
CA PRO K 346 68.61 11.02 18.52
C PRO K 346 68.71 11.55 19.93
N GLN K 347 68.49 12.85 20.08
CA GLN K 347 68.46 13.49 21.39
C GLN K 347 67.29 14.47 21.43
N GLU K 348 66.70 14.60 22.62
CA GLU K 348 65.55 15.48 22.80
C GLU K 348 65.94 16.96 22.77
N ARG K 349 67.14 17.29 23.24
CA ARG K 349 67.46 18.69 23.53
C ARG K 349 67.73 19.48 22.25
N TYR K 350 68.45 18.90 21.29
CA TYR K 350 68.69 19.55 20.02
C TYR K 350 68.98 18.49 18.98
N VAL K 351 68.51 18.74 17.76
CA VAL K 351 68.91 17.93 16.61
C VAL K 351 70.28 18.38 16.13
N GLN K 352 71.22 17.44 16.10
CA GLN K 352 72.60 17.77 15.83
C GLN K 352 72.97 17.50 14.39
N ILE K 353 74.00 18.21 13.92
CA ILE K 353 74.53 18.07 12.58
C ILE K 353 76.02 17.79 12.71
N ALA K 354 76.51 16.77 12.01
CA ALA K 354 77.91 16.41 12.07
C ALA K 354 78.77 17.47 11.39
N TYR K 355 80.09 17.29 11.50
CA TYR K 355 81.02 18.33 11.05
C TYR K 355 81.07 18.40 9.53
N ASP K 356 81.24 17.26 8.85
CA ASP K 356 81.33 17.26 7.41
C ASP K 356 79.98 16.90 6.76
N SER K 357 78.89 17.28 7.38
CA SER K 357 77.63 17.18 6.68
C SER K 357 77.50 18.34 5.70
N PRO K 358 77.04 18.08 4.48
CA PRO K 358 77.00 19.15 3.46
C PRO K 358 75.87 20.14 3.66
N SER K 359 74.96 19.92 4.60
CA SER K 359 73.83 20.83 4.80
C SER K 359 74.30 22.14 5.41
N VAL K 360 73.81 23.24 4.87
CA VAL K 360 74.17 24.56 5.33
C VAL K 360 73.03 25.20 6.15
N VAL K 361 72.13 24.38 6.67
CA VAL K 361 70.95 24.90 7.34
C VAL K 361 71.28 25.41 8.75
N ASP K 362 72.38 24.94 9.33
CA ASP K 362 72.80 25.35 10.67
C ASP K 362 73.13 26.84 10.73
N GLY K 363 73.69 27.38 9.65
CA GLY K 363 73.86 28.82 9.56
C GLY K 363 72.65 29.54 9.02
N ALA K 364 71.72 28.81 8.39
CA ALA K 364 70.58 29.45 7.75
C ALA K 364 69.53 29.85 8.78
N THR K 365 69.03 28.90 9.55
CA THR K 365 68.01 29.20 10.55
C THR K 365 68.66 29.82 11.79
N GLN K 366 67.81 30.24 12.72
CA GLN K 366 68.32 30.91 13.92
C GLN K 366 68.86 29.89 14.92
N TYR K 367 68.01 29.01 15.43
CA TYR K 367 68.44 27.97 16.34
C TYR K 367 67.53 26.76 16.20
N GLY K 368 67.82 25.73 16.99
CA GLY K 368 67.21 24.43 16.83
C GLY K 368 68.23 23.48 16.24
N TYR K 369 68.99 23.97 15.27
CA TYR K 369 70.05 23.21 14.64
C TYR K 369 71.37 23.60 15.25
N VAL K 370 72.13 22.63 15.73
CA VAL K 370 73.39 22.86 16.41
C VAL K 370 74.48 22.08 15.70
N ARG K 371 75.49 22.78 15.21
CA ARG K 371 76.60 22.17 14.49
C ARG K 371 77.52 21.52 15.51
N ARG K 372 77.28 20.24 15.77
CA ARG K 372 78.10 19.50 16.71
C ARG K 372 79.44 19.16 16.09
N ASN K 373 80.51 19.45 16.82
CA ASN K 373 81.88 19.30 16.32
C ASN K 373 82.51 17.98 16.71
N GLN K 374 81.96 17.30 17.72
CA GLN K 374 82.64 16.13 18.27
C GLN K 374 82.58 14.93 17.35
N LEU K 375 81.38 14.53 16.93
CA LEU K 375 81.23 13.30 16.16
C LEU K 375 81.51 13.58 14.69
N ARG K 376 82.17 12.64 14.04
CA ARG K 376 82.62 12.78 12.66
C ARG K 376 82.35 11.49 11.92
N LEU K 377 81.81 11.60 10.72
CA LEU K 377 81.53 10.46 9.87
C LEU K 377 82.54 10.40 8.73
N GLY K 378 82.88 9.17 8.34
CA GLY K 378 83.97 8.96 7.40
C GLY K 378 83.53 8.91 5.95
N MET K 379 82.76 9.90 5.51
CA MET K 379 82.22 9.90 4.17
C MET K 379 82.51 11.21 3.46
N ARG K 380 82.57 11.15 2.13
CA ARG K 380 82.80 12.32 1.29
C ARG K 380 81.56 12.61 0.44
N ILE K 381 81.39 13.87 0.09
CA ILE K 381 80.12 14.38 -0.42
C ILE K 381 80.10 14.36 -1.94
N SER K 382 79.03 13.79 -2.50
CA SER K 382 78.62 13.86 -3.90
C SER K 382 77.23 13.23 -3.98
N ALA K 383 76.58 13.40 -5.12
CA ALA K 383 75.30 12.74 -5.34
C ALA K 383 75.52 11.32 -5.85
N LEU K 384 74.44 10.54 -5.90
CA LEU K 384 74.52 9.19 -6.42
C LEU K 384 74.28 9.21 -7.93
N GLN K 385 74.65 8.10 -8.56
CA GLN K 385 74.51 7.95 -10.02
C GLN K 385 73.70 6.68 -10.30
N SER K 386 72.42 6.85 -10.61
CA SER K 386 71.55 5.76 -10.99
C SER K 386 71.27 5.85 -12.49
N LEU K 387 70.76 4.76 -13.05
CA LEU K 387 70.65 4.63 -14.50
C LEU K 387 69.57 3.60 -14.84
N SER K 388 69.54 3.17 -16.10
CA SER K 388 68.42 2.41 -16.65
C SER K 388 68.47 0.94 -16.21
N ASP K 389 67.63 0.12 -16.85
CA ASP K 389 67.33 -1.23 -16.37
C ASP K 389 68.08 -2.32 -17.15
N THR K 390 68.08 -2.22 -18.49
CA THR K 390 68.62 -3.21 -19.43
C THR K 390 68.02 -4.60 -19.17
N PRO K 391 66.78 -4.85 -19.62
CA PRO K 391 66.03 -6.04 -19.17
C PRO K 391 66.58 -7.38 -19.65
N ALA K 392 67.62 -7.42 -20.47
CA ALA K 392 68.23 -8.69 -20.81
C ALA K 392 69.47 -8.92 -19.95
N PRO K 393 69.78 -10.17 -19.58
CA PRO K 393 71.01 -10.42 -18.84
C PRO K 393 72.24 -10.21 -19.70
N VAL K 394 73.23 -9.53 -19.12
CA VAL K 394 74.38 -9.04 -19.86
C VAL K 394 75.60 -9.90 -19.54
N GLN K 395 76.47 -10.07 -20.54
CA GLN K 395 77.65 -10.89 -20.39
C GLN K 395 78.70 -10.20 -19.53
N TRP K 396 79.28 -10.96 -18.60
CA TRP K 396 80.33 -10.47 -17.71
C TRP K 396 81.62 -11.25 -17.94
N LEU K 397 82.74 -10.55 -17.82
CA LEU K 397 84.04 -11.20 -17.89
C LEU K 397 84.82 -10.96 -16.60
N PRO K 398 85.45 -12.00 -16.05
CA PRO K 398 86.18 -11.84 -14.80
C PRO K 398 87.62 -11.41 -15.01
N GLN K 399 88.15 -10.73 -13.99
CA GLN K 399 89.56 -10.38 -13.92
C GLN K 399 90.09 -10.86 -12.57
N TYR K 400 91.39 -11.10 -12.52
CA TYR K 400 91.97 -11.87 -11.42
C TYR K 400 92.92 -11.04 -10.58
N THR K 401 93.22 -11.58 -9.40
CA THR K 401 94.10 -10.97 -8.41
C THR K 401 95.04 -12.06 -7.89
N ILE K 402 96.23 -11.65 -7.47
CA ILE K 402 97.29 -12.60 -7.15
C ILE K 402 97.05 -13.40 -5.88
N ASP K 403 96.09 -13.02 -5.05
CA ASP K 403 95.79 -13.79 -3.86
C ASP K 403 95.04 -15.08 -4.22
N GLN K 404 95.00 -16.00 -3.26
CA GLN K 404 94.49 -17.34 -3.53
C GLN K 404 94.05 -18.01 -2.24
N VAL K 405 93.15 -18.96 -2.38
CA VAL K 405 92.75 -19.87 -1.31
C VAL K 405 92.87 -21.30 -1.82
N ALA K 406 92.48 -22.25 -0.98
CA ALA K 406 92.59 -23.66 -1.33
C ALA K 406 91.37 -24.12 -2.12
N VAL K 407 91.58 -25.12 -2.98
CA VAL K 407 90.56 -25.54 -3.94
C VAL K 407 89.39 -26.27 -3.30
N ASP K 408 89.56 -26.81 -2.09
CA ASP K 408 88.43 -27.44 -1.40
C ASP K 408 87.53 -26.42 -0.73
N GLU K 409 87.90 -25.14 -0.75
CA GLU K 409 87.04 -24.10 -0.20
C GLU K 409 85.99 -23.63 -1.20
N GLY K 410 86.33 -23.56 -2.49
CA GLY K 410 85.44 -23.04 -3.50
C GLY K 410 84.20 -23.88 -3.75
N ASP K 411 84.39 -25.19 -3.92
CA ASP K 411 83.25 -26.08 -4.10
C ASP K 411 82.38 -26.17 -2.85
N ALA K 412 82.99 -26.17 -1.66
CA ALA K 412 82.23 -26.18 -0.42
C ALA K 412 81.48 -24.86 -0.22
N MET K 413 82.02 -23.76 -0.72
CA MET K 413 81.33 -22.48 -0.62
C MET K 413 80.16 -22.41 -1.60
N VAL K 414 80.35 -22.88 -2.83
CA VAL K 414 79.25 -22.84 -3.80
C VAL K 414 78.23 -23.93 -3.57
N SER K 415 78.54 -24.93 -2.72
CA SER K 415 77.57 -25.97 -2.39
C SER K 415 76.34 -25.41 -1.69
N GLN K 416 76.50 -24.36 -0.90
CA GLN K 416 75.36 -23.70 -0.27
C GLN K 416 74.82 -22.54 -1.08
N LEU K 417 75.47 -22.16 -2.18
CA LEU K 417 75.00 -21.03 -2.96
C LEU K 417 74.27 -21.45 -4.22
N THR K 418 74.66 -22.56 -4.84
CA THR K 418 74.06 -22.99 -6.09
C THR K 418 72.67 -23.57 -5.86
N GLN K 419 71.70 -23.10 -6.64
CA GLN K 419 70.38 -23.72 -6.70
C GLN K 419 70.31 -24.69 -7.89
N LEU K 420 71.24 -25.65 -7.86
CA LEU K 420 71.36 -26.64 -8.92
C LEU K 420 70.13 -27.51 -9.20
N PRO K 421 69.32 -27.98 -8.21
CA PRO K 421 68.13 -28.75 -8.62
C PRO K 421 67.06 -27.89 -9.26
N LEU K 422 67.24 -27.58 -10.54
CA LEU K 422 66.23 -26.93 -11.35
C LEU K 422 66.22 -27.59 -12.72
N ARG K 423 65.21 -27.23 -13.52
CA ARG K 423 65.06 -27.81 -14.83
C ARG K 423 65.31 -26.74 -15.89
N PRO K 424 66.48 -26.70 -16.51
CA PRO K 424 66.71 -25.73 -17.58
C PRO K 424 66.04 -26.18 -18.88
N ASP K 425 65.79 -25.20 -19.74
CA ASP K 425 65.29 -25.52 -21.07
C ASP K 425 66.45 -26.07 -21.90
N TYR K 426 66.15 -27.04 -22.76
CA TYR K 426 67.23 -27.79 -23.38
C TYR K 426 67.80 -27.05 -24.59
N GLY K 427 66.95 -26.65 -25.52
CA GLY K 427 67.42 -25.98 -26.72
C GLY K 427 67.43 -26.89 -27.91
N SER K 428 68.50 -26.84 -28.72
CA SER K 428 68.60 -27.68 -29.91
C SER K 428 70.06 -27.85 -30.25
N ILE K 429 70.48 -29.08 -30.54
CA ILE K 429 71.86 -29.34 -30.92
C ILE K 429 72.14 -28.79 -32.31
N TRP K 430 71.37 -29.22 -33.29
CA TRP K 430 71.69 -29.03 -34.70
C TRP K 430 70.52 -28.35 -35.38
N ILE K 431 70.79 -27.25 -36.09
CA ILE K 431 69.75 -26.47 -36.72
C ILE K 431 70.01 -26.39 -38.21
N GLY K 432 68.96 -26.12 -38.97
CA GLY K 432 69.07 -25.85 -40.39
C GLY K 432 68.77 -27.06 -41.25
N GLU K 433 69.25 -27.00 -42.49
CA GLU K 433 69.04 -28.04 -43.49
C GLU K 433 70.00 -29.21 -43.30
N ALA K 434 70.08 -30.08 -44.31
CA ALA K 434 70.96 -31.22 -44.25
C ALA K 434 72.25 -30.97 -45.02
N LEU K 435 73.32 -31.62 -44.58
CA LEU K 435 74.60 -31.55 -45.30
C LEU K 435 74.66 -32.68 -46.32
N SER K 436 75.02 -32.35 -47.55
CA SER K 436 75.08 -33.33 -48.63
C SER K 436 76.49 -33.88 -48.73
N TYR K 437 76.65 -35.16 -48.44
CA TYR K 437 77.90 -35.87 -48.65
C TYR K 437 77.70 -36.85 -49.78
N TYR K 438 78.41 -36.64 -50.87
CA TYR K 438 78.20 -37.40 -52.10
C TYR K 438 79.50 -38.04 -52.54
N VAL K 439 79.37 -39.03 -53.41
CA VAL K 439 80.51 -39.62 -54.11
C VAL K 439 79.98 -40.17 -55.44
N ASP K 440 80.78 -40.02 -56.49
CA ASP K 440 80.39 -40.44 -57.82
C ASP K 440 81.40 -41.46 -58.33
N TYR K 441 80.91 -42.46 -59.06
CA TYR K 441 81.81 -43.44 -59.65
C TYR K 441 82.63 -42.81 -60.76
N ASN K 442 83.94 -42.96 -60.67
CA ASN K 442 84.85 -42.54 -61.71
C ASN K 442 85.49 -43.76 -62.33
N ARG K 443 85.94 -43.61 -63.58
CA ARG K 443 86.44 -44.76 -64.33
C ARG K 443 87.83 -45.19 -63.84
N SER K 444 88.72 -44.24 -63.57
CA SER K 444 90.14 -44.52 -63.45
C SER K 444 90.67 -44.39 -62.03
N HIS K 445 89.85 -44.62 -61.01
CA HIS K 445 90.39 -44.56 -59.64
C HIS K 445 91.05 -45.88 -59.24
N ARG K 446 90.24 -46.93 -59.08
CA ARG K 446 90.68 -48.20 -58.51
C ARG K 446 89.55 -49.24 -58.61
N VAL K 447 89.89 -50.50 -58.82
CA VAL K 447 88.95 -51.61 -58.65
C VAL K 447 89.14 -52.18 -57.24
N VAL K 448 88.03 -52.52 -56.59
CA VAL K 448 88.04 -53.15 -55.28
C VAL K 448 86.86 -54.11 -55.19
N LEU K 449 87.06 -55.24 -54.53
CA LEU K 449 86.00 -56.23 -54.41
C LEU K 449 85.05 -55.86 -53.28
N SER K 450 83.86 -56.47 -53.30
CA SER K 450 82.79 -56.12 -52.39
C SER K 450 82.99 -56.67 -50.98
N SER K 451 83.86 -57.67 -50.81
CA SER K 451 84.03 -58.29 -49.50
C SER K 451 84.88 -57.45 -48.56
N GLU K 452 85.56 -56.42 -49.05
CA GLU K 452 86.39 -55.57 -48.21
C GLU K 452 85.71 -54.28 -47.79
N LEU K 453 84.45 -54.09 -48.16
CA LEU K 453 83.79 -52.85 -47.76
C LEU K 453 83.28 -52.98 -46.32
N PRO K 454 83.38 -51.91 -45.53
CA PRO K 454 82.92 -51.99 -44.13
C PRO K 454 81.40 -52.01 -44.04
N GLN K 455 80.92 -52.52 -42.92
CA GLN K 455 79.50 -52.57 -42.60
C GLN K 455 79.28 -51.89 -41.26
N LEU K 456 78.02 -51.87 -40.82
CA LEU K 456 77.70 -51.26 -39.55
C LEU K 456 78.22 -52.12 -38.41
N PRO K 457 78.62 -51.51 -37.29
CA PRO K 457 79.16 -52.30 -36.18
C PRO K 457 78.07 -53.08 -35.44
N ASP K 458 78.53 -54.08 -34.68
CA ASP K 458 77.60 -54.90 -33.91
C ASP K 458 77.00 -54.13 -32.75
N THR K 459 77.72 -53.15 -32.21
CA THR K 459 77.21 -52.31 -31.14
C THR K 459 76.38 -51.15 -31.72
N TYR K 460 75.26 -51.52 -32.32
CA TYR K 460 74.34 -50.56 -32.92
C TYR K 460 72.93 -50.67 -32.38
N PHE K 461 72.49 -51.87 -32.00
CA PHE K 461 71.17 -52.09 -31.44
C PHE K 461 71.18 -52.02 -29.91
N ASP K 462 72.23 -51.47 -29.32
CA ASP K 462 72.35 -51.43 -27.88
C ASP K 462 71.52 -50.30 -27.31
N GLY K 463 71.34 -50.33 -25.99
CA GLY K 463 70.50 -49.34 -25.33
C GLY K 463 71.12 -47.94 -25.35
N ASP K 464 72.43 -47.86 -25.13
CA ASP K 464 73.10 -46.56 -25.16
C ASP K 464 73.15 -45.98 -26.57
N GLU K 465 73.30 -46.83 -27.58
CA GLU K 465 73.29 -46.34 -28.96
C GLU K 465 71.91 -45.88 -29.38
N GLN K 466 70.86 -46.61 -28.97
CA GLN K 466 69.50 -46.18 -29.25
C GLN K 466 69.16 -44.89 -28.50
N TYR K 467 69.69 -44.74 -27.29
CA TYR K 467 69.56 -43.49 -26.54
C TYR K 467 70.26 -42.33 -27.23
N GLY K 468 71.46 -42.57 -27.77
CA GLY K 468 72.19 -41.52 -28.44
C GLY K 468 71.54 -41.12 -29.76
N ARG K 469 70.90 -42.08 -30.43
CA ARG K 469 70.14 -41.72 -31.63
C ARG K 469 68.88 -40.94 -31.27
N SER K 470 68.17 -41.35 -30.22
CA SER K 470 66.91 -40.71 -29.88
C SER K 470 67.11 -39.31 -29.31
N LEU K 471 68.20 -39.08 -28.58
CA LEU K 471 68.48 -37.75 -28.07
C LEU K 471 68.75 -36.76 -29.19
N PHE K 472 69.53 -37.19 -30.19
CA PHE K 472 69.80 -36.33 -31.33
C PHE K 472 68.56 -36.10 -32.18
N SER K 473 67.71 -37.13 -32.31
CA SER K 473 66.47 -36.97 -33.04
C SER K 473 65.48 -36.05 -32.32
N LEU K 474 65.53 -36.00 -30.99
CA LEU K 474 64.68 -35.05 -30.28
C LEU K 474 65.26 -33.64 -30.31
N ALA K 475 66.58 -33.50 -30.30
CA ALA K 475 67.17 -32.18 -30.26
C ALA K 475 67.36 -31.57 -31.64
N ARG K 476 67.14 -32.32 -32.71
CA ARG K 476 67.24 -31.76 -34.05
C ARG K 476 66.03 -30.88 -34.35
N LYS K 477 66.27 -29.70 -34.91
CA LYS K 477 65.20 -28.76 -35.26
C LYS K 477 65.14 -28.61 -36.77
N VAL K 478 64.05 -29.09 -37.37
CA VAL K 478 63.88 -29.11 -38.82
C VAL K 478 62.49 -28.59 -39.21
N GLY K 479 62.17 -28.69 -40.49
CA GLY K 479 60.81 -28.61 -40.96
C GLY K 479 60.28 -30.03 -41.11
N ASP K 480 60.18 -30.51 -42.35
CA ASP K 480 59.87 -31.91 -42.59
C ASP K 480 61.14 -32.65 -43.00
N ARG K 481 61.37 -33.79 -42.34
CA ARG K 481 62.54 -34.63 -42.65
C ARG K 481 62.49 -35.14 -44.08
N SER K 482 61.31 -35.58 -44.54
CA SER K 482 61.15 -36.02 -45.91
C SER K 482 61.40 -34.90 -46.92
N LEU K 483 60.95 -33.68 -46.61
CA LEU K 483 61.22 -32.52 -47.46
C LEU K 483 62.72 -32.27 -47.58
N VAL K 484 63.42 -32.21 -46.45
CA VAL K 484 64.83 -31.85 -46.46
C VAL K 484 65.68 -32.96 -47.09
N LYS K 485 65.31 -34.23 -46.89
CA LYS K 485 66.04 -35.32 -47.52
C LYS K 485 65.79 -35.37 -49.02
N ASP K 486 64.52 -35.26 -49.43
CA ASP K 486 64.18 -35.45 -50.83
C ASP K 486 64.62 -34.30 -51.71
N THR K 487 64.57 -33.06 -51.23
CA THR K 487 65.13 -31.97 -52.02
C THR K 487 66.64 -32.08 -52.17
N ALA K 488 67.33 -32.52 -51.12
CA ALA K 488 68.78 -32.66 -51.17
C ALA K 488 69.21 -33.79 -52.10
N VAL K 489 68.44 -34.87 -52.16
CA VAL K 489 68.81 -35.91 -53.13
C VAL K 489 68.36 -35.52 -54.54
N LEU K 490 67.25 -34.78 -54.67
CA LEU K 490 66.70 -34.53 -55.98
C LEU K 490 67.46 -33.42 -56.71
N LYS K 491 68.05 -32.48 -55.97
CA LYS K 491 68.93 -31.51 -56.61
C LYS K 491 70.19 -32.18 -57.14
N HIS K 492 70.84 -33.00 -56.32
CA HIS K 492 72.09 -33.63 -56.73
C HIS K 492 71.88 -34.72 -57.78
N ALA K 493 70.66 -35.24 -57.90
CA ALA K 493 70.39 -36.27 -58.91
C ALA K 493 70.28 -35.71 -60.32
N TYR K 494 70.30 -34.39 -60.49
CA TYR K 494 70.11 -33.81 -61.82
C TYR K 494 71.37 -33.15 -62.38
N GLN K 495 72.38 -32.89 -61.57
CA GLN K 495 73.63 -32.35 -62.09
C GLN K 495 74.47 -33.40 -62.82
N ALA K 496 74.14 -34.67 -62.69
CA ALA K 496 74.91 -35.71 -63.35
C ALA K 496 74.63 -35.71 -64.85
N ILE K 497 75.69 -35.86 -65.63
CA ILE K 497 75.60 -35.86 -67.09
C ILE K 497 75.98 -37.25 -67.59
N ASP K 498 75.37 -37.63 -68.70
CA ASP K 498 75.53 -38.99 -69.21
C ASP K 498 76.85 -39.14 -69.98
N PRO K 499 77.47 -40.32 -69.91
CA PRO K 499 78.70 -40.54 -70.68
C PRO K 499 78.45 -40.99 -72.11
N ASN K 500 77.28 -41.58 -72.36
CA ASN K 500 76.98 -42.11 -73.69
C ASN K 500 76.80 -40.98 -74.70
N THR K 501 75.80 -40.13 -74.49
CA THR K 501 75.76 -38.87 -75.20
C THR K 501 76.51 -37.81 -74.40
N GLY K 502 76.31 -36.56 -74.77
CA GLY K 502 77.03 -35.50 -74.10
C GLY K 502 76.24 -34.70 -73.09
N LYS K 503 74.92 -34.65 -73.24
CA LYS K 503 74.15 -33.60 -72.55
C LYS K 503 73.87 -33.95 -71.10
N GLU K 504 73.02 -34.97 -70.86
CA GLU K 504 72.41 -35.18 -69.56
C GLU K 504 71.62 -36.48 -69.60
N TYR K 505 71.44 -37.11 -68.44
CA TYR K 505 70.62 -38.32 -68.36
C TYR K 505 69.16 -38.02 -68.66
N LEU K 506 68.52 -37.17 -67.85
CA LEU K 506 67.09 -36.97 -67.94
C LEU K 506 66.76 -35.48 -67.99
N ARG K 507 65.57 -35.19 -68.50
CA ARG K 507 65.08 -33.87 -68.87
C ARG K 507 63.72 -33.64 -68.19
N ALA K 508 63.00 -32.62 -68.64
CA ALA K 508 61.64 -32.43 -68.17
C ALA K 508 60.71 -33.47 -68.77
N GLY K 509 59.54 -33.65 -68.14
CA GLY K 509 58.53 -34.56 -68.63
C GLY K 509 58.93 -36.03 -68.51
N GLN K 510 58.99 -36.54 -67.27
CA GLN K 510 59.58 -37.85 -67.03
C GLN K 510 58.59 -38.96 -66.75
N SER K 511 57.40 -38.66 -66.23
CA SER K 511 56.36 -39.63 -65.85
C SER K 511 56.90 -40.65 -64.85
N VAL K 512 57.15 -40.15 -63.63
CA VAL K 512 57.86 -40.91 -62.63
C VAL K 512 56.89 -41.67 -61.73
N ALA K 513 57.44 -42.60 -60.95
CA ALA K 513 56.68 -43.30 -59.91
C ALA K 513 57.34 -43.05 -58.56
N TYR K 514 56.52 -42.88 -57.54
CA TYR K 514 56.99 -42.64 -56.18
C TYR K 514 56.63 -43.84 -55.33
N PHE K 515 57.59 -44.35 -54.57
CA PHE K 515 57.37 -45.49 -53.70
C PHE K 515 57.45 -45.05 -52.24
N GLY K 516 56.46 -45.46 -51.46
CA GLY K 516 56.48 -45.21 -50.03
C GLY K 516 56.06 -43.80 -49.65
N ALA K 517 54.88 -43.39 -50.08
CA ALA K 517 54.33 -42.11 -49.63
C ALA K 517 53.81 -42.25 -48.20
N SER K 518 53.82 -41.14 -47.47
CA SER K 518 53.31 -41.15 -46.10
C SER K 518 52.08 -40.27 -45.93
N ALA K 519 52.20 -38.96 -46.21
CA ALA K 519 51.18 -37.94 -45.95
C ALA K 519 50.63 -38.03 -44.53
N GLY K 520 51.55 -38.09 -43.56
CA GLY K 520 51.19 -38.49 -42.22
C GLY K 520 51.08 -37.40 -41.17
N HIS K 521 51.45 -36.17 -41.51
CA HIS K 521 51.49 -35.07 -40.56
C HIS K 521 50.75 -33.87 -41.12
N SER K 522 49.51 -34.11 -41.55
CA SER K 522 48.56 -33.12 -42.07
C SER K 522 49.02 -32.47 -43.38
N GLY K 523 50.03 -33.03 -44.02
CA GLY K 523 50.19 -32.82 -45.44
C GLY K 523 49.00 -33.53 -46.06
N ALA K 524 48.18 -32.79 -46.80
CA ALA K 524 46.80 -33.19 -47.11
C ALA K 524 46.71 -34.49 -47.88
N ASP K 525 47.54 -34.67 -48.90
CA ASP K 525 47.49 -35.88 -49.70
C ASP K 525 48.85 -36.50 -50.02
N GLN K 526 49.94 -35.75 -49.99
CA GLN K 526 51.20 -36.15 -50.59
C GLN K 526 52.35 -35.92 -49.64
N PRO K 527 53.50 -36.54 -49.89
CA PRO K 527 54.74 -36.00 -49.34
C PRO K 527 55.00 -34.61 -49.88
N LEU K 528 55.68 -33.80 -49.07
CA LEU K 528 55.70 -32.35 -49.29
C LEU K 528 56.59 -31.91 -50.44
N VAL K 529 57.27 -32.82 -51.13
CA VAL K 529 58.12 -32.40 -52.25
C VAL K 529 57.43 -32.50 -53.59
N ILE K 530 56.30 -33.20 -53.68
CA ILE K 530 55.73 -33.54 -54.97
C ILE K 530 55.07 -32.33 -55.62
N GLU K 531 54.36 -31.53 -54.84
CA GLU K 531 53.77 -30.31 -55.38
C GLU K 531 54.79 -29.24 -55.78
N PRO K 532 55.83 -28.91 -54.99
CA PRO K 532 56.83 -27.98 -55.52
C PRO K 532 57.67 -28.56 -56.65
N TRP K 533 57.89 -29.87 -56.66
CA TRP K 533 58.65 -30.47 -57.76
C TRP K 533 57.82 -30.53 -59.03
N MET K 534 56.50 -30.62 -58.92
CA MET K 534 55.65 -30.53 -60.09
C MET K 534 55.56 -29.10 -60.59
N GLN K 535 55.45 -28.12 -59.68
CA GLN K 535 55.36 -26.73 -60.08
C GLN K 535 56.70 -26.10 -60.44
N GLY K 536 57.81 -26.80 -60.23
CA GLY K 536 59.10 -26.25 -60.55
C GLY K 536 59.60 -25.22 -59.56
N LYS K 537 59.12 -25.27 -58.33
CA LYS K 537 59.52 -24.29 -57.32
C LYS K 537 60.91 -24.54 -56.74
N ILE K 538 61.52 -25.68 -57.06
CA ILE K 538 62.84 -25.99 -56.50
C ILE K 538 63.92 -25.20 -57.23
N SER K 539 63.72 -24.93 -58.53
CA SER K 539 64.52 -24.13 -59.46
C SER K 539 65.84 -24.76 -59.84
N GLY K 540 66.21 -25.90 -59.27
CA GLY K 540 67.30 -26.69 -59.78
C GLY K 540 66.84 -27.91 -60.53
N VAL K 541 65.54 -28.06 -60.71
CA VAL K 541 64.94 -29.25 -61.29
C VAL K 541 64.12 -28.82 -62.50
N PRO K 542 63.89 -29.73 -63.44
CA PRO K 542 62.81 -29.54 -64.40
C PRO K 542 61.55 -30.21 -63.91
N PRO K 543 60.38 -29.69 -64.27
CA PRO K 543 59.12 -30.33 -63.86
C PRO K 543 58.86 -31.60 -64.65
N PRO K 544 58.42 -32.66 -63.99
CA PRO K 544 58.05 -33.88 -64.69
C PRO K 544 56.65 -33.76 -65.26
N SER K 545 56.17 -34.86 -65.87
CA SER K 545 54.85 -34.85 -66.46
C SER K 545 53.78 -35.38 -65.50
N SER K 546 54.05 -36.49 -64.84
CA SER K 546 53.09 -37.07 -63.91
C SER K 546 53.82 -37.87 -62.85
N VAL K 547 53.24 -37.95 -61.66
CA VAL K 547 53.79 -38.69 -60.54
C VAL K 547 52.72 -39.64 -60.04
N ARG K 548 53.04 -40.93 -59.99
CA ARG K 548 52.15 -41.94 -59.43
C ARG K 548 52.77 -42.49 -58.14
N GLN K 549 51.92 -42.73 -57.15
CA GLN K 549 52.38 -43.09 -55.81
C GLN K 549 52.10 -44.56 -55.52
N PHE K 550 52.98 -45.16 -54.71
CA PHE K 550 52.81 -46.52 -54.25
C PHE K 550 53.40 -46.64 -52.85
N GLY K 551 52.89 -47.60 -52.08
CA GLY K 551 53.37 -47.82 -50.74
C GLY K 551 52.23 -48.12 -49.79
N TYR K 552 52.60 -48.44 -48.55
CA TYR K 552 51.63 -48.80 -47.53
C TYR K 552 50.80 -47.62 -47.03
N ASP K 553 51.29 -46.39 -47.19
CA ASP K 553 50.62 -45.25 -46.60
C ASP K 553 50.32 -44.19 -47.66
N VAL K 554 49.77 -44.62 -48.77
CA VAL K 554 49.40 -43.69 -49.82
C VAL K 554 48.06 -43.05 -49.48
N ALA K 555 47.79 -41.91 -50.11
CA ALA K 555 46.49 -41.26 -50.02
C ALA K 555 45.81 -41.09 -51.35
N LYS K 556 46.59 -41.01 -52.44
CA LYS K 556 46.03 -40.88 -53.77
C LYS K 556 46.47 -41.98 -54.72
N GLY K 557 47.61 -42.63 -54.46
CA GLY K 557 48.07 -43.73 -55.28
C GLY K 557 47.48 -45.04 -54.82
N ALA K 558 48.09 -46.13 -55.28
CA ALA K 558 47.65 -47.46 -54.92
C ALA K 558 48.50 -47.99 -53.77
N ILE K 559 47.85 -48.76 -52.89
CA ILE K 559 48.55 -49.44 -51.80
C ILE K 559 48.85 -50.87 -52.21
N VAL K 560 50.15 -51.19 -52.29
CA VAL K 560 50.62 -52.51 -52.67
C VAL K 560 51.72 -52.93 -51.70
N ASP K 561 52.21 -54.16 -51.91
CA ASP K 561 53.42 -54.64 -51.25
C ASP K 561 54.55 -54.58 -52.28
N LEU K 562 55.56 -53.76 -52.00
CA LEU K 562 56.59 -53.49 -52.99
C LEU K 562 57.60 -54.62 -53.15
N ALA K 563 57.58 -55.62 -52.28
CA ALA K 563 58.50 -56.74 -52.43
C ALA K 563 58.03 -57.67 -53.54
N ARG K 564 56.85 -58.25 -53.39
CA ARG K 564 56.23 -59.09 -54.39
C ARG K 564 55.79 -58.24 -55.59
N PRO K 565 55.98 -58.73 -56.82
CA PRO K 565 55.59 -57.94 -58.00
C PRO K 565 54.09 -57.73 -58.10
N PHE K 566 53.73 -56.61 -58.72
CA PHE K 566 52.38 -56.07 -58.76
C PHE K 566 52.11 -55.53 -60.15
N PRO K 567 50.85 -55.50 -60.60
CA PRO K 567 50.56 -55.02 -61.96
C PRO K 567 50.74 -53.51 -62.07
N SER K 568 51.64 -53.11 -62.97
CA SER K 568 51.90 -51.70 -63.25
C SER K 568 52.53 -51.60 -64.63
N GLY K 569 53.04 -50.41 -64.94
CA GLY K 569 53.80 -50.17 -66.14
C GLY K 569 55.23 -49.78 -65.81
N ASP K 570 56.04 -49.65 -66.86
CA ASP K 570 57.39 -49.16 -66.67
C ASP K 570 57.40 -47.63 -66.55
N TYR K 571 58.50 -47.11 -66.02
CA TYR K 571 58.64 -45.68 -65.82
C TYR K 571 60.05 -45.26 -66.20
N GLN K 572 60.19 -44.00 -66.62
CA GLN K 572 61.48 -43.48 -67.01
C GLN K 572 62.33 -43.13 -65.80
N PHE K 573 61.71 -42.92 -64.64
CA PHE K 573 62.41 -42.68 -63.39
C PHE K 573 61.50 -43.14 -62.26
N VAL K 574 62.09 -43.60 -61.17
CA VAL K 574 61.32 -44.04 -60.01
C VAL K 574 62.12 -43.77 -58.75
N TYR K 575 61.46 -43.16 -57.77
CA TYR K 575 62.09 -42.78 -56.50
C TYR K 575 61.48 -43.62 -55.38
N SER K 576 62.32 -44.40 -54.71
CA SER K 576 61.87 -45.30 -53.66
C SER K 576 62.62 -44.98 -52.37
N ASP K 577 61.87 -44.63 -51.33
CA ASP K 577 62.45 -44.37 -50.02
C ASP K 577 61.62 -45.03 -48.93
N VAL K 578 61.12 -46.23 -49.19
CA VAL K 578 60.38 -46.97 -48.19
C VAL K 578 61.36 -47.66 -47.25
N ASP K 579 61.21 -47.41 -45.95
CA ASP K 579 62.12 -47.98 -44.98
C ASP K 579 61.83 -49.46 -44.77
N GLN K 580 62.88 -50.20 -44.42
CA GLN K 580 62.79 -51.64 -44.24
C GLN K 580 63.19 -52.09 -42.85
N VAL K 581 63.56 -51.16 -41.98
CA VAL K 581 64.18 -51.49 -40.70
C VAL K 581 63.24 -51.29 -39.53
N VAL K 582 61.96 -51.02 -39.78
CA VAL K 582 60.96 -51.04 -38.72
C VAL K 582 60.84 -52.45 -38.16
N ASP K 583 60.86 -53.46 -39.04
CA ASP K 583 60.96 -54.83 -38.59
C ASP K 583 62.40 -55.20 -38.25
N GLY K 584 63.36 -54.41 -38.72
CA GLY K 584 64.76 -54.72 -38.55
C GLY K 584 65.37 -54.22 -37.25
N HIS K 585 65.04 -54.86 -36.13
CA HIS K 585 65.70 -54.64 -34.86
C HIS K 585 66.01 -55.98 -34.23
N ASP K 586 67.26 -56.14 -33.78
CA ASP K 586 67.84 -57.33 -33.16
C ASP K 586 67.84 -58.57 -34.07
N ASP K 587 67.52 -58.43 -35.36
CA ASP K 587 67.57 -59.53 -36.30
C ASP K 587 67.90 -58.94 -37.66
N LEU K 588 69.19 -58.97 -37.99
CA LEU K 588 69.69 -58.24 -39.15
C LEU K 588 69.37 -58.96 -40.45
N SER K 589 69.13 -60.26 -40.40
CA SER K 589 69.03 -61.06 -41.62
C SER K 589 67.76 -60.74 -42.40
N ILE K 590 66.63 -60.53 -41.71
CA ILE K 590 65.38 -60.24 -42.40
C ILE K 590 65.42 -58.85 -43.01
N SER K 591 66.01 -57.88 -42.29
CA SER K 591 66.12 -56.52 -42.81
C SER K 591 67.09 -56.45 -43.98
N SER K 592 68.13 -57.28 -43.96
CA SER K 592 69.01 -57.36 -45.12
C SER K 592 68.32 -58.05 -46.28
N GLY K 593 67.55 -59.09 -45.99
CA GLY K 593 66.87 -59.88 -47.00
C GLY K 593 65.76 -59.14 -47.72
N LEU K 594 65.11 -58.19 -47.04
CA LEU K 594 64.04 -57.44 -47.69
C LEU K 594 64.57 -56.48 -48.75
N VAL K 595 65.83 -56.05 -48.64
CA VAL K 595 66.37 -55.03 -49.53
C VAL K 595 66.55 -55.58 -50.95
N GLU K 596 67.03 -56.82 -51.08
CA GLU K 596 67.24 -57.38 -52.41
C GLU K 596 65.92 -57.69 -53.09
N SER K 597 64.93 -58.15 -52.33
CA SER K 597 63.60 -58.37 -52.88
C SER K 597 62.95 -57.05 -53.30
N LEU K 598 63.27 -55.97 -52.60
CA LEU K 598 62.76 -54.67 -53.00
C LEU K 598 63.48 -54.16 -54.26
N LEU K 599 64.79 -54.39 -54.36
CA LEU K 599 65.55 -53.93 -55.51
C LEU K 599 65.18 -54.70 -56.77
N ASP K 600 64.84 -55.99 -56.64
CA ASP K 600 64.44 -56.77 -57.81
C ASP K 600 63.13 -56.27 -58.39
N SER K 601 62.24 -55.73 -57.55
CA SER K 601 61.03 -55.11 -58.06
C SER K 601 61.30 -53.69 -58.53
N CYS K 602 62.28 -53.01 -57.93
CA CYS K 602 62.58 -51.63 -58.30
C CYS K 602 63.25 -51.55 -59.67
N VAL K 603 64.05 -52.56 -60.02
CA VAL K 603 64.75 -52.53 -61.31
C VAL K 603 63.77 -52.77 -62.46
N HIS K 604 62.85 -53.73 -62.29
CA HIS K 604 61.97 -54.12 -63.38
C HIS K 604 60.96 -53.05 -63.76
N ALA K 605 60.66 -52.10 -62.89
CA ALA K 605 59.71 -51.05 -63.21
C ALA K 605 60.36 -49.82 -63.82
N THR K 606 61.53 -49.97 -64.45
CA THR K 606 62.33 -48.85 -64.91
C THR K 606 62.86 -49.06 -66.33
N ALA K 607 62.76 -50.28 -66.85
CA ALA K 607 63.70 -50.90 -67.81
C ALA K 607 64.20 -50.05 -68.98
N PRO K 608 63.36 -49.32 -69.78
CA PRO K 608 63.95 -48.63 -70.94
C PRO K 608 64.71 -47.36 -70.58
N GLY K 609 66.05 -47.47 -70.56
CA GLY K 609 66.94 -46.33 -70.39
C GLY K 609 66.74 -45.50 -69.14
N GLY K 610 66.20 -46.10 -68.08
CA GLY K 610 65.75 -45.34 -66.92
C GLY K 610 66.78 -45.26 -65.83
N SER K 611 66.33 -44.75 -64.68
CA SER K 611 67.18 -44.54 -63.52
C SER K 611 66.31 -44.64 -62.28
N PHE K 612 66.92 -45.06 -61.16
CA PHE K 612 66.18 -45.14 -59.92
C PHE K 612 67.04 -44.68 -58.75
N VAL K 613 66.36 -44.22 -57.70
CA VAL K 613 66.99 -43.84 -56.44
C VAL K 613 66.35 -44.67 -55.34
N MET K 614 67.17 -45.42 -54.61
CA MET K 614 66.67 -46.31 -53.58
C MET K 614 67.42 -46.06 -52.29
N LYS K 615 66.69 -46.06 -51.18
CA LYS K 615 67.25 -45.75 -49.87
C LYS K 615 67.58 -47.04 -49.14
N ILE K 616 68.85 -47.18 -48.75
CA ILE K 616 69.31 -48.30 -47.94
C ILE K 616 69.54 -47.78 -46.52
N ASN K 617 68.84 -48.34 -45.55
CA ASN K 617 69.03 -47.90 -44.18
C ASN K 617 70.18 -48.63 -43.49
N PHE K 618 70.26 -49.95 -43.64
CA PHE K 618 71.32 -50.73 -43.02
C PHE K 618 72.22 -51.29 -44.10
N PRO K 619 73.34 -50.66 -44.42
CA PRO K 619 74.26 -51.20 -45.43
C PRO K 619 75.05 -52.38 -44.89
N THR K 620 74.74 -53.57 -45.37
CA THR K 620 75.36 -54.80 -44.90
C THR K 620 76.06 -55.51 -46.05
N ARG K 621 76.91 -56.47 -45.66
CA ARG K 621 77.81 -57.16 -46.59
C ARG K 621 77.04 -57.94 -47.64
N THR K 622 75.93 -58.58 -47.25
CA THR K 622 75.06 -59.25 -48.21
C THR K 622 74.43 -58.28 -49.20
N VAL K 623 74.07 -57.08 -48.75
CA VAL K 623 73.49 -56.08 -49.64
C VAL K 623 74.54 -55.61 -50.65
N TRP K 624 75.76 -55.33 -50.18
CA TRP K 624 76.83 -54.90 -51.09
C TRP K 624 77.20 -56.00 -52.07
N HIS K 625 77.24 -57.25 -51.61
CA HIS K 625 77.53 -58.37 -52.49
C HIS K 625 76.44 -58.59 -53.53
N TYR K 626 75.16 -58.43 -53.15
CA TYR K 626 74.09 -58.62 -54.11
C TYR K 626 74.08 -57.52 -55.16
N ILE K 627 74.29 -56.27 -54.74
CA ILE K 627 74.26 -55.22 -55.74
C ILE K 627 75.50 -55.26 -56.63
N GLU K 628 76.65 -55.71 -56.10
CA GLU K 628 77.82 -55.95 -56.93
C GLU K 628 77.58 -57.09 -57.90
N GLN K 629 76.84 -58.11 -57.48
CA GLN K 629 76.62 -59.27 -58.33
C GLN K 629 75.63 -58.98 -59.44
N LYS K 630 74.50 -58.37 -59.10
CA LYS K 630 73.39 -58.21 -60.03
C LYS K 630 73.23 -56.79 -60.54
N ILE K 631 73.23 -55.80 -59.65
CA ILE K 631 72.78 -54.47 -60.05
C ILE K 631 73.88 -53.73 -60.79
N LEU K 632 75.11 -53.88 -60.33
CA LEU K 632 76.30 -53.22 -60.85
C LEU K 632 76.64 -53.49 -62.33
N PRO K 633 76.47 -54.70 -62.89
CA PRO K 633 76.73 -54.82 -64.34
C PRO K 633 75.65 -54.19 -65.22
N ASN K 634 74.38 -54.29 -64.83
CA ASN K 634 73.29 -53.94 -65.74
C ASN K 634 73.05 -52.44 -65.89
N VAL K 635 73.78 -51.61 -65.16
CA VAL K 635 73.57 -50.17 -65.21
C VAL K 635 74.71 -49.52 -65.98
N THR K 636 74.50 -48.27 -66.38
CA THR K 636 75.52 -47.49 -67.06
C THR K 636 76.45 -46.80 -66.08
N SER K 637 75.89 -46.05 -65.14
CA SER K 637 76.67 -45.39 -64.11
C SER K 637 75.89 -45.43 -62.81
N TYR K 638 76.57 -45.08 -61.72
CA TYR K 638 75.93 -45.12 -60.41
C TYR K 638 76.63 -44.12 -59.51
N MET K 639 75.94 -43.74 -58.43
CA MET K 639 76.51 -42.90 -57.38
C MET K 639 75.70 -43.15 -56.11
N LEU K 640 76.32 -42.90 -54.97
CA LEU K 640 75.62 -43.00 -53.69
C LEU K 640 75.91 -41.75 -52.87
N ILE K 641 74.84 -41.09 -52.42
CA ILE K 641 74.95 -39.87 -51.65
C ILE K 641 74.25 -40.09 -50.32
N LYS K 642 74.43 -39.13 -49.40
CA LYS K 642 73.75 -39.19 -48.12
C LYS K 642 73.55 -37.80 -47.55
N PRO K 643 72.32 -37.28 -47.58
CA PRO K 643 72.02 -36.07 -46.82
C PRO K 643 71.97 -36.38 -45.33
N PHE K 644 72.68 -35.56 -44.55
CA PHE K 644 72.81 -35.77 -43.11
C PHE K 644 71.89 -34.82 -42.37
N VAL K 645 70.79 -35.35 -41.83
CA VAL K 645 69.90 -34.57 -40.98
C VAL K 645 69.58 -35.25 -39.66
N THR K 646 69.78 -36.56 -39.55
CA THR K 646 69.54 -37.29 -38.32
C THR K 646 70.63 -38.35 -38.22
N ASN K 647 71.20 -38.52 -37.02
CA ASN K 647 72.36 -39.37 -36.82
C ASN K 647 71.96 -40.83 -36.97
N ASN K 648 72.20 -41.41 -38.14
CA ASN K 648 71.99 -42.83 -38.36
C ASN K 648 72.99 -43.31 -39.40
N VAL K 649 72.75 -44.50 -39.95
CA VAL K 649 73.68 -45.11 -40.89
C VAL K 649 73.02 -45.34 -42.26
N GLU K 650 71.93 -44.63 -42.54
CA GLU K 650 71.24 -44.81 -43.81
C GLU K 650 72.00 -44.14 -44.95
N VAL K 651 71.82 -44.67 -46.15
CA VAL K 651 72.39 -44.12 -47.38
C VAL K 651 71.33 -44.14 -48.46
N PHE K 652 71.66 -43.53 -49.59
CA PHE K 652 70.84 -43.55 -50.79
C PHE K 652 71.66 -44.12 -51.94
N PHE K 653 71.04 -45.02 -52.71
CA PHE K 653 71.68 -45.63 -53.86
C PHE K 653 71.03 -45.10 -55.13
N VAL K 654 71.83 -44.52 -56.01
CA VAL K 654 71.34 -43.93 -57.25
C VAL K 654 72.01 -44.65 -58.40
N ALA K 655 71.21 -45.20 -59.31
CA ALA K 655 71.71 -45.92 -60.47
C ALA K 655 71.24 -45.23 -61.74
N PHE K 656 72.09 -45.25 -62.77
CA PHE K 656 71.85 -44.53 -64.01
C PHE K 656 71.94 -45.48 -65.19
N GLY K 657 70.97 -45.36 -66.10
CA GLY K 657 70.96 -46.15 -67.32
C GLY K 657 70.74 -47.62 -67.07
N VAL K 658 69.55 -47.99 -66.61
CA VAL K 658 69.25 -49.38 -66.29
C VAL K 658 69.08 -50.17 -67.59
N HIS K 659 69.35 -51.47 -67.49
CA HIS K 659 69.27 -52.45 -68.59
C HIS K 659 70.16 -52.09 -69.78
N GLN K 660 71.23 -51.35 -69.52
CA GLN K 660 72.30 -51.12 -70.48
C GLN K 660 73.48 -51.97 -70.02
N GLN K 661 73.78 -53.03 -70.75
CA GLN K 661 74.76 -54.00 -70.31
C GLN K 661 76.17 -53.42 -70.43
N SER K 662 76.83 -53.26 -69.28
CA SER K 662 78.18 -52.72 -69.23
C SER K 662 78.93 -53.47 -68.13
N ALA K 663 80.11 -52.95 -67.78
CA ALA K 663 80.97 -53.57 -66.77
C ALA K 663 81.40 -52.48 -65.79
N LEU K 664 80.97 -52.60 -64.54
CA LEU K 664 81.32 -51.65 -63.50
C LEU K 664 81.80 -52.39 -62.27
N THR K 665 82.63 -51.72 -61.48
CA THR K 665 83.16 -52.25 -60.24
C THR K 665 83.02 -51.19 -59.15
N TRP K 666 83.41 -51.56 -57.93
CA TRP K 666 83.48 -50.57 -56.87
C TRP K 666 84.81 -49.80 -56.97
N THR K 667 85.00 -48.87 -56.04
CA THR K 667 86.21 -48.06 -56.06
C THR K 667 86.62 -47.61 -54.67
N SER K 668 87.86 -47.14 -54.59
CA SER K 668 88.41 -46.63 -53.34
C SER K 668 87.75 -45.32 -52.91
N GLY K 669 87.17 -44.57 -53.84
CA GLY K 669 86.33 -43.44 -53.45
C GLY K 669 85.11 -43.86 -52.68
N VAL K 670 84.42 -44.91 -53.13
CA VAL K 670 83.31 -45.48 -52.38
C VAL K 670 83.79 -46.07 -51.06
N TYR K 671 85.00 -46.64 -51.06
CA TYR K 671 85.58 -47.20 -49.83
C TYR K 671 85.81 -46.12 -48.77
N PHE K 672 86.50 -45.04 -49.14
CA PHE K 672 86.73 -43.93 -48.24
C PHE K 672 85.44 -43.22 -47.85
N PHE K 673 84.46 -43.16 -48.76
CA PHE K 673 83.17 -42.57 -48.43
C PHE K 673 82.45 -43.37 -47.38
N LEU K 674 82.49 -44.71 -47.47
CA LEU K 674 81.87 -45.53 -46.44
C LEU K 674 82.62 -45.50 -45.12
N VAL K 675 83.95 -45.40 -45.16
CA VAL K 675 84.72 -45.25 -43.92
C VAL K 675 84.35 -43.96 -43.21
N ASP K 676 84.30 -42.85 -43.94
CA ASP K 676 83.87 -41.58 -43.35
C ASP K 676 82.40 -41.60 -42.94
N HIS K 677 81.55 -42.32 -43.67
CA HIS K 677 80.13 -42.39 -43.35
C HIS K 677 79.88 -43.16 -42.07
N PHE K 678 80.65 -44.21 -41.81
CA PHE K 678 80.50 -44.93 -40.57
C PHE K 678 81.19 -44.24 -39.40
N TYR K 679 82.34 -43.61 -39.65
CA TYR K 679 83.05 -42.94 -38.58
C TYR K 679 82.39 -41.64 -38.17
N ARG K 680 81.64 -41.00 -39.07
CA ARG K 680 80.87 -39.84 -38.66
C ARG K 680 79.66 -40.23 -37.83
N TYR K 681 79.15 -41.45 -38.00
CA TYR K 681 78.17 -41.97 -37.05
C TYR K 681 78.83 -42.26 -35.71
N GLU K 682 80.05 -42.83 -35.75
CA GLU K 682 80.75 -43.23 -34.54
C GLU K 682 81.08 -42.03 -33.65
N THR K 683 81.56 -40.93 -34.23
CA THR K 683 81.92 -39.76 -33.45
C THR K 683 80.71 -39.12 -32.79
N LEU K 684 79.64 -38.87 -33.57
CA LEU K 684 78.47 -38.23 -33.01
C LEU K 684 77.72 -39.15 -32.06
N SER K 685 77.80 -40.47 -32.24
CA SER K 685 77.20 -41.37 -31.29
C SER K 685 78.00 -41.42 -29.99
N ALA K 686 79.32 -41.23 -30.07
CA ALA K 686 80.10 -41.11 -28.85
C ALA K 686 79.81 -39.80 -28.14
N ILE K 687 79.58 -38.73 -28.90
CA ILE K 687 79.32 -37.42 -28.31
C ILE K 687 77.94 -37.39 -27.66
N SER K 688 76.95 -37.98 -28.30
CA SER K 688 75.56 -37.88 -27.85
C SER K 688 75.28 -38.64 -26.56
N ARG K 689 76.18 -39.51 -26.14
CA ARG K 689 75.98 -40.22 -24.89
C ARG K 689 76.52 -39.47 -23.67
N GLN K 690 77.47 -38.56 -23.86
CA GLN K 690 77.93 -37.74 -22.75
C GLN K 690 76.96 -36.62 -22.41
N LEU K 691 76.11 -36.24 -23.35
CA LEU K 691 75.13 -35.20 -23.08
C LEU K 691 74.03 -35.73 -22.16
N PRO K 692 73.41 -34.86 -21.35
CA PRO K 692 72.26 -35.29 -20.55
C PRO K 692 71.01 -35.50 -21.38
N SER K 693 69.92 -35.87 -20.73
CA SER K 693 68.69 -36.20 -21.44
C SER K 693 67.95 -34.93 -21.88
N PHE K 694 66.76 -35.12 -22.42
CA PHE K 694 66.04 -34.00 -23.03
C PHE K 694 65.40 -33.11 -21.98
N GLY K 695 64.63 -33.69 -21.06
CA GLY K 695 63.94 -32.90 -20.08
C GLY K 695 64.47 -33.10 -18.67
N TYR K 696 65.79 -33.15 -18.53
CA TYR K 696 66.40 -33.49 -17.26
C TYR K 696 66.32 -32.33 -16.28
N VAL K 697 66.42 -32.65 -15.00
CA VAL K 697 66.77 -31.68 -13.97
C VAL K 697 68.24 -31.88 -13.65
N ASP K 698 68.93 -30.78 -13.38
CA ASP K 698 70.37 -30.84 -13.18
C ASP K 698 70.67 -30.91 -11.69
N ASP K 699 71.85 -31.41 -11.36
CA ASP K 699 72.30 -31.45 -9.98
C ASP K 699 73.78 -31.17 -9.80
N GLY K 700 74.50 -30.84 -10.87
CA GLY K 700 75.94 -30.66 -10.79
C GLY K 700 76.74 -31.93 -10.94
N SER K 701 76.08 -33.07 -11.14
CA SER K 701 76.76 -34.35 -11.24
C SER K 701 77.20 -34.67 -12.67
N SER K 702 76.51 -34.12 -13.67
CA SER K 702 76.87 -34.37 -15.05
C SER K 702 78.16 -33.64 -15.42
N VAL K 703 78.81 -34.12 -16.48
CA VAL K 703 80.06 -33.50 -16.92
C VAL K 703 79.77 -32.15 -17.55
N THR K 704 78.88 -32.11 -18.52
CA THR K 704 78.42 -30.87 -19.12
C THR K 704 77.09 -30.48 -18.51
N GLY K 705 76.80 -29.18 -18.52
CA GLY K 705 75.55 -28.71 -17.97
C GLY K 705 75.67 -27.28 -17.51
N ILE K 706 74.55 -26.77 -17.00
CA ILE K 706 74.47 -25.40 -16.50
C ILE K 706 74.71 -25.41 -15.00
N GLU K 707 75.17 -24.28 -14.48
CA GLU K 707 75.26 -24.07 -13.04
C GLU K 707 75.17 -22.58 -12.77
N ILE K 708 74.40 -22.23 -11.75
CA ILE K 708 74.14 -20.84 -11.39
C ILE K 708 74.32 -20.67 -9.89
N ILE K 709 74.56 -19.43 -9.47
CA ILE K 709 74.57 -19.06 -8.07
C ILE K 709 73.56 -17.94 -7.85
N SER K 710 73.38 -17.57 -6.60
CA SER K 710 72.53 -16.43 -6.24
C SER K 710 72.99 -15.91 -4.88
N ILE K 711 73.73 -14.81 -4.89
CA ILE K 711 74.18 -14.19 -3.66
C ILE K 711 73.62 -12.77 -3.60
N GLU K 712 73.24 -12.35 -2.41
CA GLU K 712 72.67 -11.03 -2.20
C GLU K 712 73.75 -9.96 -2.28
N ASN K 713 73.31 -8.73 -2.53
CA ASN K 713 74.23 -7.59 -2.63
C ASN K 713 73.53 -6.36 -2.10
N PRO K 714 73.60 -6.12 -0.80
CA PRO K 714 72.90 -4.96 -0.22
C PRO K 714 73.65 -3.66 -0.48
N GLY K 715 73.15 -2.88 -1.43
CA GLY K 715 73.67 -1.54 -1.68
C GLY K 715 75.07 -1.53 -2.24
N PHE K 716 75.83 -0.50 -1.85
CA PHE K 716 77.21 -0.34 -2.31
C PHE K 716 78.16 -0.93 -1.27
N SER K 717 77.96 -2.22 -1.02
CA SER K 717 78.71 -2.95 -0.01
C SER K 717 79.91 -3.63 -0.65
N ASN K 718 81.07 -3.48 -0.02
CA ASN K 718 82.22 -4.29 -0.39
C ASN K 718 81.94 -5.74 0.01
N MET K 719 81.98 -6.64 -0.97
CA MET K 719 81.58 -8.01 -0.73
C MET K 719 82.62 -8.73 0.14
N THR K 720 82.14 -9.70 0.90
CA THR K 720 82.95 -10.37 1.89
C THR K 720 83.90 -11.36 1.24
N GLN K 721 84.72 -12.01 2.06
CA GLN K 721 85.57 -13.08 1.56
C GLN K 721 84.76 -14.30 1.15
N ALA K 722 83.61 -14.51 1.76
CA ALA K 722 82.79 -15.68 1.45
C ALA K 722 82.21 -15.59 0.04
N ALA K 723 81.63 -14.44 -0.31
CA ALA K 723 81.10 -14.24 -1.65
C ALA K 723 82.22 -14.22 -2.70
N ARG K 724 83.38 -13.70 -2.34
CA ARG K 724 84.52 -13.69 -3.26
C ARG K 724 85.03 -15.11 -3.51
N VAL K 725 85.09 -15.95 -2.48
CA VAL K 725 85.46 -17.35 -2.64
C VAL K 725 84.41 -18.08 -3.46
N GLY K 726 83.13 -17.76 -3.28
CA GLY K 726 82.09 -18.36 -4.10
C GLY K 726 82.17 -18.01 -5.57
N ILE K 727 82.39 -16.73 -5.89
CA ILE K 727 82.47 -16.32 -7.29
C ILE K 727 83.75 -16.85 -7.93
N SER K 728 84.85 -16.86 -7.19
CA SER K 728 86.07 -17.46 -7.71
C SER K 728 85.94 -18.98 -7.85
N GLY K 729 85.13 -19.62 -7.01
CA GLY K 729 84.87 -21.04 -7.18
C GLY K 729 84.06 -21.33 -8.41
N LEU K 730 83.10 -20.45 -8.74
CA LEU K 730 82.39 -20.59 -10.01
C LEU K 730 83.35 -20.37 -11.19
N CYS K 731 84.26 -19.40 -11.07
CA CYS K 731 85.17 -19.11 -12.16
C CYS K 731 86.25 -20.19 -12.29
N ALA K 732 86.46 -20.98 -11.25
CA ALA K 732 87.34 -22.14 -11.37
C ALA K 732 86.57 -23.37 -11.84
N ASN K 733 85.28 -23.44 -11.54
CA ASN K 733 84.49 -24.60 -11.94
C ASN K 733 84.15 -24.55 -13.42
N VAL K 734 83.84 -23.37 -13.95
CA VAL K 734 83.69 -23.16 -15.38
C VAL K 734 84.72 -22.12 -15.82
N GLY K 735 85.47 -22.44 -16.86
CA GLY K 735 86.51 -21.57 -17.37
C GLY K 735 86.31 -21.30 -18.85
N ASN K 736 86.66 -20.08 -19.26
CA ASN K 736 86.70 -19.62 -20.65
C ASN K 736 85.34 -19.73 -21.33
N ALA K 737 84.26 -19.69 -20.57
CA ALA K 737 82.91 -19.61 -21.13
C ALA K 737 82.31 -18.25 -20.79
N ARG K 738 81.19 -17.94 -21.42
CA ARG K 738 80.55 -16.66 -21.19
C ARG K 738 79.72 -16.72 -19.91
N LYS K 739 79.75 -15.63 -19.15
CA LYS K 739 79.06 -15.52 -17.88
C LYS K 739 78.05 -14.38 -17.96
N SER K 740 76.78 -14.70 -17.83
CA SER K 740 75.72 -13.70 -17.85
C SER K 740 75.24 -13.45 -16.43
N ILE K 741 74.99 -12.19 -16.10
CA ILE K 741 74.56 -11.80 -14.77
C ILE K 741 73.22 -11.08 -14.86
N ALA K 742 72.53 -11.02 -13.72
CA ALA K 742 71.23 -10.36 -13.64
C ALA K 742 70.99 -9.93 -12.20
N ILE K 743 70.84 -8.63 -11.98
CA ILE K 743 70.64 -8.06 -10.65
C ILE K 743 69.18 -7.65 -10.55
N TYR K 744 68.47 -8.20 -9.57
CA TYR K 744 67.04 -7.90 -9.45
C TYR K 744 66.59 -8.16 -8.03
N GLU K 745 65.59 -7.38 -7.61
CA GLU K 745 65.04 -7.49 -6.25
C GLU K 745 64.08 -8.67 -6.24
N SER K 746 64.52 -9.78 -5.66
CA SER K 746 63.71 -10.98 -5.51
C SER K 746 63.28 -11.10 -4.05
N HIS K 747 61.97 -11.22 -3.84
CA HIS K 747 61.34 -11.40 -2.53
C HIS K 747 61.69 -10.26 -1.57
N GLY K 748 61.68 -9.04 -2.09
CA GLY K 748 61.98 -7.88 -1.26
C GLY K 748 63.44 -7.74 -0.89
N ALA K 749 64.35 -8.39 -1.62
CA ALA K 749 65.77 -8.32 -1.33
C ALA K 749 66.55 -8.32 -2.63
N ARG K 750 67.59 -7.49 -2.68
CA ARG K 750 68.42 -7.37 -3.88
C ARG K 750 69.38 -8.55 -3.94
N VAL K 751 69.35 -9.27 -5.06
CA VAL K 751 70.16 -10.45 -5.27
C VAL K 751 70.62 -10.46 -6.73
N LEU K 752 71.81 -11.00 -6.97
CA LEU K 752 72.31 -11.20 -8.32
C LEU K 752 72.66 -12.66 -8.55
N THR K 753 72.49 -13.11 -9.78
CA THR K 753 72.82 -14.45 -10.21
C THR K 753 73.95 -14.40 -11.24
N ILE K 754 74.69 -15.51 -11.33
CA ILE K 754 75.75 -15.65 -12.32
C ILE K 754 75.51 -16.96 -13.05
N THR K 755 75.20 -16.89 -14.34
CA THR K 755 74.83 -18.05 -15.13
C THR K 755 75.97 -18.41 -16.08
N SER K 756 76.41 -19.67 -16.03
CA SER K 756 77.43 -20.16 -16.94
C SER K 756 77.28 -21.67 -17.09
N ARG K 757 78.08 -22.24 -17.98
CA ARG K 757 77.87 -23.60 -18.46
C ARG K 757 79.19 -24.37 -18.40
N ARG K 758 79.29 -25.31 -17.46
CA ARG K 758 80.51 -26.09 -17.28
C ARG K 758 80.70 -27.07 -18.43
N SER K 759 81.94 -27.55 -18.58
CA SER K 759 82.36 -28.30 -19.75
C SER K 759 83.46 -29.26 -19.35
N PRO K 760 83.65 -30.35 -20.10
CA PRO K 760 84.81 -31.22 -19.82
C PRO K 760 86.15 -30.55 -20.07
N ALA K 761 86.21 -29.58 -20.98
CA ALA K 761 87.44 -28.81 -21.17
C ALA K 761 87.75 -27.97 -19.93
N SER K 762 86.72 -27.38 -19.32
CA SER K 762 86.97 -26.64 -18.08
C SER K 762 87.26 -27.58 -16.92
N ALA K 763 86.70 -28.80 -16.96
CA ALA K 763 87.08 -29.81 -15.98
C ALA K 763 88.55 -30.20 -16.12
N ARG K 764 89.05 -30.23 -17.36
CA ARG K 764 90.48 -30.44 -17.58
C ARG K 764 91.30 -29.25 -17.09
N ARG K 765 90.77 -28.03 -17.28
CA ARG K 765 91.47 -26.82 -16.82
C ARG K 765 91.56 -26.77 -15.30
N LYS K 766 90.52 -27.23 -14.60
CA LYS K 766 90.49 -27.16 -13.14
C LYS K 766 91.57 -28.05 -12.51
N ALA K 767 91.94 -29.13 -13.18
CA ALA K 767 92.96 -30.02 -12.64
C ALA K 767 94.37 -29.46 -12.76
N ARG K 768 94.57 -28.39 -13.51
CA ARG K 768 95.91 -27.85 -13.72
C ARG K 768 96.35 -26.86 -12.65
N LEU K 769 95.51 -26.56 -11.67
CA LEU K 769 95.83 -25.56 -10.67
C LEU K 769 95.81 -26.16 -9.28
N ARG K 770 96.85 -25.86 -8.50
CA ARG K 770 96.90 -26.31 -7.11
C ARG K 770 96.01 -25.45 -6.22
N TYR K 771 95.93 -24.16 -6.51
CA TYR K 771 95.09 -23.25 -5.75
C TYR K 771 94.27 -22.41 -6.72
N LEU K 772 93.05 -22.08 -6.29
CA LEU K 772 92.33 -21.24 -7.24
C LEU K 772 92.58 -19.77 -6.94
N PRO K 773 92.67 -18.92 -7.96
CA PRO K 773 92.85 -17.49 -7.72
C PRO K 773 91.54 -16.85 -7.27
N LEU K 774 91.65 -15.58 -6.89
CA LEU K 774 90.51 -14.80 -6.45
C LEU K 774 90.27 -13.65 -7.42
N ILE K 775 89.01 -13.42 -7.74
CA ILE K 775 88.66 -12.34 -8.66
C ILE K 775 88.58 -11.03 -7.89
N ASP K 776 88.78 -9.93 -8.60
CA ASP K 776 88.54 -8.66 -7.94
C ASP K 776 87.05 -8.33 -7.93
N PRO K 777 86.55 -7.69 -6.88
CA PRO K 777 85.13 -7.31 -6.84
C PRO K 777 84.81 -6.00 -7.53
N ARG K 778 85.80 -5.36 -8.17
CA ARG K 778 85.64 -4.02 -8.70
C ARG K 778 84.68 -3.96 -9.88
N SER K 779 84.47 -5.07 -10.58
CA SER K 779 83.54 -5.06 -11.70
C SER K 779 82.11 -5.22 -11.24
N LEU K 780 81.90 -5.68 -10.00
CA LEU K 780 80.55 -5.97 -9.53
C LEU K 780 80.09 -5.07 -8.39
N GLU K 781 81.01 -4.38 -7.71
CA GLU K 781 80.59 -3.47 -6.65
C GLU K 781 80.00 -2.18 -7.19
N VAL K 782 80.24 -1.86 -8.46
CA VAL K 782 79.83 -0.58 -9.01
C VAL K 782 78.36 -0.59 -9.39
N GLN K 783 77.82 -1.76 -9.73
CA GLN K 783 76.53 -1.86 -10.41
C GLN K 783 75.37 -1.50 -9.50
N ALA K 784 74.63 -0.47 -9.89
CA ALA K 784 73.51 0.06 -9.14
C ALA K 784 72.19 -0.07 -9.89
N ARG K 785 72.18 -0.86 -10.96
CA ARG K 785 71.01 -0.97 -11.82
C ARG K 785 70.26 -2.25 -11.49
N THR K 786 69.25 -2.55 -12.30
CA THR K 786 68.34 -3.67 -12.05
C THR K 786 68.19 -4.44 -13.36
N ILE K 787 69.02 -5.45 -13.55
CA ILE K 787 68.99 -6.27 -14.75
C ILE K 787 67.93 -7.35 -14.59
N LEU K 788 66.91 -7.31 -15.43
CA LEU K 788 65.85 -8.30 -15.33
C LEU K 788 66.34 -9.66 -15.80
N PRO K 789 66.03 -10.73 -15.08
CA PRO K 789 66.59 -12.04 -15.41
C PRO K 789 65.80 -12.72 -16.52
N SER K 790 66.20 -13.96 -16.81
CA SER K 790 65.48 -14.81 -17.73
C SER K 790 65.71 -16.25 -17.34
N ASN K 791 64.89 -17.15 -17.89
CA ASN K 791 65.02 -18.56 -17.59
C ASN K 791 66.30 -19.13 -18.21
N PRO K 792 66.99 -20.03 -17.52
CA PRO K 792 68.23 -20.56 -18.07
C PRO K 792 67.96 -21.60 -19.13
N VAL K 793 68.78 -21.56 -20.18
CA VAL K 793 68.73 -22.56 -21.25
C VAL K 793 70.09 -23.24 -21.32
N LEU K 794 70.10 -24.46 -21.83
CA LEU K 794 71.36 -25.19 -21.93
C LEU K 794 72.13 -24.77 -23.16
N PHE K 795 71.44 -24.49 -24.26
CA PHE K 795 72.07 -24.05 -25.50
C PHE K 795 71.64 -22.61 -25.76
N ASP K 796 72.54 -21.67 -25.54
CA ASP K 796 72.17 -20.26 -25.56
C ASP K 796 72.09 -19.73 -26.98
N ASN K 797 73.09 -20.02 -27.81
CA ASN K 797 73.19 -19.44 -29.15
C ASN K 797 72.15 -20.09 -30.05
N ILE K 798 71.04 -19.40 -30.26
CA ILE K 798 69.99 -19.95 -31.13
C ILE K 798 70.23 -19.61 -32.59
N ASN K 799 71.05 -18.62 -32.89
CA ASN K 799 71.38 -18.33 -34.28
C ASN K 799 72.41 -19.29 -34.84
N GLY K 800 73.29 -19.80 -34.00
CA GLY K 800 74.30 -20.73 -34.44
C GLY K 800 75.70 -20.13 -34.41
N ALA K 801 76.69 -20.99 -34.60
CA ALA K 801 78.08 -20.56 -34.57
C ALA K 801 78.50 -19.98 -35.90
N SER K 802 79.39 -19.00 -35.85
CA SER K 802 79.92 -18.38 -37.04
C SER K 802 80.98 -19.29 -37.68
N PRO K 803 81.28 -19.10 -38.97
CA PRO K 803 82.34 -19.91 -39.58
C PRO K 803 83.72 -19.64 -39.00
N HIS K 804 84.01 -18.43 -38.53
CA HIS K 804 85.29 -18.16 -37.90
C HIS K 804 85.43 -18.83 -36.53
N VAL K 805 84.32 -19.15 -35.87
CA VAL K 805 84.38 -19.96 -34.65
C VAL K 805 84.46 -21.44 -34.99
N CYS K 806 83.72 -21.88 -36.01
CA CYS K 806 83.75 -23.29 -36.41
C CYS K 806 85.12 -23.69 -36.95
N LEU K 807 85.83 -22.75 -37.59
CA LEU K 807 87.18 -23.03 -38.04
C LEU K 807 88.18 -22.99 -36.89
N THR K 808 87.89 -22.18 -35.88
CA THR K 808 88.72 -22.17 -34.68
C THR K 808 88.63 -23.49 -33.92
N MET K 809 87.43 -24.08 -33.87
CA MET K 809 87.29 -25.44 -33.35
C MET K 809 88.06 -26.45 -34.18
N MET K 810 88.10 -26.28 -35.51
CA MET K 810 88.86 -27.21 -36.36
C MET K 810 90.35 -27.11 -36.11
N TYR K 811 90.85 -25.91 -35.83
CA TYR K 811 92.26 -25.78 -35.45
C TYR K 811 92.53 -26.38 -34.07
N ASN K 812 91.65 -26.07 -33.11
CA ASN K 812 91.91 -26.47 -31.73
C ASN K 812 91.80 -27.97 -31.53
N PHE K 813 90.93 -28.63 -32.31
CA PHE K 813 90.83 -30.09 -32.19
C PHE K 813 92.08 -30.76 -32.72
N GLU K 814 92.66 -30.24 -33.80
CA GLU K 814 93.89 -30.82 -34.32
C GLU K 814 95.05 -30.58 -33.38
N VAL K 815 95.07 -29.42 -32.71
CA VAL K 815 96.09 -29.15 -31.69
C VAL K 815 95.96 -30.13 -30.53
N SER K 816 94.74 -30.33 -30.03
CA SER K 816 94.52 -31.21 -28.88
C SER K 816 94.75 -32.67 -29.24
N SER K 817 94.52 -33.05 -30.49
CA SER K 817 94.84 -34.42 -30.90
C SER K 817 96.33 -34.59 -31.14
N ALA K 818 97.03 -33.51 -31.50
CA ALA K 818 98.47 -33.61 -31.74
C ALA K 818 99.25 -33.69 -30.43
N VAL K 819 98.86 -32.93 -29.42
CA VAL K 819 99.61 -32.89 -28.17
C VAL K 819 99.31 -34.15 -27.36
N TYR K 820 100.37 -34.86 -26.96
CA TYR K 820 100.25 -36.02 -26.10
C TYR K 820 100.54 -35.64 -24.65
N ASP K 821 100.42 -36.62 -23.76
CA ASP K 821 100.53 -36.36 -22.33
C ASP K 821 101.99 -36.29 -21.91
N GLY K 822 102.29 -35.40 -20.99
CA GLY K 822 103.64 -35.23 -20.48
C GLY K 822 104.62 -34.67 -21.49
N ASP K 823 104.32 -33.51 -22.03
CA ASP K 823 105.14 -32.92 -23.09
C ASP K 823 105.22 -31.41 -22.89
N VAL K 824 106.38 -30.84 -23.18
CA VAL K 824 106.52 -29.39 -23.16
C VAL K 824 106.03 -28.83 -24.50
N VAL K 825 105.22 -27.78 -24.43
CA VAL K 825 104.72 -27.11 -25.63
C VAL K 825 105.04 -25.63 -25.50
N LEU K 826 104.82 -24.91 -26.59
CA LEU K 826 104.89 -23.46 -26.58
C LEU K 826 103.90 -22.91 -27.58
N ASP K 827 103.06 -21.99 -27.11
CA ASP K 827 102.04 -21.38 -27.94
C ASP K 827 102.64 -20.17 -28.64
N LEU K 828 102.40 -20.09 -29.94
CA LEU K 828 102.92 -19.01 -30.76
C LEU K 828 101.71 -18.14 -31.10
N GLY K 829 101.44 -17.17 -30.22
CA GLY K 829 100.28 -16.31 -30.38
C GLY K 829 99.07 -16.80 -29.61
N THR K 830 98.41 -15.89 -28.88
CA THR K 830 97.24 -16.29 -28.11
C THR K 830 96.02 -16.51 -29.00
N GLY K 831 95.62 -15.48 -29.74
CA GLY K 831 94.37 -15.48 -30.44
C GLY K 831 93.36 -14.62 -29.70
N PRO K 832 92.07 -14.87 -29.93
CA PRO K 832 91.05 -14.08 -29.24
C PRO K 832 90.91 -14.41 -27.77
N GLU K 833 91.03 -15.67 -27.38
CA GLU K 833 91.05 -16.06 -25.97
C GLU K 833 92.24 -16.98 -25.71
N ALA K 834 92.39 -17.36 -24.44
CA ALA K 834 93.41 -18.32 -24.03
C ALA K 834 92.80 -19.73 -23.97
N LYS K 835 92.38 -20.19 -25.15
CA LYS K 835 91.77 -21.50 -25.27
C LYS K 835 92.77 -22.63 -25.06
N ILE K 836 94.06 -22.38 -25.35
CA ILE K 836 95.10 -23.40 -25.39
C ILE K 836 95.29 -24.09 -24.04
N LEU K 837 95.01 -23.40 -22.94
CA LEU K 837 95.19 -23.98 -21.62
C LEU K 837 94.17 -25.08 -21.35
N GLU K 838 93.03 -25.04 -22.04
CA GLU K 838 92.05 -26.11 -21.97
C GLU K 838 92.25 -27.18 -23.01
N LEU K 839 93.21 -27.01 -23.93
CA LEU K 839 93.35 -27.95 -25.03
C LEU K 839 94.33 -29.06 -24.69
N ILE K 840 95.49 -28.68 -24.15
CA ILE K 840 96.56 -29.60 -23.78
C ILE K 840 96.14 -30.44 -22.58
N PRO K 841 96.68 -31.65 -22.38
CA PRO K 841 96.38 -32.40 -21.16
C PRO K 841 96.98 -31.73 -19.93
N SER K 842 96.55 -32.25 -18.77
CA SER K 842 96.74 -31.53 -17.52
C SER K 842 98.19 -31.52 -17.05
N THR K 843 98.93 -32.61 -17.27
CA THR K 843 100.29 -32.69 -16.77
C THR K 843 101.31 -31.97 -17.64
N SER K 844 100.90 -31.46 -18.80
CA SER K 844 101.83 -30.86 -19.74
C SER K 844 102.16 -29.43 -19.35
N PRO K 845 103.42 -29.09 -19.15
CA PRO K 845 103.78 -27.69 -18.92
C PRO K 845 103.82 -26.90 -20.21
N VAL K 846 103.37 -25.64 -20.11
CA VAL K 846 103.12 -24.81 -21.27
C VAL K 846 103.93 -23.52 -21.14
N THR K 847 103.96 -22.77 -22.23
CA THR K 847 104.34 -21.37 -22.24
C THR K 847 103.70 -20.73 -23.46
N CYS K 848 103.48 -19.42 -23.39
CA CYS K 848 102.69 -18.73 -24.41
C CYS K 848 103.27 -17.36 -24.66
N VAL K 849 103.45 -17.02 -25.94
CA VAL K 849 103.99 -15.73 -26.34
C VAL K 849 102.82 -14.88 -26.86
N ASP K 850 103.00 -13.56 -26.84
CA ASP K 850 101.94 -12.64 -27.21
C ASP K 850 102.58 -11.32 -27.65
N ILE K 851 101.75 -10.37 -28.04
CA ILE K 851 102.16 -8.97 -28.14
C ILE K 851 101.43 -8.09 -27.14
N ARG K 852 100.43 -8.61 -26.43
CA ARG K 852 99.64 -7.93 -25.42
C ARG K 852 99.88 -8.56 -24.05
N PRO K 853 99.69 -7.81 -22.97
CA PRO K 853 99.72 -8.44 -21.64
C PRO K 853 98.52 -9.35 -21.44
N THR K 854 98.77 -10.51 -20.85
CA THR K 854 97.73 -11.51 -20.68
C THR K 854 96.79 -11.12 -19.54
N ALA K 855 95.69 -11.87 -19.43
CA ALA K 855 94.73 -11.67 -18.36
C ALA K 855 94.47 -12.96 -17.59
N GLN K 856 95.17 -14.03 -17.91
CA GLN K 856 95.06 -15.26 -17.16
C GLN K 856 95.77 -15.13 -15.82
N PRO K 857 95.28 -15.79 -14.77
CA PRO K 857 95.91 -15.65 -13.45
C PRO K 857 97.27 -16.34 -13.40
N ASN K 858 98.21 -15.70 -12.71
CA ASN K 858 99.57 -16.19 -12.63
C ASN K 858 99.78 -16.89 -11.29
N GLY K 859 100.62 -17.91 -11.32
CA GLY K 859 100.97 -18.66 -10.13
C GLY K 859 99.91 -19.68 -9.75
N CYS K 860 100.29 -20.51 -8.76
CA CYS K 860 99.50 -21.58 -8.16
C CYS K 860 98.85 -22.51 -9.21
N TRP K 861 99.72 -23.15 -9.98
CA TRP K 861 99.35 -24.15 -10.96
C TRP K 861 99.95 -25.50 -10.57
N ASN K 862 99.43 -26.56 -11.19
CA ASN K 862 99.94 -27.90 -10.91
C ASN K 862 101.19 -28.22 -11.71
N VAL K 863 101.53 -27.39 -12.69
CA VAL K 863 102.67 -27.61 -13.56
C VAL K 863 103.13 -26.23 -14.03
N ARG K 864 104.33 -26.17 -14.61
CA ARG K 864 104.92 -24.90 -15.00
C ARG K 864 104.13 -24.25 -16.13
N THR K 865 104.04 -22.93 -16.08
CA THR K 865 103.46 -22.13 -17.16
C THR K 865 104.19 -20.80 -17.20
N THR K 866 104.16 -20.14 -18.36
CA THR K 866 104.86 -18.88 -18.55
C THR K 866 104.08 -18.03 -19.54
N PHE K 867 103.67 -16.85 -19.10
CA PHE K 867 102.90 -15.93 -19.92
C PHE K 867 103.70 -14.64 -20.09
N LEU K 868 104.18 -14.41 -21.30
CA LEU K 868 105.04 -13.28 -21.60
C LEU K 868 104.76 -12.79 -23.01
N GLU K 869 104.97 -11.50 -23.23
CA GLU K 869 104.75 -10.90 -24.54
C GLU K 869 106.01 -10.19 -24.98
N LEU K 870 106.48 -10.48 -26.19
CA LEU K 870 107.73 -9.90 -26.65
C LEU K 870 107.77 -9.57 -28.14
N ASP K 871 106.64 -9.66 -28.85
CA ASP K 871 106.55 -9.48 -30.31
C ASP K 871 107.48 -10.46 -31.03
N TYR K 872 107.05 -11.73 -31.02
CA TYR K 872 107.81 -12.93 -31.35
C TYR K 872 108.57 -12.90 -32.69
N LEU K 873 108.29 -11.95 -33.59
CA LEU K 873 109.06 -11.83 -34.82
C LEU K 873 110.51 -11.41 -34.57
N SER K 874 110.83 -10.88 -33.39
CA SER K 874 112.20 -10.51 -33.05
C SER K 874 113.05 -11.75 -32.79
N ASP K 875 114.34 -11.51 -32.59
CA ASP K 875 115.32 -12.58 -32.45
C ASP K 875 115.90 -12.60 -31.05
N GLY K 876 116.64 -13.67 -30.76
CA GLY K 876 117.37 -13.77 -29.51
C GLY K 876 116.52 -14.02 -28.28
N TRP K 877 115.44 -14.80 -28.42
CA TRP K 877 114.62 -15.12 -27.27
C TRP K 877 114.22 -16.58 -27.19
N ILE K 878 114.35 -17.37 -28.26
CA ILE K 878 113.99 -18.78 -28.21
C ILE K 878 115.09 -19.60 -27.55
N THR K 879 116.34 -19.12 -27.61
CA THR K 879 117.45 -19.80 -26.97
C THR K 879 117.28 -19.87 -25.45
N GLY K 880 116.62 -18.86 -24.87
CA GLY K 880 116.31 -18.91 -23.45
C GLY K 880 115.16 -19.85 -23.11
N VAL K 881 114.28 -20.12 -24.08
CA VAL K 881 113.11 -20.94 -23.78
C VAL K 881 113.36 -22.38 -24.21
N ARG K 882 112.57 -23.30 -23.69
CA ARG K 882 112.72 -24.71 -23.97
C ARG K 882 111.33 -25.33 -24.18
N GLY K 883 111.14 -25.98 -25.32
CA GLY K 883 109.88 -26.62 -25.64
C GLY K 883 110.13 -27.79 -26.59
N ASP K 884 109.03 -28.40 -27.04
CA ASP K 884 109.13 -29.53 -27.96
C ASP K 884 108.27 -29.37 -29.20
N ILE K 885 107.26 -28.52 -29.18
CA ILE K 885 106.39 -28.31 -30.34
C ILE K 885 105.77 -26.91 -30.28
N VAL K 886 105.80 -26.20 -31.41
CA VAL K 886 105.23 -24.88 -31.49
C VAL K 886 103.82 -24.99 -32.07
N THR K 887 102.97 -24.03 -31.74
CA THR K 887 101.61 -23.96 -32.25
C THR K 887 101.32 -22.53 -32.66
N CYS K 888 101.37 -22.24 -33.96
CA CYS K 888 100.84 -20.99 -34.50
C CYS K 888 99.49 -21.29 -35.12
N MET K 889 98.44 -20.63 -34.62
CA MET K 889 97.09 -20.79 -35.14
C MET K 889 96.46 -19.42 -35.27
N LEU K 890 96.17 -19.03 -36.52
CA LEU K 890 95.45 -17.80 -36.89
C LEU K 890 96.19 -16.55 -36.38
N SER K 891 97.52 -16.55 -36.51
CA SER K 891 98.32 -15.41 -36.11
C SER K 891 99.36 -14.99 -37.13
N LEU K 892 99.79 -15.90 -38.00
CA LEU K 892 100.85 -15.57 -38.96
C LEU K 892 100.36 -14.60 -40.03
N GLY K 893 99.11 -14.75 -40.48
CA GLY K 893 98.56 -13.79 -41.42
C GLY K 893 98.38 -12.41 -40.83
N ALA K 894 97.98 -12.34 -39.56
CA ALA K 894 97.90 -11.05 -38.88
C ALA K 894 99.27 -10.43 -38.69
N ALA K 895 100.29 -11.25 -38.39
CA ALA K 895 101.65 -10.72 -38.25
C ALA K 895 102.20 -10.24 -39.59
N ALA K 896 101.81 -10.91 -40.68
CA ALA K 896 102.24 -10.47 -42.01
C ALA K 896 101.53 -9.17 -42.40
N ALA K 897 100.25 -9.06 -42.08
CA ALA K 897 99.50 -7.86 -42.43
C ALA K 897 99.83 -6.67 -41.55
N GLY K 898 100.33 -6.91 -40.34
CA GLY K 898 100.67 -5.79 -39.46
C GLY K 898 101.90 -5.04 -39.93
N LYS K 899 102.97 -5.77 -40.25
CA LYS K 899 104.18 -5.15 -40.77
C LYS K 899 104.12 -4.91 -42.27
N SER K 900 103.00 -5.28 -42.92
CA SER K 900 102.75 -5.13 -44.35
C SER K 900 103.80 -5.84 -45.21
N MET K 901 104.34 -6.94 -44.72
CA MET K 901 105.28 -7.75 -45.49
C MET K 901 104.54 -8.90 -46.17
N THR K 902 105.25 -9.56 -47.07
CA THR K 902 104.66 -10.69 -47.79
C THR K 902 104.63 -11.93 -46.90
N PHE K 903 103.78 -12.88 -47.29
CA PHE K 903 103.64 -14.12 -46.53
C PHE K 903 104.89 -14.97 -46.65
N ASP K 904 105.56 -14.91 -47.80
CA ASP K 904 106.82 -15.63 -47.99
C ASP K 904 107.90 -15.09 -47.06
N ALA K 905 108.04 -13.77 -46.97
CA ALA K 905 109.03 -13.17 -46.08
C ALA K 905 108.68 -13.39 -44.62
N ALA K 906 107.39 -13.38 -44.29
CA ALA K 906 106.97 -13.64 -42.92
C ALA K 906 107.26 -15.07 -42.50
N PHE K 907 106.97 -16.04 -43.37
CA PHE K 907 107.27 -17.43 -43.07
C PHE K 907 108.77 -17.68 -43.05
N GLN K 908 109.52 -16.96 -43.89
CA GLN K 908 110.97 -17.09 -43.89
C GLN K 908 111.57 -16.58 -42.60
N GLN K 909 111.06 -15.45 -42.10
CA GLN K 909 111.53 -14.92 -40.82
C GLN K 909 111.15 -15.85 -39.66
N LEU K 910 109.96 -16.45 -39.74
CA LEU K 910 109.52 -17.37 -38.70
C LEU K 910 110.37 -18.64 -38.67
N VAL K 911 110.71 -19.18 -39.84
CA VAL K 911 111.53 -20.39 -39.85
C VAL K 911 112.97 -20.04 -39.51
N ARG K 912 113.40 -18.82 -39.83
CA ARG K 912 114.77 -18.40 -39.50
C ARG K 912 114.94 -18.21 -38.00
N VAL K 913 113.89 -17.77 -37.31
CA VAL K 913 114.00 -17.66 -35.86
C VAL K 913 113.72 -19.01 -35.19
N LEU K 914 113.00 -19.92 -35.86
CA LEU K 914 112.83 -21.25 -35.29
C LEU K 914 113.99 -22.19 -35.60
N THR K 915 114.96 -21.77 -36.42
CA THR K 915 116.21 -22.53 -36.53
C THR K 915 116.96 -22.61 -35.20
N ARG K 916 116.86 -21.60 -34.35
CA ARG K 916 117.51 -21.61 -33.05
C ARG K 916 116.74 -22.43 -32.02
N SER K 917 115.55 -22.92 -32.35
CA SER K 917 114.75 -23.65 -31.39
C SER K 917 115.30 -25.05 -31.16
N THR K 918 114.84 -25.68 -30.09
CA THR K 918 115.20 -27.04 -29.75
C THR K 918 114.10 -28.04 -30.08
N ALA K 919 113.00 -27.59 -30.67
CA ALA K 919 111.90 -28.48 -30.99
C ALA K 919 112.24 -29.34 -32.20
N ASN K 920 111.63 -30.53 -32.26
CA ASN K 920 111.79 -31.42 -33.41
C ASN K 920 110.51 -31.54 -34.23
N VAL K 921 109.38 -31.70 -33.57
CA VAL K 921 108.07 -31.72 -34.21
C VAL K 921 107.43 -30.35 -34.06
N LEU K 922 106.63 -29.97 -35.05
CA LEU K 922 105.93 -28.70 -35.04
C LEU K 922 104.81 -28.74 -36.07
N LEU K 923 103.74 -28.01 -35.76
CA LEU K 923 102.70 -27.77 -36.74
C LEU K 923 102.25 -26.33 -36.59
N ILE K 924 102.09 -25.64 -37.71
CA ILE K 924 101.82 -24.20 -37.74
C ILE K 924 100.82 -23.91 -38.85
N GLN K 925 100.03 -22.85 -38.65
CA GLN K 925 99.01 -22.48 -39.61
C GLN K 925 99.61 -21.63 -40.72
N VAL K 926 99.45 -22.08 -41.96
CA VAL K 926 99.80 -21.30 -43.13
C VAL K 926 98.55 -21.07 -43.95
N ASN K 927 98.59 -20.03 -44.78
CA ASN K 927 97.40 -19.60 -45.54
C ASN K 927 97.79 -19.58 -47.01
N CYS K 928 97.64 -20.73 -47.65
CA CYS K 928 97.93 -20.87 -49.07
C CYS K 928 96.89 -21.76 -49.72
N PRO K 929 96.39 -21.40 -50.90
CA PRO K 929 95.36 -22.22 -51.53
C PRO K 929 95.93 -23.53 -52.06
N THR K 930 95.18 -24.61 -51.84
CA THR K 930 95.56 -25.91 -52.40
C THR K 930 94.76 -26.20 -53.66
N ASP K 931 93.44 -26.05 -53.57
CA ASP K 931 92.55 -26.33 -54.69
C ASP K 931 92.50 -25.11 -55.62
N VAL K 932 91.83 -25.28 -56.76
CA VAL K 932 91.55 -24.17 -57.66
C VAL K 932 90.63 -23.19 -56.95
N ILE K 933 90.95 -21.89 -57.05
CA ILE K 933 90.33 -20.88 -56.22
C ILE K 933 88.92 -20.60 -56.71
N ARG K 934 87.96 -20.65 -55.77
CA ARG K 934 86.55 -20.49 -56.06
C ARG K 934 86.01 -19.12 -55.64
N THR K 935 86.70 -18.43 -54.73
CA THR K 935 86.38 -17.12 -54.11
C THR K 935 84.91 -17.03 -53.71
N ILE K 936 84.55 -17.79 -52.67
CA ILE K 936 83.17 -17.93 -52.21
C ILE K 936 82.59 -16.58 -51.79
N LYS K 937 81.33 -16.36 -52.15
CA LYS K 937 80.67 -15.08 -52.00
C LYS K 937 80.40 -14.79 -50.53
N GLY K 938 80.51 -13.51 -50.17
CA GLY K 938 80.07 -13.02 -48.89
C GLY K 938 81.08 -13.09 -47.78
N TYR K 939 82.05 -14.01 -47.87
CA TYR K 939 82.95 -14.31 -46.77
C TYR K 939 84.43 -14.25 -47.13
N LEU K 940 84.81 -14.45 -48.39
CA LEU K 940 86.22 -14.51 -48.75
C LEU K 940 86.33 -14.14 -50.23
N GLU K 941 86.73 -12.89 -50.50
CA GLU K 941 86.83 -12.35 -51.85
C GLU K 941 88.29 -11.99 -52.11
N ILE K 942 89.04 -12.94 -52.66
CA ILE K 942 90.47 -12.77 -52.89
C ILE K 942 90.73 -11.82 -54.06
N ASP K 943 91.99 -11.40 -54.20
CA ASP K 943 92.47 -10.72 -55.38
C ASP K 943 93.56 -11.57 -56.01
N GLN K 944 93.46 -11.82 -57.31
CA GLN K 944 94.52 -12.53 -58.02
C GLN K 944 95.75 -11.67 -58.22
N THR K 945 95.57 -10.36 -58.40
CA THR K 945 96.69 -9.50 -58.75
C THR K 945 97.49 -9.08 -57.52
N ASN K 946 96.85 -8.37 -56.59
CA ASN K 946 97.53 -7.84 -55.42
C ASN K 946 97.70 -8.88 -54.32
N LYS K 947 97.09 -10.05 -54.48
CA LYS K 947 97.23 -11.23 -53.61
C LYS K 947 96.81 -10.91 -52.17
N ARG K 948 95.52 -10.61 -52.02
CA ARG K 948 94.92 -10.38 -50.72
C ARG K 948 93.83 -11.41 -50.50
N TYR K 949 93.26 -11.41 -49.28
CA TYR K 949 92.11 -12.26 -48.96
C TYR K 949 90.81 -11.49 -48.82
N LYS K 950 90.83 -10.35 -48.12
CA LYS K 950 89.70 -9.44 -47.93
C LYS K 950 88.51 -10.15 -47.27
N PHE K 951 88.72 -10.47 -46.00
CA PHE K 951 87.63 -10.93 -45.14
C PHE K 951 86.70 -9.76 -44.83
N PRO K 952 85.47 -9.74 -45.33
CA PRO K 952 84.61 -8.55 -45.11
C PRO K 952 84.00 -8.48 -43.73
N LYS K 953 83.93 -9.59 -43.00
CA LYS K 953 83.36 -9.55 -41.65
C LYS K 953 84.32 -8.94 -40.66
N PHE K 954 85.60 -8.84 -41.00
CA PHE K 954 86.58 -8.22 -40.13
C PHE K 954 87.37 -7.11 -40.79
N GLY K 955 87.22 -6.91 -42.10
CA GLY K 955 87.96 -5.88 -42.80
C GLY K 955 89.45 -6.17 -42.92
N ARG K 956 89.86 -7.43 -42.79
CA ARG K 956 91.26 -7.80 -42.82
C ARG K 956 91.59 -8.49 -44.15
N ASP K 957 92.85 -8.37 -44.55
CA ASP K 957 93.36 -9.07 -45.73
C ASP K 957 94.80 -9.49 -45.50
N GLU K 958 95.20 -10.57 -46.17
CA GLU K 958 96.49 -11.20 -45.95
C GLU K 958 97.08 -11.64 -47.27
N PRO K 959 98.40 -11.69 -47.37
CA PRO K 959 99.00 -12.24 -48.60
C PRO K 959 98.96 -13.77 -48.60
N TYR K 960 98.54 -14.33 -49.72
CA TYR K 960 98.67 -15.77 -49.91
C TYR K 960 99.94 -16.09 -50.70
N SER K 961 100.47 -17.27 -50.46
CA SER K 961 101.64 -17.76 -51.18
C SER K 961 101.27 -19.06 -51.90
N ASP K 962 102.26 -19.66 -52.53
CA ASP K 962 102.12 -20.94 -53.20
C ASP K 962 102.68 -22.05 -52.32
N MET K 963 102.08 -23.23 -52.46
CA MET K 963 102.63 -24.42 -51.81
C MET K 963 104.00 -24.78 -52.37
N ASP K 964 104.20 -24.60 -53.68
CA ASP K 964 105.51 -24.85 -54.27
C ASP K 964 106.52 -23.80 -53.82
N SER K 965 106.09 -22.55 -53.68
CA SER K 965 106.98 -21.50 -53.20
C SER K 965 107.34 -21.71 -51.73
N LEU K 966 106.45 -22.32 -50.96
CA LEU K 966 106.73 -22.54 -49.55
C LEU K 966 107.45 -23.85 -49.30
N GLU K 967 107.38 -24.80 -50.25
CA GLU K 967 107.99 -26.11 -50.06
C GLU K 967 109.51 -26.06 -50.03
N ARG K 968 110.11 -25.19 -50.85
CA ARG K 968 111.56 -25.07 -50.90
C ARG K 968 112.15 -24.50 -49.62
N ILE K 969 111.34 -23.82 -48.82
CA ILE K 969 111.84 -23.19 -47.60
C ILE K 969 112.20 -24.21 -46.54
N CYS K 970 111.43 -25.30 -46.43
CA CYS K 970 111.76 -26.34 -45.46
C CYS K 970 113.03 -27.08 -45.88
N ARG K 971 113.18 -27.30 -47.18
CA ARG K 971 114.38 -27.93 -47.71
C ARG K 971 115.61 -27.04 -47.52
N ALA K 972 115.45 -25.73 -47.66
CA ALA K 972 116.54 -24.81 -47.38
C ALA K 972 116.86 -24.74 -45.88
N ALA K 973 115.84 -24.91 -45.03
CA ALA K 973 116.06 -24.78 -43.59
C ALA K 973 116.69 -26.04 -43.00
N TRP K 974 116.01 -27.17 -43.09
CA TRP K 974 116.57 -28.39 -42.55
C TRP K 974 116.64 -29.47 -43.62
N PRO K 975 117.72 -30.27 -43.64
CA PRO K 975 117.78 -31.37 -44.62
C PRO K 975 116.89 -32.53 -44.26
N ASN K 976 116.60 -32.74 -42.97
CA ASN K 976 115.83 -33.88 -42.51
C ASN K 976 114.40 -33.54 -42.15
N CYS K 977 113.88 -32.42 -42.64
CA CYS K 977 112.49 -32.07 -42.36
C CYS K 977 111.59 -32.84 -43.31
N SER K 978 110.39 -33.18 -42.83
CA SER K 978 109.43 -33.94 -43.62
C SER K 978 108.06 -33.28 -43.44
N ILE K 979 107.64 -32.52 -44.44
CA ILE K 979 106.35 -31.85 -44.36
C ILE K 979 105.23 -32.85 -44.57
N THR K 980 104.05 -32.51 -44.05
CA THR K 980 102.83 -33.24 -44.35
C THR K 980 101.66 -32.28 -44.27
N TRP K 981 100.78 -32.34 -45.26
CA TRP K 981 99.58 -31.52 -45.31
C TRP K 981 98.41 -32.34 -44.82
N VAL K 982 97.88 -31.99 -43.65
CA VAL K 982 96.76 -32.75 -43.10
C VAL K 982 95.49 -32.38 -43.87
N PRO K 983 94.76 -33.37 -44.37
CA PRO K 983 93.53 -33.06 -45.11
C PRO K 983 92.38 -32.78 -44.16
N LEU K 984 91.42 -32.02 -44.66
CA LEU K 984 90.19 -31.79 -43.90
C LEU K 984 89.36 -33.06 -43.93
N SER K 985 89.00 -33.55 -42.76
CA SER K 985 88.31 -34.82 -42.65
C SER K 985 86.81 -34.59 -42.67
N TYR K 986 86.12 -35.33 -43.57
CA TYR K 986 84.69 -35.17 -43.77
C TYR K 986 83.86 -35.67 -42.60
N ASP K 987 84.46 -36.41 -41.67
CA ASP K 987 83.76 -37.10 -40.59
C ASP K 987 83.20 -36.18 -39.52
N LEU K 988 83.53 -34.89 -39.56
CA LEU K 988 83.33 -33.92 -38.48
C LEU K 988 83.76 -34.47 -37.12
N ARG K 989 85.00 -34.96 -37.08
CA ARG K 989 85.59 -35.44 -35.83
C ARG K 989 85.82 -34.29 -34.85
N TRP K 990 86.01 -33.08 -35.36
CA TRP K 990 86.37 -31.91 -34.57
C TRP K 990 85.25 -31.40 -33.67
N THR K 991 84.02 -31.88 -33.84
CA THR K 991 82.87 -31.30 -33.15
C THR K 991 82.78 -31.72 -31.69
N LYS K 992 83.72 -32.52 -31.19
CA LYS K 992 83.73 -32.89 -29.78
C LYS K 992 83.98 -31.67 -28.89
N LEU K 993 84.82 -30.75 -29.34
CA LEU K 993 85.02 -29.51 -28.58
C LEU K 993 83.82 -28.58 -28.74
N ALA K 994 83.04 -28.76 -29.80
CA ALA K 994 81.98 -27.81 -30.10
C ALA K 994 80.67 -28.16 -29.39
N LEU K 995 80.26 -29.42 -29.46
CA LEU K 995 78.95 -29.77 -28.91
C LEU K 995 78.99 -29.93 -27.40
N LEU K 996 80.10 -30.44 -26.85
CA LEU K 996 80.19 -30.64 -25.41
C LEU K 996 80.33 -29.34 -24.64
N GLU K 997 80.75 -28.27 -25.30
CA GLU K 997 80.83 -26.95 -24.69
C GLU K 997 79.58 -26.13 -24.91
N SER K 998 78.45 -26.79 -25.19
CA SER K 998 77.10 -26.19 -25.29
C SER K 998 77.04 -25.10 -26.36
N THR K 999 77.19 -25.54 -27.62
CA THR K 999 77.14 -24.64 -28.76
C THR K 999 76.32 -25.27 -29.87
N THR K 1000 75.15 -24.72 -30.13
CA THR K 1000 74.35 -25.11 -31.29
C THR K 1000 75.07 -24.67 -32.55
N LEU K 1001 75.44 -25.63 -33.41
CA LEU K 1001 76.40 -25.25 -34.43
C LEU K 1001 75.81 -24.56 -35.64
N SER K 1002 75.21 -25.33 -36.56
CA SER K 1002 74.79 -24.84 -37.88
C SER K 1002 74.23 -25.95 -38.75
N SER K 1003 73.80 -25.58 -39.95
CA SER K 1003 73.84 -26.46 -41.10
C SER K 1003 74.69 -25.91 -42.23
N ALA K 1004 74.68 -24.59 -42.42
CA ALA K 1004 75.39 -23.97 -43.53
C ALA K 1004 76.79 -23.51 -43.14
N SER K 1005 76.95 -23.01 -41.91
CA SER K 1005 78.23 -22.49 -41.46
C SER K 1005 79.28 -23.58 -41.33
N VAL K 1006 78.87 -24.83 -41.06
CA VAL K 1006 79.83 -25.91 -41.05
C VAL K 1006 80.33 -26.25 -42.46
N ARG K 1007 79.45 -26.19 -43.47
CA ARG K 1007 79.90 -26.38 -44.84
C ARG K 1007 80.78 -25.24 -45.31
N ILE K 1008 80.44 -24.01 -44.88
CA ILE K 1008 81.25 -22.85 -45.18
C ILE K 1008 82.62 -22.93 -44.53
N ALA K 1009 82.68 -23.45 -43.30
CA ALA K 1009 83.96 -23.64 -42.63
C ALA K 1009 84.79 -24.74 -43.29
N GLU K 1010 84.12 -25.79 -43.77
CA GLU K 1010 84.83 -26.83 -44.53
C GLU K 1010 85.37 -26.30 -45.85
N LEU K 1011 84.66 -25.33 -46.46
CA LEU K 1011 85.21 -24.70 -47.67
C LEU K 1011 86.33 -23.73 -47.33
N MET K 1012 86.24 -23.07 -46.18
CA MET K 1012 87.21 -22.03 -45.84
C MET K 1012 88.52 -22.61 -45.36
N TYR K 1013 88.48 -23.80 -44.71
CA TYR K 1013 89.70 -24.46 -44.30
C TYR K 1013 90.55 -24.92 -45.49
N LYS K 1014 89.92 -25.13 -46.64
CA LYS K 1014 90.63 -25.51 -47.86
C LYS K 1014 91.56 -24.42 -48.35
N TYR K 1015 91.28 -23.16 -48.02
CA TYR K 1015 92.18 -22.07 -48.36
C TYR K 1015 93.24 -21.81 -47.31
N MET K 1016 93.02 -22.22 -46.06
CA MET K 1016 94.02 -22.13 -44.99
C MET K 1016 94.26 -23.48 -44.33
N PRO K 1017 94.96 -24.40 -44.99
CA PRO K 1017 95.31 -25.65 -44.33
C PRO K 1017 96.53 -25.48 -43.45
N ILE K 1018 96.52 -26.18 -42.35
CA ILE K 1018 97.70 -26.19 -41.49
C ILE K 1018 98.63 -27.30 -41.95
N MET K 1019 99.91 -27.11 -41.70
CA MET K 1019 100.94 -28.04 -42.12
C MET K 1019 101.71 -28.52 -40.89
N ARG K 1020 102.40 -29.65 -41.04
CA ARG K 1020 103.11 -30.29 -39.94
C ARG K 1020 104.49 -30.71 -40.41
N ILE K 1021 105.51 -30.30 -39.68
CA ILE K 1021 106.90 -30.57 -40.00
C ILE K 1021 107.53 -31.32 -38.83
N ASP K 1022 108.33 -32.34 -39.13
CA ASP K 1022 109.09 -33.03 -38.10
C ASP K 1022 110.47 -33.41 -38.62
N ILE K 1023 111.50 -32.98 -37.91
CA ILE K 1023 112.88 -33.33 -38.27
C ILE K 1023 113.27 -34.58 -37.47
N HIS K 1024 113.90 -35.52 -38.17
CA HIS K 1024 114.41 -36.80 -37.64
C HIS K 1024 113.32 -37.64 -36.97
CA ALA L 2 45.85 -60.39 -28.06
C ALA L 2 44.81 -59.41 -27.53
N ASN L 3 43.61 -59.92 -27.26
CA ASN L 3 42.50 -59.11 -26.77
C ASN L 3 42.05 -59.62 -25.41
N VAL L 4 41.53 -58.72 -24.59
CA VAL L 4 40.98 -59.14 -23.31
C VAL L 4 39.46 -59.19 -23.39
N TRP L 5 38.81 -58.05 -23.61
CA TRP L 5 37.41 -58.03 -24.00
C TRP L 5 37.25 -56.98 -25.09
N GLY L 6 38.11 -55.97 -25.03
CA GLY L 6 38.29 -55.01 -26.10
C GLY L 6 39.74 -55.04 -26.51
N VAL L 7 39.99 -55.05 -27.82
CA VAL L 7 41.29 -55.45 -28.34
C VAL L 7 42.34 -54.37 -28.08
N ARG L 8 43.55 -54.81 -27.75
CA ARG L 8 44.69 -53.93 -27.62
C ARG L 8 45.69 -54.28 -28.71
N LEU L 9 46.74 -53.48 -28.79
CA LEU L 9 47.66 -53.58 -29.91
C LEU L 9 48.61 -54.76 -29.69
N ALA L 10 49.17 -55.24 -30.80
CA ALA L 10 50.00 -56.43 -30.83
C ALA L 10 51.41 -56.17 -30.30
N ASP L 11 52.33 -57.09 -30.63
CA ASP L 11 53.60 -57.39 -29.98
C ASP L 11 54.41 -56.20 -29.44
N SER L 12 54.40 -55.08 -30.14
CA SER L 12 55.22 -53.93 -29.76
C SER L 12 54.69 -53.32 -28.46
N LEU L 13 55.36 -53.64 -27.35
CA LEU L 13 55.04 -53.08 -26.05
C LEU L 13 56.23 -52.23 -25.61
N SER L 14 55.93 -51.12 -24.94
CA SER L 14 56.98 -50.19 -24.56
C SER L 14 56.64 -49.57 -23.22
N SER L 15 57.59 -48.79 -22.70
CA SER L 15 57.47 -48.20 -21.38
C SER L 15 58.49 -47.07 -21.28
N PRO L 16 58.27 -46.10 -20.41
CA PRO L 16 59.31 -45.11 -20.14
C PRO L 16 60.51 -45.73 -19.44
N THR L 17 61.64 -45.07 -19.59
CA THR L 17 62.91 -45.60 -19.10
C THR L 17 63.51 -44.75 -17.99
N ILE L 18 63.67 -43.45 -18.22
CA ILE L 18 64.37 -42.58 -17.29
C ILE L 18 63.32 -41.89 -16.41
N GLU L 19 63.50 -41.96 -15.10
CA GLU L 19 62.66 -41.26 -14.15
C GLU L 19 63.42 -40.07 -13.59
N THR L 20 62.81 -38.90 -13.63
CA THR L 20 63.39 -37.74 -12.98
C THR L 20 63.16 -37.82 -11.48
N ARG L 21 64.00 -37.13 -10.72
CA ARG L 21 63.83 -37.06 -9.28
C ARG L 21 63.25 -35.70 -8.90
N THR L 22 62.54 -35.69 -7.78
CA THR L 22 61.81 -34.51 -7.33
C THR L 22 62.61 -33.72 -6.31
N ARG L 23 62.10 -32.54 -6.01
CA ARG L 23 62.65 -31.69 -4.97
C ARG L 23 61.54 -31.35 -3.99
N HIS L 24 61.95 -31.02 -2.77
CA HIS L 24 61.02 -30.71 -1.70
C HIS L 24 60.37 -29.35 -1.92
N TYR L 25 59.13 -29.23 -1.45
CA TYR L 25 58.36 -28.01 -1.63
C TYR L 25 58.71 -27.02 -0.51
N THR L 26 59.32 -25.91 -0.89
CA THR L 26 59.86 -24.94 0.06
C THR L 26 59.02 -23.68 0.11
N LEU L 27 59.31 -22.83 1.10
CA LEU L 27 58.57 -21.57 1.27
C LEU L 27 58.89 -20.60 0.15
N HIS L 28 60.08 -20.71 -0.43
CA HIS L 28 60.44 -19.92 -1.61
C HIS L 28 59.53 -20.23 -2.79
N ASP L 29 59.05 -21.47 -2.89
CA ASP L 29 58.09 -21.84 -3.91
C ASP L 29 56.67 -21.54 -3.47
N PHE L 30 56.39 -21.66 -2.18
CA PHE L 30 55.03 -21.44 -1.69
C PHE L 30 54.64 -19.98 -1.76
N TYR L 31 55.59 -19.07 -1.58
CA TYR L 31 55.31 -17.65 -1.81
C TYR L 31 54.99 -17.39 -3.27
N SER L 32 55.76 -18.01 -4.18
CA SER L 32 55.59 -17.77 -5.60
C SER L 32 54.30 -18.37 -6.13
N ASP L 33 53.81 -19.46 -5.53
CA ASP L 33 52.55 -20.04 -5.97
C ASP L 33 51.35 -19.20 -5.58
N LEU L 34 51.46 -18.35 -4.55
CA LEU L 34 50.31 -17.56 -4.13
C LEU L 34 50.08 -16.38 -5.09
N ASP L 35 51.10 -15.57 -5.33
CA ASP L 35 50.97 -14.48 -6.29
C ASP L 35 51.11 -15.05 -7.69
N ALA L 36 49.99 -15.58 -8.19
CA ALA L 36 49.95 -16.35 -9.43
C ALA L 36 50.19 -15.43 -10.61
N SER L 37 51.37 -15.55 -11.22
CA SER L 37 51.69 -14.78 -12.39
C SER L 37 50.99 -15.35 -13.62
N VAL L 38 51.12 -14.64 -14.74
CA VAL L 38 50.46 -15.10 -15.96
C VAL L 38 51.20 -16.30 -16.54
N GLY L 39 52.48 -16.45 -16.24
CA GLY L 39 53.23 -17.60 -16.71
C GLY L 39 53.00 -18.81 -15.84
N LYS L 40 53.16 -18.64 -14.53
CA LYS L 40 53.00 -19.73 -13.58
C LYS L 40 51.76 -19.49 -12.72
N GLU L 41 50.81 -20.40 -12.83
CA GLU L 41 49.59 -20.39 -12.03
C GLU L 41 49.18 -21.83 -11.79
N PRO L 42 48.53 -22.12 -10.65
CA PRO L 42 48.21 -23.51 -10.33
C PRO L 42 47.13 -24.11 -11.22
N TRP L 43 46.05 -23.37 -11.44
CA TRP L 43 44.96 -23.87 -12.24
C TRP L 43 45.33 -23.85 -13.73
N ARG L 44 44.84 -24.85 -14.46
CA ARG L 44 44.92 -24.79 -15.90
C ARG L 44 43.55 -25.20 -16.41
N PRO L 45 43.04 -24.52 -17.44
CA PRO L 45 41.65 -24.77 -17.86
C PRO L 45 41.50 -25.95 -18.81
N LEU L 46 40.51 -26.77 -18.52
CA LEU L 46 40.03 -27.75 -19.48
C LEU L 46 38.94 -27.10 -20.31
N ARG L 47 38.66 -27.68 -21.46
CA ARG L 47 37.67 -27.08 -22.35
C ARG L 47 36.98 -28.14 -23.19
N ASN L 48 35.77 -27.80 -23.62
CA ASN L 48 34.99 -28.65 -24.50
C ASN L 48 35.68 -28.74 -25.86
N GLN L 49 35.46 -29.85 -26.55
CA GLN L 49 36.13 -30.06 -27.82
C GLN L 49 35.32 -29.49 -28.98
N ARG L 50 34.00 -29.55 -28.91
CA ARG L 50 33.17 -29.05 -29.99
C ARG L 50 33.00 -27.54 -29.91
N THR L 51 32.42 -27.05 -28.82
CA THR L 51 32.15 -25.63 -28.68
C THR L 51 33.39 -24.81 -28.39
N ASN L 52 34.48 -25.46 -27.97
CA ASN L 52 35.76 -24.83 -27.60
C ASN L 52 35.57 -23.79 -26.49
N GLU L 53 34.79 -24.16 -25.48
CA GLU L 53 34.52 -23.30 -24.34
C GLU L 53 35.07 -23.93 -23.07
N ILE L 54 35.50 -23.09 -22.14
CA ILE L 54 36.05 -23.57 -20.87
C ILE L 54 34.92 -24.12 -20.01
N VAL L 55 35.02 -25.40 -19.65
CA VAL L 55 34.00 -26.05 -18.86
C VAL L 55 34.52 -26.63 -17.56
N ALA L 56 35.83 -26.83 -17.40
CA ALA L 56 36.34 -27.43 -16.19
C ALA L 56 37.74 -26.91 -15.94
N VAL L 57 38.17 -27.00 -14.69
CA VAL L 57 39.46 -26.50 -14.24
C VAL L 57 40.17 -27.60 -13.46
N GLN L 58 41.39 -27.94 -13.87
CA GLN L 58 42.22 -28.87 -13.12
C GLN L 58 43.13 -28.09 -12.17
N LEU L 59 43.20 -28.52 -10.93
CA LEU L 59 43.94 -27.83 -9.89
C LEU L 59 45.26 -28.55 -9.61
N PHE L 60 46.26 -27.78 -9.15
CA PHE L 60 47.60 -28.27 -8.90
C PHE L 60 48.01 -28.00 -7.44
N ARG L 61 49.31 -28.17 -7.17
CA ARG L 61 49.99 -28.30 -5.89
C ARG L 61 49.52 -27.43 -4.71
N PRO L 62 49.45 -26.07 -4.80
CA PRO L 62 49.22 -25.33 -3.56
C PRO L 62 47.77 -25.36 -3.08
N LEU L 63 46.81 -25.46 -3.99
CA LEU L 63 45.40 -25.61 -3.62
C LEU L 63 44.91 -26.98 -4.11
N GLN L 64 44.86 -27.93 -3.19
CA GLN L 64 44.34 -29.25 -3.52
C GLN L 64 43.54 -29.76 -2.33
N GLY L 65 43.02 -28.85 -1.51
CA GLY L 65 42.35 -29.13 -0.26
C GLY L 65 40.95 -28.57 -0.24
N LEU L 66 40.21 -28.76 -1.34
CA LEU L 66 38.92 -28.12 -1.53
C LEU L 66 37.78 -29.02 -1.08
N VAL L 67 37.99 -29.71 0.03
CA VAL L 67 37.17 -30.84 0.48
C VAL L 67 35.72 -30.46 0.82
N PHE L 68 35.46 -29.20 1.17
CA PHE L 68 34.11 -28.81 1.53
C PHE L 68 33.22 -28.65 0.29
N ASP L 69 31.96 -28.34 0.53
CA ASP L 69 30.99 -28.24 -0.55
C ASP L 69 31.18 -26.97 -1.35
N THR L 70 30.62 -26.98 -2.56
CA THR L 70 30.85 -25.90 -3.51
C THR L 70 30.17 -24.60 -3.09
N GLN L 71 29.03 -24.71 -2.41
CA GLN L 71 28.32 -23.52 -1.96
C GLN L 71 29.01 -22.81 -0.80
N LEU L 72 29.96 -23.47 -0.14
CA LEU L 72 30.70 -22.82 0.94
C LEU L 72 31.67 -21.78 0.40
N TYR L 73 32.21 -22.01 -0.80
CA TYR L 73 33.26 -21.15 -1.33
C TYR L 73 32.72 -19.90 -2.02
N GLY L 74 31.60 -20.03 -2.73
CA GLY L 74 31.04 -18.90 -3.42
C GLY L 74 31.83 -18.51 -4.66
N PHE L 75 32.20 -19.51 -5.45
CA PHE L 75 32.96 -19.28 -6.65
C PHE L 75 32.07 -18.69 -7.75
N PRO L 76 32.65 -17.89 -8.65
CA PRO L 76 31.89 -17.43 -9.82
C PRO L 76 31.66 -18.58 -10.80
N GLY L 77 30.80 -18.29 -11.78
CA GLY L 77 30.44 -19.31 -12.77
C GLY L 77 31.39 -19.36 -13.95
N THR L 78 31.83 -18.20 -14.42
CA THR L 78 32.69 -18.16 -15.59
C THR L 78 34.15 -18.21 -15.19
N PHE L 79 34.98 -18.71 -16.10
CA PHE L 79 36.40 -18.88 -15.83
C PHE L 79 37.14 -17.56 -15.71
N SER L 80 36.75 -16.57 -16.51
CA SER L 80 37.44 -15.28 -16.48
C SER L 80 37.17 -14.52 -15.19
N GLN L 81 35.99 -14.71 -14.60
CA GLN L 81 35.72 -14.12 -13.30
C GLN L 81 36.33 -14.95 -12.17
N TRP L 82 36.33 -16.28 -12.32
CA TRP L 82 36.88 -17.16 -11.29
C TRP L 82 38.37 -16.96 -11.11
N GLU L 83 39.08 -16.77 -12.22
CA GLU L 83 40.53 -16.59 -12.17
C GLU L 83 40.90 -15.28 -11.49
N GLN L 84 40.18 -14.20 -11.77
CA GLN L 84 40.41 -12.93 -11.12
C GLN L 84 40.04 -12.96 -9.65
N PHE L 85 38.97 -13.68 -9.31
CA PHE L 85 38.57 -13.92 -7.92
C PHE L 85 39.68 -14.61 -7.14
N MET L 86 40.22 -15.69 -7.70
CA MET L 86 41.27 -16.44 -7.03
C MET L 86 42.56 -15.65 -6.91
N LYS L 87 42.96 -14.92 -7.97
CA LYS L 87 44.15 -14.09 -7.89
C LYS L 87 43.99 -12.95 -6.90
N GLU L 88 42.77 -12.45 -6.72
CA GLU L 88 42.56 -11.40 -5.73
C GLU L 88 42.60 -11.94 -4.31
N LYS L 89 42.15 -13.17 -4.09
CA LYS L 89 42.10 -13.66 -2.72
C LYS L 89 43.42 -14.28 -2.26
N LEU L 90 44.22 -14.83 -3.18
CA LEU L 90 45.46 -15.49 -2.77
C LEU L 90 46.50 -14.50 -2.28
N ARG L 91 46.49 -13.24 -2.74
CA ARG L 91 47.44 -12.29 -2.18
C ARG L 91 47.05 -11.83 -0.78
N VAL L 92 45.74 -11.80 -0.49
CA VAL L 92 45.29 -11.49 0.86
C VAL L 92 45.72 -12.59 1.82
N LEU L 93 45.70 -13.84 1.35
CA LEU L 93 46.29 -14.90 2.16
C LEU L 93 47.82 -14.82 2.22
N LYS L 94 48.45 -14.33 1.14
CA LYS L 94 49.90 -14.27 1.06
C LYS L 94 50.49 -13.31 2.07
N TYR L 95 49.85 -12.15 2.25
CA TYR L 95 50.32 -11.23 3.28
C TYR L 95 50.11 -11.77 4.70
N GLU L 96 49.07 -12.58 4.90
CA GLU L 96 48.87 -13.18 6.21
C GLU L 96 49.92 -14.23 6.53
N VAL L 97 50.37 -14.96 5.50
CA VAL L 97 51.51 -15.85 5.69
C VAL L 97 52.78 -15.04 5.93
N LEU L 98 52.94 -13.95 5.19
CA LEU L 98 54.19 -13.21 5.17
C LEU L 98 54.41 -12.41 6.44
N ARG L 99 53.32 -12.05 7.14
CA ARG L 99 53.47 -11.32 8.39
C ARG L 99 54.06 -12.21 9.48
N ILE L 100 53.51 -13.42 9.63
CA ILE L 100 54.00 -14.32 10.67
C ILE L 100 55.36 -14.90 10.29
N TYR L 101 55.51 -15.31 9.04
CA TYR L 101 56.80 -15.83 8.59
C TYR L 101 57.47 -14.82 7.69
N PRO L 102 58.53 -14.15 8.13
CA PRO L 102 59.19 -13.17 7.28
C PRO L 102 59.91 -13.83 6.13
N ILE L 103 60.12 -13.04 5.08
CA ILE L 103 60.68 -13.56 3.84
C ILE L 103 62.20 -13.67 3.91
N SER L 104 62.82 -13.16 4.99
CA SER L 104 64.25 -13.37 5.22
C SER L 104 64.59 -14.83 5.42
N THR L 105 63.64 -15.63 5.92
CA THR L 105 63.77 -17.09 5.91
C THR L 105 63.19 -17.57 4.57
N TYR L 106 64.09 -17.75 3.61
CA TYR L 106 63.69 -18.15 2.26
C TYR L 106 64.59 -19.20 1.63
N ASN L 107 65.68 -19.59 2.30
CA ASN L 107 66.74 -20.33 1.59
C ASN L 107 66.41 -21.81 1.46
N HIS L 108 66.32 -22.51 2.59
CA HIS L 108 66.20 -23.97 2.54
C HIS L 108 65.25 -24.44 3.63
N ASP L 109 64.18 -23.69 3.84
CA ASP L 109 63.19 -24.01 4.87
C ASP L 109 62.00 -24.73 4.25
N ARG L 110 61.87 -26.01 4.56
CA ARG L 110 60.79 -26.81 3.98
C ARG L 110 59.48 -26.54 4.70
N VAL L 111 58.39 -26.57 3.94
CA VAL L 111 57.07 -26.37 4.50
C VAL L 111 56.29 -27.67 4.41
N ASN L 112 55.29 -27.80 5.28
CA ASN L 112 54.48 -29.00 5.30
C ASN L 112 53.44 -28.93 4.19
N VAL L 113 53.42 -29.95 3.33
CA VAL L 113 52.56 -29.91 2.16
C VAL L 113 51.09 -30.05 2.55
N PHE L 114 50.81 -30.89 3.55
CA PHE L 114 49.44 -31.06 4.03
C PHE L 114 48.91 -29.79 4.67
N VAL L 115 49.75 -29.11 5.46
CA VAL L 115 49.37 -27.85 6.07
C VAL L 115 49.20 -26.78 5.00
N ALA L 116 50.02 -26.84 3.94
CA ALA L 116 49.91 -25.88 2.85
C ALA L 116 48.61 -26.04 2.07
N ASN L 117 48.18 -27.28 1.84
CA ASN L 117 46.90 -27.49 1.18
C ASN L 117 45.73 -27.13 2.10
N ALA L 118 45.76 -27.59 3.35
CA ALA L 118 44.65 -27.35 4.26
C ALA L 118 44.54 -25.89 4.68
N LEU L 119 45.62 -25.11 4.59
CA LEU L 119 45.53 -23.69 4.92
C LEU L 119 44.73 -22.92 3.89
N VAL L 120 45.00 -23.16 2.60
CA VAL L 120 44.20 -22.50 1.58
C VAL L 120 42.80 -23.10 1.52
N GLY L 121 42.64 -24.38 1.91
CA GLY L 121 41.31 -24.95 1.98
C GLY L 121 40.48 -24.40 3.11
N ALA L 122 41.13 -23.98 4.20
CA ALA L 122 40.42 -23.35 5.30
C ALA L 122 40.17 -21.87 5.03
N PHE L 123 41.08 -21.22 4.31
CA PHE L 123 40.90 -19.80 4.06
C PHE L 123 39.87 -19.55 2.95
N LEU L 124 39.82 -20.42 1.94
CA LEU L 124 38.79 -20.27 0.92
C LEU L 124 37.41 -20.63 1.44
N SER L 125 37.32 -21.40 2.52
CA SER L 125 36.05 -21.83 3.08
C SER L 125 35.72 -21.16 4.41
N ASN L 126 36.59 -20.25 4.88
CA ASN L 126 36.39 -19.44 6.09
C ASN L 126 36.25 -20.30 7.34
N GLN L 127 37.16 -21.26 7.51
CA GLN L 127 37.08 -22.21 8.62
C GLN L 127 38.42 -22.28 9.36
N ALA L 128 38.65 -21.31 10.26
CA ALA L 128 39.63 -21.39 11.35
C ALA L 128 41.05 -21.71 10.86
N PHE L 129 41.62 -20.80 10.08
CA PHE L 129 42.92 -21.07 9.47
C PHE L 129 44.08 -20.80 10.41
N TYR L 130 43.91 -19.92 11.40
CA TYR L 130 45.04 -19.35 12.13
C TYR L 130 45.75 -20.35 13.04
N ASP L 131 45.10 -21.46 13.39
CA ASP L 131 45.81 -22.50 14.14
C ASP L 131 46.84 -23.21 13.26
N LEU L 132 46.56 -23.34 11.97
CA LEU L 132 47.41 -24.14 11.11
C LEU L 132 48.70 -23.42 10.76
N LEU L 133 48.71 -22.10 10.90
CA LEU L 133 49.81 -21.27 10.47
C LEU L 133 51.11 -21.43 11.27
N PRO L 134 51.11 -21.66 12.59
CA PRO L 134 52.38 -22.03 13.24
C PRO L 134 52.87 -23.43 12.90
N LEU L 135 52.03 -24.29 12.35
CA LEU L 135 52.45 -25.64 11.97
C LEU L 135 52.91 -25.73 10.52
N LEU L 136 53.29 -24.60 9.92
CA LEU L 136 53.61 -24.62 8.49
C LEU L 136 55.03 -25.11 8.25
N ILE L 137 56.00 -24.67 9.04
CA ILE L 137 57.38 -25.10 8.90
C ILE L 137 57.51 -26.50 9.50
N VAL L 138 58.19 -27.39 8.77
CA VAL L 138 58.22 -28.80 9.12
C VAL L 138 59.41 -29.07 10.03
N ASN L 139 59.29 -30.14 10.84
CA ASN L 139 60.43 -30.68 11.58
C ASN L 139 60.26 -32.18 11.79
N ASP L 140 61.35 -32.90 11.54
CA ASP L 140 61.65 -34.31 11.84
C ASP L 140 60.91 -35.32 10.95
N THR L 141 59.80 -34.91 10.33
CA THR L 141 59.11 -35.47 9.16
C THR L 141 57.84 -34.65 8.97
N MET L 142 57.12 -34.92 7.89
CA MET L 142 55.86 -34.23 7.63
C MET L 142 54.76 -34.73 8.56
N ILE L 143 54.65 -36.05 8.74
CA ILE L 143 53.44 -36.61 9.34
C ILE L 143 53.45 -36.47 10.86
N SER L 144 54.58 -36.77 11.52
CA SER L 144 54.63 -36.83 12.98
C SER L 144 54.51 -35.47 13.63
N ASP L 145 54.65 -34.40 12.87
CA ASP L 145 54.28 -33.08 13.34
C ASP L 145 52.76 -32.93 13.39
N LEU L 146 52.03 -33.74 12.63
CA LEU L 146 50.59 -33.64 12.53
C LEU L 146 49.82 -34.75 13.24
N LEU L 147 50.50 -35.83 13.65
CA LEU L 147 49.82 -36.92 14.35
C LEU L 147 49.27 -36.47 15.70
N GLY L 148 50.12 -35.92 16.56
CA GLY L 148 49.71 -35.60 17.91
C GLY L 148 48.78 -34.41 18.05
N THR L 149 48.81 -33.49 17.09
CA THR L 149 48.08 -32.24 17.23
C THR L 149 46.59 -32.43 16.98
N GLY L 150 45.83 -31.42 17.39
CA GLY L 150 44.41 -31.37 17.12
C GLY L 150 43.99 -29.96 16.74
N ALA L 151 44.87 -29.25 16.05
CA ALA L 151 44.64 -27.84 15.76
C ALA L 151 43.66 -27.65 14.62
N ALA L 152 43.90 -28.34 13.50
CA ALA L 152 43.05 -28.16 12.33
C ALA L 152 41.73 -28.90 12.50
N LEU L 153 40.77 -28.53 11.66
CA LEU L 153 39.45 -29.15 11.71
C LEU L 153 39.55 -30.57 11.16
N SER L 154 38.71 -31.46 11.71
CA SER L 154 38.82 -32.88 11.44
C SER L 154 38.44 -33.26 10.01
N GLN L 155 37.79 -32.38 9.25
CA GLN L 155 37.51 -32.65 7.85
C GLN L 155 38.81 -32.66 7.05
N PHE L 156 39.78 -31.83 7.42
CA PHE L 156 41.03 -31.78 6.67
C PHE L 156 41.87 -33.02 6.93
N PHE L 157 42.24 -33.27 8.19
CA PHE L 157 42.99 -34.47 8.51
C PHE L 157 42.72 -34.86 9.95
N GLN L 158 43.00 -36.13 10.23
CA GLN L 158 42.79 -36.70 11.57
C GLN L 158 43.78 -37.85 11.75
N SER L 159 43.95 -38.25 13.01
CA SER L 159 44.93 -39.26 13.36
C SER L 159 44.25 -40.43 14.06
N HIS L 160 44.73 -41.63 13.77
CA HIS L 160 44.23 -42.84 14.41
C HIS L 160 45.31 -43.55 15.22
N GLY L 161 46.47 -42.91 15.42
CA GLY L 161 47.55 -43.53 16.15
C GLY L 161 48.49 -44.20 15.18
N GLU L 162 49.63 -43.56 14.93
CA GLU L 162 50.66 -43.94 13.95
C GLU L 162 50.16 -43.99 12.51
N VAL L 163 48.95 -43.50 12.24
CA VAL L 163 48.37 -43.44 10.90
C VAL L 163 47.70 -42.08 10.75
N LEU L 164 48.13 -41.31 9.76
CA LEU L 164 47.51 -40.03 9.46
C LEU L 164 46.52 -40.22 8.31
N GLU L 165 45.28 -39.76 8.53
CA GLU L 165 44.23 -39.85 7.53
C GLU L 165 43.88 -38.45 7.04
N VAL L 166 44.14 -38.18 5.77
CA VAL L 166 43.73 -36.93 5.16
C VAL L 166 42.59 -37.21 4.21
N ALA L 167 41.91 -36.15 3.79
CA ALA L 167 40.77 -36.26 2.88
C ALA L 167 41.13 -35.52 1.60
N ALA L 168 41.66 -36.27 0.64
CA ALA L 168 42.01 -35.68 -0.66
C ALA L 168 40.75 -35.32 -1.43
N GLY L 169 40.75 -34.14 -2.03
CA GLY L 169 39.53 -33.69 -2.67
C GLY L 169 39.72 -32.72 -3.82
N ARG L 170 38.91 -32.91 -4.86
CA ARG L 170 38.73 -31.99 -5.99
C ARG L 170 40.04 -31.72 -6.74
N LYS L 171 40.51 -32.78 -7.40
CA LYS L 171 41.52 -32.61 -8.44
C LYS L 171 41.00 -31.73 -9.56
N TYR L 172 39.77 -31.96 -10.00
CA TYR L 172 39.12 -31.14 -11.00
C TYR L 172 38.09 -30.23 -10.33
N LEU L 173 37.63 -29.24 -11.09
CA LEU L 173 36.63 -28.30 -10.59
C LEU L 173 35.67 -27.97 -11.73
N GLN L 174 34.37 -28.10 -11.45
CA GLN L 174 33.33 -27.98 -12.46
C GLN L 174 32.86 -26.54 -12.58
N MET L 175 32.84 -26.02 -13.79
CA MET L 175 32.38 -24.66 -14.03
C MET L 175 30.87 -24.64 -14.31
N ASN L 176 30.38 -23.49 -14.77
CA ASN L 176 28.95 -23.27 -14.87
C ASN L 176 28.35 -23.97 -16.09
N ASN L 177 29.05 -23.97 -17.22
CA ASN L 177 28.52 -24.50 -18.47
C ASN L 177 28.98 -25.92 -18.75
N TYR L 178 29.14 -26.72 -17.70
CA TYR L 178 29.45 -28.15 -17.85
C TYR L 178 28.13 -28.90 -17.81
N SER L 179 27.61 -29.27 -18.98
CA SER L 179 26.26 -29.81 -19.10
C SER L 179 26.24 -31.30 -19.43
N ASN L 180 27.31 -32.02 -19.10
CA ASN L 180 27.45 -33.47 -19.32
C ASN L 180 27.25 -33.86 -20.79
N ASP L 181 27.75 -33.02 -21.68
CA ASP L 181 27.67 -33.31 -23.10
C ASP L 181 28.66 -34.42 -23.45
N ASP L 182 28.43 -35.07 -24.60
CA ASP L 182 29.27 -36.18 -25.02
C ASP L 182 30.66 -35.72 -25.45
N ASP L 183 30.85 -34.44 -25.71
CA ASP L 183 32.16 -33.91 -26.07
C ASP L 183 32.87 -33.28 -24.88
N ASP L 184 32.23 -33.24 -23.71
CA ASP L 184 32.86 -32.70 -22.52
C ASP L 184 33.98 -33.62 -22.05
N PRO L 185 34.99 -33.08 -21.38
CA PRO L 185 36.01 -33.94 -20.79
C PRO L 185 35.48 -34.60 -19.54
N PRO L 186 35.75 -35.89 -19.36
CA PRO L 186 35.29 -36.57 -18.15
C PRO L 186 36.09 -36.14 -16.95
N LEU L 187 35.45 -36.20 -15.78
CA LEU L 187 36.05 -35.70 -14.56
C LEU L 187 36.45 -36.79 -13.58
N PHE L 188 36.01 -38.03 -13.82
CA PHE L 188 36.42 -39.22 -13.05
C PHE L 188 36.07 -39.11 -11.57
N ALA L 189 34.88 -38.56 -11.30
CA ALA L 189 34.32 -38.37 -9.96
C ALA L 189 35.22 -37.53 -9.06
N LYS L 190 36.00 -36.64 -9.64
CA LYS L 190 36.91 -35.80 -8.89
C LYS L 190 36.44 -34.35 -8.83
N ASP L 191 35.19 -34.09 -9.18
CA ASP L 191 34.56 -32.82 -8.89
C ASP L 191 33.67 -32.89 -7.67
N LEU L 192 33.78 -33.97 -6.90
CA LEU L 192 32.88 -34.28 -5.81
C LEU L 192 33.61 -34.08 -4.48
N SER L 193 32.84 -33.98 -3.40
CA SER L 193 33.38 -33.59 -2.10
C SER L 193 34.33 -34.62 -1.53
N ASP L 194 33.89 -35.87 -1.43
CA ASP L 194 34.71 -36.93 -0.83
C ASP L 194 34.66 -38.18 -1.70
N TYR L 195 35.65 -38.33 -2.57
CA TYR L 195 35.74 -39.50 -3.42
C TYR L 195 36.75 -40.52 -2.91
N ALA L 196 37.69 -40.12 -2.07
CA ALA L 196 38.69 -41.05 -1.56
C ALA L 196 39.19 -40.52 -0.23
N LYS L 197 39.89 -41.38 0.50
CA LYS L 197 40.53 -41.02 1.76
C LYS L 197 41.92 -41.65 1.78
N ALA L 198 42.94 -40.83 1.95
CA ALA L 198 44.32 -41.31 1.98
C ALA L 198 44.75 -41.60 3.40
N PHE L 199 45.62 -42.58 3.56
CA PHE L 199 46.09 -43.02 4.87
C PHE L 199 47.60 -43.04 4.88
N TYR L 200 48.20 -42.02 5.48
CA TYR L 200 49.64 -41.84 5.52
C TYR L 200 50.24 -42.43 6.79
N SER L 201 51.40 -43.05 6.65
CA SER L 201 52.18 -43.53 7.78
C SER L 201 53.65 -43.61 7.36
N ASP L 202 54.49 -44.05 8.28
CA ASP L 202 55.92 -44.20 7.97
C ASP L 202 56.16 -45.46 7.14
N THR L 203 55.81 -46.61 7.68
CA THR L 203 56.05 -47.89 7.03
C THR L 203 54.72 -48.51 6.60
N TYR L 204 54.81 -49.51 5.74
CA TYR L 204 53.61 -50.22 5.29
C TYR L 204 53.09 -51.21 6.31
N GLU L 205 53.93 -51.63 7.25
CA GLU L 205 53.51 -52.61 8.25
C GLU L 205 52.53 -52.02 9.24
N VAL L 206 52.52 -50.71 9.42
CA VAL L 206 51.53 -50.08 10.29
C VAL L 206 50.19 -50.02 9.57
N LEU L 207 50.19 -49.68 8.29
CA LEU L 207 48.95 -49.59 7.53
C LEU L 207 48.34 -50.95 7.26
N ASP L 208 49.18 -51.99 7.12
CA ASP L 208 48.65 -53.33 6.96
C ASP L 208 47.98 -53.84 8.23
N ARG L 209 48.48 -53.45 9.41
CA ARG L 209 47.76 -53.75 10.63
C ARG L 209 46.57 -52.82 10.82
N PHE L 210 46.59 -51.65 10.19
CA PHE L 210 45.43 -50.77 10.24
C PHE L 210 44.26 -51.35 9.46
N PHE L 211 44.53 -51.96 8.31
CA PHE L 211 43.48 -52.57 7.52
C PHE L 211 43.23 -54.03 7.88
N TRP L 212 43.68 -54.49 9.05
CA TRP L 212 43.16 -55.74 9.58
C TRP L 212 41.94 -55.50 10.46
N THR L 213 41.96 -54.41 11.23
CA THR L 213 40.83 -54.07 12.08
C THR L 213 39.72 -53.41 11.25
N HIS L 214 40.03 -52.32 10.58
CA HIS L 214 39.06 -51.59 9.78
C HIS L 214 38.70 -52.37 8.52
N ASP L 215 37.60 -51.97 7.90
CA ASP L 215 37.09 -52.69 6.75
C ASP L 215 37.75 -52.20 5.46
N SER L 216 37.86 -53.11 4.51
CA SER L 216 38.37 -52.79 3.17
C SER L 216 37.33 -53.21 2.14
N SER L 217 36.09 -52.78 2.35
CA SER L 217 34.97 -53.29 1.56
C SER L 217 35.03 -52.82 0.11
N ALA L 218 35.28 -51.53 -0.11
CA ALA L 218 35.30 -51.01 -1.47
C ALA L 218 36.56 -51.44 -2.21
N GLY L 219 37.71 -51.35 -1.56
CA GLY L 219 38.95 -51.70 -2.22
C GLY L 219 39.96 -50.60 -1.93
N VAL L 220 41.21 -51.01 -1.73
CA VAL L 220 42.27 -50.08 -1.37
C VAL L 220 43.30 -50.04 -2.49
N LEU L 221 43.89 -48.87 -2.72
CA LEU L 221 44.77 -48.66 -3.85
C LEU L 221 46.11 -48.11 -3.36
N VAL L 222 47.16 -48.43 -4.11
CA VAL L 222 48.52 -48.09 -3.72
C VAL L 222 49.13 -47.31 -4.87
N HIS L 223 50.28 -46.63 -4.64
CA HIS L 223 51.09 -46.08 -5.73
C HIS L 223 52.27 -47.01 -6.09
N TYR L 224 53.10 -47.37 -5.10
CA TYR L 224 54.25 -48.30 -5.17
C TYR L 224 55.43 -47.81 -6.02
N ASP L 225 55.35 -46.63 -6.61
CA ASP L 225 56.46 -46.11 -7.40
C ASP L 225 57.10 -44.90 -6.73
N LYS L 226 56.33 -43.84 -6.51
CA LYS L 226 56.86 -42.58 -6.03
C LYS L 226 55.73 -41.86 -5.34
N PRO L 227 55.55 -42.09 -4.05
CA PRO L 227 54.42 -41.49 -3.34
C PRO L 227 54.60 -39.98 -3.20
N THR L 228 53.46 -39.30 -3.06
CA THR L 228 53.46 -37.84 -3.14
C THR L 228 54.13 -37.22 -1.92
N ASN L 229 53.66 -37.56 -0.73
CA ASN L 229 54.22 -36.98 0.49
C ASN L 229 54.55 -38.07 1.50
N GLY L 230 55.06 -39.20 1.02
CA GLY L 230 55.31 -40.33 1.88
C GLY L 230 54.38 -41.47 1.50
N ASN L 231 54.80 -42.70 1.79
CA ASN L 231 54.08 -43.88 1.35
C ASN L 231 52.72 -44.00 2.02
N HIS L 232 51.69 -44.33 1.23
CA HIS L 232 50.33 -44.28 1.73
C HIS L 232 49.45 -45.21 0.91
N TYR L 233 48.21 -45.39 1.37
CA TYR L 233 47.17 -46.10 0.66
C TYR L 233 46.02 -45.17 0.34
N ILE L 234 45.23 -45.56 -0.66
CA ILE L 234 44.06 -44.81 -1.09
C ILE L 234 42.85 -45.72 -0.95
N LEU L 235 41.88 -45.29 -0.15
CA LEU L 235 40.64 -46.03 0.04
C LEU L 235 39.51 -45.28 -0.64
N GLY L 236 38.86 -45.93 -1.60
CA GLY L 236 37.76 -45.32 -2.31
C GLY L 236 36.45 -45.48 -1.58
N THR L 237 35.53 -44.54 -1.83
CA THR L 237 34.21 -44.55 -1.23
C THR L 237 33.21 -45.19 -2.19
N LEU L 238 31.92 -45.07 -1.86
CA LEU L 238 30.86 -45.65 -2.67
C LEU L 238 29.96 -44.60 -3.30
N THR L 239 30.52 -43.43 -3.62
CA THR L 239 29.81 -42.47 -4.46
C THR L 239 30.00 -42.84 -5.92
N GLN L 240 29.16 -42.25 -6.78
CA GLN L 240 29.05 -42.69 -8.16
C GLN L 240 29.08 -41.51 -9.12
N MET L 241 29.91 -41.64 -10.15
CA MET L 241 29.86 -40.76 -11.30
C MET L 241 29.16 -41.48 -12.44
N VAL L 242 28.16 -40.82 -13.04
CA VAL L 242 27.43 -41.50 -14.10
C VAL L 242 28.18 -41.29 -15.41
N SER L 243 28.13 -40.07 -15.96
CA SER L 243 28.96 -39.55 -17.04
C SER L 243 28.96 -40.34 -18.35
N ALA L 244 28.21 -41.42 -18.41
CA ALA L 244 28.30 -42.39 -19.51
C ALA L 244 27.00 -43.14 -19.48
N PRO L 245 26.00 -42.71 -20.26
CA PRO L 245 24.59 -43.10 -20.02
C PRO L 245 24.28 -44.59 -20.07
N PRO L 246 25.03 -45.44 -20.80
CA PRO L 246 24.82 -46.87 -20.57
C PRO L 246 25.50 -47.44 -19.32
N HIS L 247 26.19 -46.64 -18.51
CA HIS L 247 26.96 -47.21 -17.41
C HIS L 247 26.86 -46.40 -16.13
N ILE L 248 27.12 -47.08 -15.02
CA ILE L 248 27.25 -46.49 -13.70
C ILE L 248 28.58 -46.93 -13.15
N ILE L 249 29.47 -45.97 -12.91
CA ILE L 249 30.82 -46.26 -12.42
C ILE L 249 30.98 -45.61 -11.06
N ASN L 250 31.18 -46.42 -10.03
CA ASN L 250 31.46 -45.90 -8.71
C ASN L 250 32.89 -45.34 -8.63
N ALA L 251 33.22 -44.75 -7.48
CA ALA L 251 34.44 -43.97 -7.37
C ALA L 251 35.69 -44.84 -7.40
N THR L 252 35.64 -46.02 -6.80
CA THR L 252 36.80 -46.90 -6.76
C THR L 252 37.10 -47.57 -8.09
N ASP L 253 36.23 -47.43 -9.09
CA ASP L 253 36.54 -47.91 -10.43
C ASP L 253 36.97 -46.79 -11.35
N ALA L 254 36.38 -45.60 -11.23
CA ALA L 254 36.84 -44.47 -12.03
C ALA L 254 38.23 -44.02 -11.61
N LEU L 255 38.52 -44.09 -10.30
CA LEU L 255 39.84 -43.74 -9.79
C LEU L 255 40.91 -44.69 -10.31
N LEU L 256 40.54 -45.94 -10.58
CA LEU L 256 41.47 -46.89 -11.18
C LEU L 256 41.53 -46.72 -12.69
N LEU L 257 40.40 -46.37 -13.32
CA LEU L 257 40.30 -46.30 -14.77
C LEU L 257 41.07 -45.11 -15.33
N GLU L 258 41.02 -43.96 -14.66
CA GLU L 258 41.79 -42.80 -15.12
C GLU L 258 43.29 -43.07 -15.05
N SER L 259 43.74 -43.68 -13.96
CA SER L 259 45.14 -44.03 -13.81
C SER L 259 45.57 -45.12 -14.77
N CYS L 260 44.66 -46.00 -15.19
CA CYS L 260 44.98 -46.97 -16.22
C CYS L 260 45.14 -46.30 -17.59
N LEU L 261 44.22 -45.39 -17.93
CA LEU L 261 44.30 -44.72 -19.23
C LEU L 261 45.47 -43.78 -19.34
N GLU L 262 45.91 -43.16 -18.23
CA GLU L 262 47.11 -42.33 -18.29
C GLU L 262 48.35 -43.15 -18.60
N GLN L 263 48.42 -44.38 -18.07
CA GLN L 263 49.58 -45.21 -18.36
C GLN L 263 49.52 -45.82 -19.75
N PHE L 264 48.31 -46.16 -20.24
CA PHE L 264 48.16 -46.54 -21.63
C PHE L 264 48.54 -45.42 -22.59
N ALA L 265 48.28 -44.17 -22.21
CA ALA L 265 48.73 -43.06 -23.03
C ALA L 265 50.24 -42.85 -22.93
N ALA L 266 50.81 -43.03 -21.74
CA ALA L 266 52.23 -42.77 -21.55
C ALA L 266 53.11 -43.89 -22.10
N ASN L 267 52.56 -45.08 -22.32
CA ASN L 267 53.36 -46.13 -22.94
C ASN L 267 53.58 -45.91 -24.43
N VAL L 268 52.82 -45.00 -25.04
CA VAL L 268 53.00 -44.71 -26.46
C VAL L 268 54.02 -43.59 -26.64
N ARG L 269 54.00 -42.60 -25.76
CA ARG L 269 54.83 -41.41 -25.88
C ARG L 269 56.28 -41.64 -25.50
N ALA L 270 56.65 -42.84 -25.04
CA ALA L 270 58.01 -43.09 -24.59
C ALA L 270 58.95 -43.21 -25.78
N ARG L 271 59.96 -42.34 -25.84
CA ARG L 271 60.91 -42.32 -26.93
C ARG L 271 62.32 -42.67 -26.47
N SER L 272 62.47 -43.21 -25.26
CA SER L 272 63.72 -43.75 -24.71
C SER L 272 64.81 -42.70 -24.54
N ALA L 273 64.46 -41.43 -24.56
CA ALA L 273 65.43 -40.38 -24.30
C ALA L 273 64.94 -39.36 -23.29
N GLN L 274 63.65 -39.05 -23.31
CA GLN L 274 63.18 -38.01 -22.40
C GLN L 274 62.65 -38.63 -21.10
N PRO L 275 62.90 -37.98 -19.97
CA PRO L 275 62.43 -38.50 -18.69
C PRO L 275 60.98 -38.12 -18.41
N VAL L 276 60.35 -38.95 -17.57
CA VAL L 276 59.01 -38.68 -17.08
C VAL L 276 59.07 -38.61 -15.56
N THR L 277 57.97 -38.20 -14.94
CA THR L 277 57.93 -38.03 -13.50
C THR L 277 57.59 -39.29 -12.75
N ARG L 278 56.96 -40.28 -13.40
CA ARG L 278 56.65 -41.56 -12.79
C ARG L 278 56.82 -42.65 -13.83
N LEU L 279 57.51 -43.73 -13.44
CA LEU L 279 57.71 -44.84 -14.37
C LEU L 279 56.41 -45.60 -14.62
N ASP L 280 55.49 -45.61 -13.66
CA ASP L 280 54.15 -46.09 -13.93
C ASP L 280 53.15 -45.29 -13.12
N GLN L 281 51.94 -45.15 -13.68
CA GLN L 281 50.88 -44.36 -13.09
C GLN L 281 49.85 -45.19 -12.35
N CYS L 282 49.93 -46.50 -12.41
CA CYS L 282 48.82 -47.37 -12.06
C CYS L 282 48.62 -47.46 -10.55
N TYR L 283 47.60 -48.21 -10.16
CA TYR L 283 47.23 -48.31 -8.75
C TYR L 283 47.35 -49.71 -8.15
N HIS L 284 46.88 -50.75 -8.84
CA HIS L 284 47.01 -52.14 -8.41
C HIS L 284 46.41 -52.44 -7.04
N LEU L 285 45.07 -52.58 -7.02
CA LEU L 285 44.25 -53.02 -5.89
C LEU L 285 44.92 -54.04 -4.98
N ARG L 286 44.87 -53.79 -3.67
CA ARG L 286 45.73 -54.47 -2.72
C ARG L 286 44.98 -55.44 -1.81
N TRP L 287 43.99 -54.97 -1.04
CA TRP L 287 43.34 -55.82 -0.04
C TRP L 287 41.93 -56.25 -0.39
N GLY L 288 41.13 -55.37 -1.00
CA GLY L 288 39.71 -55.65 -1.16
C GLY L 288 39.33 -56.62 -2.25
N ALA L 289 40.31 -57.33 -2.83
CA ALA L 289 40.08 -58.20 -3.98
C ALA L 289 39.20 -59.41 -3.65
N GLN L 290 39.06 -59.75 -2.37
CA GLN L 290 38.10 -60.79 -1.99
C GLN L 290 36.68 -60.26 -2.06
N TYR L 291 36.47 -59.00 -1.67
CA TYR L 291 35.11 -58.47 -1.63
C TYR L 291 34.61 -58.06 -3.00
N VAL L 292 35.51 -57.73 -3.93
CA VAL L 292 35.08 -57.39 -5.28
C VAL L 292 34.77 -58.67 -6.03
N GLY L 293 33.94 -58.54 -7.06
CA GLY L 293 33.46 -59.69 -7.79
C GLY L 293 34.45 -60.15 -8.84
N GLU L 294 34.52 -61.47 -9.01
CA GLU L 294 35.19 -62.04 -10.17
C GLU L 294 34.46 -61.59 -11.43
N ASP L 295 35.24 -61.39 -12.51
CA ASP L 295 34.89 -60.87 -13.84
C ASP L 295 33.89 -59.71 -13.81
N SER L 296 33.96 -58.85 -12.81
CA SER L 296 33.20 -57.60 -12.78
C SER L 296 34.11 -56.47 -13.27
N LEU L 297 33.60 -55.24 -13.18
CA LEU L 297 34.33 -54.09 -13.71
C LEU L 297 35.61 -53.80 -12.94
N THR L 298 35.59 -53.96 -11.61
CA THR L 298 36.78 -53.73 -10.81
C THR L 298 37.87 -54.74 -11.12
N TYR L 299 37.49 -56.01 -11.29
CA TYR L 299 38.45 -57.04 -11.63
C TYR L 299 39.04 -56.84 -13.02
N ARG L 300 38.19 -56.46 -13.98
CA ARG L 300 38.69 -56.25 -15.33
C ARG L 300 39.59 -55.01 -15.42
N LEU L 301 39.27 -53.95 -14.67
CA LEU L 301 40.16 -52.81 -14.64
C LEU L 301 41.44 -53.10 -13.88
N GLY L 302 41.41 -54.02 -12.92
CA GLY L 302 42.65 -54.47 -12.30
C GLY L 302 43.54 -55.23 -13.27
N VAL L 303 42.93 -56.06 -14.12
CA VAL L 303 43.69 -56.76 -15.17
C VAL L 303 44.32 -55.75 -16.12
N LEU L 304 43.54 -54.76 -16.57
CA LEU L 304 44.09 -53.73 -17.45
C LEU L 304 45.14 -52.87 -16.76
N SER L 305 45.01 -52.65 -15.45
CA SER L 305 46.01 -51.89 -14.73
C SER L 305 47.31 -52.67 -14.59
N LEU L 306 47.22 -54.00 -14.55
CA LEU L 306 48.45 -54.80 -14.59
C LEU L 306 49.07 -54.77 -15.99
N LEU L 307 48.23 -54.80 -17.03
CA LEU L 307 48.72 -54.76 -18.40
C LEU L 307 49.44 -53.46 -18.71
N ALA L 308 48.88 -52.34 -18.24
CA ALA L 308 49.50 -51.04 -18.45
C ALA L 308 50.83 -50.94 -17.73
N THR L 309 50.94 -51.57 -16.57
CA THR L 309 52.20 -51.54 -15.82
C THR L 309 53.26 -52.37 -16.53
N ASN L 310 52.87 -53.53 -17.05
CA ASN L 310 53.81 -54.34 -17.82
C ASN L 310 54.17 -53.70 -19.16
N GLY L 311 53.31 -52.84 -19.70
CA GLY L 311 53.73 -52.00 -20.80
C GLY L 311 53.02 -52.21 -22.12
N TYR L 312 51.84 -52.82 -22.07
CA TYR L 312 51.05 -53.05 -23.27
C TYR L 312 50.50 -51.74 -23.81
N GLN L 313 50.06 -51.80 -25.06
CA GLN L 313 49.59 -50.64 -25.80
C GLN L 313 48.23 -50.94 -26.40
N LEU L 314 47.36 -49.93 -26.44
CA LEU L 314 46.02 -50.12 -26.96
C LEU L 314 46.02 -50.11 -28.48
N ALA L 315 45.01 -50.75 -29.06
CA ALA L 315 44.91 -50.84 -30.51
C ALA L 315 44.50 -49.50 -31.10
N ARG L 316 43.33 -49.02 -30.73
CA ARG L 316 42.92 -47.70 -31.22
C ARG L 316 43.61 -46.61 -30.41
N PRO L 317 43.93 -45.48 -31.03
CA PRO L 317 44.72 -44.46 -30.33
C PRO L 317 43.88 -43.69 -29.32
N ILE L 318 44.59 -43.18 -28.30
CA ILE L 318 43.99 -42.40 -27.22
C ILE L 318 44.05 -40.94 -27.63
N PRO L 319 42.96 -40.19 -27.52
CA PRO L 319 43.00 -38.75 -27.83
C PRO L 319 43.85 -38.00 -26.81
N LYS L 320 44.28 -36.81 -27.23
CA LYS L 320 45.10 -35.97 -26.35
C LYS L 320 44.29 -35.47 -25.17
N GLN L 321 43.04 -35.09 -25.43
CA GLN L 321 42.09 -34.76 -24.38
C GLN L 321 40.94 -35.77 -24.45
N LEU L 322 40.62 -36.36 -23.30
CA LEU L 322 39.61 -37.40 -23.28
C LEU L 322 38.22 -36.80 -23.47
N THR L 323 37.37 -37.53 -24.19
CA THR L 323 36.00 -37.10 -24.41
C THR L 323 35.04 -38.11 -23.79
N ASN L 324 33.90 -37.57 -23.36
CA ASN L 324 32.92 -38.33 -22.60
C ASN L 324 32.23 -39.39 -23.44
N ARG L 325 32.28 -39.26 -24.77
CA ARG L 325 31.74 -40.29 -25.64
C ARG L 325 32.74 -41.41 -25.83
N TRP L 326 34.02 -41.06 -26.01
CA TRP L 326 35.07 -42.07 -26.17
C TRP L 326 35.24 -42.89 -24.91
N LEU L 327 35.07 -42.26 -23.74
CA LEU L 327 35.18 -42.99 -22.48
C LEU L 327 34.06 -44.01 -22.33
N SER L 328 32.83 -43.61 -22.70
CA SER L 328 31.70 -44.53 -22.66
C SER L 328 31.87 -45.67 -23.65
N SER L 329 32.44 -45.38 -24.83
CA SER L 329 32.71 -46.44 -25.79
C SER L 329 33.77 -47.42 -25.28
N PHE L 330 34.79 -46.91 -24.58
CA PHE L 330 35.82 -47.79 -24.03
C PHE L 330 35.28 -48.65 -22.90
N VAL L 331 34.41 -48.09 -22.05
CA VAL L 331 33.83 -48.87 -20.96
C VAL L 331 32.87 -49.92 -21.51
N SER L 332 32.07 -49.56 -22.52
CA SER L 332 31.19 -50.54 -23.15
C SER L 332 31.97 -51.58 -23.94
N GLN L 333 33.18 -51.26 -24.37
CA GLN L 333 34.03 -52.23 -25.03
C GLN L 333 34.72 -53.15 -24.04
N VAL L 334 34.96 -52.70 -22.82
CA VAL L 334 35.64 -53.54 -21.83
C VAL L 334 34.67 -54.37 -20.99
N VAL L 335 33.39 -54.01 -20.92
CA VAL L 335 32.43 -54.81 -20.18
C VAL L 335 31.78 -55.87 -21.08
N SER L 336 32.33 -56.10 -22.27
CA SER L 336 31.77 -57.10 -23.18
C SER L 336 32.18 -58.50 -22.71
N ASP L 337 31.79 -59.51 -23.48
CA ASP L 337 32.14 -60.89 -23.17
C ASP L 337 33.43 -61.30 -23.87
N GLY L 338 34.08 -62.31 -23.33
CA GLY L 338 35.35 -62.79 -23.83
C GLY L 338 36.22 -63.23 -22.67
N ILE L 339 37.33 -63.88 -22.99
CA ILE L 339 38.23 -64.39 -21.97
C ILE L 339 39.54 -63.62 -21.97
N ASN L 340 40.27 -63.69 -20.87
CA ASN L 340 41.57 -63.02 -20.75
C ASN L 340 42.61 -63.87 -21.46
N GLU L 341 43.06 -63.39 -22.63
CA GLU L 341 44.08 -64.11 -23.38
C GLU L 341 45.47 -63.95 -22.80
N THR L 342 45.68 -62.97 -21.96
CA THR L 342 47.00 -62.69 -21.43
C THR L 342 47.29 -63.63 -20.25
N PRO L 343 48.51 -64.17 -20.16
CA PRO L 343 48.89 -64.97 -18.99
C PRO L 343 49.00 -64.19 -17.69
N LEU L 344 48.92 -62.86 -17.71
CA LEU L 344 48.97 -62.08 -16.49
C LEU L 344 47.67 -62.23 -15.69
N TRP L 345 47.80 -62.26 -14.37
CA TRP L 345 46.68 -62.34 -13.46
C TRP L 345 46.97 -61.51 -12.22
N PRO L 346 45.99 -60.78 -11.71
CA PRO L 346 46.23 -59.95 -10.53
C PRO L 346 46.39 -60.78 -9.27
N GLN L 347 47.25 -60.30 -8.37
CA GLN L 347 47.46 -60.94 -7.08
C GLN L 347 47.53 -59.86 -6.00
N GLU L 348 47.05 -60.20 -4.81
CA GLU L 348 47.03 -59.24 -3.71
C GLU L 348 48.42 -59.02 -3.12
N ARG L 349 49.28 -60.03 -3.14
CA ARG L 349 50.50 -60.00 -2.35
C ARG L 349 51.55 -59.09 -2.96
N TYR L 350 51.72 -59.13 -4.28
CA TYR L 350 52.65 -58.24 -4.96
C TYR L 350 52.22 -58.11 -6.40
N VAL L 351 52.41 -56.92 -6.95
CA VAL L 351 52.24 -56.69 -8.38
C VAL L 351 53.49 -57.17 -9.09
N GLN L 352 53.31 -58.09 -10.04
CA GLN L 352 54.43 -58.76 -10.67
C GLN L 352 54.75 -58.14 -12.02
N ILE L 353 56.00 -58.31 -12.44
CA ILE L 353 56.50 -57.84 -13.72
C ILE L 353 57.11 -59.03 -14.43
N ALA L 354 56.74 -59.22 -15.70
CA ALA L 354 57.26 -60.34 -16.47
C ALA L 354 58.74 -60.15 -16.79
N TYR L 355 59.34 -61.17 -17.39
CA TYR L 355 60.78 -61.19 -17.58
C TYR L 355 61.21 -60.20 -18.66
N ASP L 356 60.56 -60.25 -19.82
CA ASP L 356 60.91 -59.34 -20.92
C ASP L 356 60.01 -58.12 -20.98
N SER L 357 59.54 -57.66 -19.84
CA SER L 357 58.88 -56.36 -19.83
C SER L 357 59.93 -55.26 -19.87
N PRO L 358 59.73 -54.23 -20.69
CA PRO L 358 60.76 -53.19 -20.83
C PRO L 358 60.85 -52.24 -19.66
N SER L 359 59.94 -52.30 -18.70
CA SER L 359 59.96 -51.37 -17.57
C SER L 359 61.12 -51.67 -16.64
N VAL L 360 61.82 -50.62 -16.23
CA VAL L 360 62.97 -50.75 -15.35
C VAL L 360 62.63 -50.30 -13.93
N VAL L 361 61.34 -50.29 -13.58
CA VAL L 361 60.93 -49.76 -12.29
C VAL L 361 61.21 -50.74 -11.17
N ASP L 362 61.36 -52.04 -11.48
CA ASP L 362 61.63 -53.06 -10.47
C ASP L 362 62.97 -52.85 -9.79
N GLY L 363 63.97 -52.36 -10.54
CA GLY L 363 65.21 -51.95 -9.92
C GLY L 363 65.20 -50.53 -9.39
N ALA L 364 64.22 -49.73 -9.82
CA ALA L 364 64.20 -48.32 -9.42
C ALA L 364 63.68 -48.15 -8.01
N THR L 365 62.48 -48.62 -7.72
CA THR L 365 61.91 -48.48 -6.40
C THR L 365 62.50 -49.53 -5.46
N GLN L 366 62.14 -49.43 -4.19
CA GLN L 366 62.69 -50.36 -3.20
C GLN L 366 61.99 -51.70 -3.26
N TYR L 367 60.69 -51.73 -2.98
CA TYR L 367 59.93 -52.97 -3.06
C TYR L 367 58.47 -52.65 -3.40
N GLY L 368 57.67 -53.69 -3.49
CA GLY L 368 56.32 -53.59 -4.02
C GLY L 368 56.29 -54.20 -5.41
N TYR L 369 57.33 -53.93 -6.18
CA TYR L 369 57.49 -54.48 -7.52
C TYR L 369 58.44 -55.66 -7.46
N VAL L 370 57.99 -56.80 -7.96
CA VAL L 370 58.76 -58.04 -7.92
C VAL L 370 58.93 -58.57 -9.32
N ARG L 371 60.17 -58.70 -9.76
CA ARG L 371 60.50 -59.19 -11.09
C ARG L 371 60.29 -60.69 -11.11
N ARG L 372 59.09 -61.11 -11.50
CA ARG L 372 58.78 -62.53 -11.57
C ARG L 372 59.42 -63.14 -12.80
N ASN L 373 60.12 -64.26 -12.60
CA ASN L 373 60.89 -64.91 -13.64
C ASN L 373 60.13 -66.03 -14.34
N GLN L 374 59.07 -66.54 -13.73
CA GLN L 374 58.42 -67.74 -14.25
C GLN L 374 57.65 -67.47 -15.52
N LEU L 375 56.73 -66.51 -15.51
CA LEU L 375 55.84 -66.29 -16.64
C LEU L 375 56.54 -65.43 -17.68
N ARG L 376 56.33 -65.75 -18.95
CA ARG L 376 57.01 -65.11 -20.06
C ARG L 376 55.99 -64.85 -21.16
N LEU L 377 56.03 -63.65 -21.73
CA LEU L 377 55.16 -63.27 -22.82
C LEU L 377 55.94 -63.25 -24.13
N GLY L 378 55.26 -63.62 -25.21
CA GLY L 378 55.94 -63.81 -26.48
C GLY L 378 55.95 -62.58 -27.36
N MET L 379 56.38 -61.45 -26.82
CA MET L 379 56.36 -60.19 -27.55
C MET L 379 57.72 -59.50 -27.49
N ARG L 380 57.99 -58.69 -28.52
CA ARG L 380 59.22 -57.92 -28.61
C ARG L 380 58.93 -56.43 -28.50
N ILE L 381 59.90 -55.67 -28.02
CA ILE L 381 59.67 -54.31 -27.56
C ILE L 381 59.97 -53.30 -28.65
N SER L 382 59.03 -52.39 -28.88
CA SER L 382 59.16 -51.17 -29.67
C SER L 382 57.87 -50.37 -29.44
N ALA L 383 57.87 -49.12 -29.89
CA ALA L 383 56.67 -48.32 -29.82
C ALA L 383 55.79 -48.59 -31.04
N LEU L 384 54.57 -48.07 -31.01
CA LEU L 384 53.66 -48.21 -32.14
C LEU L 384 53.87 -47.06 -33.12
N GLN L 385 53.35 -47.24 -34.32
CA GLN L 385 53.46 -46.24 -35.38
C GLN L 385 52.07 -45.91 -35.90
N SER L 386 51.52 -44.78 -35.46
CA SER L 386 50.24 -44.28 -35.93
C SER L 386 50.48 -43.08 -36.84
N LEU L 387 49.45 -42.71 -37.60
CA LEU L 387 49.60 -41.73 -38.67
C LEU L 387 48.25 -41.09 -38.97
N SER L 388 48.15 -40.39 -40.09
CA SER L 388 47.03 -39.52 -40.39
C SER L 388 45.82 -40.30 -40.88
N ASP L 389 44.82 -39.57 -41.41
CA ASP L 389 43.49 -40.11 -41.64
C ASP L 389 43.23 -40.46 -43.10
N THR L 390 43.60 -39.55 -44.03
CA THR L 390 43.33 -39.62 -45.47
C THR L 390 41.85 -39.83 -45.75
N PRO L 391 41.04 -38.78 -45.65
CA PRO L 391 39.57 -38.94 -45.62
C PRO L 391 38.93 -39.42 -46.92
N ALA L 392 39.68 -39.61 -48.00
CA ALA L 392 39.12 -40.21 -49.19
C ALA L 392 39.47 -41.70 -49.24
N PRO L 393 38.58 -42.54 -49.78
CA PRO L 393 38.93 -43.96 -49.91
C PRO L 393 40.01 -44.17 -50.97
N VAL L 394 40.98 -45.02 -50.64
CA VAL L 394 42.20 -45.15 -51.43
C VAL L 394 42.16 -46.47 -52.19
N GLN L 395 42.74 -46.45 -53.39
CA GLN L 395 42.75 -47.63 -54.25
C GLN L 395 43.71 -48.69 -53.73
N TRP L 396 43.25 -49.94 -53.72
CA TRP L 396 44.04 -51.08 -53.28
C TRP L 396 44.23 -52.07 -54.43
N LEU L 397 45.41 -52.69 -54.48
CA LEU L 397 45.66 -53.73 -55.45
C LEU L 397 46.01 -55.04 -54.74
N PRO L 398 45.44 -56.16 -55.17
CA PRO L 398 45.72 -57.42 -54.50
C PRO L 398 46.93 -58.14 -55.07
N GLN L 399 47.55 -58.94 -54.22
CA GLN L 399 48.63 -59.84 -54.60
C GLN L 399 48.27 -61.24 -54.12
N TYR L 400 48.82 -62.25 -54.79
CA TYR L 400 48.30 -63.60 -54.66
C TYR L 400 49.33 -64.55 -54.04
N THR L 401 48.82 -65.70 -53.61
CA THR L 401 49.58 -66.75 -52.96
C THR L 401 49.17 -68.08 -53.58
N ILE L 402 50.09 -69.04 -53.59
CA ILE L 402 49.88 -70.28 -54.34
C ILE L 402 48.83 -71.20 -53.73
N ASP L 403 48.39 -70.97 -52.50
CA ASP L 403 47.35 -71.79 -51.92
C ASP L 403 45.99 -71.47 -52.53
N GLN L 404 45.03 -72.36 -52.31
CA GLN L 404 43.75 -72.27 -52.98
C GLN L 404 42.69 -73.02 -52.20
N VAL L 405 41.44 -72.62 -52.41
CA VAL L 405 40.27 -73.34 -51.94
C VAL L 405 39.32 -73.54 -53.12
N ALA L 406 38.16 -74.13 -52.84
CA ALA L 406 37.20 -74.43 -53.88
C ALA L 406 36.30 -73.23 -54.16
N VAL L 407 35.82 -73.14 -55.40
CA VAL L 407 35.12 -71.94 -55.86
C VAL L 407 33.73 -71.80 -55.26
N ASP L 408 33.14 -72.87 -54.75
CA ASP L 408 31.84 -72.76 -54.08
C ASP L 408 31.97 -72.26 -52.65
N GLU L 409 33.19 -72.08 -52.15
CA GLU L 409 33.39 -71.52 -50.83
C GLU L 409 33.37 -70.00 -50.83
N GLY L 410 33.90 -69.37 -51.87
CA GLY L 410 34.02 -67.92 -51.93
C GLY L 410 32.70 -67.18 -52.00
N ASP L 411 31.81 -67.62 -52.91
CA ASP L 411 30.50 -67.02 -53.00
C ASP L 411 29.64 -67.27 -51.77
N ALA L 412 29.74 -68.46 -51.18
CA ALA L 412 29.02 -68.75 -49.94
C ALA L 412 29.57 -67.96 -48.78
N MET L 413 30.88 -67.65 -48.79
CA MET L 413 31.45 -66.83 -47.73
C MET L 413 31.04 -65.37 -47.88
N VAL L 414 31.06 -64.84 -49.11
CA VAL L 414 30.66 -63.44 -49.29
C VAL L 414 29.16 -63.25 -49.26
N SER L 415 28.38 -64.33 -49.31
CA SER L 415 26.93 -64.23 -49.18
C SER L 415 26.51 -63.66 -47.84
N GLN L 416 27.25 -63.95 -46.77
CA GLN L 416 26.96 -63.38 -45.47
C GLN L 416 27.74 -62.11 -45.19
N LEU L 417 28.65 -61.70 -46.07
CA LEU L 417 29.44 -60.50 -45.84
C LEU L 417 28.97 -59.31 -46.64
N THR L 418 28.46 -59.54 -47.85
CA THR L 418 28.04 -58.44 -48.71
C THR L 418 26.73 -57.83 -48.24
N GLN L 419 26.72 -56.51 -48.12
CA GLN L 419 25.47 -55.76 -47.91
C GLN L 419 24.93 -55.25 -49.25
N LEU L 420 24.70 -56.21 -50.14
CA LEU L 420 24.23 -55.91 -51.50
C LEU L 420 22.90 -55.16 -51.60
N PRO L 421 21.84 -55.41 -50.77
CA PRO L 421 20.64 -54.58 -50.95
C PRO L 421 20.83 -53.15 -50.49
N LEU L 422 21.46 -52.34 -51.33
CA LEU L 422 21.56 -50.90 -51.11
C LEU L 422 21.33 -50.20 -52.44
N ARG L 423 21.21 -48.88 -52.39
CA ARG L 423 20.95 -48.10 -53.58
C ARG L 423 22.17 -47.23 -53.88
N PRO L 424 23.02 -47.62 -54.83
CA PRO L 424 24.14 -46.76 -55.19
C PRO L 424 23.69 -45.60 -56.07
N ASP L 425 24.49 -44.54 -56.06
CA ASP L 425 24.26 -43.44 -56.98
C ASP L 425 24.68 -43.85 -58.37
N TYR L 426 23.92 -43.40 -59.37
CA TYR L 426 24.09 -43.97 -60.70
C TYR L 426 25.27 -43.33 -61.44
N GLY L 427 25.29 -42.01 -61.52
CA GLY L 427 26.35 -41.34 -62.24
C GLY L 427 25.90 -40.84 -63.60
N SER L 428 26.74 -41.02 -64.62
CA SER L 428 26.40 -40.59 -65.96
C SER L 428 27.20 -41.41 -66.96
N ILE L 429 26.53 -41.90 -68.00
CA ILE L 429 27.20 -42.68 -69.03
C ILE L 429 28.11 -41.79 -69.87
N TRP L 430 27.52 -40.75 -70.46
CA TRP L 430 28.18 -39.99 -71.51
C TRP L 430 28.18 -38.52 -71.12
N ILE L 431 29.35 -37.90 -71.19
CA ILE L 431 29.50 -36.51 -70.76
C ILE L 431 30.04 -35.69 -71.92
N GLY L 432 29.81 -34.38 -71.85
CA GLY L 432 30.40 -33.45 -72.78
C GLY L 432 29.47 -33.06 -73.91
N GLU L 433 30.06 -32.56 -74.99
CA GLU L 433 29.34 -32.09 -76.17
C GLU L 433 28.93 -33.24 -77.08
N ALA L 434 28.52 -32.92 -78.30
CA ALA L 434 28.11 -33.94 -79.26
C ALA L 434 29.23 -34.22 -80.25
N LEU L 435 29.25 -35.44 -80.76
CA LEU L 435 30.19 -35.82 -81.81
C LEU L 435 29.56 -35.56 -83.16
N SER L 436 30.30 -34.90 -84.05
CA SER L 436 29.80 -34.54 -85.36
C SER L 436 30.21 -35.62 -86.36
N TYR L 437 29.23 -36.33 -86.90
CA TYR L 437 29.44 -37.27 -87.98
C TYR L 437 28.80 -36.71 -89.23
N TYR L 438 29.62 -36.40 -90.23
CA TYR L 438 29.16 -35.70 -91.42
C TYR L 438 29.51 -36.50 -92.65
N VAL L 439 28.85 -36.16 -93.75
CA VAL L 439 29.19 -36.67 -95.08
C VAL L 439 28.75 -35.63 -96.09
N ASP L 440 29.56 -35.42 -97.12
CA ASP L 440 29.30 -34.42 -98.13
C ASP L 440 29.19 -35.10 -99.49
N TYR L 441 28.28 -34.61 -100.33
CA TYR L 441 28.16 -35.15 -101.67
C TYR L 441 29.36 -34.78 -102.51
N ASN L 442 29.99 -35.79 -103.10
CA ASN L 442 31.08 -35.59 -104.05
C ASN L 442 30.62 -36.01 -105.43
N ARG L 443 31.27 -35.46 -106.45
CA ARG L 443 30.83 -35.68 -107.82
C ARG L 443 31.18 -37.07 -108.31
N SER L 444 32.39 -37.56 -108.00
CA SER L 444 32.95 -38.70 -108.70
C SER L 444 33.06 -39.96 -107.84
N HIS L 445 32.18 -40.13 -106.86
CA HIS L 445 32.24 -41.38 -106.08
C HIS L 445 31.50 -42.52 -106.78
N ARG L 446 30.17 -42.41 -106.87
CA ARG L 446 29.29 -43.48 -107.33
C ARG L 446 27.86 -42.98 -107.44
N VAL L 447 27.11 -43.49 -108.41
CA VAL L 447 25.66 -43.31 -108.46
C VAL L 447 25.01 -44.54 -107.82
N VAL L 448 23.96 -44.32 -107.03
CA VAL L 448 23.18 -45.39 -106.43
C VAL L 448 21.73 -44.94 -106.34
N LEU L 449 20.81 -45.88 -106.55
CA LEU L 449 19.38 -45.56 -106.52
C LEU L 449 18.88 -45.54 -105.08
N SER L 450 17.73 -44.90 -104.90
CA SER L 450 17.18 -44.66 -103.57
C SER L 450 16.56 -45.89 -102.94
N SER L 451 16.24 -46.91 -103.73
CA SER L 451 15.57 -48.09 -103.20
C SER L 451 16.51 -49.03 -102.44
N GLU L 452 17.82 -48.83 -102.55
CA GLU L 452 18.78 -49.68 -101.87
C GLU L 452 19.31 -49.07 -100.57
N LEU L 453 18.81 -47.91 -100.19
CA LEU L 453 19.31 -47.33 -98.95
C LEU L 453 18.61 -47.97 -97.75
N PRO L 454 19.33 -48.21 -96.65
CA PRO L 454 18.70 -48.84 -95.49
C PRO L 454 17.78 -47.86 -94.75
N GLN L 455 16.86 -48.44 -94.00
CA GLN L 455 15.93 -47.69 -93.17
C GLN L 455 16.04 -48.20 -91.73
N LEU L 456 15.24 -47.63 -90.85
CA LEU L 456 15.25 -48.04 -89.46
C LEU L 456 14.62 -49.43 -89.32
N PRO L 457 15.08 -50.24 -88.36
CA PRO L 457 14.54 -51.59 -88.22
C PRO L 457 13.14 -51.58 -87.63
N ASP L 458 12.45 -52.71 -87.80
CA ASP L 458 11.09 -52.85 -87.27
C ASP L 458 11.09 -52.94 -85.75
N THR L 459 12.16 -53.48 -85.18
CA THR L 459 12.30 -53.56 -83.72
C THR L 459 12.86 -52.25 -83.17
N TYR L 460 12.05 -51.20 -83.29
CA TYR L 460 12.41 -49.88 -82.81
C TYR L 460 11.39 -49.30 -81.84
N PHE L 461 10.11 -49.63 -82.01
CA PHE L 461 9.04 -49.17 -81.14
C PHE L 461 8.76 -50.15 -80.00
N ASP L 462 9.68 -51.08 -79.75
CA ASP L 462 9.47 -52.10 -78.74
C ASP L 462 9.76 -51.54 -77.36
N GLY L 463 9.34 -52.29 -76.34
CA GLY L 463 9.49 -51.83 -74.97
C GLY L 463 10.94 -51.80 -74.52
N ASP L 464 11.71 -52.81 -74.91
CA ASP L 464 13.13 -52.83 -74.54
C ASP L 464 13.92 -51.75 -75.26
N GLU L 465 13.57 -51.46 -76.52
CA GLU L 465 14.25 -50.40 -77.25
C GLU L 465 13.89 -49.03 -76.69
N GLN L 466 12.64 -48.83 -76.32
CA GLN L 466 12.24 -47.57 -75.68
C GLN L 466 12.90 -47.42 -74.31
N TYR L 467 13.06 -48.52 -73.58
CA TYR L 467 13.80 -48.52 -72.34
C TYR L 467 15.26 -48.18 -72.53
N GLY L 468 15.88 -48.73 -73.57
CA GLY L 468 17.28 -48.44 -73.83
C GLY L 468 17.52 -47.01 -74.29
N ARG L 469 16.53 -46.43 -74.99
CA ARG L 469 16.63 -45.01 -75.33
C ARG L 469 16.44 -44.14 -74.10
N SER L 470 15.47 -44.47 -73.24
CA SER L 470 15.18 -43.63 -72.09
C SER L 470 16.26 -43.69 -71.02
N LEU L 471 16.92 -44.85 -70.86
CA LEU L 471 18.02 -44.95 -69.91
C LEU L 471 19.19 -44.07 -70.32
N PHE L 472 19.52 -44.08 -71.62
CA PHE L 472 20.61 -43.24 -72.11
C PHE L 472 20.25 -41.77 -72.05
N SER L 473 18.98 -41.44 -72.31
CA SER L 473 18.55 -40.05 -72.20
C SER L 473 18.54 -39.56 -70.76
N LEU L 474 18.32 -40.45 -69.79
CA LEU L 474 18.42 -40.04 -68.40
C LEU L 474 19.86 -39.95 -67.93
N ALA L 475 20.74 -40.82 -68.43
CA ALA L 475 22.12 -40.83 -67.97
C ALA L 475 23.01 -39.85 -68.72
N ARG L 476 22.53 -39.24 -69.80
CA ARG L 476 23.32 -38.25 -70.52
C ARG L 476 23.37 -36.94 -69.73
N LYS L 477 24.56 -36.36 -69.61
CA LYS L 477 24.75 -35.10 -68.90
C LYS L 477 25.17 -34.01 -69.89
N VAL L 478 24.29 -33.03 -70.09
CA VAL L 478 24.48 -31.97 -71.06
C VAL L 478 24.17 -30.62 -70.45
N GLY L 479 24.19 -29.58 -71.30
CA GLY L 479 23.57 -28.32 -70.98
C GLY L 479 22.19 -28.30 -71.61
N ASP L 480 22.02 -27.58 -72.71
CA ASP L 480 20.80 -27.66 -73.49
C ASP L 480 21.03 -28.49 -74.75
N ARG L 481 20.13 -29.45 -74.97
CA ARG L 481 20.21 -30.31 -76.15
C ARG L 481 20.09 -29.50 -77.44
N SER L 482 19.17 -28.54 -77.47
CA SER L 482 19.03 -27.67 -78.62
C SER L 482 20.27 -26.83 -78.87
N LEU L 483 20.90 -26.33 -77.81
CA LEU L 483 22.15 -25.59 -77.93
C LEU L 483 23.24 -26.44 -78.55
N VAL L 484 23.46 -27.65 -78.01
CA VAL L 484 24.56 -28.49 -78.45
C VAL L 484 24.31 -29.01 -79.88
N LYS L 485 23.05 -29.29 -80.23
CA LYS L 485 22.77 -29.74 -81.59
C LYS L 485 22.90 -28.60 -82.59
N ASP L 486 22.34 -27.42 -82.27
CA ASP L 486 22.30 -26.34 -83.23
C ASP L 486 23.66 -25.68 -83.46
N THR L 487 24.50 -25.57 -82.42
CA THR L 487 25.85 -25.08 -82.67
C THR L 487 26.67 -26.06 -83.51
N ALA L 488 26.49 -27.36 -83.29
CA ALA L 488 27.23 -28.35 -84.05
C ALA L 488 26.80 -28.40 -85.50
N VAL L 489 25.51 -28.18 -85.78
CA VAL L 489 25.13 -28.13 -87.19
C VAL L 489 25.48 -26.78 -87.81
N LEU L 490 25.44 -25.70 -87.02
CA LEU L 490 25.62 -24.37 -87.58
C LEU L 490 27.07 -24.06 -87.86
N LYS L 491 28.01 -24.65 -87.10
CA LYS L 491 29.42 -24.53 -87.43
C LYS L 491 29.73 -25.25 -88.73
N HIS L 492 29.28 -26.50 -88.86
CA HIS L 492 29.60 -27.29 -90.06
C HIS L 492 28.85 -26.79 -91.29
N ALA L 493 27.76 -26.05 -91.11
CA ALA L 493 27.02 -25.54 -92.26
C ALA L 493 27.71 -24.35 -92.94
N TYR L 494 28.80 -23.84 -92.37
CA TYR L 494 29.43 -22.65 -92.94
C TYR L 494 30.79 -22.93 -93.56
N GLN L 495 31.41 -24.08 -93.29
CA GLN L 495 32.67 -24.39 -93.94
C GLN L 495 32.50 -24.84 -95.38
N ALA L 496 31.27 -25.11 -95.81
CA ALA L 496 31.05 -25.53 -97.19
C ALA L 496 31.21 -24.37 -98.14
N ILE L 497 31.88 -24.62 -99.26
CA ILE L 497 32.14 -23.61 -100.27
C ILE L 497 31.39 -23.97 -101.54
N ASP L 498 30.96 -22.95 -102.27
CA ASP L 498 30.12 -23.17 -103.43
C ASP L 498 30.92 -23.60 -104.65
N PRO L 499 30.34 -24.46 -105.50
CA PRO L 499 31.05 -24.87 -106.72
C PRO L 499 30.86 -23.90 -107.89
N ASN L 500 29.78 -23.13 -107.86
CA ASN L 500 29.48 -22.21 -108.96
C ASN L 500 30.48 -21.07 -109.02
N THR L 501 30.52 -20.25 -107.97
CA THR L 501 31.65 -19.35 -107.80
C THR L 501 32.73 -20.05 -106.99
N GLY L 502 33.68 -19.26 -106.50
CA GLY L 502 34.79 -19.85 -105.79
C GLY L 502 34.73 -19.73 -104.28
N LYS L 503 34.04 -18.71 -103.77
CA LYS L 503 34.28 -18.30 -102.38
C LYS L 503 33.51 -19.17 -101.38
N GLU L 504 32.18 -19.08 -101.37
CA GLU L 504 31.37 -19.59 -100.27
C GLU L 504 29.91 -19.43 -100.65
N TYR L 505 29.05 -20.27 -100.06
CA TYR L 505 27.61 -20.16 -100.27
C TYR L 505 27.06 -18.86 -99.68
N LEU L 506 27.19 -18.69 -98.37
CA LEU L 506 26.53 -17.58 -97.68
C LEU L 506 27.53 -16.84 -96.79
N ARG L 507 27.17 -15.60 -96.48
CA ARG L 507 28.00 -14.60 -95.82
C ARG L 507 27.26 -14.06 -94.60
N ALA L 508 27.74 -12.93 -94.07
CA ALA L 508 26.99 -12.25 -93.02
C ALA L 508 25.77 -11.55 -93.60
N GLY L 509 24.82 -11.23 -92.71
CA GLY L 509 23.62 -10.51 -93.10
C GLY L 509 22.67 -11.34 -93.96
N GLN L 510 22.04 -12.35 -93.37
CA GLN L 510 21.30 -13.33 -94.15
C GLN L 510 19.78 -13.20 -94.10
N SER L 511 19.22 -12.63 -93.03
CA SER L 511 17.78 -12.47 -92.81
C SER L 511 17.07 -13.83 -92.86
N VAL L 512 17.34 -14.63 -91.83
CA VAL L 512 16.93 -16.04 -91.82
C VAL L 512 15.59 -16.20 -91.14
N ALA L 513 14.99 -17.38 -91.31
CA ALA L 513 13.78 -17.78 -90.60
C ALA L 513 14.07 -19.02 -89.79
N TYR L 514 13.50 -19.08 -88.59
CA TYR L 514 13.67 -20.22 -87.69
C TYR L 514 12.32 -20.91 -87.56
N PHE L 515 12.32 -22.23 -87.71
CA PHE L 515 11.11 -23.02 -87.57
C PHE L 515 11.18 -23.88 -86.32
N GLY L 516 10.11 -23.87 -85.54
CA GLY L 516 10.01 -24.73 -84.38
C GLY L 516 10.80 -24.24 -83.18
N ALA L 517 10.53 -23.02 -82.74
CA ALA L 517 11.10 -22.53 -81.49
C ALA L 517 10.39 -23.16 -80.30
N SER L 518 11.10 -23.29 -79.20
CA SER L 518 10.50 -23.84 -77.99
C SER L 518 10.45 -22.84 -76.85
N ALA L 519 11.60 -22.31 -76.41
CA ALA L 519 11.75 -21.45 -75.23
C ALA L 519 11.06 -22.05 -74.00
N GLY L 520 11.33 -23.32 -73.75
CA GLY L 520 10.51 -24.09 -72.82
C GLY L 520 11.08 -24.35 -71.45
N HIS L 521 12.33 -23.99 -71.21
CA HIS L 521 13.01 -24.28 -69.95
C HIS L 521 13.65 -23.02 -69.39
N SER L 522 12.84 -21.97 -69.28
CA SER L 522 13.18 -20.66 -68.71
C SER L 522 14.24 -19.91 -69.51
N GLY L 523 14.53 -20.36 -70.73
CA GLY L 523 15.09 -19.47 -71.71
C GLY L 523 13.98 -18.48 -72.01
N ALA L 524 14.26 -17.19 -71.78
CA ALA L 524 13.22 -16.18 -71.61
C ALA L 524 12.30 -16.03 -72.82
N ASP L 525 12.87 -15.99 -74.01
CA ASP L 525 12.05 -15.82 -75.21
C ASP L 525 12.43 -16.74 -76.37
N GLN L 526 13.64 -17.25 -76.44
CA GLN L 526 14.18 -17.84 -77.65
C GLN L 526 14.83 -19.17 -77.34
N PRO L 527 15.06 -20.01 -78.36
CA PRO L 527 16.08 -21.05 -78.23
C PRO L 527 17.45 -20.42 -78.01
N LEU L 528 18.29 -21.14 -77.29
CA LEU L 528 19.49 -20.57 -76.70
C LEU L 528 20.61 -20.27 -77.68
N VAL L 529 20.45 -20.57 -78.98
CA VAL L 529 21.51 -20.28 -79.94
C VAL L 529 21.32 -18.96 -80.65
N ILE L 530 20.14 -18.36 -80.59
CA ILE L 530 19.81 -17.23 -81.44
C ILE L 530 20.53 -15.98 -80.97
N GLU L 531 20.58 -15.74 -79.67
CA GLU L 531 21.31 -14.59 -79.15
C GLU L 531 22.83 -14.68 -79.34
N PRO L 532 23.53 -15.81 -79.05
CA PRO L 532 24.95 -15.84 -79.40
C PRO L 532 25.23 -15.86 -80.88
N TRP L 533 24.32 -16.42 -81.68
CA TRP L 533 24.54 -16.40 -83.12
C TRP L 533 24.28 -15.03 -83.72
N MET L 534 23.42 -14.23 -83.09
CA MET L 534 23.26 -12.85 -83.51
C MET L 534 24.44 -12.00 -83.08
N GLN L 535 24.95 -12.22 -81.86
CA GLN L 535 26.07 -11.43 -81.37
C GLN L 535 27.41 -11.93 -81.89
N GLY L 536 27.46 -13.04 -82.60
CA GLY L 536 28.72 -13.54 -83.12
C GLY L 536 29.61 -14.18 -82.09
N LYS L 537 29.02 -14.70 -81.00
CA LYS L 537 29.80 -15.31 -79.93
C LYS L 537 30.27 -16.72 -80.27
N ILE L 538 29.80 -17.30 -81.37
CA ILE L 538 30.20 -18.66 -81.73
C ILE L 538 31.61 -18.67 -82.31
N SER L 539 31.98 -17.60 -83.02
CA SER L 539 33.28 -17.27 -83.62
C SER L 539 33.64 -18.13 -84.82
N GLY L 540 32.83 -19.12 -85.18
CA GLY L 540 32.95 -19.78 -86.44
C GLY L 540 31.88 -19.37 -87.43
N VAL L 541 31.05 -18.40 -87.06
CA VAL L 541 29.90 -18.00 -87.85
C VAL L 541 30.02 -16.51 -88.13
N PRO L 542 29.38 -16.03 -89.19
CA PRO L 542 29.12 -14.60 -89.29
C PRO L 542 27.75 -14.27 -88.73
N PRO L 543 27.57 -13.07 -88.20
CA PRO L 543 26.25 -12.69 -87.67
C PRO L 543 25.28 -12.40 -88.80
N PRO L 544 24.05 -12.87 -88.69
CA PRO L 544 23.02 -12.55 -89.69
C PRO L 544 22.42 -11.18 -89.41
N SER L 545 21.42 -10.81 -90.21
CA SER L 545 20.79 -9.51 -90.05
C SER L 545 19.55 -9.58 -89.15
N SER L 546 18.69 -10.56 -89.38
CA SER L 546 17.47 -10.70 -88.59
C SER L 546 17.03 -12.16 -88.58
N VAL L 547 16.37 -12.55 -87.49
CA VAL L 547 15.87 -13.91 -87.31
C VAL L 547 14.39 -13.81 -86.99
N ARG L 548 13.55 -14.47 -87.78
CA ARG L 548 12.12 -14.56 -87.52
C ARG L 548 11.77 -15.99 -87.15
N GLN L 549 10.88 -16.15 -86.18
CA GLN L 549 10.57 -17.46 -85.61
C GLN L 549 9.18 -17.93 -86.05
N PHE L 550 9.04 -19.25 -86.17
CA PHE L 550 7.78 -19.88 -86.49
C PHE L 550 7.71 -21.23 -85.81
N GLY L 551 6.50 -21.69 -85.53
CA GLY L 551 6.31 -22.98 -84.89
C GLY L 551 5.21 -22.92 -83.85
N TYR L 552 4.90 -24.09 -83.29
CA TYR L 552 3.83 -24.21 -82.32
C TYR L 552 4.17 -23.59 -80.97
N ASP L 553 5.45 -23.44 -80.64
CA ASP L 553 5.84 -22.99 -79.31
C ASP L 553 6.72 -21.75 -79.39
N VAL L 554 6.30 -20.79 -80.18
CA VAL L 554 7.06 -19.55 -80.27
C VAL L 554 6.71 -18.65 -79.09
N ALA L 555 7.59 -17.69 -78.82
CA ALA L 555 7.32 -16.65 -77.84
C ALA L 555 7.36 -15.25 -78.41
N LYS L 556 8.11 -15.04 -79.49
CA LYS L 556 8.17 -13.75 -80.14
C LYS L 556 7.78 -13.78 -81.61
N GLY L 557 7.86 -14.93 -82.26
CA GLY L 557 7.45 -15.06 -83.64
C GLY L 557 5.97 -15.39 -83.74
N ALA L 558 5.58 -15.85 -84.92
CA ALA L 558 4.20 -16.21 -85.17
C ALA L 558 4.00 -17.72 -85.00
N ILE L 559 2.85 -18.11 -84.49
CA ILE L 559 2.47 -19.51 -84.36
C ILE L 559 1.62 -19.91 -85.55
N VAL L 560 2.12 -20.84 -86.35
CA VAL L 560 1.46 -21.34 -87.55
C VAL L 560 1.55 -22.85 -87.56
N ASP L 561 0.92 -23.46 -88.56
CA ASP L 561 1.09 -24.86 -88.89
C ASP L 561 2.02 -24.94 -90.10
N LEU L 562 3.17 -25.55 -89.92
CA LEU L 562 4.21 -25.52 -90.95
C LEU L 562 3.95 -26.46 -92.11
N ALA L 563 2.96 -27.35 -92.00
CA ALA L 563 2.64 -28.23 -93.11
C ALA L 563 1.87 -27.48 -94.21
N ARG L 564 0.71 -26.95 -93.87
CA ARG L 564 -0.10 -26.14 -94.77
C ARG L 564 0.58 -24.79 -94.99
N PRO L 565 0.58 -24.27 -96.22
CA PRO L 565 1.22 -22.98 -96.47
C PRO L 565 0.55 -21.81 -95.77
N PHE L 566 1.35 -20.80 -95.47
CA PHE L 566 1.01 -19.69 -94.60
C PHE L 566 1.59 -18.41 -95.20
N PRO L 567 0.97 -17.25 -94.96
CA PRO L 567 1.48 -16.01 -95.56
C PRO L 567 2.79 -15.57 -94.91
N SER L 568 3.82 -15.46 -95.75
CA SER L 568 5.14 -15.01 -95.33
C SER L 568 5.89 -14.50 -96.54
N GLY L 569 7.19 -14.27 -96.37
CA GLY L 569 8.08 -13.92 -97.45
C GLY L 569 9.14 -14.99 -97.65
N ASP L 570 9.94 -14.81 -98.69
CA ASP L 570 11.07 -15.70 -98.89
C ASP L 570 12.24 -15.30 -98.00
N TYR L 571 13.18 -16.23 -97.84
CA TYR L 571 14.34 -15.99 -97.00
C TYR L 571 15.57 -16.57 -97.67
N GLN L 572 16.72 -15.99 -97.38
CA GLN L 572 17.97 -16.46 -97.95
C GLN L 572 18.47 -17.72 -97.28
N PHE L 573 18.02 -17.98 -96.06
CA PHE L 573 18.35 -19.20 -95.33
C PHE L 573 17.21 -19.47 -94.36
N VAL L 574 16.95 -20.74 -94.08
CA VAL L 574 15.91 -21.11 -93.13
C VAL L 574 16.31 -22.40 -92.44
N TYR L 575 16.19 -22.40 -91.11
CA TYR L 575 16.58 -23.53 -90.27
C TYR L 575 15.33 -24.12 -89.64
N SER L 576 15.05 -25.39 -89.93
CA SER L 576 13.85 -26.06 -89.45
C SER L 576 14.25 -27.31 -88.69
N ASP L 577 13.87 -27.37 -87.41
CA ASP L 577 14.12 -28.55 -86.58
C ASP L 577 12.88 -28.91 -85.78
N VAL L 578 11.71 -28.77 -86.39
CA VAL L 578 10.48 -29.17 -85.72
C VAL L 578 10.29 -30.68 -85.84
N ASP L 579 10.12 -31.33 -84.71
CA ASP L 579 9.99 -32.78 -84.71
C ASP L 579 8.62 -33.20 -85.22
N GLN L 580 8.56 -34.38 -85.81
CA GLN L 580 7.34 -34.89 -86.41
C GLN L 580 6.92 -36.23 -85.82
N VAL L 581 7.67 -36.76 -84.87
CA VAL L 581 7.49 -38.12 -84.39
C VAL L 581 6.84 -38.19 -83.03
N VAL L 582 6.38 -37.06 -82.50
CA VAL L 582 5.55 -37.08 -81.29
C VAL L 582 4.25 -37.82 -81.58
N ASP L 583 3.66 -37.58 -82.75
CA ASP L 583 2.54 -38.38 -83.21
C ASP L 583 3.00 -39.70 -83.79
N GLY L 584 4.29 -39.80 -84.13
CA GLY L 584 4.81 -40.97 -84.81
C GLY L 584 5.28 -42.08 -83.88
N HIS L 585 4.34 -42.79 -83.27
CA HIS L 585 4.63 -44.00 -82.52
C HIS L 585 3.62 -45.06 -82.92
N ASP L 586 4.11 -46.26 -83.22
CA ASP L 586 3.38 -47.45 -83.67
C ASP L 586 2.60 -47.25 -84.97
N ASP L 587 2.80 -46.14 -85.69
CA ASP L 587 2.16 -45.90 -86.98
C ASP L 587 3.14 -45.06 -87.79
N LEU L 588 3.92 -45.72 -88.62
CA LEU L 588 5.04 -45.08 -89.30
C LEU L 588 4.58 -44.23 -90.48
N SER L 589 3.40 -44.52 -91.02
CA SER L 589 2.97 -43.90 -92.28
C SER L 589 2.66 -42.43 -92.11
N ILE L 590 2.03 -42.04 -91.00
CA ILE L 590 1.68 -40.64 -90.78
C ILE L 590 2.94 -39.81 -90.51
N SER L 591 3.87 -40.37 -89.73
CA SER L 591 5.12 -39.67 -89.44
C SER L 591 5.99 -39.55 -90.68
N SER L 592 5.94 -40.55 -91.58
CA SER L 592 6.65 -40.41 -92.85
C SER L 592 5.95 -39.40 -93.74
N GLY L 593 4.62 -39.39 -93.73
CA GLY L 593 3.84 -38.51 -94.58
C GLY L 593 3.92 -37.05 -94.22
N LEU L 594 4.15 -36.74 -92.95
CA LEU L 594 4.27 -35.35 -92.53
C LEU L 594 5.56 -34.71 -93.03
N VAL L 595 6.59 -35.51 -93.27
CA VAL L 595 7.91 -34.96 -93.62
C VAL L 595 7.89 -34.34 -95.01
N GLU L 596 7.22 -34.97 -95.97
CA GLU L 596 7.19 -34.43 -97.33
C GLU L 596 6.34 -33.17 -97.40
N SER L 597 5.23 -33.14 -96.66
CA SER L 597 4.41 -31.95 -96.56
C SER L 597 5.16 -30.80 -95.89
N LEU L 598 6.04 -31.14 -94.95
CA LEU L 598 6.87 -30.11 -94.33
C LEU L 598 7.94 -29.61 -95.28
N LEU L 599 8.55 -30.52 -96.06
CA LEU L 599 9.59 -30.12 -97.00
C LEU L 599 9.05 -29.29 -98.15
N ASP L 600 7.83 -29.56 -98.58
CA ASP L 600 7.24 -28.77 -99.67
C ASP L 600 6.99 -27.33 -99.23
N SER L 601 6.71 -27.11 -97.95
CA SER L 601 6.62 -25.75 -97.45
C SER L 601 8.00 -25.16 -97.15
N CYS L 602 8.96 -26.01 -96.79
CA CYS L 602 10.30 -25.53 -96.47
C CYS L 602 11.05 -25.06 -97.71
N VAL L 603 10.80 -25.70 -98.86
CA VAL L 603 11.50 -25.32 -100.08
C VAL L 603 11.00 -23.99 -100.61
N HIS L 604 9.68 -23.77 -100.58
CA HIS L 604 9.09 -22.58 -101.18
C HIS L 604 9.44 -21.29 -100.44
N ALA L 605 9.82 -21.37 -99.18
CA ALA L 605 10.16 -20.17 -98.42
C ALA L 605 11.65 -19.81 -98.51
N THR L 606 12.33 -20.24 -99.57
CA THR L 606 13.78 -20.13 -99.67
C THR L 606 14.24 -19.63 -101.03
N ALA L 607 13.34 -19.61 -102.02
CA ALA L 607 13.60 -19.82 -103.46
C ALA L 607 14.82 -19.12 -104.07
N PRO L 608 15.08 -17.79 -103.88
CA PRO L 608 16.20 -17.22 -104.63
C PRO L 608 17.57 -17.56 -104.04
N GLY L 609 18.25 -18.52 -104.67
CA GLY L 609 19.63 -18.88 -104.34
C GLY L 609 19.88 -19.30 -102.91
N GLY L 610 18.87 -19.81 -102.21
CA GLY L 610 18.95 -20.02 -100.79
C GLY L 610 19.38 -21.43 -100.40
N SER L 611 19.28 -21.71 -99.11
CA SER L 611 19.68 -22.98 -98.53
C SER L 611 18.82 -23.24 -97.31
N PHE L 612 18.60 -24.50 -96.99
CA PHE L 612 17.84 -24.85 -95.81
C PHE L 612 18.44 -26.06 -95.10
N VAL L 613 18.17 -26.13 -93.80
CA VAL L 613 18.56 -27.26 -92.96
C VAL L 613 17.30 -27.81 -92.34
N MET L 614 17.03 -29.09 -92.57
CA MET L 614 15.81 -29.71 -92.07
C MET L 614 16.17 -31.00 -91.33
N LYS L 615 15.50 -31.22 -90.21
CA LYS L 615 15.77 -32.36 -89.35
C LYS L 615 14.80 -33.50 -89.65
N ILE L 616 15.34 -34.66 -90.00
CA ILE L 616 14.55 -35.87 -90.21
C ILE L 616 14.79 -36.77 -89.03
N ASN L 617 13.73 -37.12 -88.31
CA ASN L 617 13.88 -38.00 -87.17
C ASN L 617 13.82 -39.48 -87.56
N PHE L 618 12.85 -39.85 -88.40
CA PHE L 618 12.73 -41.24 -88.84
C PHE L 618 13.04 -41.32 -90.33
N PRO L 619 14.27 -41.68 -90.72
CA PRO L 619 14.58 -41.82 -92.14
C PRO L 619 14.00 -43.09 -92.73
N THR L 620 12.99 -42.94 -93.57
CA THR L 620 12.27 -44.07 -94.15
C THR L 620 12.38 -44.03 -95.67
N ARG L 621 12.03 -45.18 -96.28
CA ARG L 621 12.21 -45.38 -97.72
C ARG L 621 11.38 -44.43 -98.55
N THR L 622 10.16 -44.13 -98.10
CA THR L 622 9.33 -43.12 -98.77
C THR L 622 9.95 -41.74 -98.69
N VAL L 623 10.58 -41.40 -97.57
CA VAL L 623 11.24 -40.10 -97.43
C VAL L 623 12.43 -39.99 -98.37
N TRP L 624 13.25 -41.06 -98.43
CA TRP L 624 14.40 -41.04 -99.34
C TRP L 624 13.96 -41.00 -100.79
N HIS L 625 12.91 -41.74 -101.14
CA HIS L 625 12.39 -41.73 -102.50
C HIS L 625 11.81 -40.37 -102.87
N TYR L 626 11.12 -39.69 -101.95
CA TYR L 626 10.56 -38.38 -102.26
C TYR L 626 11.65 -37.34 -102.44
N ILE L 627 12.66 -37.35 -101.57
CA ILE L 627 13.69 -36.33 -101.73
C ILE L 627 14.57 -36.61 -102.94
N GLU L 628 14.76 -37.89 -103.31
CA GLU L 628 15.43 -38.22 -104.55
C GLU L 628 14.60 -37.79 -105.76
N GLN L 629 13.28 -37.88 -105.65
CA GLN L 629 12.43 -37.56 -106.80
C GLN L 629 12.33 -36.05 -107.00
N LYS L 630 12.08 -35.30 -105.92
CA LYS L 630 11.76 -33.89 -106.01
C LYS L 630 12.90 -32.98 -105.55
N ILE L 631 13.48 -33.26 -104.39
CA ILE L 631 14.35 -32.27 -103.78
C ILE L 631 15.73 -32.29 -104.41
N LEU L 632 16.23 -33.49 -104.71
CA LEU L 632 17.55 -33.74 -105.26
C LEU L 632 17.85 -33.08 -106.62
N PRO L 633 16.93 -32.99 -107.60
CA PRO L 633 17.30 -32.25 -108.82
C PRO L 633 17.37 -30.74 -108.64
N ASN L 634 16.48 -30.15 -107.85
CA ASN L 634 16.30 -28.71 -107.84
C ASN L 634 17.38 -27.97 -107.05
N VAL L 635 18.29 -28.67 -106.39
CA VAL L 635 19.31 -28.03 -105.58
C VAL L 635 20.66 -28.10 -106.30
N THR L 636 21.60 -27.30 -105.83
CA THR L 636 22.95 -27.28 -106.37
C THR L 636 23.82 -28.35 -105.71
N SER L 637 23.88 -28.35 -104.38
CA SER L 637 24.63 -29.34 -103.64
C SER L 637 23.85 -29.69 -102.38
N TYR L 638 24.29 -30.74 -101.70
CA TYR L 638 23.61 -31.18 -100.49
C TYR L 638 24.61 -31.93 -99.62
N MET L 639 24.27 -32.04 -98.34
CA MET L 639 25.01 -32.86 -97.40
C MET L 639 24.08 -33.21 -96.25
N LEU L 640 24.39 -34.31 -95.56
CA LEU L 640 23.62 -34.70 -94.39
C LEU L 640 24.59 -35.03 -93.26
N ILE L 641 24.39 -34.38 -92.11
CA ILE L 641 25.25 -34.57 -90.96
C ILE L 641 24.38 -35.03 -89.79
N LYS L 642 25.04 -35.46 -88.71
CA LYS L 642 24.31 -35.86 -87.51
C LYS L 642 25.18 -35.63 -86.27
N PRO L 643 24.87 -34.62 -85.47
CA PRO L 643 25.48 -34.53 -84.14
C PRO L 643 24.89 -35.58 -83.21
N PHE L 644 25.77 -36.30 -82.52
CA PHE L 644 25.36 -37.40 -81.66
C PHE L 644 25.42 -36.95 -80.21
N VAL L 645 24.24 -36.73 -79.62
CA VAL L 645 24.16 -36.42 -78.20
C VAL L 645 23.16 -37.29 -77.46
N THR L 646 22.21 -37.92 -78.16
CA THR L 646 21.23 -38.81 -77.54
C THR L 646 21.01 -39.94 -78.52
N ASN L 647 20.94 -41.17 -78.01
CA ASN L 647 20.90 -42.38 -78.83
C ASN L 647 19.55 -42.47 -79.52
N ASN L 648 19.50 -42.05 -80.79
CA ASN L 648 18.31 -42.21 -81.60
C ASN L 648 18.73 -42.37 -83.06
N VAL L 649 17.78 -42.23 -83.97
CA VAL L 649 18.03 -42.43 -85.39
C VAL L 649 17.79 -41.17 -86.20
N GLU L 650 17.77 -40.01 -85.55
CA GLU L 650 17.51 -38.77 -86.26
C GLU L 650 18.72 -38.33 -87.06
N VAL L 651 18.46 -37.58 -88.13
CA VAL L 651 19.49 -36.99 -88.97
C VAL L 651 19.10 -35.56 -89.30
N PHE L 652 20.02 -34.85 -89.94
CA PHE L 652 19.79 -33.50 -90.45
C PHE L 652 20.06 -33.49 -91.94
N PHE L 653 19.17 -32.85 -92.70
CA PHE L 653 19.31 -32.73 -94.14
C PHE L 653 19.62 -31.28 -94.48
N VAL L 654 20.73 -31.06 -95.17
CA VAL L 654 21.19 -29.73 -95.53
C VAL L 654 21.27 -29.67 -97.05
N ALA L 655 20.57 -28.69 -97.65
CA ALA L 655 20.54 -28.51 -99.08
C ALA L 655 21.09 -27.14 -99.43
N PHE L 656 21.80 -27.05 -100.55
CA PHE L 656 22.49 -25.84 -100.96
C PHE L 656 22.05 -25.43 -102.36
N GLY L 657 21.78 -24.13 -102.52
CA GLY L 657 21.42 -23.58 -103.82
C GLY L 657 20.08 -24.06 -104.32
N VAL L 658 19.00 -23.68 -103.65
CA VAL L 658 17.67 -24.11 -104.03
C VAL L 658 17.23 -23.40 -105.30
N HIS L 659 16.35 -24.07 -106.05
CA HIS L 659 15.78 -23.61 -107.31
C HIS L 659 16.83 -23.33 -108.37
N GLN L 660 17.98 -23.98 -108.27
CA GLN L 660 18.98 -24.02 -109.33
C GLN L 660 18.90 -25.39 -109.96
N GLN L 661 18.40 -25.45 -111.19
CA GLN L 661 18.12 -26.73 -111.82
C GLN L 661 19.41 -27.43 -112.23
N SER L 662 19.67 -28.58 -111.60
CA SER L 662 20.85 -29.36 -111.89
C SER L 662 20.47 -30.84 -111.82
N ALA L 663 21.47 -31.71 -111.83
CA ALA L 663 21.27 -33.15 -111.80
C ALA L 663 22.15 -33.75 -110.72
N LEU L 664 21.54 -34.31 -109.68
CA LEU L 664 22.27 -34.91 -108.59
C LEU L 664 21.70 -36.30 -108.30
N THR L 665 22.53 -37.17 -107.74
CA THR L 665 22.15 -38.52 -107.36
C THR L 665 22.66 -38.79 -105.96
N TRP L 666 22.33 -39.97 -105.44
CA TRP L 666 22.92 -40.41 -104.19
C TRP L 666 24.30 -41.00 -104.44
N THR L 667 24.96 -41.44 -103.36
CA THR L 667 26.30 -41.99 -103.50
C THR L 667 26.58 -43.04 -102.43
N SER L 668 27.65 -43.80 -102.67
CA SER L 668 28.10 -44.82 -101.75
C SER L 668 28.64 -44.24 -100.45
N GLY L 669 29.10 -42.98 -100.46
CA GLY L 669 29.42 -42.31 -99.22
C GLY L 669 28.21 -42.12 -98.32
N VAL L 670 27.09 -41.69 -98.91
CA VAL L 670 25.84 -41.61 -98.17
C VAL L 670 25.36 -42.99 -97.74
N TYR L 671 25.61 -44.00 -98.59
CA TYR L 671 25.24 -45.38 -98.26
C TYR L 671 25.99 -45.88 -97.03
N PHE L 672 27.31 -45.77 -97.03
CA PHE L 672 28.14 -46.16 -95.89
C PHE L 672 27.86 -45.31 -94.66
N PHE L 673 27.54 -44.02 -94.85
CA PHE L 673 27.19 -43.16 -93.72
C PHE L 673 25.89 -43.62 -93.06
N LEU L 674 24.90 -44.02 -93.85
CA LEU L 674 23.67 -44.52 -93.27
C LEU L 674 23.84 -45.89 -92.63
N VAL L 675 24.70 -46.75 -93.20
CA VAL L 675 25.00 -48.04 -92.57
C VAL L 675 25.63 -47.84 -91.20
N ASP L 676 26.64 -46.97 -91.13
CA ASP L 676 27.26 -46.66 -89.84
C ASP L 676 26.30 -45.93 -88.89
N HIS L 677 25.40 -45.10 -89.42
CA HIS L 677 24.45 -44.36 -88.60
C HIS L 677 23.42 -45.28 -87.96
N PHE L 678 22.99 -46.31 -88.68
CA PHE L 678 22.06 -47.26 -88.10
C PHE L 678 22.75 -48.27 -87.20
N TYR L 679 23.96 -48.70 -87.56
CA TYR L 679 24.66 -49.67 -86.75
C TYR L 679 25.21 -49.07 -85.46
N ARG L 680 25.49 -47.75 -85.43
CA ARG L 680 25.86 -47.12 -84.19
C ARG L 680 24.66 -46.97 -83.26
N TYR L 681 23.45 -46.91 -83.80
CA TYR L 681 22.27 -47.03 -82.95
C TYR L 681 22.13 -48.44 -82.44
N GLU L 682 22.39 -49.43 -83.30
CA GLU L 682 22.23 -50.84 -82.95
C GLU L 682 23.16 -51.27 -81.82
N THR L 683 24.43 -50.85 -81.88
CA THR L 683 25.39 -51.24 -80.86
C THR L 683 25.05 -50.63 -79.50
N LEU L 684 24.80 -49.32 -79.45
CA LEU L 684 24.50 -48.68 -78.18
C LEU L 684 23.14 -49.08 -77.65
N SER L 685 22.20 -49.44 -78.52
CA SER L 685 20.92 -49.95 -78.04
C SER L 685 21.06 -51.36 -77.50
N ALA L 686 21.99 -52.15 -78.03
CA ALA L 686 22.27 -53.45 -77.44
C ALA L 686 22.99 -53.30 -76.10
N ILE L 687 23.85 -52.29 -75.98
CA ILE L 687 24.61 -52.07 -74.74
C ILE L 687 23.69 -51.57 -73.64
N SER L 688 22.78 -50.64 -73.98
CA SER L 688 21.96 -49.96 -72.98
C SER L 688 20.93 -50.86 -72.32
N ARG L 689 20.66 -52.04 -72.88
CA ARG L 689 19.71 -52.96 -72.27
C ARG L 689 20.36 -53.87 -71.23
N GLN L 690 21.67 -54.11 -71.31
CA GLN L 690 22.33 -54.89 -70.28
C GLN L 690 22.57 -54.09 -69.01
N LEU L 691 22.58 -52.77 -69.10
CA LEU L 691 22.77 -51.94 -67.92
C LEU L 691 21.53 -51.97 -67.05
N PRO L 692 21.68 -51.79 -65.73
CA PRO L 692 20.49 -51.67 -64.87
C PRO L 692 19.78 -50.34 -65.02
N SER L 693 18.72 -50.13 -64.26
CA SER L 693 17.91 -48.93 -64.40
C SER L 693 18.57 -47.75 -63.73
N PHE L 694 17.85 -46.62 -63.68
CA PHE L 694 18.45 -45.38 -63.21
C PHE L 694 18.55 -45.34 -61.70
N GLY L 695 17.45 -45.61 -61.00
CA GLY L 695 17.44 -45.53 -59.55
C GLY L 695 17.29 -46.88 -58.89
N TYR L 696 17.99 -47.89 -59.39
CA TYR L 696 17.80 -49.25 -58.93
C TYR L 696 18.45 -49.46 -57.57
N VAL L 697 17.97 -50.48 -56.87
CA VAL L 697 18.71 -51.07 -55.77
C VAL L 697 19.35 -52.36 -56.29
N ASP L 698 20.55 -52.65 -55.83
CA ASP L 698 21.28 -53.78 -56.35
C ASP L 698 21.07 -54.99 -55.45
N ASP L 699 21.30 -56.18 -56.00
CA ASP L 699 21.23 -57.40 -55.21
C ASP L 699 22.27 -58.44 -55.61
N GLY L 700 23.18 -58.13 -56.52
CA GLY L 700 24.13 -59.09 -57.01
C GLY L 700 23.62 -59.95 -58.14
N SER L 701 22.39 -59.74 -58.60
CA SER L 701 21.81 -60.54 -59.66
C SER L 701 22.13 -60.01 -61.05
N SER L 702 22.37 -58.71 -61.17
CA SER L 702 22.68 -58.13 -62.47
C SER L 702 24.08 -58.54 -62.91
N VAL L 703 24.31 -58.44 -64.22
CA VAL L 703 25.61 -58.80 -64.77
C VAL L 703 26.66 -57.77 -64.38
N THR L 704 26.38 -56.50 -64.67
CA THR L 704 27.23 -55.40 -64.25
C THR L 704 26.62 -54.76 -63.00
N GLY L 705 27.47 -54.14 -62.19
CA GLY L 705 27.00 -53.49 -60.98
C GLY L 705 28.10 -53.43 -59.95
N ILE L 706 27.75 -52.83 -58.82
CA ILE L 706 28.66 -52.66 -57.69
C ILE L 706 28.46 -53.82 -56.73
N GLU L 707 29.50 -54.12 -55.96
CA GLU L 707 29.40 -55.05 -54.85
C GLU L 707 30.46 -54.70 -53.82
N ILE L 708 30.07 -54.71 -52.55
CA ILE L 708 30.94 -54.33 -51.45
C ILE L 708 30.85 -55.38 -50.35
N ILE L 709 31.86 -55.41 -49.50
CA ILE L 709 31.85 -56.23 -48.30
C ILE L 709 32.10 -55.32 -47.10
N SER L 710 32.02 -55.91 -45.90
CA SER L 710 32.34 -55.18 -44.68
C SER L 710 32.72 -56.23 -43.62
N ILE L 711 34.01 -56.39 -43.38
CA ILE L 711 34.49 -57.29 -42.35
C ILE L 711 35.27 -56.50 -41.32
N GLU L 712 35.13 -56.88 -40.07
CA GLU L 712 35.78 -56.20 -38.96
C GLU L 712 37.27 -56.54 -38.94
N ASN L 713 38.04 -55.69 -38.26
CA ASN L 713 39.49 -55.89 -38.15
C ASN L 713 39.93 -55.36 -36.81
N PRO L 714 39.87 -56.18 -35.76
CA PRO L 714 40.25 -55.72 -34.43
C PRO L 714 41.77 -55.64 -34.26
N GLY L 715 42.30 -54.42 -34.30
CA GLY L 715 43.70 -54.18 -34.00
C GLY L 715 44.66 -54.77 -35.03
N PHE L 716 45.81 -55.22 -34.55
CA PHE L 716 46.84 -55.81 -35.41
C PHE L 716 46.69 -57.33 -35.40
N SER L 717 45.51 -57.77 -35.81
CA SER L 717 45.16 -59.18 -35.80
C SER L 717 45.44 -59.79 -37.15
N ASN L 718 46.10 -60.95 -37.13
CA ASN L 718 46.21 -61.75 -38.34
C ASN L 718 44.83 -62.29 -38.69
N MET L 719 44.36 -61.96 -39.90
CA MET L 719 42.99 -62.29 -40.27
C MET L 719 42.84 -63.79 -40.49
N THR L 720 41.63 -64.28 -40.24
CA THR L 720 41.36 -65.71 -40.24
C THR L 720 41.28 -66.24 -41.66
N GLN L 721 41.05 -67.55 -41.77
CA GLN L 721 40.82 -68.14 -43.08
C GLN L 721 39.49 -67.72 -43.66
N ALA L 722 38.51 -67.39 -42.82
CA ALA L 722 37.19 -67.00 -43.29
C ALA L 722 37.23 -65.65 -44.01
N ALA L 723 37.88 -64.66 -43.39
CA ALA L 723 38.02 -63.36 -44.02
C ALA L 723 38.91 -63.42 -45.27
N ARG L 724 39.93 -64.28 -45.25
CA ARG L 724 40.78 -64.46 -46.41
C ARG L 724 40.02 -65.09 -47.58
N VAL L 725 39.17 -66.08 -47.29
CA VAL L 725 38.32 -66.68 -48.32
C VAL L 725 37.32 -65.66 -48.84
N GLY L 726 36.80 -64.80 -47.96
CA GLY L 726 35.89 -63.75 -48.41
C GLY L 726 36.53 -62.72 -49.33
N ILE L 727 37.73 -62.25 -48.97
CA ILE L 727 38.41 -61.25 -49.80
C ILE L 727 38.86 -61.87 -51.12
N SER L 728 39.35 -63.12 -51.08
CA SER L 728 39.69 -63.81 -52.32
C SER L 728 38.46 -64.11 -53.16
N GLY L 729 37.30 -64.32 -52.54
CA GLY L 729 36.07 -64.49 -53.29
C GLY L 729 35.64 -63.21 -53.96
N LEU L 730 35.84 -62.07 -53.32
CA LEU L 730 35.61 -60.79 -54.00
C LEU L 730 36.59 -60.60 -55.14
N CYS L 731 37.85 -60.98 -54.95
CA CYS L 731 38.85 -60.81 -56.00
C CYS L 731 38.66 -61.80 -57.14
N ALA L 732 37.92 -62.88 -56.90
CA ALA L 732 37.55 -63.77 -58.00
C ALA L 732 36.25 -63.33 -58.65
N ASN L 733 35.37 -62.66 -57.90
CA ASN L 733 34.09 -62.24 -58.44
C ASN L 733 34.26 -61.02 -59.34
N VAL L 734 35.12 -60.09 -58.94
CA VAL L 734 35.51 -58.98 -59.81
C VAL L 734 37.02 -59.05 -60.04
N GLY L 735 37.43 -58.99 -61.29
CA GLY L 735 38.83 -59.10 -61.66
C GLY L 735 39.25 -57.90 -62.50
N ASN L 736 40.51 -57.48 -62.30
CA ASN L 736 41.19 -56.45 -63.09
C ASN L 736 40.46 -55.10 -63.03
N ALA L 737 39.70 -54.85 -61.97
CA ALA L 737 39.11 -53.54 -61.73
C ALA L 737 39.76 -52.91 -60.50
N ARG L 738 39.48 -51.62 -60.30
CA ARG L 738 40.07 -50.94 -59.17
C ARG L 738 39.26 -51.22 -57.90
N LYS L 739 39.97 -51.40 -56.80
CA LYS L 739 39.38 -51.72 -55.50
C LYS L 739 39.71 -50.61 -54.52
N SER L 740 38.69 -49.92 -54.02
CA SER L 740 38.87 -48.88 -53.04
C SER L 740 38.47 -49.40 -51.66
N ILE L 741 39.26 -49.04 -50.65
CA ILE L 741 39.01 -49.50 -49.29
C ILE L 741 38.83 -48.29 -48.38
N ALA L 742 38.23 -48.55 -47.22
CA ALA L 742 37.97 -47.50 -46.23
C ALA L 742 37.86 -48.14 -44.86
N ILE L 743 38.73 -47.77 -43.94
CA ILE L 743 38.78 -48.32 -42.59
C ILE L 743 38.24 -47.27 -41.65
N TYR L 744 37.19 -47.59 -40.91
CA TYR L 744 36.56 -46.60 -40.04
C TYR L 744 35.79 -47.31 -38.95
N GLU L 745 35.73 -46.66 -37.78
CA GLU L 745 35.03 -47.20 -36.63
C GLU L 745 33.54 -46.94 -36.80
N SER L 746 32.80 -47.97 -37.17
CA SER L 746 31.36 -47.90 -37.33
C SER L 746 30.70 -48.60 -36.15
N HIS L 747 29.79 -47.88 -35.48
CA HIS L 747 29.01 -48.37 -34.35
C HIS L 747 29.89 -48.87 -33.21
N GLY L 748 30.96 -48.13 -32.93
CA GLY L 748 31.87 -48.51 -31.86
C GLY L 748 32.74 -49.71 -32.16
N ALA L 749 32.91 -50.05 -33.44
CA ALA L 749 33.73 -51.20 -33.82
C ALA L 749 34.47 -50.88 -35.11
N ARG L 750 35.73 -51.29 -35.17
CA ARG L 750 36.56 -51.03 -36.34
C ARG L 750 36.21 -52.02 -37.44
N VAL L 751 35.87 -51.49 -38.61
CA VAL L 751 35.45 -52.29 -39.75
C VAL L 751 36.04 -51.65 -41.01
N LEU L 752 36.34 -52.48 -42.01
CA LEU L 752 36.77 -52.00 -43.31
C LEU L 752 35.87 -52.56 -44.40
N THR L 753 35.71 -51.77 -45.47
CA THR L 753 34.94 -52.15 -46.62
C THR L 753 35.85 -52.24 -47.84
N ILE L 754 35.43 -53.03 -48.82
CA ILE L 754 36.14 -53.15 -50.09
C ILE L 754 35.13 -52.93 -51.20
N THR L 755 35.30 -51.85 -51.95
CA THR L 755 34.34 -51.45 -52.98
C THR L 755 34.92 -51.73 -54.36
N SER L 756 34.18 -52.46 -55.18
CA SER L 756 34.59 -52.72 -56.56
C SER L 756 33.35 -53.00 -57.39
N ARG L 757 33.56 -53.14 -58.70
CA ARG L 757 32.47 -53.13 -59.68
C ARG L 757 32.61 -54.31 -60.63
N ARG L 758 31.73 -55.30 -60.48
CA ARG L 758 31.79 -56.50 -61.31
C ARG L 758 31.38 -56.19 -62.75
N SER L 759 31.75 -57.09 -63.65
CA SER L 759 31.65 -56.85 -65.09
C SER L 759 31.45 -58.18 -65.79
N PRO L 760 30.88 -58.16 -67.00
CA PRO L 760 30.79 -59.41 -67.78
C PRO L 760 32.15 -59.95 -68.21
N ALA L 761 33.15 -59.07 -68.37
CA ALA L 761 34.50 -59.55 -68.64
C ALA L 761 35.08 -60.30 -67.45
N SER L 762 34.82 -59.82 -66.24
CA SER L 762 35.26 -60.56 -65.06
C SER L 762 34.44 -61.83 -64.85
N ALA L 763 33.18 -61.82 -65.27
CA ALA L 763 32.38 -63.04 -65.27
C ALA L 763 32.94 -64.07 -66.23
N ARG L 764 33.49 -63.61 -67.36
CA ARG L 764 34.20 -64.51 -68.26
C ARG L 764 35.50 -65.00 -67.65
N ARG L 765 36.20 -64.13 -66.91
CA ARG L 765 37.45 -64.51 -66.25
C ARG L 765 37.22 -65.57 -65.17
N LYS L 766 36.11 -65.46 -64.44
CA LYS L 766 35.81 -66.37 -63.34
C LYS L 766 35.60 -67.80 -63.82
N ALA L 767 35.12 -67.97 -65.05
CA ALA L 767 34.89 -69.31 -65.58
C ALA L 767 36.17 -70.02 -65.99
N ARG L 768 37.30 -69.31 -66.07
CA ARG L 768 38.53 -69.92 -66.53
C ARG L 768 39.33 -70.60 -65.43
N LEU L 769 38.86 -70.57 -64.19
CA LEU L 769 39.63 -71.12 -63.09
C LEU L 769 38.84 -72.23 -62.39
N ARG L 770 39.50 -73.35 -62.12
CA ARG L 770 38.87 -74.44 -61.39
C ARG L 770 38.83 -74.14 -59.89
N TYR L 771 39.86 -73.48 -59.38
CA TYR L 771 39.94 -73.11 -57.98
C TYR L 771 40.33 -71.64 -57.86
N LEU L 772 39.79 -70.98 -56.84
CA LEU L 772 40.24 -69.60 -56.75
C LEU L 772 41.48 -69.50 -55.87
N PRO L 773 42.42 -68.62 -56.20
CA PRO L 773 43.59 -68.43 -55.35
C PRO L 773 43.24 -67.64 -54.10
N LEU L 774 44.22 -67.54 -53.21
CA LEU L 774 44.07 -66.81 -51.97
C LEU L 774 45.04 -65.64 -51.97
N ILE L 775 44.58 -64.49 -51.51
CA ILE L 775 45.42 -63.31 -51.44
C ILE L 775 46.23 -63.34 -50.16
N ASP L 776 47.36 -62.65 -50.18
CA ASP L 776 48.09 -62.52 -48.92
C ASP L 776 47.48 -61.40 -48.08
N PRO L 777 47.47 -61.55 -46.75
CA PRO L 777 46.93 -60.49 -45.90
C PRO L 777 47.93 -59.38 -45.56
N ARG L 778 49.14 -59.44 -46.12
CA ARG L 778 50.22 -58.55 -45.73
C ARG L 778 49.97 -57.10 -46.12
N SER L 779 49.13 -56.86 -47.13
CA SER L 779 48.84 -55.49 -47.51
C SER L 779 47.78 -54.86 -46.62
N LEU L 780 47.03 -55.67 -45.88
CA LEU L 780 45.92 -55.15 -45.09
C LEU L 780 46.11 -55.30 -43.58
N GLU L 781 47.03 -56.15 -43.13
CA GLU L 781 47.28 -56.27 -41.70
C GLU L 781 48.07 -55.09 -41.15
N VAL L 782 48.74 -54.33 -42.01
CA VAL L 782 49.63 -53.28 -41.54
C VAL L 782 48.84 -52.02 -41.17
N GLN L 783 47.69 -51.81 -41.79
CA GLN L 783 47.01 -50.52 -41.76
C GLN L 783 46.43 -50.20 -40.39
N ALA L 784 46.89 -49.11 -39.81
CA ALA L 784 46.50 -48.67 -38.47
C ALA L 784 45.80 -47.31 -38.51
N ARG L 785 45.41 -46.86 -39.69
CA ARG L 785 44.83 -45.54 -39.86
C ARG L 785 43.31 -45.65 -39.95
N THR L 786 42.67 -44.52 -40.25
CA THR L 786 41.21 -44.42 -40.26
C THR L 786 40.81 -43.71 -41.54
N ILE L 787 40.53 -44.48 -42.58
CA ILE L 787 40.15 -43.93 -43.88
C ILE L 787 38.64 -43.66 -43.85
N LEU L 788 38.26 -42.40 -43.99
CA LEU L 788 36.85 -42.05 -43.96
C LEU L 788 36.17 -42.51 -45.24
N PRO L 789 34.99 -43.12 -45.16
CA PRO L 789 34.35 -43.72 -46.33
C PRO L 789 33.61 -42.67 -47.14
N SER L 790 32.92 -43.14 -48.18
CA SER L 790 32.04 -42.31 -48.98
C SER L 790 30.96 -43.20 -49.56
N ASN L 791 29.91 -42.55 -50.06
CA ASN L 791 28.80 -43.30 -50.65
C ASN L 791 29.23 -43.95 -51.97
N PRO L 792 28.78 -45.17 -52.25
CA PRO L 792 29.19 -45.82 -53.49
C PRO L 792 28.45 -45.27 -54.69
N VAL L 793 29.18 -45.13 -55.79
CA VAL L 793 28.61 -44.72 -57.06
C VAL L 793 28.88 -45.82 -58.08
N LEU L 794 28.03 -45.88 -59.10
CA LEU L 794 28.20 -46.90 -60.12
C LEU L 794 29.26 -46.49 -61.14
N PHE L 795 29.32 -45.21 -61.48
CA PHE L 795 30.30 -44.68 -62.42
C PHE L 795 31.23 -43.76 -61.64
N ASP L 796 32.45 -44.21 -61.40
CA ASP L 796 33.35 -43.50 -60.50
C ASP L 796 34.03 -42.34 -61.20
N ASN L 797 34.55 -42.57 -62.40
CA ASN L 797 35.37 -41.58 -63.11
C ASN L 797 34.45 -40.49 -63.65
N ILE L 798 34.39 -39.37 -62.94
CA ILE L 798 33.54 -38.25 -63.38
C ILE L 798 34.26 -37.35 -64.37
N ASN L 799 35.59 -37.40 -64.43
CA ASN L 799 36.32 -36.62 -65.41
C ASN L 799 36.27 -37.26 -66.79
N GLY L 800 36.21 -38.59 -66.84
CA GLY L 800 36.15 -39.28 -68.11
C GLY L 800 37.43 -40.05 -68.40
N ALA L 801 37.36 -40.89 -69.42
CA ALA L 801 38.50 -41.73 -69.78
C ALA L 801 39.49 -40.95 -70.65
N SER L 802 40.76 -41.28 -70.48
CA SER L 802 41.81 -40.65 -71.25
C SER L 802 41.85 -41.26 -72.65
N PRO L 803 42.45 -40.55 -73.63
CA PRO L 803 42.58 -41.13 -74.97
C PRO L 803 43.45 -42.37 -75.02
N HIS L 804 44.46 -42.49 -74.17
CA HIS L 804 45.27 -43.70 -74.15
C HIS L 804 44.54 -44.90 -73.57
N VAL L 805 43.50 -44.68 -72.77
CA VAL L 805 42.63 -45.77 -72.35
C VAL L 805 41.58 -46.08 -73.41
N CYS L 806 41.03 -45.05 -74.05
CA CYS L 806 40.04 -45.26 -75.10
C CYS L 806 40.63 -45.97 -76.31
N LEU L 807 41.92 -45.74 -76.59
CA LEU L 807 42.59 -46.45 -77.67
C LEU L 807 42.94 -47.87 -77.25
N THR L 808 43.19 -48.09 -75.96
CA THR L 808 43.42 -49.43 -75.46
C THR L 808 42.17 -50.29 -75.57
N MET L 809 41.00 -49.70 -75.31
CA MET L 809 39.73 -50.37 -75.60
C MET L 809 39.56 -50.68 -77.08
N MET L 810 40.01 -49.79 -77.96
CA MET L 810 39.91 -50.04 -79.40
C MET L 810 40.79 -51.20 -79.83
N TYR L 811 41.97 -51.33 -79.22
CA TYR L 811 42.79 -52.50 -79.51
C TYR L 811 42.18 -53.78 -78.95
N ASN L 812 41.70 -53.73 -77.70
CA ASN L 812 41.23 -54.93 -77.02
C ASN L 812 39.95 -55.46 -77.63
N PHE L 813 39.10 -54.58 -78.16
CA PHE L 813 37.88 -55.05 -78.79
C PHE L 813 38.18 -55.77 -80.10
N GLU L 814 39.16 -55.29 -80.85
CA GLU L 814 39.54 -55.97 -82.09
C GLU L 814 40.19 -57.31 -81.79
N VAL L 815 40.96 -57.39 -80.70
CA VAL L 815 41.54 -58.67 -80.28
C VAL L 815 40.44 -59.66 -79.91
N SER L 816 39.47 -59.21 -79.10
CA SER L 816 38.41 -60.09 -78.65
C SER L 816 37.47 -60.49 -79.77
N SER L 817 37.31 -59.64 -80.78
CA SER L 817 36.51 -60.02 -81.94
C SER L 817 37.28 -60.94 -82.86
N ALA L 818 38.62 -60.83 -82.87
CA ALA L 818 39.43 -61.70 -83.73
C ALA L 818 39.52 -63.11 -83.18
N VAL L 819 39.68 -63.26 -81.87
CA VAL L 819 39.86 -64.58 -81.29
C VAL L 819 38.53 -65.31 -81.24
N TYR L 820 38.50 -66.53 -81.79
CA TYR L 820 37.33 -67.39 -81.72
C TYR L 820 37.49 -68.41 -80.61
N ASP L 821 36.45 -69.23 -80.43
CA ASP L 821 36.40 -70.15 -79.31
C ASP L 821 37.21 -71.40 -79.63
N GLY L 822 37.89 -71.94 -78.61
CA GLY L 822 38.68 -73.14 -78.76
C GLY L 822 39.91 -72.97 -79.63
N ASP L 823 40.78 -72.02 -79.28
CA ASP L 823 41.94 -71.70 -80.10
C ASP L 823 43.12 -71.40 -79.18
N VAL L 824 44.32 -71.82 -79.60
CA VAL L 824 45.53 -71.46 -78.89
C VAL L 824 45.97 -70.07 -79.34
N VAL L 825 46.32 -69.23 -78.38
CA VAL L 825 46.82 -67.89 -78.67
C VAL L 825 48.14 -67.72 -77.93
N LEU L 826 48.82 -66.62 -78.23
CA LEU L 826 50.00 -66.21 -77.50
C LEU L 826 50.07 -64.69 -77.49
N ASP L 827 50.21 -64.14 -76.29
CA ASP L 827 50.27 -62.70 -76.10
C ASP L 827 51.72 -62.27 -76.25
N LEU L 828 51.94 -61.22 -77.04
CA LEU L 828 53.26 -60.68 -77.29
C LEU L 828 53.33 -59.36 -76.53
N GLY L 829 53.73 -59.44 -75.27
CA GLY L 829 53.77 -58.27 -74.40
C GLY L 829 52.52 -58.11 -73.57
N THR L 830 52.69 -57.84 -72.27
CA THR L 830 51.53 -57.67 -71.40
C THR L 830 50.85 -56.32 -71.62
N GLY L 831 51.59 -55.24 -71.42
CA GLY L 831 51.01 -53.93 -71.38
C GLY L 831 50.95 -53.44 -69.95
N PRO L 832 50.05 -52.49 -69.66
CA PRO L 832 49.93 -52.00 -68.28
C PRO L 832 49.27 -52.99 -67.34
N GLU L 833 48.26 -53.71 -67.78
CA GLU L 833 47.65 -54.78 -66.98
C GLU L 833 47.56 -56.06 -67.80
N ALA L 834 47.08 -57.11 -67.16
CA ALA L 834 46.83 -58.39 -67.82
C ALA L 834 45.36 -58.46 -68.25
N LYS L 835 45.01 -57.55 -69.17
CA LYS L 835 43.65 -57.48 -69.67
C LYS L 835 43.30 -58.66 -70.57
N ILE L 836 44.31 -59.26 -71.21
CA ILE L 836 44.11 -60.28 -72.25
C ILE L 836 43.39 -61.51 -71.73
N LEU L 837 43.53 -61.83 -70.44
CA LEU L 837 42.89 -63.00 -69.87
C LEU L 837 41.37 -62.83 -69.81
N GLU L 838 40.89 -61.59 -69.77
CA GLU L 838 39.47 -61.31 -69.84
C GLU L 838 38.98 -61.10 -71.26
N LEU L 839 39.86 -61.10 -72.25
CA LEU L 839 39.44 -60.79 -73.62
C LEU L 839 39.07 -62.04 -74.39
N ILE L 840 39.92 -63.05 -74.32
CA ILE L 840 39.74 -64.32 -75.00
C ILE L 840 38.57 -65.09 -74.40
N PRO L 841 37.90 -65.98 -75.14
CA PRO L 841 36.86 -66.82 -74.53
C PRO L 841 37.46 -67.82 -73.55
N SER L 842 36.55 -68.45 -72.79
CA SER L 842 36.96 -69.17 -71.59
C SER L 842 37.70 -70.47 -71.90
N THR L 843 37.32 -71.17 -72.96
CA THR L 843 37.93 -72.46 -73.25
C THR L 843 39.28 -72.35 -73.95
N SER L 844 39.70 -71.15 -74.33
CA SER L 844 40.91 -70.98 -75.12
C SER L 844 42.14 -71.00 -74.21
N PRO L 845 43.11 -71.89 -74.45
CA PRO L 845 44.36 -71.84 -73.71
C PRO L 845 45.28 -70.76 -74.24
N VAL L 846 45.99 -70.12 -73.30
CA VAL L 846 46.76 -68.91 -73.59
C VAL L 846 48.20 -69.14 -73.18
N THR L 847 49.04 -68.20 -73.59
CA THR L 847 50.37 -68.01 -73.02
C THR L 847 50.77 -66.56 -73.27
N CYS L 848 51.65 -66.04 -72.43
CA CYS L 848 51.96 -64.61 -72.46
C CYS L 848 53.43 -64.39 -72.16
N VAL L 849 54.08 -63.58 -72.99
CA VAL L 849 55.49 -63.26 -72.84
C VAL L 849 55.60 -61.86 -72.25
N ASP L 850 56.73 -61.57 -71.61
CA ASP L 850 56.93 -60.30 -70.91
C ASP L 850 58.42 -60.03 -70.82
N ILE L 851 58.78 -58.90 -70.22
CA ILE L 851 60.14 -58.67 -69.74
C ILE L 851 60.20 -58.54 -68.22
N ARG L 852 59.05 -58.49 -67.54
CA ARG L 852 58.90 -58.40 -66.10
C ARG L 852 58.24 -59.66 -65.57
N PRO L 853 58.49 -60.00 -64.30
CA PRO L 853 57.72 -61.09 -63.68
C PRO L 853 56.27 -60.69 -63.49
N THR L 854 55.37 -61.63 -63.78
CA THR L 854 53.95 -61.35 -63.72
C THR L 854 53.46 -61.33 -62.27
N ALA L 855 52.21 -60.90 -62.10
CA ALA L 855 51.57 -60.88 -60.80
C ALA L 855 50.24 -61.62 -60.81
N GLN L 856 49.88 -62.23 -61.92
CA GLN L 856 48.68 -63.05 -61.98
C GLN L 856 48.92 -64.36 -61.25
N PRO L 857 47.88 -64.93 -60.63
CA PRO L 857 48.07 -66.18 -59.89
C PRO L 857 48.29 -67.36 -60.82
N ASN L 858 49.19 -68.25 -60.40
CA ASN L 858 49.58 -69.39 -61.20
C ASN L 858 48.87 -70.64 -60.71
N GLY L 859 48.55 -71.53 -61.65
CA GLY L 859 47.90 -72.79 -61.33
C GLY L 859 46.41 -72.64 -61.12
N CYS L 860 45.76 -73.80 -61.02
CA CYS L 860 44.31 -74.00 -60.80
C CYS L 860 43.45 -73.18 -61.75
N TRP L 861 43.62 -73.47 -63.03
CA TRP L 861 42.83 -72.89 -64.11
C TRP L 861 42.03 -73.99 -64.81
N ASN L 862 41.03 -73.58 -65.59
CA ASN L 862 40.21 -74.53 -66.32
C ASN L 862 40.86 -74.96 -67.63
N VAL L 863 41.92 -74.28 -68.05
CA VAL L 863 42.60 -74.56 -69.30
C VAL L 863 44.06 -74.12 -69.11
N ARG L 864 44.92 -74.54 -70.03
CA ARG L 864 46.36 -74.29 -69.91
C ARG L 864 46.65 -72.80 -70.03
N THR L 865 47.63 -72.34 -69.25
CA THR L 865 48.16 -70.99 -69.35
C THR L 865 49.63 -71.03 -69.00
N THR L 866 50.37 -70.05 -69.49
CA THR L 866 51.81 -70.00 -69.27
C THR L 866 52.26 -68.54 -69.19
N PHE L 867 52.84 -68.16 -68.06
CA PHE L 867 53.30 -66.79 -67.82
C PHE L 867 54.81 -66.83 -67.62
N LEU L 868 55.54 -66.28 -68.58
CA LEU L 868 56.99 -66.31 -68.58
C LEU L 868 57.52 -65.04 -69.21
N GLU L 869 58.71 -64.63 -68.78
CA GLU L 869 59.33 -63.42 -69.32
C GLU L 869 60.72 -63.76 -69.82
N LEU L 870 61.02 -63.37 -71.07
CA LEU L 870 62.31 -63.76 -71.65
C LEU L 870 62.92 -62.69 -72.56
N ASP L 871 62.34 -61.48 -72.62
CA ASP L 871 62.75 -60.41 -73.53
C ASP L 871 62.68 -60.87 -74.99
N TYR L 872 61.43 -61.00 -75.46
CA TYR L 872 61.00 -61.69 -76.68
C TYR L 872 61.75 -61.32 -77.96
N LEU L 873 62.53 -60.23 -77.98
CA LEU L 873 63.34 -59.92 -79.16
C LEU L 873 64.46 -60.94 -79.39
N SER L 874 64.80 -61.76 -78.41
CA SER L 874 65.81 -62.80 -78.57
C SER L 874 65.28 -63.94 -79.42
N ASP L 875 66.17 -64.88 -79.73
CA ASP L 875 65.86 -65.98 -80.63
C ASP L 875 65.87 -67.31 -79.88
N GLY L 876 65.40 -68.35 -80.57
CA GLY L 876 65.48 -69.70 -80.05
C GLY L 876 64.52 -69.99 -78.91
N TRP L 877 63.32 -69.42 -78.95
CA TRP L 877 62.32 -69.72 -77.92
C TRP L 877 60.93 -69.97 -78.46
N ILE L 878 60.63 -69.60 -79.70
CA ILE L 878 59.29 -69.85 -80.24
C ILE L 878 59.15 -71.30 -80.70
N THR L 879 60.25 -71.96 -81.05
CA THR L 879 60.22 -73.36 -81.44
C THR L 879 59.74 -74.26 -80.29
N GLY L 880 60.01 -73.87 -79.05
CA GLY L 880 59.49 -74.61 -77.92
C GLY L 880 58.02 -74.34 -77.66
N VAL L 881 57.51 -73.19 -78.11
CA VAL L 881 56.12 -72.85 -77.80
C VAL L 881 55.23 -73.19 -78.99
N ARG L 882 53.93 -73.29 -78.74
CA ARG L 882 52.96 -73.65 -79.76
C ARG L 882 51.74 -72.78 -79.62
N GLY L 883 51.36 -72.10 -80.71
CA GLY L 883 50.20 -71.25 -80.72
C GLY L 883 49.63 -71.17 -82.12
N ASP L 884 48.61 -70.32 -82.29
CA ASP L 884 47.98 -70.15 -83.60
C ASP L 884 47.89 -68.70 -84.02
N ILE L 885 47.95 -67.74 -83.10
CA ILE L 885 47.87 -66.32 -83.44
C ILE L 885 48.59 -65.48 -82.39
N VAL L 886 49.42 -64.53 -82.84
CA VAL L 886 50.15 -63.67 -81.94
C VAL L 886 49.37 -62.37 -81.80
N THR L 887 49.57 -61.69 -80.67
CA THR L 887 48.94 -60.40 -80.40
C THR L 887 49.99 -59.48 -79.80
N CYS L 888 50.52 -58.57 -80.60
CA CYS L 888 51.31 -57.46 -80.11
C CYS L 888 50.43 -56.22 -80.11
N MET L 889 50.24 -55.62 -78.94
CA MET L 889 49.45 -54.41 -78.80
C MET L 889 50.19 -53.45 -77.88
N LEU L 890 50.60 -52.30 -78.45
CA LEU L 890 51.23 -51.18 -77.74
C LEU L 890 52.52 -51.61 -77.05
N SER L 891 53.32 -52.44 -77.73
CA SER L 891 54.61 -52.88 -77.19
C SER L 891 55.75 -52.80 -78.18
N LEU L 892 55.48 -52.80 -79.48
CA LEU L 892 56.56 -52.79 -80.47
C LEU L 892 57.27 -51.44 -80.51
N GLY L 893 56.52 -50.34 -80.36
CA GLY L 893 57.16 -49.04 -80.29
C GLY L 893 58.02 -48.86 -79.05
N ALA L 894 57.57 -49.40 -77.92
CA ALA L 894 58.39 -49.38 -76.71
C ALA L 894 59.63 -50.25 -76.85
N ALA L 895 59.51 -51.39 -77.52
CA ALA L 895 60.67 -52.25 -77.75
C ALA L 895 61.66 -51.60 -78.71
N ALA L 896 61.16 -50.83 -79.67
CA ALA L 896 62.04 -50.11 -80.58
C ALA L 896 62.72 -48.95 -79.88
N ALA L 897 62.01 -48.24 -79.01
CA ALA L 897 62.58 -47.11 -78.30
C ALA L 897 63.53 -47.54 -77.17
N GLY L 898 63.37 -48.76 -76.65
CA GLY L 898 64.25 -49.20 -75.58
C GLY L 898 65.66 -49.49 -76.06
N LYS L 899 65.78 -50.25 -77.16
CA LYS L 899 67.06 -50.53 -77.75
C LYS L 899 67.55 -49.43 -78.67
N SER L 900 66.74 -48.37 -78.84
CA SER L 900 67.03 -47.20 -79.69
C SER L 900 67.28 -47.59 -81.14
N MET L 901 66.61 -48.63 -81.62
CA MET L 901 66.69 -49.03 -83.02
C MET L 901 65.51 -48.44 -83.79
N THR L 902 65.59 -48.55 -85.11
CA THR L 902 64.53 -48.04 -85.96
C THR L 902 63.34 -49.00 -85.96
N PHE L 903 62.19 -48.46 -86.35
CA PHE L 903 60.97 -49.26 -86.42
C PHE L 903 61.04 -50.32 -87.51
N ASP L 904 61.73 -50.00 -88.61
CA ASP L 904 61.95 -50.96 -89.68
C ASP L 904 62.78 -52.14 -89.20
N ALA L 905 63.88 -51.87 -88.49
CA ALA L 905 64.73 -52.95 -87.99
C ALA L 905 64.05 -53.73 -86.89
N ALA L 906 63.22 -53.06 -86.08
CA ALA L 906 62.49 -53.75 -85.03
C ALA L 906 61.44 -54.69 -85.62
N PHE L 907 60.70 -54.22 -86.62
CA PHE L 907 59.71 -55.07 -87.27
C PHE L 907 60.37 -56.19 -88.07
N GLN L 908 61.56 -55.93 -88.61
CA GLN L 908 62.30 -56.96 -89.35
C GLN L 908 62.77 -58.05 -88.40
N GLN L 909 63.25 -57.67 -87.22
CA GLN L 909 63.66 -58.66 -86.22
C GLN L 909 62.46 -59.44 -85.71
N LEU L 910 61.31 -58.78 -85.56
CA LEU L 910 60.10 -59.46 -85.10
C LEU L 910 59.60 -60.47 -86.14
N VAL L 911 59.62 -60.10 -87.41
CA VAL L 911 59.14 -61.05 -88.41
C VAL L 911 60.18 -62.14 -88.64
N ARG L 912 61.47 -61.84 -88.40
CA ARG L 912 62.50 -62.85 -88.56
C ARG L 912 62.43 -63.89 -87.46
N VAL L 913 62.02 -63.49 -86.25
CA VAL L 913 61.84 -64.48 -85.19
C VAL L 913 60.48 -65.16 -85.30
N LEU L 914 59.50 -64.52 -85.93
CA LEU L 914 58.22 -65.21 -86.16
C LEU L 914 58.23 -66.11 -87.40
N THR L 915 59.30 -66.09 -88.20
CA THR L 915 59.45 -67.11 -89.23
C THR L 915 59.53 -68.52 -88.66
N ARG L 916 60.09 -68.68 -87.46
CA ARG L 916 60.16 -69.98 -86.81
C ARG L 916 58.85 -70.40 -86.16
N SER L 917 57.85 -69.53 -86.13
CA SER L 917 56.59 -69.85 -85.46
C SER L 917 55.78 -70.82 -86.29
N THR L 918 54.78 -71.41 -85.63
CA THR L 918 53.83 -72.32 -86.28
C THR L 918 52.49 -71.67 -86.55
N ALA L 919 52.34 -70.38 -86.25
CA ALA L 919 51.08 -69.71 -86.46
C ALA L 919 50.86 -69.42 -87.95
N ASN L 920 49.59 -69.35 -88.35
CA ASN L 920 49.23 -68.99 -89.71
C ASN L 920 48.57 -67.62 -89.81
N VAL L 921 47.64 -67.33 -88.89
CA VAL L 921 47.01 -66.03 -88.80
C VAL L 921 47.69 -65.25 -87.68
N LEU L 922 47.73 -63.92 -87.84
CA LEU L 922 48.33 -63.05 -86.85
C LEU L 922 47.88 -61.62 -87.11
N LEU L 923 47.75 -60.86 -86.03
CA LEU L 923 47.56 -59.42 -86.14
C LEU L 923 48.39 -58.75 -85.07
N ILE L 924 49.10 -57.69 -85.44
CA ILE L 924 50.06 -57.02 -84.58
C ILE L 924 49.96 -55.52 -84.78
N GLN L 925 50.29 -54.77 -83.73
CA GLN L 925 50.20 -53.32 -83.77
C GLN L 925 51.47 -52.74 -84.39
N VAL L 926 51.29 -51.95 -85.45
CA VAL L 926 52.37 -51.17 -86.04
C VAL L 926 51.99 -49.71 -85.96
N ASN L 927 53.02 -48.85 -86.02
CA ASN L 927 52.85 -47.42 -85.81
C ASN L 927 53.39 -46.71 -87.05
N CYS L 928 52.55 -46.56 -88.05
CA CYS L 928 52.92 -45.87 -89.28
C CYS L 928 51.75 -45.01 -89.75
N PRO L 929 52.01 -43.78 -90.18
CA PRO L 929 50.90 -42.92 -90.62
C PRO L 929 50.32 -43.39 -91.94
N THR L 930 48.99 -43.37 -92.03
CA THR L 930 48.31 -43.67 -93.28
C THR L 930 47.88 -42.39 -93.99
N ASP L 931 47.23 -41.49 -93.27
CA ASP L 931 46.74 -40.25 -93.82
C ASP L 931 47.86 -39.21 -93.83
N VAL L 932 47.59 -38.06 -94.44
CA VAL L 932 48.50 -36.92 -94.38
C VAL L 932 48.60 -36.45 -92.94
N ILE L 933 49.82 -36.20 -92.48
CA ILE L 933 50.07 -35.99 -91.06
C ILE L 933 49.57 -34.61 -90.64
N ARG L 934 48.78 -34.58 -89.56
CA ARG L 934 48.15 -33.37 -89.06
C ARG L 934 48.82 -32.84 -87.79
N THR L 935 49.57 -33.70 -87.07
CA THR L 935 50.27 -33.46 -85.79
C THR L 935 49.41 -32.69 -84.79
N ILE L 936 48.37 -33.38 -84.29
CA ILE L 936 47.37 -32.78 -83.42
C ILE L 936 47.99 -32.22 -82.14
N LYS L 937 47.51 -31.06 -81.72
CA LYS L 937 48.11 -30.29 -80.64
C LYS L 937 47.86 -30.98 -79.31
N GLY L 938 48.84 -30.88 -78.41
CA GLY L 938 48.70 -31.25 -77.03
C GLY L 938 48.99 -32.71 -76.72
N TYR L 939 48.86 -33.60 -77.70
CA TYR L 939 48.90 -35.04 -77.46
C TYR L 939 49.88 -35.79 -78.35
N LEU L 940 50.21 -35.28 -79.54
CA LEU L 940 51.06 -36.03 -80.46
C LEU L 940 51.74 -35.02 -81.39
N GLU L 941 53.01 -34.73 -81.10
CA GLU L 941 53.79 -33.73 -81.84
C GLU L 941 54.98 -34.44 -82.48
N ILE L 942 54.78 -34.90 -83.71
CA ILE L 942 55.79 -35.67 -84.43
C ILE L 942 56.95 -34.77 -84.88
N ASP L 943 58.03 -35.41 -85.33
CA ASP L 943 59.11 -34.74 -86.04
C ASP L 943 59.21 -35.35 -87.42
N GLN L 944 59.24 -34.50 -88.45
CA GLN L 944 59.43 -34.99 -89.81
C GLN L 944 60.88 -35.42 -90.05
N THR L 945 61.83 -34.76 -89.41
CA THR L 945 63.24 -35.02 -89.70
C THR L 945 63.75 -36.24 -88.95
N ASN L 946 63.75 -36.17 -87.62
CA ASN L 946 64.30 -37.24 -86.79
C ASN L 946 63.35 -38.42 -86.63
N LYS L 947 62.10 -38.27 -87.09
CA LYS L 947 61.08 -39.32 -87.14
C LYS L 947 60.77 -39.86 -85.74
N ARG L 948 60.22 -38.99 -84.90
CA ARG L 948 59.78 -39.37 -83.57
C ARG L 948 58.28 -39.09 -83.46
N TYR L 949 57.68 -39.51 -82.34
CA TYR L 949 56.29 -39.21 -82.05
C TYR L 949 56.12 -38.16 -80.96
N LYS L 950 56.86 -38.27 -79.86
CA LYS L 950 56.88 -37.32 -78.74
C LYS L 950 55.49 -37.17 -78.11
N PHE L 951 55.08 -38.24 -77.45
CA PHE L 951 53.90 -38.21 -76.59
C PHE L 951 54.21 -37.42 -75.33
N PRO L 952 53.63 -36.23 -75.12
CA PRO L 952 54.01 -35.42 -73.97
C PRO L 952 53.41 -35.88 -72.66
N LYS L 953 52.33 -36.67 -72.69
CA LYS L 953 51.75 -37.14 -71.45
C LYS L 953 52.57 -38.26 -70.82
N PHE L 954 53.46 -38.88 -71.59
CA PHE L 954 54.33 -39.93 -71.07
C PHE L 954 55.80 -39.66 -71.31
N GLY L 955 56.16 -38.65 -72.09
CA GLY L 955 57.55 -38.37 -72.38
C GLY L 955 58.21 -39.38 -73.28
N ARG L 956 57.43 -40.16 -74.03
CA ARG L 956 57.96 -41.21 -74.88
C ARG L 956 57.90 -40.80 -76.34
N ASP L 957 58.81 -41.35 -77.15
CA ASP L 957 58.80 -41.15 -78.58
C ASP L 957 59.26 -42.42 -79.30
N GLU L 958 58.79 -42.60 -80.51
CA GLU L 958 58.99 -43.83 -81.25
C GLU L 958 59.29 -43.50 -82.71
N PRO L 959 60.03 -44.35 -83.40
CA PRO L 959 60.21 -44.14 -84.85
C PRO L 959 58.99 -44.59 -85.63
N TYR L 960 58.55 -43.76 -86.56
CA TYR L 960 57.53 -44.19 -87.51
C TYR L 960 58.19 -44.64 -88.81
N SER L 961 57.52 -45.53 -89.51
CA SER L 961 57.96 -46.01 -90.81
C SER L 961 56.88 -45.71 -91.85
N ASP L 962 57.13 -46.17 -93.06
CA ASP L 962 56.19 -46.04 -94.16
C ASP L 962 55.45 -47.35 -94.36
N MET L 963 54.20 -47.23 -94.82
CA MET L 963 53.43 -48.41 -95.23
C MET L 963 54.08 -49.10 -96.43
N ASP L 964 54.61 -48.32 -97.37
CA ASP L 964 55.31 -48.90 -98.52
C ASP L 964 56.62 -49.55 -98.08
N SER L 965 57.33 -48.95 -97.13
CA SER L 965 58.55 -49.54 -96.63
C SER L 965 58.28 -50.82 -95.84
N LEU L 966 57.12 -50.92 -95.20
CA LEU L 966 56.80 -52.10 -94.42
C LEU L 966 56.12 -53.18 -95.26
N GLU L 967 55.56 -52.81 -96.41
CA GLU L 967 54.83 -53.77 -97.24
C GLU L 967 55.75 -54.80 -97.87
N ARG L 968 56.95 -54.40 -98.28
CA ARG L 968 57.90 -55.32 -98.90
C ARG L 968 58.42 -56.38 -97.93
N ILE L 969 58.30 -56.14 -96.61
CA ILE L 969 58.82 -57.07 -95.63
C ILE L 969 57.99 -58.35 -95.57
N CYS L 970 56.67 -58.25 -95.72
CA CYS L 970 55.83 -59.44 -95.73
C CYS L 970 56.08 -60.27 -96.98
N ARG L 971 56.27 -59.59 -98.11
CA ARG L 971 56.59 -60.27 -99.36
C ARG L 971 57.95 -60.95 -99.29
N ALA L 972 58.92 -60.32 -98.62
CA ALA L 972 60.21 -60.95 -98.43
C ALA L 972 60.13 -62.12 -97.45
N ALA L 973 59.22 -62.05 -96.47
CA ALA L 973 59.14 -63.10 -95.45
C ALA L 973 58.39 -64.32 -95.98
N TRP L 974 57.12 -64.15 -96.34
CA TRP L 974 56.37 -65.29 -96.85
C TRP L 974 55.80 -64.98 -98.23
N PRO L 975 55.79 -65.96 -99.13
CA PRO L 975 55.18 -65.71 -100.45
C PRO L 975 53.66 -65.71 -100.41
N ASN L 976 53.06 -66.43 -99.46
CA ASN L 976 51.62 -66.58 -99.40
C ASN L 976 50.98 -65.72 -98.31
N CYS L 977 51.66 -64.68 -97.85
CA CYS L 977 51.08 -63.81 -96.84
C CYS L 977 50.15 -62.82 -97.53
N SER L 978 49.09 -62.41 -96.84
CA SER L 978 48.10 -61.49 -97.38
C SER L 978 47.79 -60.47 -96.29
N ILE L 979 48.36 -59.27 -96.41
CA ILE L 979 48.13 -58.23 -95.42
C ILE L 979 46.74 -57.64 -95.61
N THR L 980 46.21 -57.09 -94.53
CA THR L 980 45.01 -56.27 -94.59
C THR L 980 45.06 -55.21 -93.50
N TRP L 981 44.72 -53.99 -93.86
CA TRP L 981 44.69 -52.88 -92.92
C TRP L 981 43.25 -52.66 -92.49
N VAL L 982 42.96 -52.95 -91.23
CA VAL L 982 41.60 -52.79 -90.72
C VAL L 982 41.32 -51.30 -90.52
N PRO L 983 40.23 -50.79 -91.07
CA PRO L 983 39.92 -49.37 -90.90
C PRO L 983 39.28 -49.12 -89.56
N LEU L 984 39.41 -47.89 -89.08
CA LEU L 984 38.73 -47.48 -87.87
C LEU L 984 37.25 -47.29 -88.19
N SER L 985 36.40 -47.97 -87.44
CA SER L 985 34.97 -47.98 -87.73
C SER L 985 34.29 -46.86 -86.97
N TYR L 986 33.52 -46.05 -87.69
CA TYR L 986 32.86 -44.89 -87.11
C TYR L 986 31.72 -45.25 -86.15
N ASP L 987 31.29 -46.51 -86.14
CA ASP L 987 30.11 -46.97 -85.43
C ASP L 987 30.27 -46.98 -83.91
N LEU L 988 31.49 -46.76 -83.41
CA LEU L 988 31.90 -47.02 -82.02
C LEU L 988 31.41 -48.38 -81.52
N ARG L 989 31.74 -49.41 -82.30
CA ARG L 989 31.43 -50.79 -81.92
C ARG L 989 32.24 -51.23 -80.71
N TRP L 990 33.43 -50.63 -80.53
CA TRP L 990 34.38 -51.03 -79.48
C TRP L 990 33.93 -50.69 -78.07
N THR L 991 32.88 -49.88 -77.90
CA THR L 991 32.52 -49.38 -76.59
C THR L 991 31.81 -50.39 -75.71
N LYS L 992 31.63 -51.62 -76.19
CA LYS L 992 31.04 -52.68 -75.38
C LYS L 992 31.94 -53.03 -74.20
N LEU L 993 33.25 -53.03 -74.40
CA LEU L 993 34.17 -53.26 -73.29
C LEU L 993 34.24 -52.05 -72.38
N ALA L 994 33.89 -50.87 -72.90
CA ALA L 994 34.08 -49.65 -72.14
C ALA L 994 32.90 -49.33 -71.23
N LEU L 995 31.67 -49.40 -71.76
CA LEU L 995 30.53 -48.99 -70.96
C LEU L 995 30.09 -50.06 -69.97
N LEU L 996 30.22 -51.33 -70.34
CA LEU L 996 29.79 -52.40 -69.46
C LEU L 996 30.73 -52.58 -68.27
N GLU L 997 31.97 -52.10 -68.37
CA GLU L 997 32.91 -52.14 -67.27
C GLU L 997 32.87 -50.86 -66.43
N SER L 998 31.77 -50.12 -66.49
CA SER L 998 31.48 -48.95 -65.64
C SER L 998 32.54 -47.85 -65.82
N THR L 999 32.55 -47.28 -67.01
CA THR L 999 33.48 -46.20 -67.34
C THR L 999 32.76 -45.12 -68.11
N THR L 1000 32.56 -43.96 -67.48
CA THR L 1000 32.04 -42.78 -68.17
C THR L 1000 33.08 -42.30 -69.17
N LEU L 1001 32.73 -42.30 -70.46
CA LEU L 1001 33.81 -42.17 -71.43
C LEU L 1001 34.27 -40.75 -71.67
N SER L 1002 33.52 -39.98 -72.47
CA SER L 1002 33.95 -38.67 -72.99
C SER L 1002 32.94 -38.07 -73.95
N SER L 1003 33.26 -36.88 -74.43
CA SER L 1003 32.84 -36.44 -75.75
C SER L 1003 34.01 -36.10 -76.65
N ALA L 1004 35.08 -35.55 -76.09
CA ALA L 1004 36.22 -35.10 -76.87
C ALA L 1004 37.31 -36.17 -76.97
N SER L 1005 37.52 -36.91 -75.88
CA SER L 1005 38.58 -37.92 -75.85
C SER L 1005 38.29 -39.08 -76.81
N VAL L 1006 37.02 -39.37 -77.09
CA VAL L 1006 36.72 -40.39 -78.09
C VAL L 1006 37.05 -39.91 -79.51
N ARG L 1007 36.82 -38.62 -79.81
CA ARG L 1007 37.22 -38.08 -81.10
C ARG L 1007 38.73 -38.02 -81.23
N ILE L 1008 39.40 -37.67 -80.13
CA ILE L 1008 40.86 -37.65 -80.09
C ILE L 1008 41.43 -39.06 -80.26
N ALA L 1009 40.80 -40.07 -79.67
CA ALA L 1009 41.25 -41.44 -79.87
C ALA L 1009 41.00 -41.92 -81.29
N GLU L 1010 39.89 -41.49 -81.90
CA GLU L 1010 39.65 -41.79 -83.31
C GLU L 1010 40.68 -41.13 -84.21
N LEU L 1011 41.16 -39.95 -83.85
CA LEU L 1011 42.22 -39.33 -84.62
C LEU L 1011 43.57 -40.00 -84.36
N MET L 1012 43.79 -40.48 -83.13
CA MET L 1012 45.09 -41.03 -82.78
C MET L 1012 45.29 -42.43 -83.33
N TYR L 1013 44.20 -43.20 -83.47
CA TYR L 1013 44.29 -44.53 -84.06
C TYR L 1013 44.67 -44.47 -85.53
N LYS L 1014 44.40 -43.35 -86.21
CA LYS L 1014 44.76 -43.16 -87.60
C LYS L 1014 46.28 -43.12 -87.80
N TYR L 1015 47.03 -42.75 -86.77
CA TYR L 1015 48.48 -42.79 -86.83
C TYR L 1015 49.08 -44.12 -86.41
N MET L 1016 48.34 -44.92 -85.62
CA MET L 1016 48.76 -46.27 -85.25
C MET L 1016 47.69 -47.31 -85.60
N PRO L 1017 47.53 -47.65 -86.87
CA PRO L 1017 46.60 -48.72 -87.21
C PRO L 1017 47.26 -50.07 -87.03
N ILE L 1018 46.46 -51.02 -86.60
CA ILE L 1018 46.95 -52.38 -86.51
C ILE L 1018 46.71 -53.07 -87.84
N MET L 1019 47.55 -54.06 -88.13
CA MET L 1019 47.51 -54.79 -89.39
C MET L 1019 47.30 -56.26 -89.10
N ARG L 1020 46.84 -57.00 -90.12
CA ARG L 1020 46.52 -58.41 -89.96
C ARG L 1020 47.08 -59.18 -91.14
N ILE L 1021 47.84 -60.23 -90.85
CA ILE L 1021 48.51 -61.05 -91.85
C ILE L 1021 48.02 -62.49 -91.68
N ASP L 1022 47.74 -63.17 -92.80
CA ASP L 1022 47.42 -64.59 -92.75
C ASP L 1022 48.04 -65.31 -93.94
N ILE L 1023 48.82 -66.35 -93.66
CA ILE L 1023 49.41 -67.17 -94.72
C ILE L 1023 48.49 -68.35 -94.98
N HIS L 1024 48.27 -68.63 -96.26
CA HIS L 1024 47.43 -69.73 -96.78
C HIS L 1024 46.00 -69.69 -96.27
CA ALA M 2 -12.90 -36.58 -71.72
C ALA M 2 -12.86 -35.92 -70.36
N ASN M 3 -14.00 -35.43 -69.91
CA ASN M 3 -14.11 -34.75 -68.63
C ASN M 3 -15.08 -35.48 -67.71
N VAL M 4 -14.84 -35.39 -66.41
CA VAL M 4 -15.77 -35.98 -65.46
C VAL M 4 -16.67 -34.90 -64.87
N TRP M 5 -16.10 -33.95 -64.14
CA TRP M 5 -16.80 -32.73 -63.77
C TRP M 5 -15.83 -31.58 -63.94
N GLY M 6 -14.56 -31.87 -63.75
CA GLY M 6 -13.46 -31.00 -64.08
C GLY M 6 -12.55 -31.73 -65.05
N VAL M 7 -12.12 -31.04 -66.11
CA VAL M 7 -11.58 -31.72 -67.29
C VAL M 7 -10.18 -32.27 -67.00
N ARG M 8 -9.91 -33.45 -67.53
CA ARG M 8 -8.58 -34.04 -67.48
C ARG M 8 -8.04 -34.11 -68.90
N LEU M 9 -6.79 -34.52 -69.00
CA LEU M 9 -6.09 -34.45 -70.28
C LEU M 9 -6.53 -35.61 -71.17
N ALA M 10 -6.34 -35.42 -72.47
CA ALA M 10 -6.79 -36.35 -73.50
C ALA M 10 -5.89 -37.58 -73.60
N ASP M 11 -6.01 -38.27 -74.73
CA ASP M 11 -5.64 -39.67 -75.00
C ASP M 11 -4.38 -40.20 -74.34
N SER M 12 -3.34 -39.38 -74.25
CA SER M 12 -2.05 -39.83 -73.73
C SER M 12 -2.17 -40.12 -72.24
N LEU M 13 -2.27 -41.41 -71.90
CA LEU M 13 -2.29 -41.88 -70.53
C LEU M 13 -1.04 -42.70 -70.28
N SER M 14 -0.47 -42.58 -69.09
CA SER M 14 0.78 -43.26 -68.80
C SER M 14 0.77 -43.70 -67.35
N SER M 15 1.81 -44.45 -66.99
CA SER M 15 1.93 -45.05 -65.67
C SER M 15 3.37 -45.46 -65.46
N PRO M 16 3.83 -45.57 -64.21
CA PRO M 16 5.15 -46.14 -63.96
C PRO M 16 5.20 -47.61 -64.33
N THR M 17 6.41 -48.09 -64.59
CA THR M 17 6.60 -49.44 -65.08
C THR M 17 7.39 -50.30 -64.11
N ILE M 18 8.55 -49.87 -63.66
CA ILE M 18 9.43 -50.67 -62.83
C ILE M 18 9.18 -50.31 -61.37
N GLU M 19 8.94 -51.32 -60.54
CA GLU M 19 8.80 -51.14 -59.11
C GLU M 19 10.05 -51.66 -58.41
N THR M 20 10.62 -50.83 -57.55
CA THR M 20 11.72 -51.29 -56.73
C THR M 20 11.20 -52.15 -55.59
N ARG M 21 12.06 -53.00 -55.05
CA ARG M 21 11.70 -53.81 -53.89
C ARG M 21 12.35 -53.23 -52.64
N THR M 22 11.72 -53.49 -51.51
CA THR M 22 12.12 -52.90 -50.25
C THR M 22 12.98 -53.86 -49.45
N ARG M 23 13.56 -53.34 -48.38
CA ARG M 23 14.30 -54.14 -47.43
C ARG M 23 13.72 -53.91 -46.04
N HIS M 24 13.94 -54.89 -45.17
CA HIS M 24 13.42 -54.86 -43.82
C HIS M 24 14.16 -53.83 -42.97
N TYR M 25 13.44 -53.26 -42.01
CA TYR M 25 14.00 -52.22 -41.15
C TYR M 25 14.73 -52.88 -39.98
N THR M 26 16.04 -52.70 -39.93
CA THR M 26 16.90 -53.39 -38.98
C THR M 26 17.41 -52.44 -37.90
N LEU M 27 18.02 -53.03 -36.87
CA LEU M 27 18.54 -52.24 -35.75
C LEU M 27 19.74 -51.41 -36.18
N HIS M 28 20.49 -51.87 -37.20
CA HIS M 28 21.56 -51.10 -37.80
C HIS M 28 21.06 -49.79 -38.40
N ASP M 29 19.82 -49.80 -38.90
CA ASP M 29 19.20 -48.58 -39.42
C ASP M 29 18.51 -47.80 -38.30
N PHE M 30 17.98 -48.50 -37.31
CA PHE M 30 17.26 -47.82 -36.23
C PHE M 30 18.20 -47.05 -35.33
N TYR M 31 19.43 -47.53 -35.15
CA TYR M 31 20.43 -46.73 -34.43
C TYR M 31 20.77 -45.47 -35.21
N SER M 32 20.94 -45.59 -36.53
CA SER M 32 21.33 -44.47 -37.36
C SER M 32 20.23 -43.43 -37.49
N ASP M 33 18.96 -43.84 -37.40
CA ASP M 33 17.88 -42.87 -37.46
C ASP M 33 17.76 -42.03 -36.20
N LEU M 34 18.26 -42.52 -35.07
CA LEU M 34 18.13 -41.76 -33.83
C LEU M 34 19.14 -40.60 -33.79
N ASP M 35 20.42 -40.88 -33.99
CA ASP M 35 21.42 -39.82 -34.04
C ASP M 35 21.35 -39.17 -35.43
N ALA M 36 20.41 -38.25 -35.56
CA ALA M 36 20.04 -37.65 -36.84
C ALA M 36 21.17 -36.75 -37.32
N SER M 37 21.87 -37.19 -38.35
CA SER M 37 22.93 -36.39 -38.94
C SER M 37 22.34 -35.28 -39.80
N VAL M 38 23.23 -34.42 -40.30
CA VAL M 38 22.76 -33.31 -41.13
C VAL M 38 22.35 -33.81 -42.51
N GLY M 39 22.92 -34.93 -42.94
CA GLY M 39 22.55 -35.51 -44.22
C GLY M 39 21.27 -36.31 -44.13
N LYS M 40 21.20 -37.22 -43.17
CA LYS M 40 20.05 -38.08 -42.99
C LYS M 40 19.34 -37.72 -41.69
N GLU M 41 18.10 -37.29 -41.82
CA GLU M 41 17.23 -36.99 -40.69
C GLU M 41 15.80 -37.32 -41.10
N PRO M 42 14.95 -37.71 -40.14
CA PRO M 42 13.59 -38.14 -40.50
C PRO M 42 12.70 -37.00 -40.98
N TRP M 43 12.70 -35.89 -40.26
CA TRP M 43 11.86 -34.77 -40.62
C TRP M 43 12.41 -34.05 -41.84
N ARG M 44 11.51 -33.55 -42.68
CA ARG M 44 11.91 -32.63 -43.72
C ARG M 44 10.91 -31.49 -43.69
N PRO M 45 11.37 -30.25 -43.85
CA PRO M 45 10.48 -29.11 -43.66
C PRO M 45 9.68 -28.76 -44.91
N LEU M 46 8.39 -28.53 -44.70
CA LEU M 46 7.55 -27.89 -45.68
C LEU M 46 7.62 -26.39 -45.44
N ARG M 47 7.26 -25.62 -46.46
CA ARG M 47 7.35 -24.17 -46.34
C ARG M 47 6.30 -23.48 -47.20
N ASN M 48 5.96 -22.27 -46.79
CA ASN M 48 5.04 -21.42 -47.53
C ASN M 48 5.66 -21.03 -48.86
N GLN M 49 4.81 -20.78 -49.85
CA GLN M 49 5.32 -20.48 -51.18
C GLN M 49 5.56 -18.98 -51.35
N ARG M 50 4.72 -18.14 -50.73
CA ARG M 50 4.88 -16.70 -50.89
C ARG M 50 5.95 -16.16 -49.95
N THR M 51 5.77 -16.33 -48.64
CA THR M 51 6.70 -15.78 -47.67
C THR M 51 7.99 -16.56 -47.57
N ASN M 52 8.02 -17.79 -48.11
CA ASN M 52 9.17 -18.70 -48.08
C ASN M 52 9.63 -18.97 -46.65
N GLU M 53 8.68 -19.21 -45.76
CA GLU M 53 8.94 -19.51 -44.36
C GLU M 53 8.48 -20.92 -44.03
N ILE M 54 9.19 -21.56 -43.11
CA ILE M 54 8.86 -22.91 -42.69
C ILE M 54 7.58 -22.88 -41.86
N VAL M 55 6.55 -23.60 -42.32
CA VAL M 55 5.28 -23.62 -41.63
C VAL M 55 4.84 -25.02 -41.23
N ALA M 56 5.40 -26.08 -41.81
CA ALA M 56 4.95 -27.42 -41.50
C ALA M 56 6.12 -28.38 -41.66
N VAL M 57 6.02 -29.53 -40.99
CA VAL M 57 7.06 -30.55 -40.99
C VAL M 57 6.43 -31.89 -41.33
N GLN M 58 6.95 -32.55 -42.35
CA GLN M 58 6.54 -33.92 -42.67
C GLN M 58 7.48 -34.91 -41.98
N LEU M 59 6.89 -35.92 -41.34
CA LEU M 59 7.64 -36.89 -40.56
C LEU M 59 7.77 -38.20 -41.32
N PHE M 60 8.85 -38.93 -41.04
CA PHE M 60 9.19 -40.18 -41.72
C PHE M 60 9.31 -41.32 -40.71
N ARG M 61 9.87 -42.45 -41.18
CA ARG M 61 9.88 -43.80 -40.62
C ARG M 61 10.03 -43.98 -39.11
N PRO M 62 11.08 -43.44 -38.42
CA PRO M 62 11.27 -43.85 -37.03
C PRO M 62 10.30 -43.19 -36.05
N LEU M 63 9.86 -41.96 -36.33
CA LEU M 63 8.85 -41.30 -35.51
C LEU M 63 7.61 -41.07 -36.37
N GLN M 64 6.62 -41.94 -36.19
CA GLN M 64 5.35 -41.80 -36.89
C GLN M 64 4.23 -42.19 -35.95
N GLY M 65 4.47 -42.07 -34.64
CA GLY M 65 3.58 -42.53 -33.59
C GLY M 65 3.21 -41.41 -32.65
N LEU M 66 2.88 -40.25 -33.21
CA LEU M 66 2.68 -39.03 -32.43
C LEU M 66 1.22 -38.83 -32.07
N VAL M 67 0.55 -39.94 -31.73
CA VAL M 67 -0.90 -40.02 -31.65
C VAL M 67 -1.50 -39.13 -30.55
N PHE M 68 -0.75 -38.78 -29.51
CA PHE M 68 -1.31 -37.97 -28.43
C PHE M 68 -1.41 -36.51 -28.84
N ASP M 69 -1.95 -35.70 -27.95
CA ASP M 69 -2.20 -34.29 -28.24
C ASP M 69 -0.91 -33.49 -28.23
N THR M 70 -0.97 -32.32 -28.86
CA THR M 70 0.23 -31.51 -29.08
C THR M 70 0.75 -30.91 -27.79
N GLN M 71 -0.14 -30.61 -26.83
CA GLN M 71 0.29 -30.04 -25.56
C GLN M 71 0.99 -31.05 -24.67
N LEU M 72 0.88 -32.35 -24.96
CA LEU M 72 1.58 -33.35 -24.17
C LEU M 72 3.07 -33.33 -24.46
N TYR M 73 3.47 -32.98 -25.68
CA TYR M 73 4.87 -33.09 -26.07
C TYR M 73 5.69 -31.86 -25.67
N GLY M 74 5.10 -30.67 -25.74
CA GLY M 74 5.82 -29.47 -25.39
C GLY M 74 6.84 -29.08 -26.44
N PHE M 75 6.45 -29.14 -27.70
CA PHE M 75 7.33 -28.78 -28.79
C PHE M 75 7.52 -27.27 -28.87
N PRO M 76 8.68 -26.82 -29.35
CA PRO M 76 8.86 -25.39 -29.61
C PRO M 76 8.04 -24.95 -30.83
N GLY M 77 7.98 -23.63 -31.00
CA GLY M 77 7.21 -23.06 -32.09
C GLY M 77 7.97 -22.95 -33.39
N THR M 78 9.23 -22.57 -33.31
CA THR M 78 10.02 -22.37 -34.52
C THR M 78 10.74 -23.66 -34.91
N PHE M 79 11.02 -23.78 -36.21
CA PHE M 79 11.64 -24.98 -36.74
C PHE M 79 13.08 -25.15 -36.28
N SER M 80 13.82 -24.04 -36.16
CA SER M 80 15.23 -24.12 -35.77
C SER M 80 15.38 -24.54 -34.31
N GLN M 81 14.41 -24.19 -33.46
CA GLN M 81 14.44 -24.68 -32.09
C GLN M 81 13.89 -26.10 -31.98
N TRP M 82 12.89 -26.42 -32.79
CA TRP M 82 12.28 -27.75 -32.77
C TRP M 82 13.26 -28.82 -33.20
N GLU M 83 14.06 -28.52 -34.22
CA GLU M 83 15.03 -29.48 -34.73
C GLU M 83 16.12 -29.77 -33.72
N GLN M 84 16.61 -28.74 -33.03
CA GLN M 84 17.62 -28.93 -31.98
C GLN M 84 17.04 -29.66 -30.78
N PHE M 85 15.79 -29.37 -30.44
CA PHE M 85 15.07 -30.09 -29.38
C PHE M 85 14.98 -31.58 -29.68
N MET M 86 14.58 -31.93 -30.90
CA MET M 86 14.44 -33.32 -31.29
C MET M 86 15.78 -34.03 -31.35
N LYS M 87 16.81 -33.37 -31.91
CA LYS M 87 18.14 -33.97 -31.95
C LYS M 87 18.72 -34.16 -30.56
N GLU M 88 18.37 -33.28 -29.62
CA GLU M 88 18.86 -33.45 -28.25
C GLU M 88 18.15 -34.59 -27.54
N LYS M 89 16.87 -34.81 -27.82
CA LYS M 89 16.16 -35.84 -27.07
C LYS M 89 16.33 -37.25 -27.66
N LEU M 90 16.56 -37.35 -28.97
CA LEU M 90 16.67 -38.67 -29.58
C LEU M 90 17.94 -39.41 -29.17
N ARG M 91 19.02 -38.69 -28.83
CA ARG M 91 20.20 -39.40 -28.35
C ARG M 91 20.03 -39.90 -26.92
N VAL M 92 19.23 -39.21 -26.11
CA VAL M 92 18.92 -39.68 -24.77
C VAL M 92 18.09 -40.95 -24.85
N LEU M 93 17.21 -41.03 -25.85
CA LEU M 93 16.54 -42.31 -26.08
C LEU M 93 17.46 -43.35 -26.69
N LYS M 94 18.45 -42.92 -27.49
CA LYS M 94 19.35 -43.85 -28.16
C LYS M 94 20.23 -44.61 -27.18
N TYR M 95 20.73 -43.92 -26.16
CA TYR M 95 21.50 -44.62 -25.13
C TYR M 95 20.64 -45.57 -24.31
N GLU M 96 19.36 -45.27 -24.12
CA GLU M 96 18.48 -46.18 -23.40
C GLU M 96 18.20 -47.44 -24.21
N VAL M 97 18.10 -47.30 -25.53
CA VAL M 97 18.02 -48.49 -26.38
C VAL M 97 19.33 -49.26 -26.35
N LEU M 98 20.45 -48.53 -26.37
CA LEU M 98 21.75 -49.14 -26.56
C LEU M 98 22.22 -49.87 -25.31
N ARG M 99 21.73 -49.47 -24.13
CA ARG M 99 22.12 -50.17 -22.91
C ARG M 99 21.52 -51.57 -22.85
N ILE M 100 20.22 -51.69 -23.15
CA ILE M 100 19.56 -52.98 -23.09
C ILE M 100 19.98 -53.85 -24.27
N TYR M 101 20.02 -53.26 -25.47
CA TYR M 101 20.44 -54.01 -26.64
C TYR M 101 21.82 -53.54 -27.06
N PRO M 102 22.86 -54.36 -26.86
CA PRO M 102 24.21 -53.94 -27.25
C PRO M 102 24.36 -53.89 -28.76
N ILE M 103 25.33 -53.09 -29.19
CA ILE M 103 25.51 -52.82 -30.61
C ILE M 103 26.29 -53.94 -31.28
N SER M 104 26.81 -54.91 -30.52
CA SER M 104 27.42 -56.10 -31.11
C SER M 104 26.42 -56.93 -31.89
N THR M 105 25.13 -56.87 -31.52
CA THR M 105 24.06 -57.41 -32.36
C THR M 105 23.65 -56.29 -33.32
N TYR M 106 24.23 -56.32 -34.51
CA TYR M 106 23.98 -55.29 -35.51
C TYR M 106 23.82 -55.83 -36.93
N ASN M 107 23.99 -57.13 -37.14
CA ASN M 107 24.17 -57.64 -38.51
C ASN M 107 22.84 -57.79 -39.25
N HIS M 108 21.99 -58.70 -38.77
CA HIS M 108 20.79 -59.04 -39.51
C HIS M 108 19.63 -59.26 -38.55
N ASP M 109 19.55 -58.42 -37.52
CA ASP M 109 18.50 -58.54 -36.52
C ASP M 109 17.39 -57.53 -36.80
N ARG M 110 16.23 -58.05 -37.20
CA ARG M 110 15.11 -57.21 -37.56
C ARG M 110 14.41 -56.69 -36.31
N VAL M 111 13.92 -55.46 -36.39
CA VAL M 111 13.20 -54.84 -35.27
C VAL M 111 11.75 -54.66 -35.68
N ASN M 112 10.88 -54.60 -34.68
CA ASN M 112 9.46 -54.44 -34.94
C ASN M 112 9.17 -52.98 -35.23
N VAL M 113 8.53 -52.73 -36.37
CA VAL M 113 8.32 -51.35 -36.83
C VAL M 113 7.29 -50.65 -35.96
N PHE M 114 6.24 -51.38 -35.55
CA PHE M 114 5.22 -50.81 -34.69
C PHE M 114 5.77 -50.48 -33.31
N VAL M 115 6.61 -51.35 -32.76
CA VAL M 115 7.25 -51.08 -31.48
C VAL M 115 8.24 -49.93 -31.62
N ALA M 116 8.88 -49.81 -32.78
CA ALA M 116 9.83 -48.72 -33.01
C ALA M 116 9.12 -47.36 -33.08
N ASN M 117 7.95 -47.32 -33.70
CA ASN M 117 7.18 -46.07 -33.72
C ASN M 117 6.59 -45.76 -32.34
N ALA M 118 5.99 -46.76 -31.70
CA ALA M 118 5.33 -46.52 -30.42
C ALA M 118 6.31 -46.25 -29.30
N LEU M 119 7.58 -46.67 -29.42
CA LEU M 119 8.56 -46.38 -28.39
C LEU M 119 8.94 -44.91 -28.38
N VAL M 120 9.19 -44.33 -29.55
CA VAL M 120 9.47 -42.91 -29.58
C VAL M 120 8.20 -42.11 -29.32
N GLY M 121 7.02 -42.65 -29.65
CA GLY M 121 5.79 -41.97 -29.30
C GLY M 121 5.50 -41.97 -27.82
N ALA M 122 5.96 -43.00 -27.10
CA ALA M 122 5.81 -43.03 -25.66
C ALA M 122 6.88 -42.22 -24.96
N PHE M 123 8.08 -42.16 -25.54
CA PHE M 123 9.15 -41.41 -24.89
C PHE M 123 9.00 -39.90 -25.10
N LEU M 124 8.50 -39.49 -26.26
CA LEU M 124 8.25 -38.07 -26.46
C LEU M 124 7.05 -37.58 -25.66
N SER M 125 6.17 -38.47 -25.24
CA SER M 125 4.97 -38.10 -24.49
C SER M 125 5.02 -38.54 -23.04
N ASN M 126 6.13 -39.16 -22.61
CA ASN M 126 6.39 -39.55 -21.22
C ASN M 126 5.36 -40.55 -20.70
N GLN M 127 5.09 -41.59 -21.49
CA GLN M 127 4.05 -42.57 -21.17
C GLN M 127 4.60 -43.99 -21.26
N ALA M 128 5.30 -44.43 -20.21
CA ALA M 128 5.58 -45.85 -19.91
C ALA M 128 6.24 -46.60 -21.07
N PHE M 129 7.46 -46.18 -21.40
CA PHE M 129 8.13 -46.75 -22.56
C PHE M 129 8.81 -48.09 -22.27
N TYR M 130 9.18 -48.35 -21.01
CA TYR M 130 10.12 -49.41 -20.68
C TYR M 130 9.55 -50.81 -20.88
N ASP M 131 8.22 -50.96 -20.92
CA ASP M 131 7.64 -52.25 -21.25
C ASP M 131 7.87 -52.61 -22.71
N LEU M 132 7.89 -51.61 -23.59
CA LEU M 132 7.94 -51.88 -25.02
C LEU M 132 9.33 -52.30 -25.46
N LEU M 133 10.34 -51.99 -24.67
CA LEU M 133 11.73 -52.19 -25.03
C LEU M 133 12.16 -53.65 -25.12
N PRO M 134 11.70 -54.60 -24.29
CA PRO M 134 11.99 -56.01 -24.58
C PRO M 134 11.26 -56.57 -25.79
N LEU M 135 10.21 -55.91 -26.27
CA LEU M 135 9.47 -56.37 -27.44
C LEU M 135 9.98 -55.76 -28.73
N LEU M 136 11.22 -55.27 -28.75
CA LEU M 136 11.70 -54.56 -29.93
C LEU M 136 12.20 -55.52 -31.01
N ILE M 137 12.93 -56.56 -30.62
CA ILE M 137 13.42 -57.55 -31.58
C ILE M 137 12.26 -58.48 -31.95
N VAL M 138 12.11 -58.74 -33.23
CA VAL M 138 10.94 -59.44 -33.75
C VAL M 138 11.21 -60.94 -33.77
N ASN M 139 10.13 -61.73 -33.70
CA ASN M 139 10.19 -63.16 -33.96
C ASN M 139 8.87 -63.67 -34.52
N ASP M 140 8.97 -64.47 -35.58
CA ASP M 140 7.98 -65.32 -36.24
C ASP M 140 6.96 -64.56 -37.08
N THR M 141 6.78 -63.26 -36.82
CA THR M 141 6.19 -62.19 -37.64
C THR M 141 6.14 -60.95 -36.77
N MET M 142 5.76 -59.83 -37.38
CA MET M 142 5.63 -58.58 -36.63
C MET M 142 4.39 -58.59 -35.74
N ILE M 143 3.25 -59.06 -36.26
CA ILE M 143 1.99 -58.80 -35.57
C ILE M 143 1.77 -59.76 -34.42
N SER M 144 2.04 -61.06 -34.61
CA SER M 144 1.70 -62.08 -33.61
C SER M 144 2.56 -61.99 -32.35
N ASP M 145 3.66 -61.25 -32.41
CA ASP M 145 4.37 -60.89 -31.20
C ASP M 145 3.61 -59.83 -30.41
N LEU M 146 2.71 -59.09 -31.06
CA LEU M 146 1.98 -57.99 -30.43
C LEU M 146 0.51 -58.30 -30.16
N LEU M 147 -0.03 -59.37 -30.74
CA LEU M 147 -1.44 -59.71 -30.51
C LEU M 147 -1.71 -60.08 -29.05
N GLY M 148 -0.97 -61.06 -28.52
CA GLY M 148 -1.25 -61.56 -27.20
C GLY M 148 -0.88 -60.64 -26.06
N THR M 149 0.08 -59.73 -26.27
CA THR M 149 0.60 -58.94 -25.18
C THR M 149 -0.35 -57.81 -24.79
N GLY M 150 -0.08 -57.24 -23.62
CA GLY M 150 -0.80 -56.08 -23.15
C GLY M 150 0.15 -55.08 -22.50
N ALA M 151 1.38 -55.02 -23.01
CA ALA M 151 2.42 -54.21 -22.37
C ALA M 151 2.24 -52.73 -22.67
N ALA M 152 2.08 -52.38 -23.94
CA ALA M 152 1.99 -50.97 -24.31
C ALA M 152 0.61 -50.42 -23.99
N LEU M 153 0.53 -49.10 -23.97
CA LEU M 153 -0.72 -48.42 -23.67
C LEU M 153 -1.67 -48.58 -24.85
N SER M 154 -2.96 -48.65 -24.55
CA SER M 154 -3.97 -48.99 -25.56
C SER M 154 -4.17 -47.92 -26.62
N GLN M 155 -3.68 -46.70 -26.39
CA GLN M 155 -3.75 -45.68 -27.44
C GLN M 155 -2.83 -46.03 -28.60
N PHE M 156 -1.70 -46.67 -28.33
CA PHE M 156 -0.77 -47.03 -29.40
C PHE M 156 -1.33 -48.16 -30.25
N PHE M 157 -1.58 -49.32 -29.63
CA PHE M 157 -2.17 -50.42 -30.37
C PHE M 157 -2.96 -51.31 -29.42
N GLN M 158 -3.85 -52.11 -30.01
CA GLN M 158 -4.71 -53.01 -29.26
C GLN M 158 -5.09 -54.17 -30.17
N SER M 159 -5.58 -55.24 -29.56
CA SER M 159 -5.89 -56.47 -30.27
C SER M 159 -7.35 -56.83 -30.08
N HIS M 160 -7.96 -57.35 -31.14
CA HIS M 160 -9.35 -57.82 -31.09
C HIS M 160 -9.45 -59.31 -31.37
N GLY M 161 -8.34 -60.03 -31.41
CA GLY M 161 -8.35 -61.44 -31.69
C GLY M 161 -8.12 -61.67 -33.17
N GLU M 162 -6.90 -62.08 -33.52
CA GLU M 162 -6.39 -62.26 -34.88
C GLU M 162 -6.40 -60.98 -35.73
N VAL M 163 -6.65 -59.81 -35.12
CA VAL M 163 -6.65 -58.53 -35.80
C VAL M 163 -5.93 -57.54 -34.89
N LEU M 164 -4.87 -56.94 -35.38
CA LEU M 164 -4.15 -55.90 -34.65
C LEU M 164 -4.62 -54.54 -35.13
N GLU M 165 -5.02 -53.69 -34.18
CA GLU M 165 -5.48 -52.34 -34.47
C GLU M 165 -4.47 -51.34 -33.93
N VAL M 166 -3.83 -50.59 -34.82
CA VAL M 166 -2.94 -49.52 -34.42
C VAL M 166 -3.62 -48.20 -34.74
N ALA M 167 -3.08 -47.12 -34.18
CA ALA M 167 -3.63 -45.78 -34.37
C ALA M 167 -2.56 -44.95 -35.07
N ALA M 168 -2.63 -44.92 -36.41
CA ALA M 168 -1.67 -44.12 -37.18
C ALA M 168 -1.96 -42.64 -36.98
N GLY M 169 -0.89 -41.87 -36.79
CA GLY M 169 -1.09 -40.47 -36.48
C GLY M 169 0.03 -39.54 -36.88
N ARG M 170 -0.36 -38.36 -37.37
CA ARG M 170 0.51 -37.21 -37.61
C ARG M 170 1.64 -37.53 -38.60
N LYS M 171 1.21 -37.75 -39.85
CA LYS M 171 2.16 -37.70 -40.95
C LYS M 171 2.80 -36.33 -41.07
N TYR M 172 2.01 -35.27 -40.95
CA TYR M 172 2.50 -33.90 -40.95
C TYR M 172 2.48 -33.35 -39.52
N LEU M 173 3.16 -32.23 -39.34
CA LEU M 173 3.22 -31.57 -38.03
C LEU M 173 3.16 -30.06 -38.26
N GLN M 174 2.25 -29.41 -37.55
CA GLN M 174 1.98 -27.99 -37.75
C GLN M 174 2.85 -27.14 -36.86
N MET M 175 3.53 -26.15 -37.45
CA MET M 175 4.38 -25.24 -36.69
C MET M 175 3.59 -24.03 -36.22
N ASN M 176 4.30 -23.03 -35.71
CA ASN M 176 3.69 -21.91 -35.04
C ASN M 176 3.06 -20.92 -36.01
N ASN M 177 3.70 -20.65 -37.13
CA ASN M 177 3.25 -19.64 -38.08
C ASN M 177 2.47 -20.23 -39.25
N TYR M 178 1.70 -21.28 -38.99
CA TYR M 178 0.78 -21.84 -39.98
C TYR M 178 -0.58 -21.20 -39.74
N SER M 179 -0.91 -20.21 -40.57
CA SER M 179 -2.09 -19.37 -40.33
C SER M 179 -3.20 -19.62 -41.34
N ASN M 180 -3.21 -20.79 -41.98
CA ASN M 180 -4.23 -21.20 -42.96
C ASN M 180 -4.33 -20.23 -44.14
N ASP M 181 -3.18 -19.70 -44.56
CA ASP M 181 -3.16 -18.81 -45.70
C ASP M 181 -3.38 -19.61 -46.98
N ASP M 182 -3.77 -18.91 -48.04
CA ASP M 182 -4.06 -19.56 -49.31
C ASP M 182 -2.82 -20.09 -50.00
N ASP M 183 -1.64 -19.63 -49.61
CA ASP M 183 -0.39 -20.13 -50.16
C ASP M 183 0.26 -21.18 -49.29
N ASP M 184 -0.33 -21.51 -48.15
CA ASP M 184 0.18 -22.55 -47.28
C ASP M 184 0.00 -23.92 -47.93
N PRO M 185 0.87 -24.87 -47.62
CA PRO M 185 0.66 -26.24 -48.10
C PRO M 185 -0.45 -26.90 -47.31
N PRO M 186 -1.35 -27.62 -47.98
CA PRO M 186 -2.42 -28.31 -47.26
C PRO M 186 -1.88 -29.53 -46.52
N LEU M 187 -2.55 -29.86 -45.43
CA LEU M 187 -2.07 -30.92 -44.55
C LEU M 187 -2.92 -32.17 -44.60
N PHE M 188 -4.09 -32.12 -45.23
CA PHE M 188 -4.97 -33.27 -45.50
C PHE M 188 -5.40 -33.98 -44.21
N ALA M 189 -5.72 -33.17 -43.19
CA ALA M 189 -6.19 -33.60 -41.87
C ALA M 189 -5.21 -34.55 -41.19
N LYS M 190 -3.92 -34.42 -41.48
CA LYS M 190 -2.89 -35.26 -40.91
C LYS M 190 -2.05 -34.53 -39.88
N ASP M 191 -2.48 -33.34 -39.44
CA ASP M 191 -1.91 -32.70 -38.28
C ASP M 191 -2.75 -32.93 -37.02
N LEU M 192 -3.71 -33.84 -37.10
CA LEU M 192 -4.70 -34.05 -36.08
C LEU M 192 -4.41 -35.36 -35.34
N SER M 193 -5.01 -35.51 -34.16
CA SER M 193 -4.68 -36.60 -33.25
C SER M 193 -5.08 -37.97 -33.82
N ASP M 194 -6.34 -38.12 -34.21
CA ASP M 194 -6.82 -39.41 -34.70
C ASP M 194 -7.66 -39.21 -35.97
N TYR M 195 -7.00 -39.36 -37.11
CA TYR M 195 -7.69 -39.23 -38.39
C TYR M 195 -8.03 -40.57 -39.02
N ALA M 196 -7.35 -41.64 -38.62
CA ALA M 196 -7.63 -42.97 -39.18
C ALA M 196 -7.20 -44.01 -38.17
N LYS M 197 -7.65 -45.25 -38.42
CA LYS M 197 -7.27 -46.40 -37.61
C LYS M 197 -6.97 -47.55 -38.54
N ALA M 198 -5.76 -48.11 -38.44
CA ALA M 198 -5.34 -49.21 -39.29
C ALA M 198 -5.64 -50.54 -38.61
N PHE M 199 -5.96 -51.55 -39.40
CA PHE M 199 -6.32 -52.88 -38.90
C PHE M 199 -5.46 -53.92 -39.59
N TYR M 200 -4.44 -54.40 -38.87
CA TYR M 200 -3.48 -55.35 -39.40
C TYR M 200 -3.88 -56.78 -39.06
N SER M 201 -3.67 -57.68 -40.02
CA SER M 201 -3.83 -59.11 -39.80
C SER M 201 -2.97 -59.86 -40.80
N ASP M 202 -3.03 -61.18 -40.76
CA ASP M 202 -2.26 -61.99 -41.69
C ASP M 202 -2.92 -62.03 -43.06
N THR M 203 -4.15 -62.51 -43.12
CA THR M 203 -4.88 -62.65 -44.38
C THR M 203 -6.04 -61.66 -44.42
N TYR M 204 -6.59 -61.46 -45.61
CA TYR M 204 -7.73 -60.57 -45.77
C TYR M 204 -9.04 -61.21 -45.33
N GLU M 205 -9.10 -62.53 -45.25
CA GLU M 205 -10.33 -63.21 -44.86
C GLU M 205 -10.65 -63.01 -43.38
N VAL M 206 -9.65 -62.71 -42.55
CA VAL M 206 -9.92 -62.39 -41.16
C VAL M 206 -10.50 -60.99 -41.05
N LEU M 207 -9.94 -60.04 -41.80
CA LEU M 207 -10.42 -58.66 -41.75
C LEU M 207 -11.78 -58.50 -42.39
N ASP M 208 -12.09 -59.31 -43.41
CA ASP M 208 -13.42 -59.27 -43.99
C ASP M 208 -14.48 -59.81 -43.04
N ARG M 209 -14.14 -60.80 -42.22
CA ARG M 209 -15.06 -61.21 -41.17
C ARG M 209 -15.06 -60.23 -40.00
N PHE M 210 -13.99 -59.45 -39.85
CA PHE M 210 -13.98 -58.41 -38.83
C PHE M 210 -14.94 -57.28 -39.18
N PHE M 211 -15.00 -56.91 -40.45
CA PHE M 211 -15.93 -55.86 -40.87
C PHE M 211 -17.30 -56.39 -41.28
N TRP M 212 -17.64 -57.61 -40.87
CA TRP M 212 -19.05 -58.00 -40.92
C TRP M 212 -19.75 -57.67 -39.61
N THR M 213 -19.05 -57.84 -38.49
CA THR M 213 -19.63 -57.52 -37.20
C THR M 213 -19.57 -56.01 -36.94
N HIS M 214 -18.37 -55.44 -36.99
CA HIS M 214 -18.19 -54.01 -36.75
C HIS M 214 -18.74 -53.19 -37.90
N ASP M 215 -18.92 -51.90 -37.66
CA ASP M 215 -19.54 -51.02 -38.64
C ASP M 215 -18.48 -50.48 -39.60
N SER M 216 -18.92 -50.21 -40.82
CA SER M 216 -18.08 -49.59 -41.84
C SER M 216 -18.79 -48.33 -42.34
N SER M 217 -19.21 -47.47 -41.41
CA SER M 217 -20.09 -46.36 -41.74
C SER M 217 -19.36 -45.29 -42.56
N ALA M 218 -18.16 -44.92 -42.16
CA ALA M 218 -17.44 -43.87 -42.87
C ALA M 218 -16.88 -44.38 -44.19
N GLY M 219 -16.30 -45.57 -44.19
CA GLY M 219 -15.70 -46.09 -45.40
C GLY M 219 -14.33 -46.62 -45.07
N VAL M 220 -13.98 -47.74 -45.70
CA VAL M 220 -12.70 -48.40 -45.42
C VAL M 220 -11.84 -48.37 -46.68
N LEU M 221 -10.53 -48.25 -46.48
CA LEU M 221 -9.61 -48.03 -47.59
C LEU M 221 -8.51 -49.09 -47.54
N VAL M 222 -7.99 -49.43 -48.72
CA VAL M 222 -7.02 -50.50 -48.87
C VAL M 222 -5.80 -49.91 -49.56
N HIS M 223 -4.65 -50.63 -49.55
CA HIS M 223 -3.52 -50.30 -50.42
C HIS M 223 -3.49 -51.16 -51.68
N TYR M 224 -3.51 -52.50 -51.54
CA TYR M 224 -3.56 -53.53 -52.60
C TYR M 224 -2.31 -53.62 -53.46
N ASP M 225 -1.29 -52.80 -53.23
CA ASP M 225 -0.08 -52.88 -54.02
C ASP M 225 1.10 -53.38 -53.20
N LYS M 226 1.43 -52.65 -52.13
CA LYS M 226 2.63 -52.94 -51.36
C LYS M 226 2.38 -52.39 -49.97
N PRO M 227 1.83 -53.19 -49.08
CA PRO M 227 1.50 -52.69 -47.74
C PRO M 227 2.75 -52.43 -46.93
N THR M 228 2.60 -51.52 -45.96
CA THR M 228 3.77 -51.00 -45.24
C THR M 228 4.38 -52.06 -44.33
N ASN M 229 3.58 -52.63 -43.44
CA ASN M 229 4.08 -53.64 -42.51
C ASN M 229 3.19 -54.87 -42.51
N GLY M 230 2.71 -55.26 -43.68
CA GLY M 230 1.77 -56.36 -43.77
C GLY M 230 0.42 -55.83 -44.23
N ASN M 231 -0.36 -56.70 -44.85
CA ASN M 231 -1.62 -56.30 -45.47
C ASN M 231 -2.64 -55.84 -44.44
N HIS M 232 -3.33 -54.73 -44.72
CA HIS M 232 -4.18 -54.10 -43.73
C HIS M 232 -5.23 -53.25 -44.43
N TYR M 233 -6.18 -52.77 -43.63
CA TYR M 233 -7.20 -51.82 -44.06
C TYR M 233 -7.05 -50.52 -43.28
N ILE M 234 -7.60 -49.46 -43.84
CA ILE M 234 -7.59 -48.13 -43.24
C ILE M 234 -9.03 -47.69 -43.08
N LEU M 235 -9.43 -47.42 -41.84
CA LEU M 235 -10.77 -46.93 -41.53
C LEU M 235 -10.68 -45.47 -41.14
N GLY M 236 -11.36 -44.61 -41.88
CA GLY M 236 -11.35 -43.19 -41.58
C GLY M 236 -12.39 -42.82 -40.53
N THR M 237 -12.13 -41.74 -39.81
CA THR M 237 -13.02 -41.23 -38.79
C THR M 237 -13.90 -40.12 -39.37
N LEU M 238 -14.63 -39.41 -38.51
CA LEU M 238 -15.52 -38.34 -38.92
C LEU M 238 -15.06 -36.98 -38.41
N THR M 239 -13.76 -36.78 -38.28
CA THR M 239 -13.23 -35.44 -38.06
C THR M 239 -13.08 -34.73 -39.39
N GLN M 240 -12.91 -33.41 -39.32
CA GLN M 240 -13.02 -32.56 -40.49
C GLN M 240 -11.86 -31.57 -40.59
N MET M 241 -11.26 -31.51 -41.77
CA MET M 241 -10.34 -30.43 -42.11
C MET M 241 -11.07 -29.43 -42.99
N VAL M 242 -10.99 -28.16 -42.64
CA VAL M 242 -11.71 -27.17 -43.43
C VAL M 242 -10.83 -26.75 -44.60
N SER M 243 -9.78 -25.97 -44.32
CA SER M 243 -8.65 -25.66 -45.21
C SER M 243 -8.99 -25.05 -46.57
N ALA M 244 -10.26 -24.84 -46.85
CA ALA M 244 -10.73 -24.49 -48.19
C ALA M 244 -12.08 -23.86 -47.98
N PRO M 245 -12.14 -22.53 -47.87
CA PRO M 245 -13.31 -21.84 -47.28
C PRO M 245 -14.65 -22.07 -47.97
N PRO M 246 -14.73 -22.38 -49.27
CA PRO M 246 -16.03 -22.84 -49.77
C PRO M 246 -16.36 -24.30 -49.47
N HIS M 247 -15.51 -25.06 -48.77
CA HIS M 247 -15.75 -26.48 -48.63
C HIS M 247 -15.45 -27.00 -47.23
N ILE M 248 -16.09 -28.12 -46.91
CA ILE M 248 -15.83 -28.89 -45.70
C ILE M 248 -15.53 -30.31 -46.13
N ILE M 249 -14.32 -30.78 -45.85
CA ILE M 249 -13.87 -32.10 -46.25
C ILE M 249 -13.57 -32.90 -44.99
N ASN M 250 -14.32 -33.97 -44.78
CA ASN M 250 -14.03 -34.86 -43.67
C ASN M 250 -12.79 -35.70 -43.96
N ALA M 251 -12.39 -36.51 -42.97
CA ALA M 251 -11.09 -37.17 -43.02
C ALA M 251 -11.05 -38.28 -44.06
N THR M 252 -12.15 -39.02 -44.23
CA THR M 252 -12.17 -40.12 -45.18
C THR M 252 -12.23 -39.66 -46.63
N ASP M 253 -12.41 -38.37 -46.89
CA ASP M 253 -12.31 -37.84 -48.24
C ASP M 253 -10.98 -37.17 -48.51
N ALA M 254 -10.41 -36.47 -47.54
CA ALA M 254 -9.08 -35.90 -47.72
C ALA M 254 -8.01 -36.99 -47.80
N LEU M 255 -8.19 -38.06 -47.02
CA LEU M 255 -7.27 -39.19 -47.06
C LEU M 255 -7.29 -39.89 -48.41
N LEU M 256 -8.42 -39.85 -49.11
CA LEU M 256 -8.50 -40.39 -50.46
C LEU M 256 -8.00 -39.39 -51.49
N LEU M 257 -8.25 -38.10 -51.25
CA LEU M 257 -7.92 -37.05 -52.21
C LEU M 257 -6.42 -36.82 -52.34
N GLU M 258 -5.69 -36.87 -51.21
CA GLU M 258 -4.24 -36.73 -51.27
C GLU M 258 -3.60 -37.88 -52.04
N SER M 259 -4.06 -39.10 -51.78
CA SER M 259 -3.56 -40.27 -52.49
C SER M 259 -3.96 -40.29 -53.95
N CYS M 260 -5.09 -39.65 -54.30
CA CYS M 260 -5.43 -39.51 -55.71
C CYS M 260 -4.52 -38.51 -56.41
N LEU M 261 -4.26 -37.37 -55.77
CA LEU M 261 -3.40 -36.35 -56.37
C LEU M 261 -1.95 -36.78 -56.49
N GLU M 262 -1.45 -37.61 -55.56
CA GLU M 262 -0.10 -38.14 -55.70
C GLU M 262 0.03 -39.04 -56.91
N GLN M 263 -1.01 -39.81 -57.22
CA GLN M 263 -0.94 -40.69 -58.38
C GLN M 263 -1.14 -39.93 -59.68
N PHE M 264 -2.00 -38.89 -59.67
CA PHE M 264 -2.08 -37.99 -60.81
C PHE M 264 -0.77 -37.27 -61.07
N ALA M 265 -0.02 -36.95 -60.02
CA ALA M 265 1.30 -36.36 -60.23
C ALA M 265 2.31 -37.39 -60.73
N ALA M 266 2.23 -38.62 -60.21
CA ALA M 266 3.21 -39.63 -60.57
C ALA M 266 2.97 -40.23 -61.95
N ASN M 267 1.76 -40.09 -62.50
CA ASN M 267 1.53 -40.56 -63.86
C ASN M 267 2.15 -39.65 -64.92
N VAL M 268 2.57 -38.44 -64.54
CA VAL M 268 3.21 -37.55 -65.49
C VAL M 268 4.71 -37.77 -65.49
N ARG M 269 5.29 -38.02 -64.31
CA ARG M 269 6.73 -38.13 -64.15
C ARG M 269 7.30 -39.45 -64.64
N ALA M 270 6.47 -40.39 -65.10
CA ALA M 270 6.96 -41.69 -65.53
C ALA M 270 7.66 -41.58 -66.87
N ARG M 271 8.94 -41.96 -66.89
CA ARG M 271 9.75 -41.89 -68.10
C ARG M 271 10.20 -43.27 -68.59
N SER M 272 9.58 -44.34 -68.07
CA SER M 272 9.76 -45.73 -68.50
C SER M 272 11.18 -46.25 -68.32
N ALA M 273 11.98 -45.59 -67.52
CA ALA M 273 13.31 -46.10 -67.21
C ALA M 273 13.61 -46.10 -65.72
N GLN M 274 13.11 -45.11 -64.99
CA GLN M 274 13.46 -45.05 -63.57
C GLN M 274 12.39 -45.74 -62.72
N PRO M 275 12.79 -46.45 -61.67
CA PRO M 275 11.82 -47.13 -60.83
C PRO M 275 11.22 -46.20 -59.78
N VAL M 276 10.03 -46.58 -59.32
CA VAL M 276 9.36 -45.91 -58.22
C VAL M 276 9.13 -46.94 -57.12
N THR M 277 8.68 -46.44 -55.97
CA THR M 277 8.48 -47.31 -54.82
C THR M 277 7.11 -47.98 -54.79
N ARG M 278 6.12 -47.43 -55.50
CA ARG M 278 4.79 -48.02 -55.60
C ARG M 278 4.27 -47.81 -57.00
N LEU M 279 3.72 -48.87 -57.60
CA LEU M 279 3.17 -48.75 -58.94
C LEU M 279 1.88 -47.94 -58.94
N ASP M 280 1.13 -47.95 -57.85
CA ASP M 280 0.03 -47.00 -57.70
C ASP M 280 -0.09 -46.60 -56.23
N GLN M 281 -0.55 -45.37 -56.03
CA GLN M 281 -0.66 -44.78 -54.71
C GLN M 281 -2.07 -44.82 -54.16
N CYS M 282 -3.06 -45.25 -54.94
CA CYS M 282 -4.46 -44.99 -54.65
C CYS M 282 -4.97 -45.88 -53.51
N TYR M 283 -6.23 -45.68 -53.16
CA TYR M 283 -6.84 -46.38 -52.04
C TYR M 283 -7.99 -47.31 -52.40
N HIS M 284 -8.93 -46.86 -53.23
CA HIS M 284 -10.05 -47.67 -53.72
C HIS M 284 -10.93 -48.25 -52.61
N LEU M 285 -11.82 -47.41 -52.08
CA LEU M 285 -12.88 -47.72 -51.12
C LEU M 285 -13.51 -49.10 -51.31
N ARG M 286 -13.62 -49.85 -50.21
CA ARG M 286 -13.87 -51.28 -50.27
C ARG M 286 -15.26 -51.68 -49.79
N TRP M 287 -15.64 -51.35 -48.55
CA TRP M 287 -16.89 -51.83 -47.98
C TRP M 287 -17.96 -50.76 -47.83
N GLY M 288 -17.60 -49.55 -47.45
CA GLY M 288 -18.60 -48.56 -47.08
C GLY M 288 -19.35 -47.89 -48.21
N ALA M 289 -19.22 -48.40 -49.43
CA ALA M 289 -19.79 -47.77 -50.62
C ALA M 289 -21.32 -47.77 -50.63
N GLN M 290 -21.96 -48.62 -49.82
CA GLN M 290 -23.40 -48.54 -49.67
C GLN M 290 -23.79 -47.35 -48.80
N TYR M 291 -23.00 -47.07 -47.77
CA TYR M 291 -23.38 -46.00 -46.84
C TYR M 291 -23.04 -44.63 -47.39
N VAL M 292 -22.06 -44.53 -48.29
CA VAL M 292 -21.74 -43.24 -48.89
C VAL M 292 -22.77 -42.94 -49.97
N GLY M 293 -22.93 -41.66 -50.28
CA GLY M 293 -23.94 -41.22 -51.19
C GLY M 293 -23.50 -41.35 -52.64
N GLU M 294 -24.46 -41.70 -53.49
CA GLU M 294 -24.26 -41.58 -54.93
C GLU M 294 -24.06 -40.11 -55.27
N ASP M 295 -23.22 -39.86 -56.29
CA ASP M 295 -22.72 -38.59 -56.82
C ASP M 295 -22.38 -37.55 -55.74
N SER M 296 -21.88 -37.99 -54.59
CA SER M 296 -21.35 -37.09 -53.58
C SER M 296 -19.83 -37.04 -53.73
N LEU M 297 -19.17 -36.36 -52.79
CA LEU M 297 -17.73 -36.13 -52.90
C LEU M 297 -16.93 -37.43 -52.75
N THR M 298 -17.37 -38.34 -51.88
CA THR M 298 -16.67 -39.61 -51.70
C THR M 298 -16.77 -40.47 -52.96
N TYR M 299 -17.95 -40.49 -53.58
CA TYR M 299 -18.14 -41.27 -54.80
C TYR M 299 -17.34 -40.68 -55.95
N ARG M 300 -17.32 -39.36 -56.07
CA ARG M 300 -16.56 -38.73 -57.15
C ARG M 300 -15.05 -38.90 -56.97
N LEU M 301 -14.57 -38.84 -55.72
CA LEU M 301 -13.16 -39.10 -55.50
C LEU M 301 -12.82 -40.57 -55.67
N GLY M 302 -13.77 -41.48 -55.46
CA GLY M 302 -13.54 -42.87 -55.81
C GLY M 302 -13.42 -43.09 -57.31
N VAL M 303 -14.23 -42.38 -58.08
CA VAL M 303 -14.12 -42.42 -59.55
C VAL M 303 -12.76 -41.91 -59.99
N LEU M 304 -12.33 -40.77 -59.43
CA LEU M 304 -11.01 -40.24 -59.77
C LEU M 304 -9.88 -41.14 -59.29
N SER M 305 -10.07 -41.84 -58.18
CA SER M 305 -9.04 -42.76 -57.70
C SER M 305 -8.94 -43.98 -58.59
N LEU M 306 -10.05 -44.38 -59.22
CA LEU M 306 -9.95 -45.43 -60.22
C LEU M 306 -9.27 -44.94 -61.49
N LEU M 307 -9.54 -43.69 -61.88
CA LEU M 307 -8.94 -43.11 -63.07
C LEU M 307 -7.43 -42.98 -62.92
N ALA M 308 -6.97 -42.55 -61.75
CA ALA M 308 -5.55 -42.43 -61.49
C ALA M 308 -4.85 -43.78 -61.51
N THR M 309 -5.54 -44.82 -61.06
CA THR M 309 -4.96 -46.16 -61.07
C THR M 309 -4.84 -46.69 -62.49
N ASN M 310 -5.87 -46.44 -63.31
CA ASN M 310 -5.79 -46.83 -64.71
C ASN M 310 -4.79 -46.00 -65.50
N GLY M 311 -4.49 -44.79 -65.05
CA GLY M 311 -3.34 -44.08 -65.59
C GLY M 311 -3.64 -42.80 -66.32
N TYR M 312 -4.82 -42.22 -66.10
CA TYR M 312 -5.19 -40.97 -66.72
C TYR M 312 -4.34 -39.81 -66.18
N GLN M 313 -4.37 -38.70 -66.91
CA GLN M 313 -3.57 -37.53 -66.61
C GLN M 313 -4.46 -36.30 -66.60
N LEU M 314 -4.16 -35.36 -65.71
CA LEU M 314 -4.96 -34.17 -65.58
C LEU M 314 -4.62 -33.16 -66.67
N ALA M 315 -5.58 -32.31 -66.98
CA ALA M 315 -5.39 -31.30 -68.03
C ALA M 315 -4.45 -30.20 -67.57
N ARG M 316 -4.82 -29.49 -66.51
CA ARG M 316 -3.91 -28.48 -66.00
C ARG M 316 -2.84 -29.13 -65.13
N PRO M 317 -1.61 -28.59 -65.13
CA PRO M 317 -0.52 -29.27 -64.43
C PRO M 317 -0.61 -29.12 -62.92
N ILE M 318 -0.03 -30.10 -62.24
CA ILE M 318 0.00 -30.16 -60.79
C ILE M 318 1.28 -29.47 -60.33
N PRO M 319 1.21 -28.54 -59.37
CA PRO M 319 2.43 -27.93 -58.85
C PRO M 319 3.30 -28.93 -58.10
N LYS M 320 4.57 -28.58 -57.96
CA LYS M 320 5.52 -29.44 -57.25
C LYS M 320 5.18 -29.50 -55.77
N GLN M 321 4.81 -28.36 -55.20
CA GLN M 321 4.29 -28.30 -53.84
C GLN M 321 2.86 -27.79 -53.91
N LEU M 322 1.96 -28.50 -53.26
CA LEU M 322 0.54 -28.17 -53.34
C LEU M 322 0.26 -26.89 -52.54
N THR M 323 -0.64 -26.07 -53.06
CA THR M 323 -1.05 -24.86 -52.37
C THR M 323 -2.53 -24.93 -52.03
N ASN M 324 -2.86 -24.25 -50.93
CA ASN M 324 -4.19 -24.34 -50.34
C ASN M 324 -5.23 -23.64 -51.20
N ARG M 325 -4.82 -22.77 -52.11
CA ARG M 325 -5.74 -22.15 -53.04
C ARG M 325 -6.01 -23.07 -54.23
N TRP M 326 -4.96 -23.71 -54.74
CA TRP M 326 -5.11 -24.64 -55.85
C TRP M 326 -5.94 -25.85 -55.46
N LEU M 327 -5.80 -26.30 -54.21
CA LEU M 327 -6.58 -27.43 -53.74
C LEU M 327 -8.06 -27.09 -53.66
N SER M 328 -8.37 -25.88 -53.17
CA SER M 328 -9.76 -25.42 -53.12
C SER M 328 -10.34 -25.25 -54.51
N SER M 329 -9.53 -24.78 -55.46
CA SER M 329 -9.99 -24.67 -56.84
C SER M 329 -10.27 -26.04 -57.45
N PHE M 330 -9.43 -27.03 -57.15
CA PHE M 330 -9.65 -28.37 -57.67
C PHE M 330 -10.89 -29.02 -57.07
N VAL M 331 -11.12 -28.81 -55.78
CA VAL M 331 -12.33 -29.37 -55.15
C VAL M 331 -13.58 -28.69 -55.68
N SER M 332 -13.54 -27.37 -55.85
CA SER M 332 -14.67 -26.66 -56.43
C SER M 332 -14.87 -27.01 -57.89
N GLN M 333 -13.82 -27.45 -58.58
CA GLN M 333 -13.95 -27.91 -59.95
C GLN M 333 -14.50 -29.32 -60.02
N VAL M 334 -14.27 -30.15 -59.01
CA VAL M 334 -14.76 -31.53 -59.04
C VAL M 334 -16.16 -31.68 -58.45
N VAL M 335 -16.62 -30.73 -57.63
CA VAL M 335 -17.98 -30.81 -57.09
C VAL M 335 -18.99 -30.12 -58.01
N SER M 336 -18.59 -29.78 -59.23
CA SER M 336 -19.49 -29.14 -60.17
C SER M 336 -20.47 -30.15 -60.75
N ASP M 337 -21.32 -29.71 -61.66
CA ASP M 337 -22.28 -30.58 -62.33
C ASP M 337 -21.70 -31.13 -63.63
N GLY M 338 -22.24 -32.26 -64.06
CA GLY M 338 -21.76 -32.95 -65.25
C GLY M 338 -21.87 -34.45 -65.03
N ILE M 339 -21.67 -35.20 -66.11
CA ILE M 339 -21.78 -36.65 -66.04
C ILE M 339 -20.42 -37.30 -66.22
N ASN M 340 -20.29 -38.54 -65.79
CA ASN M 340 -19.06 -39.30 -65.92
C ASN M 340 -18.96 -39.80 -67.37
N GLU M 341 -18.07 -39.20 -68.15
CA GLU M 341 -17.88 -39.63 -69.53
C GLU M 341 -17.09 -40.92 -69.65
N THR M 342 -16.36 -41.29 -68.62
CA THR M 342 -15.51 -42.46 -68.67
C THR M 342 -16.33 -43.73 -68.46
N PRO M 343 -16.08 -44.80 -69.22
CA PRO M 343 -16.76 -46.08 -68.96
C PRO M 343 -16.35 -46.77 -67.67
N LEU M 344 -15.35 -46.26 -66.95
CA LEU M 344 -14.97 -46.86 -65.67
C LEU M 344 -16.01 -46.53 -64.60
N TRP M 345 -16.25 -47.52 -63.71
CA TRP M 345 -17.17 -47.36 -62.60
C TRP M 345 -16.61 -48.12 -61.41
N PRO M 346 -16.72 -47.55 -60.21
CA PRO M 346 -16.18 -48.23 -59.02
C PRO M 346 -17.02 -49.43 -58.63
N GLN M 347 -16.35 -50.45 -58.11
CA GLN M 347 -17.01 -51.65 -57.60
C GLN M 347 -16.35 -52.06 -56.30
N GLU M 348 -17.16 -52.61 -55.39
CA GLU M 348 -16.65 -53.03 -54.09
C GLU M 348 -15.81 -54.29 -54.17
N ARG M 349 -16.12 -55.19 -55.11
CA ARG M 349 -15.56 -56.54 -55.06
C ARG M 349 -14.09 -56.56 -55.50
N TYR M 350 -13.74 -55.83 -56.55
CA TYR M 350 -12.36 -55.74 -56.98
C TYR M 350 -12.18 -54.45 -57.75
N VAL M 351 -11.03 -53.84 -57.60
CA VAL M 351 -10.62 -52.72 -58.44
C VAL M 351 -10.12 -53.25 -59.77
N GLN M 352 -10.73 -52.80 -60.85
CA GLN M 352 -10.49 -53.37 -62.17
C GLN M 352 -9.53 -52.49 -62.95
N ILE M 353 -8.84 -53.13 -63.91
CA ILE M 353 -7.91 -52.48 -64.81
C ILE M 353 -8.33 -52.81 -66.23
N ALA M 354 -8.43 -51.79 -67.08
CA ALA M 354 -8.83 -51.98 -68.45
C ALA M 354 -7.76 -52.73 -69.24
N TYR M 355 -8.09 -53.07 -70.48
CA TYR M 355 -7.22 -53.94 -71.28
C TYR M 355 -5.97 -53.20 -71.73
N ASP M 356 -6.12 -52.01 -72.30
CA ASP M 356 -4.96 -51.25 -72.77
C ASP M 356 -4.51 -50.20 -71.75
N SER M 357 -4.67 -50.48 -70.48
CA SER M 357 -4.03 -49.63 -69.50
C SER M 357 -2.55 -49.97 -69.41
N PRO M 358 -1.68 -48.97 -69.37
CA PRO M 358 -0.23 -49.24 -69.38
C PRO M 358 0.32 -49.78 -68.07
N SER M 359 -0.48 -49.81 -67.01
CA SER M 359 0.02 -50.26 -65.71
C SER M 359 0.25 -51.76 -65.72
N VAL M 360 1.39 -52.18 -65.18
CA VAL M 360 1.75 -53.58 -65.13
C VAL M 360 1.61 -54.14 -63.72
N VAL M 361 0.80 -53.49 -62.88
CA VAL M 361 0.70 -53.88 -61.49
C VAL M 361 -0.17 -55.13 -61.32
N ASP M 362 -1.03 -55.43 -62.29
CA ASP M 362 -1.90 -56.61 -62.24
C ASP M 362 -1.10 -57.90 -62.24
N GLY M 363 0.02 -57.94 -62.96
CA GLY M 363 0.92 -59.07 -62.85
C GLY M 363 1.90 -58.95 -61.71
N ALA M 364 2.08 -57.75 -61.16
CA ALA M 364 3.08 -57.54 -60.12
C ALA M 364 2.62 -58.07 -58.78
N THR M 365 1.48 -57.57 -58.29
CA THR M 365 0.97 -58.02 -57.00
C THR M 365 0.28 -59.38 -57.14
N GLN M 366 -0.12 -59.94 -56.00
CA GLN M 366 -0.75 -61.25 -56.03
C GLN M 366 -2.21 -61.16 -56.48
N TYR M 367 -3.05 -60.47 -55.70
CA TYR M 367 -4.44 -60.29 -56.08
C TYR M 367 -4.94 -58.98 -55.50
N GLY M 368 -6.21 -58.68 -55.76
CA GLY M 368 -6.78 -57.39 -55.49
C GLY M 368 -6.97 -56.64 -56.79
N TYR M 369 -5.99 -56.76 -57.68
CA TYR M 369 -6.05 -56.16 -59.00
C TYR M 369 -6.45 -57.22 -60.01
N VAL M 370 -7.49 -56.96 -60.77
CA VAL M 370 -8.03 -57.91 -61.74
C VAL M 370 -8.05 -57.26 -63.11
N ARG M 371 -7.33 -57.88 -64.05
CA ARG M 371 -7.24 -57.37 -65.41
C ARG M 371 -8.54 -57.70 -66.14
N ARG M 372 -9.47 -56.76 -66.09
CA ARG M 372 -10.75 -56.95 -66.75
C ARG M 372 -10.60 -56.77 -68.25
N ASN M 373 -11.12 -57.73 -69.01
CA ASN M 373 -10.95 -57.79 -70.46
C ASN M 373 -12.12 -57.16 -71.21
N GLN M 374 -13.27 -56.99 -70.56
CA GLN M 374 -14.47 -56.59 -71.28
C GLN M 374 -14.42 -55.13 -71.71
N LEU M 375 -14.20 -54.21 -70.78
CA LEU M 375 -14.30 -52.79 -71.09
C LEU M 375 -12.98 -52.32 -71.69
N ARG M 376 -13.08 -51.46 -72.69
CA ARG M 376 -11.94 -50.97 -73.44
C ARG M 376 -12.08 -49.47 -73.65
N LEU M 377 -11.00 -48.75 -73.45
CA LEU M 377 -10.95 -47.31 -73.65
C LEU M 377 -10.20 -46.98 -74.92
N GLY M 378 -10.65 -45.92 -75.59
CA GLY M 378 -10.13 -45.61 -76.91
C GLY M 378 -8.96 -44.65 -76.91
N MET M 379 -7.94 -44.94 -76.10
CA MET M 379 -6.80 -44.05 -75.96
C MET M 379 -5.49 -44.79 -76.16
N ARG M 380 -4.46 -44.05 -76.58
CA ARG M 380 -3.13 -44.59 -76.81
C ARG M 380 -2.15 -43.97 -75.81
N ILE M 381 -1.10 -44.72 -75.49
CA ILE M 381 -0.27 -44.43 -74.33
C ILE M 381 0.94 -43.61 -74.73
N SER M 382 1.17 -42.52 -74.00
CA SER M 382 2.38 -41.70 -73.97
C SER M 382 2.21 -40.72 -72.82
N ALA M 383 3.29 -40.03 -72.47
CA ALA M 383 3.22 -38.99 -71.46
C ALA M 383 2.77 -37.67 -72.10
N LEU M 384 2.46 -36.70 -71.24
CA LEU M 384 2.08 -35.39 -71.73
C LEU M 384 3.32 -34.51 -71.91
N GLN M 385 3.14 -33.42 -72.65
CA GLN M 385 4.22 -32.48 -72.94
C GLN M 385 3.80 -31.09 -72.52
N SER M 386 4.27 -30.65 -71.36
CA SER M 386 4.04 -29.30 -70.86
C SER M 386 5.32 -28.49 -70.99
N LEU M 387 5.18 -27.17 -70.87
CA LEU M 387 6.27 -26.26 -71.20
C LEU M 387 6.05 -24.93 -70.47
N SER M 388 6.81 -23.91 -70.87
CA SER M 388 6.92 -22.67 -70.12
C SER M 388 5.71 -21.76 -70.34
N ASP M 389 5.81 -20.51 -69.89
CA ASP M 389 4.67 -19.62 -69.75
C ASP M 389 4.57 -18.59 -70.88
N THR M 390 5.70 -17.94 -71.22
CA THR M 390 5.81 -16.84 -72.18
C THR M 390 4.85 -15.70 -71.83
N PRO M 391 5.19 -14.88 -70.84
CA PRO M 391 4.22 -13.95 -70.24
C PRO M 391 3.75 -12.81 -71.16
N ALA M 392 4.27 -12.67 -72.36
CA ALA M 392 3.74 -11.69 -73.29
C ALA M 392 2.78 -12.37 -74.26
N PRO M 393 1.72 -11.69 -74.70
CA PRO M 393 0.83 -12.28 -75.72
C PRO M 393 1.52 -12.39 -77.06
N VAL M 394 1.34 -13.54 -77.71
CA VAL M 394 2.12 -13.90 -78.89
C VAL M 394 1.22 -13.79 -80.13
N GLN M 395 1.82 -13.40 -81.24
CA GLN M 395 1.09 -13.21 -82.48
C GLN M 395 0.70 -14.54 -83.10
N TRP M 396 -0.55 -14.64 -83.55
CA TRP M 396 -1.09 -15.83 -84.19
C TRP M 396 -1.50 -15.51 -85.62
N LEU M 397 -1.30 -16.48 -86.52
CA LEU M 397 -1.76 -16.35 -87.88
C LEU M 397 -2.74 -17.46 -88.22
N PRO M 398 -3.86 -17.15 -88.86
CA PRO M 398 -4.85 -18.19 -89.18
C PRO M 398 -4.58 -18.87 -90.51
N GLN M 399 -5.05 -20.11 -90.60
CA GLN M 399 -5.05 -20.88 -91.83
C GLN M 399 -6.46 -21.39 -92.07
N TYR M 400 -6.80 -21.65 -93.33
CA TYR M 400 -8.18 -21.80 -93.72
C TYR M 400 -8.47 -23.22 -94.21
N THR M 401 -9.78 -23.52 -94.29
CA THR M 401 -10.30 -24.80 -94.72
C THR M 401 -11.44 -24.52 -95.68
N ILE M 402 -11.67 -25.46 -96.61
CA ILE M 402 -12.60 -25.21 -97.71
C ILE M 402 -14.07 -25.20 -97.30
N ASP M 403 -14.40 -25.64 -96.09
CA ASP M 403 -15.78 -25.56 -95.64
C ASP M 403 -16.17 -24.13 -95.30
N GLN M 404 -17.48 -23.90 -95.18
CA GLN M 404 -18.00 -22.54 -95.04
C GLN M 404 -19.38 -22.57 -94.40
N VAL M 405 -19.74 -21.45 -93.78
CA VAL M 405 -21.08 -21.20 -93.30
C VAL M 405 -21.53 -19.84 -93.84
N ALA M 406 -22.72 -19.41 -93.43
CA ALA M 406 -23.28 -18.16 -93.90
C ALA M 406 -22.78 -16.99 -93.07
N VAL M 407 -22.72 -15.81 -93.70
CA VAL M 407 -22.09 -14.66 -93.09
C VAL M 407 -22.90 -14.05 -91.95
N ASP M 408 -24.20 -14.32 -91.89
CA ASP M 408 -25.00 -13.84 -90.77
C ASP M 408 -24.85 -14.71 -89.52
N GLU M 409 -24.12 -15.81 -89.63
CA GLU M 409 -23.86 -16.64 -88.46
C GLU M 409 -22.67 -16.14 -87.66
N GLY M 410 -21.63 -15.62 -88.32
CA GLY M 410 -20.41 -15.20 -87.64
C GLY M 410 -20.59 -14.02 -86.71
N ASP M 411 -21.23 -12.96 -87.20
CA ASP M 411 -21.50 -11.80 -86.35
C ASP M 411 -22.46 -12.12 -85.22
N ALA M 412 -23.48 -12.96 -85.46
CA ALA M 412 -24.39 -13.36 -84.40
C ALA M 412 -23.70 -14.25 -83.39
N MET M 413 -22.70 -15.04 -83.81
CA MET M 413 -21.95 -15.86 -82.88
C MET M 413 -21.01 -15.02 -82.04
N VAL M 414 -20.32 -14.05 -82.64
CA VAL M 414 -19.41 -13.22 -81.86
C VAL M 414 -20.12 -12.16 -81.06
N SER M 415 -21.42 -11.94 -81.32
CA SER M 415 -22.19 -10.99 -80.53
C SER M 415 -22.29 -11.40 -79.06
N GLN M 416 -22.32 -12.71 -78.79
CA GLN M 416 -22.33 -13.19 -77.41
C GLN M 416 -20.93 -13.49 -76.88
N LEU M 417 -19.90 -13.40 -77.72
CA LEU M 417 -18.55 -13.73 -77.27
C LEU M 417 -17.71 -12.49 -77.01
N THR M 418 -17.91 -11.42 -77.77
CA THR M 418 -17.10 -10.22 -77.63
C THR M 418 -17.48 -9.45 -76.37
N GLN M 419 -16.48 -9.09 -75.58
CA GLN M 419 -16.65 -8.14 -74.48
C GLN M 419 -16.27 -6.74 -74.93
N LEU M 420 -16.95 -6.29 -75.98
CA LEU M 420 -16.69 -4.99 -76.58
C LEU M 420 -16.85 -3.77 -75.67
N PRO M 421 -17.84 -3.66 -74.73
CA PRO M 421 -17.85 -2.47 -73.88
C PRO M 421 -16.71 -2.45 -72.88
N LEU M 422 -15.52 -2.06 -73.34
CA LEU M 422 -14.37 -1.83 -72.48
C LEU M 422 -13.67 -0.57 -72.95
N ARG M 423 -12.71 -0.11 -72.17
CA ARG M 423 -11.98 1.11 -72.49
C ARG M 423 -10.54 0.74 -72.80
N PRO M 424 -10.14 0.67 -74.07
CA PRO M 424 -8.73 0.41 -74.38
C PRO M 424 -7.89 1.66 -74.19
N ASP M 425 -6.60 1.44 -73.99
CA ASP M 425 -5.66 2.55 -73.96
C ASP M 425 -5.44 3.06 -75.38
N TYR M 426 -5.30 4.38 -75.52
CA TYR M 426 -5.36 4.95 -76.86
C TYR M 426 -4.03 4.83 -77.57
N GLY M 427 -2.95 5.29 -76.94
CA GLY M 427 -1.65 5.25 -77.58
C GLY M 427 -1.22 6.60 -78.10
N SER M 428 -0.66 6.65 -79.30
CA SER M 428 -0.21 7.91 -79.89
C SER M 428 -0.18 7.76 -81.40
N ILE M 429 -0.74 8.74 -82.11
CA ILE M 429 -0.73 8.70 -83.57
C ILE M 429 0.68 8.92 -84.11
N TRP M 430 1.29 10.03 -83.73
CA TRP M 430 2.50 10.53 -84.38
C TRP M 430 3.57 10.73 -83.32
N ILE M 431 4.75 10.17 -83.56
CA ILE M 431 5.83 10.22 -82.59
C ILE M 431 7.05 10.88 -83.23
N GLY M 432 7.93 11.40 -82.39
CA GLY M 432 9.21 11.92 -82.82
C GLY M 432 9.22 13.42 -83.02
N GLU M 433 10.20 13.88 -83.79
CA GLU M 433 10.41 15.30 -84.07
C GLU M 433 9.47 15.80 -85.16
N ALA M 434 9.75 16.99 -85.69
CA ALA M 434 8.93 17.58 -86.74
C ALA M 434 9.56 17.38 -88.09
N LEU M 435 8.72 17.31 -89.12
CA LEU M 435 9.19 17.23 -90.50
C LEU M 435 9.34 18.65 -91.06
N SER M 436 10.48 18.93 -91.67
CA SER M 436 10.77 20.25 -92.21
C SER M 436 10.37 20.28 -93.68
N TYR M 437 9.36 21.08 -94.01
CA TYR M 437 8.99 21.35 -95.38
C TYR M 437 9.33 22.79 -95.70
N TYR M 438 10.25 22.98 -96.63
CA TYR M 438 10.81 24.28 -96.90
C TYR M 438 10.65 24.61 -98.38
N VAL M 439 10.78 25.89 -98.69
CA VAL M 439 10.87 26.37 -100.06
C VAL M 439 11.66 27.66 -100.05
N ASP M 440 12.51 27.85 -101.05
CA ASP M 440 13.37 29.02 -101.13
C ASP M 440 13.07 29.77 -102.42
N TYR M 441 13.11 31.10 -102.36
CA TYR M 441 12.91 31.89 -103.56
C TYR M 441 14.08 31.73 -104.51
N ASN M 442 13.78 31.37 -105.76
CA ASN M 442 14.78 31.31 -106.81
C ASN M 442 14.47 32.40 -107.83
N ARG M 443 15.51 32.80 -108.56
CA ARG M 443 15.39 33.93 -109.47
C ARG M 443 14.59 33.58 -110.72
N SER M 444 14.85 32.40 -111.29
CA SER M 444 14.42 32.10 -112.66
C SER M 444 13.31 31.07 -112.74
N HIS M 445 12.45 30.96 -111.73
CA HIS M 445 11.34 30.01 -111.86
C HIS M 445 10.16 30.62 -112.64
N ARG M 446 9.50 31.62 -112.05
CA ARG M 446 8.25 32.18 -112.56
C ARG M 446 7.84 33.40 -111.73
N VAL M 447 7.22 34.38 -112.35
CA VAL M 447 6.54 35.46 -111.65
C VAL M 447 5.06 35.10 -111.55
N VAL M 448 4.45 35.38 -110.39
CA VAL M 448 3.02 35.17 -110.18
C VAL M 448 2.53 36.24 -109.23
N LEU M 449 1.30 36.72 -109.47
CA LEU M 449 0.72 37.76 -108.64
C LEU M 449 0.13 37.17 -107.36
N SER M 450 -0.07 38.05 -106.38
CA SER M 450 -0.48 37.62 -105.04
C SER M 450 -1.95 37.24 -104.96
N SER M 451 -2.76 37.65 -105.93
CA SER M 451 -4.20 37.39 -105.86
C SER M 451 -4.55 35.95 -106.23
N GLU M 452 -3.62 35.19 -106.80
CA GLU M 452 -3.89 33.81 -107.19
C GLU M 452 -3.39 32.80 -106.18
N LEU M 453 -2.85 33.24 -105.05
CA LEU M 453 -2.37 32.28 -104.07
C LEU M 453 -3.54 31.77 -103.23
N PRO M 454 -3.56 30.48 -102.90
CA PRO M 454 -4.67 29.95 -102.10
C PRO M 454 -4.59 30.40 -100.65
N GLN M 455 -5.75 30.36 -99.99
CA GLN M 455 -5.87 30.68 -98.58
C GLN M 455 -6.52 29.49 -97.87
N LEU M 456 -6.73 29.66 -96.56
CA LEU M 456 -7.36 28.60 -95.78
C LEU M 456 -8.84 28.49 -96.14
N PRO M 457 -9.42 27.30 -96.09
CA PRO M 457 -10.82 27.15 -96.45
C PRO M 457 -11.75 27.71 -95.39
N ASP M 458 -13.00 27.94 -95.81
CA ASP M 458 -14.01 28.48 -94.89
C ASP M 458 -14.42 27.45 -93.85
N THR M 459 -14.35 26.16 -94.20
CA THR M 459 -14.65 25.10 -93.25
C THR M 459 -13.42 24.76 -92.40
N TYR M 460 -13.04 25.73 -91.58
CA TYR M 460 -11.89 25.59 -90.70
C TYR M 460 -12.25 25.84 -89.23
N PHE M 461 -13.20 26.72 -88.95
CA PHE M 461 -13.65 27.01 -87.60
C PHE M 461 -14.83 26.15 -87.19
N ASP M 462 -15.09 25.06 -87.90
CA ASP M 462 -16.23 24.22 -87.62
C ASP M 462 -15.93 23.29 -86.45
N GLY M 463 -16.98 22.67 -85.93
CA GLY M 463 -16.83 21.81 -84.76
C GLY M 463 -16.07 20.54 -85.08
N ASP M 464 -16.34 19.94 -86.23
CA ASP M 464 -15.62 18.73 -86.61
C ASP M 464 -14.16 19.00 -86.92
N GLU M 465 -13.86 20.15 -87.51
CA GLU M 465 -12.47 20.51 -87.78
C GLU M 465 -11.71 20.82 -86.50
N GLN M 466 -12.36 21.50 -85.55
CA GLN M 466 -11.74 21.75 -84.25
C GLN M 466 -11.54 20.46 -83.48
N TYR M 467 -12.48 19.52 -83.61
CA TYR M 467 -12.33 18.19 -83.04
C TYR M 467 -11.17 17.42 -83.66
N GLY M 468 -11.01 17.51 -84.98
CA GLY M 468 -9.92 16.82 -85.64
C GLY M 468 -8.57 17.41 -85.31
N ARG M 469 -8.52 18.72 -85.08
CA ARG M 469 -7.28 19.32 -84.62
C ARG M 469 -6.96 18.92 -83.18
N SER M 470 -7.97 18.92 -82.31
CA SER M 470 -7.74 18.64 -80.89
C SER M 470 -7.38 17.17 -80.65
N LEU M 471 -7.95 16.26 -81.43
CA LEU M 471 -7.61 14.84 -81.29
C LEU M 471 -6.15 14.58 -81.66
N PHE M 472 -5.68 15.20 -82.74
CA PHE M 472 -4.30 15.05 -83.15
C PHE M 472 -3.35 15.72 -82.15
N SER M 473 -3.77 16.87 -81.60
CA SER M 473 -2.95 17.54 -80.59
C SER M 473 -2.88 16.75 -79.29
N LEU M 474 -3.92 15.99 -78.97
CA LEU M 474 -3.84 15.13 -77.78
C LEU M 474 -3.05 13.86 -78.05
N ALA M 475 -3.12 13.32 -79.26
CA ALA M 475 -2.43 12.07 -79.55
C ALA M 475 -0.98 12.27 -79.98
N ARG M 476 -0.54 13.50 -80.21
CA ARG M 476 0.85 13.74 -80.56
C ARG M 476 1.73 13.61 -79.33
N LYS M 477 2.85 12.90 -79.47
CA LYS M 477 3.80 12.70 -78.37
C LYS M 477 5.11 13.41 -78.70
N VAL M 478 5.42 14.45 -77.92
CA VAL M 478 6.59 15.30 -78.15
C VAL M 478 7.34 15.54 -76.87
N GLY M 479 8.34 16.41 -76.93
CA GLY M 479 8.92 17.03 -75.75
C GLY M 479 8.27 18.39 -75.58
N ASP M 480 8.98 19.45 -75.92
CA ASP M 480 8.38 20.79 -75.98
C ASP M 480 8.14 21.18 -77.43
N ARG M 481 6.91 21.64 -77.70
CA ARG M 481 6.54 22.09 -79.04
C ARG M 481 7.39 23.27 -79.48
N SER M 482 7.62 24.23 -78.59
CA SER M 482 8.48 25.36 -78.90
C SER M 482 9.91 24.95 -79.19
N LEU M 483 10.43 23.97 -78.44
CA LEU M 483 11.77 23.43 -78.69
C LEU M 483 11.86 22.82 -80.08
N VAL M 484 10.92 21.94 -80.42
CA VAL M 484 10.98 21.21 -81.68
C VAL M 484 10.75 22.14 -82.87
N LYS M 485 9.88 23.15 -82.72
CA LYS M 485 9.66 24.10 -83.81
C LYS M 485 10.86 25.03 -83.99
N ASP M 486 11.39 25.56 -82.88
CA ASP M 486 12.43 26.58 -82.98
C ASP M 486 13.77 26.01 -83.41
N THR M 487 14.12 24.78 -82.98
CA THR M 487 15.35 24.18 -83.50
C THR M 487 15.23 23.86 -84.98
N ALA M 488 14.05 23.42 -85.43
CA ALA M 488 13.87 23.10 -86.84
C ALA M 488 13.90 24.33 -87.72
N VAL M 489 13.38 25.47 -87.23
CA VAL M 489 13.51 26.67 -88.05
C VAL M 489 14.92 27.26 -87.94
N LEU M 490 15.58 27.11 -86.78
CA LEU M 490 16.83 27.79 -86.56
C LEU M 490 17.99 27.08 -87.26
N LYS M 491 17.89 25.75 -87.42
CA LYS M 491 18.88 25.04 -88.24
C LYS M 491 18.78 25.45 -89.70
N HIS M 492 17.56 25.45 -90.26
CA HIS M 492 17.39 25.77 -91.67
C HIS M 492 17.62 27.24 -91.97
N ALA M 493 17.53 28.11 -90.96
CA ALA M 493 17.76 29.53 -91.18
C ALA M 493 19.24 29.89 -91.36
N TYR M 494 20.15 28.94 -91.15
CA TYR M 494 21.58 29.24 -91.22
C TYR M 494 22.28 28.64 -92.43
N GLN M 495 21.67 27.68 -93.11
CA GLN M 495 22.28 27.13 -94.32
C GLN M 495 22.15 28.06 -95.51
N ALA M 496 21.33 29.11 -95.42
CA ALA M 496 21.17 30.03 -96.53
C ALA M 496 22.39 30.91 -96.69
N ILE M 497 22.82 31.10 -97.92
CA ILE M 497 23.98 31.91 -98.23
C ILE M 497 23.54 33.15 -99.00
N ASP M 498 24.27 34.24 -98.80
CA ASP M 498 23.86 35.51 -99.36
C ASP M 498 24.25 35.62 -100.84
N PRO M 499 23.43 36.31 -101.65
CA PRO M 499 23.79 36.50 -103.06
C PRO M 499 24.70 37.69 -103.30
N ASN M 500 24.66 38.67 -102.39
CA ASN M 500 25.46 39.89 -102.57
C ASN M 500 26.94 39.59 -102.46
N THR M 501 27.39 39.14 -101.29
CA THR M 501 28.70 38.55 -101.19
C THR M 501 28.61 37.05 -101.47
N GLY M 502 29.66 36.33 -101.12
CA GLY M 502 29.69 34.91 -101.41
C GLY M 502 29.41 34.00 -100.23
N LYS M 503 29.71 34.46 -99.02
CA LYS M 503 29.86 33.52 -97.91
C LYS M 503 28.52 33.11 -97.30
N GLU M 504 27.82 34.05 -96.66
CA GLU M 504 26.71 33.71 -95.76
C GLU M 504 26.07 35.01 -95.29
N TYR M 505 24.79 34.94 -94.92
CA TYR M 505 24.10 36.10 -94.38
C TYR M 505 24.66 36.50 -93.02
N LEU M 506 24.58 35.61 -92.04
CA LEU M 506 24.94 35.96 -90.67
C LEU M 506 25.89 34.92 -90.07
N ARG M 507 26.59 35.35 -89.03
CA ARG M 507 27.72 34.68 -88.41
C ARG M 507 27.45 34.56 -86.91
N ALA M 508 28.49 34.24 -86.15
CA ALA M 508 28.38 34.27 -84.69
C ALA M 508 28.34 35.72 -84.19
N GLY M 509 27.85 35.88 -82.97
CA GLY M 509 27.80 37.19 -82.33
C GLY M 509 26.81 38.13 -82.95
N GLN M 510 25.51 37.86 -82.78
CA GLN M 510 24.48 38.57 -83.53
C GLN M 510 23.71 39.61 -82.74
N SER M 511 23.60 39.47 -81.42
CA SER M 511 22.84 40.36 -80.54
C SER M 511 21.37 40.44 -80.97
N VAL M 512 20.67 39.33 -80.78
CA VAL M 512 19.33 39.17 -81.33
C VAL M 512 18.27 39.59 -80.33
N ALA M 513 17.04 39.72 -80.80
CA ALA M 513 15.88 39.96 -79.96
C ALA M 513 14.88 38.83 -80.16
N TYR M 514 14.24 38.42 -79.07
CA TYR M 514 13.25 37.36 -79.09
C TYR M 514 11.89 37.97 -78.76
N PHE M 515 10.89 37.64 -79.57
CA PHE M 515 9.54 38.14 -79.35
C PHE M 515 8.63 36.99 -78.94
N GLY M 516 7.85 37.21 -77.88
CA GLY M 516 6.87 36.25 -77.46
C GLY M 516 7.44 35.07 -76.69
N ALA M 517 8.14 35.36 -75.59
CA ALA M 517 8.59 34.29 -74.70
C ALA M 517 7.43 33.81 -73.86
N SER M 518 7.49 32.54 -73.45
CA SER M 518 6.44 31.98 -72.60
C SER M 518 6.95 31.60 -71.21
N ALA M 519 7.94 30.69 -71.15
CA ALA M 519 8.44 30.08 -69.91
C ALA M 519 7.30 29.56 -69.02
N GLY M 520 6.40 28.81 -69.63
CA GLY M 520 5.13 28.51 -69.01
C GLY M 520 4.94 27.12 -68.41
N HIS M 521 5.90 26.24 -68.60
CA HIS M 521 5.78 24.85 -68.16
C HIS M 521 7.01 24.44 -67.38
N SER M 522 7.36 25.26 -66.37
CA SER M 522 8.46 25.07 -65.42
C SER M 522 9.83 25.11 -66.08
N GLY M 523 9.91 25.57 -67.33
CA GLY M 523 11.15 26.12 -67.81
C GLY M 523 11.36 27.38 -67.02
N ALA M 524 12.48 27.46 -66.29
CA ALA M 524 12.64 28.37 -65.16
C ALA M 524 12.50 29.84 -65.54
N ASP M 525 13.12 30.25 -66.64
CA ASP M 525 13.05 31.65 -67.04
C ASP M 525 12.80 31.86 -68.53
N GLN M 526 13.10 30.92 -69.40
CA GLN M 526 13.21 31.15 -70.83
C GLN M 526 12.47 30.09 -71.60
N PRO M 527 12.17 30.33 -72.88
CA PRO M 527 11.92 29.23 -73.79
C PRO M 527 13.14 28.34 -73.91
N LEU M 528 12.90 27.06 -74.16
CA LEU M 528 13.93 26.04 -73.95
C LEU M 528 15.02 26.01 -75.02
N VAL M 529 14.96 26.88 -76.03
CA VAL M 529 16.02 26.88 -77.05
C VAL M 529 17.11 27.89 -76.78
N ILE M 530 16.87 28.85 -75.89
CA ILE M 530 17.77 30.00 -75.77
C ILE M 530 19.08 29.59 -75.08
N GLU M 531 19.00 28.77 -74.04
CA GLU M 531 20.21 28.30 -73.38
C GLU M 531 21.06 27.36 -74.25
N PRO M 532 20.51 26.34 -74.95
CA PRO M 532 21.39 25.57 -75.84
C PRO M 532 21.85 26.36 -77.06
N TRP M 533 21.06 27.32 -77.53
CA TRP M 533 21.50 28.13 -78.65
C TRP M 533 22.58 29.13 -78.24
N MET M 534 22.57 29.56 -76.99
CA MET M 534 23.66 30.39 -76.48
C MET M 534 24.92 29.56 -76.23
N GLN M 535 24.77 28.35 -75.70
CA GLN M 535 25.92 27.50 -75.45
C GLN M 535 26.43 26.77 -76.67
N GLY M 536 25.73 26.87 -77.81
CA GLY M 536 26.19 26.18 -79.00
C GLY M 536 25.95 24.69 -79.00
N LYS M 537 24.98 24.21 -78.22
CA LYS M 537 24.71 22.78 -78.13
C LYS M 537 23.95 22.24 -79.32
N ILE M 538 23.46 23.10 -80.22
CA ILE M 538 22.70 22.62 -81.37
C ILE M 538 23.63 22.04 -82.43
N SER M 539 24.85 22.59 -82.54
CA SER M 539 25.99 22.19 -83.38
C SER M 539 25.77 22.47 -84.86
N GLY M 540 24.61 22.95 -85.27
CA GLY M 540 24.43 23.49 -86.59
C GLY M 540 24.36 24.99 -86.61
N VAL M 541 24.55 25.61 -85.46
CA VAL M 541 24.38 27.06 -85.30
C VAL M 541 25.69 27.63 -84.78
N PRO M 542 25.93 28.92 -84.99
CA PRO M 542 26.93 29.63 -84.20
C PRO M 542 26.28 30.29 -83.01
N PRO M 543 26.99 30.45 -81.90
CA PRO M 543 26.43 31.12 -80.74
C PRO M 543 26.34 32.63 -80.96
N PRO M 544 25.23 33.25 -80.58
CA PRO M 544 25.11 34.71 -80.66
C PRO M 544 25.78 35.36 -79.47
N SER M 545 25.68 36.69 -79.41
CA SER M 545 26.30 37.43 -78.33
C SER M 545 25.34 37.67 -77.16
N SER M 546 24.11 38.10 -77.45
CA SER M 546 23.13 38.37 -76.42
C SER M 546 21.73 38.19 -76.98
N VAL M 547 20.80 37.81 -76.11
CA VAL M 547 19.40 37.61 -76.48
C VAL M 547 18.55 38.43 -75.53
N ARG M 548 17.72 39.31 -76.07
CA ARG M 548 16.78 40.09 -75.29
C ARG M 548 15.36 39.64 -75.62
N GLN M 549 14.51 39.55 -74.61
CA GLN M 549 13.18 38.99 -74.75
C GLN M 549 12.11 40.06 -74.69
N PHE M 550 11.02 39.83 -75.42
CA PHE M 550 9.85 40.70 -75.42
C PHE M 550 8.60 39.86 -75.60
N GLY M 551 7.48 40.36 -75.11
CA GLY M 551 6.22 39.67 -75.25
C GLY M 551 5.40 39.76 -73.97
N TYR M 552 4.18 39.22 -74.05
CA TYR M 552 3.25 39.28 -72.92
C TYR M 552 3.64 38.35 -71.78
N ASP M 553 4.44 37.32 -72.03
CA ASP M 553 4.70 36.32 -71.01
C ASP M 553 6.21 36.17 -70.81
N VAL M 554 6.92 37.27 -70.68
CA VAL M 554 8.35 37.20 -70.43
C VAL M 554 8.59 36.96 -68.96
N ALA M 555 9.79 36.48 -68.64
CA ALA M 555 10.24 36.35 -67.26
C ALA M 555 11.48 37.15 -66.96
N LYS M 556 12.32 37.41 -67.96
CA LYS M 556 13.53 38.20 -67.78
C LYS M 556 13.59 39.43 -68.66
N GLY M 557 12.88 39.43 -69.79
CA GLY M 557 12.83 40.58 -70.67
C GLY M 557 11.75 41.55 -70.25
N ALA M 558 11.42 42.45 -71.17
CA ALA M 558 10.39 43.44 -70.92
C ALA M 558 9.06 42.98 -71.51
N ILE M 559 7.97 43.32 -70.82
CA ILE M 559 6.62 43.04 -71.32
C ILE M 559 6.07 44.28 -72.01
N VAL M 560 5.81 44.16 -73.30
CA VAL M 560 5.30 45.25 -74.12
C VAL M 560 4.16 44.71 -74.98
N ASP M 561 3.54 45.61 -75.73
CA ASP M 561 2.61 45.25 -76.79
C ASP M 561 3.34 45.40 -78.11
N LEU M 562 3.49 44.29 -78.83
CA LEU M 562 4.34 44.27 -80.01
C LEU M 562 3.70 44.92 -81.24
N ALA M 563 2.41 45.24 -81.19
CA ALA M 563 1.77 45.92 -82.31
C ALA M 563 2.16 47.38 -82.36
N ARG M 564 1.83 48.13 -81.31
CA ARG M 564 2.20 49.53 -81.18
C ARG M 564 3.70 49.64 -80.92
N PRO M 565 4.38 50.62 -81.53
CA PRO M 565 5.83 50.75 -81.32
C PRO M 565 6.20 51.12 -79.89
N PHE M 566 7.39 50.69 -79.50
CA PHE M 566 7.88 50.72 -78.13
C PHE M 566 9.35 51.12 -78.16
N PRO M 567 9.86 51.74 -77.09
CA PRO M 567 11.26 52.19 -77.09
C PRO M 567 12.23 51.01 -76.99
N SER M 568 13.09 50.89 -77.99
CA SER M 568 14.11 49.85 -78.04
C SER M 568 15.21 50.30 -78.98
N GLY M 569 16.10 49.37 -79.31
CA GLY M 569 17.13 49.59 -80.32
C GLY M 569 16.93 48.65 -81.49
N ASP M 570 17.78 48.84 -82.50
CA ASP M 570 17.77 47.93 -83.63
C ASP M 570 18.56 46.67 -83.30
N TYR M 571 18.34 45.61 -84.08
CA TYR M 571 19.01 44.35 -83.88
C TYR M 571 19.40 43.76 -85.22
N GLN M 572 20.47 42.97 -85.21
CA GLN M 572 20.94 42.35 -86.44
C GLN M 572 20.08 41.16 -86.85
N PHE M 573 19.36 40.58 -85.90
CA PHE M 573 18.42 39.50 -86.16
C PHE M 573 17.34 39.55 -85.09
N VAL M 574 16.13 39.13 -85.46
CA VAL M 574 15.03 39.12 -84.50
C VAL M 574 14.09 37.97 -84.86
N TYR M 575 13.73 37.18 -83.84
CA TYR M 575 12.89 36.01 -84.01
C TYR M 575 11.56 36.26 -83.31
N SER M 576 10.47 36.24 -84.06
CA SER M 576 9.15 36.53 -83.54
C SER M 576 8.23 35.35 -83.82
N ASP M 577 7.67 34.76 -82.77
CA ASP M 577 6.71 33.67 -82.90
C ASP M 577 5.54 33.87 -81.97
N VAL M 578 5.10 35.11 -81.80
CA VAL M 578 3.94 35.40 -80.98
C VAL M 578 2.67 35.12 -81.78
N ASP M 579 1.81 34.28 -81.23
CA ASP M 579 0.58 33.92 -81.94
C ASP M 579 -0.43 35.06 -81.91
N GLN M 580 -1.26 35.11 -82.95
CA GLN M 580 -2.23 36.18 -83.11
C GLN M 580 -3.66 35.66 -83.19
N VAL M 581 -3.84 34.34 -83.12
CA VAL M 581 -5.13 33.72 -83.42
C VAL M 581 -5.85 33.24 -82.18
N VAL M 582 -5.35 33.58 -80.98
CA VAL M 582 -6.11 33.34 -79.77
C VAL M 582 -7.38 34.19 -79.77
N ASP M 583 -7.26 35.43 -80.23
CA ASP M 583 -8.45 36.24 -80.48
C ASP M 583 -9.09 35.89 -81.81
N GLY M 584 -8.35 35.21 -82.69
CA GLY M 584 -8.82 34.92 -84.02
C GLY M 584 -9.63 33.65 -84.15
N HIS M 585 -10.87 33.65 -83.66
CA HIS M 585 -11.82 32.58 -83.89
C HIS M 585 -13.15 33.20 -84.28
N ASP M 586 -13.74 32.68 -85.37
CA ASP M 586 -15.00 33.10 -85.98
C ASP M 586 -15.00 34.55 -86.48
N ASP M 587 -13.86 35.24 -86.50
CA ASP M 587 -13.75 36.60 -87.01
C ASP M 587 -12.35 36.73 -87.59
N LEU M 588 -12.24 36.53 -88.90
CA LEU M 588 -10.94 36.41 -89.54
C LEU M 588 -10.28 37.77 -89.73
N SER M 589 -11.07 38.85 -89.75
CA SER M 589 -10.55 40.16 -90.14
C SER M 589 -9.61 40.73 -89.10
N ILE M 590 -9.91 40.55 -87.81
CA ILE M 590 -9.06 41.09 -86.75
C ILE M 590 -7.74 40.31 -86.69
N SER M 591 -7.82 38.99 -86.85
CA SER M 591 -6.62 38.17 -86.82
C SER M 591 -5.74 38.43 -88.04
N SER M 592 -6.35 38.73 -89.19
CA SER M 592 -5.56 39.12 -90.34
C SER M 592 -4.97 40.51 -90.15
N GLY M 593 -5.74 41.42 -89.54
CA GLY M 593 -5.31 42.79 -89.34
C GLY M 593 -4.18 42.95 -88.35
N LEU M 594 -4.09 42.06 -87.37
CA LEU M 594 -3.02 42.15 -86.38
C LEU M 594 -1.67 41.81 -86.97
N VAL M 595 -1.64 41.00 -88.05
CA VAL M 595 -0.37 40.50 -88.59
C VAL M 595 0.41 41.63 -89.25
N GLU M 596 -0.27 42.52 -89.99
CA GLU M 596 0.45 43.60 -90.66
C GLU M 596 0.95 44.63 -89.67
N SER M 597 0.18 44.90 -88.62
CA SER M 597 0.63 45.79 -87.56
C SER M 597 1.80 45.19 -86.79
N LEU M 598 1.85 43.86 -86.69
CA LEU M 598 3.00 43.22 -86.07
C LEU M 598 4.22 43.27 -86.98
N LEU M 599 4.03 43.08 -88.28
CA LEU M 599 5.15 43.11 -89.23
C LEU M 599 5.74 44.49 -89.37
N ASP M 600 4.91 45.54 -89.27
CA ASP M 600 5.44 46.90 -89.38
C ASP M 600 6.33 47.24 -88.19
N SER M 601 6.07 46.66 -87.03
CA SER M 601 6.98 46.83 -85.90
C SER M 601 8.16 45.88 -85.99
N CYS M 602 7.97 44.71 -86.62
CA CYS M 602 9.05 43.75 -86.72
C CYS M 602 10.12 44.19 -87.72
N VAL M 603 9.73 44.91 -88.77
CA VAL M 603 10.70 45.36 -89.77
C VAL M 603 11.57 46.47 -89.22
N HIS M 604 10.98 47.42 -88.49
CA HIS M 604 11.70 48.60 -88.02
C HIS M 604 12.76 48.29 -86.97
N ALA M 605 12.64 47.16 -86.27
CA ALA M 605 13.63 46.82 -85.24
C ALA M 605 14.78 45.97 -85.79
N THR M 606 15.07 46.06 -87.08
CA THR M 606 16.01 45.17 -87.74
C THR M 606 16.97 45.92 -88.66
N ALA M 607 16.67 47.18 -88.96
CA ALA M 607 16.98 47.89 -90.22
C ALA M 607 18.37 47.67 -90.84
N PRO M 608 19.52 47.80 -90.12
CA PRO M 608 20.80 47.70 -90.86
C PRO M 608 21.18 46.26 -91.23
N GLY M 609 20.96 45.90 -92.49
CA GLY M 609 21.39 44.64 -93.07
C GLY M 609 20.90 43.39 -92.37
N GLY M 610 19.76 43.46 -91.68
CA GLY M 610 19.32 42.40 -90.81
C GLY M 610 18.38 41.42 -91.46
N SER M 611 17.82 40.54 -90.63
CA SER M 611 16.92 39.50 -91.07
C SER M 611 15.95 39.20 -89.93
N PHE M 612 14.76 38.72 -90.28
CA PHE M 612 13.78 38.36 -89.26
C PHE M 612 13.02 37.10 -89.67
N VAL M 613 12.53 36.40 -88.65
CA VAL M 613 11.68 35.23 -88.82
C VAL M 613 10.39 35.50 -88.09
N MET M 614 9.27 35.44 -88.81
CA MET M 614 7.97 35.75 -88.23
C MET M 614 7.01 34.61 -88.55
N LYS M 615 6.19 34.25 -87.55
CA LYS M 615 5.27 33.14 -87.66
C LYS M 615 3.88 33.65 -88.03
N ILE M 616 3.35 33.14 -89.14
CA ILE M 616 1.99 33.44 -89.58
C ILE M 616 1.16 32.21 -89.31
N ASN M 617 0.12 32.36 -88.51
CA ASN M 617 -0.75 31.21 -88.22
C ASN M 617 -1.85 31.06 -89.26
N PHE M 618 -2.52 32.14 -89.63
CA PHE M 618 -3.59 32.08 -90.62
C PHE M 618 -3.15 32.81 -91.88
N PRO M 619 -2.64 32.12 -92.89
CA PRO M 619 -2.26 32.79 -94.14
C PRO M 619 -3.46 33.18 -94.97
N THR M 620 -3.74 34.47 -95.05
CA THR M 620 -4.91 34.98 -95.74
C THR M 620 -4.49 35.92 -96.87
N ARG M 621 -5.45 36.19 -97.75
CA ARG M 621 -5.20 36.94 -98.98
C ARG M 621 -4.74 38.36 -98.70
N THR M 622 -5.32 39.00 -97.67
CA THR M 622 -4.85 40.33 -97.26
C THR M 622 -3.42 40.30 -96.73
N VAL M 623 -3.04 39.23 -96.03
CA VAL M 623 -1.67 39.10 -95.54
C VAL M 623 -0.70 38.93 -96.70
N TRP M 624 -1.03 38.08 -97.68
CA TRP M 624 -0.17 37.89 -98.83
C TRP M 624 -0.07 39.16 -99.67
N HIS M 625 -1.18 39.88 -99.83
CA HIS M 625 -1.17 41.13 -100.56
C HIS M 625 -0.35 42.21 -99.87
N TYR M 626 -0.42 42.28 -98.53
CA TYR M 626 0.35 43.29 -97.82
C TYR M 626 1.84 42.99 -97.89
N ILE M 627 2.23 41.72 -97.72
CA ILE M 627 3.65 41.44 -97.75
C ILE M 627 4.21 41.54 -99.17
N GLU M 628 3.39 41.25 -100.18
CA GLU M 628 3.79 41.51 -101.57
C GLU M 628 3.92 43.00 -101.84
N GLN M 629 3.06 43.81 -101.22
CA GLN M 629 3.08 45.24 -101.49
C GLN M 629 4.25 45.92 -100.80
N LYS M 630 4.46 45.62 -99.52
CA LYS M 630 5.41 46.35 -98.69
C LYS M 630 6.67 45.56 -98.39
N ILE M 631 6.55 44.31 -97.95
CA ILE M 631 7.69 43.63 -97.37
C ILE M 631 8.60 43.09 -98.47
N LEU M 632 8.02 42.58 -99.53
CA LEU M 632 8.70 41.94 -100.66
C LEU M 632 9.69 42.84 -101.43
N PRO M 633 9.45 44.15 -101.66
CA PRO M 633 10.50 44.93 -102.32
C PRO M 633 11.70 45.25 -101.43
N ASN M 634 11.47 45.52 -100.15
CA ASN M 634 12.51 46.09 -99.29
C ASN M 634 13.54 45.08 -98.82
N VAL M 635 13.36 43.79 -99.13
CA VAL M 635 14.28 42.76 -98.66
C VAL M 635 15.16 42.31 -99.82
N THR M 636 16.23 41.60 -99.47
CA THR M 636 17.14 41.03 -100.46
C THR M 636 16.65 39.66 -100.94
N SER M 637 16.40 38.75 -100.00
CA SER M 637 15.88 37.44 -100.33
C SER M 637 14.89 37.03 -99.25
N TYR M 638 14.16 35.95 -99.53
CA TYR M 638 13.16 35.48 -98.57
C TYR M 638 12.95 33.99 -98.79
N MET M 639 12.39 33.35 -97.77
CA MET M 639 11.97 31.96 -97.85
C MET M 639 10.90 31.73 -96.80
N LEU M 640 10.07 30.73 -97.02
CA LEU M 640 9.06 30.34 -96.04
C LEU M 640 9.11 28.85 -95.83
N ILE M 641 9.25 28.43 -94.57
CA ILE M 641 9.34 27.01 -94.22
C ILE M 641 8.22 26.70 -93.24
N LYS M 642 8.03 25.41 -92.98
CA LYS M 642 7.04 24.99 -92.00
C LYS M 642 7.43 23.66 -91.37
N PRO M 643 7.87 23.67 -90.12
CA PRO M 643 8.02 22.40 -89.39
C PRO M 643 6.65 21.86 -89.00
N PHE M 644 6.43 20.58 -89.28
CA PHE M 644 5.14 19.93 -89.06
C PHE M 644 5.20 19.09 -87.81
N VAL M 645 4.58 19.58 -86.73
CA VAL M 645 4.46 18.80 -85.51
C VAL M 645 3.03 18.73 -84.99
N THR M 646 2.15 19.63 -85.40
CA THR M 646 0.75 19.61 -84.99
C THR M 646 -0.06 20.05 -86.20
N ASN M 647 -1.18 19.35 -86.44
CA ASN M 647 -1.97 19.55 -87.66
C ASN M 647 -2.66 20.90 -87.61
N ASN M 648 -2.09 21.90 -88.27
CA ASN M 648 -2.73 23.20 -88.41
C ASN M 648 -2.29 23.81 -89.74
N VAL M 649 -2.52 25.12 -89.89
CA VAL M 649 -2.22 25.80 -91.14
C VAL M 649 -1.20 26.90 -90.94
N GLU M 650 -0.43 26.85 -89.85
CA GLU M 650 0.54 27.89 -89.59
C GLU M 650 1.76 27.73 -90.48
N VAL M 651 2.43 28.85 -90.74
CA VAL M 651 3.69 28.88 -91.50
C VAL M 651 4.66 29.82 -90.80
N PHE M 652 5.89 29.84 -91.30
CA PHE M 652 6.92 30.75 -90.85
C PHE M 652 7.41 31.56 -92.04
N PHE M 653 7.58 32.86 -91.85
CA PHE M 653 8.07 33.76 -92.89
C PHE M 653 9.46 34.23 -92.51
N VAL M 654 10.43 33.99 -93.39
CA VAL M 654 11.82 34.34 -93.15
C VAL M 654 12.24 35.31 -94.25
N ALA M 655 12.73 36.47 -93.85
CA ALA M 655 13.18 37.51 -94.78
C ALA M 655 14.66 37.80 -94.54
N PHE M 656 15.37 38.09 -95.62
CA PHE M 656 16.82 38.25 -95.59
C PHE M 656 17.20 39.61 -96.18
N GLY M 657 18.09 40.31 -95.49
CA GLY M 657 18.61 41.58 -95.97
C GLY M 657 17.56 42.67 -95.99
N VAL M 658 17.11 43.09 -94.82
CA VAL M 658 16.07 44.11 -94.73
C VAL M 658 16.66 45.47 -95.08
N HIS M 659 15.78 46.35 -95.57
CA HIS M 659 16.09 47.72 -95.99
C HIS M 659 17.16 47.79 -97.08
N GLN M 660 17.28 46.73 -97.87
CA GLN M 660 18.07 46.73 -99.09
C GLN M 660 17.07 46.77 -100.24
N GLN M 661 17.01 47.90 -100.93
CA GLN M 661 15.98 48.10 -101.93
C GLN M 661 16.26 47.26 -103.18
N SER M 662 15.38 46.31 -103.46
CA SER M 662 15.50 45.43 -104.60
C SER M 662 14.11 45.19 -105.16
N ALA M 663 14.00 44.22 -106.07
CA ALA M 663 12.74 43.89 -106.72
C ALA M 663 12.54 42.38 -106.66
N LEU M 664 11.52 41.94 -105.93
CA LEU M 664 11.22 40.53 -105.79
C LEU M 664 9.74 40.29 -106.06
N THR M 665 9.42 39.08 -106.49
CA THR M 665 8.05 38.67 -106.75
C THR M 665 7.81 37.31 -106.12
N TRP M 666 6.58 36.81 -106.22
CA TRP M 666 6.31 35.45 -105.81
C TRP M 666 6.69 34.49 -106.92
N THR M 667 6.49 33.20 -106.67
CA THR M 667 6.85 32.18 -107.66
C THR M 667 5.95 30.96 -107.56
N SER M 668 6.03 30.15 -108.62
CA SER M 668 5.28 28.90 -108.70
C SER M 668 5.77 27.86 -107.70
N GLY M 669 7.02 27.96 -107.25
CA GLY M 669 7.47 27.14 -106.14
C GLY M 669 6.73 27.44 -104.86
N VAL M 670 6.54 28.72 -104.54
CA VAL M 670 5.72 29.13 -103.40
C VAL M 670 4.27 28.73 -103.62
N TYR M 671 3.80 28.79 -104.87
CA TYR M 671 2.44 28.39 -105.19
C TYR M 671 2.19 26.91 -104.91
N PHE M 672 3.05 26.03 -105.44
CA PHE M 672 2.96 24.61 -105.20
C PHE M 672 3.21 24.26 -103.74
N PHE M 673 4.07 25.01 -103.04
CA PHE M 673 4.31 24.79 -101.63
C PHE M 673 3.05 25.09 -100.81
N LEU M 674 2.34 26.16 -101.15
CA LEU M 674 1.10 26.47 -100.45
C LEU M 674 -0.01 25.50 -100.78
N VAL M 675 -0.08 25.01 -102.03
CA VAL M 675 -1.06 23.98 -102.40
C VAL M 675 -0.82 22.71 -101.59
N ASP M 676 0.42 22.25 -101.52
CA ASP M 676 0.74 21.08 -100.70
C ASP M 676 0.55 21.34 -99.22
N HIS M 677 0.80 22.57 -98.75
CA HIS M 677 0.66 22.90 -97.34
C HIS M 677 -0.80 22.90 -96.91
N PHE M 678 -1.69 23.35 -97.77
CA PHE M 678 -3.11 23.30 -97.44
C PHE M 678 -3.71 21.91 -97.64
N TYR M 679 -3.26 21.18 -98.66
CA TYR M 679 -3.81 19.87 -98.91
C TYR M 679 -3.30 18.83 -97.91
N ARG M 680 -2.11 19.05 -97.32
CA ARG M 680 -1.67 18.17 -96.25
C ARG M 680 -2.44 18.42 -94.96
N TYR M 681 -2.98 19.64 -94.78
CA TYR M 681 -3.93 19.84 -93.69
C TYR M 681 -5.24 19.15 -94.01
N GLU M 682 -5.67 19.22 -95.28
CA GLU M 682 -6.96 18.66 -95.70
C GLU M 682 -7.01 17.15 -95.53
N THR M 683 -5.94 16.45 -95.91
CA THR M 683 -5.91 14.99 -95.81
C THR M 683 -5.93 14.53 -94.36
N LEU M 684 -5.05 15.09 -93.53
CA LEU M 684 -5.00 14.66 -92.14
C LEU M 684 -6.21 15.11 -91.35
N SER M 685 -6.85 16.22 -91.75
CA SER M 685 -8.09 16.62 -91.10
C SER M 685 -9.24 15.71 -91.51
N ALA M 686 -9.21 15.17 -92.73
CA ALA M 686 -10.20 14.18 -93.12
C ALA M 686 -9.96 12.87 -92.39
N ILE M 687 -8.69 12.51 -92.17
CA ILE M 687 -8.37 11.25 -91.50
C ILE M 687 -8.73 11.31 -90.02
N SER M 688 -8.46 12.45 -89.37
CA SER M 688 -8.61 12.57 -87.92
C SER M 688 -10.06 12.55 -87.47
N ARG M 689 -11.01 12.73 -88.37
CA ARG M 689 -12.42 12.69 -87.98
C ARG M 689 -13.00 11.28 -88.01
N GLN M 690 -12.41 10.36 -88.78
CA GLN M 690 -12.86 8.98 -88.75
C GLN M 690 -12.38 8.23 -87.51
N LEU M 691 -11.31 8.70 -86.88
CA LEU M 691 -10.81 8.06 -85.69
C LEU M 691 -11.74 8.34 -84.51
N PRO M 692 -11.80 7.42 -83.54
CA PRO M 692 -12.58 7.71 -82.32
C PRO M 692 -11.91 8.70 -81.41
N SER M 693 -12.53 9.00 -80.27
CA SER M 693 -12.02 10.03 -79.38
C SER M 693 -10.85 9.51 -78.56
N PHE M 694 -10.40 10.33 -77.61
CA PHE M 694 -9.18 10.01 -76.88
C PHE M 694 -9.42 8.95 -75.82
N GLY M 695 -10.41 9.17 -74.97
CA GLY M 695 -10.68 8.25 -73.88
C GLY M 695 -11.97 7.48 -74.03
N TYR M 696 -12.25 7.02 -75.25
CA TYR M 696 -13.53 6.41 -75.55
C TYR M 696 -13.62 5.01 -74.98
N VAL M 697 -14.84 4.55 -74.79
CA VAL M 697 -15.14 3.13 -74.64
C VAL M 697 -15.66 2.63 -75.99
N ASP M 698 -15.30 1.41 -76.34
CA ASP M 698 -15.66 0.89 -77.65
C ASP M 698 -16.93 0.06 -77.53
N ASP M 699 -17.61 -0.10 -78.66
CA ASP M 699 -18.79 -0.96 -78.71
C ASP M 699 -18.92 -1.75 -80.00
N GLY M 700 -17.95 -1.67 -80.92
CA GLY M 700 -18.05 -2.30 -82.21
C GLY M 700 -18.78 -1.49 -83.26
N SER M 701 -19.21 -0.29 -82.91
CA SER M 701 -19.96 0.56 -83.84
C SER M 701 -19.04 1.42 -84.70
N SER M 702 -17.86 1.75 -84.21
CA SER M 702 -16.93 2.58 -84.98
C SER M 702 -16.34 1.79 -86.14
N VAL M 703 -15.85 2.51 -87.14
CA VAL M 703 -15.27 1.87 -88.31
C VAL M 703 -13.93 1.24 -87.95
N THR M 704 -13.03 2.01 -87.37
CA THR M 704 -11.78 1.50 -86.85
C THR M 704 -11.89 1.30 -85.35
N GLY M 705 -11.09 0.39 -84.82
CA GLY M 705 -11.12 0.12 -83.39
C GLY M 705 -10.66 -1.28 -83.10
N ILE M 706 -10.63 -1.60 -81.81
CA ILE M 706 -10.23 -2.91 -81.33
C ILE M 706 -11.46 -3.77 -81.14
N GLU M 707 -11.27 -5.09 -81.21
CA GLU M 707 -12.30 -6.04 -80.86
C GLU M 707 -11.64 -7.33 -80.41
N ILE M 708 -12.15 -7.91 -79.33
CA ILE M 708 -11.60 -9.11 -78.72
C ILE M 708 -12.72 -10.09 -78.44
N ILE M 709 -12.35 -11.36 -78.30
CA ILE M 709 -13.26 -12.41 -77.86
C ILE M 709 -12.66 -13.06 -76.63
N SER M 710 -13.43 -13.98 -76.04
CA SER M 710 -12.95 -14.78 -74.92
C SER M 710 -13.78 -16.06 -74.87
N ILE M 711 -13.22 -17.15 -75.36
CA ILE M 711 -13.88 -18.45 -75.32
C ILE M 711 -13.02 -19.41 -74.50
N GLU M 712 -13.69 -20.26 -73.74
CA GLU M 712 -13.01 -21.21 -72.87
C GLU M 712 -12.44 -22.36 -73.70
N ASN M 713 -11.48 -23.05 -73.11
CA ASN M 713 -10.81 -24.17 -73.78
C ASN M 713 -10.44 -25.20 -72.73
N PRO M 714 -11.35 -26.11 -72.39
CA PRO M 714 -11.06 -27.10 -71.35
C PRO M 714 -10.16 -28.22 -71.86
N GLY M 715 -8.88 -28.16 -71.49
CA GLY M 715 -7.95 -29.24 -71.77
C GLY M 715 -7.64 -29.40 -73.25
N PHE M 716 -7.43 -30.65 -73.65
CA PHE M 716 -7.12 -30.98 -75.05
C PHE M 716 -8.40 -31.37 -75.78
N SER M 717 -9.34 -30.43 -75.78
CA SER M 717 -10.66 -30.64 -76.36
C SER M 717 -10.67 -30.15 -77.80
N ASN M 718 -11.21 -30.97 -78.68
CA ASN M 718 -11.52 -30.51 -80.02
C ASN M 718 -12.66 -29.50 -79.95
N MET M 719 -12.41 -28.29 -80.43
CA MET M 719 -13.37 -27.22 -80.26
C MET M 719 -14.59 -27.44 -81.14
N THR M 720 -15.73 -26.94 -80.67
CA THR M 720 -17.00 -27.21 -81.31
C THR M 720 -17.17 -26.39 -82.58
N GLN M 721 -18.30 -26.57 -83.25
CA GLN M 721 -18.62 -25.75 -84.41
C GLN M 721 -18.91 -24.31 -84.01
N ALA M 722 -19.41 -24.10 -82.79
CA ALA M 722 -19.76 -22.76 -82.34
C ALA M 722 -18.52 -21.89 -82.15
N ALA M 723 -17.50 -22.42 -81.48
CA ALA M 723 -16.25 -21.70 -81.31
C ALA M 723 -15.52 -21.51 -82.63
N ARG M 724 -15.62 -22.49 -83.52
CA ARG M 724 -15.01 -22.36 -84.85
C ARG M 724 -15.68 -21.28 -85.67
N VAL M 725 -17.02 -21.20 -85.62
CA VAL M 725 -17.75 -20.13 -86.29
C VAL M 725 -17.42 -18.77 -85.68
N GLY M 726 -17.23 -18.72 -84.36
CA GLY M 726 -16.83 -17.47 -83.73
C GLY M 726 -15.45 -16.98 -84.13
N ILE M 727 -14.46 -17.88 -84.17
CA ILE M 727 -13.11 -17.49 -84.54
C ILE M 727 -13.04 -17.13 -86.02
N SER M 728 -13.75 -17.89 -86.86
CA SER M 728 -13.83 -17.52 -88.27
C SER M 728 -14.59 -16.22 -88.50
N GLY M 729 -15.56 -15.91 -87.63
CA GLY M 729 -16.23 -14.62 -87.71
C GLY M 729 -15.32 -13.47 -87.34
N LEU M 730 -14.45 -13.68 -86.36
CA LEU M 730 -13.43 -12.68 -86.07
C LEU M 730 -12.47 -12.52 -87.23
N CYS M 731 -12.09 -13.64 -87.86
CA CYS M 731 -11.13 -13.57 -88.97
C CYS M 731 -11.78 -13.01 -90.23
N ALA M 732 -13.11 -13.01 -90.30
CA ALA M 732 -13.78 -12.32 -91.39
C ALA M 732 -14.05 -10.85 -91.04
N ASN M 733 -14.19 -10.54 -89.76
CA ASN M 733 -14.48 -9.17 -89.35
C ASN M 733 -13.22 -8.32 -89.44
N VAL M 734 -12.08 -8.86 -89.05
CA VAL M 734 -10.79 -8.21 -89.26
C VAL M 734 -9.93 -9.12 -90.13
N GLY M 735 -9.37 -8.56 -91.19
CA GLY M 735 -8.56 -9.30 -92.14
C GLY M 735 -7.19 -8.66 -92.30
N ASN M 736 -6.18 -9.51 -92.50
CA ASN M 736 -4.80 -9.14 -92.82
C ASN M 736 -4.17 -8.24 -91.73
N ALA M 737 -4.65 -8.34 -90.51
CA ALA M 737 -4.01 -7.68 -89.38
C ALA M 737 -3.41 -8.72 -88.45
N ARG M 738 -2.61 -8.27 -87.50
CA ARG M 738 -1.97 -9.19 -86.58
C ARG M 738 -2.94 -9.56 -85.46
N LYS M 739 -2.91 -10.83 -85.07
CA LYS M 739 -3.79 -11.38 -84.04
C LYS M 739 -2.95 -11.90 -82.90
N SER M 740 -3.09 -11.31 -81.72
CA SER M 740 -2.39 -11.74 -80.54
C SER M 740 -3.32 -12.54 -79.64
N ILE M 741 -2.81 -13.63 -79.06
CA ILE M 741 -3.62 -14.51 -78.22
C ILE M 741 -2.98 -14.61 -76.85
N ALA M 742 -3.78 -15.03 -75.88
CA ALA M 742 -3.32 -15.18 -74.50
C ALA M 742 -4.19 -16.20 -73.80
N ILE M 743 -3.58 -17.29 -73.33
CA ILE M 743 -4.29 -18.38 -72.66
C ILE M 743 -3.97 -18.29 -71.19
N TYR M 744 -5.00 -18.16 -70.35
CA TYR M 744 -4.77 -17.99 -68.92
C TYR M 744 -6.02 -18.41 -68.16
N GLU M 745 -5.79 -18.92 -66.95
CA GLU M 745 -6.88 -19.37 -66.08
C GLU M 745 -7.49 -18.16 -65.41
N SER M 746 -8.65 -17.74 -65.90
CA SER M 746 -9.39 -16.62 -65.32
C SER M 746 -10.58 -17.17 -64.55
N HIS M 747 -10.68 -16.76 -63.28
CA HIS M 747 -11.77 -17.12 -62.38
C HIS M 747 -11.91 -18.63 -62.21
N GLY M 748 -10.77 -19.31 -62.09
CA GLY M 748 -10.78 -20.76 -61.94
C GLY M 748 -11.15 -21.53 -63.18
N ALA M 749 -11.04 -20.93 -64.36
CA ALA M 749 -11.39 -21.59 -65.60
C ALA M 749 -10.43 -21.15 -66.69
N ARG M 750 -10.01 -22.10 -67.52
CA ARG M 750 -9.07 -21.83 -68.60
C ARG M 750 -9.81 -21.17 -69.76
N VAL M 751 -9.34 -20.00 -70.17
CA VAL M 751 -9.96 -19.23 -71.23
C VAL M 751 -8.84 -18.59 -72.06
N LEU M 752 -9.09 -18.41 -73.36
CA LEU M 752 -8.18 -17.69 -74.22
C LEU M 752 -8.90 -16.54 -74.91
N THR M 753 -8.15 -15.48 -75.18
CA THR M 753 -8.64 -14.30 -75.88
C THR M 753 -7.91 -14.17 -77.21
N ILE M 754 -8.56 -13.49 -78.15
CA ILE M 754 -7.97 -13.18 -79.45
C ILE M 754 -8.13 -11.68 -79.68
N THR M 755 -7.02 -10.97 -79.72
CA THR M 755 -7.03 -9.50 -79.83
C THR M 755 -6.61 -9.09 -81.23
N SER M 756 -7.44 -8.27 -81.88
CA SER M 756 -7.10 -7.73 -83.18
C SER M 756 -7.86 -6.42 -83.38
N ARG M 757 -7.56 -5.75 -84.49
CA ARG M 757 -7.96 -4.36 -84.70
C ARG M 757 -8.60 -4.21 -86.08
N ARG M 758 -9.92 -4.01 -86.10
CA ARG M 758 -10.66 -3.89 -87.36
C ARG M 758 -10.33 -2.56 -88.06
N SER M 759 -10.63 -2.51 -89.35
CA SER M 759 -10.18 -1.43 -90.21
C SER M 759 -11.18 -1.24 -91.32
N PRO M 760 -11.24 -0.05 -91.94
CA PRO M 760 -12.10 0.11 -93.13
C PRO M 760 -11.64 -0.70 -94.32
N ALA M 761 -10.34 -1.00 -94.43
CA ALA M 761 -9.89 -1.90 -95.48
C ALA M 761 -10.40 -3.31 -95.28
N SER M 762 -10.44 -3.78 -94.03
CA SER M 762 -11.02 -5.09 -93.77
C SER M 762 -12.54 -5.07 -93.91
N ALA M 763 -13.17 -3.91 -93.65
CA ALA M 763 -14.60 -3.78 -93.94
C ALA M 763 -14.86 -3.86 -95.43
N ARG M 764 -13.95 -3.34 -96.24
CA ARG M 764 -14.05 -3.52 -97.69
C ARG M 764 -13.81 -4.98 -98.09
N ARG M 765 -12.89 -5.65 -97.41
CA ARG M 765 -12.62 -7.06 -97.69
C ARG M 765 -13.82 -7.94 -97.37
N LYS M 766 -14.54 -7.63 -96.29
CA LYS M 766 -15.66 -8.45 -95.84
C LYS M 766 -16.80 -8.44 -96.85
N ALA M 767 -16.95 -7.35 -97.61
CA ALA M 767 -18.02 -7.27 -98.60
C ALA M 767 -17.74 -8.09 -99.85
N ARG M 768 -16.52 -8.61 -100.03
CA ARG M 768 -16.18 -9.34 -101.25
C ARG M 768 -16.50 -10.82 -101.17
N LEU M 769 -17.02 -11.30 -100.05
CA LEU M 769 -17.26 -12.73 -99.89
C LEU M 769 -18.73 -13.00 -99.61
N ARG M 770 -19.29 -13.98 -100.31
CA ARG M 770 -20.67 -14.38 -100.07
C ARG M 770 -20.79 -15.25 -98.82
N TYR M 771 -19.79 -16.08 -98.56
CA TYR M 771 -19.77 -16.94 -97.39
C TYR M 771 -18.41 -16.81 -96.70
N LEU M 772 -18.42 -16.91 -95.38
CA LEU M 772 -17.10 -16.82 -94.78
C LEU M 772 -16.50 -18.22 -94.64
N PRO M 773 -15.19 -18.37 -94.84
CA PRO M 773 -14.55 -19.66 -94.65
C PRO M 773 -14.40 -20.00 -93.18
N LEU M 774 -13.96 -21.22 -92.92
CA LEU M 774 -13.74 -21.71 -91.57
C LEU M 774 -12.26 -22.00 -91.38
N ILE M 775 -11.73 -21.62 -90.24
CA ILE M 775 -10.32 -21.86 -89.95
C ILE M 775 -10.15 -23.27 -89.40
N ASP M 776 -8.96 -23.81 -89.56
CA ASP M 776 -8.72 -25.09 -88.90
C ASP M 776 -8.37 -24.87 -87.43
N PRO M 777 -8.79 -25.78 -86.54
CA PRO M 777 -8.44 -25.64 -85.13
C PRO M 777 -7.08 -26.19 -84.75
N ARG M 778 -6.30 -26.67 -85.73
CA ARG M 778 -5.06 -27.38 -85.45
C ARG M 778 -3.98 -26.49 -84.87
N SER M 779 -4.06 -25.18 -85.08
CA SER M 779 -3.06 -24.30 -84.51
C SER M 779 -3.37 -23.96 -83.06
N LEU M 780 -4.60 -24.19 -82.61
CA LEU M 780 -5.02 -23.79 -81.28
C LEU M 780 -5.34 -24.95 -80.35
N GLU M 781 -5.58 -26.15 -80.90
CA GLU M 781 -5.84 -27.29 -80.04
C GLU M 781 -4.59 -27.82 -79.36
N VAL M 782 -3.41 -27.48 -79.88
CA VAL M 782 -2.17 -28.06 -79.39
C VAL M 782 -1.71 -27.37 -78.10
N GLN M 783 -2.08 -26.10 -77.92
CA GLN M 783 -1.46 -25.25 -76.92
C GLN M 783 -1.85 -25.65 -75.50
N ALA M 784 -0.84 -26.00 -74.71
CA ALA M 784 -1.01 -26.46 -73.33
C ALA M 784 -0.35 -25.53 -72.34
N ARG M 785 0.04 -24.35 -72.77
CA ARG M 785 0.78 -23.43 -71.93
C ARG M 785 -0.16 -22.36 -71.38
N THR M 786 0.43 -21.37 -70.71
CA THR M 786 -0.33 -20.34 -70.01
C THR M 786 0.28 -18.99 -70.37
N ILE M 787 -0.26 -18.35 -71.41
CA ILE M 787 0.23 -17.06 -71.88
C ILE M 787 -0.43 -15.97 -71.04
N LEU M 788 0.38 -15.22 -70.31
CA LEU M 788 -0.17 -14.17 -69.47
C LEU M 788 -0.65 -13.00 -70.34
N PRO M 789 -1.83 -12.45 -70.06
CA PRO M 789 -2.41 -11.43 -70.94
C PRO M 789 -1.83 -10.05 -70.64
N SER M 790 -2.36 -9.05 -71.34
CA SER M 790 -2.04 -7.66 -71.08
C SER M 790 -3.24 -6.82 -71.49
N ASN M 791 -3.24 -5.57 -71.03
CA ASN M 791 -4.33 -4.67 -71.36
C ASN M 791 -4.30 -4.29 -72.85
N PRO M 792 -5.46 -4.18 -73.49
CA PRO M 792 -5.46 -3.87 -74.92
C PRO M 792 -5.19 -2.39 -75.16
N VAL M 793 -4.41 -2.12 -76.21
CA VAL M 793 -4.14 -0.76 -76.65
C VAL M 793 -4.63 -0.63 -78.08
N LEU M 794 -4.95 0.61 -78.47
CA LEU M 794 -5.43 0.83 -79.83
C LEU M 794 -4.27 0.91 -80.81
N PHE M 795 -3.15 1.49 -80.40
CA PHE M 795 -1.97 1.61 -81.24
C PHE M 795 -0.87 0.76 -80.61
N ASP M 796 -0.59 -0.39 -81.23
CA ASP M 796 0.30 -1.36 -80.60
C ASP M 796 1.77 -0.99 -80.79
N ASN M 797 2.15 -0.65 -82.03
CA ASN M 797 3.55 -0.42 -82.37
C ASN M 797 4.00 0.91 -81.78
N ILE M 798 4.68 0.85 -80.64
CA ILE M 798 5.17 2.06 -80.00
C ILE M 798 6.53 2.51 -80.55
N ASN M 799 7.26 1.62 -81.22
CA ASN M 799 8.51 2.03 -81.84
C ASN M 799 8.27 2.75 -83.14
N GLY M 800 7.21 2.41 -83.86
CA GLY M 800 6.91 3.06 -85.11
C GLY M 800 7.10 2.12 -86.30
N ALA M 801 6.63 2.58 -87.46
CA ALA M 801 6.70 1.78 -88.66
C ALA M 801 8.07 1.91 -89.32
N SER M 802 8.51 0.83 -89.94
CA SER M 802 9.78 0.81 -90.65
C SER M 802 9.64 1.52 -91.99
N PRO M 803 10.75 1.97 -92.58
CA PRO M 803 10.66 2.59 -93.92
C PRO M 803 10.20 1.63 -95.00
N HIS M 804 10.51 0.34 -94.90
CA HIS M 804 10.02 -0.62 -95.88
C HIS M 804 8.52 -0.87 -95.78
N VAL M 805 7.92 -0.61 -94.62
CA VAL M 805 6.47 -0.65 -94.50
C VAL M 805 5.84 0.67 -94.97
N CYS M 806 6.48 1.80 -94.63
CA CYS M 806 5.98 3.09 -95.06
C CYS M 806 6.03 3.26 -96.57
N LEU M 807 7.01 2.64 -97.22
CA LEU M 807 7.07 2.66 -98.68
C LEU M 807 6.07 1.70 -99.30
N THR M 808 5.75 0.61 -98.58
CA THR M 808 4.72 -0.31 -99.04
C THR M 808 3.35 0.36 -99.01
N MET M 809 3.09 1.17 -97.99
CA MET M 809 1.89 2.01 -97.98
C MET M 809 1.87 3.00 -99.13
N MET M 810 3.02 3.56 -99.50
CA MET M 810 3.08 4.50 -100.62
C MET M 810 2.77 3.80 -101.94
N TYR M 811 3.20 2.55 -102.10
CA TYR M 811 2.83 1.80 -103.30
C TYR M 811 1.35 1.46 -103.30
N ASN M 812 0.84 0.98 -102.15
CA ASN M 812 -0.52 0.47 -102.09
C ASN M 812 -1.56 1.58 -102.23
N PHE M 813 -1.23 2.79 -101.76
CA PHE M 813 -2.16 3.89 -101.93
C PHE M 813 -2.28 4.31 -103.38
N GLU M 814 -1.17 4.29 -104.12
CA GLU M 814 -1.22 4.63 -105.53
C GLU M 814 -1.96 3.56 -106.32
N VAL M 815 -1.81 2.29 -105.93
CA VAL M 815 -2.58 1.21 -106.56
C VAL M 815 -4.08 1.41 -106.32
N SER M 816 -4.45 1.68 -105.06
CA SER M 816 -5.87 1.83 -104.72
C SER M 816 -6.47 3.09 -105.33
N SER M 817 -5.67 4.13 -105.53
CA SER M 817 -6.17 5.32 -106.21
C SER M 817 -6.25 5.09 -107.72
N ALA M 818 -5.40 4.23 -108.26
CA ALA M 818 -5.42 3.97 -109.69
C ALA M 818 -6.60 3.09 -110.09
N VAL M 819 -6.92 2.07 -109.29
CA VAL M 819 -7.98 1.14 -109.66
C VAL M 819 -9.34 1.80 -109.41
N TYR M 820 -10.18 1.79 -110.43
CA TYR M 820 -11.55 2.28 -110.32
C TYR M 820 -12.51 1.10 -110.13
N ASP M 821 -13.79 1.45 -109.96
CA ASP M 821 -14.79 0.44 -109.63
C ASP M 821 -15.24 -0.30 -110.88
N GLY M 822 -15.49 -1.59 -110.73
CA GLY M 822 -15.95 -2.42 -111.82
C GLY M 822 -14.91 -2.63 -112.91
N ASP M 823 -13.74 -3.16 -112.56
CA ASP M 823 -12.65 -3.32 -113.49
C ASP M 823 -11.93 -4.63 -113.20
N VAL M 824 -11.48 -5.30 -114.26
CA VAL M 824 -10.66 -6.49 -114.10
C VAL M 824 -9.21 -6.05 -113.89
N VAL M 825 -8.55 -6.65 -112.90
CA VAL M 825 -7.15 -6.38 -112.62
C VAL M 825 -6.42 -7.71 -112.59
N LEU M 826 -5.10 -7.63 -112.54
CA LEU M 826 -4.26 -8.79 -112.32
C LEU M 826 -3.02 -8.37 -111.55
N ASP M 827 -2.76 -9.06 -110.44
CA ASP M 827 -1.63 -8.78 -109.59
C ASP M 827 -0.42 -9.53 -110.10
N LEU M 828 0.69 -8.83 -110.21
CA LEU M 828 1.93 -9.40 -110.71
C LEU M 828 2.84 -9.52 -109.49
N GLY M 829 2.74 -10.66 -108.80
CA GLY M 829 3.50 -10.88 -107.58
C GLY M 829 2.72 -10.52 -106.33
N THR M 830 2.75 -11.40 -105.32
CA THR M 830 2.02 -11.14 -104.09
C THR M 830 2.73 -10.10 -103.23
N GLY M 831 3.97 -10.38 -102.86
CA GLY M 831 4.66 -9.61 -101.86
C GLY M 831 4.70 -10.35 -100.55
N PRO M 832 4.86 -9.61 -99.45
CA PRO M 832 4.88 -10.28 -98.13
C PRO M 832 3.52 -10.76 -97.67
N GLU M 833 2.45 -10.01 -97.93
CA GLU M 833 1.10 -10.47 -97.64
C GLU M 833 0.21 -10.28 -98.87
N ALA M 834 -1.05 -10.71 -98.74
CA ALA M 834 -2.05 -10.49 -99.79
C ALA M 834 -2.85 -9.24 -99.47
N LYS M 835 -2.15 -8.10 -99.50
CA LYS M 835 -2.75 -6.81 -99.22
C LYS M 835 -3.69 -6.36 -100.33
N ILE M 836 -3.45 -6.82 -101.57
CA ILE M 836 -4.13 -6.33 -102.77
C ILE M 836 -5.63 -6.56 -102.72
N LEU M 837 -6.08 -7.61 -102.02
CA LEU M 837 -7.50 -7.92 -101.94
C LEU M 837 -8.25 -6.87 -101.12
N GLU M 838 -7.56 -6.18 -100.23
CA GLU M 838 -8.15 -5.07 -99.50
C GLU M 838 -7.95 -3.72 -100.18
N LEU M 839 -7.22 -3.69 -101.30
CA LEU M 839 -6.92 -2.40 -101.93
C LEU M 839 -7.94 -2.04 -102.98
N ILE M 840 -8.27 -2.98 -103.85
CA ILE M 840 -9.22 -2.81 -104.94
C ILE M 840 -10.64 -2.65 -104.37
N PRO M 841 -11.56 -1.99 -105.08
CA PRO M 841 -12.96 -1.96 -104.62
C PRO M 841 -13.61 -3.32 -104.71
N SER M 842 -14.79 -3.40 -104.09
CA SER M 842 -15.40 -4.70 -103.79
C SER M 842 -15.93 -5.41 -105.03
N THR M 843 -16.46 -4.68 -105.99
CA THR M 843 -17.06 -5.32 -107.16
C THR M 843 -16.04 -5.74 -108.21
N SER M 844 -14.78 -5.40 -108.04
CA SER M 844 -13.78 -5.66 -109.06
C SER M 844 -13.28 -7.10 -108.96
N PRO M 845 -13.36 -7.88 -110.04
CA PRO M 845 -12.76 -9.22 -110.03
C PRO M 845 -11.27 -9.15 -110.25
N VAL M 846 -10.56 -10.04 -109.55
CA VAL M 846 -9.11 -10.00 -109.48
C VAL M 846 -8.54 -11.33 -109.94
N THR M 847 -7.22 -11.35 -110.13
CA THR M 847 -6.43 -12.55 -110.20
C THR M 847 -5.01 -12.20 -109.80
N CYS M 848 -4.27 -13.20 -109.31
CA CYS M 848 -2.97 -12.94 -108.71
C CYS M 848 -2.01 -14.07 -109.05
N VAL M 849 -0.82 -13.71 -109.50
CA VAL M 849 0.22 -14.67 -109.86
C VAL M 849 1.25 -14.68 -108.74
N ASP M 850 1.99 -15.78 -108.63
CA ASP M 850 2.94 -15.98 -107.54
C ASP M 850 4.00 -16.98 -108.01
N ILE M 851 4.97 -17.25 -107.14
CA ILE M 851 5.83 -18.42 -107.28
C ILE M 851 5.63 -19.42 -106.15
N ARG M 852 4.86 -19.07 -105.11
CA ARG M 852 4.53 -19.88 -103.96
C ARG M 852 3.04 -20.18 -103.94
N PRO M 853 2.63 -21.29 -103.31
CA PRO M 853 1.19 -21.52 -103.11
C PRO M 853 0.64 -20.53 -102.11
N THR M 854 -0.55 -20.02 -102.41
CA THR M 854 -1.17 -19.00 -101.59
C THR M 854 -1.76 -19.61 -100.31
N ALA M 855 -2.17 -18.73 -99.41
CA ALA M 855 -2.81 -19.14 -98.16
C ALA M 855 -4.16 -18.46 -97.97
N GLN M 856 -4.60 -17.68 -98.92
CA GLN M 856 -5.92 -17.08 -98.87
C GLN M 856 -6.98 -18.14 -99.15
N PRO M 857 -8.17 -18.02 -98.53
CA PRO M 857 -9.21 -19.04 -98.74
C PRO M 857 -9.80 -18.95 -100.13
N ASN M 858 -10.07 -20.12 -100.71
CA ASN M 858 -10.57 -20.22 -102.07
C ASN M 858 -12.07 -20.45 -102.04
N GLY M 859 -12.75 -19.90 -103.04
CA GLY M 859 -14.18 -20.07 -103.20
C GLY M 859 -14.97 -19.14 -102.30
N CYS M 860 -16.29 -19.13 -102.55
CA CYS M 860 -17.32 -18.36 -101.85
C CYS M 860 -16.97 -16.87 -101.72
N TRP M 861 -16.82 -16.23 -102.87
CA TRP M 861 -16.58 -14.80 -102.99
C TRP M 861 -17.75 -14.14 -103.71
N ASN M 862 -17.83 -12.82 -103.60
CA ASN M 862 -18.89 -12.09 -104.28
C ASN M 862 -18.56 -11.81 -105.74
N VAL M 863 -17.33 -12.04 -106.15
CA VAL M 863 -16.89 -11.77 -107.52
C VAL M 863 -15.75 -12.75 -107.80
N ARG M 864 -15.38 -12.88 -109.07
CA ARG M 864 -14.38 -13.85 -109.49
C ARG M 864 -13.01 -13.50 -108.92
N THR M 865 -12.25 -14.53 -108.55
CA THR M 865 -10.87 -14.40 -108.15
C THR M 865 -10.12 -15.65 -108.57
N THR M 866 -8.80 -15.53 -108.73
CA THR M 866 -7.98 -16.65 -109.20
C THR M 866 -6.61 -16.54 -108.57
N PHE M 867 -6.21 -17.56 -107.82
CA PHE M 867 -4.93 -17.59 -107.12
C PHE M 867 -4.13 -18.77 -107.67
N LEU M 868 -3.06 -18.46 -108.40
CA LEU M 868 -2.26 -19.47 -109.08
C LEU M 868 -0.81 -19.00 -109.09
N GLU M 869 0.10 -19.96 -109.10
CA GLU M 869 1.53 -19.66 -109.12
C GLU M 869 2.17 -20.39 -110.29
N LEU M 870 2.92 -19.66 -111.11
CA LEU M 870 3.49 -20.27 -112.30
C LEU M 870 4.87 -19.75 -112.68
N ASP M 871 5.52 -18.94 -111.83
CA ASP M 871 6.80 -18.28 -112.10
C ASP M 871 6.70 -17.41 -113.37
N TYR M 872 5.99 -16.29 -113.21
CA TYR M 872 5.46 -15.41 -114.26
C TYR M 872 6.47 -14.97 -115.33
N LEU M 873 7.78 -15.14 -115.12
CA LEU M 873 8.75 -14.83 -116.17
C LEU M 873 8.64 -15.76 -117.37
N SER M 874 7.98 -16.91 -117.25
CA SER M 874 7.79 -17.81 -118.37
C SER M 874 6.76 -17.24 -119.35
N ASP M 875 6.60 -17.95 -120.46
CA ASP M 875 5.76 -17.50 -121.56
C ASP M 875 4.55 -18.42 -121.73
N GLY M 876 3.62 -17.98 -122.56
CA GLY M 876 2.48 -18.80 -122.92
C GLY M 876 1.44 -18.99 -121.85
N TRP M 877 1.21 -17.96 -121.02
CA TRP M 877 0.18 -18.06 -119.99
C TRP M 877 -0.70 -16.83 -119.89
N ILE M 878 -0.32 -15.69 -120.46
CA ILE M 878 -1.15 -14.50 -120.39
C ILE M 878 -2.29 -14.56 -121.41
N THR M 879 -2.09 -15.29 -122.51
CA THR M 879 -3.13 -15.47 -123.53
C THR M 879 -4.36 -16.17 -122.95
N GLY M 880 -4.16 -17.05 -121.97
CA GLY M 880 -5.30 -17.66 -121.32
C GLY M 880 -5.99 -16.75 -120.33
N VAL M 881 -5.29 -15.74 -119.82
CA VAL M 881 -5.89 -14.88 -118.79
C VAL M 881 -6.41 -13.60 -119.43
N ARG M 882 -7.29 -12.91 -118.71
CA ARG M 882 -7.91 -11.70 -119.23
C ARG M 882 -7.96 -10.66 -118.10
N GLY M 883 -7.40 -9.48 -118.36
CA GLY M 883 -7.40 -8.40 -117.40
C GLY M 883 -7.36 -7.07 -118.11
N ASP M 884 -7.24 -5.99 -117.34
CA ASP M 884 -7.17 -4.66 -117.89
C ASP M 884 -6.00 -3.85 -117.40
N ILE M 885 -5.41 -4.19 -116.26
CA ILE M 885 -4.26 -3.47 -115.72
C ILE M 885 -3.42 -4.38 -114.84
N VAL M 886 -2.09 -4.35 -115.03
CA VAL M 886 -1.18 -5.17 -114.25
C VAL M 886 -0.65 -4.32 -113.11
N THR M 887 -0.25 -4.98 -112.03
CA THR M 887 0.34 -4.32 -110.87
C THR M 887 1.54 -5.14 -110.42
N CYS M 888 2.74 -4.68 -110.76
CA CYS M 888 3.97 -5.19 -110.16
C CYS M 888 4.44 -4.19 -109.11
N MET M 889 4.54 -4.65 -107.87
CA MET M 889 5.01 -3.81 -106.77
C MET M 889 5.99 -4.62 -105.93
N LEU M 890 7.26 -4.16 -105.93
CA LEU M 890 8.34 -4.70 -105.10
C LEU M 890 8.60 -6.18 -105.42
N SER M 891 8.55 -6.53 -106.69
CA SER M 891 8.82 -7.91 -107.11
C SER M 891 9.77 -8.01 -108.29
N LEU M 892 9.90 -6.98 -109.11
CA LEU M 892 10.74 -7.06 -110.30
C LEU M 892 12.22 -7.09 -109.94
N GLY M 893 12.62 -6.34 -108.91
CA GLY M 893 14.00 -6.40 -108.46
C GLY M 893 14.37 -7.74 -107.86
N ALA M 894 13.43 -8.35 -107.12
CA ALA M 894 13.65 -9.69 -106.61
C ALA M 894 13.72 -10.73 -107.73
N ALA M 895 12.90 -10.57 -108.77
CA ALA M 895 12.95 -11.49 -109.90
C ALA M 895 14.24 -11.33 -110.69
N ALA M 896 14.77 -10.10 -110.75
CA ALA M 896 16.04 -9.88 -111.42
C ALA M 896 17.20 -10.45 -110.61
N ALA M 897 17.15 -10.30 -109.28
CA ALA M 897 18.22 -10.81 -108.43
C ALA M 897 18.17 -12.32 -108.28
N GLY M 898 17.01 -12.94 -108.46
CA GLY M 898 16.93 -14.39 -108.32
C GLY M 898 17.62 -15.13 -109.46
N LYS M 899 17.33 -14.73 -110.69
CA LYS M 899 17.98 -15.31 -111.85
C LYS M 899 19.34 -14.69 -112.15
N SER M 900 19.74 -13.69 -111.36
CA SER M 900 21.01 -12.96 -111.48
C SER M 900 21.17 -12.29 -112.84
N MET M 901 20.06 -11.87 -113.43
CA MET M 901 20.11 -11.12 -114.69
C MET M 901 20.05 -9.62 -114.41
N THR M 902 20.32 -8.84 -115.46
CA THR M 902 20.28 -7.39 -115.32
C THR M 902 18.85 -6.89 -115.29
N PHE M 903 18.69 -5.66 -114.79
CA PHE M 903 17.36 -5.05 -114.70
C PHE M 903 16.82 -4.73 -116.09
N ASP M 904 17.71 -4.36 -117.01
CA ASP M 904 17.31 -4.11 -118.39
C ASP M 904 16.76 -5.37 -119.05
N ALA M 905 17.46 -6.50 -118.89
CA ALA M 905 16.99 -7.76 -119.47
C ALA M 905 15.74 -8.26 -118.79
N ALA M 906 15.61 -8.02 -117.48
CA ALA M 906 14.40 -8.43 -116.76
C ALA M 906 13.19 -7.62 -117.20
N PHE M 907 13.35 -6.30 -117.35
CA PHE M 907 12.25 -5.47 -117.83
C PHE M 907 11.93 -5.77 -119.29
N GLN M 908 12.95 -6.12 -120.08
CA GLN M 908 12.72 -6.47 -121.48
C GLN M 908 11.93 -7.77 -121.59
N GLN M 909 12.24 -8.75 -120.74
CA GLN M 909 11.48 -10.00 -120.73
C GLN M 909 10.05 -9.77 -120.24
N LEU M 910 9.88 -8.87 -119.27
CA LEU M 910 8.56 -8.56 -118.76
C LEU M 910 7.70 -7.86 -119.80
N VAL M 911 8.28 -6.92 -120.55
CA VAL M 911 7.48 -6.23 -121.55
C VAL M 911 7.26 -7.15 -122.76
N ARG M 912 8.19 -8.08 -123.01
CA ARG M 912 8.04 -9.01 -124.12
C ARG M 912 6.92 -10.01 -123.84
N VAL M 913 6.74 -10.40 -122.58
CA VAL M 913 5.62 -11.28 -122.25
C VAL M 913 4.33 -10.49 -122.08
N LEU M 914 4.41 -9.20 -121.77
CA LEU M 914 3.18 -8.41 -121.72
C LEU M 914 2.75 -7.87 -123.08
N THR M 915 3.55 -8.08 -124.14
CA THR M 915 3.06 -7.83 -125.49
C THR M 915 1.86 -8.71 -125.86
N ARG M 916 1.80 -9.93 -125.32
CA ARG M 916 0.68 -10.82 -125.58
C ARG M 916 -0.55 -10.49 -124.75
N SER M 917 -0.45 -9.54 -123.81
CA SER M 917 -1.56 -9.22 -122.94
C SER M 917 -2.63 -8.42 -123.68
N THR M 918 -3.81 -8.37 -123.08
CA THR M 918 -4.93 -7.59 -123.60
C THR M 918 -5.13 -6.28 -122.86
N ALA M 919 -4.27 -5.96 -121.89
CA ALA M 919 -4.42 -4.74 -121.11
C ALA M 919 -3.99 -3.53 -121.94
N ASN M 920 -4.58 -2.38 -121.62
CA ASN M 920 -4.21 -1.12 -122.26
C ASN M 920 -3.49 -0.17 -121.31
N VAL M 921 -3.99 -0.05 -120.08
CA VAL M 921 -3.35 0.74 -119.04
C VAL M 921 -2.59 -0.22 -118.13
N LEU M 922 -1.50 0.28 -117.56
CA LEU M 922 -0.67 -0.50 -116.64
C LEU M 922 0.24 0.43 -115.87
N LEU M 923 0.53 0.05 -114.64
CA LEU M 923 1.58 0.71 -113.88
C LEU M 923 2.35 -0.35 -113.12
N ILE M 924 3.68 -0.25 -113.14
CA ILE M 924 4.57 -1.26 -112.60
C ILE M 924 5.74 -0.59 -111.91
N GLN M 925 6.29 -1.26 -110.90
CA GLN M 925 7.40 -0.72 -110.12
C GLN M 925 8.71 -0.99 -110.83
N VAL M 926 9.46 0.08 -111.09
CA VAL M 926 10.83 -0.03 -111.60
C VAL M 926 11.75 0.65 -110.59
N ASN M 927 13.02 0.26 -110.64
CA ASN M 927 14.01 0.70 -109.66
C ASN M 927 15.16 1.35 -110.41
N CYS M 928 15.00 2.65 -110.68
CA CYS M 928 16.02 3.41 -111.37
C CYS M 928 16.13 4.79 -110.73
N PRO M 929 17.34 5.29 -110.51
CA PRO M 929 17.48 6.62 -109.88
C PRO M 929 17.07 7.73 -110.82
N THR M 930 16.33 8.70 -110.27
CA THR M 930 15.98 9.90 -111.04
C THR M 930 16.89 11.06 -110.68
N ASP M 931 17.07 11.31 -109.39
CA ASP M 931 17.88 12.41 -108.91
C ASP M 931 19.34 11.97 -108.87
N VAL M 932 20.23 12.93 -108.58
CA VAL M 932 21.65 12.62 -108.34
C VAL M 932 21.75 11.77 -107.09
N ILE M 933 22.56 10.71 -107.17
CA ILE M 933 22.55 9.67 -106.15
C ILE M 933 23.26 10.17 -104.90
N ARG M 934 22.59 10.02 -103.75
CA ARG M 934 23.07 10.49 -102.47
C ARG M 934 23.59 9.37 -101.57
N THR M 935 23.20 8.12 -101.84
CA THR M 935 23.50 6.88 -101.11
C THR M 935 23.39 7.04 -99.59
N ILE M 936 22.14 7.20 -99.13
CA ILE M 936 21.85 7.51 -97.74
C ILE M 936 22.36 6.41 -96.80
N LYS M 937 22.91 6.85 -95.67
CA LYS M 937 23.62 5.97 -94.76
C LYS M 937 22.65 5.04 -94.04
N GLY M 938 23.10 3.82 -93.79
CA GLY M 938 22.41 2.89 -92.93
C GLY M 938 21.37 2.02 -93.60
N TYR M 939 20.80 2.48 -94.72
CA TYR M 939 19.65 1.84 -95.33
C TYR M 939 19.82 1.51 -96.80
N LEU M 940 20.66 2.23 -97.54
CA LEU M 940 20.77 2.02 -98.97
C LEU M 940 22.16 2.48 -99.43
N GLU M 941 23.06 1.52 -99.62
CA GLU M 941 24.45 1.79 -99.97
C GLU M 941 24.72 1.17 -101.34
N ILE M 942 24.52 1.96 -102.39
CA ILE M 942 24.66 1.50 -103.76
C ILE M 942 26.12 1.30 -104.14
N ASP M 943 26.34 0.65 -105.27
CA ASP M 943 27.65 0.59 -105.92
C ASP M 943 27.53 1.24 -107.29
N GLN M 944 28.44 2.16 -107.59
CA GLN M 944 28.46 2.76 -108.92
C GLN M 944 29.00 1.79 -109.96
N THR M 945 29.94 0.93 -109.58
CA THR M 945 30.61 0.08 -110.56
C THR M 945 29.79 -1.16 -110.89
N ASN M 946 29.54 -2.01 -109.89
CA ASN M 946 28.83 -3.27 -110.11
C ASN M 946 27.32 -3.09 -110.18
N LYS M 947 26.82 -1.89 -109.88
CA LYS M 947 25.42 -1.49 -110.02
C LYS M 947 24.50 -2.37 -109.16
N ARG M 948 24.70 -2.27 -107.85
CA ARG M 948 23.85 -2.96 -106.88
C ARG M 948 23.18 -1.92 -106.00
N TYR M 949 22.26 -2.38 -105.14
CA TYR M 949 21.63 -1.53 -104.14
C TYR M 949 22.11 -1.79 -102.72
N LYS M 950 22.22 -3.06 -102.33
CA LYS M 950 22.73 -3.51 -101.03
C LYS M 950 21.90 -2.92 -99.87
N PHE M 951 20.68 -3.41 -99.78
CA PHE M 951 19.84 -3.17 -98.60
C PHE M 951 20.37 -3.96 -97.42
N PRO M 952 20.92 -3.31 -96.39
CA PRO M 952 21.53 -4.07 -95.29
C PRO M 952 20.53 -4.67 -94.32
N LYS M 953 19.29 -4.16 -94.29
CA LYS M 953 18.30 -4.73 -93.37
C LYS M 953 17.77 -6.06 -93.88
N PHE M 954 17.96 -6.36 -95.16
CA PHE M 954 17.52 -7.62 -95.72
C PHE M 954 18.63 -8.40 -96.43
N GLY M 955 19.82 -7.81 -96.60
CA GLY M 955 20.90 -8.47 -97.29
C GLY M 955 20.68 -8.65 -98.77
N ARG M 956 19.78 -7.88 -99.38
CA ARG M 956 19.44 -8.01 -100.79
C ARG M 956 20.05 -6.88 -101.59
N ASP M 957 20.32 -7.15 -102.86
CA ASP M 957 20.79 -6.14 -103.80
C ASP M 957 20.21 -6.39 -105.18
N GLU M 958 20.06 -5.32 -105.95
CA GLU M 958 19.37 -5.37 -107.23
C GLU M 958 20.12 -4.50 -108.23
N PRO M 959 20.04 -4.83 -109.51
CA PRO M 959 20.62 -3.93 -110.52
C PRO M 959 19.73 -2.73 -110.78
N TYR M 960 20.34 -1.55 -110.81
CA TYR M 960 19.63 -0.37 -111.27
C TYR M 960 19.94 -0.10 -112.74
N SER M 961 18.99 0.53 -113.41
CA SER M 961 19.16 0.93 -114.80
C SER M 961 19.00 2.43 -114.91
N ASP M 962 19.05 2.93 -116.14
CA ASP M 962 18.85 4.33 -116.45
C ASP M 962 17.43 4.55 -116.96
N MET M 963 16.91 5.74 -116.66
CA MET M 963 15.63 6.16 -117.24
C MET M 963 15.72 6.30 -118.75
N ASP M 964 16.85 6.80 -119.26
CA ASP M 964 17.04 6.88 -120.71
C ASP M 964 17.19 5.50 -121.33
N SER M 965 17.86 4.59 -120.63
CA SER M 965 18.00 3.22 -121.13
C SER M 965 16.67 2.48 -121.11
N LEU M 966 15.77 2.83 -120.19
CA LEU M 966 14.49 2.15 -120.11
C LEU M 966 13.43 2.83 -120.98
N GLU M 967 13.65 4.09 -121.37
CA GLU M 967 12.66 4.84 -122.14
C GLU M 967 12.50 4.29 -123.56
N ARG M 968 13.61 3.85 -124.18
CA ARG M 968 13.57 3.32 -125.53
C ARG M 968 12.82 2.00 -125.62
N ILE M 969 12.65 1.30 -124.51
CA ILE M 969 12.00 -0.01 -124.52
C ILE M 969 10.51 0.12 -124.78
N CYS M 970 9.86 1.15 -124.24
CA CYS M 970 8.44 1.35 -124.49
C CYS M 970 8.21 1.74 -125.95
N ARG M 971 9.11 2.57 -126.50
CA ARG M 971 9.02 2.95 -127.90
C ARG M 971 9.25 1.76 -128.82
N ALA M 972 10.17 0.86 -128.44
CA ALA M 972 10.36 -0.36 -129.21
C ALA M 972 9.19 -1.31 -129.08
N ALA M 973 8.51 -1.31 -127.93
CA ALA M 973 7.41 -2.24 -127.71
C ALA M 973 6.12 -1.78 -128.40
N TRP M 974 5.60 -0.63 -128.00
CA TRP M 974 4.39 -0.14 -128.64
C TRP M 974 4.60 1.26 -129.21
N PRO M 975 4.03 1.54 -130.39
CA PRO M 975 4.16 2.90 -130.94
C PRO M 975 3.28 3.91 -130.22
N ASN M 976 2.16 3.48 -129.65
CA ASN M 976 1.19 4.37 -129.03
C ASN M 976 1.27 4.37 -127.51
N CYS M 977 2.38 3.92 -126.93
CA CYS M 977 2.49 3.94 -125.48
C CYS M 977 2.90 5.34 -125.04
N SER M 978 2.45 5.74 -123.86
CA SER M 978 2.73 7.06 -123.31
C SER M 978 3.12 6.90 -121.85
N ILE M 979 4.42 6.97 -121.57
CA ILE M 979 4.89 6.79 -120.19
C ILE M 979 4.58 8.05 -119.39
N THR M 980 4.49 7.89 -118.08
CA THR M 980 4.44 9.01 -117.16
C THR M 980 5.06 8.59 -115.84
N TRP M 981 5.91 9.46 -115.30
CA TRP M 981 6.56 9.21 -114.02
C TRP M 981 5.81 9.98 -112.95
N VAL M 982 5.14 9.25 -112.06
CA VAL M 982 4.38 9.90 -111.00
C VAL M 982 5.34 10.43 -109.94
N PRO M 983 5.24 11.70 -109.59
CA PRO M 983 6.14 12.25 -108.58
C PRO M 983 5.67 11.90 -107.18
N LEU M 984 6.62 11.87 -106.26
CA LEU M 984 6.27 11.69 -104.85
C LEU M 984 5.64 12.96 -104.33
N SER M 985 4.44 12.83 -103.77
CA SER M 985 3.68 13.99 -103.34
C SER M 985 4.00 14.31 -101.89
N TYR M 986 4.36 15.57 -101.63
CA TYR M 986 4.76 16.02 -100.30
C TYR M 986 3.61 16.05 -99.31
N ASP M 987 2.37 15.94 -99.77
CA ASP M 987 1.17 16.13 -98.97
C ASP M 987 0.92 15.02 -97.95
N LEU M 988 1.69 13.93 -98.02
CA LEU M 988 1.42 12.65 -97.34
C LEU M 988 -0.05 12.23 -97.48
N ARG M 989 -0.50 12.19 -98.74
CA ARG M 989 -1.85 11.71 -99.05
C ARG M 989 -1.98 10.22 -98.77
N TRP M 990 -0.87 9.47 -98.85
CA TRP M 990 -0.87 8.02 -98.74
C TRP M 990 -1.16 7.51 -97.34
N THR M 991 -1.18 8.37 -96.32
CA THR M 991 -1.27 7.91 -94.94
C THR M 991 -2.68 7.49 -94.53
N LYS M 992 -3.65 7.55 -95.44
CA LYS M 992 -4.99 7.08 -95.15
C LYS M 992 -5.02 5.57 -94.89
N LEU M 993 -4.20 4.81 -95.63
CA LEU M 993 -4.10 3.39 -95.36
C LEU M 993 -3.30 3.12 -94.09
N ALA M 994 -2.47 4.07 -93.68
CA ALA M 994 -1.56 3.83 -92.57
C ALA M 994 -2.20 4.14 -91.23
N LEU M 995 -2.84 5.31 -91.09
CA LEU M 995 -3.35 5.70 -89.78
C LEU M 995 -4.66 5.00 -89.45
N LEU M 996 -5.50 4.75 -90.45
CA LEU M 996 -6.79 4.13 -90.18
C LEU M 996 -6.65 2.65 -89.84
N GLU M 997 -5.54 2.03 -90.21
CA GLU M 997 -5.27 0.64 -89.86
C GLU M 997 -4.46 0.52 -88.57
N SER M 998 -4.51 1.55 -87.71
CA SER M 998 -3.94 1.56 -86.36
C SER M 998 -2.43 1.30 -86.37
N THR M 999 -1.70 2.26 -86.94
CA THR M 999 -0.25 2.17 -87.02
C THR M 999 0.35 3.53 -86.69
N THR M 1000 1.01 3.61 -85.53
CA THR M 1000 1.80 4.79 -85.18
C THR M 1000 2.99 4.89 -86.11
N LEU M 1001 3.08 5.98 -86.87
CA LEU M 1001 4.01 5.93 -87.99
C LEU M 1001 5.45 6.22 -87.62
N SER M 1002 5.80 7.51 -87.45
CA SER M 1002 7.18 7.96 -87.33
C SER M 1002 7.29 9.47 -87.26
N SER M 1003 8.52 9.96 -87.11
CA SER M 1003 8.91 11.25 -87.64
C SER M 1003 10.06 11.15 -88.63
N ALA M 1004 10.98 10.22 -88.42
CA ALA M 1004 12.17 10.09 -89.26
C ALA M 1004 11.97 9.08 -90.38
N SER M 1005 11.27 7.98 -90.09
CA SER M 1005 11.07 6.93 -91.07
C SER M 1005 10.20 7.38 -92.24
N VAL M 1006 9.31 8.35 -92.03
CA VAL M 1006 8.55 8.87 -93.15
C VAL M 1006 9.43 9.73 -94.07
N ARG M 1007 10.37 10.50 -93.51
CA ARG M 1007 11.31 11.25 -94.33
C ARG M 1007 12.26 10.32 -95.06
N ILE M 1008 12.68 9.24 -94.38
CA ILE M 1008 13.53 8.23 -95.00
C ILE M 1008 12.80 7.51 -96.12
N ALA M 1009 11.50 7.23 -95.94
CA ALA M 1009 10.73 6.61 -97.01
C ALA M 1009 10.52 7.56 -98.18
N GLU M 1010 10.36 8.86 -97.91
CA GLU M 1010 10.28 9.85 -98.97
C GLU M 1010 11.59 9.96 -99.74
N LEU M 1011 12.72 9.77 -99.06
CA LEU M 1011 14.00 9.74 -99.77
C LEU M 1011 14.18 8.44 -100.54
N MET M 1012 13.66 7.33 -100.01
CA MET M 1012 13.90 6.03 -100.62
C MET M 1012 13.02 5.82 -101.85
N TYR M 1013 11.83 6.41 -101.86
CA TYR M 1013 10.96 6.31 -103.04
C TYR M 1013 11.56 7.04 -104.24
N LYS M 1014 12.42 8.03 -104.00
CA LYS M 1014 13.10 8.74 -105.08
C LYS M 1014 14.04 7.85 -105.88
N TYR M 1015 14.54 6.78 -105.27
CA TYR M 1015 15.37 5.81 -105.99
C TYR M 1015 14.56 4.71 -106.66
N MET M 1016 13.34 4.45 -106.19
CA MET M 1016 12.43 3.48 -106.82
C MET M 1016 11.08 4.11 -107.14
N PRO M 1017 11.00 4.95 -108.17
CA PRO M 1017 9.69 5.48 -108.56
C PRO M 1017 8.96 4.48 -109.43
N ILE M 1018 7.67 4.44 -109.28
CA ILE M 1018 6.85 3.60 -110.15
C ILE M 1018 6.47 4.42 -111.36
N MET M 1019 6.24 3.73 -112.48
CA MET M 1019 5.91 4.36 -113.74
C MET M 1019 4.56 3.84 -114.22
N ARG M 1020 3.95 4.59 -115.14
CA ARG M 1020 2.61 4.26 -115.64
C ARG M 1020 2.60 4.41 -117.14
N ILE M 1021 2.14 3.36 -117.83
CA ILE M 1021 2.09 3.30 -119.28
C ILE M 1021 0.64 3.06 -119.70
N ASP M 1022 0.20 3.76 -120.73
CA ASP M 1022 -1.12 3.51 -121.31
C ASP M 1022 -1.07 3.64 -122.83
N ILE M 1023 -1.49 2.60 -123.52
CA ILE M 1023 -1.56 2.62 -124.97
C ILE M 1023 -2.97 3.05 -125.38
N HIS M 1024 -3.04 3.96 -126.36
CA HIS M 1024 -4.27 4.52 -126.94
C HIS M 1024 -5.18 5.17 -125.90
CA ALA N 2 -18.48 39.79 -64.55
C ALA N 2 -18.23 39.08 -63.23
N ASN N 3 -18.61 39.72 -62.13
CA ASN N 3 -18.42 39.17 -60.79
C ASN N 3 -19.76 39.00 -60.09
N VAL N 4 -19.83 38.02 -59.21
CA VAL N 4 -21.05 37.84 -58.44
C VAL N 4 -20.86 38.41 -57.03
N TRP N 5 -19.94 37.84 -56.26
CA TRP N 5 -19.47 38.47 -55.03
C TRP N 5 -17.96 38.29 -54.96
N GLY N 6 -17.51 37.18 -55.56
CA GLY N 6 -16.11 36.95 -55.83
C GLY N 6 -15.94 36.72 -57.31
N VAL N 7 -14.92 37.34 -57.91
CA VAL N 7 -14.88 37.52 -59.35
C VAL N 7 -14.56 36.20 -60.05
N ARG N 8 -15.21 35.99 -61.19
CA ARG N 8 -14.92 34.87 -62.06
C ARG N 8 -14.36 35.41 -63.37
N LEU N 9 -13.92 34.49 -64.21
CA LEU N 9 -13.20 34.86 -65.40
C LEU N 9 -14.15 35.37 -66.46
N ALA N 10 -13.61 36.16 -67.39
CA ALA N 10 -14.38 36.85 -68.42
C ALA N 10 -14.80 35.91 -69.55
N ASP N 11 -15.15 36.52 -70.69
CA ASP N 11 -15.99 35.99 -71.77
C ASP N 11 -15.82 34.52 -72.15
N SER N 12 -14.59 34.00 -72.10
CA SER N 12 -14.31 32.65 -72.54
C SER N 12 -14.95 31.66 -71.57
N LEU N 13 -16.08 31.10 -71.97
CA LEU N 13 -16.77 30.07 -71.21
C LEU N 13 -16.75 28.78 -72.03
N SER N 14 -16.60 27.65 -71.36
CA SER N 14 -16.47 26.38 -72.05
C SER N 14 -17.15 25.30 -71.25
N SER N 15 -17.21 24.11 -71.84
CA SER N 15 -17.91 22.97 -71.27
C SER N 15 -17.43 21.71 -71.97
N PRO N 16 -17.54 20.55 -71.33
CA PRO N 16 -17.28 19.30 -72.04
C PRO N 16 -18.32 19.04 -73.11
N THR N 17 -17.93 18.23 -74.09
CA THR N 17 -18.78 17.99 -75.24
C THR N 17 -19.23 16.54 -75.35
N ILE N 18 -18.30 15.60 -75.31
CA ILE N 18 -18.61 14.19 -75.54
C ILE N 18 -18.79 13.52 -74.18
N GLU N 19 -19.91 12.82 -74.01
CA GLU N 19 -20.17 12.03 -72.81
C GLU N 19 -20.01 10.56 -73.15
N THR N 20 -19.22 9.86 -72.34
CA THR N 20 -19.12 8.42 -72.48
C THR N 20 -20.35 7.75 -71.87
N ARG N 21 -20.64 6.54 -72.32
CA ARG N 21 -21.74 5.77 -71.76
C ARG N 21 -21.18 4.69 -70.84
N THR N 22 -22.01 4.30 -69.87
CA THR N 22 -21.59 3.38 -68.83
C THR N 22 -22.03 1.97 -69.15
N ARG N 23 -21.52 1.04 -68.35
CA ARG N 23 -21.93 -0.35 -68.42
C ARG N 23 -22.39 -0.79 -67.04
N HIS N 24 -23.22 -1.83 -67.03
CA HIS N 24 -23.79 -2.35 -65.80
C HIS N 24 -22.75 -3.08 -64.98
N TYR N 25 -22.93 -3.04 -63.66
CA TYR N 25 -21.99 -3.65 -62.73
C TYR N 25 -22.34 -5.13 -62.57
N THR N 26 -21.45 -6.01 -63.03
CA THR N 26 -21.70 -7.44 -63.09
C THR N 26 -20.91 -8.18 -62.03
N LEU N 27 -21.24 -9.47 -61.86
CA LEU N 27 -20.55 -10.30 -60.88
C LEU N 27 -19.12 -10.58 -61.28
N HIS N 28 -18.84 -10.57 -62.58
CA HIS N 28 -17.48 -10.67 -63.09
C HIS N 28 -16.61 -9.51 -62.61
N ASP N 29 -17.21 -8.34 -62.42
CA ASP N 29 -16.50 -7.19 -61.88
C ASP N 29 -16.53 -7.20 -60.35
N PHE N 30 -17.61 -7.70 -59.76
CA PHE N 30 -17.73 -7.71 -58.32
C PHE N 30 -16.78 -8.69 -57.66
N TYR N 31 -16.48 -9.81 -58.34
CA TYR N 31 -15.44 -10.71 -57.84
C TYR N 31 -14.08 -10.03 -57.89
N SER N 32 -13.80 -9.32 -58.98
CA SER N 32 -12.50 -8.69 -59.16
C SER N 32 -12.28 -7.52 -58.20
N ASP N 33 -13.36 -6.83 -57.80
CA ASP N 33 -13.21 -5.74 -56.84
C ASP N 33 -12.91 -6.23 -55.43
N LEU N 34 -13.25 -7.46 -55.10
CA LEU N 34 -12.99 -7.95 -53.74
C LEU N 34 -11.52 -8.29 -53.55
N ASP N 35 -10.95 -9.13 -54.42
CA ASP N 35 -9.51 -9.44 -54.34
C ASP N 35 -8.75 -8.27 -54.96
N ALA N 36 -8.54 -7.25 -54.14
CA ALA N 36 -8.00 -5.97 -54.59
C ALA N 36 -6.53 -6.14 -54.96
N SER N 37 -6.25 -6.09 -56.25
CA SER N 37 -4.88 -6.18 -56.72
C SER N 37 -4.16 -4.85 -56.50
N VAL N 38 -2.85 -4.84 -56.78
CA VAL N 38 -2.07 -3.63 -56.60
C VAL N 38 -2.39 -2.62 -57.68
N GLY N 39 -2.85 -3.07 -58.83
CA GLY N 39 -3.23 -2.16 -59.89
C GLY N 39 -4.61 -1.60 -59.69
N LYS N 40 -5.59 -2.47 -59.45
CA LYS N 40 -6.97 -2.08 -59.27
C LYS N 40 -7.38 -2.33 -57.82
N GLU N 41 -7.74 -1.26 -57.13
CA GLU N 41 -8.25 -1.30 -55.77
C GLU N 41 -9.24 -0.17 -55.60
N PRO N 42 -10.26 -0.34 -54.73
CA PRO N 42 -11.29 0.69 -54.62
C PRO N 42 -10.82 1.97 -53.96
N TRP N 43 -10.10 1.86 -52.86
CA TRP N 43 -9.63 3.02 -52.15
C TRP N 43 -8.46 3.68 -52.90
N ARG N 44 -8.42 5.00 -52.83
CA ARG N 44 -7.23 5.70 -53.28
C ARG N 44 -6.92 6.74 -52.21
N PRO N 45 -5.64 6.91 -51.87
CA PRO N 45 -5.31 7.77 -50.73
C PRO N 45 -5.21 9.25 -51.09
N LEU N 46 -5.83 10.06 -50.24
CA LEU N 46 -5.59 11.49 -50.23
C LEU N 46 -4.43 11.77 -49.31
N ARG N 47 -3.80 12.92 -49.47
CA ARG N 47 -2.64 13.24 -48.65
C ARG N 47 -2.52 14.74 -48.44
N ASN N 48 -1.84 15.08 -47.35
CA ASN N 48 -1.55 16.47 -47.02
C ASN N 48 -0.59 17.04 -48.05
N GLN N 49 -0.67 18.36 -48.26
CA GLN N 49 0.16 18.98 -49.28
C GLN N 49 1.51 19.40 -48.71
N ARG N 50 1.55 19.84 -47.46
CA ARG N 50 2.81 20.29 -46.87
C ARG N 50 3.65 19.12 -46.39
N THR N 51 3.12 18.33 -45.45
CA THR N 51 3.88 17.24 -44.87
C THR N 51 3.99 16.03 -45.80
N ASN N 52 3.15 15.97 -46.85
CA ASN N 52 3.10 14.88 -47.82
C ASN N 52 2.83 13.54 -47.14
N GLU N 53 1.89 13.54 -46.20
CA GLU N 53 1.51 12.34 -45.46
C GLU N 53 0.06 11.99 -45.76
N ILE N 54 -0.24 10.69 -45.75
CA ILE N 54 -1.59 10.21 -46.02
C ILE N 54 -2.48 10.56 -44.85
N VAL N 55 -3.54 11.34 -45.10
CA VAL N 55 -4.45 11.75 -44.04
C VAL N 55 -5.89 11.34 -44.30
N ALA N 56 -6.26 10.99 -45.53
CA ALA N 56 -7.64 10.67 -45.82
C ALA N 56 -7.69 9.67 -46.96
N VAL N 57 -8.80 8.94 -47.04
CA VAL N 57 -8.99 7.90 -48.04
C VAL N 57 -10.34 8.12 -48.72
N GLN N 58 -10.34 8.22 -50.04
CA GLN N 58 -11.58 8.28 -50.81
C GLN N 58 -11.97 6.88 -51.25
N LEU N 59 -13.24 6.53 -51.06
CA LEU N 59 -13.73 5.20 -51.36
C LEU N 59 -14.52 5.20 -52.66
N PHE N 60 -14.54 4.03 -53.32
CA PHE N 60 -15.18 3.85 -54.62
C PHE N 60 -16.22 2.73 -54.55
N ARG N 61 -16.68 2.31 -55.74
CA ARG N 61 -17.87 1.50 -56.06
C ARG N 61 -18.25 0.35 -55.13
N PRO N 62 -17.36 -0.64 -54.81
CA PRO N 62 -17.90 -1.82 -54.11
C PRO N 62 -18.15 -1.59 -52.63
N LEU N 63 -17.38 -0.71 -51.98
CA LEU N 63 -17.62 -0.34 -50.59
C LEU N 63 -17.97 1.14 -50.54
N GLN N 64 -19.26 1.42 -50.43
CA GLN N 64 -19.72 2.79 -50.29
C GLN N 64 -20.90 2.82 -49.31
N GLY N 65 -20.96 1.82 -48.42
CA GLY N 65 -22.05 1.61 -47.51
C GLY N 65 -21.60 1.60 -46.07
N LEU N 66 -20.75 2.56 -45.72
CA LEU N 66 -20.08 2.58 -44.42
C LEU N 66 -20.85 3.40 -43.41
N VAL N 67 -22.18 3.29 -43.45
CA VAL N 67 -23.11 4.20 -42.78
C VAL N 67 -23.02 4.18 -41.25
N PHE N 68 -22.52 3.09 -40.65
CA PHE N 68 -22.44 3.02 -39.20
C PHE N 68 -21.26 3.83 -38.67
N ASP N 69 -21.13 3.87 -37.35
CA ASP N 69 -20.12 4.68 -36.71
C ASP N 69 -18.74 4.04 -36.86
N THR N 70 -17.71 4.87 -36.65
CA THR N 70 -16.34 4.46 -36.91
C THR N 70 -15.85 3.44 -35.90
N GLN N 71 -16.34 3.52 -34.65
CA GLN N 71 -15.92 2.58 -33.63
C GLN N 71 -16.52 1.18 -33.83
N LEU N 72 -17.52 1.04 -34.68
CA LEU N 72 -18.08 -0.28 -34.95
C LEU N 72 -17.15 -1.11 -35.81
N TYR N 73 -16.36 -0.46 -36.68
CA TYR N 73 -15.56 -1.20 -37.65
C TYR N 73 -14.22 -1.63 -37.08
N GLY N 74 -13.60 -0.80 -36.23
CA GLY N 74 -12.31 -1.14 -35.66
C GLY N 74 -11.19 -1.03 -36.67
N PHE N 75 -11.18 0.05 -37.42
CA PHE N 75 -10.15 0.27 -38.43
C PHE N 75 -8.83 0.68 -37.77
N PRO N 76 -7.71 0.34 -38.39
CA PRO N 76 -6.42 0.85 -37.90
C PRO N 76 -6.27 2.34 -38.17
N GLY N 77 -5.24 2.91 -37.58
CA GLY N 77 -5.00 4.34 -37.71
C GLY N 77 -4.19 4.71 -38.93
N THR N 78 -3.16 3.91 -39.24
CA THR N 78 -2.30 4.24 -40.36
C THR N 78 -2.81 3.58 -41.64
N PHE N 79 -2.44 4.21 -42.76
CA PHE N 79 -2.92 3.75 -44.07
C PHE N 79 -2.32 2.41 -44.46
N SER N 80 -1.04 2.18 -44.12
CA SER N 80 -0.39 0.94 -44.50
C SER N 80 -0.96 -0.26 -43.74
N GLN N 81 -1.42 -0.04 -42.52
CA GLN N 81 -2.09 -1.12 -41.79
C GLN N 81 -3.54 -1.27 -42.22
N TRP N 82 -4.21 -0.14 -42.53
CA TRP N 82 -5.60 -0.18 -42.94
C TRP N 82 -5.78 -0.91 -44.26
N GLU N 83 -4.86 -0.69 -45.20
CA GLU N 83 -4.95 -1.32 -46.51
C GLU N 83 -4.76 -2.82 -46.42
N GLN N 84 -3.83 -3.29 -45.59
CA GLN N 84 -3.62 -4.71 -45.38
C GLN N 84 -4.78 -5.35 -44.64
N PHE N 85 -5.37 -4.61 -43.68
CA PHE N 85 -6.57 -5.05 -42.98
C PHE N 85 -7.73 -5.27 -43.95
N MET N 86 -7.97 -4.30 -44.83
CA MET N 86 -9.06 -4.40 -45.79
C MET N 86 -8.83 -5.50 -46.82
N LYS N 87 -7.60 -5.63 -47.32
CA LYS N 87 -7.28 -6.71 -48.26
C LYS N 87 -7.40 -8.08 -47.61
N GLU N 88 -7.13 -8.18 -46.31
CA GLU N 88 -7.28 -9.46 -45.65
C GLU N 88 -8.73 -9.80 -45.41
N LYS N 89 -9.59 -8.81 -45.16
CA LYS N 89 -10.98 -9.14 -44.85
C LYS N 89 -11.85 -9.32 -46.09
N LEU N 90 -11.51 -8.65 -47.21
CA LEU N 90 -12.35 -8.76 -48.40
C LEU N 90 -12.28 -10.12 -49.05
N ARG N 91 -11.18 -10.86 -48.91
CA ARG N 91 -11.16 -12.21 -49.46
C ARG N 91 -11.97 -13.19 -48.62
N VAL N 92 -12.05 -12.95 -47.31
CA VAL N 92 -12.91 -13.77 -46.45
C VAL N 92 -14.37 -13.55 -46.82
N LEU N 93 -14.72 -12.32 -47.19
CA LEU N 93 -16.06 -12.11 -47.73
C LEU N 93 -16.21 -12.68 -49.14
N LYS N 94 -15.13 -12.69 -49.93
CA LYS N 94 -15.19 -13.16 -51.31
C LYS N 94 -15.49 -14.65 -51.39
N TYR N 95 -14.88 -15.45 -50.51
CA TYR N 95 -15.22 -16.87 -50.48
C TYR N 95 -16.65 -17.13 -50.02
N GLU N 96 -17.19 -16.27 -49.14
CA GLU N 96 -18.57 -16.44 -48.72
C GLU N 96 -19.55 -16.11 -49.84
N VAL N 97 -19.20 -15.13 -50.68
CA VAL N 97 -20.00 -14.90 -51.88
C VAL N 97 -19.84 -16.06 -52.86
N LEU N 98 -18.63 -16.58 -52.98
CA LEU N 98 -18.30 -17.54 -54.02
C LEU N 98 -18.88 -18.92 -53.72
N ARG N 99 -19.11 -19.23 -52.44
CA ARG N 99 -19.72 -20.52 -52.10
C ARG N 99 -21.17 -20.59 -52.53
N ILE N 100 -21.94 -19.55 -52.23
CA ILE N 100 -23.36 -19.55 -52.58
C ILE N 100 -23.53 -19.33 -54.08
N TYR N 101 -22.79 -18.39 -54.65
CA TYR N 101 -22.88 -18.15 -56.08
C TYR N 101 -21.62 -18.67 -56.76
N PRO N 102 -21.69 -19.77 -57.50
CA PRO N 102 -20.51 -20.30 -58.16
C PRO N 102 -20.04 -19.40 -59.29
N ILE N 103 -18.75 -19.53 -59.61
CA ILE N 103 -18.13 -18.64 -60.57
C ILE N 103 -18.41 -19.08 -62.00
N SER N 104 -19.04 -20.24 -62.19
CA SER N 104 -19.49 -20.66 -63.51
C SER N 104 -20.56 -19.73 -64.08
N THR N 105 -21.33 -19.06 -63.21
CA THR N 105 -22.18 -17.95 -63.61
C THR N 105 -21.33 -16.69 -63.54
N TYR N 106 -20.76 -16.31 -64.68
CA TYR N 106 -19.87 -15.15 -64.74
C TYR N 106 -20.08 -14.29 -65.98
N ASN N 107 -20.96 -14.69 -66.90
CA ASN N 107 -20.95 -14.07 -68.23
C ASN N 107 -21.67 -12.73 -68.25
N HIS N 108 -22.98 -12.75 -68.01
CA HIS N 108 -23.79 -11.55 -68.20
C HIS N 108 -24.83 -11.45 -67.10
N ASP N 109 -24.46 -11.80 -65.87
CA ASP N 109 -25.36 -11.78 -64.74
C ASP N 109 -25.16 -10.52 -63.93
N ARG N 110 -26.15 -9.62 -63.97
CA ARG N 110 -26.05 -8.36 -63.28
C ARG N 110 -26.32 -8.53 -61.80
N VAL N 111 -25.62 -7.76 -60.98
CA VAL N 111 -25.80 -7.79 -59.53
C VAL N 111 -26.42 -6.48 -59.08
N ASN N 112 -27.08 -6.52 -57.95
CA ASN N 112 -27.73 -5.33 -57.41
C ASN N 112 -26.68 -4.47 -56.71
N VAL N 113 -26.59 -3.21 -57.13
CA VAL N 113 -25.54 -2.32 -56.63
C VAL N 113 -25.78 -1.96 -55.18
N PHE N 114 -27.05 -1.75 -54.81
CA PHE N 114 -27.38 -1.43 -53.42
C PHE N 114 -27.09 -2.61 -52.50
N VAL N 115 -27.42 -3.82 -52.94
CA VAL N 115 -27.12 -5.01 -52.16
C VAL N 115 -25.61 -5.23 -52.07
N ALA N 116 -24.89 -4.88 -53.14
CA ALA N 116 -23.44 -5.02 -53.15
C ALA N 116 -22.77 -4.07 -52.17
N ASN N 117 -23.27 -2.83 -52.07
CA ASN N 117 -22.73 -1.91 -51.08
C ASN N 117 -23.14 -2.29 -49.67
N ALA N 118 -24.41 -2.62 -49.45
CA ALA N 118 -24.88 -2.95 -48.12
C ALA N 118 -24.35 -4.27 -47.60
N LEU N 119 -23.93 -5.18 -48.48
CA LEU N 119 -23.36 -6.44 -48.02
C LEU N 119 -21.99 -6.24 -47.40
N VAL N 120 -21.12 -5.45 -48.04
CA VAL N 120 -19.84 -5.17 -47.44
C VAL N 120 -20.00 -4.22 -46.26
N GLY N 121 -21.03 -3.38 -46.25
CA GLY N 121 -21.29 -2.54 -45.09
C GLY N 121 -21.79 -3.32 -43.90
N ALA N 122 -22.48 -4.43 -44.13
CA ALA N 122 -22.92 -5.28 -43.05
C ALA N 122 -21.82 -6.21 -42.59
N PHE N 123 -20.94 -6.63 -43.50
CA PHE N 123 -19.89 -7.55 -43.11
C PHE N 123 -18.75 -6.84 -42.40
N LEU N 124 -18.44 -5.59 -42.80
CA LEU N 124 -17.42 -4.84 -42.07
C LEU N 124 -17.91 -4.39 -40.70
N SER N 125 -19.22 -4.34 -40.48
CA SER N 125 -19.78 -3.90 -39.21
C SER N 125 -20.44 -5.02 -38.42
N ASN N 126 -20.36 -6.26 -38.93
CA ASN N 126 -20.82 -7.48 -38.25
C ASN N 126 -22.33 -7.44 -37.95
N GLN N 127 -23.12 -7.06 -38.95
CA GLN N 127 -24.57 -6.88 -38.77
C GLN N 127 -25.33 -7.64 -39.85
N ALA N 128 -25.51 -8.95 -39.63
CA ALA N 128 -26.54 -9.79 -40.27
C ALA N 128 -26.49 -9.72 -41.81
N PHE N 129 -25.39 -10.20 -42.37
CA PHE N 129 -25.19 -10.09 -43.81
C PHE N 129 -25.91 -11.17 -44.60
N TYR N 130 -26.17 -12.33 -44.00
CA TYR N 130 -26.54 -13.53 -44.75
C TYR N 130 -27.93 -13.45 -45.38
N ASP N 131 -28.80 -12.55 -44.90
CA ASP N 131 -30.08 -12.36 -45.57
C ASP N 131 -29.90 -11.68 -46.91
N LEU N 132 -28.91 -10.79 -47.02
CA LEU N 132 -28.78 -9.98 -48.21
C LEU N 132 -28.21 -10.77 -49.37
N LEU N 133 -27.56 -11.88 -49.09
CA LEU N 133 -26.84 -12.65 -50.08
C LEU N 133 -27.71 -13.37 -51.12
N PRO N 134 -28.91 -13.90 -50.80
CA PRO N 134 -29.78 -14.35 -51.90
C PRO N 134 -30.37 -13.24 -52.74
N LEU N 135 -30.35 -11.99 -52.27
CA LEU N 135 -30.89 -10.87 -53.03
C LEU N 135 -29.83 -10.18 -53.87
N LEU N 136 -28.72 -10.85 -54.17
CA LEU N 136 -27.62 -10.19 -54.86
C LEU N 136 -27.86 -10.12 -56.36
N ILE N 137 -28.34 -11.20 -56.96
CA ILE N 137 -28.63 -11.23 -58.39
C ILE N 137 -29.94 -10.50 -58.64
N VAL N 138 -29.95 -9.63 -59.65
CA VAL N 138 -31.06 -8.71 -59.87
C VAL N 138 -32.08 -9.36 -60.79
N ASN N 139 -33.33 -8.92 -60.68
CA ASN N 139 -34.36 -9.25 -61.66
C ASN N 139 -35.41 -8.13 -61.74
N ASP N 140 -35.75 -7.78 -62.99
CA ASP N 140 -36.85 -6.93 -63.47
C ASP N 140 -36.63 -5.43 -63.21
N THR N 141 -35.78 -5.07 -62.25
CA THR N 141 -35.11 -3.79 -62.02
C THR N 141 -34.34 -3.92 -60.71
N MET N 142 -33.56 -2.90 -60.39
CA MET N 142 -32.82 -2.91 -59.13
C MET N 142 -33.73 -2.65 -57.94
N ILE N 143 -34.64 -1.69 -58.06
CA ILE N 143 -35.32 -1.18 -56.86
C ILE N 143 -36.47 -2.11 -56.44
N SER N 144 -37.28 -2.58 -57.39
CA SER N 144 -38.50 -3.32 -57.05
C SER N 144 -38.21 -4.70 -56.48
N ASP N 145 -36.98 -5.18 -56.62
CA ASP N 145 -36.55 -6.35 -55.87
C ASP N 145 -36.34 -6.01 -54.40
N LEU N 146 -36.13 -4.73 -54.07
CA LEU N 146 -35.83 -4.30 -52.72
C LEU N 146 -36.98 -3.57 -52.03
N LEU N 147 -38.01 -3.15 -52.78
CA LEU N 147 -39.14 -2.45 -52.16
C LEU N 147 -39.90 -3.35 -51.19
N GLY N 148 -40.36 -4.51 -51.65
CA GLY N 148 -41.22 -5.35 -50.83
C GLY N 148 -40.52 -6.05 -49.69
N THR N 149 -39.22 -6.28 -49.80
CA THR N 149 -38.53 -7.11 -48.82
C THR N 149 -38.28 -6.36 -47.52
N GLY N 150 -37.93 -7.11 -46.49
CA GLY N 150 -37.54 -6.56 -45.21
C GLY N 150 -36.36 -7.33 -44.64
N ALA N 151 -35.48 -7.80 -45.52
CA ALA N 151 -34.40 -8.67 -45.08
C ALA N 151 -33.26 -7.89 -44.44
N ALA N 152 -32.80 -6.85 -45.10
CA ALA N 152 -31.67 -6.09 -44.58
C ALA N 152 -32.10 -5.17 -43.44
N LEU N 153 -31.11 -4.71 -42.69
CA LEU N 153 -31.37 -3.84 -41.56
C LEU N 153 -31.77 -2.46 -42.07
N SER N 154 -32.65 -1.79 -41.32
CA SER N 154 -33.28 -0.56 -41.78
C SER N 154 -32.31 0.62 -41.89
N GLN N 155 -31.12 0.53 -41.29
CA GLN N 155 -30.12 1.58 -41.48
C GLN N 155 -29.62 1.61 -42.91
N PHE N 156 -29.54 0.45 -43.55
CA PHE N 156 -29.04 0.40 -44.93
C PHE N 156 -30.06 0.97 -45.90
N PHE N 157 -31.25 0.38 -45.96
CA PHE N 157 -32.30 0.91 -46.81
C PHE N 157 -33.66 0.54 -46.24
N GLN N 158 -34.67 1.29 -46.70
CA GLN N 158 -36.03 1.10 -46.26
C GLN N 158 -36.97 1.59 -47.35
N SER N 159 -38.23 1.18 -47.26
CA SER N 159 -39.21 1.46 -48.29
C SER N 159 -40.38 2.23 -47.70
N HIS N 160 -40.92 3.17 -48.47
CA HIS N 160 -42.09 3.94 -48.07
C HIS N 160 -43.27 3.72 -49.01
N GLY N 161 -43.17 2.75 -49.91
CA GLY N 161 -44.24 2.50 -50.86
C GLY N 161 -43.95 3.23 -52.14
N GLU N 162 -43.48 2.50 -53.16
CA GLU N 162 -43.04 2.99 -54.47
C GLU N 162 -41.85 3.96 -54.39
N VAL N 163 -41.21 4.10 -53.23
CA VAL N 163 -40.05 4.96 -53.03
C VAL N 163 -39.07 4.19 -52.17
N LEU N 164 -37.86 3.97 -52.69
CA LEU N 164 -36.80 3.33 -51.93
C LEU N 164 -35.90 4.40 -51.34
N GLU N 165 -35.66 4.33 -50.03
CA GLU N 165 -34.80 5.26 -49.32
C GLU N 165 -33.56 4.53 -48.85
N VAL N 166 -32.40 4.91 -49.37
CA VAL N 166 -31.13 4.39 -48.91
C VAL N 166 -30.41 5.49 -48.14
N ALA N 167 -29.39 5.09 -47.41
CA ALA N 167 -28.60 6.02 -46.60
C ALA N 167 -27.17 6.01 -47.13
N ALA N 168 -26.90 6.94 -48.05
CA ALA N 168 -25.56 7.06 -48.61
C ALA N 168 -24.60 7.59 -47.56
N GLY N 169 -23.42 6.98 -47.48
CA GLY N 169 -22.51 7.36 -46.42
C GLY N 169 -21.03 7.14 -46.71
N ARG N 170 -20.22 8.11 -46.27
CA ARG N 170 -18.76 8.05 -46.22
C ARG N 170 -18.14 7.82 -47.60
N LYS N 171 -18.28 8.85 -48.43
CA LYS N 171 -17.46 8.95 -49.63
C LYS N 171 -15.98 9.01 -49.27
N TYR N 172 -15.64 9.82 -48.28
CA TYR N 172 -14.28 9.92 -47.77
C TYR N 172 -14.17 9.18 -46.44
N LEU N 173 -12.94 8.95 -46.00
CA LEU N 173 -12.67 8.27 -44.75
C LEU N 173 -11.48 8.92 -44.08
N GLN N 174 -11.64 9.28 -42.81
CA GLN N 174 -10.65 10.07 -42.08
C GLN N 174 -9.66 9.15 -41.38
N MET N 175 -8.37 9.40 -41.58
CA MET N 175 -7.34 8.60 -40.94
C MET N 175 -6.94 9.22 -39.60
N ASN N 176 -5.85 8.71 -39.03
CA ASN N 176 -5.48 9.05 -37.66
C ASN N 176 -4.85 10.44 -37.57
N ASN N 177 -4.01 10.82 -38.53
CA ASN N 177 -3.27 12.07 -38.47
C ASN N 177 -3.93 13.19 -39.27
N TYR N 178 -5.26 13.20 -39.30
CA TYR N 178 -6.01 14.31 -39.91
C TYR N 178 -6.35 15.29 -38.80
N SER N 179 -5.58 16.37 -38.71
CA SER N 179 -5.65 17.29 -37.57
C SER N 179 -6.26 18.64 -37.94
N ASN N 180 -7.06 18.69 -39.02
CA ASN N 180 -7.75 19.90 -39.50
C ASN N 180 -6.78 21.05 -39.78
N ASP N 181 -5.61 20.71 -40.32
CA ASP N 181 -4.64 21.72 -40.68
C ASP N 181 -5.11 22.46 -41.93
N ASP N 182 -4.56 23.65 -42.14
CA ASP N 182 -4.96 24.47 -43.28
C ASP N 182 -4.49 23.90 -44.61
N ASP N 183 -3.54 22.99 -44.61
CA ASP N 183 -3.10 22.34 -45.83
C ASP N 183 -3.74 20.98 -46.05
N ASP N 184 -4.59 20.53 -45.13
CA ASP N 184 -5.30 19.28 -45.28
C ASP N 184 -6.34 19.39 -46.40
N PRO N 185 -6.65 18.28 -47.07
CA PRO N 185 -7.74 18.32 -48.04
C PRO N 185 -9.08 18.35 -47.33
N PRO N 186 -10.02 19.17 -47.80
CA PRO N 186 -11.34 19.20 -47.17
C PRO N 186 -12.14 17.97 -47.52
N LEU N 187 -13.03 17.61 -46.61
CA LEU N 187 -13.78 16.36 -46.75
C LEU N 187 -15.25 16.57 -47.07
N PHE N 188 -15.75 17.81 -46.98
CA PHE N 188 -17.10 18.21 -47.39
C PHE N 188 -18.18 17.44 -46.64
N ALA N 189 -17.95 17.25 -45.34
CA ALA N 189 -18.86 16.56 -44.41
C ALA N 189 -19.19 15.15 -44.85
N LYS N 190 -18.27 14.51 -45.56
CA LYS N 190 -18.47 13.15 -46.05
C LYS N 190 -17.63 12.13 -45.30
N ASP N 191 -17.05 12.52 -44.17
CA ASP N 191 -16.47 11.57 -43.23
C ASP N 191 -17.42 11.25 -42.08
N LEU N 192 -18.67 11.65 -42.20
CA LEU N 192 -19.64 11.60 -41.12
C LEU N 192 -20.65 10.51 -41.41
N SER N 193 -21.38 10.10 -40.37
CA SER N 193 -22.26 8.93 -40.44
C SER N 193 -23.43 9.15 -41.40
N ASP N 194 -24.19 10.21 -41.20
CA ASP N 194 -25.37 10.45 -42.03
C ASP N 194 -25.41 11.91 -42.46
N TYR N 195 -24.91 12.18 -43.66
CA TYR N 195 -24.92 13.52 -44.22
C TYR N 195 -26.03 13.74 -45.23
N ALA N 196 -26.57 12.67 -45.82
CA ALA N 196 -27.64 12.80 -46.79
C ALA N 196 -28.45 11.51 -46.80
N LYS N 197 -29.61 11.58 -47.43
CA LYS N 197 -30.47 10.43 -47.63
C LYS N 197 -31.01 10.47 -49.06
N ALA N 198 -30.77 9.41 -49.81
CA ALA N 198 -31.21 9.32 -51.19
C ALA N 198 -32.58 8.66 -51.27
N PHE N 199 -33.37 9.08 -52.25
CA PHE N 199 -34.74 8.58 -52.43
C PHE N 199 -34.90 8.09 -53.86
N TYR N 200 -34.85 6.78 -54.04
CA TYR N 200 -34.93 6.16 -55.37
C TYR N 200 -36.36 5.76 -55.70
N SER N 201 -36.74 5.96 -56.96
CA SER N 201 -38.00 5.47 -57.49
C SER N 201 -37.86 5.30 -59.00
N ASP N 202 -38.96 4.88 -59.63
CA ASP N 202 -38.94 4.72 -61.08
C ASP N 202 -39.05 6.06 -61.79
N THR N 203 -40.12 6.79 -61.54
CA THR N 203 -40.37 8.06 -62.19
C THR N 203 -40.26 9.20 -61.18
N TYR N 204 -40.15 10.42 -61.71
CA TYR N 204 -40.08 11.59 -60.84
C TYR N 204 -41.43 12.00 -60.27
N GLU N 205 -42.53 11.55 -60.89
CA GLU N 205 -43.85 11.93 -60.41
C GLU N 205 -44.21 11.24 -59.11
N VAL N 206 -43.58 10.12 -58.79
CA VAL N 206 -43.79 9.49 -57.50
C VAL N 206 -43.05 10.25 -56.41
N LEU N 207 -41.81 10.66 -56.69
CA LEU N 207 -41.02 11.39 -55.72
C LEU N 207 -41.54 12.80 -55.49
N ASP N 208 -42.13 13.42 -56.52
CA ASP N 208 -42.74 14.73 -56.33
C ASP N 208 -43.98 14.66 -55.46
N ARG N 209 -44.75 13.57 -55.54
CA ARG N 209 -45.82 13.38 -54.58
C ARG N 209 -45.32 12.92 -53.23
N PHE N 210 -44.12 12.34 -53.18
CA PHE N 210 -43.51 11.99 -51.90
C PHE N 210 -43.12 13.25 -51.13
N PHE N 211 -42.57 14.24 -51.82
CA PHE N 211 -42.19 15.48 -51.16
C PHE N 211 -43.31 16.51 -51.13
N TRP N 212 -44.56 16.10 -51.31
CA TRP N 212 -45.67 16.97 -50.94
C TRP N 212 -46.11 16.69 -49.51
N THR N 213 -46.08 15.43 -49.10
CA THR N 213 -46.44 15.07 -47.73
C THR N 213 -45.29 15.35 -46.78
N HIS N 214 -44.14 14.76 -47.04
CA HIS N 214 -42.97 14.91 -46.20
C HIS N 214 -42.37 16.31 -46.35
N ASP N 215 -41.53 16.68 -45.41
CA ASP N 215 -40.98 18.03 -45.38
C ASP N 215 -39.72 18.11 -46.24
N SER N 216 -39.49 19.30 -46.78
CA SER N 216 -38.31 19.60 -47.56
C SER N 216 -37.61 20.80 -46.95
N SER N 217 -37.38 20.76 -45.64
CA SER N 217 -36.93 21.92 -44.89
C SER N 217 -35.51 22.31 -45.24
N ALA N 218 -34.60 21.34 -45.29
CA ALA N 218 -33.21 21.66 -45.57
C ALA N 218 -32.99 21.97 -47.04
N GLY N 219 -33.59 21.20 -47.93
CA GLY N 219 -33.39 21.42 -49.35
C GLY N 219 -33.08 20.09 -50.00
N VAL N 220 -33.61 19.91 -51.21
CA VAL N 220 -33.47 18.64 -51.92
C VAL N 220 -32.66 18.88 -53.19
N LEU N 221 -31.85 17.90 -53.57
CA LEU N 221 -30.90 18.05 -54.67
C LEU N 221 -31.11 16.94 -55.68
N VAL N 222 -30.81 17.25 -56.94
CA VAL N 222 -31.07 16.34 -58.04
C VAL N 222 -29.75 16.14 -58.79
N HIS N 223 -29.65 15.12 -59.65
CA HIS N 223 -28.55 15.02 -60.61
C HIS N 223 -28.93 15.55 -62.00
N TYR N 224 -30.02 15.05 -62.59
CA TYR N 224 -30.62 15.45 -63.88
C TYR N 224 -29.79 15.14 -65.11
N ASP N 225 -28.61 14.55 -64.97
CA ASP N 225 -27.79 14.21 -66.12
C ASP N 225 -27.68 12.71 -66.31
N LYS N 226 -27.16 12.01 -65.31
CA LYS N 226 -26.86 10.58 -65.43
C LYS N 226 -26.87 10.03 -64.02
N PRO N 227 -28.02 9.57 -63.55
CA PRO N 227 -28.11 9.08 -62.18
C PRO N 227 -27.36 7.78 -62.02
N THR N 228 -26.96 7.52 -60.77
CA THR N 228 -26.04 6.43 -60.49
C THR N 228 -26.71 5.07 -60.67
N ASN N 229 -27.83 4.85 -59.98
CA ASN N 229 -28.52 3.57 -60.06
C ASN N 229 -30.01 3.79 -60.32
N GLY N 230 -30.34 4.76 -61.16
CA GLY N 230 -31.72 5.11 -61.38
C GLY N 230 -31.99 6.51 -60.84
N ASN N 231 -32.99 7.18 -61.40
CA ASN N 231 -33.25 8.57 -61.07
C ASN N 231 -33.72 8.74 -59.62
N HIS N 232 -33.18 9.74 -58.94
CA HIS N 232 -33.39 9.88 -57.51
C HIS N 232 -33.19 11.33 -57.09
N TYR N 233 -33.53 11.61 -55.84
CA TYR N 233 -33.28 12.89 -55.20
C TYR N 233 -32.34 12.68 -54.01
N ILE N 234 -31.70 13.77 -53.61
CA ILE N 234 -30.78 13.79 -52.47
C ILE N 234 -31.31 14.81 -51.49
N LEU N 235 -31.59 14.37 -50.26
CA LEU N 235 -32.05 15.24 -49.19
C LEU N 235 -30.94 15.38 -48.17
N GLY N 236 -30.49 16.61 -47.94
CA GLY N 236 -29.43 16.85 -46.98
C GLY N 236 -29.99 17.00 -45.57
N THR N 237 -29.13 16.69 -44.59
CA THR N 237 -29.49 16.80 -43.19
C THR N 237 -28.98 18.13 -42.62
N LEU N 238 -29.04 18.28 -41.31
CA LEU N 238 -28.62 19.51 -40.63
C LEU N 238 -27.40 19.30 -39.75
N THR N 239 -26.52 18.38 -40.13
CA THR N 239 -25.22 18.29 -39.50
C THR N 239 -24.27 19.30 -40.14
N GLN N 240 -23.15 19.56 -39.47
CA GLN N 240 -22.28 20.67 -39.82
C GLN N 240 -20.83 20.26 -39.89
N MET N 241 -20.17 20.63 -40.96
CA MET N 241 -18.71 20.58 -41.05
C MET N 241 -18.15 21.97 -40.83
N VAL N 242 -17.18 22.09 -39.93
CA VAL N 242 -16.65 23.42 -39.67
C VAL N 242 -15.56 23.71 -40.69
N SER N 243 -14.40 23.07 -40.53
CA SER N 243 -13.30 22.98 -41.51
C SER N 243 -12.72 24.30 -42.02
N ALA N 244 -13.22 25.42 -41.55
CA ALA N 244 -12.92 26.72 -42.12
C ALA N 244 -13.25 27.71 -41.03
N PRO N 245 -12.27 28.10 -40.22
CA PRO N 245 -12.54 28.73 -38.91
C PRO N 245 -13.34 30.03 -38.93
N PRO N 246 -13.34 30.85 -40.00
CA PRO N 246 -14.35 31.91 -40.03
C PRO N 246 -15.75 31.47 -40.44
N HIS N 247 -16.00 30.20 -40.71
CA HIS N 247 -17.30 29.81 -41.26
C HIS N 247 -17.83 28.53 -40.65
N ILE N 248 -19.16 28.39 -40.73
CA ILE N 248 -19.88 27.18 -40.38
C ILE N 248 -20.73 26.80 -41.59
N ILE N 249 -20.46 25.64 -42.16
CA ILE N 249 -21.15 25.18 -43.36
C ILE N 249 -21.88 23.89 -43.01
N ASN N 250 -23.20 23.92 -43.09
CA ASN N 250 -23.99 22.71 -42.88
C ASN N 250 -23.87 21.78 -44.09
N ALA N 251 -24.49 20.60 -43.98
CA ALA N 251 -24.24 19.54 -44.95
C ALA N 251 -24.86 19.84 -46.31
N THR N 252 -26.03 20.47 -46.33
CA THR N 252 -26.70 20.76 -47.59
C THR N 252 -26.06 21.89 -48.36
N ASP N 253 -25.09 22.60 -47.79
CA ASP N 253 -24.32 23.58 -48.52
C ASP N 253 -22.96 23.07 -48.96
N ALA N 254 -22.29 22.25 -48.14
CA ALA N 254 -21.04 21.64 -48.56
C ALA N 254 -21.26 20.62 -49.66
N LEU N 255 -22.38 19.90 -49.61
CA LEU N 255 -22.72 18.93 -50.64
C LEU N 255 -22.98 19.61 -51.98
N LEU N 256 -23.46 20.85 -51.94
CA LEU N 256 -23.63 21.62 -53.17
C LEU N 256 -22.32 22.27 -53.61
N LEU N 257 -21.51 22.70 -52.65
CA LEU N 257 -20.29 23.44 -52.93
C LEU N 257 -19.22 22.56 -53.56
N GLU N 258 -19.07 21.31 -53.11
CA GLU N 258 -18.11 20.40 -53.72
C GLU N 258 -18.49 20.10 -55.17
N SER N 259 -19.76 19.85 -55.42
CA SER N 259 -20.23 19.60 -56.78
C SER N 259 -20.16 20.84 -57.66
N CYS N 260 -20.23 22.04 -57.08
CA CYS N 260 -20.01 23.25 -57.86
C CYS N 260 -18.54 23.40 -58.25
N LEU N 261 -17.63 23.16 -57.29
CA LEU N 261 -16.21 23.30 -57.58
C LEU N 261 -15.68 22.24 -58.52
N GLU N 262 -16.26 21.03 -58.51
CA GLU N 262 -15.85 20.03 -59.49
C GLU N 262 -16.21 20.45 -60.90
N GLN N 263 -17.36 21.11 -61.08
CA GLN N 263 -17.74 21.55 -62.41
C GLN N 263 -16.98 22.78 -62.86
N PHE N 264 -16.66 23.68 -61.92
CA PHE N 264 -15.75 24.78 -62.23
C PHE N 264 -14.36 24.29 -62.61
N ALA N 265 -13.91 23.18 -62.03
CA ALA N 265 -12.64 22.60 -62.45
C ALA N 265 -12.76 21.92 -63.80
N ALA N 266 -13.88 21.24 -64.06
CA ALA N 266 -14.03 20.48 -65.29
C ALA N 266 -14.33 21.36 -66.49
N ASN N 267 -14.80 22.60 -66.27
CA ASN N 267 -15.01 23.50 -67.40
C ASN N 267 -13.70 24.05 -67.96
N VAL N 268 -12.59 23.90 -67.23
CA VAL N 268 -11.31 24.37 -67.73
C VAL N 268 -10.61 23.27 -68.51
N ARG N 269 -10.74 22.02 -68.06
CA ARG N 269 -10.04 20.90 -68.64
C ARG N 269 -10.63 20.40 -69.95
N ALA N 270 -11.74 20.99 -70.41
CA ALA N 270 -12.39 20.51 -71.61
C ALA N 270 -11.59 20.94 -72.84
N ARG N 271 -11.15 19.96 -73.63
CA ARG N 271 -10.36 20.23 -74.82
C ARG N 271 -11.08 19.80 -76.10
N SER N 272 -12.39 19.55 -76.03
CA SER N 272 -13.29 19.26 -77.15
C SER N 272 -12.92 18.00 -77.93
N ALA N 273 -12.11 17.14 -77.36
CA ALA N 273 -11.81 15.86 -77.99
C ALA N 273 -11.97 14.69 -77.05
N GLN N 274 -11.64 14.85 -75.77
CA GLN N 274 -11.71 13.71 -74.88
C GLN N 274 -13.06 13.67 -74.16
N PRO N 275 -13.60 12.47 -73.96
CA PRO N 275 -14.89 12.36 -73.27
C PRO N 275 -14.75 12.38 -71.76
N VAL N 276 -15.82 12.77 -71.10
CA VAL N 276 -15.93 12.73 -69.65
C VAL N 276 -17.12 11.85 -69.29
N THR N 277 -17.24 11.55 -68.00
CA THR N 277 -18.30 10.65 -67.54
C THR N 277 -19.62 11.37 -67.27
N ARG N 278 -19.60 12.68 -67.05
CA ARG N 278 -20.81 13.46 -66.84
C ARG N 278 -20.64 14.82 -67.51
N LEU N 279 -21.66 15.23 -68.27
CA LEU N 279 -21.59 16.53 -68.92
C LEU N 279 -21.68 17.67 -67.92
N ASP N 280 -22.37 17.47 -66.81
CA ASP N 280 -22.30 18.42 -65.70
C ASP N 280 -22.37 17.68 -64.38
N GLN N 281 -21.72 18.25 -63.37
CA GLN N 281 -21.61 17.65 -62.05
C GLN N 281 -22.58 18.23 -61.04
N CYS N 282 -23.32 19.29 -61.41
CA CYS N 282 -23.98 20.13 -60.43
C CYS N 282 -25.23 19.46 -59.86
N TYR N 283 -25.89 20.16 -58.94
CA TYR N 283 -27.03 19.61 -58.23
C TYR N 283 -28.34 20.34 -58.46
N HIS N 284 -28.35 21.68 -58.41
CA HIS N 284 -29.53 22.50 -58.70
C HIS N 284 -30.73 22.20 -57.82
N LEU N 285 -30.70 22.71 -56.59
CA LEU N 285 -31.78 22.73 -55.60
C LEU N 285 -33.18 22.82 -56.18
N ARG N 286 -34.08 21.95 -55.74
CA ARG N 286 -35.33 21.70 -56.42
C ARG N 286 -36.56 22.21 -55.67
N TRP N 287 -36.79 21.76 -54.44
CA TRP N 287 -38.02 22.09 -53.72
C TRP N 287 -37.83 23.07 -52.57
N GLY N 288 -36.75 22.95 -51.81
CA GLY N 288 -36.64 23.71 -50.57
C GLY N 288 -36.29 25.18 -50.70
N ALA N 289 -36.35 25.73 -51.92
CA ALA N 289 -35.92 27.11 -52.18
C ALA N 289 -36.80 28.15 -51.51
N GLN N 290 -38.01 27.79 -51.09
CA GLN N 290 -38.82 28.70 -50.30
C GLN N 290 -38.31 28.77 -48.87
N TYR N 291 -37.85 27.65 -48.31
CA TYR N 291 -37.44 27.64 -46.93
C TYR N 291 -36.04 28.21 -46.74
N VAL N 292 -35.20 28.16 -47.77
CA VAL N 292 -33.87 28.75 -47.67
C VAL N 292 -33.98 30.25 -47.83
N GLY N 293 -33.00 30.96 -47.30
CA GLY N 293 -33.04 32.41 -47.27
C GLY N 293 -32.57 33.01 -48.58
N GLU N 294 -33.21 34.11 -48.96
CA GLU N 294 -32.68 34.96 -50.02
C GLU N 294 -31.33 35.52 -49.57
N ASP N 295 -30.44 35.68 -50.56
CA ASP N 295 -29.02 36.10 -50.48
C ASP N 295 -28.25 35.49 -49.32
N SER N 296 -28.57 34.25 -48.94
CA SER N 296 -27.77 33.51 -47.97
C SER N 296 -26.82 32.59 -48.72
N LEU N 297 -26.11 31.74 -47.98
CA LEU N 297 -25.09 30.89 -48.57
C LEU N 297 -25.67 29.84 -49.51
N THR N 298 -26.83 29.27 -49.16
CA THR N 298 -27.45 28.28 -50.02
C THR N 298 -27.91 28.90 -51.34
N TYR N 299 -28.48 30.10 -51.28
CA TYR N 299 -28.93 30.78 -52.48
C TYR N 299 -27.75 31.18 -53.37
N ARG N 300 -26.67 31.66 -52.76
CA ARG N 300 -25.51 32.05 -53.54
C ARG N 300 -24.81 30.85 -54.17
N LEU N 301 -24.75 29.73 -53.45
CA LEU N 301 -24.20 28.53 -54.07
C LEU N 301 -25.11 27.93 -55.12
N GLY N 302 -26.43 28.16 -55.02
CA GLY N 302 -27.31 27.78 -56.10
C GLY N 302 -27.08 28.61 -57.36
N VAL N 303 -26.83 29.91 -57.18
CA VAL N 303 -26.46 30.77 -58.31
C VAL N 303 -25.17 30.30 -58.97
N LEU N 304 -24.16 29.99 -58.15
CA LEU N 304 -22.90 29.49 -58.70
C LEU N 304 -23.06 28.12 -59.34
N SER N 305 -23.96 27.29 -58.81
CA SER N 305 -24.21 25.99 -59.41
C SER N 305 -24.91 26.11 -60.75
N LEU N 306 -25.72 27.16 -60.93
CA LEU N 306 -26.27 27.40 -62.25
C LEU N 306 -25.22 27.94 -63.21
N LEU N 307 -24.30 28.78 -62.70
CA LEU N 307 -23.23 29.32 -63.53
C LEU N 307 -22.29 28.24 -64.02
N ALA N 308 -21.96 27.29 -63.15
CA ALA N 308 -21.09 26.18 -63.53
C ALA N 308 -21.75 25.29 -64.57
N THR N 309 -23.06 25.13 -64.49
CA THR N 309 -23.76 24.32 -65.46
C THR N 309 -23.81 25.01 -66.82
N ASN N 310 -24.02 26.32 -66.83
CA ASN N 310 -23.98 27.06 -68.08
C ASN N 310 -22.57 27.15 -68.66
N GLY N 311 -21.54 27.05 -67.82
CA GLY N 311 -20.21 26.84 -68.34
C GLY N 311 -19.20 27.93 -68.07
N TYR N 312 -19.49 28.77 -67.07
CA TYR N 312 -18.57 29.83 -66.69
C TYR N 312 -17.30 29.28 -66.06
N GLN N 313 -16.28 30.12 -66.00
CA GLN N 313 -14.96 29.76 -65.52
C GLN N 313 -14.52 30.74 -64.46
N LEU N 314 -13.81 30.25 -63.44
CA LEU N 314 -13.36 31.10 -62.36
C LEU N 314 -12.12 31.90 -62.78
N ALA N 315 -11.94 33.04 -62.12
CA ALA N 315 -10.82 33.91 -62.43
C ALA N 315 -9.50 33.31 -61.92
N ARG N 316 -9.39 33.10 -60.62
CA ARG N 316 -8.19 32.46 -60.11
C ARG N 316 -8.27 30.95 -60.32
N PRO N 317 -7.14 30.29 -60.58
CA PRO N 317 -7.19 28.87 -60.91
C PRO N 317 -7.46 27.99 -59.70
N ILE N 318 -8.05 26.84 -60.00
CA ILE N 318 -8.40 25.84 -58.99
C ILE N 318 -7.21 24.88 -58.85
N PRO N 319 -6.74 24.59 -57.65
CA PRO N 319 -5.67 23.61 -57.48
C PRO N 319 -6.12 22.22 -57.86
N LYS N 320 -5.14 21.37 -58.15
CA LYS N 320 -5.42 19.98 -58.51
C LYS N 320 -5.99 19.22 -57.32
N GLN N 321 -5.44 19.45 -56.14
CA GLN N 321 -5.99 18.94 -54.89
C GLN N 321 -6.41 20.12 -54.03
N LEU N 322 -7.64 20.09 -53.54
CA LEU N 322 -8.16 21.21 -52.79
C LEU N 322 -7.51 21.29 -51.42
N THR N 323 -7.26 22.51 -50.96
CA THR N 323 -6.70 22.73 -49.63
C THR N 323 -7.69 23.49 -48.77
N ASN N 324 -7.58 23.21 -47.47
CA ASN N 324 -8.55 23.71 -46.50
C ASN N 324 -8.42 25.21 -46.29
N ARG N 325 -7.29 25.79 -46.66
CA ARG N 325 -7.14 27.24 -46.59
C ARG N 325 -7.74 27.91 -47.82
N TRP N 326 -7.53 27.32 -49.00
CA TRP N 326 -8.11 27.86 -50.23
C TRP N 326 -9.62 27.78 -50.21
N LEU N 327 -10.17 26.72 -49.61
CA LEU N 327 -11.62 26.59 -49.52
C LEU N 327 -12.21 27.66 -48.62
N SER N 328 -11.55 27.94 -47.49
CA SER N 328 -12.01 28.99 -46.60
C SER N 328 -11.90 30.35 -47.25
N SER N 329 -10.85 30.58 -48.05
CA SER N 329 -10.73 31.84 -48.78
C SER N 329 -11.82 31.99 -49.82
N PHE N 330 -12.19 30.90 -50.51
CA PHE N 330 -13.26 30.96 -51.49
C PHE N 330 -14.62 31.21 -50.85
N VAL N 331 -14.87 30.59 -49.70
CA VAL N 331 -16.14 30.83 -49.01
C VAL N 331 -16.22 32.24 -48.47
N SER N 332 -15.12 32.75 -47.91
CA SER N 332 -15.09 34.13 -47.46
C SER N 332 -15.15 35.12 -48.61
N GLN N 333 -14.75 34.71 -49.80
CA GLN N 333 -14.87 35.55 -50.98
C GLN N 333 -16.29 35.53 -51.54
N VAL N 334 -17.03 34.44 -51.35
CA VAL N 334 -18.38 34.36 -51.89
C VAL N 334 -19.44 34.88 -50.92
N VAL N 335 -19.16 34.96 -49.62
CA VAL N 335 -20.12 35.51 -48.66
C VAL N 335 -19.95 37.03 -48.51
N SER N 336 -19.19 37.66 -49.40
CA SER N 336 -18.99 39.11 -49.32
C SER N 336 -20.23 39.82 -49.85
N ASP N 337 -20.17 41.15 -49.89
CA ASP N 337 -21.26 41.96 -50.41
C ASP N 337 -21.07 42.24 -51.90
N GLY N 338 -22.18 42.54 -52.57
CA GLY N 338 -22.18 42.77 -54.00
C GLY N 338 -23.47 42.22 -54.60
N ILE N 339 -23.71 42.55 -55.86
CA ILE N 339 -24.93 42.12 -56.53
C ILE N 339 -24.60 41.10 -57.61
N ASN N 340 -25.61 40.33 -58.01
CA ASN N 340 -25.45 39.34 -59.07
C ASN N 340 -25.47 40.05 -60.41
N GLU N 341 -24.31 40.15 -61.06
CA GLU N 341 -24.23 40.79 -62.36
C GLU N 341 -24.77 39.91 -63.49
N THR N 342 -24.87 38.62 -63.26
CA THR N 342 -25.28 37.70 -64.31
C THR N 342 -26.80 37.72 -64.46
N PRO N 343 -27.32 37.71 -65.68
CA PRO N 343 -28.78 37.59 -65.88
C PRO N 343 -29.37 36.24 -65.49
N LEU N 344 -28.56 35.25 -65.14
CA LEU N 344 -29.09 33.96 -64.71
C LEU N 344 -29.68 34.07 -63.30
N TRP N 345 -30.78 33.35 -63.08
CA TRP N 345 -31.44 33.30 -61.78
C TRP N 345 -31.97 31.89 -61.56
N PRO N 346 -31.85 31.35 -60.35
CA PRO N 346 -32.32 29.99 -60.10
C PRO N 346 -33.85 29.93 -60.07
N GLN N 347 -34.38 28.80 -60.55
CA GLN N 347 -35.82 28.54 -60.52
C GLN N 347 -36.04 27.10 -60.09
N GLU N 348 -37.15 26.89 -59.37
CA GLU N 348 -37.47 25.55 -58.87
C GLU N 348 -37.96 24.62 -59.97
N ARG N 349 -38.64 25.16 -60.99
CA ARG N 349 -39.38 24.31 -61.92
C ARG N 349 -38.46 23.59 -62.90
N TYR N 350 -37.45 24.28 -63.42
CA TYR N 350 -36.48 23.65 -64.30
C TYR N 350 -35.19 24.44 -64.25
N VAL N 351 -34.07 23.75 -64.34
CA VAL N 351 -32.77 24.38 -64.52
C VAL N 351 -32.62 24.74 -65.99
N GLN N 352 -32.38 26.01 -66.26
CA GLN N 352 -32.38 26.52 -67.62
C GLN N 352 -30.97 26.66 -68.15
N ILE N 353 -30.87 26.62 -69.48
CA ILE N 353 -29.61 26.77 -70.21
C ILE N 353 -29.81 27.90 -71.21
N ALA N 354 -28.86 28.83 -71.24
CA ALA N 354 -28.96 29.96 -72.17
C ALA N 354 -28.74 29.50 -73.61
N TYR N 355 -28.93 30.43 -74.54
CA TYR N 355 -28.93 30.08 -75.95
C TYR N 355 -27.53 29.75 -76.44
N ASP N 356 -26.56 30.61 -76.16
CA ASP N 356 -25.19 30.37 -76.61
C ASP N 356 -24.32 29.73 -75.52
N SER N 357 -24.92 28.92 -74.68
CA SER N 357 -24.10 28.11 -73.80
C SER N 357 -23.53 26.93 -74.58
N PRO N 358 -22.24 26.62 -74.41
CA PRO N 358 -21.62 25.55 -75.21
C PRO N 358 -22.01 24.15 -74.79
N SER N 359 -22.73 23.99 -73.68
CA SER N 359 -23.09 22.65 -73.21
C SER N 359 -24.13 22.01 -74.11
N VAL N 360 -23.92 20.75 -74.45
CA VAL N 360 -24.83 20.02 -75.33
C VAL N 360 -25.66 19.01 -74.53
N VAL N 361 -25.80 19.23 -73.23
CA VAL N 361 -26.48 18.26 -72.38
C VAL N 361 -28.00 18.33 -72.54
N ASP N 362 -28.51 19.47 -73.03
CA ASP N 362 -29.95 19.65 -73.21
C ASP N 362 -30.51 18.70 -74.25
N GLY N 363 -29.73 18.39 -75.29
CA GLY N 363 -30.13 17.35 -76.21
C GLY N 363 -29.71 15.96 -75.77
N ALA N 364 -28.79 15.87 -74.81
CA ALA N 364 -28.27 14.57 -74.40
C ALA N 364 -29.26 13.83 -73.50
N THR N 365 -29.64 14.44 -72.38
CA THR N 365 -30.56 13.80 -71.46
C THR N 365 -31.99 13.94 -71.98
N GLN N 366 -32.93 13.30 -71.27
CA GLN N 366 -34.31 13.32 -71.70
C GLN N 366 -34.98 14.64 -71.34
N TYR N 367 -35.09 14.92 -70.04
CA TYR N 367 -35.67 16.18 -69.59
C TYR N 367 -35.06 16.56 -68.25
N GLY N 368 -35.51 17.70 -67.72
CA GLY N 368 -34.88 18.33 -66.57
C GLY N 368 -34.13 19.55 -67.04
N TYR N 369 -33.45 19.42 -68.17
CA TYR N 369 -32.71 20.52 -68.79
C TYR N 369 -33.56 21.11 -69.91
N VAL N 370 -33.77 22.42 -69.85
CA VAL N 370 -34.63 23.11 -70.81
C VAL N 370 -33.83 24.23 -71.46
N ARG N 371 -33.68 24.17 -72.78
CA ARG N 371 -32.93 25.16 -73.53
C ARG N 371 -33.79 26.41 -73.65
N ARG N 372 -33.60 27.32 -72.71
CA ARG N 372 -34.34 28.57 -72.71
C ARG N 372 -33.78 29.51 -73.77
N ASN N 373 -34.67 30.06 -74.59
CA ASN N 373 -34.30 30.87 -75.73
C ASN N 373 -34.31 32.35 -75.44
N GLN N 374 -34.99 32.77 -74.36
CA GLN N 374 -35.21 34.19 -74.13
C GLN N 374 -33.94 34.91 -73.70
N LEU N 375 -33.30 34.45 -72.63
CA LEU N 375 -32.16 35.16 -72.07
C LEU N 375 -30.90 34.81 -72.83
N ARG N 376 -30.06 35.81 -73.04
CA ARG N 376 -28.85 35.68 -73.85
C ARG N 376 -27.72 36.39 -73.13
N LEU N 377 -26.56 35.74 -73.09
CA LEU N 377 -25.37 36.30 -72.49
C LEU N 377 -24.37 36.73 -73.57
N GLY N 378 -23.66 37.81 -73.30
CA GLY N 378 -22.82 38.42 -74.31
C GLY N 378 -21.40 37.93 -74.33
N MET N 379 -21.21 36.61 -74.34
CA MET N 379 -19.88 36.02 -74.27
C MET N 379 -19.67 35.01 -75.39
N ARG N 380 -18.40 34.83 -75.77
CA ARG N 380 -18.00 33.89 -76.81
C ARG N 380 -17.18 32.76 -76.20
N ILE N 381 -17.23 31.60 -76.84
CA ILE N 381 -16.77 30.35 -76.22
C ILE N 381 -15.33 30.05 -76.61
N SER N 382 -14.52 29.77 -75.59
CA SER N 382 -13.18 29.18 -75.67
C SER N 382 -12.76 28.85 -74.25
N ALA N 383 -11.66 28.10 -74.12
CA ALA N 383 -11.12 27.82 -72.81
C ALA N 383 -10.20 28.96 -72.36
N LEU N 384 -9.80 28.93 -71.10
CA LEU N 384 -8.89 29.92 -70.58
C LEU N 384 -7.44 29.48 -70.80
N GLN N 385 -6.53 30.42 -70.68
CA GLN N 385 -5.10 30.17 -70.87
C GLN N 385 -4.34 30.64 -69.63
N SER N 386 -3.97 29.69 -68.78
CA SER N 386 -3.17 29.95 -67.60
C SER N 386 -1.75 29.42 -67.83
N LEU N 387 -0.82 29.86 -66.98
CA LEU N 387 0.59 29.62 -67.22
C LEU N 387 1.35 29.71 -65.89
N SER N 388 2.67 29.79 -65.98
CA SER N 388 3.55 29.61 -64.83
C SER N 388 3.61 30.88 -63.96
N ASP N 389 4.56 30.90 -63.02
CA ASP N 389 4.57 31.88 -61.95
C ASP N 389 5.57 33.01 -62.17
N THR N 390 6.80 32.68 -62.58
CA THR N 390 7.95 33.58 -62.74
C THR N 390 8.20 34.36 -61.45
N PRO N 391 8.83 33.74 -60.44
CA PRO N 391 8.87 34.33 -59.09
C PRO N 391 9.70 35.60 -58.94
N ALA N 392 10.36 36.08 -59.97
CA ALA N 392 11.03 37.37 -59.88
C ALA N 392 10.17 38.45 -60.52
N PRO N 393 10.18 39.68 -60.00
CA PRO N 393 9.43 40.75 -60.65
C PRO N 393 10.04 41.14 -61.99
N VAL N 394 9.18 41.32 -62.98
CA VAL N 394 9.60 41.45 -64.37
C VAL N 394 9.44 42.90 -64.80
N GLN N 395 10.35 43.35 -65.67
CA GLN N 395 10.35 44.72 -66.14
C GLN N 395 9.21 44.97 -67.11
N TRP N 396 8.51 46.09 -66.94
CA TRP N 396 7.40 46.50 -67.79
C TRP N 396 7.73 47.82 -68.47
N LEU N 397 7.28 47.97 -69.72
CA LEU N 397 7.42 49.21 -70.44
C LEU N 397 6.05 49.75 -70.83
N PRO N 398 5.79 51.03 -70.63
CA PRO N 398 4.49 51.60 -70.97
C PRO N 398 4.40 52.07 -72.41
N GLN N 399 3.17 52.05 -72.93
CA GLN N 399 2.84 52.61 -74.22
C GLN N 399 1.68 53.57 -74.03
N TYR N 400 1.55 54.54 -74.93
CA TYR N 400 0.71 55.70 -74.69
C TYR N 400 -0.45 55.78 -75.66
N THR N 401 -1.42 56.62 -75.30
CA THR N 401 -2.64 56.85 -76.05
C THR N 401 -2.87 58.36 -76.09
N ILE N 402 -3.53 58.83 -77.16
CA ILE N 402 -3.63 60.26 -77.41
C ILE N 402 -4.55 61.00 -76.44
N ASP N 403 -5.35 60.29 -75.66
CA ASP N 403 -6.20 60.96 -74.68
C ASP N 403 -5.38 61.46 -73.50
N GLN N 404 -5.98 62.35 -72.72
CA GLN N 404 -5.25 63.05 -71.67
C GLN N 404 -6.21 63.56 -70.61
N VAL N 405 -5.67 63.76 -69.41
CA VAL N 405 -6.35 64.44 -68.32
C VAL N 405 -5.42 65.53 -67.79
N ALA N 406 -5.87 66.22 -66.75
CA ALA N 406 -5.10 67.31 -66.17
C ALA N 406 -4.08 66.79 -65.16
N VAL N 407 -2.98 67.54 -65.03
CA VAL N 407 -1.83 67.08 -64.25
C VAL N 407 -2.08 67.08 -62.75
N ASP N 408 -3.06 67.85 -62.27
CA ASP N 408 -3.40 67.81 -60.85
C ASP N 408 -4.27 66.62 -60.48
N GLU N 409 -4.69 65.83 -61.47
CA GLU N 409 -5.44 64.62 -61.18
C GLU N 409 -4.55 63.43 -60.86
N GLY N 410 -3.39 63.33 -61.52
CA GLY N 410 -2.50 62.19 -61.35
C GLY N 410 -1.88 62.07 -59.98
N ASP N 411 -1.32 63.17 -59.48
CA ASP N 411 -0.75 63.16 -58.14
C ASP N 411 -1.80 62.98 -57.06
N ALA N 412 -2.99 63.57 -57.24
CA ALA N 412 -4.07 63.36 -56.28
C ALA N 412 -4.60 61.95 -56.32
N MET N 413 -4.54 61.30 -57.49
CA MET N 413 -4.96 59.91 -57.58
C MET N 413 -3.95 58.98 -56.94
N VAL N 414 -2.66 59.21 -57.18
CA VAL N 414 -1.64 58.34 -56.59
C VAL N 414 -1.40 58.64 -55.13
N SER N 415 -1.91 59.77 -54.61
CA SER N 415 -1.79 60.08 -53.19
C SER N 415 -2.50 59.05 -52.32
N GLN N 416 -3.60 58.48 -52.80
CA GLN N 416 -4.29 57.43 -52.06
C GLN N 416 -3.85 56.03 -52.46
N LEU N 417 -2.99 55.90 -53.47
CA LEU N 417 -2.57 54.58 -53.92
C LEU N 417 -1.16 54.22 -53.45
N THR N 418 -0.27 55.20 -53.34
CA THR N 418 1.11 54.94 -52.96
C THR N 418 1.22 54.62 -51.48
N GLN N 419 1.90 53.53 -51.16
CA GLN N 419 2.30 53.23 -49.79
C GLN N 419 3.74 53.71 -49.53
N LEU N 420 3.91 55.01 -49.76
CA LEU N 420 5.22 55.65 -49.62
C LEU N 420 5.90 55.54 -48.24
N PRO N 421 5.20 55.64 -47.06
CA PRO N 421 5.94 55.46 -45.82
C PRO N 421 6.39 54.03 -45.59
N LEU N 422 7.48 53.65 -46.25
CA LEU N 422 8.15 52.37 -46.00
C LEU N 422 9.64 52.61 -46.00
N ARG N 423 10.39 51.58 -45.61
CA ARG N 423 11.83 51.68 -45.52
C ARG N 423 12.45 50.78 -46.58
N PRO N 424 12.90 51.31 -47.71
CA PRO N 424 13.58 50.48 -48.70
C PRO N 424 15.01 50.18 -48.28
N ASP N 425 15.54 49.08 -48.82
CA ASP N 425 16.94 48.78 -48.62
C ASP N 425 17.78 49.71 -49.48
N TYR N 426 18.93 50.14 -48.95
CA TYR N 426 19.64 51.23 -49.58
C TYR N 426 20.49 50.75 -50.76
N GLY N 427 21.32 49.75 -50.54
CA GLY N 427 22.18 49.26 -51.60
C GLY N 427 23.61 49.74 -51.44
N SER N 428 24.23 50.17 -52.54
CA SER N 428 25.61 50.65 -52.50
C SER N 428 25.84 51.57 -53.69
N ILE N 429 26.45 52.72 -53.43
CA ILE N 429 26.75 53.67 -54.51
C ILE N 429 27.86 53.13 -55.40
N TRP N 430 29.00 52.81 -54.81
CA TRP N 430 30.23 52.57 -55.55
C TRP N 430 30.77 51.20 -55.16
N ILE N 431 31.07 50.37 -56.15
CA ILE N 431 31.53 49.01 -55.91
C ILE N 431 32.88 48.81 -56.56
N GLY N 432 33.62 47.82 -56.06
CA GLY N 432 34.85 47.41 -56.68
C GLY N 432 36.09 48.01 -56.02
N GLU N 433 37.18 47.98 -56.78
CA GLU N 433 38.47 48.48 -56.32
C GLU N 433 38.58 49.99 -56.42
N ALA N 434 39.79 50.53 -56.30
CA ALA N 434 40.01 51.96 -56.37
C ALA N 434 40.52 52.35 -57.75
N LEU N 435 40.21 53.59 -58.15
CA LEU N 435 40.72 54.13 -59.39
C LEU N 435 42.03 54.86 -59.12
N SER N 436 43.04 54.56 -59.92
CA SER N 436 44.37 55.15 -59.73
C SER N 436 44.49 56.40 -60.60
N TYR N 437 44.62 57.55 -59.96
CA TYR N 437 44.91 58.80 -60.65
C TYR N 437 46.31 59.23 -60.26
N TYR N 438 47.19 59.26 -61.25
CA TYR N 438 48.60 59.48 -60.99
C TYR N 438 49.10 60.65 -61.82
N VAL N 439 50.24 61.19 -61.42
CA VAL N 439 50.97 62.18 -62.20
C VAL N 439 52.45 62.04 -61.85
N ASP N 440 53.31 62.17 -62.86
CA ASP N 440 54.74 62.01 -62.68
C ASP N 440 55.44 63.30 -63.07
N TYR N 441 56.49 63.65 -62.35
CA TYR N 441 57.26 64.83 -62.70
C TYR N 441 58.03 64.60 -63.99
N ASN N 442 57.85 65.51 -64.95
CA ASN N 442 58.61 65.50 -66.18
C ASN N 442 59.51 66.72 -66.21
N ARG N 443 60.59 66.62 -66.99
CA ARG N 443 61.61 67.66 -66.98
C ARG N 443 61.15 68.92 -67.73
N SER N 444 60.50 68.74 -68.88
CA SER N 444 60.32 69.83 -69.82
C SER N 444 58.89 70.32 -69.94
N HIS N 445 58.08 70.22 -68.88
CA HIS N 445 56.72 70.77 -68.99
C HIS N 445 56.69 72.27 -68.71
N ARG N 446 56.97 72.64 -67.45
CA ARG N 446 56.80 74.01 -66.96
C ARG N 446 57.33 74.13 -65.54
N VAL N 447 57.88 75.29 -65.19
CA VAL N 447 58.18 75.63 -63.81
C VAL N 447 57.02 76.47 -63.27
N VAL N 448 56.63 76.22 -62.03
CA VAL N 448 55.59 76.98 -61.35
C VAL N 448 55.93 77.05 -59.86
N LEU N 449 55.65 78.19 -59.24
CA LEU N 449 55.96 78.37 -57.83
C LEU N 449 54.88 77.75 -56.95
N SER N 450 55.23 77.52 -55.68
CA SER N 450 54.36 76.79 -54.78
C SER N 450 53.19 77.63 -54.26
N SER N 451 53.26 78.95 -54.38
CA SER N 451 52.21 79.80 -53.84
C SER N 451 50.96 79.83 -54.71
N GLU N 452 51.03 79.32 -55.93
CA GLU N 452 49.87 79.32 -56.83
C GLU N 452 49.14 77.99 -56.85
N LEU N 453 49.55 77.03 -56.05
CA LEU N 453 48.86 75.74 -56.06
C LEU N 453 47.60 75.84 -55.21
N PRO N 454 46.50 75.22 -55.64
CA PRO N 454 45.27 75.29 -54.86
C PRO N 454 45.34 74.43 -53.61
N GLN N 455 44.49 74.77 -52.64
CA GLN N 455 44.36 74.03 -51.39
C GLN N 455 42.91 73.64 -51.21
N LEU N 456 42.62 72.98 -50.10
CA LEU N 456 41.25 72.55 -49.81
C LEU N 456 40.39 73.77 -49.46
N PRO N 457 39.11 73.74 -49.81
CA PRO N 457 38.26 74.91 -49.52
C PRO N 457 37.93 75.02 -48.04
N ASP N 458 37.48 76.22 -47.67
CA ASP N 458 37.11 76.48 -46.28
C ASP N 458 35.85 75.75 -45.89
N THR N 459 34.95 75.52 -46.85
CA THR N 459 33.72 74.77 -46.61
C THR N 459 33.98 73.26 -46.71
N TYR N 460 34.79 72.76 -45.78
CA TYR N 460 35.14 71.36 -45.72
C TYR N 460 34.81 70.72 -44.39
N PHE N 461 34.89 71.47 -43.28
CA PHE N 461 34.56 70.98 -41.95
C PHE N 461 33.10 71.24 -41.59
N ASP N 462 32.27 71.55 -42.57
CA ASP N 462 30.88 71.87 -42.30
C ASP N 462 30.07 70.61 -42.08
N GLY N 463 28.85 70.79 -41.56
CA GLY N 463 28.00 69.65 -41.24
C GLY N 463 27.52 68.91 -42.48
N ASP N 464 27.15 69.67 -43.52
CA ASP N 464 26.68 69.04 -44.76
C ASP N 464 27.82 68.34 -45.49
N GLU N 465 29.04 68.88 -45.42
CA GLU N 465 30.18 68.22 -46.05
C GLU N 465 30.58 66.96 -45.31
N GLN N 466 30.52 67.00 -43.97
CA GLN N 466 30.79 65.81 -43.18
C GLN N 466 29.72 64.74 -43.40
N TYR N 467 28.47 65.18 -43.57
CA TYR N 467 27.38 64.27 -43.93
C TYR N 467 27.59 63.65 -45.30
N GLY N 468 28.04 64.43 -46.27
CA GLY N 468 28.27 63.89 -47.61
C GLY N 468 29.46 62.95 -47.65
N ARG N 469 30.46 63.18 -46.81
CA ARG N 469 31.54 62.22 -46.71
C ARG N 469 31.09 60.93 -46.03
N SER N 470 30.31 61.05 -44.95
CA SER N 470 29.91 59.87 -44.18
C SER N 470 28.91 59.00 -44.93
N LEU N 471 28.04 59.61 -45.74
CA LEU N 471 27.09 58.84 -46.54
C LEU N 471 27.81 58.00 -47.58
N PHE N 472 28.82 58.59 -48.25
CA PHE N 472 29.58 57.85 -49.24
C PHE N 472 30.43 56.78 -48.59
N SER N 473 30.98 57.05 -47.40
CA SER N 473 31.75 56.04 -46.68
C SER N 473 30.88 54.90 -46.18
N LEU N 474 29.61 55.15 -45.89
CA LEU N 474 28.72 54.05 -45.53
C LEU N 474 28.24 53.27 -46.75
N ALA N 475 28.05 53.94 -47.88
CA ALA N 475 27.52 53.27 -49.05
C ALA N 475 28.61 52.61 -49.91
N ARG N 476 29.88 52.87 -49.61
CA ARG N 476 30.96 52.22 -50.35
C ARG N 476 31.09 50.76 -49.93
N LYS N 477 31.21 49.86 -50.91
CA LYS N 477 31.36 48.43 -50.64
C LYS N 477 32.75 47.98 -51.09
N VAL N 478 33.57 47.59 -50.12
CA VAL N 478 34.96 47.21 -50.35
C VAL N 478 35.30 45.92 -49.63
N GLY N 479 36.58 45.56 -49.66
CA GLY N 479 37.14 44.60 -48.74
C GLY N 479 37.80 45.36 -47.60
N ASP N 480 39.12 45.43 -47.60
CA ASP N 480 39.83 46.30 -46.67
C ASP N 480 40.32 47.54 -47.40
N ARG N 481 40.03 48.71 -46.80
CA ARG N 481 40.46 49.98 -47.36
C ARG N 481 41.99 50.07 -47.44
N SER N 482 42.67 49.63 -46.38
CA SER N 482 44.13 49.60 -46.39
C SER N 482 44.69 48.69 -47.45
N LEU N 483 44.07 47.52 -47.67
CA LEU N 483 44.46 46.60 -48.73
C LEU N 483 44.35 47.26 -50.10
N VAL N 484 43.18 47.85 -50.39
CA VAL N 484 42.93 48.40 -51.72
C VAL N 484 43.79 49.64 -51.97
N LYS N 485 44.05 50.45 -50.94
CA LYS N 485 44.90 51.62 -51.12
C LYS N 485 46.37 51.21 -51.30
N ASP N 486 46.85 50.30 -50.45
CA ASP N 486 48.26 49.96 -50.45
C ASP N 486 48.68 49.15 -51.66
N THR N 487 47.83 48.25 -52.15
CA THR N 487 48.18 47.55 -53.39
C THR N 487 48.20 48.50 -54.58
N ALA N 488 47.27 49.47 -54.61
CA ALA N 488 47.21 50.40 -55.72
C ALA N 488 48.40 51.36 -55.71
N VAL N 489 48.89 51.75 -54.53
CA VAL N 489 50.09 52.59 -54.54
C VAL N 489 51.34 51.74 -54.77
N LEU N 490 51.35 50.49 -54.31
CA LEU N 490 52.55 49.69 -54.35
C LEU N 490 52.81 49.13 -55.75
N LYS N 491 51.76 48.89 -56.53
CA LYS N 491 51.95 48.52 -57.93
C LYS N 491 52.53 49.67 -58.72
N HIS N 492 51.96 50.87 -58.58
CA HIS N 492 52.42 52.02 -59.36
C HIS N 492 53.78 52.53 -58.89
N ALA N 493 54.18 52.20 -57.66
CA ALA N 493 55.49 52.64 -57.18
C ALA N 493 56.65 51.86 -57.76
N TYR N 494 56.39 50.80 -58.53
CA TYR N 494 57.47 49.98 -59.05
C TYR N 494 57.67 50.09 -60.56
N GLN N 495 56.70 50.65 -61.29
CA GLN N 495 56.91 50.85 -62.72
C GLN N 495 57.82 52.01 -63.04
N ALA N 496 58.14 52.84 -62.05
CA ALA N 496 59.02 53.98 -62.29
C ALA N 496 60.46 53.52 -62.48
N ILE N 497 61.13 54.11 -63.46
CA ILE N 497 62.50 53.77 -63.77
C ILE N 497 63.39 54.97 -63.48
N ASP N 498 64.62 54.69 -63.08
CA ASP N 498 65.50 55.75 -62.62
C ASP N 498 66.15 56.48 -63.80
N PRO N 499 66.40 57.78 -63.66
CA PRO N 499 67.06 58.53 -64.74
C PRO N 499 68.58 58.45 -64.68
N ASN N 500 69.13 58.18 -63.49
CA ASN N 500 70.58 58.15 -63.33
C ASN N 500 71.19 56.97 -64.06
N THR N 501 70.83 55.75 -63.65
CA THR N 501 71.09 54.60 -64.48
C THR N 501 69.93 54.36 -65.43
N GLY N 502 69.90 53.19 -66.04
CA GLY N 502 68.85 52.91 -67.01
C GLY N 502 67.73 52.03 -66.52
N LYS N 503 67.99 51.17 -65.53
CA LYS N 503 67.10 50.05 -65.29
C LYS N 503 65.86 50.44 -64.48
N GLU N 504 66.05 50.79 -63.21
CA GLU N 504 64.95 50.85 -62.25
C GLU N 504 65.50 51.40 -60.93
N TYR N 505 64.62 52.01 -60.14
CA TYR N 505 65.01 52.50 -58.81
C TYR N 505 65.36 51.35 -57.88
N LEU N 506 64.40 50.47 -57.61
CA LEU N 506 64.56 49.45 -56.59
C LEU N 506 64.17 48.08 -57.13
N ARG N 507 64.68 47.05 -56.47
CA ARG N 507 64.67 45.64 -56.87
C ARG N 507 64.09 44.80 -55.73
N ALA N 508 64.27 43.50 -55.82
CA ALA N 508 63.90 42.63 -54.70
C ALA N 508 64.90 42.79 -53.56
N GLY N 509 64.47 42.37 -52.36
CA GLY N 509 65.34 42.40 -51.19
C GLY N 509 65.64 43.80 -50.69
N GLN N 510 64.64 44.48 -50.14
CA GLN N 510 64.77 45.90 -49.86
C GLN N 510 64.97 46.25 -48.39
N SER N 511 64.50 45.41 -47.46
CA SER N 511 64.57 45.64 -46.00
C SER N 511 63.89 46.96 -45.62
N VAL N 512 62.56 46.95 -45.76
CA VAL N 512 61.77 48.18 -45.66
C VAL N 512 61.27 48.38 -44.24
N ALA N 513 60.78 49.58 -43.96
CA ALA N 513 60.10 49.89 -42.71
C ALA N 513 58.69 50.35 -43.00
N TYR N 514 57.75 49.94 -42.16
CA TYR N 514 56.35 50.30 -42.30
C TYR N 514 55.97 51.20 -41.14
N PHE N 515 55.32 52.32 -41.43
CA PHE N 515 54.87 53.24 -40.41
C PHE N 515 53.36 53.24 -40.32
N GLY N 516 52.85 53.14 -39.09
CA GLY N 516 51.42 53.23 -38.87
C GLY N 516 50.67 51.97 -39.18
N ALA N 517 51.06 50.86 -38.56
CA ALA N 517 50.28 49.63 -38.68
C ALA N 517 49.04 49.72 -37.81
N SER N 518 47.99 49.00 -38.21
CA SER N 518 46.76 48.98 -37.43
C SER N 518 46.44 47.60 -36.86
N ALA N 519 46.28 46.60 -37.73
CA ALA N 519 45.83 45.24 -37.38
C ALA N 519 44.57 45.27 -36.51
N GLY N 520 43.59 46.05 -36.95
CA GLY N 520 42.48 46.42 -36.10
C GLY N 520 41.15 45.71 -36.31
N HIS N 521 41.04 44.90 -37.35
CA HIS N 521 39.79 44.25 -37.70
C HIS N 521 40.01 42.76 -37.91
N SER N 522 40.63 42.13 -36.91
CA SER N 522 40.91 40.69 -36.80
C SER N 522 41.88 40.20 -37.87
N GLY N 523 42.56 41.10 -38.56
CA GLY N 523 43.82 40.75 -39.18
C GLY N 523 44.75 40.48 -38.02
N ALA N 524 45.30 39.26 -37.96
CA ALA N 524 45.86 38.71 -36.73
C ALA N 524 47.02 39.53 -36.16
N ASP N 525 47.94 39.94 -37.01
CA ASP N 525 49.08 40.71 -36.54
C ASP N 525 49.44 41.93 -37.37
N GLN N 526 49.06 41.99 -38.64
CA GLN N 526 49.63 42.92 -39.60
C GLN N 526 48.53 43.60 -40.40
N PRO N 527 48.84 44.71 -41.05
CA PRO N 527 48.02 45.14 -42.18
C PRO N 527 48.07 44.09 -43.28
N LEU N 528 46.96 44.01 -44.04
CA LEU N 528 46.71 42.86 -44.89
C LEU N 528 47.56 42.80 -46.15
N VAL N 529 48.43 43.78 -46.40
CA VAL N 529 49.26 43.72 -47.61
C VAL N 529 50.64 43.12 -47.36
N ILE N 530 51.05 43.00 -46.11
CA ILE N 530 52.44 42.67 -45.81
C ILE N 530 52.73 41.21 -46.10
N GLU N 531 51.81 40.31 -45.75
CA GLU N 531 52.00 38.90 -46.08
C GLU N 531 51.93 38.59 -47.58
N PRO N 532 50.97 39.10 -48.37
CA PRO N 532 51.07 38.84 -49.82
C PRO N 532 52.23 39.56 -50.48
N TRP N 533 52.64 40.73 -49.96
CA TRP N 533 53.78 41.41 -50.54
C TRP N 533 55.10 40.73 -50.19
N MET N 534 55.14 40.04 -49.05
CA MET N 534 56.31 39.24 -48.74
C MET N 534 56.34 37.96 -49.56
N GLN N 535 55.18 37.32 -49.75
CA GLN N 535 55.12 36.09 -50.52
C GLN N 535 55.12 36.31 -52.03
N GLY N 536 55.04 37.57 -52.49
CA GLY N 536 55.02 37.83 -53.91
C GLY N 536 53.72 37.50 -54.60
N LYS N 537 52.61 37.51 -53.86
CA LYS N 537 51.31 37.18 -54.42
C LYS N 537 50.70 38.31 -55.24
N ILE N 538 51.29 39.50 -55.21
CA ILE N 538 50.74 40.63 -55.95
C ILE N 538 51.05 40.50 -57.44
N SER N 539 52.21 39.92 -57.77
CA SER N 539 52.74 39.56 -59.09
C SER N 539 53.18 40.76 -59.92
N GLY N 540 52.96 41.99 -59.45
CA GLY N 540 53.58 43.16 -60.03
C GLY N 540 54.72 43.69 -59.22
N VAL N 541 55.07 42.99 -58.15
CA VAL N 541 56.06 43.46 -57.19
C VAL N 541 57.15 42.41 -57.08
N PRO N 542 58.35 42.80 -56.67
CA PRO N 542 59.31 41.82 -56.17
C PRO N 542 59.19 41.70 -54.67
N PRO N 543 59.49 40.53 -54.10
CA PRO N 543 59.44 40.37 -52.65
C PRO N 543 60.61 41.06 -51.97
N PRO N 544 60.37 41.76 -50.88
CA PRO N 544 61.47 42.37 -50.11
C PRO N 544 62.11 41.33 -49.20
N SER N 545 63.07 41.79 -48.40
CA SER N 545 63.78 40.89 -47.50
C SER N 545 63.15 40.85 -46.11
N SER N 546 62.85 42.02 -45.55
CA SER N 546 62.26 42.09 -44.22
C SER N 546 61.45 43.38 -44.10
N VAL N 547 60.40 43.31 -43.27
CA VAL N 547 59.52 44.45 -43.01
C VAL N 547 59.47 44.67 -41.51
N ARG N 548 59.81 45.88 -41.07
CA ARG N 548 59.69 46.25 -39.66
C ARG N 548 58.59 47.30 -39.53
N GLN N 549 57.81 47.19 -38.45
CA GLN N 549 56.63 48.02 -38.26
C GLN N 549 56.85 49.06 -37.18
N PHE N 550 56.19 50.20 -37.34
CA PHE N 550 56.21 51.28 -36.35
C PHE N 550 54.86 51.99 -36.38
N GLY N 551 54.50 52.58 -35.26
CA GLY N 551 53.25 53.31 -35.17
C GLY N 551 52.57 53.07 -33.84
N TYR N 552 51.46 53.79 -33.63
CA TYR N 552 50.72 53.70 -32.37
C TYR N 552 49.96 52.39 -32.22
N ASP N 553 49.67 51.68 -33.30
CA ASP N 553 48.81 50.51 -33.21
C ASP N 553 49.52 49.30 -33.82
N VAL N 554 50.76 49.09 -33.45
CA VAL N 554 51.48 47.93 -33.94
C VAL N 554 51.10 46.71 -33.12
N ALA N 555 51.36 45.53 -33.68
CA ALA N 555 51.20 44.28 -32.95
C ALA N 555 52.49 43.48 -32.86
N LYS N 556 53.40 43.65 -33.81
CA LYS N 556 54.67 42.96 -33.80
C LYS N 556 55.86 43.89 -33.82
N GLY N 557 55.71 45.11 -34.32
CA GLY N 557 56.78 46.08 -34.32
C GLY N 557 56.82 46.86 -33.02
N ALA N 558 57.55 47.98 -33.06
CA ALA N 558 57.67 48.83 -31.90
C ALA N 558 56.68 49.98 -31.97
N ILE N 559 56.16 50.38 -30.82
CA ILE N 559 55.27 51.54 -30.72
C ILE N 559 56.09 52.76 -30.31
N VAL N 560 56.12 53.75 -31.19
CA VAL N 560 56.86 54.99 -30.98
C VAL N 560 55.97 56.16 -31.37
N ASP N 561 56.48 57.37 -31.17
CA ASP N 561 55.90 58.59 -31.70
C ASP N 561 56.73 59.00 -32.91
N LEU N 562 56.11 59.01 -34.09
CA LEU N 562 56.84 59.20 -35.33
C LEU N 562 57.24 60.64 -35.58
N ALA N 563 56.74 61.60 -34.80
CA ALA N 563 57.15 62.99 -34.98
C ALA N 563 58.55 63.22 -34.40
N ARG N 564 58.71 63.00 -33.10
CA ARG N 564 59.99 63.10 -32.43
C ARG N 564 60.89 61.94 -32.85
N PRO N 565 62.18 62.19 -33.08
CA PRO N 565 63.08 61.10 -33.50
C PRO N 565 63.27 60.03 -32.43
N PHE N 566 63.53 58.82 -32.91
CA PHE N 566 63.54 57.60 -32.13
C PHE N 566 64.71 56.74 -32.59
N PRO N 567 65.25 55.88 -31.71
CA PRO N 567 66.41 55.06 -32.10
C PRO N 567 66.02 53.97 -33.08
N SER N 568 66.64 53.99 -34.26
CA SER N 568 66.43 52.99 -35.29
C SER N 568 67.63 53.01 -36.22
N GLY N 569 67.49 52.32 -37.36
CA GLY N 569 68.47 52.33 -38.41
C GLY N 569 67.89 52.94 -39.68
N ASP N 570 68.74 53.09 -40.68
CA ASP N 570 68.27 53.54 -41.97
C ASP N 570 67.66 52.38 -42.75
N TYR N 571 66.88 52.72 -43.78
CA TYR N 571 66.23 51.72 -44.60
C TYR N 571 66.29 52.15 -46.05
N GLN N 572 66.28 51.17 -46.94
CA GLN N 572 66.35 51.44 -48.37
C GLN N 572 65.00 51.91 -48.91
N PHE N 573 63.92 51.61 -48.21
CA PHE N 573 62.58 52.08 -48.56
C PHE N 573 61.76 52.13 -47.28
N VAL N 574 60.82 53.06 -47.23
CA VAL N 574 59.95 53.18 -46.05
C VAL N 574 58.58 53.70 -46.50
N TYR N 575 57.53 53.03 -46.03
CA TYR N 575 56.16 53.34 -46.39
C TYR N 575 55.44 53.87 -45.17
N SER N 576 54.96 55.11 -45.24
CA SER N 576 54.31 55.75 -44.11
C SER N 576 52.91 56.20 -44.54
N ASP N 577 51.91 55.70 -43.85
CA ASP N 577 50.52 56.10 -44.09
C ASP N 577 49.80 56.35 -42.78
N VAL N 578 50.48 56.94 -41.81
CA VAL N 578 49.85 57.28 -40.54
C VAL N 578 49.08 58.59 -40.71
N ASP N 579 47.79 58.55 -40.38
CA ASP N 579 46.96 59.73 -40.54
C ASP N 579 47.27 60.76 -39.46
N GLN N 580 47.06 62.04 -39.81
CA GLN N 580 47.37 63.14 -38.93
C GLN N 580 46.15 64.01 -38.64
N VAL N 581 44.99 63.67 -39.19
CA VAL N 581 43.83 64.55 -39.16
C VAL N 581 42.77 64.08 -38.21
N VAL N 582 43.05 63.06 -37.39
CA VAL N 582 42.16 62.71 -36.30
C VAL N 582 42.09 63.85 -35.29
N ASP N 583 43.24 64.46 -35.01
CA ASP N 583 43.25 65.70 -34.23
C ASP N 583 42.89 66.90 -35.09
N GLY N 584 42.98 66.75 -36.41
CA GLY N 584 42.77 67.86 -37.32
C GLY N 584 41.33 68.09 -37.74
N HIS N 585 40.52 68.62 -36.82
CA HIS N 585 39.18 69.07 -37.14
C HIS N 585 38.98 70.45 -36.50
N ASP N 586 38.47 71.39 -37.29
CA ASP N 586 38.21 72.79 -36.96
C ASP N 586 39.45 73.58 -36.54
N ASP N 587 40.66 73.02 -36.70
CA ASP N 587 41.89 73.72 -36.40
C ASP N 587 42.94 73.18 -37.36
N LEU N 588 43.14 73.90 -38.48
CA LEU N 588 43.94 73.40 -39.58
C LEU N 588 45.43 73.51 -39.28
N SER N 589 45.83 74.40 -38.38
CA SER N 589 47.23 74.72 -38.20
C SER N 589 48.01 73.58 -37.56
N ILE N 590 47.40 72.88 -36.59
CA ILE N 590 48.09 71.77 -35.92
C ILE N 590 48.22 70.59 -36.87
N SER N 591 47.18 70.31 -37.65
CA SER N 591 47.22 69.22 -38.61
C SER N 591 48.20 69.51 -39.73
N SER N 592 48.34 70.77 -40.13
CA SER N 592 49.36 71.11 -41.11
C SER N 592 50.75 71.01 -40.50
N GLY N 593 50.88 71.43 -39.24
CA GLY N 593 52.16 71.45 -38.55
C GLY N 593 52.72 70.08 -38.24
N LEU N 594 51.85 69.09 -38.06
CA LEU N 594 52.32 67.75 -37.77
C LEU N 594 52.97 67.09 -38.99
N VAL N 595 52.59 67.52 -40.20
CA VAL N 595 53.05 66.85 -41.42
C VAL N 595 54.54 67.11 -41.66
N GLU N 596 55.00 68.33 -41.40
CA GLU N 596 56.41 68.64 -41.64
C GLU N 596 57.29 67.96 -40.60
N SER N 597 56.83 67.89 -39.35
CA SER N 597 57.55 67.17 -38.32
C SER N 597 57.60 65.67 -38.60
N LEU N 598 56.55 65.15 -39.26
CA LEU N 598 56.58 63.76 -39.66
C LEU N 598 57.53 63.53 -40.83
N LEU N 599 57.55 64.46 -41.79
CA LEU N 599 58.42 64.31 -42.95
C LEU N 599 59.89 64.45 -42.59
N ASP N 600 60.21 65.29 -41.60
CA ASP N 600 61.60 65.43 -41.18
C ASP N 600 62.13 64.15 -40.54
N SER N 601 61.25 63.38 -39.89
CA SER N 601 61.68 62.07 -39.40
C SER N 601 61.64 61.02 -40.50
N CYS N 602 60.74 61.18 -41.48
CA CYS N 602 60.63 60.20 -42.55
C CYS N 602 61.82 60.27 -43.50
N VAL N 603 62.39 61.45 -43.71
CA VAL N 603 63.51 61.58 -44.63
C VAL N 603 64.78 60.98 -44.02
N HIS N 604 65.01 61.21 -42.73
CA HIS N 604 66.27 60.79 -42.09
C HIS N 604 66.39 59.27 -41.97
N ALA N 605 65.29 58.54 -42.00
CA ALA N 605 65.36 57.08 -41.89
C ALA N 605 65.48 56.38 -43.23
N THR N 606 66.00 57.06 -44.25
CA THR N 606 66.00 56.57 -45.62
C THR N 606 67.34 56.75 -46.32
N ALA N 607 68.23 57.56 -45.72
CA ALA N 607 69.24 58.39 -46.41
C ALA N 607 70.01 57.79 -47.58
N PRO N 608 70.62 56.56 -47.51
CA PRO N 608 71.43 56.15 -48.66
C PRO N 608 70.62 55.67 -49.86
N GLY N 609 70.48 56.54 -50.86
CA GLY N 609 69.87 56.21 -52.14
C GLY N 609 68.45 55.69 -52.08
N GLY N 610 67.69 56.04 -51.04
CA GLY N 610 66.42 55.43 -50.77
C GLY N 610 65.24 56.19 -51.34
N SER N 611 64.05 55.75 -50.96
CA SER N 611 62.79 56.32 -51.43
C SER N 611 61.75 56.14 -50.34
N PHE N 612 60.77 57.04 -50.32
CA PHE N 612 59.70 56.92 -49.33
C PHE N 612 58.37 57.30 -49.96
N VAL N 613 57.30 56.75 -49.38
CA VAL N 613 55.93 57.07 -49.75
C VAL N 613 55.23 57.56 -48.50
N MET N 614 54.69 58.78 -48.55
CA MET N 614 54.06 59.39 -47.40
C MET N 614 52.68 59.89 -47.79
N LYS N 615 51.71 59.68 -46.90
CA LYS N 615 50.32 60.04 -47.16
C LYS N 615 50.01 61.39 -46.55
N ILE N 616 49.55 62.33 -47.37
CA ILE N 616 49.09 63.62 -46.93
C ILE N 616 47.57 63.63 -47.02
N ASN N 617 46.91 63.86 -45.89
CA ASN N 617 45.46 63.90 -45.92
C ASN N 617 44.92 65.28 -46.25
N PHE N 618 45.47 66.33 -45.64
CA PHE N 618 45.02 67.69 -45.92
C PHE N 618 46.13 68.45 -46.64
N PRO N 619 46.10 68.55 -47.97
CA PRO N 619 47.13 69.32 -48.68
C PRO N 619 46.91 70.81 -48.53
N THR N 620 47.79 71.46 -47.79
CA THR N 620 47.67 72.88 -47.50
C THR N 620 48.90 73.63 -47.99
N ARG N 621 48.75 74.96 -48.06
CA ARG N 621 49.76 75.84 -48.65
C ARG N 621 51.07 75.79 -47.90
N THR N 622 51.03 75.71 -46.57
CA THR N 622 52.24 75.54 -45.78
C THR N 622 52.93 74.22 -46.06
N VAL N 623 52.16 73.15 -46.29
CA VAL N 623 52.74 71.85 -46.60
C VAL N 623 53.43 71.89 -47.96
N TRP N 624 52.76 72.49 -48.97
CA TRP N 624 53.38 72.60 -50.29
C TRP N 624 54.62 73.48 -50.27
N HIS N 625 54.57 74.58 -49.51
CA HIS N 625 55.73 75.45 -49.38
C HIS N 625 56.89 74.78 -48.67
N TYR N 626 56.62 73.97 -47.63
CA TYR N 626 57.69 73.29 -46.92
C TYR N 626 58.34 72.22 -47.79
N ILE N 627 57.53 71.45 -48.51
CA ILE N 627 58.14 70.40 -49.32
C ILE N 627 58.85 70.99 -50.53
N GLU N 628 58.37 72.12 -51.06
CA GLU N 628 59.11 72.83 -52.10
C GLU N 628 60.42 73.40 -51.56
N GLN N 629 60.42 73.83 -50.31
CA GLN N 629 61.62 74.46 -49.75
C GLN N 629 62.68 73.42 -49.41
N LYS N 630 62.27 72.34 -48.74
CA LYS N 630 63.21 71.38 -48.18
C LYS N 630 63.27 70.06 -48.94
N ILE N 631 62.11 69.48 -49.24
CA ILE N 631 62.11 68.09 -49.69
C ILE N 631 62.45 68.01 -51.17
N LEU N 632 61.94 68.95 -51.95
CA LEU N 632 62.10 69.02 -53.39
C LEU N 632 63.54 69.13 -53.92
N PRO N 633 64.47 69.87 -53.29
CA PRO N 633 65.85 69.82 -53.82
C PRO N 633 66.59 68.53 -53.54
N ASN N 634 66.39 67.93 -52.37
CA ASN N 634 67.25 66.83 -51.91
C ASN N 634 66.94 65.50 -52.58
N VAL N 635 65.90 65.41 -53.39
CA VAL N 635 65.52 64.15 -54.01
C VAL N 635 65.92 64.16 -55.47
N THR N 636 65.90 62.98 -56.08
CA THR N 636 66.20 62.82 -57.50
C THR N 636 64.96 63.03 -58.35
N SER N 637 63.89 62.30 -58.05
CA SER N 637 62.62 62.46 -58.75
C SER N 637 61.50 62.29 -57.75
N TYR N 638 60.29 62.62 -58.19
CA TYR N 638 59.13 62.54 -57.31
C TYR N 638 57.89 62.34 -58.16
N MET N 639 56.83 61.86 -57.51
CA MET N 639 55.51 61.75 -58.12
C MET N 639 54.49 61.72 -57.01
N LEU N 640 53.26 62.12 -57.33
CA LEU N 640 52.17 62.04 -56.38
C LEU N 640 50.96 61.39 -57.05
N ILE N 641 50.44 60.33 -56.42
CA ILE N 641 49.32 59.60 -56.95
C ILE N 641 48.20 59.62 -55.92
N LYS N 642 47.02 59.17 -56.33
CA LYS N 642 45.90 59.07 -55.41
C LYS N 642 44.94 57.96 -55.83
N PRO N 643 44.93 56.84 -55.12
CA PRO N 643 43.85 55.87 -55.33
C PRO N 643 42.55 56.38 -54.72
N PHE N 644 41.48 56.30 -55.51
CA PHE N 644 40.18 56.83 -55.12
C PHE N 644 39.28 55.69 -54.69
N VAL N 645 39.06 55.58 -53.38
CA VAL N 645 38.11 54.60 -52.86
C VAL N 645 37.11 55.22 -51.89
N THR N 646 37.40 56.38 -51.31
CA THR N 646 36.49 57.06 -50.40
C THR N 646 36.63 58.55 -50.67
N ASN N 647 35.50 59.25 -50.72
CA ASN N 647 35.46 60.64 -51.15
C ASN N 647 36.10 61.53 -50.08
N ASN N 648 37.36 61.88 -50.30
CA ASN N 648 38.05 62.83 -49.42
C ASN N 648 39.08 63.59 -50.24
N VAL N 649 40.00 64.27 -49.57
CA VAL N 649 40.99 65.10 -50.23
C VAL N 649 42.41 64.63 -49.96
N GLU N 650 42.57 63.37 -49.54
CA GLU N 650 43.89 62.86 -49.23
C GLU N 650 44.66 62.55 -50.50
N VAL N 651 45.99 62.62 -50.40
CA VAL N 651 46.91 62.28 -51.48
C VAL N 651 48.04 61.44 -50.92
N PHE N 652 48.89 60.95 -51.81
CA PHE N 652 50.11 60.24 -51.47
C PHE N 652 51.28 60.94 -52.12
N PHE N 653 52.36 61.12 -51.36
CA PHE N 653 53.58 61.75 -51.86
C PHE N 653 54.67 60.70 -51.95
N VAL N 654 55.23 60.53 -53.14
CA VAL N 654 56.27 59.53 -53.40
C VAL N 654 57.51 60.27 -53.87
N ALA N 655 58.62 60.04 -53.18
CA ALA N 655 59.89 60.67 -53.51
C ALA N 655 60.92 59.60 -53.83
N PHE N 656 61.80 59.91 -54.79
CA PHE N 656 62.77 58.96 -55.32
C PHE N 656 64.17 59.52 -55.19
N GLY N 657 65.09 58.67 -54.73
CA GLY N 657 66.50 59.04 -54.63
C GLY N 657 66.76 60.12 -53.59
N VAL N 658 66.55 59.80 -52.32
CA VAL N 658 66.75 60.77 -51.25
C VAL N 658 68.23 61.03 -51.05
N HIS N 659 68.53 62.24 -50.55
CA HIS N 659 69.88 62.74 -50.25
C HIS N 659 70.79 62.73 -51.48
N GLN N 660 70.20 62.84 -52.67
CA GLN N 660 70.91 63.10 -53.90
C GLN N 660 70.63 64.55 -54.27
N GLN N 661 71.63 65.40 -54.14
CA GLN N 661 71.41 66.84 -54.30
C GLN N 661 71.20 67.18 -55.77
N SER N 662 70.00 67.66 -56.07
CA SER N 662 69.63 68.06 -57.43
C SER N 662 68.77 69.30 -57.34
N ALA N 663 68.14 69.67 -58.46
CA ALA N 663 67.29 70.86 -58.54
C ALA N 663 65.99 70.46 -59.21
N LEU N 664 64.89 70.54 -58.46
CA LEU N 664 63.57 70.21 -58.97
C LEU N 664 62.59 71.32 -58.63
N THR N 665 61.55 71.44 -59.45
CA THR N 665 60.49 72.41 -59.25
C THR N 665 59.14 71.72 -59.41
N TRP N 666 58.07 72.48 -59.19
CA TRP N 666 56.75 71.96 -59.51
C TRP N 666 56.46 72.12 -60.99
N THR N 667 55.27 71.68 -61.40
CA THR N 667 54.91 71.77 -62.81
C THR N 667 53.40 71.92 -62.99
N SER N 668 53.04 72.30 -64.22
CA SER N 668 51.65 72.47 -64.60
C SER N 668 50.90 71.15 -64.65
N GLY N 669 51.60 70.03 -64.83
CA GLY N 669 50.96 68.74 -64.66
C GLY N 669 50.48 68.50 -63.24
N VAL N 670 51.32 68.83 -62.26
CA VAL N 670 50.91 68.76 -60.86
C VAL N 670 49.81 69.78 -60.58
N TYR N 671 49.86 70.94 -61.24
CA TYR N 671 48.83 71.96 -61.08
C TYR N 671 47.46 71.47 -61.55
N PHE N 672 47.39 70.95 -62.78
CA PHE N 672 46.16 70.39 -63.32
C PHE N 672 45.70 69.15 -62.56
N PHE N 673 46.64 68.35 -62.05
CA PHE N 673 46.28 67.20 -61.24
C PHE N 673 45.61 67.62 -59.94
N LEU N 674 46.13 68.66 -59.29
CA LEU N 674 45.50 69.15 -58.08
C LEU N 674 44.15 69.82 -58.34
N VAL N 675 44.02 70.52 -59.47
CA VAL N 675 42.73 71.10 -59.84
C VAL N 675 41.69 70.02 -60.03
N ASP N 676 42.02 68.97 -60.78
CA ASP N 676 41.11 67.84 -60.96
C ASP N 676 40.88 67.08 -59.66
N HIS N 677 41.89 66.99 -58.79
CA HIS N 677 41.75 66.28 -57.52
C HIS N 677 40.81 66.99 -56.57
N PHE N 678 40.84 68.31 -56.55
CA PHE N 678 39.90 69.04 -55.71
C PHE N 678 38.51 69.14 -56.32
N TYR N 679 38.43 69.27 -57.65
CA TYR N 679 37.13 69.38 -58.28
C TYR N 679 36.40 68.05 -58.33
N ARG N 680 37.12 66.93 -58.32
CA ARG N 680 36.45 65.64 -58.21
C ARG N 680 35.91 65.41 -56.80
N TYR N 681 36.52 66.03 -55.79
CA TYR N 681 35.89 66.05 -54.48
C TYR N 681 34.65 66.94 -54.49
N GLU N 682 34.75 68.09 -55.17
CA GLU N 682 33.65 69.06 -55.20
C GLU N 682 32.40 68.49 -55.86
N THR N 683 32.55 67.80 -56.98
CA THR N 683 31.40 67.24 -57.69
C THR N 683 30.71 66.16 -56.89
N LEU N 684 31.48 65.19 -56.38
CA LEU N 684 30.85 64.10 -55.63
C LEU N 684 30.34 64.56 -54.27
N SER N 685 30.93 65.61 -53.69
CA SER N 685 30.38 66.17 -52.47
C SER N 685 29.09 66.93 -52.73
N ALA N 686 28.97 67.54 -53.91
CA ALA N 686 27.69 68.15 -54.28
C ALA N 686 26.63 67.10 -54.56
N ILE N 687 27.04 65.97 -55.14
CA ILE N 687 26.09 64.90 -55.48
C ILE N 687 25.60 64.21 -54.21
N SER N 688 26.51 63.94 -53.26
CA SER N 688 26.20 63.14 -52.09
C SER N 688 25.25 63.83 -51.12
N ARG N 689 25.04 65.14 -51.25
CA ARG N 689 24.10 65.83 -50.38
C ARG N 689 22.67 65.80 -50.88
N GLN N 690 22.45 65.60 -52.19
CA GLN N 690 21.09 65.45 -52.69
C GLN N 690 20.52 64.07 -52.41
N LEU N 691 21.37 63.08 -52.18
CA LEU N 691 20.89 61.75 -51.88
C LEU N 691 20.30 61.70 -50.47
N PRO N 692 19.34 60.82 -50.22
CA PRO N 692 18.84 60.63 -48.85
C PRO N 692 19.82 59.90 -47.97
N SER N 693 19.44 59.67 -46.71
CA SER N 693 20.34 59.07 -45.75
C SER N 693 20.43 57.57 -45.95
N PHE N 694 21.13 56.90 -45.03
CA PHE N 694 21.42 55.48 -45.22
C PHE N 694 20.21 54.61 -44.91
N GLY N 695 19.62 54.80 -43.73
CA GLY N 695 18.50 53.97 -43.33
C GLY N 695 17.19 54.72 -43.26
N TYR N 696 16.93 55.55 -44.27
CA TYR N 696 15.78 56.44 -44.23
C TYR N 696 14.50 55.67 -44.51
N VAL N 697 13.39 56.24 -44.08
CA VAL N 697 12.07 55.89 -44.60
C VAL N 697 11.68 56.97 -45.60
N ASP N 698 11.00 56.57 -46.66
CA ASP N 698 10.67 57.51 -47.72
C ASP N 698 9.26 58.04 -47.52
N ASP N 699 8.99 59.19 -48.12
CA ASP N 699 7.65 59.76 -48.09
C ASP N 699 7.24 60.44 -49.38
N GLY N 700 8.06 60.40 -50.42
CA GLY N 700 7.79 61.12 -51.65
C GLY N 700 8.24 62.55 -51.64
N SER N 701 8.86 63.02 -50.55
CA SER N 701 9.31 64.41 -50.46
C SER N 701 10.70 64.62 -51.03
N SER N 702 11.53 63.59 -51.04
CA SER N 702 12.88 63.73 -51.56
C SER N 702 12.86 63.84 -53.07
N VAL N 703 13.93 64.39 -53.63
CA VAL N 703 14.03 64.54 -55.08
C VAL N 703 14.21 63.19 -55.74
N THR N 704 15.23 62.45 -55.31
CA THR N 704 15.44 61.08 -55.77
C THR N 704 14.89 60.11 -54.74
N GLY N 705 14.50 58.92 -55.20
CA GLY N 705 13.96 57.93 -54.31
C GLY N 705 13.06 56.96 -55.04
N ILE N 706 12.54 56.01 -54.28
CA ILE N 706 11.64 55.00 -54.81
C ILE N 706 10.21 55.44 -54.59
N GLU N 707 9.30 54.94 -55.42
CA GLU N 707 7.87 55.11 -55.21
C GLU N 707 7.15 53.95 -55.87
N ILE N 708 6.16 53.41 -55.15
CA ILE N 708 5.41 52.24 -55.61
C ILE N 708 3.92 52.51 -55.43
N ILE N 709 3.11 51.76 -56.17
CA ILE N 709 1.67 51.77 -55.99
C ILE N 709 1.22 50.35 -55.73
N SER N 710 -0.08 50.19 -55.45
CA SER N 710 -0.67 48.87 -55.27
C SER N 710 -2.17 49.01 -55.56
N ILE N 711 -2.59 48.59 -56.74
CA ILE N 711 -4.01 48.60 -57.09
C ILE N 711 -4.44 47.17 -57.39
N GLU N 712 -5.66 46.85 -56.99
CA GLU N 712 -6.22 45.52 -57.18
C GLU N 712 -6.59 45.30 -58.64
N ASN N 713 -6.72 44.04 -59.01
CA ASN N 713 -7.07 43.66 -60.38
C ASN N 713 -7.89 42.40 -60.32
N PRO N 714 -9.20 42.51 -60.16
CA PRO N 714 -10.05 41.30 -60.06
C PRO N 714 -10.29 40.67 -61.43
N GLY N 715 -9.59 39.57 -61.70
CA GLY N 715 -9.84 38.79 -62.89
C GLY N 715 -9.46 39.48 -64.19
N PHE N 716 -10.23 39.20 -65.23
CA PHE N 716 -10.01 39.80 -66.55
C PHE N 716 -10.89 41.03 -66.71
N SER N 717 -10.70 41.97 -65.79
CA SER N 717 -11.49 43.19 -65.75
C SER N 717 -10.79 44.30 -66.51
N ASN N 718 -11.56 44.99 -67.35
CA ASN N 718 -11.08 46.23 -67.94
C ASN N 718 -10.96 47.27 -66.84
N MET N 719 -9.76 47.80 -66.66
CA MET N 719 -9.51 48.70 -65.53
C MET N 719 -10.19 50.04 -65.75
N THR N 720 -10.56 50.67 -64.64
CA THR N 720 -11.37 51.87 -64.67
C THR N 720 -10.53 53.08 -65.08
N GLN N 721 -11.19 54.24 -65.16
CA GLN N 721 -10.46 55.47 -65.42
C GLN N 721 -9.60 55.88 -64.22
N ALA N 722 -9.99 55.48 -63.01
CA ALA N 722 -9.23 55.85 -61.83
C ALA N 722 -7.88 55.16 -61.78
N ALA N 723 -7.86 53.85 -62.03
CA ALA N 723 -6.60 53.12 -62.08
C ALA N 723 -5.74 53.54 -63.26
N ARG N 724 -6.36 53.89 -64.38
CA ARG N 724 -5.62 54.37 -65.54
C ARG N 724 -4.98 55.73 -65.26
N VAL N 725 -5.71 56.63 -64.58
CA VAL N 725 -5.14 57.91 -64.17
C VAL N 725 -4.01 57.72 -63.17
N GLY N 726 -4.16 56.73 -62.27
CA GLY N 726 -3.08 56.44 -61.33
C GLY N 726 -1.81 55.92 -61.97
N ILE N 727 -1.94 54.98 -62.92
CA ILE N 727 -0.77 54.43 -63.58
C ILE N 727 -0.12 55.46 -64.49
N SER N 728 -0.93 56.27 -65.18
CA SER N 728 -0.38 57.36 -65.97
C SER N 728 0.24 58.44 -65.10
N GLY N 729 -0.25 58.63 -63.89
CA GLY N 729 0.39 59.55 -62.96
C GLY N 729 1.72 59.05 -62.48
N LEU N 730 1.85 57.74 -62.27
CA LEU N 730 3.17 57.18 -61.99
C LEU N 730 4.10 57.33 -63.18
N CYS N 731 3.58 57.13 -64.39
CA CYS N 731 4.43 57.23 -65.58
C CYS N 731 4.78 58.68 -65.91
N ALA N 732 4.03 59.64 -65.36
CA ALA N 732 4.42 61.04 -65.49
C ALA N 732 5.34 61.45 -64.35
N ASN N 733 5.22 60.80 -63.18
CA ASN N 733 6.04 61.17 -62.04
C ASN N 733 7.46 60.64 -62.20
N VAL N 734 7.61 59.42 -62.73
CA VAL N 734 8.91 58.90 -63.09
C VAL N 734 8.88 58.59 -64.59
N GLY N 735 9.88 59.07 -65.30
CA GLY N 735 9.98 58.91 -66.75
C GLY N 735 11.30 58.28 -67.13
N ASN N 736 11.27 57.45 -68.18
CA ASN N 736 12.43 56.83 -68.82
C ASN N 736 13.25 55.98 -67.85
N ALA N 737 12.63 55.46 -66.80
CA ALA N 737 13.27 54.50 -65.91
C ALA N 737 12.58 53.15 -66.08
N ARG N 738 13.21 52.12 -65.50
CA ARG N 738 12.64 50.78 -65.61
C ARG N 738 11.54 50.60 -64.57
N LYS N 739 10.48 49.92 -64.97
CA LYS N 739 9.31 49.67 -64.12
C LYS N 739 9.13 48.17 -63.96
N SER N 740 9.25 47.70 -62.72
CA SER N 740 9.05 46.29 -62.41
C SER N 740 7.68 46.09 -61.77
N ILE N 741 7.00 45.02 -62.17
CA ILE N 741 5.66 44.73 -61.67
C ILE N 741 5.66 43.37 -61.01
N ALA N 742 4.64 43.13 -60.18
CA ALA N 742 4.48 41.88 -59.46
C ALA N 742 3.03 41.68 -59.11
N ILE N 743 2.42 40.62 -59.62
CA ILE N 743 1.01 40.32 -59.40
C ILE N 743 0.93 39.16 -58.43
N TYR N 744 0.26 39.36 -57.30
CA TYR N 744 0.20 38.32 -56.28
C TYR N 744 -1.01 38.54 -55.39
N GLU N 745 -1.55 37.43 -54.90
CA GLU N 745 -2.72 37.46 -54.03
C GLU N 745 -2.28 37.82 -52.63
N SER N 746 -2.50 39.07 -52.24
CA SER N 746 -2.19 39.56 -50.91
C SER N 746 -3.47 39.69 -50.11
N HIS N 747 -3.49 39.05 -48.93
CA HIS N 747 -4.61 39.09 -47.98
C HIS N 747 -5.91 38.59 -48.61
N GLY N 748 -5.81 37.52 -49.39
CA GLY N 748 -6.98 36.96 -50.03
C GLY N 748 -7.54 37.79 -51.17
N ALA N 749 -6.74 38.68 -51.76
CA ALA N 749 -7.19 39.52 -52.86
C ALA N 749 -6.04 39.72 -53.83
N ARG N 750 -6.37 39.67 -55.12
CA ARG N 750 -5.37 39.83 -56.17
C ARG N 750 -5.02 41.30 -56.33
N VAL N 751 -3.74 41.62 -56.22
CA VAL N 751 -3.25 42.99 -56.30
C VAL N 751 -1.93 42.97 -57.06
N LEU N 752 -1.65 44.05 -57.78
CA LEU N 752 -0.36 44.23 -58.44
C LEU N 752 0.28 45.54 -58.00
N THR N 753 1.61 45.53 -57.96
CA THR N 753 2.40 46.70 -57.63
C THR N 753 3.23 47.12 -58.84
N ILE N 754 3.59 48.41 -58.87
CA ILE N 754 4.47 48.94 -59.90
C ILE N 754 5.59 49.68 -59.20
N THR N 755 6.82 49.18 -59.35
CA THR N 755 7.97 49.72 -58.65
C THR N 755 8.86 50.48 -59.63
N SER N 756 9.16 51.74 -59.29
CA SER N 756 10.07 52.54 -60.10
C SER N 756 10.71 53.60 -59.21
N ARG N 757 11.65 54.34 -59.79
CA ARG N 757 12.56 55.20 -59.02
C ARG N 757 12.61 56.58 -59.65
N ARG N 758 12.01 57.57 -58.99
CA ARG N 758 11.97 58.93 -59.50
C ARG N 758 13.34 59.59 -59.44
N SER N 759 13.50 60.65 -60.21
CA SER N 759 14.80 61.25 -60.46
C SER N 759 14.60 62.74 -60.72
N PRO N 760 15.64 63.55 -60.50
CA PRO N 760 15.54 64.97 -60.89
C PRO N 760 15.43 65.19 -62.39
N ALA N 761 15.97 64.28 -63.20
CA ALA N 761 15.76 64.36 -64.65
C ALA N 761 14.31 64.12 -65.01
N SER N 762 13.64 63.19 -64.35
CA SER N 762 12.21 63.00 -64.60
C SER N 762 11.39 64.15 -64.01
N ALA N 763 11.87 64.76 -62.93
CA ALA N 763 11.22 65.97 -62.43
C ALA N 763 11.34 67.12 -63.43
N ARG N 764 12.45 67.18 -64.16
CA ARG N 764 12.58 68.15 -65.25
C ARG N 764 11.66 67.78 -66.41
N ARG N 765 11.50 66.49 -66.69
CA ARG N 765 10.61 66.03 -67.76
C ARG N 765 9.15 66.37 -67.46
N LYS N 766 8.76 66.25 -66.19
CA LYS N 766 7.36 66.47 -65.81
C LYS N 766 6.93 67.91 -66.03
N ALA N 767 7.87 68.86 -65.94
CA ALA N 767 7.54 70.26 -66.12
C ALA N 767 7.32 70.63 -67.58
N ARG N 768 7.66 69.75 -68.53
CA ARG N 768 7.56 70.09 -69.94
C ARG N 768 6.19 69.78 -70.54
N LEU N 769 5.26 69.25 -69.75
CA LEU N 769 3.97 68.84 -70.28
C LEU N 769 2.84 69.60 -69.57
N ARG N 770 1.90 70.12 -70.35
CA ARG N 770 0.74 70.78 -69.77
C ARG N 770 -0.29 69.77 -69.28
N TYR N 771 -0.42 68.64 -69.98
CA TYR N 771 -1.33 67.58 -69.60
C TYR N 771 -0.61 66.25 -69.64
N LEU N 772 -0.99 65.36 -68.73
CA LEU N 772 -0.29 64.09 -68.85
C LEU N 772 -1.06 63.14 -69.75
N PRO N 773 -0.38 62.33 -70.55
CA PRO N 773 -1.08 61.35 -71.40
C PRO N 773 -1.58 60.18 -70.56
N LEU N 774 -2.34 59.32 -71.23
CA LEU N 774 -2.89 58.13 -70.61
C LEU N 774 -2.31 56.89 -71.29
N ILE N 775 -1.95 55.91 -70.50
CA ILE N 775 -1.40 54.67 -71.04
C ILE N 775 -2.52 53.75 -71.47
N ASP N 776 -2.23 52.87 -72.40
CA ASP N 776 -3.24 51.87 -72.71
C ASP N 776 -3.19 50.73 -71.68
N PRO N 777 -4.34 50.14 -71.35
CA PRO N 777 -4.34 49.02 -70.40
C PRO N 777 -4.07 47.66 -71.03
N ARG N 778 -3.79 47.62 -72.33
CA ARG N 778 -3.69 46.37 -73.06
C ARG N 778 -2.50 45.52 -72.65
N SER N 779 -1.46 46.13 -72.08
CA SER N 779 -0.31 45.35 -71.64
C SER N 779 -0.55 44.72 -70.27
N LEU N 780 -1.54 45.20 -69.52
CA LEU N 780 -1.75 44.73 -68.17
C LEU N 780 -3.07 43.99 -67.97
N GLU N 781 -4.02 44.12 -68.89
CA GLU N 781 -5.27 43.37 -68.76
C GLU N 781 -5.10 41.90 -69.11
N VAL N 782 -4.03 41.55 -69.83
CA VAL N 782 -3.89 40.19 -70.33
C VAL N 782 -3.37 39.25 -69.25
N GLN N 783 -2.62 39.80 -68.27
CA GLN N 783 -1.81 38.98 -67.37
C GLN N 783 -2.67 38.19 -66.39
N ALA N 784 -2.54 36.87 -66.45
CA ALA N 784 -3.31 35.94 -65.63
C ALA N 784 -2.41 35.12 -64.72
N ARG N 785 -1.16 35.51 -64.57
CA ARG N 785 -0.19 34.76 -63.81
C ARG N 785 -0.02 35.38 -62.43
N THR N 786 0.95 34.85 -61.68
CA THR N 786 1.17 35.24 -60.29
C THR N 786 2.66 35.50 -60.10
N ILE N 787 3.08 36.75 -60.28
CA ILE N 787 4.48 37.13 -60.15
C ILE N 787 4.77 37.38 -58.68
N LEU N 788 5.66 36.59 -58.10
CA LEU N 788 5.99 36.75 -56.70
C LEU N 788 6.82 38.02 -56.50
N PRO N 789 6.52 38.81 -55.48
CA PRO N 789 7.18 40.12 -55.32
C PRO N 789 8.52 39.96 -54.63
N SER N 790 9.15 41.10 -54.36
CA SER N 790 10.38 41.16 -53.58
C SER N 790 10.44 42.50 -52.88
N ASN N 791 11.32 42.61 -51.90
CA ASN N 791 11.48 43.85 -51.18
C ASN N 791 12.10 44.93 -52.07
N PRO N 792 11.67 46.18 -51.96
CA PRO N 792 12.23 47.23 -52.81
C PRO N 792 13.60 47.66 -52.33
N VAL N 793 14.48 47.90 -53.28
CA VAL N 793 15.81 48.44 -53.00
C VAL N 793 15.94 49.76 -53.75
N LEU N 794 16.82 50.62 -53.24
CA LEU N 794 17.03 51.92 -53.88
C LEU N 794 17.96 51.80 -55.07
N PHE N 795 18.98 50.95 -54.97
CA PHE N 795 19.95 50.73 -56.03
C PHE N 795 19.77 49.29 -56.52
N ASP N 796 19.17 49.13 -57.69
CA ASP N 796 18.78 47.80 -58.16
C ASP N 796 19.96 47.05 -58.74
N ASN N 797 20.73 47.71 -59.62
CA ASN N 797 21.79 47.04 -60.38
C ASN N 797 22.96 46.77 -59.44
N ILE N 798 23.06 45.53 -58.97
CA ILE N 798 24.15 45.17 -58.07
C ILE N 798 25.40 44.75 -58.82
N ASN N 799 25.28 44.41 -60.11
CA ASN N 799 26.46 44.08 -60.90
C ASN N 799 27.19 45.33 -61.36
N GLY N 800 26.46 46.42 -61.57
CA GLY N 800 27.07 47.66 -62.01
C GLY N 800 26.71 48.01 -63.44
N ALA N 801 27.05 49.23 -63.82
CA ALA N 801 26.74 49.71 -65.15
C ALA N 801 27.77 49.25 -66.16
N SER N 802 27.31 49.01 -67.39
CA SER N 802 28.19 48.60 -68.46
C SER N 802 28.96 49.81 -69.00
N PRO N 803 30.09 49.57 -69.68
CA PRO N 803 30.81 50.71 -70.28
C PRO N 803 30.03 51.44 -71.36
N HIS N 804 29.17 50.75 -72.11
CA HIS N 804 28.36 51.41 -73.11
C HIS N 804 27.27 52.29 -72.50
N VAL N 805 26.87 52.03 -71.26
CA VAL N 805 25.97 52.94 -70.55
C VAL N 805 26.75 54.08 -69.91
N CYS N 806 27.94 53.78 -69.36
CA CYS N 806 28.76 54.83 -68.75
C CYS N 806 29.26 55.83 -69.78
N LEU N 807 29.47 55.39 -71.02
CA LEU N 807 29.85 56.31 -72.07
C LEU N 807 28.65 57.10 -72.58
N THR N 808 27.46 56.50 -72.51
CA THR N 808 26.24 57.21 -72.86
C THR N 808 25.96 58.35 -71.88
N MET N 809 26.22 58.12 -70.60
CA MET N 809 26.19 59.19 -69.61
C MET N 809 27.22 60.28 -69.91
N MET N 810 28.41 59.91 -70.40
CA MET N 810 29.41 60.91 -70.74
C MET N 810 28.99 61.76 -71.92
N TYR N 811 28.29 61.17 -72.88
CA TYR N 811 27.75 61.97 -73.98
C TYR N 811 26.62 62.87 -73.50
N ASN N 812 25.70 62.32 -72.71
CA ASN N 812 24.49 63.05 -72.33
C ASN N 812 24.80 64.21 -71.38
N PHE N 813 25.83 64.06 -70.54
CA PHE N 813 26.20 65.16 -69.67
C PHE N 813 26.79 66.32 -70.45
N GLU N 814 27.57 66.04 -71.47
CA GLU N 814 28.12 67.11 -72.30
C GLU N 814 27.03 67.79 -73.10
N VAL N 815 26.03 67.02 -73.55
CA VAL N 815 24.89 67.63 -74.24
C VAL N 815 24.11 68.55 -73.30
N SER N 816 23.83 68.07 -72.08
CA SER N 816 23.05 68.87 -71.13
C SER N 816 23.83 70.08 -70.63
N SER N 817 25.16 69.99 -70.58
CA SER N 817 25.94 71.17 -70.22
C SER N 817 26.06 72.13 -71.38
N ALA N 818 26.00 71.63 -72.61
CA ALA N 818 26.09 72.50 -73.78
C ALA N 818 24.81 73.29 -74.00
N VAL N 819 23.65 72.66 -73.83
CA VAL N 819 22.39 73.33 -74.11
C VAL N 819 22.06 74.30 -72.98
N TYR N 820 21.80 75.55 -73.35
CA TYR N 820 21.37 76.57 -72.40
C TYR N 820 19.85 76.73 -72.46
N ASP N 821 19.34 77.60 -71.59
CA ASP N 821 17.89 77.75 -71.43
C ASP N 821 17.34 78.64 -72.53
N GLY N 822 16.14 78.30 -73.00
CA GLY N 822 15.46 79.07 -74.02
C GLY N 822 16.13 79.00 -75.38
N ASP N 823 16.32 77.81 -75.92
CA ASP N 823 17.02 77.62 -77.17
C ASP N 823 16.34 76.52 -77.97
N VAL N 824 16.32 76.69 -79.29
CA VAL N 824 15.82 75.64 -80.17
C VAL N 824 16.96 74.65 -80.44
N VAL N 825 16.65 73.37 -80.33
CA VAL N 825 17.61 72.31 -80.61
C VAL N 825 16.98 71.37 -81.63
N LEU N 826 17.81 70.45 -82.12
CA LEU N 826 17.32 69.36 -82.96
C LEU N 826 18.20 68.15 -82.72
N ASP N 827 17.55 67.03 -82.41
CA ASP N 827 18.25 65.78 -82.14
C ASP N 827 18.47 65.05 -83.45
N LEU N 828 19.68 64.58 -83.66
CA LEU N 828 20.06 63.88 -84.87
C LEU N 828 20.22 62.41 -84.46
N GLY N 829 19.12 61.67 -84.52
CA GLY N 829 19.11 60.28 -84.10
C GLY N 829 18.67 60.11 -82.65
N THR N 830 17.77 59.15 -82.40
CA THR N 830 17.28 58.93 -81.05
C THR N 830 18.33 58.21 -80.20
N GLY N 831 18.73 57.02 -80.63
CA GLY N 831 19.52 56.14 -79.80
C GLY N 831 18.66 55.02 -79.27
N PRO N 832 19.10 54.41 -78.15
CA PRO N 832 18.29 53.33 -77.57
C PRO N 832 17.02 53.80 -76.90
N GLU N 833 17.05 54.94 -76.20
CA GLU N 833 15.85 55.53 -75.63
C GLU N 833 15.76 57.01 -76.03
N ALA N 834 14.67 57.65 -75.60
CA ALA N 834 14.49 59.09 -75.80
C ALA N 834 14.95 59.83 -74.54
N LYS N 835 16.25 59.72 -74.28
CA LYS N 835 16.85 60.37 -73.12
C LYS N 835 16.91 61.88 -73.27
N ILE N 836 16.97 62.38 -74.52
CA ILE N 836 17.22 63.79 -74.82
C ILE N 836 16.16 64.72 -74.23
N LEU N 837 14.92 64.23 -74.08
CA LEU N 837 13.84 65.05 -73.56
C LEU N 837 14.05 65.36 -72.08
N GLU N 838 14.80 64.52 -71.38
CA GLU N 838 15.16 64.80 -70.00
C GLU N 838 16.49 65.55 -69.87
N LEU N 839 17.19 65.79 -70.98
CA LEU N 839 18.51 66.40 -70.89
C LEU N 839 18.44 67.92 -70.99
N ILE N 840 17.69 68.40 -71.98
CA ILE N 840 17.52 69.83 -72.24
C ILE N 840 16.71 70.47 -71.13
N PRO N 841 16.85 71.78 -70.88
CA PRO N 841 15.97 72.44 -69.90
C PRO N 841 14.53 72.51 -70.40
N SER N 842 13.65 72.89 -69.48
CA SER N 842 12.22 72.69 -69.68
C SER N 842 11.62 73.64 -70.70
N THR N 843 12.11 74.88 -70.79
CA THR N 843 11.51 75.84 -71.70
C THR N 843 12.00 75.70 -73.13
N SER N 844 12.97 74.83 -73.39
CA SER N 844 13.56 74.73 -74.71
C SER N 844 12.70 73.87 -75.62
N PRO N 845 12.28 74.39 -76.77
CA PRO N 845 11.57 73.54 -77.74
C PRO N 845 12.53 72.69 -78.55
N VAL N 846 12.09 71.46 -78.83
CA VAL N 846 12.94 70.44 -79.39
C VAL N 846 12.32 69.93 -80.69
N THR N 847 13.11 69.14 -81.40
CA THR N 847 12.63 68.26 -82.46
C THR N 847 13.66 67.13 -82.61
N CYS N 848 13.18 66.00 -83.11
CA CYS N 848 14.01 64.80 -83.13
C CYS N 848 13.75 64.00 -84.39
N VAL N 849 14.83 63.59 -85.06
CA VAL N 849 14.74 62.81 -86.29
C VAL N 849 15.08 61.36 -85.95
N ASP N 850 14.62 60.43 -86.78
CA ASP N 850 14.78 59.01 -86.53
C ASP N 850 14.72 58.28 -87.86
N ILE N 851 14.86 56.95 -87.81
CA ILE N 851 14.46 56.08 -88.91
C ILE N 851 13.32 55.16 -88.53
N ARG N 852 12.92 55.12 -87.26
CA ARG N 852 11.84 54.33 -86.71
C ARG N 852 10.73 55.24 -86.20
N PRO N 853 9.48 54.76 -86.16
CA PRO N 853 8.43 55.53 -85.48
C PRO N 853 8.67 55.57 -83.98
N THR N 854 8.45 56.75 -83.41
CA THR N 854 8.71 56.96 -81.99
C THR N 854 7.62 56.33 -81.14
N ALA N 855 7.87 56.29 -79.83
CA ALA N 855 6.90 55.78 -78.87
C ALA N 855 6.61 56.79 -77.77
N GLN N 856 7.17 57.98 -77.85
CA GLN N 856 6.87 59.04 -76.90
C GLN N 856 5.49 59.61 -77.19
N PRO N 857 4.76 60.05 -76.16
CA PRO N 857 3.41 60.58 -76.38
C PRO N 857 3.44 61.92 -77.08
N ASN N 858 2.49 62.11 -77.99
CA ASN N 858 2.43 63.31 -78.81
C ASN N 858 1.37 64.26 -78.24
N GLY N 859 1.63 65.55 -78.37
CA GLY N 859 0.72 66.57 -77.94
C GLY N 859 0.79 66.82 -76.44
N CYS N 860 0.10 67.89 -76.04
CA CYS N 860 -0.05 68.39 -74.66
C CYS N 860 1.29 68.53 -73.94
N TRP N 861 2.13 69.38 -74.49
CA TRP N 861 3.41 69.76 -73.93
C TRP N 861 3.41 71.24 -73.59
N ASN N 862 4.39 71.65 -72.77
CA ASN N 862 4.50 73.06 -72.39
C ASN N 862 5.23 73.88 -73.44
N VAL N 863 5.85 73.23 -74.41
CA VAL N 863 6.63 73.91 -75.45
C VAL N 863 6.58 73.00 -76.68
N ARG N 864 6.98 73.54 -77.83
CA ARG N 864 6.87 72.82 -79.09
C ARG N 864 7.82 71.61 -79.11
N THR N 865 7.35 70.53 -79.72
CA THR N 865 8.17 69.36 -79.98
C THR N 865 7.72 68.73 -81.28
N THR N 866 8.61 67.97 -81.92
CA THR N 866 8.31 67.37 -83.21
C THR N 866 9.05 66.04 -83.31
N PHE N 867 8.31 64.96 -83.48
CA PHE N 867 8.87 63.61 -83.57
C PHE N 867 8.53 63.04 -84.95
N LEU N 868 9.56 62.89 -85.78
CA LEU N 868 9.38 62.47 -87.16
C LEU N 868 10.58 61.63 -87.57
N GLU N 869 10.35 60.70 -88.49
CA GLU N 869 11.42 59.84 -88.98
C GLU N 869 11.47 59.94 -90.50
N LEU N 870 12.67 60.20 -91.04
CA LEU N 870 12.78 60.39 -92.48
C LEU N 870 14.07 59.86 -93.10
N ASP N 871 14.89 59.13 -92.33
CA ASP N 871 16.21 58.63 -92.74
C ASP N 871 17.12 59.80 -93.16
N TYR N 872 17.55 60.54 -92.13
CA TYR N 872 18.17 61.88 -92.19
C TYR N 872 19.33 62.03 -93.17
N LEU N 873 19.91 60.94 -93.70
CA LEU N 873 20.95 61.06 -94.72
C LEU N 873 20.42 61.63 -96.04
N SER N 874 19.11 61.64 -96.26
CA SER N 874 18.53 62.21 -97.46
C SER N 874 18.60 63.73 -97.41
N ASP N 875 18.19 64.36 -98.52
CA ASP N 875 18.30 65.79 -98.70
C ASP N 875 16.93 66.43 -98.77
N GLY N 876 16.91 67.76 -98.72
CA GLY N 876 15.69 68.51 -98.92
C GLY N 876 14.71 68.46 -97.77
N TRP N 877 15.19 68.40 -96.54
CA TRP N 877 14.31 68.41 -95.39
C TRP N 877 14.74 69.33 -94.26
N ILE N 878 15.98 69.81 -94.24
CA ILE N 878 16.41 70.71 -93.18
C ILE N 878 15.94 72.14 -93.45
N THR N 879 15.72 72.49 -94.72
CA THR N 879 15.21 73.81 -95.08
C THR N 879 13.81 74.05 -94.50
N GLY N 880 13.02 73.00 -94.34
CA GLY N 880 11.73 73.14 -93.70
C GLY N 880 11.84 73.26 -92.18
N VAL N 881 12.93 72.77 -91.59
CA VAL N 881 13.02 72.78 -90.14
C VAL N 881 13.88 73.96 -89.68
N ARG N 882 13.74 74.32 -88.41
CA ARG N 882 14.45 75.45 -87.85
C ARG N 882 14.98 75.09 -86.47
N GLY N 883 16.29 75.26 -86.28
CA GLY N 883 16.93 74.96 -85.02
C GLY N 883 18.17 75.83 -84.85
N ASP N 884 18.90 75.57 -83.77
CA ASP N 884 20.12 76.34 -83.49
C ASP N 884 21.33 75.46 -83.22
N ILE N 885 21.14 74.19 -82.85
CA ILE N 885 22.25 73.29 -82.58
C ILE N 885 21.83 71.84 -82.81
N VAL N 886 22.65 71.07 -83.52
CA VAL N 886 22.37 69.67 -83.80
C VAL N 886 23.10 68.84 -82.76
N THR N 887 22.56 67.64 -82.51
CA THR N 887 23.17 66.69 -81.59
C THR N 887 23.13 65.31 -82.23
N CYS N 888 24.26 64.85 -82.76
CA CYS N 888 24.42 63.46 -83.15
C CYS N 888 25.24 62.78 -82.07
N MET N 889 24.68 61.75 -81.46
CA MET N 889 25.36 60.97 -80.43
C MET N 889 25.12 59.49 -80.70
N LEU N 890 26.20 58.77 -81.00
CA LEU N 890 26.22 57.32 -81.18
C LEU N 890 25.28 56.86 -82.30
N SER N 891 25.25 57.63 -83.40
CA SER N 891 24.42 57.27 -84.54
C SER N 891 25.15 57.37 -85.88
N LEU N 892 26.22 58.16 -85.98
CA LEU N 892 26.90 58.32 -87.26
C LEU N 892 27.66 57.07 -87.67
N GLY N 893 28.25 56.36 -86.71
CA GLY N 893 28.90 55.10 -87.03
C GLY N 893 27.92 54.03 -87.46
N ALA N 894 26.73 53.99 -86.85
CA ALA N 894 25.69 53.06 -87.29
C ALA N 894 25.17 53.43 -88.67
N ALA N 895 25.05 54.72 -88.97
CA ALA N 895 24.60 55.14 -90.29
C ALA N 895 25.65 54.82 -91.35
N ALA N 896 26.93 54.90 -90.98
CA ALA N 896 28.00 54.54 -91.92
C ALA N 896 28.04 53.03 -92.14
N ALA N 897 27.83 52.25 -91.09
CA ALA N 897 27.86 50.80 -91.21
C ALA N 897 26.62 50.24 -91.88
N GLY N 898 25.50 50.96 -91.84
CA GLY N 898 24.28 50.46 -92.47
C GLY N 898 24.35 50.49 -93.98
N LYS N 899 24.77 51.64 -94.53
CA LYS N 899 24.94 51.76 -95.97
C LYS N 899 26.28 51.23 -96.46
N SER N 900 27.12 50.75 -95.54
CA SER N 900 28.46 50.19 -95.80
C SER N 900 29.38 51.19 -96.50
N MET N 901 29.21 52.48 -96.20
CA MET N 901 30.10 53.49 -96.74
C MET N 901 31.19 53.83 -95.72
N THR N 902 32.17 54.60 -96.18
CA THR N 902 33.26 54.98 -95.30
C THR N 902 32.82 56.12 -94.37
N PHE N 903 33.58 56.28 -93.29
CA PHE N 903 33.28 57.32 -92.31
C PHE N 903 33.53 58.70 -92.89
N ASP N 904 34.53 58.82 -93.76
CA ASP N 904 34.80 60.08 -94.46
C ASP N 904 33.63 60.48 -95.35
N ALA N 905 33.12 59.55 -96.14
CA ALA N 905 31.99 59.85 -97.02
C ALA N 905 30.71 60.09 -96.23
N ALA N 906 30.54 59.40 -95.11
CA ALA N 906 29.37 59.62 -94.26
C ALA N 906 29.40 61.01 -93.62
N PHE N 907 30.56 61.41 -93.11
CA PHE N 907 30.69 62.74 -92.52
C PHE N 907 30.59 63.82 -93.58
N GLN N 908 31.08 63.53 -94.80
CA GLN N 908 30.98 64.49 -95.89
C GLN N 908 29.52 64.70 -96.30
N GLN N 909 28.75 63.61 -96.36
CA GLN N 909 27.32 63.73 -96.67
C GLN N 909 26.57 64.46 -95.56
N LEU N 910 26.97 64.22 -94.30
CA LEU N 910 26.32 64.89 -93.18
C LEU N 910 26.62 66.39 -93.18
N VAL N 911 27.86 66.78 -93.47
CA VAL N 911 28.15 68.21 -93.49
C VAL N 911 27.58 68.85 -94.74
N ARG N 912 27.44 68.08 -95.82
CA ARG N 912 26.86 68.62 -97.06
C ARG N 912 25.37 68.88 -96.89
N VAL N 913 24.68 68.06 -96.10
CA VAL N 913 23.27 68.32 -95.84
C VAL N 913 23.10 69.34 -94.73
N LEU N 914 24.09 69.50 -93.84
CA LEU N 914 24.00 70.57 -92.85
C LEU N 914 24.47 71.92 -93.35
N THR N 915 25.00 71.99 -94.58
CA THR N 915 25.22 73.30 -95.21
C THR N 915 23.92 74.08 -95.41
N ARG N 916 22.81 73.39 -95.64
CA ARG N 916 21.51 74.04 -95.80
C ARG N 916 20.88 74.44 -94.48
N SER N 917 21.48 74.05 -93.35
CA SER N 917 20.89 74.35 -92.06
C SER N 917 21.06 75.81 -91.69
N THR N 918 20.30 76.25 -90.69
CA THR N 918 20.38 77.60 -90.17
C THR N 918 21.12 77.67 -88.84
N ALA N 919 21.65 76.55 -88.36
CA ALA N 919 22.35 76.53 -87.09
C ALA N 919 23.74 77.16 -87.22
N ASN N 920 24.23 77.73 -86.13
CA ASN N 920 25.57 78.29 -86.08
C ASN N 920 26.52 77.48 -85.21
N VAL N 921 26.06 77.06 -84.04
CA VAL N 921 26.82 76.18 -83.16
C VAL N 921 26.31 74.76 -83.34
N LEU N 922 27.20 73.79 -83.16
CA LEU N 922 26.86 72.38 -83.28
C LEU N 922 27.95 71.56 -82.64
N LEU N 923 27.55 70.42 -82.07
CA LEU N 923 28.51 69.42 -81.63
C LEU N 923 27.95 68.05 -82.00
N ILE N 924 28.80 67.20 -82.56
CA ILE N 924 28.40 65.90 -83.09
C ILE N 924 29.46 64.86 -82.75
N GLN N 925 29.02 63.61 -82.63
CA GLN N 925 29.91 62.52 -82.26
C GLN N 925 30.62 62.00 -83.51
N VAL N 926 31.95 62.00 -83.47
CA VAL N 926 32.77 61.36 -84.49
C VAL N 926 33.61 60.28 -83.82
N ASN N 927 34.04 59.32 -84.63
CA ASN N 927 34.73 58.14 -84.12
C ASN N 927 36.09 58.06 -84.84
N CYS N 928 37.07 58.75 -84.28
CA CYS N 928 38.42 58.75 -84.83
C CYS N 928 39.42 58.70 -83.68
N PRO N 929 40.47 57.88 -83.78
CA PRO N 929 41.45 57.79 -82.70
C PRO N 929 42.29 59.05 -82.60
N THR N 930 42.51 59.51 -81.37
CA THR N 930 43.41 60.62 -81.13
C THR N 930 44.78 60.14 -80.66
N ASP N 931 44.78 59.26 -79.67
CA ASP N 931 46.02 58.73 -79.10
C ASP N 931 46.52 57.57 -79.96
N VAL N 932 47.71 57.08 -79.64
CA VAL N 932 48.24 55.85 -80.26
C VAL N 932 47.35 54.69 -79.86
N ILE N 933 47.00 53.85 -80.83
CA ILE N 933 45.95 52.86 -80.65
C ILE N 933 46.48 51.70 -79.79
N ARG N 934 45.71 51.37 -78.75
CA ARG N 934 46.08 50.34 -77.77
C ARG N 934 45.31 49.05 -77.95
N THR N 935 44.15 49.09 -78.64
CA THR N 935 43.20 48.00 -78.91
C THR N 935 42.93 47.15 -77.68
N ILE N 936 42.23 47.75 -76.70
CA ILE N 936 41.99 47.13 -75.40
C ILE N 936 41.23 45.81 -75.54
N LYS N 937 41.63 44.83 -74.74
CA LYS N 937 41.15 43.47 -74.85
C LYS N 937 39.70 43.38 -74.40
N GLY N 938 38.94 42.51 -75.06
CA GLY N 938 37.62 42.11 -74.63
C GLY N 938 36.49 42.99 -75.11
N TYR N 939 36.77 44.27 -75.42
CA TYR N 939 35.73 45.24 -75.68
C TYR N 939 35.89 46.00 -77.00
N LEU N 940 37.11 46.13 -77.53
CA LEU N 940 37.32 46.93 -78.73
C LEU N 940 38.58 46.42 -79.43
N GLU N 941 38.39 45.62 -80.48
CA GLU N 941 39.49 44.99 -81.21
C GLU N 941 39.47 45.51 -82.64
N ILE N 942 40.21 46.59 -82.89
CA ILE N 942 40.23 47.24 -84.19
C ILE N 942 40.99 46.43 -85.21
N ASP N 943 40.86 46.82 -86.48
CA ASP N 943 41.71 46.32 -87.55
C ASP N 943 42.45 47.51 -88.15
N GLN N 944 43.77 47.38 -88.28
CA GLN N 944 44.55 48.42 -88.93
C GLN N 944 44.34 48.43 -90.44
N THR N 945 44.12 47.26 -91.04
CA THR N 945 44.05 47.16 -92.50
C THR N 945 42.68 47.57 -93.02
N ASN N 946 41.64 46.81 -92.64
CA ASN N 946 40.30 47.04 -93.15
C ASN N 946 39.57 48.17 -92.44
N LYS N 947 40.17 48.69 -91.36
CA LYS N 947 39.69 49.87 -90.63
C LYS N 947 38.28 49.66 -90.07
N ARG N 948 38.19 48.69 -89.15
CA ARG N 948 36.94 48.43 -88.45
C ARG N 948 37.18 48.63 -86.96
N TYR N 949 36.09 48.54 -86.17
CA TYR N 949 36.18 48.60 -84.72
C TYR N 949 35.93 47.25 -84.05
N LYS N 950 34.91 46.51 -84.48
CA LYS N 950 34.57 45.17 -84.01
C LYS N 950 34.29 45.16 -82.50
N PHE N 951 33.18 45.79 -82.14
CA PHE N 951 32.63 45.67 -80.80
C PHE N 951 32.06 44.28 -80.60
N PRO N 952 32.66 43.43 -79.75
CA PRO N 952 32.16 42.05 -79.64
C PRO N 952 30.90 41.91 -78.81
N LYS N 953 30.58 42.89 -77.96
CA LYS N 953 29.36 42.78 -77.17
C LYS N 953 28.11 43.07 -78.00
N PHE N 954 28.28 43.68 -79.17
CA PHE N 954 27.16 43.94 -80.05
C PHE N 954 27.34 43.41 -81.46
N GLY N 955 28.53 42.90 -81.79
CA GLY N 955 28.79 42.40 -83.14
C GLY N 955 28.84 43.46 -84.20
N ARG N 956 29.06 44.72 -83.83
CA ARG N 956 29.08 45.82 -84.76
C ARG N 956 30.50 46.30 -85.01
N ASP N 957 30.73 46.86 -86.19
CA ASP N 957 31.99 47.48 -86.54
C ASP N 957 31.77 48.70 -87.42
N GLU N 958 32.69 49.64 -87.34
CA GLU N 958 32.55 50.95 -87.98
C GLU N 958 33.87 51.37 -88.57
N PRO N 959 33.86 52.16 -89.64
CA PRO N 959 35.11 52.71 -90.15
C PRO N 959 35.61 53.88 -89.30
N TYR N 960 36.90 53.85 -88.97
CA TYR N 960 37.51 55.02 -88.37
C TYR N 960 38.22 55.85 -89.42
N SER N 961 38.32 57.14 -89.15
CA SER N 961 39.04 58.07 -90.01
C SER N 961 40.16 58.72 -89.22
N ASP N 962 40.84 59.65 -89.88
CA ASP N 962 41.89 60.44 -89.26
C ASP N 962 41.36 61.81 -88.88
N MET N 963 41.92 62.37 -87.80
CA MET N 963 41.65 63.75 -87.42
C MET N 963 42.14 64.71 -88.49
N ASP N 964 43.30 64.44 -89.09
CA ASP N 964 43.81 65.28 -90.17
C ASP N 964 42.93 65.14 -91.42
N SER N 965 42.44 63.93 -91.70
CA SER N 965 41.56 63.73 -92.85
C SER N 965 40.21 64.40 -92.64
N LEU N 966 39.77 64.51 -91.39
CA LEU N 966 38.48 65.14 -91.12
C LEU N 966 38.59 66.64 -90.91
N GLU N 967 39.79 67.14 -90.62
CA GLU N 967 39.97 68.57 -90.35
C GLU N 967 39.77 69.43 -91.59
N ARG N 968 40.20 68.95 -92.75
CA ARG N 968 40.06 69.69 -94.00
C ARG N 968 38.61 69.84 -94.44
N ILE N 969 37.71 68.99 -93.93
CA ILE N 969 36.32 69.03 -94.34
C ILE N 969 35.61 70.27 -93.80
N CYS N 970 35.92 70.68 -92.57
CA CYS N 970 35.31 71.89 -92.01
C CYS N 970 35.81 73.13 -92.75
N ARG N 971 37.10 73.13 -93.10
CA ARG N 971 37.67 74.23 -93.88
C ARG N 971 37.07 74.30 -95.28
N ALA N 972 36.80 73.14 -95.89
CA ALA N 972 36.13 73.13 -97.18
C ALA N 972 34.67 73.54 -97.07
N ALA N 973 34.03 73.26 -95.94
CA ALA N 973 32.61 73.56 -95.78
C ALA N 973 32.38 75.03 -95.47
N TRP N 974 32.90 75.50 -94.34
CA TRP N 974 32.73 76.90 -93.99
C TRP N 974 34.07 77.58 -93.77
N PRO N 975 34.22 78.83 -94.21
CA PRO N 975 35.48 79.54 -93.94
C PRO N 975 35.62 80.00 -92.50
N ASN N 976 34.50 80.25 -91.82
CA ASN N 976 34.51 80.79 -90.47
C ASN N 976 34.21 79.74 -89.40
N CYS N 977 34.38 78.46 -89.71
CA CYS N 977 34.14 77.43 -88.70
C CYS N 977 35.37 77.31 -87.83
N SER N 978 35.17 76.97 -86.56
CA SER N 978 36.25 76.84 -85.60
C SER N 978 36.02 75.56 -84.80
N ILE N 979 36.75 74.50 -85.14
CA ILE N 979 36.60 73.24 -84.45
C ILE N 979 37.23 73.32 -83.07
N THR N 980 36.75 72.47 -82.16
CA THR N 980 37.41 72.25 -80.88
C THR N 980 37.14 70.83 -80.43
N TRP N 981 38.19 70.17 -79.97
CA TRP N 981 38.09 68.81 -79.45
C TRP N 981 38.02 68.87 -77.93
N VAL N 982 36.87 68.51 -77.39
CA VAL N 982 36.71 68.55 -75.93
C VAL N 982 37.45 67.37 -75.33
N PRO N 983 38.31 67.61 -74.34
CA PRO N 983 39.04 66.50 -73.72
C PRO N 983 38.17 65.79 -72.70
N LEU N 984 38.50 64.53 -72.46
CA LEU N 984 37.84 63.79 -71.40
C LEU N 984 38.36 64.28 -70.05
N SER N 985 37.45 64.69 -69.20
CA SER N 985 37.83 65.30 -67.93
C SER N 985 37.94 64.23 -66.86
N TYR N 986 39.08 64.22 -66.15
CA TYR N 986 39.38 63.21 -65.14
C TYR N 986 38.51 63.35 -63.90
N ASP N 987 37.80 64.47 -63.73
CA ASP N 987 37.09 64.83 -62.52
C ASP N 987 35.84 63.98 -62.26
N LEU N 988 35.44 63.15 -63.23
CA LEU N 988 34.14 62.48 -63.29
C LEU N 988 32.98 63.45 -62.97
N ARG N 989 32.97 64.57 -63.70
CA ARG N 989 31.89 65.54 -63.58
C ARG N 989 30.58 64.98 -64.11
N TRP N 990 30.65 64.04 -65.05
CA TRP N 990 29.49 63.49 -65.74
C TRP N 990 28.60 62.61 -64.87
N THR N 991 29.04 62.22 -63.69
CA THR N 991 28.33 61.24 -62.88
C THR N 991 27.09 61.80 -62.19
N LYS N 992 26.78 63.08 -62.38
CA LYS N 992 25.56 63.66 -61.82
C LYS N 992 24.32 63.04 -62.43
N LEU N 993 24.35 62.71 -63.73
CA LEU N 993 23.23 62.01 -64.34
C LEU N 993 23.20 60.55 -63.90
N ALA N 994 24.34 60.01 -63.47
CA ALA N 994 24.43 58.58 -63.22
C ALA N 994 24.01 58.24 -61.79
N LEU N 995 24.53 58.96 -60.79
CA LEU N 995 24.26 58.58 -59.41
C LEU N 995 22.87 59.03 -58.95
N LEU N 996 22.41 60.19 -59.43
CA LEU N 996 21.11 60.69 -59.00
C LEU N 996 19.95 59.90 -59.60
N GLU N 997 20.19 59.19 -60.70
CA GLU N 997 19.18 58.32 -61.29
C GLU N 997 19.27 56.89 -60.78
N SER N 998 19.86 56.68 -59.60
CA SER N 998 19.91 55.41 -58.86
C SER N 998 20.58 54.30 -59.69
N THR N 999 21.87 54.48 -59.91
CA THR N 999 22.66 53.52 -60.67
C THR N 999 24.00 53.32 -59.97
N THR N 1000 24.20 52.13 -59.38
CA THR N 1000 25.49 51.74 -58.85
C THR N 1000 26.47 51.57 -60.01
N LEU N 1001 27.54 52.36 -60.02
CA LEU N 1001 28.28 52.44 -61.27
C LEU N 1001 29.26 51.30 -61.49
N SER N 1002 30.44 51.37 -60.84
CA SER N 1002 31.57 50.48 -61.12
C SER N 1002 32.80 50.84 -60.31
N SER N 1003 33.86 50.06 -60.50
CA SER N 1003 35.22 50.55 -60.37
C SER N 1003 36.02 50.39 -61.66
N ALA N 1004 35.78 49.31 -62.41
CA ALA N 1004 36.55 49.01 -63.60
C ALA N 1004 35.89 49.56 -64.86
N SER N 1005 34.55 49.51 -64.93
CA SER N 1005 33.83 49.95 -66.11
C SER N 1005 33.95 51.45 -66.33
N VAL N 1006 34.14 52.23 -65.27
CA VAL N 1006 34.36 53.65 -65.45
C VAL N 1006 35.74 53.93 -66.05
N ARG N 1007 36.77 53.16 -65.66
CA ARG N 1007 38.10 53.30 -66.28
C ARG N 1007 38.07 52.82 -67.72
N ILE N 1008 37.31 51.76 -67.99
CA ILE N 1008 37.14 51.25 -69.34
C ILE N 1008 36.40 52.27 -70.21
N ALA N 1009 35.40 52.94 -69.66
CA ALA N 1009 34.69 53.98 -70.40
C ALA N 1009 35.58 55.19 -70.65
N GLU N 1010 36.45 55.53 -69.69
CA GLU N 1010 37.42 56.60 -69.91
C GLU N 1010 38.43 56.24 -70.98
N LEU N 1011 38.78 54.96 -71.10
CA LEU N 1011 39.65 54.55 -72.19
C LEU N 1011 38.91 54.52 -73.52
N MET N 1012 37.62 54.16 -73.49
CA MET N 1012 36.88 53.98 -74.73
C MET N 1012 36.47 55.32 -75.34
N TYR N 1013 36.24 56.35 -74.51
CA TYR N 1013 35.94 57.68 -75.02
C TYR N 1013 37.11 58.29 -75.77
N LYS N 1014 38.33 57.85 -75.46
CA LYS N 1014 39.53 58.33 -76.16
C LYS N 1014 39.54 57.93 -77.63
N TYR N 1015 38.85 56.83 -77.98
CA TYR N 1015 38.73 56.44 -79.37
C TYR N 1015 37.55 57.07 -80.08
N MET N 1016 36.54 57.51 -79.34
CA MET N 1016 35.40 58.24 -79.91
C MET N 1016 35.17 59.57 -79.19
N PRO N 1017 36.02 60.58 -79.46
CA PRO N 1017 35.76 61.90 -78.88
C PRO N 1017 34.74 62.66 -79.72
N ILE N 1018 33.93 63.42 -79.05
CA ILE N 1018 33.00 64.29 -79.75
C ILE N 1018 33.69 65.61 -80.03
N MET N 1019 33.26 66.27 -81.09
CA MET N 1019 33.84 67.53 -81.53
C MET N 1019 32.76 68.60 -81.57
N ARG N 1020 33.19 69.85 -81.55
CA ARG N 1020 32.28 70.99 -81.48
C ARG N 1020 32.72 72.04 -82.49
N ILE N 1021 31.78 72.47 -83.33
CA ILE N 1021 32.02 73.43 -84.39
C ILE N 1021 31.10 74.63 -84.17
N ASP N 1022 31.62 75.83 -84.36
CA ASP N 1022 30.79 77.03 -84.32
C ASP N 1022 31.26 78.03 -85.37
N ILE N 1023 30.34 78.44 -86.24
CA ILE N 1023 30.64 79.46 -87.24
C ILE N 1023 30.26 80.83 -86.68
N HIS N 1024 31.15 81.80 -86.88
CA HIS N 1024 31.00 83.20 -86.45
C HIS N 1024 30.75 83.35 -84.95
CA ALA O 2 36.76 63.19 -16.32
C ALA O 2 36.06 61.92 -15.87
N ASN O 3 36.08 61.67 -14.57
CA ASN O 3 35.48 60.48 -13.99
C ASN O 3 34.42 60.89 -12.98
N VAL O 4 33.41 60.05 -12.83
CA VAL O 4 32.39 60.31 -11.82
C VAL O 4 32.65 59.43 -10.59
N TRP O 5 32.56 58.11 -10.74
CA TRP O 5 33.06 57.19 -9.73
C TRP O 5 33.76 56.06 -10.46
N GLY O 6 33.29 55.79 -11.67
CA GLY O 6 33.98 54.93 -12.62
C GLY O 6 34.23 55.73 -13.88
N VAL O 7 35.43 55.62 -14.44
CA VAL O 7 35.92 56.59 -15.40
C VAL O 7 35.21 56.42 -16.74
N ARG O 8 34.92 57.55 -17.39
CA ARG O 8 34.40 57.56 -18.74
C ARG O 8 35.43 58.20 -19.65
N LEU O 9 35.14 58.17 -20.94
CA LEU O 9 36.12 58.57 -21.92
C LEU O 9 36.21 60.10 -21.98
N ALA O 10 37.34 60.58 -22.49
CA ALA O 10 37.66 62.01 -22.52
C ALA O 10 36.94 62.74 -23.63
N ASP O 11 37.45 63.92 -23.98
CA ASP O 11 36.80 65.05 -24.67
C ASP O 11 35.83 64.70 -25.79
N SER O 12 36.12 63.67 -26.57
CA SER O 12 35.31 63.34 -27.73
C SER O 12 33.96 62.82 -27.29
N LEU O 13 32.95 63.68 -27.35
CA LEU O 13 31.57 63.32 -27.06
C LEU O 13 30.75 63.44 -28.33
N SER O 14 29.81 62.53 -28.52
CA SER O 14 29.04 62.50 -29.75
C SER O 14 27.61 62.08 -29.44
N SER O 15 26.78 62.14 -30.48
CA SER O 15 25.36 61.87 -30.35
C SER O 15 24.79 61.62 -31.74
N PRO O 16 23.68 60.90 -31.85
CA PRO O 16 23.01 60.79 -33.14
C PRO O 16 22.42 62.12 -33.57
N THR O 17 22.23 62.25 -34.89
CA THR O 17 21.81 63.51 -35.47
C THR O 17 20.43 63.42 -36.12
N ILE O 18 20.22 62.46 -36.99
CA ILE O 18 18.99 62.37 -37.76
C ILE O 18 18.05 61.39 -37.07
N GLU O 19 16.82 61.82 -36.81
CA GLU O 19 15.78 60.96 -36.25
C GLU O 19 14.79 60.59 -37.36
N THR O 20 14.53 59.30 -37.50
CA THR O 20 13.48 58.88 -38.41
C THR O 20 12.12 59.10 -37.76
N ARG O 21 11.09 59.21 -38.60
CA ARG O 21 9.73 59.34 -38.11
C ARG O 21 9.00 58.02 -38.27
N THR O 22 8.00 57.81 -37.42
CA THR O 22 7.29 56.55 -37.34
C THR O 22 6.00 56.61 -38.13
N ARG O 23 5.39 55.45 -38.28
CA ARG O 23 4.07 55.33 -38.88
C ARG O 23 3.15 54.60 -37.91
N HIS O 24 1.86 54.83 -38.07
CA HIS O 24 0.86 54.24 -37.21
C HIS O 24 0.70 52.76 -37.48
N TYR O 25 0.34 52.02 -36.44
CA TYR O 25 0.20 50.58 -36.50
C TYR O 25 -1.20 50.24 -37.02
N THR O 26 -1.28 49.65 -38.20
CA THR O 26 -2.54 49.41 -38.89
C THR O 26 -2.89 47.93 -38.89
N LEU O 27 -4.14 47.64 -39.30
CA LEU O 27 -4.62 46.26 -39.33
C LEU O 27 -3.91 45.46 -40.41
N HIS O 28 -3.45 46.12 -41.48
CA HIS O 28 -2.63 45.50 -42.50
C HIS O 28 -1.32 44.96 -41.92
N ASP O 29 -0.79 45.62 -40.91
CA ASP O 29 0.39 45.13 -40.22
C ASP O 29 0.04 44.15 -39.11
N PHE O 30 -1.12 44.34 -38.48
CA PHE O 30 -1.51 43.48 -37.38
C PHE O 30 -1.87 42.08 -37.86
N TYR O 31 -2.43 41.97 -39.07
CA TYR O 31 -2.64 40.64 -39.65
C TYR O 31 -1.31 39.96 -39.93
N SER O 32 -0.35 40.71 -40.47
CA SER O 32 0.94 40.14 -40.84
C SER O 32 1.77 39.75 -39.63
N ASP O 33 1.60 40.43 -38.50
CA ASP O 33 2.33 40.05 -37.29
C ASP O 33 1.82 38.76 -36.68
N LEU O 34 0.57 38.37 -36.94
CA LEU O 34 0.04 37.15 -36.34
C LEU O 34 0.58 35.91 -37.03
N ASP O 35 0.45 35.83 -38.36
CA ASP O 35 1.01 34.71 -39.10
C ASP O 35 2.51 34.95 -39.28
N ALA O 36 3.26 34.61 -38.24
CA ALA O 36 4.67 34.93 -38.13
C ALA O 36 5.47 34.12 -39.13
N SER O 37 5.96 34.79 -40.17
CA SER O 37 6.79 34.14 -41.16
C SER O 37 8.20 33.92 -40.62
N VAL O 38 9.01 33.22 -41.41
CA VAL O 38 10.38 32.95 -40.98
C VAL O 38 11.23 34.21 -41.08
N GLY O 39 10.86 35.14 -41.95
CA GLY O 39 11.59 36.39 -42.05
C GLY O 39 11.19 37.38 -40.99
N LYS O 40 9.88 37.60 -40.84
CA LYS O 40 9.35 38.55 -39.89
C LYS O 40 8.59 37.79 -38.79
N GLU O 41 9.08 37.92 -37.57
CA GLU O 41 8.46 37.37 -36.39
C GLU O 41 8.73 38.29 -35.22
N PRO O 42 7.82 38.36 -34.24
CA PRO O 42 8.00 39.32 -33.14
C PRO O 42 9.15 38.98 -32.20
N TRP O 43 9.22 37.72 -31.79
CA TRP O 43 10.26 37.30 -30.87
C TRP O 43 11.60 37.21 -31.57
N ARG O 44 12.66 37.56 -30.85
CA ARG O 44 14.00 37.27 -31.33
C ARG O 44 14.75 36.67 -30.15
N PRO O 45 15.56 35.64 -30.38
CA PRO O 45 16.17 34.93 -29.26
C PRO O 45 17.46 35.57 -28.77
N LEU O 46 17.56 35.69 -27.46
CA LEU O 46 18.82 35.98 -26.80
C LEU O 46 19.51 34.66 -26.51
N ARG O 47 20.81 34.71 -26.29
CA ARG O 47 21.56 33.48 -26.06
C ARG O 47 22.76 33.73 -25.16
N ASN O 48 23.18 32.67 -24.49
CA ASN O 48 24.37 32.69 -23.65
C ASN O 48 25.61 32.90 -24.52
N GLN O 49 26.63 33.50 -23.93
CA GLN O 49 27.83 33.81 -24.71
C GLN O 49 28.82 32.65 -24.69
N ARG O 50 28.90 31.93 -23.57
CA ARG O 50 29.85 30.83 -23.47
C ARG O 50 29.32 29.57 -24.11
N THR O 51 28.18 29.06 -23.62
CA THR O 51 27.63 27.81 -24.12
C THR O 51 26.95 27.97 -25.47
N ASN O 52 26.65 29.20 -25.89
CA ASN O 52 25.98 29.54 -27.15
C ASN O 52 24.62 28.83 -27.25
N GLU O 53 23.87 28.87 -26.15
CA GLU O 53 22.55 28.27 -26.09
C GLU O 53 21.51 29.35 -25.84
N ILE O 54 20.31 29.12 -26.39
CA ILE O 54 19.20 30.07 -26.23
C ILE O 54 18.70 30.01 -24.80
N VAL O 55 18.77 31.14 -24.11
CA VAL O 55 18.33 31.20 -22.72
C VAL O 55 17.23 32.23 -22.48
N ALA O 56 17.01 33.18 -23.37
CA ALA O 56 16.01 34.21 -23.14
C ALA O 56 15.46 34.67 -24.47
N VAL O 57 14.26 35.25 -24.42
CA VAL O 57 13.55 35.71 -25.60
C VAL O 57 13.10 37.15 -25.38
N GLN O 58 13.46 38.05 -26.28
CA GLN O 58 12.96 39.42 -26.24
C GLN O 58 11.74 39.53 -27.13
N LEU O 59 10.69 40.17 -26.61
CA LEU O 59 9.42 40.27 -27.30
C LEU O 59 9.25 41.67 -27.89
N PHE O 60 8.47 41.75 -28.98
CA PHE O 60 8.25 42.97 -29.73
C PHE O 60 6.75 43.30 -29.81
N ARG O 61 6.41 44.25 -30.68
CA ARG O 61 5.16 45.01 -30.81
C ARG O 61 3.83 44.29 -30.58
N PRO O 62 3.49 43.17 -31.27
CA PRO O 62 2.10 42.69 -31.15
C PRO O 62 1.82 41.97 -29.85
N LEU O 63 2.81 41.29 -29.26
CA LEU O 63 2.65 40.66 -27.96
C LEU O 63 3.60 41.34 -26.97
N GLN O 64 3.05 42.24 -26.17
CA GLN O 64 3.83 42.89 -25.14
C GLN O 64 2.96 43.06 -23.90
N GLY O 65 1.95 42.21 -23.75
CA GLY O 65 0.94 42.29 -22.72
C GLY O 65 0.88 41.02 -21.90
N LEU O 66 2.05 40.52 -21.50
CA LEU O 66 2.17 39.20 -20.86
C LEU O 66 2.14 39.32 -19.35
N VAL O 67 1.29 40.23 -18.84
CA VAL O 67 1.32 40.71 -17.47
C VAL O 67 1.03 39.62 -16.42
N PHE O 68 0.33 38.55 -16.79
CA PHE O 68 0.01 37.52 -15.81
C PHE O 68 1.20 36.63 -15.53
N ASP O 69 1.02 35.69 -14.61
CA ASP O 69 2.10 34.83 -14.18
C ASP O 69 2.43 33.78 -15.24
N THR O 70 3.63 33.21 -15.12
CA THR O 70 4.16 32.31 -16.14
C THR O 70 3.41 30.98 -16.16
N GLN O 71 2.92 30.53 -15.01
CA GLN O 71 2.18 29.27 -14.95
C GLN O 71 0.81 29.36 -15.58
N LEU O 72 0.30 30.57 -15.80
CA LEU O 72 -1.00 30.71 -16.46
C LEU O 72 -0.92 30.37 -17.93
N TYR O 73 0.21 30.61 -18.57
CA TYR O 73 0.33 30.46 -20.00
C TYR O 73 0.63 29.03 -20.43
N GLY O 74 1.46 28.32 -19.66
CA GLY O 74 1.81 26.96 -20.00
C GLY O 74 2.77 26.89 -21.17
N PHE O 75 3.79 27.73 -21.15
CA PHE O 75 4.77 27.75 -22.21
C PHE O 75 5.70 26.55 -22.11
N PRO O 76 6.23 26.08 -23.23
CA PRO O 76 7.27 25.05 -23.19
C PRO O 76 8.59 25.60 -22.66
N GLY O 77 9.51 24.69 -22.39
CA GLY O 77 10.79 25.06 -21.84
C GLY O 77 11.82 25.43 -22.88
N THR O 78 11.86 24.68 -23.99
CA THR O 78 12.86 24.93 -25.01
C THR O 78 12.34 25.91 -26.04
N PHE O 79 13.28 26.60 -26.69
CA PHE O 79 12.94 27.63 -27.66
C PHE O 79 12.32 27.06 -28.92
N SER O 80 12.79 25.89 -29.37
CA SER O 80 12.28 25.30 -30.60
C SER O 80 10.85 24.81 -30.42
N GLN O 81 10.47 24.39 -29.23
CA GLN O 81 9.09 24.02 -28.98
C GLN O 81 8.23 25.25 -28.72
N TRP O 82 8.79 26.26 -28.05
CA TRP O 82 8.05 27.47 -27.73
C TRP O 82 7.66 28.24 -28.99
N GLU O 83 8.57 28.29 -29.97
CA GLU O 83 8.31 29.01 -31.20
C GLU O 83 7.22 28.35 -32.02
N GLN O 84 7.22 27.02 -32.08
CA GLN O 84 6.17 26.29 -32.79
C GLN O 84 4.83 26.39 -32.05
N PHE O 85 4.85 26.39 -30.73
CA PHE O 85 3.66 26.61 -29.91
C PHE O 85 3.04 27.98 -30.21
N MET O 86 3.85 29.02 -30.22
CA MET O 86 3.35 30.37 -30.47
C MET O 86 2.86 30.54 -31.91
N LYS O 87 3.57 29.99 -32.89
CA LYS O 87 3.12 30.05 -34.28
C LYS O 87 1.82 29.26 -34.49
N GLU O 88 1.62 28.19 -33.73
CA GLU O 88 0.38 27.44 -33.86
C GLU O 88 -0.79 28.18 -33.22
N LYS O 89 -0.55 28.92 -32.13
CA LYS O 89 -1.68 29.56 -31.47
C LYS O 89 -2.06 30.90 -32.06
N LEU O 90 -1.09 31.62 -32.67
CA LEU O 90 -1.39 32.94 -33.19
C LEU O 90 -2.29 32.89 -34.42
N ARG O 91 -2.26 31.80 -35.21
CA ARG O 91 -3.18 31.74 -36.33
C ARG O 91 -4.61 31.42 -35.88
N VAL O 92 -4.76 30.69 -34.77
CA VAL O 92 -6.09 30.45 -34.20
C VAL O 92 -6.67 31.76 -33.69
N LEU O 93 -5.82 32.63 -33.16
CA LEU O 93 -6.31 33.97 -32.84
C LEU O 93 -6.54 34.82 -34.09
N LYS O 94 -5.77 34.59 -35.14
CA LYS O 94 -5.86 35.40 -36.36
C LYS O 94 -7.19 35.17 -37.07
N TYR O 95 -7.65 33.93 -37.13
CA TYR O 95 -8.97 33.69 -37.72
C TYR O 95 -10.10 34.28 -36.88
N GLU O 96 -9.94 34.34 -35.56
CA GLU O 96 -10.96 34.96 -34.72
C GLU O 96 -11.02 36.47 -34.93
N VAL O 97 -9.86 37.09 -35.16
CA VAL O 97 -9.88 38.51 -35.55
C VAL O 97 -10.49 38.67 -36.93
N LEU O 98 -10.17 37.75 -37.85
CA LEU O 98 -10.51 37.92 -39.25
C LEU O 98 -11.99 37.67 -39.51
N ARG O 99 -12.65 36.89 -38.65
CA ARG O 99 -14.08 36.66 -38.82
C ARG O 99 -14.88 37.92 -38.50
N ILE O 100 -14.59 38.58 -37.39
CA ILE O 100 -15.32 39.78 -37.02
C ILE O 100 -14.92 40.95 -37.91
N TYR O 101 -13.62 41.12 -38.14
CA TYR O 101 -13.18 42.19 -39.01
C TYR O 101 -12.71 41.62 -40.34
N PRO O 102 -13.45 41.81 -41.42
CA PRO O 102 -13.03 41.26 -42.71
C PRO O 102 -11.81 41.97 -43.25
N ILE O 103 -11.10 41.26 -44.12
CA ILE O 103 -9.82 41.76 -44.61
C ILE O 103 -10.02 42.75 -45.76
N SER O 104 -11.26 42.94 -46.23
CA SER O 104 -11.55 43.98 -47.20
C SER O 104 -11.31 45.38 -46.64
N THR O 105 -11.43 45.55 -45.32
CA THR O 105 -10.96 46.74 -44.64
C THR O 105 -9.50 46.52 -44.29
N TYR O 106 -8.61 46.99 -45.17
CA TYR O 106 -7.18 46.80 -45.00
C TYR O 106 -6.35 48.03 -45.33
N ASN O 107 -6.96 49.11 -45.81
CA ASN O 107 -6.18 50.17 -46.45
C ASN O 107 -5.54 51.11 -45.44
N HIS O 108 -6.36 51.83 -44.69
CA HIS O 108 -5.84 52.89 -43.82
C HIS O 108 -6.61 52.91 -42.52
N ASP O 109 -6.94 51.73 -42.00
CA ASP O 109 -7.71 51.62 -40.76
C ASP O 109 -6.77 51.35 -39.59
N ARG O 110 -6.63 52.34 -38.71
CA ARG O 110 -5.72 52.22 -37.58
C ARG O 110 -6.35 51.37 -36.48
N VAL O 111 -5.52 50.60 -35.80
CA VAL O 111 -5.97 49.76 -34.69
C VAL O 111 -5.38 50.31 -33.39
N ASN O 112 -6.06 49.99 -32.30
CA ASN O 112 -5.62 50.45 -31.00
C ASN O 112 -4.48 49.56 -30.51
N VAL O 113 -3.35 50.18 -30.17
CA VAL O 113 -2.15 49.41 -29.82
C VAL O 113 -2.33 48.72 -28.47
N PHE O 114 -2.98 49.41 -27.52
CA PHE O 114 -3.23 48.83 -26.21
C PHE O 114 -4.19 47.66 -26.29
N VAL O 115 -5.23 47.79 -27.12
CA VAL O 115 -6.17 46.69 -27.31
C VAL O 115 -5.48 45.55 -28.04
N ALA O 116 -4.55 45.86 -28.95
CA ALA O 116 -3.83 44.83 -29.68
C ALA O 116 -2.91 44.03 -28.76
N ASN O 117 -2.25 44.70 -27.82
CA ASN O 117 -1.43 43.98 -26.85
C ASN O 117 -2.28 43.19 -25.86
N ALA O 118 -3.32 43.82 -25.31
CA ALA O 118 -4.13 43.16 -24.31
C ALA O 118 -4.99 42.04 -24.87
N LEU O 119 -5.26 42.03 -26.18
CA LEU O 119 -6.03 40.95 -26.78
C LEU O 119 -5.21 39.67 -26.83
N VAL O 120 -3.95 39.75 -27.26
CA VAL O 120 -3.11 38.57 -27.25
C VAL O 120 -2.72 38.20 -25.83
N GLY O 121 -2.67 39.18 -24.92
CA GLY O 121 -2.40 38.85 -23.52
C GLY O 121 -3.56 38.15 -22.85
N ALA O 122 -4.79 38.43 -23.31
CA ALA O 122 -5.96 37.75 -22.77
C ALA O 122 -6.15 36.39 -23.44
N PHE O 123 -5.78 36.26 -24.70
CA PHE O 123 -5.97 35.00 -25.38
C PHE O 123 -4.91 33.98 -25.00
N LEU O 124 -3.67 34.42 -24.76
CA LEU O 124 -2.64 33.49 -24.29
C LEU O 124 -2.87 33.06 -22.85
N SER O 125 -3.64 33.83 -22.08
CA SER O 125 -3.90 33.52 -20.69
C SER O 125 -5.33 33.08 -20.42
N ASN O 126 -6.15 32.97 -21.47
CA ASN O 126 -7.53 32.45 -21.41
C ASN O 126 -8.43 33.30 -20.51
N GLN O 127 -8.37 34.62 -20.69
CA GLN O 127 -9.09 35.54 -19.81
C GLN O 127 -9.91 36.53 -20.64
N ALA O 128 -11.09 36.10 -21.10
CA ALA O 128 -12.20 36.95 -21.55
C ALA O 128 -11.78 37.95 -22.65
N PHE O 129 -11.40 37.41 -23.79
CA PHE O 129 -10.88 38.26 -24.86
C PHE O 129 -11.97 38.94 -25.68
N TYR O 130 -13.16 38.35 -25.75
CA TYR O 130 -14.15 38.71 -26.76
C TYR O 130 -14.76 40.09 -26.55
N ASP O 131 -14.66 40.66 -25.34
CA ASP O 131 -15.10 42.03 -25.15
C ASP O 131 -14.17 43.01 -25.83
N LEU O 132 -12.87 42.69 -25.88
CA LEU O 132 -11.90 43.65 -26.37
C LEU O 132 -11.94 43.77 -27.88
N LEU O 133 -12.49 42.79 -28.56
CA LEU O 133 -12.46 42.70 -30.00
C LEU O 133 -13.30 43.76 -30.73
N PRO O 134 -14.48 44.19 -30.25
CA PRO O 134 -15.10 45.36 -30.90
C PRO O 134 -14.38 46.68 -30.65
N LEU O 135 -13.49 46.75 -29.66
CA LEU O 135 -12.76 47.97 -29.37
C LEU O 135 -11.42 48.03 -30.08
N LEU O 136 -11.23 47.25 -31.15
CA LEU O 136 -9.93 47.17 -31.78
C LEU O 136 -9.68 48.33 -32.72
N ILE O 137 -10.68 48.71 -33.51
CA ILE O 137 -10.55 49.84 -34.43
C ILE O 137 -10.68 51.14 -33.63
N VAL O 138 -9.78 52.08 -33.89
CA VAL O 138 -9.66 53.28 -33.07
C VAL O 138 -10.55 54.38 -33.63
N ASN O 139 -10.96 55.30 -32.75
CA ASN O 139 -11.60 56.54 -33.17
C ASN O 139 -11.31 57.66 -32.17
N ASP O 140 -10.94 58.82 -32.72
CA ASP O 140 -10.80 60.15 -32.13
C ASP O 140 -9.58 60.33 -31.24
N THR O 141 -9.00 59.23 -30.74
CA THR O 141 -7.65 59.02 -30.20
C THR O 141 -7.61 57.59 -29.67
N MET O 142 -6.42 57.16 -29.25
CA MET O 142 -6.28 55.83 -28.68
C MET O 142 -6.86 55.75 -27.27
N ILE O 143 -6.60 56.77 -26.43
CA ILE O 143 -6.87 56.60 -25.01
C ILE O 143 -8.35 56.80 -24.68
N SER O 144 -8.98 57.84 -25.24
CA SER O 144 -10.35 58.22 -24.86
C SER O 144 -11.38 57.20 -25.30
N ASP O 145 -11.02 56.30 -26.21
CA ASP O 145 -11.86 55.14 -26.48
C ASP O 145 -11.79 54.13 -25.34
N LEU O 146 -10.74 54.19 -24.51
CA LEU O 146 -10.52 53.23 -23.45
C LEU O 146 -10.75 53.80 -22.05
N LEU O 147 -10.87 55.12 -21.91
CA LEU O 147 -11.11 55.71 -20.58
C LEU O 147 -12.46 55.31 -20.02
N GLY O 148 -13.54 55.55 -20.77
CA GLY O 148 -14.86 55.33 -20.24
C GLY O 148 -15.27 53.88 -20.10
N THR O 149 -14.67 52.98 -20.87
CA THR O 149 -15.14 51.61 -20.92
C THR O 149 -14.69 50.83 -19.70
N GLY O 150 -15.32 49.67 -19.52
CA GLY O 150 -14.94 48.73 -18.48
C GLY O 150 -14.98 47.31 -19.00
N ALA O 151 -14.65 47.13 -20.27
CA ALA O 151 -14.81 45.84 -20.92
C ALA O 151 -13.68 44.88 -20.54
N ALA O 152 -12.43 45.34 -20.67
CA ALA O 152 -11.30 44.47 -20.40
C ALA O 152 -11.09 44.29 -18.90
N LEU O 153 -10.31 43.27 -18.56
CA LEU O 153 -10.03 43.00 -17.16
C LEU O 153 -9.06 44.04 -16.62
N SER O 154 -9.21 44.35 -15.33
CA SER O 154 -8.51 45.48 -14.73
C SER O 154 -7.00 45.27 -14.61
N GLN O 155 -6.51 44.04 -14.76
CA GLN O 155 -5.08 43.81 -14.78
C GLN O 155 -4.44 44.42 -16.02
N PHE O 156 -5.16 44.42 -17.15
CA PHE O 156 -4.62 44.97 -18.38
C PHE O 156 -4.54 46.49 -18.31
N PHE O 157 -5.68 47.14 -18.14
CA PHE O 157 -5.69 48.59 -18.01
C PHE O 157 -6.88 49.04 -17.19
N GLN O 158 -6.78 50.25 -16.67
CA GLN O 158 -7.81 50.84 -15.84
C GLN O 158 -7.73 52.34 -15.95
N SER O 159 -8.79 53.02 -15.54
CA SER O 159 -8.91 54.46 -15.69
C SER O 159 -9.13 55.12 -14.33
N HIS O 160 -8.52 56.28 -14.14
CA HIS O 160 -8.69 57.06 -12.93
C HIS O 160 -9.33 58.42 -13.20
N GLY O 161 -9.84 58.64 -14.40
CA GLY O 161 -10.44 59.91 -14.74
C GLY O 161 -9.41 60.78 -15.40
N GLU O 162 -9.50 60.91 -16.73
CA GLU O 162 -8.57 61.62 -17.61
C GLU O 162 -7.14 61.07 -17.57
N VAL O 163 -6.92 59.91 -16.95
CA VAL O 163 -5.62 59.26 -16.87
C VAL O 163 -5.84 57.78 -17.10
N LEU O 164 -5.20 57.23 -18.12
CA LEU O 164 -5.26 55.80 -18.40
C LEU O 164 -4.02 55.13 -17.81
N GLU O 165 -4.24 54.10 -17.02
CA GLU O 165 -3.17 53.33 -16.38
C GLU O 165 -3.12 51.94 -16.99
N VAL O 166 -2.03 51.62 -17.68
CA VAL O 166 -1.81 50.28 -18.20
C VAL O 166 -0.71 49.64 -17.38
N ALA O 167 -0.59 48.32 -17.52
CA ALA O 167 0.42 47.55 -16.80
C ALA O 167 1.36 46.93 -17.82
N ALA O 168 2.44 47.64 -18.12
CA ALA O 168 3.44 47.12 -19.05
C ALA O 168 4.18 45.95 -18.45
N GLY O 169 4.37 44.90 -19.24
CA GLY O 169 4.96 43.70 -18.69
C GLY O 169 5.71 42.82 -19.66
N ARG O 170 6.84 42.29 -19.20
CA ARG O 170 7.62 41.24 -19.85
C ARG O 170 8.10 41.65 -21.25
N LYS O 171 9.02 42.62 -21.23
CA LYS O 171 9.84 42.87 -22.41
C LYS O 171 10.67 41.65 -22.77
N TYR O 172 11.28 41.02 -21.79
CA TYR O 172 12.03 39.78 -21.97
C TYR O 172 11.21 38.60 -21.45
N LEU O 173 11.65 37.40 -21.81
CA LEU O 173 10.98 36.17 -21.39
C LEU O 173 12.05 35.13 -21.10
N GLN O 174 11.97 34.52 -19.92
CA GLN O 174 12.99 33.62 -19.43
C GLN O 174 12.68 32.18 -19.85
N MET O 175 13.67 31.51 -20.44
CA MET O 175 13.50 30.13 -20.86
C MET O 175 13.92 29.17 -19.74
N ASN O 176 14.02 27.90 -20.08
CA ASN O 176 14.21 26.85 -19.09
C ASN O 176 15.64 26.80 -18.56
N ASN O 177 16.63 26.99 -19.43
CA ASN O 177 18.04 26.83 -19.05
C ASN O 177 18.71 28.17 -18.74
N TYR O 178 17.96 29.10 -18.16
CA TYR O 178 18.52 30.36 -17.68
C TYR O 178 18.86 30.18 -16.21
N SER O 179 20.14 29.94 -15.92
CA SER O 179 20.56 29.53 -14.58
C SER O 179 21.35 30.62 -13.85
N ASN O 180 21.17 31.89 -14.25
CA ASN O 180 21.82 33.06 -13.64
C ASN O 180 23.34 32.95 -13.67
N ASP O 181 23.87 32.40 -14.75
CA ASP O 181 25.31 32.30 -14.92
C ASP O 181 25.89 33.68 -15.20
N ASP O 182 27.20 33.81 -14.99
CA ASP O 182 27.86 35.09 -15.19
C ASP O 182 27.97 35.49 -16.65
N ASP O 183 27.80 34.54 -17.57
CA ASP O 183 27.82 34.82 -18.99
C ASP O 183 26.43 34.98 -19.58
N ASP O 184 25.38 34.81 -18.78
CA ASP O 184 24.02 35.00 -19.24
C ASP O 184 23.76 36.47 -19.51
N PRO O 185 22.86 36.79 -20.44
CA PRO O 185 22.46 38.17 -20.63
C PRO O 185 21.55 38.63 -19.52
N PRO O 186 21.77 39.84 -19.00
CA PRO O 186 20.90 40.34 -17.93
C PRO O 186 19.53 40.72 -18.48
N LEU O 187 18.52 40.61 -17.62
CA LEU O 187 17.15 40.82 -18.04
C LEU O 187 16.54 42.11 -17.51
N PHE O 188 17.21 42.78 -16.56
CA PHE O 188 16.84 44.10 -16.04
C PHE O 188 15.43 44.10 -15.43
N ALA O 189 15.13 43.03 -14.69
CA ALA O 189 13.86 42.81 -13.97
C ALA O 189 12.65 42.88 -14.90
N LYS O 190 12.83 42.52 -16.17
CA LYS O 190 11.76 42.55 -17.15
C LYS O 190 11.29 41.15 -17.52
N ASP O 191 11.67 40.14 -16.76
CA ASP O 191 11.06 38.82 -16.86
C ASP O 191 10.01 38.62 -15.77
N LEU O 192 9.63 39.67 -15.08
CA LEU O 192 8.79 39.60 -13.90
C LEU O 192 7.40 40.14 -14.23
N SER O 193 6.43 39.83 -13.37
CA SER O 193 5.02 40.09 -13.66
C SER O 193 4.72 41.59 -13.71
N ASP O 194 5.08 42.32 -12.66
CA ASP O 194 4.76 43.75 -12.60
C ASP O 194 5.98 44.53 -12.11
N TYR O 195 6.75 45.05 -13.06
CA TYR O 195 7.92 45.86 -12.75
C TYR O 195 7.66 47.35 -12.87
N ALA O 196 6.65 47.76 -13.61
CA ALA O 196 6.35 49.17 -13.77
C ALA O 196 4.88 49.33 -14.10
N LYS O 197 4.40 50.56 -14.00
CA LYS O 197 3.03 50.91 -14.37
C LYS O 197 3.07 52.23 -15.13
N ALA O 198 2.53 52.22 -16.34
CA ALA O 198 2.53 53.40 -17.19
C ALA O 198 1.23 54.18 -16.98
N PHE O 199 1.30 55.50 -17.11
CA PHE O 199 0.16 56.38 -16.90
C PHE O 199 0.00 57.29 -18.10
N TYR O 200 -0.96 56.97 -18.96
CA TYR O 200 -1.20 57.68 -20.20
C TYR O 200 -2.26 58.75 -20.03
N SER O 201 -2.05 59.90 -20.67
CA SER O 201 -3.04 60.96 -20.73
C SER O 201 -2.77 61.80 -21.96
N ASP O 202 -3.59 62.83 -22.16
CA ASP O 202 -3.39 63.72 -23.30
C ASP O 202 -2.24 64.69 -23.05
N THR O 203 -2.34 65.49 -22.00
CA THR O 203 -1.34 66.50 -21.68
C THR O 203 -0.61 66.11 -20.41
N TYR O 204 0.52 66.78 -20.18
CA TYR O 204 1.29 66.53 -18.97
C TYR O 204 0.71 67.20 -17.74
N GLU O 205 -0.13 68.22 -17.93
CA GLU O 205 -0.72 68.93 -16.79
C GLU O 205 -1.75 68.09 -16.05
N VAL O 206 -2.34 67.10 -16.71
CA VAL O 206 -3.24 66.20 -16.01
C VAL O 206 -2.45 65.21 -15.17
N LEU O 207 -1.35 64.68 -15.70
CA LEU O 207 -0.53 63.73 -14.97
C LEU O 207 0.23 64.39 -13.82
N ASP O 208 0.59 65.66 -13.97
CA ASP O 208 1.23 66.37 -12.86
C ASP O 208 0.26 66.63 -11.71
N ARG O 209 -1.01 66.86 -12.02
CA ARG O 209 -2.00 66.90 -10.94
C ARG O 209 -2.35 65.52 -10.43
N PHE O 210 -2.13 64.49 -11.25
CA PHE O 210 -2.34 63.12 -10.78
C PHE O 210 -1.30 62.74 -9.73
N PHE O 211 -0.05 63.13 -9.95
CA PHE O 211 1.00 62.84 -8.98
C PHE O 211 1.16 63.91 -7.91
N TRP O 212 0.15 64.75 -7.71
CA TRP O 212 0.11 65.54 -6.49
C TRP O 212 -0.67 64.81 -5.40
N THR O 213 -1.74 64.12 -5.79
CA THR O 213 -2.53 63.36 -4.83
C THR O 213 -1.86 62.03 -4.51
N HIS O 214 -1.61 61.22 -5.54
CA HIS O 214 -0.99 59.92 -5.36
C HIS O 214 0.50 60.06 -5.00
N ASP O 215 1.07 58.98 -4.50
CA ASP O 215 2.43 59.00 -4.01
C ASP O 215 3.41 58.75 -5.15
N SER O 216 4.60 59.33 -5.01
CA SER O 216 5.70 59.12 -5.96
C SER O 216 6.91 58.64 -5.18
N SER O 217 6.71 57.60 -4.36
CA SER O 217 7.73 57.17 -3.40
C SER O 217 8.94 56.56 -4.09
N ALA O 218 8.70 55.66 -5.04
CA ALA O 218 9.82 54.99 -5.71
C ALA O 218 10.52 55.91 -6.69
N GLY O 219 9.76 56.66 -7.47
CA GLY O 219 10.36 57.52 -8.47
C GLY O 219 9.64 57.33 -9.78
N VAL O 220 9.45 58.42 -10.50
CA VAL O 220 8.69 58.39 -11.75
C VAL O 220 9.63 58.76 -12.91
N LEU O 221 9.41 58.14 -14.06
CA LEU O 221 10.32 58.26 -15.19
C LEU O 221 9.55 58.70 -16.42
N VAL O 222 10.25 59.45 -17.30
CA VAL O 222 9.62 60.06 -18.47
C VAL O 222 10.39 59.57 -19.69
N HIS O 223 9.84 59.75 -20.90
CA HIS O 223 10.61 59.61 -22.13
C HIS O 223 11.11 60.94 -22.69
N TYR O 224 10.22 61.92 -22.88
CA TYR O 224 10.46 63.31 -23.33
C TYR O 224 10.98 63.44 -24.76
N ASP O 225 11.17 62.36 -25.50
CA ASP O 225 11.63 62.45 -26.87
C ASP O 225 10.55 62.02 -27.85
N LYS O 226 10.08 60.78 -27.73
CA LYS O 226 9.16 60.21 -28.71
C LYS O 226 8.41 59.11 -27.99
N PRO O 227 7.27 59.44 -27.39
CA PRO O 227 6.54 58.44 -26.61
C PRO O 227 5.90 57.41 -27.52
N THR O 228 5.67 56.23 -26.94
CA THR O 228 5.28 55.07 -27.73
C THR O 228 3.87 55.22 -28.29
N ASN O 229 2.89 55.45 -27.40
CA ASN O 229 1.51 55.58 -27.83
C ASN O 229 0.87 56.83 -27.23
N GLY O 230 1.63 57.91 -27.17
CA GLY O 230 1.16 59.11 -26.53
C GLY O 230 1.98 59.39 -25.28
N ASN O 231 2.05 60.65 -24.88
CA ASN O 231 2.92 61.06 -23.78
C ASN O 231 2.46 60.47 -22.45
N HIS O 232 3.42 59.98 -21.66
CA HIS O 232 3.09 59.23 -20.47
C HIS O 232 4.25 59.27 -19.49
N TYR O 233 4.00 58.77 -18.29
CA TYR O 233 5.00 58.58 -17.25
C TYR O 233 5.13 57.10 -16.93
N ILE O 234 6.27 56.74 -16.35
CA ILE O 234 6.55 55.38 -15.93
C ILE O 234 6.84 55.41 -14.44
N LEU O 235 6.06 54.67 -13.67
CA LEU O 235 6.24 54.54 -12.24
C LEU O 235 6.77 53.16 -11.92
N GLY O 236 7.94 53.09 -11.31
CA GLY O 236 8.53 51.82 -10.95
C GLY O 236 8.02 51.31 -9.61
N THR O 237 8.05 49.99 -9.45
CA THR O 237 7.63 49.34 -8.22
C THR O 237 8.84 49.05 -7.34
N LEU O 238 8.64 48.27 -6.28
CA LEU O 238 9.70 47.94 -5.33
C LEU O 238 10.04 46.45 -5.36
N THR O 239 9.91 45.81 -6.51
CA THR O 239 10.46 44.47 -6.69
C THR O 239 11.94 44.57 -7.04
N GLN O 240 12.64 43.44 -6.92
CA GLN O 240 14.10 43.45 -6.97
C GLN O 240 14.62 42.36 -7.88
N MET O 241 15.54 42.74 -8.75
CA MET O 241 16.36 41.79 -9.50
C MET O 241 17.73 41.69 -8.85
N VAL O 242 18.18 40.48 -8.57
CA VAL O 242 19.48 40.37 -7.91
C VAL O 242 20.56 40.39 -8.98
N SER O 243 20.69 39.29 -9.74
CA SER O 243 21.47 39.16 -10.98
C SER O 243 22.95 39.51 -10.91
N ALA O 244 23.43 39.90 -9.74
CA ALA O 244 24.77 40.48 -9.61
C ALA O 244 25.11 40.31 -8.14
N PRO O 245 25.81 39.23 -7.79
CA PRO O 245 25.87 38.75 -6.38
C PRO O 245 26.43 39.73 -5.36
N PRO O 246 27.30 40.69 -5.70
CA PRO O 246 27.56 41.74 -4.70
C PRO O 246 26.51 42.83 -4.60
N HIS O 247 25.41 42.77 -5.37
CA HIS O 247 24.47 43.88 -5.38
C HIS O 247 23.02 43.45 -5.38
N ILE O 248 22.17 44.37 -4.93
CA ILE O 248 20.72 44.23 -4.98
C ILE O 248 20.20 45.48 -5.68
N ILE O 249 19.57 45.31 -6.84
CA ILE O 249 19.07 46.42 -7.63
C ILE O 249 17.57 46.28 -7.74
N ASN O 250 16.83 47.25 -7.19
CA ASN O 250 15.39 47.27 -7.33
C ASN O 250 15.00 47.69 -8.74
N ALA O 251 13.68 47.66 -9.01
CA ALA O 251 13.20 47.79 -10.39
C ALA O 251 13.38 49.20 -10.93
N THR O 252 13.20 50.22 -10.09
CA THR O 252 13.32 51.60 -10.54
C THR O 252 14.75 52.03 -10.78
N ASP O 253 15.74 51.21 -10.43
CA ASP O 253 17.12 51.48 -10.78
C ASP O 253 17.59 50.68 -11.98
N ALA O 254 17.16 49.42 -12.11
CA ALA O 254 17.50 48.65 -13.30
C ALA O 254 16.82 49.21 -14.54
N LEU O 255 15.59 49.70 -14.38
CA LEU O 255 14.85 50.31 -15.48
C LEU O 255 15.53 51.58 -15.96
N LEU O 256 16.22 52.28 -15.08
CA LEU O 256 17.00 53.45 -15.47
C LEU O 256 18.36 53.05 -16.03
N LEU O 257 18.95 51.99 -15.49
CA LEU O 257 20.31 51.59 -15.83
C LEU O 257 20.37 50.99 -17.23
N GLU O 258 19.38 50.19 -17.63
CA GLU O 258 19.36 49.66 -18.99
C GLU O 258 19.23 50.77 -20.02
N SER O 259 18.35 51.73 -19.76
CA SER O 259 18.17 52.86 -20.66
C SER O 259 19.39 53.78 -20.68
N CYS O 260 20.15 53.83 -19.59
CA CYS O 260 21.41 54.57 -19.61
C CYS O 260 22.45 53.87 -20.47
N LEU O 261 22.58 52.55 -20.30
CA LEU O 261 23.58 51.81 -21.08
C LEU O 261 23.26 51.74 -22.55
N GLU O 262 21.98 51.74 -22.94
CA GLU O 262 21.64 51.78 -24.36
C GLU O 262 22.08 53.10 -24.99
N GLN O 263 21.97 54.20 -24.24
CA GLN O 263 22.37 55.49 -24.80
C GLN O 263 23.89 55.64 -24.82
N PHE O 264 24.57 55.10 -23.80
CA PHE O 264 26.03 55.04 -23.85
C PHE O 264 26.53 54.19 -25.00
N ALA O 265 25.80 53.14 -25.37
CA ALA O 265 26.17 52.37 -26.54
C ALA O 265 25.85 53.12 -27.83
N ALA O 266 24.73 53.83 -27.87
CA ALA O 266 24.32 54.51 -29.10
C ALA O 266 25.10 55.78 -29.36
N ASN O 267 25.75 56.35 -28.34
CA ASN O 267 26.59 57.52 -28.58
C ASN O 267 27.90 57.17 -29.28
N VAL O 268 28.26 55.88 -29.32
CA VAL O 268 29.49 55.49 -30.01
C VAL O 268 29.20 55.18 -31.47
N ARG O 269 28.04 54.57 -31.74
CA ARG O 269 27.70 54.11 -33.08
C ARG O 269 27.25 55.22 -34.01
N ALA O 270 27.17 56.47 -33.55
CA ALA O 270 26.68 57.56 -34.38
C ALA O 270 27.75 57.96 -35.39
N ARG O 271 27.41 57.86 -36.67
CA ARG O 271 28.34 58.19 -37.74
C ARG O 271 27.87 59.39 -38.56
N SER O 272 26.90 60.15 -38.06
CA SER O 272 26.40 61.42 -38.62
C SER O 272 25.80 61.27 -40.01
N ALA O 273 25.45 60.07 -40.42
CA ALA O 273 24.76 59.88 -41.69
C ALA O 273 23.55 58.99 -41.56
N GLN O 274 23.59 57.98 -40.71
CA GLN O 274 22.45 57.08 -40.64
C GLN O 274 21.49 57.51 -39.54
N PRO O 275 20.18 57.38 -39.77
CA PRO O 275 19.20 57.75 -38.77
C PRO O 275 18.96 56.66 -37.74
N VAL O 276 18.50 57.10 -36.57
CA VAL O 276 18.09 56.20 -35.51
C VAL O 276 16.63 56.49 -35.19
N THR O 277 16.04 55.64 -34.35
CA THR O 277 14.63 55.77 -34.03
C THR O 277 14.36 56.72 -32.86
N ARG O 278 15.36 56.98 -32.02
CA ARG O 278 15.23 57.92 -30.91
C ARG O 278 16.54 58.68 -30.75
N LEU O 279 16.44 60.00 -30.62
CA LEU O 279 17.65 60.79 -30.43
C LEU O 279 18.27 60.57 -29.06
N ASP O 280 17.46 60.24 -28.06
CA ASP O 280 18.01 59.76 -26.79
C ASP O 280 17.09 58.71 -26.20
N GLN O 281 17.71 57.78 -25.47
CA GLN O 281 17.00 56.65 -24.88
C GLN O 281 16.68 56.83 -23.42
N CYS O 282 17.16 57.90 -22.79
CA CYS O 282 17.23 57.99 -21.34
C CYS O 282 15.85 58.25 -20.73
N TYR O 283 15.82 58.31 -19.40
CA TYR O 283 14.56 58.45 -18.67
C TYR O 283 14.43 59.74 -17.86
N HIS O 284 15.47 60.13 -17.11
CA HIS O 284 15.49 61.39 -16.35
C HIS O 284 14.36 61.54 -15.35
N LEU O 285 14.52 60.87 -14.20
CA LEU O 285 13.69 60.95 -13.00
C LEU O 285 13.10 62.33 -12.73
N ARG O 286 11.78 62.36 -12.48
CA ARG O 286 11.01 63.59 -12.54
C ARG O 286 10.54 64.09 -11.18
N TRP O 287 9.78 63.30 -10.43
CA TRP O 287 9.18 63.78 -9.19
C TRP O 287 9.79 63.20 -7.93
N GLY O 288 10.16 61.93 -7.92
CA GLY O 288 10.55 61.27 -6.68
C GLY O 288 11.93 61.59 -6.15
N ALA O 289 12.60 62.61 -6.71
CA ALA O 289 13.98 62.91 -6.36
C ALA O 289 14.14 63.42 -4.93
N GLN O 290 13.07 63.86 -4.28
CA GLN O 290 13.15 64.17 -2.86
C GLN O 290 13.19 62.91 -2.02
N TYR O 291 12.46 61.88 -2.42
CA TYR O 291 12.37 60.67 -1.61
C TYR O 291 13.59 59.78 -1.80
N VAL O 292 14.26 59.87 -2.95
CA VAL O 292 15.47 59.07 -3.16
C VAL O 292 16.62 59.74 -2.42
N GLY O 293 17.63 58.94 -2.10
CA GLY O 293 18.73 59.42 -1.30
C GLY O 293 19.77 60.15 -2.14
N GLU O 294 20.35 61.18 -1.53
CA GLU O 294 21.55 61.79 -2.08
C GLU O 294 22.68 60.76 -2.07
N ASP O 295 23.53 60.84 -3.08
CA ASP O 295 24.66 59.96 -3.45
C ASP O 295 24.37 58.47 -3.28
N SER O 296 23.14 58.04 -3.52
CA SER O 296 22.80 56.63 -3.57
C SER O 296 22.80 56.18 -5.03
N LEU O 297 22.38 54.94 -5.26
CA LEU O 297 22.43 54.36 -6.60
C LEU O 297 21.47 55.04 -7.57
N THR O 298 20.28 55.42 -7.09
CA THR O 298 19.32 56.10 -7.96
C THR O 298 19.83 57.48 -8.38
N TYR O 299 20.44 58.21 -7.45
CA TYR O 299 20.99 59.52 -7.75
C TYR O 299 22.17 59.43 -8.70
N ARG O 300 23.04 58.44 -8.49
CA ARG O 300 24.20 58.28 -9.37
C ARG O 300 23.79 57.84 -10.77
N LEU O 301 22.78 56.97 -10.87
CA LEU O 301 22.29 56.61 -12.20
C LEU O 301 21.52 57.74 -12.86
N GLY O 302 20.93 58.66 -12.09
CA GLY O 302 20.37 59.85 -12.68
C GLY O 302 21.42 60.78 -13.24
N VAL O 303 22.55 60.90 -12.54
CA VAL O 303 23.69 61.68 -13.05
C VAL O 303 24.20 61.07 -14.35
N LEU O 304 24.37 59.74 -14.38
CA LEU O 304 24.83 59.08 -15.61
C LEU O 304 23.79 59.17 -16.72
N SER O 305 22.50 59.19 -16.38
CA SER O 305 21.47 59.34 -17.40
C SER O 305 21.46 60.73 -17.98
N LEU O 306 21.84 61.73 -17.20
CA LEU O 306 22.02 63.07 -17.76
C LEU O 306 23.26 63.14 -18.64
N LEU O 307 24.33 62.45 -18.24
CA LEU O 307 25.56 62.44 -19.03
C LEU O 307 25.36 61.77 -20.38
N ALA O 308 24.62 60.66 -20.40
CA ALA O 308 24.34 59.97 -21.65
C ALA O 308 23.48 60.83 -22.58
N THR O 309 22.58 61.63 -22.01
CA THR O 309 21.74 62.49 -22.84
C THR O 309 22.56 63.62 -23.43
N ASN O 310 23.47 64.19 -22.64
CA ASN O 310 24.35 65.23 -23.17
C ASN O 310 25.37 64.66 -24.17
N GLY O 311 25.69 63.38 -24.08
CA GLY O 311 26.41 62.75 -25.16
C GLY O 311 27.79 62.23 -24.83
N TYR O 312 28.07 62.04 -23.54
CA TYR O 312 29.36 61.50 -23.12
C TYR O 312 29.51 60.04 -23.53
N GLN O 313 30.75 59.58 -23.48
CA GLN O 313 31.11 58.24 -23.92
C GLN O 313 31.92 57.55 -22.83
N LEU O 314 31.72 56.24 -22.69
CA LEU O 314 32.42 55.49 -21.66
C LEU O 314 33.84 55.18 -22.08
N ALA O 315 34.70 54.98 -21.09
CA ALA O 315 36.10 54.69 -21.35
C ALA O 315 36.27 53.28 -21.89
N ARG O 316 35.88 52.28 -21.12
CA ARG O 316 35.97 50.93 -21.63
C ARG O 316 34.79 50.63 -22.54
N PRO O 317 34.97 49.82 -23.57
CA PRO O 317 33.91 49.62 -24.56
C PRO O 317 32.79 48.74 -24.03
N ILE O 318 31.61 48.95 -24.59
CA ILE O 318 30.41 48.21 -24.24
C ILE O 318 30.31 47.02 -25.18
N PRO O 319 30.08 45.80 -24.67
CA PRO O 319 29.90 44.66 -25.55
C PRO O 319 28.62 44.77 -26.36
N LYS O 320 28.58 44.00 -27.46
CA LYS O 320 27.41 44.02 -28.33
C LYS O 320 26.22 43.37 -27.63
N GLN O 321 26.46 42.30 -26.89
CA GLN O 321 25.47 41.69 -26.03
C GLN O 321 25.97 41.78 -24.59
N LEU O 322 25.13 42.28 -23.70
CA LEU O 322 25.54 42.51 -22.33
C LEU O 322 25.68 41.18 -21.60
N THR O 323 26.68 41.10 -20.72
CA THR O 323 26.89 39.91 -19.91
C THR O 323 26.72 40.26 -18.45
N ASN O 324 26.27 39.25 -17.70
CA ASN O 324 25.89 39.42 -16.30
C ASN O 324 27.10 39.68 -15.41
N ARG O 325 28.29 39.33 -15.88
CA ARG O 325 29.50 39.65 -15.13
C ARG O 325 29.95 41.08 -15.39
N TRP O 326 29.87 41.52 -16.65
CA TRP O 326 30.23 42.90 -16.99
C TRP O 326 29.29 43.90 -16.34
N LEU O 327 28.01 43.53 -16.23
CA LEU O 327 27.04 44.42 -15.59
C LEU O 327 27.34 44.58 -14.10
N SER O 328 27.69 43.48 -13.43
CA SER O 328 28.07 43.53 -12.03
C SER O 328 29.35 44.32 -11.82
N SER O 329 30.30 44.20 -12.75
CA SER O 329 31.52 45.00 -12.65
C SER O 329 31.24 46.49 -12.85
N PHE O 330 30.32 46.83 -13.75
CA PHE O 330 29.97 48.23 -13.96
C PHE O 330 29.24 48.82 -12.75
N VAL O 331 28.36 48.04 -12.13
CA VAL O 331 27.64 48.52 -10.95
C VAL O 331 28.60 48.67 -9.77
N SER O 332 29.51 47.71 -9.58
CA SER O 332 30.52 47.84 -8.54
C SER O 332 31.51 48.95 -8.81
N GLN O 333 31.68 49.33 -10.07
CA GLN O 333 32.52 50.45 -10.42
C GLN O 333 31.82 51.78 -10.20
N VAL O 334 30.50 51.82 -10.31
CA VAL O 334 29.77 53.07 -10.14
C VAL O 334 29.34 53.32 -8.69
N VAL O 335 29.29 52.29 -7.84
CA VAL O 335 28.96 52.50 -6.44
C VAL O 335 30.21 52.76 -5.59
N SER O 336 31.34 53.03 -6.23
CA SER O 336 32.57 53.30 -5.50
C SER O 336 32.54 54.73 -4.94
N ASP O 337 33.63 55.14 -4.30
CA ASP O 337 33.75 56.48 -3.76
C ASP O 337 34.40 57.42 -4.77
N GLY O 338 34.15 58.70 -4.60
CA GLY O 338 34.63 59.73 -5.50
C GLY O 338 33.60 60.82 -5.65
N ILE O 339 34.00 61.93 -6.27
CA ILE O 339 33.10 63.06 -6.44
C ILE O 339 32.72 63.22 -7.90
N ASN O 340 31.63 63.93 -8.15
CA ASN O 340 31.17 64.20 -9.51
C ASN O 340 32.01 65.33 -10.09
N GLU O 341 32.90 64.99 -11.02
CA GLU O 341 33.74 66.00 -11.65
C GLU O 341 32.98 66.83 -12.69
N THR O 342 31.87 66.34 -13.17
CA THR O 342 31.13 67.01 -14.22
C THR O 342 30.30 68.15 -13.65
N PRO O 343 30.26 69.31 -14.30
CA PRO O 343 29.37 70.40 -13.85
C PRO O 343 27.88 70.12 -14.02
N LEU O 344 27.49 69.02 -14.67
CA LEU O 344 26.08 68.68 -14.79
C LEU O 344 25.52 68.20 -13.46
N TRP O 345 24.26 68.56 -13.19
CA TRP O 345 23.55 68.15 -11.99
C TRP O 345 22.09 67.92 -12.35
N PRO O 346 21.47 66.88 -11.81
CA PRO O 346 20.07 66.61 -12.13
C PRO O 346 19.14 67.60 -11.47
N GLN O 347 18.05 67.92 -12.18
CA GLN O 347 17.01 68.79 -11.64
C GLN O 347 15.64 68.21 -12.00
N GLU O 348 14.68 68.43 -11.10
CA GLU O 348 13.35 67.89 -11.31
C GLU O 348 12.57 68.65 -12.37
N ARG O 349 12.83 69.95 -12.52
CA ARG O 349 11.94 70.80 -13.31
C ARG O 349 12.12 70.60 -14.80
N TYR O 350 13.35 70.46 -15.27
CA TYR O 350 13.61 70.18 -16.67
C TYR O 350 14.97 69.53 -16.79
N VAL O 351 15.09 68.60 -17.72
CA VAL O 351 16.38 68.04 -18.10
C VAL O 351 17.07 69.01 -19.04
N GLN O 352 18.28 69.43 -18.66
CA GLN O 352 18.97 70.48 -19.37
C GLN O 352 20.01 69.92 -20.31
N ILE O 353 20.33 70.70 -21.33
CA ILE O 353 21.33 70.37 -22.34
C ILE O 353 22.32 71.53 -22.38
N ALA O 354 23.62 71.20 -22.32
CA ALA O 354 24.65 72.23 -22.35
C ALA O 354 24.73 72.88 -23.73
N TYR O 355 25.57 73.92 -23.82
CA TYR O 355 25.59 74.74 -25.02
C TYR O 355 26.25 74.01 -26.18
N ASP O 356 27.43 73.43 -25.96
CA ASP O 356 28.13 72.71 -27.01
C ASP O 356 27.89 71.21 -26.96
N SER O 357 26.72 70.80 -26.52
CA SER O 357 26.36 69.40 -26.68
C SER O 357 25.94 69.15 -28.13
N PRO O 358 26.40 68.06 -28.73
CA PRO O 358 26.10 67.83 -30.16
C PRO O 358 24.67 67.37 -30.42
N SER O 359 23.89 67.08 -29.40
CA SER O 359 22.54 66.59 -29.61
C SER O 359 21.63 67.70 -30.13
N VAL O 360 20.84 67.38 -31.13
CA VAL O 360 19.93 68.32 -31.75
C VAL O 360 18.48 68.06 -31.33
N VAL O 361 18.28 67.37 -30.22
CA VAL O 361 16.94 66.97 -29.82
C VAL O 361 16.16 68.12 -29.22
N ASP O 362 16.85 69.15 -28.73
CA ASP O 362 16.21 70.32 -28.12
C ASP O 362 15.37 71.09 -29.12
N GLY O 363 15.80 71.14 -30.39
CA GLY O 363 14.96 71.68 -31.43
C GLY O 363 14.01 70.67 -32.03
N ALA O 364 14.26 69.38 -31.81
CA ALA O 364 13.45 68.34 -32.43
C ALA O 364 12.09 68.18 -31.73
N THR O 365 12.11 67.90 -30.44
CA THR O 365 10.87 67.72 -29.70
C THR O 365 10.28 69.08 -29.35
N GLN O 366 9.07 69.05 -28.77
CA GLN O 366 8.39 70.29 -28.45
C GLN O 366 8.95 70.93 -27.19
N TYR O 367 8.83 70.23 -26.05
CA TYR O 367 9.38 70.73 -24.80
C TYR O 367 9.74 69.55 -23.90
N GLY O 368 10.25 69.89 -22.72
CA GLY O 368 10.86 68.90 -21.85
C GLY O 368 12.36 69.08 -21.87
N TYR O 369 12.90 69.32 -23.06
CA TYR O 369 14.32 69.57 -23.25
C TYR O 369 14.54 71.07 -23.35
N VAL O 370 15.42 71.60 -22.52
CA VAL O 370 15.69 73.04 -22.47
C VAL O 370 17.17 73.26 -22.70
N ARG O 371 17.50 74.02 -23.75
CA ARG O 371 18.88 74.32 -24.11
C ARG O 371 19.40 75.37 -23.15
N ARG O 372 20.01 74.92 -22.06
CA ARG O 372 20.57 75.82 -21.07
C ARG O 372 21.87 76.44 -21.59
N ASN O 373 21.96 77.76 -21.49
CA ASN O 373 23.06 78.52 -22.05
C ASN O 373 24.16 78.80 -21.04
N GLN O 374 23.86 78.69 -19.74
CA GLN O 374 24.80 79.14 -18.73
C GLN O 374 26.00 78.21 -18.60
N LEU O 375 25.77 76.93 -18.36
CA LEU O 375 26.86 76.01 -18.08
C LEU O 375 27.48 75.53 -19.39
N ARG O 376 28.81 75.42 -19.39
CA ARG O 376 29.58 75.08 -20.57
C ARG O 376 30.64 74.06 -20.19
N LEU O 377 30.79 73.04 -21.02
CA LEU O 377 31.78 72.01 -20.82
C LEU O 377 32.93 72.18 -21.81
N GLY O 378 34.14 71.85 -21.36
CA GLY O 378 35.32 72.15 -22.15
C GLY O 378 35.75 71.02 -23.06
N MET O 379 34.83 70.49 -23.86
CA MET O 379 35.12 69.35 -24.71
C MET O 379 34.70 69.62 -26.15
N ARG O 380 35.37 68.95 -27.08
CA ARG O 380 35.09 69.05 -28.50
C ARG O 380 34.55 67.74 -29.04
N ILE O 381 33.75 67.81 -30.09
CA ILE O 381 32.90 66.71 -30.50
C ILE O 381 33.58 65.88 -31.59
N SER O 382 33.60 64.56 -31.37
CA SER O 382 33.94 63.52 -32.35
C SER O 382 33.60 62.19 -31.69
N ALA O 383 33.62 61.13 -32.48
CA ALA O 383 33.43 59.80 -31.92
C ALA O 383 34.75 59.25 -31.40
N LEU O 384 34.68 58.12 -30.70
CA LEU O 384 35.88 57.47 -30.21
C LEU O 384 36.41 56.50 -31.24
N GLN O 385 37.67 56.09 -31.06
CA GLN O 385 38.33 55.16 -31.96
C GLN O 385 38.85 53.98 -31.17
N SER O 386 38.14 52.87 -31.22
CA SER O 386 38.56 51.62 -30.59
C SER O 386 39.00 50.64 -31.67
N LEU O 387 39.70 49.58 -31.25
CA LEU O 387 40.38 48.70 -32.19
C LEU O 387 40.59 47.34 -31.52
N SER O 388 41.45 46.52 -32.13
CA SER O 388 41.56 45.11 -31.78
C SER O 388 42.39 44.90 -30.52
N ASP O 389 42.76 43.64 -30.25
CA ASP O 389 43.29 43.23 -28.96
C ASP O 389 44.80 43.06 -28.96
N THR O 390 45.36 42.38 -29.99
CA THR O 390 46.76 41.99 -30.14
C THR O 390 47.24 41.22 -28.91
N PRO O 391 46.90 39.93 -28.80
CA PRO O 391 47.08 39.20 -27.53
C PRO O 391 48.52 38.94 -27.11
N ALA O 392 49.51 39.31 -27.90
CA ALA O 392 50.89 39.22 -27.45
C ALA O 392 51.37 40.57 -26.94
N PRO O 393 52.24 40.60 -25.93
CA PRO O 393 52.80 41.89 -25.49
C PRO O 393 53.75 42.47 -26.52
N VAL O 394 53.60 43.77 -26.76
CA VAL O 394 54.26 44.43 -27.87
C VAL O 394 55.40 45.30 -27.35
N GLN O 395 56.47 45.39 -28.15
CA GLN O 395 57.65 46.14 -27.75
C GLN O 395 57.40 47.63 -27.81
N TRP O 396 57.84 48.35 -26.78
CA TRP O 396 57.71 49.80 -26.68
C TRP O 396 59.08 50.44 -26.62
N LEU O 397 59.21 51.61 -27.25
CA LEU O 397 60.43 52.38 -27.16
C LEU O 397 60.14 53.75 -26.54
N PRO O 398 60.97 54.21 -25.60
CA PRO O 398 60.72 55.50 -24.96
C PRO O 398 61.35 56.66 -25.71
N GLN O 399 60.75 57.83 -25.55
CA GLN O 399 61.28 59.09 -26.03
C GLN O 399 61.33 60.06 -24.86
N TYR O 400 62.22 61.05 -24.94
CA TYR O 400 62.59 61.83 -23.77
C TYR O 400 62.18 63.29 -23.92
N THR O 401 62.21 63.97 -22.78
CA THR O 401 61.85 65.38 -22.65
C THR O 401 62.91 66.05 -21.78
N ILE O 402 63.13 67.34 -21.99
CA ILE O 402 64.26 68.03 -21.38
C ILE O 402 64.09 68.26 -19.87
N ASP O 403 62.90 68.07 -19.32
CA ASP O 403 62.71 68.22 -17.89
C ASP O 403 63.33 67.03 -17.14
N GLN O 404 63.50 67.21 -15.83
CA GLN O 404 64.24 66.24 -15.04
C GLN O 404 63.87 66.37 -13.57
N VAL O 405 64.07 65.27 -12.84
CA VAL O 405 63.98 65.23 -11.39
C VAL O 405 65.24 64.60 -10.85
N ALA O 406 65.30 64.43 -9.53
CA ALA O 406 66.47 63.89 -8.87
C ALA O 406 66.44 62.36 -8.88
N VAL O 407 67.63 61.76 -8.89
CA VAL O 407 67.76 60.32 -9.08
C VAL O 407 67.29 59.50 -7.88
N ASP O 408 67.21 60.09 -6.70
CA ASP O 408 66.68 59.38 -5.55
C ASP O 408 65.16 59.34 -5.53
N GLU O 409 64.51 60.03 -6.46
CA GLU O 409 63.06 59.98 -6.57
C GLU O 409 62.58 58.78 -7.36
N GLY O 410 63.31 58.38 -8.41
CA GLY O 410 62.88 57.31 -9.29
C GLY O 410 62.85 55.95 -8.65
N ASP O 411 63.94 55.58 -7.95
CA ASP O 411 63.97 54.30 -7.24
C ASP O 411 62.97 54.26 -6.09
N ALA O 412 62.79 55.37 -5.37
CA ALA O 412 61.79 55.41 -4.31
C ALA O 412 60.38 55.35 -4.86
N MET O 413 60.17 55.87 -6.07
CA MET O 413 58.85 55.79 -6.68
C MET O 413 58.56 54.37 -7.17
N VAL O 414 59.55 53.72 -7.80
CA VAL O 414 59.31 52.37 -8.29
C VAL O 414 59.37 51.33 -7.17
N SER O 415 59.85 51.70 -5.99
CA SER O 415 59.84 50.78 -4.85
C SER O 415 58.44 50.37 -4.44
N GLN O 416 57.46 51.24 -4.60
CA GLN O 416 56.07 50.89 -4.32
C GLN O 416 55.32 50.42 -5.55
N LEU O 417 55.94 50.46 -6.73
CA LEU O 417 55.25 50.04 -7.95
C LEU O 417 55.66 48.66 -8.42
N THR O 418 56.93 48.28 -8.22
CA THR O 418 57.44 47.02 -8.71
C THR O 418 56.93 45.87 -7.86
N GLN O 419 56.40 44.84 -8.52
CA GLN O 419 56.09 43.57 -7.86
C GLN O 419 57.24 42.58 -8.07
N LEU O 420 58.41 43.02 -7.62
CA LEU O 420 59.64 42.23 -7.76
C LEU O 420 59.64 40.85 -7.13
N PRO O 421 59.05 40.57 -5.93
CA PRO O 421 59.07 39.18 -5.44
C PRO O 421 58.16 38.27 -6.25
N LEU O 422 58.63 37.84 -7.41
CA LEU O 422 57.95 36.82 -8.20
C LEU O 422 59.01 35.87 -8.75
N ARG O 423 58.54 34.78 -9.34
CA ARG O 423 59.43 33.76 -9.88
C ARG O 423 59.32 33.75 -11.39
N PRO O 424 60.25 34.36 -12.12
CA PRO O 424 60.20 34.28 -13.58
C PRO O 424 60.70 32.93 -14.08
N ASP O 425 60.27 32.58 -15.28
CA ASP O 425 60.80 31.39 -15.93
C ASP O 425 62.21 31.68 -16.43
N TYR O 426 63.09 30.69 -16.34
CA TYR O 426 64.50 30.97 -16.53
C TYR O 426 64.86 31.01 -18.00
N GLY O 427 64.51 29.98 -18.75
CA GLY O 427 64.86 29.93 -20.15
C GLY O 427 66.03 29.00 -20.43
N SER O 428 66.96 29.45 -21.28
CA SER O 428 68.12 28.63 -21.60
C SER O 428 69.24 29.54 -22.07
N ILE O 429 70.46 29.32 -21.55
CA ILE O 429 71.60 30.12 -21.96
C ILE O 429 72.01 29.79 -23.38
N TRP O 430 72.29 28.51 -23.64
CA TRP O 430 72.98 28.10 -24.84
C TRP O 430 72.14 27.03 -25.53
N ILE O 431 71.87 27.21 -26.82
CA ILE O 431 71.02 26.31 -27.57
C ILE O 431 71.78 25.75 -28.75
N GLY O 432 71.33 24.61 -29.25
CA GLY O 432 71.84 24.04 -30.47
C GLY O 432 72.89 22.96 -30.23
N GLU O 433 73.67 22.70 -31.27
CA GLU O 433 74.70 21.68 -31.26
C GLU O 433 75.97 22.15 -30.57
N ALA O 434 77.07 21.41 -30.74
CA ALA O 434 78.34 21.76 -30.13
C ALA O 434 79.24 22.44 -31.15
N LEU O 435 80.11 23.32 -30.64
CA LEU O 435 81.12 23.96 -31.47
C LEU O 435 82.39 23.11 -31.48
N SER O 436 82.91 22.85 -32.67
CA SER O 436 84.10 22.01 -32.81
C SER O 436 85.34 22.89 -32.83
N TYR O 437 86.18 22.76 -31.82
CA TYR O 437 87.48 23.41 -31.77
C TYR O 437 88.54 22.33 -31.90
N TYR O 438 89.31 22.39 -32.98
CA TYR O 438 90.23 21.33 -33.32
C TYR O 438 91.62 21.91 -33.50
N VAL O 439 92.62 21.03 -33.45
CA VAL O 439 93.99 21.37 -33.81
C VAL O 439 94.66 20.08 -34.30
N ASP O 440 95.47 20.20 -35.33
CA ASP O 440 96.13 19.05 -35.92
C ASP O 440 97.64 19.25 -35.84
N TYR O 441 98.36 18.16 -35.61
CA TYR O 441 99.82 18.25 -35.58
C TYR O 441 100.37 18.49 -36.97
N ASN O 442 101.19 19.53 -37.10
CA ASN O 442 101.89 19.82 -38.33
C ASN O 442 103.38 19.62 -38.11
N ARG O 443 104.10 19.37 -39.20
CA ARG O 443 105.50 18.99 -39.10
C ARG O 443 106.38 20.19 -38.77
N SER O 444 106.12 21.34 -39.39
CA SER O 444 107.08 22.44 -39.42
C SER O 444 106.66 23.65 -38.60
N HIS O 445 105.88 23.47 -37.54
CA HIS O 445 105.55 24.64 -36.72
C HIS O 445 106.64 24.95 -35.70
N ARG O 446 106.82 24.06 -34.72
CA ARG O 446 107.70 24.29 -33.57
C ARG O 446 107.79 23.03 -32.71
N VAL O 447 108.94 22.79 -32.10
CA VAL O 447 109.08 21.78 -31.05
C VAL O 447 108.94 22.49 -29.70
N VAL O 448 108.25 21.85 -28.77
CA VAL O 448 108.10 22.36 -27.41
C VAL O 448 108.03 21.17 -26.46
N LEU O 449 108.62 21.32 -25.28
CA LEU O 449 108.64 20.24 -24.30
C LEU O 449 107.33 20.20 -23.52
N SER O 450 107.07 19.06 -22.89
CA SER O 450 105.80 18.81 -22.23
C SER O 450 105.67 19.54 -20.89
N SER O 451 106.76 19.99 -20.30
CA SER O 451 106.71 20.62 -18.99
C SER O 451 106.20 22.06 -19.04
N GLU O 452 106.11 22.66 -20.22
CA GLU O 452 105.64 24.02 -20.36
C GLU O 452 104.18 24.13 -20.75
N LEU O 453 103.48 23.00 -20.88
CA LEU O 453 102.08 23.08 -21.24
C LEU O 453 101.23 23.41 -20.02
N PRO O 454 100.20 24.25 -20.17
CA PRO O 454 99.37 24.59 -19.02
C PRO O 454 98.46 23.45 -18.61
N GLN O 455 98.03 23.50 -17.35
CA GLN O 455 97.10 22.54 -16.78
C GLN O 455 95.91 23.29 -16.21
N LEU O 456 94.97 22.54 -15.63
CA LEU O 456 93.79 23.15 -15.05
C LEU O 456 94.18 23.89 -13.76
N PRO O 457 93.49 24.99 -13.44
CA PRO O 457 93.84 25.75 -12.24
C PRO O 457 93.42 25.04 -10.97
N ASP O 458 94.02 25.48 -9.86
CA ASP O 458 93.71 24.89 -8.57
C ASP O 458 92.31 25.28 -8.11
N THR O 459 91.82 26.45 -8.52
CA THR O 459 90.47 26.88 -8.19
C THR O 459 89.46 26.30 -9.18
N TYR O 460 89.34 24.98 -9.13
CA TYR O 460 88.42 24.24 -9.99
C TYR O 460 87.44 23.39 -9.22
N PHE O 461 87.83 22.86 -8.07
CA PHE O 461 86.96 22.04 -7.23
C PHE O 461 86.25 22.88 -6.17
N ASP O 462 86.21 24.20 -6.34
CA ASP O 462 85.61 25.06 -5.35
C ASP O 462 84.10 25.08 -5.50
N GLY O 463 83.42 25.63 -4.49
CA GLY O 463 81.96 25.63 -4.49
C GLY O 463 81.39 26.54 -5.55
N ASP O 464 81.99 27.72 -5.74
CA ASP O 464 81.50 28.65 -6.76
C ASP O 464 81.76 28.13 -8.16
N GLU O 465 82.88 27.43 -8.37
CA GLU O 465 83.16 26.86 -9.68
C GLU O 465 82.24 25.69 -9.98
N GLN O 466 81.94 24.86 -8.98
CA GLN O 466 80.99 23.78 -9.16
C GLN O 466 79.58 24.31 -9.41
N TYR O 467 79.23 25.42 -8.74
CA TYR O 467 77.97 26.12 -8.99
C TYR O 467 77.90 26.67 -10.40
N GLY O 468 78.99 27.26 -10.90
CA GLY O 468 78.99 27.80 -12.24
C GLY O 468 78.95 26.73 -13.31
N ARG O 469 79.53 25.56 -13.03
CA ARG O 469 79.38 24.44 -13.95
C ARG O 469 77.96 23.90 -13.94
N SER O 470 77.36 23.75 -12.75
CA SER O 470 76.03 23.15 -12.65
C SER O 470 74.94 24.05 -13.20
N LEU O 471 75.09 25.38 -13.07
CA LEU O 471 74.11 26.29 -13.64
C LEU O 471 74.10 26.22 -15.16
N PHE O 472 75.28 26.17 -15.76
CA PHE O 472 75.37 26.06 -17.21
C PHE O 472 74.87 24.70 -17.70
N SER O 473 75.14 23.64 -16.93
CA SER O 473 74.64 22.32 -17.29
C SER O 473 73.13 22.22 -17.16
N LEU O 474 72.52 22.97 -16.25
CA LEU O 474 71.07 22.99 -16.17
C LEU O 474 70.45 23.88 -17.24
N ALA O 475 71.11 24.96 -17.61
CA ALA O 475 70.54 25.88 -18.59
C ALA O 475 70.84 25.50 -20.03
N ARG O 476 71.70 24.51 -20.26
CA ARG O 476 71.98 24.06 -21.62
C ARG O 476 70.82 23.23 -22.15
N LYS O 477 70.39 23.50 -23.38
CA LYS O 477 69.30 22.77 -24.01
C LYS O 477 69.84 21.97 -25.19
N VAL O 478 69.80 20.64 -25.07
CA VAL O 478 70.36 19.74 -26.06
C VAL O 478 69.39 18.62 -26.37
N GLY O 479 69.85 17.65 -27.16
CA GLY O 479 69.21 16.35 -27.25
C GLY O 479 69.93 15.40 -26.33
N ASP O 480 70.76 14.52 -26.88
CA ASP O 480 71.65 13.70 -26.07
C ASP O 480 73.07 14.24 -26.15
N ARG O 481 73.69 14.41 -24.97
CA ARG O 481 75.07 14.90 -24.90
C ARG O 481 76.03 13.94 -25.59
N SER O 482 75.85 12.63 -25.37
CA SER O 482 76.67 11.64 -26.04
C SER O 482 76.51 11.65 -27.55
N LEU O 483 75.28 11.86 -28.03
CA LEU O 483 75.02 11.99 -29.46
C LEU O 483 75.77 13.18 -30.05
N VAL O 484 75.63 14.36 -29.42
CA VAL O 484 76.20 15.57 -29.97
C VAL O 484 77.73 15.56 -29.88
N LYS O 485 78.29 14.96 -28.83
CA LYS O 485 79.75 14.86 -28.73
C LYS O 485 80.31 13.85 -29.72
N ASP O 486 79.67 12.67 -29.81
CA ASP O 486 80.23 11.60 -30.62
C ASP O 486 80.11 11.85 -32.11
N THR O 487 79.01 12.46 -32.57
CA THR O 487 78.94 12.83 -33.98
C THR O 487 79.96 13.90 -34.34
N ALA O 488 80.18 14.86 -33.44
CA ALA O 488 81.14 15.93 -33.71
C ALA O 488 82.57 15.41 -33.73
N VAL O 489 82.91 14.43 -32.89
CA VAL O 489 84.25 13.88 -32.99
C VAL O 489 84.36 12.90 -34.16
N LEU O 490 83.27 12.20 -34.50
CA LEU O 490 83.37 11.14 -35.50
C LEU O 490 83.38 11.71 -36.90
N LYS O 491 82.74 12.87 -37.13
CA LYS O 491 82.88 13.54 -38.42
C LYS O 491 84.30 14.03 -38.63
N HIS O 492 84.87 14.72 -37.64
CA HIS O 492 86.21 15.28 -37.81
C HIS O 492 87.29 14.20 -37.80
N ALA O 493 87.00 13.02 -37.27
CA ALA O 493 87.99 11.95 -37.27
C ALA O 493 88.18 11.29 -38.63
N TYR O 494 87.37 11.64 -39.62
CA TYR O 494 87.46 10.97 -40.92
C TYR O 494 87.99 11.87 -42.03
N GLN O 495 88.04 13.18 -41.84
CA GLN O 495 88.62 14.06 -42.85
C GLN O 495 90.14 14.01 -42.86
N ALA O 496 90.77 13.40 -41.86
CA ALA O 496 92.22 13.33 -41.83
C ALA O 496 92.72 12.32 -42.85
N ILE O 497 93.80 12.70 -43.54
CA ILE O 497 94.39 11.85 -44.57
C ILE O 497 95.78 11.43 -44.11
N ASP O 498 96.18 10.24 -44.51
CA ASP O 498 97.43 9.68 -44.03
C ASP O 498 98.64 10.25 -44.77
N PRO O 499 99.78 10.39 -44.09
CA PRO O 499 100.98 10.90 -44.77
C PRO O 499 101.78 9.79 -45.45
N ASN O 500 101.62 8.56 -44.98
CA ASN O 500 102.41 7.44 -45.53
C ASN O 500 101.98 7.14 -46.96
N THR O 501 100.73 6.73 -47.15
CA THR O 501 100.16 6.72 -48.47
C THR O 501 99.52 8.07 -48.76
N GLY O 502 98.71 8.12 -49.81
CA GLY O 502 98.10 9.37 -50.19
C GLY O 502 96.65 9.55 -49.80
N LYS O 503 95.91 8.44 -49.67
CA LYS O 503 94.45 8.54 -49.68
C LYS O 503 93.87 8.96 -48.34
N GLU O 504 93.97 8.11 -47.32
CA GLU O 504 93.18 8.24 -46.10
C GLU O 504 93.63 7.19 -45.11
N TYR O 505 93.43 7.45 -43.82
CA TYR O 505 93.75 6.48 -42.78
C TYR O 505 92.85 5.26 -42.88
N LEU O 506 91.53 5.46 -42.71
CA LEU O 506 90.60 4.36 -42.60
C LEU O 506 89.42 4.53 -43.54
N ARG O 507 88.77 3.42 -43.84
CA ARG O 507 87.74 3.26 -44.87
C ARG O 507 86.49 2.63 -44.23
N ALA O 508 85.58 2.15 -45.07
CA ALA O 508 84.46 1.39 -44.56
C ALA O 508 84.91 0.00 -44.10
N GLY O 509 84.07 -0.62 -43.27
CA GLY O 509 84.33 -1.98 -42.80
C GLY O 509 85.50 -2.06 -41.84
N GLN O 510 85.33 -1.53 -40.63
CA GLN O 510 86.46 -1.35 -39.72
C GLN O 510 86.53 -2.35 -38.57
N SER O 511 85.39 -2.90 -38.14
CA SER O 511 85.29 -3.83 -37.01
C SER O 511 85.85 -3.20 -35.73
N VAL O 512 85.10 -2.21 -35.23
CA VAL O 512 85.59 -1.35 -34.16
C VAL O 512 85.15 -1.88 -32.80
N ALA O 513 85.74 -1.33 -31.74
CA ALA O 513 85.33 -1.61 -30.37
C ALA O 513 84.93 -0.29 -29.71
N TYR O 514 83.88 -0.34 -28.90
CA TYR O 514 83.38 0.82 -28.18
C TYR O 514 83.61 0.60 -26.69
N PHE O 515 84.18 1.59 -26.04
CA PHE O 515 84.43 1.52 -24.60
C PHE O 515 83.53 2.49 -23.86
N GLY O 516 82.89 2.00 -22.81
CA GLY O 516 82.08 2.85 -21.96
C GLY O 516 80.72 3.17 -22.52
N ALA O 517 79.94 2.15 -22.83
CA ALA O 517 78.55 2.37 -23.22
C ALA O 517 77.72 2.67 -21.99
N SER O 518 76.62 3.42 -22.20
CA SER O 518 75.74 3.74 -21.09
C SER O 518 74.34 3.15 -21.28
N ALA O 519 73.65 3.51 -22.36
CA ALA O 519 72.24 3.17 -22.63
C ALA O 519 71.35 3.46 -21.41
N GLY O 520 71.49 4.67 -20.89
CA GLY O 520 70.95 4.97 -19.57
C GLY O 520 69.68 5.79 -19.51
N HIS O 521 69.21 6.30 -20.64
CA HIS O 521 68.04 7.17 -20.69
C HIS O 521 67.04 6.69 -21.72
N SER O 522 66.69 5.40 -21.61
CA SER O 522 65.70 4.70 -22.43
C SER O 522 66.10 4.57 -23.89
N GLY O 523 67.36 4.85 -24.21
CA GLY O 523 67.95 4.29 -25.41
C GLY O 523 68.03 2.80 -25.13
N ALA O 524 67.37 2.01 -25.97
CA ALA O 524 66.99 0.62 -25.63
C ALA O 524 68.17 -0.28 -25.31
N ASP O 525 69.23 -0.21 -26.11
CA ASP O 525 70.38 -1.05 -25.88
C ASP O 525 71.72 -0.36 -26.00
N GLN O 526 71.84 0.75 -26.71
CA GLN O 526 73.10 1.29 -27.15
C GLN O 526 73.18 2.78 -26.88
N PRO O 527 74.38 3.35 -26.89
CA PRO O 527 74.49 4.79 -27.12
C PRO O 527 73.93 5.15 -28.49
N LEU O 528 73.40 6.37 -28.59
CA LEU O 528 72.53 6.73 -29.69
C LEU O 528 73.26 6.97 -31.01
N VAL O 529 74.59 6.85 -31.07
CA VAL O 529 75.28 7.05 -32.33
C VAL O 529 75.55 5.77 -33.08
N ILE O 530 75.43 4.62 -32.43
CA ILE O 530 75.90 3.37 -33.02
C ILE O 530 74.98 2.90 -34.13
N GLU O 531 73.68 3.02 -33.94
CA GLU O 531 72.75 2.65 -35.00
C GLU O 531 72.79 3.58 -36.22
N PRO O 532 72.81 4.92 -36.10
CA PRO O 532 72.99 5.72 -37.32
C PRO O 532 74.36 5.61 -37.93
N TRP O 533 75.40 5.35 -37.13
CA TRP O 533 76.73 5.18 -37.68
C TRP O 533 76.87 3.83 -38.38
N MET O 534 76.11 2.82 -37.95
CA MET O 534 76.09 1.57 -38.67
C MET O 534 75.27 1.68 -39.96
N GLN O 535 74.15 2.39 -39.91
CA GLN O 535 73.32 2.55 -41.10
C GLN O 535 73.83 3.62 -42.06
N GLY O 536 74.86 4.38 -41.69
CA GLY O 536 75.37 5.40 -42.57
C GLY O 536 74.51 6.64 -42.65
N LYS O 537 73.72 6.91 -41.62
CA LYS O 537 72.83 8.07 -41.62
C LYS O 537 73.54 9.38 -41.34
N ILE O 538 74.82 9.34 -40.96
CA ILE O 538 75.54 10.56 -40.64
C ILE O 538 75.95 11.28 -41.92
N SER O 539 76.23 10.52 -42.98
CA SER O 539 76.55 10.91 -44.36
C SER O 539 77.93 11.55 -44.51
N GLY O 540 78.67 11.78 -43.43
CA GLY O 540 80.06 12.11 -43.52
C GLY O 540 80.96 10.96 -43.15
N VAL O 541 80.39 9.80 -42.90
CA VAL O 541 81.12 8.64 -42.40
C VAL O 541 80.90 7.49 -43.38
N PRO O 542 81.81 6.52 -43.42
CA PRO O 542 81.48 5.23 -44.00
C PRO O 542 80.98 4.28 -42.92
N PRO O 543 80.12 3.34 -43.27
CA PRO O 543 79.64 2.37 -42.28
C PRO O 543 80.72 1.34 -41.96
N PRO O 544 80.89 1.00 -40.69
CA PRO O 544 81.83 -0.06 -40.31
C PRO O 544 81.18 -1.42 -40.49
N SER O 545 81.93 -2.46 -40.11
CA SER O 545 81.42 -3.82 -40.25
C SER O 545 80.74 -4.32 -38.98
N SER O 546 81.35 -4.11 -37.82
CA SER O 546 80.78 -4.55 -36.56
C SER O 546 81.28 -3.67 -35.44
N VAL O 547 80.46 -3.54 -34.40
CA VAL O 547 80.78 -2.74 -33.22
C VAL O 547 80.59 -3.62 -32.00
N ARG O 548 81.64 -3.76 -31.20
CA ARG O 548 81.56 -4.48 -29.93
C ARG O 548 81.71 -3.49 -28.78
N GLN O 549 80.94 -3.70 -27.71
CA GLN O 549 80.86 -2.75 -26.62
C GLN O 549 81.56 -3.28 -25.37
N PHE O 550 82.13 -2.36 -24.60
CA PHE O 550 82.76 -2.68 -23.33
C PHE O 550 82.54 -1.52 -22.36
N GLY O 551 82.57 -1.82 -21.08
CA GLY O 551 82.39 -0.80 -20.06
C GLY O 551 81.52 -1.29 -18.93
N TYR O 552 81.39 -0.44 -17.91
CA TYR O 552 80.62 -0.78 -16.72
C TYR O 552 79.11 -0.79 -16.96
N ASP O 553 78.63 -0.10 -17.98
CA ASP O 553 77.19 0.05 -18.16
C ASP O 553 76.78 -0.41 -19.56
N VAL O 554 77.25 -1.57 -19.96
CA VAL O 554 76.86 -2.12 -21.25
C VAL O 554 75.51 -2.78 -21.12
N ALA O 555 74.85 -2.97 -22.27
CA ALA O 555 73.62 -3.73 -22.35
C ALA O 555 73.71 -4.92 -23.28
N LYS O 556 74.58 -4.86 -24.28
CA LYS O 556 74.77 -5.97 -25.20
C LYS O 556 76.20 -6.47 -25.27
N GLY O 557 77.18 -5.64 -24.91
CA GLY O 557 78.56 -6.07 -24.87
C GLY O 557 78.92 -6.70 -23.54
N ALA O 558 80.21 -6.81 -23.30
CA ALA O 558 80.71 -7.39 -22.07
C ALA O 558 81.05 -6.29 -21.07
N ILE O 559 80.82 -6.58 -19.79
CA ILE O 559 81.18 -5.67 -18.71
C ILE O 559 82.53 -6.09 -18.13
N VAL O 560 83.52 -5.23 -18.25
CA VAL O 560 84.88 -5.48 -17.78
C VAL O 560 85.37 -4.24 -17.03
N ASP O 561 86.57 -4.35 -16.49
CA ASP O 561 87.30 -3.20 -15.96
C ASP O 561 88.38 -2.85 -16.98
N LEU O 562 88.28 -1.65 -17.54
CA LEU O 562 89.12 -1.26 -18.66
C LEU O 562 90.55 -0.92 -18.26
N ALA O 563 90.83 -0.79 -16.97
CA ALA O 563 92.21 -0.52 -16.54
C ALA O 563 93.07 -1.77 -16.62
N ARG O 564 92.71 -2.80 -15.89
CA ARG O 564 93.37 -4.09 -15.91
C ARG O 564 93.08 -4.80 -17.24
N PRO O 565 94.07 -5.45 -17.85
CA PRO O 565 93.82 -6.13 -19.12
C PRO O 565 92.86 -7.29 -19.01
N PHE O 566 92.17 -7.55 -20.12
CA PHE O 566 91.04 -8.45 -20.20
C PHE O 566 91.13 -9.23 -21.52
N PRO O 567 90.60 -10.45 -21.57
CA PRO O 567 90.70 -11.24 -22.81
C PRO O 567 89.82 -10.68 -23.92
N SER O 568 90.47 -10.32 -25.04
CA SER O 568 89.78 -9.81 -26.21
C SER O 568 90.69 -10.02 -27.42
N GLY O 569 90.32 -9.40 -28.53
CA GLY O 569 91.14 -9.36 -29.73
C GLY O 569 91.56 -7.93 -30.05
N ASP O 570 92.39 -7.81 -31.08
CA ASP O 570 92.76 -6.50 -31.56
C ASP O 570 91.66 -5.94 -32.47
N TYR O 571 91.70 -4.63 -32.67
CA TYR O 571 90.72 -3.96 -33.50
C TYR O 571 91.41 -2.91 -34.35
N GLN O 572 90.82 -2.63 -35.51
CA GLN O 572 91.39 -1.65 -36.42
C GLN O 572 91.11 -0.22 -35.96
N PHE O 573 90.09 -0.04 -35.14
CA PHE O 573 89.76 1.25 -34.54
C PHE O 573 89.05 0.99 -33.23
N VAL O 574 89.22 1.90 -32.27
CA VAL O 574 88.56 1.75 -30.98
C VAL O 574 88.27 3.14 -30.41
N TYR O 575 87.03 3.33 -29.96
CA TYR O 575 86.57 4.62 -29.44
C TYR O 575 86.29 4.46 -27.95
N SER O 576 87.01 5.23 -27.13
CA SER O 576 86.89 5.14 -25.68
C SER O 576 86.53 6.51 -25.13
N ASP O 577 85.39 6.59 -24.45
CA ASP O 577 84.97 7.82 -23.79
C ASP O 577 84.44 7.54 -22.40
N VAL O 578 85.10 6.62 -21.69
CA VAL O 578 84.72 6.33 -20.31
C VAL O 578 85.35 7.38 -19.39
N ASP O 579 84.50 8.03 -18.60
CA ASP O 579 84.97 9.07 -17.71
C ASP O 579 85.74 8.48 -16.53
N GLN O 580 86.68 9.25 -16.02
CA GLN O 580 87.54 8.81 -14.93
C GLN O 580 87.45 9.72 -13.72
N VAL O 581 86.64 10.79 -13.78
CA VAL O 581 86.66 11.83 -12.78
C VAL O 581 85.45 11.78 -11.85
N VAL O 582 84.64 10.72 -11.94
CA VAL O 582 83.60 10.50 -10.93
C VAL O 582 84.24 10.25 -9.58
N ASP O 583 85.33 9.48 -9.56
CA ASP O 583 86.13 9.36 -8.35
C ASP O 583 87.07 10.55 -8.17
N GLY O 584 87.29 11.31 -9.25
CA GLY O 584 88.24 12.41 -9.22
C GLY O 584 87.68 13.72 -8.75
N HIS O 585 87.41 13.84 -7.45
CA HIS O 585 87.07 15.12 -6.83
C HIS O 585 87.89 15.27 -5.56
N ASP O 586 88.52 16.44 -5.39
CA ASP O 586 89.39 16.84 -4.30
C ASP O 586 90.63 15.97 -4.14
N ASP O 587 90.93 15.08 -5.08
CA ASP O 587 92.14 14.25 -5.05
C ASP O 587 92.53 14.01 -6.49
N LEU O 588 93.44 14.83 -7.00
CA LEU O 588 93.76 14.85 -8.42
C LEU O 588 94.64 13.67 -8.83
N SER O 589 95.37 13.09 -7.87
CA SER O 589 96.40 12.11 -8.20
C SER O 589 95.80 10.79 -8.70
N ILE O 590 94.70 10.34 -8.09
CA ILE O 590 94.08 9.09 -8.51
C ILE O 590 93.43 9.24 -9.88
N SER O 591 92.79 10.39 -10.12
CA SER O 591 92.15 10.64 -11.41
C SER O 591 93.19 10.81 -12.51
N SER O 592 94.35 11.38 -12.19
CA SER O 592 95.43 11.43 -13.16
C SER O 592 96.02 10.05 -13.39
N GLY O 593 96.16 9.26 -12.32
CA GLY O 593 96.76 7.94 -12.40
C GLY O 593 95.94 6.92 -13.15
N LEU O 594 94.62 7.08 -13.15
CA LEU O 594 93.76 6.13 -13.87
C LEU O 594 93.90 6.30 -15.38
N VAL O 595 94.27 7.48 -15.86
CA VAL O 595 94.29 7.76 -17.29
C VAL O 595 95.40 6.98 -17.99
N GLU O 596 96.58 6.89 -17.37
CA GLU O 596 97.68 6.18 -18.00
C GLU O 596 97.43 4.67 -18.02
N SER O 597 96.84 4.15 -16.95
CA SER O 597 96.47 2.74 -16.90
C SER O 597 95.37 2.43 -17.92
N LEU O 598 94.51 3.40 -18.21
CA LEU O 598 93.51 3.21 -19.25
C LEU O 598 94.13 3.26 -20.64
N LEU O 599 95.09 4.17 -20.84
CA LEU O 599 95.73 4.29 -22.14
C LEU O 599 96.62 3.10 -22.47
N ASP O 600 97.23 2.49 -21.46
CA ASP O 600 98.06 1.31 -21.71
C ASP O 600 97.22 0.13 -22.16
N SER O 601 95.97 0.05 -21.70
CA SER O 601 95.07 -0.98 -22.23
C SER O 601 94.47 -0.56 -23.56
N CYS O 602 94.30 0.74 -23.78
CA CYS O 602 93.70 1.22 -25.02
C CYS O 602 94.64 1.06 -26.21
N VAL O 603 95.95 1.17 -25.98
CA VAL O 603 96.91 1.05 -27.08
C VAL O 603 97.03 -0.41 -27.53
N HIS O 604 97.06 -1.34 -26.58
CA HIS O 604 97.32 -2.74 -26.91
C HIS O 604 96.17 -3.40 -27.67
N ALA O 605 94.96 -2.86 -27.60
CA ALA O 605 93.84 -3.44 -28.31
C ALA O 605 93.65 -2.86 -29.72
N THR O 606 94.71 -2.33 -30.32
CA THR O 606 94.61 -1.58 -31.57
C THR O 606 95.69 -1.98 -32.57
N ALA O 607 96.71 -2.72 -32.12
CA ALA O 607 98.10 -2.70 -32.61
C ALA O 607 98.33 -2.65 -34.12
N PRO O 608 97.70 -3.49 -34.99
CA PRO O 608 98.10 -3.43 -36.41
C PRO O 608 97.51 -2.23 -37.16
N GLY O 609 98.34 -1.20 -37.36
CA GLY O 609 98.01 -0.04 -38.18
C GLY O 609 96.76 0.72 -37.78
N GLY O 610 96.38 0.66 -36.50
CA GLY O 610 95.09 1.16 -36.07
C GLY O 610 95.14 2.58 -35.56
N SER O 611 94.02 3.00 -34.98
CA SER O 611 93.85 4.34 -34.45
C SER O 611 92.87 4.29 -33.30
N PHE O 612 93.00 5.23 -32.36
CA PHE O 612 92.07 5.27 -31.24
C PHE O 612 91.73 6.72 -30.89
N VAL O 613 90.56 6.88 -30.29
CA VAL O 613 90.10 8.16 -29.77
C VAL O 613 89.80 7.97 -28.29
N MET O 614 90.47 8.76 -27.45
CA MET O 614 90.33 8.63 -26.01
C MET O 614 90.01 9.99 -25.41
N LYS O 615 89.08 10.00 -24.44
CA LYS O 615 88.61 11.23 -23.82
C LYS O 615 89.36 11.48 -22.52
N ILE O 616 90.01 12.63 -22.42
CA ILE O 616 90.69 13.06 -21.21
C ILE O 616 89.82 14.16 -20.59
N ASN O 617 89.37 13.94 -19.36
CA ASN O 617 88.57 14.96 -18.70
C ASN O 617 89.41 16.00 -17.97
N PHE O 618 90.43 15.56 -17.23
CA PHE O 618 91.30 16.47 -16.51
C PHE O 618 92.69 16.43 -17.11
N PRO O 619 93.05 17.35 -18.00
CA PRO O 619 94.41 17.36 -18.57
C PRO O 619 95.41 17.89 -17.57
N THR O 620 96.27 17.00 -17.09
CA THR O 620 97.25 17.34 -16.07
C THR O 620 98.66 17.08 -16.58
N ARG O 621 99.63 17.64 -15.85
CA ARG O 621 101.03 17.63 -16.27
C ARG O 621 101.59 16.21 -16.35
N THR O 622 101.21 15.35 -15.40
CA THR O 622 101.60 13.95 -15.46
C THR O 622 101.02 13.24 -16.67
N VAL O 623 99.79 13.57 -17.06
CA VAL O 623 99.18 12.97 -18.24
C VAL O 623 99.90 13.41 -19.51
N TRP O 624 100.22 14.71 -19.61
CA TRP O 624 100.94 15.20 -20.78
C TRP O 624 102.35 14.61 -20.85
N HIS O 625 103.01 14.49 -19.70
CA HIS O 625 104.34 13.90 -19.67
C HIS O 625 104.33 12.42 -20.03
N TYR O 626 103.31 11.68 -19.58
CA TYR O 626 103.25 10.26 -19.91
C TYR O 626 102.97 10.05 -21.40
N ILE O 627 102.04 10.83 -21.97
CA ILE O 627 101.76 10.61 -23.38
C ILE O 627 102.90 11.11 -24.27
N GLU O 628 103.62 12.15 -23.83
CA GLU O 628 104.84 12.56 -24.53
C GLU O 628 105.92 11.49 -24.42
N GLN O 629 106.00 10.80 -23.29
CA GLN O 629 107.05 9.81 -23.09
C GLN O 629 106.77 8.54 -23.87
N LYS O 630 105.55 8.02 -23.78
CA LYS O 630 105.21 6.71 -24.31
C LYS O 630 104.37 6.76 -25.58
N ILE O 631 103.30 7.55 -25.58
CA ILE O 631 102.31 7.41 -26.64
C ILE O 631 102.78 8.13 -27.91
N LEU O 632 103.39 9.29 -27.75
CA LEU O 632 103.86 10.16 -28.82
C LEU O 632 104.89 9.55 -29.78
N PRO O 633 105.88 8.73 -29.35
CA PRO O 633 106.75 8.13 -30.37
C PRO O 633 106.09 7.03 -31.18
N ASN O 634 105.25 6.19 -30.57
CA ASN O 634 104.79 4.97 -31.21
C ASN O 634 103.70 5.18 -32.26
N VAL O 635 103.22 6.41 -32.43
CA VAL O 635 102.15 6.67 -33.36
C VAL O 635 102.70 7.36 -34.60
N THR O 636 101.90 7.40 -35.66
CA THR O 636 102.26 8.08 -36.90
C THR O 636 101.90 9.56 -36.84
N SER O 637 100.63 9.86 -36.54
CA SER O 637 100.18 11.23 -36.40
C SER O 637 99.18 11.29 -35.25
N TYR O 638 98.84 12.50 -34.85
CA TYR O 638 97.91 12.69 -33.74
C TYR O 638 97.23 14.04 -33.90
N MET O 639 96.09 14.18 -33.22
CA MET O 639 95.38 15.45 -33.13
C MET O 639 94.51 15.41 -31.89
N LEU O 640 94.20 16.58 -31.36
CA LEU O 640 93.29 16.68 -30.23
C LEU O 640 92.23 17.73 -30.51
N ILE O 641 90.96 17.34 -30.39
CA ILE O 641 89.84 18.22 -30.67
C ILE O 641 88.99 18.31 -29.41
N LYS O 642 88.04 19.24 -29.41
CA LYS O 642 87.11 19.37 -28.30
C LYS O 642 85.79 19.95 -28.76
N PRO O 643 84.73 19.14 -28.84
CA PRO O 643 83.40 19.70 -29.03
C PRO O 643 82.91 20.35 -27.75
N PHE O 644 82.41 21.57 -27.87
CA PHE O 644 81.99 22.37 -26.72
C PHE O 644 80.48 22.34 -26.61
N VAL O 645 79.97 21.59 -25.64
CA VAL O 645 78.54 21.59 -25.36
C VAL O 645 78.23 21.82 -23.88
N THR O 646 79.18 21.62 -22.98
CA THR O 646 78.99 21.86 -21.56
C THR O 646 80.31 22.42 -21.03
N ASN O 647 80.21 23.45 -20.19
CA ASN O 647 81.39 24.19 -19.73
C ASN O 647 82.21 23.33 -18.79
N ASN O 648 83.27 22.73 -19.31
CA ASN O 648 84.21 21.98 -18.48
C ASN O 648 85.59 22.06 -19.13
N VAL O 649 86.51 21.20 -18.70
CA VAL O 649 87.87 21.23 -19.18
C VAL O 649 88.27 19.93 -19.88
N GLU O 650 87.28 19.15 -20.30
CA GLU O 650 87.57 17.88 -20.95
C GLU O 650 88.06 18.08 -22.38
N VAL O 651 88.86 17.14 -22.85
CA VAL O 651 89.36 17.12 -24.23
C VAL O 651 89.24 15.70 -24.76
N PHE O 652 89.53 15.56 -26.05
CA PHE O 652 89.59 14.27 -26.73
C PHE O 652 90.97 14.12 -27.34
N PHE O 653 91.57 12.95 -27.19
CA PHE O 653 92.87 12.64 -27.76
C PHE O 653 92.70 11.62 -28.88
N VAL O 654 93.17 11.98 -30.07
CA VAL O 654 93.03 11.13 -31.25
C VAL O 654 94.43 10.81 -31.75
N ALA O 655 94.75 9.52 -31.87
CA ALA O 655 96.04 9.08 -32.34
C ALA O 655 95.87 8.25 -33.60
N PHE O 656 96.83 8.37 -34.51
CA PHE O 656 96.76 7.76 -35.83
C PHE O 656 97.98 6.90 -36.08
N GLY O 657 97.76 5.70 -36.60
CA GLY O 657 98.83 4.79 -36.96
C GLY O 657 99.60 4.27 -35.76
N VAL O 658 98.96 3.47 -34.93
CA VAL O 658 99.59 2.95 -33.73
C VAL O 658 100.61 1.88 -34.10
N HIS O 659 101.62 1.73 -33.24
CA HIS O 659 102.73 0.78 -33.37
C HIS O 659 103.53 0.96 -34.65
N GLN O 660 103.52 2.18 -35.19
CA GLN O 660 104.42 2.58 -36.27
C GLN O 660 105.47 3.49 -35.63
N GLN O 661 106.69 2.98 -35.54
CA GLN O 661 107.73 3.69 -34.79
C GLN O 661 108.19 4.92 -35.57
N SER O 662 107.95 6.09 -34.99
CA SER O 662 108.35 7.36 -35.60
C SER O 662 108.81 8.29 -34.48
N ALA O 663 108.98 9.57 -34.82
CA ALA O 663 109.43 10.58 -33.87
C ALA O 663 108.51 11.79 -33.97
N LEU O 664 107.78 12.07 -32.91
CA LEU O 664 106.87 13.20 -32.86
C LEU O 664 107.10 13.99 -31.59
N THR O 665 106.77 15.28 -31.64
CA THR O 665 106.88 16.18 -30.51
C THR O 665 105.59 16.98 -30.39
N TRP O 666 105.52 17.82 -29.36
CA TRP O 666 104.42 18.76 -29.26
C TRP O 666 104.70 19.99 -30.12
N THR O 667 103.76 20.93 -30.12
CA THR O 667 103.93 22.13 -30.93
C THR O 667 103.22 23.32 -30.30
N SER O 668 103.58 24.50 -30.82
CA SER O 668 102.99 25.76 -30.38
C SER O 668 101.53 25.88 -30.77
N GLY O 669 101.09 25.16 -31.82
CA GLY O 669 99.67 25.08 -32.11
C GLY O 669 98.89 24.39 -30.99
N VAL O 670 99.42 23.28 -30.48
CA VAL O 670 98.83 22.62 -29.32
C VAL O 670 98.93 23.51 -28.09
N TYR O 671 100.02 24.28 -27.97
CA TYR O 671 100.18 25.20 -26.86
C TYR O 671 99.11 26.28 -26.85
N PHE O 672 98.94 26.97 -27.97
CA PHE O 672 97.91 28.00 -28.11
C PHE O 672 96.49 27.42 -28.01
N PHE O 673 96.30 26.19 -28.49
CA PHE O 673 95.00 25.53 -28.36
C PHE O 673 94.66 25.26 -26.90
N LEU O 674 95.64 24.82 -26.12
CA LEU O 674 95.39 24.61 -24.70
C LEU O 674 95.20 25.91 -23.93
N VAL O 675 95.92 26.97 -24.31
CA VAL O 675 95.71 28.28 -23.69
C VAL O 675 94.29 28.77 -23.94
N ASP O 676 93.83 28.71 -25.19
CA ASP O 676 92.46 29.08 -25.50
C ASP O 676 91.44 28.14 -24.87
N HIS O 677 91.76 26.85 -24.73
CA HIS O 677 90.84 25.88 -24.15
C HIS O 677 90.65 26.12 -22.66
N PHE O 678 91.70 26.52 -21.96
CA PHE O 678 91.55 26.84 -20.55
C PHE O 678 90.96 28.21 -20.32
N TYR O 679 91.30 29.19 -21.16
CA TYR O 679 90.78 30.52 -20.98
C TYR O 679 89.33 30.64 -21.39
N ARG O 680 88.85 29.78 -22.30
CA ARG O 680 87.43 29.75 -22.61
C ARG O 680 86.63 29.13 -21.48
N TYR O 681 87.25 28.24 -20.69
CA TYR O 681 86.61 27.82 -19.45
C TYR O 681 86.60 28.95 -18.45
N GLU O 682 87.70 29.70 -18.36
CA GLU O 682 87.84 30.77 -17.38
C GLU O 682 86.82 31.88 -17.59
N THR O 683 86.61 32.29 -18.84
CA THR O 683 85.66 33.38 -19.13
C THR O 683 84.23 32.96 -18.82
N LEU O 684 83.79 31.80 -19.31
CA LEU O 684 82.42 31.38 -19.07
C LEU O 684 82.19 31.00 -17.61
N SER O 685 83.23 30.54 -16.90
CA SER O 685 83.07 30.28 -15.48
C SER O 685 82.99 31.58 -14.69
N ALA O 686 83.65 32.64 -15.16
CA ALA O 686 83.47 33.94 -14.53
C ALA O 686 82.10 34.51 -14.82
N ILE O 687 81.57 34.26 -16.02
CA ILE O 687 80.26 34.79 -16.40
C ILE O 687 79.15 34.07 -15.64
N SER O 688 79.27 32.74 -15.50
CA SER O 688 78.20 31.92 -14.95
C SER O 688 77.98 32.15 -13.46
N ARG O 689 78.90 32.80 -12.77
CA ARG O 689 78.71 33.08 -11.35
C ARG O 689 77.98 34.39 -11.09
N GLN O 690 77.99 35.32 -12.04
CA GLN O 690 77.20 36.54 -11.87
C GLN O 690 75.72 36.31 -12.15
N LEU O 691 75.38 35.26 -12.88
CA LEU O 691 73.98 34.97 -13.16
C LEU O 691 73.30 34.42 -11.91
N PRO O 692 71.98 34.64 -11.77
CA PRO O 692 71.27 34.03 -10.65
C PRO O 692 71.05 32.53 -10.84
N SER O 693 70.38 31.90 -9.89
CA SER O 693 70.22 30.45 -9.92
C SER O 693 69.12 30.05 -10.90
N PHE O 694 68.80 28.75 -10.91
CA PHE O 694 67.90 28.23 -11.93
C PHE O 694 66.45 28.57 -11.62
N GLY O 695 65.99 28.27 -10.41
CA GLY O 695 64.60 28.50 -10.06
C GLY O 695 64.42 29.59 -9.03
N TYR O 696 65.15 30.69 -9.19
CA TYR O 696 65.18 31.74 -8.19
C TYR O 696 63.89 32.55 -8.23
N VAL O 697 63.60 33.20 -7.11
CA VAL O 697 62.69 34.34 -7.08
C VAL O 697 63.52 35.61 -7.05
N ASP O 698 63.06 36.64 -7.73
CA ASP O 698 63.84 37.86 -7.85
C ASP O 698 63.39 38.85 -6.79
N ASP O 699 64.27 39.80 -6.48
CA ASP O 699 63.93 40.87 -5.56
C ASP O 699 64.52 42.23 -5.94
N GLY O 700 65.19 42.33 -7.09
CA GLY O 700 65.86 43.55 -7.47
C GLY O 700 67.25 43.70 -6.91
N SER O 701 67.74 42.71 -6.16
CA SER O 701 69.06 42.79 -5.55
C SER O 701 70.16 42.28 -6.47
N SER O 702 69.84 41.38 -7.39
CA SER O 702 70.85 40.86 -8.30
C SER O 702 71.24 41.90 -9.32
N VAL O 703 72.43 41.70 -9.91
CA VAL O 703 72.92 42.65 -10.91
C VAL O 703 72.12 42.52 -12.19
N THR O 704 72.01 41.32 -12.73
CA THR O 704 71.17 41.04 -13.88
C THR O 704 69.85 40.43 -13.40
N GLY O 705 68.80 40.61 -14.20
CA GLY O 705 67.51 40.08 -13.83
C GLY O 705 66.40 40.87 -14.47
N ILE O 706 65.18 40.43 -14.20
CA ILE O 706 63.97 41.07 -14.72
C ILE O 706 63.45 42.04 -13.68
N GLU O 707 62.72 43.05 -14.15
CA GLU O 707 61.99 43.93 -13.27
C GLU O 707 60.79 44.49 -14.02
N ILE O 708 59.63 44.53 -13.36
CA ILE O 708 58.38 44.97 -13.96
C ILE O 708 57.70 45.95 -13.03
N ILE O 709 56.80 46.75 -13.60
CA ILE O 709 55.94 47.63 -12.82
C ILE O 709 54.49 47.30 -13.18
N SER O 710 53.57 47.95 -12.48
CA SER O 710 52.14 47.83 -12.80
C SER O 710 51.44 49.07 -12.25
N ILE O 711 51.14 50.01 -13.14
CA ILE O 711 50.41 51.20 -12.76
C ILE O 711 49.10 51.25 -13.53
N GLU O 712 48.05 51.72 -12.87
CA GLU O 712 46.73 51.80 -13.47
C GLU O 712 46.66 52.95 -14.46
N ASN O 713 45.67 52.87 -15.34
CA ASN O 713 45.48 53.90 -16.37
C ASN O 713 43.99 54.03 -16.65
N PRO O 714 43.29 54.84 -15.88
CA PRO O 714 41.83 54.97 -16.07
C PRO O 714 41.50 55.84 -17.28
N GLY O 715 41.10 55.18 -18.37
CA GLY O 715 40.59 55.89 -19.54
C GLY O 715 41.65 56.70 -20.27
N PHE O 716 41.21 57.83 -20.83
CA PHE O 716 42.10 58.73 -21.55
C PHE O 716 42.60 59.83 -20.62
N SER O 717 43.24 59.40 -19.55
CA SER O 717 43.72 60.29 -18.52
C SER O 717 45.17 60.67 -18.78
N ASN O 718 45.46 61.97 -18.69
CA ASN O 718 46.83 62.42 -18.66
C ASN O 718 47.49 61.95 -17.38
N MET O 719 48.56 61.17 -17.50
CA MET O 719 49.16 60.56 -16.33
C MET O 719 49.86 61.59 -15.46
N THR O 720 49.91 61.31 -14.17
CA THR O 720 50.40 62.26 -13.19
C THR O 720 51.91 62.35 -13.23
N GLN O 721 52.45 63.21 -12.36
CA GLN O 721 53.91 63.28 -12.21
C GLN O 721 54.46 62.04 -11.54
N ALA O 722 53.66 61.38 -10.70
CA ALA O 722 54.13 60.20 -9.98
C ALA O 722 54.36 59.03 -10.92
N ALA O 723 53.39 58.76 -11.81
CA ALA O 723 53.55 57.70 -12.79
C ALA O 723 54.65 58.02 -13.80
N ARG O 724 54.80 59.30 -14.15
CA ARG O 724 55.87 59.71 -15.06
C ARG O 724 57.24 59.52 -14.43
N VAL O 725 57.38 59.85 -13.13
CA VAL O 725 58.63 59.61 -12.42
C VAL O 725 58.89 58.11 -12.30
N GLY O 726 57.84 57.30 -12.11
CA GLY O 726 58.04 55.86 -12.06
C GLY O 726 58.50 55.25 -13.38
N ILE O 727 57.90 55.67 -14.49
CA ILE O 727 58.28 55.12 -15.79
C ILE O 727 59.67 55.61 -16.18
N SER O 728 59.98 56.88 -15.90
CA SER O 728 61.33 57.37 -16.13
C SER O 728 62.36 56.71 -15.21
N GLY O 729 61.95 56.31 -14.00
CA GLY O 729 62.85 55.56 -13.14
C GLY O 729 63.12 54.17 -13.66
N LEU O 730 62.12 53.53 -14.25
CA LEU O 730 62.37 52.27 -14.93
C LEU O 730 63.29 52.46 -16.14
N CYS O 731 63.10 53.54 -16.88
CA CYS O 731 63.93 53.78 -18.06
C CYS O 731 65.34 54.21 -17.69
N ALA O 732 65.54 54.68 -16.46
CA ALA O 732 66.90 54.93 -15.98
C ALA O 732 67.50 53.69 -15.34
N ASN O 733 66.67 52.80 -14.79
CA ASN O 733 67.19 51.60 -14.14
C ASN O 733 67.62 50.57 -15.17
N VAL O 734 66.86 50.43 -16.26
CA VAL O 734 67.28 49.62 -17.39
C VAL O 734 67.35 50.53 -18.62
N GLY O 735 68.47 50.46 -19.32
CA GLY O 735 68.71 51.30 -20.49
C GLY O 735 69.08 50.44 -21.69
N ASN O 736 68.63 50.89 -22.87
CA ASN O 736 68.96 50.33 -24.19
C ASN O 736 68.54 48.86 -24.31
N ALA O 737 67.55 48.43 -23.55
CA ALA O 737 66.97 47.10 -23.71
C ALA O 737 65.54 47.23 -24.23
N ARG O 738 64.97 46.12 -24.64
CA ARG O 738 63.62 46.15 -25.17
C ARG O 738 62.60 46.15 -24.03
N LYS O 739 61.55 46.93 -24.21
CA LYS O 739 60.49 47.09 -23.20
C LYS O 739 59.18 46.62 -23.80
N SER O 740 58.60 45.58 -23.22
CA SER O 740 57.31 45.07 -23.65
C SER O 740 56.22 45.51 -22.69
N ILE O 741 55.07 45.90 -23.23
CA ILE O 741 53.97 46.39 -22.43
C ILE O 741 52.74 45.53 -22.68
N ALA O 742 51.79 45.61 -21.75
CA ALA O 742 50.56 44.83 -21.83
C ALA O 742 49.49 45.54 -21.03
N ILE O 743 48.41 45.95 -21.69
CA ILE O 743 47.30 46.67 -21.06
C ILE O 743 46.13 45.73 -20.94
N TYR O 744 45.66 45.50 -19.71
CA TYR O 744 44.59 44.53 -19.51
C TYR O 744 43.86 44.85 -18.22
N GLU O 745 42.57 44.54 -18.21
CA GLU O 745 41.72 44.78 -17.04
C GLU O 745 41.95 43.66 -16.04
N SER O 746 42.72 43.97 -14.99
CA SER O 746 42.99 43.03 -13.92
C SER O 746 42.18 43.42 -12.70
N HIS O 747 41.41 42.45 -12.18
CA HIS O 747 40.58 42.60 -10.98
C HIS O 747 39.58 43.74 -11.11
N GLY O 748 38.96 43.85 -12.29
CA GLY O 748 37.99 44.90 -12.52
C GLY O 748 38.56 46.29 -12.66
N ALA O 749 39.86 46.40 -12.95
CA ALA O 749 40.50 47.71 -13.11
C ALA O 749 41.53 47.63 -14.21
N ARG O 750 41.59 48.68 -15.02
CA ARG O 750 42.53 48.74 -16.14
C ARG O 750 43.91 49.09 -15.63
N VAL O 751 44.89 48.23 -15.96
CA VAL O 751 46.26 48.39 -15.51
C VAL O 751 47.18 47.98 -16.65
N LEU O 752 48.35 48.61 -16.72
CA LEU O 752 49.38 48.22 -17.68
C LEU O 752 50.68 47.91 -16.96
N THR O 753 51.44 46.98 -17.52
CA THR O 753 52.74 46.59 -17.01
C THR O 753 53.81 46.95 -18.03
N ILE O 754 55.04 47.13 -17.54
CA ILE O 754 56.19 47.38 -18.39
C ILE O 754 57.28 46.39 -18.00
N THR O 755 57.62 45.50 -18.91
CA THR O 755 58.56 44.42 -18.65
C THR O 755 59.88 44.69 -19.33
N SER O 756 60.97 44.67 -18.57
CA SER O 756 62.30 44.83 -19.13
C SER O 756 63.31 44.16 -18.21
N ARG O 757 64.57 44.12 -18.65
CA ARG O 757 65.60 43.28 -18.05
C ARG O 757 66.85 44.09 -17.80
N ARG O 758 67.13 44.38 -16.53
CA ARG O 758 68.29 45.18 -16.15
C ARG O 758 69.59 44.40 -16.38
N SER O 759 70.68 45.15 -16.44
CA SER O 759 71.96 44.62 -16.88
C SER O 759 73.07 45.39 -16.19
N PRO O 760 74.28 44.80 -16.07
CA PRO O 760 75.41 45.58 -15.54
C PRO O 760 75.84 46.70 -16.46
N ALA O 761 75.62 46.58 -17.77
CA ALA O 761 75.88 47.70 -18.67
C ALA O 761 74.94 48.86 -18.41
N SER O 762 73.66 48.58 -18.13
CA SER O 762 72.75 49.65 -17.77
C SER O 762 73.05 50.20 -16.38
N ALA O 763 73.57 49.36 -15.49
CA ALA O 763 74.04 49.85 -14.20
C ALA O 763 75.22 50.80 -14.36
N ARG O 764 76.08 50.54 -15.34
CA ARG O 764 77.15 51.47 -15.68
C ARG O 764 76.58 52.75 -16.30
N ARG O 765 75.54 52.64 -17.11
CA ARG O 765 74.91 53.79 -17.73
C ARG O 765 74.26 54.70 -16.69
N LYS O 766 73.65 54.10 -15.65
CA LYS O 766 72.93 54.87 -14.64
C LYS O 766 73.87 55.77 -13.84
N ALA O 767 75.14 55.37 -13.69
CA ALA O 767 76.08 56.16 -12.93
C ALA O 767 76.58 57.39 -13.70
N ARG O 768 76.29 57.49 -14.99
CA ARG O 768 76.80 58.61 -15.79
C ARG O 768 75.90 59.83 -15.76
N LEU O 769 74.77 59.78 -15.06
CA LEU O 769 73.82 60.89 -15.08
C LEU O 769 73.60 61.42 -13.67
N ARG O 770 73.64 62.74 -13.53
CA ARG O 770 73.37 63.37 -12.24
C ARG O 770 71.87 63.42 -11.97
N TYR O 771 71.06 63.61 -13.01
CA TYR O 771 69.62 63.65 -12.89
C TYR O 771 68.99 62.76 -13.95
N LEU O 772 67.88 62.14 -13.60
CA LEU O 772 67.31 61.33 -14.67
C LEU O 772 66.32 62.16 -15.48
N PRO O 773 66.25 61.96 -16.79
CA PRO O 773 65.27 62.68 -17.60
C PRO O 773 63.87 62.10 -17.40
N LEU O 774 62.90 62.79 -18.00
CA LEU O 774 61.51 62.37 -17.95
C LEU O 774 61.03 62.03 -19.35
N ILE O 775 60.28 60.95 -19.46
CA ILE O 775 59.75 60.54 -20.75
C ILE O 775 58.47 61.30 -21.04
N ASP O 776 58.16 61.41 -22.32
CA ASP O 776 56.85 61.99 -22.62
C ASP O 776 55.77 60.93 -22.51
N PRO O 777 54.56 61.31 -22.06
CA PRO O 777 53.47 60.33 -21.97
C PRO O 777 52.70 60.13 -23.26
N ARG O 778 53.12 60.78 -24.36
CA ARG O 778 52.34 60.80 -25.59
C ARG O 778 52.28 59.44 -26.27
N SER O 779 53.24 58.55 -26.00
CA SER O 779 53.19 57.23 -26.61
C SER O 779 52.26 56.29 -25.85
N LEU O 780 51.89 56.64 -24.62
CA LEU O 780 51.11 55.73 -23.79
C LEU O 780 49.72 56.26 -23.46
N GLU O 781 49.47 57.56 -23.62
CA GLU O 781 48.14 58.09 -23.37
C GLU O 781 47.16 57.75 -24.47
N VAL O 782 47.65 57.36 -25.66
CA VAL O 782 46.78 57.17 -26.80
C VAL O 782 46.10 55.80 -26.75
N GLN O 783 46.74 54.82 -26.11
CA GLN O 783 46.38 53.41 -26.25
C GLN O 783 45.05 53.10 -25.57
N ALA O 784 44.10 52.63 -26.38
CA ALA O 784 42.74 52.33 -25.94
C ALA O 784 42.42 50.85 -26.11
N ARG O 785 43.42 50.03 -26.36
CA ARG O 785 43.21 48.63 -26.65
C ARG O 785 43.50 47.79 -25.40
N THR O 786 43.49 46.47 -25.56
CA THR O 786 43.61 45.53 -24.46
C THR O 786 44.63 44.47 -24.85
N ILE O 787 45.89 44.71 -24.51
CA ILE O 787 46.97 43.79 -24.85
C ILE O 787 47.01 42.70 -23.77
N LEU O 788 46.78 41.46 -24.19
CA LEU O 788 46.78 40.36 -23.23
C LEU O 788 48.22 40.06 -22.78
N PRO O 789 48.44 39.85 -21.50
CA PRO O 789 49.81 39.71 -20.98
C PRO O 789 50.31 38.28 -21.17
N SER O 790 51.52 38.05 -20.65
CA SER O 790 52.10 36.72 -20.61
C SER O 790 53.04 36.65 -19.42
N ASN O 791 53.42 35.43 -19.05
CA ASN O 791 54.33 35.24 -17.94
C ASN O 791 55.73 35.73 -18.29
N PRO O 792 56.44 36.36 -17.35
CA PRO O 792 57.77 36.88 -17.66
C PRO O 792 58.81 35.76 -17.70
N VAL O 793 59.71 35.86 -18.65
CA VAL O 793 60.84 34.94 -18.75
C VAL O 793 62.12 35.77 -18.66
N LEU O 794 63.19 35.11 -18.22
CA LEU O 794 64.46 35.80 -18.10
C LEU O 794 65.18 35.90 -19.43
N PHE O 795 65.08 34.86 -20.26
CA PHE O 795 65.69 34.84 -21.58
C PHE O 795 64.57 34.82 -22.61
N ASP O 796 64.36 35.95 -23.27
CA ASP O 796 63.19 36.10 -24.13
C ASP O 796 63.41 35.45 -25.49
N ASN O 797 64.56 35.71 -26.11
CA ASN O 797 64.82 35.27 -27.48
C ASN O 797 65.08 33.77 -27.47
N ILE O 798 64.06 32.99 -27.84
CA ILE O 798 64.20 31.54 -27.88
C ILE O 798 64.77 31.05 -29.20
N ASN O 799 64.71 31.87 -30.25
CA ASN O 799 65.31 31.49 -31.51
C ASN O 799 66.81 31.69 -31.51
N GLY O 800 67.29 32.67 -30.76
CA GLY O 800 68.71 32.94 -30.68
C GLY O 800 69.09 34.24 -31.38
N ALA O 801 70.34 34.65 -31.15
CA ALA O 801 70.83 35.88 -31.71
C ALA O 801 71.28 35.70 -33.15
N SER O 802 71.11 36.74 -33.95
CA SER O 802 71.52 36.72 -35.34
C SER O 802 73.03 36.93 -35.43
N PRO O 803 73.66 36.53 -36.55
CA PRO O 803 75.10 36.79 -36.70
C PRO O 803 75.45 38.27 -36.75
N HIS O 804 74.57 39.13 -37.26
CA HIS O 804 74.86 40.56 -37.26
C HIS O 804 74.78 41.17 -35.87
N VAL O 805 74.07 40.54 -34.95
CA VAL O 805 74.11 40.98 -33.55
C VAL O 805 75.32 40.39 -32.83
N CYS O 806 75.65 39.13 -33.12
CA CYS O 806 76.81 38.50 -32.50
C CYS O 806 78.11 39.16 -32.93
N LEU O 807 78.16 39.68 -34.15
CA LEU O 807 79.34 40.42 -34.59
C LEU O 807 79.37 41.82 -34.00
N THR O 808 78.19 42.39 -33.74
CA THR O 808 78.13 43.68 -33.07
C THR O 808 78.64 43.59 -31.64
N MET O 809 78.33 42.48 -30.95
CA MET O 809 78.94 42.21 -29.65
C MET O 809 80.45 42.05 -29.75
N MET O 810 80.95 41.45 -30.83
CA MET O 810 82.40 41.29 -31.00
C MET O 810 83.08 42.63 -31.20
N TYR O 811 82.43 43.56 -31.90
CA TYR O 811 82.98 44.90 -32.02
C TYR O 811 82.94 45.64 -30.69
N ASN O 812 81.79 45.57 -30.00
CA ASN O 812 81.59 46.38 -28.80
C ASN O 812 82.47 45.92 -27.65
N PHE O 813 82.76 44.61 -27.57
CA PHE O 813 83.64 44.14 -26.53
C PHE O 813 85.07 44.61 -26.73
N GLU O 814 85.54 44.66 -27.99
CA GLU O 814 86.86 45.17 -28.25
C GLU O 814 86.95 46.66 -27.99
N VAL O 815 85.87 47.40 -28.27
CA VAL O 815 85.82 48.82 -27.93
C VAL O 815 85.90 49.02 -26.41
N SER O 816 85.10 48.26 -25.66
CA SER O 816 85.06 48.41 -24.21
C SER O 816 86.36 47.95 -23.56
N SER O 817 87.04 46.98 -24.16
CA SER O 817 88.34 46.58 -23.63
C SER O 817 89.43 47.58 -24.01
N ALA O 818 89.26 48.28 -25.14
CA ALA O 818 90.25 49.25 -25.55
C ALA O 818 90.18 50.53 -24.72
N VAL O 819 88.99 51.00 -24.42
CA VAL O 819 88.84 52.26 -23.70
C VAL O 819 89.17 52.04 -22.22
N TYR O 820 90.07 52.87 -21.70
CA TYR O 820 90.42 52.86 -20.28
C TYR O 820 89.68 53.98 -19.56
N ASP O 821 89.88 54.04 -18.24
CA ASP O 821 89.13 54.97 -17.40
C ASP O 821 89.75 56.36 -17.48
N GLY O 822 88.89 57.38 -17.46
CA GLY O 822 89.33 58.76 -17.49
C GLY O 822 89.96 59.17 -18.80
N ASP O 823 89.24 59.02 -19.91
CA ASP O 823 89.79 59.29 -21.22
C ASP O 823 88.70 59.94 -22.09
N VAL O 824 89.11 60.88 -22.93
CA VAL O 824 88.20 61.46 -23.90
C VAL O 824 88.14 60.54 -25.12
N VAL O 825 86.92 60.29 -25.60
CA VAL O 825 86.71 59.47 -26.78
C VAL O 825 85.82 60.27 -27.73
N LEU O 826 85.68 59.75 -28.94
CA LEU O 826 84.75 60.27 -29.91
C LEU O 826 84.24 59.13 -30.78
N ASP O 827 82.92 59.02 -30.86
CA ASP O 827 82.28 57.97 -31.63
C ASP O 827 82.12 58.45 -33.06
N LEU O 828 82.50 57.61 -34.00
CA LEU O 828 82.44 57.92 -35.42
C LEU O 828 81.29 57.08 -35.97
N GLY O 829 80.08 57.63 -35.92
CA GLY O 829 78.89 56.91 -36.34
C GLY O 829 78.18 56.22 -35.20
N THR O 830 76.85 56.36 -35.13
CA THR O 830 76.09 55.73 -34.05
C THR O 830 75.95 54.23 -34.29
N GLY O 831 75.35 53.86 -35.41
CA GLY O 831 74.94 52.50 -35.63
C GLY O 831 73.44 52.37 -35.46
N PRO O 832 72.96 51.15 -35.17
CA PRO O 832 71.52 50.97 -34.97
C PRO O 832 71.01 51.55 -33.65
N GLU O 833 71.77 51.43 -32.57
CA GLU O 833 71.42 52.06 -31.31
C GLU O 833 72.61 52.84 -30.77
N ALA O 834 72.39 53.51 -29.64
CA ALA O 834 73.46 54.23 -28.93
C ALA O 834 74.03 53.32 -27.84
N LYS O 835 74.64 52.23 -28.29
CA LYS O 835 75.23 51.27 -27.38
C LYS O 835 76.50 51.80 -26.71
N ILE O 836 77.19 52.74 -27.37
CA ILE O 836 78.51 53.22 -26.95
C ILE O 836 78.50 53.85 -25.56
N LEU O 837 77.37 54.45 -25.16
CA LEU O 837 77.27 55.10 -23.87
C LEU O 837 77.31 54.08 -22.73
N GLU O 838 76.93 52.83 -23.01
CA GLU O 838 77.05 51.77 -22.03
C GLU O 838 78.38 51.02 -22.13
N LEU O 839 79.22 51.35 -23.11
CA LEU O 839 80.44 50.58 -23.31
C LEU O 839 81.61 51.19 -22.56
N ILE O 840 81.78 52.49 -22.67
CA ILE O 840 82.86 53.24 -22.03
C ILE O 840 82.65 53.27 -20.52
N PRO O 841 83.71 53.42 -19.72
CA PRO O 841 83.50 53.60 -18.27
C PRO O 841 82.83 54.92 -17.94
N SER O 842 82.43 55.03 -16.68
CA SER O 842 81.49 56.08 -16.29
C SER O 842 82.11 57.46 -16.27
N THR O 843 83.38 57.59 -15.88
CA THR O 843 83.99 58.90 -15.76
C THR O 843 84.48 59.46 -17.09
N SER O 844 84.41 58.69 -18.16
CA SER O 844 84.97 59.11 -19.44
C SER O 844 84.00 60.03 -20.17
N PRO O 845 84.41 61.25 -20.53
CA PRO O 845 83.55 62.10 -21.36
C PRO O 845 83.61 61.70 -22.82
N VAL O 846 82.45 61.79 -23.47
CA VAL O 846 82.26 61.25 -24.81
C VAL O 846 81.79 62.37 -25.74
N THR O 847 81.79 62.06 -27.03
CA THR O 847 81.06 62.80 -28.04
C THR O 847 80.79 61.84 -29.20
N CYS O 848 79.73 62.13 -29.95
CA CYS O 848 79.27 61.20 -30.97
C CYS O 848 78.77 61.95 -32.18
N VAL O 849 79.23 61.52 -33.36
CA VAL O 849 78.83 62.15 -34.62
C VAL O 849 77.82 61.23 -35.30
N ASP O 850 77.01 61.80 -36.19
CA ASP O 850 75.92 61.06 -36.83
C ASP O 850 75.60 61.76 -38.15
N ILE O 851 74.63 61.20 -38.88
CA ILE O 851 73.96 61.92 -39.96
C ILE O 851 72.49 62.16 -39.67
N ARG O 852 71.95 61.58 -38.59
CA ARG O 852 70.59 61.71 -38.13
C ARG O 852 70.55 62.42 -36.78
N PRO O 853 69.43 63.09 -36.45
CA PRO O 853 69.29 63.60 -35.09
C PRO O 853 69.13 62.48 -34.09
N THR O 854 69.79 62.61 -32.95
CA THR O 854 69.80 61.58 -31.95
C THR O 854 68.49 61.56 -31.17
N ALA O 855 68.32 60.52 -30.36
CA ALA O 855 67.14 60.39 -29.51
C ALA O 855 67.53 60.17 -28.05
N GLN O 856 68.81 60.22 -27.73
CA GLN O 856 69.26 60.14 -26.36
C GLN O 856 68.96 61.46 -25.64
N PRO O 857 68.67 61.41 -24.34
CA PRO O 857 68.35 62.65 -23.62
C PRO O 857 69.57 63.52 -23.42
N ASN O 858 69.37 64.82 -23.55
CA ASN O 858 70.46 65.79 -23.47
C ASN O 858 70.47 66.44 -22.09
N GLY O 859 71.67 66.75 -21.61
CA GLY O 859 71.84 67.42 -20.34
C GLY O 859 71.76 66.46 -19.17
N CYS O 860 72.10 67.02 -18.00
CA CYS O 860 72.10 66.37 -16.68
C CYS O 860 72.83 65.01 -16.68
N TRP O 861 74.12 65.09 -17.00
CA TRP O 861 75.02 63.95 -16.97
C TRP O 861 76.12 64.20 -15.93
N ASN O 862 76.81 63.12 -15.58
CA ASN O 862 77.91 63.25 -14.60
C ASN O 862 79.20 63.70 -15.25
N VAL O 863 79.27 63.71 -16.58
CA VAL O 863 80.48 64.09 -17.31
C VAL O 863 80.00 64.63 -18.65
N ARG O 864 80.91 65.30 -19.38
CA ARG O 864 80.56 65.97 -20.62
C ARG O 864 80.17 64.95 -21.69
N THR O 865 79.18 65.32 -22.50
CA THR O 865 78.80 64.55 -23.67
C THR O 865 78.32 65.53 -24.74
N THR O 866 78.38 65.10 -26.00
CA THR O 866 78.01 65.95 -27.12
C THR O 866 77.43 65.09 -28.22
N PHE O 867 76.18 65.37 -28.60
CA PHE O 867 75.46 64.62 -29.62
C PHE O 867 75.13 65.58 -30.76
N LEU O 868 75.79 65.38 -31.90
CA LEU O 868 75.65 66.27 -33.04
C LEU O 868 75.78 65.46 -34.32
N GLU O 869 75.12 65.93 -35.37
CA GLU O 869 75.17 65.24 -36.66
C GLU O 869 75.62 66.23 -37.73
N LEU O 870 76.63 65.86 -38.51
CA LEU O 870 77.16 66.79 -39.50
C LEU O 870 77.62 66.15 -40.80
N ASP O 871 77.35 64.84 -41.00
CA ASP O 871 77.82 64.06 -42.15
C ASP O 871 79.35 64.09 -42.23
N TYR O 872 79.96 63.36 -41.30
CA TYR O 872 81.38 63.40 -40.91
C TYR O 872 82.39 63.29 -42.05
N LEU O 873 81.98 62.90 -43.27
CA LEU O 873 82.90 62.90 -44.41
C LEU O 873 83.33 64.31 -44.82
N SER O 874 82.63 65.34 -44.39
CA SER O 874 83.01 66.72 -44.69
C SER O 874 84.23 67.13 -43.88
N ASP O 875 84.73 68.32 -44.16
CA ASP O 875 85.97 68.83 -43.58
C ASP O 875 85.68 70.02 -42.67
N GLY O 876 86.71 70.42 -41.93
CA GLY O 876 86.64 71.62 -41.12
C GLY O 876 85.78 71.52 -39.88
N TRP O 877 85.75 70.36 -39.25
CA TRP O 877 84.98 70.21 -38.02
C TRP O 877 85.71 69.47 -36.90
N ILE O 878 86.80 68.76 -37.20
CA ILE O 878 87.53 68.05 -36.14
C ILE O 878 88.44 69.00 -35.37
N THR O 879 88.86 70.11 -36.00
CA THR O 879 89.68 71.12 -35.33
C THR O 879 88.94 71.76 -34.16
N GLY O 880 87.62 71.86 -34.26
CA GLY O 880 86.85 72.35 -33.13
C GLY O 880 86.67 71.33 -32.03
N VAL O 881 86.78 70.04 -32.35
CA VAL O 881 86.51 69.02 -31.34
C VAL O 881 87.84 68.52 -30.77
N ARG O 882 87.77 67.88 -29.60
CA ARG O 882 88.95 67.39 -28.92
C ARG O 882 88.66 66.00 -28.36
N GLY O 883 89.51 65.04 -28.72
CA GLY O 883 89.37 63.69 -28.25
C GLY O 883 90.72 63.00 -28.21
N ASP O 884 90.72 61.71 -27.90
CA ASP O 884 91.95 60.94 -27.83
C ASP O 884 91.90 59.65 -28.65
N ILE O 885 90.72 59.14 -28.97
CA ILE O 885 90.60 57.91 -29.76
C ILE O 885 89.26 57.89 -30.50
N VAL O 886 89.30 57.55 -31.79
CA VAL O 886 88.09 57.48 -32.60
C VAL O 886 87.63 56.03 -32.63
N THR O 887 86.32 55.85 -32.85
CA THR O 887 85.72 54.52 -32.96
C THR O 887 84.75 54.54 -34.12
N CYS O 888 85.17 53.98 -35.26
CA CYS O 888 84.25 53.68 -36.35
C CYS O 888 83.95 52.18 -36.31
N MET O 889 82.68 51.85 -36.16
CA MET O 889 82.24 50.46 -36.13
C MET O 889 80.99 50.32 -37.00
N LEU O 890 81.12 49.57 -38.09
CA LEU O 890 80.03 49.20 -38.99
C LEU O 890 79.37 50.44 -39.62
N SER O 891 80.20 51.43 -40.00
CA SER O 891 79.70 52.63 -40.64
C SER O 891 80.49 53.04 -41.87
N LEU O 892 81.74 52.62 -42.01
CA LEU O 892 82.55 53.05 -43.14
C LEU O 892 82.09 52.42 -44.44
N GLY O 893 81.66 51.15 -44.39
CA GLY O 893 81.12 50.52 -45.58
C GLY O 893 79.81 51.12 -46.03
N ALA O 894 78.96 51.52 -45.07
CA ALA O 894 77.73 52.22 -45.41
C ALA O 894 78.02 53.60 -45.98
N ALA O 895 79.02 54.30 -45.45
CA ALA O 895 79.39 55.60 -45.99
C ALA O 895 79.98 55.49 -47.39
N ALA O 896 80.70 54.39 -47.66
CA ALA O 896 81.23 54.17 -48.99
C ALA O 896 80.12 53.81 -49.97
N ALA O 897 79.16 53.01 -49.54
CA ALA O 897 78.07 52.61 -50.42
C ALA O 897 77.05 53.72 -50.64
N GLY O 898 76.95 54.69 -49.71
CA GLY O 898 76.00 55.77 -49.89
C GLY O 898 76.41 56.73 -51.00
N LYS O 899 77.66 57.17 -50.98
CA LYS O 899 78.18 58.04 -52.02
C LYS O 899 78.64 57.27 -53.26
N SER O 900 78.55 55.94 -53.23
CA SER O 900 78.94 55.04 -54.31
C SER O 900 80.41 55.18 -54.69
N MET O 901 81.26 55.51 -53.72
CA MET O 901 82.69 55.58 -53.96
C MET O 901 83.36 54.27 -53.53
N THR O 902 84.63 54.14 -53.91
CA THR O 902 85.37 52.94 -53.55
C THR O 902 85.80 53.00 -52.08
N PHE O 903 86.13 51.82 -51.56
CA PHE O 903 86.56 51.71 -50.17
C PHE O 903 87.92 52.35 -49.96
N ASP O 904 88.78 52.30 -50.98
CA ASP O 904 90.08 52.95 -50.92
C ASP O 904 89.92 54.47 -50.84
N ALA O 905 89.05 55.04 -51.67
CA ALA O 905 88.83 56.49 -51.65
C ALA O 905 88.12 56.92 -50.37
N ALA O 906 87.23 56.08 -49.84
CA ALA O 906 86.54 56.39 -48.60
C ALA O 906 87.50 56.39 -47.42
N PHE O 907 88.38 55.39 -47.35
CA PHE O 907 89.37 55.34 -46.28
C PHE O 907 90.40 56.44 -46.43
N GLN O 908 90.71 56.83 -47.67
CA GLN O 908 91.65 57.91 -47.91
C GLN O 908 91.06 59.25 -47.44
N GLN O 909 89.77 59.47 -47.71
CA GLN O 909 89.11 60.68 -47.24
C GLN O 909 89.01 60.69 -45.72
N LEU O 910 88.76 59.52 -45.12
CA LEU O 910 88.68 59.44 -43.66
C LEU O 910 90.02 59.72 -43.00
N VAL O 911 91.11 59.19 -43.56
CA VAL O 911 92.42 59.45 -42.94
C VAL O 911 92.87 60.87 -43.26
N ARG O 912 92.41 61.43 -44.38
CA ARG O 912 92.78 62.80 -44.72
C ARG O 912 92.08 63.79 -43.80
N VAL O 913 90.86 63.49 -43.36
CA VAL O 913 90.19 64.36 -42.40
C VAL O 913 90.66 64.07 -40.98
N LEU O 914 91.16 62.87 -40.69
CA LEU O 914 91.72 62.60 -39.37
C LEU O 914 93.16 63.06 -39.24
N THR O 915 93.80 63.53 -40.32
CA THR O 915 95.09 64.20 -40.17
C THR O 915 94.99 65.47 -39.32
N ARG O 916 93.86 66.16 -39.36
CA ARG O 916 93.66 67.36 -38.55
C ARG O 916 93.32 67.04 -37.10
N SER O 917 93.11 65.77 -36.76
CA SER O 917 92.72 65.42 -35.41
C SER O 917 93.90 65.52 -34.44
N THR O 918 93.57 65.52 -33.15
CA THR O 918 94.56 65.55 -32.10
C THR O 918 94.76 64.20 -31.43
N ALA O 919 94.08 63.16 -31.92
CA ALA O 919 94.19 61.84 -31.33
C ALA O 919 95.52 61.19 -31.71
N ASN O 920 96.00 60.31 -30.84
CA ASN O 920 97.21 59.54 -31.10
C ASN O 920 96.93 58.06 -31.33
N VAL O 921 96.07 57.47 -30.51
CA VAL O 921 95.64 56.10 -30.68
C VAL O 921 94.26 56.11 -31.33
N LEU O 922 93.98 55.08 -32.11
CA LEU O 922 92.70 54.94 -32.80
C LEU O 922 92.54 53.50 -33.27
N LEU O 923 91.29 53.05 -33.29
CA LEU O 923 90.96 51.79 -33.93
C LEU O 923 89.64 51.98 -34.67
N ILE O 924 89.58 51.49 -35.90
CA ILE O 924 88.45 51.71 -36.79
C ILE O 924 88.18 50.43 -37.57
N GLN O 925 86.91 50.25 -37.94
CA GLN O 925 86.49 49.05 -38.67
C GLN O 925 86.76 49.23 -40.15
N VAL O 926 87.52 48.28 -40.72
CA VAL O 926 87.72 48.20 -42.16
C VAL O 926 87.22 46.84 -42.62
N ASN O 927 86.89 46.77 -43.91
CA ASN O 927 86.25 45.58 -44.48
C ASN O 927 87.12 45.12 -45.64
N CYS O 928 88.11 44.28 -45.32
CA CYS O 928 89.01 43.73 -46.31
C CYS O 928 89.30 42.27 -45.96
N PRO O 929 89.29 41.38 -46.94
CA PRO O 929 89.54 39.96 -46.64
C PRO O 929 90.99 39.72 -46.28
N THR O 930 91.21 38.91 -45.25
CA THR O 930 92.55 38.49 -44.89
C THR O 930 92.86 37.09 -45.42
N ASP O 931 91.95 36.15 -45.18
CA ASP O 931 92.13 34.77 -45.60
C ASP O 931 91.69 34.63 -47.06
N VAL O 932 91.93 33.44 -47.63
CA VAL O 932 91.41 33.10 -48.95
C VAL O 932 89.89 33.08 -48.88
N ILE O 933 89.25 33.68 -49.87
CA ILE O 933 87.81 33.97 -49.80
C ILE O 933 87.02 32.68 -50.02
N ARG O 934 86.09 32.40 -49.12
CA ARG O 934 85.29 31.18 -49.12
C ARG O 934 83.86 31.42 -49.59
N THR O 935 83.38 32.67 -49.55
CA THR O 935 82.03 33.16 -49.89
C THR O 935 80.92 32.26 -49.33
N ILE O 936 80.79 32.28 -48.01
CA ILE O 936 79.88 31.39 -47.29
C ILE O 936 78.43 31.59 -47.74
N LYS O 937 77.72 30.47 -47.86
CA LYS O 937 76.39 30.45 -48.46
C LYS O 937 75.37 31.11 -47.53
N GLY O 938 74.40 31.79 -48.13
CA GLY O 938 73.24 32.28 -47.44
C GLY O 938 73.38 33.65 -46.81
N TYR O 939 74.60 34.06 -46.49
CA TYR O 939 74.84 35.26 -45.69
C TYR O 939 75.81 36.25 -46.31
N LEU O 940 76.73 35.81 -47.17
CA LEU O 940 77.75 36.71 -47.71
C LEU O 940 78.23 36.14 -49.04
N GLU O 941 77.73 36.70 -50.13
CA GLU O 941 78.02 36.24 -51.49
C GLU O 941 78.73 37.37 -52.24
N ILE O 942 80.06 37.37 -52.17
CA ILE O 942 80.87 38.41 -52.77
C ILE O 942 80.90 38.31 -54.28
N ASP O 943 81.40 39.36 -54.93
CA ASP O 943 81.75 39.33 -56.35
C ASP O 943 83.23 39.59 -56.47
N GLN O 944 83.92 38.73 -57.24
CA GLN O 944 85.34 38.96 -57.50
C GLN O 944 85.55 40.11 -58.48
N THR O 945 84.64 40.28 -59.43
CA THR O 945 84.85 41.25 -60.50
C THR O 945 84.48 42.66 -60.06
N ASN O 946 83.21 42.88 -59.72
CA ASN O 946 82.72 44.20 -59.37
C ASN O 946 83.04 44.59 -57.93
N LYS O 947 83.56 43.65 -57.13
CA LYS O 947 84.05 43.85 -55.77
C LYS O 947 82.94 44.38 -54.85
N ARG O 948 81.93 43.54 -54.66
CA ARG O 948 80.84 43.83 -53.74
C ARG O 948 80.81 42.76 -52.66
N TYR O 949 79.94 42.96 -51.66
CA TYR O 949 79.71 41.96 -50.62
C TYR O 949 78.37 41.25 -50.75
N LYS O 950 77.29 42.01 -50.99
CA LYS O 950 75.94 41.50 -51.21
C LYS O 950 75.43 40.69 -50.00
N PHE O 951 75.20 41.42 -48.92
CA PHE O 951 74.51 40.87 -47.76
C PHE O 951 73.03 40.69 -48.11
N PRO O 952 72.53 39.46 -48.21
CA PRO O 952 71.13 39.27 -48.64
C PRO O 952 70.11 39.54 -47.56
N LYS O 953 70.50 39.53 -46.28
CA LYS O 953 69.55 39.79 -45.21
C LYS O 953 69.23 41.28 -45.11
N PHE O 954 70.06 42.13 -45.71
CA PHE O 954 69.82 43.56 -45.69
C PHE O 954 69.80 44.19 -47.08
N GLY O 955 70.16 43.44 -48.12
CA GLY O 955 70.21 43.99 -49.46
C GLY O 955 71.32 44.99 -49.69
N ARG O 956 72.35 45.00 -48.86
CA ARG O 956 73.44 45.95 -48.94
C ARG O 956 74.69 45.29 -49.51
N ASP O 957 75.52 46.11 -50.16
CA ASP O 957 76.82 45.66 -50.66
C ASP O 957 77.83 46.78 -50.54
N GLU O 958 79.10 46.40 -50.39
CA GLU O 958 80.17 47.33 -50.09
C GLU O 958 81.41 46.96 -50.90
N PRO O 959 82.25 47.92 -51.23
CA PRO O 959 83.53 47.57 -51.88
C PRO O 959 84.54 47.05 -50.87
N TYR O 960 85.19 45.94 -51.22
CA TYR O 960 86.33 45.50 -50.44
C TYR O 960 87.63 45.97 -51.07
N SER O 961 88.64 46.13 -50.24
CA SER O 961 89.97 46.51 -50.68
C SER O 961 90.96 45.43 -50.27
N ASP O 962 92.23 45.69 -50.55
CA ASP O 962 93.33 44.81 -50.17
C ASP O 962 94.01 45.36 -48.92
N MET O 963 94.53 44.44 -48.10
CA MET O 963 95.37 44.83 -46.98
C MET O 963 96.65 45.50 -47.45
N ASP O 964 97.24 45.02 -48.55
CA ASP O 964 98.43 45.65 -49.11
C ASP O 964 98.10 47.02 -49.69
N SER O 965 96.92 47.16 -50.31
CA SER O 965 96.51 48.45 -50.85
C SER O 965 96.21 49.44 -49.73
N LEU O 966 95.77 48.96 -48.58
CA LEU O 966 95.44 49.86 -47.49
C LEU O 966 96.65 50.13 -46.58
N GLU O 967 97.68 49.28 -46.64
CA GLU O 967 98.84 49.43 -45.77
C GLU O 967 99.67 50.66 -46.13
N ARG O 968 99.80 50.98 -47.42
CA ARG O 968 100.58 52.13 -47.85
C ARG O 968 99.94 53.45 -47.43
N ILE O 969 98.65 53.46 -47.12
CA ILE O 969 97.96 54.69 -46.77
C ILE O 969 98.41 55.21 -45.40
N CYS O 970 98.65 54.32 -44.44
CA CYS O 970 99.13 54.76 -43.12
C CYS O 970 100.54 55.30 -43.23
N ARG O 971 101.37 54.66 -44.06
CA ARG O 971 102.73 55.12 -44.29
C ARG O 971 102.75 56.47 -44.99
N ALA O 972 101.81 56.69 -45.92
CA ALA O 972 101.70 57.99 -46.56
C ALA O 972 101.16 59.05 -45.61
N ALA O 973 100.31 58.65 -44.65
CA ALA O 973 99.70 59.62 -43.75
C ALA O 973 100.66 60.04 -42.64
N TRP O 974 101.08 59.08 -41.80
CA TRP O 974 102.00 59.42 -40.74
C TRP O 974 103.25 58.57 -40.82
N PRO O 975 104.42 59.16 -40.54
CA PRO O 975 105.65 58.34 -40.54
C PRO O 975 105.77 57.45 -39.31
N ASN O 976 105.17 57.84 -38.19
CA ASN O 976 105.31 57.12 -36.94
C ASN O 976 104.08 56.28 -36.59
N CYS O 977 103.23 55.97 -37.57
CA CYS O 977 102.07 55.14 -37.28
C CYS O 977 102.49 53.69 -37.27
N SER O 978 101.83 52.89 -36.44
CA SER O 978 102.14 51.47 -36.30
C SER O 978 100.82 50.70 -36.30
N ILE O 979 100.49 50.08 -37.44
CA ILE O 979 99.25 49.34 -37.54
C ILE O 979 99.38 48.02 -36.79
N THR O 980 98.24 47.48 -36.37
CA THR O 980 98.17 46.12 -35.85
C THR O 980 96.80 45.54 -36.16
N TRP O 981 96.79 44.31 -36.65
CA TRP O 981 95.55 43.62 -36.96
C TRP O 981 95.21 42.69 -35.81
N VAL O 982 94.15 43.00 -35.07
CA VAL O 982 93.77 42.17 -33.94
C VAL O 982 93.13 40.88 -34.46
N PRO O 983 93.60 39.72 -34.02
CA PRO O 983 93.01 38.47 -34.48
C PRO O 983 91.74 38.16 -33.73
N LEU O 984 90.87 37.38 -34.38
CA LEU O 984 89.68 36.89 -33.71
C LEU O 984 90.07 35.80 -32.72
N SER O 985 89.67 35.99 -31.47
CA SER O 985 90.10 35.10 -30.41
C SER O 985 89.08 33.97 -30.25
N TYR O 986 89.58 32.73 -30.26
CA TYR O 986 88.74 31.55 -30.19
C TYR O 986 88.08 31.36 -28.84
N ASP O 987 88.51 32.09 -27.81
CA ASP O 987 88.11 31.89 -26.43
C ASP O 987 86.67 32.30 -26.13
N LEU O 988 86.00 32.95 -27.09
CA LEU O 988 84.73 33.68 -26.91
C LEU O 988 84.75 34.56 -25.65
N ARG O 989 85.79 35.40 -25.57
CA ARG O 989 85.89 36.37 -24.49
C ARG O 989 84.81 37.43 -24.59
N TRP O 990 84.31 37.70 -25.80
CA TRP O 990 83.37 38.78 -26.07
C TRP O 990 81.98 38.53 -25.50
N THR O 991 81.67 37.33 -25.05
CA THR O 991 80.31 36.98 -24.68
C THR O 991 79.88 37.53 -23.32
N LYS O 992 80.75 38.28 -22.65
CA LYS O 992 80.38 38.93 -21.40
C LYS O 992 79.29 39.98 -21.60
N LEU O 993 79.34 40.71 -22.73
CA LEU O 993 78.28 41.65 -23.04
C LEU O 993 77.02 40.92 -23.49
N ALA O 994 77.17 39.69 -23.97
CA ALA O 994 76.04 39.00 -24.58
C ALA O 994 75.21 38.24 -23.55
N LEU O 995 75.85 37.47 -22.69
CA LEU O 995 75.09 36.62 -21.78
C LEU O 995 74.55 37.40 -20.58
N LEU O 996 75.29 38.40 -20.11
CA LEU O 996 74.85 39.17 -18.95
C LEU O 996 73.70 40.10 -19.28
N GLU O 997 73.51 40.43 -20.56
CA GLU O 997 72.38 41.24 -20.99
C GLU O 997 71.18 40.39 -21.42
N SER O 998 71.11 39.14 -20.95
CA SER O 998 69.97 38.22 -21.12
C SER O 998 69.68 37.96 -22.59
N THR O 999 70.62 37.27 -23.23
CA THR O 999 70.48 36.93 -24.65
C THR O 999 70.94 35.49 -24.85
N THR O 1000 69.99 34.59 -25.14
CA THR O 1000 70.32 33.23 -25.55
C THR O 1000 70.99 33.27 -26.91
N LEU O 1001 72.25 32.81 -26.97
CA LEU O 1001 73.01 33.14 -28.16
C LEU O 1001 72.73 32.25 -29.37
N SER O 1002 73.32 31.05 -29.39
CA SER O 1002 73.34 30.18 -30.57
C SER O 1002 74.16 28.92 -30.35
N SER O 1003 74.19 28.08 -31.37
CA SER O 1003 75.34 27.22 -31.62
C SER O 1003 75.96 27.46 -32.99
N ALA O 1004 75.14 27.78 -33.99
CA ALA O 1004 75.62 27.94 -35.36
C ALA O 1004 75.93 29.40 -35.68
N SER O 1005 75.13 30.33 -35.16
CA SER O 1005 75.33 31.74 -35.46
C SER O 1005 76.62 32.28 -34.87
N VAL O 1006 77.11 31.71 -33.77
CA VAL O 1006 78.40 32.13 -33.26
C VAL O 1006 79.54 31.67 -34.16
N ARG O 1007 79.45 30.46 -34.75
CA ARG O 1007 80.45 30.01 -35.70
C ARG O 1007 80.39 30.83 -36.99
N ILE O 1008 79.17 31.17 -37.40
CA ILE O 1008 78.98 32.03 -38.56
C ILE O 1008 79.53 33.44 -38.33
N ALA O 1009 79.36 33.96 -37.12
CA ALA O 1009 79.94 35.27 -36.80
C ALA O 1009 81.46 35.21 -36.73
N GLU O 1010 82.01 34.09 -36.24
CA GLU O 1010 83.46 33.91 -36.26
C GLU O 1010 84.00 33.82 -37.68
N LEU O 1011 83.22 33.24 -38.60
CA LEU O 1011 83.64 33.24 -40.00
C LEU O 1011 83.48 34.61 -40.64
N MET O 1012 82.45 35.36 -40.23
CA MET O 1012 82.15 36.63 -40.87
C MET O 1012 83.10 37.73 -40.44
N TYR O 1013 83.59 37.66 -39.19
CA TYR O 1013 84.58 38.63 -38.72
C TYR O 1013 85.90 38.52 -39.45
N LYS O 1014 86.19 37.34 -40.01
CA LYS O 1014 87.41 37.14 -40.79
C LYS O 1014 87.42 37.96 -42.07
N TYR O 1015 86.26 38.32 -42.60
CA TYR O 1015 86.18 39.19 -43.75
C TYR O 1015 86.15 40.67 -43.40
N MET O 1016 85.74 41.02 -42.18
CA MET O 1016 85.79 42.39 -41.69
C MET O 1016 86.55 42.50 -40.36
N PRO O 1017 87.87 42.42 -40.40
CA PRO O 1017 88.64 42.64 -39.18
C PRO O 1017 88.83 44.12 -38.92
N ILE O 1018 88.82 44.48 -37.66
CA ILE O 1018 89.11 45.86 -37.30
C ILE O 1018 90.61 45.98 -37.11
N MET O 1019 91.12 47.19 -37.33
CA MET O 1019 92.54 47.48 -37.24
C MET O 1019 92.76 48.57 -36.21
N ARG O 1020 93.99 48.67 -35.72
CA ARG O 1020 94.34 49.62 -34.67
C ARG O 1020 95.64 50.32 -35.03
N ILE O 1021 95.62 51.65 -34.99
CA ILE O 1021 96.76 52.48 -35.35
C ILE O 1021 97.11 53.35 -34.15
N ASP O 1022 98.40 53.49 -33.87
CA ASP O 1022 98.85 54.42 -32.84
C ASP O 1022 100.13 55.11 -33.28
N ILE O 1023 100.13 56.43 -33.27
CA ILE O 1023 101.31 57.22 -33.59
C ILE O 1023 102.04 57.54 -32.28
N HIS O 1024 103.37 57.37 -32.31
CA HIS O 1024 104.29 57.64 -31.19
C HIS O 1024 103.94 56.86 -29.92
N SER P 3 -17.52 -21.43 72.94
CA SER P 3 -17.83 -22.50 72.00
C SER P 3 -19.24 -22.36 71.49
N MET P 4 -19.96 -21.37 72.04
CA MET P 4 -21.33 -21.10 71.61
C MET P 4 -21.38 -20.66 70.16
N ILE P 5 -20.46 -19.78 69.77
CA ILE P 5 -20.38 -19.33 68.39
C ILE P 5 -19.96 -20.47 67.47
N LEU P 6 -19.15 -21.40 67.98
CA LEU P 6 -18.77 -22.57 67.19
C LEU P 6 -19.96 -23.49 66.93
N THR P 7 -20.74 -23.79 67.99
CA THR P 7 -21.92 -24.63 67.83
C THR P 7 -23.00 -23.93 67.01
N GLN P 8 -22.99 -22.60 66.97
CA GLN P 8 -23.96 -21.87 66.18
C GLN P 8 -23.56 -21.73 64.71
N PHE P 9 -22.26 -21.57 64.43
CA PHE P 9 -21.74 -21.17 63.13
C PHE P 9 -20.60 -22.08 62.70
N GLY P 10 -20.74 -23.39 62.96
CA GLY P 10 -19.82 -24.39 62.47
C GLY P 10 -19.41 -24.33 61.00
N PRO P 11 -20.33 -24.62 60.07
CA PRO P 11 -19.94 -24.73 58.66
C PRO P 11 -19.69 -23.41 57.96
N PHE P 12 -19.92 -22.26 58.59
CA PHE P 12 -19.66 -21.02 57.88
C PHE P 12 -18.23 -20.53 58.06
N ILE P 13 -17.68 -20.67 59.27
CA ILE P 13 -16.36 -20.13 59.56
C ILE P 13 -15.30 -20.88 58.77
N GLU P 14 -15.49 -22.18 58.56
CA GLU P 14 -14.58 -22.95 57.71
C GLU P 14 -14.69 -22.57 56.25
N SER P 15 -15.81 -21.98 55.84
CA SER P 15 -15.93 -21.56 54.45
C SER P 15 -15.17 -20.27 54.18
N ILE P 16 -15.06 -19.38 55.17
CA ILE P 16 -14.40 -18.11 54.98
C ILE P 16 -13.02 -18.07 55.66
N SER P 17 -12.50 -19.22 56.05
CA SER P 17 -11.12 -19.29 56.54
C SER P 17 -10.25 -20.11 55.60
N GLY P 18 -10.78 -20.52 54.45
CA GLY P 18 -10.02 -21.30 53.51
C GLY P 18 -10.09 -22.80 53.71
N ILE P 19 -10.87 -23.28 54.67
CA ILE P 19 -10.92 -24.72 54.89
C ILE P 19 -11.86 -25.35 53.88
N THR P 20 -13.14 -25.02 53.97
CA THR P 20 -14.16 -25.64 53.14
C THR P 20 -14.59 -24.69 52.03
N ASP P 21 -15.24 -25.27 51.02
CA ASP P 21 -15.70 -24.49 49.88
C ASP P 21 -16.88 -23.62 50.27
N GLN P 22 -16.92 -22.41 49.73
CA GLN P 22 -18.04 -21.53 49.98
C GLN P 22 -19.26 -21.98 49.20
N SER P 23 -20.43 -21.82 49.81
CA SER P 23 -21.66 -22.26 49.19
C SER P 23 -22.77 -21.31 49.57
N ASN P 24 -23.85 -21.34 48.79
CA ASN P 24 -24.93 -20.40 49.03
C ASN P 24 -25.80 -20.85 50.20
N ASP P 25 -25.97 -22.16 50.39
CA ASP P 25 -26.87 -22.62 51.43
C ASP P 25 -26.30 -22.38 52.82
N VAL P 26 -24.98 -22.50 52.97
CA VAL P 26 -24.35 -22.19 54.26
C VAL P 26 -24.41 -20.70 54.52
N PHE P 27 -24.23 -19.88 53.48
CA PHE P 27 -24.38 -18.43 53.58
C PHE P 27 -25.79 -18.05 54.04
N GLU P 28 -26.81 -18.65 53.43
CA GLU P 28 -28.18 -18.30 53.79
C GLU P 28 -28.59 -18.89 55.13
N ASN P 29 -28.06 -20.05 55.50
CA ASN P 29 -28.35 -20.59 56.82
C ASN P 29 -27.62 -19.82 57.92
N ALA P 30 -26.52 -19.15 57.57
CA ALA P 30 -25.89 -18.24 58.53
C ALA P 30 -26.70 -16.96 58.65
N ALA P 31 -27.09 -16.37 57.50
CA ALA P 31 -27.88 -15.14 57.49
C ALA P 31 -29.27 -15.31 58.10
N LYS P 32 -29.78 -16.54 58.14
CA LYS P 32 -30.98 -16.83 58.91
C LYS P 32 -30.74 -16.60 60.40
N ALA P 33 -29.55 -16.97 60.86
CA ALA P 33 -29.22 -16.87 62.27
C ALA P 33 -28.72 -15.50 62.68
N PHE P 34 -28.13 -14.74 61.74
CA PHE P 34 -27.69 -13.38 62.05
C PHE P 34 -28.85 -12.46 62.41
N SER P 35 -30.03 -12.68 61.85
CA SER P 35 -31.19 -11.92 62.27
C SER P 35 -31.65 -12.33 63.65
N MET P 36 -31.43 -13.59 64.03
CA MET P 36 -31.95 -14.14 65.28
C MET P 36 -30.92 -14.00 66.40
N PHE P 37 -30.62 -12.76 66.75
CA PHE P 37 -29.79 -12.46 67.91
C PHE P 37 -30.45 -11.40 68.75
N THR P 38 -30.61 -11.69 70.04
CA THR P 38 -30.88 -10.64 70.99
C THR P 38 -29.63 -9.81 71.21
N ARG P 39 -29.81 -8.59 71.71
CA ARG P 39 -28.67 -7.75 72.03
C ARG P 39 -27.90 -8.28 73.24
N SER P 40 -28.58 -9.03 74.11
CA SER P 40 -27.90 -9.66 75.23
C SER P 40 -27.07 -10.84 74.80
N ASP P 41 -27.35 -11.43 73.64
CA ASP P 41 -26.64 -12.62 73.20
C ASP P 41 -25.21 -12.30 72.83
N VAL P 42 -24.97 -11.09 72.31
CA VAL P 42 -23.61 -10.66 71.98
C VAL P 42 -22.76 -10.57 73.24
N TYR P 43 -23.33 -10.05 74.32
CA TYR P 43 -22.58 -9.94 75.56
C TYR P 43 -22.44 -11.29 76.25
N LYS P 44 -23.42 -12.18 76.09
CA LYS P 44 -23.25 -13.56 76.54
C LYS P 44 -22.11 -14.25 75.81
N ALA P 45 -21.96 -13.97 74.51
CA ALA P 45 -20.82 -14.50 73.78
C ALA P 45 -19.51 -13.84 74.18
N LEU P 46 -19.55 -12.58 74.62
CA LEU P 46 -18.35 -11.94 75.12
C LEU P 46 -17.94 -12.42 76.49
N ASP P 47 -18.90 -12.95 77.27
CA ASP P 47 -18.59 -13.40 78.63
C ASP P 47 -17.71 -14.64 78.68
N GLU P 48 -17.61 -15.40 77.60
CA GLU P 48 -16.98 -16.71 77.69
C GLU P 48 -15.52 -16.73 77.27
N ILE P 49 -15.02 -15.69 76.61
CA ILE P 49 -13.66 -15.73 76.08
C ILE P 49 -12.67 -15.46 77.20
N PRO P 50 -11.70 -16.36 77.43
CA PRO P 50 -10.68 -16.08 78.45
C PRO P 50 -9.72 -15.00 77.97
N PHE P 51 -9.60 -13.95 78.76
CA PHE P 51 -8.74 -12.83 78.43
C PHE P 51 -7.44 -12.88 79.22
N SER P 52 -6.36 -12.51 78.57
CA SER P 52 -5.03 -12.66 79.15
C SER P 52 -4.75 -11.55 80.15
N GLU P 53 -3.55 -11.60 80.72
CA GLU P 53 -3.13 -10.58 81.66
C GLU P 53 -2.74 -9.27 81.00
N ASP P 54 -2.38 -9.29 79.72
CA ASP P 54 -1.93 -8.08 79.05
C ASP P 54 -3.08 -7.29 78.43
N ALA P 55 -4.32 -7.70 78.65
CA ALA P 55 -5.46 -6.87 78.32
C ALA P 55 -5.98 -6.08 79.51
N MET P 56 -5.66 -6.54 80.72
CA MET P 56 -6.15 -5.90 81.94
C MET P 56 -5.38 -4.61 82.21
N LEU P 57 -6.12 -3.52 82.36
CA LEU P 57 -5.57 -2.24 82.78
C LEU P 57 -6.62 -1.54 83.64
N PRO P 58 -6.20 -0.66 84.57
CA PRO P 58 -7.19 -0.07 85.49
C PRO P 58 -8.14 0.91 84.82
N ILE P 59 -9.39 0.52 84.70
CA ILE P 59 -10.43 1.47 84.31
C ILE P 59 -10.71 2.39 85.49
N PRO P 60 -10.73 3.72 85.30
CA PRO P 60 -10.97 4.61 86.43
C PRO P 60 -12.41 4.52 86.90
N PRO P 61 -12.69 4.82 88.17
CA PRO P 61 -14.07 4.80 88.64
C PRO P 61 -14.83 6.07 88.31
N THR P 62 -14.15 7.14 87.93
CA THR P 62 -14.79 8.44 87.80
C THR P 62 -15.54 8.65 86.50
N ILE P 63 -15.59 7.65 85.62
CA ILE P 63 -16.40 7.77 84.42
C ILE P 63 -17.89 7.75 84.78
N TYR P 64 -18.26 6.93 85.74
CA TYR P 64 -19.66 6.64 85.99
C TYR P 64 -20.37 7.72 86.80
N THR P 65 -19.64 8.52 87.56
CA THR P 65 -20.25 9.49 88.47
C THR P 65 -19.94 10.89 87.96
N LYS P 66 -20.89 11.49 87.26
CA LYS P 66 -20.73 12.83 86.73
C LYS P 66 -21.89 13.71 87.16
N PRO P 67 -21.63 14.91 87.67
CA PRO P 67 -22.72 15.77 88.13
C PRO P 67 -23.44 16.42 86.97
N SER P 68 -24.73 16.69 87.18
CA SER P 68 -25.67 16.96 86.10
C SER P 68 -25.44 18.32 85.46
N HIS P 69 -26.29 18.64 84.49
CA HIS P 69 -26.01 19.64 83.47
C HIS P 69 -26.52 21.03 83.81
N ASP P 70 -26.90 21.31 85.06
CA ASP P 70 -27.53 22.60 85.34
C ASP P 70 -26.53 23.74 85.33
N SER P 71 -25.27 23.46 85.68
CA SER P 71 -24.24 24.48 85.73
C SER P 71 -23.48 24.59 84.43
N TYR P 72 -23.90 23.87 83.39
CA TYR P 72 -23.19 23.87 82.12
C TYR P 72 -23.79 24.84 81.11
N TYR P 73 -25.10 24.92 81.02
CA TYR P 73 -25.75 25.78 80.04
C TYR P 73 -26.28 27.04 80.71
N TYR P 74 -26.64 28.01 79.89
CA TYR P 74 -27.42 29.16 80.35
C TYR P 74 -28.19 29.71 79.17
N ILE P 75 -28.94 30.77 79.41
CA ILE P 75 -29.76 31.42 78.40
C ILE P 75 -29.21 32.81 78.17
N ASP P 76 -28.80 33.08 76.93
CA ASP P 76 -28.25 34.36 76.55
C ASP P 76 -29.36 35.41 76.47
N ALA P 77 -28.94 36.68 76.45
CA ALA P 77 -29.81 37.71 75.91
C ALA P 77 -30.10 37.41 74.45
N LEU P 78 -31.28 37.87 74.01
CA LEU P 78 -32.04 37.47 72.83
C LEU P 78 -32.65 36.08 72.97
N ASN P 79 -32.56 35.48 74.17
CA ASN P 79 -33.23 34.24 74.55
C ASN P 79 -32.82 33.08 73.63
N ARG P 80 -31.52 32.89 73.48
CA ARG P 80 -30.99 31.71 72.84
C ARG P 80 -30.12 30.97 73.84
N VAL P 81 -30.11 29.66 73.74
CA VAL P 81 -29.38 28.83 74.69
C VAL P 81 -27.92 28.76 74.26
N ARG P 82 -27.04 28.83 75.25
CA ARG P 82 -25.61 28.69 75.03
C ARG P 82 -25.07 27.80 76.12
N ARG P 83 -23.76 27.75 76.26
CA ARG P 83 -23.15 27.16 77.44
C ARG P 83 -22.05 28.09 77.93
N LYS P 84 -21.74 28.00 79.22
CA LYS P 84 -20.57 28.70 79.72
C LYS P 84 -19.40 27.72 79.77
N THR P 85 -18.27 28.17 79.24
CA THR P 85 -17.11 27.33 79.11
C THR P 85 -16.27 27.41 80.38
N TYR P 86 -15.67 26.29 80.76
CA TYR P 86 -14.85 26.24 81.95
C TYR P 86 -13.36 26.20 81.63
N GLN P 87 -12.96 25.52 80.57
CA GLN P 87 -11.57 25.41 80.17
C GLN P 87 -11.48 25.82 78.71
N GLY P 88 -11.04 27.04 78.45
CA GLY P 88 -10.82 27.51 77.10
C GLY P 88 -12.08 28.00 76.43
N PRO P 89 -11.94 28.96 75.51
CA PRO P 89 -13.11 29.48 74.79
C PRO P 89 -13.65 28.55 73.71
N ASP P 90 -13.00 27.43 73.42
CA ASP P 90 -13.52 26.47 72.47
C ASP P 90 -14.13 25.24 73.15
N ASP P 91 -14.55 25.38 74.41
CA ASP P 91 -15.18 24.29 75.16
C ASP P 91 -16.68 24.26 74.90
N VAL P 92 -17.08 24.26 73.63
CA VAL P 92 -18.49 24.41 73.28
C VAL P 92 -19.12 23.09 72.90
N TYR P 93 -18.43 21.98 73.11
CA TYR P 93 -18.95 20.68 72.67
C TYR P 93 -19.90 20.15 73.74
N VAL P 94 -20.26 18.88 73.62
CA VAL P 94 -21.20 18.26 74.56
C VAL P 94 -20.43 17.90 75.83
N PRO P 95 -20.91 18.31 77.00
CA PRO P 95 -20.26 17.89 78.25
C PRO P 95 -20.66 16.46 78.61
N ASN P 96 -20.12 16.00 79.72
CA ASN P 96 -20.41 14.66 80.22
C ASN P 96 -21.06 14.78 81.59
N CYS P 97 -22.34 14.41 81.69
CA CYS P 97 -23.04 14.49 82.95
C CYS P 97 -23.94 13.27 83.11
N SER P 98 -24.57 13.18 84.27
CA SER P 98 -25.58 12.15 84.50
C SER P 98 -26.81 12.41 83.66
N ILE P 99 -27.33 11.37 83.03
CA ILE P 99 -28.39 11.53 82.04
C ILE P 99 -29.74 11.00 82.54
N VAL P 100 -29.76 10.09 83.52
CA VAL P 100 -30.92 9.23 83.76
C VAL P 100 -32.11 10.00 84.34
N GLU P 101 -31.89 11.17 84.92
CA GLU P 101 -32.95 11.91 85.59
C GLU P 101 -33.92 12.58 84.64
N LEU P 102 -33.68 12.54 83.33
CA LEU P 102 -34.55 13.16 82.34
C LEU P 102 -35.28 12.13 81.51
N LEU P 103 -35.57 10.97 82.07
CA LEU P 103 -36.04 9.83 81.31
C LEU P 103 -37.37 9.30 81.85
N GLU P 104 -38.19 8.80 80.93
CA GLU P 104 -39.36 7.98 81.22
C GLU P 104 -39.31 6.73 80.36
N PRO P 105 -39.70 5.57 80.90
CA PRO P 105 -39.46 4.32 80.18
C PRO P 105 -40.42 4.09 79.01
N HIS P 106 -39.87 3.41 78.01
CA HIS P 106 -40.65 2.89 76.90
C HIS P 106 -41.63 1.83 77.39
N GLU P 107 -42.69 1.61 76.62
CA GLU P 107 -43.48 0.40 76.83
C GLU P 107 -42.77 -0.79 76.19
N THR P 108 -43.31 -1.99 76.48
CA THR P 108 -42.92 -3.33 76.00
C THR P 108 -41.60 -3.78 76.64
N LEU P 109 -40.89 -2.88 77.32
CA LEU P 109 -39.67 -3.17 78.03
C LEU P 109 -39.41 -2.04 79.02
N THR P 110 -39.16 -2.41 80.27
CA THR P 110 -39.13 -1.42 81.34
C THR P 110 -37.79 -0.69 81.40
N SER P 111 -36.70 -1.40 81.09
CA SER P 111 -35.37 -0.94 81.46
C SER P 111 -34.89 0.26 80.65
N TYR P 112 -35.45 0.50 79.47
CA TYR P 112 -34.93 1.50 78.57
C TYR P 112 -35.88 2.69 78.47
N GLY P 113 -35.34 3.89 78.61
CA GLY P 113 -36.13 5.11 78.57
C GLY P 113 -35.69 6.04 77.45
N ARG P 114 -36.46 7.10 77.27
CA ARG P 114 -36.20 8.14 76.28
C ARG P 114 -36.46 9.48 76.94
N LEU P 115 -36.34 10.56 76.16
CA LEU P 115 -36.61 11.89 76.67
C LEU P 115 -38.10 12.06 76.96
N SER P 116 -38.40 12.60 78.13
CA SER P 116 -39.79 12.64 78.58
C SER P 116 -40.56 13.74 77.87
N GLU P 117 -41.84 13.47 77.63
CA GLU P 117 -42.66 14.35 76.82
C GLU P 117 -43.11 15.59 77.59
N ALA P 118 -43.18 15.53 78.92
CA ALA P 118 -43.58 16.69 79.69
C ALA P 118 -42.55 17.81 79.62
N ILE P 119 -41.26 17.45 79.56
CA ILE P 119 -40.22 18.46 79.51
C ILE P 119 -40.19 19.13 78.14
N GLU P 120 -40.38 18.39 77.05
CA GLU P 120 -40.45 19.05 75.75
C GLU P 120 -41.74 19.83 75.58
N ASN P 121 -42.82 19.42 76.24
CA ASN P 121 -44.05 20.21 76.23
C ASN P 121 -43.84 21.55 76.92
N ARG P 122 -43.22 21.55 78.10
CA ARG P 122 -42.97 22.80 78.79
C ARG P 122 -41.88 23.61 78.09
N ALA P 123 -41.00 22.97 77.33
CA ALA P 123 -40.00 23.71 76.56
C ALA P 123 -40.61 24.39 75.36
N LYS P 124 -41.54 23.72 74.67
CA LYS P 124 -42.31 24.38 73.61
C LYS P 124 -43.18 25.48 74.19
N ASP P 125 -43.67 25.30 75.42
CA ASP P 125 -44.41 26.36 76.08
C ASP P 125 -43.53 27.56 76.40
N GLY P 126 -42.27 27.32 76.77
CA GLY P 126 -41.37 28.41 77.04
C GLY P 126 -40.80 28.44 78.45
N ASP P 127 -40.69 27.27 79.08
CA ASP P 127 -40.04 27.18 80.37
C ASP P 127 -38.55 27.42 80.21
N SER P 128 -37.92 27.93 81.26
CA SER P 128 -36.49 28.21 81.21
C SER P 128 -35.67 26.94 81.30
N GLN P 129 -35.96 26.09 82.29
CA GLN P 129 -35.16 24.89 82.50
C GLN P 129 -35.46 23.82 81.46
N ALA P 130 -36.70 23.78 80.97
CA ALA P 130 -37.10 22.71 80.07
C ALA P 130 -36.43 22.83 78.71
N ARG P 131 -36.20 24.07 78.25
CA ARG P 131 -35.49 24.26 77.00
C ARG P 131 -34.03 23.80 77.10
N ILE P 132 -33.39 24.09 78.24
CA ILE P 132 -32.03 23.62 78.50
C ILE P 132 -31.99 22.10 78.54
N ALA P 133 -32.98 21.49 79.19
CA ALA P 133 -33.00 20.04 79.34
C ALA P 133 -33.23 19.34 77.99
N THR P 134 -34.17 19.84 77.19
CA THR P 134 -34.36 19.23 75.88
C THR P 134 -33.24 19.56 74.92
N THR P 135 -32.53 20.67 75.12
CA THR P 135 -31.33 20.96 74.35
C THR P 135 -30.26 19.92 74.60
N TYR P 136 -30.01 19.63 75.88
CA TYR P 136 -29.03 18.61 76.24
C TYR P 136 -29.46 17.23 75.77
N GLY P 137 -30.75 16.91 75.86
CA GLY P 137 -31.22 15.60 75.43
C GLY P 137 -31.09 15.39 73.94
N ARG P 138 -31.49 16.38 73.14
CA ARG P 138 -31.37 16.24 71.70
C ARG P 138 -29.93 16.26 71.23
N ILE P 139 -29.06 17.04 71.87
CA ILE P 139 -27.66 16.99 71.44
C ILE P 139 -26.96 15.72 71.91
N ALA P 140 -27.39 15.12 73.02
CA ALA P 140 -26.83 13.83 73.40
C ALA P 140 -27.30 12.72 72.46
N GLU P 141 -28.57 12.76 72.02
CA GLU P 141 -29.04 11.84 70.99
C GLU P 141 -28.25 11.98 69.70
N SER P 142 -28.00 13.23 69.28
CA SER P 142 -27.28 13.44 68.03
C SER P 142 -25.82 13.05 68.13
N GLN P 143 -25.23 13.14 69.32
CA GLN P 143 -23.85 12.66 69.48
C GLN P 143 -23.80 11.14 69.47
N ALA P 144 -24.79 10.50 70.12
CA ALA P 144 -24.81 9.04 70.16
C ALA P 144 -25.20 8.43 68.83
N ARG P 145 -25.84 9.19 67.95
CA ARG P 145 -26.38 8.62 66.73
C ARG P 145 -25.34 8.40 65.64
N GLN P 146 -24.14 8.98 65.77
CA GLN P 146 -23.20 9.06 64.66
C GLN P 146 -22.52 7.73 64.33
N ILE P 147 -23.30 6.71 64.00
CA ILE P 147 -22.80 5.38 63.68
C ILE P 147 -23.56 4.84 62.48
N LYS P 148 -22.98 3.82 61.84
CA LYS P 148 -23.59 3.24 60.65
C LYS P 148 -24.67 2.22 60.98
N ALA P 149 -24.46 1.43 62.02
CA ALA P 149 -25.34 0.34 62.41
C ALA P 149 -25.11 0.08 63.89
N PRO P 150 -26.00 -0.64 64.57
CA PRO P 150 -25.75 -0.98 65.98
C PRO P 150 -24.45 -1.75 66.19
N LEU P 151 -23.75 -1.39 67.26
CA LEU P 151 -22.38 -1.85 67.49
C LEU P 151 -22.31 -3.34 67.76
N GLU P 152 -23.37 -3.91 68.32
CA GLU P 152 -23.40 -5.33 68.62
C GLU P 152 -23.31 -6.19 67.36
N LYS P 153 -23.81 -5.69 66.22
CA LYS P 153 -23.65 -6.40 64.97
C LYS P 153 -22.21 -6.39 64.48
N PHE P 154 -21.49 -5.28 64.65
CA PHE P 154 -20.08 -5.23 64.28
C PHE P 154 -19.24 -6.11 65.19
N VAL P 155 -19.52 -6.10 66.49
CA VAL P 155 -18.77 -6.92 67.44
C VAL P 155 -19.07 -8.39 67.19
N LEU P 156 -20.31 -8.71 66.81
CA LEU P 156 -20.65 -10.08 66.48
C LEU P 156 -19.95 -10.53 65.20
N ALA P 157 -19.83 -9.65 64.21
CA ALA P 157 -19.08 -9.97 63.01
C ALA P 157 -17.60 -10.18 63.32
N LEU P 158 -17.05 -9.42 64.26
CA LEU P 158 -15.69 -9.65 64.72
C LEU P 158 -15.56 -11.03 65.37
N LEU P 159 -16.52 -11.39 66.23
CA LEU P 159 -16.48 -12.68 66.90
C LEU P 159 -16.66 -13.84 65.93
N VAL P 160 -17.41 -13.65 64.85
CA VAL P 160 -17.55 -14.70 63.85
C VAL P 160 -16.27 -14.83 63.04
N ALA P 161 -15.75 -13.70 62.55
CA ALA P 161 -14.64 -13.76 61.62
C ALA P 161 -13.35 -14.19 62.29
N GLU P 162 -13.11 -13.76 63.52
CA GLU P 162 -11.87 -14.08 64.19
C GLU P 162 -11.95 -15.35 65.03
N ALA P 163 -12.94 -16.21 64.78
CA ALA P 163 -13.06 -17.48 65.46
C ALA P 163 -12.38 -18.62 64.71
N GLY P 164 -11.94 -18.38 63.48
CA GLY P 164 -11.29 -19.40 62.70
C GLY P 164 -9.81 -19.60 62.98
N GLY P 165 -9.28 -18.93 63.99
CA GLY P 165 -7.87 -19.06 64.31
C GLY P 165 -7.00 -18.33 63.28
N SER P 166 -5.72 -18.70 63.30
CA SER P 166 -4.80 -18.16 62.32
C SER P 166 -5.06 -18.76 60.95
N LEU P 167 -4.58 -18.08 59.92
CA LEU P 167 -4.80 -18.48 58.54
C LEU P 167 -3.51 -19.00 57.95
N TYR P 168 -3.54 -19.32 56.65
CA TYR P 168 -2.38 -19.82 55.93
C TYR P 168 -2.17 -18.97 54.69
N ASP P 169 -0.90 -18.72 54.36
CA ASP P 169 -0.56 -17.87 53.25
C ASP P 169 -0.11 -18.73 52.08
N PRO P 170 -0.75 -18.65 50.91
CA PRO P 170 -0.25 -19.38 49.74
C PRO P 170 1.01 -18.79 49.14
N VAL P 171 1.42 -17.60 49.57
CA VAL P 171 2.64 -16.99 49.05
C VAL P 171 3.82 -17.27 49.95
N LEU P 172 3.70 -16.96 51.23
CA LEU P 172 4.79 -17.18 52.17
C LEU P 172 4.86 -18.61 52.68
N GLN P 173 3.85 -19.44 52.36
CA GLN P 173 3.81 -20.87 52.68
C GLN P 173 3.92 -21.13 54.18
N LYS P 174 3.26 -20.28 54.97
CA LYS P 174 3.31 -20.42 56.41
C LYS P 174 2.06 -19.78 57.00
N TYR P 175 1.81 -20.09 58.27
CA TYR P 175 0.76 -19.42 59.01
C TYR P 175 1.18 -18.00 59.36
N ASP P 176 0.21 -17.20 59.77
CA ASP P 176 0.51 -15.88 60.31
C ASP P 176 0.45 -15.89 61.83
N GLU P 177 1.17 -14.95 62.43
CA GLU P 177 1.27 -14.87 63.88
C GLU P 177 0.63 -13.55 64.31
N ILE P 178 -0.65 -13.61 64.67
CA ILE P 178 -1.35 -12.43 65.16
C ILE P 178 -1.99 -12.83 66.48
N PRO P 179 -1.79 -12.06 67.55
CA PRO P 179 -2.34 -12.43 68.86
C PRO P 179 -3.85 -12.39 68.86
N GLY P 180 -4.45 -13.43 69.43
CA GLY P 180 -5.87 -13.65 69.30
C GLY P 180 -6.72 -12.79 70.22
N LEU P 181 -7.92 -13.30 70.50
CA LEU P 181 -8.91 -12.55 71.25
C LEU P 181 -8.57 -12.44 72.72
N SER P 182 -7.72 -13.34 73.23
CA SER P 182 -7.28 -13.26 74.61
C SER P 182 -6.36 -12.07 74.85
N HIS P 183 -5.69 -11.58 73.81
CA HIS P 183 -4.74 -10.48 73.91
C HIS P 183 -5.29 -9.21 73.28
N ASN P 184 -6.58 -8.95 73.46
CA ASN P 184 -7.26 -7.84 72.80
C ASN P 184 -7.91 -6.97 73.87
N CYS P 185 -7.22 -5.90 74.25
CA CYS P 185 -7.62 -4.97 75.31
C CYS P 185 -8.89 -4.15 75.06
N PRO P 186 -9.20 -3.64 73.83
CA PRO P 186 -10.49 -2.96 73.66
C PRO P 186 -11.71 -3.84 73.88
N LEU P 187 -11.63 -5.14 73.59
CA LEU P 187 -12.79 -5.97 73.88
C LEU P 187 -12.90 -6.29 75.35
N TRP P 188 -11.78 -6.41 76.07
CA TRP P 188 -11.85 -6.54 77.53
C TRP P 188 -12.51 -5.31 78.14
N CYS P 189 -12.11 -4.12 77.70
CA CYS P 189 -12.74 -2.91 78.22
C CYS P 189 -14.19 -2.78 77.79
N PHE P 190 -14.52 -3.19 76.56
CA PHE P 190 -15.89 -3.14 76.08
C PHE P 190 -16.79 -4.09 76.86
N ARG P 191 -16.25 -5.21 77.32
CA ARG P 191 -17.00 -6.10 78.18
C ARG P 191 -17.17 -5.52 79.58
N GLU P 192 -16.09 -4.97 80.15
CA GLU P 192 -16.13 -4.52 81.54
C GLU P 192 -17.04 -3.31 81.72
N ILE P 193 -16.99 -2.36 80.79
CA ILE P 193 -17.81 -1.14 80.92
C ILE P 193 -19.30 -1.50 80.81
N CYS P 194 -19.65 -2.30 79.80
CA CYS P 194 -21.04 -2.65 79.58
C CYS P 194 -21.58 -3.61 80.63
N ARG P 195 -20.71 -4.31 81.36
CA ARG P 195 -21.23 -5.02 82.51
C ARG P 195 -21.38 -4.10 83.72
N HIS P 196 -20.40 -3.23 83.99
CA HIS P 196 -20.45 -2.39 85.18
C HIS P 196 -21.56 -1.34 85.11
N ILE P 197 -22.01 -0.98 83.92
CA ILE P 197 -23.20 -0.15 83.81
C ILE P 197 -24.43 -0.90 84.32
N SER P 198 -24.61 -2.13 83.86
CA SER P 198 -25.79 -2.90 84.23
C SER P 198 -25.69 -3.42 85.65
N GLY P 199 -24.62 -4.16 85.95
CA GLY P 199 -24.39 -4.69 87.27
C GLY P 199 -25.35 -5.80 87.62
N PRO P 200 -26.21 -5.57 88.62
CA PRO P 200 -27.22 -6.58 88.96
C PRO P 200 -28.36 -6.65 87.98
N LEU P 201 -28.62 -5.61 87.24
CA LEU P 201 -29.71 -5.62 86.28
C LEU P 201 -29.35 -6.45 85.07
N PRO P 202 -30.24 -7.31 84.57
CA PRO P 202 -29.99 -8.04 83.32
C PRO P 202 -30.34 -7.18 82.11
N ASP P 203 -30.26 -7.80 80.92
CA ASP P 203 -30.45 -7.41 79.52
C ASP P 203 -29.33 -6.51 78.96
N ARG P 204 -28.42 -6.01 79.81
CA ARG P 204 -27.03 -5.62 79.57
C ARG P 204 -26.65 -5.02 78.22
N ALA P 205 -27.44 -4.07 77.73
CA ALA P 205 -27.04 -3.26 76.58
C ALA P 205 -27.25 -1.80 76.93
N PRO P 206 -26.19 -0.99 77.01
CA PRO P 206 -26.31 0.35 77.59
C PRO P 206 -27.16 1.31 76.79
N TYR P 207 -27.31 1.08 75.49
CA TYR P 207 -28.22 1.83 74.65
C TYR P 207 -28.48 1.03 73.40
N LEU P 208 -29.69 1.10 72.90
CA LEU P 208 -29.98 0.50 71.61
C LEU P 208 -30.16 1.59 70.57
N TYR P 209 -29.94 1.23 69.33
CA TYR P 209 -29.88 2.17 68.22
C TYR P 209 -31.03 1.92 67.27
N LEU P 210 -31.80 2.96 66.97
CA LEU P 210 -32.87 2.89 65.99
C LEU P 210 -32.67 3.98 64.95
N SER P 211 -33.63 4.06 64.03
CA SER P 211 -33.55 5.02 62.94
C SER P 211 -33.79 6.44 63.43
N ALA P 212 -34.91 6.67 64.09
CA ALA P 212 -35.26 7.99 64.62
C ALA P 212 -35.15 7.93 66.14
N GLY P 213 -33.95 8.21 66.65
CA GLY P 213 -33.73 8.31 68.07
C GLY P 213 -33.12 7.06 68.67
N VAL P 214 -32.71 7.19 69.93
CA VAL P 214 -32.10 6.11 70.68
C VAL P 214 -32.91 5.86 71.94
N PHE P 215 -32.50 4.87 72.73
CA PHE P 215 -33.05 4.65 74.06
C PHE P 215 -31.90 4.40 75.03
N TRP P 216 -32.05 4.86 76.25
CA TRP P 216 -31.00 4.82 77.25
C TRP P 216 -31.33 3.81 78.33
N LEU P 217 -30.31 3.11 78.82
CA LEU P 217 -30.53 2.19 79.94
C LEU P 217 -30.72 3.01 81.22
N MET P 218 -31.82 2.75 81.91
CA MET P 218 -32.20 3.57 83.07
C MET P 218 -31.44 3.09 84.28
N SER P 219 -30.30 3.73 84.54
CA SER P 219 -29.48 3.44 85.71
C SER P 219 -28.68 4.67 86.04
N PRO P 220 -28.28 4.86 87.30
CA PRO P 220 -27.38 5.97 87.63
C PRO P 220 -25.97 5.82 87.08
N ARG P 221 -25.60 4.65 86.58
CA ARG P 221 -24.27 4.42 86.04
C ARG P 221 -24.09 4.97 84.63
N MET P 222 -25.13 5.55 84.03
CA MET P 222 -25.12 5.88 82.62
C MET P 222 -24.83 7.36 82.43
N THR P 223 -23.78 7.68 81.69
CA THR P 223 -23.46 9.05 81.31
C THR P 223 -23.43 9.17 79.79
N SER P 224 -23.28 10.40 79.32
CA SER P 224 -23.30 10.68 77.89
C SER P 224 -22.00 10.32 77.19
N ALA P 225 -20.92 10.11 77.94
CA ALA P 225 -19.63 9.83 77.33
C ALA P 225 -19.54 8.42 76.77
N ILE P 226 -20.37 7.51 77.26
CA ILE P 226 -20.29 6.10 76.92
C ILE P 226 -20.62 5.78 75.46
N PRO P 227 -21.68 6.30 74.82
CA PRO P 227 -21.93 5.91 73.40
C PRO P 227 -20.86 6.38 72.41
N PRO P 228 -20.18 7.53 72.59
CA PRO P 228 -18.99 7.73 71.74
C PRO P 228 -17.82 6.85 72.14
N LEU P 229 -17.68 6.53 73.42
CA LEU P 229 -16.54 5.74 73.87
C LEU P 229 -16.60 4.31 73.35
N LEU P 230 -17.80 3.73 73.28
CA LEU P 230 -17.92 2.37 72.80
C LEU P 230 -17.68 2.29 71.30
N SER P 231 -18.19 3.26 70.54
CA SER P 231 -17.90 3.34 69.12
C SER P 231 -16.44 3.66 68.87
N ASP P 232 -15.77 4.26 69.84
CA ASP P 232 -14.34 4.48 69.77
C ASP P 232 -13.57 3.20 70.04
N LEU P 233 -14.05 2.38 70.96
CA LEU P 233 -13.35 1.15 71.30
C LEU P 233 -13.51 0.06 70.25
N VAL P 234 -14.67 0.02 69.59
CA VAL P 234 -14.93 -1.02 68.60
C VAL P 234 -14.01 -0.86 67.39
N ASN P 235 -13.70 0.38 67.02
CA ASN P 235 -12.76 0.63 65.92
C ASN P 235 -11.38 0.09 66.23
N LEU P 236 -10.89 0.31 67.44
CA LEU P 236 -9.58 -0.22 67.83
C LEU P 236 -9.62 -1.73 67.97
N ALA P 237 -10.74 -2.29 68.40
CA ALA P 237 -10.85 -3.73 68.53
C ALA P 237 -10.86 -4.42 67.17
N ILE P 238 -11.40 -3.76 66.15
CA ILE P 238 -11.34 -4.33 64.80
C ILE P 238 -9.96 -4.14 64.20
N LEU P 239 -9.42 -2.93 64.30
CA LEU P 239 -8.13 -2.63 63.68
C LEU P 239 -6.96 -3.31 64.35
N GLN P 240 -7.09 -3.73 65.61
CA GLN P 240 -6.04 -4.51 66.22
C GLN P 240 -5.99 -5.91 65.63
N GLN P 241 -7.12 -6.41 65.13
CA GLN P 241 -7.15 -7.70 64.46
C GLN P 241 -6.70 -7.57 63.02
N THR P 242 -7.40 -6.77 62.22
CA THR P 242 -7.27 -6.82 60.78
C THR P 242 -6.17 -5.94 60.23
N ALA P 243 -5.40 -5.26 61.07
CA ALA P 243 -4.24 -4.54 60.60
C ALA P 243 -2.94 -5.04 61.21
N GLY P 244 -3.00 -5.90 62.22
CA GLY P 244 -1.79 -6.36 62.86
C GLY P 244 -1.12 -5.28 63.67
N LEU P 245 -1.90 -4.51 64.42
CA LEU P 245 -1.33 -3.47 65.25
C LEU P 245 -0.54 -4.07 66.41
N ASP P 246 0.48 -3.37 66.85
CA ASP P 246 1.15 -3.76 68.06
C ASP P 246 0.26 -3.44 69.25
N PRO P 247 0.02 -4.38 70.15
CA PRO P 247 -0.84 -4.10 71.31
C PRO P 247 -0.24 -3.08 72.27
N SER P 248 1.07 -2.89 72.25
CA SER P 248 1.69 -1.86 73.09
C SER P 248 1.33 -0.44 72.64
N LEU P 249 0.86 -0.27 71.40
CA LEU P 249 0.30 0.99 70.98
C LEU P 249 -1.20 1.07 71.19
N VAL P 250 -1.88 -0.07 71.07
CA VAL P 250 -3.33 -0.11 71.23
C VAL P 250 -3.71 0.16 72.68
N ARG P 251 -2.87 -0.25 73.64
CA ARG P 251 -3.15 0.04 75.04
C ARG P 251 -3.06 1.53 75.33
N LEU P 252 -2.11 2.23 74.69
CA LEU P 252 -2.07 3.68 74.80
C LEU P 252 -3.27 4.34 74.14
N GLY P 253 -3.68 3.80 72.98
CA GLY P 253 -4.84 4.34 72.29
C GLY P 253 -6.13 4.18 73.07
N VAL P 254 -6.25 3.12 73.86
CA VAL P 254 -7.41 2.94 74.71
C VAL P 254 -7.30 3.80 75.97
N GLN P 255 -6.08 3.95 76.49
CA GLN P 255 -5.85 4.74 77.70
C GLN P 255 -6.17 6.22 77.50
N ILE P 256 -5.85 6.75 76.32
CA ILE P 256 -6.22 8.13 76.02
C ILE P 256 -7.74 8.28 75.95
N CYS P 257 -8.44 7.28 75.42
CA CYS P 257 -9.89 7.37 75.34
C CYS P 257 -10.54 7.23 76.72
N LEU P 258 -9.91 6.48 77.63
CA LEU P 258 -10.42 6.42 78.99
C LEU P 258 -10.21 7.74 79.71
N HIS P 259 -9.09 8.41 79.46
CA HIS P 259 -8.93 9.77 79.98
C HIS P 259 -9.92 10.73 79.35
N ALA P 260 -10.32 10.47 78.12
CA ALA P 260 -11.31 11.32 77.46
C ALA P 260 -12.69 11.15 78.08
N ALA P 261 -13.07 9.91 78.39
CA ALA P 261 -14.34 9.67 79.06
C ALA P 261 -14.32 10.18 80.49
N ALA P 262 -13.16 10.14 81.15
CA ALA P 262 -13.05 10.66 82.51
C ALA P 262 -12.92 12.18 82.55
N SER P 263 -12.87 12.84 81.41
CA SER P 263 -12.64 14.27 81.36
C SER P 263 -13.91 15.04 81.68
N SER P 264 -13.82 16.37 81.65
CA SER P 264 -14.99 17.21 81.79
C SER P 264 -15.88 17.08 80.57
N SER P 265 -15.27 17.07 79.38
CA SER P 265 -15.97 16.79 78.15
C SER P 265 -15.13 15.81 77.34
N TYR P 266 -15.81 15.02 76.52
CA TYR P 266 -15.16 13.97 75.74
C TYR P 266 -14.62 14.50 74.42
N ALA P 267 -15.50 15.11 73.63
CA ALA P 267 -15.13 15.59 72.30
C ALA P 267 -14.13 16.74 72.38
N TRP P 268 -14.24 17.58 73.41
CA TRP P 268 -13.29 18.68 73.55
C TRP P 268 -11.90 18.18 73.90
N PHE P 269 -11.82 17.18 74.79
CA PHE P 269 -10.54 16.57 75.12
C PHE P 269 -9.92 15.90 73.90
N ILE P 270 -10.74 15.25 73.06
CA ILE P 270 -10.16 14.63 71.88
C ILE P 270 -9.75 15.69 70.85
N LEU P 271 -10.45 16.82 70.82
CA LEU P 271 -10.02 17.95 69.98
C LEU P 271 -8.67 18.50 70.43
N LYS P 272 -8.45 18.56 71.75
CA LYS P 272 -7.17 19.07 72.23
C LYS P 272 -6.07 18.02 72.22
N THR P 273 -6.39 16.73 72.11
CA THR P 273 -5.40 15.68 72.12
C THR P 273 -5.30 14.93 70.81
N LYS P 274 -5.73 15.54 69.70
CA LYS P 274 -5.70 14.84 68.43
C LYS P 274 -4.35 14.86 67.76
N SER P 275 -3.34 15.46 68.38
CA SER P 275 -2.02 15.59 67.79
C SER P 275 -0.95 15.11 68.75
N ILE P 276 -1.15 13.94 69.34
CA ILE P 276 -0.14 13.31 70.19
C ILE P 276 0.63 12.25 69.43
N PHE P 277 -0.09 11.37 68.76
CA PHE P 277 0.57 10.30 68.01
C PHE P 277 1.42 10.78 66.83
N PRO P 278 0.98 11.71 65.96
CA PRO P 278 1.91 12.11 64.89
C PRO P 278 3.03 13.02 65.38
N GLN P 279 2.79 13.77 66.46
CA GLN P 279 3.80 14.69 66.95
C GLN P 279 4.96 13.95 67.59
N ASN P 280 4.66 12.91 68.37
CA ASN P 280 5.74 12.18 69.02
C ASN P 280 6.41 11.19 68.08
N THR P 281 5.64 10.58 67.17
CA THR P 281 6.21 9.59 66.27
C THR P 281 6.63 10.17 64.94
N LEU P 282 5.69 10.70 64.15
CA LEU P 282 6.03 11.08 62.77
C LEU P 282 6.87 12.35 62.71
N HIS P 283 6.62 13.31 63.57
CA HIS P 283 7.38 14.55 63.59
C HIS P 283 8.73 14.40 64.27
N SER P 284 9.11 13.19 64.67
CA SER P 284 10.36 12.99 65.39
C SER P 284 11.10 11.75 64.91
N MET P 285 11.01 11.44 63.63
CA MET P 285 11.64 10.23 63.13
C MET P 285 13.10 10.45 62.77
N TYR P 286 13.89 9.40 63.02
CA TYR P 286 15.27 9.26 62.55
C TYR P 286 16.16 10.38 63.07
N GLU P 287 16.26 10.45 64.41
CA GLU P 287 17.26 11.31 65.02
C GLU P 287 18.67 10.85 64.67
N SER P 288 18.85 9.55 64.47
CA SER P 288 20.11 9.00 63.99
C SER P 288 19.78 8.04 62.86
N LEU P 289 20.15 8.40 61.64
CA LEU P 289 19.86 7.62 60.45
C LEU P 289 21.14 6.91 60.02
N GLU P 290 21.03 5.63 59.69
CA GLU P 290 22.20 4.84 59.33
C GLU P 290 22.08 4.10 58.00
N GLY P 291 20.87 3.82 57.52
CA GLY P 291 20.77 3.10 56.26
C GLY P 291 19.33 3.01 55.82
N GLY P 292 19.16 2.57 54.59
CA GLY P 292 17.84 2.43 53.99
C GLY P 292 17.84 3.02 52.59
N TYR P 293 16.83 2.63 51.82
CA TYR P 293 16.72 3.06 50.43
C TYR P 293 15.68 4.16 50.31
N CYS P 294 15.90 5.06 49.36
CA CYS P 294 15.01 6.18 49.08
C CYS P 294 14.85 6.33 47.58
N PRO P 295 13.69 6.78 47.11
CA PRO P 295 13.49 6.93 45.66
C PRO P 295 14.29 8.10 45.10
N ASN P 296 14.39 8.12 43.77
CA ASN P 296 15.16 9.11 43.04
C ASN P 296 14.25 9.68 41.97
N LEU P 297 13.47 10.68 42.33
CA LEU P 297 12.61 11.37 41.38
C LEU P 297 13.26 12.66 40.91
N GLU P 298 12.65 13.25 39.91
CA GLU P 298 12.90 14.63 39.48
C GLU P 298 11.66 15.04 38.69
N TRP P 299 11.31 16.31 38.74
CA TRP P 299 10.25 16.74 37.84
C TRP P 299 10.85 17.55 36.70
N LEU P 300 10.26 17.37 35.52
CA LEU P 300 10.84 17.85 34.28
C LEU P 300 10.78 19.36 34.21
N GLU P 301 11.55 19.94 33.31
CA GLU P 301 11.98 21.32 33.44
C GLU P 301 10.89 22.37 33.19
N PRO P 302 9.92 22.19 32.28
CA PRO P 302 8.75 23.05 32.41
C PRO P 302 7.99 22.64 33.65
N ARG P 303 8.21 23.40 34.73
CA ARG P 303 7.84 22.93 36.05
C ARG P 303 6.37 23.14 36.36
N SER P 304 5.68 23.93 35.56
CA SER P 304 4.24 24.07 35.73
C SER P 304 3.49 22.84 35.25
N ASP P 305 4.10 22.02 34.39
CA ASP P 305 3.43 20.84 33.86
C ASP P 305 3.27 19.75 34.91
N TYR P 306 4.13 19.73 35.93
CA TYR P 306 4.19 18.69 36.96
C TYR P 306 4.40 17.32 36.32
N LYS P 307 5.34 17.25 35.38
CA LYS P 307 5.74 16.00 34.76
C LYS P 307 6.89 15.40 35.56
N PHE P 308 6.67 14.22 36.11
CA PHE P 308 7.64 13.58 36.99
C PHE P 308 8.29 12.40 36.29
N MET P 309 9.22 11.78 36.99
CA MET P 309 10.02 10.70 36.41
C MET P 309 10.73 9.95 37.53
N TYR P 310 10.62 8.63 37.51
CA TYR P 310 11.28 7.77 38.48
C TYR P 310 12.55 7.21 37.86
N MET P 311 13.68 7.45 38.50
CA MET P 311 14.98 7.00 37.99
C MET P 311 15.72 6.25 39.09
N GLY P 312 15.37 4.98 39.27
CA GLY P 312 16.04 4.16 40.26
C GLY P 312 15.78 4.57 41.70
N ALA P 313 16.53 3.94 42.59
CA ALA P 313 16.49 4.23 44.02
C ALA P 313 17.89 4.15 44.58
N MET P 314 18.24 5.11 45.43
CA MET P 314 19.58 5.14 45.98
C MET P 314 19.53 4.88 47.48
N PRO P 315 20.58 4.32 48.07
CA PRO P 315 20.63 4.21 49.52
C PRO P 315 20.91 5.52 50.20
N LEU P 316 20.40 5.64 51.43
CA LEU P 316 20.63 6.81 52.25
C LEU P 316 22.07 6.82 52.75
N SER P 317 22.48 7.98 53.26
CA SER P 317 23.78 8.13 53.89
C SER P 317 23.59 8.75 55.25
N THR P 318 24.70 8.89 55.98
CA THR P 318 24.66 9.34 57.37
C THR P 318 24.18 10.78 57.49
N LYS P 319 24.53 11.62 56.50
CA LYS P 319 24.24 13.05 56.56
C LYS P 319 22.76 13.38 56.48
N TYR P 320 21.91 12.46 56.06
CA TYR P 320 20.49 12.75 55.91
C TYR P 320 19.70 12.28 57.13
N ALA P 321 20.10 12.79 58.30
CA ALA P 321 19.36 12.54 59.52
C ALA P 321 18.28 13.61 59.67
N ARG P 322 17.64 13.66 60.82
CA ARG P 322 16.64 14.70 61.08
C ARG P 322 17.37 15.96 61.49
N SER P 323 17.54 16.88 60.55
CA SER P 323 18.19 18.14 60.82
C SER P 323 17.23 19.21 61.30
N ALA P 324 15.92 18.94 61.27
CA ALA P 324 14.90 19.86 61.73
C ALA P 324 15.04 20.10 63.24
N PRO P 325 14.51 21.24 63.76
CA PRO P 325 14.60 21.49 65.20
C PRO P 325 13.82 20.52 66.08
N SER P 326 13.97 20.68 67.39
CA SER P 326 13.56 19.66 68.34
C SER P 326 12.06 19.71 68.58
N ASN P 327 11.59 18.77 69.40
CA ASN P 327 10.18 18.57 69.63
C ASN P 327 9.86 18.44 71.10
N ASP P 328 10.86 18.23 71.95
CA ASP P 328 10.65 17.73 73.31
C ASP P 328 9.96 18.75 74.20
N LYS P 329 10.30 20.04 74.05
CA LYS P 329 9.86 21.07 74.98
C LYS P 329 8.36 21.29 74.93
N LYS P 330 7.74 21.13 73.76
CA LYS P 330 6.29 21.26 73.68
C LYS P 330 5.54 19.93 73.65
N ALA P 331 6.16 18.87 73.12
CA ALA P 331 5.49 17.57 73.11
C ALA P 331 5.41 16.98 74.50
N ARG P 332 6.40 17.24 75.35
CA ARG P 332 6.29 16.81 76.73
C ARG P 332 5.34 17.72 77.51
N GLU P 333 5.28 18.99 77.13
CA GLU P 333 4.39 19.94 77.81
C GLU P 333 2.93 19.61 77.56
N LEU P 334 2.60 19.13 76.36
CA LEU P 334 1.23 18.74 76.05
C LEU P 334 0.78 17.56 76.90
N GLY P 335 1.68 16.59 77.15
CA GLY P 335 1.34 15.49 78.02
C GLY P 335 1.29 15.89 79.48
N GLU P 336 2.16 16.81 79.90
CA GLU P 336 2.15 17.25 81.29
C GLU P 336 0.93 18.11 81.62
N LYS P 337 0.34 18.77 80.63
CA LYS P 337 -0.86 19.54 80.93
C LYS P 337 -2.07 18.64 81.15
N TYR P 338 -2.17 17.54 80.42
CA TYR P 338 -3.37 16.73 80.41
C TYR P 338 -3.21 15.40 81.13
N GLY P 339 -2.08 15.15 81.78
CA GLY P 339 -1.88 13.90 82.47
C GLY P 339 -1.65 12.73 81.54
N LEU P 340 -0.80 12.90 80.53
CA LEU P 340 -0.49 11.85 79.57
C LEU P 340 1.01 11.70 79.39
N SER P 341 1.79 12.10 80.40
CA SER P 341 3.24 11.98 80.32
C SER P 341 3.69 10.54 80.26
N SER P 342 2.93 9.65 80.91
CA SER P 342 3.17 8.21 80.80
C SER P 342 2.86 7.66 79.42
N VAL P 343 2.15 8.42 78.58
CA VAL P 343 1.97 8.05 77.19
C VAL P 343 3.01 8.71 76.30
N VAL P 344 3.30 9.98 76.55
CA VAL P 344 4.19 10.74 75.67
C VAL P 344 5.62 10.24 75.80
N SER P 345 6.11 10.03 77.03
CA SER P 345 7.46 9.50 77.22
C SER P 345 7.58 8.08 76.70
N GLU P 346 6.50 7.30 76.84
CA GLU P 346 6.45 5.96 76.29
C GLU P 346 6.56 5.97 74.77
N LEU P 347 5.94 6.95 74.11
CA LEU P 347 6.08 7.05 72.67
C LEU P 347 7.47 7.51 72.26
N ARG P 348 8.04 8.46 72.99
CA ARG P 348 9.34 9.01 72.59
C ARG P 348 10.46 7.99 72.76
N ARG P 349 10.46 7.23 73.86
CA ARG P 349 11.55 6.28 74.05
C ARG P 349 11.46 5.11 73.09
N ARG P 350 10.27 4.79 72.60
CA ARG P 350 10.15 3.74 71.60
C ARG P 350 10.47 4.27 70.21
N THR P 351 10.18 5.55 69.95
CA THR P 351 10.51 6.15 68.66
C THR P 351 12.03 6.29 68.51
N LYS P 352 12.73 6.56 69.61
CA LYS P 352 14.19 6.70 69.53
C LYS P 352 14.93 5.38 69.30
N THR P 353 14.33 4.24 68.99
CA THR P 353 15.08 3.00 68.78
C THR P 353 15.19 2.60 67.33
N TYR P 354 14.45 3.25 66.42
CA TYR P 354 14.54 2.93 65.01
C TYR P 354 15.59 3.81 64.35
N SER P 355 16.49 3.19 63.60
CA SER P 355 17.58 3.93 62.98
C SER P 355 17.82 3.59 61.52
N LYS P 356 17.07 2.66 60.95
CA LYS P 356 17.20 2.35 59.53
C LYS P 356 15.84 2.52 58.87
N HIS P 357 15.86 2.79 57.57
CA HIS P 357 14.65 3.06 56.83
C HIS P 357 14.27 1.82 56.05
N ASP P 358 13.40 0.99 56.63
CA ASP P 358 12.88 -0.16 55.92
C ASP P 358 11.40 -0.26 56.25
N PHE P 359 10.80 -1.42 55.97
CA PHE P 359 9.37 -1.60 56.17
C PHE P 359 8.97 -1.60 57.64
N THR P 360 9.90 -1.97 58.53
CA THR P 360 9.59 -2.08 59.95
C THR P 360 9.28 -0.73 60.57
N SER P 361 10.20 0.22 60.39
CA SER P 361 10.04 1.57 60.91
C SER P 361 8.91 2.32 60.26
N VAL P 362 8.52 1.92 59.05
CA VAL P 362 7.40 2.55 58.37
C VAL P 362 6.08 2.04 58.95
N ARG P 363 5.99 0.72 59.15
CA ARG P 363 4.81 0.16 59.79
C ARG P 363 4.66 0.61 61.23
N TYR P 364 5.76 0.96 61.89
CA TYR P 364 5.67 1.62 63.20
C TYR P 364 4.89 2.93 63.12
N ILE P 365 5.16 3.74 62.09
CA ILE P 365 4.45 5.02 61.92
C ILE P 365 2.99 4.78 61.60
N ARG P 366 2.70 3.77 60.77
CA ARG P 366 1.33 3.44 60.43
C ARG P 366 0.55 3.01 61.67
N ASP P 367 1.15 2.13 62.49
CA ASP P 367 0.46 1.63 63.66
C ASP P 367 0.35 2.69 64.74
N ALA P 368 1.26 3.65 64.77
CA ALA P 368 1.13 4.74 65.71
C ALA P 368 0.08 5.75 65.28
N MET P 369 -0.08 5.97 63.98
CA MET P 369 -1.10 6.89 63.53
C MET P 369 -2.50 6.28 63.64
N ALA P 370 -2.58 4.95 63.57
CA ALA P 370 -3.87 4.27 63.69
C ALA P 370 -4.53 4.44 65.04
N CYS P 371 -3.77 4.72 66.10
CA CYS P 371 -4.32 4.75 67.44
C CYS P 371 -4.99 6.08 67.80
N THR P 372 -5.01 7.06 66.90
CA THR P 372 -5.84 8.22 67.14
C THR P 372 -7.30 7.83 66.97
N SER P 373 -8.16 8.51 67.71
CA SER P 373 -9.58 8.17 67.75
C SER P 373 -10.32 8.96 66.68
N GLY P 374 -10.86 8.26 65.70
CA GLY P 374 -11.64 8.94 64.68
C GLY P 374 -13.11 8.95 65.01
N ILE P 375 -13.55 10.04 65.65
CA ILE P 375 -14.96 10.27 65.89
C ILE P 375 -15.33 11.55 65.17
N PHE P 376 -16.62 11.82 65.11
CA PHE P 376 -17.13 13.02 64.46
C PHE P 376 -17.61 13.97 65.54
N LEU P 377 -17.01 15.15 65.60
CA LEU P 377 -17.32 16.09 66.67
C LEU P 377 -18.73 16.67 66.47
N VAL P 378 -19.50 16.67 67.55
CA VAL P 378 -20.90 17.04 67.50
C VAL P 378 -21.12 18.26 68.39
N ARG P 379 -21.67 19.31 67.81
CA ARG P 379 -22.12 20.46 68.58
C ARG P 379 -23.30 21.08 67.84
N THR P 380 -24.04 21.92 68.56
CA THR P 380 -25.21 22.56 67.99
C THR P 380 -24.79 23.57 66.93
N PRO P 381 -25.64 23.82 65.92
CA PRO P 381 -25.34 24.90 64.96
C PRO P 381 -25.31 26.28 65.58
N THR P 382 -26.10 26.51 66.63
CA THR P 382 -26.14 27.80 67.29
C THR P 382 -24.85 28.14 68.04
N GLU P 383 -23.97 27.17 68.27
CA GLU P 383 -22.65 27.45 68.77
C GLU P 383 -21.58 27.25 67.71
N THR P 384 -21.86 26.46 66.67
CA THR P 384 -20.98 26.39 65.51
C THR P 384 -20.82 27.75 64.85
N VAL P 385 -21.94 28.46 64.68
CA VAL P 385 -21.90 29.80 64.10
C VAL P 385 -21.15 30.75 65.03
N LEU P 386 -21.52 30.76 66.29
CA LEU P 386 -21.00 31.79 67.18
C LEU P 386 -19.65 31.42 67.78
N GLN P 387 -19.06 30.31 67.34
CA GLN P 387 -17.62 30.08 67.48
C GLN P 387 -16.88 30.38 66.20
N GLU P 388 -17.38 29.90 65.05
CA GLU P 388 -16.63 30.06 63.81
C GLU P 388 -16.77 31.47 63.23
N TYR P 389 -17.96 32.03 63.27
CA TYR P 389 -18.25 33.23 62.49
C TYR P 389 -18.13 34.51 63.29
N THR P 390 -17.55 34.45 64.49
CA THR P 390 -17.34 35.65 65.29
C THR P 390 -15.90 36.12 65.31
N GLN P 391 -14.97 35.31 64.81
CA GLN P 391 -13.59 35.73 64.71
C GLN P 391 -13.41 36.73 63.58
N SER P 392 -12.25 37.37 63.55
CA SER P 392 -11.98 38.47 62.63
C SER P 392 -10.48 38.58 62.45
N PRO P 393 -10.02 39.02 61.28
CA PRO P 393 -8.57 39.22 61.09
C PRO P 393 -8.12 40.49 61.77
N GLU P 394 -6.84 40.51 62.16
CA GLU P 394 -6.26 41.70 62.76
C GLU P 394 -5.15 42.22 61.84
N ILE P 395 -5.26 43.48 61.47
CA ILE P 395 -4.33 44.11 60.53
C ILE P 395 -3.37 44.95 61.36
N LYS P 396 -2.16 44.45 61.58
CA LYS P 396 -1.22 45.21 62.39
C LYS P 396 -0.61 46.36 61.63
N VAL P 397 -0.43 46.23 60.31
CA VAL P 397 0.02 47.35 59.50
C VAL P 397 -1.05 47.60 58.44
N PRO P 398 -2.01 48.48 58.70
CA PRO P 398 -2.97 48.87 57.67
C PRO P 398 -2.34 49.85 56.71
N ILE P 399 -3.02 50.05 55.58
CA ILE P 399 -2.53 50.97 54.56
C ILE P 399 -3.12 52.35 54.85
N PRO P 400 -2.34 53.42 54.74
CA PRO P 400 -2.76 54.72 55.28
C PRO P 400 -3.80 55.39 54.40
N GLN P 401 -4.44 56.41 54.98
CA GLN P 401 -5.48 57.15 54.28
C GLN P 401 -4.92 58.07 53.21
N LYS P 402 -3.62 58.36 53.25
CA LYS P 402 -3.01 59.14 52.18
C LYS P 402 -2.93 58.33 50.89
N ASP P 403 -2.81 57.02 51.00
CA ASP P 403 -2.63 56.18 49.81
C ASP P 403 -3.96 55.67 49.28
N TRP P 404 -4.90 56.60 49.12
CA TRP P 404 -6.16 56.40 48.43
C TRP P 404 -6.56 57.75 47.85
N THR P 405 -7.33 57.73 46.77
CA THR P 405 -7.96 58.95 46.32
C THR P 405 -9.42 58.93 46.72
N GLY P 406 -10.19 59.91 46.24
CA GLY P 406 -11.60 59.91 46.46
C GLY P 406 -12.31 58.85 45.64
N PRO P 407 -13.61 58.73 45.85
CA PRO P 407 -14.35 57.63 45.25
C PRO P 407 -14.61 57.84 43.78
N ILE P 408 -14.57 56.75 43.03
CA ILE P 408 -15.20 56.67 41.72
C ILE P 408 -16.49 55.90 41.97
N GLY P 409 -17.54 56.62 42.31
CA GLY P 409 -18.74 55.95 42.74
C GLY P 409 -18.60 55.41 44.14
N GLU P 410 -18.47 54.09 44.26
CA GLU P 410 -18.29 53.43 45.55
C GLU P 410 -16.93 52.77 45.66
N ILE P 411 -15.97 53.17 44.83
CA ILE P 411 -14.65 52.56 44.77
C ILE P 411 -13.61 53.66 44.88
N ARG P 412 -12.73 53.54 45.87
CA ARG P 412 -11.54 54.38 45.91
C ARG P 412 -10.40 53.63 45.23
N ILE P 413 -9.58 54.36 44.49
CA ILE P 413 -8.48 53.75 43.75
C ILE P 413 -7.20 53.95 44.58
N LEU P 414 -6.27 53.02 44.40
CA LEU P 414 -5.00 53.05 45.11
C LEU P 414 -3.96 53.71 44.22
N LYS P 415 -3.39 54.81 44.68
CA LYS P 415 -2.32 55.48 43.94
C LYS P 415 -1.05 54.66 44.01
N ASP P 416 -0.32 54.61 42.88
CA ASP P 416 0.79 53.68 42.76
C ASP P 416 2.04 54.13 43.50
N THR P 417 2.04 55.34 44.05
CA THR P 417 3.12 55.84 44.88
C THR P 417 2.95 55.48 46.35
N THR P 418 2.16 54.46 46.66
CA THR P 418 2.00 54.03 48.03
C THR P 418 3.28 53.42 48.56
N SER P 419 3.41 53.43 49.88
CA SER P 419 4.56 52.85 50.53
C SER P 419 4.32 51.44 51.01
N SER P 420 3.07 50.97 50.98
CA SER P 420 2.75 49.67 51.52
C SER P 420 2.95 48.58 50.47
N ILE P 421 2.68 47.34 50.89
CA ILE P 421 2.89 46.17 50.04
C ILE P 421 1.70 45.93 49.13
N ALA P 422 0.60 46.64 49.33
CA ALA P 422 -0.65 46.36 48.62
C ALA P 422 -0.60 46.71 47.14
N ARG P 423 0.41 47.45 46.67
CA ARG P 423 0.50 47.71 45.24
C ARG P 423 0.90 46.45 44.47
N TYR P 424 1.65 45.54 45.09
CA TYR P 424 1.95 44.29 44.41
C TYR P 424 0.74 43.38 44.35
N LEU P 425 -0.17 43.49 45.32
CA LEU P 425 -1.45 42.81 45.19
C LEU P 425 -2.30 43.48 44.13
N TYR P 426 -2.19 44.80 44.02
CA TYR P 426 -3.02 45.56 43.09
C TYR P 426 -2.65 45.26 41.65
N ARG P 427 -1.36 45.19 41.34
CA ARG P 427 -0.93 45.07 39.95
C ARG P 427 -1.21 43.69 39.37
N THR P 428 -1.23 42.64 40.20
CA THR P 428 -1.53 41.31 39.66
C THR P 428 -2.99 41.19 39.26
N TRP P 429 -3.90 41.65 40.12
CA TRP P 429 -5.32 41.65 39.75
C TRP P 429 -5.60 42.63 38.62
N TYR P 430 -4.88 43.75 38.56
CA TYR P 430 -5.09 44.72 37.49
C TYR P 430 -4.68 44.15 36.14
N LEU P 431 -3.47 43.59 36.07
CA LEU P 431 -3.00 42.91 34.87
C LEU P 431 -3.87 41.72 34.50
N ALA P 432 -4.39 41.01 35.50
CA ALA P 432 -5.29 39.88 35.25
C ALA P 432 -6.58 40.32 34.59
N ALA P 433 -7.20 41.38 35.11
CA ALA P 433 -8.41 41.90 34.49
C ALA P 433 -8.15 42.46 33.11
N ALA P 434 -7.03 43.18 32.93
CA ALA P 434 -6.70 43.74 31.63
C ALA P 434 -6.38 42.69 30.60
N ARG P 435 -5.90 41.52 31.02
CA ARG P 435 -5.63 40.46 30.06
C ARG P 435 -6.80 39.52 29.86
N MET P 436 -7.75 39.44 30.79
CA MET P 436 -8.92 38.63 30.50
C MET P 436 -9.93 39.41 29.68
N ALA P 437 -9.98 40.73 29.82
CA ALA P 437 -10.92 41.52 29.05
C ALA P 437 -10.56 41.58 27.57
N ALA P 438 -9.29 41.42 27.24
CA ALA P 438 -8.85 41.47 25.85
C ALA P 438 -9.01 40.14 25.13
N GLN P 439 -9.44 39.10 25.81
CA GLN P 439 -9.65 37.82 25.15
C GLN P 439 -10.89 37.90 24.26
N PRO P 440 -10.87 37.25 23.11
CA PRO P 440 -12.04 37.30 22.22
C PRO P 440 -13.21 36.45 22.70
N ARG P 441 -12.97 35.47 23.58
CA ARG P 441 -14.02 34.54 23.93
C ARG P 441 -15.06 35.15 24.88
N THR P 442 -14.71 36.21 25.58
CA THR P 442 -15.65 36.78 26.55
C THR P 442 -16.67 37.71 25.94
N TRP P 443 -16.86 37.70 24.62
CA TRP P 443 -17.68 38.73 24.00
C TRP P 443 -18.74 38.23 23.04
N ASP P 444 -18.71 36.97 22.64
CA ASP P 444 -19.84 36.42 21.91
C ASP P 444 -20.98 36.14 22.90
N PRO P 445 -22.24 36.32 22.50
CA PRO P 445 -23.35 36.15 23.46
C PRO P 445 -23.56 34.72 23.91
N LEU P 446 -23.08 33.74 23.15
CA LEU P 446 -23.29 32.34 23.53
C LEU P 446 -22.50 31.99 24.79
N PHE P 447 -21.25 32.47 24.91
CA PHE P 447 -20.47 32.17 26.10
C PHE P 447 -21.00 32.90 27.32
N GLN P 448 -21.58 34.09 27.13
CA GLN P 448 -22.23 34.77 28.24
C GLN P 448 -23.49 34.03 28.67
N ALA P 449 -24.23 33.44 27.73
CA ALA P 449 -25.35 32.60 28.11
C ALA P 449 -24.90 31.33 28.84
N ILE P 450 -23.77 30.76 28.40
CA ILE P 450 -23.22 29.56 29.04
C ILE P 450 -22.82 29.86 30.48
N MET P 451 -22.11 30.98 30.69
CA MET P 451 -21.72 31.36 32.04
C MET P 451 -22.89 31.85 32.89
N ARG P 452 -23.98 32.29 32.25
CA ARG P 452 -25.22 32.46 33.01
C ARG P 452 -25.75 31.10 33.48
N SER P 453 -25.67 30.10 32.61
CA SER P 453 -26.14 28.76 32.96
C SER P 453 -25.21 28.07 33.96
N ALA P 511 -28.95 38.45 48.90
CA ALA P 511 -29.76 38.20 50.08
C ALA P 511 -28.97 37.42 51.12
N ASP P 512 -29.67 36.68 51.97
CA ASP P 512 -29.00 35.91 53.01
C ASP P 512 -28.62 34.52 52.51
N THR P 513 -28.06 33.73 53.42
CA THR P 513 -27.97 32.30 53.26
C THR P 513 -28.10 31.69 54.64
N SER P 514 -28.46 30.41 54.68
CA SER P 514 -28.89 29.79 55.92
C SER P 514 -28.21 28.44 56.06
N MET P 515 -28.67 27.66 57.04
CA MET P 515 -28.16 26.33 57.27
C MET P 515 -29.22 25.50 57.98
N GLY P 516 -29.19 24.20 57.72
CA GLY P 516 -30.13 23.28 58.33
C GLY P 516 -29.48 22.39 59.37
N PRO P 534 -28.93 36.28 46.10
CA PRO P 534 -28.48 35.79 44.80
C PRO P 534 -27.13 36.39 44.42
N GLN P 535 -26.06 35.83 44.95
CA GLN P 535 -24.73 36.40 44.75
C GLN P 535 -24.13 35.99 43.42
N GLN P 536 -24.51 34.84 42.89
CA GLN P 536 -23.86 34.27 41.72
C GLN P 536 -24.29 34.90 40.41
N GLN P 537 -25.16 35.92 40.44
CA GLN P 537 -25.59 36.61 39.24
C GLN P 537 -24.82 37.91 39.01
N VAL P 538 -24.08 38.39 40.01
CA VAL P 538 -23.49 39.72 39.94
C VAL P 538 -22.01 39.64 40.31
N SER P 539 -21.60 38.51 40.91
CA SER P 539 -20.22 38.30 41.31
C SER P 539 -19.43 37.51 40.27
N ALA P 540 -19.75 37.72 38.99
CA ALA P 540 -19.04 37.00 37.93
C ALA P 540 -17.58 37.41 37.77
N PRO P 541 -17.24 38.68 37.46
CA PRO P 541 -15.87 38.93 36.96
C PRO P 541 -14.78 38.78 37.99
N HIS P 542 -15.12 38.79 39.28
CA HIS P 542 -14.20 38.40 40.34
C HIS P 542 -13.72 36.96 40.14
N THR P 543 -14.66 36.04 39.93
CA THR P 543 -14.33 34.65 39.64
C THR P 543 -13.64 34.49 38.29
N LEU P 544 -14.15 35.21 37.29
CA LEU P 544 -13.58 35.14 35.94
C LEU P 544 -12.16 35.66 35.87
N THR P 545 -11.75 36.57 36.76
CA THR P 545 -10.36 36.97 36.78
C THR P 545 -9.55 36.18 37.80
N ALA P 546 -10.22 35.47 38.72
CA ALA P 546 -9.49 34.56 39.57
C ALA P 546 -8.97 33.36 38.78
N ASP P 547 -9.80 32.86 37.85
CA ASP P 547 -9.39 31.75 37.00
C ASP P 547 -8.19 32.08 36.12
N TYR P 548 -8.09 33.33 35.68
CA TYR P 548 -6.95 33.73 34.85
C TYR P 548 -5.65 33.73 35.65
N ILE P 549 -5.71 34.14 36.91
CA ILE P 549 -4.53 34.06 37.76
C ILE P 549 -4.17 32.61 38.04
N ASN P 550 -5.17 31.77 38.33
CA ASN P 550 -4.87 30.39 38.66
C ASN P 550 -4.36 29.57 37.48
N TYR P 551 -4.70 29.94 36.25
CA TYR P 551 -4.32 29.10 35.13
C TYR P 551 -3.41 29.73 34.09
N HIS P 552 -3.10 31.02 34.19
CA HIS P 552 -2.23 31.60 33.17
C HIS P 552 -1.08 32.41 33.74
N MET P 553 -1.28 33.11 34.86
CA MET P 553 -0.23 33.99 35.38
C MET P 553 0.80 33.23 36.21
N ASN P 554 0.37 32.69 37.34
CA ASN P 554 1.25 31.92 38.22
C ASN P 554 0.69 30.52 38.42
N LEU P 555 1.15 29.58 37.59
CA LEU P 555 0.65 28.20 37.62
C LEU P 555 1.29 27.46 38.80
N SER P 556 0.86 27.85 40.00
CA SER P 556 1.29 27.18 41.21
C SER P 556 0.20 26.27 41.77
N THR P 557 -1.03 26.43 41.31
CA THR P 557 -2.14 25.61 41.75
C THR P 557 -2.22 24.34 40.92
N THR P 558 -2.47 23.22 41.59
CA THR P 558 -2.63 21.94 40.93
C THR P 558 -4.10 21.55 40.77
N SER P 559 -4.99 22.53 40.78
CA SER P 559 -6.40 22.29 40.55
C SER P 559 -6.68 21.87 39.11
N GLU P 565 -3.83 12.58 42.03
CA GLU P 565 -3.67 12.19 40.64
C GLU P 565 -2.31 12.66 40.11
N LYS P 566 -1.85 13.79 40.64
CA LYS P 566 -0.49 14.26 40.47
C LYS P 566 0.04 14.84 41.76
N VAL P 567 -0.76 14.85 42.82
CA VAL P 567 -0.35 15.31 44.14
C VAL P 567 0.65 14.34 44.75
N ILE P 568 0.59 13.05 44.37
CA ILE P 568 1.48 12.05 44.96
C ILE P 568 2.96 12.28 44.61
N PRO P 569 3.37 12.38 43.33
CA PRO P 569 4.82 12.51 43.08
C PRO P 569 5.39 13.83 43.53
N LEU P 570 4.57 14.88 43.65
CA LEU P 570 4.97 16.12 44.30
C LEU P 570 5.55 15.86 45.68
N GLY P 571 4.78 15.16 46.52
CA GLY P 571 5.25 14.91 47.86
C GLY P 571 6.32 13.84 47.92
N VAL P 572 6.35 12.94 46.95
CA VAL P 572 7.44 11.95 46.97
C VAL P 572 8.75 12.61 46.57
N TYR P 573 8.73 13.62 45.69
CA TYR P 573 9.95 14.41 45.48
C TYR P 573 10.25 15.26 46.70
N ALA P 574 9.21 15.86 47.28
CA ALA P 574 9.41 16.83 48.34
C ALA P 574 9.81 16.19 49.65
N SER P 575 9.67 14.89 49.78
CA SER P 575 10.02 14.21 51.01
C SER P 575 11.36 13.50 50.93
N SER P 576 12.04 13.61 49.79
CA SER P 576 13.31 12.93 49.55
C SER P 576 14.40 13.44 50.50
N PRO P 577 15.53 12.74 50.60
CA PRO P 577 16.58 13.18 51.53
C PRO P 577 17.24 14.51 51.20
N PRO P 578 17.65 14.85 49.95
CA PRO P 578 18.40 16.10 49.80
C PRO P 578 17.56 17.36 49.94
N ASN P 579 16.27 17.27 49.71
CA ASN P 579 15.39 18.41 49.80
C ASN P 579 14.55 18.36 51.08
N GLN P 580 14.09 19.53 51.52
CA GLN P 580 13.14 19.61 52.61
C GLN P 580 11.80 20.09 52.07
N SER P 581 10.84 20.25 52.97
CA SER P 581 9.53 20.76 52.60
C SER P 581 8.94 21.48 53.81
N ILE P 582 8.20 22.54 53.53
CA ILE P 582 7.60 23.37 54.57
C ILE P 582 6.10 23.36 54.38
N ASN P 583 5.39 22.92 55.41
CA ASN P 583 3.94 22.75 55.34
C ASN P 583 3.28 24.03 55.81
N ILE P 584 2.92 24.89 54.87
CA ILE P 584 2.30 26.18 55.17
C ILE P 584 0.79 26.03 55.06
N ASP P 585 0.08 26.31 56.14
CA ASP P 585 -1.37 26.26 56.15
C ASP P 585 -1.89 27.59 56.68
N ILE P 586 -2.94 28.10 56.07
CA ILE P 586 -3.56 29.34 56.50
C ILE P 586 -4.72 29.00 57.42
N SER P 587 -4.66 29.47 58.65
CA SER P 587 -5.76 29.28 59.58
C SER P 587 -6.85 30.31 59.29
N ALA P 588 -8.11 29.84 59.34
CA ALA P 588 -9.31 30.65 59.14
C ALA P 588 -9.31 31.32 57.76
N CYS P 589 -9.35 30.48 56.72
CA CYS P 589 -9.35 30.98 55.36
C CYS P 589 -10.64 31.70 54.99
N ASP P 590 -11.75 31.36 55.66
CA ASP P 590 -13.00 32.03 55.37
C ASP P 590 -13.09 33.38 56.08
N ALA P 591 -12.58 33.47 57.30
CA ALA P 591 -12.50 34.73 58.02
C ALA P 591 -11.26 35.53 57.64
N SER P 592 -10.51 35.06 56.66
CA SER P 592 -9.24 35.68 56.31
C SER P 592 -9.42 37.07 55.70
N ILE P 593 -10.09 37.13 54.55
CA ILE P 593 -10.08 38.33 53.71
C ILE P 593 -11.37 39.10 53.92
N THR P 594 -11.25 40.41 54.07
CA THR P 594 -12.38 41.30 54.31
C THR P 594 -12.20 42.53 53.44
N TRP P 595 -13.04 43.54 53.68
CA TRP P 595 -12.91 44.80 52.97
C TRP P 595 -11.70 45.61 53.42
N ASP P 596 -11.10 45.28 54.57
CA ASP P 596 -10.06 46.12 55.16
C ASP P 596 -8.80 46.11 54.31
N PHE P 597 -8.33 44.94 53.92
CA PHE P 597 -7.08 44.89 53.17
C PHE P 597 -7.23 44.31 51.77
N PHE P 598 -8.00 43.25 51.61
CA PHE P 598 -7.98 42.51 50.35
C PHE P 598 -9.06 42.95 49.38
N LEU P 599 -10.32 42.89 49.80
CA LEU P 599 -11.44 43.10 48.89
C LEU P 599 -11.48 44.52 48.36
N SER P 600 -11.01 45.50 49.11
CA SER P 600 -10.98 46.86 48.63
C SER P 600 -9.98 47.03 47.50
N VAL P 601 -8.78 46.48 47.65
CA VAL P 601 -7.76 46.58 46.61
C VAL P 601 -8.15 45.77 45.39
N ILE P 602 -8.80 44.62 45.60
CA ILE P 602 -9.20 43.77 44.48
C ILE P 602 -10.32 44.42 43.69
N MET P 603 -11.33 44.97 44.38
CA MET P 603 -12.40 45.64 43.66
C MET P 603 -11.99 47.00 43.12
N ALA P 604 -10.88 47.57 43.59
CA ALA P 604 -10.31 48.70 42.89
C ALA P 604 -9.53 48.30 41.66
N ALA P 605 -8.92 47.12 41.66
CA ALA P 605 -8.13 46.69 40.50
C ALA P 605 -9.01 46.17 39.37
N ILE P 606 -10.09 45.48 39.71
CA ILE P 606 -10.93 44.91 38.66
C ILE P 606 -11.76 46.00 38.01
N HIS P 607 -12.12 47.04 38.76
CA HIS P 607 -12.82 48.17 38.21
C HIS P 607 -11.94 49.01 37.28
N GLU P 608 -10.64 48.81 37.28
CA GLU P 608 -9.78 49.58 36.40
C GLU P 608 -9.15 48.77 35.29
N GLY P 609 -8.90 47.48 35.49
CA GLY P 609 -8.35 46.68 34.42
C GLY P 609 -9.34 46.38 33.32
N VAL P 610 -10.62 46.40 33.66
CA VAL P 610 -11.66 46.04 32.71
C VAL P 610 -12.06 47.23 31.84
N ALA P 611 -12.04 48.44 32.41
CA ALA P 611 -12.59 49.61 31.74
C ALA P 611 -11.78 50.10 30.55
N SER P 612 -10.59 49.53 30.32
CA SER P 612 -9.86 49.87 29.11
C SER P 612 -10.47 49.18 27.89
N SER P 613 -10.59 47.85 27.95
CA SER P 613 -11.07 47.09 26.80
C SER P 613 -12.57 47.26 26.61
N SER P 614 -13.33 47.14 27.69
CA SER P 614 -14.79 47.27 27.63
C SER P 614 -15.14 48.71 27.89
N ILE P 615 -15.64 49.41 26.87
CA ILE P 615 -16.10 50.78 27.01
C ILE P 615 -17.51 50.85 26.44
N GLY P 616 -18.51 50.92 27.32
CA GLY P 616 -19.89 50.95 26.90
C GLY P 616 -20.50 49.60 26.58
N LYS P 617 -19.69 48.59 26.33
CA LYS P 617 -20.22 47.29 25.97
C LYS P 617 -20.81 46.59 27.17
N PRO P 618 -22.06 46.16 27.12
CA PRO P 618 -22.69 45.57 28.30
C PRO P 618 -22.30 44.12 28.50
N PHE P 619 -22.67 43.62 29.66
CA PHE P 619 -22.46 42.24 30.09
C PHE P 619 -23.71 41.45 29.67
N MET P 620 -23.90 40.25 30.22
CA MET P 620 -25.08 39.40 30.05
C MET P 620 -26.40 40.16 30.16
N GLY P 621 -26.68 40.70 31.33
CA GLY P 621 -27.97 41.31 31.56
C GLY P 621 -27.90 42.67 32.20
N VAL P 622 -26.73 43.07 32.69
CA VAL P 622 -26.60 44.39 33.29
C VAL P 622 -26.20 45.38 32.20
N PRO P 623 -26.77 46.57 32.19
CA PRO P 623 -26.46 47.51 31.13
C PRO P 623 -25.27 48.38 31.47
N ALA P 624 -24.87 49.25 30.54
CA ALA P 624 -23.92 50.29 30.86
C ALA P 624 -24.56 51.34 31.75
N SER P 625 -23.72 52.15 32.40
CA SER P 625 -24.23 53.15 33.33
C SER P 625 -23.20 54.26 33.46
N ILE P 626 -23.35 55.06 34.52
CA ILE P 626 -22.48 56.20 34.78
C ILE P 626 -22.49 56.39 36.29
N VAL P 627 -21.39 56.91 36.82
CA VAL P 627 -21.35 57.37 38.20
C VAL P 627 -20.23 58.39 38.34
N ASN P 628 -20.45 59.38 39.20
CA ASN P 628 -19.51 60.48 39.41
C ASN P 628 -18.21 59.98 40.07
N ASP P 629 -17.17 60.82 40.00
CA ASP P 629 -15.90 60.45 40.60
C ASP P 629 -15.20 61.65 41.23
N GLU P 630 -14.27 61.35 42.12
CA GLU P 630 -13.31 62.32 42.63
C GLU P 630 -11.92 61.67 42.59
N SER P 631 -11.58 61.13 41.42
CA SER P 631 -10.28 60.48 41.23
C SER P 631 -9.14 61.47 41.40
N VAL P 632 -9.09 62.48 40.57
CA VAL P 632 -8.15 63.57 40.75
C VAL P 632 -8.81 64.64 41.61
N VAL P 633 -8.03 65.35 42.42
CA VAL P 633 -8.60 66.34 43.32
C VAL P 633 -8.86 67.68 42.64
N GLY P 634 -8.51 67.82 41.38
CA GLY P 634 -8.74 69.04 40.64
C GLY P 634 -10.21 69.32 40.45
N VAL P 635 -10.90 68.47 39.69
CA VAL P 635 -12.31 68.63 39.42
C VAL P 635 -13.03 67.30 39.67
N ARG P 636 -14.32 67.31 39.41
CA ARG P 636 -15.15 66.13 39.37
C ARG P 636 -15.96 66.13 38.08
N ALA P 637 -16.24 64.94 37.55
CA ALA P 637 -16.96 64.84 36.30
C ALA P 637 -17.72 63.53 36.29
N ALA P 638 -18.24 63.16 35.11
CA ALA P 638 -19.30 62.16 35.01
C ALA P 638 -18.79 60.76 34.67
N ARG P 639 -17.92 60.60 33.66
CA ARG P 639 -17.13 59.40 33.40
C ARG P 639 -17.93 58.10 33.27
N PRO P 640 -18.53 57.83 32.11
CA PRO P 640 -19.48 56.70 31.96
C PRO P 640 -18.90 55.34 32.30
N ILE P 641 -19.69 54.56 33.01
CA ILE P 641 -19.33 53.22 33.46
C ILE P 641 -19.56 52.22 32.34
N SER P 642 -18.69 51.22 32.26
CA SER P 642 -18.66 50.29 31.14
C SER P 642 -19.90 49.40 31.10
N GLY P 643 -20.19 48.73 32.21
CA GLY P 643 -21.26 47.76 32.20
C GLY P 643 -20.79 46.43 32.78
N MET P 644 -19.53 46.09 32.53
CA MET P 644 -18.92 44.96 33.22
C MET P 644 -18.43 45.37 34.59
N GLN P 645 -17.94 46.60 34.72
CA GLN P 645 -17.62 47.17 36.03
C GLN P 645 -18.86 47.69 36.76
N ASN P 646 -20.03 47.69 36.10
CA ASN P 646 -21.27 48.00 36.78
C ASN P 646 -21.59 46.94 37.84
N MET P 647 -21.23 45.68 37.57
CA MET P 647 -21.37 44.65 38.58
C MET P 647 -20.41 44.86 39.74
N ILE P 648 -19.20 45.37 39.46
CA ILE P 648 -18.26 45.71 40.51
C ILE P 648 -18.84 46.81 41.40
N GLN P 649 -19.51 47.79 40.78
CA GLN P 649 -20.21 48.83 41.53
C GLN P 649 -21.32 48.25 42.40
N HIS P 650 -22.15 47.37 41.84
CA HIS P 650 -23.27 46.84 42.63
C HIS P 650 -22.83 45.76 43.62
N LEU P 651 -21.63 45.24 43.48
CA LEU P 651 -21.17 44.12 44.27
C LEU P 651 -20.22 44.52 45.39
N SER P 652 -19.50 45.62 45.22
CA SER P 652 -18.67 46.12 46.30
C SER P 652 -19.50 46.70 47.44
N LYS P 653 -20.72 47.18 47.17
CA LYS P 653 -21.57 47.59 48.28
C LYS P 653 -22.10 46.40 49.06
N LEU P 654 -22.12 45.21 48.45
CA LEU P 654 -22.45 44.00 49.17
C LEU P 654 -21.26 43.54 50.01
N TYR P 655 -20.05 43.58 49.43
CA TYR P 655 -18.86 43.21 50.20
C TYR P 655 -18.49 44.24 51.26
N LYS P 656 -18.99 45.47 51.16
CA LYS P 656 -18.53 46.52 52.06
C LYS P 656 -19.16 46.38 53.44
N ARG P 657 -20.35 45.80 53.53
CA ARG P 657 -21.06 45.70 54.79
C ARG P 657 -20.87 44.36 55.48
N GLY P 658 -21.02 43.26 54.74
CA GLY P 658 -20.89 41.93 55.32
C GLY P 658 -22.05 41.05 54.91
N PHE P 659 -22.03 39.83 55.43
CA PHE P 659 -23.02 38.84 55.03
C PHE P 659 -24.02 38.63 56.17
N SER P 660 -25.19 38.14 55.80
CA SER P 660 -26.29 37.90 56.74
C SER P 660 -26.62 36.42 56.73
N TYR P 661 -26.59 35.80 57.90
CA TYR P 661 -26.92 34.40 58.04
C TYR P 661 -28.21 34.24 58.84
N ARG P 662 -28.79 33.04 58.76
CA ARG P 662 -30.00 32.73 59.49
C ARG P 662 -29.94 31.27 59.92
N VAL P 663 -30.24 31.00 61.19
CA VAL P 663 -30.11 29.65 61.74
C VAL P 663 -31.42 29.22 62.36
N ASN P 664 -31.62 27.90 62.38
CA ASN P 664 -32.61 27.26 63.25
C ASN P 664 -32.17 25.82 63.49
N ASP P 665 -31.68 25.55 64.69
CA ASP P 665 -31.34 24.17 65.03
C ASP P 665 -32.58 23.42 65.51
N SER P 666 -32.68 22.18 65.10
CA SER P 666 -33.68 21.30 65.66
C SER P 666 -33.24 20.71 66.99
N PHE P 667 -32.04 21.03 67.44
CA PHE P 667 -31.48 20.47 68.64
C PHE P 667 -31.78 21.33 69.86
N SER P 668 -32.35 22.50 69.67
CA SER P 668 -32.78 23.35 70.78
C SER P 668 -33.95 24.22 70.32
N PRO P 669 -35.14 24.01 70.86
CA PRO P 669 -36.29 24.81 70.43
C PRO P 669 -36.24 26.22 70.99
N GLY P 670 -36.98 27.10 70.32
CA GLY P 670 -36.97 28.50 70.68
C GLY P 670 -35.67 29.20 70.36
N ASN P 671 -34.93 28.70 69.38
CA ASN P 671 -33.59 29.20 69.08
C ASN P 671 -33.56 29.45 67.58
N ASP P 672 -33.81 30.71 67.20
CA ASP P 672 -34.05 31.05 65.79
C ASP P 672 -33.75 32.54 65.66
N PHE P 673 -32.65 32.88 64.99
CA PHE P 673 -32.22 34.27 64.90
C PHE P 673 -31.44 34.48 63.61
N THR P 674 -30.93 35.69 63.45
CA THR P 674 -30.07 36.06 62.34
C THR P 674 -28.79 36.67 62.87
N HIS P 675 -27.78 36.76 61.99
CA HIS P 675 -26.44 37.10 62.46
C HIS P 675 -25.64 37.72 61.31
N MET P 676 -24.84 38.75 61.63
CA MET P 676 -24.11 39.52 60.64
C MET P 676 -22.63 39.25 60.82
N THR P 677 -21.95 38.86 59.73
CA THR P 677 -20.51 38.58 59.82
C THR P 677 -19.72 39.34 58.78
N THR P 678 -18.43 39.03 58.69
CA THR P 678 -17.61 39.34 57.54
C THR P 678 -17.06 38.09 56.86
N THR P 679 -17.30 36.91 57.42
CA THR P 679 -16.77 35.67 56.88
C THR P 679 -17.55 35.24 55.65
N PHE P 680 -17.06 34.22 54.99
CA PHE P 680 -17.60 33.67 53.77
C PHE P 680 -18.36 32.37 54.06
N PRO P 681 -19.20 31.90 53.14
CA PRO P 681 -19.77 30.55 53.30
C PRO P 681 -18.72 29.46 53.22
N SER P 682 -19.11 28.28 53.72
CA SER P 682 -18.13 27.22 53.97
C SER P 682 -17.68 26.54 52.68
N GLY P 683 -18.62 25.94 51.95
CA GLY P 683 -18.25 25.06 50.86
C GLY P 683 -18.70 25.45 49.47
N SER P 684 -18.60 26.73 49.12
CA SER P 684 -18.93 27.13 47.76
C SER P 684 -17.80 26.78 46.80
N THR P 685 -18.04 27.02 45.52
CA THR P 685 -17.08 26.67 44.48
C THR P 685 -16.14 27.83 44.16
N ALA P 686 -16.71 29.01 43.91
CA ALA P 686 -15.91 30.18 43.58
C ALA P 686 -15.15 30.72 44.78
N THR P 687 -15.46 30.28 45.99
CA THR P 687 -14.72 30.70 47.16
C THR P 687 -13.39 29.96 47.32
N SER P 688 -13.07 29.04 46.43
CA SER P 688 -11.79 28.37 46.49
C SER P 688 -10.77 29.00 45.56
N THR P 689 -11.20 29.32 44.34
CA THR P 689 -10.27 29.75 43.29
C THR P 689 -9.63 31.09 43.61
N GLU P 690 -10.42 32.06 44.04
CA GLU P 690 -9.84 33.37 44.34
C GLU P 690 -9.03 33.36 45.63
N HIS P 691 -9.35 32.47 46.57
CA HIS P 691 -8.46 32.28 47.71
C HIS P 691 -7.13 31.67 47.30
N THR P 692 -7.12 30.77 46.30
CA THR P 692 -5.85 30.23 45.82
C THR P 692 -5.03 31.30 45.11
N ALA P 693 -5.69 32.13 44.31
CA ALA P 693 -5.00 33.25 43.66
C ALA P 693 -4.41 34.21 44.68
N ASN P 694 -5.16 34.49 45.74
CA ASN P 694 -4.70 35.37 46.80
C ASN P 694 -3.58 34.73 47.62
N ASN P 695 -3.55 33.40 47.70
CA ASN P 695 -2.45 32.70 48.33
C ASN P 695 -1.17 32.87 47.52
N SER P 696 -1.24 32.54 46.22
CA SER P 696 -0.06 32.55 45.38
C SER P 696 0.50 33.95 45.18
N THR P 697 -0.38 34.96 45.11
CA THR P 697 0.09 36.33 44.88
C THR P 697 0.87 36.85 46.09
N MET P 698 0.34 36.63 47.29
CA MET P 698 1.03 37.09 48.48
C MET P 698 2.29 36.29 48.75
N MET P 699 2.32 35.02 48.36
CA MET P 699 3.57 34.27 48.48
C MET P 699 4.63 34.77 47.51
N GLU P 700 4.23 35.15 46.28
CA GLU P 700 5.18 35.70 45.33
C GLU P 700 5.72 37.05 45.77
N THR P 701 4.86 37.93 46.27
CA THR P 701 5.40 39.19 46.76
C THR P 701 6.17 39.05 48.06
N PHE P 702 5.92 38.00 48.85
CA PHE P 702 6.82 37.65 49.96
C PHE P 702 8.21 37.33 49.45
N LEU P 703 8.31 36.38 48.52
CA LEU P 703 9.62 35.95 48.05
C LEU P 703 10.33 37.00 47.22
N THR P 704 9.60 38.00 46.70
CA THR P 704 10.24 39.03 45.89
C THR P 704 10.62 40.27 46.67
N VAL P 705 9.71 40.84 47.47
CA VAL P 705 9.94 42.20 47.97
C VAL P 705 10.15 42.23 49.47
N TRP P 706 9.17 41.71 50.23
CA TRP P 706 9.25 41.79 51.69
C TRP P 706 10.41 40.97 52.25
N GLY P 707 10.81 39.92 51.53
CA GLY P 707 11.91 39.07 51.91
C GLY P 707 13.26 39.75 52.08
N PRO P 708 13.83 40.26 50.99
CA PRO P 708 15.14 40.93 51.09
C PRO P 708 15.14 42.22 51.89
N GLU P 709 14.00 42.86 52.09
CA GLU P 709 13.96 44.14 52.77
C GLU P 709 13.89 44.03 54.28
N HIS P 710 13.88 42.83 54.84
CA HIS P 710 13.62 42.71 56.27
C HIS P 710 14.51 41.66 56.95
N THR P 711 15.69 41.39 56.39
CA THR P 711 16.57 40.42 57.02
C THR P 711 18.03 40.72 56.76
N ASP P 712 18.84 40.39 57.76
CA ASP P 712 20.29 40.25 57.67
C ASP P 712 20.59 38.79 57.33
N ASP P 713 21.83 38.31 57.60
CA ASP P 713 22.27 36.94 57.43
C ASP P 713 22.16 36.49 55.99
N PRO P 714 23.12 36.89 55.14
CA PRO P 714 22.98 36.68 53.68
C PRO P 714 22.88 35.24 53.21
N ASP P 715 23.01 34.25 54.09
CA ASP P 715 22.57 32.91 53.75
C ASP P 715 21.07 32.88 53.54
N VAL P 716 20.32 33.59 54.40
CA VAL P 716 18.87 33.67 54.24
C VAL P 716 18.52 34.45 52.98
N LEU P 717 19.27 35.51 52.70
CA LEU P 717 19.06 36.31 51.49
C LEU P 717 19.35 35.50 50.23
N ARG P 718 20.43 34.73 50.24
CA ARG P 718 20.77 33.88 49.11
C ARG P 718 19.75 32.77 48.93
N LEU P 719 19.20 32.26 50.03
CA LEU P 719 18.16 31.24 49.94
C LEU P 719 16.89 31.81 49.35
N MET P 720 16.51 33.02 49.76
CA MET P 720 15.30 33.64 49.24
C MET P 720 15.42 34.02 47.78
N LYS P 721 16.59 34.47 47.35
CA LYS P 721 16.73 34.91 45.97
C LYS P 721 16.90 33.78 44.98
N SER P 722 16.79 32.52 45.40
CA SER P 722 16.99 31.39 44.52
C SER P 722 15.71 30.65 44.15
N LEU P 723 14.59 30.94 44.79
CA LEU P 723 13.38 30.17 44.54
C LEU P 723 12.22 31.11 44.25
N THR P 724 11.33 30.67 43.36
CA THR P 724 10.12 31.39 43.01
C THR P 724 8.94 30.43 43.01
N ILE P 725 7.73 30.98 42.99
CA ILE P 725 6.57 30.13 43.22
C ILE P 725 6.21 29.29 42.01
N GLN P 726 6.70 29.64 40.83
CA GLN P 726 6.53 28.75 39.68
C GLN P 726 7.41 27.52 39.82
N ARG P 727 8.54 27.65 40.52
CA ARG P 727 9.46 26.54 40.58
C ARG P 727 9.24 25.66 41.81
N ASN P 728 8.93 26.26 42.96
CA ASN P 728 8.58 25.50 44.15
C ASN P 728 7.60 26.27 45.06
N TYR P 729 6.32 26.10 44.79
CA TYR P 729 5.20 26.41 45.69
C TYR P 729 3.94 25.80 45.10
N VAL P 730 3.22 24.98 45.86
CA VAL P 730 2.02 24.33 45.37
C VAL P 730 0.91 24.60 46.38
N CYS P 731 -0.22 25.12 45.92
CA CYS P 731 -1.35 25.44 46.79
C CYS P 731 -2.66 25.03 46.12
N GLN P 732 -3.62 24.59 46.93
CA GLN P 732 -4.89 24.10 46.40
C GLN P 732 -6.06 24.74 47.13
N GLY P 733 -5.82 25.16 48.36
CA GLY P 733 -6.85 25.79 49.15
C GLY P 733 -6.21 26.81 50.06
N ASP P 734 -6.48 26.69 51.36
CA ASP P 734 -5.73 27.46 52.34
C ASP P 734 -4.29 26.98 52.44
N ASP P 735 -4.06 25.67 52.36
CA ASP P 735 -2.73 25.17 52.65
C ASP P 735 -1.81 25.27 51.44
N GLY P 736 -0.52 25.27 51.71
CA GLY P 736 0.48 25.28 50.66
C GLY P 736 1.66 24.42 51.05
N LEU P 737 2.46 24.10 50.04
CA LEU P 737 3.67 23.33 50.23
C LEU P 737 4.80 24.01 49.48
N MET P 738 5.89 24.29 50.18
CA MET P 738 7.06 24.91 49.58
C MET P 738 8.24 23.97 49.71
N ILE P 739 8.97 23.80 48.62
CA ILE P 739 9.99 22.77 48.48
C ILE P 739 11.34 23.47 48.34
N ILE P 740 12.31 23.04 49.14
CA ILE P 740 13.64 23.63 49.14
C ILE P 740 14.59 22.54 48.72
N ASP P 741 15.07 22.61 47.48
CA ASP P 741 15.79 21.49 46.89
C ASP P 741 17.19 21.34 47.50
N GLY P 742 17.83 20.22 47.16
CA GLY P 742 19.17 19.97 47.63
C GLY P 742 20.19 20.63 46.72
N ASN P 743 21.25 21.14 47.33
CA ASN P 743 22.31 21.78 46.58
C ASN P 743 23.38 20.76 46.24
N THR P 744 24.53 21.24 45.74
CA THR P 744 25.63 20.34 45.43
C THR P 744 26.26 19.80 46.72
N ALA P 745 26.31 20.63 47.76
CA ALA P 745 26.95 20.24 49.01
C ALA P 745 26.10 19.33 49.88
N GLY P 746 24.90 18.97 49.44
CA GLY P 746 24.05 18.10 50.24
C GLY P 746 22.67 18.68 50.43
N LYS P 747 22.24 18.83 51.68
CA LYS P 747 20.99 19.50 51.98
C LYS P 747 21.26 20.92 52.43
N VAL P 748 20.20 21.74 52.41
CA VAL P 748 20.29 23.12 52.85
C VAL P 748 20.44 23.13 54.37
N ASN P 749 21.23 24.08 54.88
CA ASN P 749 21.40 24.29 56.31
C ASN P 749 20.05 24.52 56.98
N SER P 750 19.73 23.66 57.93
CA SER P 750 18.39 23.60 58.51
C SER P 750 18.13 24.64 59.59
N GLU P 751 19.01 25.63 59.73
CA GLU P 751 18.78 26.72 60.66
C GLU P 751 18.35 27.99 59.95
N THR P 752 18.89 28.25 58.78
CA THR P 752 18.43 29.36 57.95
C THR P 752 17.00 29.15 57.45
N ILE P 753 16.59 27.90 57.27
CA ILE P 753 15.20 27.60 56.95
C ILE P 753 14.28 28.04 58.09
N GLN P 754 14.70 27.80 59.33
CA GLN P 754 13.91 28.23 60.48
C GLN P 754 13.91 29.74 60.61
N LYS P 755 15.04 30.39 60.28
CA LYS P 755 15.08 31.84 60.27
C LYS P 755 14.17 32.43 59.21
N MET P 756 13.95 31.71 58.11
CA MET P 756 12.96 32.15 57.13
C MET P 756 11.54 31.86 57.60
N LEU P 757 11.35 30.80 58.37
CA LEU P 757 10.03 30.48 58.92
C LEU P 757 9.53 31.57 59.85
N GLU P 758 10.43 32.10 60.69
CA GLU P 758 10.09 33.21 61.56
C GLU P 758 9.66 34.42 60.75
N LEU P 759 10.26 34.62 59.58
CA LEU P 759 9.88 35.74 58.73
C LEU P 759 8.56 35.51 58.03
N ILE P 760 8.20 34.26 57.75
CA ILE P 760 6.85 33.98 57.25
C ILE P 760 5.82 34.30 58.30
N SER P 761 6.09 33.90 59.55
CA SER P 761 5.15 34.19 60.64
C SER P 761 5.05 35.68 60.92
N LYS P 762 6.16 36.39 60.79
CA LYS P 762 6.14 37.85 60.94
C LYS P 762 5.40 38.50 59.78
N TYR P 763 5.53 37.94 58.59
CA TYR P 763 4.90 38.51 57.39
C TYR P 763 3.40 38.39 57.42
N GLY P 764 2.91 37.29 57.99
CA GLY P 764 1.47 37.11 58.11
C GLY P 764 0.79 38.08 59.05
N GLU P 765 1.50 38.56 60.05
CA GLU P 765 0.87 39.42 61.04
C GLU P 765 0.59 40.80 60.49
N GLU P 766 1.32 41.22 59.45
CA GLU P 766 1.16 42.56 58.91
C GLU P 766 -0.12 42.73 58.12
N PHE P 767 -0.77 41.64 57.71
CA PHE P 767 -2.03 41.80 56.98
C PHE P 767 -3.08 40.75 57.33
N GLY P 768 -2.96 40.06 58.45
CA GLY P 768 -4.07 39.32 59.01
C GLY P 768 -4.00 37.81 58.92
N TRP P 769 -3.06 37.25 58.17
CA TRP P 769 -3.01 35.81 58.01
C TRP P 769 -2.20 35.19 59.14
N LYS P 770 -2.67 34.08 59.68
CA LYS P 770 -1.99 33.40 60.78
C LYS P 770 -1.57 32.05 60.20
N TYR P 771 -0.33 31.99 59.75
CA TYR P 771 0.15 30.79 59.10
C TYR P 771 0.33 29.66 60.09
N ASP P 772 0.25 28.44 59.58
CA ASP P 772 0.40 27.26 60.41
C ASP P 772 1.60 26.49 59.88
N ILE P 773 2.73 27.20 59.72
CA ILE P 773 3.94 26.63 59.16
C ILE P 773 4.45 25.47 60.01
N ALA P 774 5.10 24.52 59.35
CA ALA P 774 5.57 23.32 60.01
C ALA P 774 6.82 22.84 59.29
N TYR P 775 7.82 22.47 60.08
CA TYR P 775 9.09 22.00 59.54
C TYR P 775 9.58 20.88 60.43
N ASP P 776 9.48 19.65 59.95
CA ASP P 776 9.94 18.48 60.69
C ASP P 776 10.80 17.53 59.89
N GLY P 777 10.76 17.60 58.55
CA GLY P 777 11.39 16.60 57.71
C GLY P 777 10.41 15.80 56.88
N THR P 778 9.11 16.09 56.95
CA THR P 778 8.08 15.38 56.24
C THR P 778 7.38 16.33 55.27
N ALA P 779 6.29 15.84 54.67
CA ALA P 779 5.49 16.64 53.75
C ALA P 779 4.01 16.40 54.02
N GLU P 780 3.26 17.48 54.18
CA GLU P 780 1.81 17.43 54.40
C GLU P 780 1.17 18.32 53.34
N TYR P 781 0.41 17.71 52.44
CA TYR P 781 -0.29 18.50 51.43
C TYR P 781 -1.55 17.76 51.03
N LEU P 782 -2.69 18.47 51.13
CA LEU P 782 -4.04 17.92 50.94
C LEU P 782 -4.29 16.74 51.88
N LYS P 783 -3.75 16.85 53.10
CA LYS P 783 -3.90 15.88 54.17
C LYS P 783 -3.38 14.49 53.76
N LEU P 784 -2.21 14.47 53.14
CA LEU P 784 -1.49 13.24 52.83
C LEU P 784 -0.12 13.30 53.48
N TYR P 785 0.27 12.21 54.14
CA TYR P 785 1.45 12.20 54.99
C TYR P 785 2.53 11.35 54.33
N PHE P 786 3.70 11.95 54.07
CA PHE P 786 4.85 11.29 53.47
C PHE P 786 6.07 11.48 54.36
N ILE P 787 6.96 10.48 54.40
CA ILE P 787 8.30 10.66 54.98
C ILE P 787 9.31 9.79 54.24
N PHE P 788 10.30 10.43 53.61
CA PHE P 788 11.23 9.80 52.65
C PHE P 788 10.47 9.13 51.50
N GLY P 789 9.37 9.74 51.05
CA GLY P 789 8.58 9.18 49.98
C GLY P 789 7.84 7.92 50.39
N CYS P 790 6.80 8.03 51.22
CA CYS P 790 6.38 6.88 52.01
C CYS P 790 4.98 6.37 51.73
N ARG P 791 4.04 7.22 51.29
CA ARG P 791 2.61 6.88 51.15
C ARG P 791 2.06 6.31 52.46
N ILE P 792 2.03 7.15 53.47
CA ILE P 792 1.46 6.72 54.75
C ILE P 792 -0.04 6.94 54.73
N PRO P 793 -0.85 5.89 54.88
CA PRO P 793 -2.29 6.10 54.96
C PRO P 793 -2.69 6.43 56.38
N ASN P 794 -3.73 7.25 56.49
CA ASN P 794 -4.32 7.60 57.77
C ASN P 794 -5.49 6.65 57.97
N LEU P 795 -5.30 5.65 58.83
CA LEU P 795 -6.37 4.69 59.10
C LEU P 795 -7.51 5.33 59.85
N SER P 796 -7.22 6.29 60.71
CA SER P 796 -8.24 6.96 61.48
C SER P 796 -8.76 8.21 60.79
N ARG P 797 -8.45 8.40 59.52
CA ARG P 797 -9.08 9.47 58.75
C ARG P 797 -10.57 9.21 58.61
N HIS P 798 -10.94 7.97 58.32
CA HIS P 798 -12.33 7.53 58.34
C HIS P 798 -12.39 6.34 59.28
N PRO P 799 -13.36 6.28 60.18
CA PRO P 799 -13.51 5.10 61.02
C PRO P 799 -14.34 4.06 60.27
N ILE P 800 -14.50 2.90 60.90
CA ILE P 800 -15.32 1.85 60.32
C ILE P 800 -16.78 2.04 60.69
N VAL P 801 -17.05 2.21 61.99
CA VAL P 801 -18.42 2.23 62.47
C VAL P 801 -18.92 3.67 62.61
N GLY P 802 -18.25 4.62 61.96
CA GLY P 802 -18.59 6.02 62.10
C GLY P 802 -19.23 6.57 60.84
N LYS P 803 -20.32 7.32 61.04
CA LYS P 803 -21.06 7.94 59.95
C LYS P 803 -21.50 9.32 60.37
N GLU P 804 -21.38 10.29 59.45
CA GLU P 804 -21.75 11.66 59.76
C GLU P 804 -23.26 11.83 59.63
N ARG P 805 -23.84 12.54 60.60
CA ARG P 805 -25.25 12.95 60.55
C ARG P 805 -25.34 14.38 61.04
N ALA P 806 -25.79 15.27 60.14
CA ALA P 806 -25.90 16.68 60.48
C ALA P 806 -27.28 17.04 61.02
N ASN P 807 -28.34 16.48 60.44
CA ASN P 807 -29.68 16.81 60.88
C ASN P 807 -30.16 15.83 61.95
N SER P 808 -31.44 15.89 62.28
CA SER P 808 -32.07 14.94 63.18
C SER P 808 -33.04 14.03 62.44
N SER P 809 -33.05 14.07 61.12
CA SER P 809 -33.99 13.31 60.33
C SER P 809 -33.60 11.84 60.31
N ALA P 810 -34.59 10.99 60.04
CA ALA P 810 -34.35 9.56 59.90
C ALA P 810 -33.56 9.29 58.62
N GLU P 811 -32.91 8.13 58.59
CA GLU P 811 -32.07 7.79 57.46
C GLU P 811 -32.86 7.03 56.40
N GLU P 812 -32.16 6.61 55.35
CA GLU P 812 -32.75 5.85 54.27
C GLU P 812 -33.15 4.46 54.77
N PRO P 813 -34.05 3.76 54.05
CA PRO P 813 -34.40 2.39 54.44
C PRO P 813 -33.28 1.38 54.23
N TRP P 814 -33.60 0.12 54.50
CA TRP P 814 -32.59 -0.92 54.69
C TRP P 814 -31.70 -1.25 53.49
N PRO P 815 -32.22 -1.48 52.23
CA PRO P 815 -31.32 -2.05 51.21
C PRO P 815 -30.26 -1.12 50.64
N ALA P 816 -30.04 0.03 51.27
CA ALA P 816 -28.98 0.95 50.87
C ALA P 816 -27.82 0.97 51.87
N ILE P 817 -27.87 0.11 52.90
CA ILE P 817 -26.74 0.04 53.84
C ILE P 817 -25.58 -0.74 53.24
N LEU P 818 -25.85 -1.57 52.23
CA LEU P 818 -24.80 -2.37 51.61
C LEU P 818 -23.83 -1.51 50.83
N ASP P 819 -24.24 -0.33 50.38
CA ASP P 819 -23.33 0.59 49.74
C ASP P 819 -22.28 1.11 50.72
N GLN P 820 -22.69 1.42 51.96
CA GLN P 820 -21.70 1.80 52.96
C GLN P 820 -20.86 0.62 53.42
N ILE P 821 -21.40 -0.60 53.38
CA ILE P 821 -20.58 -1.75 53.74
C ILE P 821 -19.50 -2.00 52.68
N MET P 822 -19.88 -1.90 51.40
CA MET P 822 -18.89 -1.93 50.33
C MET P 822 -17.94 -0.74 50.42
N GLY P 823 -18.41 0.40 50.92
CA GLY P 823 -17.52 1.52 51.14
C GLY P 823 -16.48 1.23 52.20
N ILE P 824 -16.87 0.52 53.27
CA ILE P 824 -15.92 0.05 54.27
C ILE P 824 -14.87 -0.84 53.63
N PHE P 825 -15.31 -1.75 52.75
CA PHE P 825 -14.35 -2.66 52.13
C PHE P 825 -13.39 -1.94 51.18
N PHE P 826 -13.92 -1.07 50.30
CA PHE P 826 -13.05 -0.41 49.34
C PHE P 826 -12.18 0.65 50.01
N ASN P 827 -12.60 1.17 51.16
CA ASN P 827 -11.71 2.05 51.91
C ASN P 827 -10.65 1.25 52.64
N GLY P 828 -10.94 0.00 53.01
CA GLY P 828 -9.89 -0.85 53.54
C GLY P 828 -8.93 -1.35 52.50
N VAL P 829 -9.32 -1.33 51.23
CA VAL P 829 -8.41 -1.71 50.16
C VAL P 829 -7.24 -0.74 50.06
N HIS P 830 -7.53 0.56 50.03
CA HIS P 830 -6.52 1.59 49.78
C HIS P 830 -5.63 1.89 50.98
N ASP P 831 -5.64 1.07 52.02
CA ASP P 831 -4.88 1.37 53.22
C ASP P 831 -3.93 0.27 53.65
N GLY P 832 -3.90 -0.86 52.93
CA GLY P 832 -2.94 -1.91 53.23
C GLY P 832 -3.22 -2.65 54.52
N LEU P 833 -4.45 -3.09 54.69
CA LEU P 833 -4.82 -3.91 55.83
C LEU P 833 -4.24 -5.32 55.66
N GLN P 834 -4.30 -6.10 56.73
CA GLN P 834 -3.92 -7.52 56.63
C GLN P 834 -4.99 -8.23 55.83
N TRP P 835 -4.63 -8.66 54.61
CA TRP P 835 -5.63 -8.85 53.58
C TRP P 835 -6.45 -10.10 53.80
N GLN P 836 -5.85 -11.16 54.32
CA GLN P 836 -6.63 -12.34 54.65
C GLN P 836 -7.59 -12.04 55.78
N ARG P 837 -7.11 -11.35 56.82
CA ARG P 837 -7.97 -10.91 57.89
C ARG P 837 -9.03 -9.92 57.42
N TRP P 838 -8.67 -9.05 56.47
CA TRP P 838 -9.61 -8.02 56.06
C TRP P 838 -10.72 -8.60 55.20
N ILE P 839 -10.38 -9.49 54.26
CA ILE P 839 -11.41 -10.18 53.48
C ILE P 839 -12.27 -11.06 54.38
N ARG P 840 -11.67 -11.75 55.36
CA ARG P 840 -12.43 -12.61 56.23
C ARG P 840 -13.40 -11.82 57.13
N TYR P 841 -13.01 -10.61 57.54
CA TYR P 841 -13.95 -9.79 58.30
C TYR P 841 -15.00 -9.15 57.40
N SER P 842 -14.63 -8.85 56.17
CA SER P 842 -15.59 -8.32 55.21
C SER P 842 -16.67 -9.33 54.90
N TRP P 843 -16.33 -10.62 54.89
CA TRP P 843 -17.36 -11.65 54.75
C TRP P 843 -18.32 -11.66 55.93
N ALA P 844 -17.83 -11.43 57.14
CA ALA P 844 -18.70 -11.48 58.31
C ALA P 844 -19.68 -10.33 58.30
N LEU P 845 -19.21 -9.13 57.94
CA LEU P 845 -20.14 -8.00 57.75
C LEU P 845 -21.10 -8.27 56.60
N CYS P 846 -20.57 -8.80 55.51
CA CYS P 846 -21.34 -9.07 54.30
C CYS P 846 -22.46 -10.07 54.53
N CYS P 847 -22.25 -11.02 55.42
CA CYS P 847 -23.28 -11.97 55.76
C CYS P 847 -24.16 -11.49 56.91
N ALA P 848 -23.69 -10.52 57.69
CA ALA P 848 -24.53 -9.96 58.74
C ALA P 848 -25.56 -8.98 58.22
N PHE P 849 -25.27 -8.26 57.14
CA PHE P 849 -26.19 -7.24 56.63
C PHE P 849 -27.04 -7.74 55.47
N SER P 850 -27.47 -9.01 55.49
CA SER P 850 -28.05 -9.59 54.30
C SER P 850 -29.54 -9.86 54.37
N ARG P 851 -30.16 -9.88 55.55
CA ARG P 851 -31.56 -10.27 55.67
C ARG P 851 -32.35 -9.21 56.42
N GLN P 852 -33.60 -9.00 56.01
CA GLN P 852 -34.47 -8.04 56.66
C GLN P 852 -35.92 -8.52 56.59
N ARG P 853 -36.67 -8.27 57.66
CA ARG P 853 -38.11 -8.51 57.67
C ARG P 853 -38.79 -7.65 56.60
N THR P 854 -39.87 -8.17 56.02
CA THR P 854 -40.68 -7.38 55.12
C THR P 854 -42.10 -7.23 55.64
N GLY P 861 -42.15 -14.83 54.20
CA GLY P 861 -40.90 -14.74 53.47
C GLY P 861 -40.21 -13.41 53.64
N TYR P 862 -38.93 -13.44 53.97
CA TYR P 862 -38.15 -12.23 54.19
C TYR P 862 -37.22 -12.02 53.01
N LEU P 863 -36.69 -10.80 52.92
CA LEU P 863 -35.76 -10.48 51.85
C LEU P 863 -34.37 -10.94 52.22
N GLN P 864 -33.62 -11.42 51.22
CA GLN P 864 -32.28 -11.95 51.46
C GLN P 864 -31.50 -11.92 50.17
N TYR P 865 -30.27 -11.40 50.23
CA TYR P 865 -29.38 -11.42 49.09
C TYR P 865 -28.51 -12.67 49.13
N PRO P 866 -28.34 -13.39 48.03
CA PRO P 866 -27.38 -14.49 48.01
C PRO P 866 -25.95 -13.97 47.96
N MET P 867 -25.01 -14.86 48.21
CA MET P 867 -23.62 -14.43 48.35
C MET P 867 -22.97 -14.05 47.03
N TRP P 868 -23.54 -14.41 45.89
CA TRP P 868 -22.99 -14.02 44.60
C TRP P 868 -23.34 -12.60 44.23
N SER P 869 -24.41 -12.05 44.80
CA SER P 869 -24.75 -10.64 44.61
C SER P 869 -23.68 -9.72 45.16
N PHE P 870 -22.95 -10.17 46.19
CA PHE P 870 -21.85 -9.37 46.70
C PHE P 870 -20.57 -9.59 45.93
N VAL P 871 -20.42 -10.78 45.32
CA VAL P 871 -19.26 -11.03 44.47
C VAL P 871 -19.35 -10.16 43.22
N TYR P 872 -20.57 -9.88 42.75
CA TYR P 872 -20.76 -8.91 41.69
C TYR P 872 -20.32 -7.50 42.08
N TRP P 873 -20.36 -7.17 43.36
CA TRP P 873 -20.03 -5.82 43.82
C TRP P 873 -18.55 -5.60 44.08
N GLY P 874 -17.70 -6.52 43.65
CA GLY P 874 -16.26 -6.36 43.80
C GLY P 874 -15.65 -7.06 44.98
N LEU P 875 -16.36 -7.97 45.62
CA LEU P 875 -15.86 -8.62 46.82
C LEU P 875 -15.20 -9.92 46.42
N PRO P 876 -13.90 -10.11 46.65
CA PRO P 876 -13.25 -11.34 46.21
C PRO P 876 -13.64 -12.50 47.08
N LEU P 877 -13.34 -13.68 46.60
CA LEU P 877 -13.73 -14.87 47.33
C LEU P 877 -12.52 -15.56 47.91
N VAL P 878 -12.76 -16.70 48.54
CA VAL P 878 -11.70 -17.41 49.24
C VAL P 878 -11.45 -18.74 48.56
N LYS P 879 -12.46 -19.60 48.52
CA LYS P 879 -12.31 -20.98 48.06
C LYS P 879 -13.67 -21.48 47.60
N VAL P 880 -13.86 -21.59 46.29
CA VAL P 880 -15.11 -22.06 45.72
C VAL P 880 -14.81 -23.11 44.67
N PHE P 881 -15.84 -23.92 44.37
CA PHE P 881 -15.85 -24.91 43.28
C PHE P 881 -14.72 -25.93 43.41
N GLY P 882 -14.27 -26.18 44.63
CA GLY P 882 -13.17 -27.10 44.85
C GLY P 882 -11.82 -26.60 44.39
N SER P 883 -11.46 -25.38 44.76
CA SER P 883 -10.21 -24.78 44.32
C SER P 883 -9.22 -24.69 45.47
N ASP P 884 -8.08 -24.06 45.19
CA ASP P 884 -7.12 -23.78 46.23
C ASP P 884 -7.61 -22.63 47.11
N PRO P 885 -7.31 -22.65 48.39
CA PRO P 885 -7.74 -21.54 49.26
C PRO P 885 -6.90 -20.31 49.04
N TRP P 886 -7.54 -19.16 49.22
CA TRP P 886 -6.94 -17.82 49.11
C TRP P 886 -6.27 -17.64 47.76
N ILE P 887 -7.11 -17.67 46.72
CA ILE P 887 -6.66 -17.86 45.36
C ILE P 887 -6.89 -16.63 44.48
N PHE P 888 -7.82 -15.76 44.80
CA PHE P 888 -7.99 -14.54 44.02
C PHE P 888 -7.64 -13.34 44.86
N SER P 889 -7.58 -12.18 44.21
CA SER P 889 -7.27 -10.94 44.88
C SER P 889 -8.41 -9.94 44.75
N TRP P 890 -8.41 -9.00 45.67
CA TRP P 890 -9.34 -7.90 45.78
C TRP P 890 -8.99 -6.77 44.86
N TYR P 891 -7.96 -6.92 44.06
CA TYR P 891 -7.75 -6.05 42.92
C TYR P 891 -8.61 -6.46 41.73
N MET P 892 -9.50 -7.44 41.90
CA MET P 892 -10.41 -7.79 40.83
C MET P 892 -11.47 -6.70 40.67
N PRO P 893 -11.88 -6.42 39.45
CA PRO P 893 -12.88 -5.37 39.23
C PRO P 893 -14.26 -5.86 39.60
N THR P 894 -15.20 -4.92 39.55
CA THR P 894 -16.61 -5.23 39.78
C THR P 894 -17.36 -5.17 38.46
N GLY P 895 -18.51 -5.82 38.44
CA GLY P 895 -19.33 -5.81 37.25
C GLY P 895 -19.07 -6.99 36.34
N ASP P 896 -19.39 -6.83 35.05
CA ASP P 896 -19.20 -7.91 34.09
C ASP P 896 -17.74 -8.16 33.79
N LEU P 897 -16.90 -7.12 33.85
CA LEU P 897 -15.47 -7.32 33.67
C LEU P 897 -14.89 -8.08 34.86
N GLY P 898 -15.51 -7.97 36.02
CA GLY P 898 -15.09 -8.77 37.16
C GLY P 898 -15.58 -10.19 37.04
N MET P 899 -16.83 -10.37 36.58
CA MET P 899 -17.37 -11.71 36.43
C MET P 899 -16.70 -12.49 35.31
N TYR P 900 -16.11 -11.81 34.33
CA TYR P 900 -15.39 -12.53 33.29
C TYR P 900 -14.14 -13.22 33.83
N SER P 901 -13.42 -12.53 34.72
CA SER P 901 -12.04 -12.89 35.00
C SER P 901 -11.91 -14.16 35.82
N TRP P 902 -12.62 -14.23 36.96
CA TRP P 902 -12.47 -15.40 37.80
C TRP P 902 -13.10 -16.64 37.18
N ILE P 903 -14.16 -16.47 36.40
CA ILE P 903 -14.71 -17.62 35.67
C ILE P 903 -13.72 -18.10 34.62
N SER P 904 -13.11 -17.19 33.87
CA SER P 904 -12.14 -17.61 32.87
C SER P 904 -10.84 -18.15 33.48
N LEU P 905 -10.56 -17.84 34.74
CA LEU P 905 -9.46 -18.50 35.43
C LEU P 905 -9.82 -19.87 35.99
N ILE P 906 -11.05 -20.06 36.45
CA ILE P 906 -11.40 -21.26 37.19
C ILE P 906 -12.12 -22.29 36.32
N ARG P 907 -12.45 -21.94 35.07
CA ARG P 907 -13.39 -22.71 34.25
C ARG P 907 -13.10 -24.21 34.04
N PRO P 908 -11.87 -24.68 33.74
CA PRO P 908 -11.69 -26.14 33.61
C PRO P 908 -11.81 -26.89 34.92
N LEU P 909 -11.74 -26.21 36.06
CA LEU P 909 -12.03 -26.84 37.34
C LEU P 909 -13.52 -26.83 37.64
N MET P 910 -14.20 -25.75 37.26
CA MET P 910 -15.64 -25.64 37.47
C MET P 910 -16.40 -26.67 36.65
N THR P 911 -15.98 -26.87 35.40
CA THR P 911 -16.65 -27.87 34.56
C THR P 911 -16.35 -29.30 35.00
N ARG P 912 -15.30 -29.49 35.80
CA ARG P 912 -15.08 -30.77 36.45
C ARG P 912 -15.95 -30.93 37.68
N TRP P 913 -16.10 -29.86 38.47
CA TRP P 913 -16.91 -29.93 39.67
C TRP P 913 -18.39 -30.09 39.38
N MET P 914 -18.86 -29.58 38.24
CA MET P 914 -20.25 -29.77 37.87
C MET P 914 -20.55 -31.24 37.58
N VAL P 915 -19.71 -31.88 36.76
CA VAL P 915 -19.82 -33.30 36.46
C VAL P 915 -19.55 -34.15 37.71
N ALA P 916 -18.83 -33.60 38.69
CA ALA P 916 -18.56 -34.31 39.94
C ALA P 916 -19.81 -34.58 40.78
N ASN P 917 -20.94 -33.93 40.50
CA ASN P 917 -22.23 -34.39 41.02
C ASN P 917 -23.35 -34.16 39.99
N GLY P 918 -23.51 -35.13 39.09
CA GLY P 918 -24.71 -35.32 38.28
C GLY P 918 -25.23 -34.14 37.49
N TYR P 919 -24.37 -33.31 36.94
CA TYR P 919 -24.84 -32.15 36.20
C TYR P 919 -24.41 -32.26 34.75
N VAL P 920 -24.67 -33.39 34.11
CA VAL P 920 -24.19 -33.64 32.76
C VAL P 920 -25.33 -33.54 31.77
N THR P 921 -25.09 -32.83 30.67
CA THR P 921 -25.98 -32.87 29.52
C THR P 921 -25.21 -33.49 28.34
N ASP P 922 -25.93 -33.74 27.24
CA ASP P 922 -25.31 -34.46 26.14
C ASP P 922 -24.49 -33.54 25.23
N LYS P 923 -25.00 -32.36 24.92
CA LYS P 923 -24.28 -31.44 24.06
C LYS P 923 -23.18 -30.74 24.85
N CYS P 924 -22.11 -30.37 24.14
CA CYS P 924 -21.01 -29.62 24.74
C CYS P 924 -21.19 -28.14 24.44
N SER P 925 -21.12 -27.33 25.48
CA SER P 925 -21.12 -25.90 25.27
C SER P 925 -19.72 -25.45 24.87
N PRO P 926 -19.60 -24.32 24.16
CA PRO P 926 -18.26 -23.80 23.85
C PRO P 926 -17.55 -23.21 25.04
N VAL P 927 -18.24 -23.00 26.16
CA VAL P 927 -17.61 -22.44 27.34
C VAL P 927 -17.40 -23.52 28.39
N PHE P 928 -18.48 -24.11 28.88
CA PHE P 928 -18.39 -25.02 30.02
C PHE P 928 -18.42 -26.49 29.62
N GLY P 929 -18.56 -26.81 28.33
CA GLY P 929 -18.51 -28.19 27.91
C GLY P 929 -19.82 -28.92 28.08
N ASN P 930 -19.76 -30.18 28.51
CA ASN P 930 -20.92 -31.05 28.54
C ASN P 930 -21.76 -30.92 29.80
N ALA P 931 -21.56 -29.89 30.59
CA ALA P 931 -22.29 -29.72 31.84
C ALA P 931 -23.35 -28.64 31.69
N ASP P 932 -24.54 -28.89 32.22
CA ASP P 932 -25.61 -27.90 32.15
C ASP P 932 -25.32 -26.78 33.15
N TYR P 933 -24.74 -25.71 32.63
CA TYR P 933 -24.46 -24.55 33.45
C TYR P 933 -25.73 -23.84 33.86
N ARG P 934 -26.81 -23.97 33.09
CA ARG P 934 -28.05 -23.30 33.43
C ARG P 934 -28.71 -23.88 34.68
N LYS P 935 -28.78 -25.21 34.80
CA LYS P 935 -29.42 -25.84 35.96
C LYS P 935 -28.54 -25.73 37.19
N CYS P 936 -27.22 -25.89 36.99
CA CYS P 936 -26.27 -25.74 38.08
C CYS P 936 -26.27 -24.33 38.64
N PHE P 937 -26.40 -23.33 37.77
CA PHE P 937 -26.40 -21.97 38.27
C PHE P 937 -27.76 -21.56 38.80
N ASN P 938 -28.84 -22.17 38.31
CA ASN P 938 -30.15 -21.89 38.86
C ASN P 938 -30.31 -22.48 40.25
N GLU P 939 -29.83 -23.71 40.47
CA GLU P 939 -29.99 -24.33 41.78
C GLU P 939 -29.09 -23.69 42.82
N LEU P 940 -27.90 -23.28 42.42
CA LEU P 940 -26.96 -22.60 43.30
C LEU P 940 -27.23 -21.12 43.40
N LYS P 941 -28.22 -20.62 42.64
CA LYS P 941 -28.69 -19.24 42.68
C LYS P 941 -27.59 -18.24 42.33
N LEU P 942 -26.75 -18.60 41.35
CA LEU P 942 -25.72 -17.67 40.89
C LEU P 942 -26.31 -16.64 39.93
N TYR P 943 -27.19 -17.10 39.04
CA TYR P 943 -27.91 -16.22 38.13
C TYR P 943 -28.72 -15.19 38.89
N GLN P 944 -29.38 -15.62 39.96
CA GLN P 944 -30.30 -14.73 40.64
C GLN P 944 -29.56 -13.66 41.42
N GLY P 945 -28.40 -14.00 42.00
CA GLY P 945 -27.52 -12.99 42.53
C GLY P 945 -26.96 -12.06 41.47
N TYR P 946 -26.64 -12.60 40.29
CA TYR P 946 -26.06 -11.80 39.21
C TYR P 946 -27.02 -10.74 38.70
N TYR P 947 -28.29 -11.11 38.55
CA TYR P 947 -29.28 -10.14 38.09
C TYR P 947 -29.88 -9.35 39.23
N MET P 948 -29.84 -9.88 40.45
CA MET P 948 -30.43 -9.21 41.59
C MET P 948 -29.53 -8.10 42.09
N ALA P 949 -28.21 -8.22 41.87
CA ALA P 949 -27.30 -7.15 42.23
C ALA P 949 -27.40 -5.94 41.32
N GLN P 950 -28.00 -6.09 40.15
CA GLN P 950 -28.15 -4.95 39.24
C GLN P 950 -29.41 -4.14 39.49
N LEU P 951 -30.24 -4.55 40.45
CA LEU P 951 -31.42 -3.77 40.81
C LEU P 951 -30.98 -2.46 41.47
N PRO P 952 -31.73 -1.38 41.28
CA PRO P 952 -31.37 -0.11 41.92
C PRO P 952 -31.62 -0.16 43.42
N ARG P 953 -30.59 0.17 44.18
CA ARG P 953 -30.70 0.23 45.63
C ARG P 953 -31.34 1.52 46.10
N ASN P 954 -31.57 2.47 45.21
CA ASN P 954 -32.17 3.75 45.58
C ASN P 954 -33.69 3.60 45.54
N PRO P 955 -34.39 3.83 46.64
CA PRO P 955 -35.85 3.90 46.57
C PRO P 955 -36.30 5.21 45.94
N LYS P 956 -36.33 5.25 44.61
CA LYS P 956 -36.53 6.48 43.88
C LYS P 956 -37.97 6.97 43.97
N LYS P 957 -38.14 8.29 43.82
CA LYS P 957 -39.45 8.93 43.89
C LYS P 957 -40.30 8.57 42.69
N THR P 1027 -42.47 7.38 51.08
CA THR P 1027 -43.65 6.54 51.26
C THR P 1027 -43.26 5.08 51.44
N ARG P 1028 -43.94 4.40 52.36
CA ARG P 1028 -43.65 2.99 52.60
C ARG P 1028 -44.13 2.10 51.47
N GLU P 1029 -45.10 2.56 50.68
CA GLU P 1029 -45.60 1.76 49.58
C GLU P 1029 -44.65 1.75 48.39
N GLU P 1030 -43.85 2.80 48.20
CA GLU P 1030 -42.77 2.73 47.22
C GLU P 1030 -41.68 1.78 47.69
N LEU P 1031 -41.43 1.73 49.00
CA LEU P 1031 -40.52 0.74 49.57
C LEU P 1031 -41.02 -0.68 49.33
N ALA P 1032 -42.33 -0.88 49.47
CA ALA P 1032 -42.92 -2.19 49.16
C ALA P 1032 -42.87 -2.50 47.68
N GLU P 1033 -42.98 -1.48 46.82
CA GLU P 1033 -42.80 -1.68 45.38
C GLU P 1033 -41.38 -2.15 45.06
N MET P 1034 -40.38 -1.51 45.66
CA MET P 1034 -39.00 -1.93 45.46
C MET P 1034 -38.75 -3.32 46.03
N ASP P 1035 -39.41 -3.66 47.15
CA ASP P 1035 -39.25 -4.99 47.72
C ASP P 1035 -39.86 -6.07 46.85
N GLU P 1036 -41.03 -5.79 46.26
CA GLU P 1036 -41.63 -6.76 45.35
C GLU P 1036 -40.83 -6.90 44.06
N THR P 1037 -40.25 -5.80 43.58
CA THR P 1037 -39.37 -5.86 42.42
C THR P 1037 -38.12 -6.66 42.72
N LEU P 1038 -37.62 -6.56 43.95
CA LEU P 1038 -36.44 -7.30 44.34
C LEU P 1038 -36.74 -8.77 44.60
N MET P 1039 -37.95 -9.08 45.06
CA MET P 1039 -38.33 -10.48 45.27
C MET P 1039 -38.63 -11.18 43.95
N ARG P 1040 -39.11 -10.42 42.96
CA ARG P 1040 -39.41 -10.99 41.65
C ARG P 1040 -38.15 -11.49 40.95
N ALA P 1041 -37.01 -10.84 41.17
CA ALA P 1041 -35.76 -11.33 40.62
C ALA P 1041 -35.33 -12.64 41.26
N ARG P 1042 -35.67 -12.85 42.52
CA ARG P 1042 -35.32 -14.10 43.18
C ARG P 1042 -36.28 -15.21 42.81
N LYS P 1043 -37.54 -14.91 42.54
CA LYS P 1043 -38.45 -15.99 42.17
C LYS P 1043 -38.30 -16.42 40.72
N HIS P 1044 -37.80 -15.55 39.85
CA HIS P 1044 -37.68 -15.89 38.44
C HIS P 1044 -36.46 -16.77 38.20
N SER P 1045 -36.64 -17.84 37.43
CA SER P 1045 -35.53 -18.68 37.04
C SER P 1045 -34.96 -18.21 35.71
N TYR P 1046 -33.64 -18.32 35.57
CA TYR P 1046 -32.90 -17.65 34.52
C TYR P 1046 -32.24 -18.67 33.59
N SER P 1047 -31.94 -18.24 32.37
CA SER P 1047 -31.37 -19.09 31.34
C SER P 1047 -29.87 -18.91 31.18
N SER P 1048 -29.37 -17.68 31.19
CA SER P 1048 -27.97 -17.42 30.91
C SER P 1048 -27.58 -16.09 31.54
N PHE P 1049 -26.33 -15.68 31.29
CA PHE P 1049 -25.86 -14.38 31.74
C PHE P 1049 -26.34 -13.31 30.75
N SER P 1050 -25.86 -12.07 30.93
CA SER P 1050 -26.16 -11.01 30.01
C SER P 1050 -25.46 -11.25 28.67
N LYS P 1051 -25.90 -10.52 27.65
CA LYS P 1051 -25.32 -10.67 26.32
C LYS P 1051 -23.87 -10.23 26.28
N LEU P 1052 -23.50 -9.26 27.13
CA LEU P 1052 -22.13 -8.80 27.17
C LEU P 1052 -21.19 -9.84 27.78
N LEU P 1053 -21.60 -10.46 28.89
CA LEU P 1053 -20.73 -11.44 29.53
C LEU P 1053 -20.62 -12.70 28.69
N GLU P 1054 -21.72 -13.10 28.05
CA GLU P 1054 -21.67 -14.25 27.15
C GLU P 1054 -20.81 -13.95 25.93
N ALA P 1055 -20.85 -12.72 25.44
CA ALA P 1055 -19.95 -12.35 24.37
C ALA P 1055 -18.51 -12.22 24.83
N TYR P 1056 -18.29 -11.94 26.11
CA TYR P 1056 -16.93 -11.91 26.66
C TYR P 1056 -16.34 -13.31 26.74
N LEU P 1057 -17.13 -14.28 27.22
CA LEU P 1057 -16.62 -15.59 27.62
C LEU P 1057 -16.09 -16.46 26.47
N LEU P 1058 -16.11 -15.99 25.23
CA LEU P 1058 -15.52 -16.74 24.14
C LEU P 1058 -14.02 -16.50 24.00
N VAL P 1059 -13.43 -15.64 24.81
CA VAL P 1059 -12.05 -15.24 24.66
C VAL P 1059 -11.20 -15.98 25.69
N LYS P 1060 -10.11 -16.59 25.23
CA LYS P 1060 -9.21 -17.35 26.07
C LYS P 1060 -7.80 -16.77 26.01
N TRP P 1061 -7.16 -16.66 27.15
CA TRP P 1061 -5.85 -16.06 27.30
C TRP P 1061 -4.86 -17.10 27.84
N ARG P 1062 -3.65 -16.66 28.15
CA ARG P 1062 -2.62 -17.58 28.58
C ARG P 1062 -1.61 -16.84 29.46
N MET P 1063 -1.05 -17.55 30.42
CA MET P 1063 -0.07 -17.03 31.37
C MET P 1063 1.30 -17.67 31.06
N CYS P 1064 2.05 -17.05 30.17
CA CYS P 1064 3.30 -17.66 29.73
C CYS P 1064 4.44 -17.43 30.72
N GLU P 1065 4.81 -16.17 30.91
CA GLU P 1065 5.98 -15.85 31.73
C GLU P 1065 5.78 -14.52 32.43
N ALA P 1066 6.37 -14.39 33.61
CA ALA P 1066 6.23 -13.18 34.40
C ALA P 1066 7.10 -12.07 33.85
N ARG P 1067 6.61 -10.85 33.98
CA ARG P 1067 7.33 -9.68 33.49
C ARG P 1067 8.46 -9.30 34.44
N GLU P 1068 9.43 -8.57 33.91
CA GLU P 1068 10.52 -8.04 34.71
C GLU P 1068 9.96 -6.98 35.67
N PRO P 1069 10.58 -6.81 36.83
CA PRO P 1069 10.01 -5.89 37.84
C PRO P 1069 10.09 -4.44 37.42
N SER P 1070 9.22 -3.64 38.02
CA SER P 1070 9.11 -2.23 37.70
C SER P 1070 9.73 -1.33 38.75
N VAL P 1071 10.03 -1.85 39.94
CA VAL P 1071 10.56 -1.03 41.02
C VAL P 1071 11.31 -1.96 41.97
N ASP P 1072 12.18 -1.39 42.79
CA ASP P 1072 13.00 -2.17 43.70
C ASP P 1072 12.15 -2.82 44.79
N LEU P 1073 12.50 -4.05 45.16
CA LEU P 1073 11.79 -4.72 46.24
C LEU P 1073 12.10 -4.09 47.59
N ARG P 1074 13.37 -3.79 47.85
CA ARG P 1074 13.76 -3.27 49.16
C ARG P 1074 13.45 -1.80 49.34
N LEU P 1075 12.98 -1.12 48.31
CA LEU P 1075 12.57 0.28 48.42
C LEU P 1075 11.21 0.33 49.09
N PRO P 1076 11.06 1.03 50.20
CA PRO P 1076 9.71 1.19 50.74
C PRO P 1076 8.95 2.23 49.95
N LEU P 1077 8.09 1.77 49.06
CA LEU P 1077 7.25 2.67 48.29
C LEU P 1077 6.12 3.18 49.16
N CYS P 1078 5.37 2.25 49.72
CA CYS P 1078 4.10 2.54 50.34
C CYS P 1078 4.02 1.88 51.71
N ALA P 1079 3.35 2.58 52.63
CA ALA P 1079 3.31 2.14 54.01
C ALA P 1079 2.29 1.02 54.18
N GLY P 1080 2.53 0.17 55.17
CA GLY P 1080 1.67 -0.95 55.45
C GLY P 1080 1.93 -2.18 54.60
N ILE P 1081 2.21 -2.00 53.33
CA ILE P 1081 2.49 -3.11 52.44
C ILE P 1081 3.98 -3.43 52.52
N ASP P 1082 4.29 -4.71 52.64
CA ASP P 1082 5.62 -5.23 52.89
C ASP P 1082 5.56 -6.70 52.50
N PRO P 1083 6.64 -7.48 52.56
CA PRO P 1083 6.49 -8.94 52.38
C PRO P 1083 5.60 -9.64 53.42
N LEU P 1084 5.31 -9.03 54.56
CA LEU P 1084 4.31 -9.59 55.45
C LEU P 1084 2.90 -9.41 54.88
N ASN P 1085 2.69 -8.42 54.02
CA ASN P 1085 1.43 -8.15 53.34
C ASN P 1085 1.65 -8.52 51.88
N SER P 1086 1.51 -9.81 51.58
CA SER P 1086 2.21 -10.43 50.46
C SER P 1086 1.66 -9.99 49.11
N ASP P 1087 0.35 -10.05 48.94
CA ASP P 1087 -0.25 -9.78 47.63
C ASP P 1087 -0.14 -8.34 47.12
N PRO P 1088 -0.39 -7.27 47.91
CA PRO P 1088 -0.11 -5.94 47.36
C PRO P 1088 1.35 -5.70 47.12
N PHE P 1089 2.21 -6.30 47.93
CA PHE P 1089 3.64 -6.19 47.73
C PHE P 1089 4.07 -6.83 46.42
N LEU P 1090 3.43 -7.92 46.02
CA LEU P 1090 3.75 -8.47 44.72
C LEU P 1090 3.15 -7.66 43.58
N LYS P 1091 1.90 -7.20 43.74
CA LYS P 1091 1.24 -6.48 42.65
C LYS P 1091 1.90 -5.13 42.39
N MET P 1092 2.30 -4.43 43.45
CA MET P 1092 2.80 -3.07 43.27
C MET P 1092 4.19 -3.07 42.69
N VAL P 1093 4.98 -4.12 42.95
CA VAL P 1093 6.30 -4.23 42.32
C VAL P 1093 6.16 -4.70 40.89
N SER P 1094 5.29 -5.68 40.63
CA SER P 1094 5.18 -6.24 39.28
C SER P 1094 4.53 -5.26 38.32
N VAL P 1095 3.58 -4.45 38.80
CA VAL P 1095 2.92 -3.48 37.95
C VAL P 1095 3.67 -2.16 37.97
N GLY P 1096 3.86 -1.59 39.14
CA GLY P 1096 4.47 -0.28 39.28
C GLY P 1096 3.47 0.74 39.75
N PRO P 1097 3.90 1.63 40.64
CA PRO P 1097 3.00 2.70 41.11
C PRO P 1097 2.94 3.84 40.10
N MET P 1098 1.86 4.62 40.22
CA MET P 1098 1.51 5.65 39.25
C MET P 1098 2.45 6.83 39.40
N LEU P 1099 3.60 6.73 38.74
CA LEU P 1099 4.63 7.76 38.78
C LEU P 1099 4.93 8.18 37.35
N GLN P 1100 4.38 9.31 36.94
CA GLN P 1100 4.64 9.85 35.60
C GLN P 1100 4.79 11.36 35.65
N ASN P 1122 -19.25 12.94 29.29
CA ASN P 1122 -19.14 11.49 29.36
C ASN P 1122 -20.26 10.87 28.51
N ALA P 1123 -21.45 11.45 28.57
CA ALA P 1123 -22.55 10.99 27.72
C ALA P 1123 -22.28 11.31 26.25
N ILE P 1124 -21.64 12.44 25.99
CA ILE P 1124 -21.22 12.80 24.62
C ILE P 1124 -20.20 11.80 24.11
N ASP P 1125 -19.15 11.54 24.91
CA ASP P 1125 -18.11 10.59 24.54
C ASP P 1125 -18.62 9.16 24.45
N SER P 1126 -19.70 8.84 25.17
CA SER P 1126 -20.33 7.54 25.01
C SER P 1126 -21.09 7.47 23.70
N ALA P 1127 -22.06 8.39 23.50
CA ALA P 1127 -23.02 8.26 22.41
C ALA P 1127 -22.39 8.51 21.04
N LEU P 1128 -21.36 9.35 20.96
CA LEU P 1128 -20.69 9.53 19.67
C LEU P 1128 -19.90 8.29 19.28
N LEU P 1129 -19.34 7.57 20.26
CA LEU P 1129 -18.75 6.27 19.95
C LEU P 1129 -19.79 5.21 19.66
N ARG P 1130 -20.97 5.29 20.30
CA ARG P 1130 -22.08 4.39 19.98
C ARG P 1130 -22.52 4.54 18.53
N LEU P 1131 -22.56 5.76 18.04
CA LEU P 1131 -22.94 5.98 16.64
C LEU P 1131 -21.75 5.84 15.69
N ARG P 1132 -20.52 5.91 16.20
CA ARG P 1132 -19.35 5.78 15.33
C ARG P 1132 -19.00 4.32 15.06
N THR P 1133 -19.01 3.48 16.11
CA THR P 1133 -18.68 2.07 15.94
C THR P 1133 -19.77 1.33 15.16
N LEU P 1134 -21.03 1.66 15.42
CA LEU P 1134 -22.08 1.25 14.52
C LEU P 1134 -21.95 1.99 13.19
N GLY P 1135 -22.44 1.36 12.13
CA GLY P 1135 -22.29 1.93 10.81
C GLY P 1135 -23.10 3.19 10.60
N ALA P 1136 -22.41 4.33 10.58
CA ALA P 1136 -23.06 5.63 10.37
C ALA P 1136 -22.06 6.65 9.84
N LEU P 1158 -15.17 19.08 15.66
CA LEU P 1158 -15.05 17.88 16.47
C LEU P 1158 -15.81 16.73 15.85
N ALA P 1159 -17.06 17.00 15.46
CA ALA P 1159 -17.93 15.99 14.85
C ALA P 1159 -17.41 15.51 13.50
N GLY P 1160 -16.63 16.33 12.80
CA GLY P 1160 -15.92 15.87 11.63
C GLY P 1160 -14.57 15.24 11.92
N LYS P 1161 -14.05 15.40 13.14
CA LYS P 1161 -12.76 14.83 13.51
C LYS P 1161 -12.87 13.41 14.04
N ILE P 1162 -13.93 13.13 14.81
CA ILE P 1162 -14.06 11.86 15.55
C ILE P 1162 -14.15 10.66 14.62
N MET P 1163 -14.65 10.86 13.39
CA MET P 1163 -15.03 9.77 12.48
C MET P 1163 -13.84 8.89 12.08
N LEU P 1164 -12.63 9.43 12.01
CA LEU P 1164 -11.48 8.66 11.57
C LEU P 1164 -10.37 8.49 12.61
N GLN P 1165 -10.31 9.35 13.63
CA GLN P 1165 -9.25 9.27 14.61
C GLN P 1165 -9.50 8.10 15.57
N ASP P 1166 -8.54 7.88 16.47
CA ASP P 1166 -8.74 7.00 17.61
C ASP P 1166 -8.26 7.69 18.87
N VAL P 1167 -8.81 7.22 19.99
CA VAL P 1167 -8.38 7.64 21.32
C VAL P 1167 -7.74 6.43 21.97
N ASN P 1168 -7.25 6.58 23.20
CA ASN P 1168 -6.61 5.46 23.88
C ASN P 1168 -7.65 4.43 24.32
N THR P 1169 -7.16 3.34 24.92
CA THR P 1169 -8.02 2.20 25.26
C THR P 1169 -9.02 2.56 26.34
N VAL P 1170 -8.61 3.34 27.34
CA VAL P 1170 -9.49 3.66 28.46
C VAL P 1170 -10.63 4.61 28.06
N GLN P 1171 -10.52 5.27 26.92
CA GLN P 1171 -11.60 6.11 26.41
C GLN P 1171 -12.39 5.40 25.31
N LEU P 1172 -11.70 4.65 24.46
CA LEU P 1172 -12.39 3.97 23.36
C LEU P 1172 -13.22 2.80 23.86
N ALA P 1173 -12.83 2.21 24.98
CA ALA P 1173 -13.54 1.05 25.51
C ALA P 1173 -14.61 1.44 26.53
N ARG P 1174 -14.99 2.71 26.59
CA ARG P 1174 -16.14 3.09 27.40
C ARG P 1174 -17.46 2.92 26.66
N VAL P 1175 -17.41 2.43 25.42
CA VAL P 1175 -18.61 2.23 24.62
C VAL P 1175 -19.41 1.02 25.13
N VAL P 1176 -18.78 0.12 25.86
CA VAL P 1176 -19.43 -1.06 26.44
C VAL P 1176 -19.33 -0.84 27.96
N ASN P 1177 -19.24 0.43 28.33
CA ASN P 1177 -19.31 0.91 29.73
C ASN P 1177 -18.21 0.30 30.60
N LEU P 1178 -17.06 0.01 30.03
CA LEU P 1178 -15.92 -0.49 30.77
C LEU P 1178 -15.08 0.67 31.27
N ALA P 1179 -14.75 0.64 32.56
CA ALA P 1179 -13.95 1.68 33.18
C ALA P 1179 -12.87 1.04 34.03
N VAL P 1180 -11.74 1.73 34.14
CA VAL P 1180 -10.68 1.35 35.06
C VAL P 1180 -11.23 1.54 36.47
N PRO P 1181 -11.22 0.50 37.30
CA PRO P 1181 -11.94 0.60 38.59
C PRO P 1181 -11.22 1.49 39.58
N ASP P 1182 -11.90 1.70 40.71
CA ASP P 1182 -11.38 2.53 41.80
C ASP P 1182 -10.12 1.92 42.39
N THR P 1183 -9.98 0.60 42.31
CA THR P 1183 -8.88 -0.08 42.97
C THR P 1183 -7.56 0.14 42.24
N TRP P 1184 -7.59 0.21 40.91
CA TRP P 1184 -6.37 0.33 40.13
C TRP P 1184 -5.86 1.75 40.02
N MET P 1185 -6.38 2.69 40.81
CA MET P 1185 -5.99 4.08 40.62
C MET P 1185 -4.60 4.37 41.15
N SER P 1186 -4.15 3.63 42.16
CA SER P 1186 -2.82 3.81 42.72
C SER P 1186 -1.78 2.93 42.06
N LEU P 1187 -2.00 2.52 40.81
CA LEU P 1187 -1.07 1.67 40.09
C LEU P 1187 -0.86 2.25 38.69
N ASP P 1188 -0.06 1.56 37.89
CA ASP P 1188 0.28 1.97 36.54
C ASP P 1188 -0.46 1.05 35.58
N PHE P 1189 -1.68 1.43 35.22
CA PHE P 1189 -2.42 0.68 34.23
C PHE P 1189 -2.05 1.05 32.80
N ASP P 1190 -1.41 2.20 32.61
CA ASP P 1190 -1.11 2.68 31.27
C ASP P 1190 -0.04 1.83 30.60
N THR P 1191 1.06 1.57 31.29
CA THR P 1191 2.13 0.74 30.75
C THR P 1191 1.65 -0.70 30.56
N MET P 1192 0.79 -1.18 31.46
CA MET P 1192 0.26 -2.52 31.36
C MET P 1192 -0.66 -2.68 30.15
N PHE P 1193 -1.47 -1.66 29.86
CA PHE P 1193 -2.31 -1.71 28.67
C PHE P 1193 -1.50 -1.56 27.41
N LYS P 1194 -0.48 -0.70 27.44
CA LYS P 1194 0.23 -0.36 26.21
C LYS P 1194 1.18 -1.46 25.78
N HIS P 1195 1.88 -2.08 26.72
CA HIS P 1195 2.95 -3.01 26.37
C HIS P 1195 2.66 -4.46 26.74
N HIS P 1196 2.23 -4.71 27.97
CA HIS P 1196 2.27 -6.06 28.53
C HIS P 1196 0.94 -6.79 28.43
N VAL P 1197 0.06 -6.39 27.52
CA VAL P 1197 -1.10 -7.19 27.13
C VAL P 1197 -1.02 -7.29 25.62
N LYS P 1198 -0.57 -8.44 25.12
CA LYS P 1198 -0.33 -8.64 23.71
C LYS P 1198 -1.57 -9.26 23.06
N LEU P 1199 -1.95 -8.73 21.91
CA LEU P 1199 -3.10 -9.24 21.17
C LEU P 1199 -2.67 -10.18 20.06
N LEU P 1200 -1.66 -10.98 20.33
CA LEU P 1200 -1.08 -11.82 19.34
C LEU P 1200 -0.41 -12.98 20.06
N PRO P 1201 -0.70 -14.23 19.66
CA PRO P 1201 -0.15 -15.37 20.39
C PRO P 1201 1.35 -15.49 20.20
N LYS P 1202 1.98 -16.20 21.14
CA LYS P 1202 3.44 -16.32 21.13
C LYS P 1202 3.95 -17.12 19.95
N ASP P 1203 3.16 -18.06 19.44
CA ASP P 1203 3.58 -18.86 18.29
C ASP P 1203 3.05 -18.32 16.98
N GLY P 1204 2.87 -17.01 16.85
CA GLY P 1204 2.48 -16.44 15.58
C GLY P 1204 1.05 -15.95 15.51
N ARG P 1205 0.27 -16.48 14.58
CA ARG P 1205 -1.11 -16.03 14.34
C ARG P 1205 -1.99 -17.24 14.13
N HIS P 1206 -2.86 -17.53 15.10
CA HIS P 1206 -3.64 -18.76 15.09
C HIS P 1206 -4.75 -18.81 14.07
N LEU P 1207 -4.97 -17.73 13.30
CA LEU P 1207 -5.95 -17.58 12.21
C LEU P 1207 -7.39 -17.51 12.72
N ASN P 1208 -7.58 -17.75 14.00
CA ASN P 1208 -8.85 -17.60 14.68
C ASN P 1208 -8.96 -16.22 15.31
N THR P 1209 -7.83 -15.66 15.75
CA THR P 1209 -7.79 -14.35 16.36
C THR P 1209 -7.37 -13.31 15.32
N ASP P 1210 -8.24 -13.13 14.35
CA ASP P 1210 -8.00 -12.19 13.26
C ASP P 1210 -9.02 -11.06 13.38
N ILE P 1211 -8.60 -9.97 14.01
CA ILE P 1211 -9.42 -8.75 14.01
C ILE P 1211 -9.37 -8.13 12.62
N PRO P 1212 -10.50 -7.78 12.02
CA PRO P 1212 -10.50 -7.18 10.67
C PRO P 1212 -9.87 -5.80 10.69
N PRO P 1213 -9.49 -5.27 9.52
CA PRO P 1213 -9.06 -3.86 9.48
C PRO P 1213 -10.20 -2.91 9.78
N ARG P 1214 -11.38 -3.22 9.27
CA ARG P 1214 -12.62 -2.63 9.77
C ARG P 1214 -12.80 -3.04 11.23
N MET P 1215 -13.51 -2.19 11.99
CA MET P 1215 -13.90 -2.38 13.40
C MET P 1215 -12.70 -2.72 14.29
N GLY P 1216 -11.69 -1.85 14.22
CA GLY P 1216 -10.51 -1.95 15.06
C GLY P 1216 -10.68 -1.43 16.47
N TRP P 1217 -11.90 -1.05 16.85
CA TRP P 1217 -12.20 -0.66 18.22
C TRP P 1217 -12.19 -1.84 19.18
N LEU P 1218 -12.22 -3.06 18.65
CA LEU P 1218 -12.28 -4.26 19.48
C LEU P 1218 -11.01 -4.46 20.29
N ARG P 1219 -9.89 -3.93 19.80
CA ARG P 1219 -8.63 -4.07 20.49
C ARG P 1219 -8.66 -3.41 21.85
N ALA P 1220 -9.34 -2.27 21.96
CA ALA P 1220 -9.37 -1.52 23.21
C ALA P 1220 -10.18 -2.22 24.30
N ILE P 1221 -11.08 -3.12 23.92
CA ILE P 1221 -11.82 -3.94 24.86
C ILE P 1221 -11.08 -5.24 25.17
N LEU P 1222 -10.39 -5.79 24.17
CA LEU P 1222 -9.57 -6.96 24.44
C LEU P 1222 -8.40 -6.65 25.36
N ARG P 1223 -7.93 -5.39 25.38
CA ARG P 1223 -6.94 -4.99 26.37
C ARG P 1223 -7.48 -5.14 27.79
N PHE P 1224 -8.73 -4.71 28.01
CA PHE P 1224 -9.32 -4.81 29.35
C PHE P 1224 -9.58 -6.26 29.72
N LEU P 1225 -10.08 -7.05 28.76
CA LEU P 1225 -10.33 -8.46 29.02
C LEU P 1225 -9.04 -9.25 29.26
N GLY P 1226 -7.93 -8.79 28.69
CA GLY P 1226 -6.65 -9.38 29.04
C GLY P 1226 -6.16 -8.97 30.39
N ALA P 1227 -6.26 -7.68 30.68
CA ALA P 1227 -5.70 -7.17 31.92
C ALA P 1227 -6.59 -7.41 33.13
N GLY P 1228 -7.77 -7.98 32.93
CA GLY P 1228 -8.55 -8.44 34.07
C GLY P 1228 -7.84 -9.54 34.82
N MET P 1229 -7.70 -10.71 34.19
CA MET P 1229 -7.15 -11.89 34.84
C MET P 1229 -5.69 -11.72 35.26
N ALA P 1230 -4.95 -10.84 34.59
CA ALA P 1230 -3.58 -10.59 35.02
C ALA P 1230 -3.51 -9.75 36.28
N MET P 1231 -4.64 -9.21 36.74
CA MET P 1231 -4.71 -8.54 38.03
C MET P 1231 -5.52 -9.30 39.06
N THR P 1232 -6.46 -10.15 38.64
CA THR P 1232 -7.26 -10.88 39.62
C THR P 1232 -6.48 -12.02 40.26
N ALA P 1233 -5.62 -12.67 39.48
CA ALA P 1233 -4.80 -13.76 39.98
C ALA P 1233 -3.80 -13.24 41.00
N THR P 1234 -3.80 -13.83 42.19
CA THR P 1234 -2.92 -13.35 43.24
C THR P 1234 -1.46 -13.67 42.91
N GLY P 1235 -0.57 -12.86 43.44
CA GLY P 1235 0.84 -13.01 43.14
C GLY P 1235 1.34 -12.02 42.11
N VAL P 1236 2.30 -12.44 41.30
CA VAL P 1236 2.93 -11.55 40.34
C VAL P 1236 1.99 -11.30 39.17
N ALA P 1237 1.83 -10.04 38.78
CA ALA P 1237 1.14 -9.72 37.54
C ALA P 1237 1.97 -10.23 36.36
N VAL P 1238 1.36 -11.11 35.57
CA VAL P 1238 2.07 -11.89 34.57
C VAL P 1238 1.80 -11.30 33.20
N ASP P 1239 2.77 -11.43 32.30
CA ASP P 1239 2.58 -11.08 30.91
C ASP P 1239 1.56 -12.04 30.30
N ILE P 1240 0.57 -11.51 29.60
CA ILE P 1240 -0.56 -12.29 29.14
C ILE P 1240 -0.70 -12.16 27.63
N TYR P 1241 -0.91 -13.29 26.97
CA TYR P 1241 -0.98 -13.37 25.51
C TYR P 1241 -2.34 -13.90 25.10
N LEU P 1242 -2.81 -13.44 23.95
CA LEU P 1242 -4.08 -13.93 23.41
C LEU P 1242 -3.92 -15.34 22.89
N GLU P 1243 -4.92 -16.18 23.13
CA GLU P 1243 -4.87 -17.56 22.68
C GLU P 1243 -6.01 -17.93 21.73
N ASP P 1244 -7.25 -17.63 22.09
CA ASP P 1244 -8.36 -18.14 21.31
C ASP P 1244 -9.58 -17.24 21.45
N ILE P 1245 -10.27 -17.04 20.33
CA ILE P 1245 -11.64 -16.56 20.31
C ILE P 1245 -12.46 -17.62 19.59
N HIS P 1246 -13.45 -18.19 20.27
CA HIS P 1246 -14.10 -19.40 19.79
C HIS P 1246 -14.91 -19.16 18.52
N GLY P 1247 -15.69 -18.09 18.50
CA GLY P 1247 -16.50 -17.83 17.33
C GLY P 1247 -15.81 -17.11 16.19
N GLY P 1248 -14.52 -16.87 16.31
CA GLY P 1248 -13.85 -16.02 15.33
C GLY P 1248 -13.88 -14.57 15.73
N GLY P 1249 -12.84 -13.85 15.34
CA GLY P 1249 -12.74 -12.44 15.70
C GLY P 1249 -13.73 -11.56 14.97
N ARG P 1250 -14.13 -11.97 13.77
CA ARG P 1250 -15.14 -11.21 13.05
C ARG P 1250 -16.52 -11.39 13.67
N SER P 1251 -16.86 -12.61 14.03
CA SER P 1251 -18.16 -12.88 14.65
C SER P 1251 -18.18 -12.56 16.14
N LEU P 1252 -17.04 -12.21 16.72
CA LEU P 1252 -17.04 -11.80 18.12
C LEU P 1252 -17.71 -10.43 18.27
N GLY P 1253 -17.28 -9.46 17.48
CA GLY P 1253 -17.80 -8.12 17.61
C GLY P 1253 -19.19 -7.90 17.08
N GLN P 1254 -19.72 -8.85 16.30
CA GLN P 1254 -21.12 -8.76 15.91
C GLN P 1254 -22.03 -8.93 17.11
N ARG P 1255 -21.61 -9.68 18.13
CA ARG P 1255 -22.38 -9.76 19.37
C ARG P 1255 -22.40 -8.42 20.11
N PHE P 1256 -21.26 -7.73 20.13
CA PHE P 1256 -21.20 -6.39 20.70
C PHE P 1256 -22.08 -5.43 19.91
N MET P 1257 -22.13 -5.57 18.58
CA MET P 1257 -23.01 -4.74 17.78
C MET P 1257 -24.48 -5.07 18.00
N THR P 1258 -24.82 -6.33 18.30
CA THR P 1258 -26.19 -6.65 18.69
C THR P 1258 -26.54 -5.99 20.02
N TRP P 1259 -25.59 -5.96 20.95
CA TRP P 1259 -25.85 -5.26 22.21
C TRP P 1259 -25.97 -3.75 22.01
N MET P 1260 -25.23 -3.20 21.04
CA MET P 1260 -25.36 -1.78 20.74
C MET P 1260 -26.68 -1.45 20.08
N ARG P 1261 -27.20 -2.31 19.20
CA ARG P 1261 -28.55 -2.11 18.69
C ARG P 1261 -29.61 -2.30 19.78
N GLN P 1262 -29.42 -3.26 20.68
CA GLN P 1262 -30.36 -3.48 21.76
C GLN P 1262 -30.23 -2.46 22.88
N GLU P 1263 -29.13 -1.69 22.90
CA GLU P 1263 -28.79 -0.70 23.92
C GLU P 1263 -28.77 -1.32 25.33
N ALA Q 2 -43.44 74.42 20.11
CA ALA Q 2 -42.30 74.58 21.00
C ALA Q 2 -42.10 73.33 21.85
N TYR Q 3 -40.84 72.92 22.02
CA TYR Q 3 -40.52 71.71 22.76
C TYR Q 3 -39.25 71.94 23.55
N ILE Q 4 -39.36 71.92 24.88
CA ILE Q 4 -38.20 72.05 25.75
C ILE Q 4 -38.01 70.73 26.48
N ALA Q 5 -36.83 70.54 27.06
CA ALA Q 5 -36.47 69.28 27.70
C ALA Q 5 -35.99 69.53 29.11
N VAL Q 6 -36.47 68.73 30.06
CA VAL Q 6 -36.12 68.90 31.47
C VAL Q 6 -35.42 67.63 31.96
N PRO Q 7 -34.53 67.71 32.96
CA PRO Q 7 -33.79 66.54 33.44
C PRO Q 7 -34.53 65.66 34.45
N ALA Q 8 -35.78 65.32 34.14
CA ALA Q 8 -36.56 64.47 35.04
C ALA Q 8 -37.60 63.70 34.24
N VAL Q 9 -37.99 62.55 34.78
CA VAL Q 9 -38.97 61.70 34.13
C VAL Q 9 -40.34 62.38 34.15
N VAL Q 10 -40.93 62.55 32.98
CA VAL Q 10 -42.17 63.29 32.82
C VAL Q 10 -43.25 62.35 32.33
N ASP Q 11 -44.30 62.18 33.12
CA ASP Q 11 -45.54 61.56 32.69
C ASP Q 11 -46.62 62.62 32.66
N SER Q 12 -47.62 62.43 31.80
CA SER Q 12 -48.62 63.46 31.60
C SER Q 12 -49.57 63.55 32.78
N ARG Q 13 -49.95 62.41 33.36
CA ARG Q 13 -50.97 62.42 34.40
C ARG Q 13 -50.42 62.64 35.80
N SER Q 14 -49.14 62.36 36.03
CA SER Q 14 -48.58 62.40 37.38
C SER Q 14 -47.71 63.62 37.63
N SER Q 15 -46.87 64.00 36.68
CA SER Q 15 -45.99 65.13 36.87
C SER Q 15 -46.73 66.46 36.82
N GLU Q 16 -47.97 66.46 36.33
CA GLU Q 16 -48.81 67.65 36.52
C GLU Q 16 -49.28 67.75 37.96
N ALA Q 17 -49.57 66.61 38.59
CA ALA Q 17 -49.95 66.62 40.00
C ALA Q 17 -48.75 66.99 40.88
N ILE Q 18 -47.55 66.56 40.48
CA ILE Q 18 -46.35 67.05 41.13
C ILE Q 18 -46.11 68.52 40.78
N GLY Q 19 -46.52 68.92 39.58
CA GLY Q 19 -46.22 70.24 39.08
C GLY Q 19 -44.96 70.21 38.23
N LEU Q 20 -43.83 69.89 38.87
CA LEU Q 20 -42.58 69.41 38.26
C LEU Q 20 -41.83 70.48 37.45
N LEU Q 21 -42.47 71.62 37.19
CA LEU Q 21 -41.83 72.71 36.47
C LEU Q 21 -41.60 73.92 37.35
N GLU Q 22 -42.51 74.16 38.30
CA GLU Q 22 -42.24 75.10 39.38
C GLU Q 22 -41.18 74.57 40.32
N SER Q 23 -40.95 73.25 40.31
CA SER Q 23 -39.91 72.64 41.13
C SER Q 23 -38.51 72.97 40.66
N PHE Q 24 -38.32 73.30 39.38
CA PHE Q 24 -37.03 73.78 38.92
C PHE Q 24 -36.84 75.27 39.14
N GLY Q 25 -37.90 75.98 39.48
CA GLY Q 25 -37.83 77.41 39.68
C GLY Q 25 -38.49 78.24 38.59
N VAL Q 26 -39.51 77.73 37.93
CA VAL Q 26 -40.18 78.42 36.83
C VAL Q 26 -41.60 78.76 37.28
N ASP Q 27 -41.91 80.04 37.34
CA ASP Q 27 -43.27 80.45 37.63
C ASP Q 27 -44.18 80.14 36.44
N ALA Q 28 -45.33 79.56 36.71
CA ALA Q 28 -46.29 79.25 35.66
C ALA Q 28 -47.72 79.35 36.16
N ASN Q 33 -53.88 74.67 30.59
CA ASN Q 33 -53.16 75.83 30.06
C ASN Q 33 -52.60 75.54 28.67
N ASP Q 34 -51.38 76.00 28.40
CA ASP Q 34 -50.69 75.68 27.16
C ASP Q 34 -49.52 74.72 27.34
N VAL Q 35 -49.16 74.37 28.57
CA VAL Q 35 -48.01 73.52 28.85
C VAL Q 35 -48.54 72.09 28.93
N SER Q 36 -48.35 71.33 27.85
CA SER Q 36 -48.81 69.95 27.79
C SER Q 36 -47.65 69.02 28.05
N TYR Q 37 -47.84 68.05 28.95
CA TYR Q 37 -46.78 67.13 29.31
C TYR Q 37 -46.86 65.87 28.46
N GLN Q 38 -45.71 65.40 28.01
CA GLN Q 38 -45.65 64.12 27.32
C GLN Q 38 -45.41 63.01 28.33
N ASP Q 39 -45.75 61.78 27.94
CA ASP Q 39 -45.51 60.62 28.77
C ASP Q 39 -44.20 59.97 28.33
N HIS Q 40 -43.11 60.39 28.97
CA HIS Q 40 -41.83 59.74 28.79
C HIS Q 40 -41.52 58.77 29.91
N ASP Q 41 -42.56 58.16 30.46
CA ASP Q 41 -42.36 57.13 31.48
C ASP Q 41 -41.85 55.84 30.84
N TYR Q 42 -42.44 55.45 29.72
CA TYR Q 42 -42.13 54.15 29.14
C TYR Q 42 -40.79 54.13 28.42
N VAL Q 43 -40.31 55.29 27.97
CA VAL Q 43 -39.07 55.30 27.20
C VAL Q 43 -37.87 55.05 28.09
N VAL Q 44 -37.96 55.30 29.38
CA VAL Q 44 -36.81 55.05 30.26
C VAL Q 44 -36.66 53.56 30.50
N ASP Q 45 -37.75 52.86 30.79
CA ASP Q 45 -37.72 51.40 30.90
C ASP Q 45 -37.39 50.76 29.56
N GLN Q 46 -37.87 51.35 28.47
CA GLN Q 46 -37.55 50.86 27.13
C GLN Q 46 -36.07 51.06 26.82
N LEU Q 47 -35.48 52.15 27.32
CA LEU Q 47 -34.05 52.39 27.17
C LEU Q 47 -33.25 51.40 28.00
N GLN Q 48 -33.74 51.08 29.19
CA GLN Q 48 -33.04 50.12 30.05
C GLN Q 48 -33.06 48.73 29.45
N TYR Q 49 -34.17 48.34 28.82
CA TYR Q 49 -34.19 47.11 28.05
C TYR Q 49 -33.38 47.23 26.77
N MET Q 50 -33.21 48.46 26.25
CA MET Q 50 -32.50 48.64 25.01
C MET Q 50 -30.98 48.56 25.19
N LEU Q 51 -30.48 48.91 26.36
CA LEU Q 51 -29.04 49.04 26.55
C LEU Q 51 -28.32 47.71 26.74
N ASP Q 52 -29.02 46.64 27.13
CA ASP Q 52 -28.29 45.42 27.47
C ASP Q 52 -27.85 44.63 26.24
N GLY Q 53 -28.46 44.89 25.09
CA GLY Q 53 -28.08 44.17 23.88
C GLY Q 53 -27.06 44.91 23.06
N TYR Q 54 -27.37 46.16 22.72
CA TYR Q 54 -26.50 46.97 21.90
C TYR Q 54 -25.44 47.65 22.77
N GLU Q 55 -24.63 48.49 22.14
CA GLU Q 55 -23.71 49.32 22.88
C GLU Q 55 -24.43 50.55 23.41
N ALA Q 56 -23.68 51.52 23.91
CA ALA Q 56 -24.31 52.74 24.39
C ALA Q 56 -24.47 53.76 23.27
N GLY Q 57 -23.36 54.10 22.60
CA GLY Q 57 -23.31 55.23 21.70
C GLY Q 57 -24.26 55.16 20.52
N ASP Q 58 -24.46 53.96 19.95
CA ASP Q 58 -25.44 53.80 18.88
C ASP Q 58 -26.86 54.08 19.36
N VAL Q 59 -27.21 53.59 20.55
CA VAL Q 59 -28.55 53.77 21.11
C VAL Q 59 -28.80 55.24 21.43
N ILE Q 60 -27.87 55.88 22.14
CA ILE Q 60 -28.05 57.29 22.50
C ILE Q 60 -28.06 58.17 21.26
N ASP Q 61 -27.07 58.04 20.37
CA ASP Q 61 -26.99 58.87 19.19
C ASP Q 61 -28.13 58.60 18.20
N ALA Q 62 -28.79 57.45 18.29
CA ALA Q 62 -30.03 57.27 17.56
C ALA Q 62 -31.17 58.03 18.21
N LEU Q 63 -31.33 57.90 19.53
CA LEU Q 63 -32.45 58.54 20.22
C LEU Q 63 -32.37 60.07 20.21
N VAL Q 64 -31.18 60.62 19.99
CA VAL Q 64 -30.99 62.07 20.02
C VAL Q 64 -31.69 62.75 18.84
N TYR Q 65 -31.74 62.07 17.69
CA TYR Q 65 -32.18 62.67 16.44
C TYR Q 65 -33.67 62.50 16.19
N ARG Q 66 -34.48 62.47 17.26
CA ARG Q 66 -35.90 62.14 17.17
C ARG Q 66 -36.74 63.30 17.68
N ASN Q 67 -37.62 63.83 16.84
CA ASN Q 67 -38.57 64.83 17.31
C ASN Q 67 -39.73 64.19 18.02
N TRP Q 68 -40.30 64.92 18.96
CA TRP Q 68 -41.39 64.42 19.78
C TRP Q 68 -42.69 65.11 19.45
N LEU Q 69 -42.86 65.50 18.19
CA LEU Q 69 -44.11 66.04 17.69
C LEU Q 69 -44.66 65.24 16.51
N HIS Q 70 -43.80 64.59 15.74
CA HIS Q 70 -44.22 63.70 14.66
C HIS Q 70 -44.74 62.42 15.32
N HIS Q 71 -46.04 62.37 15.56
CA HIS Q 71 -46.63 61.29 16.33
C HIS Q 71 -46.70 60.00 15.51
N SER Q 72 -46.27 58.89 16.11
CA SER Q 72 -46.17 57.63 15.39
C SER Q 72 -46.20 56.46 16.37
N VAL Q 73 -46.04 55.24 15.83
CA VAL Q 73 -46.28 54.02 16.59
C VAL Q 73 -45.59 52.87 15.85
N TYR Q 74 -45.32 51.77 16.56
CA TYR Q 74 -44.70 50.57 16.01
C TYR Q 74 -45.75 49.55 15.60
N CYS Q 75 -45.28 48.42 15.08
CA CYS Q 75 -46.12 47.25 14.86
C CYS Q 75 -45.23 46.03 14.94
N LEU Q 76 -45.65 45.04 15.73
CA LEU Q 76 -44.87 43.85 16.01
C LEU Q 76 -45.64 42.61 15.59
N LEU Q 77 -45.01 41.75 14.81
CA LEU Q 77 -45.72 40.63 14.20
C LEU Q 77 -45.02 39.31 14.49
N PRO Q 78 -45.77 38.19 14.53
CA PRO Q 78 -45.13 36.90 14.73
C PRO Q 78 -44.26 36.53 13.54
N PRO Q 79 -43.14 35.79 13.76
CA PRO Q 79 -42.02 35.84 12.81
C PRO Q 79 -42.25 35.35 11.39
N LYS Q 80 -42.45 34.04 11.17
CA LYS Q 80 -42.85 33.62 9.83
C LYS Q 80 -43.92 32.54 9.84
N SER Q 81 -43.76 31.55 10.72
CA SER Q 81 -44.63 30.40 10.71
C SER Q 81 -45.99 30.75 11.29
N GLN Q 82 -46.00 31.43 12.43
CA GLN Q 82 -47.25 31.91 12.99
C GLN Q 82 -47.82 33.07 12.19
N LEU Q 83 -46.98 33.77 11.40
CA LEU Q 83 -47.49 34.78 10.49
C LEU Q 83 -48.32 34.16 9.38
N LEU Q 84 -47.81 33.10 8.75
CA LEU Q 84 -48.61 32.41 7.75
C LEU Q 84 -49.78 31.65 8.38
N GLU Q 85 -49.61 31.16 9.62
CA GLU Q 85 -50.68 30.45 10.31
C GLU Q 85 -51.82 31.38 10.69
N TYR Q 86 -51.53 32.65 11.01
CA TYR Q 86 -52.61 33.58 11.32
C TYR Q 86 -53.41 33.95 10.08
N TRP Q 87 -52.76 34.02 8.92
CA TRP Q 87 -53.48 34.23 7.68
C TRP Q 87 -54.27 32.99 7.28
N LYS Q 88 -53.77 31.80 7.66
CA LYS Q 88 -54.54 30.58 7.48
C LYS Q 88 -55.79 30.56 8.33
N SER Q 89 -55.79 31.25 9.47
CA SER Q 89 -56.82 31.15 10.48
C SER Q 89 -58.07 31.93 10.08
N ASN Q 90 -58.94 32.16 11.08
CA ASN Q 90 -60.26 32.75 10.88
C ASN Q 90 -60.28 34.10 10.15
N PRO Q 91 -59.43 35.09 10.44
CA PRO Q 91 -59.49 36.29 9.60
C PRO Q 91 -58.77 36.09 8.27
N SER Q 92 -59.43 36.48 7.20
CA SER Q 92 -58.79 36.65 5.90
C SER Q 92 -58.54 38.15 5.76
N VAL Q 93 -57.50 38.61 6.44
CA VAL Q 93 -57.19 40.03 6.56
C VAL Q 93 -55.84 40.22 5.85
N ILE Q 94 -55.57 39.32 4.90
CA ILE Q 94 -54.32 39.28 4.13
C ILE Q 94 -54.20 40.55 3.30
N PRO Q 95 -53.07 41.25 3.36
CA PRO Q 95 -52.93 42.50 2.59
C PRO Q 95 -52.79 42.25 1.11
N ASP Q 96 -52.90 43.33 0.34
CA ASP Q 96 -52.86 43.25 -1.11
C ASP Q 96 -51.44 43.13 -1.66
N ASN Q 97 -50.42 43.26 -0.82
CA ASN Q 97 -49.04 43.02 -1.25
C ASN Q 97 -48.72 41.55 -1.46
N VAL Q 98 -49.64 40.65 -1.13
CA VAL Q 98 -49.33 39.24 -1.06
C VAL Q 98 -49.20 38.65 -2.47
N ASP Q 99 -48.58 37.49 -2.56
CA ASP Q 99 -48.48 36.78 -3.83
C ASP Q 99 -49.85 36.22 -4.22
N ARG Q 100 -50.14 36.33 -5.52
CA ARG Q 100 -51.42 35.88 -6.07
C ARG Q 100 -51.61 34.37 -5.90
N ARG Q 101 -50.52 33.60 -5.99
CA ARG Q 101 -50.61 32.16 -5.73
C ARG Q 101 -50.66 31.85 -4.25
N LEU Q 102 -49.98 32.65 -3.41
CA LEU Q 102 -49.91 32.32 -2.00
C LEU Q 102 -51.23 32.61 -1.30
N ARG Q 103 -51.92 33.68 -1.66
CA ARG Q 103 -53.25 33.89 -1.08
C ARG Q 103 -54.24 32.84 -1.57
N LYS Q 104 -54.07 32.36 -2.80
CA LYS Q 104 -54.94 31.32 -3.34
C LYS Q 104 -54.74 30.01 -2.59
N ARG Q 105 -53.50 29.67 -2.26
CA ARG Q 105 -53.26 28.50 -1.43
C ARG Q 105 -53.67 28.73 0.03
N LEU Q 106 -53.74 29.97 0.48
CA LEU Q 106 -54.25 30.21 1.84
C LEU Q 106 -55.77 30.19 1.93
N MET Q 107 -56.49 30.50 0.86
CA MET Q 107 -57.95 30.51 0.95
C MET Q 107 -58.57 29.12 0.92
N LEU Q 108 -57.77 28.06 0.79
CA LEU Q 108 -58.28 26.70 0.79
C LEU Q 108 -58.36 26.17 2.22
N LYS Q 109 -58.78 24.92 2.35
CA LYS Q 109 -59.04 24.30 3.64
C LYS Q 109 -58.16 23.05 3.79
N LYS Q 110 -57.67 22.85 5.01
CA LYS Q 110 -56.89 21.68 5.44
C LYS Q 110 -55.59 21.55 4.64
N ASP Q 111 -54.78 22.60 4.75
CA ASP Q 111 -53.42 22.57 4.24
C ASP Q 111 -52.54 21.81 5.22
N LEU Q 112 -51.46 21.24 4.71
CA LEU Q 112 -50.64 20.33 5.50
C LEU Q 112 -49.24 20.26 4.88
N ARG Q 113 -48.42 19.37 5.40
CA ARG Q 113 -47.05 19.20 4.90
C ARG Q 113 -47.03 18.54 3.52
N LYS Q 114 -48.07 17.77 3.19
CA LYS Q 114 -48.12 17.07 1.91
C LYS Q 114 -48.27 18.02 0.73
N ASP Q 115 -48.80 19.22 0.95
CA ASP Q 115 -48.96 20.21 -0.11
C ASP Q 115 -47.58 20.72 -0.51
N ASP Q 116 -47.07 20.23 -1.63
CA ASP Q 116 -45.81 20.71 -2.17
C ASP Q 116 -45.97 22.11 -2.74
N GLU Q 117 -47.14 22.39 -3.32
CA GLU Q 117 -47.36 23.65 -4.02
C GLU Q 117 -47.44 24.83 -3.05
N TYR Q 118 -47.84 24.59 -1.81
CA TYR Q 118 -47.80 25.65 -0.81
C TYR Q 118 -46.42 25.80 -0.22
N ASN Q 119 -45.80 24.68 0.15
CA ASN Q 119 -44.55 24.69 0.88
C ASN Q 119 -43.41 25.23 0.04
N GLN Q 120 -43.43 24.95 -1.27
CA GLN Q 120 -42.39 25.44 -2.17
C GLN Q 120 -42.38 26.96 -2.25
N LEU Q 121 -43.55 27.58 -2.21
CA LEU Q 121 -43.67 29.02 -2.24
C LEU Q 121 -43.48 29.65 -0.86
N ALA Q 122 -43.84 28.92 0.20
CA ALA Q 122 -43.67 29.43 1.55
C ALA Q 122 -42.21 29.43 1.98
N ARG Q 123 -41.40 28.51 1.45
CA ARG Q 123 -39.99 28.50 1.80
C ARG Q 123 -39.19 29.55 1.04
N ALA Q 124 -39.77 30.22 0.05
CA ALA Q 124 -39.13 31.32 -0.64
C ALA Q 124 -39.81 32.65 -0.34
N PHE Q 125 -40.76 32.68 0.58
CA PHE Q 125 -41.50 33.88 0.93
C PHE Q 125 -40.79 34.63 2.04
N LYS Q 126 -40.69 35.95 1.89
CA LYS Q 126 -40.08 36.80 2.90
C LYS Q 126 -41.10 37.82 3.41
N ILE Q 127 -40.92 38.22 4.67
CA ILE Q 127 -41.79 39.25 5.25
C ILE Q 127 -41.48 40.61 4.62
N SER Q 128 -40.21 40.80 4.22
CA SER Q 128 -39.79 42.07 3.64
C SER Q 128 -40.37 42.30 2.26
N ASP Q 129 -40.91 41.26 1.63
CA ASP Q 129 -41.62 41.45 0.36
C ASP Q 129 -42.93 42.18 0.57
N VAL Q 130 -43.68 41.83 1.62
CA VAL Q 130 -44.97 42.44 1.86
C VAL Q 130 -44.82 43.75 2.60
N TYR Q 131 -44.14 43.75 3.75
CA TYR Q 131 -44.08 44.91 4.62
C TYR Q 131 -42.78 45.66 4.39
N ALA Q 132 -42.90 46.97 4.17
CA ALA Q 132 -41.78 47.86 4.00
C ALA Q 132 -42.19 49.25 4.46
N PRO Q 133 -41.38 49.92 5.29
CA PRO Q 133 -40.08 49.50 5.84
C PRO Q 133 -40.22 48.57 7.03
N LEU Q 134 -39.26 47.66 7.19
CA LEU Q 134 -39.33 46.62 8.19
C LEU Q 134 -38.08 46.70 9.05
N ILE Q 135 -38.26 46.67 10.36
CA ILE Q 135 -37.14 46.59 11.29
C ILE Q 135 -36.89 45.11 11.59
N SER Q 136 -35.74 44.63 11.15
CA SER Q 136 -35.26 43.31 11.56
C SER Q 136 -34.29 43.48 12.71
N SER Q 137 -33.85 42.34 13.25
CA SER Q 137 -32.99 42.37 14.43
C SER Q 137 -31.58 42.82 14.11
N THR Q 138 -31.18 42.81 12.84
CA THR Q 138 -29.85 43.25 12.44
C THR Q 138 -29.78 44.72 12.08
N THR Q 139 -30.90 45.44 12.13
CA THR Q 139 -30.87 46.85 11.78
C THR Q 139 -30.22 47.68 12.87
N SER Q 140 -29.55 48.75 12.46
CA SER Q 140 -28.96 49.67 13.39
C SER Q 140 -30.07 50.44 14.11
N PRO Q 141 -29.81 50.94 15.33
CA PRO Q 141 -30.82 51.78 15.97
C PRO Q 141 -31.01 53.12 15.32
N MET Q 142 -30.04 53.60 14.57
CA MET Q 142 -30.20 54.85 13.84
C MET Q 142 -31.28 54.76 12.78
N THR Q 143 -31.25 53.70 11.99
CA THR Q 143 -32.21 53.57 10.91
C THR Q 143 -33.62 53.25 11.40
N MET Q 144 -33.77 52.75 12.63
CA MET Q 144 -35.10 52.56 13.19
C MET Q 144 -35.82 53.88 13.38
N ILE Q 145 -35.18 54.83 14.04
CA ILE Q 145 -35.76 56.15 14.25
C ILE Q 145 -35.82 56.96 12.95
N GLN Q 146 -34.81 56.82 12.08
CA GLN Q 146 -34.83 57.54 10.82
C GLN Q 146 -35.95 57.04 9.91
N ASN Q 147 -36.25 55.73 9.93
CA ASN Q 147 -37.42 55.23 9.23
C ASN Q 147 -38.71 55.52 9.97
N LEU Q 148 -38.64 55.75 11.27
CA LEU Q 148 -39.83 56.04 12.07
C LEU Q 148 -40.32 57.46 11.86
N ASN Q 149 -39.41 58.37 11.56
CA ASN Q 149 -39.77 59.77 11.38
C ASN Q 149 -40.43 60.04 10.01
N GLN Q 150 -40.76 59.00 9.22
CA GLN Q 150 -41.31 59.16 7.89
C GLN Q 150 -42.83 58.91 7.84
N GLY Q 151 -43.28 57.73 8.25
CA GLY Q 151 -44.61 57.29 7.85
C GLY Q 151 -45.56 56.73 8.89
N GLU Q 152 -45.49 57.24 10.13
CA GLU Q 152 -46.52 57.10 11.16
C GLU Q 152 -46.88 55.67 11.60
N ILE Q 153 -46.23 54.65 11.04
CA ILE Q 153 -46.34 53.27 11.49
C ILE Q 153 -45.13 52.52 10.93
N VAL Q 154 -44.54 51.67 11.76
CA VAL Q 154 -43.33 50.94 11.39
C VAL Q 154 -43.51 49.49 11.81
N TYR Q 155 -43.27 48.57 10.88
CA TYR Q 155 -43.35 47.15 11.15
C TYR Q 155 -42.01 46.62 11.63
N THR Q 156 -42.04 45.80 12.68
CA THR Q 156 -40.85 45.24 13.30
C THR Q 156 -40.91 43.72 13.31
N THR Q 157 -39.92 43.12 13.94
CA THR Q 157 -39.89 41.68 14.16
C THR Q 157 -39.59 41.43 15.64
N THR Q 158 -38.86 42.34 16.27
CA THR Q 158 -38.36 42.15 17.62
C THR Q 158 -38.95 43.18 18.58
N ASP Q 159 -38.84 42.86 19.87
CA ASP Q 159 -39.28 43.76 20.92
C ASP Q 159 -38.28 44.88 21.17
N ARG Q 160 -36.99 44.59 21.00
CA ARG Q 160 -35.92 45.49 21.42
C ARG Q 160 -35.82 46.65 20.41
N VAL Q 161 -36.72 47.61 20.57
CA VAL Q 161 -36.71 48.85 19.82
C VAL Q 161 -36.84 50.00 20.81
N ILE Q 162 -36.47 51.19 20.36
CA ILE Q 162 -36.48 52.38 21.19
C ILE Q 162 -37.25 53.47 20.47
N GLY Q 163 -38.01 54.28 21.22
CA GLY Q 163 -38.78 55.32 20.60
C GLY Q 163 -40.22 55.40 21.09
N ALA Q 164 -41.17 55.15 20.20
CA ALA Q 164 -42.58 55.29 20.51
C ALA Q 164 -43.12 54.00 21.15
N ARG Q 165 -44.45 53.90 21.24
CA ARG Q 165 -45.08 52.76 21.84
C ARG Q 165 -45.16 51.59 20.87
N VAL Q 166 -45.02 50.39 21.40
CA VAL Q 166 -45.07 49.17 20.60
C VAL Q 166 -46.46 48.57 20.73
N LEU Q 167 -47.11 48.35 19.59
CA LEU Q 167 -48.37 47.63 19.55
C LEU Q 167 -48.24 46.39 18.69
N LEU Q 168 -49.03 45.38 19.00
CA LEU Q 168 -48.88 44.05 18.41
C LEU Q 168 -49.93 43.82 17.32
N TYR Q 169 -49.58 42.94 16.39
CA TYR Q 169 -50.34 42.71 15.16
C TYR Q 169 -51.35 41.59 15.29
N ALA Q 170 -50.97 40.51 15.96
CA ALA Q 170 -51.77 39.31 16.12
C ALA Q 170 -52.21 39.15 17.57
N PRO Q 171 -53.13 38.22 17.87
CA PRO Q 171 -53.33 37.81 19.26
C PRO Q 171 -52.09 37.12 19.83
N ARG Q 172 -52.02 37.10 21.17
CA ARG Q 172 -50.85 36.62 21.90
C ARG Q 172 -50.64 35.12 21.78
N LYS Q 173 -51.63 34.38 21.29
CA LYS Q 173 -51.46 32.94 21.09
C LYS Q 173 -50.51 32.61 19.95
N TYR Q 174 -50.23 33.58 19.08
CA TYR Q 174 -49.30 33.38 17.97
C TYR Q 174 -47.88 33.85 18.31
N TYR Q 175 -47.73 34.73 19.29
CA TYR Q 175 -46.41 35.19 19.70
C TYR Q 175 -45.78 34.20 20.68
N ALA Q 176 -44.46 34.35 20.85
CA ALA Q 176 -43.73 33.50 21.77
C ALA Q 176 -43.88 34.01 23.21
N PRO Q 198 -52.84 65.22 19.97
CA PRO Q 198 -53.11 65.72 21.32
C PRO Q 198 -51.97 66.58 21.85
N HIS Q 199 -51.72 67.71 21.21
CA HIS Q 199 -50.62 68.60 21.56
C HIS Q 199 -51.16 69.94 22.03
N SER Q 200 -50.25 70.81 22.41
CA SER Q 200 -50.55 72.19 22.75
C SER Q 200 -49.39 73.04 22.25
N ARG Q 201 -49.31 74.29 22.74
CA ARG Q 201 -48.24 75.17 22.26
C ARG Q 201 -46.89 74.81 22.88
N PHE Q 202 -46.85 74.64 24.19
CA PHE Q 202 -45.60 74.35 24.89
C PHE Q 202 -45.63 72.90 25.35
N ASN Q 203 -44.60 72.14 24.98
CA ASN Q 203 -44.48 70.75 25.36
C ASN Q 203 -43.15 70.54 26.07
N VAL Q 204 -43.16 69.79 27.17
CA VAL Q 204 -41.92 69.44 27.82
C VAL Q 204 -41.70 67.95 27.66
N GLY Q 205 -40.46 67.55 27.87
CA GLY Q 205 -40.06 66.16 27.77
C GLY Q 205 -38.75 65.99 28.50
N THR Q 206 -38.16 64.82 28.36
CA THR Q 206 -36.91 64.54 29.03
C THR Q 206 -35.80 64.10 28.10
N PHE Q 207 -35.96 64.26 26.79
CA PHE Q 207 -34.90 63.97 25.86
C PHE Q 207 -34.80 65.13 24.88
N PRO Q 208 -33.64 65.80 24.80
CA PRO Q 208 -33.47 66.89 23.83
C PRO Q 208 -33.45 66.38 22.40
N SER Q 209 -34.34 66.93 21.59
CA SER Q 209 -34.37 66.61 20.18
C SER Q 209 -33.45 67.55 19.41
N ILE Q 210 -33.02 67.07 18.24
CA ILE Q 210 -32.13 67.82 17.38
C ILE Q 210 -32.74 68.07 16.00
N ALA Q 211 -33.70 67.25 15.57
CA ALA Q 211 -34.25 67.30 14.21
C ALA Q 211 -34.96 68.61 13.90
N THR Q 212 -35.37 69.34 14.91
CA THR Q 212 -35.95 70.63 14.61
C THR Q 212 -34.88 71.63 14.91
N PRO Q 213 -34.78 72.67 14.10
CA PRO Q 213 -33.81 73.71 14.42
C PRO Q 213 -34.19 74.28 15.76
N LYS Q 214 -35.48 74.42 16.07
CA LYS Q 214 -35.85 74.85 17.41
C LYS Q 214 -36.39 73.77 18.32
N CYS Q 215 -35.59 73.33 19.28
CA CYS Q 215 -36.02 72.40 20.28
C CYS Q 215 -35.12 72.97 21.36
N SER Q 216 -35.44 72.83 22.63
CA SER Q 216 -34.62 73.48 23.64
C SER Q 216 -34.27 72.58 24.79
N VAL Q 217 -33.20 72.88 25.51
CA VAL Q 217 -32.87 72.12 26.71
C VAL Q 217 -32.70 73.08 27.86
N MET Q 218 -33.26 72.78 29.02
CA MET Q 218 -33.06 73.66 30.16
C MET Q 218 -31.67 73.54 30.76
N SER Q 219 -31.18 74.59 31.42
CA SER Q 219 -29.83 74.58 31.96
C SER Q 219 -29.73 74.83 33.45
N GLY Q 220 -30.76 74.48 34.21
CA GLY Q 220 -30.76 74.71 35.64
C GLY Q 220 -29.66 73.95 36.34
N VAL Q 221 -29.76 72.63 36.31
CA VAL Q 221 -28.86 71.76 37.05
C VAL Q 221 -27.83 71.19 36.09
N ASP Q 222 -26.64 70.86 36.61
CA ASP Q 222 -25.60 70.29 35.78
C ASP Q 222 -25.80 68.78 35.65
N ILE Q 223 -24.80 68.10 35.07
CA ILE Q 223 -24.89 66.67 34.86
C ILE Q 223 -24.43 65.86 36.06
N GLU Q 224 -24.21 66.50 37.20
CA GLU Q 224 -23.71 65.80 38.37
C GLU Q 224 -24.77 65.56 39.43
N SER Q 225 -25.97 66.11 39.27
CA SER Q 225 -27.01 66.01 40.28
C SER Q 225 -28.30 65.45 39.71
N ILE Q 226 -28.21 64.63 38.67
CA ILE Q 226 -29.39 64.07 38.01
C ILE Q 226 -29.61 62.66 38.57
N PRO Q 227 -30.72 62.42 39.26
CA PRO Q 227 -30.83 61.19 40.06
C PRO Q 227 -31.40 59.96 39.36
N ASN Q 228 -31.45 59.91 38.04
CA ASN Q 228 -32.06 58.74 37.42
C ASN Q 228 -31.03 57.71 36.95
N GLU Q 229 -29.79 58.13 36.72
CA GLU Q 229 -28.62 57.38 36.26
C GLU Q 229 -28.76 56.85 34.83
N PHE Q 230 -29.89 57.04 34.16
CA PHE Q 230 -29.98 56.88 32.73
C PHE Q 230 -30.16 58.21 32.01
N ILE Q 231 -30.90 59.13 32.63
CA ILE Q 231 -30.96 60.50 32.15
C ILE Q 231 -29.59 61.16 32.25
N LYS Q 232 -28.85 60.85 33.32
CA LYS Q 232 -27.49 61.37 33.49
C LYS Q 232 -26.56 60.83 32.41
N LEU Q 233 -26.62 59.52 32.15
CA LEU Q 233 -25.83 58.89 31.10
C LEU Q 233 -26.21 59.42 29.72
N PHE Q 234 -27.47 59.77 29.53
CA PHE Q 234 -27.90 60.35 28.27
C PHE Q 234 -27.37 61.77 28.10
N TYR Q 235 -27.50 62.60 29.13
CA TYR Q 235 -27.16 64.01 29.00
C TYR Q 235 -25.66 64.23 28.91
N GLN Q 236 -24.86 63.38 29.57
CA GLN Q 236 -23.41 63.51 29.42
C GLN Q 236 -23.01 63.24 27.98
N ARG Q 237 -23.62 62.25 27.34
CA ARG Q 237 -23.27 61.92 25.97
C ARG Q 237 -23.81 62.95 24.99
N VAL Q 238 -24.95 63.57 25.31
CA VAL Q 238 -25.47 64.64 24.47
C VAL Q 238 -24.58 65.87 24.55
N LYS Q 239 -24.28 66.33 25.76
CA LYS Q 239 -23.42 67.49 25.94
C LYS Q 239 -21.97 67.22 25.60
N SER Q 240 -21.58 65.96 25.43
CA SER Q 240 -20.21 65.66 25.03
C SER Q 240 -19.95 66.03 23.57
N ILE Q 241 -20.92 65.82 22.69
CA ILE Q 241 -20.65 66.00 21.25
C ILE Q 241 -21.54 67.04 20.59
N HIS Q 242 -22.74 67.26 21.11
CA HIS Q 242 -23.68 68.17 20.46
C HIS Q 242 -23.80 69.50 21.18
N ALA Q 243 -22.76 69.89 21.91
CA ALA Q 243 -22.89 71.03 22.84
C ALA Q 243 -22.96 72.35 22.11
N ASN Q 244 -22.38 72.45 20.92
CA ASN Q 244 -22.41 73.71 20.19
C ASN Q 244 -23.77 74.00 19.57
N ILE Q 245 -24.53 72.97 19.24
CA ILE Q 245 -25.74 73.13 18.45
C ILE Q 245 -27.01 73.04 19.30
N LEU Q 246 -26.88 72.94 20.62
CA LEU Q 246 -28.05 72.94 21.49
C LEU Q 246 -28.53 74.36 21.72
N ASN Q 247 -29.82 74.59 21.45
CA ASN Q 247 -30.45 75.84 21.85
C ASN Q 247 -30.65 75.82 23.35
N ASP Q 248 -29.85 76.60 24.07
CA ASP Q 248 -29.78 76.50 25.51
C ASP Q 248 -30.55 77.64 26.14
N ILE Q 249 -31.38 77.33 27.14
CA ILE Q 249 -32.09 78.33 27.93
C ILE Q 249 -32.04 77.97 29.40
N SER Q 250 -32.23 79.00 30.24
CA SER Q 250 -32.27 79.15 31.68
C SER Q 250 -33.72 79.19 32.17
N PRO Q 251 -33.98 78.80 33.43
CA PRO Q 251 -35.38 78.82 33.94
C PRO Q 251 -36.02 80.20 33.97
N GLN Q 252 -35.23 81.27 34.05
CA GLN Q 252 -35.80 82.61 33.99
C GLN Q 252 -36.36 82.91 32.60
N ILE Q 253 -35.66 82.47 31.56
CA ILE Q 253 -36.15 82.65 30.20
C ILE Q 253 -37.34 81.74 29.91
N VAL Q 254 -37.41 80.59 30.58
CA VAL Q 254 -38.60 79.74 30.47
C VAL Q 254 -39.80 80.43 31.10
N SER Q 255 -39.60 81.05 32.26
CA SER Q 255 -40.65 81.82 32.89
C SER Q 255 -41.03 83.06 32.07
N ASP Q 256 -40.11 83.58 31.27
CA ASP Q 256 -40.47 84.63 30.34
C ASP Q 256 -41.33 84.09 29.19
N MET Q 257 -40.94 82.93 28.64
CA MET Q 257 -41.63 82.39 27.47
C MET Q 257 -43.03 81.92 27.80
N ILE Q 258 -43.26 81.45 29.02
CA ILE Q 258 -44.58 80.93 29.36
C ILE Q 258 -45.58 82.06 29.51
N ASN Q 259 -45.19 83.15 30.20
CA ASN Q 259 -46.17 84.18 30.55
C ASN Q 259 -46.50 85.09 29.37
N ARG Q 260 -45.53 85.85 28.90
CA ARG Q 260 -45.75 86.75 27.77
C ARG Q 260 -44.57 86.74 26.81
N HIS Q 289 -51.13 60.64 45.85
CA HIS Q 289 -51.26 61.65 46.88
C HIS Q 289 -49.95 62.40 47.05
N VAL Q 290 -49.95 63.41 47.92
CA VAL Q 290 -48.80 64.30 48.04
C VAL Q 290 -47.67 63.54 48.72
N ASP Q 291 -46.62 63.28 47.96
CA ASP Q 291 -45.55 62.42 48.43
C ASP Q 291 -44.65 63.16 49.41
N VAL Q 292 -44.03 62.39 50.31
CA VAL Q 292 -43.03 62.91 51.23
C VAL Q 292 -41.74 62.32 50.68
N TYR Q 293 -40.59 62.65 51.27
CA TYR Q 293 -39.25 62.18 50.85
C TYR Q 293 -38.88 62.68 49.46
N ARG Q 294 -39.46 63.79 49.01
CA ARG Q 294 -39.07 64.45 47.77
C ARG Q 294 -38.89 65.93 48.09
N VAL Q 295 -37.66 66.36 48.33
CA VAL Q 295 -37.36 67.69 48.83
C VAL Q 295 -36.55 68.43 47.79
N ASP Q 296 -36.98 69.65 47.46
CA ASP Q 296 -36.20 70.52 46.59
C ASP Q 296 -34.93 70.94 47.31
N VAL Q 297 -33.82 70.99 46.56
CA VAL Q 297 -32.54 71.42 47.11
C VAL Q 297 -31.95 72.47 46.19
N VAL Q 298 -31.15 73.36 46.78
CA VAL Q 298 -30.39 74.36 46.05
C VAL Q 298 -28.98 74.41 46.62
N ASN Q 299 -28.17 75.35 46.16
CA ASN Q 299 -26.87 75.60 46.78
C ASN Q 299 -26.71 77.08 47.10
N VAL Q 300 -26.00 77.34 48.19
CA VAL Q 300 -25.77 78.69 48.66
C VAL Q 300 -24.43 79.16 48.14
N LEU Q 301 -24.44 80.22 47.34
CA LEU Q 301 -23.21 80.83 46.82
C LEU Q 301 -22.88 81.98 47.73
N PHE Q 302 -22.03 81.73 48.72
CA PHE Q 302 -21.65 82.79 49.63
C PHE Q 302 -20.16 83.05 49.53
N GLU Q 303 -19.71 83.97 50.37
CA GLU Q 303 -18.31 84.36 50.44
C GLU Q 303 -18.03 84.86 51.85
N VAL Q 304 -16.82 84.64 52.32
CA VAL Q 304 -16.43 85.12 53.64
C VAL Q 304 -15.84 86.51 53.49
N VAL Q 305 -16.28 87.43 54.33
CA VAL Q 305 -15.77 88.78 54.29
C VAL Q 305 -15.11 89.11 55.62
N ASP Q 306 -14.11 89.97 55.56
CA ASP Q 306 -13.32 90.37 56.71
C ASP Q 306 -13.45 91.88 56.83
N VAL Q 307 -14.51 92.35 57.49
CA VAL Q 307 -14.65 93.76 57.82
C VAL Q 307 -13.93 94.00 59.15
N ALA Q 308 -12.75 94.61 59.08
CA ALA Q 308 -11.98 94.87 60.29
C ALA Q 308 -12.50 96.11 61.00
N ASP Q 309 -12.40 97.26 60.34
CA ASP Q 309 -12.98 98.51 60.85
C ASP Q 309 -13.14 99.41 59.64
N GLY Q 310 -14.37 99.68 59.23
CA GLY Q 310 -14.53 100.49 58.04
C GLY Q 310 -14.52 99.63 56.80
N LEU Q 311 -13.33 99.46 56.23
CA LEU Q 311 -13.13 98.66 55.03
C LEU Q 311 -13.55 97.21 55.25
N ARG Q 312 -13.97 96.57 54.17
CA ARG Q 312 -14.18 95.14 54.16
C ARG Q 312 -13.37 94.54 53.02
N SER Q 313 -12.93 93.30 53.21
CA SER Q 313 -12.25 92.56 52.17
C SER Q 313 -13.04 91.28 51.90
N VAL Q 314 -12.69 90.61 50.81
CA VAL Q 314 -13.29 89.33 50.44
C VAL Q 314 -12.16 88.32 50.39
N SER Q 315 -12.30 87.23 51.15
CA SER Q 315 -11.21 86.26 51.27
C SER Q 315 -11.42 85.05 50.38
N ARG Q 316 -12.51 84.32 50.58
CA ARG Q 316 -12.80 83.12 49.81
C ARG Q 316 -14.15 83.27 49.13
N LYS Q 317 -14.41 82.39 48.18
CA LYS Q 317 -15.67 82.34 47.46
C LYS Q 317 -16.16 80.90 47.51
N LEU Q 318 -16.98 80.60 48.51
CA LEU Q 318 -17.38 79.23 48.83
C LEU Q 318 -18.73 78.90 48.19
N ILE Q 319 -19.13 77.64 48.36
CA ILE Q 319 -20.42 77.15 47.87
C ILE Q 319 -20.80 75.95 48.73
N MET Q 320 -22.11 75.75 48.92
CA MET Q 320 -22.64 74.78 49.86
C MET Q 320 -23.76 74.01 49.17
N HIS Q 321 -23.51 72.75 48.83
CA HIS Q 321 -24.04 72.16 47.61
C HIS Q 321 -25.53 71.83 47.64
N THR Q 322 -26.02 71.20 48.70
CA THR Q 322 -27.37 70.64 48.63
C THR Q 322 -28.18 70.91 49.89
N VAL Q 323 -28.22 72.17 50.30
CA VAL Q 323 -29.13 72.53 51.40
C VAL Q 323 -30.57 72.40 50.94
N PRO Q 324 -31.50 71.97 51.78
CA PRO Q 324 -32.90 71.89 51.38
C PRO Q 324 -33.58 73.25 51.43
N VAL Q 325 -34.55 73.45 50.55
CA VAL Q 325 -35.15 74.76 50.35
C VAL Q 325 -36.08 75.11 51.50
N CYS Q 326 -36.72 74.11 52.12
CA CYS Q 326 -37.67 74.37 53.20
C CYS Q 326 -36.99 74.95 54.43
N ILE Q 327 -35.76 74.54 54.71
CA ILE Q 327 -35.03 75.09 55.84
C ILE Q 327 -34.62 76.53 55.56
N LEU Q 328 -34.24 76.83 54.32
CA LEU Q 328 -33.90 78.20 53.95
C LEU Q 328 -35.12 79.11 54.00
N GLU Q 329 -36.29 78.57 53.71
CA GLU Q 329 -37.52 79.37 53.80
C GLU Q 329 -37.91 79.60 55.26
N LEU Q 330 -37.81 78.56 56.09
CA LEU Q 330 -38.24 78.71 57.49
C LEU Q 330 -37.22 79.44 58.35
N LEU Q 331 -35.95 79.43 58.00
CA LEU Q 331 -34.98 80.27 58.68
C LEU Q 331 -35.06 81.71 58.21
N GLY Q 332 -35.65 81.96 57.05
CA GLY Q 332 -35.91 83.31 56.60
C GLY Q 332 -34.69 84.10 56.21
N ILE Q 333 -33.73 83.48 55.53
CA ILE Q 333 -32.51 84.17 55.17
C ILE Q 333 -32.58 84.62 53.72
N GLU Q 334 -31.80 85.65 53.40
CA GLU Q 334 -31.88 86.35 52.13
C GLU Q 334 -30.46 86.65 51.65
N ILE Q 335 -30.34 87.52 50.66
CA ILE Q 335 -29.03 87.91 50.13
C ILE Q 335 -28.55 89.12 50.93
N ALA Q 336 -27.94 88.86 52.08
CA ALA Q 336 -27.46 89.91 52.95
C ALA Q 336 -26.25 89.40 53.71
N ASP Q 337 -25.70 90.23 54.59
CA ASP Q 337 -24.58 89.83 55.41
C ASP Q 337 -25.07 89.20 56.71
N TYR Q 338 -24.23 88.34 57.30
CA TYR Q 338 -24.61 87.65 58.51
C TYR Q 338 -23.38 87.46 59.39
N CYS Q 339 -23.56 87.67 60.68
CA CYS Q 339 -22.56 87.31 61.68
C CYS Q 339 -22.87 85.92 62.19
N ILE Q 340 -21.91 85.01 62.10
CA ILE Q 340 -22.15 83.61 62.39
C ILE Q 340 -21.49 83.17 63.69
N ARG Q 341 -21.12 84.12 64.55
CA ARG Q 341 -20.54 83.81 65.85
C ARG Q 341 -21.38 84.41 66.95
N GLN Q 342 -21.35 83.77 68.11
CA GLN Q 342 -22.02 84.27 69.30
C GLN Q 342 -21.06 85.15 70.10
N GLU Q 343 -21.43 85.48 71.33
CA GLU Q 343 -20.52 86.21 72.21
C GLU Q 343 -19.33 85.34 72.61
N ASP Q 344 -19.55 84.04 72.76
CA ASP Q 344 -18.45 83.11 73.04
C ASP Q 344 -17.55 82.98 71.82
N GLY Q 345 -18.11 82.52 70.71
CA GLY Q 345 -17.31 82.17 69.55
C GLY Q 345 -17.86 80.91 68.94
N MET Q 346 -18.88 80.34 69.58
CA MET Q 346 -19.60 79.22 69.01
C MET Q 346 -20.45 79.70 67.84
N PHE Q 347 -20.71 78.79 66.91
CA PHE Q 347 -21.56 79.12 65.78
C PHE Q 347 -23.01 79.21 66.23
N THR Q 348 -23.71 80.22 65.73
CA THR Q 348 -24.97 80.69 66.34
C THR Q 348 -26.20 79.88 65.95
N ASP Q 349 -26.10 78.55 66.03
CA ASP Q 349 -27.23 77.61 66.06
C ASP Q 349 -28.09 77.55 64.81
N TRP Q 350 -27.82 78.37 63.80
CA TRP Q 350 -28.49 78.20 62.51
C TRP Q 350 -27.51 77.96 61.38
N PHE Q 351 -26.35 78.62 61.41
CA PHE Q 351 -25.28 78.28 60.48
C PHE Q 351 -24.73 76.90 60.75
N LEU Q 352 -24.73 76.49 62.02
CA LEU Q 352 -24.36 75.13 62.39
C LEU Q 352 -25.30 74.12 61.76
N LEU Q 353 -26.60 74.40 61.80
CA LEU Q 353 -27.59 73.51 61.20
C LEU Q 353 -27.50 73.51 59.67
N LEU Q 354 -27.20 74.67 59.07
CA LEU Q 354 -27.01 74.72 57.61
C LEU Q 354 -25.82 73.88 57.17
N THR Q 355 -24.70 73.97 57.89
CA THR Q 355 -23.55 73.16 57.53
C THR Q 355 -23.75 71.69 57.85
N MET Q 356 -24.59 71.37 58.83
CA MET Q 356 -24.88 69.96 59.10
C MET Q 356 -25.95 69.38 58.19
N LEU Q 357 -26.65 70.20 57.40
CA LEU Q 357 -27.58 69.65 56.42
C LEU Q 357 -26.95 69.33 55.07
N SER Q 358 -25.83 69.97 54.72
CA SER Q 358 -25.31 69.87 53.37
C SER Q 358 -24.48 68.62 53.18
N ASP Q 359 -24.21 68.29 51.91
CA ASP Q 359 -23.29 67.21 51.57
C ASP Q 359 -22.03 67.74 50.91
N GLY Q 360 -21.55 68.91 51.34
CA GLY Q 360 -20.33 69.43 50.74
C GLY Q 360 -20.17 70.90 50.97
N LEU Q 361 -18.91 71.32 50.87
CA LEU Q 361 -18.56 72.73 50.95
C LEU Q 361 -17.20 72.87 50.28
N THR Q 362 -17.16 73.51 49.12
CA THR Q 362 -15.92 73.78 48.42
C THR Q 362 -15.90 75.23 47.97
N ASP Q 363 -14.77 75.66 47.43
CA ASP Q 363 -14.69 77.00 46.89
C ASP Q 363 -14.78 76.95 45.36
N ARG Q 364 -14.63 78.11 44.74
CA ARG Q 364 -14.90 78.25 43.32
C ARG Q 364 -13.69 78.64 42.49
N ARG Q 365 -12.62 79.15 43.11
CA ARG Q 365 -11.43 79.46 42.33
C ARG Q 365 -10.61 78.21 42.05
N THR Q 366 -10.14 77.54 43.09
CA THR Q 366 -9.83 76.13 42.95
C THR Q 366 -11.10 75.34 43.24
N HIS Q 367 -11.01 74.01 43.19
CA HIS Q 367 -12.19 73.20 43.41
C HIS Q 367 -11.90 72.07 44.37
N CYS Q 368 -11.02 72.32 45.34
CA CYS Q 368 -10.75 71.35 46.38
C CYS Q 368 -11.77 71.48 47.50
N GLN Q 369 -11.86 70.43 48.31
CA GLN Q 369 -12.74 70.45 49.48
C GLN Q 369 -12.25 71.47 50.49
N TYR Q 370 -13.17 72.28 51.01
CA TYR Q 370 -12.84 73.27 52.03
C TYR Q 370 -13.53 72.89 53.32
N LEU Q 371 -12.74 72.51 54.31
CA LEU Q 371 -13.22 72.23 55.66
C LEU Q 371 -12.98 73.49 56.48
N ILE Q 372 -14.03 74.02 57.10
CA ILE Q 372 -13.89 75.33 57.71
C ILE Q 372 -13.24 75.17 59.07
N ASN Q 373 -12.76 76.27 59.65
CA ASN Q 373 -12.15 76.25 60.97
C ASN Q 373 -13.23 76.46 62.04
N PRO Q 374 -13.43 75.52 62.95
CA PRO Q 374 -14.37 75.77 64.05
C PRO Q 374 -13.78 76.56 65.20
N SER Q 375 -12.46 76.73 65.25
CA SER Q 375 -11.83 77.44 66.35
C SER Q 375 -11.95 78.94 66.15
N SER Q 376 -11.33 79.69 67.05
CA SER Q 376 -11.23 81.15 66.91
C SER Q 376 -9.79 81.61 66.76
N MET Q 377 -8.85 80.67 66.68
CA MET Q 377 -7.47 81.03 66.38
C MET Q 377 -7.38 81.52 64.93
N PRO Q 378 -6.77 82.67 64.67
CA PRO Q 378 -6.82 83.25 63.33
C PRO Q 378 -5.59 82.97 62.47
N PRO Q 379 -5.43 81.75 61.94
CA PRO Q 379 -4.93 81.66 60.56
C PRO Q 379 -6.05 81.97 59.58
N ASP Q 380 -7.22 81.42 59.85
CA ASP Q 380 -8.38 81.62 58.98
C ASP Q 380 -9.64 81.43 59.82
N VAL Q 381 -10.21 82.51 60.30
CA VAL Q 381 -11.47 82.49 61.02
C VAL Q 381 -12.57 82.97 60.09
N ILE Q 382 -13.64 82.19 59.98
CA ILE Q 382 -14.81 82.58 59.21
C ILE Q 382 -15.81 83.17 60.18
N LEU Q 383 -16.12 84.45 60.01
CA LEU Q 383 -16.92 85.16 61.00
C LEU Q 383 -18.10 85.88 60.34
N ASN Q 384 -17.97 86.24 59.07
CA ASN Q 384 -19.02 86.97 58.38
C ASN Q 384 -19.28 86.36 57.01
N ILE Q 385 -20.55 86.24 56.66
CA ILE Q 385 -21.01 85.52 55.48
C ILE Q 385 -21.88 86.46 54.67
N SER Q 386 -21.66 86.53 53.36
CA SER Q 386 -22.49 87.29 52.44
C SER Q 386 -23.04 86.37 51.37
N ILE Q 387 -24.34 86.07 51.45
CA ILE Q 387 -24.99 85.13 50.54
C ILE Q 387 -25.33 85.85 49.24
N THR Q 388 -24.98 85.24 48.11
CA THR Q 388 -25.07 85.92 46.83
C THR Q 388 -25.94 85.22 45.79
N GLY Q 389 -26.57 84.10 46.10
CA GLY Q 389 -27.50 83.52 45.15
C GLY Q 389 -27.65 82.02 45.33
N PHE Q 390 -28.42 81.44 44.40
CA PHE Q 390 -28.80 80.03 44.43
C PHE Q 390 -28.84 79.54 42.99
N ILE Q 391 -27.89 78.70 42.58
CA ILE Q 391 -27.67 78.57 41.14
C ILE Q 391 -28.38 77.37 40.52
N ASN Q 392 -28.55 76.27 41.25
CA ASN Q 392 -29.27 75.14 40.69
C ASN Q 392 -30.37 74.68 41.64
N ARG Q 393 -31.35 73.97 41.09
CA ARG Q 393 -32.52 73.56 41.85
C ARG Q 393 -33.05 72.28 41.25
N HIS Q 394 -33.18 71.25 42.08
CA HIS Q 394 -33.72 69.97 41.64
C HIS Q 394 -34.32 69.25 42.84
N THR Q 395 -34.95 68.12 42.57
CA THR Q 395 -35.49 67.27 43.63
C THR Q 395 -34.50 66.18 43.98
N ILE Q 396 -34.73 65.56 45.13
CA ILE Q 396 -33.93 64.43 45.57
C ILE Q 396 -34.81 63.51 46.41
N ASP Q 397 -34.59 62.20 46.26
CA ASP Q 397 -35.30 61.21 47.05
C ASP Q 397 -34.54 61.04 48.36
N VAL Q 398 -35.14 61.52 49.45
CA VAL Q 398 -34.44 61.63 50.72
C VAL Q 398 -34.22 60.25 51.35
N MET Q 399 -35.13 59.33 51.10
CA MET Q 399 -35.00 57.96 51.58
C MET Q 399 -33.84 57.25 50.89
N PRO Q 400 -32.81 56.80 51.61
CA PRO Q 400 -31.64 56.22 50.94
C PRO Q 400 -31.85 54.78 50.50
N ASP Q 401 -30.78 54.17 50.01
CA ASP Q 401 -30.84 52.81 49.48
C ASP Q 401 -30.61 51.77 50.56
N VAL Q 402 -29.70 52.05 51.50
CA VAL Q 402 -29.34 51.06 52.51
C VAL Q 402 -30.47 50.85 53.51
N TYR Q 403 -31.36 51.82 53.68
CA TYR Q 403 -32.45 51.71 54.65
C TYR Q 403 -33.58 50.93 54.00
N ASP Q 404 -33.63 49.63 54.27
CA ASP Q 404 -34.65 48.75 53.72
C ASP Q 404 -35.58 48.19 54.77
N PHE Q 405 -35.02 47.58 55.82
CA PHE Q 405 -35.80 46.99 56.89
C PHE Q 405 -35.66 47.82 58.15
N ILE Q 406 -36.72 47.85 58.95
CA ILE Q 406 -36.71 48.65 60.17
C ILE Q 406 -35.84 47.96 61.20
N LYS Q 407 -34.72 48.57 61.52
CA LYS Q 407 -33.69 48.04 62.39
C LYS Q 407 -32.82 49.22 62.83
N PRO Q 408 -32.08 49.09 63.96
CA PRO Q 408 -31.35 50.27 64.49
C PRO Q 408 -30.29 50.82 63.55
N ILE Q 409 -29.86 52.04 63.87
CA ILE Q 409 -29.00 52.84 63.00
C ILE Q 409 -27.67 53.03 63.68
N GLY Q 410 -26.61 52.55 63.05
CA GLY Q 410 -25.25 52.79 63.51
C GLY Q 410 -24.59 53.84 62.65
N ALA Q 411 -24.37 55.02 63.24
CA ALA Q 411 -23.73 56.12 62.56
C ALA Q 411 -22.29 56.22 63.03
N VAL Q 412 -21.36 56.23 62.10
CA VAL Q 412 -19.94 56.26 62.42
C VAL Q 412 -19.45 57.69 62.22
N LEU Q 413 -19.15 58.36 63.32
CA LEU Q 413 -18.54 59.67 63.29
C LEU Q 413 -17.11 59.60 63.80
N PRO Q 414 -16.23 60.49 63.35
CA PRO Q 414 -14.88 60.55 63.91
C PRO Q 414 -14.85 61.04 65.35
N LYS Q 415 -13.65 61.10 65.92
CA LYS Q 415 -13.49 61.32 67.36
C LYS Q 415 -13.81 62.76 67.75
N GLY Q 416 -13.36 63.73 66.97
CA GLY Q 416 -13.54 65.12 67.34
C GLY Q 416 -14.69 65.82 66.65
N SER Q 417 -15.66 65.06 66.14
CA SER Q 417 -16.80 65.68 65.49
C SER Q 417 -17.72 66.30 66.53
N PHE Q 418 -18.55 67.24 66.08
CA PHE Q 418 -19.45 67.93 67.00
C PHE Q 418 -20.57 67.01 67.43
N LYS Q 419 -20.46 66.43 68.62
CA LYS Q 419 -21.53 65.62 69.17
C LYS Q 419 -22.29 66.35 70.27
N SER Q 420 -21.57 67.15 71.07
CA SER Q 420 -22.17 67.84 72.21
C SER Q 420 -23.12 68.93 71.79
N THR Q 421 -23.03 69.41 70.55
CA THR Q 421 -23.98 70.39 70.05
C THR Q 421 -25.18 69.73 69.38
N ILE Q 422 -24.94 68.69 68.58
CA ILE Q 422 -26.05 68.07 67.88
C ILE Q 422 -26.91 67.22 68.80
N MET Q 423 -26.35 66.68 69.89
CA MET Q 423 -27.18 66.00 70.86
C MET Q 423 -28.00 66.97 71.71
N ARG Q 424 -27.63 68.25 71.70
CA ARG Q 424 -28.47 69.28 72.30
C ARG Q 424 -29.55 69.73 71.32
N VAL Q 425 -29.19 69.86 70.05
CA VAL Q 425 -30.12 70.43 69.07
C VAL Q 425 -31.18 69.43 68.67
N LEU Q 426 -30.78 68.19 68.36
CA LEU Q 426 -31.75 67.17 67.92
C LEU Q 426 -32.68 66.74 69.04
N ASP Q 427 -32.28 66.94 70.29
CA ASP Q 427 -33.19 66.64 71.39
C ASP Q 427 -34.31 67.66 71.49
N SER Q 428 -34.08 68.88 70.99
CA SER Q 428 -35.00 69.98 71.18
C SER Q 428 -35.80 70.30 69.92
N ILE Q 429 -36.18 69.29 69.15
CA ILE Q 429 -37.00 69.49 67.97
C ILE Q 429 -38.31 68.73 68.14
N SER Q 430 -39.41 69.35 67.73
CA SER Q 430 -40.73 68.74 67.80
C SER Q 430 -41.60 69.42 66.76
N VAL Q 431 -42.03 68.67 65.75
CA VAL Q 431 -42.84 69.24 64.68
C VAL Q 431 -44.33 69.00 64.90
N LEU Q 432 -44.70 67.96 65.63
CA LEU Q 432 -46.08 67.52 65.78
C LEU Q 432 -46.21 67.09 67.23
N GLY Q 433 -47.23 66.30 67.54
CA GLY Q 433 -47.37 65.77 68.88
C GLY Q 433 -46.48 64.58 69.20
N VAL Q 434 -45.33 64.46 68.54
CA VAL Q 434 -44.35 63.42 68.79
C VAL Q 434 -43.00 64.09 69.03
N LYS Q 435 -42.01 63.27 69.39
CA LYS Q 435 -40.63 63.70 69.52
C LYS Q 435 -39.82 62.98 68.46
N ILE Q 436 -38.98 63.73 67.75
CA ILE Q 436 -38.27 63.16 66.59
C ILE Q 436 -37.11 62.29 67.05
N MET Q 437 -36.23 62.85 67.89
CA MET Q 437 -35.04 62.12 68.35
C MET Q 437 -34.69 62.61 69.73
N PRO Q 438 -35.24 61.99 70.77
CA PRO Q 438 -34.89 62.38 72.14
C PRO Q 438 -33.54 61.83 72.53
N ARG Q 439 -33.00 62.39 73.62
CA ARG Q 439 -31.68 61.98 74.10
C ARG Q 439 -31.70 60.57 74.67
N ALA Q 440 -32.85 60.14 75.18
CA ALA Q 440 -32.98 58.79 75.74
C ALA Q 440 -32.99 57.69 74.68
N HIS Q 441 -32.92 58.03 73.39
CA HIS Q 441 -32.84 57.04 72.33
C HIS Q 441 -31.47 57.02 71.67
N VAL Q 442 -30.53 57.82 72.15
CA VAL Q 442 -29.23 58.01 71.50
C VAL Q 442 -28.15 57.45 72.40
N VAL Q 443 -27.31 56.57 71.86
CA VAL Q 443 -26.20 55.97 72.56
C VAL Q 443 -24.91 56.62 72.08
N ASP Q 444 -24.13 57.15 73.02
CA ASP Q 444 -22.86 57.76 72.69
C ASP Q 444 -21.85 56.68 72.30
N SER Q 445 -20.83 57.11 71.56
CA SER Q 445 -19.67 56.24 71.31
C SER Q 445 -18.90 55.97 72.59
N ASP Q 446 -19.02 56.87 73.57
CA ASP Q 446 -18.30 56.75 74.82
C ASP Q 446 -18.80 55.57 75.64
N GLU Q 447 -20.13 55.35 75.65
CA GLU Q 447 -20.78 54.48 76.62
C GLU Q 447 -20.41 53.01 76.46
N VAL Q 448 -20.00 52.59 75.26
CA VAL Q 448 -19.73 51.17 75.01
C VAL Q 448 -18.47 50.68 75.72
N GLY Q 449 -17.54 51.57 76.05
CA GLY Q 449 -16.31 51.15 76.70
C GLY Q 449 -16.10 51.71 78.08
N GLU Q 450 -17.18 51.83 78.86
CA GLU Q 450 -17.10 52.44 80.17
C GLU Q 450 -17.49 51.52 81.32
N GLN Q 451 -18.13 50.39 81.06
CA GLN Q 451 -18.58 49.50 82.12
C GLN Q 451 -17.54 48.42 82.44
N MET Q 452 -16.30 48.87 82.62
CA MET Q 452 -15.16 47.98 82.57
C MET Q 452 -14.16 48.38 83.65
N GLU Q 453 -13.42 47.39 84.16
CA GLU Q 453 -12.23 47.67 84.96
C GLU Q 453 -11.27 48.50 84.12
N PRO Q 454 -10.50 49.46 84.77
CA PRO Q 454 -10.43 50.86 84.29
C PRO Q 454 -10.50 51.10 82.79
N THR Q 455 -11.39 52.01 82.41
CA THR Q 455 -12.06 52.06 81.12
C THR Q 455 -11.09 52.22 79.96
N PHE Q 456 -11.61 51.97 78.75
CA PHE Q 456 -10.81 51.74 77.55
C PHE Q 456 -9.89 52.93 77.22
N GLU Q 457 -10.35 54.15 77.47
CA GLU Q 457 -9.47 55.31 77.34
C GLU Q 457 -8.36 55.28 78.38
N HIS Q 458 -8.71 55.01 79.64
CA HIS Q 458 -7.67 54.85 80.65
C HIS Q 458 -6.92 53.54 80.50
N ALA Q 459 -7.51 52.55 79.84
CA ALA Q 459 -6.81 51.29 79.61
C ALA Q 459 -5.68 51.47 78.61
N VAL Q 460 -5.92 52.21 77.52
CA VAL Q 460 -4.84 52.52 76.59
C VAL Q 460 -4.10 53.79 76.96
N MET Q 461 -4.48 54.45 78.06
CA MET Q 461 -3.69 55.55 78.58
C MET Q 461 -2.36 55.06 79.12
N GLU Q 462 -2.32 53.84 79.64
CA GLU Q 462 -1.11 53.26 80.20
C GLU Q 462 -0.47 52.26 79.26
N ILE Q 463 -0.50 52.59 77.95
CA ILE Q 463 0.22 51.81 76.95
C ILE Q 463 1.70 52.13 76.93
N TYR Q 464 2.12 53.21 77.62
CA TYR Q 464 3.49 53.69 77.54
C TYR Q 464 4.47 52.73 78.19
N LYS Q 465 4.02 51.96 79.16
CA LYS Q 465 4.85 50.92 79.76
C LYS Q 465 5.00 49.79 78.75
N GLY Q 466 6.12 49.76 78.05
CA GLY Q 466 6.34 48.77 77.02
C GLY Q 466 7.10 49.28 75.82
N ILE Q 467 7.39 50.58 75.80
CA ILE Q 467 8.18 51.20 74.75
C ILE Q 467 9.49 51.69 75.37
N ALA Q 468 10.60 51.42 74.69
CA ALA Q 468 11.91 51.78 75.23
C ALA Q 468 12.10 53.30 75.21
N GLY Q 469 12.51 53.84 76.36
CA GLY Q 469 12.71 55.26 76.50
C GLY Q 469 11.45 56.06 76.75
N VAL Q 470 10.34 55.40 77.04
CA VAL Q 470 9.05 56.06 77.17
C VAL Q 470 8.49 55.78 78.56
N ASP Q 471 8.21 56.85 79.29
CA ASP Q 471 7.58 56.85 80.61
C ASP Q 471 7.00 58.24 80.76
N SER Q 472 6.03 58.39 81.67
CA SER Q 472 5.40 59.69 81.97
C SER Q 472 4.74 60.32 80.76
N LEU Q 473 3.53 59.84 80.42
CA LEU Q 473 2.77 59.96 79.16
C LEU Q 473 2.96 61.22 78.32
N ASP Q 474 3.21 62.36 78.97
CA ASP Q 474 3.62 63.58 78.26
C ASP Q 474 4.85 63.33 77.39
N ASP Q 475 5.77 62.48 77.84
CA ASP Q 475 6.94 62.16 77.03
C ASP Q 475 6.56 61.33 75.81
N LEU Q 476 5.56 60.45 75.92
CA LEU Q 476 5.07 59.73 74.75
C LEU Q 476 4.41 60.67 73.75
N THR Q 477 3.60 61.60 74.25
CA THR Q 477 2.91 62.54 73.36
C THR Q 477 3.90 63.50 72.71
N LYS Q 478 4.99 63.82 73.40
CA LYS Q 478 6.06 64.61 72.80
C LYS Q 478 6.84 63.77 71.79
N TRP Q 479 6.96 62.48 72.05
CA TRP Q 479 7.68 61.57 71.17
C TRP Q 479 6.97 61.29 69.86
N VAL Q 480 5.64 61.21 69.88
CA VAL Q 480 4.90 60.87 68.66
C VAL Q 480 4.75 62.10 67.78
N LEU Q 481 4.13 63.14 68.32
CA LEU Q 481 3.84 64.32 67.52
C LEU Q 481 5.01 65.28 67.51
N ASN Q 482 5.21 65.95 66.39
CA ASN Q 482 6.23 66.99 66.28
C ASN Q 482 5.62 68.34 66.67
N SER Q 483 6.30 69.43 66.35
CA SER Q 483 5.73 70.76 66.59
C SER Q 483 4.53 71.02 65.72
N ASP Q 484 4.45 70.38 64.55
CA ASP Q 484 3.33 70.55 63.64
C ASP Q 484 2.06 69.87 64.15
N LEU Q 485 2.19 68.95 65.11
CA LEU Q 485 1.15 68.03 65.57
C LEU Q 485 0.62 67.16 64.43
N VAL Q 486 1.47 66.88 63.46
CA VAL Q 486 1.25 65.82 62.46
C VAL Q 486 2.08 64.62 62.89
N PRO Q 487 1.57 63.40 62.85
CA PRO Q 487 2.32 62.30 63.45
C PRO Q 487 3.43 61.82 62.55
N HIS Q 488 4.46 61.28 63.20
CA HIS Q 488 5.50 60.60 62.43
C HIS Q 488 4.95 59.29 61.88
N ASP Q 489 5.60 58.79 60.83
CA ASP Q 489 5.03 57.67 60.10
C ASP Q 489 5.23 56.35 60.83
N ASP Q 490 6.41 56.11 61.39
CA ASP Q 490 6.62 54.83 62.04
C ASP Q 490 6.07 54.81 63.45
N ARG Q 491 6.32 55.87 64.23
CA ARG Q 491 6.07 55.85 65.67
C ARG Q 491 4.61 55.67 66.00
N LEU Q 492 3.72 56.23 65.18
CA LEU Q 492 2.30 56.03 65.36
C LEU Q 492 1.90 54.58 65.11
N GLY Q 493 2.54 53.92 64.14
CA GLY Q 493 2.27 52.50 63.92
C GLY Q 493 2.89 51.61 64.97
N GLN Q 494 4.05 52.01 65.51
CA GLN Q 494 4.66 51.28 66.61
C GLN Q 494 3.80 51.36 67.87
N LEU Q 495 3.13 52.49 68.05
CA LEU Q 495 2.12 52.60 69.10
C LEU Q 495 0.89 51.77 68.76
N PHE Q 496 0.51 51.71 67.47
CA PHE Q 496 -0.69 51.01 67.07
C PHE Q 496 -0.57 49.50 67.19
N GLN Q 497 0.63 48.96 67.02
CA GLN Q 497 0.81 47.52 67.13
C GLN Q 497 0.68 47.02 68.56
N ALA Q 498 0.73 47.91 69.55
CA ALA Q 498 0.32 47.58 70.89
C ALA Q 498 -1.10 48.03 71.20
N PHE Q 499 -1.62 49.03 70.47
CA PHE Q 499 -3.00 49.45 70.65
C PHE Q 499 -3.99 48.40 70.17
N LEU Q 500 -3.66 47.71 69.09
CA LEU Q 500 -4.58 46.89 68.32
C LEU Q 500 -5.09 45.63 69.06
N PRO Q 501 -4.29 44.84 69.80
CA PRO Q 501 -4.90 43.76 70.56
C PRO Q 501 -5.76 44.23 71.72
N LEU Q 502 -5.48 45.42 72.26
CA LEU Q 502 -6.39 46.00 73.24
C LEU Q 502 -7.69 46.44 72.61
N ALA Q 503 -7.64 46.82 71.33
CA ALA Q 503 -8.85 47.22 70.64
C ALA Q 503 -9.69 46.02 70.22
N LYS Q 504 -9.06 44.89 69.91
CA LYS Q 504 -9.79 43.75 69.41
C LYS Q 504 -10.11 42.70 70.46
N ASP Q 505 -9.10 42.21 71.17
CA ASP Q 505 -9.31 41.13 72.12
C ASP Q 505 -9.95 41.58 73.43
N LEU Q 506 -10.20 42.86 73.61
CA LEU Q 506 -10.64 43.35 74.91
C LEU Q 506 -11.92 44.16 74.78
N LEU Q 507 -12.05 44.93 73.70
CA LEU Q 507 -13.21 45.79 73.51
C LEU Q 507 -14.33 45.10 72.76
N ALA Q 508 -13.99 44.35 71.71
CA ALA Q 508 -15.02 43.80 70.83
C ALA Q 508 -15.97 42.77 71.44
N PRO Q 509 -15.58 41.85 72.34
CA PRO Q 509 -16.61 41.01 72.98
C PRO Q 509 -17.57 41.80 73.86
N MET Q 510 -17.05 42.81 74.56
CA MET Q 510 -17.91 43.64 75.38
C MET Q 510 -18.85 44.49 74.52
N ALA Q 511 -18.36 44.94 73.37
CA ALA Q 511 -19.22 45.66 72.45
C ALA Q 511 -20.28 44.77 71.83
N ARG Q 512 -19.94 43.51 71.54
CA ARG Q 512 -20.93 42.58 71.00
C ARG Q 512 -22.02 42.28 72.02
N GLN Q 513 -21.63 42.07 73.29
CA GLN Q 513 -22.60 41.88 74.35
C GLN Q 513 -23.48 43.11 74.56
N PHE Q 514 -22.87 44.29 74.53
CA PHE Q 514 -23.60 45.53 74.74
C PHE Q 514 -24.57 45.81 73.60
N TYR Q 515 -24.18 45.50 72.37
CA TYR Q 515 -25.07 45.75 71.24
C TYR Q 515 -26.19 44.73 71.16
N ASP Q 516 -25.96 43.50 71.61
CA ASP Q 516 -27.08 42.56 71.78
C ASP Q 516 -28.06 43.06 72.82
N ASN Q 517 -27.54 43.60 73.93
CA ASN Q 517 -28.39 44.17 74.97
C ASN Q 517 -29.16 45.37 74.44
N SER Q 518 -28.53 46.20 73.63
CA SER Q 518 -29.19 47.38 73.08
C SER Q 518 -30.20 47.03 72.00
N MET Q 519 -29.99 45.94 71.27
CA MET Q 519 -31.02 45.45 70.36
C MET Q 519 -32.21 44.91 71.13
N SER Q 520 -31.97 44.34 72.31
CA SER Q 520 -33.07 43.79 73.11
C SER Q 520 -33.98 44.88 73.66
N GLU Q 521 -33.43 45.93 74.25
CA GLU Q 521 -34.24 46.91 74.97
C GLU Q 521 -34.71 48.07 74.09
N GLY Q 522 -35.23 47.75 72.93
CA GLY Q 522 -35.69 48.77 72.01
C GLY Q 522 -34.80 48.87 70.78
N ARG Q 523 -35.20 49.78 69.90
CA ARG Q 523 -34.46 50.07 68.68
C ARG Q 523 -33.93 51.49 68.78
N LEU Q 524 -32.61 51.64 68.82
CA LEU Q 524 -31.99 52.89 69.18
C LEU Q 524 -31.07 53.36 68.05
N LEU Q 525 -30.35 54.45 68.32
CA LEU Q 525 -29.35 54.97 67.42
C LEU Q 525 -28.02 54.96 68.16
N THR Q 526 -27.02 54.30 67.60
CA THR Q 526 -25.74 54.10 68.24
C THR Q 526 -24.66 54.82 67.45
N PHE Q 527 -24.04 55.81 68.07
CA PHE Q 527 -22.82 56.38 67.53
C PHE Q 527 -21.68 55.38 67.62
N ALA Q 528 -20.67 55.58 66.79
CA ALA Q 528 -19.48 54.73 66.82
C ALA Q 528 -18.30 55.53 66.30
N HIS Q 529 -17.13 55.23 66.85
CA HIS Q 529 -15.91 55.94 66.45
C HIS Q 529 -15.44 55.50 65.08
N ALA Q 530 -15.20 54.21 64.90
CA ALA Q 530 -14.56 53.70 63.70
C ALA Q 530 -15.49 52.76 62.95
N ASP Q 531 -15.08 52.43 61.73
CA ASP Q 531 -15.87 51.53 60.90
C ASP Q 531 -15.84 50.11 61.44
N SER Q 532 -14.65 49.62 61.78
CA SER Q 532 -14.50 48.23 62.18
C SER Q 532 -15.00 47.97 63.59
N GLU Q 533 -15.28 49.02 64.35
CA GLU Q 533 -15.81 48.83 65.70
C GLU Q 533 -17.21 48.24 65.67
N LEU Q 534 -17.98 48.54 64.63
CA LEU Q 534 -19.28 47.93 64.44
C LEU Q 534 -19.23 46.67 63.59
N LEU Q 535 -18.07 46.25 63.13
CA LEU Q 535 -17.98 45.06 62.29
C LEU Q 535 -17.27 43.90 62.97
N ASN Q 536 -16.26 44.17 63.80
CA ASN Q 536 -15.65 43.09 64.56
C ASN Q 536 -16.60 42.60 65.64
N ALA Q 537 -17.23 43.52 66.36
CA ALA Q 537 -18.42 43.18 67.09
C ALA Q 537 -19.58 43.06 66.11
N ASN Q 538 -20.30 41.95 66.16
CA ASN Q 538 -21.33 41.66 65.16
C ASN Q 538 -22.56 42.53 65.42
N TYR Q 539 -22.45 43.79 65.01
CA TYR Q 539 -23.56 44.72 65.18
C TYR Q 539 -24.65 44.41 64.17
N PHE Q 540 -25.89 44.53 64.63
CA PHE Q 540 -27.05 44.35 63.77
C PHE Q 540 -27.71 45.70 63.57
N GLY Q 541 -27.79 46.13 62.33
CA GLY Q 541 -28.44 47.39 62.01
C GLY Q 541 -27.86 47.98 60.76
N HIS Q 542 -28.33 49.18 60.45
CA HIS Q 542 -27.84 49.90 59.28
C HIS Q 542 -26.52 50.58 59.62
N LEU Q 543 -25.53 50.36 58.76
CA LEU Q 543 -24.19 50.89 58.95
C LEU Q 543 -24.05 52.16 58.13
N LEU Q 544 -23.82 53.29 58.81
CA LEU Q 544 -23.75 54.59 58.17
C LEU Q 544 -22.39 55.20 58.45
N ARG Q 545 -21.66 55.53 57.39
CA ARG Q 545 -20.34 56.14 57.49
C ARG Q 545 -20.50 57.62 57.20
N LEU Q 546 -20.21 58.47 58.18
CA LEU Q 546 -20.54 59.88 58.06
C LEU Q 546 -19.33 60.75 58.36
N LYS Q 547 -19.39 61.99 57.89
CA LYS Q 547 -18.42 63.02 58.22
C LYS Q 547 -19.13 64.36 58.22
N ILE Q 548 -18.51 65.34 58.87
CA ILE Q 548 -19.06 66.69 58.92
C ILE Q 548 -18.14 67.59 58.09
N PRO Q 549 -18.59 68.77 57.62
CA PRO Q 549 -17.70 69.62 56.81
C PRO Q 549 -16.67 70.40 57.60
N TYR Q 550 -16.41 70.03 58.84
CA TYR Q 550 -15.54 70.80 59.72
C TYR Q 550 -14.19 70.12 59.87
N ILE Q 551 -13.25 70.84 60.45
CA ILE Q 551 -11.96 70.28 60.83
C ILE Q 551 -12.12 69.65 62.21
N THR Q 552 -12.12 68.32 62.26
CA THR Q 552 -12.31 67.64 63.54
C THR Q 552 -11.07 67.70 64.42
N GLU Q 553 -9.92 68.09 63.87
CA GLU Q 553 -8.68 68.05 64.64
C GLU Q 553 -8.62 69.18 65.66
N VAL Q 554 -8.86 70.42 65.21
CA VAL Q 554 -8.76 71.57 66.10
C VAL Q 554 -9.91 71.67 67.08
N ASN Q 555 -10.95 70.83 66.92
CA ASN Q 555 -11.95 70.67 67.97
C ASN Q 555 -11.32 70.07 69.22
N LEU Q 556 -10.32 69.22 69.06
CA LEU Q 556 -9.74 68.51 70.19
C LEU Q 556 -8.83 69.38 71.05
N MET Q 557 -8.49 70.59 70.62
CA MET Q 557 -7.75 71.52 71.45
C MET Q 557 -8.61 72.61 72.07
N ILE Q 558 -9.83 72.80 71.58
CA ILE Q 558 -10.71 73.81 72.18
C ILE Q 558 -11.24 73.29 73.51
N ARG Q 559 -11.71 72.05 73.54
CA ARG Q 559 -12.44 71.54 74.69
C ARG Q 559 -11.49 71.16 75.81
N LYS Q 560 -11.68 71.78 76.97
CA LYS Q 560 -11.04 71.38 78.21
C LYS Q 560 -11.90 70.32 78.89
N ASN Q 561 -11.50 69.92 80.11
CA ASN Q 561 -12.16 68.87 80.92
C ASN Q 561 -12.25 67.57 80.13
N ARG Q 562 -11.12 67.18 79.55
CA ARG Q 562 -11.00 66.06 78.63
C ARG Q 562 -10.57 64.78 79.36
N GLU Q 563 -10.20 64.89 80.65
CA GLU Q 563 -9.86 63.78 81.54
C GLU Q 563 -8.71 62.92 80.99
N GLY Q 564 -7.56 63.57 80.91
CA GLY Q 564 -6.35 62.95 80.41
C GLY Q 564 -5.51 64.00 79.70
N GLY Q 565 -4.58 63.51 78.87
CA GLY Q 565 -3.76 64.41 78.08
C GLY Q 565 -4.59 65.05 76.99
N GLU Q 566 -4.46 66.36 76.85
CA GLU Q 566 -5.21 67.08 75.83
C GLU Q 566 -4.66 66.80 74.44
N LEU Q 567 -3.38 66.44 74.33
CA LEU Q 567 -2.83 65.96 73.07
C LEU Q 567 -2.98 64.45 72.95
N PHE Q 568 -3.10 63.77 74.08
CA PHE Q 568 -3.31 62.32 74.07
C PHE Q 568 -4.61 61.94 73.38
N GLN Q 569 -5.64 62.76 73.51
CA GLN Q 569 -6.88 62.42 72.83
C GLN Q 569 -6.79 62.68 71.33
N LEU Q 570 -5.92 63.60 70.91
CA LEU Q 570 -5.67 63.73 69.47
C LEU Q 570 -4.93 62.51 68.94
N VAL Q 571 -3.98 61.99 69.72
CA VAL Q 571 -3.31 60.75 69.37
C VAL Q 571 -4.30 59.60 69.29
N LEU Q 572 -5.22 59.53 70.26
CA LEU Q 572 -6.23 58.49 70.28
C LEU Q 572 -7.23 58.66 69.14
N SER Q 573 -7.42 59.89 68.66
CA SER Q 573 -8.24 60.09 67.47
C SER Q 573 -7.54 59.56 66.23
N TYR Q 574 -6.22 59.77 66.12
CA TYR Q 574 -5.47 59.20 65.01
C TYR Q 574 -5.50 57.67 65.02
N LEU Q 575 -5.49 57.07 66.20
CA LEU Q 575 -5.59 55.62 66.31
C LEU Q 575 -6.91 55.10 65.74
N TYR Q 576 -8.01 55.77 66.05
CA TYR Q 576 -9.30 55.36 65.50
C TYR Q 576 -9.40 55.65 64.02
N LYS Q 577 -8.77 56.73 63.54
CA LYS Q 577 -8.80 57.04 62.12
C LYS Q 577 -8.03 56.01 61.31
N MET Q 578 -7.00 55.42 61.90
CA MET Q 578 -6.29 54.37 61.20
C MET Q 578 -6.86 52.98 61.46
N TYR Q 579 -7.66 52.83 62.52
CA TYR Q 579 -8.29 51.55 62.79
C TYR Q 579 -9.42 51.24 61.81
N ALA Q 580 -10.05 52.26 61.27
CA ALA Q 580 -11.19 52.06 60.39
C ALA Q 580 -10.75 51.59 59.01
N THR Q 581 -11.71 51.03 58.26
CA THR Q 581 -11.42 50.58 56.91
C THR Q 581 -11.42 51.76 55.94
N SER Q 582 -11.04 51.46 54.70
CA SER Q 582 -10.87 52.50 53.69
C SER Q 582 -12.14 52.65 52.85
N ALA Q 583 -13.25 52.93 53.53
CA ALA Q 583 -14.51 53.21 52.88
C ALA Q 583 -14.82 54.69 53.00
N GLN Q 584 -15.48 55.23 51.97
CA GLN Q 584 -15.72 56.67 51.90
C GLN Q 584 -16.95 57.04 52.72
N PRO Q 585 -16.83 57.93 53.71
CA PRO Q 585 -18.02 58.36 54.46
C PRO Q 585 -18.93 59.23 53.62
N LYS Q 586 -20.13 59.47 54.15
CA LYS Q 586 -21.25 59.84 53.30
C LYS Q 586 -22.01 61.01 53.93
N TRP Q 587 -21.29 62.06 54.35
CA TRP Q 587 -21.83 63.42 54.43
C TRP Q 587 -23.05 63.64 55.33
N PHE Q 588 -22.85 63.77 56.65
CA PHE Q 588 -23.84 63.74 57.75
C PHE Q 588 -25.20 64.35 57.46
N GLY Q 589 -25.24 65.37 56.61
CA GLY Q 589 -26.47 65.84 56.00
C GLY Q 589 -27.30 64.76 55.32
N SER Q 590 -26.66 63.70 54.83
CA SER Q 590 -27.40 62.58 54.24
C SER Q 590 -28.26 61.86 55.27
N LEU Q 591 -27.90 61.93 56.54
CA LEU Q 591 -28.76 61.42 57.61
C LEU Q 591 -29.67 62.50 58.16
N LEU Q 592 -29.17 63.74 58.24
CA LEU Q 592 -29.94 64.78 58.90
C LEU Q 592 -31.14 65.24 58.07
N ARG Q 593 -31.02 65.19 56.73
CA ARG Q 593 -32.18 65.48 55.89
C ARG Q 593 -33.25 64.42 56.05
N LEU Q 594 -32.86 63.15 56.17
CA LEU Q 594 -33.80 62.08 56.48
C LEU Q 594 -34.44 62.28 57.84
N LEU Q 595 -33.68 62.80 58.79
CA LEU Q 595 -34.19 62.95 60.14
C LEU Q 595 -35.19 64.10 60.26
N ILE Q 596 -34.92 65.23 59.61
CA ILE Q 596 -35.74 66.44 59.79
C ILE Q 596 -36.75 66.61 58.65
N CYS Q 597 -36.28 66.62 57.40
CA CYS Q 597 -37.08 67.13 56.29
C CYS Q 597 -38.38 66.38 55.94
N PRO Q 598 -38.56 65.07 56.15
CA PRO Q 598 -39.91 64.53 55.96
C PRO Q 598 -40.90 65.00 57.00
N TRP Q 599 -40.46 65.23 58.23
CA TRP Q 599 -41.36 65.66 59.28
C TRP Q 599 -41.81 67.10 59.07
N LEU Q 600 -40.90 67.95 58.58
CA LEU Q 600 -41.25 69.34 58.36
C LEU Q 600 -42.17 69.50 57.17
N HIS Q 601 -42.02 68.66 56.15
CA HIS Q 601 -42.93 68.68 55.02
C HIS Q 601 -44.29 68.10 55.40
N MET Q 602 -44.34 67.31 56.45
CA MET Q 602 -45.58 66.62 56.80
C MET Q 602 -46.60 67.57 57.38
N GLU Q 603 -46.17 68.50 58.23
CA GLU Q 603 -47.09 69.39 58.93
C GLU Q 603 -47.74 70.43 58.03
N LYS Q 604 -47.24 70.62 56.81
CA LYS Q 604 -47.87 71.55 55.90
C LYS Q 604 -49.16 70.99 55.30
N LEU Q 605 -49.37 69.67 55.38
CA LEU Q 605 -50.60 69.08 54.87
C LEU Q 605 -51.33 68.20 55.87
N ILE Q 606 -50.66 67.68 56.89
CA ILE Q 606 -51.36 66.96 57.97
C ILE Q 606 -51.93 67.93 58.99
N GLY Q 607 -51.57 69.20 58.91
CA GLY Q 607 -51.69 70.10 60.05
C GLY Q 607 -53.12 70.49 60.33
N GLU Q 608 -53.54 70.30 61.60
CA GLU Q 608 -54.85 70.66 62.12
C GLU Q 608 -55.98 69.96 61.37
N ALA Q 609 -55.80 68.68 61.05
CA ALA Q 609 -56.93 67.89 60.58
C ALA Q 609 -57.72 67.35 61.77
N ASP Q 610 -57.09 66.42 62.53
CA ASP Q 610 -57.42 66.05 63.91
C ASP Q 610 -56.31 65.18 64.50
N PRO Q 611 -55.92 65.43 65.75
CA PRO Q 611 -54.88 64.61 66.37
C PRO Q 611 -55.32 63.19 66.65
N ALA Q 612 -56.62 62.95 66.75
CA ALA Q 612 -57.10 61.60 67.00
C ALA Q 612 -57.00 60.73 65.76
N SER Q 613 -57.35 61.24 64.59
CA SER Q 613 -57.41 60.42 63.39
C SER Q 613 -56.41 60.83 62.32
N THR Q 614 -55.37 61.57 62.68
CA THR Q 614 -54.19 61.57 61.84
C THR Q 614 -53.12 60.62 62.34
N SER Q 615 -53.14 60.29 63.63
CA SER Q 615 -52.10 59.47 64.23
C SER Q 615 -52.54 58.02 64.36
N ALA Q 616 -51.54 57.15 64.43
CA ALA Q 616 -51.70 55.72 64.65
C ALA Q 616 -50.36 55.21 65.13
N GLU Q 617 -50.35 54.01 65.69
CA GLU Q 617 -49.09 53.45 66.12
C GLU Q 617 -49.08 51.94 65.95
N ILE Q 618 -47.90 51.44 65.60
CA ILE Q 618 -47.61 50.02 65.46
C ILE Q 618 -46.99 49.55 66.76
N GLY Q 619 -47.40 48.37 67.24
CA GLY Q 619 -46.68 47.82 68.36
C GLY Q 619 -47.09 46.39 68.63
N TRP Q 620 -46.35 45.78 69.57
CA TRP Q 620 -46.56 44.38 69.89
C TRP Q 620 -47.74 44.22 70.84
N HIS Q 621 -48.53 43.18 70.62
CA HIS Q 621 -49.79 42.96 71.33
C HIS Q 621 -49.76 41.61 72.02
N VAL Q 622 -50.02 41.61 73.32
CA VAL Q 622 -50.13 40.38 74.09
C VAL Q 622 -51.62 40.16 74.37
N PRO Q 623 -52.12 38.93 74.38
CA PRO Q 623 -53.51 38.69 74.78
C PRO Q 623 -53.79 39.11 76.22
N ARG Q 624 -55.06 39.42 76.49
CA ARG Q 624 -55.46 39.91 77.80
C ARG Q 624 -55.40 38.82 78.86
N GLU Q 625 -55.54 37.56 78.44
CA GLU Q 625 -55.61 36.43 79.37
C GLU Q 625 -54.21 36.18 79.95
N GLN Q 626 -53.89 36.95 80.97
CA GLN Q 626 -52.64 36.81 81.71
C GLN Q 626 -52.91 37.02 83.20
N LEU Q 627 -52.02 36.47 84.02
CA LEU Q 627 -52.10 36.62 85.46
C LEU Q 627 -51.11 37.69 85.91
N MET Q 628 -51.57 38.57 86.79
CA MET Q 628 -50.73 39.65 87.28
C MET Q 628 -50.63 39.60 88.80
N GLY Q 638 -52.35 44.68 76.89
CA GLY Q 638 -50.94 45.04 76.84
C GLY Q 638 -50.46 45.34 75.43
N PHE Q 639 -49.90 46.54 75.26
CA PHE Q 639 -49.53 47.02 73.93
C PHE Q 639 -48.32 47.94 74.08
N ILE Q 640 -47.13 47.37 73.89
CA ILE Q 640 -45.92 48.19 73.79
C ILE Q 640 -45.95 48.83 72.41
N PRO Q 641 -45.38 50.02 72.22
CA PRO Q 641 -45.30 50.59 70.88
C PRO Q 641 -43.99 50.27 70.19
N TYR Q 642 -44.07 50.13 68.88
CA TYR Q 642 -42.92 49.80 68.04
C TYR Q 642 -42.48 50.97 67.17
N VAL Q 643 -43.38 51.51 66.35
CA VAL Q 643 -43.19 52.82 65.73
C VAL Q 643 -44.46 53.64 65.96
N SER Q 644 -44.42 54.90 65.54
CA SER Q 644 -45.59 55.76 65.60
C SER Q 644 -45.72 56.48 64.27
N ILE Q 645 -46.91 56.44 63.68
CA ILE Q 645 -47.15 56.87 62.31
C ILE Q 645 -48.14 58.01 62.33
N ARG Q 646 -47.83 59.10 61.63
CA ARG Q 646 -48.77 60.20 61.45
C ARG Q 646 -48.95 60.44 59.96
N ALA Q 647 -50.20 60.48 59.52
CA ALA Q 647 -50.55 60.46 58.11
C ALA Q 647 -51.91 61.14 57.96
N PRO Q 648 -52.33 61.47 56.72
CA PRO Q 648 -53.72 61.90 56.56
C PRO Q 648 -54.72 60.75 56.68
N ARG Q 649 -56.01 61.08 56.57
CA ARG Q 649 -57.07 60.12 56.88
C ARG Q 649 -57.08 58.94 55.92
N LEU Q 650 -56.92 59.22 54.62
CA LEU Q 650 -56.97 58.16 53.62
C LEU Q 650 -55.79 57.21 53.74
N VAL Q 651 -54.63 57.71 54.18
CA VAL Q 651 -53.45 56.87 54.28
C VAL Q 651 -53.59 55.90 55.44
N ILE Q 652 -54.10 56.35 56.59
CA ILE Q 652 -54.25 55.41 57.70
C ILE Q 652 -55.41 54.44 57.43
N GLU Q 653 -56.42 54.89 56.67
CA GLU Q 653 -57.43 53.94 56.18
C GLU Q 653 -56.84 52.90 55.24
N GLU Q 654 -55.82 53.28 54.46
CA GLU Q 654 -55.08 52.29 53.69
C GLU Q 654 -54.08 51.50 54.54
N LEU Q 655 -53.81 51.95 55.76
CA LEU Q 655 -52.94 51.22 56.67
C LEU Q 655 -53.69 50.25 57.56
N MET Q 656 -55.03 50.33 57.61
CA MET Q 656 -55.79 49.37 58.40
C MET Q 656 -55.71 47.95 57.85
N GLU Q 657 -55.54 47.79 56.54
CA GLU Q 657 -55.26 46.50 55.94
C GLU Q 657 -53.74 46.26 55.97
N LYS Q 658 -53.24 45.32 55.17
CA LYS Q 658 -51.84 44.86 55.18
C LYS Q 658 -51.50 44.28 56.55
N ASN Q 659 -52.08 43.11 56.81
CA ASN Q 659 -52.15 42.51 58.15
C ASN Q 659 -50.78 42.36 58.81
N TRP Q 660 -50.77 42.60 60.11
CA TRP Q 660 -49.53 42.69 60.85
C TRP Q 660 -49.21 41.39 61.58
N GLY Q 661 -49.71 40.27 61.07
CA GLY Q 661 -49.17 38.96 61.41
C GLY Q 661 -47.97 38.65 60.56
N GLN Q 662 -47.46 37.42 60.70
CA GLN Q 662 -46.16 36.98 60.16
C GLN Q 662 -45.03 37.87 60.73
N TYR Q 663 -45.21 38.28 61.98
CA TYR Q 663 -44.19 39.01 62.74
C TYR Q 663 -44.34 38.62 64.19
N HIS Q 664 -43.34 37.93 64.74
CA HIS Q 664 -43.44 37.35 66.07
C HIS Q 664 -42.22 37.70 66.90
N ALA Q 665 -42.45 38.00 68.18
CA ALA Q 665 -41.40 38.31 69.14
C ALA Q 665 -41.57 37.45 70.38
N GLN Q 666 -40.79 37.78 71.40
CA GLN Q 666 -40.83 37.09 72.69
C GLN Q 666 -40.58 38.15 73.76
N VAL Q 667 -41.66 38.73 74.28
CA VAL Q 667 -41.59 39.89 75.14
C VAL Q 667 -41.40 39.44 76.58
N ILE Q 668 -40.30 39.88 77.20
CA ILE Q 668 -40.09 39.74 78.63
C ILE Q 668 -40.45 41.08 79.27
N VAL Q 669 -41.42 41.06 80.16
CA VAL Q 669 -42.07 42.28 80.66
C VAL Q 669 -42.12 42.20 82.19
N THR Q 670 -41.10 42.79 82.84
CA THR Q 670 -41.01 42.79 84.30
C THR Q 670 -40.11 43.94 84.72
N ASP Q 671 -40.66 44.86 85.49
CA ASP Q 671 -40.01 46.08 85.96
C ASP Q 671 -40.97 46.72 86.94
N GLN Q 672 -40.47 47.69 87.70
CA GLN Q 672 -41.32 48.56 88.50
C GLN Q 672 -41.64 49.84 87.74
N LEU Q 673 -42.57 50.61 88.27
CA LEU Q 673 -42.83 51.96 87.79
C LEU Q 673 -41.65 52.85 88.13
N VAL Q 674 -41.24 53.68 87.17
CA VAL Q 674 -39.97 54.40 87.25
C VAL Q 674 -40.16 55.92 87.29
N VAL Q 675 -41.12 56.46 86.56
CA VAL Q 675 -41.26 57.91 86.42
C VAL Q 675 -42.71 58.32 86.67
N GLY Q 676 -42.92 59.63 86.76
CA GLY Q 676 -44.21 60.20 87.17
C GLY Q 676 -45.32 60.06 86.15
N GLU Q 677 -44.98 59.67 84.91
CA GLU Q 677 -45.94 59.26 83.91
C GLU Q 677 -46.65 57.97 84.38
N PRO Q 678 -47.83 57.59 83.77
CA PRO Q 678 -48.57 56.43 84.29
C PRO Q 678 -47.87 55.08 84.16
N ARG Q 679 -48.57 54.03 84.58
CA ARG Q 679 -48.05 52.70 84.87
C ARG Q 679 -47.25 52.12 83.72
N ARG Q 680 -45.97 51.85 83.96
CA ARG Q 680 -45.09 51.40 82.90
C ARG Q 680 -44.10 50.36 83.40
N VAL Q 681 -43.77 49.44 82.51
CA VAL Q 681 -42.82 48.37 82.76
C VAL Q 681 -41.92 48.30 81.54
N SER Q 682 -40.63 48.54 81.75
CA SER Q 682 -39.68 48.56 80.65
C SER Q 682 -39.43 47.14 80.18
N ALA Q 683 -40.12 46.73 79.12
CA ALA Q 683 -40.05 45.36 78.64
C ALA Q 683 -38.85 45.17 77.72
N LYS Q 684 -38.69 43.94 77.24
CA LYS Q 684 -37.62 43.59 76.29
C LYS Q 684 -38.25 42.68 75.25
N ALA Q 685 -38.29 43.15 74.00
CA ALA Q 685 -38.83 42.36 72.90
C ALA Q 685 -37.69 41.93 71.99
N VAL Q 686 -37.69 40.66 71.61
CA VAL Q 686 -36.68 40.09 70.74
C VAL Q 686 -37.39 39.54 69.51
N ILE Q 687 -37.15 40.16 68.36
CA ILE Q 687 -37.88 39.82 67.15
C ILE Q 687 -37.37 38.49 66.62
N LYS Q 688 -38.29 37.57 66.33
CA LYS Q 688 -37.93 36.25 65.83
C LYS Q 688 -37.90 36.20 64.31
N GLY Q 689 -38.99 36.58 63.66
CA GLY Q 689 -39.10 36.48 62.22
C GLY Q 689 -38.34 37.56 61.50
N ASN Q 690 -38.80 37.84 60.28
CA ASN Q 690 -38.19 38.90 59.48
C ASN Q 690 -38.56 40.26 60.04
N HIS Q 691 -37.71 41.24 59.77
CA HIS Q 691 -37.98 42.59 60.24
C HIS Q 691 -38.88 43.32 59.24
N LEU Q 692 -39.27 44.53 59.61
CA LEU Q 692 -40.37 45.20 58.94
C LEU Q 692 -39.88 45.95 57.71
N PRO Q 693 -40.44 45.69 56.54
CA PRO Q 693 -40.11 46.51 55.36
C PRO Q 693 -40.76 47.88 55.44
N VAL Q 694 -40.21 48.82 54.68
CA VAL Q 694 -40.70 50.20 54.72
C VAL Q 694 -41.82 50.40 53.71
N LYS Q 695 -41.72 49.74 52.56
CA LYS Q 695 -42.82 49.70 51.60
C LYS Q 695 -44.00 48.90 52.12
N LEU Q 696 -43.82 48.12 53.19
CA LEU Q 696 -44.96 47.65 53.96
C LEU Q 696 -45.69 48.81 54.63
N ILE Q 697 -44.97 49.84 55.09
CA ILE Q 697 -45.67 50.96 55.67
C ILE Q 697 -46.27 51.80 54.55
N SER Q 698 -45.41 52.53 53.83
CA SER Q 698 -45.84 53.53 52.85
C SER Q 698 -44.67 54.23 52.19
N ARG Q 699 -44.99 55.10 51.24
CA ARG Q 699 -44.13 56.22 50.89
C ARG Q 699 -44.73 57.55 51.32
N PHE Q 700 -45.96 57.54 51.83
CA PHE Q 700 -46.72 58.75 52.08
C PHE Q 700 -46.83 59.08 53.56
N ALA Q 701 -46.39 58.20 54.44
CA ALA Q 701 -46.63 58.35 55.88
C ALA Q 701 -45.29 58.37 56.62
N CYS Q 702 -45.04 59.46 57.34
CA CYS Q 702 -43.83 59.55 58.13
C CYS Q 702 -43.95 58.70 59.39
N PHE Q 703 -42.80 58.27 59.90
CA PHE Q 703 -42.75 57.39 61.07
C PHE Q 703 -41.46 57.64 61.81
N THR Q 704 -41.53 57.53 63.14
CA THR Q 704 -40.33 57.70 63.95
C THR Q 704 -39.40 56.51 63.77
N LEU Q 705 -38.12 56.74 64.08
CA LEU Q 705 -37.10 55.73 63.86
C LEU Q 705 -36.67 55.01 65.11
N THR Q 706 -36.71 55.67 66.27
CA THR Q 706 -36.24 55.11 67.52
C THR Q 706 -37.34 55.10 68.55
N SER Q 707 -37.34 54.08 69.41
CA SER Q 707 -38.36 53.95 70.44
C SER Q 707 -37.85 53.01 71.53
N LYS Q 708 -38.13 53.36 72.77
CA LYS Q 708 -37.95 52.43 73.89
C LYS Q 708 -39.20 51.58 74.06
N TYR Q 709 -39.12 50.59 74.92
CA TYR Q 709 -40.20 49.62 75.08
C TYR Q 709 -40.81 49.76 76.47
N GLU Q 710 -42.14 49.88 76.51
CA GLU Q 710 -42.90 49.97 77.74
C GLU Q 710 -44.36 49.65 77.43
N MET Q 711 -45.08 49.14 78.42
CA MET Q 711 -46.51 48.90 78.28
C MET Q 711 -47.26 49.64 79.38
N ARG Q 712 -48.59 49.66 79.28
CA ARG Q 712 -49.40 50.34 80.29
C ARG Q 712 -49.44 49.52 81.57
N THR Q 719 -49.51 45.59 89.75
CA THR Q 719 -48.22 45.09 89.30
C THR Q 719 -48.27 43.59 89.04
N GLY Q 720 -47.24 42.87 89.47
CA GLY Q 720 -47.19 41.44 89.28
C GLY Q 720 -45.85 40.95 88.73
N ARG Q 721 -45.90 40.29 87.59
CA ARG Q 721 -44.70 39.73 86.96
C ARG Q 721 -44.98 39.60 85.47
N GLY Q 722 -44.09 38.91 84.76
CA GLY Q 722 -44.26 38.66 83.35
C GLY Q 722 -43.22 37.71 82.80
N ALA Q 723 -43.59 36.94 81.78
CA ALA Q 723 -42.70 35.92 81.23
C ALA Q 723 -42.75 35.99 79.71
N ALA Q 724 -42.17 34.99 79.07
CA ALA Q 724 -41.99 34.97 77.63
C ALA Q 724 -43.32 34.82 76.91
N TYR Q 725 -43.69 35.83 76.13
CA TYR Q 725 -44.99 35.91 75.49
C TYR Q 725 -44.78 36.01 73.99
N ASN Q 726 -45.36 35.08 73.24
CA ASN Q 726 -45.26 35.07 71.78
C ASN Q 726 -46.16 36.17 71.23
N ALA Q 727 -45.63 37.38 71.18
CA ALA Q 727 -46.42 38.56 70.85
C ALA Q 727 -46.63 38.67 69.34
N ARG Q 728 -47.60 39.50 68.97
CA ARG Q 728 -47.88 39.83 67.58
C ARG Q 728 -48.16 41.32 67.50
N LEU Q 729 -48.19 41.84 66.27
CA LEU Q 729 -48.42 43.26 66.09
C LEU Q 729 -49.91 43.57 65.96
N ALA Q 730 -50.26 44.83 66.13
CA ALA Q 730 -51.65 45.26 66.07
C ALA Q 730 -51.69 46.73 65.68
N PHE Q 731 -52.22 47.02 64.49
CA PHE Q 731 -52.41 48.39 64.07
C PHE Q 731 -53.63 48.99 64.75
N ARG Q 732 -53.42 49.95 65.63
CA ARG Q 732 -54.52 50.69 66.23
C ARG Q 732 -54.59 52.09 65.62
N SER Q 733 -55.80 52.63 65.56
CA SER Q 733 -56.05 53.97 65.06
C SER Q 733 -57.38 54.44 65.64
N ASP Q 734 -57.94 55.51 65.07
CA ASP Q 734 -59.28 55.94 65.40
C ASP Q 734 -60.17 55.99 64.16
N GLN R 182 69.92 -31.90 102.21
CA GLN R 182 69.96 -32.06 100.76
C GLN R 182 71.25 -32.73 100.31
N CYS R 183 71.31 -33.07 99.03
CA CYS R 183 72.47 -33.72 98.46
C CYS R 183 73.39 -32.67 97.84
N HIS R 184 74.68 -33.01 97.79
CA HIS R 184 75.66 -32.18 97.09
C HIS R 184 76.21 -32.84 95.84
N VAL R 185 75.97 -34.14 95.66
CA VAL R 185 76.49 -34.83 94.48
C VAL R 185 75.63 -34.49 93.27
N CYS R 186 74.33 -34.77 93.34
CA CYS R 186 73.41 -34.44 92.26
C CYS R 186 72.60 -33.19 92.53
N SER R 187 72.70 -32.63 93.73
CA SER R 187 71.99 -31.43 94.18
C SER R 187 70.48 -31.58 94.02
N ALA R 188 69.94 -32.55 94.74
CA ALA R 188 68.51 -32.75 94.88
C ALA R 188 68.11 -32.50 96.32
N VAL R 189 67.05 -31.73 96.52
CA VAL R 189 66.60 -31.42 97.87
C VAL R 189 65.91 -32.64 98.47
N LEU R 190 66.44 -33.13 99.58
CA LEU R 190 65.81 -34.22 100.31
C LEU R 190 64.77 -33.64 101.26
N PHE R 191 63.72 -34.42 101.50
CA PHE R 191 62.61 -33.94 102.33
C PHE R 191 63.02 -33.90 103.80
N SER R 192 63.33 -35.06 104.35
CA SER R 192 63.93 -35.08 105.67
C SER R 192 65.45 -35.06 105.55
N PRO R 193 66.18 -34.41 106.45
CA PRO R 193 67.65 -34.43 106.38
C PRO R 193 68.29 -35.72 106.85
N LEU R 194 67.51 -36.77 107.11
CA LEU R 194 68.04 -38.06 107.50
C LEU R 194 67.83 -39.13 106.43
N ASP R 195 67.18 -38.79 105.32
CA ASP R 195 66.98 -39.67 104.19
C ASP R 195 68.12 -39.57 103.18
N LEU R 196 69.20 -38.87 103.55
CA LEU R 196 70.32 -38.62 102.66
C LEU R 196 71.06 -39.89 102.29
N ASP R 197 71.04 -40.90 103.17
CA ASP R 197 71.75 -42.14 102.90
C ASP R 197 71.10 -42.92 101.76
N ALA R 198 69.77 -42.99 101.75
CA ALA R 198 69.07 -43.71 100.69
C ALA R 198 69.18 -42.99 99.36
N HIS R 199 69.38 -41.67 99.37
CA HIS R 199 69.60 -40.98 98.12
C HIS R 199 71.02 -41.18 97.62
N VAL R 200 72.02 -41.09 98.50
CA VAL R 200 73.39 -41.27 98.03
C VAL R 200 73.75 -42.73 97.79
N ALA R 201 72.87 -43.67 98.16
CA ALA R 201 73.08 -45.05 97.79
C ALA R 201 72.97 -45.28 96.28
N SER R 202 72.26 -44.40 95.57
CA SER R 202 72.17 -44.54 94.12
C SER R 202 73.47 -44.14 93.44
N HIS R 203 74.23 -43.22 94.04
CA HIS R 203 75.48 -42.76 93.45
C HIS R 203 76.66 -43.65 93.77
N GLY R 204 76.44 -44.78 94.43
CA GLY R 204 77.54 -45.61 94.88
C GLY R 204 78.14 -45.20 96.20
N LEU R 205 77.63 -44.15 96.83
CA LEU R 205 78.11 -43.74 98.14
C LEU R 205 77.43 -44.56 99.22
N HIS R 206 78.21 -45.10 100.13
CA HIS R 206 77.69 -46.01 101.15
C HIS R 206 77.34 -45.25 102.42
N GLY R 207 76.22 -45.64 103.02
CA GLY R 207 75.76 -45.03 104.25
C GLY R 207 74.34 -45.43 104.56
N ARG R 218 63.72 -49.93 94.03
CA ARG R 218 62.41 -50.03 93.39
C ARG R 218 62.22 -48.92 92.38
N HIS R 219 63.06 -47.89 92.45
CA HIS R 219 63.10 -46.91 91.39
C HIS R 219 63.90 -47.44 90.21
N ILE R 220 63.62 -46.89 89.03
CA ILE R 220 64.31 -47.27 87.81
C ILE R 220 65.14 -46.12 87.25
N THR R 221 64.52 -44.95 87.10
CA THR R 221 65.18 -43.77 86.57
C THR R 221 65.00 -42.63 87.54
N GLU R 222 66.08 -41.90 87.84
CA GLU R 222 66.01 -40.72 88.70
C GLU R 222 66.69 -39.57 87.99
N PHE R 223 65.91 -38.62 87.48
CA PHE R 223 66.47 -37.43 86.87
C PHE R 223 66.19 -36.21 87.72
N ILE R 224 67.05 -35.22 87.60
CA ILE R 224 66.88 -33.92 88.24
C ILE R 224 67.23 -32.85 87.23
N SER R 225 66.49 -31.75 87.24
CA SER R 225 66.75 -30.65 86.33
C SER R 225 67.67 -29.62 86.99
N SER R 226 68.14 -28.67 86.18
CA SER R 226 69.10 -27.70 86.64
C SER R 226 68.57 -26.27 86.68
N TRP R 227 67.38 -26.02 86.17
CA TRP R 227 66.85 -24.68 86.15
C TRP R 227 65.50 -24.56 86.84
N GLN R 228 65.03 -25.61 87.49
CA GLN R 228 63.74 -25.59 88.17
C GLN R 228 63.79 -26.61 89.31
N ASN R 229 62.63 -26.87 89.91
CA ASN R 229 62.51 -27.84 90.99
C ASN R 229 61.41 -28.82 90.59
N HIS R 230 61.79 -29.85 89.85
CA HIS R 230 60.82 -30.85 89.42
C HIS R 230 61.52 -32.15 89.06
N PRO R 231 61.87 -32.99 90.03
CA PRO R 231 62.43 -34.30 89.70
C PRO R 231 61.36 -35.23 89.17
N ILE R 232 61.78 -36.09 88.25
CA ILE R 232 60.90 -37.07 87.62
C ILE R 232 61.51 -38.45 87.83
N VAL R 233 60.73 -39.36 88.40
CA VAL R 233 61.19 -40.71 88.66
C VAL R 233 60.31 -41.70 87.89
N GLN R 234 60.83 -42.91 87.72
CA GLN R 234 60.08 -43.99 87.11
C GLN R 234 59.86 -45.12 88.11
N VAL R 235 58.94 -46.01 87.73
CA VAL R 235 58.58 -47.15 88.56
C VAL R 235 57.98 -48.18 87.61
N SER R 236 57.92 -49.43 88.04
CA SER R 236 57.28 -50.45 87.23
C SER R 236 55.76 -50.24 87.20
N ALA R 237 55.11 -50.87 86.23
CA ALA R 237 53.68 -50.68 86.05
C ALA R 237 52.84 -51.46 87.06
N ASP R 238 53.42 -52.38 87.81
CA ASP R 238 52.65 -53.23 88.69
C ASP R 238 52.26 -52.56 90.00
N VAL R 239 52.92 -51.46 90.36
CA VAL R 239 52.66 -50.84 91.66
C VAL R 239 51.32 -50.13 91.64
N GLU R 240 50.80 -49.86 92.84
CA GLU R 240 49.47 -49.28 93.00
C GLU R 240 49.58 -47.88 93.60
N ASN R 241 48.73 -46.99 93.09
CA ASN R 241 48.46 -45.59 93.45
C ASN R 241 49.55 -44.63 92.98
N ARG R 242 50.73 -45.13 92.53
CA ARG R 242 51.77 -44.49 91.70
C ARG R 242 52.00 -43.00 91.93
N LYS R 243 52.05 -42.58 93.20
CA LYS R 243 51.87 -41.16 93.51
C LYS R 243 53.12 -40.35 93.16
N THR R 244 52.89 -39.26 92.42
CA THR R 244 53.92 -38.33 91.92
C THR R 244 55.07 -39.05 91.19
N ALA R 245 54.71 -40.00 90.32
CA ALA R 245 55.71 -40.77 89.61
C ALA R 245 55.14 -41.25 88.29
N GLN R 246 55.97 -41.23 87.26
CA GLN R 246 55.63 -41.87 86.01
C GLN R 246 56.05 -43.34 86.03
N LEU R 247 55.61 -44.08 85.02
CA LEU R 247 55.88 -45.50 85.01
C LEU R 247 56.46 -45.93 83.67
N LEU R 248 56.82 -47.19 83.60
CA LEU R 248 57.55 -47.78 82.48
C LEU R 248 56.63 -48.82 81.83
N HIS R 249 56.16 -48.50 80.62
CA HIS R 249 55.20 -49.38 79.95
C HIS R 249 55.85 -50.52 79.19
N ALA R 250 57.18 -50.54 79.07
CA ALA R 250 57.84 -51.63 78.36
C ALA R 250 57.77 -52.91 79.18
N ASP R 251 57.59 -54.03 78.50
CA ASP R 251 57.57 -55.34 79.14
C ASP R 251 59.02 -55.84 79.20
N THR R 252 59.77 -55.28 80.15
CA THR R 252 61.16 -55.65 80.30
C THR R 252 61.28 -57.04 80.93
N PRO R 253 62.30 -57.80 80.55
CA PRO R 253 62.57 -59.07 81.24
C PRO R 253 63.28 -58.83 82.56
N ARG R 254 63.46 -59.90 83.30
CA ARG R 254 64.15 -59.86 84.59
C ARG R 254 65.46 -60.61 84.43
N LEU R 255 66.53 -59.86 84.18
CA LEU R 255 67.82 -60.48 83.92
C LEU R 255 68.54 -60.83 85.21
N VAL R 256 68.68 -59.86 86.12
CA VAL R 256 69.38 -60.06 87.38
C VAL R 256 68.42 -60.68 88.41
N THR R 257 68.59 -61.97 88.64
CA THR R 257 67.87 -62.68 89.68
C THR R 257 68.88 -63.42 90.55
N TRP R 258 68.67 -63.36 91.85
CA TRP R 258 69.66 -63.81 92.81
C TRP R 258 69.31 -65.19 93.37
N ASP R 259 70.23 -65.75 94.15
CA ASP R 259 70.08 -67.10 94.67
C ASP R 259 70.98 -67.26 95.88
N ALA R 260 70.38 -67.53 97.04
CA ALA R 260 71.15 -67.63 98.27
C ALA R 260 71.41 -69.04 98.73
N GLY R 261 70.65 -70.02 98.24
CA GLY R 261 70.88 -71.40 98.58
C GLY R 261 72.03 -71.98 97.79
N LEU R 262 72.17 -73.31 97.89
CA LEU R 262 73.27 -73.98 97.24
C LEU R 262 72.89 -74.40 95.82
N CYS R 263 73.84 -74.21 94.91
CA CYS R 263 73.63 -74.35 93.47
C CYS R 263 73.79 -75.80 93.05
N THR R 264 72.75 -76.58 93.34
CA THR R 264 72.72 -77.98 92.94
C THR R 264 71.36 -78.31 92.37
N SER R 265 71.29 -79.41 91.64
CA SER R 265 70.04 -79.86 91.05
C SER R 265 69.82 -81.35 91.19
N PHE R 266 70.76 -82.09 91.77
CA PHE R 266 70.68 -83.54 91.88
C PHE R 266 70.58 -83.87 93.37
N LYS R 267 69.44 -84.39 93.80
CA LYS R 267 69.30 -84.81 95.17
C LYS R 267 69.40 -86.32 95.27
N ILE R 268 69.73 -86.80 96.47
CA ILE R 268 69.95 -88.22 96.72
C ILE R 268 68.88 -88.69 97.68
N VAL R 269 67.97 -89.53 97.19
CA VAL R 269 66.83 -89.97 98.00
C VAL R 269 67.06 -91.39 98.51
N PRO R 270 66.53 -91.73 99.67
CA PRO R 270 66.48 -93.14 100.08
C PRO R 270 65.28 -93.81 99.45
N ILE R 271 65.40 -95.10 99.20
CA ILE R 271 64.32 -95.84 98.57
C ILE R 271 63.80 -96.92 99.51
N VAL R 272 64.70 -97.79 99.96
CA VAL R 272 64.33 -98.85 100.89
C VAL R 272 64.93 -98.53 102.24
N PRO R 273 64.14 -98.06 103.21
CA PRO R 273 64.71 -97.66 104.51
C PRO R 273 64.91 -98.86 105.42
N ALA R 274 66.09 -98.92 106.04
CA ALA R 274 66.43 -99.96 107.00
C ALA R 274 67.62 -99.47 107.81
N GLN R 275 67.52 -99.50 109.13
CA GLN R 275 68.60 -99.05 109.98
C GLN R 275 69.16 -100.19 110.81
N VAL R 276 70.43 -100.04 111.16
CA VAL R 276 71.25 -101.11 111.75
C VAL R 276 71.69 -100.63 113.12
N PRO R 277 72.11 -101.54 114.01
CA PRO R 277 72.78 -101.09 115.23
C PRO R 277 74.17 -100.53 114.94
N GLN R 278 74.48 -99.42 115.59
CA GLN R 278 75.80 -98.81 115.49
C GLN R 278 76.69 -99.29 116.63
N ASP R 279 77.84 -98.66 116.78
CA ASP R 279 78.70 -98.81 117.94
C ASP R 279 78.90 -97.50 118.68
N VAL R 280 79.17 -96.42 117.95
CA VAL R 280 79.32 -95.09 118.52
C VAL R 280 78.05 -94.32 118.24
N LEU R 281 77.39 -93.85 119.29
CA LEU R 281 76.10 -93.18 119.14
C LEU R 281 76.20 -91.66 119.17
N ALA R 282 77.18 -91.10 119.86
CA ALA R 282 77.27 -89.65 120.00
C ALA R 282 78.71 -89.26 120.31
N TYR R 283 78.97 -87.96 120.21
CA TYR R 283 80.24 -87.39 120.61
C TYR R 283 80.10 -86.76 121.98
N THR R 284 81.14 -86.86 122.79
CA THR R 284 81.08 -86.43 124.18
C THR R 284 81.98 -85.23 124.41
N PHE R 285 81.37 -84.06 124.56
CA PHE R 285 82.00 -82.87 125.11
C PHE R 285 81.49 -82.73 126.54
N PHE R 286 82.29 -82.07 127.39
CA PHE R 286 82.53 -82.41 128.81
C PHE R 286 81.41 -83.14 129.52
N THR R 287 80.21 -82.57 129.50
CA THR R 287 79.02 -83.22 130.02
C THR R 287 77.93 -83.38 128.98
N SER R 288 77.99 -82.66 127.87
CA SER R 288 76.95 -82.71 126.87
C SER R 288 77.15 -83.89 125.94
N SER R 289 76.30 -83.99 124.91
CA SER R 289 76.38 -85.07 123.94
C SER R 289 75.82 -84.57 122.62
N TYR R 290 76.56 -84.79 121.55
CA TYR R 290 76.20 -84.29 120.23
C TYR R 290 75.91 -85.47 119.32
N ALA R 291 74.77 -85.44 118.64
CA ALA R 291 74.37 -86.54 117.78
C ALA R 291 75.22 -86.56 116.51
N ILE R 292 75.22 -87.71 115.83
CA ILE R 292 75.97 -87.91 114.61
C ILE R 292 75.03 -87.64 113.43
N GLN R 293 75.44 -86.75 112.54
CA GLN R 293 74.66 -86.39 111.37
C GLN R 293 75.42 -86.80 110.12
N SER R 294 74.78 -87.55 109.27
CA SER R 294 75.42 -88.09 108.09
C SER R 294 75.08 -87.27 106.86
N PRO R 295 76.01 -87.12 105.92
CA PRO R 295 75.73 -86.34 104.70
C PRO R 295 74.90 -87.08 103.67
N PHE R 296 74.60 -88.35 103.89
CA PHE R 296 73.87 -89.14 102.92
C PHE R 296 72.79 -89.93 103.63
N PRO R 297 71.66 -90.21 102.97
CA PRO R 297 70.58 -90.94 103.63
C PRO R 297 70.97 -92.40 103.88
N GLU R 298 70.79 -92.81 105.13
CA GLU R 298 71.09 -94.19 105.54
C GLU R 298 69.91 -95.07 105.18
N ALA R 299 70.11 -95.99 104.25
CA ALA R 299 69.03 -96.81 103.74
C ALA R 299 69.63 -98.09 103.16
N ALA R 300 68.76 -98.97 102.69
CA ALA R 300 69.25 -100.17 102.02
C ALA R 300 69.78 -99.83 100.64
N VAL R 301 69.03 -99.04 99.86
CA VAL R 301 69.48 -98.53 98.58
C VAL R 301 69.18 -97.03 98.53
N SER R 302 69.84 -96.35 97.60
CA SER R 302 69.69 -94.91 97.47
C SER R 302 69.91 -94.51 96.02
N ARG R 303 69.11 -93.58 95.54
CA ARG R 303 69.11 -93.18 94.14
C ARG R 303 69.41 -91.70 94.00
N ILE R 304 69.82 -91.31 92.81
CA ILE R 304 70.08 -89.92 92.46
C ILE R 304 68.98 -89.49 91.52
N VAL R 305 67.99 -88.78 92.04
CA VAL R 305 66.92 -88.26 91.21
C VAL R 305 67.16 -86.77 91.01
N VAL R 306 66.38 -86.18 90.10
CA VAL R 306 66.63 -84.83 89.62
C VAL R 306 65.44 -83.97 90.02
N HIS R 307 65.60 -83.18 91.07
CA HIS R 307 64.67 -82.14 91.45
C HIS R 307 65.47 -80.85 91.43
N THR R 308 65.43 -80.13 90.32
CA THR R 308 66.25 -78.94 90.19
C THR R 308 65.72 -77.80 91.08
N ARG R 309 66.66 -77.07 91.67
CA ARG R 309 66.41 -76.03 92.67
C ARG R 309 65.61 -76.61 93.84
N TRP R 310 66.22 -77.56 94.54
CA TRP R 310 65.53 -78.23 95.64
C TRP R 310 65.86 -77.66 97.00
N ALA R 311 67.07 -77.13 97.20
CA ALA R 311 67.42 -76.44 98.43
C ALA R 311 68.04 -75.12 98.02
N SER R 312 67.20 -74.09 97.86
CA SER R 312 67.67 -72.82 97.33
C SER R 312 66.70 -71.72 97.74
N ASN R 313 67.22 -70.63 98.27
CA ASN R 313 66.43 -69.47 98.62
C ASN R 313 66.54 -68.45 97.49
N VAL R 314 65.41 -68.10 96.91
CA VAL R 314 65.34 -67.36 95.65
C VAL R 314 64.41 -66.16 95.85
N ASP R 315 64.82 -64.99 95.35
CA ASP R 315 63.94 -63.85 95.45
C ASP R 315 62.81 -63.88 94.41
N PHE R 316 63.04 -64.48 93.26
CA PHE R 316 62.04 -64.51 92.18
C PHE R 316 62.21 -65.80 91.41
N ASP R 317 61.25 -66.72 91.53
CA ASP R 317 61.35 -67.98 90.82
C ASP R 317 61.05 -67.80 89.33
N ARG R 318 61.33 -68.84 88.56
CA ARG R 318 61.15 -68.79 87.12
C ARG R 318 60.07 -69.74 86.61
N ASP R 319 59.45 -70.55 87.49
CA ASP R 319 58.22 -71.29 87.21
C ASP R 319 58.39 -72.30 86.06
N SER R 320 59.59 -72.84 85.94
CA SER R 320 59.83 -73.90 84.95
C SER R 320 60.74 -74.93 85.62
N SER R 321 60.16 -75.87 86.34
CA SER R 321 60.95 -76.80 87.15
C SER R 321 60.91 -78.20 86.55
N VAL R 322 61.97 -78.94 86.78
CA VAL R 322 62.07 -80.34 86.39
C VAL R 322 62.08 -81.16 87.67
N ILE R 323 60.98 -81.84 87.93
CA ILE R 323 60.75 -82.55 89.18
C ILE R 323 60.54 -84.01 88.88
N MET R 324 61.38 -84.86 89.44
CA MET R 324 61.30 -86.31 89.25
C MET R 324 60.88 -86.97 90.53
N ALA R 325 59.87 -87.84 90.44
CA ALA R 325 59.59 -88.74 91.52
C ALA R 325 60.71 -89.79 91.60
N PRO R 326 60.95 -90.36 92.77
CA PRO R 326 61.86 -91.50 92.85
C PRO R 326 61.31 -92.67 92.06
N PRO R 327 62.18 -93.54 91.53
CA PRO R 327 61.78 -94.45 90.46
C PRO R 327 60.82 -95.58 90.86
N THR R 328 60.33 -95.62 92.09
CA THR R 328 59.21 -96.49 92.40
C THR R 328 57.90 -95.88 91.91
N GLU R 329 57.71 -94.59 92.14
CA GLU R 329 56.61 -93.88 91.51
C GLU R 329 56.99 -93.52 90.08
N ASN R 330 55.99 -93.50 89.20
CA ASN R 330 56.25 -93.25 87.79
C ASN R 330 56.60 -91.80 87.53
N ASN R 331 57.22 -91.58 86.38
CA ASN R 331 57.22 -90.27 85.78
C ASN R 331 56.91 -90.45 84.29
N ILE R 332 55.62 -90.51 83.98
CA ILE R 332 55.15 -90.46 82.61
C ILE R 332 54.42 -89.17 82.30
N HIS R 333 53.94 -88.46 83.33
CA HIS R 333 53.47 -87.09 83.16
C HIS R 333 54.62 -86.12 82.95
N LEU R 334 55.85 -86.55 83.20
CA LEU R 334 57.02 -85.80 82.78
C LEU R 334 57.29 -85.93 81.28
N PHE R 335 56.71 -86.96 80.64
CA PHE R 335 57.04 -87.26 79.26
C PHE R 335 55.86 -87.14 78.31
N LYS R 336 54.64 -87.03 78.79
CA LYS R 336 53.50 -86.89 77.91
C LYS R 336 53.02 -85.44 77.80
N GLN R 337 53.94 -84.48 77.98
CA GLN R 337 53.54 -83.09 78.14
C GLN R 337 53.10 -82.45 76.83
N LEU R 338 53.94 -82.51 75.80
CA LEU R 338 53.79 -81.58 74.68
C LEU R 338 52.70 -82.01 73.70
N LEU R 339 52.90 -83.12 73.01
CA LEU R 339 52.08 -83.47 71.86
C LEU R 339 51.19 -84.67 72.11
N ASN R 340 51.05 -85.09 73.36
CA ASN R 340 50.10 -86.13 73.70
C ASN R 340 48.81 -85.51 74.24
N THR R 341 48.17 -84.72 73.37
CA THR R 341 46.91 -84.12 73.74
C THR R 341 45.77 -85.12 73.67
N GLU R 342 45.88 -86.10 72.77
CA GLU R 342 45.00 -87.26 72.80
C GLU R 342 45.85 -88.51 72.64
N THR R 343 45.66 -89.44 73.56
CA THR R 343 46.23 -90.76 73.48
C THR R 343 45.11 -91.74 73.71
N LEU R 344 45.31 -92.98 73.27
CA LEU R 344 44.30 -93.98 73.57
C LEU R 344 44.42 -94.50 74.99
N SER R 345 45.54 -94.23 75.66
CA SER R 345 45.73 -94.56 77.06
C SER R 345 46.35 -93.36 77.75
N VAL R 346 45.74 -92.94 78.86
CA VAL R 346 46.22 -91.75 79.55
C VAL R 346 47.49 -92.03 80.34
N ARG R 347 47.77 -93.28 80.67
CA ARG R 347 48.98 -93.63 81.43
C ARG R 347 50.15 -93.97 80.51
N GLY R 348 50.38 -93.16 79.49
CA GLY R 348 51.37 -93.54 78.49
C GLY R 348 51.85 -92.37 77.70
N ALA R 349 52.97 -92.58 77.02
CA ALA R 349 53.57 -91.57 76.16
C ALA R 349 53.75 -92.15 74.77
N ASN R 350 53.62 -91.27 73.78
CA ASN R 350 53.87 -91.68 72.41
C ASN R 350 55.36 -91.94 72.23
N PRO R 351 55.77 -93.10 71.73
CA PRO R 351 57.21 -93.31 71.45
C PRO R 351 57.71 -92.52 70.26
N LEU R 352 56.87 -91.79 69.55
CA LEU R 352 57.29 -90.89 68.49
C LEU R 352 57.48 -89.46 68.98
N MET R 353 57.10 -89.15 70.21
CA MET R 353 57.24 -87.81 70.76
C MET R 353 58.30 -87.74 71.83
N PHE R 354 59.11 -88.79 71.96
CA PHE R 354 60.14 -88.87 73.00
C PHE R 354 61.18 -87.78 72.84
N ARG R 355 61.67 -87.57 71.61
CA ARG R 355 62.74 -86.60 71.40
C ARG R 355 62.26 -85.18 71.66
N ALA R 356 61.03 -84.85 71.23
CA ALA R 356 60.48 -83.53 71.51
C ALA R 356 60.29 -83.30 73.00
N ASN R 357 59.80 -84.32 73.72
CA ASN R 357 59.58 -84.17 75.14
C ASN R 357 60.88 -84.06 75.93
N VAL R 358 61.89 -84.87 75.58
CA VAL R 358 63.18 -84.80 76.26
C VAL R 358 63.89 -83.49 75.94
N LEU R 359 63.72 -82.98 74.72
CA LEU R 359 64.33 -81.71 74.35
C LEU R 359 63.70 -80.54 75.08
N HIS R 360 62.37 -80.54 75.22
CA HIS R 360 61.71 -79.51 76.01
C HIS R 360 62.03 -79.65 77.49
N MET R 361 62.29 -80.86 77.96
CA MET R 361 62.69 -81.05 79.35
C MET R 361 64.09 -80.49 79.59
N LEU R 362 65.00 -80.66 78.62
CA LEU R 362 66.33 -80.07 78.74
C LEU R 362 66.26 -78.55 78.67
N LEU R 363 65.35 -78.01 77.88
CA LEU R 363 65.15 -76.56 77.87
C LEU R 363 64.62 -76.07 79.23
N GLU R 364 63.67 -76.80 79.82
CA GLU R 364 63.20 -76.46 81.16
C GLU R 364 64.31 -76.57 82.20
N PHE R 365 65.22 -77.53 82.04
CA PHE R 365 66.29 -77.71 83.00
C PHE R 365 67.30 -76.58 82.93
N VAL R 366 67.67 -76.18 81.72
CA VAL R 366 68.64 -75.09 81.61
C VAL R 366 67.99 -73.75 81.90
N LEU R 367 66.67 -73.65 81.79
CA LEU R 367 66.04 -72.34 81.82
C LEU R 367 65.78 -71.84 83.23
N ASP R 368 65.73 -72.71 84.22
CA ASP R 368 65.56 -72.26 85.60
C ASP R 368 66.83 -72.34 86.42
N ASN R 369 67.98 -72.50 85.79
CA ASN R 369 69.25 -72.30 86.49
C ASN R 369 69.91 -71.01 86.06
N LEU R 370 69.11 -70.04 85.63
CA LEU R 370 69.65 -68.75 85.18
C LEU R 370 69.61 -67.75 86.33
N TYR R 371 70.27 -68.12 87.42
CA TYR R 371 70.36 -67.28 88.60
C TYR R 371 71.80 -66.88 88.85
N LEU R 372 71.99 -66.04 89.85
CA LEU R 372 73.33 -65.66 90.27
C LEU R 372 73.46 -65.93 91.76
N ASN R 373 74.66 -66.31 92.16
CA ASN R 373 74.88 -66.81 93.51
C ASN R 373 75.14 -65.67 94.47
N ARG R 374 74.48 -65.72 95.62
CA ARG R 374 74.60 -64.66 96.61
C ARG R 374 75.65 -64.99 97.66
N HIS R 375 76.27 -63.95 98.21
CA HIS R 375 77.20 -64.06 99.31
C HIS R 375 76.48 -63.71 100.60
N THR R 376 76.55 -64.60 101.57
CA THR R 376 76.03 -64.32 102.90
C THR R 376 77.10 -64.71 103.91
N GLY R 377 76.80 -64.48 105.18
CA GLY R 377 77.83 -64.57 106.21
C GLY R 377 78.30 -65.99 106.46
N PHE R 378 79.45 -66.07 107.09
CA PHE R 378 80.14 -67.33 107.36
C PHE R 378 80.16 -67.58 108.87
N SER R 379 80.83 -68.65 109.27
CA SER R 379 81.01 -68.97 110.68
C SER R 379 82.21 -69.89 110.80
N GLN R 380 83.10 -69.60 111.74
CA GLN R 380 84.21 -70.49 112.00
C GLN R 380 83.72 -71.78 112.64
N ASP R 381 84.50 -72.83 112.47
CA ASP R 381 84.20 -74.11 113.10
C ASP R 381 85.46 -74.62 113.79
N HIS R 382 85.29 -75.13 115.01
CA HIS R 382 86.38 -75.76 115.73
C HIS R 382 86.05 -77.19 116.09
N THR R 383 85.16 -77.82 115.32
CA THR R 383 85.01 -79.26 115.35
C THR R 383 86.33 -79.90 114.95
N PRO R 384 86.80 -80.94 115.66
CA PRO R 384 88.13 -81.51 115.36
C PRO R 384 88.26 -82.21 114.01
N PHE R 385 87.22 -82.25 113.18
CA PHE R 385 87.34 -82.69 111.80
C PHE R 385 87.27 -81.55 110.80
N THR R 386 86.89 -80.36 111.23
CA THR R 386 86.87 -79.17 110.39
C THR R 386 87.47 -78.02 111.18
N GLU R 387 88.65 -78.26 111.75
CA GLU R 387 89.26 -77.30 112.66
C GLU R 387 89.76 -76.08 111.91
N GLY R 388 89.16 -74.93 112.18
CA GLY R 388 89.60 -73.69 111.57
C GLY R 388 89.30 -73.60 110.08
N ALA R 389 88.01 -73.56 109.74
CA ALA R 389 87.60 -73.48 108.34
C ALA R 389 86.27 -72.74 108.29
N ASN R 390 86.24 -71.62 107.57
CA ASN R 390 85.04 -70.78 107.50
C ASN R 390 83.98 -71.48 106.68
N LEU R 391 83.04 -72.11 107.35
CA LEU R 391 81.90 -72.73 106.68
C LEU R 391 80.90 -71.66 106.28
N ARG R 392 79.93 -72.05 105.48
CA ARG R 392 78.92 -71.14 104.96
C ARG R 392 77.60 -71.37 105.67
N SER R 393 77.01 -70.29 106.19
CA SER R 393 75.68 -70.34 106.77
C SER R 393 74.64 -70.02 105.71
N LEU R 394 73.39 -70.19 106.07
CA LEU R 394 72.30 -70.01 105.12
C LEU R 394 71.33 -68.97 105.65
N PRO R 395 70.55 -68.32 104.77
CA PRO R 395 69.48 -67.42 105.25
C PRO R 395 68.39 -68.15 105.99
N GLY R 396 68.28 -67.89 107.29
CA GLY R 396 67.32 -68.55 108.13
C GLY R 396 67.89 -68.78 109.51
N PRO R 397 67.05 -69.19 110.47
CA PRO R 397 67.52 -69.45 111.82
C PRO R 397 68.20 -70.81 112.01
N ASP R 398 68.56 -71.50 110.93
CA ASP R 398 69.19 -72.82 111.00
C ASP R 398 70.64 -72.70 110.59
N ALA R 399 71.55 -73.01 111.52
CA ALA R 399 72.98 -72.99 111.25
C ALA R 399 73.60 -74.38 111.32
N GLU R 400 73.39 -75.10 112.43
CA GLU R 400 73.88 -76.46 112.59
C GLU R 400 73.08 -77.45 111.74
N LYS R 401 71.93 -77.03 111.20
CA LYS R 401 71.06 -77.94 110.47
C LYS R 401 71.63 -78.33 109.11
N TRP R 402 72.00 -77.35 108.30
CA TRP R 402 72.45 -77.62 106.94
C TRP R 402 73.89 -78.09 106.87
N TYR R 403 74.62 -78.15 107.98
CA TYR R 403 76.03 -78.52 107.92
C TYR R 403 76.22 -80.02 107.74
N SER R 404 75.19 -80.82 107.97
CA SER R 404 75.23 -82.23 107.59
C SER R 404 75.36 -82.36 106.09
N ILE R 405 74.61 -81.53 105.35
CA ILE R 405 74.73 -81.40 103.91
C ILE R 405 75.91 -80.46 103.68
N MET R 406 76.40 -80.37 102.44
CA MET R 406 77.43 -79.46 101.91
C MET R 406 78.82 -79.81 102.36
N TYR R 407 78.99 -80.68 103.36
CA TYR R 407 80.31 -80.95 103.94
C TYR R 407 80.34 -82.38 104.44
N PRO R 408 80.62 -83.34 103.56
CA PRO R 408 80.72 -84.73 103.99
C PRO R 408 81.95 -85.00 104.83
N THR R 409 82.98 -84.17 104.74
CA THR R 409 84.15 -84.36 105.57
C THR R 409 83.98 -83.79 106.97
N ARG R 410 82.87 -83.10 107.24
CA ARG R 410 82.66 -82.53 108.57
C ARG R 410 82.36 -83.61 109.59
N MET R 411 81.50 -84.57 109.24
CA MET R 411 81.35 -85.77 110.05
C MET R 411 82.65 -86.55 110.01
N GLY R 412 83.07 -87.07 111.16
CA GLY R 412 84.28 -87.85 111.24
C GLY R 412 84.06 -89.28 110.79
N THR R 413 84.91 -90.17 111.31
CA THR R 413 84.80 -91.61 111.07
C THR R 413 84.63 -92.35 112.39
N PRO R 414 83.44 -92.30 113.00
CA PRO R 414 83.29 -92.96 114.30
C PRO R 414 83.05 -94.47 114.19
N ASN R 415 82.36 -94.89 113.15
CA ASN R 415 81.89 -96.27 113.01
C ASN R 415 82.63 -96.97 111.89
N VAL R 416 82.20 -98.19 111.58
CA VAL R 416 82.70 -98.95 110.45
C VAL R 416 81.56 -99.07 109.45
N SER R 417 81.53 -98.18 108.46
CA SER R 417 80.49 -98.18 107.46
C SER R 417 81.10 -97.73 106.14
N LYS R 418 80.32 -97.87 105.07
CA LYS R 418 80.79 -97.44 103.76
C LYS R 418 80.93 -95.92 103.69
N ILE R 419 80.05 -95.20 104.38
CA ILE R 419 80.16 -93.76 104.48
C ILE R 419 81.43 -93.37 105.22
N CYS R 420 81.76 -94.09 106.28
CA CYS R 420 83.00 -93.84 106.99
C CYS R 420 84.24 -94.22 106.20
N ASN R 421 84.16 -95.24 105.34
CA ASN R 421 85.26 -95.51 104.42
C ASN R 421 85.46 -94.36 103.44
N PHE R 422 84.37 -93.79 102.93
CA PHE R 422 84.49 -92.67 102.01
C PHE R 422 85.04 -91.42 102.70
N VAL R 423 84.60 -91.16 103.92
CA VAL R 423 85.08 -90.01 104.67
C VAL R 423 86.56 -90.16 105.02
N ALA R 424 86.97 -91.36 105.41
CA ALA R 424 88.38 -91.63 105.65
C ALA R 424 89.21 -91.57 104.36
N SER R 425 88.59 -91.80 103.21
CA SER R 425 89.30 -91.61 101.95
C SER R 425 89.46 -90.16 101.54
N CYS R 426 88.50 -89.30 101.90
CA CYS R 426 88.56 -87.90 101.47
C CYS R 426 89.71 -87.13 102.14
N VAL R 427 90.13 -86.05 101.48
CA VAL R 427 91.14 -85.14 102.04
C VAL R 427 90.46 -84.16 102.98
N ARG R 428 91.27 -83.40 103.73
CA ARG R 428 90.75 -82.64 104.86
C ARG R 428 91.02 -81.13 104.78
N ASN R 429 91.66 -80.64 103.73
CA ASN R 429 92.00 -79.22 103.66
C ASN R 429 91.20 -78.47 102.60
N ARG R 430 90.25 -79.12 101.94
CA ARG R 430 89.43 -78.48 100.91
C ARG R 430 88.01 -78.43 101.44
N VAL R 431 87.72 -77.39 102.21
CA VAL R 431 86.47 -77.30 102.95
C VAL R 431 86.19 -75.84 103.26
N GLY R 432 84.94 -75.44 103.08
CA GLY R 432 84.56 -74.08 103.43
C GLY R 432 85.06 -73.08 102.40
N ARG R 433 85.59 -71.97 102.89
CA ARG R 433 86.06 -70.89 102.03
C ARG R 433 87.46 -71.17 101.52
N PHE R 434 87.68 -70.92 100.21
CA PHE R 434 88.98 -71.11 99.60
C PHE R 434 89.75 -69.80 99.49
N ASP R 435 89.20 -68.80 98.82
CA ASP R 435 89.78 -67.46 98.84
C ASP R 435 88.68 -66.43 98.64
N ARG R 436 89.05 -65.16 98.80
CA ARG R 436 88.12 -64.06 98.73
C ARG R 436 88.80 -62.89 98.03
N ALA R 437 88.04 -61.82 97.81
CA ALA R 437 88.60 -60.64 97.18
C ALA R 437 89.49 -59.88 98.15
N GLN R 438 90.35 -59.02 97.60
CA GLN R 438 91.06 -58.08 98.45
C GLN R 438 90.19 -56.88 98.76
N MET R 439 89.49 -56.36 97.76
CA MET R 439 88.60 -55.23 97.97
C MET R 439 87.37 -55.68 98.76
N MET R 440 86.92 -54.83 99.67
CA MET R 440 85.90 -55.21 100.63
C MET R 440 84.79 -54.16 100.65
N ASN R 441 83.70 -54.52 101.31
CA ASN R 441 82.57 -53.64 101.54
C ASN R 441 82.28 -53.70 103.03
N GLY R 442 82.59 -52.63 103.76
CA GLY R 442 82.48 -52.67 105.20
C GLY R 442 83.53 -53.58 105.79
N ALA R 443 83.11 -54.74 106.28
CA ALA R 443 84.04 -55.72 106.82
C ALA R 443 83.98 -57.06 106.11
N MET R 444 83.01 -57.28 105.23
CA MET R 444 82.94 -58.49 104.42
C MET R 444 83.54 -58.24 103.05
N SER R 445 83.85 -59.33 102.37
CA SER R 445 84.48 -59.26 101.05
C SER R 445 83.43 -58.97 99.98
N GLU R 446 83.81 -59.08 98.72
CA GLU R 446 82.87 -58.89 97.62
C GLU R 446 82.57 -60.20 96.92
N TRP R 447 83.58 -60.89 96.40
CA TRP R 447 83.38 -62.20 95.84
C TRP R 447 84.19 -63.21 96.64
N VAL R 448 83.86 -64.48 96.45
CA VAL R 448 84.42 -65.54 97.28
C VAL R 448 84.34 -66.84 96.50
N ASP R 449 85.24 -67.77 96.79
CA ASP R 449 85.19 -69.12 96.24
C ASP R 449 85.11 -70.10 97.39
N VAL R 450 84.06 -70.91 97.42
CA VAL R 450 83.82 -71.81 98.53
C VAL R 450 83.66 -73.24 98.04
N PHE R 451 84.14 -74.18 98.85
CA PHE R 451 83.88 -75.60 98.66
C PHE R 451 82.53 -75.94 99.27
N GLU R 452 81.63 -76.46 98.46
CA GLU R 452 80.36 -76.99 98.96
C GLU R 452 79.82 -77.94 97.92
N THR R 453 78.79 -78.69 98.29
CA THR R 453 78.24 -79.61 97.31
C THR R 453 77.35 -78.86 96.34
N SER R 454 77.36 -79.33 95.10
CA SER R 454 76.83 -78.67 93.93
C SER R 454 76.83 -79.71 92.83
N ASP R 455 76.67 -79.28 91.58
CA ASP R 455 77.13 -80.12 90.48
C ASP R 455 77.69 -79.27 89.35
N ALA R 456 78.65 -79.87 88.65
CA ALA R 456 79.43 -79.20 87.63
C ALA R 456 78.58 -78.64 86.51
N LEU R 457 77.48 -79.30 86.17
CA LEU R 457 76.61 -78.82 85.11
C LEU R 457 75.95 -77.50 85.46
N THR R 458 75.33 -77.42 86.65
CA THR R 458 74.67 -76.19 87.05
C THR R 458 75.68 -75.08 87.31
N VAL R 459 76.85 -75.42 87.85
CA VAL R 459 77.81 -74.33 88.07
C VAL R 459 78.43 -73.87 86.76
N SER R 460 78.51 -74.72 85.74
CA SER R 460 78.98 -74.27 84.44
C SER R 460 77.94 -73.41 83.75
N ILE R 461 76.66 -73.77 83.87
CA ILE R 461 75.59 -72.95 83.32
C ILE R 461 75.55 -71.58 83.98
N ARG R 462 75.71 -71.53 85.30
CA ARG R 462 75.67 -70.24 85.98
C ARG R 462 76.93 -69.42 85.75
N GLY R 463 78.07 -70.08 85.53
CA GLY R 463 79.26 -69.34 85.13
C GLY R 463 79.14 -68.73 83.76
N ARG R 464 78.55 -69.48 82.80
CA ARG R 464 78.33 -68.92 81.47
C ARG R 464 77.28 -67.83 81.49
N TRP R 465 76.28 -67.94 82.36
CA TRP R 465 75.29 -66.88 82.47
C TRP R 465 75.85 -65.62 83.09
N MET R 466 76.73 -65.76 84.08
CA MET R 466 77.40 -64.59 84.65
C MET R 466 78.33 -63.98 83.63
N ALA R 467 79.02 -64.79 82.83
CA ALA R 467 79.87 -64.25 81.79
C ALA R 467 79.08 -63.57 80.67
N ARG R 468 77.85 -64.02 80.42
CA ARG R 468 77.03 -63.33 79.44
C ARG R 468 76.53 -62.00 79.98
N LEU R 469 76.13 -61.96 81.24
CA LEU R 469 75.70 -60.68 81.82
C LEU R 469 76.87 -59.73 82.05
N ALA R 470 78.09 -60.25 82.19
CA ALA R 470 79.22 -59.40 82.54
C ALA R 470 79.64 -58.51 81.37
N ARG R 471 79.56 -59.03 80.15
CA ARG R 471 79.92 -58.24 78.98
C ARG R 471 78.76 -57.42 78.43
N MET R 472 77.76 -57.16 79.26
CA MET R 472 76.76 -56.14 78.97
C MET R 472 76.94 -54.90 79.83
N ASN R 473 78.08 -54.76 80.49
CA ASN R 473 78.28 -53.69 81.45
C ASN R 473 78.47 -52.37 80.73
N ILE R 474 78.10 -51.29 81.41
CA ILE R 474 78.23 -49.95 80.86
C ILE R 474 78.35 -49.02 82.06
N ASN R 475 79.05 -47.92 81.89
CA ASN R 475 79.18 -47.00 83.01
C ASN R 475 78.44 -45.69 82.76
N PRO R 476 78.07 -44.96 83.82
CA PRO R 476 77.42 -43.66 83.63
C PRO R 476 78.25 -42.63 82.90
N THR R 477 79.56 -42.82 82.75
CA THR R 477 80.33 -41.98 81.82
C THR R 477 79.87 -42.20 80.38
N GLU R 478 79.70 -43.46 79.97
CA GLU R 478 79.15 -43.70 78.66
C GLU R 478 77.68 -43.35 78.55
N ILE R 479 76.93 -43.40 79.65
CA ILE R 479 75.54 -42.95 79.59
C ILE R 479 75.45 -41.44 79.41
N GLU R 480 76.30 -40.68 80.10
CA GLU R 480 76.28 -39.23 79.92
C GLU R 480 76.94 -38.81 78.61
N TRP R 481 77.72 -39.69 77.99
CA TRP R 481 78.11 -39.45 76.61
C TRP R 481 76.93 -39.65 75.66
N ALA R 482 76.21 -40.76 75.84
CA ALA R 482 75.18 -41.17 74.90
C ALA R 482 73.99 -40.23 74.91
N LEU R 483 73.53 -39.82 76.10
CA LEU R 483 72.39 -38.92 76.15
C LEU R 483 72.74 -37.52 75.67
N THR R 484 73.99 -37.06 75.91
CA THR R 484 74.42 -35.77 75.41
C THR R 484 74.48 -35.76 73.89
N GLU R 485 74.99 -36.84 73.30
CA GLU R 485 75.03 -36.91 71.84
C GLU R 485 73.65 -37.11 71.25
N CYS R 486 72.76 -37.82 71.95
CA CYS R 486 71.41 -38.06 71.47
C CYS R 486 70.54 -36.81 71.55
N ALA R 487 70.82 -35.90 72.48
CA ALA R 487 70.00 -34.70 72.65
C ALA R 487 70.30 -33.60 71.63
N GLN R 488 71.16 -33.88 70.64
CA GLN R 488 71.49 -32.97 69.53
C GLN R 488 72.07 -31.63 70.01
N GLY R 489 72.81 -31.65 71.11
CA GLY R 489 73.58 -30.49 71.52
C GLY R 489 72.81 -29.38 72.20
N TYR R 490 71.48 -29.47 72.27
CA TYR R 490 70.73 -28.44 72.99
C TYR R 490 70.80 -28.64 74.50
N VAL R 491 71.10 -29.83 74.95
CA VAL R 491 71.06 -30.20 76.36
C VAL R 491 72.25 -31.10 76.66
N THR R 492 73.04 -30.74 77.65
CA THR R 492 74.14 -31.58 78.12
C THR R 492 73.75 -32.18 79.47
N VAL R 493 73.93 -33.48 79.61
CA VAL R 493 73.62 -34.17 80.86
C VAL R 493 74.92 -34.54 81.54
N THR R 494 74.83 -34.89 82.82
CA THR R 494 75.98 -35.41 83.55
C THR R 494 75.50 -36.39 84.59
N SER R 495 76.37 -37.35 84.93
CA SER R 495 76.03 -38.43 85.84
C SER R 495 77.22 -38.72 86.74
N PRO R 496 77.28 -38.11 87.91
CA PRO R 496 78.39 -38.37 88.82
C PRO R 496 78.25 -39.71 89.52
N TYR R 497 79.39 -40.26 89.94
CA TYR R 497 79.42 -41.59 90.52
C TYR R 497 80.72 -41.78 91.29
N ALA R 498 80.67 -42.66 92.26
CA ALA R 498 81.82 -43.04 93.07
C ALA R 498 82.54 -44.22 92.43
N PRO R 499 83.86 -44.35 92.63
CA PRO R 499 84.59 -45.48 92.06
C PRO R 499 84.23 -46.79 92.75
N SER R 500 83.67 -47.72 91.98
CA SER R 500 83.30 -49.03 92.49
C SER R 500 83.45 -50.03 91.36
N VAL R 501 83.62 -51.30 91.74
CA VAL R 501 83.85 -52.34 90.75
C VAL R 501 82.64 -53.24 90.67
N ASN R 502 81.99 -53.51 91.82
CA ASN R 502 80.83 -54.37 91.82
C ASN R 502 79.54 -53.64 91.45
N ARG R 503 79.56 -52.91 90.35
CA ARG R 503 78.39 -52.21 89.85
C ARG R 503 78.07 -52.78 88.48
N LEU R 504 76.81 -53.12 88.27
CA LEU R 504 76.42 -53.77 87.02
C LEU R 504 75.11 -53.20 86.54
N MET R 505 75.07 -52.84 85.26
CA MET R 505 73.85 -52.40 84.61
C MET R 505 73.83 -52.92 83.17
N PRO R 506 73.19 -54.06 82.93
CA PRO R 506 73.38 -54.75 81.66
C PRO R 506 72.61 -54.12 80.51
N TYR R 507 73.30 -53.32 79.70
CA TYR R 507 72.64 -52.47 78.72
C TYR R 507 73.28 -52.49 77.35
N ARG R 508 74.48 -53.02 77.19
CA ARG R 508 75.20 -52.97 75.92
C ARG R 508 74.89 -54.21 75.10
N ILE R 509 74.33 -54.01 73.92
CA ILE R 509 74.08 -55.08 72.96
C ILE R 509 74.88 -54.79 71.70
N SER R 510 74.78 -55.71 70.75
CA SER R 510 75.42 -55.51 69.45
C SER R 510 74.37 -55.16 68.39
N ASN R 511 74.87 -54.72 67.23
CA ASN R 511 73.99 -54.27 66.17
C ASN R 511 73.18 -55.41 65.56
N ALA R 512 73.74 -56.63 65.51
CA ALA R 512 72.99 -57.75 64.95
C ALA R 512 71.82 -58.14 65.85
N GLU R 513 72.06 -58.20 67.16
CA GLU R 513 71.00 -58.43 68.13
C GLU R 513 69.98 -57.31 68.09
N ARG R 514 70.41 -56.09 67.78
CA ARG R 514 69.46 -54.99 67.63
C ARG R 514 68.63 -55.12 66.36
N GLN R 515 69.21 -55.65 65.28
CA GLN R 515 68.51 -55.72 64.00
C GLN R 515 67.51 -56.87 63.93
N ILE R 516 67.81 -57.99 64.58
CA ILE R 516 66.94 -59.17 64.45
C ILE R 516 65.58 -58.91 65.09
N SER R 517 65.55 -58.21 66.22
CA SER R 517 64.29 -57.83 66.81
C SER R 517 63.54 -56.80 65.97
N GLN R 518 64.25 -55.96 65.23
CA GLN R 518 63.57 -55.07 64.28
C GLN R 518 62.91 -55.86 63.16
N ILE R 519 63.57 -56.91 62.69
CA ILE R 519 62.97 -57.79 61.69
C ILE R 519 61.72 -58.46 62.24
N ILE R 520 61.76 -58.88 63.51
CA ILE R 520 60.60 -59.50 64.15
C ILE R 520 59.47 -58.48 64.31
N ARG R 521 59.80 -57.24 64.66
CA ARG R 521 58.76 -56.23 64.84
C ARG R 521 58.14 -55.80 63.52
N VAL R 522 58.90 -55.84 62.42
CA VAL R 522 58.31 -55.61 61.11
C VAL R 522 57.43 -56.79 60.69
N MET R 523 57.89 -58.01 60.96
CA MET R 523 57.14 -59.22 60.65
C MET R 523 55.86 -59.34 61.48
N ASN R 524 55.83 -58.68 62.64
CA ASN R 524 54.65 -58.68 63.50
C ASN R 524 53.45 -58.01 62.82
N ILE R 525 53.71 -57.01 61.99
CA ILE R 525 52.64 -56.15 61.50
C ILE R 525 51.78 -56.90 60.49
N GLY R 526 52.37 -57.28 59.35
CA GLY R 526 51.74 -58.15 58.40
C GLY R 526 50.43 -57.67 57.79
N ASN R 527 50.46 -56.49 57.16
CA ASN R 527 49.33 -55.90 56.44
C ASN R 527 48.11 -55.70 57.36
N ASN R 528 48.37 -55.33 58.61
CA ASN R 528 47.32 -55.11 59.59
C ASN R 528 47.35 -53.66 60.04
N ALA R 529 46.22 -52.98 59.92
CA ALA R 529 46.17 -51.53 60.15
C ALA R 529 45.98 -51.17 61.61
N THR R 530 45.37 -52.03 62.41
CA THR R 530 45.19 -51.75 63.83
C THR R 530 46.53 -51.78 64.57
N VAL R 531 47.48 -52.55 64.05
CA VAL R 531 48.80 -52.63 64.68
C VAL R 531 49.56 -51.31 64.53
N ILE R 532 49.38 -50.61 63.42
CA ILE R 532 50.18 -49.41 63.15
C ILE R 532 49.34 -48.12 63.22
N GLN R 533 48.07 -48.21 63.57
CA GLN R 533 47.32 -46.99 63.85
C GLN R 533 47.82 -46.22 65.08
N PRO R 534 47.94 -46.80 66.29
CA PRO R 534 48.23 -45.96 67.45
C PRO R 534 49.63 -45.40 67.47
N VAL R 535 50.57 -46.08 66.80
CA VAL R 535 51.95 -45.60 66.75
C VAL R 535 52.03 -44.28 66.01
N LEU R 536 51.45 -44.23 64.80
CA LEU R 536 51.42 -42.99 64.04
C LEU R 536 50.59 -41.91 64.70
N GLN R 537 49.45 -42.29 65.31
CA GLN R 537 48.62 -41.31 65.99
C GLN R 537 49.35 -40.67 67.17
N ASP R 538 50.06 -41.47 67.96
CA ASP R 538 50.69 -40.93 69.15
C ASP R 538 51.98 -40.19 68.85
N ILE R 539 52.71 -40.60 67.80
CA ILE R 539 53.86 -39.81 67.36
C ILE R 539 53.40 -38.46 66.81
N SER R 540 52.23 -38.44 66.14
CA SER R 540 51.67 -37.17 65.68
C SER R 540 51.29 -36.25 66.83
N VAL R 541 50.67 -36.79 67.88
CA VAL R 541 50.30 -35.99 69.04
C VAL R 541 51.54 -35.48 69.76
N LEU R 542 52.58 -36.32 69.86
CA LEU R 542 53.83 -35.92 70.51
C LEU R 542 54.52 -34.81 69.74
N LEU R 543 54.55 -34.92 68.41
CA LEU R 543 55.12 -33.88 67.57
C LEU R 543 54.36 -32.57 67.71
N GLN R 544 53.03 -32.63 67.82
CA GLN R 544 52.25 -31.42 68.04
C GLN R 544 52.55 -30.78 69.39
N ARG R 545 52.72 -31.59 70.43
CA ARG R 545 52.99 -31.03 71.75
C ARG R 545 54.41 -30.48 71.87
N ILE R 546 55.35 -30.98 71.09
CA ILE R 546 56.70 -30.43 71.14
C ILE R 546 56.88 -29.19 70.26
N SER R 547 56.20 -29.15 69.11
CA SER R 547 56.51 -28.19 68.04
C SER R 547 56.29 -26.74 68.45
N PRO R 548 57.20 -25.84 68.12
CA PRO R 548 56.93 -24.42 68.36
C PRO R 548 55.91 -23.86 67.39
N LEU R 549 55.79 -24.47 66.22
CA LEU R 549 54.89 -24.01 65.17
C LEU R 549 53.46 -24.25 65.60
N GLN R 550 52.79 -23.20 66.04
CA GLN R 550 51.36 -23.23 66.19
C GLN R 550 50.72 -22.71 64.91
N ILE R 551 49.52 -23.20 64.62
CA ILE R 551 48.88 -23.01 63.33
C ILE R 551 47.55 -22.33 63.52
N ASP R 552 47.40 -21.16 62.95
CA ASP R 552 46.08 -20.59 62.85
C ASP R 552 45.69 -20.37 61.40
N PRO R 553 44.46 -20.71 61.02
CA PRO R 553 44.02 -20.47 59.65
C PRO R 553 43.61 -19.04 59.38
N THR R 554 43.74 -18.14 60.35
CA THR R 554 43.27 -16.78 60.15
C THR R 554 44.26 -15.91 59.39
N ILE R 555 45.49 -16.40 59.15
CA ILE R 555 46.42 -15.66 58.31
C ILE R 555 45.90 -15.60 56.87
N ILE R 556 45.25 -16.67 56.42
CA ILE R 556 44.67 -16.70 55.07
C ILE R 556 43.54 -15.70 54.95
N SER R 557 42.68 -15.63 55.97
CA SER R 557 41.56 -14.68 55.92
C SER R 557 42.04 -13.25 56.11
N ASN R 558 43.15 -13.05 56.81
CA ASN R 558 43.72 -11.72 56.95
C ASN R 558 44.38 -11.28 55.64
N THR R 559 44.99 -12.21 54.91
CA THR R 559 45.63 -11.86 53.65
C THR R 559 44.60 -11.58 52.57
N MET R 560 43.76 -12.57 52.28
CA MET R 560 42.69 -12.34 51.31
C MET R 560 41.59 -11.53 51.97
N SER R 561 41.75 -10.21 51.98
CA SER R 561 40.84 -9.33 52.71
C SER R 561 39.55 -9.18 51.89
N THR R 562 38.65 -10.14 52.07
CA THR R 562 37.40 -10.20 51.35
C THR R 562 36.29 -9.58 52.18
N VAL R 563 35.05 -9.73 51.73
CA VAL R 563 33.91 -9.20 52.45
C VAL R 563 33.00 -10.32 52.90
N LEU R 571 30.36 -16.38 41.48
CA LEU R 571 31.24 -16.15 42.61
C LEU R 571 32.52 -15.43 42.20
N SER R 572 33.24 -15.01 43.18
CA SER R 572 34.54 -14.39 43.04
C SER R 572 35.64 -15.39 43.40
N PRO R 573 36.80 -15.30 42.74
CA PRO R 573 37.85 -16.30 42.97
C PRO R 573 38.45 -16.25 44.36
N ALA R 574 38.40 -15.11 45.04
CA ALA R 574 38.91 -15.06 46.40
C ALA R 574 37.96 -15.77 47.37
N SER R 575 36.67 -15.46 47.27
CA SER R 575 35.68 -16.12 48.11
C SER R 575 35.53 -17.59 47.80
N SER R 576 35.84 -18.00 46.57
CA SER R 576 35.79 -19.42 46.23
C SER R 576 36.81 -20.23 47.02
N ILE R 577 38.07 -19.77 47.03
CA ILE R 577 39.09 -20.50 47.78
C ILE R 577 38.93 -20.26 49.28
N LEU R 578 38.33 -19.14 49.69
CA LEU R 578 38.05 -18.94 51.10
C LEU R 578 36.97 -19.89 51.60
N GLY R 579 36.01 -20.24 50.74
CA GLY R 579 35.05 -21.27 51.10
C GLY R 579 35.55 -22.68 50.92
N LYS R 580 36.55 -22.87 50.05
CA LYS R 580 37.07 -24.22 49.82
C LYS R 580 38.08 -24.65 50.88
N LEU R 581 38.96 -23.75 51.31
CA LEU R 581 39.96 -24.12 52.31
C LEU R 581 39.34 -24.34 53.68
N ARG R 582 38.21 -23.69 53.96
CA ARG R 582 37.45 -23.76 55.19
C ARG R 582 38.33 -23.40 56.38
N PRO R 583 38.66 -22.12 56.58
CA PRO R 583 39.57 -21.72 57.67
C PRO R 583 38.90 -21.67 59.05
N SER R 584 38.14 -22.72 59.38
CA SER R 584 37.56 -22.89 60.70
C SER R 584 37.73 -24.29 61.25
N ASN R 585 38.06 -25.27 60.42
CA ASN R 585 38.27 -26.63 60.87
C ASN R 585 39.65 -26.72 61.50
N SER R 586 39.68 -27.02 62.80
CA SER R 586 40.92 -27.10 63.55
C SER R 586 41.56 -28.47 63.52
N ASP R 587 41.11 -29.35 62.63
CA ASP R 587 41.61 -30.72 62.57
C ASP R 587 42.79 -30.76 61.61
N PHE R 588 43.99 -30.57 62.17
CA PHE R 588 45.23 -30.64 61.40
C PHE R 588 45.99 -31.93 61.68
N SER R 589 45.27 -33.04 61.84
CA SER R 589 45.93 -34.31 62.13
C SER R 589 46.67 -34.85 60.92
N SER R 590 46.20 -34.54 59.71
CA SER R 590 46.85 -35.04 58.50
C SER R 590 48.26 -34.53 58.35
N PHE R 591 48.53 -33.31 58.82
CA PHE R 591 49.85 -32.72 58.71
C PHE R 591 50.86 -33.43 59.61
N ARG R 592 50.47 -33.70 60.85
CA ARG R 592 51.41 -34.36 61.75
C ARG R 592 51.55 -35.84 61.42
N VAL R 593 50.50 -36.48 60.90
CA VAL R 593 50.65 -37.85 60.45
C VAL R 593 51.54 -37.92 59.21
N ALA R 594 51.48 -36.91 58.33
CA ALA R 594 52.38 -36.85 57.19
C ALA R 594 53.82 -36.63 57.62
N LEU R 595 54.05 -35.82 58.65
CA LEU R 595 55.42 -35.71 59.17
C LEU R 595 55.89 -36.98 59.88
N ALA R 596 54.99 -37.69 60.56
CA ALA R 596 55.40 -38.90 61.25
C ALA R 596 55.61 -40.07 60.29
N GLY R 597 54.98 -40.03 59.12
CA GLY R 597 55.17 -41.08 58.14
C GLY R 597 56.50 -41.11 57.46
N TRP R 598 57.32 -40.06 57.62
CA TRP R 598 58.64 -40.04 57.02
C TRP R 598 59.57 -41.07 57.67
N LEU R 599 59.33 -41.39 58.94
CA LEU R 599 60.19 -42.33 59.62
C LEU R 599 59.89 -43.76 59.22
N TYR R 600 58.62 -44.10 59.02
CA TYR R 600 58.23 -45.47 58.75
C TYR R 600 57.95 -45.63 57.25
N ASN R 601 59.01 -45.51 56.46
CA ASN R 601 58.84 -45.53 55.02
C ASN R 601 58.53 -46.94 54.50
N GLY R 602 59.20 -47.94 55.04
CA GLY R 602 59.05 -49.29 54.51
C GLY R 602 57.81 -49.99 54.99
N VAL R 603 57.30 -49.63 56.15
CA VAL R 603 56.12 -50.29 56.69
C VAL R 603 54.85 -49.68 56.10
N VAL R 604 54.73 -48.37 56.16
CA VAL R 604 53.51 -47.68 55.77
C VAL R 604 53.86 -46.65 54.71
N THR R 605 52.94 -46.43 53.79
CA THR R 605 53.09 -45.36 52.80
C THR R 605 51.89 -44.43 52.89
N THR R 606 52.13 -43.16 52.61
CA THR R 606 51.12 -42.12 52.77
C THR R 606 50.78 -41.56 51.41
N VAL R 607 49.50 -41.57 51.06
CA VAL R 607 49.04 -41.00 49.81
C VAL R 607 47.90 -40.03 50.08
N ILE R 608 47.64 -39.18 49.11
CA ILE R 608 46.50 -38.27 49.15
C ILE R 608 45.24 -39.06 48.80
N ASP R 609 44.14 -38.73 49.46
CA ASP R 609 42.87 -39.43 49.29
C ASP R 609 42.35 -39.27 47.86
N ASP R 610 41.49 -40.21 47.47
CA ASP R 610 40.76 -40.13 46.21
C ASP R 610 39.89 -38.89 46.17
N SER R 611 39.26 -38.53 47.30
CA SER R 611 38.29 -37.45 47.31
C SER R 611 38.90 -36.06 47.20
N SER R 612 40.22 -35.94 47.29
CA SER R 612 40.87 -34.65 47.16
C SER R 612 41.16 -34.28 45.72
N TYR R 613 40.88 -35.17 44.78
CA TYR R 613 41.10 -34.91 43.37
C TYR R 613 39.89 -34.18 42.80
N PRO R 614 39.96 -33.68 41.55
CA PRO R 614 38.74 -33.18 40.90
C PRO R 614 37.67 -34.24 40.64
N LYS R 615 36.51 -33.82 40.14
CA LYS R 615 35.32 -34.66 40.06
C LYS R 615 35.52 -35.85 39.13
N ASP R 616 35.73 -35.57 37.85
CA ASP R 616 36.15 -36.59 36.89
C ASP R 616 36.83 -35.86 35.74
N GLY R 617 38.15 -35.87 35.75
CA GLY R 617 38.88 -35.02 34.83
C GLY R 617 39.15 -33.70 35.50
N GLY R 618 38.29 -32.72 35.24
CA GLY R 618 38.40 -31.47 35.94
C GLY R 618 38.08 -30.22 35.14
N SER R 619 38.36 -30.20 33.83
CA SER R 619 37.88 -29.16 32.92
C SER R 619 38.27 -27.73 33.29
N VAL R 620 39.49 -27.33 32.95
CA VAL R 620 40.12 -26.02 33.18
C VAL R 620 39.20 -24.82 32.91
N THR R 621 38.23 -25.00 32.01
CA THR R 621 37.03 -24.18 31.94
C THR R 621 36.41 -23.83 33.30
N SER R 622 36.27 -24.82 34.18
CA SER R 622 35.65 -24.57 35.48
C SER R 622 36.60 -23.83 36.40
N LEU R 623 36.03 -23.23 37.45
CA LEU R 623 36.81 -22.43 38.38
C LEU R 623 37.23 -23.21 39.61
N GLU R 624 36.32 -23.99 40.19
CA GLU R 624 36.60 -24.71 41.44
C GLU R 624 37.68 -25.76 41.27
N ASN R 625 37.79 -26.35 40.09
CA ASN R 625 38.82 -27.34 39.85
C ASN R 625 40.20 -26.75 39.69
N LEU R 626 40.31 -25.46 39.35
CA LEU R 626 41.61 -24.81 39.39
C LEU R 626 42.13 -24.71 40.81
N TRP R 627 41.26 -24.36 41.75
CA TRP R 627 41.69 -24.32 43.14
C TRP R 627 41.92 -25.71 43.70
N ASP R 628 41.15 -26.70 43.22
CA ASP R 628 41.43 -28.09 43.57
C ASP R 628 42.81 -28.53 43.12
N PHE R 629 43.19 -28.16 41.89
CA PHE R 629 44.53 -28.43 41.40
C PHE R 629 45.59 -27.72 42.22
N PHE R 630 45.30 -26.48 42.66
CA PHE R 630 46.25 -25.74 43.48
C PHE R 630 46.51 -26.44 44.80
N ILE R 631 45.44 -26.78 45.51
CA ILE R 631 45.53 -27.45 46.81
C ILE R 631 46.24 -28.78 46.68
N LEU R 632 45.95 -29.53 45.61
CA LEU R 632 46.59 -30.81 45.40
C LEU R 632 48.08 -30.65 45.09
N ALA R 633 48.43 -29.72 44.20
CA ALA R 633 49.82 -29.56 43.79
C ALA R 633 50.67 -28.95 44.86
N LEU R 634 50.09 -28.28 45.85
CA LEU R 634 50.86 -27.90 47.03
C LEU R 634 50.91 -28.99 48.09
N ALA R 635 49.91 -29.87 48.15
CA ALA R 635 49.94 -30.90 49.17
C ALA R 635 50.86 -32.06 48.82
N LEU R 636 51.00 -32.38 47.54
CA LEU R 636 51.72 -33.59 47.13
C LEU R 636 53.18 -33.77 47.56
N PRO R 637 54.07 -32.76 47.61
CA PRO R 637 55.47 -33.09 47.94
C PRO R 637 55.74 -33.51 49.38
N LEU R 638 54.75 -33.59 50.25
CA LEU R 638 54.99 -33.99 51.63
C LEU R 638 54.65 -35.45 51.91
N THR R 639 54.22 -36.19 50.91
CA THR R 639 53.85 -37.58 51.10
C THR R 639 55.01 -38.50 50.73
N THR R 640 55.00 -39.69 51.31
CA THR R 640 56.00 -40.71 51.02
C THR R 640 55.58 -41.61 49.88
N ASP R 641 54.70 -41.14 49.02
CA ASP R 641 54.36 -41.84 47.80
C ASP R 641 55.58 -41.86 46.89
N PRO R 642 56.01 -43.01 46.40
CA PRO R 642 57.13 -43.03 45.44
C PRO R 642 56.84 -42.31 44.15
N CYS R 643 55.60 -42.30 43.67
CA CYS R 643 55.22 -41.53 42.50
C CYS R 643 54.19 -40.48 42.88
N ALA R 644 54.69 -39.42 43.48
CA ALA R 644 54.04 -38.12 43.60
C ALA R 644 54.20 -37.21 42.36
N PRO R 645 55.37 -37.13 41.69
CA PRO R 645 55.42 -36.25 40.50
C PRO R 645 54.55 -36.71 39.35
N VAL R 646 54.32 -38.01 39.21
CA VAL R 646 53.50 -38.49 38.10
C VAL R 646 52.04 -38.13 38.34
N LYS R 647 51.59 -38.22 39.59
CA LYS R 647 50.24 -37.75 39.92
C LYS R 647 50.14 -36.24 39.76
N ALA R 648 51.18 -35.50 40.13
CA ALA R 648 51.18 -34.05 40.00
C ALA R 648 51.15 -33.62 38.53
N PHE R 649 51.76 -34.40 37.65
CA PHE R 649 51.70 -34.07 36.23
C PHE R 649 50.37 -34.47 35.62
N MET R 650 49.89 -35.67 35.95
CA MET R 650 48.73 -36.22 35.28
C MET R 650 47.44 -35.59 35.78
N THR R 651 47.45 -34.92 36.93
CA THR R 651 46.28 -34.13 37.31
C THR R 651 46.04 -32.98 36.32
N LEU R 652 47.09 -32.25 35.98
CA LEU R 652 46.95 -31.16 35.00
C LEU R 652 46.75 -31.71 33.59
N ALA R 653 47.43 -32.80 33.24
CA ALA R 653 47.21 -33.40 31.93
C ALA R 653 45.82 -33.99 31.79
N ASN R 654 45.20 -34.37 32.90
CA ASN R 654 43.83 -34.85 32.88
C ASN R 654 42.87 -33.67 32.75
N MET R 655 43.16 -32.56 33.42
CA MET R 655 42.30 -31.39 33.31
C MET R 655 42.37 -30.74 31.93
N MET R 656 43.51 -30.85 31.24
CA MET R 656 43.69 -30.18 29.97
C MET R 656 43.24 -31.00 28.76
N VAL R 657 42.36 -31.97 28.94
CA VAL R 657 41.94 -32.81 27.82
C VAL R 657 40.97 -32.04 26.94
N GLY R 658 41.31 -31.90 25.67
CA GLY R 658 40.47 -31.23 24.70
C GLY R 658 41.04 -29.93 24.18
N PHE R 659 41.87 -29.25 24.96
CA PHE R 659 42.52 -28.02 24.52
C PHE R 659 43.94 -28.25 24.03
N GLU R 660 44.67 -29.19 24.62
CA GLU R 660 45.97 -29.60 24.07
C GLU R 660 46.24 -31.05 24.45
N THR R 661 47.09 -31.70 23.66
CA THR R 661 47.35 -33.13 23.78
C THR R 661 48.84 -33.39 23.93
N ILE R 662 49.15 -34.56 24.45
CA ILE R 662 50.51 -35.09 24.53
C ILE R 662 50.49 -36.55 24.08
N PRO R 663 51.57 -37.09 23.54
CA PRO R 663 51.53 -38.48 23.07
C PRO R 663 51.66 -39.49 24.19
N MET R 664 51.09 -40.68 23.95
CA MET R 664 51.12 -41.80 24.89
C MET R 664 51.61 -43.04 24.16
N ASP R 665 51.72 -44.15 24.90
CA ASP R 665 52.35 -45.34 24.35
C ASP R 665 51.40 -46.22 23.55
N ASN R 666 50.13 -46.29 23.93
CA ASN R 666 49.17 -47.15 23.24
C ASN R 666 47.85 -46.40 23.12
N GLN R 667 46.80 -47.14 22.77
CA GLN R 667 45.46 -46.60 22.72
C GLN R 667 44.67 -46.91 23.98
N ILE R 668 45.26 -47.64 24.91
CA ILE R 668 44.57 -47.95 26.16
C ILE R 668 44.73 -46.80 27.15
N TYR R 669 45.98 -46.45 27.46
CA TYR R 669 46.26 -45.48 28.52
C TYR R 669 46.32 -44.09 27.88
N THR R 670 45.14 -43.58 27.58
CA THR R 670 44.94 -42.26 27.01
C THR R 670 45.32 -41.20 28.07
N GLN R 671 45.55 -39.96 27.60
CA GLN R 671 45.79 -38.82 28.47
C GLN R 671 44.65 -38.60 29.47
N SER R 672 43.43 -38.94 29.10
CA SER R 672 42.28 -38.78 29.98
C SER R 672 42.15 -39.88 31.02
N ARG R 673 43.19 -40.66 31.29
CA ARG R 673 43.15 -41.60 32.40
C ARG R 673 43.25 -40.82 33.71
N ARG R 674 42.53 -41.30 34.72
CA ARG R 674 42.46 -40.62 36.00
C ARG R 674 43.79 -40.70 36.73
N ALA R 675 44.08 -39.67 37.52
CA ALA R 675 45.38 -39.55 38.18
C ALA R 675 45.49 -40.39 39.44
N SER R 676 44.40 -41.00 39.90
CA SER R 676 44.49 -41.92 41.02
C SER R 676 45.24 -43.19 40.66
N ALA R 677 45.15 -43.61 39.39
CA ALA R 677 45.59 -44.93 38.99
C ALA R 677 47.11 -45.05 38.90
N PHE R 678 47.83 -43.94 38.81
CA PHE R 678 49.28 -43.99 38.63
C PHE R 678 49.93 -44.08 40.01
N SER R 679 49.92 -45.29 40.57
CA SER R 679 50.34 -45.51 41.95
C SER R 679 51.53 -46.45 42.06
N THR R 680 52.13 -46.87 40.95
CA THR R 680 53.23 -47.82 40.93
C THR R 680 54.03 -47.46 39.69
N PRO R 681 55.38 -47.45 39.74
CA PRO R 681 56.15 -46.94 38.61
C PRO R 681 56.16 -47.75 37.32
N HIS R 682 55.36 -48.79 37.20
CA HIS R 682 55.18 -49.39 35.88
C HIS R 682 54.14 -48.69 35.04
N THR R 683 53.63 -47.54 35.50
CA THR R 683 52.63 -46.79 34.78
C THR R 683 53.13 -45.40 34.38
N TRP R 684 54.43 -45.19 34.40
CA TRP R 684 54.92 -43.85 34.10
C TRP R 684 55.03 -43.67 32.59
N PRO R 685 54.44 -42.64 32.03
CA PRO R 685 54.46 -42.49 30.57
C PRO R 685 55.80 -41.96 30.08
N ARG R 686 56.10 -42.28 28.82
CA ARG R 686 57.31 -41.81 28.18
C ARG R 686 57.32 -40.30 27.99
N CYS R 687 56.15 -39.67 27.91
CA CYS R 687 56.09 -38.21 27.83
C CYS R 687 56.50 -37.54 29.13
N PHE R 688 56.42 -38.24 30.26
CA PHE R 688 56.98 -37.75 31.51
C PHE R 688 58.42 -38.21 31.72
N MET R 689 58.79 -39.37 31.15
CA MET R 689 60.18 -39.82 31.26
C MET R 689 61.12 -38.94 30.44
N ASN R 690 60.67 -38.49 29.27
CA ASN R 690 61.47 -37.63 28.41
C ASN R 690 60.69 -36.34 28.16
N ILE R 691 61.37 -35.21 28.28
CA ILE R 691 60.71 -33.91 28.14
C ILE R 691 60.42 -33.61 26.67
N GLN R 692 61.36 -33.95 25.79
CA GLN R 692 61.36 -33.46 24.42
C GLN R 692 60.23 -34.00 23.56
N LEU R 693 59.49 -34.99 24.04
CA LEU R 693 58.30 -35.43 23.32
C LEU R 693 57.19 -34.41 23.40
N ILE R 694 57.05 -33.72 24.54
CA ILE R 694 56.00 -32.72 24.70
C ILE R 694 56.45 -31.47 23.97
N SER R 695 55.88 -31.22 22.81
CA SER R 695 56.33 -30.09 22.03
C SER R 695 55.66 -28.82 22.51
N PRO R 696 56.38 -27.68 22.53
CA PRO R 696 55.78 -26.44 23.03
C PRO R 696 54.73 -25.85 22.11
N ILE R 697 54.70 -26.26 20.84
CA ILE R 697 53.63 -25.81 19.96
C ILE R 697 52.32 -26.47 20.34
N ASP R 698 52.37 -27.74 20.72
CA ASP R 698 51.16 -28.48 21.06
C ASP R 698 50.68 -28.12 22.47
N ALA R 699 51.51 -28.38 23.48
CA ALA R 699 51.13 -28.23 24.88
C ALA R 699 52.06 -27.27 25.58
N PRO R 700 51.85 -25.95 25.41
CA PRO R 700 52.78 -24.97 26.00
C PRO R 700 52.65 -24.84 27.51
N ILE R 701 51.52 -25.21 28.08
CA ILE R 701 51.38 -25.22 29.53
C ILE R 701 51.93 -26.51 30.12
N LEU R 702 51.66 -27.64 29.46
CA LEU R 702 52.12 -28.91 29.98
C LEU R 702 53.63 -29.07 29.88
N ARG R 703 54.27 -28.44 28.89
CA ARG R 703 55.72 -28.51 28.86
C ARG R 703 56.33 -27.71 30.01
N GLN R 704 55.73 -26.56 30.35
CA GLN R 704 56.18 -25.80 31.51
C GLN R 704 55.97 -26.58 32.80
N TRP R 705 54.81 -27.25 32.92
CA TRP R 705 54.55 -28.03 34.13
C TRP R 705 55.40 -29.28 34.20
N ALA R 706 55.89 -29.78 33.06
CA ALA R 706 56.84 -30.88 33.11
C ALA R 706 58.21 -30.40 33.58
N GLU R 707 58.69 -29.28 33.05
CA GLU R 707 60.02 -28.83 33.41
C GLU R 707 60.07 -28.26 34.82
N ILE R 708 58.97 -27.69 35.32
CA ILE R 708 58.94 -27.21 36.71
C ILE R 708 59.04 -28.38 37.68
N ILE R 709 58.38 -29.50 37.37
CA ILE R 709 58.53 -30.70 38.19
C ILE R 709 59.94 -31.25 38.08
N HIS R 710 60.49 -31.31 36.87
CA HIS R 710 61.82 -31.89 36.71
C HIS R 710 62.95 -30.99 37.21
N ARG R 711 62.69 -29.72 37.52
CA ARG R 711 63.75 -28.87 38.04
C ARG R 711 63.58 -28.48 39.50
N TYR R 712 62.35 -28.23 39.95
CA TYR R 712 62.13 -27.62 41.26
C TYR R 712 61.43 -28.53 42.25
N TRP R 713 61.35 -29.82 41.97
CA TRP R 713 60.86 -30.76 42.96
C TRP R 713 61.90 -30.89 44.08
N PRO R 714 61.46 -31.01 45.34
CA PRO R 714 62.42 -31.05 46.45
C PRO R 714 63.25 -32.33 46.45
N ASN R 715 64.56 -32.17 46.67
CA ASN R 715 65.37 -33.36 46.65
C ASN R 715 65.55 -33.92 48.06
N PRO R 716 65.73 -35.23 48.23
CA PRO R 716 65.90 -35.78 49.56
C PRO R 716 67.26 -35.46 50.15
N SER R 717 67.39 -35.70 51.45
CA SER R 717 68.64 -35.49 52.18
C SER R 717 68.67 -36.45 53.37
N GLN R 718 69.67 -36.30 54.23
CA GLN R 718 69.81 -37.22 55.35
C GLN R 718 70.43 -36.51 56.55
N ILE R 719 69.98 -36.89 57.74
CA ILE R 719 70.38 -36.28 59.00
C ILE R 719 70.81 -37.38 59.95
N ARG R 720 71.70 -37.05 60.88
CA ARG R 720 72.22 -38.02 61.84
C ARG R 720 71.39 -38.01 63.11
N TYR R 721 71.33 -39.17 63.78
CA TYR R 721 70.64 -39.29 65.05
C TYR R 721 71.32 -40.36 65.88
N GLY R 722 70.93 -40.42 67.16
CA GLY R 722 71.29 -41.50 68.06
C GLY R 722 72.77 -41.59 68.35
N THR R 723 73.13 -42.69 69.02
CA THR R 723 74.52 -43.03 69.29
C THR R 723 74.77 -44.45 68.82
N PRO R 724 75.32 -44.63 67.62
CA PRO R 724 75.69 -45.99 67.18
C PRO R 724 76.82 -46.58 67.98
N ASN R 725 77.61 -45.75 68.67
CA ASN R 725 78.68 -46.25 69.52
C ASN R 725 78.10 -46.98 70.73
N VAL R 726 77.11 -46.37 71.40
CA VAL R 726 76.62 -46.87 72.67
C VAL R 726 75.35 -47.68 72.48
N PHE R 727 74.31 -47.05 71.95
CA PHE R 727 73.01 -47.71 71.87
C PHE R 727 72.92 -48.68 70.72
N GLY R 728 73.78 -48.57 69.73
CA GLY R 728 73.62 -49.33 68.52
C GLY R 728 72.55 -48.72 67.64
N SER R 729 72.21 -49.43 66.57
CA SER R 729 71.18 -48.94 65.66
C SER R 729 70.42 -50.11 65.07
N ALA R 730 69.11 -49.93 64.93
CA ALA R 730 68.22 -50.95 64.40
C ALA R 730 67.84 -50.71 62.96
N ASN R 731 68.43 -49.72 62.29
CA ASN R 731 68.03 -49.44 60.93
C ASN R 731 68.63 -50.44 59.96
N LEU R 732 67.88 -50.72 58.91
CA LEU R 732 68.27 -51.67 57.88
C LEU R 732 68.32 -50.93 56.54
N PHE R 733 69.26 -51.35 55.70
CA PHE R 733 69.59 -50.84 54.37
C PHE R 733 70.16 -49.43 54.38
N THR R 734 70.32 -48.80 55.54
CA THR R 734 70.99 -47.52 55.67
C THR R 734 72.19 -47.71 56.58
N PRO R 735 73.22 -46.86 56.46
CA PRO R 735 74.29 -46.88 57.45
C PRO R 735 73.75 -46.49 58.80
N PRO R 736 74.35 -47.02 59.88
CA PRO R 736 73.66 -47.02 61.18
C PRO R 736 73.57 -45.67 61.88
N GLU R 737 73.81 -44.55 61.21
CA GLU R 737 73.71 -43.26 61.85
C GLU R 737 72.78 -42.28 61.16
N VAL R 738 72.38 -42.52 59.92
CA VAL R 738 71.68 -41.50 59.14
C VAL R 738 70.18 -41.75 59.18
N LEU R 739 69.43 -40.70 58.88
CA LEU R 739 67.98 -40.73 58.83
C LEU R 739 67.53 -40.08 57.54
N LEU R 740 66.92 -40.85 56.64
CA LEU R 740 66.55 -40.34 55.33
C LEU R 740 65.33 -39.44 55.43
N LEU R 741 65.37 -38.31 54.73
CA LEU R 741 64.29 -37.33 54.73
C LEU R 741 63.99 -36.93 53.30
N PRO R 742 62.72 -36.70 52.96
CA PRO R 742 62.39 -36.24 51.61
C PRO R 742 62.58 -34.75 51.38
N ILE R 743 63.07 -34.01 52.36
CA ILE R 743 63.20 -32.56 52.29
C ILE R 743 64.64 -32.18 52.60
N ASP R 744 65.20 -31.27 51.82
CA ASP R 744 66.51 -30.73 52.13
C ASP R 744 66.45 -29.90 53.41
N HIS R 745 67.34 -30.21 54.35
CA HIS R 745 67.40 -29.52 55.63
C HIS R 745 68.61 -28.60 55.67
N GLN R 746 68.50 -27.56 56.50
CA GLN R 746 69.51 -26.53 56.66
C GLN R 746 69.71 -26.28 58.14
N PRO R 747 70.76 -25.58 58.59
CA PRO R 747 70.83 -25.19 60.00
C PRO R 747 69.74 -24.22 60.40
N ALA R 748 69.47 -24.18 61.70
CA ALA R 748 68.27 -23.57 62.25
C ALA R 748 68.58 -22.18 62.82
N ASN R 749 67.86 -21.18 62.31
CA ASN R 749 67.84 -19.85 62.93
C ASN R 749 66.46 -19.25 62.78
N VAL R 750 66.07 -18.45 63.75
CA VAL R 750 64.75 -17.81 63.68
C VAL R 750 64.78 -16.50 62.92
N THR R 751 65.95 -16.04 62.49
CA THR R 751 66.10 -14.71 61.92
C THR R 751 66.13 -14.70 60.40
N THR R 752 65.97 -15.85 59.75
CA THR R 752 66.00 -15.89 58.30
C THR R 752 64.72 -15.28 57.73
N PRO R 753 64.80 -14.65 56.55
CA PRO R 753 63.60 -14.06 55.95
C PRO R 753 62.60 -15.12 55.54
N THR R 754 61.32 -14.75 55.62
CA THR R 754 60.22 -15.68 55.37
C THR R 754 59.81 -15.71 53.90
N LEU R 755 60.59 -15.11 53.02
CA LEU R 755 60.37 -15.24 51.58
C LEU R 755 61.64 -15.71 50.88
N ASP R 756 62.48 -16.47 51.58
CA ASP R 756 63.73 -16.98 51.01
C ASP R 756 63.39 -18.00 49.94
N PHE R 757 63.69 -17.67 48.68
CA PHE R 757 63.39 -18.58 47.59
C PHE R 757 64.49 -19.60 47.37
N THR R 758 65.51 -19.61 48.22
CA THR R 758 66.41 -20.75 48.30
C THR R 758 65.67 -21.96 48.87
N ASN R 759 64.69 -21.72 49.73
CA ASN R 759 63.90 -22.79 50.33
C ASN R 759 63.07 -23.51 49.26
N GLU R 760 63.04 -24.83 49.37
CA GLU R 760 62.44 -25.66 48.33
C GLU R 760 60.92 -25.55 48.32
N LEU R 761 60.29 -25.51 49.50
CA LEU R 761 58.84 -25.44 49.54
C LEU R 761 58.33 -24.05 49.16
N THR R 762 59.04 -23.00 49.56
CA THR R 762 58.66 -21.66 49.14
C THR R 762 58.89 -21.46 47.65
N ASN R 763 59.98 -22.03 47.13
CA ASN R 763 60.20 -22.04 45.69
C ASN R 763 59.10 -22.80 44.96
N TRP R 764 58.63 -23.90 45.56
CA TRP R 764 57.57 -24.69 44.96
C TRP R 764 56.26 -23.92 44.91
N ARG R 765 55.90 -23.24 46.00
CA ARG R 765 54.71 -22.42 46.01
C ARG R 765 54.81 -21.27 45.00
N ALA R 766 56.00 -20.68 44.87
CA ALA R 766 56.19 -19.61 43.89
C ALA R 766 56.02 -20.12 42.47
N ARG R 767 56.60 -21.29 42.14
CA ARG R 767 56.49 -21.81 40.79
C ARG R 767 55.08 -22.25 40.44
N VAL R 768 54.34 -22.82 41.40
CA VAL R 768 52.97 -23.21 41.11
C VAL R 768 52.09 -21.99 40.92
N CYS R 769 52.30 -20.93 41.72
CA CYS R 769 51.55 -19.70 41.50
C CYS R 769 51.91 -19.02 40.19
N GLU R 770 53.16 -19.08 39.75
CA GLU R 770 53.50 -18.53 38.44
C GLU R 770 52.89 -19.33 37.31
N LEU R 771 52.80 -20.64 37.43
CA LEU R 771 52.17 -21.41 36.35
C LEU R 771 50.66 -21.20 36.31
N MET R 772 50.01 -21.04 37.47
CA MET R 772 48.60 -20.69 37.46
C MET R 772 48.37 -19.31 36.89
N LYS R 773 49.32 -18.40 37.12
CA LYS R 773 49.27 -17.07 36.52
C LYS R 773 49.40 -17.14 35.00
N ASN R 774 50.28 -18.01 34.49
CA ASN R 774 50.36 -18.21 33.05
C ASN R 774 49.15 -18.94 32.50
N LEU R 775 48.49 -19.76 33.32
CA LEU R 775 47.33 -20.49 32.85
C LEU R 775 46.13 -19.57 32.69
N VAL R 776 45.89 -18.69 33.66
CA VAL R 776 44.66 -17.89 33.66
C VAL R 776 44.87 -16.55 32.94
N ASP R 777 45.96 -16.42 32.18
CA ASP R 777 46.43 -15.12 31.72
C ASP R 777 45.53 -14.51 30.66
N ASN R 778 45.19 -15.26 29.62
CA ASN R 778 44.63 -14.65 28.43
C ASN R 778 43.32 -15.28 27.95
N GLN R 779 42.63 -16.00 28.84
CA GLN R 779 41.31 -16.61 28.57
C GLN R 779 41.36 -17.59 27.38
N ARG R 780 42.54 -18.13 27.07
CA ARG R 780 42.63 -19.09 25.97
C ARG R 780 41.99 -20.41 26.34
N TYR R 781 42.04 -20.76 27.62
CA TYR R 781 41.58 -22.06 28.07
C TYR R 781 40.22 -22.02 28.73
N GLN R 782 39.60 -20.85 28.84
CA GLN R 782 38.33 -20.71 29.56
C GLN R 782 37.33 -19.91 28.75
N PRO R 783 36.69 -20.52 27.76
CA PRO R 783 35.50 -19.89 27.20
C PRO R 783 34.34 -20.07 28.16
N GLY R 784 33.28 -19.31 27.92
CA GLY R 784 32.11 -19.37 28.76
C GLY R 784 32.15 -18.47 29.98
N TRP R 785 33.34 -18.02 30.39
CA TRP R 785 33.40 -16.97 31.40
C TRP R 785 32.88 -15.67 30.80
N THR R 786 31.68 -15.28 31.20
CA THR R 786 31.04 -14.09 30.64
C THR R 786 31.70 -12.80 31.11
N GLN R 787 32.47 -12.86 32.20
CA GLN R 787 33.19 -11.70 32.73
C GLN R 787 34.66 -12.04 32.84
N SER R 788 35.51 -11.06 32.58
CA SER R 788 36.95 -11.26 32.66
C SER R 788 37.37 -11.34 34.13
N LEU R 789 37.76 -12.52 34.57
CA LEU R 789 38.25 -12.72 35.93
C LEU R 789 39.77 -12.74 36.00
N VAL R 790 40.43 -12.09 35.04
CA VAL R 790 41.88 -12.19 34.92
C VAL R 790 42.57 -11.45 36.06
N SER R 791 42.19 -10.19 36.28
CA SER R 791 42.78 -9.44 37.37
C SER R 791 42.35 -9.97 38.72
N SER R 792 41.09 -10.38 38.85
CA SER R 792 40.57 -10.90 40.10
C SER R 792 41.13 -12.26 40.46
N MET R 793 41.70 -12.97 39.49
CA MET R 793 42.39 -14.23 39.75
C MET R 793 43.89 -14.05 39.95
N ARG R 794 44.53 -13.17 39.18
CA ARG R 794 45.97 -12.95 39.37
C ARG R 794 46.26 -12.24 40.69
N GLY R 795 45.34 -11.41 41.17
CA GLY R 795 45.55 -10.80 42.47
C GLY R 795 45.46 -11.78 43.62
N THR R 796 44.49 -12.69 43.56
CA THR R 796 44.39 -13.68 44.63
C THR R 796 45.38 -14.82 44.47
N LEU R 797 46.07 -14.92 43.33
CA LEU R 797 47.25 -15.77 43.29
C LEU R 797 48.49 -15.06 43.79
N GLY R 798 48.61 -13.75 43.56
CA GLY R 798 49.76 -13.03 44.07
C GLY R 798 49.74 -12.90 45.59
N LYS R 799 48.56 -12.63 46.17
CA LYS R 799 48.42 -12.59 47.62
C LYS R 799 48.70 -13.96 48.24
N LEU R 800 48.34 -15.02 47.54
CA LEU R 800 48.52 -16.36 48.05
C LEU R 800 49.96 -16.83 47.91
N LYS R 801 50.68 -16.30 46.93
CA LYS R 801 52.11 -16.57 46.84
C LYS R 801 52.87 -15.81 47.91
N LEU R 802 52.60 -14.51 48.06
CA LEU R 802 53.33 -13.67 49.01
C LEU R 802 52.62 -13.70 50.36
N ILE R 803 52.75 -14.85 51.03
CA ILE R 803 52.10 -15.06 52.32
C ILE R 803 53.19 -15.29 53.35
N LYS R 804 52.92 -14.85 54.58
CA LYS R 804 53.93 -14.91 55.63
C LYS R 804 53.84 -16.19 56.47
N SER R 805 53.85 -17.33 55.80
CA SER R 805 53.82 -18.61 56.49
C SER R 805 55.21 -18.96 56.98
N MET R 806 55.30 -19.45 58.23
CA MET R 806 56.54 -19.97 58.77
C MET R 806 56.63 -21.49 58.71
N THR R 807 55.67 -22.14 58.06
CA THR R 807 55.73 -23.59 57.90
C THR R 807 56.88 -24.07 57.00
N PRO R 808 57.19 -23.45 55.84
CA PRO R 808 58.38 -23.93 55.09
C PRO R 808 59.69 -23.69 55.82
N MET R 809 59.81 -22.59 56.54
CA MET R 809 60.97 -22.37 57.40
C MET R 809 61.08 -23.43 58.48
N TYR R 810 59.94 -23.81 59.07
CA TYR R 810 59.92 -24.83 60.11
C TYR R 810 60.34 -26.19 59.57
N LEU R 811 59.75 -26.60 58.45
CA LEU R 811 60.11 -27.89 57.85
C LEU R 811 61.51 -27.90 57.28
N GLN R 812 62.06 -26.73 56.94
CA GLN R 812 63.44 -26.67 56.50
C GLN R 812 64.41 -26.83 57.66
N GLN R 813 64.09 -26.26 58.82
CA GLN R 813 65.10 -26.16 59.87
C GLN R 813 64.79 -26.97 61.12
N LEU R 814 63.63 -26.77 61.74
CA LEU R 814 63.44 -27.27 63.11
C LEU R 814 62.87 -28.68 63.15
N ALA R 815 62.01 -29.03 62.20
CA ALA R 815 61.40 -30.35 62.20
C ALA R 815 62.36 -31.53 61.97
N PRO R 816 63.40 -31.45 61.12
CA PRO R 816 64.37 -32.56 61.11
C PRO R 816 65.11 -32.72 62.42
N VAL R 817 65.38 -31.62 63.12
CA VAL R 817 66.01 -31.70 64.43
C VAL R 817 65.09 -32.41 65.43
N GLU R 818 63.80 -32.11 65.37
CA GLU R 818 62.86 -32.77 66.28
C GLU R 818 62.68 -34.24 65.95
N LEU R 819 62.71 -34.60 64.66
CA LEU R 819 62.67 -36.02 64.33
C LEU R 819 63.92 -36.74 64.80
N ALA R 820 65.08 -36.11 64.68
CA ALA R 820 66.32 -36.72 65.17
C ALA R 820 66.37 -36.80 66.68
N VAL R 821 65.67 -35.91 67.39
CA VAL R 821 65.61 -36.02 68.85
C VAL R 821 64.66 -37.13 69.27
N ILE R 822 63.48 -37.20 68.65
CA ILE R 822 62.46 -38.16 69.06
C ILE R 822 62.86 -39.59 68.70
N ALA R 823 63.49 -39.77 67.54
CA ALA R 823 63.63 -41.09 66.93
C ALA R 823 64.36 -42.18 67.74
N PRO R 824 65.40 -41.92 68.55
CA PRO R 824 65.93 -43.05 69.35
C PRO R 824 65.01 -43.49 70.48
N MET R 825 64.14 -42.62 70.97
CA MET R 825 63.32 -42.92 72.14
C MET R 825 62.05 -43.66 71.80
N LEU R 826 61.87 -44.08 70.56
CA LEU R 826 60.64 -44.70 70.13
C LEU R 826 60.61 -46.17 70.50
N PRO R 827 59.42 -46.74 70.73
CA PRO R 827 59.34 -48.18 70.96
C PRO R 827 59.57 -48.99 69.70
N PHE R 828 59.18 -48.46 68.54
CA PHE R 828 59.41 -49.08 67.24
C PHE R 828 60.39 -48.19 66.48
N PRO R 829 61.70 -48.47 66.55
CA PRO R 829 62.67 -47.57 65.94
C PRO R 829 62.58 -47.62 64.42
N PRO R 830 62.92 -46.52 63.73
CA PRO R 830 62.41 -46.30 62.38
C PRO R 830 62.98 -47.24 61.34
N PHE R 831 62.11 -47.63 60.40
CA PHE R 831 62.40 -48.58 59.34
C PHE R 831 62.23 -47.86 58.01
N GLN R 832 63.34 -47.58 57.32
CA GLN R 832 63.30 -46.75 56.13
C GLN R 832 63.82 -47.48 54.90
N VAL R 833 63.25 -47.08 53.77
CA VAL R 833 63.60 -47.54 52.43
C VAL R 833 63.87 -46.27 51.64
N PRO R 834 64.96 -46.18 50.85
CA PRO R 834 65.47 -44.86 50.41
C PRO R 834 64.53 -44.06 49.53
N TYR R 835 64.47 -42.76 49.80
CA TYR R 835 63.69 -41.82 49.02
C TYR R 835 64.45 -41.47 47.76
N VAL R 836 63.95 -41.91 46.63
CA VAL R 836 64.48 -41.48 45.35
C VAL R 836 63.61 -40.36 44.82
N ARG R 837 64.23 -39.37 44.21
CA ARG R 837 63.51 -38.18 43.79
C ARG R 837 62.73 -38.45 42.51
N LEU R 838 63.43 -38.76 41.44
CA LEU R 838 62.80 -38.92 40.14
C LEU R 838 63.36 -40.11 39.38
N ASP R 839 64.36 -40.79 39.92
CA ASP R 839 65.00 -41.91 39.24
C ASP R 839 64.04 -43.09 39.21
N ARG R 840 63.67 -43.52 38.01
CA ARG R 840 62.74 -44.62 37.86
C ARG R 840 63.38 -45.95 38.22
N ASP R 841 64.70 -46.04 38.09
CA ASP R 841 65.39 -47.31 38.27
C ASP R 841 65.41 -47.73 39.73
N ARG R 842 65.46 -46.77 40.65
CA ARG R 842 65.70 -47.09 42.05
C ARG R 842 64.45 -46.92 42.91
N VAL R 843 63.27 -46.98 42.31
CA VAL R 843 62.04 -46.92 43.10
C VAL R 843 61.78 -48.31 43.68
N PRO R 844 61.58 -48.42 44.99
CA PRO R 844 61.26 -49.72 45.59
C PRO R 844 59.82 -50.14 45.31
N THR R 845 59.63 -51.44 45.20
CA THR R 845 58.30 -51.99 44.95
C THR R 845 57.80 -52.93 46.04
N MET R 846 58.59 -53.91 46.46
CA MET R 846 58.15 -54.87 47.47
C MET R 846 59.19 -54.98 48.58
N VAL R 847 58.74 -55.37 49.76
CA VAL R 847 59.60 -55.61 50.92
C VAL R 847 59.23 -56.97 51.50
N GLY R 848 60.20 -57.88 51.59
CA GLY R 848 59.94 -59.23 52.01
C GLY R 848 60.88 -59.71 53.09
N VAL R 849 60.45 -60.73 53.81
CA VAL R 849 61.17 -61.32 54.92
C VAL R 849 61.33 -62.82 54.64
N THR R 850 62.55 -63.32 54.76
CA THR R 850 62.87 -64.71 54.45
C THR R 850 63.26 -65.44 55.72
N ARG R 851 62.66 -66.62 55.94
CA ARG R 851 63.03 -67.45 57.07
C ARG R 851 64.17 -68.42 56.76
N GLN R 852 64.39 -68.74 55.50
CA GLN R 852 65.25 -69.86 55.15
C GLN R 852 66.70 -69.43 54.97
N SER R 853 67.56 -70.43 54.78
CA SER R 853 68.98 -70.21 54.65
C SER R 853 69.33 -69.83 53.21
N ARG R 854 70.61 -69.88 52.87
CA ARG R 854 71.06 -69.44 51.56
C ARG R 854 71.12 -70.57 50.54
N ASP R 855 71.70 -71.70 50.89
CA ASP R 855 71.89 -72.81 49.95
C ASP R 855 70.74 -73.82 50.06
N THR R 856 69.52 -73.31 50.01
CA THR R 856 68.33 -74.16 50.11
C THR R 856 67.41 -73.87 48.92
N ILE R 857 66.75 -74.92 48.45
CA ILE R 857 65.72 -74.81 47.42
C ILE R 857 64.45 -75.37 48.04
N THR R 858 63.58 -74.49 48.51
CA THR R 858 62.33 -74.89 49.15
C THR R 858 61.15 -74.37 48.33
N GLN R 859 59.97 -74.49 48.89
CA GLN R 859 58.80 -73.85 48.31
C GLN R 859 58.99 -72.35 48.35
N PRO R 860 58.62 -71.62 47.30
CA PRO R 860 58.70 -70.16 47.37
C PRO R 860 57.62 -69.65 48.30
N ALA R 861 58.01 -69.32 49.52
CA ALA R 861 57.08 -68.95 50.57
C ALA R 861 57.36 -67.48 50.87
N LEU R 862 56.71 -66.61 50.10
CA LEU R 862 56.91 -65.18 50.25
C LEU R 862 56.31 -64.71 51.56
N SER R 863 56.94 -63.69 52.15
CA SER R 863 56.38 -63.10 53.34
C SER R 863 55.09 -62.37 53.01
N LEU R 864 54.21 -62.30 54.00
CA LEU R 864 52.87 -61.79 53.79
C LEU R 864 52.82 -60.28 53.61
N SER R 865 53.89 -59.57 53.91
CA SER R 865 53.92 -58.14 53.69
C SER R 865 54.16 -57.75 52.24
N THR R 866 54.51 -58.69 51.37
CA THR R 866 54.74 -58.38 49.98
C THR R 866 53.47 -58.21 49.17
N THR R 867 52.33 -58.63 49.70
CA THR R 867 51.13 -58.86 48.91
C THR R 867 50.25 -57.64 48.77
N ASN R 868 50.80 -56.43 48.84
CA ASN R 868 50.06 -55.22 48.57
C ASN R 868 50.65 -54.49 47.37
N THR R 869 49.89 -53.50 46.89
CA THR R 869 50.26 -52.81 45.65
C THR R 869 51.51 -51.96 45.84
N THR R 870 51.52 -51.12 46.87
CA THR R 870 52.63 -50.23 47.11
C THR R 870 53.72 -50.92 47.91
N VAL R 871 54.67 -50.14 48.41
CA VAL R 871 55.73 -50.70 49.24
C VAL R 871 55.21 -51.02 50.63
N GLY R 872 54.13 -50.37 51.06
CA GLY R 872 53.59 -50.63 52.39
C GLY R 872 52.10 -50.49 52.45
N VAL R 873 51.55 -50.51 53.65
CA VAL R 873 50.11 -50.36 53.87
C VAL R 873 49.71 -48.93 53.51
N PRO R 874 48.77 -48.71 52.62
CA PRO R 874 48.42 -47.33 52.23
C PRO R 874 47.56 -46.65 53.28
N LEU R 875 47.79 -45.36 53.45
CA LEU R 875 46.89 -44.51 54.22
C LEU R 875 46.56 -43.26 53.43
N ALA R 876 45.34 -42.78 53.60
CA ALA R 876 44.88 -41.61 52.88
C ALA R 876 45.02 -40.37 53.76
N LEU R 877 45.64 -39.34 53.23
CA LEU R 877 45.74 -38.06 53.91
C LEU R 877 44.67 -37.10 53.39
N ASP R 878 44.76 -35.83 53.76
CA ASP R 878 43.83 -34.82 53.29
C ASP R 878 44.62 -33.64 52.74
N ALA R 879 44.47 -33.41 51.43
CA ALA R 879 45.17 -32.34 50.75
C ALA R 879 44.77 -30.97 51.25
N ARG R 880 43.51 -30.81 51.65
CA ARG R 880 43.02 -29.55 52.20
C ARG R 880 43.78 -29.17 53.46
N ALA R 881 43.84 -30.07 54.44
CA ALA R 881 44.50 -29.76 55.70
C ALA R 881 46.00 -29.66 55.56
N ILE R 882 46.61 -30.49 54.71
CA ILE R 882 48.05 -30.35 54.48
C ILE R 882 48.37 -29.01 53.83
N THR R 883 47.52 -28.55 52.91
CA THR R 883 47.73 -27.26 52.26
C THR R 883 47.53 -26.10 53.24
N VAL R 884 46.51 -26.18 54.09
CA VAL R 884 46.24 -25.08 55.02
C VAL R 884 47.33 -24.99 56.08
N ALA R 885 47.78 -26.13 56.61
CA ALA R 885 48.88 -26.13 57.56
C ALA R 885 50.19 -25.71 56.90
N LEU R 886 50.37 -26.03 55.63
CA LEU R 886 51.56 -25.60 54.90
C LEU R 886 51.51 -24.12 54.60
N LEU R 887 50.32 -23.55 54.56
CA LEU R 887 50.10 -22.20 54.08
C LEU R 887 49.95 -21.17 55.18
N SER R 888 49.65 -21.59 56.41
CA SER R 888 49.44 -20.61 57.47
C SER R 888 49.94 -21.18 58.79
N GLY R 889 51.17 -20.83 59.18
CA GLY R 889 51.70 -21.25 60.45
C GLY R 889 52.58 -20.17 61.06
N LYS R 890 52.58 -20.04 62.38
CA LYS R 890 53.28 -18.96 63.04
C LYS R 890 54.10 -19.47 64.21
N TYR R 891 55.22 -18.80 64.45
CA TYR R 891 55.98 -18.98 65.66
C TYR R 891 55.39 -18.12 66.78
N PRO R 892 55.66 -18.46 68.03
CA PRO R 892 55.39 -17.50 69.11
C PRO R 892 56.38 -16.36 69.07
N PRO R 893 56.03 -15.20 69.61
CA PRO R 893 56.98 -14.06 69.61
C PRO R 893 58.26 -14.29 70.39
N ASP R 894 58.17 -14.59 71.67
CA ASP R 894 59.37 -14.74 72.51
C ASP R 894 60.02 -16.12 72.38
N LEU R 895 60.26 -16.54 71.15
CA LEU R 895 60.76 -17.88 70.88
C LEU R 895 62.28 -17.86 70.99
N VAL R 896 62.79 -18.53 72.01
CA VAL R 896 64.21 -18.85 72.12
C VAL R 896 64.32 -20.36 72.06
N THR R 897 65.09 -20.85 71.09
CA THR R 897 65.19 -22.30 70.90
C THR R 897 65.90 -22.98 72.06
N ASN R 898 66.92 -22.33 72.63
CA ASN R 898 67.64 -22.90 73.75
C ASN R 898 66.86 -22.87 75.05
N VAL R 899 65.70 -22.22 75.08
CA VAL R 899 64.79 -22.37 76.20
C VAL R 899 63.70 -23.38 75.88
N TRP R 900 63.12 -23.27 74.68
CA TRP R 900 62.00 -24.12 74.28
C TRP R 900 62.39 -25.58 74.20
N TYR R 901 63.48 -25.89 73.49
CA TYR R 901 63.89 -27.28 73.39
C TYR R 901 64.48 -27.79 74.70
N ALA R 902 65.07 -26.93 75.51
CA ALA R 902 65.58 -27.39 76.80
C ALA R 902 64.44 -27.74 77.75
N ASP R 903 63.31 -27.06 77.64
CA ASP R 903 62.16 -27.43 78.44
C ASP R 903 61.31 -28.51 77.80
N ALA R 904 61.48 -28.79 76.51
CA ALA R 904 60.70 -29.83 75.84
C ALA R 904 61.43 -31.17 75.77
N ILE R 905 62.74 -31.18 75.92
CA ILE R 905 63.49 -32.43 75.85
C ILE R 905 63.51 -33.14 77.19
N TYR R 906 63.61 -32.38 78.28
CA TYR R 906 63.70 -32.96 79.62
C TYR R 906 62.55 -33.87 80.05
N PRO R 907 61.26 -33.53 79.89
CA PRO R 907 60.23 -34.48 80.35
C PRO R 907 60.14 -35.73 79.50
N MET R 908 60.48 -35.66 78.22
CA MET R 908 60.36 -36.86 77.41
C MET R 908 61.59 -37.75 77.45
N TYR R 909 62.76 -37.20 77.75
CA TYR R 909 63.85 -38.10 78.12
C TYR R 909 63.67 -38.60 79.54
N ALA R 910 62.88 -37.91 80.36
CA ALA R 910 62.64 -38.35 81.72
C ALA R 910 61.84 -39.64 81.80
N ASP R 911 61.06 -39.97 80.76
CA ASP R 911 60.44 -41.29 80.74
C ASP R 911 60.92 -42.06 79.53
N THR R 912 62.23 -42.10 79.31
CA THR R 912 62.82 -42.91 78.27
C THR R 912 62.63 -44.40 78.56
N GLU R 913 62.71 -45.21 77.50
CA GLU R 913 62.70 -46.65 77.65
C GLU R 913 63.74 -47.35 76.78
N VAL R 914 64.78 -46.63 76.35
CA VAL R 914 65.85 -47.25 75.59
C VAL R 914 66.61 -48.24 76.45
N PHE R 915 66.83 -47.89 77.72
CA PHE R 915 67.55 -48.78 78.62
C PHE R 915 66.72 -50.00 79.00
N SER R 916 65.42 -49.99 78.74
CA SER R 916 64.60 -51.17 78.86
C SER R 916 64.56 -51.99 77.57
N ASN R 917 64.45 -51.33 76.42
CA ASN R 917 64.36 -52.05 75.16
C ASN R 917 65.67 -52.72 74.77
N LEU R 918 66.80 -52.16 75.20
CA LEU R 918 68.08 -52.84 74.97
C LEU R 918 68.20 -54.12 75.78
N GLN R 919 67.61 -54.15 76.99
CA GLN R 919 67.51 -55.42 77.69
C GLN R 919 66.50 -56.34 77.02
N ARG R 920 65.46 -55.76 76.44
CA ARG R 920 64.39 -56.56 75.86
C ARG R 920 64.86 -57.36 74.65
N ASP R 921 65.63 -56.73 73.76
CA ASP R 921 65.97 -57.40 72.51
C ASP R 921 67.24 -58.22 72.58
N VAL R 922 67.80 -58.44 73.76
CA VAL R 922 68.73 -59.57 73.94
C VAL R 922 67.96 -60.87 73.79
N ILE R 923 66.79 -60.91 74.42
CA ILE R 923 66.00 -62.13 74.56
C ILE R 923 65.46 -62.58 73.21
N THR R 924 65.20 -61.64 72.31
CA THR R 924 64.71 -62.02 70.99
C THR R 924 65.79 -62.72 70.16
N CYS R 925 67.03 -62.21 70.19
CA CYS R 925 68.11 -62.89 69.48
C CYS R 925 68.52 -64.18 70.18
N GLU R 926 68.30 -64.29 71.50
CA GLU R 926 68.49 -65.58 72.15
C GLU R 926 67.43 -66.58 71.71
N ALA R 927 66.17 -66.13 71.62
CA ALA R 927 65.06 -67.03 71.37
C ALA R 927 65.01 -67.52 69.93
N VAL R 928 65.37 -66.66 68.97
CA VAL R 928 65.41 -67.08 67.58
C VAL R 928 66.49 -68.13 67.36
N GLN R 929 67.64 -67.98 68.01
CA GLN R 929 68.69 -68.98 67.91
C GLN R 929 68.29 -70.27 68.61
N THR R 930 67.62 -70.17 69.76
CA THR R 930 67.12 -71.36 70.44
C THR R 930 66.07 -72.09 69.60
N LEU R 931 65.23 -71.34 68.90
CA LEU R 931 64.22 -71.94 68.05
C LEU R 931 64.85 -72.65 66.85
N VAL R 932 65.78 -71.98 66.16
CA VAL R 932 66.38 -72.61 64.99
C VAL R 932 67.34 -73.73 65.38
N THR R 933 67.78 -73.77 66.64
CA THR R 933 68.59 -74.89 67.08
C THR R 933 67.73 -76.09 67.46
N LEU R 934 66.61 -75.85 68.14
CA LEU R 934 65.81 -76.97 68.63
C LEU R 934 64.87 -77.55 67.59
N VAL R 935 64.39 -76.75 66.64
CA VAL R 935 63.49 -77.30 65.64
C VAL R 935 64.27 -78.18 64.66
N ALA R 936 65.55 -77.88 64.46
CA ALA R 936 66.40 -78.71 63.62
C ALA R 936 66.67 -80.10 64.22
N GLN R 937 66.42 -80.28 65.52
CA GLN R 937 66.50 -81.60 66.11
C GLN R 937 65.38 -82.50 65.62
N ILE R 938 64.13 -82.10 65.85
CA ILE R 938 63.02 -83.00 65.58
C ILE R 938 62.64 -82.99 64.10
N SER R 939 62.89 -81.89 63.40
CA SER R 939 62.60 -81.85 61.97
C SER R 939 63.86 -82.24 61.20
N GLU R 940 63.85 -82.02 59.90
CA GLU R 940 65.06 -82.16 59.09
C GLU R 940 65.29 -80.86 58.33
N THR R 941 66.51 -80.32 58.46
CA THR R 941 66.90 -79.07 57.82
C THR R 941 68.32 -79.24 57.29
N GLN R 942 68.94 -78.10 56.97
CA GLN R 942 70.33 -78.04 56.55
C GLN R 942 71.26 -77.65 57.70
N TYR R 943 70.72 -77.05 58.75
CA TYR R 943 71.52 -76.35 59.75
C TYR R 943 72.36 -77.32 60.58
N PRO R 944 73.67 -77.12 60.67
CA PRO R 944 74.53 -78.02 61.46
C PRO R 944 74.32 -77.83 62.95
N VAL R 945 73.98 -78.92 63.63
CA VAL R 945 73.59 -78.84 65.03
C VAL R 945 74.28 -79.96 65.81
N ASP R 946 75.04 -80.79 65.09
CA ASP R 946 75.96 -81.83 65.54
C ASP R 946 75.31 -83.08 66.14
N ARG R 947 73.99 -83.05 66.36
CA ARG R 947 73.15 -84.23 66.64
C ARG R 947 73.64 -85.02 67.87
N TYR R 948 73.58 -84.37 69.04
CA TYR R 948 74.10 -85.02 70.24
C TYR R 948 73.21 -86.16 70.70
N LEU R 949 71.90 -85.98 70.60
CA LEU R 949 70.96 -87.06 70.88
C LEU R 949 70.20 -87.40 69.60
N ASP R 950 70.35 -88.64 69.16
CA ASP R 950 69.70 -89.09 67.94
C ASP R 950 69.12 -90.46 68.23
N TRP R 951 69.68 -91.12 69.23
CA TRP R 951 69.27 -92.47 69.61
C TRP R 951 67.88 -92.51 70.20
N ILE R 952 67.42 -91.40 70.76
CA ILE R 952 66.03 -91.31 71.24
C ILE R 952 65.09 -91.30 70.03
N PRO R 953 64.11 -92.19 69.96
CA PRO R 953 63.30 -92.29 68.75
C PRO R 953 62.27 -91.17 68.66
N SER R 954 62.06 -90.70 67.43
CA SER R 954 60.97 -89.78 67.11
C SER R 954 60.65 -89.90 65.63
N LEU R 955 59.71 -89.08 65.19
CA LEU R 955 59.28 -89.05 63.81
C LEU R 955 59.73 -87.75 63.16
N ARG R 956 59.73 -87.75 61.84
CA ARG R 956 60.11 -86.57 61.07
C ARG R 956 58.95 -85.59 61.14
N ALA R 957 59.15 -84.50 61.85
CA ALA R 957 58.06 -83.59 62.16
C ALA R 957 57.65 -82.78 60.93
N SER R 958 56.35 -82.62 60.75
CA SER R 958 55.82 -81.78 59.69
C SER R 958 55.74 -80.34 60.19
N ALA R 959 55.09 -79.48 59.39
CA ALA R 959 54.97 -78.08 59.78
C ALA R 959 54.05 -77.90 60.98
N ALA R 960 52.97 -78.69 61.06
CA ALA R 960 52.05 -78.57 62.18
C ALA R 960 52.69 -79.05 63.47
N THR R 961 53.37 -80.20 63.43
CA THR R 961 54.07 -80.72 64.60
C THR R 961 55.20 -79.78 65.03
N ALA R 962 55.91 -79.19 64.06
CA ALA R 962 56.98 -78.26 64.39
C ALA R 962 56.43 -76.98 65.03
N ALA R 963 55.30 -76.49 64.55
CA ALA R 963 54.73 -75.29 65.14
C ALA R 963 54.17 -75.55 66.52
N THR R 964 53.57 -76.72 66.73
CA THR R 964 53.06 -77.05 68.05
C THR R 964 54.17 -77.41 69.03
N PHE R 965 55.37 -77.70 68.54
CA PHE R 965 56.53 -77.77 69.44
C PHE R 965 57.07 -76.38 69.74
N ALA R 966 57.12 -75.54 68.72
CA ALA R 966 57.67 -74.20 68.85
C ALA R 966 56.82 -73.29 69.73
N GLU R 967 55.52 -73.57 69.82
CA GLU R 967 54.67 -72.81 70.75
C GLU R 967 55.07 -73.04 72.20
N TRP R 968 55.37 -74.29 72.57
CA TRP R 968 55.85 -74.56 73.92
C TRP R 968 57.23 -73.97 74.15
N VAL R 969 58.10 -74.04 73.13
CA VAL R 969 59.43 -73.42 73.21
C VAL R 969 59.31 -71.90 73.43
N ASN R 970 58.29 -71.28 72.84
CA ASN R 970 58.02 -69.87 73.10
C ASN R 970 57.55 -69.64 74.53
N THR R 971 56.47 -70.31 74.91
CA THR R 971 55.78 -69.95 76.14
C THR R 971 56.56 -70.35 77.39
N SER R 972 57.48 -71.30 77.31
CA SER R 972 58.33 -71.59 78.46
C SER R 972 59.31 -70.46 78.71
N MET R 973 59.91 -69.91 77.65
CA MET R 973 60.81 -68.77 77.81
C MET R 973 60.07 -67.52 78.27
N LYS R 974 58.86 -67.29 77.75
CA LYS R 974 58.07 -66.16 78.21
C LYS R 974 57.71 -66.29 79.68
N THR R 975 57.31 -67.48 80.12
CA THR R 975 57.00 -67.72 81.52
C THR R 975 58.22 -67.53 82.40
N ALA R 976 59.38 -68.01 81.95
CA ALA R 976 60.57 -67.95 82.78
C ALA R 976 61.26 -66.60 82.79
N PHE R 977 60.96 -65.73 81.84
CA PHE R 977 61.50 -64.37 81.88
C PHE R 977 60.47 -63.34 82.29
N ASP R 978 59.23 -63.77 82.57
CA ASP R 978 58.15 -62.96 83.15
C ASP R 978 57.81 -61.77 82.25
N LEU R 979 57.29 -62.11 81.08
CA LEU R 979 56.81 -61.10 80.14
C LEU R 979 55.53 -61.58 79.49
N SER R 980 54.55 -60.67 79.39
CA SER R 980 53.26 -60.98 78.80
C SER R 980 53.09 -60.41 77.40
N ASP R 981 53.97 -59.52 76.97
CA ASP R 981 53.96 -59.02 75.61
C ASP R 981 54.45 -60.12 74.66
N MET R 982 54.26 -59.90 73.36
CA MET R 982 54.62 -60.89 72.36
C MET R 982 56.13 -61.11 72.30
N LEU R 983 56.50 -62.33 72.00
CA LEU R 983 57.88 -62.75 71.79
C LEU R 983 57.79 -64.00 70.95
N LEU R 984 58.55 -64.03 69.85
CA LEU R 984 58.76 -65.18 68.98
C LEU R 984 57.50 -65.59 68.20
N GLU R 985 56.37 -64.94 68.45
CA GLU R 985 55.05 -65.27 67.90
C GLU R 985 54.83 -65.00 66.41
N PRO R 986 55.45 -64.00 65.75
CA PRO R 986 55.34 -63.96 64.28
C PRO R 986 56.04 -65.09 63.58
N LEU R 987 57.04 -65.72 64.18
CA LEU R 987 57.67 -66.87 63.55
C LEU R 987 56.83 -68.13 63.63
N LEU R 988 55.75 -68.12 64.42
CA LEU R 988 54.96 -69.31 64.66
C LEU R 988 53.89 -69.54 63.61
N SER R 989 53.86 -68.72 62.56
CA SER R 989 52.87 -68.84 61.51
C SER R 989 53.55 -69.27 60.22
N GLY R 990 53.01 -70.31 59.59
CA GLY R 990 53.50 -70.68 58.28
C GLY R 990 54.87 -71.32 58.23
N ASP R 991 54.95 -72.58 58.66
CA ASP R 991 56.12 -73.46 58.54
C ASP R 991 57.33 -72.90 59.28
N PRO R 992 57.37 -73.00 60.61
CA PRO R 992 58.48 -72.46 61.38
C PRO R 992 59.75 -73.30 61.34
N ARG R 993 59.86 -74.29 60.45
CA ARG R 993 61.10 -75.02 60.22
C ARG R 993 62.05 -74.08 59.47
N MET R 994 62.69 -73.19 60.23
CA MET R 994 63.44 -72.07 59.68
C MET R 994 64.90 -72.19 60.04
N THR R 995 65.71 -71.39 59.39
CA THR R 995 67.14 -71.46 59.66
C THR R 995 67.76 -70.09 59.94
N GLN R 996 67.35 -69.05 59.22
CA GLN R 996 68.13 -67.81 59.24
C GLN R 996 67.23 -66.66 58.79
N LEU R 997 67.07 -65.65 59.65
CA LEU R 997 66.25 -64.51 59.29
C LEU R 997 67.00 -63.57 58.35
N ALA R 998 66.25 -62.97 57.45
CA ALA R 998 66.77 -62.02 56.48
C ALA R 998 65.62 -61.18 55.97
N ILE R 999 65.92 -59.95 55.60
CA ILE R 999 64.93 -59.03 55.06
C ILE R 999 65.49 -58.43 53.78
N GLN R 1000 64.61 -58.12 52.84
CA GLN R 1000 65.05 -57.63 51.54
C GLN R 1000 63.98 -56.74 50.92
N TYR R 1001 64.43 -55.86 50.03
CA TYR R 1001 63.54 -55.20 49.09
C TYR R 1001 64.17 -55.27 47.71
N GLN R 1002 63.42 -54.86 46.70
CA GLN R 1002 63.96 -54.76 45.36
C GLN R 1002 63.65 -53.39 44.78
N GLN R 1003 64.38 -53.04 43.74
CA GLN R 1003 64.16 -51.81 42.99
C GLN R 1003 63.12 -52.08 41.91
N TYR R 1004 62.98 -51.17 40.94
CA TYR R 1004 62.01 -51.39 39.88
C TYR R 1004 62.50 -52.43 38.89
N ASN R 1005 63.78 -52.36 38.49
CA ASN R 1005 64.25 -53.15 37.36
C ASN R 1005 64.36 -54.63 37.71
N GLY R 1006 64.74 -54.95 38.94
CA GLY R 1006 64.92 -56.31 39.33
C GLY R 1006 66.13 -56.48 40.22
N ARG R 1007 66.82 -55.38 40.46
CA ARG R 1007 67.95 -55.38 41.39
C ARG R 1007 67.42 -55.49 42.81
N THR R 1008 67.86 -56.52 43.53
CA THR R 1008 67.39 -56.78 44.88
C THR R 1008 68.51 -56.51 45.87
N PHE R 1009 68.15 -55.99 47.04
CA PHE R 1009 69.10 -55.71 48.10
C PHE R 1009 68.81 -56.62 49.28
N ASN R 1010 69.81 -57.37 49.72
CA ASN R 1010 69.64 -58.36 50.77
C ASN R 1010 70.52 -58.01 51.95
N VAL R 1011 69.93 -57.93 53.14
CA VAL R 1011 70.64 -57.66 54.38
C VAL R 1011 70.41 -58.83 55.33
N ILE R 1012 71.51 -59.45 55.75
CA ILE R 1012 71.48 -60.58 56.67
C ILE R 1012 72.26 -60.18 57.92
N PRO R 1013 71.65 -60.24 59.10
CA PRO R 1013 72.37 -59.91 60.33
C PRO R 1013 73.41 -60.97 60.69
N GLU R 1014 74.29 -60.60 61.62
CA GLU R 1014 75.46 -61.41 61.91
C GLU R 1014 75.17 -62.58 62.82
N MET R 1015 74.13 -62.49 63.67
CA MET R 1015 73.62 -63.45 64.65
C MET R 1015 74.72 -64.12 65.47
N PRO R 1016 75.27 -63.40 66.47
CA PRO R 1016 76.34 -63.97 67.30
C PRO R 1016 75.88 -65.12 68.20
N GLY R 1017 76.81 -65.65 68.99
CA GLY R 1017 76.54 -66.87 69.72
C GLY R 1017 75.57 -66.64 70.88
N SER R 1018 74.57 -67.50 70.97
CA SER R 1018 73.57 -67.44 72.02
C SER R 1018 73.91 -68.42 73.13
N VAL R 1019 74.01 -67.91 74.36
CA VAL R 1019 74.43 -68.71 75.48
C VAL R 1019 73.39 -69.73 75.89
N ILE R 1020 72.10 -69.46 75.62
CA ILE R 1020 71.05 -70.42 75.97
C ILE R 1020 71.15 -71.65 75.07
N ALA R 1021 71.30 -71.43 73.76
CA ALA R 1021 71.49 -72.55 72.84
C ALA R 1021 72.81 -73.27 73.06
N ASP R 1022 73.85 -72.53 73.46
CA ASP R 1022 75.12 -73.17 73.79
C ASP R 1022 74.97 -74.07 75.01
N CYS R 1023 74.27 -73.62 76.03
CA CYS R 1023 74.08 -74.45 77.21
C CYS R 1023 73.09 -75.59 76.98
N VAL R 1024 72.12 -75.43 76.08
CA VAL R 1024 71.27 -76.56 75.70
C VAL R 1024 72.08 -77.64 75.01
N GLN R 1025 72.90 -77.25 74.03
CA GLN R 1025 73.71 -78.24 73.33
C GLN R 1025 74.87 -78.75 74.17
N LEU R 1026 75.17 -78.12 75.31
CA LEU R 1026 76.09 -78.70 76.28
C LEU R 1026 75.40 -79.71 77.20
N THR R 1027 74.22 -79.35 77.73
CA THR R 1027 73.55 -80.28 78.62
C THR R 1027 72.95 -81.46 77.87
N ALA R 1028 72.77 -81.37 76.55
CA ALA R 1028 72.43 -82.55 75.77
C ALA R 1028 73.61 -83.51 75.70
N GLU R 1029 74.82 -82.99 75.56
CA GLU R 1029 76.01 -83.82 75.62
C GLU R 1029 76.17 -84.45 77.00
N VAL R 1030 75.79 -83.72 78.05
CA VAL R 1030 75.82 -84.31 79.39
C VAL R 1030 74.76 -85.39 79.54
N PHE R 1031 73.58 -85.18 78.97
CA PHE R 1031 72.52 -86.18 78.98
C PHE R 1031 72.88 -87.44 78.21
N ASN R 1032 73.71 -87.30 77.16
CA ASN R 1032 74.20 -88.45 76.40
C ASN R 1032 75.01 -89.43 77.24
N HIS R 1033 75.58 -88.97 78.35
CA HIS R 1033 76.31 -89.85 79.25
C HIS R 1033 75.60 -90.13 80.56
N GLU R 1034 74.78 -89.21 81.05
CA GLU R 1034 73.88 -89.55 82.14
C GLU R 1034 72.44 -89.36 81.67
N TYR R 1035 72.00 -90.34 80.91
CA TYR R 1035 70.61 -90.53 80.53
C TYR R 1035 69.80 -91.18 81.63
N ASN R 1036 70.46 -91.93 82.52
CA ASN R 1036 69.74 -92.69 83.55
C ASN R 1036 69.19 -91.81 84.65
N LEU R 1037 69.77 -90.64 84.88
CA LEU R 1037 69.33 -89.83 86.01
C LEU R 1037 68.00 -89.15 85.75
N PHE R 1038 67.63 -88.96 84.49
CA PHE R 1038 66.38 -88.29 84.19
C PHE R 1038 65.22 -89.27 84.04
N GLY R 1039 65.50 -90.57 84.13
CA GLY R 1039 64.47 -91.59 84.01
C GLY R 1039 64.45 -92.35 82.70
N ILE R 1040 65.46 -92.18 81.85
CA ILE R 1040 65.54 -92.83 80.55
C ILE R 1040 66.56 -93.95 80.64
N ALA R 1041 66.24 -95.10 80.07
CA ALA R 1041 67.21 -96.15 79.84
C ALA R 1041 67.33 -96.41 78.35
N ARG R 1042 68.56 -96.53 77.86
CA ARG R 1042 68.77 -96.75 76.44
C ARG R 1042 68.86 -98.24 76.13
N GLY R 1043 68.84 -98.55 74.84
CA GLY R 1043 68.83 -99.93 74.40
C GLY R 1043 67.42 -100.46 74.31
N ASP R 1044 67.20 -101.67 74.82
CA ASP R 1044 65.89 -102.29 74.71
C ASP R 1044 65.73 -103.37 75.77
N ILE R 1045 64.59 -104.05 75.71
CA ILE R 1045 64.21 -105.06 76.68
C ILE R 1045 64.11 -106.41 75.99
N ILE R 1046 64.13 -107.46 76.80
CA ILE R 1046 63.99 -108.83 76.33
C ILE R 1046 62.92 -109.49 77.20
N ILE R 1047 61.82 -109.89 76.58
CA ILE R 1047 60.75 -110.57 77.30
C ILE R 1047 60.99 -112.06 77.25
N GLY R 1048 61.26 -112.66 78.40
CA GLY R 1048 61.53 -114.08 78.46
C GLY R 1048 61.56 -114.60 79.88
N ARG R 1049 61.04 -115.81 80.07
CA ARG R 1049 60.93 -116.37 81.41
C ARG R 1049 62.29 -116.82 81.90
N VAL R 1050 62.76 -116.23 82.99
CA VAL R 1050 64.01 -116.61 83.64
C VAL R 1050 63.67 -116.91 85.08
N GLN R 1051 63.68 -118.19 85.44
CA GLN R 1051 63.41 -118.62 86.81
C GLN R 1051 64.67 -119.27 87.38
N SER R 1052 65.21 -118.65 88.42
CA SER R 1052 66.38 -119.19 89.11
C SER R 1052 66.42 -118.58 90.50
N THR R 1053 67.27 -119.15 91.34
CA THR R 1053 67.49 -118.62 92.67
C THR R 1053 68.58 -117.55 92.72
N HIS R 1054 69.23 -117.29 91.58
CA HIS R 1054 70.23 -116.24 91.53
C HIS R 1054 69.57 -114.87 91.60
N LEU R 1055 70.34 -113.90 92.08
CA LEU R 1055 69.95 -112.50 92.05
C LEU R 1055 71.04 -111.72 91.33
N TRP R 1056 70.65 -110.96 90.31
CA TRP R 1056 71.66 -110.28 89.51
C TRP R 1056 71.26 -108.89 89.04
N SER R 1057 70.22 -108.28 89.64
CA SER R 1057 69.81 -106.90 89.40
C SER R 1057 69.47 -106.60 87.96
N PRO R 1058 68.21 -106.80 87.51
CA PRO R 1058 67.86 -106.81 86.08
C PRO R 1058 68.24 -105.61 85.20
N LEU R 1059 68.84 -104.55 85.77
CA LEU R 1059 69.45 -103.52 84.96
C LEU R 1059 70.84 -103.89 84.44
N ALA R 1060 71.51 -104.86 85.06
CA ALA R 1060 72.87 -105.24 84.67
C ALA R 1060 72.89 -106.70 84.24
N PRO R 1061 72.69 -107.00 82.97
CA PRO R 1061 72.49 -108.39 82.54
C PRO R 1061 73.80 -109.12 82.30
N PRO R 1062 73.86 -110.40 82.63
CA PRO R 1062 74.98 -111.24 82.20
C PRO R 1062 74.86 -111.55 80.72
N PRO R 1063 75.97 -111.88 80.04
CA PRO R 1063 75.94 -111.88 78.57
C PRO R 1063 75.19 -113.03 77.93
N ASP R 1064 74.93 -114.13 78.63
CA ASP R 1064 74.28 -115.26 77.94
C ASP R 1064 72.78 -115.07 77.77
N LEU R 1065 72.16 -114.21 78.56
CA LEU R 1065 70.71 -114.03 78.44
C LEU R 1065 70.36 -113.10 77.29
N VAL R 1066 71.28 -112.27 76.84
CA VAL R 1066 70.98 -111.31 75.80
C VAL R 1066 71.45 -111.87 74.46
N PHE R 1067 70.88 -111.34 73.39
CA PHE R 1067 71.22 -111.75 72.04
C PHE R 1067 70.94 -110.59 71.09
N ASP R 1068 71.53 -110.68 69.90
CA ASP R 1068 71.35 -109.67 68.88
C ASP R 1068 71.45 -110.33 67.51
N ARG R 1069 71.67 -109.52 66.47
CA ARG R 1069 71.83 -110.02 65.13
C ARG R 1069 73.14 -110.79 64.95
N ASP R 1070 74.10 -110.60 65.86
CA ASP R 1070 75.31 -111.41 65.86
C ASP R 1070 74.99 -112.85 66.23
N THR R 1071 74.02 -113.05 67.12
CA THR R 1071 73.74 -114.38 67.64
C THR R 1071 73.10 -115.23 66.56
N PRO R 1072 73.63 -116.42 66.28
CA PRO R 1072 73.04 -117.26 65.23
C PRO R 1072 71.74 -117.89 65.68
N GLY R 1073 70.89 -118.19 64.71
CA GLY R 1073 69.60 -118.77 64.98
C GLY R 1073 68.52 -117.79 65.35
N VAL R 1074 68.81 -116.51 65.35
CA VAL R 1074 67.85 -115.50 65.77
C VAL R 1074 67.04 -115.05 64.56
N HIS R 1075 65.72 -115.13 64.67
CA HIS R 1075 64.83 -114.75 63.58
C HIS R 1075 64.40 -113.31 63.75
N ILE R 1076 64.50 -112.53 62.67
CA ILE R 1076 64.31 -111.09 62.69
C ILE R 1076 63.09 -110.76 61.84
N PHE R 1077 62.16 -110.00 62.38
CA PHE R 1077 60.87 -109.83 61.72
C PHE R 1077 60.70 -108.41 61.22
N GLY R 1078 60.40 -108.27 59.93
CA GLY R 1078 60.06 -107.00 59.32
C GLY R 1078 58.61 -106.66 59.58
N ARG R 1079 58.06 -105.74 58.77
CA ARG R 1079 56.74 -105.21 59.06
C ARG R 1079 55.64 -106.23 58.80
N ASP R 1080 55.70 -106.93 57.68
CA ASP R 1080 54.63 -107.84 57.28
C ASP R 1080 54.74 -109.20 57.99
N CYS R 1081 54.68 -109.16 59.30
CA CYS R 1081 54.61 -110.37 60.10
C CYS R 1081 53.19 -110.92 60.02
N ARG R 1082 53.00 -111.98 59.25
CA ARG R 1082 51.69 -112.58 59.08
C ARG R 1082 51.68 -113.95 59.75
N ILE R 1083 50.56 -114.29 60.39
CA ILE R 1083 50.46 -115.48 61.22
C ILE R 1083 49.43 -116.43 60.62
N SER R 1084 49.82 -117.67 60.39
CA SER R 1084 48.91 -118.74 59.97
C SER R 1084 48.77 -119.75 61.08
N PHE R 1085 47.56 -120.26 61.27
CA PHE R 1085 47.38 -121.25 62.31
C PHE R 1085 47.85 -122.62 61.82
N GLY R 1086 47.85 -123.58 62.74
CA GLY R 1086 48.22 -124.94 62.40
C GLY R 1086 47.04 -125.87 62.36
N MET R 1087 46.68 -126.33 61.18
CA MET R 1087 45.55 -127.24 61.04
C MET R 1087 45.93 -128.63 61.55
N ASN R 1088 44.94 -129.29 62.17
CA ASN R 1088 45.02 -130.71 62.57
C ASN R 1088 46.16 -130.98 63.54
N GLY R 1089 46.38 -130.05 64.46
CA GLY R 1089 47.40 -130.25 65.47
C GLY R 1089 48.80 -129.94 65.00
N ALA R 1090 48.96 -128.94 64.15
CA ALA R 1090 50.26 -128.48 63.72
C ALA R 1090 50.60 -127.17 64.43
N ALA R 1091 51.88 -126.83 64.44
CA ALA R 1091 52.31 -125.65 65.16
C ALA R 1091 51.99 -124.40 64.36
N PRO R 1092 51.43 -123.36 64.99
CA PRO R 1092 51.17 -122.11 64.27
C PRO R 1092 52.47 -121.38 63.97
N MET R 1093 52.47 -120.66 62.85
CA MET R 1093 53.71 -120.12 62.30
C MET R 1093 53.56 -118.65 61.96
N ILE R 1094 54.71 -117.97 61.87
CA ILE R 1094 54.78 -116.54 61.63
C ILE R 1094 55.88 -116.29 60.59
N ARG R 1095 55.72 -115.21 59.82
CA ARG R 1095 56.58 -114.94 58.68
C ARG R 1095 57.87 -114.24 59.09
N ASP R 1096 58.99 -114.75 58.60
CA ASP R 1096 60.31 -114.17 58.80
C ASP R 1096 60.45 -112.94 57.89
N GLU R 1097 61.57 -112.21 58.01
CA GLU R 1097 61.82 -111.13 57.07
C GLU R 1097 62.15 -111.67 55.68
N THR R 1098 62.75 -112.86 55.62
CA THR R 1098 63.19 -113.45 54.37
C THR R 1098 62.16 -114.39 53.78
N GLY R 1099 60.92 -114.34 54.27
CA GLY R 1099 59.84 -115.12 53.71
C GLY R 1099 59.63 -116.47 54.35
N MET R 1100 60.50 -116.89 55.26
CA MET R 1100 60.31 -118.18 55.90
C MET R 1100 59.18 -118.12 56.93
N MET R 1101 58.66 -119.29 57.27
CA MET R 1101 57.63 -119.44 58.28
C MET R 1101 58.21 -120.23 59.45
N VAL R 1102 58.22 -119.61 60.64
CA VAL R 1102 58.87 -120.22 61.80
C VAL R 1102 57.85 -120.46 62.91
N PRO R 1103 58.00 -121.51 63.70
CA PRO R 1103 57.06 -121.75 64.80
C PRO R 1103 57.33 -120.83 65.97
N PHE R 1104 56.42 -120.87 66.94
CA PHE R 1104 56.45 -119.96 68.09
C PHE R 1104 57.44 -120.47 69.14
N GLU R 1105 58.73 -120.38 68.78
CA GLU R 1105 59.78 -120.95 69.61
C GLU R 1105 61.11 -120.35 69.22
N GLY R 1106 61.90 -119.93 70.21
CA GLY R 1106 63.26 -119.50 69.98
C GLY R 1106 63.48 -118.06 70.39
N ASN R 1107 64.45 -117.43 69.73
CA ASN R 1107 64.84 -116.06 70.02
C ASN R 1107 64.47 -115.18 68.84
N TRP R 1108 63.66 -114.15 69.09
CA TRP R 1108 63.16 -113.28 68.04
C TRP R 1108 63.59 -111.84 68.30
N ILE R 1109 63.43 -111.00 67.27
CA ILE R 1109 63.67 -109.57 67.38
C ILE R 1109 62.48 -108.85 66.80
N PHE R 1110 61.84 -108.01 67.61
CA PHE R 1110 60.81 -107.11 67.13
C PHE R 1110 61.31 -105.68 67.16
N PRO R 1111 60.92 -104.86 66.19
CA PRO R 1111 60.78 -103.44 66.47
C PRO R 1111 59.54 -103.20 67.30
N LEU R 1112 59.57 -102.14 68.11
CA LEU R 1112 58.45 -101.80 68.96
C LEU R 1112 57.21 -101.43 68.15
N ALA R 1113 57.40 -100.88 66.96
CA ALA R 1113 56.27 -100.48 66.13
C ALA R 1113 55.48 -101.67 65.65
N LEU R 1114 56.14 -102.82 65.44
CA LEU R 1114 55.47 -104.05 65.04
C LEU R 1114 54.45 -104.50 66.07
N TRP R 1115 54.85 -104.58 67.33
CA TRP R 1115 53.93 -104.93 68.39
C TRP R 1115 52.91 -103.83 68.61
N GLN R 1116 53.29 -102.58 68.35
CA GLN R 1116 52.36 -101.47 68.49
C GLN R 1116 51.33 -101.41 67.36
N MET R 1117 51.58 -102.13 66.23
CA MET R 1117 50.62 -102.19 65.12
C MET R 1117 49.28 -102.72 65.60
N ASN R 1118 49.31 -103.81 66.34
CA ASN R 1118 48.12 -104.48 66.83
C ASN R 1118 48.48 -105.26 68.09
N THR R 1119 48.14 -104.69 69.24
CA THR R 1119 48.33 -105.39 70.49
C THR R 1119 47.30 -106.50 70.70
N ARG R 1120 46.07 -106.29 70.23
CA ARG R 1120 44.98 -107.19 70.58
C ARG R 1120 45.11 -108.54 69.89
N TYR R 1121 45.59 -108.53 68.64
CA TYR R 1121 45.87 -109.81 68.00
C TYR R 1121 47.14 -110.43 68.58
N PHE R 1122 48.14 -109.64 68.90
CA PHE R 1122 49.38 -110.25 69.38
C PHE R 1122 49.28 -110.69 70.83
N ASN R 1123 48.44 -110.05 71.64
CA ASN R 1123 48.24 -110.54 73.00
C ASN R 1123 47.50 -111.87 73.02
N GLN R 1124 46.61 -112.10 72.07
CA GLN R 1124 45.90 -113.37 72.01
C GLN R 1124 46.82 -114.50 71.57
N GLN R 1125 47.77 -114.22 70.69
CA GLN R 1125 48.58 -115.26 70.10
C GLN R 1125 49.83 -115.60 70.90
N PHE R 1126 50.48 -114.60 71.50
CA PHE R 1126 51.81 -114.81 72.03
C PHE R 1126 51.87 -115.02 73.54
N ASP R 1127 50.86 -114.57 74.29
CA ASP R 1127 50.97 -114.55 75.74
C ASP R 1127 50.98 -115.94 76.36
N ALA R 1128 50.39 -116.93 75.70
CA ALA R 1128 50.48 -118.29 76.22
C ALA R 1128 51.86 -118.89 75.98
N TRP R 1129 52.51 -118.53 74.88
CA TRP R 1129 53.80 -119.13 74.57
C TRP R 1129 54.94 -118.46 75.33
N ILE R 1130 54.76 -117.20 75.74
CA ILE R 1130 55.80 -116.53 76.51
C ILE R 1130 55.79 -117.03 77.95
N LYS R 1131 54.59 -117.18 78.51
CA LYS R 1131 54.45 -117.45 79.94
C LYS R 1131 54.92 -118.86 80.30
N THR R 1132 54.58 -119.85 79.47
CA THR R 1132 54.79 -121.25 79.83
C THR R 1132 55.66 -121.99 78.81
N GLY R 1133 56.24 -121.30 77.85
CA GLY R 1133 56.88 -121.99 76.74
C GLY R 1133 58.34 -121.62 76.58
N GLU R 1134 58.76 -121.51 75.33
CA GLU R 1134 60.15 -121.32 74.91
C GLU R 1134 60.21 -120.18 73.89
N LEU R 1135 59.61 -119.05 74.24
CA LEU R 1135 59.57 -117.90 73.36
C LEU R 1135 60.22 -116.72 74.06
N ARG R 1136 61.29 -116.21 73.48
CA ARG R 1136 62.03 -115.09 74.04
C ARG R 1136 62.13 -114.01 72.98
N ILE R 1137 61.57 -112.84 73.27
CA ILE R 1137 61.39 -111.78 72.29
C ILE R 1137 62.18 -110.55 72.75
N ARG R 1138 63.07 -110.07 71.89
CA ARG R 1138 63.76 -108.81 72.11
C ARG R 1138 63.06 -107.72 71.30
N ILE R 1139 62.48 -106.76 71.99
CA ILE R 1139 61.72 -105.69 71.35
C ILE R 1139 62.59 -104.46 71.33
N GLU R 1140 63.16 -104.12 70.17
CA GLU R 1140 64.07 -102.99 70.09
C GLU R 1140 63.30 -101.68 70.15
N MET R 1141 63.72 -100.80 71.05
CA MET R 1141 62.96 -99.59 71.39
C MET R 1141 63.80 -98.32 71.31
N GLY R 1142 65.07 -98.37 71.69
CA GLY R 1142 65.89 -97.18 71.70
C GLY R 1142 65.87 -96.46 73.03
N ALA R 1143 64.73 -95.86 73.38
CA ALA R 1143 64.58 -95.17 74.66
C ALA R 1143 63.24 -95.53 75.26
N TYR R 1144 63.21 -95.59 76.60
CA TYR R 1144 61.98 -95.92 77.30
C TYR R 1144 62.08 -95.46 78.74
N PRO R 1145 61.01 -94.93 79.32
CA PRO R 1145 60.98 -94.72 80.77
C PRO R 1145 60.77 -96.04 81.49
N TYR R 1146 61.12 -96.05 82.78
CA TYR R 1146 61.11 -97.29 83.53
C TYR R 1146 60.62 -97.06 84.94
N MET R 1147 60.06 -98.13 85.52
CA MET R 1147 59.51 -98.14 86.86
C MET R 1147 60.12 -99.31 87.60
N LEU R 1148 60.31 -99.18 88.91
CA LEU R 1148 60.91 -100.24 89.71
C LEU R 1148 59.94 -100.77 90.75
N HIS R 1149 60.04 -102.07 91.01
CA HIS R 1149 59.35 -102.74 92.11
C HIS R 1149 60.36 -103.61 92.83
N TYR R 1150 60.59 -103.32 94.10
CA TYR R 1150 61.56 -104.07 94.89
C TYR R 1150 60.86 -105.21 95.61
N TYR R 1151 61.43 -106.40 95.50
CA TYR R 1151 60.86 -107.57 96.15
C TYR R 1151 61.82 -108.08 97.22
N ASP R 1152 61.25 -108.74 98.21
CA ASP R 1152 62.07 -109.35 99.25
C ASP R 1152 62.70 -110.61 98.67
N PRO R 1153 64.02 -110.73 98.63
CA PRO R 1153 64.65 -111.86 97.93
C PRO R 1153 64.67 -113.17 98.70
N ARG R 1154 63.95 -113.30 99.82
CA ARG R 1154 63.77 -114.59 100.47
C ARG R 1154 62.31 -115.03 100.46
N GLN R 1155 61.47 -114.41 99.63
CA GLN R 1155 60.10 -114.85 99.41
C GLN R 1155 59.86 -115.00 97.91
N TYR R 1156 58.82 -115.76 97.59
CA TYR R 1156 58.48 -116.02 96.20
C TYR R 1156 57.97 -114.76 95.51
N ALA R 1157 58.31 -114.60 94.23
CA ALA R 1157 57.92 -113.41 93.49
C ALA R 1157 57.78 -113.77 92.01
N ASN R 1158 56.59 -113.51 91.47
CA ASN R 1158 56.31 -113.75 90.07
C ASN R 1158 56.05 -112.40 89.42
N ALA R 1159 56.72 -112.14 88.29
CA ALA R 1159 56.60 -110.87 87.60
C ALA R 1159 55.55 -110.89 86.51
N TRP R 1160 54.74 -111.95 86.43
CA TRP R 1160 53.82 -112.06 85.30
C TRP R 1160 52.65 -111.09 85.43
N ASN R 1161 52.17 -110.87 86.65
CA ASN R 1161 51.06 -109.94 86.87
C ASN R 1161 51.43 -108.51 86.55
N LEU R 1162 52.73 -108.18 86.53
CA LEU R 1162 53.21 -106.87 86.12
C LEU R 1162 53.57 -106.85 84.64
N THR R 1163 54.15 -107.93 84.14
CA THR R 1163 54.58 -107.96 82.75
C THR R 1163 53.40 -108.02 81.80
N SER R 1164 52.41 -108.86 82.12
CA SER R 1164 51.19 -108.90 81.33
C SER R 1164 50.39 -107.60 81.47
N ALA R 1165 50.46 -106.97 82.64
CA ALA R 1165 49.82 -105.67 82.80
C ALA R 1165 50.53 -104.60 81.97
N TRP R 1166 51.82 -104.75 81.72
CA TRP R 1166 52.46 -103.85 80.77
C TRP R 1166 52.01 -104.16 79.35
N LEU R 1167 52.05 -105.44 78.97
CA LEU R 1167 51.79 -105.83 77.58
C LEU R 1167 50.36 -105.55 77.15
N GLU R 1168 49.39 -105.70 78.05
CA GLU R 1168 48.01 -105.50 77.63
C GLU R 1168 47.66 -104.04 77.48
N GLU R 1169 48.30 -103.14 78.23
CA GLU R 1169 47.85 -101.76 78.28
C GLU R 1169 48.41 -100.90 77.16
N ILE R 1170 49.36 -101.38 76.37
CA ILE R 1170 49.91 -100.50 75.35
C ILE R 1170 49.02 -100.54 74.13
N THR R 1171 49.22 -99.58 73.24
CA THR R 1171 48.20 -99.16 72.29
C THR R 1171 48.89 -98.48 71.13
N PRO R 1172 48.26 -98.40 69.95
CA PRO R 1172 48.91 -97.73 68.80
C PRO R 1172 49.28 -96.26 68.94
N THR R 1173 48.96 -95.61 70.06
CA THR R 1173 49.42 -94.25 70.29
C THR R 1173 50.46 -94.17 71.41
N SER R 1174 50.16 -94.67 72.59
CA SER R 1174 51.00 -94.47 73.75
C SER R 1174 51.58 -95.78 74.25
N ILE R 1175 52.46 -95.67 75.23
CA ILE R 1175 53.07 -96.81 75.92
C ILE R 1175 53.49 -96.38 77.33
N PRO R 1176 53.22 -97.18 78.35
CA PRO R 1176 53.63 -96.82 79.71
C PRO R 1176 55.08 -97.15 79.97
N SER R 1177 55.53 -96.79 81.18
CA SER R 1177 56.89 -97.07 81.60
C SER R 1177 57.08 -98.56 81.83
N VAL R 1178 58.27 -99.04 81.53
CA VAL R 1178 58.53 -100.49 81.52
C VAL R 1178 58.79 -100.93 82.96
N PRO R 1179 58.05 -101.92 83.47
CA PRO R 1179 58.22 -102.34 84.86
C PRO R 1179 59.39 -103.30 85.02
N PHE R 1180 60.26 -103.01 85.98
CA PHE R 1180 61.37 -103.87 86.35
C PHE R 1180 61.10 -104.44 87.74
N MET R 1181 61.88 -105.46 88.11
CA MET R 1181 61.66 -106.12 89.39
C MET R 1181 63.04 -106.44 89.98
N VAL R 1182 63.48 -105.61 90.91
CA VAL R 1182 64.85 -105.59 91.39
C VAL R 1182 64.90 -106.16 92.80
N PRO R 1183 65.82 -107.05 93.11
CA PRO R 1183 65.94 -107.55 94.48
C PRO R 1183 66.51 -106.50 95.41
N ILE R 1184 66.32 -106.74 96.72
CA ILE R 1184 66.76 -105.83 97.76
C ILE R 1184 68.05 -106.36 98.37
N SER R 1185 69.06 -105.51 98.44
CA SER R 1185 70.34 -105.86 99.04
C SER R 1185 70.22 -106.05 100.55
N SER R 1186 71.23 -106.68 101.13
CA SER R 1186 71.25 -106.92 102.57
C SER R 1186 72.70 -107.06 103.02
N ASP R 1187 72.93 -106.79 104.31
CA ASP R 1187 74.28 -106.85 104.88
C ASP R 1187 74.56 -108.14 105.63
N HIS R 1188 73.63 -109.10 105.58
CA HIS R 1188 73.83 -110.40 106.18
C HIS R 1188 73.24 -111.44 105.23
N ASP R 1189 73.63 -112.69 105.43
CA ASP R 1189 73.19 -113.72 104.50
C ASP R 1189 71.72 -114.07 104.70
N ILE R 1190 71.05 -114.36 103.60
CA ILE R 1190 69.60 -114.51 103.56
C ILE R 1190 69.25 -115.89 103.04
N SER R 1191 67.98 -116.24 103.17
CA SER R 1191 67.44 -117.45 102.56
C SER R 1191 67.27 -117.22 101.07
N SER R 1192 67.43 -118.30 100.31
CA SER R 1192 67.35 -118.24 98.86
C SER R 1192 66.03 -118.83 98.40
N ALA R 1193 65.17 -117.98 97.83
CA ALA R 1193 63.85 -118.38 97.37
C ALA R 1193 63.74 -118.16 95.86
N PRO R 1194 62.98 -118.99 95.15
CA PRO R 1194 62.92 -118.85 93.70
C PRO R 1194 62.09 -117.64 93.27
N ALA R 1195 62.49 -117.07 92.14
CA ALA R 1195 61.85 -115.89 91.58
C ALA R 1195 61.74 -116.06 90.07
N VAL R 1196 60.70 -115.46 89.50
CA VAL R 1196 60.46 -115.54 88.06
C VAL R 1196 60.46 -114.13 87.51
N GLN R 1197 61.36 -113.88 86.57
CA GLN R 1197 61.46 -112.57 85.93
C GLN R 1197 61.13 -112.69 84.45
N TYR R 1198 60.60 -111.61 83.88
CA TYR R 1198 60.30 -111.60 82.46
C TYR R 1198 60.96 -110.45 81.71
N ILE R 1199 60.98 -109.26 82.27
CA ILE R 1199 61.58 -108.11 81.61
C ILE R 1199 63.00 -107.96 82.11
N ILE R 1200 63.97 -108.05 81.20
CA ILE R 1200 65.36 -107.72 81.52
C ILE R 1200 65.85 -106.71 80.50
N SER R 1201 66.80 -105.88 80.92
CA SER R 1201 67.37 -104.92 79.98
C SER R 1201 68.54 -105.55 79.23
N THR R 1202 69.03 -104.84 78.23
CA THR R 1202 70.09 -105.34 77.35
C THR R 1202 71.47 -104.89 77.77
N GLU R 1203 71.63 -103.65 78.22
CA GLU R 1203 72.93 -103.22 78.71
C GLU R 1203 72.80 -102.49 80.04
N TYR R 1204 73.92 -101.93 80.51
CA TYR R 1204 73.99 -101.37 81.85
C TYR R 1204 73.20 -100.09 81.96
N ASN R 1205 72.24 -100.07 82.90
CA ASN R 1205 71.45 -98.89 83.19
C ASN R 1205 71.43 -98.57 84.66
N ASP R 1206 72.22 -99.28 85.48
CA ASP R 1206 72.17 -99.16 86.93
C ASP R 1206 73.25 -98.20 87.43
N ARG R 1207 73.22 -96.97 86.92
CA ARG R 1207 74.14 -95.96 87.42
C ARG R 1207 73.41 -94.72 87.92
N SER R 1208 72.08 -94.77 88.02
CA SER R 1208 71.37 -93.87 88.91
C SER R 1208 71.43 -94.34 90.35
N LEU R 1209 71.87 -95.59 90.56
CA LEU R 1209 71.98 -96.15 91.89
C LEU R 1209 73.18 -95.54 92.58
N PHE R 1210 72.95 -94.88 93.71
CA PHE R 1210 74.04 -94.21 94.40
C PHE R 1210 74.86 -95.20 95.23
N CYS R 1211 74.24 -95.82 96.22
CA CYS R 1211 74.95 -96.75 97.09
C CYS R 1211 73.97 -97.73 97.71
N THR R 1212 74.49 -98.90 98.07
CA THR R 1212 73.70 -99.94 98.70
C THR R 1212 74.20 -100.20 100.11
N ASN R 1213 73.27 -100.16 101.07
CA ASN R 1213 73.52 -100.43 102.49
C ASN R 1213 74.61 -99.53 103.05
N SER R 1214 74.32 -98.23 103.04
CA SER R 1214 75.33 -97.23 103.34
C SER R 1214 75.73 -97.20 104.80
N SER R 1215 74.91 -97.74 105.70
CA SER R 1215 75.23 -97.73 107.12
C SER R 1215 75.82 -99.06 107.59
N SER R 1216 76.22 -99.92 106.67
CA SER R 1216 76.72 -101.24 106.99
C SER R 1216 78.20 -101.34 106.66
N PRO R 1217 78.93 -102.29 107.26
CA PRO R 1217 80.34 -102.45 106.88
C PRO R 1217 80.53 -102.98 105.48
N GLN R 1218 79.73 -103.95 105.06
CA GLN R 1218 79.86 -104.48 103.70
C GLN R 1218 78.54 -105.12 103.28
N THR R 1219 78.37 -105.23 101.97
CA THR R 1219 77.24 -105.92 101.38
C THR R 1219 77.62 -107.38 101.15
N ILE R 1220 76.83 -108.30 101.70
CA ILE R 1220 77.09 -109.72 101.48
C ILE R 1220 76.26 -110.22 100.31
N ALA R 1221 74.95 -110.10 100.42
CA ALA R 1221 74.05 -110.55 99.36
C ALA R 1221 73.26 -109.36 98.84
N GLY R 1222 73.25 -109.22 97.52
CA GLY R 1222 72.59 -108.11 96.89
C GLY R 1222 73.45 -107.53 95.79
N PRO R 1223 72.91 -106.55 95.05
CA PRO R 1223 73.73 -105.83 94.08
C PRO R 1223 74.74 -104.93 94.76
N ASP R 1224 76.02 -105.24 94.66
CA ASP R 1224 77.03 -104.49 95.39
C ASP R 1224 77.26 -103.14 94.73
N LYS R 1225 77.49 -102.14 95.57
CA LYS R 1225 77.85 -100.78 95.13
C LYS R 1225 78.41 -100.03 96.32
N HIS R 1226 79.57 -99.42 96.14
CA HIS R 1226 80.15 -98.54 97.14
C HIS R 1226 79.75 -97.10 96.82
N ILE R 1227 80.32 -96.15 97.55
CA ILE R 1227 80.09 -94.74 97.25
C ILE R 1227 80.79 -94.40 95.94
N PRO R 1228 80.12 -93.73 94.99
CA PRO R 1228 80.77 -93.42 93.72
C PRO R 1228 81.88 -92.39 93.89
N VAL R 1229 83.12 -92.88 93.76
CA VAL R 1229 84.28 -92.08 94.09
C VAL R 1229 84.66 -91.13 92.96
N GLU R 1230 84.21 -91.41 91.73
CA GLU R 1230 84.52 -90.54 90.61
C GLU R 1230 83.66 -89.28 90.62
N ARG R 1231 82.55 -89.28 91.34
CA ARG R 1231 81.72 -88.09 91.46
C ARG R 1231 82.18 -87.19 92.61
N TYR R 1232 83.25 -87.54 93.29
CA TYR R 1232 83.87 -86.67 94.28
C TYR R 1232 85.36 -86.66 93.97
N ASN R 1233 85.73 -85.81 93.02
CA ASN R 1233 87.07 -85.87 92.46
C ASN R 1233 88.05 -85.09 93.32
N ILE R 1234 87.73 -83.83 93.63
CA ILE R 1234 88.63 -82.97 94.37
C ILE R 1234 88.74 -83.33 95.85
N LEU R 1235 87.89 -84.23 96.34
CA LEU R 1235 88.07 -84.77 97.68
C LEU R 1235 88.95 -86.01 97.70
N THR R 1236 88.79 -86.90 96.72
CA THR R 1236 89.57 -88.13 96.75
C THR R 1236 90.92 -87.95 96.09
N ASN R 1237 90.93 -87.43 94.87
CA ASN R 1237 92.15 -87.37 94.07
C ASN R 1237 93.09 -86.32 94.63
N PRO R 1238 94.30 -86.68 95.08
CA PRO R 1238 95.17 -85.68 95.72
C PRO R 1238 95.85 -84.72 94.75
N ASP R 1239 96.07 -85.10 93.49
CA ASP R 1239 96.80 -84.24 92.57
C ASP R 1239 95.89 -83.42 91.66
N ALA R 1240 94.58 -83.64 91.72
CA ALA R 1240 93.67 -82.89 90.86
C ALA R 1240 93.56 -81.45 91.36
N PRO R 1241 93.70 -80.46 90.48
CA PRO R 1241 93.51 -79.08 90.92
C PRO R 1241 92.05 -78.81 91.19
N PRO R 1242 91.74 -77.83 92.06
CA PRO R 1242 90.35 -77.63 92.46
C PRO R 1242 89.45 -77.07 91.37
N THR R 1243 90.02 -76.53 90.29
CA THR R 1243 89.19 -75.87 89.29
C THR R 1243 88.55 -76.87 88.33
N GLN R 1244 89.28 -77.94 87.99
CA GLN R 1244 88.97 -78.75 86.82
C GLN R 1244 87.70 -79.58 86.99
N ILE R 1245 87.06 -79.88 85.86
CA ILE R 1245 85.81 -80.63 85.82
C ILE R 1245 85.85 -81.57 84.62
N GLN R 1246 85.35 -82.78 84.79
CA GLN R 1246 85.16 -83.71 83.68
C GLN R 1246 83.71 -83.74 83.21
N LEU R 1247 83.24 -82.57 82.75
CA LEU R 1247 81.80 -82.37 82.56
C LEU R 1247 81.15 -83.20 81.45
N PRO R 1248 81.69 -83.31 80.22
CA PRO R 1248 80.96 -84.12 79.22
C PRO R 1248 81.04 -85.61 79.43
N GLU R 1249 81.81 -86.11 80.41
CA GLU R 1249 81.87 -87.54 80.68
C GLU R 1249 80.99 -87.92 81.87
N VAL R 1250 81.22 -87.32 83.05
CA VAL R 1250 80.38 -87.58 84.21
C VAL R 1250 80.42 -86.35 85.11
N VAL R 1251 79.25 -85.90 85.56
CA VAL R 1251 79.20 -84.77 86.48
C VAL R 1251 79.68 -85.24 87.85
N ASP R 1252 80.26 -84.33 88.61
CA ASP R 1252 80.63 -84.60 89.99
C ASP R 1252 79.79 -83.75 90.92
N LEU R 1253 79.70 -84.18 92.18
CA LEU R 1253 78.72 -83.64 93.11
C LEU R 1253 79.33 -82.70 94.13
N TYR R 1254 80.51 -82.14 93.86
CA TYR R 1254 81.21 -81.34 94.86
C TYR R 1254 82.21 -80.46 94.11
N ASN R 1255 81.97 -79.15 94.09
CA ASN R 1255 82.80 -78.28 93.26
C ASN R 1255 83.25 -77.02 93.99
N VAL R 1256 83.96 -76.15 93.28
CA VAL R 1256 84.38 -74.85 93.79
C VAL R 1256 83.48 -73.82 93.15
N VAL R 1257 82.51 -73.30 93.90
CA VAL R 1257 81.53 -72.39 93.36
C VAL R 1257 81.92 -70.97 93.77
N THR R 1258 81.27 -69.98 93.16
CA THR R 1258 81.62 -68.58 93.36
C THR R 1258 80.37 -67.79 93.76
N ARG R 1259 80.17 -67.65 95.06
CA ARG R 1259 79.18 -66.71 95.56
C ARG R 1259 79.77 -65.30 95.47
N TYR R 1260 78.91 -64.30 95.29
CA TYR R 1260 79.34 -62.91 95.43
C TYR R 1260 78.14 -62.05 95.78
N ALA R 1261 78.31 -60.74 95.67
CA ALA R 1261 77.21 -59.80 95.85
C ALA R 1261 77.49 -58.57 95.01
N TYR R 1262 76.55 -58.21 94.14
CA TYR R 1262 76.59 -56.99 93.35
C TYR R 1262 75.57 -55.99 93.88
N GLU R 1263 75.46 -54.88 93.16
CA GLU R 1263 74.35 -53.97 93.34
C GLU R 1263 74.04 -53.31 92.00
N THR R 1264 72.78 -52.97 91.80
CA THR R 1264 72.30 -52.43 90.53
C THR R 1264 71.68 -51.07 90.79
N PRO R 1265 72.42 -49.99 90.61
CA PRO R 1265 71.88 -48.67 90.86
C PRO R 1265 70.93 -48.25 89.76
N PRO R 1266 70.04 -47.29 90.02
CA PRO R 1266 69.18 -46.74 88.97
C PRO R 1266 69.97 -45.79 88.08
N ILE R 1267 69.27 -45.24 87.09
CA ILE R 1267 69.87 -44.31 86.14
C ILE R 1267 69.75 -42.90 86.72
N THR R 1268 70.87 -42.34 87.14
CA THR R 1268 70.91 -41.00 87.69
C THR R 1268 71.54 -40.05 86.68
N ALA R 1269 70.93 -38.89 86.49
CA ALA R 1269 71.49 -37.90 85.59
C ALA R 1269 71.01 -36.51 85.98
N VAL R 1270 71.95 -35.57 86.00
CA VAL R 1270 71.63 -34.16 86.16
C VAL R 1270 71.56 -33.55 84.76
N VAL R 1271 70.46 -32.92 84.45
CA VAL R 1271 70.19 -32.43 83.09
C VAL R 1271 70.33 -30.91 83.09
N MET R 1272 71.30 -30.41 82.32
CA MET R 1272 71.64 -29.01 82.32
C MET R 1272 71.15 -28.33 81.05
N GLY R 1273 71.22 -27.00 81.05
CA GLY R 1273 70.86 -26.22 79.89
C GLY R 1273 72.08 -25.66 79.20
N VAL R 1274 71.88 -25.23 77.95
CA VAL R 1274 72.95 -24.66 77.13
C VAL R 1274 72.56 -23.23 76.79
N PRO R 1275 73.43 -22.23 77.05
CA PRO R 1275 73.18 -20.83 76.72
C PRO R 1275 73.03 -20.58 75.22
N GLN S 182 -4.66 -129.56 26.51
CA GLN S 182 -4.73 -128.65 25.38
C GLN S 182 -4.31 -129.33 24.09
N CYS S 183 -4.72 -128.77 22.96
CA CYS S 183 -4.46 -129.38 21.66
C CYS S 183 -3.00 -129.19 21.27
N HIS S 184 -2.31 -130.30 21.00
CA HIS S 184 -0.90 -130.27 20.61
C HIS S 184 -0.71 -130.09 19.11
N VAL S 185 -1.72 -129.60 18.40
CA VAL S 185 -1.63 -129.37 16.97
C VAL S 185 -1.69 -127.88 16.65
N CYS S 186 -2.77 -127.21 17.06
CA CYS S 186 -2.96 -125.79 16.80
C CYS S 186 -2.62 -124.93 18.01
N SER S 187 -2.14 -125.54 19.10
CA SER S 187 -1.75 -124.87 20.35
C SER S 187 -2.90 -124.08 20.96
N ALA S 188 -4.09 -124.68 20.95
CA ALA S 188 -5.26 -124.07 21.55
C ALA S 188 -5.45 -124.57 22.97
N VAL S 189 -5.69 -123.66 23.90
CA VAL S 189 -5.94 -124.03 25.28
C VAL S 189 -7.41 -124.40 25.42
N LEU S 190 -7.67 -125.62 25.85
CA LEU S 190 -9.03 -126.14 25.99
C LEU S 190 -9.32 -126.34 27.47
N PHE S 191 -10.26 -125.58 28.00
CA PHE S 191 -10.71 -125.79 29.37
C PHE S 191 -11.54 -127.07 29.45
N SER S 192 -11.51 -127.69 30.64
CA SER S 192 -12.16 -128.96 30.98
C SER S 192 -11.77 -130.05 30.00
N PRO S 193 -10.55 -130.63 30.10
CA PRO S 193 -9.93 -131.35 28.98
C PRO S 193 -10.62 -132.60 28.45
N LEU S 194 -11.81 -132.93 28.94
CA LEU S 194 -12.59 -134.06 28.45
C LEU S 194 -13.56 -133.67 27.34
N ASP S 195 -13.37 -132.52 26.70
CA ASP S 195 -14.24 -132.16 25.58
C ASP S 195 -13.48 -131.56 24.41
N LEU S 196 -12.22 -131.93 24.22
CA LEU S 196 -11.48 -131.43 23.07
C LEU S 196 -11.70 -132.28 21.82
N ASP S 197 -12.56 -133.29 21.89
CA ASP S 197 -12.91 -134.06 20.71
C ASP S 197 -13.67 -133.20 19.71
N ALA S 198 -14.56 -132.33 20.19
CA ALA S 198 -15.26 -131.41 19.32
C ALA S 198 -14.35 -130.34 18.73
N HIS S 199 -13.19 -130.10 19.33
CA HIS S 199 -12.23 -129.21 18.71
C HIS S 199 -11.37 -129.92 17.68
N VAL S 200 -10.80 -131.08 18.03
CA VAL S 200 -9.94 -131.80 17.08
C VAL S 200 -10.70 -132.46 15.95
N ALA S 201 -12.04 -132.48 16.01
CA ALA S 201 -12.80 -132.88 14.84
C ALA S 201 -12.66 -131.86 13.71
N SER S 202 -12.36 -130.60 14.03
CA SER S 202 -12.12 -129.59 13.00
C SER S 202 -10.79 -129.79 12.30
N HIS S 203 -9.84 -130.47 12.94
CA HIS S 203 -8.56 -130.78 12.30
C HIS S 203 -8.62 -132.06 11.47
N GLY S 204 -9.79 -132.69 11.36
CA GLY S 204 -9.90 -133.96 10.70
C GLY S 204 -9.64 -135.16 11.58
N LEU S 205 -9.26 -134.95 12.85
CA LEU S 205 -9.04 -136.04 13.77
C LEU S 205 -10.38 -136.47 14.36
N HIS S 206 -10.80 -137.69 14.06
CA HIS S 206 -12.11 -138.16 14.47
C HIS S 206 -12.12 -138.50 15.97
N GLY S 207 -13.29 -138.90 16.46
CA GLY S 207 -13.46 -139.23 17.85
C GLY S 207 -12.91 -140.60 18.23
N HIS S 219 -19.30 -124.29 13.63
CA HIS S 219 -19.48 -122.99 12.99
C HIS S 219 -18.44 -122.75 11.88
N ILE S 220 -18.09 -121.49 11.65
CA ILE S 220 -17.56 -121.10 10.35
C ILE S 220 -16.03 -121.04 10.29
N THR S 221 -15.41 -120.16 11.07
CA THR S 221 -13.95 -120.05 11.06
C THR S 221 -13.41 -120.11 12.49
N GLU S 222 -12.20 -120.64 12.61
CA GLU S 222 -11.51 -120.75 13.89
C GLU S 222 -10.05 -120.34 13.69
N PHE S 223 -9.72 -119.10 14.01
CA PHE S 223 -8.35 -118.62 13.89
C PHE S 223 -7.74 -118.45 15.27
N ILE S 224 -6.48 -118.85 15.40
CA ILE S 224 -5.74 -118.65 16.63
C ILE S 224 -4.40 -118.00 16.29
N SER S 225 -3.98 -117.05 17.10
CA SER S 225 -2.70 -116.39 16.92
C SER S 225 -1.59 -117.21 17.55
N SER S 226 -0.36 -116.71 17.44
CA SER S 226 0.80 -117.44 17.91
C SER S 226 1.61 -116.67 18.93
N TRP S 227 1.31 -115.41 19.18
CA TRP S 227 2.08 -114.62 20.12
C TRP S 227 1.26 -114.14 21.31
N GLN S 228 -0.03 -114.46 21.36
CA GLN S 228 -0.89 -114.02 22.45
C GLN S 228 -2.05 -114.98 22.56
N ASN S 229 -2.68 -114.99 23.73
CA ASN S 229 -3.78 -115.90 24.00
C ASN S 229 -5.08 -115.18 23.73
N HIS S 230 -5.46 -115.12 22.46
CA HIS S 230 -6.72 -114.50 22.05
C HIS S 230 -7.23 -115.16 20.78
N PRO S 231 -7.85 -116.34 20.89
CA PRO S 231 -8.41 -116.97 19.71
C PRO S 231 -9.72 -116.32 19.31
N ILE S 232 -9.93 -116.23 18.00
CA ILE S 232 -11.09 -115.52 17.44
C ILE S 232 -11.85 -116.46 16.54
N VAL S 233 -13.17 -116.57 16.78
CA VAL S 233 -14.03 -117.45 16.01
C VAL S 233 -15.12 -116.63 15.35
N GLN S 234 -15.80 -117.23 14.39
CA GLN S 234 -16.96 -116.63 13.74
C GLN S 234 -18.18 -117.52 13.90
N VAL S 235 -19.34 -116.94 13.61
CA VAL S 235 -20.61 -117.64 13.71
C VAL S 235 -21.56 -116.95 12.74
N SER S 236 -22.67 -117.61 12.43
CA SER S 236 -23.62 -117.06 11.48
C SER S 236 -24.40 -115.90 12.09
N ALA S 237 -25.27 -115.31 11.29
CA ALA S 237 -25.94 -114.08 11.68
C ALA S 237 -27.27 -114.31 12.40
N ASP S 238 -27.94 -115.42 12.14
CA ASP S 238 -29.26 -115.64 12.73
C ASP S 238 -29.21 -116.08 14.19
N VAL S 239 -28.03 -116.43 14.71
CA VAL S 239 -27.95 -117.01 16.04
C VAL S 239 -28.06 -115.91 17.10
N GLU S 240 -28.29 -116.34 18.34
CA GLU S 240 -28.45 -115.48 19.48
C GLU S 240 -27.32 -115.77 20.47
N ASN S 241 -27.00 -114.77 21.31
CA ASN S 241 -25.99 -114.84 22.37
C ASN S 241 -24.60 -115.13 21.79
N ARG S 242 -24.07 -114.12 21.10
CA ARG S 242 -22.76 -114.18 20.47
C ARG S 242 -21.60 -114.01 21.45
N LYS S 243 -21.58 -114.77 22.54
CA LYS S 243 -20.58 -114.58 23.57
C LYS S 243 -19.24 -115.13 23.08
N THR S 244 -18.26 -114.24 22.97
CA THR S 244 -16.96 -114.46 22.33
C THR S 244 -17.14 -115.02 20.91
N ALA S 245 -17.74 -114.18 20.07
CA ALA S 245 -18.01 -114.52 18.68
C ALA S 245 -18.27 -113.23 17.93
N GLN S 246 -18.36 -113.34 16.61
CA GLN S 246 -18.87 -112.25 15.80
C GLN S 246 -19.53 -112.82 14.56
N LEU S 247 -20.29 -111.98 13.88
CA LEU S 247 -21.21 -112.45 12.88
C LEU S 247 -20.54 -112.63 11.53
N LEU S 248 -21.26 -113.24 10.62
CA LEU S 248 -20.94 -113.26 9.20
C LEU S 248 -22.10 -112.58 8.51
N HIS S 249 -21.93 -111.29 8.20
CA HIS S 249 -23.05 -110.46 7.75
C HIS S 249 -23.47 -110.76 6.32
N ALA S 250 -22.59 -111.35 5.51
CA ALA S 250 -22.94 -111.64 4.13
C ALA S 250 -23.92 -112.81 4.06
N ASP S 251 -24.75 -112.80 3.03
CA ASP S 251 -25.71 -113.88 2.80
C ASP S 251 -24.99 -115.03 2.11
N THR S 252 -24.47 -115.95 2.91
CA THR S 252 -23.97 -117.18 2.33
C THR S 252 -25.15 -118.07 1.93
N PRO S 253 -25.11 -118.68 0.75
CA PRO S 253 -26.18 -119.58 0.35
C PRO S 253 -25.94 -120.99 0.86
N ARG S 254 -27.06 -121.68 1.10
CA ARG S 254 -27.02 -123.05 1.63
C ARG S 254 -26.73 -124.00 0.46
N LEU S 255 -25.44 -124.24 0.22
CA LEU S 255 -25.10 -125.18 -0.85
C LEU S 255 -25.29 -126.63 -0.41
N VAL S 256 -24.55 -127.05 0.60
CA VAL S 256 -24.53 -128.46 1.01
C VAL S 256 -25.64 -128.66 2.03
N THR S 257 -26.74 -129.26 1.60
CA THR S 257 -27.80 -129.70 2.49
C THR S 257 -28.07 -131.18 2.19
N TRP S 258 -28.06 -131.98 3.24
CA TRP S 258 -28.18 -133.42 3.08
C TRP S 258 -29.63 -133.84 3.02
N ASP S 259 -29.85 -135.10 2.64
CA ASP S 259 -31.20 -135.62 2.47
C ASP S 259 -31.17 -137.14 2.61
N ALA S 260 -31.80 -137.64 3.67
CA ALA S 260 -32.09 -139.06 3.78
C ALA S 260 -33.40 -139.33 3.04
N GLY S 261 -33.90 -140.55 3.15
CA GLY S 261 -35.12 -140.92 2.46
C GLY S 261 -34.88 -141.22 0.99
N LEU S 262 -35.87 -141.88 0.39
CA LEU S 262 -35.74 -142.29 -1.00
C LEU S 262 -35.91 -141.10 -1.92
N CYS S 263 -35.17 -141.11 -3.02
CA CYS S 263 -35.02 -139.93 -3.88
C CYS S 263 -35.88 -140.09 -5.13
N THR S 264 -37.15 -139.74 -5.01
CA THR S 264 -38.00 -139.69 -6.20
C THR S 264 -39.01 -138.58 -6.06
N SER S 265 -39.68 -138.27 -7.17
CA SER S 265 -40.73 -137.27 -7.18
C SER S 265 -42.03 -137.78 -7.76
N PHE S 266 -42.05 -138.98 -8.32
CA PHE S 266 -43.25 -139.58 -8.88
C PHE S 266 -43.74 -140.66 -7.93
N LYS S 267 -44.93 -140.49 -7.38
CA LYS S 267 -45.55 -141.50 -6.54
C LYS S 267 -46.79 -142.02 -7.22
N ILE S 268 -47.27 -143.16 -6.73
CA ILE S 268 -48.40 -143.87 -7.32
C ILE S 268 -49.54 -143.83 -6.32
N VAL S 269 -50.67 -143.24 -6.73
CA VAL S 269 -51.81 -143.10 -5.84
C VAL S 269 -52.97 -143.95 -6.34
N PRO S 270 -53.79 -144.50 -5.45
CA PRO S 270 -55.02 -145.15 -5.90
C PRO S 270 -56.11 -144.15 -6.18
N ILE S 271 -57.02 -144.52 -7.07
CA ILE S 271 -58.13 -143.66 -7.45
C ILE S 271 -59.46 -144.28 -7.04
N VAL S 272 -59.79 -145.45 -7.59
CA VAL S 272 -61.01 -146.16 -7.23
C VAL S 272 -60.60 -147.40 -6.44
N PRO S 273 -60.93 -147.49 -5.16
CA PRO S 273 -60.52 -148.64 -4.37
C PRO S 273 -61.39 -149.86 -4.66
N ALA S 274 -60.80 -151.02 -4.37
CA ALA S 274 -61.49 -152.30 -4.51
C ALA S 274 -60.79 -153.31 -3.63
N GLN S 275 -61.46 -154.43 -3.39
CA GLN S 275 -60.85 -155.54 -2.69
C GLN S 275 -61.38 -156.84 -3.28
N VAL S 276 -60.53 -157.85 -3.28
CA VAL S 276 -60.90 -159.14 -3.89
C VAL S 276 -60.77 -160.23 -2.85
N PRO S 277 -61.51 -161.32 -2.96
CA PRO S 277 -61.26 -162.46 -2.08
C PRO S 277 -60.01 -163.22 -2.50
N GLN S 278 -58.94 -163.04 -1.74
CA GLN S 278 -57.67 -163.65 -2.07
C GLN S 278 -57.58 -165.06 -1.49
N ASP S 279 -56.58 -165.81 -1.97
CA ASP S 279 -56.40 -167.19 -1.56
C ASP S 279 -55.35 -167.35 -0.47
N VAL S 280 -54.34 -166.49 -0.45
CA VAL S 280 -53.26 -166.55 0.54
C VAL S 280 -53.33 -165.29 1.38
N LEU S 281 -53.35 -165.46 2.70
CA LEU S 281 -53.55 -164.36 3.62
C LEU S 281 -52.33 -164.00 4.45
N ALA S 282 -51.50 -164.97 4.84
CA ALA S 282 -50.36 -164.71 5.69
C ALA S 282 -49.25 -165.69 5.34
N TYR S 283 -48.22 -165.74 6.19
CA TYR S 283 -47.06 -166.58 5.94
C TYR S 283 -46.89 -167.61 7.06
N THR S 284 -46.04 -168.60 6.78
CA THR S 284 -45.92 -169.80 7.61
C THR S 284 -44.63 -169.74 8.43
N PHE S 285 -44.76 -169.40 9.70
CA PHE S 285 -43.75 -169.68 10.72
C PHE S 285 -44.27 -170.90 11.50
N PHE S 286 -43.54 -171.29 12.55
CA PHE S 286 -44.07 -172.26 13.51
C PHE S 286 -45.37 -171.75 14.11
N THR S 287 -45.33 -170.64 14.83
CA THR S 287 -46.51 -170.09 15.47
C THR S 287 -46.82 -168.64 15.08
N SER S 288 -45.99 -168.00 14.26
CA SER S 288 -46.26 -166.62 13.93
C SER S 288 -47.04 -166.52 12.62
N SER S 289 -47.50 -165.30 12.33
CA SER S 289 -48.24 -165.02 11.10
C SER S 289 -47.86 -163.63 10.65
N TYR S 290 -47.13 -163.54 9.55
CA TYR S 290 -46.70 -162.27 9.01
C TYR S 290 -47.62 -161.84 7.89
N ALA S 291 -47.95 -160.55 7.85
CA ALA S 291 -48.89 -160.03 6.88
C ALA S 291 -48.27 -159.95 5.49
N ILE S 292 -49.12 -159.70 4.50
CA ILE S 292 -48.67 -159.54 3.12
C ILE S 292 -48.71 -158.06 2.78
N GLN S 293 -47.55 -157.52 2.44
CA GLN S 293 -47.42 -156.12 2.06
C GLN S 293 -47.14 -156.04 0.56
N SER S 294 -47.55 -154.93 -0.05
CA SER S 294 -47.40 -154.77 -1.48
C SER S 294 -46.78 -153.41 -1.79
N PRO S 295 -45.92 -153.33 -2.80
CA PRO S 295 -45.31 -152.04 -3.14
C PRO S 295 -46.28 -151.07 -3.79
N PHE S 296 -47.33 -151.57 -4.39
CA PHE S 296 -48.23 -150.78 -5.22
C PHE S 296 -49.57 -150.64 -4.54
N PRO S 297 -50.34 -149.59 -4.86
CA PRO S 297 -51.74 -149.57 -4.45
C PRO S 297 -52.52 -150.69 -5.11
N GLU S 298 -53.28 -151.43 -4.30
CA GLU S 298 -53.98 -152.62 -4.73
C GLU S 298 -55.37 -152.33 -5.26
N ALA S 299 -55.64 -151.07 -5.62
CA ALA S 299 -56.98 -150.62 -5.94
C ALA S 299 -57.37 -151.03 -7.36
N ALA S 300 -58.51 -150.53 -7.82
CA ALA S 300 -59.00 -150.90 -9.15
C ALA S 300 -58.35 -150.07 -10.24
N VAL S 301 -58.12 -148.78 -9.99
CA VAL S 301 -57.42 -147.91 -10.93
C VAL S 301 -56.42 -147.09 -10.14
N SER S 302 -55.14 -147.19 -10.48
CA SER S 302 -54.09 -146.41 -9.85
C SER S 302 -53.24 -145.76 -10.94
N ARG S 303 -52.82 -144.51 -10.70
CA ARG S 303 -52.11 -143.79 -11.73
C ARG S 303 -51.10 -142.85 -11.09
N ILE S 304 -50.09 -142.49 -11.86
CA ILE S 304 -48.90 -141.82 -11.33
C ILE S 304 -49.17 -140.33 -11.20
N VAL S 305 -48.86 -139.77 -10.04
CA VAL S 305 -48.99 -138.34 -9.78
C VAL S 305 -47.63 -137.86 -9.30
N VAL S 306 -47.48 -136.55 -9.18
CA VAL S 306 -46.18 -135.93 -8.93
C VAL S 306 -46.21 -135.21 -7.60
N HIS S 307 -45.30 -135.59 -6.71
CA HIS S 307 -45.08 -134.88 -5.45
C HIS S 307 -43.58 -134.85 -5.22
N THR S 308 -43.00 -133.66 -5.24
CA THR S 308 -41.56 -133.55 -5.01
C THR S 308 -41.27 -133.79 -3.53
N ARG S 309 -40.38 -134.76 -3.26
CA ARG S 309 -39.91 -135.13 -1.93
C ARG S 309 -41.07 -135.57 -1.03
N TRP S 310 -41.80 -136.60 -1.48
CA TRP S 310 -42.86 -137.14 -0.64
C TRP S 310 -42.36 -138.14 0.39
N ALA S 311 -41.11 -138.57 0.29
CA ALA S 311 -40.48 -139.39 1.32
C ALA S 311 -39.03 -138.95 1.41
N SER S 312 -38.75 -137.99 2.30
CA SER S 312 -37.41 -137.43 2.40
C SER S 312 -37.23 -136.80 3.77
N ASN S 313 -36.04 -136.94 4.32
CA ASN S 313 -35.68 -136.32 5.59
C ASN S 313 -34.64 -135.24 5.31
N VAL S 314 -35.02 -134.00 5.55
CA VAL S 314 -34.28 -132.84 5.09
C VAL S 314 -33.84 -132.04 6.31
N ASP S 315 -32.61 -131.54 6.28
CA ASP S 315 -32.18 -130.64 7.35
C ASP S 315 -32.51 -129.18 7.09
N PHE S 316 -32.69 -128.79 5.83
CA PHE S 316 -33.10 -127.43 5.48
C PHE S 316 -33.76 -127.49 4.12
N ASP S 317 -35.09 -127.33 4.10
CA ASP S 317 -35.82 -127.47 2.84
C ASP S 317 -35.67 -126.23 1.97
N ARG S 318 -35.41 -126.46 0.68
CA ARG S 318 -35.64 -125.43 -0.30
C ARG S 318 -37.14 -125.20 -0.40
N ASP S 319 -37.60 -124.02 -0.03
CA ASP S 319 -39.05 -123.75 0.03
C ASP S 319 -39.57 -123.61 -1.40
N SER S 320 -39.75 -124.76 -2.04
CA SER S 320 -40.31 -124.89 -3.36
C SER S 320 -40.81 -126.31 -3.48
N SER S 321 -41.94 -126.49 -4.16
CA SER S 321 -42.55 -127.81 -4.23
C SER S 321 -43.49 -127.88 -5.42
N VAL S 322 -43.39 -128.96 -6.18
CA VAL S 322 -44.38 -129.29 -7.19
C VAL S 322 -45.25 -130.35 -6.54
N ILE S 323 -46.31 -129.90 -5.87
CA ILE S 323 -47.25 -130.78 -5.19
C ILE S 323 -48.51 -130.83 -6.03
N MET S 324 -48.85 -132.02 -6.53
CA MET S 324 -49.96 -132.16 -7.45
C MET S 324 -51.02 -133.07 -6.84
N ALA S 325 -52.26 -132.62 -6.88
CA ALA S 325 -53.37 -133.46 -6.50
C ALA S 325 -53.56 -134.56 -7.53
N PRO S 326 -54.10 -135.71 -7.13
CA PRO S 326 -54.49 -136.72 -8.12
C PRO S 326 -55.55 -136.16 -9.05
N PRO S 327 -55.53 -136.55 -10.32
CA PRO S 327 -56.21 -135.78 -11.37
C PRO S 327 -57.73 -135.92 -11.39
N THR S 328 -58.35 -136.55 -10.40
CA THR S 328 -59.79 -136.47 -10.28
C THR S 328 -60.24 -135.22 -9.53
N GLU S 329 -59.35 -134.61 -8.77
CA GLU S 329 -59.61 -133.34 -8.13
C GLU S 329 -59.19 -132.21 -9.07
N ASN S 330 -59.19 -130.98 -8.56
CA ASN S 330 -58.80 -129.86 -9.38
C ASN S 330 -57.28 -129.79 -9.47
N ASN S 331 -56.81 -129.31 -10.62
CA ASN S 331 -55.38 -129.21 -10.82
C ASN S 331 -55.02 -127.87 -11.45
N ILE S 332 -55.91 -126.88 -11.41
CA ILE S 332 -55.67 -125.63 -12.12
C ILE S 332 -54.89 -124.64 -11.28
N HIS S 333 -54.63 -124.97 -10.01
CA HIS S 333 -53.83 -124.13 -9.16
C HIS S 333 -52.36 -124.09 -9.60
N LEU S 334 -51.88 -125.12 -10.28
CA LEU S 334 -50.51 -125.14 -10.73
C LEU S 334 -50.30 -124.39 -12.04
N PHE S 335 -51.35 -123.84 -12.64
CA PHE S 335 -51.20 -123.15 -13.92
C PHE S 335 -51.90 -121.80 -13.89
N LYS S 336 -51.98 -121.22 -12.70
CA LYS S 336 -52.65 -119.95 -12.49
C LYS S 336 -51.83 -118.98 -11.66
N GLN S 337 -50.86 -119.46 -10.87
CA GLN S 337 -50.21 -118.63 -9.86
C GLN S 337 -49.21 -117.63 -10.45
N LEU S 338 -49.04 -117.60 -11.76
CA LEU S 338 -48.11 -116.67 -12.39
C LEU S 338 -48.81 -116.03 -13.58
N LEU S 339 -48.73 -114.70 -13.66
CA LEU S 339 -49.33 -113.88 -14.72
C LEU S 339 -50.84 -114.04 -14.80
N ASN S 340 -51.49 -114.16 -13.65
CA ASN S 340 -52.94 -114.12 -13.59
C ASN S 340 -53.41 -113.30 -12.40
N THR S 341 -52.72 -112.19 -12.13
CA THR S 341 -53.10 -111.34 -11.02
C THR S 341 -54.40 -110.61 -11.28
N GLU S 342 -54.72 -110.36 -12.54
CA GLU S 342 -56.09 -110.10 -12.97
C GLU S 342 -56.55 -111.32 -13.76
N THR S 343 -57.81 -111.70 -13.58
CA THR S 343 -58.43 -112.76 -14.35
C THR S 343 -59.93 -112.55 -14.27
N LEU S 344 -60.64 -112.72 -15.39
CA LEU S 344 -62.09 -112.60 -15.36
C LEU S 344 -62.75 -113.74 -14.60
N SER S 345 -62.10 -114.90 -14.48
CA SER S 345 -62.67 -116.03 -13.78
C SER S 345 -61.57 -116.72 -12.97
N VAL S 346 -61.67 -116.66 -11.64
CA VAL S 346 -60.63 -117.18 -10.77
C VAL S 346 -60.52 -118.70 -10.83
N ARG S 347 -61.55 -119.39 -11.33
CA ARG S 347 -61.50 -120.83 -11.50
C ARG S 347 -60.94 -121.24 -12.86
N GLY S 348 -60.17 -120.37 -13.52
CA GLY S 348 -59.67 -120.65 -14.84
C GLY S 348 -58.19 -120.35 -14.96
N ALA S 349 -57.64 -120.67 -16.12
CA ALA S 349 -56.24 -120.44 -16.42
C ALA S 349 -56.10 -119.87 -17.82
N ASN S 350 -55.20 -118.92 -17.97
CA ASN S 350 -55.07 -118.18 -19.22
C ASN S 350 -54.43 -119.06 -20.28
N PRO S 351 -55.03 -119.21 -21.45
CA PRO S 351 -54.36 -119.96 -22.53
C PRO S 351 -53.12 -119.29 -23.08
N LEU S 352 -52.94 -117.99 -22.88
CA LEU S 352 -51.80 -117.31 -23.46
C LEU S 352 -50.55 -117.39 -22.61
N MET S 353 -50.62 -118.00 -21.43
CA MET S 353 -49.46 -118.05 -20.55
C MET S 353 -49.21 -119.45 -20.02
N PHE S 354 -49.58 -120.48 -20.81
CA PHE S 354 -49.25 -121.84 -20.42
C PHE S 354 -47.75 -122.06 -20.34
N ARG S 355 -47.00 -121.53 -21.31
CA ARG S 355 -45.56 -121.75 -21.31
C ARG S 355 -44.89 -121.01 -20.17
N ALA S 356 -45.37 -119.80 -19.85
CA ALA S 356 -44.85 -119.07 -18.70
C ALA S 356 -45.18 -119.74 -17.38
N ASN S 357 -46.26 -120.54 -17.32
CA ASN S 357 -46.45 -121.33 -16.11
C ASN S 357 -45.62 -122.61 -16.09
N VAL S 358 -45.48 -123.29 -17.23
CA VAL S 358 -44.79 -124.58 -17.25
C VAL S 358 -43.30 -124.40 -17.02
N LEU S 359 -42.71 -123.32 -17.54
CA LEU S 359 -41.29 -123.08 -17.32
C LEU S 359 -41.00 -122.78 -15.86
N HIS S 360 -41.88 -122.04 -15.19
CA HIS S 360 -41.68 -121.78 -13.77
C HIS S 360 -41.90 -123.03 -12.94
N MET S 361 -42.82 -123.89 -13.37
CA MET S 361 -43.03 -125.15 -12.67
C MET S 361 -41.82 -126.07 -12.80
N LEU S 362 -41.22 -126.13 -13.99
CA LEU S 362 -40.02 -126.93 -14.18
C LEU S 362 -38.81 -126.34 -13.47
N LEU S 363 -38.74 -125.00 -13.38
CA LEU S 363 -37.67 -124.37 -12.61
C LEU S 363 -37.78 -124.72 -11.14
N GLU S 364 -39.01 -124.68 -10.59
CA GLU S 364 -39.26 -125.17 -9.23
C GLU S 364 -38.86 -126.63 -9.08
N PHE S 365 -39.20 -127.46 -10.07
CA PHE S 365 -38.98 -128.90 -9.97
C PHE S 365 -37.51 -129.26 -9.93
N VAL S 366 -36.70 -128.58 -10.75
CA VAL S 366 -35.25 -128.81 -10.64
C VAL S 366 -34.72 -128.17 -9.38
N LEU S 367 -35.14 -126.95 -9.11
CA LEU S 367 -34.51 -126.08 -8.14
C LEU S 367 -34.91 -126.41 -6.71
N ASP S 368 -35.78 -127.41 -6.49
CA ASP S 368 -35.95 -127.94 -5.14
C ASP S 368 -35.44 -129.38 -5.01
N ASN S 369 -34.68 -129.88 -5.97
CA ASN S 369 -34.06 -131.19 -5.85
C ASN S 369 -32.55 -131.10 -5.71
N LEU S 370 -32.03 -129.93 -5.31
CA LEU S 370 -30.60 -129.74 -5.17
C LEU S 370 -30.19 -130.18 -3.77
N TYR S 371 -30.09 -131.49 -3.60
CA TYR S 371 -29.69 -132.10 -2.35
C TYR S 371 -28.58 -133.10 -2.61
N LEU S 372 -28.05 -133.64 -1.52
CA LEU S 372 -27.03 -134.68 -1.58
C LEU S 372 -27.55 -135.91 -0.87
N ASN S 373 -27.49 -137.04 -1.54
CA ASN S 373 -28.02 -138.27 -0.98
C ASN S 373 -27.15 -138.77 0.16
N ARG S 374 -27.72 -138.78 1.36
CA ARG S 374 -26.96 -139.02 2.58
C ARG S 374 -26.93 -140.52 2.88
N HIS S 375 -25.77 -140.98 3.33
CA HIS S 375 -25.60 -142.36 3.77
C HIS S 375 -26.37 -142.58 5.06
N THR S 376 -26.83 -143.82 5.24
CA THR S 376 -27.56 -144.19 6.45
C THR S 376 -27.30 -145.66 6.74
N GLY S 377 -27.81 -146.13 7.87
CA GLY S 377 -27.55 -147.48 8.31
C GLY S 377 -28.29 -148.51 7.49
N PHE S 378 -27.77 -149.73 7.52
CA PHE S 378 -28.34 -150.86 6.80
C PHE S 378 -28.88 -151.90 7.78
N SER S 379 -29.41 -152.99 7.21
CA SER S 379 -29.88 -154.11 8.02
C SER S 379 -29.91 -155.35 7.14
N GLN S 380 -29.48 -156.48 7.69
CA GLN S 380 -29.41 -157.72 6.95
C GLN S 380 -30.72 -158.48 7.05
N ASP S 381 -31.16 -159.05 5.93
CA ASP S 381 -32.44 -159.73 5.82
C ASP S 381 -32.23 -161.23 5.61
N HIS S 382 -33.22 -162.00 6.04
CA HIS S 382 -33.30 -163.43 5.71
C HIS S 382 -34.72 -163.83 5.36
N THR S 383 -35.47 -162.91 4.76
CA THR S 383 -36.75 -163.24 4.16
C THR S 383 -36.53 -164.26 3.05
N PRO S 384 -37.43 -165.25 2.88
CA PRO S 384 -37.25 -166.26 1.82
C PRO S 384 -37.26 -165.77 0.38
N PHE S 385 -37.52 -164.49 0.15
CA PHE S 385 -37.45 -163.91 -1.18
C PHE S 385 -36.38 -162.83 -1.29
N THR S 386 -35.58 -162.64 -0.24
CA THR S 386 -34.44 -161.72 -0.28
C THR S 386 -33.42 -162.28 0.71
N GLU S 387 -32.43 -163.00 0.19
CA GLU S 387 -31.51 -163.75 1.03
C GLU S 387 -30.21 -162.96 1.20
N GLY S 388 -30.00 -162.43 2.40
CA GLY S 388 -28.71 -161.87 2.75
C GLY S 388 -28.40 -160.52 2.16
N ALA S 389 -29.32 -159.90 1.44
CA ALA S 389 -29.09 -158.58 0.90
C ALA S 389 -29.18 -157.55 2.02
N ASN S 390 -28.11 -156.80 2.23
CA ASN S 390 -28.06 -155.81 3.30
C ASN S 390 -28.90 -154.61 2.89
N LEU S 391 -30.17 -154.63 3.29
CA LEU S 391 -31.11 -153.62 2.83
C LEU S 391 -30.91 -152.31 3.58
N ARG S 392 -31.27 -151.22 2.93
CA ARG S 392 -31.21 -149.89 3.53
C ARG S 392 -32.31 -149.75 4.57
N SER S 393 -32.02 -149.00 5.63
CA SER S 393 -33.00 -148.71 6.66
C SER S 393 -33.07 -147.21 6.86
N LEU S 394 -34.29 -146.69 6.94
CA LEU S 394 -34.49 -145.25 7.06
C LEU S 394 -34.32 -144.79 8.50
N PRO S 395 -33.95 -143.52 8.71
CA PRO S 395 -33.93 -142.99 10.07
C PRO S 395 -35.34 -142.76 10.59
N GLY S 396 -35.52 -143.00 11.88
CA GLY S 396 -36.81 -142.90 12.50
C GLY S 396 -37.16 -144.17 13.25
N PRO S 397 -38.09 -144.08 14.20
CA PRO S 397 -38.45 -145.28 14.96
C PRO S 397 -39.27 -146.28 14.15
N ASP S 398 -40.18 -145.80 13.30
CA ASP S 398 -40.94 -146.66 12.41
C ASP S 398 -40.16 -146.75 11.10
N ALA S 399 -39.09 -147.55 11.12
CA ALA S 399 -38.15 -147.64 10.02
C ALA S 399 -38.44 -148.79 9.07
N GLU S 400 -38.91 -149.92 9.59
CA GLU S 400 -39.05 -151.14 8.82
C GLU S 400 -40.39 -151.21 8.09
N LYS S 401 -41.17 -150.14 8.09
CA LYS S 401 -42.37 -150.11 7.27
C LYS S 401 -42.03 -149.91 5.81
N TRP S 402 -40.97 -149.15 5.53
CA TRP S 402 -40.68 -148.67 4.19
C TRP S 402 -40.16 -149.75 3.25
N TYR S 403 -39.96 -150.98 3.72
CA TYR S 403 -39.30 -151.99 2.89
C TYR S 403 -40.18 -152.42 1.73
N SER S 404 -41.49 -152.47 1.93
CA SER S 404 -42.39 -152.83 0.84
C SER S 404 -42.44 -151.72 -0.21
N ILE S 405 -42.42 -150.46 0.23
CA ILE S 405 -42.45 -149.34 -0.71
C ILE S 405 -41.14 -149.26 -1.49
N MET S 406 -40.02 -149.54 -0.83
CA MET S 406 -38.74 -149.44 -1.49
C MET S 406 -38.49 -150.60 -2.45
N TYR S 407 -38.70 -151.82 -1.99
CA TYR S 407 -38.17 -153.01 -2.65
C TYR S 407 -39.32 -153.86 -3.17
N PRO S 408 -39.64 -153.79 -4.47
CA PRO S 408 -40.82 -154.52 -4.96
C PRO S 408 -40.63 -156.02 -4.99
N THR S 409 -39.40 -156.51 -4.97
CA THR S 409 -39.16 -157.94 -5.00
C THR S 409 -39.07 -158.55 -3.61
N ARG S 410 -39.42 -157.81 -2.57
CA ARG S 410 -39.36 -158.36 -1.22
C ARG S 410 -40.52 -159.30 -0.97
N MET S 411 -41.74 -158.92 -1.35
CA MET S 411 -42.83 -159.86 -1.31
C MET S 411 -42.63 -160.92 -2.39
N GLY S 412 -43.15 -162.10 -2.14
CA GLY S 412 -43.00 -163.21 -3.05
C GLY S 412 -44.10 -163.23 -4.09
N THR S 413 -44.50 -164.43 -4.46
CA THR S 413 -45.66 -164.66 -5.32
C THR S 413 -46.65 -165.52 -4.53
N PRO S 414 -47.46 -164.92 -3.65
CA PRO S 414 -48.37 -165.74 -2.85
C PRO S 414 -49.53 -166.28 -3.65
N ASN S 415 -50.13 -165.45 -4.50
CA ASN S 415 -51.33 -165.82 -5.23
C ASN S 415 -51.18 -165.34 -6.67
N VAL S 416 -52.29 -165.31 -7.41
CA VAL S 416 -52.29 -164.94 -8.81
C VAL S 416 -52.85 -163.54 -8.93
N SER S 417 -52.03 -162.59 -9.37
CA SER S 417 -52.46 -161.22 -9.54
C SER S 417 -51.51 -160.53 -10.52
N LYS S 418 -51.88 -159.30 -10.90
CA LYS S 418 -51.04 -158.53 -11.82
C LYS S 418 -49.75 -158.08 -11.16
N ILE S 419 -49.74 -157.95 -9.84
CA ILE S 419 -48.49 -157.67 -9.15
C ILE S 419 -47.65 -158.93 -9.02
N CYS S 420 -48.31 -160.07 -8.77
CA CYS S 420 -47.58 -161.30 -8.50
C CYS S 420 -46.98 -161.92 -9.74
N ASN S 421 -47.63 -161.85 -10.90
CA ASN S 421 -46.98 -162.34 -12.12
C ASN S 421 -45.95 -161.36 -12.67
N PHE S 422 -45.79 -160.21 -12.03
CA PHE S 422 -44.70 -159.28 -12.30
C PHE S 422 -43.51 -159.53 -11.39
N VAL S 423 -43.78 -159.77 -10.11
CA VAL S 423 -42.72 -160.18 -9.19
C VAL S 423 -42.15 -161.54 -9.60
N ALA S 424 -42.98 -162.41 -10.16
CA ALA S 424 -42.48 -163.65 -10.74
C ALA S 424 -41.64 -163.42 -11.99
N SER S 425 -41.71 -162.25 -12.62
CA SER S 425 -40.89 -161.94 -13.78
C SER S 425 -39.59 -161.24 -13.43
N CYS S 426 -39.57 -160.47 -12.34
CA CYS S 426 -38.37 -159.74 -11.96
C CYS S 426 -37.25 -160.68 -11.53
N VAL S 427 -36.01 -160.18 -11.59
CA VAL S 427 -34.85 -160.93 -11.13
C VAL S 427 -34.72 -160.76 -9.63
N ARG S 428 -33.84 -161.55 -9.01
CA ARG S 428 -33.78 -161.63 -7.56
C ARG S 428 -32.56 -160.96 -6.94
N ASN S 429 -31.37 -161.12 -7.53
CA ASN S 429 -30.15 -160.64 -6.86
C ASN S 429 -30.00 -159.14 -6.89
N ARG S 430 -30.70 -158.44 -7.79
CA ARG S 430 -30.56 -157.00 -7.90
C ARG S 430 -31.49 -156.32 -6.90
N VAL S 431 -31.07 -156.33 -5.64
CA VAL S 431 -31.83 -155.72 -4.56
C VAL S 431 -30.86 -155.33 -3.46
N GLY S 432 -31.16 -154.22 -2.79
CA GLY S 432 -30.31 -153.78 -1.70
C GLY S 432 -29.03 -153.12 -2.19
N ARG S 433 -27.94 -153.36 -1.46
CA ARG S 433 -26.67 -152.72 -1.75
C ARG S 433 -26.05 -153.32 -3.01
N PHE S 434 -25.14 -152.57 -3.60
CA PHE S 434 -24.40 -153.10 -4.73
C PHE S 434 -22.89 -152.92 -4.58
N ASP S 435 -22.45 -151.80 -4.02
CA ASP S 435 -21.03 -151.48 -3.98
C ASP S 435 -20.77 -150.62 -2.76
N ARG S 436 -19.54 -150.70 -2.26
CA ARG S 436 -19.14 -149.90 -1.11
C ARG S 436 -17.73 -149.39 -1.35
N ALA S 437 -17.32 -148.45 -0.52
CA ALA S 437 -15.97 -147.94 -0.62
C ALA S 437 -14.98 -148.91 0.02
N GLN S 438 -13.71 -148.67 -0.27
CA GLN S 438 -12.68 -149.42 0.45
C GLN S 438 -12.35 -148.74 1.76
N MET S 439 -12.37 -147.41 1.78
CA MET S 439 -12.09 -146.65 2.98
C MET S 439 -13.31 -146.63 3.89
N MET S 440 -13.06 -146.47 5.19
CA MET S 440 -14.10 -146.47 6.21
C MET S 440 -13.74 -145.44 7.26
N ASN S 441 -14.60 -145.30 8.26
CA ASN S 441 -14.23 -144.71 9.55
C ASN S 441 -14.70 -145.65 10.66
N GLY S 442 -13.90 -146.66 10.94
CA GLY S 442 -14.34 -147.66 11.90
C GLY S 442 -15.14 -148.74 11.22
N ALA S 443 -16.47 -148.61 11.25
CA ALA S 443 -17.35 -149.61 10.69
C ALA S 443 -18.16 -149.12 9.50
N MET S 444 -18.48 -147.82 9.42
CA MET S 444 -19.27 -147.31 8.32
C MET S 444 -18.44 -147.27 7.04
N SER S 445 -18.99 -147.85 5.98
CA SER S 445 -18.43 -147.64 4.66
C SER S 445 -18.65 -146.19 4.24
N GLU S 446 -17.76 -145.70 3.37
CA GLU S 446 -17.75 -144.28 3.08
C GLU S 446 -18.86 -143.88 2.12
N TRP S 447 -18.84 -144.42 0.91
CA TRP S 447 -19.93 -144.24 -0.04
C TRP S 447 -20.46 -145.60 -0.45
N VAL S 448 -21.77 -145.69 -0.67
CA VAL S 448 -22.40 -146.95 -1.04
C VAL S 448 -23.18 -146.78 -2.33
N ASP S 449 -23.39 -147.90 -3.02
CA ASP S 449 -24.31 -148.01 -4.14
C ASP S 449 -25.40 -148.98 -3.77
N VAL S 450 -26.65 -148.52 -3.82
CA VAL S 450 -27.79 -149.31 -3.38
C VAL S 450 -28.83 -149.34 -4.49
N PHE S 451 -29.45 -150.51 -4.70
CA PHE S 451 -30.57 -150.64 -5.62
C PHE S 451 -31.85 -150.38 -4.83
N GLU S 452 -32.63 -149.40 -5.26
CA GLU S 452 -33.87 -149.07 -4.55
C GLU S 452 -34.78 -148.33 -5.50
N THR S 453 -35.96 -147.98 -5.01
CA THR S 453 -36.84 -147.14 -5.81
C THR S 453 -36.35 -145.70 -5.79
N SER S 454 -36.52 -145.04 -6.92
CA SER S 454 -36.09 -143.68 -7.18
C SER S 454 -36.75 -143.28 -8.47
N ASP S 455 -36.29 -142.19 -9.09
CA ASP S 455 -36.52 -142.00 -10.50
C ASP S 455 -35.26 -141.49 -11.17
N ALA S 456 -35.10 -141.90 -12.42
CA ALA S 456 -33.93 -141.57 -13.24
C ALA S 456 -33.71 -140.07 -13.36
N LEU S 457 -34.79 -139.29 -13.43
CA LEU S 457 -34.68 -137.85 -13.56
C LEU S 457 -34.03 -137.21 -12.33
N THR S 458 -34.51 -137.54 -11.14
CA THR S 458 -33.96 -136.91 -9.94
C THR S 458 -32.57 -137.45 -9.64
N VAL S 459 -32.30 -138.74 -9.92
CA VAL S 459 -30.95 -139.20 -9.67
C VAL S 459 -29.97 -138.64 -10.70
N SER S 460 -30.44 -138.31 -11.92
CA SER S 460 -29.57 -137.67 -12.89
C SER S 460 -29.32 -136.21 -12.55
N ILE S 461 -30.30 -135.54 -11.94
CA ILE S 461 -30.08 -134.16 -11.51
C ILE S 461 -29.11 -134.11 -10.33
N ARG S 462 -29.34 -134.98 -9.35
CA ARG S 462 -28.49 -134.96 -8.16
C ARG S 462 -27.10 -135.49 -8.44
N GLY S 463 -26.93 -136.38 -9.41
CA GLY S 463 -25.60 -136.85 -9.76
C GLY S 463 -24.74 -135.84 -10.47
N ARG S 464 -25.32 -134.73 -10.95
CA ARG S 464 -24.54 -133.66 -11.51
C ARG S 464 -24.49 -132.42 -10.64
N TRP S 465 -25.47 -132.22 -9.76
CA TRP S 465 -25.24 -131.26 -8.67
C TRP S 465 -24.14 -131.76 -7.74
N MET S 466 -24.01 -133.08 -7.62
CA MET S 466 -22.89 -133.69 -6.91
C MET S 466 -21.55 -133.29 -7.52
N ALA S 467 -21.41 -133.42 -8.83
CA ALA S 467 -20.19 -132.98 -9.49
C ALA S 467 -20.02 -131.48 -9.46
N ARG S 468 -21.11 -130.72 -9.41
CA ARG S 468 -20.99 -129.27 -9.30
C ARG S 468 -20.37 -128.88 -7.97
N LEU S 469 -20.82 -129.48 -6.87
CA LEU S 469 -20.18 -129.19 -5.60
C LEU S 469 -18.82 -129.88 -5.45
N ALA S 470 -18.57 -130.97 -6.17
CA ALA S 470 -17.28 -131.62 -6.06
C ALA S 470 -16.20 -130.90 -6.85
N ARG S 471 -16.57 -130.07 -7.82
CA ARG S 471 -15.57 -129.34 -8.57
C ARG S 471 -14.91 -128.22 -7.77
N MET S 472 -15.58 -127.74 -6.72
CA MET S 472 -15.19 -126.51 -6.03
C MET S 472 -14.34 -126.71 -4.79
N ASN S 473 -13.94 -127.94 -4.45
CA ASN S 473 -13.27 -128.10 -3.18
C ASN S 473 -11.80 -127.68 -3.27
N ILE S 474 -11.19 -127.51 -2.10
CA ILE S 474 -9.85 -126.97 -2.00
C ILE S 474 -9.24 -127.48 -0.70
N ASN S 475 -7.99 -127.90 -0.77
CA ASN S 475 -7.33 -128.39 0.43
C ASN S 475 -6.81 -127.20 1.25
N PRO S 476 -6.56 -127.40 2.55
CA PRO S 476 -6.01 -126.29 3.36
C PRO S 476 -4.63 -125.82 2.96
N THR S 477 -3.88 -126.60 2.16
CA THR S 477 -2.58 -126.14 1.68
C THR S 477 -2.71 -124.93 0.76
N GLU S 478 -3.73 -124.93 -0.10
CA GLU S 478 -3.93 -123.76 -0.94
C GLU S 478 -4.48 -122.58 -0.17
N ILE S 479 -5.16 -122.80 0.95
CA ILE S 479 -5.59 -121.70 1.80
C ILE S 479 -4.39 -121.08 2.52
N GLU S 480 -3.49 -121.91 3.03
CA GLU S 480 -2.32 -121.36 3.71
C GLU S 480 -1.32 -120.78 2.73
N TRP S 481 -1.42 -121.12 1.45
CA TRP S 481 -0.73 -120.34 0.43
C TRP S 481 -1.43 -119.01 0.18
N ALA S 482 -2.77 -119.04 0.12
CA ALA S 482 -3.55 -117.88 -0.29
C ALA S 482 -3.47 -116.75 0.72
N LEU S 483 -3.67 -117.05 1.99
CA LEU S 483 -3.62 -116.00 3.01
C LEU S 483 -2.21 -115.49 3.23
N THR S 484 -1.20 -116.34 3.05
CA THR S 484 0.19 -115.91 3.10
C THR S 484 0.48 -114.92 1.97
N GLU S 485 -0.03 -115.20 0.77
CA GLU S 485 0.20 -114.29 -0.35
C GLU S 485 -0.60 -113.00 -0.20
N CYS S 486 -1.83 -113.09 0.31
CA CYS S 486 -2.65 -111.90 0.49
C CYS S 486 -2.20 -111.04 1.65
N ALA S 487 -1.42 -111.58 2.59
CA ALA S 487 -0.94 -110.78 3.71
C ALA S 487 0.29 -109.95 3.38
N GLN S 488 0.75 -109.97 2.12
CA GLN S 488 1.88 -109.16 1.62
C GLN S 488 3.18 -109.46 2.35
N GLY S 489 3.36 -110.68 2.81
CA GLY S 489 4.64 -111.10 3.37
C GLY S 489 4.96 -110.59 4.75
N TYR S 490 3.99 -110.03 5.46
CA TYR S 490 4.20 -109.62 6.85
C TYR S 490 3.71 -110.65 7.85
N VAL S 491 2.93 -111.63 7.41
CA VAL S 491 2.30 -112.61 8.26
C VAL S 491 2.31 -113.94 7.53
N THR S 492 2.84 -114.99 8.16
CA THR S 492 2.80 -116.33 7.62
C THR S 492 1.75 -117.14 8.35
N VAL S 493 0.83 -117.72 7.61
CA VAL S 493 -0.21 -118.54 8.20
C VAL S 493 0.12 -119.99 7.94
N THR S 494 -0.49 -120.87 8.73
CA THR S 494 -0.38 -122.30 8.50
C THR S 494 -1.68 -122.95 8.96
N SER S 495 -2.00 -124.09 8.37
CA SER S 495 -3.27 -124.77 8.62
C SER S 495 -3.02 -126.26 8.56
N PRO S 496 -2.75 -126.90 9.68
CA PRO S 496 -2.47 -128.33 9.68
C PRO S 496 -3.75 -129.14 9.58
N TYR S 497 -3.62 -130.34 9.02
CA TYR S 497 -4.78 -131.20 8.82
C TYR S 497 -4.33 -132.65 8.72
N ALA S 498 -5.27 -133.55 8.95
CA ALA S 498 -5.05 -134.97 8.84
C ALA S 498 -5.38 -135.45 7.43
N PRO S 499 -4.78 -136.55 6.98
CA PRO S 499 -5.11 -137.07 5.64
C PRO S 499 -6.51 -137.66 5.59
N SER S 500 -7.38 -137.03 4.80
CA SER S 500 -8.73 -137.51 4.59
C SER S 500 -9.09 -137.35 3.14
N VAL S 501 -10.02 -138.18 2.66
CA VAL S 501 -10.46 -138.10 1.28
C VAL S 501 -11.84 -137.46 1.17
N ASN S 502 -12.74 -137.77 2.09
CA ASN S 502 -14.14 -137.37 2.00
C ASN S 502 -14.40 -135.91 2.40
N ARG S 503 -13.36 -135.14 2.65
CA ARG S 503 -13.52 -133.75 3.06
C ARG S 503 -14.00 -132.92 1.88
N LEU S 504 -14.99 -132.07 2.13
CA LEU S 504 -15.57 -131.23 1.10
C LEU S 504 -15.72 -129.81 1.62
N MET S 505 -15.26 -128.85 0.83
CA MET S 505 -15.37 -127.44 1.19
C MET S 505 -15.39 -126.57 -0.07
N PRO S 506 -16.57 -126.29 -0.59
CA PRO S 506 -16.68 -125.65 -1.91
C PRO S 506 -16.38 -124.16 -1.84
N TYR S 507 -15.19 -123.77 -2.31
CA TYR S 507 -14.80 -122.37 -2.22
C TYR S 507 -14.03 -121.89 -3.44
N ARG S 508 -14.11 -122.58 -4.58
CA ARG S 508 -13.26 -122.28 -5.72
C ARG S 508 -14.09 -122.07 -6.97
N ILE S 509 -14.13 -120.83 -7.45
CA ILE S 509 -14.78 -120.49 -8.71
C ILE S 509 -13.73 -119.85 -9.61
N SER S 510 -14.18 -119.43 -10.79
CA SER S 510 -13.27 -118.91 -11.79
C SER S 510 -13.40 -117.39 -11.93
N ASN S 511 -12.43 -116.80 -12.65
CA ASN S 511 -12.46 -115.38 -12.96
C ASN S 511 -13.69 -115.01 -13.77
N ALA S 512 -14.12 -115.89 -14.66
CA ALA S 512 -15.29 -115.63 -15.46
C ALA S 512 -16.55 -115.62 -14.60
N GLU S 513 -16.62 -116.48 -13.60
CA GLU S 513 -17.76 -116.47 -12.71
C GLU S 513 -17.69 -115.35 -11.69
N ARG S 514 -16.52 -114.73 -11.53
CA ARG S 514 -16.35 -113.61 -10.61
C ARG S 514 -16.66 -112.26 -11.26
N GLN S 515 -16.26 -112.07 -12.51
CA GLN S 515 -16.41 -110.79 -13.18
C GLN S 515 -17.88 -110.44 -13.43
N ILE S 516 -18.72 -111.43 -13.67
CA ILE S 516 -20.13 -111.15 -13.94
C ILE S 516 -20.86 -110.75 -12.66
N SER S 517 -20.47 -111.33 -11.53
CA SER S 517 -20.95 -110.86 -10.24
C SER S 517 -20.51 -109.42 -9.98
N GLN S 518 -19.29 -109.09 -10.40
CA GLN S 518 -18.83 -107.71 -10.31
C GLN S 518 -19.67 -106.77 -11.17
N ILE S 519 -20.05 -107.21 -12.36
CA ILE S 519 -20.86 -106.35 -13.25
C ILE S 519 -22.26 -106.15 -12.68
N ILE S 520 -22.86 -107.18 -12.08
CA ILE S 520 -24.16 -107.03 -11.43
C ILE S 520 -24.06 -106.07 -10.24
N ARG S 521 -22.98 -106.18 -9.46
CA ARG S 521 -22.81 -105.24 -8.34
C ARG S 521 -22.56 -103.81 -8.80
N VAL S 522 -21.97 -103.61 -9.98
CA VAL S 522 -21.81 -102.27 -10.49
C VAL S 522 -23.15 -101.72 -10.98
N MET S 523 -23.95 -102.54 -11.66
CA MET S 523 -25.29 -102.14 -12.08
C MET S 523 -26.23 -101.86 -10.90
N ASN S 524 -25.92 -102.41 -9.73
CA ASN S 524 -26.71 -102.16 -8.53
C ASN S 524 -26.74 -100.67 -8.15
N ILE S 525 -25.66 -99.93 -8.44
CA ILE S 525 -25.51 -98.58 -7.93
C ILE S 525 -26.52 -97.64 -8.58
N GLY S 526 -26.41 -97.43 -9.89
CA GLY S 526 -27.43 -96.73 -10.63
C GLY S 526 -27.60 -95.26 -10.29
N ASN S 527 -26.51 -94.57 -9.94
CA ASN S 527 -26.46 -93.14 -9.64
C ASN S 527 -27.37 -92.75 -8.47
N ASN S 528 -27.11 -93.36 -7.32
CA ASN S 528 -27.48 -92.72 -6.07
C ASN S 528 -26.32 -92.85 -5.11
N ALA S 529 -26.10 -91.80 -4.34
CA ALA S 529 -24.96 -91.77 -3.44
C ALA S 529 -25.20 -92.52 -2.15
N THR S 530 -26.40 -93.06 -1.96
CA THR S 530 -26.71 -93.77 -0.73
C THR S 530 -26.00 -95.12 -0.69
N VAL S 531 -25.92 -95.82 -1.82
CA VAL S 531 -25.33 -97.16 -1.81
C VAL S 531 -23.81 -97.14 -1.88
N ILE S 532 -23.19 -95.97 -2.04
CA ILE S 532 -21.74 -95.88 -2.03
C ILE S 532 -21.22 -95.00 -0.91
N GLN S 533 -22.09 -94.43 -0.10
CA GLN S 533 -21.61 -93.69 1.08
C GLN S 533 -21.00 -94.61 2.15
N PRO S 534 -21.66 -95.66 2.65
CA PRO S 534 -21.07 -96.39 3.79
C PRO S 534 -19.84 -97.20 3.43
N VAL S 535 -19.68 -97.57 2.16
CA VAL S 535 -18.49 -98.28 1.71
C VAL S 535 -17.25 -97.42 1.90
N LEU S 536 -17.23 -96.26 1.27
CA LEU S 536 -16.12 -95.32 1.38
C LEU S 536 -15.97 -94.78 2.80
N GLN S 537 -17.08 -94.60 3.52
CA GLN S 537 -17.01 -94.16 4.90
C GLN S 537 -16.29 -95.17 5.79
N ASP S 538 -16.64 -96.44 5.67
CA ASP S 538 -16.01 -97.37 6.60
C ASP S 538 -14.62 -97.79 6.15
N ILE S 539 -14.32 -97.70 4.85
CA ILE S 539 -12.93 -97.90 4.47
C ILE S 539 -12.06 -96.74 4.96
N SER S 540 -12.63 -95.52 5.01
CA SER S 540 -11.91 -94.40 5.60
C SER S 540 -11.75 -94.56 7.11
N VAL S 541 -12.70 -95.21 7.78
CA VAL S 541 -12.53 -95.50 9.20
C VAL S 541 -11.45 -96.57 9.42
N LEU S 542 -11.48 -97.62 8.58
CA LEU S 542 -10.58 -98.77 8.76
C LEU S 542 -9.13 -98.40 8.47
N LEU S 543 -8.91 -97.51 7.48
CA LEU S 543 -7.56 -97.02 7.23
C LEU S 543 -7.02 -96.22 8.41
N GLN S 544 -7.88 -95.45 9.08
CA GLN S 544 -7.46 -94.71 10.25
C GLN S 544 -7.15 -95.64 11.42
N ARG S 545 -7.88 -96.74 11.53
CA ARG S 545 -7.62 -97.68 12.62
C ARG S 545 -6.41 -98.57 12.38
N ILE S 546 -6.05 -98.82 11.13
CA ILE S 546 -4.86 -99.64 10.85
C ILE S 546 -3.60 -98.78 10.77
N SER S 547 -3.70 -97.57 10.25
CA SER S 547 -2.54 -96.79 9.83
C SER S 547 -1.71 -96.32 11.03
N PRO S 548 -0.38 -96.32 10.92
CA PRO S 548 0.45 -95.78 11.99
C PRO S 548 0.46 -94.28 12.05
N LEU S 549 -0.04 -93.61 11.01
CA LEU S 549 0.11 -92.16 10.89
C LEU S 549 -0.76 -91.43 11.89
N GLN S 550 -0.12 -90.70 12.79
CA GLN S 550 -0.81 -89.87 13.78
C GLN S 550 -0.79 -88.44 13.26
N ILE S 551 -1.92 -87.96 12.76
CA ILE S 551 -2.01 -86.62 12.21
C ILE S 551 -2.39 -85.68 13.34
N ASP S 552 -1.41 -84.92 13.84
CA ASP S 552 -1.74 -83.81 14.70
C ASP S 552 -1.33 -82.50 14.05
N PRO S 553 -2.20 -81.49 14.07
CA PRO S 553 -1.90 -80.23 13.39
C PRO S 553 -0.97 -79.31 14.15
N THR S 554 -0.40 -79.74 15.26
CA THR S 554 0.40 -78.85 16.09
C THR S 554 1.82 -78.65 15.56
N ILE S 555 2.25 -79.44 14.58
CA ILE S 555 3.57 -79.25 14.00
C ILE S 555 3.66 -77.92 13.28
N ILE S 556 2.57 -77.51 12.64
CA ILE S 556 2.51 -76.22 11.96
C ILE S 556 2.63 -75.08 12.95
N SER S 557 1.96 -75.19 14.11
CA SER S 557 2.03 -74.15 15.12
C SER S 557 3.41 -74.08 15.77
N ASN S 558 4.02 -75.23 16.05
CA ASN S 558 5.38 -75.24 16.59
C ASN S 558 6.40 -74.73 15.58
N THR S 559 6.14 -74.88 14.28
CA THR S 559 7.07 -74.35 13.29
C THR S 559 6.90 -72.84 13.11
N MET S 560 5.65 -72.36 13.07
CA MET S 560 5.42 -70.93 12.89
C MET S 560 5.88 -70.13 14.10
N SER S 561 5.39 -70.50 15.29
CA SER S 561 5.72 -69.86 16.57
C SER S 561 5.41 -68.37 16.56
N THR S 562 4.19 -68.03 16.12
CA THR S 562 3.76 -66.64 16.07
C THR S 562 3.41 -66.13 17.46
N SER S 572 0.07 -59.59 8.99
CA SER S 572 1.22 -60.48 8.86
C SER S 572 0.85 -61.68 8.00
N PRO S 573 1.78 -62.13 7.17
CA PRO S 573 1.50 -63.28 6.32
C PRO S 573 1.63 -64.60 7.08
N ALA S 574 2.37 -64.58 8.17
CA ALA S 574 2.62 -65.82 8.90
C ALA S 574 1.40 -66.25 9.70
N SER S 575 0.68 -65.30 10.31
CA SER S 575 -0.53 -65.64 11.04
C SER S 575 -1.73 -65.85 10.12
N SER S 576 -1.66 -65.37 8.89
CA SER S 576 -2.78 -65.54 7.97
C SER S 576 -2.96 -67.00 7.58
N ILE S 577 -1.87 -67.75 7.39
CA ILE S 577 -2.01 -69.16 7.06
C ILE S 577 -2.45 -69.96 8.29
N LEU S 578 -2.11 -69.49 9.49
CA LEU S 578 -2.66 -70.13 10.68
C LEU S 578 -4.14 -69.82 10.83
N GLY S 579 -4.60 -68.71 10.28
CA GLY S 579 -6.03 -68.50 10.19
C GLY S 579 -6.69 -69.37 9.15
N LYS S 580 -6.03 -69.58 8.02
CA LYS S 580 -6.65 -70.31 6.93
C LYS S 580 -6.66 -71.83 7.14
N LEU S 581 -5.63 -72.36 7.79
CA LEU S 581 -5.55 -73.80 7.98
C LEU S 581 -6.39 -74.31 9.14
N ARG S 582 -6.60 -73.47 10.15
CA ARG S 582 -7.31 -73.76 11.40
C ARG S 582 -6.79 -75.01 12.08
N PRO S 583 -5.61 -75.00 12.70
CA PRO S 583 -5.10 -76.20 13.38
C PRO S 583 -5.76 -76.51 14.72
N SER S 584 -6.84 -75.83 15.08
CA SER S 584 -7.64 -76.26 16.22
C SER S 584 -8.63 -77.35 15.84
N ASN S 585 -8.69 -77.71 14.56
CA ASN S 585 -9.60 -78.73 14.08
C ASN S 585 -8.92 -80.08 14.07
N SER S 586 -9.72 -81.14 14.21
CA SER S 586 -9.19 -82.50 14.14
C SER S 586 -10.03 -83.38 13.23
N ASP S 587 -10.76 -82.78 12.30
CA ASP S 587 -11.60 -83.54 11.36
C ASP S 587 -10.77 -83.82 10.11
N PHE S 588 -10.41 -85.07 9.92
CA PHE S 588 -9.58 -85.49 8.79
C PHE S 588 -10.25 -86.61 8.01
N SER S 589 -11.56 -86.51 7.82
CA SER S 589 -12.25 -87.51 7.03
C SER S 589 -11.95 -87.36 5.56
N SER S 590 -11.62 -86.14 5.12
CA SER S 590 -11.41 -85.90 3.70
C SER S 590 -10.16 -86.63 3.18
N PHE S 591 -9.10 -86.66 3.98
CA PHE S 591 -7.86 -87.30 3.56
C PHE S 591 -8.02 -88.82 3.48
N ARG S 592 -8.69 -89.42 4.46
CA ARG S 592 -8.89 -90.85 4.43
C ARG S 592 -9.88 -91.26 3.33
N VAL S 593 -10.89 -90.43 3.05
CA VAL S 593 -11.79 -90.72 1.93
C VAL S 593 -11.06 -90.55 0.60
N ALA S 594 -10.13 -89.59 0.52
CA ALA S 594 -9.32 -89.42 -0.68
C ALA S 594 -8.41 -90.61 -0.92
N LEU S 595 -7.91 -91.22 0.15
CA LEU S 595 -7.18 -92.47 -0.01
C LEU S 595 -8.09 -93.65 -0.33
N ALA S 596 -9.31 -93.69 0.23
CA ALA S 596 -10.20 -94.79 -0.04
C ALA S 596 -10.79 -94.75 -1.44
N GLY S 597 -10.82 -93.59 -2.07
CA GLY S 597 -11.36 -93.47 -3.40
C GLY S 597 -10.47 -93.91 -4.52
N TRP S 598 -9.23 -94.31 -4.23
CA TRP S 598 -8.34 -94.80 -5.27
C TRP S 598 -8.72 -96.19 -5.72
N LEU S 599 -9.39 -96.96 -4.87
CA LEU S 599 -9.84 -98.27 -5.26
C LEU S 599 -11.06 -98.20 -6.18
N TYR S 600 -11.73 -97.06 -6.25
CA TYR S 600 -12.92 -96.92 -7.07
C TYR S 600 -12.74 -95.72 -7.97
N ASN S 601 -12.18 -95.98 -9.15
CA ASN S 601 -12.03 -94.95 -10.16
C ASN S 601 -13.23 -94.94 -11.08
N GLY S 602 -13.92 -96.06 -11.23
CA GLY S 602 -14.95 -96.21 -12.23
C GLY S 602 -16.34 -95.84 -11.78
N VAL S 603 -16.65 -96.03 -10.50
CA VAL S 603 -17.99 -95.76 -10.01
C VAL S 603 -18.09 -94.45 -9.25
N VAL S 604 -16.98 -93.90 -8.77
CA VAL S 604 -17.01 -92.68 -8.01
C VAL S 604 -15.75 -91.90 -8.35
N THR S 605 -15.83 -90.58 -8.29
CA THR S 605 -14.66 -89.75 -8.56
C THR S 605 -14.61 -88.62 -7.56
N THR S 606 -13.41 -88.18 -7.25
CA THR S 606 -13.17 -87.24 -6.15
C THR S 606 -12.65 -85.93 -6.71
N VAL S 607 -13.32 -84.84 -6.37
CA VAL S 607 -12.88 -83.51 -6.78
C VAL S 607 -12.70 -82.66 -5.54
N ILE S 608 -12.33 -81.39 -5.75
CA ILE S 608 -12.17 -80.42 -4.67
C ILE S 608 -13.37 -79.49 -4.71
N ASP S 609 -13.96 -79.24 -3.55
CA ASP S 609 -15.15 -78.42 -3.45
C ASP S 609 -14.85 -76.98 -3.83
N ASP S 610 -15.90 -76.26 -4.25
CA ASP S 610 -15.76 -74.86 -4.63
C ASP S 610 -15.50 -73.94 -3.46
N SER S 611 -15.72 -74.40 -2.23
CA SER S 611 -15.35 -73.61 -1.07
C SER S 611 -13.84 -73.44 -0.95
N SER S 612 -13.08 -74.40 -1.49
CA SER S 612 -11.63 -74.33 -1.38
C SER S 612 -11.01 -73.40 -2.40
N TYR S 613 -11.75 -73.02 -3.44
CA TYR S 613 -11.23 -72.15 -4.49
C TYR S 613 -11.24 -70.70 -4.01
N PRO S 614 -10.56 -69.79 -4.71
CA PRO S 614 -10.70 -68.37 -4.40
C PRO S 614 -12.11 -67.84 -4.66
N LYS S 615 -12.33 -66.61 -4.22
CA LYS S 615 -13.70 -66.12 -4.08
C LYS S 615 -14.31 -65.74 -5.43
N ASP S 616 -13.73 -64.76 -6.12
CA ASP S 616 -14.19 -64.38 -7.45
C ASP S 616 -13.13 -64.72 -8.48
N GLY S 617 -12.49 -65.87 -8.31
CA GLY S 617 -11.28 -66.20 -9.01
C GLY S 617 -10.05 -65.67 -8.32
N GLY S 618 -10.19 -64.62 -7.51
CA GLY S 618 -9.08 -64.07 -6.77
C GLY S 618 -8.15 -63.27 -7.64
N SER S 619 -7.16 -62.68 -6.99
CA SER S 619 -6.08 -62.02 -7.69
C SER S 619 -4.84 -62.09 -6.82
N VAL S 620 -3.68 -62.00 -7.45
CA VAL S 620 -2.43 -62.10 -6.71
C VAL S 620 -2.13 -60.88 -5.88
N THR S 621 -2.89 -59.79 -6.03
CA THR S 621 -2.68 -58.62 -5.19
C THR S 621 -3.16 -58.85 -3.76
N SER S 622 -3.94 -59.89 -3.51
CA SER S 622 -4.42 -60.18 -2.17
C SER S 622 -3.63 -61.33 -1.56
N LEU S 623 -3.39 -61.23 -0.26
CA LEU S 623 -2.58 -62.23 0.43
C LEU S 623 -3.38 -63.50 0.70
N GLU S 624 -4.68 -63.33 0.98
CA GLU S 624 -5.52 -64.48 1.29
C GLU S 624 -5.73 -65.36 0.08
N ASN S 625 -5.77 -64.78 -1.11
CA ASN S 625 -5.88 -65.59 -2.31
C ASN S 625 -4.58 -66.32 -2.63
N LEU S 626 -3.43 -65.76 -2.26
CA LEU S 626 -2.17 -66.50 -2.39
C LEU S 626 -2.16 -67.70 -1.47
N TRP S 627 -2.65 -67.53 -0.23
CA TRP S 627 -2.69 -68.69 0.65
C TRP S 627 -3.75 -69.69 0.23
N ASP S 628 -4.85 -69.22 -0.38
CA ASP S 628 -5.83 -70.12 -0.99
C ASP S 628 -5.19 -70.96 -2.08
N PHE S 629 -4.39 -70.33 -2.93
CA PHE S 629 -3.68 -71.05 -3.98
C PHE S 629 -2.69 -72.06 -3.41
N PHE S 630 -2.04 -71.72 -2.30
CA PHE S 630 -1.11 -72.67 -1.68
C PHE S 630 -1.83 -73.86 -1.08
N ILE S 631 -2.98 -73.63 -0.43
CA ILE S 631 -3.75 -74.73 0.13
C ILE S 631 -4.31 -75.60 -0.99
N LEU S 632 -4.64 -75.00 -2.12
CA LEU S 632 -5.24 -75.77 -3.20
C LEU S 632 -4.23 -76.63 -3.95
N ALA S 633 -3.07 -76.05 -4.29
CA ALA S 633 -2.15 -76.71 -5.22
C ALA S 633 -1.45 -77.91 -4.60
N LEU S 634 -1.37 -77.98 -3.27
CA LEU S 634 -0.78 -79.14 -2.63
C LEU S 634 -1.77 -80.26 -2.40
N ALA S 635 -3.07 -79.97 -2.47
CA ALA S 635 -4.09 -80.98 -2.29
C ALA S 635 -4.64 -81.52 -3.59
N LEU S 636 -4.49 -80.79 -4.70
CA LEU S 636 -4.93 -81.29 -6.00
C LEU S 636 -4.34 -82.64 -6.48
N PRO S 637 -3.06 -82.99 -6.27
CA PRO S 637 -2.59 -84.27 -6.84
C PRO S 637 -3.15 -85.53 -6.20
N LEU S 638 -3.86 -85.45 -5.09
CA LEU S 638 -4.30 -86.65 -4.41
C LEU S 638 -5.71 -87.10 -4.81
N THR S 639 -6.31 -86.46 -5.80
CA THR S 639 -7.67 -86.76 -6.19
C THR S 639 -7.71 -87.58 -7.47
N THR S 640 -8.78 -88.35 -7.63
CA THR S 640 -8.97 -89.18 -8.82
C THR S 640 -9.63 -88.42 -9.96
N ASP S 641 -9.65 -87.09 -9.89
CA ASP S 641 -10.11 -86.26 -10.98
C ASP S 641 -9.16 -86.46 -12.16
N PRO S 642 -9.66 -86.84 -13.34
CA PRO S 642 -8.76 -86.96 -14.50
C PRO S 642 -8.15 -85.65 -14.94
N CYS S 643 -8.79 -84.52 -14.68
CA CYS S 643 -8.18 -83.21 -14.93
C CYS S 643 -8.03 -82.47 -13.60
N ALA S 644 -7.01 -82.85 -12.87
CA ALA S 644 -6.40 -82.07 -11.82
C ALA S 644 -5.34 -81.07 -12.33
N PRO S 645 -4.41 -81.41 -13.25
CA PRO S 645 -3.42 -80.40 -13.65
C PRO S 645 -4.00 -79.21 -14.41
N VAL S 646 -5.10 -79.39 -15.15
CA VAL S 646 -5.67 -78.26 -15.86
C VAL S 646 -6.31 -77.30 -14.88
N LYS S 647 -6.92 -77.81 -13.80
CA LYS S 647 -7.42 -76.94 -12.76
C LYS S 647 -6.28 -76.26 -12.00
N ALA S 648 -5.18 -76.99 -11.80
CA ALA S 648 -4.01 -76.42 -11.13
C ALA S 648 -3.36 -75.32 -11.95
N PHE S 649 -3.44 -75.41 -13.28
CA PHE S 649 -2.92 -74.34 -14.10
C PHE S 649 -3.89 -73.16 -14.17
N MET S 650 -5.16 -73.44 -14.42
CA MET S 650 -6.11 -72.36 -14.63
C MET S 650 -6.47 -71.62 -13.36
N THR S 651 -6.17 -72.17 -12.17
CA THR S 651 -6.31 -71.35 -10.96
C THR S 651 -5.34 -70.19 -10.96
N LEU S 652 -4.07 -70.45 -11.28
CA LEU S 652 -3.09 -69.36 -11.32
C LEU S 652 -3.32 -68.47 -12.53
N ALA S 653 -3.75 -69.05 -13.66
CA ALA S 653 -4.07 -68.23 -14.82
C ALA S 653 -5.29 -67.35 -14.59
N ASN S 654 -6.19 -67.79 -13.71
CA ASN S 654 -7.30 -66.95 -13.30
C ASN S 654 -6.86 -65.87 -12.36
N MET S 655 -5.91 -66.17 -11.47
CA MET S 655 -5.44 -65.16 -10.54
C MET S 655 -4.55 -64.10 -11.19
N MET S 656 -3.92 -64.42 -12.32
CA MET S 656 -3.02 -63.49 -12.98
C MET S 656 -3.70 -62.66 -14.07
N VAL S 657 -5.03 -62.47 -13.99
CA VAL S 657 -5.74 -61.74 -15.02
C VAL S 657 -5.47 -60.25 -14.87
N GLY S 658 -4.96 -59.62 -15.93
CA GLY S 658 -4.74 -58.20 -15.98
C GLY S 658 -3.28 -57.82 -15.95
N PHE S 659 -2.44 -58.64 -15.33
CA PHE S 659 -1.02 -58.33 -15.29
C PHE S 659 -0.26 -58.98 -16.43
N GLU S 660 -0.69 -60.15 -16.89
CA GLU S 660 -0.14 -60.74 -18.11
C GLU S 660 -1.14 -61.71 -18.69
N THR S 661 -1.07 -61.89 -20.02
CA THR S 661 -2.07 -62.63 -20.76
C THR S 661 -1.44 -63.79 -21.52
N ILE S 662 -2.24 -64.82 -21.74
CA ILE S 662 -1.86 -65.99 -22.52
C ILE S 662 -2.90 -66.18 -23.62
N PRO S 663 -2.57 -66.81 -24.74
CA PRO S 663 -3.58 -66.99 -25.79
C PRO S 663 -4.58 -68.08 -25.46
N MET S 664 -5.78 -67.94 -26.03
CA MET S 664 -6.82 -68.95 -25.96
C MET S 664 -7.32 -69.23 -27.37
N ASP S 665 -8.19 -70.24 -27.50
CA ASP S 665 -8.58 -70.69 -28.83
C ASP S 665 -9.59 -69.76 -29.49
N ASN S 666 -10.49 -69.18 -28.72
CA ASN S 666 -11.52 -68.34 -29.32
C ASN S 666 -11.76 -67.05 -28.55
N GLN S 667 -12.81 -66.33 -28.93
CA GLN S 667 -13.23 -65.18 -28.16
C GLN S 667 -13.98 -65.59 -26.91
N ILE S 668 -14.60 -66.77 -26.92
CA ILE S 668 -15.56 -67.13 -25.88
C ILE S 668 -14.84 -67.51 -24.59
N TYR S 669 -13.97 -68.52 -24.65
CA TYR S 669 -13.34 -69.05 -23.44
C TYR S 669 -12.16 -68.17 -23.06
N THR S 670 -12.48 -67.08 -22.36
CA THR S 670 -11.51 -66.11 -21.89
C THR S 670 -10.63 -66.75 -20.81
N GLN S 671 -9.42 -66.21 -20.64
CA GLN S 671 -8.52 -66.58 -19.55
C GLN S 671 -9.18 -66.41 -18.19
N SER S 672 -10.05 -65.41 -18.03
CA SER S 672 -10.76 -65.23 -16.77
C SER S 672 -12.00 -66.11 -16.68
N ARG S 673 -11.82 -67.40 -16.93
CA ARG S 673 -12.84 -68.41 -16.70
C ARG S 673 -12.45 -69.18 -15.45
N ARG S 674 -13.44 -69.56 -14.65
CA ARG S 674 -13.14 -70.19 -13.37
C ARG S 674 -12.54 -71.58 -13.57
N ALA S 675 -11.68 -71.97 -12.65
CA ALA S 675 -11.05 -73.28 -12.71
C ALA S 675 -11.97 -74.40 -12.28
N SER S 676 -13.16 -74.09 -11.75
CA SER S 676 -14.13 -75.12 -11.42
C SER S 676 -14.63 -75.82 -12.67
N ALA S 677 -14.81 -75.07 -13.75
CA ALA S 677 -15.55 -75.53 -14.91
C ALA S 677 -14.69 -76.25 -15.93
N PHE S 678 -13.37 -76.33 -15.73
CA PHE S 678 -12.52 -77.18 -16.57
C PHE S 678 -12.58 -78.60 -16.01
N SER S 679 -13.65 -79.30 -16.34
CA SER S 679 -13.97 -80.57 -15.69
C SER S 679 -13.96 -81.77 -16.62
N THR S 680 -13.77 -81.58 -17.92
CA THR S 680 -13.91 -82.66 -18.89
C THR S 680 -12.88 -82.37 -19.96
N PRO S 681 -12.17 -83.39 -20.49
CA PRO S 681 -11.06 -83.14 -21.43
C PRO S 681 -11.36 -82.45 -22.75
N HIS S 682 -12.60 -82.08 -23.05
CA HIS S 682 -12.82 -81.23 -24.22
C HIS S 682 -12.63 -79.76 -23.91
N THR S 683 -12.16 -79.42 -22.72
CA THR S 683 -11.95 -78.04 -22.31
C THR S 683 -10.49 -77.75 -22.02
N TRP S 684 -9.57 -78.65 -22.33
CA TRP S 684 -8.18 -78.40 -22.02
C TRP S 684 -7.61 -77.44 -23.05
N PRO S 685 -7.09 -76.29 -22.64
CA PRO S 685 -6.71 -75.27 -23.62
C PRO S 685 -5.42 -75.62 -24.33
N ARG S 686 -5.28 -75.02 -25.51
CA ARG S 686 -4.08 -75.22 -26.34
C ARG S 686 -2.85 -74.64 -25.68
N CYS S 687 -3.01 -73.58 -24.88
CA CYS S 687 -1.90 -72.99 -24.16
C CYS S 687 -1.35 -73.92 -23.09
N PHE S 688 -2.18 -74.81 -22.56
CA PHE S 688 -1.70 -75.84 -21.65
C PHE S 688 -1.23 -77.08 -22.39
N MET S 689 -1.84 -77.37 -23.55
CA MET S 689 -1.46 -78.55 -24.31
C MET S 689 -0.06 -78.41 -24.90
N ASN S 690 0.26 -77.23 -25.41
CA ASN S 690 1.58 -76.93 -25.93
C ASN S 690 2.15 -75.79 -25.10
N ILE S 691 3.31 -76.02 -24.47
CA ILE S 691 3.89 -75.02 -23.58
C ILE S 691 4.42 -73.84 -24.37
N GLN S 692 4.93 -74.09 -25.59
CA GLN S 692 5.68 -73.09 -26.35
C GLN S 692 4.84 -71.91 -26.82
N LEU S 693 3.52 -71.96 -26.68
CA LEU S 693 2.69 -70.81 -27.02
C LEU S 693 2.72 -69.73 -25.95
N ILE S 694 3.22 -70.02 -24.76
CA ILE S 694 3.30 -69.04 -23.68
C ILE S 694 4.70 -68.45 -23.71
N SER S 695 4.79 -67.18 -24.07
CA SER S 695 6.12 -66.60 -24.17
C SER S 695 6.62 -66.15 -22.80
N PRO S 696 7.92 -66.28 -22.53
CA PRO S 696 8.46 -65.81 -21.25
C PRO S 696 8.45 -64.30 -21.13
N ILE S 697 8.36 -63.57 -22.24
CA ILE S 697 8.26 -62.13 -22.17
C ILE S 697 6.91 -61.71 -21.62
N ASP S 698 5.85 -62.35 -22.10
CA ASP S 698 4.51 -62.00 -21.63
C ASP S 698 4.23 -62.59 -20.25
N ALA S 699 4.25 -63.93 -20.14
CA ALA S 699 3.81 -64.63 -18.95
C ALA S 699 4.92 -65.52 -18.41
N PRO S 700 5.91 -64.94 -17.71
CA PRO S 700 7.05 -65.76 -17.26
C PRO S 700 6.70 -66.70 -16.13
N ILE S 701 5.93 -66.24 -15.14
CA ILE S 701 5.55 -67.10 -14.02
C ILE S 701 4.55 -68.15 -14.49
N LEU S 702 3.71 -67.85 -15.47
CA LEU S 702 2.81 -68.87 -16.00
C LEU S 702 3.56 -69.92 -16.81
N ARG S 703 4.60 -69.52 -17.56
CA ARG S 703 5.38 -70.55 -18.24
C ARG S 703 6.16 -71.40 -17.24
N GLN S 704 6.66 -70.80 -16.15
CA GLN S 704 7.29 -71.59 -15.09
C GLN S 704 6.31 -72.56 -14.46
N TRP S 705 5.07 -72.12 -14.24
CA TRP S 705 4.06 -72.98 -13.61
C TRP S 705 3.65 -74.13 -14.52
N ALA S 706 3.48 -73.86 -15.81
CA ALA S 706 3.17 -74.94 -16.75
C ALA S 706 4.33 -75.91 -16.92
N GLU S 707 5.56 -75.41 -16.85
CA GLU S 707 6.74 -76.27 -16.91
C GLU S 707 6.84 -77.18 -15.67
N ILE S 708 6.55 -76.62 -14.49
CA ILE S 708 6.56 -77.41 -13.26
C ILE S 708 5.47 -78.47 -13.30
N ILE S 709 4.29 -78.13 -13.83
CA ILE S 709 3.21 -79.11 -13.94
C ILE S 709 3.59 -80.22 -14.90
N HIS S 710 4.13 -79.89 -16.07
CA HIS S 710 4.46 -80.92 -17.05
C HIS S 710 5.65 -81.77 -16.64
N ARG S 711 6.51 -81.28 -15.74
CA ARG S 711 7.66 -82.11 -15.36
C ARG S 711 7.47 -82.87 -14.07
N TYR S 712 7.02 -82.22 -12.99
CA TYR S 712 7.15 -82.77 -11.66
C TYR S 712 5.81 -83.20 -11.04
N TRP S 713 4.81 -83.42 -11.86
CA TRP S 713 3.53 -83.97 -11.43
C TRP S 713 3.69 -85.48 -11.20
N PRO S 714 3.03 -86.04 -10.18
CA PRO S 714 3.23 -87.46 -9.87
C PRO S 714 2.64 -88.37 -10.93
N ASN S 715 3.40 -89.37 -11.32
CA ASN S 715 2.96 -90.28 -12.36
C ASN S 715 2.31 -91.53 -11.75
N PRO S 716 1.40 -92.18 -12.47
CA PRO S 716 0.75 -93.37 -11.92
C PRO S 716 1.69 -94.56 -11.85
N SER S 717 1.30 -95.54 -11.05
CA SER S 717 2.06 -96.77 -10.87
C SER S 717 1.09 -97.88 -10.50
N GLN S 718 1.62 -99.10 -10.35
CA GLN S 718 0.77 -100.25 -10.07
C GLN S 718 1.48 -101.20 -9.13
N ILE S 719 0.68 -101.97 -8.38
CA ILE S 719 1.19 -102.85 -7.34
C ILE S 719 0.34 -104.11 -7.32
N ARG S 720 0.95 -105.23 -6.96
CA ARG S 720 0.30 -106.53 -6.96
C ARG S 720 -0.35 -106.80 -5.61
N TYR S 721 -1.55 -107.41 -5.65
CA TYR S 721 -2.24 -107.83 -4.44
C TYR S 721 -2.86 -109.20 -4.70
N GLY S 722 -3.58 -109.68 -3.70
CA GLY S 722 -4.43 -110.87 -3.65
C GLY S 722 -3.71 -112.13 -4.11
N THR S 723 -4.51 -113.10 -4.51
CA THR S 723 -3.96 -114.24 -5.23
C THR S 723 -4.90 -114.69 -6.34
N PRO S 724 -4.42 -114.69 -7.58
CA PRO S 724 -5.26 -115.10 -8.70
C PRO S 724 -5.33 -116.60 -8.91
N ASN S 725 -4.57 -117.39 -8.15
CA ASN S 725 -4.51 -118.81 -8.41
C ASN S 725 -5.67 -119.56 -7.79
N VAL S 726 -6.10 -119.15 -6.59
CA VAL S 726 -7.16 -119.84 -5.87
C VAL S 726 -8.36 -118.94 -5.62
N PHE S 727 -8.14 -117.65 -5.33
CA PHE S 727 -9.25 -116.75 -5.09
C PHE S 727 -9.80 -116.14 -6.37
N GLY S 728 -9.00 -116.05 -7.41
CA GLY S 728 -9.42 -115.32 -8.58
C GLY S 728 -9.33 -113.82 -8.34
N SER S 729 -9.86 -113.07 -9.29
CA SER S 729 -9.82 -111.61 -9.24
C SER S 729 -10.94 -111.05 -10.07
N ALA S 730 -11.65 -110.06 -9.51
CA ALA S 730 -12.64 -109.31 -10.28
C ALA S 730 -12.02 -108.06 -10.90
N ASN S 731 -10.90 -108.23 -11.60
CA ASN S 731 -10.20 -107.10 -12.19
C ASN S 731 -10.72 -106.93 -13.62
N LEU S 732 -11.83 -106.22 -13.72
CA LEU S 732 -12.30 -105.73 -15.00
C LEU S 732 -11.41 -104.59 -15.46
N PHE S 733 -11.20 -104.51 -16.78
CA PHE S 733 -10.46 -103.44 -17.46
C PHE S 733 -8.99 -103.37 -17.03
N THR S 734 -8.45 -104.44 -16.46
CA THR S 734 -7.25 -104.38 -15.65
C THR S 734 -6.68 -105.78 -15.55
N PRO S 735 -5.35 -105.96 -15.66
CA PRO S 735 -4.74 -107.29 -15.53
C PRO S 735 -5.01 -107.92 -14.17
N PRO S 736 -4.92 -109.26 -14.06
CA PRO S 736 -5.45 -109.93 -12.88
C PRO S 736 -4.72 -109.67 -11.57
N GLU S 737 -3.43 -109.32 -11.56
CA GLU S 737 -2.77 -109.01 -10.29
C GLU S 737 -2.02 -107.66 -10.40
N VAL S 738 -2.79 -106.59 -10.41
CA VAL S 738 -2.27 -105.22 -10.37
C VAL S 738 -3.32 -104.37 -9.69
N LEU S 739 -2.84 -103.32 -9.01
CA LEU S 739 -3.70 -102.34 -8.36
C LEU S 739 -3.20 -100.98 -8.82
N LEU S 740 -3.99 -100.30 -9.63
CA LEU S 740 -3.55 -99.03 -10.19
C LEU S 740 -3.63 -97.93 -9.16
N LEU S 741 -2.55 -97.16 -9.04
CA LEU S 741 -2.44 -96.08 -8.09
C LEU S 741 -1.96 -94.82 -8.80
N PRO S 742 -2.45 -93.65 -8.41
CA PRO S 742 -1.99 -92.42 -9.06
C PRO S 742 -0.74 -91.84 -8.41
N ILE S 743 -0.04 -92.64 -7.63
CA ILE S 743 1.16 -92.20 -6.92
C ILE S 743 2.25 -93.25 -7.14
N ASP S 744 3.50 -92.81 -7.12
CA ASP S 744 4.62 -93.73 -7.22
C ASP S 744 4.91 -94.31 -5.85
N HIS S 745 5.29 -95.58 -5.81
CA HIS S 745 5.56 -96.26 -4.56
C HIS S 745 6.97 -96.84 -4.57
N GLN S 746 7.56 -96.91 -3.40
CA GLN S 746 8.91 -97.39 -3.16
C GLN S 746 8.82 -98.46 -2.08
N PRO S 747 9.81 -99.35 -1.98
CA PRO S 747 9.82 -100.31 -0.88
C PRO S 747 9.99 -99.63 0.46
N ALA S 748 9.49 -100.31 1.50
CA ALA S 748 9.27 -99.68 2.80
C ALA S 748 10.51 -99.79 3.68
N ASN S 749 11.00 -98.65 4.13
CA ASN S 749 11.87 -98.56 5.29
C ASN S 749 11.52 -97.31 6.07
N VAL S 750 11.81 -97.32 7.36
CA VAL S 750 11.45 -96.19 8.22
C VAL S 750 12.60 -95.23 8.44
N THR S 751 13.80 -95.56 8.00
CA THR S 751 14.97 -94.75 8.26
C THR S 751 15.29 -93.78 7.12
N THR S 752 14.40 -93.63 6.15
CA THR S 752 14.64 -92.70 5.06
C THR S 752 14.48 -91.26 5.58
N PRO S 753 15.24 -90.31 5.03
CA PRO S 753 15.14 -88.94 5.54
C PRO S 753 13.86 -88.26 5.13
N THR S 754 13.44 -87.29 5.95
CA THR S 754 12.18 -86.61 5.70
C THR S 754 12.30 -85.59 4.58
N LEU S 755 13.53 -85.18 4.25
CA LEU S 755 13.75 -84.11 3.28
C LEU S 755 14.50 -84.65 2.07
N ASP S 756 14.04 -85.78 1.56
CA ASP S 756 14.51 -86.22 0.26
C ASP S 756 13.63 -85.62 -0.83
N PHE S 757 14.26 -85.21 -1.91
CA PHE S 757 13.50 -84.70 -3.04
C PHE S 757 13.41 -85.72 -4.16
N THR S 758 13.82 -86.96 -3.88
CA THR S 758 13.46 -88.09 -4.74
C THR S 758 11.99 -88.43 -4.58
N ASN S 759 11.48 -88.31 -3.36
CA ASN S 759 10.05 -88.41 -3.10
C ASN S 759 9.30 -87.33 -3.84
N GLU S 760 8.39 -87.74 -4.72
CA GLU S 760 7.79 -86.80 -5.65
C GLU S 760 6.77 -85.88 -5.00
N LEU S 761 6.16 -86.28 -3.89
CA LEU S 761 5.27 -85.36 -3.19
C LEU S 761 6.06 -84.27 -2.46
N THR S 762 7.20 -84.63 -1.87
CA THR S 762 8.07 -83.64 -1.27
C THR S 762 8.66 -82.71 -2.32
N ASN S 763 8.99 -83.28 -3.48
CA ASN S 763 9.41 -82.48 -4.62
C ASN S 763 8.31 -81.53 -5.07
N TRP S 764 7.07 -81.97 -5.06
CA TRP S 764 5.96 -81.13 -5.48
C TRP S 764 5.75 -79.97 -4.52
N ARG S 765 5.79 -80.25 -3.21
CA ARG S 765 5.69 -79.19 -2.21
C ARG S 765 6.82 -78.19 -2.34
N ALA S 766 8.04 -78.67 -2.59
CA ALA S 766 9.18 -77.77 -2.74
C ALA S 766 9.06 -76.90 -3.99
N ARG S 767 8.58 -77.47 -5.11
CA ARG S 767 8.48 -76.67 -6.32
C ARG S 767 7.35 -75.64 -6.23
N VAL S 768 6.24 -75.97 -5.55
CA VAL S 768 5.19 -74.99 -5.36
C VAL S 768 5.67 -73.85 -4.47
N CYS S 769 6.41 -74.17 -3.41
CA CYS S 769 6.98 -73.11 -2.57
C CYS S 769 8.00 -72.25 -3.30
N GLU S 770 8.81 -72.84 -4.19
CA GLU S 770 9.74 -72.04 -4.96
C GLU S 770 9.05 -71.16 -5.99
N LEU S 771 7.97 -71.65 -6.59
CA LEU S 771 7.22 -70.82 -7.54
C LEU S 771 6.54 -69.66 -6.83
N MET S 772 6.03 -69.88 -5.62
CA MET S 772 5.43 -68.78 -4.89
C MET S 772 6.47 -67.80 -4.39
N LYS S 773 7.69 -68.27 -4.10
CA LYS S 773 8.79 -67.36 -3.77
C LYS S 773 9.18 -66.47 -4.95
N ASN S 774 9.27 -67.06 -6.15
CA ASN S 774 9.48 -66.26 -7.35
C ASN S 774 8.33 -65.31 -7.63
N LEU S 775 7.11 -65.70 -7.30
CA LEU S 775 5.94 -64.83 -7.48
C LEU S 775 5.99 -63.61 -6.56
N VAL S 776 6.39 -63.80 -5.31
CA VAL S 776 6.42 -62.69 -4.35
C VAL S 776 7.65 -61.80 -4.51
N ASP S 777 8.76 -62.34 -5.06
CA ASP S 777 10.12 -61.86 -4.80
C ASP S 777 10.34 -60.37 -5.11
N ASN S 778 9.80 -59.87 -6.21
CA ASN S 778 10.20 -58.55 -6.68
C ASN S 778 9.08 -57.51 -6.67
N GLN S 779 8.01 -57.74 -5.90
CA GLN S 779 7.01 -56.76 -5.47
C GLN S 779 6.09 -56.30 -6.61
N ARG S 780 6.43 -56.58 -7.86
CA ARG S 780 5.41 -56.52 -8.89
C ARG S 780 4.48 -57.71 -8.71
N TYR S 781 3.29 -57.58 -9.30
CA TYR S 781 2.06 -58.37 -9.13
C TYR S 781 1.35 -58.05 -7.82
N GLN S 782 1.97 -57.27 -6.94
CA GLN S 782 1.33 -56.83 -5.70
C GLN S 782 1.55 -55.34 -5.46
N PRO S 783 0.94 -54.48 -6.27
CA PRO S 783 1.04 -53.05 -5.95
C PRO S 783 0.04 -52.69 -4.88
N GLY S 784 0.37 -51.65 -4.12
CA GLY S 784 -0.48 -51.21 -3.06
C GLY S 784 -0.18 -51.79 -1.69
N TRP S 785 0.69 -52.80 -1.61
CA TRP S 785 1.23 -53.17 -0.31
C TRP S 785 2.14 -52.06 0.17
N THR S 786 1.75 -51.41 1.27
CA THR S 786 2.50 -50.26 1.73
C THR S 786 3.79 -50.67 2.44
N GLN S 787 3.73 -51.73 3.24
CA GLN S 787 4.94 -52.22 3.89
C GLN S 787 5.67 -53.16 2.94
N SER S 788 6.85 -53.62 3.36
CA SER S 788 7.63 -54.57 2.58
C SER S 788 7.44 -55.95 3.20
N LEU S 789 6.47 -56.69 2.68
CA LEU S 789 6.15 -58.01 3.19
C LEU S 789 6.92 -59.13 2.50
N VAL S 790 7.89 -58.78 1.65
CA VAL S 790 8.58 -59.81 0.88
C VAL S 790 9.48 -60.68 1.73
N SER S 791 10.15 -60.12 2.75
CA SER S 791 11.01 -60.92 3.60
C SER S 791 10.20 -61.85 4.49
N SER S 792 9.11 -61.35 5.07
CA SER S 792 8.28 -62.18 5.94
C SER S 792 7.54 -63.25 5.16
N MET S 793 7.07 -62.91 3.96
CA MET S 793 6.40 -63.89 3.12
C MET S 793 7.37 -64.96 2.65
N ARG S 794 8.60 -64.58 2.30
CA ARG S 794 9.60 -65.54 1.88
C ARG S 794 10.03 -66.44 3.04
N GLY S 795 10.09 -65.90 4.25
CA GLY S 795 10.42 -66.73 5.40
C GLY S 795 9.34 -67.72 5.76
N THR S 796 8.07 -67.29 5.74
CA THR S 796 7.01 -68.24 6.01
C THR S 796 6.75 -69.20 4.85
N LEU S 797 7.29 -68.93 3.66
CA LEU S 797 7.30 -69.99 2.65
C LEU S 797 8.46 -70.95 2.85
N GLY S 798 9.62 -70.46 3.31
CA GLY S 798 10.74 -71.33 3.57
C GLY S 798 10.48 -72.32 4.69
N LYS S 799 9.74 -71.89 5.71
CA LYS S 799 9.34 -72.80 6.77
C LYS S 799 8.40 -73.90 6.28
N LEU S 800 7.44 -73.55 5.42
CA LEU S 800 6.53 -74.55 4.90
C LEU S 800 7.20 -75.47 3.90
N LYS S 801 8.25 -75.00 3.23
CA LYS S 801 9.01 -75.91 2.38
C LYS S 801 9.83 -76.88 3.22
N LEU S 802 10.44 -76.40 4.30
CA LEU S 802 11.35 -77.20 5.10
C LEU S 802 10.69 -77.80 6.33
N ILE S 803 9.36 -77.88 6.37
CA ILE S 803 8.68 -78.52 7.49
C ILE S 803 8.95 -80.01 7.47
N LYS S 804 9.08 -80.62 8.65
CA LYS S 804 9.18 -82.06 8.74
C LYS S 804 7.77 -82.64 8.86
N SER S 805 7.49 -83.65 8.04
CA SER S 805 6.18 -84.28 8.00
C SER S 805 6.35 -85.65 7.37
N MET S 806 5.84 -86.68 8.01
CA MET S 806 6.06 -88.03 7.54
C MET S 806 4.91 -88.54 6.67
N THR S 807 4.01 -87.66 6.24
CA THR S 807 2.93 -88.04 5.34
C THR S 807 3.41 -88.32 3.90
N PRO S 808 4.30 -87.53 3.27
CA PRO S 808 4.82 -87.98 1.97
C PRO S 808 5.72 -89.18 2.07
N MET S 809 6.36 -89.39 3.22
CA MET S 809 7.07 -90.63 3.46
C MET S 809 6.11 -91.79 3.58
N TYR S 810 4.92 -91.54 4.13
CA TYR S 810 3.95 -92.59 4.38
C TYR S 810 3.27 -93.02 3.09
N LEU S 811 2.85 -92.07 2.27
CA LEU S 811 1.98 -92.36 1.13
C LEU S 811 2.68 -93.17 0.04
N GLN S 812 4.00 -93.15 -0.03
CA GLN S 812 4.72 -93.91 -1.05
C GLN S 812 5.30 -95.21 -0.52
N GLN S 813 5.19 -95.46 0.78
CA GLN S 813 5.81 -96.66 1.35
C GLN S 813 4.82 -97.57 2.03
N LEU S 814 3.95 -97.05 2.89
CA LEU S 814 3.11 -97.90 3.70
C LEU S 814 1.64 -97.84 3.34
N ALA S 815 1.19 -96.75 2.72
CA ALA S 815 -0.20 -96.71 2.24
C ALA S 815 -0.52 -97.73 1.13
N PRO S 816 0.30 -97.95 0.09
CA PRO S 816 -0.06 -99.01 -0.87
C PRO S 816 0.02 -100.41 -0.29
N VAL S 817 0.86 -100.63 0.70
CA VAL S 817 0.91 -101.93 1.37
C VAL S 817 -0.39 -102.19 2.12
N GLU S 818 -0.90 -101.17 2.83
CA GLU S 818 -2.17 -101.34 3.53
C GLU S 818 -3.34 -101.46 2.58
N LEU S 819 -3.31 -100.75 1.45
CA LEU S 819 -4.37 -100.93 0.45
C LEU S 819 -4.34 -102.32 -0.15
N ALA S 820 -3.15 -102.87 -0.40
CA ALA S 820 -3.06 -104.22 -0.95
C ALA S 820 -3.43 -105.28 0.07
N VAL S 821 -3.23 -105.01 1.36
CA VAL S 821 -3.69 -105.92 2.38
C VAL S 821 -5.21 -105.89 2.50
N ILE S 822 -5.80 -104.70 2.50
CA ILE S 822 -7.23 -104.55 2.71
C ILE S 822 -8.03 -105.07 1.51
N ALA S 823 -7.57 -104.77 0.29
CA ALA S 823 -8.41 -104.86 -0.90
C ALA S 823 -9.02 -106.23 -1.25
N PRO S 824 -8.35 -107.38 -1.14
CA PRO S 824 -9.06 -108.63 -1.49
C PRO S 824 -10.07 -109.10 -0.46
N MET S 825 -10.12 -108.47 0.72
CA MET S 825 -11.08 -108.85 1.74
C MET S 825 -12.34 -107.98 1.71
N LEU S 826 -12.48 -107.10 0.73
CA LEU S 826 -13.60 -106.19 0.69
C LEU S 826 -14.87 -106.89 0.21
N PRO S 827 -16.05 -106.44 0.66
CA PRO S 827 -17.29 -107.04 0.17
C PRO S 827 -17.62 -106.62 -1.25
N PHE S 828 -17.12 -105.48 -1.69
CA PHE S 828 -17.27 -105.00 -3.06
C PHE S 828 -15.87 -104.74 -3.59
N PRO S 829 -15.29 -105.72 -4.29
CA PRO S 829 -13.86 -105.66 -4.65
C PRO S 829 -13.61 -104.55 -5.66
N PRO S 830 -12.38 -104.00 -5.71
CA PRO S 830 -12.19 -102.69 -6.35
C PRO S 830 -12.38 -102.72 -7.86
N PHE S 831 -12.99 -101.65 -8.36
CA PHE S 831 -13.35 -101.48 -9.77
C PHE S 831 -12.60 -100.25 -10.25
N GLN S 832 -11.52 -100.45 -11.02
CA GLN S 832 -10.66 -99.35 -11.41
C GLN S 832 -10.63 -99.18 -12.92
N VAL S 833 -10.35 -97.94 -13.31
CA VAL S 833 -10.24 -97.48 -14.70
C VAL S 833 -8.88 -96.80 -14.76
N PRO S 834 -8.09 -96.98 -15.83
CA PRO S 834 -6.66 -96.60 -15.77
C PRO S 834 -6.40 -95.12 -15.59
N TYR S 835 -5.41 -94.83 -14.75
CA TYR S 835 -4.96 -93.47 -14.50
C TYR S 835 -3.94 -93.07 -15.57
N VAL S 836 -4.11 -91.88 -16.12
CA VAL S 836 -3.11 -91.28 -16.98
C VAL S 836 -2.65 -89.97 -16.36
N ARG S 837 -1.39 -89.64 -16.57
CA ARG S 837 -0.81 -88.47 -15.95
C ARG S 837 -1.26 -87.22 -16.68
N LEU S 838 -0.93 -87.13 -17.95
CA LEU S 838 -1.25 -85.94 -18.73
C LEU S 838 -1.60 -86.30 -20.18
N ASP S 839 -1.59 -87.57 -20.52
CA ASP S 839 -1.91 -88.04 -21.87
C ASP S 839 -3.38 -87.77 -22.16
N ARG S 840 -3.65 -86.77 -22.99
CA ARG S 840 -5.04 -86.38 -23.24
C ARG S 840 -5.76 -87.40 -24.10
N ASP S 841 -5.04 -88.09 -24.99
CA ASP S 841 -5.66 -88.95 -25.97
C ASP S 841 -6.27 -90.21 -25.39
N ARG S 842 -5.90 -90.57 -24.16
CA ARG S 842 -6.53 -91.69 -23.47
C ARG S 842 -6.96 -91.23 -22.07
N VAL S 843 -8.11 -90.58 -22.00
CA VAL S 843 -8.73 -90.21 -20.75
C VAL S 843 -10.15 -90.76 -20.76
N PRO S 844 -10.55 -91.54 -19.76
CA PRO S 844 -11.90 -92.09 -19.77
C PRO S 844 -12.96 -91.03 -19.51
N THR S 845 -14.06 -91.12 -20.24
CA THR S 845 -15.16 -90.17 -20.12
C THR S 845 -16.50 -90.81 -19.84
N MET S 846 -16.64 -92.13 -19.97
CA MET S 846 -17.95 -92.76 -20.01
C MET S 846 -17.84 -94.26 -19.80
N VAL S 847 -18.54 -94.80 -18.81
CA VAL S 847 -18.49 -96.23 -18.50
C VAL S 847 -19.92 -96.77 -18.54
N GLY S 848 -20.16 -97.77 -19.37
CA GLY S 848 -21.50 -98.31 -19.55
C GLY S 848 -21.51 -99.82 -19.50
N VAL S 849 -22.72 -100.36 -19.32
CA VAL S 849 -22.96 -101.79 -19.21
C VAL S 849 -23.96 -102.19 -20.29
N THR S 850 -23.63 -103.25 -21.04
CA THR S 850 -24.43 -103.68 -22.17
C THR S 850 -25.17 -104.96 -21.82
N ARG S 851 -26.49 -104.95 -21.99
CA ARG S 851 -27.29 -106.14 -21.76
C ARG S 851 -27.34 -107.04 -22.99
N GLN S 852 -27.41 -106.45 -24.18
CA GLN S 852 -27.70 -107.21 -25.38
C GLN S 852 -26.44 -107.90 -25.89
N SER S 853 -26.60 -108.67 -26.97
CA SER S 853 -25.52 -109.44 -27.55
C SER S 853 -24.65 -108.55 -28.42
N ARG S 854 -23.81 -109.17 -29.23
CA ARG S 854 -22.94 -108.43 -30.14
C ARG S 854 -23.39 -108.46 -31.59
N ASP S 855 -23.85 -109.60 -32.09
CA ASP S 855 -24.22 -109.72 -33.50
C ASP S 855 -25.58 -109.13 -33.82
N THR S 856 -26.34 -108.67 -32.83
CA THR S 856 -27.64 -108.08 -33.05
C THR S 856 -27.52 -106.58 -33.18
N ILE S 857 -28.64 -105.94 -33.49
CA ILE S 857 -28.74 -104.48 -33.46
C ILE S 857 -30.14 -104.12 -32.93
N THR S 858 -30.18 -103.40 -31.82
CA THR S 858 -31.43 -103.14 -31.11
C THR S 858 -31.62 -101.66 -30.84
N GLN S 859 -32.59 -101.33 -30.00
CA GLN S 859 -32.71 -99.98 -29.49
C GLN S 859 -31.47 -99.64 -28.66
N PRO S 860 -30.91 -98.44 -28.80
CA PRO S 860 -29.74 -98.10 -28.00
C PRO S 860 -30.11 -97.86 -26.55
N ALA S 861 -29.86 -98.86 -25.71
CA ALA S 861 -30.25 -98.78 -24.31
C ALA S 861 -28.99 -98.55 -23.48
N LEU S 862 -28.62 -97.28 -23.38
CA LEU S 862 -27.49 -96.91 -22.55
C LEU S 862 -27.84 -97.10 -21.08
N SER S 863 -26.88 -97.59 -20.31
CA SER S 863 -27.09 -97.73 -18.89
C SER S 863 -27.12 -96.37 -18.22
N LEU S 864 -27.61 -96.35 -16.97
CA LEU S 864 -27.78 -95.09 -16.26
C LEU S 864 -26.44 -94.47 -15.90
N SER S 865 -25.41 -95.30 -15.72
CA SER S 865 -24.10 -94.84 -15.30
C SER S 865 -23.36 -94.03 -16.37
N THR S 866 -23.86 -94.03 -17.60
CA THR S 866 -23.29 -93.19 -18.65
C THR S 866 -23.71 -91.74 -18.55
N THR S 867 -24.66 -91.40 -17.68
CA THR S 867 -25.22 -90.06 -17.68
C THR S 867 -24.45 -89.08 -16.83
N ASN S 868 -23.27 -89.44 -16.34
CA ASN S 868 -22.50 -88.53 -15.53
C ASN S 868 -21.63 -87.63 -16.39
N THR S 869 -21.47 -86.38 -15.94
CA THR S 869 -20.53 -85.47 -16.58
C THR S 869 -19.10 -85.95 -16.40
N THR S 870 -18.76 -86.40 -15.19
CA THR S 870 -17.50 -87.05 -14.95
C THR S 870 -17.63 -88.53 -15.30
N VAL S 871 -16.63 -89.34 -14.94
CA VAL S 871 -16.67 -90.75 -15.26
C VAL S 871 -17.54 -91.52 -14.26
N GLY S 872 -17.68 -91.03 -13.04
CA GLY S 872 -18.50 -91.69 -12.05
C GLY S 872 -19.36 -90.71 -11.28
N VAL S 873 -19.86 -91.12 -10.12
CA VAL S 873 -20.61 -90.19 -9.27
C VAL S 873 -19.63 -89.24 -8.61
N PRO S 874 -19.83 -87.93 -8.68
CA PRO S 874 -18.85 -87.02 -8.11
C PRO S 874 -19.03 -86.83 -6.61
N LEU S 875 -17.92 -86.68 -5.91
CA LEU S 875 -17.94 -86.25 -4.53
C LEU S 875 -16.88 -85.18 -4.32
N ALA S 876 -17.16 -84.23 -3.44
CA ALA S 876 -16.26 -83.12 -3.19
C ALA S 876 -15.53 -83.36 -1.88
N LEU S 877 -14.23 -83.10 -1.88
CA LEU S 877 -13.38 -83.20 -0.71
C LEU S 877 -13.06 -81.81 -0.18
N ASP S 878 -12.16 -81.74 0.80
CA ASP S 878 -11.75 -80.47 1.36
C ASP S 878 -10.23 -80.33 1.27
N ALA S 879 -9.80 -79.38 0.44
CA ALA S 879 -8.39 -79.11 0.25
C ALA S 879 -7.70 -78.61 1.50
N ARG S 880 -8.45 -77.95 2.39
CA ARG S 880 -7.92 -77.55 3.69
C ARG S 880 -7.44 -78.74 4.49
N ALA S 881 -8.32 -79.73 4.68
CA ALA S 881 -7.95 -80.88 5.50
C ALA S 881 -6.93 -81.77 4.81
N ILE S 882 -7.02 -81.90 3.49
CA ILE S 882 -6.01 -82.68 2.79
C ILE S 882 -4.64 -82.00 2.88
N THR S 883 -4.61 -80.67 2.83
CA THR S 883 -3.35 -79.94 2.90
C THR S 883 -2.74 -80.03 4.30
N VAL S 884 -3.54 -79.87 5.35
CA VAL S 884 -2.98 -79.91 6.70
C VAL S 884 -2.59 -81.33 7.08
N ALA S 885 -3.31 -82.35 6.59
CA ALA S 885 -2.89 -83.74 6.81
C ALA S 885 -1.63 -84.06 6.03
N LEU S 886 -1.39 -83.39 4.91
CA LEU S 886 -0.13 -83.59 4.20
C LEU S 886 1.01 -82.88 4.93
N LEU S 887 0.80 -81.63 5.35
CA LEU S 887 1.84 -80.84 6.00
C LEU S 887 2.17 -81.31 7.41
N SER S 888 1.32 -82.09 8.04
CA SER S 888 1.66 -82.57 9.37
C SER S 888 1.56 -84.09 9.41
N GLY S 889 1.67 -84.66 10.60
CA GLY S 889 1.55 -86.10 10.71
C GLY S 889 2.87 -86.77 10.96
N LYS S 890 2.90 -87.73 11.87
CA LYS S 890 4.14 -88.36 12.27
C LYS S 890 3.86 -89.79 12.68
N TYR S 891 4.92 -90.56 12.80
CA TYR S 891 4.82 -91.93 13.28
C TYR S 891 4.96 -91.94 14.80
N PRO S 892 4.54 -93.03 15.45
CA PRO S 892 4.92 -93.21 16.85
C PRO S 892 6.42 -93.38 16.97
N PRO S 893 7.02 -92.95 18.07
CA PRO S 893 8.47 -92.97 18.18
C PRO S 893 9.05 -94.32 18.55
N ASP S 894 8.30 -95.40 18.39
CA ASP S 894 8.84 -96.70 18.75
C ASP S 894 8.38 -97.83 17.84
N LEU S 895 7.87 -97.53 16.65
CA LEU S 895 7.22 -98.58 15.86
C LEU S 895 8.25 -99.49 15.20
N VAL S 896 7.93 -100.77 15.18
CA VAL S 896 8.53 -101.75 14.29
C VAL S 896 7.41 -102.27 13.41
N THR S 897 7.61 -102.24 12.09
CA THR S 897 6.55 -102.60 11.16
C THR S 897 6.16 -104.05 11.27
N ASN S 898 7.11 -104.94 11.56
CA ASN S 898 6.81 -106.35 11.73
C ASN S 898 6.05 -106.64 13.02
N VAL S 899 5.93 -105.68 13.92
CA VAL S 899 5.02 -105.81 15.06
C VAL S 899 3.68 -105.17 14.76
N TRP S 900 3.72 -103.92 14.27
CA TRP S 900 2.50 -103.15 14.04
C TRP S 900 1.60 -103.80 12.99
N TYR S 901 2.16 -104.22 11.86
CA TYR S 901 1.32 -104.80 10.84
C TYR S 901 0.94 -106.23 11.14
N ALA S 902 1.79 -107.00 11.81
CA ALA S 902 1.39 -108.32 12.25
C ALA S 902 0.34 -108.28 13.33
N ASP S 903 0.21 -107.16 14.03
CA ASP S 903 -0.84 -106.99 15.01
C ASP S 903 -2.08 -106.34 14.42
N ALA S 904 -1.96 -105.63 13.30
CA ALA S 904 -3.13 -105.03 12.66
C ALA S 904 -3.75 -105.91 11.59
N ILE S 905 -3.02 -106.87 11.05
CA ILE S 905 -3.58 -107.75 10.05
C ILE S 905 -4.44 -108.83 10.67
N TYR S 906 -4.01 -109.40 11.80
CA TYR S 906 -4.66 -110.58 12.36
C TYR S 906 -6.12 -110.41 12.82
N PRO S 907 -6.53 -109.37 13.56
CA PRO S 907 -7.97 -109.25 13.83
C PRO S 907 -8.76 -108.86 12.60
N MET S 908 -8.11 -108.28 11.60
CA MET S 908 -8.81 -107.96 10.36
C MET S 908 -9.09 -109.21 9.56
N TYR S 909 -8.12 -110.11 9.44
CA TYR S 909 -8.37 -111.36 8.74
C TYR S 909 -9.19 -112.32 9.58
N ALA S 910 -9.25 -112.12 10.89
CA ALA S 910 -10.09 -112.99 11.72
C ALA S 910 -11.57 -112.77 11.45
N ASP S 911 -11.95 -111.58 10.99
CA ASP S 911 -13.32 -111.33 10.58
C ASP S 911 -13.45 -111.33 9.07
N THR S 912 -12.79 -112.27 8.40
CA THR S 912 -12.89 -112.35 6.96
C THR S 912 -14.26 -112.87 6.53
N GLU S 913 -14.62 -112.55 5.30
CA GLU S 913 -15.87 -113.00 4.69
C GLU S 913 -15.64 -113.39 3.24
N VAL S 914 -14.39 -113.57 2.84
CA VAL S 914 -14.02 -113.87 1.46
C VAL S 914 -14.57 -115.22 1.04
N PHE S 915 -14.57 -116.18 1.97
CA PHE S 915 -15.05 -117.51 1.64
C PHE S 915 -16.56 -117.57 1.51
N SER S 916 -17.27 -116.57 2.04
CA SER S 916 -18.70 -116.47 1.76
C SER S 916 -18.99 -115.67 0.51
N ASN S 917 -18.18 -114.65 0.21
CA ASN S 917 -18.38 -113.90 -1.02
C ASN S 917 -18.06 -114.74 -2.25
N LEU S 918 -17.01 -115.56 -2.17
CA LEU S 918 -16.69 -116.47 -3.26
C LEU S 918 -17.74 -117.56 -3.41
N GLN S 919 -18.47 -117.87 -2.35
CA GLN S 919 -19.55 -118.85 -2.37
C GLN S 919 -20.87 -118.22 -2.78
N ARG S 920 -20.97 -116.90 -2.77
CA ARG S 920 -22.17 -116.23 -3.28
C ARG S 920 -22.05 -115.82 -4.74
N ASP S 921 -20.82 -115.55 -5.20
CA ASP S 921 -20.62 -115.15 -6.59
C ASP S 921 -20.95 -116.25 -7.59
N VAL S 922 -20.84 -117.52 -7.20
CA VAL S 922 -21.27 -118.61 -8.06
C VAL S 922 -22.78 -118.59 -8.26
N ILE S 923 -23.54 -118.30 -7.21
CA ILE S 923 -24.99 -118.22 -7.35
C ILE S 923 -25.39 -117.00 -8.19
N THR S 924 -24.67 -115.88 -8.01
CA THR S 924 -24.94 -114.69 -8.82
C THR S 924 -24.62 -114.96 -10.28
N CYS S 925 -23.56 -115.72 -10.55
CA CYS S 925 -23.23 -116.08 -11.92
C CYS S 925 -24.19 -117.11 -12.49
N GLU S 926 -24.76 -117.95 -11.64
CA GLU S 926 -25.56 -119.08 -12.10
C GLU S 926 -27.00 -118.68 -12.36
N ALA S 927 -27.49 -117.64 -11.68
CA ALA S 927 -28.82 -117.12 -11.96
C ALA S 927 -28.93 -116.48 -13.35
N VAL S 928 -27.81 -116.04 -13.93
CA VAL S 928 -27.85 -115.32 -15.20
C VAL S 928 -28.18 -116.26 -16.36
N GLN S 929 -27.65 -117.48 -16.34
CA GLN S 929 -28.01 -118.44 -17.39
C GLN S 929 -29.47 -118.84 -17.31
N THR S 930 -29.97 -119.05 -16.10
CA THR S 930 -31.36 -119.40 -15.93
C THR S 930 -32.28 -118.21 -16.16
N LEU S 931 -31.75 -117.01 -16.21
CA LEU S 931 -32.55 -115.89 -16.71
C LEU S 931 -32.54 -115.85 -18.23
N VAL S 932 -31.36 -115.87 -18.85
CA VAL S 932 -31.28 -115.65 -20.29
C VAL S 932 -31.80 -116.83 -21.09
N THR S 933 -31.81 -118.03 -20.52
CA THR S 933 -32.31 -119.18 -21.25
C THR S 933 -33.83 -119.30 -21.10
N LEU S 934 -34.34 -118.96 -19.91
CA LEU S 934 -35.78 -119.08 -19.69
C LEU S 934 -36.54 -117.91 -20.30
N VAL S 935 -35.95 -116.73 -20.40
CA VAL S 935 -36.71 -115.64 -21.01
C VAL S 935 -36.72 -115.76 -22.53
N ALA S 936 -35.74 -116.46 -23.10
CA ALA S 936 -35.70 -116.66 -24.54
C ALA S 936 -36.72 -117.67 -25.04
N GLN S 937 -37.34 -118.43 -24.13
CA GLN S 937 -38.39 -119.34 -24.54
C GLN S 937 -39.71 -118.61 -24.75
N ILE S 938 -40.03 -117.64 -23.90
CA ILE S 938 -41.30 -116.95 -24.02
C ILE S 938 -41.19 -115.69 -24.86
N SER S 939 -40.03 -115.07 -24.92
CA SER S 939 -39.89 -113.87 -25.74
C SER S 939 -39.31 -114.26 -27.08
N GLU S 940 -38.96 -113.27 -27.90
CA GLU S 940 -38.22 -113.50 -29.11
C GLU S 940 -36.89 -112.75 -29.03
N THR S 941 -35.80 -113.49 -29.15
CA THR S 941 -34.46 -112.92 -29.23
C THR S 941 -33.71 -113.60 -30.35
N GLN S 942 -32.49 -113.16 -30.57
CA GLN S 942 -31.59 -113.83 -31.51
C GLN S 942 -30.65 -114.79 -30.82
N TYR S 943 -30.71 -114.90 -29.49
CA TYR S 943 -29.86 -115.84 -28.76
C TYR S 943 -30.37 -117.26 -28.96
N PRO S 944 -29.58 -118.14 -29.55
CA PRO S 944 -30.07 -119.49 -29.84
C PRO S 944 -29.96 -120.41 -28.64
N VAL S 945 -31.10 -120.74 -28.04
CA VAL S 945 -31.11 -121.96 -27.25
C VAL S 945 -32.35 -122.79 -27.62
N ASP S 946 -32.23 -123.48 -28.76
CA ASP S 946 -32.63 -124.86 -29.02
C ASP S 946 -34.09 -125.25 -28.85
N ARG S 947 -34.95 -124.32 -28.40
CA ARG S 947 -36.41 -124.37 -28.46
C ARG S 947 -37.00 -125.70 -27.97
N TYR S 948 -36.84 -125.95 -26.68
CA TYR S 948 -37.11 -127.28 -26.17
C TYR S 948 -38.58 -127.59 -25.98
N LEU S 949 -39.46 -126.58 -25.97
CA LEU S 949 -40.89 -126.85 -26.03
C LEU S 949 -41.59 -125.70 -26.75
N ASP S 950 -42.28 -126.03 -27.83
CA ASP S 950 -42.99 -125.06 -28.65
C ASP S 950 -44.43 -125.42 -28.89
N TRP S 951 -44.83 -126.67 -28.66
CA TRP S 951 -46.23 -127.05 -28.84
C TRP S 951 -47.13 -126.42 -27.79
N ILE S 952 -46.59 -126.08 -26.64
CA ILE S 952 -47.34 -125.33 -25.62
C ILE S 952 -47.55 -123.91 -26.11
N PRO S 953 -48.78 -123.41 -26.14
CA PRO S 953 -49.02 -122.07 -26.69
C PRO S 953 -48.68 -120.96 -25.72
N SER S 954 -48.17 -119.85 -26.26
CA SER S 954 -47.92 -118.65 -25.49
C SER S 954 -47.96 -117.45 -26.42
N LEU S 955 -47.62 -116.29 -25.87
CA LEU S 955 -47.61 -115.05 -26.62
C LEU S 955 -46.18 -114.52 -26.70
N ARG S 956 -45.94 -113.69 -27.70
CA ARG S 956 -44.67 -112.99 -27.85
C ARG S 956 -44.64 -111.88 -26.82
N ALA S 957 -44.02 -112.14 -25.68
CA ALA S 957 -44.14 -111.27 -24.52
C ALA S 957 -43.33 -109.99 -24.70
N SER S 958 -43.87 -108.89 -24.19
CA SER S 958 -43.17 -107.62 -24.18
C SER S 958 -42.38 -107.49 -22.89
N ALA S 959 -41.84 -106.29 -22.65
CA ALA S 959 -40.88 -106.10 -21.58
C ALA S 959 -41.53 -106.18 -20.21
N ALA S 960 -42.77 -105.71 -20.09
CA ALA S 960 -43.46 -105.78 -18.80
C ALA S 960 -43.79 -107.22 -18.42
N THR S 961 -44.30 -108.00 -19.37
CA THR S 961 -44.61 -109.40 -19.12
C THR S 961 -43.34 -110.19 -18.82
N ALA S 962 -42.27 -109.93 -19.57
CA ALA S 962 -41.00 -110.61 -19.33
C ALA S 962 -40.40 -110.22 -18.00
N ALA S 963 -40.59 -108.97 -17.56
CA ALA S 963 -40.04 -108.56 -16.27
C ALA S 963 -40.82 -109.16 -15.12
N THR S 964 -42.15 -109.27 -15.26
CA THR S 964 -42.94 -109.98 -14.25
C THR S 964 -42.54 -111.45 -14.17
N PHE S 965 -42.28 -112.09 -15.31
CA PHE S 965 -41.83 -113.48 -15.30
C PHE S 965 -40.46 -113.63 -14.65
N ALA S 966 -39.53 -112.75 -15.02
CA ALA S 966 -38.19 -112.75 -14.47
C ALA S 966 -38.16 -112.44 -12.98
N GLU S 967 -39.15 -111.71 -12.46
CA GLU S 967 -39.22 -111.50 -11.02
C GLU S 967 -39.53 -112.80 -10.28
N TRP S 968 -40.43 -113.63 -10.83
CA TRP S 968 -40.70 -114.92 -10.21
C TRP S 968 -39.50 -115.85 -10.31
N VAL S 969 -38.80 -115.80 -11.45
CA VAL S 969 -37.56 -116.56 -11.59
C VAL S 969 -36.51 -116.11 -10.58
N ASN S 970 -36.48 -114.83 -10.25
CA ASN S 970 -35.60 -114.33 -9.21
C ASN S 970 -36.01 -114.84 -7.83
N THR S 971 -37.27 -114.62 -7.47
CA THR S 971 -37.68 -114.87 -6.09
C THR S 971 -37.77 -116.35 -5.76
N SER S 972 -37.93 -117.23 -6.75
CA SER S 972 -37.88 -118.65 -6.46
C SER S 972 -36.48 -119.09 -6.06
N MET S 973 -35.47 -118.61 -6.77
CA MET S 973 -34.08 -118.94 -6.43
C MET S 973 -33.65 -118.31 -5.12
N LYS S 974 -34.09 -117.07 -4.84
CA LYS S 974 -33.80 -116.48 -3.53
C LYS S 974 -34.47 -117.24 -2.39
N THR S 975 -35.74 -117.63 -2.57
CA THR S 975 -36.45 -118.37 -1.55
C THR S 975 -35.82 -119.73 -1.29
N ALA S 976 -35.34 -120.39 -2.33
CA ALA S 976 -34.75 -121.71 -2.11
C ALA S 976 -33.35 -121.63 -1.53
N PHE S 977 -32.51 -120.73 -2.03
CA PHE S 977 -31.15 -120.69 -1.53
C PHE S 977 -31.00 -119.84 -0.27
N ASP S 978 -32.10 -119.27 0.24
CA ASP S 978 -32.16 -118.54 1.51
C ASP S 978 -31.22 -117.33 1.49
N LEU S 979 -31.58 -116.39 0.62
CA LEU S 979 -30.92 -115.10 0.56
C LEU S 979 -31.91 -114.00 0.89
N SER S 980 -31.39 -112.85 1.26
CA SER S 980 -32.23 -111.71 1.61
C SER S 980 -31.81 -110.48 0.83
N ASP S 981 -30.52 -110.40 0.50
CA ASP S 981 -29.99 -109.24 -0.21
C ASP S 981 -30.24 -109.34 -1.71
N MET S 982 -29.52 -108.52 -2.47
CA MET S 982 -29.71 -108.44 -3.90
C MET S 982 -29.30 -109.73 -4.59
N LEU S 983 -30.09 -110.12 -5.59
CA LEU S 983 -29.71 -111.17 -6.53
C LEU S 983 -30.49 -110.90 -7.80
N LEU S 984 -29.78 -110.61 -8.89
CA LEU S 984 -30.27 -110.63 -10.26
C LEU S 984 -31.23 -109.48 -10.59
N GLU S 985 -31.67 -108.72 -9.59
CA GLU S 985 -32.67 -107.65 -9.75
C GLU S 985 -32.27 -106.34 -10.43
N PRO S 986 -30.99 -105.89 -10.49
CA PRO S 986 -30.69 -104.77 -11.41
C PRO S 986 -30.96 -105.07 -12.88
N LEU S 987 -31.00 -106.34 -13.28
CA LEU S 987 -31.41 -106.67 -14.63
C LEU S 987 -32.90 -106.51 -14.84
N LEU S 988 -33.69 -106.44 -13.77
CA LEU S 988 -35.15 -106.37 -13.91
C LEU S 988 -35.63 -105.01 -14.37
N SER S 989 -34.85 -103.96 -14.16
CA SER S 989 -35.31 -102.59 -14.42
C SER S 989 -35.18 -102.26 -15.89
N GLY S 990 -36.19 -102.63 -16.67
CA GLY S 990 -36.25 -102.20 -18.05
C GLY S 990 -35.48 -103.11 -18.97
N ASP S 991 -36.18 -103.64 -19.97
CA ASP S 991 -35.70 -104.60 -20.96
C ASP S 991 -35.06 -105.81 -20.31
N PRO S 992 -35.82 -106.74 -19.74
CA PRO S 992 -35.22 -108.00 -19.27
C PRO S 992 -34.98 -108.99 -20.38
N ARG S 993 -35.40 -108.70 -21.61
CA ARG S 993 -35.07 -109.52 -22.78
C ARG S 993 -33.61 -109.26 -23.15
N MET S 994 -32.72 -109.88 -22.39
CA MET S 994 -31.30 -109.64 -22.61
C MET S 994 -30.59 -110.97 -22.82
N THR S 995 -29.35 -110.87 -23.28
CA THR S 995 -28.62 -112.01 -23.79
C THR S 995 -27.30 -112.24 -23.06
N GLN S 996 -26.50 -111.20 -22.88
CA GLN S 996 -25.08 -111.41 -22.61
C GLN S 996 -24.52 -110.17 -21.92
N LEU S 997 -23.94 -110.36 -20.74
CA LEU S 997 -23.40 -109.22 -20.00
C LEU S 997 -22.12 -108.71 -20.65
N ALA S 998 -21.94 -107.40 -20.60
CA ALA S 998 -20.76 -106.76 -21.17
C ALA S 998 -20.59 -105.40 -20.50
N ILE S 999 -19.39 -104.86 -20.57
CA ILE S 999 -19.08 -103.59 -19.94
C ILE S 999 -18.01 -102.91 -20.79
N GLN S 1000 -18.12 -101.59 -20.91
CA GLN S 1000 -17.24 -100.86 -21.81
C GLN S 1000 -16.83 -99.55 -21.16
N TYR S 1001 -15.75 -98.97 -21.69
CA TYR S 1001 -15.42 -97.59 -21.40
C TYR S 1001 -14.70 -97.02 -22.61
N GLN S 1002 -14.84 -95.72 -22.82
CA GLN S 1002 -14.24 -95.07 -23.97
C GLN S 1002 -13.22 -94.04 -23.53
N GLN S 1003 -12.23 -93.82 -24.38
CA GLN S 1003 -11.23 -92.79 -24.16
C GLN S 1003 -11.77 -91.44 -24.63
N TYR S 1004 -10.90 -90.44 -24.75
CA TYR S 1004 -11.34 -89.20 -25.34
C TYR S 1004 -11.52 -89.35 -26.85
N ASN S 1005 -10.60 -90.03 -27.51
CA ASN S 1005 -10.64 -90.12 -28.96
C ASN S 1005 -11.59 -91.17 -29.50
N GLY S 1006 -12.50 -91.70 -28.69
CA GLY S 1006 -13.49 -92.63 -29.17
C GLY S 1006 -13.07 -94.09 -29.16
N ARG S 1007 -11.86 -94.39 -28.75
CA ARG S 1007 -11.43 -95.78 -28.63
C ARG S 1007 -12.11 -96.43 -27.44
N THR S 1008 -12.93 -97.43 -27.70
CA THR S 1008 -13.64 -98.15 -26.65
C THR S 1008 -12.93 -99.46 -26.36
N PHE S 1009 -13.17 -99.98 -25.16
CA PHE S 1009 -12.62 -101.26 -24.73
C PHE S 1009 -13.77 -102.15 -24.28
N ASN S 1010 -14.06 -103.17 -25.07
CA ASN S 1010 -15.11 -104.12 -24.74
C ASN S 1010 -14.48 -105.26 -23.95
N VAL S 1011 -15.05 -105.55 -22.79
CA VAL S 1011 -14.68 -106.72 -22.01
C VAL S 1011 -15.91 -107.61 -21.92
N ILE S 1012 -15.87 -108.74 -22.61
CA ILE S 1012 -16.97 -109.70 -22.59
C ILE S 1012 -16.47 -110.95 -21.88
N PRO S 1013 -16.85 -111.16 -20.62
CA PRO S 1013 -16.50 -112.42 -19.96
C PRO S 1013 -17.38 -113.55 -20.48
N GLU S 1014 -16.73 -114.61 -20.97
CA GLU S 1014 -17.47 -115.79 -21.40
C GLU S 1014 -17.97 -116.53 -20.18
N MET S 1015 -19.13 -117.18 -20.32
CA MET S 1015 -19.48 -117.84 -19.08
C MET S 1015 -19.36 -119.35 -19.25
N PRO S 1016 -18.81 -120.06 -18.27
CA PRO S 1016 -18.92 -121.52 -18.29
C PRO S 1016 -20.35 -121.95 -18.08
N GLY S 1017 -20.64 -123.18 -18.51
CA GLY S 1017 -22.00 -123.68 -18.46
C GLY S 1017 -22.43 -123.97 -17.04
N SER S 1018 -23.56 -123.40 -16.64
CA SER S 1018 -24.10 -123.64 -15.31
C SER S 1018 -24.96 -124.89 -15.32
N VAL S 1019 -25.32 -125.35 -14.11
CA VAL S 1019 -25.94 -126.65 -13.94
C VAL S 1019 -27.46 -126.55 -13.86
N ILE S 1020 -27.97 -125.51 -13.18
CA ILE S 1020 -29.41 -125.32 -13.11
C ILE S 1020 -29.99 -125.05 -14.50
N ALA S 1021 -29.26 -124.32 -15.35
CA ALA S 1021 -29.72 -124.04 -16.69
C ALA S 1021 -29.87 -125.30 -17.53
N ASP S 1022 -28.80 -126.07 -17.70
CA ASP S 1022 -28.96 -127.23 -18.56
C ASP S 1022 -29.69 -128.39 -17.89
N CYS S 1023 -29.87 -128.39 -16.57
CA CYS S 1023 -30.77 -129.38 -15.99
C CYS S 1023 -32.25 -129.02 -16.17
N VAL S 1024 -32.61 -127.73 -16.11
CA VAL S 1024 -33.96 -127.33 -16.49
C VAL S 1024 -34.20 -127.62 -17.96
N GLN S 1025 -33.22 -127.33 -18.79
CA GLN S 1025 -33.38 -127.59 -20.22
C GLN S 1025 -33.23 -129.08 -20.54
N LEU S 1026 -32.82 -129.90 -19.59
CA LEU S 1026 -32.94 -131.35 -19.78
C LEU S 1026 -34.32 -131.84 -19.37
N THR S 1027 -34.84 -131.36 -18.24
CA THR S 1027 -36.14 -131.83 -17.80
C THR S 1027 -37.26 -131.29 -18.67
N ALA S 1028 -37.01 -130.23 -19.46
CA ALA S 1028 -37.97 -129.85 -20.50
C ALA S 1028 -38.04 -130.91 -21.59
N GLU S 1029 -36.91 -131.48 -22.00
CA GLU S 1029 -36.92 -132.57 -22.96
C GLU S 1029 -37.47 -133.85 -22.36
N VAL S 1030 -37.40 -134.00 -21.04
CA VAL S 1030 -38.09 -135.12 -20.41
C VAL S 1030 -39.60 -134.88 -20.44
N PHE S 1031 -40.02 -133.63 -20.21
CA PHE S 1031 -41.43 -133.26 -20.24
C PHE S 1031 -42.04 -133.46 -21.63
N ASN S 1032 -41.23 -133.23 -22.67
CA ASN S 1032 -41.67 -133.40 -24.05
C ASN S 1032 -42.12 -134.82 -24.36
N HIS S 1033 -41.59 -135.81 -23.65
CA HIS S 1033 -42.05 -137.18 -23.83
C HIS S 1033 -43.01 -137.63 -22.74
N GLU S 1034 -42.84 -137.19 -21.49
CA GLU S 1034 -43.86 -137.46 -20.48
C GLU S 1034 -44.45 -136.14 -20.00
N TYR S 1035 -45.37 -135.64 -20.81
CA TYR S 1035 -46.22 -134.51 -20.50
C TYR S 1035 -47.43 -134.89 -19.67
N ASN S 1036 -47.85 -136.16 -19.74
CA ASN S 1036 -49.08 -136.57 -19.08
C ASN S 1036 -48.94 -136.60 -17.57
N LEU S 1037 -47.73 -136.85 -17.06
CA LEU S 1037 -47.57 -137.00 -15.63
C LEU S 1037 -47.71 -135.68 -14.90
N PHE S 1038 -47.44 -134.57 -15.58
CA PHE S 1038 -47.53 -133.27 -14.94
C PHE S 1038 -48.90 -132.63 -15.15
N GLY S 1039 -49.90 -133.43 -15.52
CA GLY S 1039 -51.27 -132.94 -15.61
C GLY S 1039 -51.63 -132.20 -16.87
N ILE S 1040 -50.87 -132.38 -17.95
CA ILE S 1040 -51.06 -131.66 -19.21
C ILE S 1040 -51.23 -132.70 -20.31
N ALA S 1041 -52.13 -132.44 -21.25
CA ALA S 1041 -52.28 -133.26 -22.44
C ALA S 1041 -51.88 -132.47 -23.68
N ARG S 1042 -51.48 -133.18 -24.72
CA ARG S 1042 -51.16 -132.58 -26.00
C ARG S 1042 -52.32 -132.74 -26.97
N GLY S 1043 -52.13 -132.22 -28.18
CA GLY S 1043 -53.14 -132.33 -29.21
C GLY S 1043 -54.31 -131.41 -28.96
N ASP S 1044 -55.53 -131.90 -29.20
CA ASP S 1044 -56.72 -131.09 -29.02
C ASP S 1044 -57.92 -132.01 -28.78
N ILE S 1045 -59.09 -131.41 -28.71
CA ILE S 1045 -60.30 -132.13 -28.32
C ILE S 1045 -61.27 -132.15 -29.49
N ILE S 1046 -62.31 -132.98 -29.36
CA ILE S 1046 -63.41 -133.04 -30.31
C ILE S 1046 -64.71 -133.06 -29.52
N ILE S 1047 -65.55 -132.06 -29.70
CA ILE S 1047 -66.84 -131.97 -29.02
C ILE S 1047 -67.92 -132.49 -29.94
N GLY S 1048 -68.66 -133.49 -29.49
CA GLY S 1048 -69.77 -133.99 -30.27
C GLY S 1048 -70.42 -135.19 -29.61
N ARG S 1049 -71.66 -135.43 -30.00
CA ARG S 1049 -72.47 -136.47 -29.37
C ARG S 1049 -72.03 -137.84 -29.85
N VAL S 1050 -71.59 -138.68 -28.92
CA VAL S 1050 -71.26 -140.07 -29.19
C VAL S 1050 -72.01 -140.91 -28.16
N GLN S 1051 -72.99 -141.69 -28.62
CA GLN S 1051 -73.86 -142.48 -27.76
C GLN S 1051 -73.74 -143.93 -28.16
N SER S 1052 -73.06 -144.73 -27.34
CA SER S 1052 -72.95 -146.16 -27.57
C SER S 1052 -72.62 -146.84 -26.27
N THR S 1053 -72.85 -148.16 -26.23
CA THR S 1053 -72.51 -148.96 -25.06
C THR S 1053 -71.06 -149.41 -25.06
N HIS S 1054 -70.30 -149.08 -26.10
CA HIS S 1054 -68.87 -149.38 -26.11
C HIS S 1054 -68.14 -148.53 -25.09
N LEU S 1055 -67.29 -149.17 -24.30
CA LEU S 1055 -66.39 -148.51 -23.38
C LEU S 1055 -65.00 -148.50 -23.99
N TRP S 1056 -64.43 -147.31 -24.13
CA TRP S 1056 -63.09 -147.21 -24.70
C TRP S 1056 -62.23 -146.10 -24.12
N SER S 1057 -62.64 -145.46 -23.03
CA SER S 1057 -61.82 -144.51 -22.26
C SER S 1057 -61.29 -143.33 -23.06
N PRO S 1058 -62.06 -142.23 -23.18
CA PRO S 1058 -61.71 -141.10 -24.06
C PRO S 1058 -60.33 -140.42 -23.94
N LEU S 1059 -59.43 -140.89 -23.08
CA LEU S 1059 -58.03 -140.51 -23.24
C LEU S 1059 -57.37 -141.18 -24.45
N ALA S 1060 -57.96 -142.24 -24.98
CA ALA S 1060 -57.37 -142.98 -26.10
C ALA S 1060 -58.42 -143.22 -27.18
N PRO S 1061 -58.56 -142.31 -28.13
CA PRO S 1061 -59.63 -142.44 -29.14
C PRO S 1061 -59.27 -143.43 -30.23
N PRO S 1062 -60.27 -144.13 -30.75
CA PRO S 1062 -60.06 -144.95 -31.96
C PRO S 1062 -60.06 -144.07 -33.19
N PRO S 1063 -59.46 -144.52 -34.30
CA PRO S 1063 -59.38 -143.64 -35.49
C PRO S 1063 -60.69 -143.50 -36.24
N ASP S 1064 -61.73 -144.25 -35.87
CA ASP S 1064 -62.97 -144.26 -36.62
C ASP S 1064 -63.79 -142.98 -36.45
N LEU S 1065 -63.47 -142.13 -35.47
CA LEU S 1065 -64.29 -140.96 -35.24
C LEU S 1065 -63.50 -139.70 -34.95
N VAL S 1066 -62.24 -139.64 -35.37
CA VAL S 1066 -61.47 -138.40 -35.35
C VAL S 1066 -61.26 -137.95 -36.79
N PHE S 1067 -60.90 -136.68 -36.94
CA PHE S 1067 -60.71 -136.10 -38.25
C PHE S 1067 -59.72 -134.95 -38.13
N ASP S 1068 -59.29 -134.44 -39.28
CA ASP S 1068 -58.31 -133.36 -39.31
C ASP S 1068 -58.49 -132.57 -40.60
N ARG S 1069 -57.48 -131.77 -40.95
CA ARG S 1069 -57.49 -131.03 -42.21
C ARG S 1069 -57.35 -131.97 -43.40
N ASP S 1070 -56.72 -133.12 -43.22
CA ASP S 1070 -56.60 -134.11 -44.28
C ASP S 1070 -57.96 -134.73 -44.61
N THR S 1071 -58.85 -134.82 -43.63
CA THR S 1071 -60.13 -135.50 -43.79
C THR S 1071 -61.02 -134.77 -44.78
N PRO S 1072 -61.50 -135.42 -45.83
CA PRO S 1072 -62.30 -134.70 -46.84
C PRO S 1072 -63.69 -134.37 -46.32
N GLY S 1073 -64.16 -133.18 -46.65
CA GLY S 1073 -65.47 -132.74 -46.25
C GLY S 1073 -65.47 -132.13 -44.86
N VAL S 1074 -64.41 -131.40 -44.53
CA VAL S 1074 -64.26 -130.75 -43.23
C VAL S 1074 -64.01 -129.27 -43.48
N HIS S 1075 -64.82 -128.42 -42.88
CA HIS S 1075 -64.70 -126.98 -43.05
C HIS S 1075 -63.84 -126.38 -41.94
N ILE S 1076 -63.01 -125.40 -42.31
CA ILE S 1076 -62.03 -124.80 -41.41
C ILE S 1076 -62.36 -123.33 -41.24
N PHE S 1077 -62.50 -122.89 -39.99
CA PHE S 1077 -62.89 -121.51 -39.72
C PHE S 1077 -61.73 -120.80 -39.04
N GLY S 1078 -61.30 -119.68 -39.62
CA GLY S 1078 -60.29 -118.88 -38.97
C GLY S 1078 -60.53 -117.38 -38.96
N ARG S 1079 -60.75 -116.82 -37.77
CA ARG S 1079 -60.72 -115.40 -37.42
C ARG S 1079 -61.90 -114.60 -38.01
N ASP S 1080 -62.63 -115.19 -38.94
CA ASP S 1080 -63.69 -114.50 -39.66
C ASP S 1080 -64.82 -115.49 -39.81
N CYS S 1081 -65.72 -115.50 -38.82
CA CYS S 1081 -66.89 -116.37 -38.84
C CYS S 1081 -68.09 -115.50 -38.51
N ARG S 1082 -68.91 -115.22 -39.51
CA ARG S 1082 -70.08 -114.38 -39.33
C ARG S 1082 -71.32 -115.25 -39.51
N ILE S 1083 -72.28 -115.08 -38.61
CA ILE S 1083 -73.43 -115.98 -38.52
C ILE S 1083 -74.67 -115.22 -38.98
N SER S 1084 -75.34 -115.74 -40.00
CA SER S 1084 -76.60 -115.20 -40.49
C SER S 1084 -77.71 -116.19 -40.18
N PHE S 1085 -78.76 -115.70 -39.53
CA PHE S 1085 -79.92 -116.54 -39.28
C PHE S 1085 -80.67 -116.82 -40.57
N GLY S 1086 -81.17 -118.04 -40.71
CA GLY S 1086 -81.98 -118.38 -41.86
C GLY S 1086 -83.37 -117.77 -41.74
N MET S 1087 -83.82 -117.16 -42.84
CA MET S 1087 -85.08 -116.46 -42.88
C MET S 1087 -86.18 -117.38 -43.42
N ASN S 1088 -87.34 -117.34 -42.74
CA ASN S 1088 -88.57 -118.02 -43.16
C ASN S 1088 -88.39 -119.53 -43.25
N GLY S 1089 -87.61 -120.09 -42.34
CA GLY S 1089 -87.39 -121.51 -42.29
C GLY S 1089 -86.10 -122.00 -42.90
N ALA S 1090 -85.21 -121.09 -43.30
CA ALA S 1090 -83.93 -121.51 -43.82
C ALA S 1090 -82.98 -121.85 -42.68
N ALA S 1091 -81.96 -122.61 -43.00
CA ALA S 1091 -81.00 -122.97 -41.95
C ALA S 1091 -80.04 -121.81 -41.74
N PRO S 1092 -79.66 -121.53 -40.50
CA PRO S 1092 -78.66 -120.49 -40.24
C PRO S 1092 -77.28 -120.91 -40.69
N MET S 1093 -76.49 -119.95 -41.15
CA MET S 1093 -75.22 -120.24 -41.81
C MET S 1093 -74.08 -119.46 -41.18
N ILE S 1094 -72.86 -119.94 -41.42
CA ILE S 1094 -71.63 -119.38 -40.87
C ILE S 1094 -70.55 -119.46 -41.95
N ARG S 1095 -69.63 -118.51 -41.94
CA ARG S 1095 -68.70 -118.32 -43.05
C ARG S 1095 -67.44 -119.19 -42.92
N ASP S 1096 -67.13 -119.92 -44.00
CA ASP S 1096 -65.91 -120.67 -44.15
C ASP S 1096 -64.71 -119.71 -44.27
N GLU S 1097 -63.50 -120.25 -44.15
CA GLU S 1097 -62.32 -119.42 -44.40
C GLU S 1097 -62.14 -119.12 -45.87
N THR S 1098 -62.73 -119.94 -46.75
CA THR S 1098 -62.66 -119.67 -48.18
C THR S 1098 -63.61 -118.56 -48.58
N GLY S 1099 -64.83 -118.59 -48.05
CA GLY S 1099 -65.81 -117.57 -48.37
C GLY S 1099 -67.23 -118.10 -48.47
N MET S 1100 -67.36 -119.42 -48.51
CA MET S 1100 -68.68 -120.02 -48.58
C MET S 1100 -69.38 -119.95 -47.22
N MET S 1101 -70.70 -119.84 -47.24
CA MET S 1101 -71.51 -119.98 -46.04
C MET S 1101 -71.95 -121.43 -45.91
N VAL S 1102 -71.81 -122.00 -44.72
CA VAL S 1102 -72.16 -123.40 -44.51
C VAL S 1102 -73.20 -123.54 -43.40
N PRO S 1103 -74.11 -124.52 -43.47
CA PRO S 1103 -75.08 -124.70 -42.38
C PRO S 1103 -74.46 -125.33 -41.15
N PHE S 1104 -75.24 -125.55 -40.10
CA PHE S 1104 -74.69 -126.00 -38.82
C PHE S 1104 -74.61 -127.53 -38.72
N GLU S 1105 -73.97 -128.17 -39.69
CA GLU S 1105 -73.82 -129.62 -39.67
C GLU S 1105 -72.41 -129.98 -40.07
N GLY S 1106 -72.02 -131.22 -39.76
CA GLY S 1106 -70.76 -131.76 -40.24
C GLY S 1106 -69.59 -131.67 -39.28
N ASN S 1107 -68.38 -131.68 -39.83
CA ASN S 1107 -67.15 -131.70 -39.05
C ASN S 1107 -66.42 -130.38 -39.26
N TRP S 1108 -66.15 -129.67 -38.17
CA TRP S 1108 -65.51 -128.37 -38.25
C TRP S 1108 -64.19 -128.38 -37.47
N ILE S 1109 -63.41 -127.31 -37.66
CA ILE S 1109 -62.13 -127.14 -36.97
C ILE S 1109 -62.04 -125.70 -36.47
N PHE S 1110 -61.90 -125.52 -35.16
CA PHE S 1110 -61.72 -124.19 -34.57
C PHE S 1110 -60.34 -124.06 -33.98
N PRO S 1111 -59.75 -122.87 -34.04
CA PRO S 1111 -58.85 -122.45 -32.96
C PRO S 1111 -59.69 -122.07 -31.76
N LEU S 1112 -59.07 -122.14 -30.58
CA LEU S 1112 -59.80 -121.74 -29.38
C LEU S 1112 -60.03 -120.23 -29.34
N ALA S 1113 -59.21 -119.45 -30.06
CA ALA S 1113 -59.36 -118.00 -30.04
C ALA S 1113 -60.70 -117.55 -30.60
N LEU S 1114 -61.31 -118.33 -31.51
CA LEU S 1114 -62.63 -118.01 -32.03
C LEU S 1114 -63.69 -118.05 -30.93
N TRP S 1115 -63.71 -119.14 -30.17
CA TRP S 1115 -64.66 -119.24 -29.05
C TRP S 1115 -64.34 -118.20 -27.98
N GLN S 1116 -63.06 -117.99 -27.71
CA GLN S 1116 -62.68 -117.08 -26.65
C GLN S 1116 -62.99 -115.63 -27.02
N MET S 1117 -63.02 -115.31 -28.31
CA MET S 1117 -63.62 -114.06 -28.76
C MET S 1117 -65.12 -114.05 -28.49
N ASN S 1118 -65.81 -115.09 -28.94
CA ASN S 1118 -67.27 -115.13 -28.84
C ASN S 1118 -67.68 -116.31 -27.98
N THR S 1119 -67.63 -116.11 -26.66
CA THR S 1119 -67.99 -117.13 -25.69
C THR S 1119 -69.45 -117.08 -25.26
N ARG S 1120 -70.14 -115.98 -25.50
CA ARG S 1120 -71.56 -115.89 -25.18
C ARG S 1120 -72.44 -115.88 -26.40
N TYR S 1121 -71.95 -115.39 -27.53
CA TYR S 1121 -72.76 -115.41 -28.74
C TYR S 1121 -72.85 -116.83 -29.29
N PHE S 1122 -71.76 -117.59 -29.18
CA PHE S 1122 -71.77 -118.93 -29.77
C PHE S 1122 -72.50 -119.94 -28.91
N ASN S 1123 -72.61 -119.68 -27.60
CA ASN S 1123 -73.40 -120.55 -26.74
C ASN S 1123 -74.88 -120.49 -27.08
N GLN S 1124 -75.36 -119.30 -27.45
CA GLN S 1124 -76.75 -119.18 -27.88
C GLN S 1124 -76.97 -119.88 -29.22
N GLN S 1125 -75.94 -119.95 -30.06
CA GLN S 1125 -76.11 -120.46 -31.41
C GLN S 1125 -75.90 -121.96 -31.51
N PHE S 1126 -74.92 -122.51 -30.80
CA PHE S 1126 -74.49 -123.86 -31.13
C PHE S 1126 -74.90 -124.92 -30.12
N ASP S 1127 -75.30 -124.54 -28.90
CA ASP S 1127 -75.52 -125.53 -27.86
C ASP S 1127 -76.75 -126.38 -28.12
N ALA S 1128 -77.73 -125.86 -28.86
CA ALA S 1128 -78.85 -126.69 -29.25
C ALA S 1128 -78.51 -127.63 -30.39
N TRP S 1129 -77.44 -127.34 -31.14
CA TRP S 1129 -77.06 -128.18 -32.26
C TRP S 1129 -76.02 -129.23 -31.89
N ILE S 1130 -75.21 -128.96 -30.87
CA ILE S 1130 -74.24 -129.96 -30.43
C ILE S 1130 -74.92 -131.06 -29.63
N LYS S 1131 -75.92 -130.68 -28.82
CA LYS S 1131 -76.50 -131.60 -27.86
C LYS S 1131 -77.34 -132.68 -28.55
N THR S 1132 -78.30 -132.27 -29.38
CA THR S 1132 -79.19 -133.23 -30.01
C THR S 1132 -79.02 -133.34 -31.52
N GLY S 1133 -78.38 -132.36 -32.16
CA GLY S 1133 -78.17 -132.40 -33.60
C GLY S 1133 -76.93 -133.18 -33.97
N GLU S 1134 -76.34 -132.83 -35.11
CA GLU S 1134 -75.20 -133.56 -35.66
C GLU S 1134 -74.12 -132.53 -35.99
N LEU S 1135 -73.29 -132.21 -35.01
CA LEU S 1135 -72.24 -131.21 -35.20
C LEU S 1135 -71.01 -131.63 -34.41
N ARG S 1136 -69.89 -131.73 -35.10
CA ARG S 1136 -68.61 -132.07 -34.47
C ARG S 1136 -67.67 -130.89 -34.61
N ILE S 1137 -67.14 -130.42 -33.49
CA ILE S 1137 -66.23 -129.29 -33.45
C ILE S 1137 -64.93 -129.75 -32.83
N ARG S 1138 -63.84 -129.62 -33.57
CA ARG S 1138 -62.50 -129.92 -33.09
C ARG S 1138 -61.81 -128.61 -32.77
N ILE S 1139 -61.67 -128.30 -31.49
CA ILE S 1139 -61.10 -127.03 -31.04
C ILE S 1139 -59.59 -127.22 -30.86
N GLU S 1140 -58.80 -126.62 -31.75
CA GLU S 1140 -57.35 -126.75 -31.71
C GLU S 1140 -56.78 -125.99 -30.51
N MET S 1141 -56.05 -126.68 -29.65
CA MET S 1141 -55.48 -125.99 -28.50
C MET S 1141 -53.97 -126.16 -28.38
N GLY S 1142 -53.45 -127.37 -28.58
CA GLY S 1142 -52.06 -127.64 -28.28
C GLY S 1142 -51.86 -128.20 -26.88
N ALA S 1143 -52.23 -127.43 -25.87
CA ALA S 1143 -52.06 -127.84 -24.48
C ALA S 1143 -53.30 -127.50 -23.68
N TYR S 1144 -53.63 -128.34 -22.72
CA TYR S 1144 -54.80 -128.13 -21.86
C TYR S 1144 -54.71 -128.99 -20.62
N PRO S 1145 -54.97 -128.42 -19.44
CA PRO S 1145 -55.06 -129.23 -18.23
C PRO S 1145 -56.41 -129.92 -18.17
N TYR S 1146 -56.42 -131.13 -17.62
CA TYR S 1146 -57.61 -131.96 -17.64
C TYR S 1146 -57.94 -132.44 -16.25
N MET S 1147 -59.25 -132.54 -15.98
CA MET S 1147 -59.78 -133.16 -14.77
C MET S 1147 -60.77 -134.22 -15.20
N LEU S 1148 -60.51 -135.47 -14.83
CA LEU S 1148 -61.27 -136.60 -15.33
C LEU S 1148 -62.15 -137.19 -14.23
N HIS S 1149 -63.40 -137.47 -14.57
CA HIS S 1149 -64.36 -138.12 -13.70
C HIS S 1149 -64.54 -139.56 -14.15
N TYR S 1150 -64.85 -140.43 -13.20
CA TYR S 1150 -65.11 -141.82 -13.56
C TYR S 1150 -66.59 -142.10 -13.40
N TYR S 1151 -67.07 -143.12 -14.10
CA TYR S 1151 -68.47 -143.50 -14.00
C TYR S 1151 -68.58 -145.02 -13.96
N ASP S 1152 -69.63 -145.48 -13.31
CA ASP S 1152 -69.94 -146.90 -13.28
C ASP S 1152 -70.49 -147.30 -14.63
N PRO S 1153 -69.86 -148.21 -15.36
CA PRO S 1153 -70.34 -148.55 -16.71
C PRO S 1153 -71.60 -149.39 -16.74
N ARG S 1154 -72.12 -149.83 -15.61
CA ARG S 1154 -73.39 -150.54 -15.57
C ARG S 1154 -74.57 -149.61 -15.33
N GLN S 1155 -74.33 -148.30 -15.36
CA GLN S 1155 -75.36 -147.30 -15.11
C GLN S 1155 -75.50 -146.38 -16.32
N TYR S 1156 -76.45 -145.46 -16.23
CA TYR S 1156 -76.61 -144.44 -17.24
C TYR S 1156 -75.65 -143.29 -16.97
N ALA S 1157 -75.17 -142.67 -18.03
CA ALA S 1157 -74.22 -141.57 -17.88
C ALA S 1157 -74.40 -140.57 -19.02
N ASN S 1158 -74.59 -139.31 -18.65
CA ASN S 1158 -74.78 -138.22 -19.60
C ASN S 1158 -73.86 -137.09 -19.17
N ALA S 1159 -73.03 -136.62 -20.10
CA ALA S 1159 -71.99 -135.64 -19.79
C ALA S 1159 -72.34 -134.24 -20.26
N TRP S 1160 -73.62 -133.94 -20.53
CA TRP S 1160 -73.96 -132.60 -20.96
C TRP S 1160 -73.83 -131.60 -19.84
N ASN S 1161 -74.14 -132.01 -18.61
CA ASN S 1161 -74.05 -131.11 -17.47
C ASN S 1161 -72.63 -130.78 -17.08
N LEU S 1162 -71.64 -131.51 -17.61
CA LEU S 1162 -70.23 -131.18 -17.48
C LEU S 1162 -69.70 -130.43 -18.69
N THR S 1163 -70.09 -130.88 -19.89
CA THR S 1163 -69.61 -130.27 -21.12
C THR S 1163 -70.13 -128.84 -21.26
N SER S 1164 -71.44 -128.64 -21.10
CA SER S 1164 -72.01 -127.30 -21.14
C SER S 1164 -71.51 -126.44 -20.00
N ALA S 1165 -71.21 -127.03 -18.84
CA ALA S 1165 -70.64 -126.25 -17.75
C ALA S 1165 -69.24 -125.77 -18.09
N TRP S 1166 -68.50 -126.54 -18.86
CA TRP S 1166 -67.19 -126.05 -19.31
C TRP S 1166 -67.34 -124.97 -20.38
N LEU S 1167 -68.25 -125.20 -21.33
CA LEU S 1167 -68.43 -124.29 -22.45
C LEU S 1167 -69.03 -122.95 -22.05
N GLU S 1168 -69.82 -122.90 -20.98
CA GLU S 1168 -70.32 -121.62 -20.50
C GLU S 1168 -69.27 -120.86 -19.70
N GLU S 1169 -68.23 -121.54 -19.23
CA GLU S 1169 -67.26 -120.91 -18.34
C GLU S 1169 -65.95 -120.54 -19.01
N ILE S 1170 -65.62 -121.09 -20.17
CA ILE S 1170 -64.40 -120.63 -20.83
C ILE S 1170 -64.65 -119.24 -21.40
N THR S 1171 -63.78 -118.30 -21.03
CA THR S 1171 -64.04 -116.87 -20.98
C THR S 1171 -62.91 -116.16 -21.70
N PRO S 1172 -63.08 -114.88 -22.12
CA PRO S 1172 -61.99 -114.15 -22.81
C PRO S 1172 -60.62 -114.06 -22.15
N THR S 1173 -60.49 -114.42 -20.89
CA THR S 1173 -59.19 -114.45 -20.25
C THR S 1173 -58.71 -115.85 -19.93
N SER S 1174 -59.57 -116.71 -19.39
CA SER S 1174 -59.09 -117.96 -18.80
C SER S 1174 -59.93 -119.14 -19.28
N ILE S 1175 -59.53 -120.33 -18.84
CA ILE S 1175 -60.12 -121.61 -19.23
C ILE S 1175 -60.14 -122.54 -18.03
N PRO S 1176 -61.28 -123.10 -17.64
CA PRO S 1176 -61.25 -124.19 -16.66
C PRO S 1176 -60.88 -125.51 -17.29
N SER S 1177 -60.42 -126.43 -16.44
CA SER S 1177 -59.86 -127.69 -16.89
C SER S 1177 -60.90 -128.56 -17.57
N VAL S 1178 -60.48 -129.24 -18.63
CA VAL S 1178 -61.40 -129.93 -19.54
C VAL S 1178 -61.96 -131.19 -18.88
N PRO S 1179 -63.27 -131.30 -18.70
CA PRO S 1179 -63.82 -132.48 -18.01
C PRO S 1179 -63.89 -133.68 -18.94
N PHE S 1180 -63.28 -134.78 -18.51
CA PHE S 1180 -63.36 -136.06 -19.20
C PHE S 1180 -64.27 -136.98 -18.42
N MET S 1181 -64.57 -138.12 -19.04
CA MET S 1181 -65.48 -139.08 -18.40
C MET S 1181 -65.11 -140.46 -18.92
N VAL S 1182 -64.26 -141.17 -18.17
CA VAL S 1182 -63.79 -142.48 -18.61
C VAL S 1182 -64.41 -143.55 -17.73
N PRO S 1183 -64.60 -144.77 -18.21
CA PRO S 1183 -65.22 -145.78 -17.35
C PRO S 1183 -64.27 -146.44 -16.36
N ILE S 1184 -64.77 -147.45 -15.66
CA ILE S 1184 -64.03 -148.11 -14.59
C ILE S 1184 -63.79 -149.55 -15.01
N SER S 1185 -62.55 -150.02 -14.85
CA SER S 1185 -62.22 -151.40 -15.16
C SER S 1185 -62.86 -152.35 -14.15
N SER S 1186 -62.95 -153.62 -14.52
CA SER S 1186 -63.53 -154.62 -13.65
C SER S 1186 -62.95 -155.99 -14.00
N ASP S 1187 -62.99 -156.90 -13.04
CA ASP S 1187 -62.39 -158.22 -13.20
C ASP S 1187 -63.39 -159.30 -13.57
N HIS S 1188 -64.68 -159.02 -13.48
CA HIS S 1188 -65.72 -159.93 -13.94
C HIS S 1188 -66.58 -159.22 -14.97
N ASP S 1189 -67.38 -159.99 -15.69
CA ASP S 1189 -68.21 -159.40 -16.73
C ASP S 1189 -69.35 -158.59 -16.12
N ILE S 1190 -69.70 -157.51 -16.80
CA ILE S 1190 -70.67 -156.56 -16.28
C ILE S 1190 -71.88 -156.50 -17.19
N SER S 1191 -72.87 -155.69 -16.81
CA SER S 1191 -74.07 -155.48 -17.61
C SER S 1191 -73.90 -154.21 -18.43
N SER S 1192 -74.09 -154.34 -19.74
CA SER S 1192 -73.93 -153.20 -20.63
C SER S 1192 -75.05 -152.19 -20.45
N ALA S 1193 -74.70 -150.91 -20.48
CA ALA S 1193 -75.64 -149.83 -20.27
C ALA S 1193 -75.28 -148.67 -21.19
N PRO S 1194 -76.29 -147.98 -21.75
CA PRO S 1194 -75.98 -146.88 -22.67
C PRO S 1194 -75.44 -145.66 -21.92
N ALA S 1195 -74.29 -145.18 -22.36
CA ALA S 1195 -73.67 -143.99 -21.78
C ALA S 1195 -73.21 -143.11 -22.92
N VAL S 1196 -73.62 -141.85 -22.89
CA VAL S 1196 -73.31 -140.89 -23.94
C VAL S 1196 -72.26 -139.93 -23.42
N GLN S 1197 -71.22 -139.69 -24.23
CA GLN S 1197 -70.13 -138.81 -23.86
C GLN S 1197 -69.85 -137.85 -24.99
N TYR S 1198 -69.29 -136.69 -24.64
CA TYR S 1198 -69.22 -135.54 -25.54
C TYR S 1198 -67.80 -135.07 -25.83
N ILE S 1199 -66.90 -135.08 -24.85
CA ILE S 1199 -65.57 -134.55 -25.02
C ILE S 1199 -64.58 -135.70 -25.05
N ILE S 1200 -63.81 -135.79 -26.14
CA ILE S 1200 -62.75 -136.77 -26.28
C ILE S 1200 -61.44 -136.02 -26.53
N SER S 1201 -60.35 -136.77 -26.56
CA SER S 1201 -59.06 -136.24 -26.99
C SER S 1201 -58.79 -136.65 -28.43
N THR S 1202 -57.61 -136.29 -28.93
CA THR S 1202 -57.23 -136.60 -30.30
C THR S 1202 -56.16 -137.67 -30.38
N GLU S 1203 -55.14 -137.60 -29.53
CA GLU S 1203 -54.10 -138.59 -29.51
C GLU S 1203 -54.01 -139.21 -28.13
N TYR S 1204 -53.07 -140.15 -27.99
CA TYR S 1204 -52.96 -140.99 -26.81
C TYR S 1204 -52.44 -140.17 -25.64
N ASN S 1205 -53.34 -139.80 -24.72
CA ASN S 1205 -52.95 -139.10 -23.51
C ASN S 1205 -53.06 -139.99 -22.28
N ASP S 1206 -53.22 -141.29 -22.48
CA ASP S 1206 -53.43 -142.24 -21.38
C ASP S 1206 -52.10 -142.85 -20.93
N ARG S 1207 -51.12 -142.01 -20.64
CA ARG S 1207 -49.82 -142.50 -20.20
C ARG S 1207 -49.68 -142.49 -18.69
N SER S 1208 -50.36 -141.59 -18.00
CA SER S 1208 -50.25 -141.48 -16.55
C SER S 1208 -50.83 -142.68 -15.82
N LEU S 1209 -51.67 -143.47 -16.48
CA LEU S 1209 -52.30 -144.64 -15.88
C LEU S 1209 -51.23 -145.68 -15.56
N PHE S 1210 -51.08 -146.03 -14.29
CA PHE S 1210 -50.08 -147.02 -13.91
C PHE S 1210 -50.58 -148.43 -14.17
N CYS S 1211 -51.65 -148.84 -13.49
CA CYS S 1211 -52.19 -150.18 -13.68
C CYS S 1211 -53.66 -150.18 -13.30
N THR S 1212 -54.38 -151.15 -13.85
CA THR S 1212 -55.79 -151.37 -13.53
C THR S 1212 -55.92 -152.67 -12.77
N ASN S 1213 -56.75 -152.63 -11.71
CA ASN S 1213 -57.17 -153.70 -10.79
C ASN S 1213 -56.09 -154.74 -10.50
N SER S 1214 -54.98 -154.27 -9.92
CA SER S 1214 -53.76 -155.03 -9.75
C SER S 1214 -53.94 -156.25 -8.86
N SER S 1215 -54.95 -156.27 -8.00
CA SER S 1215 -55.20 -157.44 -7.17
C SER S 1215 -55.82 -158.59 -7.93
N SER S 1216 -56.44 -158.31 -9.06
CA SER S 1216 -57.18 -159.30 -9.82
C SER S 1216 -56.24 -160.12 -10.70
N PRO S 1217 -56.68 -161.29 -11.18
CA PRO S 1217 -55.86 -162.00 -12.17
C PRO S 1217 -55.81 -161.33 -13.52
N GLN S 1218 -56.94 -160.80 -14.01
CA GLN S 1218 -56.95 -160.08 -15.27
C GLN S 1218 -58.10 -159.08 -15.25
N THR S 1219 -58.34 -158.44 -16.40
CA THR S 1219 -59.39 -157.43 -16.53
C THR S 1219 -60.28 -157.82 -17.70
N ILE S 1220 -61.53 -158.17 -17.42
CA ILE S 1220 -62.44 -158.60 -18.47
C ILE S 1220 -62.98 -157.39 -19.23
N ALA S 1221 -63.57 -156.44 -18.52
CA ALA S 1221 -64.08 -155.24 -19.14
C ALA S 1221 -63.42 -154.02 -18.51
N GLY S 1222 -63.15 -153.02 -19.34
CA GLY S 1222 -62.45 -151.84 -18.91
C GLY S 1222 -61.22 -151.60 -19.76
N PRO S 1223 -60.61 -150.44 -19.64
CA PRO S 1223 -59.33 -150.21 -20.31
C PRO S 1223 -58.21 -151.02 -19.66
N ASP S 1224 -57.79 -152.09 -20.32
CA ASP S 1224 -56.80 -152.99 -19.77
C ASP S 1224 -55.41 -152.40 -19.90
N LYS S 1225 -54.63 -152.48 -18.82
CA LYS S 1225 -53.25 -152.00 -18.81
C LYS S 1225 -52.53 -152.69 -17.67
N HIS S 1226 -51.48 -153.44 -17.99
CA HIS S 1226 -50.73 -154.17 -16.97
C HIS S 1226 -49.69 -153.25 -16.35
N ILE S 1227 -48.79 -153.84 -15.58
CA ILE S 1227 -47.69 -153.08 -14.95
C ILE S 1227 -46.74 -152.60 -16.04
N PRO S 1228 -46.35 -151.33 -16.05
CA PRO S 1228 -45.42 -150.86 -17.08
C PRO S 1228 -44.02 -151.42 -16.88
N VAL S 1229 -43.68 -152.41 -17.69
CA VAL S 1229 -42.43 -153.13 -17.50
C VAL S 1229 -41.25 -152.34 -18.05
N GLU S 1230 -41.48 -151.40 -18.96
CA GLU S 1230 -40.39 -150.62 -19.53
C GLU S 1230 -39.84 -149.60 -18.56
N ARG S 1231 -40.58 -149.28 -17.51
CA ARG S 1231 -40.05 -148.37 -16.49
C ARG S 1231 -39.14 -149.10 -15.52
N TYR S 1232 -39.38 -150.39 -15.30
CA TYR S 1232 -38.51 -151.16 -14.42
C TYR S 1232 -37.52 -151.94 -15.27
N ASN S 1233 -36.59 -151.19 -15.85
CA ASN S 1233 -35.73 -151.74 -16.89
C ASN S 1233 -34.64 -152.64 -16.31
N ILE S 1234 -33.95 -152.18 -15.26
CA ILE S 1234 -32.81 -152.94 -14.75
C ILE S 1234 -33.23 -154.17 -13.95
N LEU S 1235 -34.51 -154.39 -13.73
CA LEU S 1235 -34.98 -155.64 -13.15
C LEU S 1235 -35.31 -156.66 -14.24
N THR S 1236 -36.21 -156.31 -15.15
CA THR S 1236 -36.79 -157.29 -16.04
C THR S 1236 -35.97 -157.55 -17.29
N ASN S 1237 -34.99 -156.70 -17.60
CA ASN S 1237 -34.13 -156.94 -18.74
C ASN S 1237 -33.02 -157.89 -18.32
N PRO S 1238 -32.89 -159.06 -18.95
CA PRO S 1238 -31.83 -159.98 -18.53
C PRO S 1238 -30.43 -159.55 -18.94
N ASP S 1239 -30.27 -158.85 -20.05
CA ASP S 1239 -28.97 -158.32 -20.45
C ASP S 1239 -29.03 -156.80 -20.45
N ALA S 1240 -28.81 -156.23 -19.28
CA ALA S 1240 -28.75 -154.80 -19.12
C ALA S 1240 -27.63 -154.49 -18.15
N PRO S 1241 -26.84 -153.46 -18.40
CA PRO S 1241 -25.92 -152.98 -17.37
C PRO S 1241 -26.71 -152.40 -16.21
N PRO S 1242 -26.17 -152.45 -14.99
CA PRO S 1242 -26.95 -151.95 -13.84
C PRO S 1242 -27.13 -150.45 -13.85
N THR S 1243 -26.09 -149.69 -14.17
CA THR S 1243 -26.12 -148.25 -14.00
C THR S 1243 -26.55 -147.50 -15.26
N GLN S 1244 -27.38 -148.10 -16.09
CA GLN S 1244 -27.77 -147.43 -17.33
C GLN S 1244 -29.03 -146.58 -17.11
N ILE S 1245 -29.37 -145.82 -18.14
CA ILE S 1245 -30.59 -145.04 -18.19
C ILE S 1245 -31.18 -145.14 -19.58
N GLN S 1246 -32.47 -144.84 -19.68
CA GLN S 1246 -33.07 -144.42 -20.94
C GLN S 1246 -33.86 -143.15 -20.61
N LEU S 1247 -33.13 -142.06 -20.52
CA LEU S 1247 -33.67 -140.88 -19.87
C LEU S 1247 -34.66 -140.03 -20.67
N PRO S 1248 -34.41 -139.61 -21.92
CA PRO S 1248 -35.36 -138.67 -22.54
C PRO S 1248 -36.66 -139.30 -22.98
N GLU S 1249 -36.75 -140.62 -23.04
CA GLU S 1249 -37.96 -141.27 -23.52
C GLU S 1249 -38.92 -141.61 -22.40
N VAL S 1250 -38.49 -142.42 -21.44
CA VAL S 1250 -39.34 -142.84 -20.33
C VAL S 1250 -38.51 -142.92 -19.06
N VAL S 1251 -38.96 -142.26 -18.00
CA VAL S 1251 -38.20 -142.27 -16.76
C VAL S 1251 -38.32 -143.65 -16.12
N ASP S 1252 -37.21 -144.13 -15.59
CA ASP S 1252 -37.17 -145.42 -14.90
C ASP S 1252 -37.38 -145.18 -13.41
N LEU S 1253 -38.25 -145.98 -12.80
CA LEU S 1253 -38.61 -145.78 -11.41
C LEU S 1253 -37.89 -146.75 -10.47
N TYR S 1254 -36.73 -147.26 -10.88
CA TYR S 1254 -35.93 -148.15 -10.04
C TYR S 1254 -34.51 -148.08 -10.57
N ASN S 1255 -33.61 -147.44 -9.84
CA ASN S 1255 -32.31 -147.08 -10.39
C ASN S 1255 -31.22 -147.45 -9.40
N VAL S 1256 -30.01 -146.96 -9.69
CA VAL S 1256 -28.81 -147.18 -8.88
C VAL S 1256 -28.37 -145.82 -8.39
N VAL S 1257 -28.44 -145.61 -7.08
CA VAL S 1257 -28.16 -144.30 -6.50
C VAL S 1257 -26.93 -144.41 -5.60
N THR S 1258 -26.10 -143.38 -5.63
CA THR S 1258 -24.91 -143.31 -4.79
C THR S 1258 -25.23 -142.48 -3.56
N ARG S 1259 -24.72 -142.92 -2.41
CA ARG S 1259 -25.02 -142.25 -1.15
C ARG S 1259 -23.72 -141.92 -0.44
N TYR S 1260 -23.56 -140.65 -0.08
CA TYR S 1260 -22.33 -140.14 0.50
C TYR S 1260 -22.54 -139.76 1.94
N ALA S 1261 -21.43 -139.51 2.64
CA ALA S 1261 -21.45 -139.02 4.02
C ALA S 1261 -20.19 -138.20 4.22
N TYR S 1262 -20.28 -136.90 4.06
CA TYR S 1262 -19.11 -136.06 4.11
C TYR S 1262 -19.00 -135.34 5.43
N GLU S 1263 -18.05 -134.41 5.51
CA GLU S 1263 -17.98 -133.44 6.57
C GLU S 1263 -17.52 -132.12 5.97
N THR S 1264 -17.87 -131.02 6.63
CA THR S 1264 -17.43 -129.69 6.22
C THR S 1264 -16.74 -129.08 7.42
N PRO S 1265 -15.41 -129.22 7.52
CA PRO S 1265 -14.72 -128.66 8.66
C PRO S 1265 -14.63 -127.15 8.55
N PRO S 1266 -14.56 -126.44 9.67
CA PRO S 1266 -14.46 -124.99 9.62
C PRO S 1266 -13.08 -124.56 9.17
N ILE S 1267 -12.99 -123.28 8.82
CA ILE S 1267 -11.72 -122.69 8.38
C ILE S 1267 -10.82 -122.54 9.60
N THR S 1268 -9.79 -123.36 9.68
CA THR S 1268 -8.80 -123.28 10.75
C THR S 1268 -7.50 -122.75 10.19
N ALA S 1269 -6.88 -121.83 10.93
CA ALA S 1269 -5.57 -121.33 10.56
C ALA S 1269 -4.82 -120.93 11.82
N VAL S 1270 -3.56 -121.32 11.89
CA VAL S 1270 -2.65 -120.86 12.92
C VAL S 1270 -1.81 -119.74 12.31
N VAL S 1271 -1.98 -118.53 12.82
CA VAL S 1271 -1.38 -117.33 12.25
C VAL S 1271 -0.09 -117.07 12.99
N MET S 1272 1.04 -117.11 12.28
CA MET S 1272 2.35 -116.92 12.87
C MET S 1272 2.94 -115.59 12.44
N GLY S 1273 3.85 -115.08 13.26
CA GLY S 1273 4.52 -113.84 12.94
C GLY S 1273 5.89 -114.04 12.33
N VAL S 1274 6.36 -113.04 11.58
CA VAL S 1274 7.68 -113.08 10.98
C VAL S 1274 8.54 -112.07 11.73
N PRO S 1275 9.84 -112.32 11.93
CA PRO S 1275 10.67 -111.28 12.52
C PRO S 1275 10.92 -110.10 11.58
N GLN T 182 -108.69 -59.06 -46.24
CA GLN T 182 -107.47 -58.79 -46.99
C GLN T 182 -107.75 -58.30 -48.41
N CYS T 183 -107.17 -57.16 -48.75
CA CYS T 183 -107.18 -56.69 -50.13
C CYS T 183 -106.16 -57.48 -50.93
N HIS T 184 -106.55 -57.91 -52.14
CA HIS T 184 -105.64 -58.62 -53.02
C HIS T 184 -105.05 -57.72 -54.09
N VAL T 185 -105.00 -56.42 -53.84
CA VAL T 185 -104.49 -55.47 -54.82
C VAL T 185 -103.26 -54.78 -54.24
N CYS T 186 -103.42 -54.15 -53.08
CA CYS T 186 -102.30 -53.55 -52.36
C CYS T 186 -101.82 -54.42 -51.21
N SER T 187 -102.35 -55.64 -51.10
CA SER T 187 -101.97 -56.67 -50.11
C SER T 187 -102.21 -56.24 -48.67
N ALA T 188 -103.00 -55.20 -48.43
CA ALA T 188 -103.16 -54.70 -47.06
C ALA T 188 -104.11 -55.60 -46.28
N VAL T 189 -103.88 -55.68 -44.97
CA VAL T 189 -104.69 -56.48 -44.06
C VAL T 189 -105.68 -55.55 -43.38
N LEU T 190 -106.97 -55.86 -43.50
CA LEU T 190 -108.01 -54.94 -43.06
C LEU T 190 -108.85 -55.47 -41.92
N PHE T 191 -108.49 -56.61 -41.33
CA PHE T 191 -108.97 -57.15 -40.05
C PHE T 191 -110.43 -57.59 -40.04
N SER T 192 -111.19 -57.38 -41.13
CA SER T 192 -112.60 -57.73 -41.15
C SER T 192 -113.07 -57.85 -42.59
N PRO T 193 -113.99 -58.75 -42.90
CA PRO T 193 -114.55 -58.79 -44.27
C PRO T 193 -115.49 -57.65 -44.59
N LEU T 194 -115.92 -56.87 -43.60
CA LEU T 194 -116.84 -55.77 -43.86
C LEU T 194 -116.11 -54.52 -44.35
N ASP T 195 -114.89 -54.29 -43.89
CA ASP T 195 -114.13 -53.11 -44.26
C ASP T 195 -113.40 -53.28 -45.59
N LEU T 196 -113.49 -54.46 -46.20
CA LEU T 196 -112.82 -54.70 -47.48
C LEU T 196 -113.45 -53.87 -48.60
N ASP T 197 -114.78 -53.81 -48.63
CA ASP T 197 -115.46 -53.00 -49.64
C ASP T 197 -115.31 -51.51 -49.38
N ALA T 198 -115.00 -51.12 -48.16
CA ALA T 198 -114.67 -49.72 -47.89
C ALA T 198 -113.26 -49.39 -48.34
N HIS T 199 -112.33 -50.32 -48.17
CA HIS T 199 -110.94 -50.06 -48.53
C HIS T 199 -110.69 -50.13 -50.04
N VAL T 200 -111.38 -51.02 -50.75
CA VAL T 200 -111.12 -51.15 -52.19
C VAL T 200 -111.70 -50.02 -53.01
N ALA T 201 -112.50 -49.13 -52.40
CA ALA T 201 -113.02 -47.98 -53.12
C ALA T 201 -111.92 -46.99 -53.49
N SER T 202 -110.83 -46.97 -52.72
CA SER T 202 -109.70 -46.13 -53.04
C SER T 202 -108.81 -46.71 -54.13
N HIS T 203 -109.06 -47.95 -54.56
CA HIS T 203 -108.39 -48.51 -55.72
C HIS T 203 -109.20 -48.34 -56.99
N GLY T 204 -110.16 -47.45 -57.01
CA GLY T 204 -111.02 -47.37 -58.17
C GLY T 204 -112.33 -48.10 -57.98
N LEU T 205 -112.36 -49.36 -58.42
CA LEU T 205 -113.58 -50.17 -58.50
C LEU T 205 -114.23 -50.37 -57.14
N HIS T 206 -115.54 -50.50 -57.15
CA HIS T 206 -116.32 -50.57 -55.92
C HIS T 206 -116.77 -51.98 -55.61
N ARG T 218 -111.92 -39.67 -46.85
CA ARG T 218 -111.49 -39.08 -45.59
C ARG T 218 -109.97 -38.94 -45.54
N HIS T 219 -109.27 -40.03 -45.84
CA HIS T 219 -107.81 -40.00 -45.88
C HIS T 219 -107.32 -39.21 -47.08
N ILE T 220 -106.21 -38.51 -46.90
CA ILE T 220 -105.61 -37.77 -48.00
C ILE T 220 -104.70 -38.70 -48.79
N THR T 221 -103.73 -39.30 -48.10
CA THR T 221 -102.86 -40.31 -48.70
C THR T 221 -102.88 -41.55 -47.83
N GLU T 222 -102.82 -42.72 -48.46
CA GLU T 222 -102.62 -43.97 -47.74
C GLU T 222 -101.56 -44.79 -48.46
N PHE T 223 -100.47 -45.08 -47.75
CA PHE T 223 -99.39 -45.88 -48.30
C PHE T 223 -99.27 -47.18 -47.53
N ILE T 224 -98.59 -48.15 -48.14
CA ILE T 224 -98.31 -49.43 -47.49
C ILE T 224 -96.93 -49.87 -47.95
N SER T 225 -96.16 -50.45 -47.05
CA SER T 225 -94.81 -50.88 -47.38
C SER T 225 -94.84 -52.29 -47.96
N SER T 226 -93.67 -52.87 -48.17
CA SER T 226 -93.56 -54.20 -48.75
C SER T 226 -92.68 -55.15 -47.97
N TRP T 227 -91.90 -54.68 -47.02
CA TRP T 227 -91.08 -55.55 -46.20
C TRP T 227 -91.55 -55.63 -44.76
N GLN T 228 -92.67 -54.99 -44.43
CA GLN T 228 -93.13 -54.94 -43.05
C GLN T 228 -94.62 -54.65 -43.06
N ASN T 229 -95.22 -54.77 -41.88
CA ASN T 229 -96.63 -54.50 -41.69
C ASN T 229 -96.72 -53.20 -40.90
N HIS T 230 -96.75 -52.09 -41.61
CA HIS T 230 -96.93 -50.79 -40.97
C HIS T 230 -97.51 -49.80 -41.96
N PRO T 231 -98.83 -49.74 -42.07
CA PRO T 231 -99.45 -48.76 -42.97
C PRO T 231 -99.36 -47.37 -42.38
N ILE T 232 -99.33 -46.37 -43.27
CA ILE T 232 -99.25 -44.98 -42.89
C ILE T 232 -100.29 -44.20 -43.69
N VAL T 233 -101.17 -43.48 -42.99
CA VAL T 233 -102.19 -42.68 -43.62
C VAL T 233 -102.04 -41.23 -43.15
N GLN T 234 -102.85 -40.35 -43.75
CA GLN T 234 -102.86 -38.94 -43.39
C GLN T 234 -104.29 -38.43 -43.27
N VAL T 235 -104.56 -37.71 -42.18
CA VAL T 235 -105.81 -37.01 -41.95
C VAL T 235 -105.45 -35.53 -41.86
N SER T 236 -106.42 -34.66 -42.13
CA SER T 236 -106.19 -33.23 -42.22
C SER T 236 -105.79 -32.61 -40.88
N ALA T 237 -105.47 -31.31 -40.93
CA ALA T 237 -104.83 -30.66 -39.79
C ALA T 237 -105.82 -30.29 -38.68
N ASP T 238 -106.95 -29.71 -39.04
CA ASP T 238 -107.86 -29.14 -38.05
C ASP T 238 -108.67 -30.17 -37.28
N VAL T 239 -108.49 -31.45 -37.54
CA VAL T 239 -109.35 -32.48 -36.96
C VAL T 239 -108.98 -32.71 -35.51
N GLU T 240 -109.98 -33.02 -34.70
CA GLU T 240 -109.79 -33.51 -33.34
C GLU T 240 -109.98 -35.03 -33.34
N ASN T 241 -109.31 -35.69 -32.39
CA ASN T 241 -109.33 -37.14 -32.18
C ASN T 241 -108.80 -37.89 -33.40
N ARG T 242 -107.52 -37.63 -33.69
CA ARG T 242 -106.76 -38.49 -34.57
C ARG T 242 -106.08 -39.57 -33.73
N LYS T 243 -105.87 -40.73 -34.35
CA LYS T 243 -105.19 -41.81 -33.66
C LYS T 243 -104.47 -42.68 -34.69
N THR T 244 -103.18 -42.94 -34.43
CA THR T 244 -102.28 -43.70 -35.30
C THR T 244 -102.28 -43.19 -36.74
N ALA T 245 -102.38 -41.87 -36.90
CA ALA T 245 -102.52 -41.26 -38.22
C ALA T 245 -101.99 -39.83 -38.11
N GLN T 246 -100.78 -39.60 -38.57
CA GLN T 246 -100.23 -38.26 -38.49
C GLN T 246 -100.80 -37.39 -39.59
N LEU T 247 -100.57 -36.09 -39.46
CA LEU T 247 -101.40 -35.10 -40.11
C LEU T 247 -100.67 -34.40 -41.25
N LEU T 248 -101.36 -33.45 -41.86
CA LEU T 248 -100.90 -32.70 -43.02
C LEU T 248 -100.97 -31.22 -42.68
N HIS T 249 -99.82 -30.58 -42.52
CA HIS T 249 -99.78 -29.22 -41.99
C HIS T 249 -99.94 -28.14 -43.05
N ALA T 250 -99.96 -28.50 -44.34
CA ALA T 250 -100.09 -27.49 -45.37
C ALA T 250 -101.50 -26.90 -45.38
N ASP T 251 -101.60 -25.65 -45.83
CA ASP T 251 -102.89 -25.01 -46.00
C ASP T 251 -103.34 -25.23 -47.44
N THR T 252 -103.81 -26.44 -47.70
CA THR T 252 -104.34 -26.75 -49.02
C THR T 252 -105.68 -26.04 -49.20
N PRO T 253 -105.90 -25.37 -50.32
CA PRO T 253 -107.18 -24.73 -50.56
C PRO T 253 -108.23 -25.73 -51.03
N ARG T 254 -109.49 -25.37 -50.82
CA ARG T 254 -110.60 -26.21 -51.23
C ARG T 254 -110.83 -25.99 -52.72
N LEU T 255 -110.25 -26.86 -53.54
CA LEU T 255 -110.42 -26.76 -54.98
C LEU T 255 -111.81 -27.20 -55.41
N VAL T 256 -112.15 -28.46 -55.14
CA VAL T 256 -113.36 -29.07 -55.67
C VAL T 256 -114.44 -28.99 -54.59
N THR T 257 -115.48 -28.22 -54.85
CA THR T 257 -116.65 -28.14 -53.99
C THR T 257 -117.88 -28.34 -54.84
N TRP T 258 -118.88 -29.02 -54.30
CA TRP T 258 -120.04 -29.45 -55.06
C TRP T 258 -121.24 -28.56 -54.80
N ASP T 259 -122.22 -28.67 -55.70
CA ASP T 259 -123.44 -27.87 -55.60
C ASP T 259 -124.60 -28.71 -56.11
N ALA T 260 -125.59 -28.92 -55.25
CA ALA T 260 -126.88 -29.45 -55.67
C ALA T 260 -127.89 -28.32 -55.62
N GLY T 261 -128.76 -28.27 -56.62
CA GLY T 261 -129.70 -27.18 -56.78
C GLY T 261 -129.45 -26.43 -58.07
N LEU T 262 -130.25 -25.37 -58.25
CA LEU T 262 -130.17 -24.60 -59.46
C LEU T 262 -128.92 -23.71 -59.47
N CYS T 263 -128.35 -23.56 -60.65
CA CYS T 263 -127.11 -22.81 -60.87
C CYS T 263 -127.40 -21.42 -61.45
N THR T 264 -127.88 -20.54 -60.59
CA THR T 264 -128.07 -19.15 -60.98
C THR T 264 -128.03 -18.25 -59.75
N SER T 265 -127.98 -16.95 -60.02
CA SER T 265 -127.82 -15.94 -58.98
C SER T 265 -128.82 -14.79 -59.12
N PHE T 266 -129.78 -14.88 -60.04
CA PHE T 266 -130.76 -13.83 -60.23
C PHE T 266 -132.13 -14.39 -59.86
N LYS T 267 -132.76 -13.81 -58.85
CA LYS T 267 -134.09 -14.22 -58.46
C LYS T 267 -135.10 -13.12 -58.77
N ILE T 268 -136.37 -13.50 -58.77
CA ILE T 268 -137.46 -12.60 -59.11
C ILE T 268 -138.30 -12.40 -57.86
N VAL T 269 -138.45 -11.15 -57.45
CA VAL T 269 -139.19 -10.84 -56.24
C VAL T 269 -140.43 -10.01 -56.58
N PRO T 270 -141.51 -10.11 -55.82
CA PRO T 270 -142.63 -9.19 -55.97
C PRO T 270 -142.41 -7.94 -55.15
N ILE T 271 -143.05 -6.86 -55.58
CA ILE T 271 -142.91 -5.60 -54.88
C ILE T 271 -144.25 -5.17 -54.27
N VAL T 272 -145.24 -4.94 -55.12
CA VAL T 272 -146.59 -4.61 -54.66
C VAL T 272 -147.47 -5.83 -54.92
N PRO T 273 -147.89 -6.55 -53.89
CA PRO T 273 -148.74 -7.72 -54.11
C PRO T 273 -150.17 -7.34 -54.41
N ALA T 274 -150.83 -8.21 -55.14
CA ALA T 274 -152.24 -8.03 -55.49
C ALA T 274 -152.83 -9.39 -55.80
N GLN T 275 -154.14 -9.42 -56.00
CA GLN T 275 -154.82 -10.63 -56.42
C GLN T 275 -156.02 -10.24 -57.26
N VAL T 276 -156.33 -11.06 -58.26
CA VAL T 276 -157.46 -10.80 -59.14
C VAL T 276 -158.40 -12.00 -59.09
N PRO T 277 -159.70 -11.81 -59.36
CA PRO T 277 -160.58 -12.98 -59.46
C PRO T 277 -160.30 -13.80 -60.71
N GLN T 278 -159.73 -14.97 -60.53
CA GLN T 278 -159.39 -15.83 -61.66
C GLN T 278 -160.63 -16.59 -62.14
N ASP T 279 -160.48 -17.31 -63.23
CA ASP T 279 -161.56 -18.05 -63.84
C ASP T 279 -161.44 -19.55 -63.66
N VAL T 280 -160.22 -20.09 -63.66
CA VAL T 280 -159.98 -21.50 -63.44
C VAL T 280 -159.17 -21.64 -62.16
N LEU T 281 -159.69 -22.41 -61.22
CA LEU T 281 -159.12 -22.48 -59.88
C LEU T 281 -158.21 -23.67 -59.66
N ALA T 282 -158.52 -24.83 -60.22
CA ALA T 282 -157.76 -26.04 -59.94
C ALA T 282 -157.86 -27.01 -61.11
N TYR T 283 -157.17 -28.15 -60.96
CA TYR T 283 -157.15 -29.22 -61.94
C TYR T 283 -157.82 -30.45 -61.34
N THR T 284 -158.90 -30.90 -61.96
CA THR T 284 -159.64 -32.04 -61.44
C THR T 284 -159.14 -33.35 -62.04
N PHE T 285 -159.12 -34.40 -61.21
CA PHE T 285 -158.71 -35.73 -61.68
C PHE T 285 -159.50 -36.77 -60.88
N PHE T 286 -160.68 -37.12 -61.41
CA PHE T 286 -161.62 -38.17 -61.01
C PHE T 286 -162.28 -37.99 -59.65
N THR T 287 -161.58 -37.38 -58.69
CA THR T 287 -162.15 -37.03 -57.39
C THR T 287 -161.55 -35.73 -56.89
N SER T 288 -160.33 -35.47 -57.33
CA SER T 288 -159.39 -34.66 -56.56
C SER T 288 -158.94 -33.45 -57.34
N SER T 289 -158.71 -32.36 -56.62
CA SER T 289 -158.29 -31.10 -57.21
C SER T 289 -156.80 -30.89 -56.96
N TYR T 290 -156.11 -30.43 -57.99
CA TYR T 290 -154.70 -30.11 -57.91
C TYR T 290 -154.55 -28.60 -58.08
N ALA T 291 -153.76 -27.99 -57.20
CA ALA T 291 -153.67 -26.54 -57.16
C ALA T 291 -152.80 -26.01 -58.30
N ILE T 292 -153.17 -24.85 -58.81
CA ILE T 292 -152.42 -24.19 -59.87
C ILE T 292 -151.25 -23.46 -59.27
N GLN T 293 -150.04 -23.76 -59.73
CA GLN T 293 -148.82 -23.11 -59.26
C GLN T 293 -148.21 -22.30 -60.39
N SER T 294 -147.63 -21.17 -60.04
CA SER T 294 -147.06 -20.31 -61.06
C SER T 294 -145.55 -20.22 -60.90
N PRO T 295 -144.80 -20.19 -62.01
CA PRO T 295 -143.34 -20.10 -61.90
C PRO T 295 -142.85 -18.75 -61.47
N PHE T 296 -143.65 -17.73 -61.63
CA PHE T 296 -143.25 -16.37 -61.36
C PHE T 296 -144.05 -15.83 -60.20
N PRO T 297 -143.47 -15.00 -59.37
CA PRO T 297 -144.24 -14.36 -58.31
C PRO T 297 -145.21 -13.36 -58.91
N GLU T 298 -146.50 -13.69 -58.92
CA GLU T 298 -147.48 -12.80 -59.50
C GLU T 298 -147.83 -11.71 -58.51
N ALA T 299 -147.91 -10.48 -59.03
CA ALA T 299 -148.07 -9.29 -58.20
C ALA T 299 -148.54 -8.17 -59.12
N ALA T 300 -148.68 -6.97 -58.55
CA ALA T 300 -148.91 -5.81 -59.38
C ALA T 300 -147.66 -5.44 -60.15
N VAL T 301 -146.48 -5.73 -59.58
CA VAL T 301 -145.21 -5.38 -60.19
C VAL T 301 -144.15 -6.31 -59.58
N SER T 302 -143.19 -6.71 -60.39
CA SER T 302 -142.15 -7.63 -59.96
C SER T 302 -140.83 -7.24 -60.61
N ARG T 303 -139.74 -7.39 -59.86
CA ARG T 303 -138.43 -6.97 -60.32
C ARG T 303 -137.43 -8.10 -60.15
N ILE T 304 -136.24 -7.88 -60.72
CA ILE T 304 -135.16 -8.84 -60.67
C ILE T 304 -134.08 -8.26 -59.76
N VAL T 305 -133.71 -9.01 -58.72
CA VAL T 305 -132.64 -8.63 -57.82
C VAL T 305 -131.57 -9.70 -57.88
N VAL T 306 -130.41 -9.41 -57.28
CA VAL T 306 -129.26 -10.30 -57.32
C VAL T 306 -129.01 -10.83 -55.91
N HIS T 307 -129.43 -12.07 -55.67
CA HIS T 307 -129.13 -12.80 -54.45
C HIS T 307 -128.32 -14.00 -54.86
N THR T 308 -127.08 -14.11 -54.39
CA THR T 308 -126.17 -15.09 -54.97
C THR T 308 -126.46 -16.49 -54.42
N ARG T 309 -126.64 -17.41 -55.36
CA ARG T 309 -126.94 -18.83 -55.26
C ARG T 309 -128.30 -19.18 -54.70
N TRP T 310 -128.85 -18.39 -53.76
CA TRP T 310 -130.25 -18.18 -53.36
C TRP T 310 -131.19 -19.40 -53.27
N ALA T 311 -130.78 -20.56 -53.81
CA ALA T 311 -131.45 -21.83 -53.64
C ALA T 311 -130.39 -22.88 -54.03
N SER T 312 -129.71 -23.44 -53.04
CA SER T 312 -128.55 -24.27 -53.35
C SER T 312 -128.19 -25.11 -52.13
N ASN T 313 -127.73 -26.32 -52.39
CA ASN T 313 -127.17 -27.19 -51.38
C ASN T 313 -125.70 -27.40 -51.70
N VAL T 314 -124.82 -26.99 -50.79
CA VAL T 314 -123.40 -27.15 -50.97
C VAL T 314 -122.87 -27.94 -49.78
N ASP T 315 -121.66 -28.47 -49.93
CA ASP T 315 -120.98 -29.08 -48.79
C ASP T 315 -120.02 -28.13 -48.11
N PHE T 316 -119.77 -26.96 -48.70
CA PHE T 316 -118.80 -26.00 -48.20
C PHE T 316 -119.10 -24.68 -48.91
N ASP T 317 -119.33 -23.62 -48.15
CA ASP T 317 -119.69 -22.35 -48.74
C ASP T 317 -118.45 -21.47 -48.92
N ARG T 318 -118.40 -20.80 -50.06
CA ARG T 318 -117.41 -19.75 -50.28
C ARG T 318 -117.98 -18.50 -49.62
N ASP T 319 -117.45 -18.14 -48.46
CA ASP T 319 -118.06 -17.11 -47.63
C ASP T 319 -117.84 -15.72 -48.21
N SER T 320 -118.51 -15.42 -49.32
CA SER T 320 -118.50 -14.10 -49.92
C SER T 320 -119.81 -13.97 -50.68
N SER T 321 -120.80 -13.32 -50.08
CA SER T 321 -122.13 -13.30 -50.64
C SER T 321 -122.56 -11.88 -51.00
N VAL T 322 -123.16 -11.75 -52.18
CA VAL T 322 -123.76 -10.49 -52.62
C VAL T 322 -125.24 -10.60 -52.31
N ILE T 323 -125.63 -10.18 -51.12
CA ILE T 323 -127.02 -10.05 -50.77
C ILE T 323 -127.52 -8.71 -51.30
N MET T 324 -128.70 -8.70 -51.91
CA MET T 324 -129.30 -7.45 -52.32
C MET T 324 -130.77 -7.43 -51.93
N ALA T 325 -131.17 -6.36 -51.25
CA ALA T 325 -132.55 -6.14 -50.91
C ALA T 325 -133.36 -5.81 -52.16
N PRO T 326 -134.68 -5.93 -52.12
CA PRO T 326 -135.49 -5.36 -53.19
C PRO T 326 -135.31 -3.85 -53.23
N PRO T 327 -135.45 -3.24 -54.42
CA PRO T 327 -135.05 -1.83 -54.58
C PRO T 327 -135.90 -0.81 -53.85
N THR T 328 -136.91 -1.23 -53.08
CA THR T 328 -137.69 -0.30 -52.28
C THR T 328 -137.22 -0.19 -50.85
N GLU T 329 -136.27 -1.03 -50.42
CA GLU T 329 -135.88 -0.96 -49.02
C GLU T 329 -134.66 -0.08 -48.82
N ASN T 330 -133.49 -0.55 -49.27
CA ASN T 330 -132.20 0.13 -49.16
C ASN T 330 -131.14 -0.71 -49.86
N ASN T 331 -130.14 -0.08 -50.45
CA ASN T 331 -129.04 -0.83 -51.04
C ASN T 331 -127.71 -0.17 -50.75
N ILE T 332 -127.63 0.72 -49.77
CA ILE T 332 -126.46 1.56 -49.61
C ILE T 332 -125.32 0.81 -48.92
N HIS T 333 -125.61 -0.30 -48.26
CA HIS T 333 -124.58 -1.03 -47.51
C HIS T 333 -123.59 -1.72 -48.43
N LEU T 334 -123.94 -1.93 -49.71
CA LEU T 334 -123.01 -2.54 -50.64
C LEU T 334 -121.93 -1.56 -51.06
N PHE T 335 -122.32 -0.32 -51.35
CA PHE T 335 -121.41 0.66 -51.93
C PHE T 335 -120.72 1.52 -50.89
N LYS T 336 -120.61 1.05 -49.66
CA LYS T 336 -119.82 1.74 -48.65
C LYS T 336 -119.02 0.75 -47.80
N GLN T 337 -118.93 -0.51 -48.21
CA GLN T 337 -118.24 -1.50 -47.40
C GLN T 337 -116.73 -1.42 -47.50
N LEU T 338 -116.19 -0.72 -48.50
CA LEU T 338 -114.79 -0.90 -48.85
C LEU T 338 -113.86 0.14 -48.23
N LEU T 339 -114.04 1.41 -48.57
CA LEU T 339 -113.01 2.39 -48.26
C LEU T 339 -113.43 3.47 -47.28
N ASN T 340 -114.67 3.96 -47.36
CA ASN T 340 -115.08 5.14 -46.60
C ASN T 340 -115.42 4.78 -45.15
N THR T 341 -114.38 4.37 -44.42
CA THR T 341 -114.55 4.14 -42.99
C THR T 341 -114.64 5.46 -42.24
N GLU T 342 -113.88 6.46 -42.67
CA GLU T 342 -113.98 7.80 -42.11
C GLU T 342 -114.93 8.60 -43.00
N THR T 343 -116.16 8.75 -42.55
CA THR T 343 -117.22 9.34 -43.36
C THR T 343 -118.03 10.28 -42.48
N LEU T 344 -118.42 11.42 -43.05
CA LEU T 344 -119.22 12.38 -42.31
C LEU T 344 -120.64 11.88 -42.07
N SER T 345 -121.18 11.10 -42.99
CA SER T 345 -122.55 10.59 -42.88
C SER T 345 -122.52 9.07 -42.94
N VAL T 346 -123.10 8.44 -41.92
CA VAL T 346 -123.01 6.99 -41.77
C VAL T 346 -123.93 6.25 -42.74
N ARG T 347 -124.87 6.92 -43.38
CA ARG T 347 -125.85 6.28 -44.23
C ARG T 347 -125.63 6.58 -45.71
N GLY T 348 -124.47 7.11 -46.07
CA GLY T 348 -124.18 7.49 -47.43
C GLY T 348 -123.02 6.69 -48.02
N ALA T 349 -122.70 7.03 -49.27
CA ALA T 349 -121.65 6.35 -50.01
C ALA T 349 -120.75 7.38 -50.69
N ASN T 350 -119.45 7.15 -50.60
CA ASN T 350 -118.46 8.07 -51.15
C ASN T 350 -118.51 8.03 -52.66
N PRO T 351 -118.84 9.13 -53.35
CA PRO T 351 -119.09 9.04 -54.79
C PRO T 351 -117.85 8.89 -55.64
N LEU T 352 -116.70 9.34 -55.18
CA LEU T 352 -115.46 9.13 -55.92
C LEU T 352 -114.74 7.86 -55.48
N MET T 353 -115.46 6.91 -54.91
CA MET T 353 -114.97 5.57 -54.61
C MET T 353 -116.01 4.53 -55.00
N PHE T 354 -116.75 4.80 -56.08
CA PHE T 354 -117.71 3.84 -56.59
C PHE T 354 -117.04 2.71 -57.36
N ARG T 355 -115.95 3.00 -58.07
CA ARG T 355 -115.34 1.99 -58.94
C ARG T 355 -114.68 0.89 -58.14
N ALA T 356 -113.93 1.23 -57.10
CA ALA T 356 -113.29 0.20 -56.29
C ALA T 356 -114.33 -0.64 -55.56
N ASN T 357 -115.37 0.01 -55.07
CA ASN T 357 -116.39 -0.69 -54.31
C ASN T 357 -117.36 -1.45 -55.19
N VAL T 358 -117.39 -1.21 -56.50
CA VAL T 358 -118.12 -2.09 -57.39
C VAL T 358 -117.21 -3.19 -57.94
N LEU T 359 -115.89 -2.96 -58.04
CA LEU T 359 -115.00 -4.04 -58.43
C LEU T 359 -114.90 -5.10 -57.35
N HIS T 360 -114.95 -4.72 -56.08
CA HIS T 360 -114.86 -5.71 -55.02
C HIS T 360 -116.09 -6.61 -54.98
N MET T 361 -117.27 -6.00 -55.07
CA MET T 361 -118.52 -6.77 -55.13
C MET T 361 -118.61 -7.61 -56.40
N LEU T 362 -118.09 -7.09 -57.51
CA LEU T 362 -118.10 -7.84 -58.76
C LEU T 362 -117.06 -8.96 -58.74
N LEU T 363 -116.06 -8.86 -57.87
CA LEU T 363 -115.14 -9.96 -57.64
C LEU T 363 -115.78 -11.02 -56.75
N GLU T 364 -116.53 -10.59 -55.74
CA GLU T 364 -117.25 -11.54 -54.89
C GLU T 364 -118.31 -12.32 -55.65
N PHE T 365 -118.93 -11.70 -56.66
CA PHE T 365 -119.90 -12.39 -57.50
C PHE T 365 -119.27 -13.57 -58.24
N VAL T 366 -118.02 -13.43 -58.67
CA VAL T 366 -117.33 -14.56 -59.29
C VAL T 366 -116.91 -15.57 -58.24
N LEU T 367 -116.38 -15.10 -57.11
CA LEU T 367 -115.89 -16.02 -56.09
C LEU T 367 -116.97 -16.80 -55.37
N ASP T 368 -118.24 -16.42 -55.47
CA ASP T 368 -119.29 -17.28 -54.94
C ASP T 368 -119.92 -18.15 -56.02
N ASN T 369 -119.20 -18.41 -57.10
CA ASN T 369 -119.69 -19.29 -58.16
C ASN T 369 -118.63 -20.29 -58.57
N LEU T 370 -117.63 -20.52 -57.72
CA LEU T 370 -116.56 -21.46 -58.02
C LEU T 370 -116.92 -22.82 -57.43
N TYR T 371 -117.99 -23.39 -57.97
CA TYR T 371 -118.49 -24.69 -57.54
C TYR T 371 -118.52 -25.63 -58.73
N LEU T 372 -118.93 -26.85 -58.47
CA LEU T 372 -119.19 -27.82 -59.51
C LEU T 372 -120.60 -28.34 -59.34
N ASN T 373 -121.22 -28.72 -60.44
CA ASN T 373 -122.61 -29.12 -60.44
C ASN T 373 -122.74 -30.60 -60.15
N ARG T 374 -123.44 -30.94 -59.07
CA ARG T 374 -123.51 -32.30 -58.56
C ARG T 374 -124.74 -33.00 -59.16
N HIS T 375 -124.51 -34.17 -59.75
CA HIS T 375 -125.59 -34.94 -60.35
C HIS T 375 -126.51 -35.51 -59.28
N THR T 376 -127.81 -35.39 -59.51
CA THR T 376 -128.80 -35.84 -58.55
C THR T 376 -129.89 -36.62 -59.27
N GLY T 377 -130.82 -37.17 -58.49
CA GLY T 377 -131.82 -38.07 -59.02
C GLY T 377 -132.91 -37.36 -59.80
N PHE T 378 -133.56 -38.13 -60.67
CA PHE T 378 -134.58 -37.64 -61.56
C PHE T 378 -135.94 -38.20 -61.15
N SER T 379 -136.97 -37.89 -61.96
CA SER T 379 -138.29 -38.48 -61.79
C SER T 379 -139.03 -38.34 -63.11
N GLN T 380 -139.69 -39.41 -63.53
CA GLN T 380 -140.44 -39.38 -64.78
C GLN T 380 -141.83 -38.81 -64.54
N ASP T 381 -142.27 -37.96 -65.45
CA ASP T 381 -143.52 -37.23 -65.29
C ASP T 381 -144.60 -37.80 -66.19
N HIS T 382 -145.85 -37.64 -65.75
CA HIS T 382 -147.00 -37.87 -66.61
C HIS T 382 -148.07 -36.81 -66.37
N THR T 383 -147.65 -35.61 -66.01
CA THR T 383 -148.51 -34.44 -66.07
C THR T 383 -148.98 -34.24 -67.51
N PRO T 384 -150.26 -33.89 -67.73
CA PRO T 384 -150.75 -33.75 -69.11
C PRO T 384 -150.11 -32.61 -69.91
N PHE T 385 -149.33 -31.74 -69.28
CA PHE T 385 -148.69 -30.63 -69.97
C PHE T 385 -147.20 -30.85 -70.17
N THR T 386 -146.64 -31.93 -69.62
CA THR T 386 -145.23 -32.29 -69.76
C THR T 386 -145.17 -33.82 -69.82
N GLU T 387 -145.15 -34.36 -71.02
CA GLU T 387 -145.32 -35.80 -71.22
C GLU T 387 -143.96 -36.49 -71.17
N GLY T 388 -143.70 -37.20 -70.07
CA GLY T 388 -142.58 -38.11 -70.03
C GLY T 388 -141.21 -37.49 -69.98
N ALA T 389 -141.12 -36.19 -69.75
CA ALA T 389 -139.82 -35.55 -69.63
C ALA T 389 -139.22 -35.87 -68.27
N ASN T 390 -137.90 -36.07 -68.25
CA ASN T 390 -137.22 -36.45 -67.02
C ASN T 390 -137.06 -35.21 -66.16
N LEU T 391 -138.10 -34.93 -65.37
CA LEU T 391 -138.06 -33.94 -64.31
C LEU T 391 -136.95 -34.29 -63.30
N ARG T 392 -136.29 -33.28 -62.78
CA ARG T 392 -135.16 -33.50 -61.89
C ARG T 392 -135.55 -33.26 -60.43
N SER T 393 -135.38 -34.28 -59.60
CA SER T 393 -135.64 -34.16 -58.18
C SER T 393 -134.49 -33.42 -57.49
N LEU T 394 -134.69 -33.12 -56.22
CA LEU T 394 -133.76 -32.35 -55.41
C LEU T 394 -133.52 -33.10 -54.11
N PRO T 395 -132.42 -32.82 -53.39
CA PRO T 395 -132.15 -33.57 -52.17
C PRO T 395 -133.09 -33.30 -51.00
N GLY T 396 -134.05 -32.40 -51.12
CA GLY T 396 -135.03 -32.22 -50.07
C GLY T 396 -136.06 -33.34 -50.06
N PRO T 397 -136.87 -33.41 -49.01
CA PRO T 397 -137.96 -34.40 -48.98
C PRO T 397 -139.04 -34.11 -50.00
N ASP T 398 -139.52 -32.86 -50.04
CA ASP T 398 -140.56 -32.46 -50.98
C ASP T 398 -139.90 -32.14 -52.31
N ALA T 399 -139.88 -33.13 -53.22
CA ALA T 399 -139.26 -32.93 -54.52
C ALA T 399 -140.08 -32.01 -55.40
N GLU T 400 -141.40 -31.98 -55.21
CA GLU T 400 -142.28 -31.20 -56.06
C GLU T 400 -142.42 -29.75 -55.62
N LYS T 401 -141.62 -29.32 -54.63
CA LYS T 401 -141.65 -27.92 -54.24
C LYS T 401 -140.96 -27.04 -55.27
N TRP T 402 -140.02 -27.60 -56.01
CA TRP T 402 -139.15 -26.82 -56.88
C TRP T 402 -139.45 -26.99 -58.36
N TYR T 403 -140.38 -27.87 -58.73
CA TYR T 403 -140.68 -28.09 -60.15
C TYR T 403 -141.33 -26.87 -60.76
N SER T 404 -142.18 -26.18 -60.02
CA SER T 404 -142.83 -24.97 -60.51
C SER T 404 -141.82 -23.85 -60.71
N ILE T 405 -140.86 -23.71 -59.78
CA ILE T 405 -139.85 -22.68 -59.91
C ILE T 405 -138.92 -22.99 -61.07
N MET T 406 -138.54 -24.26 -61.23
CA MET T 406 -137.57 -24.60 -62.26
C MET T 406 -138.16 -24.57 -63.66
N TYR T 407 -139.31 -25.20 -63.88
CA TYR T 407 -139.77 -25.41 -65.26
C TYR T 407 -141.00 -24.56 -65.52
N PRO T 408 -140.89 -23.49 -66.30
CA PRO T 408 -142.04 -22.59 -66.48
C PRO T 408 -143.14 -23.17 -67.34
N THR T 409 -142.84 -24.15 -68.18
CA THR T 409 -143.85 -24.72 -69.05
C THR T 409 -144.68 -25.82 -68.39
N ARG T 410 -144.60 -25.97 -67.06
CA ARG T 410 -145.34 -27.06 -66.45
C ARG T 410 -146.82 -26.71 -66.32
N MET T 411 -147.15 -25.52 -65.85
CA MET T 411 -148.53 -25.07 -65.96
C MET T 411 -148.83 -24.75 -67.42
N GLY T 412 -150.06 -25.02 -67.82
CA GLY T 412 -150.43 -24.81 -69.20
C GLY T 412 -150.98 -23.42 -69.42
N THR T 413 -152.15 -23.33 -70.04
CA THR T 413 -152.89 -22.08 -70.18
C THR T 413 -154.26 -22.25 -69.53
N PRO T 414 -154.36 -22.13 -68.21
CA PRO T 414 -155.69 -22.26 -67.60
C PRO T 414 -156.51 -20.99 -67.72
N ASN T 415 -155.86 -19.84 -67.67
CA ASN T 415 -156.52 -18.54 -67.59
C ASN T 415 -156.10 -17.67 -68.78
N VAL T 416 -156.47 -16.40 -68.71
CA VAL T 416 -156.01 -15.38 -69.64
C VAL T 416 -155.20 -14.40 -68.80
N SER T 417 -153.88 -14.49 -68.89
CA SER T 417 -153.01 -13.61 -68.12
C SER T 417 -151.73 -13.39 -68.89
N LYS T 418 -150.85 -12.54 -68.35
CA LYS T 418 -149.58 -12.27 -68.99
C LYS T 418 -148.61 -13.44 -68.91
N ILE T 419 -148.84 -14.38 -67.99
CA ILE T 419 -148.11 -15.63 -67.99
C ILE T 419 -148.82 -16.67 -68.84
N CYS T 420 -150.15 -16.66 -68.80
CA CYS T 420 -150.92 -17.67 -69.51
C CYS T 420 -151.02 -17.41 -71.00
N ASN T 421 -150.55 -16.28 -71.50
CA ASN T 421 -150.29 -16.16 -72.92
C ASN T 421 -148.81 -16.23 -73.25
N PHE T 422 -147.94 -16.14 -72.24
CA PHE T 422 -146.52 -16.30 -72.47
C PHE T 422 -146.16 -17.77 -72.64
N VAL T 423 -146.75 -18.64 -71.82
CA VAL T 423 -146.49 -20.06 -71.91
C VAL T 423 -147.12 -20.65 -73.18
N ALA T 424 -148.16 -20.02 -73.71
CA ALA T 424 -148.68 -20.45 -75.00
C ALA T 424 -147.78 -20.05 -76.17
N SER T 425 -146.81 -19.16 -75.94
CA SER T 425 -145.95 -18.65 -76.99
C SER T 425 -144.58 -19.28 -77.00
N CYS T 426 -144.45 -20.52 -76.54
CA CYS T 426 -143.14 -21.16 -76.46
C CYS T 426 -143.23 -22.61 -76.89
N VAL T 427 -142.06 -23.23 -77.03
CA VAL T 427 -141.92 -24.60 -77.49
C VAL T 427 -141.69 -25.48 -76.27
N ARG T 428 -142.46 -26.57 -76.17
CA ARG T 428 -142.55 -27.33 -74.93
C ARG T 428 -141.92 -28.71 -75.00
N ASN T 429 -141.24 -29.05 -76.09
CA ASN T 429 -140.46 -30.29 -76.05
C ASN T 429 -139.10 -30.10 -75.40
N ARG T 430 -138.70 -28.85 -75.15
CA ARG T 430 -137.41 -28.55 -74.54
C ARG T 430 -137.62 -28.34 -73.05
N VAL T 431 -137.59 -29.43 -72.29
CA VAL T 431 -137.73 -29.38 -70.85
C VAL T 431 -137.09 -30.64 -70.27
N GLY T 432 -136.47 -30.50 -69.10
CA GLY T 432 -135.89 -31.64 -68.42
C GLY T 432 -134.54 -32.06 -68.98
N ARG T 433 -134.30 -33.36 -69.01
CA ARG T 433 -133.02 -33.91 -69.46
C ARG T 433 -132.92 -33.89 -70.98
N PHE T 434 -131.79 -33.38 -71.49
CA PHE T 434 -131.57 -33.38 -72.92
C PHE T 434 -130.98 -34.70 -73.40
N ASP T 435 -129.76 -35.02 -72.96
CA ASP T 435 -129.19 -36.35 -73.19
C ASP T 435 -128.21 -36.67 -72.09
N ARG T 436 -127.72 -37.91 -72.07
CA ARG T 436 -126.87 -38.39 -71.00
C ARG T 436 -125.69 -39.16 -71.58
N ALA T 437 -124.87 -39.70 -70.70
CA ALA T 437 -123.63 -40.34 -71.10
C ALA T 437 -123.87 -41.81 -71.42
N GLN T 438 -122.77 -42.55 -71.57
CA GLN T 438 -122.80 -44.00 -71.68
C GLN T 438 -122.21 -44.70 -70.48
N MET T 439 -121.25 -44.08 -69.80
CA MET T 439 -120.63 -44.68 -68.63
C MET T 439 -121.56 -44.56 -67.44
N MET T 440 -121.98 -45.70 -66.90
CA MET T 440 -122.91 -45.76 -65.79
C MET T 440 -122.34 -46.68 -64.72
N ASN T 441 -122.67 -46.42 -63.47
CA ASN T 441 -122.54 -47.42 -62.42
C ASN T 441 -123.94 -47.83 -61.98
N GLY T 442 -124.29 -49.09 -62.22
CA GLY T 442 -125.65 -49.52 -62.01
C GLY T 442 -126.54 -48.93 -63.09
N ALA T 443 -127.33 -47.93 -62.72
CA ALA T 443 -128.18 -47.24 -63.66
C ALA T 443 -127.97 -45.73 -63.68
N MET T 444 -127.14 -45.20 -62.80
CA MET T 444 -126.91 -43.77 -62.72
C MET T 444 -125.80 -43.40 -63.71
N SER T 445 -126.11 -42.51 -64.65
CA SER T 445 -125.15 -42.09 -65.64
C SER T 445 -124.12 -41.14 -65.00
N GLU T 446 -123.00 -40.98 -65.69
CA GLU T 446 -121.90 -40.21 -65.11
C GLU T 446 -122.11 -38.72 -65.27
N TRP T 447 -122.46 -38.26 -66.46
CA TRP T 447 -122.78 -36.86 -66.67
C TRP T 447 -124.09 -36.73 -67.42
N VAL T 448 -124.61 -35.50 -67.46
CA VAL T 448 -125.93 -35.23 -67.98
C VAL T 448 -125.99 -33.74 -68.29
N ASP T 449 -126.94 -33.34 -69.13
CA ASP T 449 -127.28 -31.93 -69.25
C ASP T 449 -128.79 -31.77 -69.23
N VAL T 450 -129.25 -30.69 -68.62
CA VAL T 450 -130.67 -30.50 -68.40
C VAL T 450 -131.09 -29.14 -68.96
N PHE T 451 -132.38 -29.04 -69.25
CA PHE T 451 -133.03 -27.78 -69.62
C PHE T 451 -133.73 -27.26 -68.38
N GLU T 452 -133.17 -26.23 -67.74
CA GLU T 452 -133.78 -25.73 -66.53
C GLU T 452 -133.45 -24.26 -66.32
N THR T 453 -134.09 -23.69 -65.31
CA THR T 453 -133.87 -22.30 -64.92
C THR T 453 -132.47 -22.13 -64.36
N SER T 454 -131.65 -21.36 -65.06
CA SER T 454 -130.29 -21.03 -64.69
C SER T 454 -130.05 -19.62 -65.21
N ASP T 455 -128.79 -19.23 -65.37
CA ASP T 455 -128.49 -18.13 -66.26
C ASP T 455 -127.12 -18.31 -66.89
N ALA T 456 -126.97 -17.67 -68.05
CA ALA T 456 -125.80 -17.80 -68.91
C ALA T 456 -124.52 -17.40 -68.20
N LEU T 457 -124.56 -16.38 -67.36
CA LEU T 457 -123.36 -15.89 -66.69
C LEU T 457 -122.82 -16.89 -65.68
N THR T 458 -123.69 -17.43 -64.81
CA THR T 458 -123.21 -18.39 -63.82
C THR T 458 -122.86 -19.72 -64.46
N VAL T 459 -123.60 -20.15 -65.50
CA VAL T 459 -123.20 -21.41 -66.12
C VAL T 459 -121.91 -21.25 -66.93
N SER T 460 -121.62 -20.05 -67.44
CA SER T 460 -120.34 -19.83 -68.12
C SER T 460 -119.18 -19.81 -67.15
N ILE T 461 -119.37 -19.16 -65.99
CA ILE T 461 -118.32 -19.14 -64.96
C ILE T 461 -118.06 -20.55 -64.45
N ARG T 462 -119.12 -21.32 -64.21
CA ARG T 462 -118.92 -22.68 -63.71
C ARG T 462 -118.36 -23.61 -64.78
N GLY T 463 -118.68 -23.38 -66.05
CA GLY T 463 -118.04 -24.15 -67.11
C GLY T 463 -116.57 -23.84 -67.28
N ARG T 464 -116.19 -22.57 -67.13
CA ARG T 464 -114.77 -22.23 -67.25
C ARG T 464 -113.97 -22.72 -66.05
N TRP T 465 -114.54 -22.64 -64.85
CA TRP T 465 -113.88 -23.22 -63.68
C TRP T 465 -113.83 -24.74 -63.80
N MET T 466 -114.84 -25.34 -64.42
CA MET T 466 -114.83 -26.77 -64.69
C MET T 466 -113.68 -27.16 -65.59
N ALA T 467 -113.49 -26.41 -66.68
CA ALA T 467 -112.37 -26.68 -67.58
C ALA T 467 -111.03 -26.43 -66.92
N ARG T 468 -110.95 -25.41 -66.04
CA ARG T 468 -109.70 -25.12 -65.36
C ARG T 468 -109.30 -26.24 -64.42
N LEU T 469 -110.27 -26.82 -63.71
CA LEU T 469 -109.94 -27.99 -62.92
C LEU T 469 -109.72 -29.22 -63.78
N ALA T 470 -110.38 -29.32 -64.93
CA ALA T 470 -110.26 -30.51 -65.75
C ALA T 470 -108.93 -30.58 -66.46
N ARG T 471 -108.27 -29.45 -66.69
CA ARG T 471 -106.95 -29.46 -67.30
C ARG T 471 -105.83 -29.61 -66.27
N MET T 472 -106.13 -30.22 -65.13
CA MET T 472 -105.14 -30.40 -64.07
C MET T 472 -105.05 -31.81 -63.53
N ASN T 473 -105.85 -32.76 -64.01
CA ASN T 473 -105.83 -34.06 -63.36
C ASN T 473 -104.60 -34.86 -63.77
N ILE T 474 -104.36 -35.93 -63.05
CA ILE T 474 -103.10 -36.65 -63.15
C ILE T 474 -103.40 -38.15 -63.20
N ASN T 475 -102.53 -38.85 -63.79
CA ASN T 475 -102.57 -40.30 -63.92
C ASN T 475 -101.79 -40.93 -62.77
N PRO T 476 -102.33 -41.95 -62.10
CA PRO T 476 -101.52 -42.68 -61.11
C PRO T 476 -100.27 -43.32 -61.68
N THR T 477 -100.23 -43.60 -62.98
CA THR T 477 -98.98 -43.98 -63.64
C THR T 477 -97.99 -42.83 -63.61
N GLU T 478 -98.45 -41.60 -63.83
CA GLU T 478 -97.56 -40.44 -63.69
C GLU T 478 -97.12 -40.25 -62.25
N ILE T 479 -97.99 -40.56 -61.29
CA ILE T 479 -97.62 -40.46 -59.88
C ILE T 479 -96.53 -41.46 -59.52
N GLU T 480 -96.67 -42.71 -59.97
CA GLU T 480 -95.66 -43.71 -59.66
C GLU T 480 -94.34 -43.44 -60.40
N TRP T 481 -94.41 -42.86 -61.60
CA TRP T 481 -93.19 -42.43 -62.28
C TRP T 481 -92.46 -41.34 -61.49
N ALA T 482 -93.21 -40.33 -61.03
CA ALA T 482 -92.61 -39.22 -60.31
C ALA T 482 -92.02 -39.66 -58.97
N LEU T 483 -92.74 -40.52 -58.25
CA LEU T 483 -92.23 -40.97 -56.97
C LEU T 483 -91.12 -42.00 -57.10
N THR T 484 -90.98 -42.64 -58.26
CA THR T 484 -89.77 -43.42 -58.49
C THR T 484 -88.58 -42.52 -58.77
N GLU T 485 -88.77 -41.53 -59.66
CA GLU T 485 -87.67 -40.66 -60.05
C GLU T 485 -87.19 -39.77 -58.91
N CYS T 486 -88.06 -39.41 -57.98
CA CYS T 486 -87.61 -38.68 -56.80
C CYS T 486 -86.80 -39.56 -55.88
N ALA T 487 -87.19 -40.83 -55.74
CA ALA T 487 -86.50 -41.73 -54.84
C ALA T 487 -85.15 -42.19 -55.39
N GLN T 488 -84.97 -42.13 -56.71
CA GLN T 488 -83.67 -42.32 -57.38
C GLN T 488 -83.11 -43.72 -57.16
N GLY T 489 -83.87 -44.73 -57.59
CA GLY T 489 -83.36 -46.07 -57.71
C GLY T 489 -83.27 -46.88 -56.43
N TYR T 490 -83.22 -46.23 -55.27
CA TYR T 490 -83.17 -46.99 -54.01
C TYR T 490 -84.52 -47.60 -53.70
N VAL T 491 -85.60 -46.98 -54.13
CA VAL T 491 -86.95 -47.38 -53.78
C VAL T 491 -87.82 -47.23 -55.02
N THR T 492 -88.47 -48.31 -55.44
CA THR T 492 -89.47 -48.23 -56.47
C THR T 492 -90.85 -48.28 -55.86
N VAL T 493 -91.84 -47.82 -56.63
CA VAL T 493 -93.20 -47.65 -56.14
C VAL T 493 -94.15 -47.94 -57.30
N THR T 494 -95.27 -48.60 -56.99
CA THR T 494 -96.31 -48.81 -57.98
C THR T 494 -97.68 -48.48 -57.38
N SER T 495 -98.57 -47.98 -58.22
CA SER T 495 -99.89 -47.54 -57.77
C SER T 495 -100.93 -48.15 -58.71
N PRO T 496 -101.55 -49.25 -58.32
CA PRO T 496 -102.53 -49.88 -59.19
C PRO T 496 -103.86 -49.17 -59.14
N TYR T 497 -104.61 -49.26 -60.23
CA TYR T 497 -105.91 -48.61 -60.31
C TYR T 497 -106.79 -49.33 -61.31
N ALA T 498 -108.08 -49.27 -61.06
CA ALA T 498 -109.06 -49.78 -62.00
C ALA T 498 -109.25 -48.79 -63.15
N PRO T 499 -109.50 -49.27 -64.36
CA PRO T 499 -109.70 -48.38 -65.50
C PRO T 499 -111.02 -47.63 -65.39
N SER T 500 -110.93 -46.30 -65.28
CA SER T 500 -112.13 -45.48 -65.18
C SER T 500 -111.84 -44.10 -65.73
N VAL T 501 -112.85 -43.51 -66.37
CA VAL T 501 -112.75 -42.14 -66.89
C VAL T 501 -113.30 -41.14 -65.89
N ASN T 502 -113.58 -41.57 -64.67
CA ASN T 502 -114.38 -40.79 -63.73
C ASN T 502 -113.54 -39.93 -62.81
N ARG T 503 -112.39 -40.44 -62.37
CA ARG T 503 -111.69 -39.82 -61.26
C ARG T 503 -111.04 -38.50 -61.66
N LEU T 504 -110.75 -37.69 -60.65
CA LEU T 504 -110.19 -36.37 -60.88
C LEU T 504 -109.22 -36.08 -59.74
N MET T 505 -107.95 -35.95 -60.07
CA MET T 505 -106.88 -35.73 -59.09
C MET T 505 -106.10 -34.51 -59.54
N PRO T 506 -106.57 -33.30 -59.19
CA PRO T 506 -105.96 -32.10 -59.76
C PRO T 506 -104.61 -31.75 -59.14
N TYR T 507 -103.53 -32.08 -59.84
CA TYR T 507 -102.20 -31.85 -59.30
C TYR T 507 -101.17 -31.43 -60.34
N ARG T 508 -101.55 -31.23 -61.60
CA ARG T 508 -100.59 -31.00 -62.67
C ARG T 508 -100.61 -29.52 -63.05
N ILE T 509 -99.53 -28.81 -62.71
CA ILE T 509 -99.43 -27.39 -62.97
C ILE T 509 -98.23 -27.13 -63.86
N SER T 510 -98.09 -25.88 -64.29
CA SER T 510 -97.00 -25.48 -65.16
C SER T 510 -95.80 -25.04 -64.32
N ASN T 511 -94.74 -24.63 -65.02
CA ASN T 511 -93.52 -24.21 -64.35
C ASN T 511 -93.62 -22.77 -63.87
N ALA T 512 -94.38 -21.94 -64.59
CA ALA T 512 -94.40 -20.52 -64.32
C ALA T 512 -95.11 -20.19 -63.02
N GLU T 513 -96.21 -20.89 -62.72
CA GLU T 513 -96.93 -20.67 -61.47
C GLU T 513 -96.07 -21.05 -60.28
N ARG T 514 -95.31 -22.12 -60.41
CA ARG T 514 -94.35 -22.55 -59.40
C ARG T 514 -93.26 -21.52 -59.19
N GLN T 515 -92.75 -20.93 -60.28
CA GLN T 515 -91.72 -19.90 -60.15
C GLN T 515 -92.25 -18.62 -59.50
N ILE T 516 -93.46 -18.19 -59.86
CA ILE T 516 -94.04 -16.99 -59.26
C ILE T 516 -94.34 -17.21 -57.78
N SER T 517 -94.79 -18.41 -57.42
CA SER T 517 -94.97 -18.73 -56.01
C SER T 517 -93.65 -18.75 -55.26
N GLN T 518 -92.57 -19.19 -55.92
CA GLN T 518 -91.24 -19.12 -55.33
C GLN T 518 -90.80 -17.68 -55.09
N ILE T 519 -91.13 -16.78 -56.02
CA ILE T 519 -90.77 -15.36 -55.86
C ILE T 519 -91.52 -14.75 -54.67
N ILE T 520 -92.80 -15.10 -54.51
CA ILE T 520 -93.57 -14.62 -53.36
C ILE T 520 -92.98 -15.18 -52.06
N ARG T 521 -92.57 -16.45 -52.06
CA ARG T 521 -91.97 -17.02 -50.87
C ARG T 521 -90.63 -16.39 -50.52
N VAL T 522 -89.88 -15.95 -51.53
CA VAL T 522 -88.63 -15.25 -51.25
C VAL T 522 -88.89 -13.86 -50.70
N MET T 523 -89.89 -13.16 -51.24
CA MET T 523 -90.26 -11.86 -50.68
C MET T 523 -90.87 -11.95 -49.29
N ASN T 524 -91.32 -13.13 -48.87
CA ASN T 524 -91.83 -13.32 -47.51
C ASN T 524 -90.79 -13.09 -46.44
N ILE T 525 -89.50 -13.25 -46.73
CA ILE T 525 -88.48 -13.22 -45.69
C ILE T 525 -88.29 -11.79 -45.20
N GLY T 526 -87.81 -10.91 -46.06
CA GLY T 526 -87.61 -9.52 -45.70
C GLY T 526 -86.64 -9.30 -44.56
N ASN T 527 -85.50 -10.00 -44.62
CA ASN T 527 -84.41 -9.91 -43.63
C ASN T 527 -84.87 -10.27 -42.23
N ASN T 528 -85.83 -11.16 -42.11
CA ASN T 528 -86.33 -11.61 -40.82
C ASN T 528 -85.70 -12.97 -40.54
N ALA T 529 -84.74 -13.00 -39.62
CA ALA T 529 -84.07 -14.26 -39.28
C ALA T 529 -84.98 -15.21 -38.53
N THR T 530 -86.04 -14.69 -37.90
CA THR T 530 -87.02 -15.54 -37.24
C THR T 530 -87.78 -16.40 -38.25
N VAL T 531 -87.90 -15.92 -39.48
CA VAL T 531 -88.54 -16.71 -40.53
C VAL T 531 -87.68 -17.90 -40.93
N ILE T 532 -86.39 -17.69 -41.17
CA ILE T 532 -85.57 -18.74 -41.75
C ILE T 532 -84.72 -19.47 -40.71
N GLN T 533 -84.96 -19.21 -39.42
CA GLN T 533 -84.39 -20.08 -38.41
C GLN T 533 -85.00 -21.48 -38.39
N PRO T 534 -86.33 -21.67 -38.30
CA PRO T 534 -86.83 -23.05 -38.14
C PRO T 534 -86.69 -23.89 -39.38
N VAL T 535 -86.60 -23.26 -40.56
CA VAL T 535 -86.38 -23.99 -41.80
C VAL T 535 -85.04 -24.72 -41.76
N LEU T 536 -83.96 -23.98 -41.53
CA LEU T 536 -82.63 -24.57 -41.43
C LEU T 536 -82.49 -25.50 -40.24
N GLN T 537 -83.14 -25.18 -39.12
CA GLN T 537 -83.06 -26.05 -37.94
C GLN T 537 -83.74 -27.40 -38.19
N ASP T 538 -84.93 -27.39 -38.80
CA ASP T 538 -85.64 -28.64 -39.00
C ASP T 538 -85.06 -29.46 -40.14
N ILE T 539 -84.50 -28.81 -41.17
CA ILE T 539 -83.78 -29.56 -42.20
C ILE T 539 -82.50 -30.17 -41.62
N SER T 540 -81.87 -29.48 -40.67
CA SER T 540 -80.71 -30.05 -39.98
C SER T 540 -81.07 -31.29 -39.17
N VAL T 541 -82.18 -31.23 -38.43
CA VAL T 541 -82.59 -32.39 -37.63
C VAL T 541 -83.03 -33.54 -38.53
N LEU T 542 -83.65 -33.22 -39.67
CA LEU T 542 -84.02 -34.26 -40.63
C LEU T 542 -82.79 -34.91 -41.25
N LEU T 543 -81.76 -34.13 -41.54
CA LEU T 543 -80.50 -34.70 -42.02
C LEU T 543 -79.77 -35.49 -40.94
N GLN T 544 -80.01 -35.19 -39.67
CA GLN T 544 -79.44 -36.00 -38.61
C GLN T 544 -80.10 -37.38 -38.58
N ARG T 545 -81.43 -37.41 -38.47
CA ARG T 545 -82.17 -38.65 -38.22
C ARG T 545 -82.18 -39.63 -39.40
N ILE T 546 -81.53 -39.34 -40.51
CA ILE T 546 -81.42 -40.24 -41.64
C ILE T 546 -80.02 -40.84 -41.76
N SER T 547 -79.00 -40.03 -41.48
CA SER T 547 -77.67 -40.26 -42.01
C SER T 547 -77.01 -41.48 -41.39
N PRO T 548 -76.31 -42.30 -42.18
CA PRO T 548 -75.56 -43.41 -41.59
C PRO T 548 -74.38 -42.95 -40.78
N LEU T 549 -73.81 -41.81 -41.12
CA LEU T 549 -72.67 -41.28 -40.39
C LEU T 549 -73.09 -40.84 -39.01
N GLN T 550 -72.44 -41.38 -38.00
CA GLN T 550 -72.53 -40.87 -36.64
C GLN T 550 -71.22 -40.16 -36.30
N ILE T 551 -71.32 -38.98 -35.72
CA ILE T 551 -70.15 -38.20 -35.35
C ILE T 551 -69.71 -38.64 -33.97
N ASP T 552 -68.52 -39.23 -33.90
CA ASP T 552 -68.05 -39.89 -32.67
C ASP T 552 -66.64 -39.41 -32.37
N PRO T 553 -66.50 -38.41 -31.50
CA PRO T 553 -65.21 -37.70 -31.39
C PRO T 553 -64.16 -38.40 -30.54
N THR T 554 -64.39 -39.63 -30.09
CA THR T 554 -63.35 -40.30 -29.34
C THR T 554 -62.32 -40.97 -30.24
N ILE T 555 -62.52 -40.93 -31.55
CA ILE T 555 -61.50 -41.40 -32.50
C ILE T 555 -60.23 -40.56 -32.38
N ILE T 556 -60.39 -39.26 -32.15
CA ILE T 556 -59.25 -38.37 -31.95
C ILE T 556 -58.46 -38.77 -30.71
N SER T 557 -59.15 -38.99 -29.59
CA SER T 557 -58.48 -39.41 -28.36
C SER T 557 -57.85 -40.79 -28.49
N ASN T 558 -58.47 -41.69 -29.26
CA ASN T 558 -57.88 -43.00 -29.47
C ASN T 558 -56.62 -42.94 -30.33
N THR T 559 -56.55 -42.01 -31.29
CA THR T 559 -55.31 -41.87 -32.03
C THR T 559 -54.25 -41.12 -31.25
N MET T 560 -54.64 -40.21 -30.35
CA MET T 560 -53.64 -39.51 -29.56
C MET T 560 -53.06 -40.40 -28.47
N SER T 561 -53.90 -40.83 -27.52
CA SER T 561 -53.52 -41.54 -26.30
C SER T 561 -52.41 -40.81 -25.55
N THR T 562 -52.71 -39.59 -25.13
CA THR T 562 -51.69 -38.74 -24.51
C THR T 562 -51.52 -39.05 -23.03
N VAL T 563 -52.53 -38.79 -22.22
CA VAL T 563 -52.39 -38.96 -20.79
C VAL T 563 -53.76 -39.16 -20.15
N THR T 570 -44.75 -28.40 -18.54
CA THR T 570 -45.19 -27.51 -19.62
C THR T 570 -46.35 -28.12 -20.39
N LEU T 571 -46.64 -27.54 -21.55
CA LEU T 571 -47.67 -28.05 -22.43
C LEU T 571 -47.06 -28.74 -23.64
N SER T 572 -47.70 -29.81 -24.08
CA SER T 572 -47.32 -30.57 -25.24
C SER T 572 -48.28 -30.28 -26.39
N PRO T 573 -47.82 -30.30 -27.64
CA PRO T 573 -48.73 -30.05 -28.76
C PRO T 573 -49.75 -31.14 -28.98
N ALA T 574 -49.51 -32.35 -28.48
CA ALA T 574 -50.52 -33.39 -28.58
C ALA T 574 -51.68 -33.11 -27.64
N SER T 575 -51.40 -32.57 -26.47
CA SER T 575 -52.44 -32.25 -25.51
C SER T 575 -53.11 -30.90 -25.77
N SER T 576 -52.39 -29.97 -26.39
CA SER T 576 -52.97 -28.67 -26.69
C SER T 576 -54.09 -28.76 -27.71
N ILE T 577 -53.95 -29.61 -28.72
CA ILE T 577 -55.04 -29.77 -29.69
C ILE T 577 -56.22 -30.52 -29.08
N LEU T 578 -56.00 -31.36 -28.07
CA LEU T 578 -57.12 -31.98 -27.39
C LEU T 578 -57.88 -30.96 -26.55
N GLY T 579 -57.15 -30.11 -25.84
CA GLY T 579 -57.77 -29.04 -25.09
C GLY T 579 -58.43 -27.99 -25.97
N LYS T 580 -57.99 -27.85 -27.21
CA LYS T 580 -58.59 -26.91 -28.13
C LYS T 580 -59.81 -27.49 -28.84
N LEU T 581 -59.76 -28.77 -29.23
CA LEU T 581 -60.89 -29.37 -29.93
C LEU T 581 -62.02 -29.75 -28.99
N ARG T 582 -61.71 -30.06 -27.72
CA ARG T 582 -62.65 -30.47 -26.69
C ARG T 582 -63.52 -31.64 -27.13
N PRO T 583 -62.99 -32.86 -27.20
CA PRO T 583 -63.79 -33.98 -27.71
C PRO T 583 -64.88 -34.46 -26.77
N SER T 584 -64.99 -33.92 -25.57
CA SER T 584 -66.11 -34.25 -24.71
C SER T 584 -67.41 -33.60 -25.17
N ASN T 585 -67.33 -32.54 -25.96
CA ASN T 585 -68.52 -31.84 -26.41
C ASN T 585 -69.20 -32.66 -27.50
N SER T 586 -70.48 -32.99 -27.28
CA SER T 586 -71.29 -33.65 -28.29
C SER T 586 -72.38 -32.66 -28.69
N ASP T 587 -72.03 -31.78 -29.61
CA ASP T 587 -72.97 -30.81 -30.17
C ASP T 587 -72.42 -30.43 -31.53
N PHE T 588 -72.98 -31.01 -32.59
CA PHE T 588 -72.48 -30.81 -33.93
C PHE T 588 -73.60 -30.27 -34.82
N SER T 589 -74.34 -29.31 -34.29
CA SER T 589 -75.38 -28.63 -35.06
C SER T 589 -74.79 -27.76 -36.15
N SER T 590 -73.59 -27.22 -35.91
CA SER T 590 -72.95 -26.35 -36.89
C SER T 590 -72.49 -27.11 -38.12
N PHE T 591 -72.40 -28.43 -38.04
CA PHE T 591 -72.05 -29.22 -39.21
C PHE T 591 -73.26 -29.45 -40.11
N ARG T 592 -74.37 -29.90 -39.53
CA ARG T 592 -75.54 -30.22 -40.33
C ARG T 592 -76.28 -28.96 -40.78
N VAL T 593 -76.20 -27.86 -40.04
CA VAL T 593 -76.75 -26.60 -40.56
C VAL T 593 -75.93 -26.10 -41.74
N ALA T 594 -74.61 -26.33 -41.70
CA ALA T 594 -73.76 -26.00 -42.85
C ALA T 594 -74.07 -26.87 -44.04
N LEU T 595 -74.42 -28.14 -43.82
CA LEU T 595 -74.89 -28.97 -44.92
C LEU T 595 -76.24 -28.48 -45.45
N ALA T 596 -77.15 -28.09 -44.57
CA ALA T 596 -78.46 -27.62 -45.00
C ALA T 596 -78.41 -26.28 -45.70
N GLY T 597 -77.37 -25.48 -45.45
CA GLY T 597 -77.22 -24.20 -46.11
C GLY T 597 -76.84 -24.28 -47.57
N TRP T 598 -76.47 -25.46 -48.07
CA TRP T 598 -76.15 -25.61 -49.48
C TRP T 598 -77.38 -25.45 -50.35
N LEU T 599 -78.57 -25.75 -49.81
CA LEU T 599 -79.79 -25.62 -50.57
C LEU T 599 -80.32 -24.21 -50.61
N TYR T 600 -79.77 -23.30 -49.83
CA TYR T 600 -80.35 -21.97 -49.69
C TYR T 600 -79.28 -20.91 -49.86
N ASN T 601 -78.52 -21.04 -50.95
CA ASN T 601 -77.46 -20.10 -51.27
C ASN T 601 -77.98 -18.68 -51.49
N GLY T 602 -79.19 -18.56 -52.03
CA GLY T 602 -79.70 -17.26 -52.42
C GLY T 602 -80.19 -16.39 -51.28
N VAL T 603 -80.81 -16.99 -50.27
CA VAL T 603 -81.43 -16.17 -49.24
C VAL T 603 -80.59 -16.05 -47.99
N VAL T 604 -79.64 -16.96 -47.76
CA VAL T 604 -78.89 -17.00 -46.52
C VAL T 604 -77.48 -17.49 -46.83
N THR T 605 -76.50 -16.90 -46.16
CA THR T 605 -75.12 -17.33 -46.34
C THR T 605 -74.55 -17.73 -45.00
N THR T 606 -73.56 -18.63 -45.04
CA THR T 606 -73.00 -19.23 -43.86
C THR T 606 -71.55 -18.78 -43.71
N VAL T 607 -71.26 -18.09 -42.62
CA VAL T 607 -69.95 -17.52 -42.36
C VAL T 607 -69.38 -18.19 -41.12
N ILE T 608 -68.06 -18.37 -41.09
CA ILE T 608 -67.40 -18.78 -39.85
C ILE T 608 -67.40 -17.59 -38.89
N ASP T 609 -67.73 -17.85 -37.63
CA ASP T 609 -67.84 -16.81 -36.61
C ASP T 609 -66.48 -16.18 -36.35
N ASP T 610 -66.50 -14.92 -35.90
CA ASP T 610 -65.25 -14.18 -35.72
C ASP T 610 -64.45 -14.69 -34.54
N SER T 611 -65.11 -15.29 -33.56
CA SER T 611 -64.41 -15.85 -32.42
C SER T 611 -63.64 -17.12 -32.76
N SER T 612 -63.96 -17.77 -33.88
CA SER T 612 -63.19 -18.92 -34.34
C SER T 612 -61.86 -18.52 -34.96
N TYR T 613 -61.68 -17.25 -35.30
CA TYR T 613 -60.42 -16.74 -35.80
C TYR T 613 -59.44 -16.62 -34.65
N PRO T 614 -58.12 -16.44 -34.93
CA PRO T 614 -57.16 -16.24 -33.82
C PRO T 614 -57.40 -14.97 -33.00
N LYS T 615 -56.58 -14.79 -31.96
CA LYS T 615 -56.96 -13.97 -30.81
C LYS T 615 -56.96 -12.49 -31.14
N ASP T 616 -55.80 -11.92 -31.45
CA ASP T 616 -55.66 -10.50 -31.76
C ASP T 616 -54.89 -10.43 -33.06
N GLY T 617 -55.60 -10.49 -34.18
CA GLY T 617 -54.91 -10.76 -35.42
C GLY T 617 -54.45 -12.20 -35.36
N GLY T 618 -53.16 -12.38 -35.11
CA GLY T 618 -52.62 -13.70 -34.85
C GLY T 618 -51.12 -13.58 -34.70
N SER T 619 -50.49 -14.73 -34.47
CA SER T 619 -49.03 -14.77 -34.44
C SER T 619 -48.56 -16.17 -34.77
N VAL T 620 -47.56 -16.26 -35.64
CA VAL T 620 -47.08 -17.56 -36.08
C VAL T 620 -46.21 -18.22 -35.02
N THR T 621 -45.69 -17.46 -34.06
CA THR T 621 -44.79 -18.00 -33.07
C THR T 621 -45.50 -18.64 -31.90
N SER T 622 -46.84 -18.71 -31.91
CA SER T 622 -47.59 -19.26 -30.80
C SER T 622 -48.35 -20.49 -31.23
N LEU T 623 -48.24 -21.52 -30.39
CA LEU T 623 -48.80 -22.84 -30.69
C LEU T 623 -50.32 -22.82 -30.75
N GLU T 624 -50.96 -22.00 -29.90
CA GLU T 624 -52.41 -21.91 -29.89
C GLU T 624 -52.92 -21.32 -31.19
N ASN T 625 -52.25 -20.29 -31.70
CA ASN T 625 -52.68 -19.72 -32.97
C ASN T 625 -52.33 -20.62 -34.15
N LEU T 626 -51.29 -21.45 -34.04
CA LEU T 626 -51.07 -22.45 -35.09
C LEU T 626 -52.21 -23.46 -35.13
N TRP T 627 -52.67 -23.93 -33.97
CA TRP T 627 -53.78 -24.88 -33.99
C TRP T 627 -55.09 -24.22 -34.41
N ASP T 628 -55.27 -22.94 -34.06
CA ASP T 628 -56.42 -22.20 -34.54
C ASP T 628 -56.42 -22.06 -36.05
N PHE T 629 -55.26 -21.83 -36.64
CA PHE T 629 -55.14 -21.81 -38.09
C PHE T 629 -55.48 -23.14 -38.71
N PHE T 630 -55.05 -24.24 -38.06
CA PHE T 630 -55.38 -25.57 -38.56
C PHE T 630 -56.87 -25.82 -38.58
N ILE T 631 -57.53 -25.55 -37.45
CA ILE T 631 -58.97 -25.77 -37.32
C ILE T 631 -59.75 -24.92 -38.32
N LEU T 632 -59.34 -23.65 -38.46
CA LEU T 632 -59.99 -22.75 -39.40
C LEU T 632 -59.80 -23.20 -40.85
N ALA T 633 -58.59 -23.59 -41.22
CA ALA T 633 -58.32 -23.94 -42.60
C ALA T 633 -58.93 -25.27 -42.99
N LEU T 634 -59.20 -26.14 -42.02
CA LEU T 634 -59.99 -27.32 -42.35
C LEU T 634 -61.49 -27.06 -42.31
N ALA T 635 -61.95 -26.03 -41.60
CA ALA T 635 -63.38 -25.77 -41.59
C ALA T 635 -63.86 -24.93 -42.76
N LEU T 636 -62.98 -24.13 -43.36
CA LEU T 636 -63.42 -23.19 -44.41
C LEU T 636 -63.99 -23.78 -45.72
N PRO T 637 -63.56 -24.92 -46.27
CA PRO T 637 -64.18 -25.34 -47.55
C PRO T 637 -65.61 -25.85 -47.45
N LEU T 638 -66.28 -25.77 -46.32
CA LEU T 638 -67.63 -26.29 -46.19
C LEU T 638 -68.70 -25.22 -46.31
N THR T 639 -68.36 -23.97 -46.01
CA THR T 639 -69.35 -22.92 -45.94
C THR T 639 -69.70 -22.39 -47.32
N THR T 640 -70.85 -21.75 -47.42
CA THR T 640 -71.29 -21.12 -48.66
C THR T 640 -70.86 -19.66 -48.71
N ASP T 641 -69.60 -19.40 -48.41
CA ASP T 641 -69.16 -18.03 -48.62
C ASP T 641 -68.74 -17.85 -50.07
N PRO T 642 -69.02 -16.69 -50.66
CA PRO T 642 -68.44 -16.40 -51.97
C PRO T 642 -66.94 -16.20 -51.91
N CYS T 643 -66.41 -15.77 -50.75
CA CYS T 643 -64.97 -15.64 -50.54
C CYS T 643 -64.56 -16.31 -49.23
N ALA T 644 -64.43 -17.62 -49.30
CA ALA T 644 -63.66 -18.43 -48.37
C ALA T 644 -62.15 -18.51 -48.67
N PRO T 645 -61.68 -18.63 -49.92
CA PRO T 645 -60.21 -18.68 -50.12
C PRO T 645 -59.47 -17.43 -49.71
N VAL T 646 -60.08 -16.26 -49.83
CA VAL T 646 -59.38 -15.03 -49.46
C VAL T 646 -59.19 -14.96 -47.95
N LYS T 647 -60.20 -15.41 -47.18
CA LYS T 647 -60.03 -15.50 -45.74
C LYS T 647 -59.02 -16.57 -45.37
N ALA T 648 -59.00 -17.69 -46.09
CA ALA T 648 -58.03 -18.76 -45.84
C ALA T 648 -56.61 -18.30 -46.12
N PHE T 649 -56.43 -17.41 -47.08
CA PHE T 649 -55.10 -16.88 -47.35
C PHE T 649 -54.70 -15.81 -46.35
N MET T 650 -55.60 -14.87 -46.07
CA MET T 650 -55.24 -13.75 -45.22
C MET T 650 -55.14 -14.11 -43.75
N THR T 651 -55.65 -15.26 -43.32
CA THR T 651 -55.39 -15.70 -41.95
C THR T 651 -53.92 -15.99 -41.73
N LEU T 652 -53.31 -16.76 -42.64
CA LEU T 652 -51.87 -17.01 -42.55
C LEU T 652 -51.08 -15.75 -42.86
N ALA T 653 -51.58 -14.89 -43.76
CA ALA T 653 -50.90 -13.64 -44.02
C ALA T 653 -50.93 -12.69 -42.82
N ASN T 654 -51.92 -12.79 -41.95
CA ASN T 654 -51.94 -12.00 -40.73
C ASN T 654 -51.07 -12.60 -39.65
N MET T 655 -51.06 -13.93 -39.54
CA MET T 655 -50.18 -14.56 -38.56
C MET T 655 -48.71 -14.36 -38.92
N MET T 656 -48.40 -14.26 -40.21
CA MET T 656 -47.03 -14.16 -40.65
C MET T 656 -46.72 -12.71 -41.05
N VAL T 657 -46.54 -11.88 -40.02
CA VAL T 657 -46.23 -10.46 -40.20
C VAL T 657 -44.94 -10.17 -39.45
N GLY T 658 -43.99 -9.55 -40.12
CA GLY T 658 -42.68 -9.35 -39.58
C GLY T 658 -41.70 -10.43 -39.97
N PHE T 659 -42.19 -11.58 -40.39
CA PHE T 659 -41.36 -12.63 -40.95
C PHE T 659 -41.38 -12.64 -42.46
N GLU T 660 -42.54 -12.42 -43.09
CA GLU T 660 -42.64 -12.35 -44.53
C GLU T 660 -43.53 -11.19 -44.93
N THR T 661 -43.16 -10.52 -46.03
CA THR T 661 -43.93 -9.40 -46.54
C THR T 661 -44.36 -9.68 -47.97
N ILE T 662 -45.57 -9.20 -48.31
CA ILE T 662 -46.12 -9.35 -49.65
C ILE T 662 -46.66 -7.98 -50.07
N PRO T 663 -46.70 -7.67 -51.37
CA PRO T 663 -47.23 -6.37 -51.78
C PRO T 663 -48.74 -6.30 -51.66
N MET T 664 -49.23 -5.06 -51.55
CA MET T 664 -50.65 -4.76 -51.56
C MET T 664 -50.90 -3.66 -52.60
N ASP T 665 -52.15 -3.21 -52.68
CA ASP T 665 -52.47 -2.23 -53.73
C ASP T 665 -52.21 -0.80 -53.29
N ASN T 666 -52.48 -0.46 -52.03
CA ASN T 666 -52.33 0.90 -51.58
C ASN T 666 -51.46 1.02 -50.34
N GLN T 667 -51.44 2.20 -49.74
CA GLN T 667 -50.78 2.41 -48.47
C GLN T 667 -51.71 2.19 -47.28
N ILE T 668 -53.02 2.10 -47.53
CA ILE T 668 -53.98 1.99 -46.44
C ILE T 668 -54.08 0.54 -45.96
N TYR T 669 -54.45 -0.36 -46.86
CA TYR T 669 -54.73 -1.74 -46.49
C TYR T 669 -53.41 -2.47 -46.31
N THR T 670 -52.89 -2.39 -45.09
CA THR T 670 -51.69 -3.12 -44.70
C THR T 670 -51.98 -4.62 -44.71
N GLN T 671 -50.91 -5.41 -44.89
CA GLN T 671 -50.97 -6.87 -44.78
C GLN T 671 -51.59 -7.33 -43.46
N SER T 672 -51.38 -6.60 -42.38
CA SER T 672 -51.90 -6.96 -41.07
C SER T 672 -53.37 -6.59 -40.87
N ARG T 673 -54.12 -6.31 -41.92
CA ARG T 673 -55.56 -6.16 -41.79
C ARG T 673 -56.19 -7.52 -41.56
N ARG T 674 -57.01 -7.65 -40.52
CA ARG T 674 -57.52 -8.94 -40.06
C ARG T 674 -58.41 -9.59 -41.12
N ALA T 675 -58.43 -10.92 -41.09
CA ALA T 675 -59.04 -11.70 -42.16
C ALA T 675 -60.55 -11.69 -42.11
N SER T 676 -61.16 -11.19 -41.03
CA SER T 676 -62.61 -11.15 -40.95
C SER T 676 -63.20 -10.06 -41.83
N ALA T 677 -62.39 -9.12 -42.33
CA ALA T 677 -62.90 -8.03 -43.14
C ALA T 677 -63.07 -8.38 -44.60
N PHE T 678 -62.38 -9.40 -45.08
CA PHE T 678 -62.43 -9.76 -46.51
C PHE T 678 -63.68 -10.58 -46.79
N SER T 679 -64.83 -9.91 -46.74
CA SER T 679 -66.12 -10.58 -46.87
C SER T 679 -66.83 -10.24 -48.16
N THR T 680 -66.28 -9.37 -48.98
CA THR T 680 -66.89 -8.92 -50.22
C THR T 680 -65.90 -9.12 -51.36
N PRO T 681 -66.39 -9.23 -52.61
CA PRO T 681 -65.46 -9.46 -53.73
C PRO T 681 -64.57 -8.27 -54.05
N HIS T 682 -64.98 -7.05 -53.71
CA HIS T 682 -64.18 -5.88 -54.06
C HIS T 682 -63.04 -5.63 -53.09
N THR T 683 -62.74 -6.57 -52.21
CA THR T 683 -61.61 -6.42 -51.30
C THR T 683 -60.52 -7.43 -51.57
N TRP T 684 -60.56 -8.13 -52.69
CA TRP T 684 -59.61 -9.21 -52.89
C TRP T 684 -58.25 -8.63 -53.28
N PRO T 685 -57.18 -9.03 -52.61
CA PRO T 685 -55.88 -8.42 -52.89
C PRO T 685 -55.29 -8.93 -54.19
N ARG T 686 -54.55 -8.04 -54.85
CA ARG T 686 -53.91 -8.38 -56.12
C ARG T 686 -52.83 -9.43 -55.93
N CYS T 687 -52.18 -9.45 -54.76
CA CYS T 687 -51.21 -10.48 -54.45
C CYS T 687 -51.83 -11.86 -54.35
N PHE T 688 -53.12 -11.95 -54.06
CA PHE T 688 -53.84 -13.22 -54.15
C PHE T 688 -54.42 -13.47 -55.52
N MET T 689 -54.80 -12.41 -56.24
CA MET T 689 -55.34 -12.58 -57.58
C MET T 689 -54.28 -13.10 -58.55
N ASN T 690 -53.05 -12.64 -58.41
CA ASN T 690 -51.95 -13.09 -59.24
C ASN T 690 -50.85 -13.60 -58.32
N ILE T 691 -50.53 -14.89 -58.45
CA ILE T 691 -49.57 -15.53 -57.55
C ILE T 691 -48.17 -15.01 -57.81
N GLN T 692 -47.87 -14.65 -59.06
CA GLN T 692 -46.53 -14.28 -59.48
C GLN T 692 -46.03 -12.97 -58.87
N LEU T 693 -46.88 -12.21 -58.20
CA LEU T 693 -46.42 -11.05 -57.45
C LEU T 693 -45.83 -11.42 -56.09
N ILE T 694 -45.97 -12.68 -55.67
CA ILE T 694 -45.37 -13.14 -54.43
C ILE T 694 -44.04 -13.79 -54.79
N SER T 695 -42.94 -13.15 -54.44
CA SER T 695 -41.66 -13.74 -54.81
C SER T 695 -41.29 -14.86 -53.84
N PRO T 696 -40.68 -15.94 -54.33
CA PRO T 696 -40.38 -17.07 -53.44
C PRO T 696 -39.25 -16.81 -52.48
N ILE T 697 -38.50 -15.73 -52.64
CA ILE T 697 -37.43 -15.43 -51.69
C ILE T 697 -37.93 -14.53 -50.55
N ASP T 698 -38.96 -13.72 -50.79
CA ASP T 698 -39.52 -12.90 -49.73
C ASP T 698 -40.65 -13.58 -48.98
N ALA T 699 -41.33 -14.54 -49.61
CA ALA T 699 -42.45 -15.24 -48.96
C ALA T 699 -42.61 -16.65 -49.52
N PRO T 700 -41.72 -17.58 -49.13
CA PRO T 700 -41.84 -18.95 -49.69
C PRO T 700 -43.01 -19.74 -49.14
N ILE T 701 -43.21 -19.74 -47.82
CA ILE T 701 -44.30 -20.50 -47.22
C ILE T 701 -45.64 -19.89 -47.58
N LEU T 702 -45.71 -18.56 -47.61
CA LEU T 702 -46.93 -17.90 -48.02
C LEU T 702 -47.20 -18.03 -49.51
N ARG T 703 -46.16 -18.19 -50.33
CA ARG T 703 -46.39 -18.53 -51.73
C ARG T 703 -46.92 -19.95 -51.88
N GLN T 704 -46.42 -20.88 -51.06
CA GLN T 704 -46.94 -22.24 -51.09
C GLN T 704 -48.40 -22.28 -50.65
N TRP T 705 -48.76 -21.46 -49.67
CA TRP T 705 -50.15 -21.41 -49.24
C TRP T 705 -51.02 -20.71 -50.26
N ALA T 706 -50.46 -19.78 -51.03
CA ALA T 706 -51.21 -19.21 -52.14
C ALA T 706 -51.45 -20.22 -53.25
N GLU T 707 -50.47 -21.06 -53.53
CA GLU T 707 -50.59 -22.01 -54.63
C GLU T 707 -51.46 -23.22 -54.29
N ILE T 708 -51.43 -23.69 -53.03
CA ILE T 708 -52.28 -24.80 -52.63
C ILE T 708 -53.75 -24.42 -52.70
N ILE T 709 -54.08 -23.16 -52.40
CA ILE T 709 -55.44 -22.68 -52.56
C ILE T 709 -55.84 -22.63 -54.03
N HIS T 710 -54.96 -22.11 -54.88
CA HIS T 710 -55.30 -21.99 -56.30
C HIS T 710 -55.36 -23.33 -57.02
N ARG T 711 -54.72 -24.37 -56.49
CA ARG T 711 -54.79 -25.66 -57.14
C ARG T 711 -55.79 -26.63 -56.52
N TYR T 712 -55.75 -26.81 -55.21
CA TYR T 712 -56.44 -27.94 -54.59
C TYR T 712 -57.66 -27.55 -53.76
N TRP T 713 -58.20 -26.36 -53.98
CA TRP T 713 -59.47 -26.00 -53.36
C TRP T 713 -60.59 -26.76 -54.07
N PRO T 714 -61.63 -27.20 -53.34
CA PRO T 714 -62.62 -28.09 -53.94
C PRO T 714 -63.46 -27.45 -55.04
N ASN T 715 -63.82 -28.25 -56.04
CA ASN T 715 -64.51 -27.87 -57.27
C ASN T 715 -66.02 -28.03 -57.12
N PRO T 716 -66.81 -27.08 -57.58
CA PRO T 716 -68.27 -27.27 -57.56
C PRO T 716 -68.73 -28.24 -58.64
N SER T 717 -69.96 -28.70 -58.49
CA SER T 717 -70.56 -29.65 -59.41
C SER T 717 -72.08 -29.50 -59.33
N GLN T 718 -72.81 -30.40 -59.98
CA GLN T 718 -74.26 -30.34 -59.96
C GLN T 718 -74.83 -31.74 -60.07
N ILE T 719 -76.01 -31.94 -59.45
CA ILE T 719 -76.64 -33.24 -59.35
C ILE T 719 -78.13 -33.07 -59.63
N ARG T 720 -78.72 -34.10 -60.24
CA ARG T 720 -80.13 -34.06 -60.60
C ARG T 720 -81.01 -34.46 -59.43
N TYR T 721 -82.23 -33.94 -59.44
CA TYR T 721 -83.22 -34.25 -58.42
C TYR T 721 -84.60 -34.03 -59.03
N GLY T 722 -85.63 -34.34 -58.25
CA GLY T 722 -87.03 -34.12 -58.56
C GLY T 722 -87.43 -34.78 -59.86
N THR T 723 -88.37 -34.14 -60.57
CA THR T 723 -88.72 -34.53 -61.90
C THR T 723 -89.28 -33.36 -62.69
N PRO T 724 -88.99 -33.27 -63.97
CA PRO T 724 -89.82 -32.47 -64.85
C PRO T 724 -90.98 -33.29 -65.38
N ASN T 725 -91.81 -32.66 -66.22
CA ASN T 725 -93.01 -33.21 -66.89
C ASN T 725 -94.16 -33.50 -65.92
N VAL T 726 -93.90 -33.36 -64.63
CA VAL T 726 -94.83 -33.48 -63.51
C VAL T 726 -94.03 -32.91 -62.35
N PHE T 727 -94.72 -32.36 -61.34
CA PHE T 727 -94.20 -31.68 -60.15
C PHE T 727 -93.56 -30.32 -60.46
N GLY T 728 -93.44 -29.96 -61.73
CA GLY T 728 -92.82 -28.71 -62.15
C GLY T 728 -91.37 -28.63 -61.73
N SER T 729 -90.90 -27.39 -61.58
CA SER T 729 -89.56 -27.11 -61.06
C SER T 729 -89.52 -25.67 -60.60
N ALA T 730 -89.20 -25.45 -59.32
CA ALA T 730 -89.10 -24.09 -58.79
C ALA T 730 -87.73 -23.48 -58.99
N ASN T 731 -86.96 -23.98 -59.95
CA ASN T 731 -85.59 -23.52 -60.14
C ASN T 731 -85.56 -22.16 -60.80
N LEU T 732 -84.94 -21.20 -60.13
CA LEU T 732 -84.65 -19.89 -60.70
C LEU T 732 -83.15 -19.79 -60.93
N PHE T 733 -82.78 -19.30 -62.12
CA PHE T 733 -81.41 -19.05 -62.58
C PHE T 733 -80.56 -20.31 -62.70
N THR T 734 -81.13 -21.49 -62.54
CA THR T 734 -80.45 -22.75 -62.78
C THR T 734 -81.27 -23.50 -63.83
N PRO T 735 -80.69 -24.52 -64.46
CA PRO T 735 -81.51 -25.44 -65.24
C PRO T 735 -82.52 -26.13 -64.36
N PRO T 736 -83.69 -26.46 -64.89
CA PRO T 736 -84.81 -26.88 -64.04
C PRO T 736 -84.73 -28.29 -63.47
N GLU T 737 -83.56 -28.92 -63.49
CA GLU T 737 -83.44 -30.25 -62.92
C GLU T 737 -82.18 -30.45 -62.09
N VAL T 738 -81.29 -29.47 -62.00
CA VAL T 738 -79.99 -29.69 -61.38
C VAL T 738 -79.91 -28.93 -60.06
N LEU T 739 -79.00 -29.40 -59.21
CA LEU T 739 -78.82 -28.87 -57.86
C LEU T 739 -77.34 -28.53 -57.68
N LEU T 740 -77.05 -27.26 -57.47
CA LEU T 740 -75.66 -26.82 -57.35
C LEU T 740 -75.07 -27.27 -56.02
N LEU T 741 -73.86 -27.82 -56.08
CA LEU T 741 -73.12 -28.24 -54.90
C LEU T 741 -71.74 -27.62 -54.94
N PRO T 742 -71.17 -27.25 -53.80
CA PRO T 742 -69.78 -26.78 -53.76
C PRO T 742 -68.74 -27.87 -53.66
N ILE T 743 -69.13 -29.14 -53.70
CA ILE T 743 -68.22 -30.28 -53.58
C ILE T 743 -68.44 -31.18 -54.78
N ASP T 744 -67.36 -31.70 -55.36
CA ASP T 744 -67.48 -32.71 -56.40
C ASP T 744 -68.04 -34.00 -55.81
N HIS T 745 -68.91 -34.66 -56.57
CA HIS T 745 -69.54 -35.89 -56.13
C HIS T 745 -69.16 -37.03 -57.08
N GLN T 746 -69.20 -38.25 -56.55
CA GLN T 746 -68.84 -39.47 -57.24
C GLN T 746 -69.93 -40.49 -56.97
N PRO T 747 -70.00 -41.57 -57.76
CA PRO T 747 -70.96 -42.64 -57.44
C PRO T 747 -70.68 -43.31 -56.11
N ALA T 748 -71.75 -43.65 -55.40
CA ALA T 748 -71.69 -44.06 -54.01
C ALA T 748 -71.42 -45.55 -53.91
N ASN T 749 -70.19 -45.91 -53.56
CA ASN T 749 -69.87 -47.27 -53.17
C ASN T 749 -69.18 -47.26 -51.81
N VAL T 750 -69.24 -48.39 -51.14
CA VAL T 750 -68.90 -48.42 -49.72
C VAL T 750 -67.42 -48.67 -49.46
N THR T 751 -66.77 -49.57 -50.20
CA THR T 751 -65.39 -49.90 -49.88
C THR T 751 -64.37 -48.97 -50.56
N THR T 752 -64.57 -47.67 -50.40
CA THR T 752 -63.52 -46.74 -50.76
C THR T 752 -62.35 -46.89 -49.79
N PRO T 753 -61.13 -46.72 -50.27
CA PRO T 753 -59.98 -46.70 -49.36
C PRO T 753 -60.08 -45.50 -48.44
N THR T 754 -59.73 -45.72 -47.17
CA THR T 754 -59.77 -44.66 -46.19
C THR T 754 -58.74 -43.58 -46.50
N LEU T 755 -57.62 -43.95 -47.11
CA LEU T 755 -56.55 -43.01 -47.44
C LEU T 755 -56.60 -42.65 -48.91
N ASP T 756 -57.81 -42.47 -49.43
CA ASP T 756 -57.98 -42.03 -50.80
C ASP T 756 -57.56 -40.59 -50.93
N PHE T 757 -56.63 -40.31 -51.84
CA PHE T 757 -56.20 -38.94 -52.10
C PHE T 757 -56.76 -38.39 -53.41
N THR T 758 -57.80 -39.00 -53.96
CA THR T 758 -58.40 -38.45 -55.16
C THR T 758 -59.63 -37.58 -54.86
N ASN T 759 -60.15 -37.60 -53.64
CA ASN T 759 -61.22 -36.67 -53.31
C ASN T 759 -60.66 -35.43 -52.65
N GLU T 760 -61.30 -34.31 -52.95
CA GLU T 760 -60.80 -32.98 -52.67
C GLU T 760 -60.72 -32.67 -51.19
N LEU T 761 -61.57 -33.27 -50.36
CA LEU T 761 -61.50 -33.06 -48.91
C LEU T 761 -60.30 -33.71 -48.25
N THR T 762 -60.05 -34.99 -48.53
CA THR T 762 -58.88 -35.63 -47.95
C THR T 762 -57.60 -35.08 -48.55
N ASN T 763 -57.62 -34.71 -49.83
CA ASN T 763 -56.49 -34.03 -50.44
C ASN T 763 -56.24 -32.68 -49.77
N TRP T 764 -57.31 -31.97 -49.40
CA TRP T 764 -57.17 -30.70 -48.71
C TRP T 764 -56.57 -30.86 -47.32
N ARG T 765 -57.03 -31.87 -46.56
CA ARG T 765 -56.46 -32.12 -45.25
C ARG T 765 -54.98 -32.51 -45.33
N ALA T 766 -54.63 -33.34 -46.32
CA ALA T 766 -53.25 -33.75 -46.49
C ALA T 766 -52.35 -32.58 -46.85
N ARG T 767 -52.82 -31.68 -47.73
CA ARG T 767 -51.96 -30.55 -48.12
C ARG T 767 -51.82 -29.53 -47.00
N VAL T 768 -52.87 -29.31 -46.20
CA VAL T 768 -52.73 -28.40 -45.06
C VAL T 768 -51.76 -28.96 -44.02
N CYS T 769 -51.81 -30.28 -43.77
CA CYS T 769 -50.86 -30.88 -42.84
C CYS T 769 -49.43 -30.85 -43.38
N GLU T 770 -49.25 -31.03 -44.70
CA GLU T 770 -47.91 -30.93 -45.27
C GLU T 770 -47.36 -29.52 -45.18
N LEU T 771 -48.20 -28.51 -45.40
CA LEU T 771 -47.71 -27.13 -45.29
C LEU T 771 -47.39 -26.76 -43.86
N MET T 772 -48.14 -27.30 -42.89
CA MET T 772 -47.78 -26.98 -41.51
C MET T 772 -46.52 -27.71 -41.07
N LYS T 773 -46.24 -28.90 -41.64
CA LYS T 773 -44.93 -29.53 -41.43
C LYS T 773 -43.80 -28.68 -42.01
N ASN T 774 -44.01 -28.13 -43.21
CA ASN T 774 -43.00 -27.23 -43.79
C ASN T 774 -42.83 -25.96 -42.98
N LEU T 775 -43.91 -25.44 -42.41
CA LEU T 775 -43.84 -24.26 -41.58
C LEU T 775 -43.15 -24.51 -40.26
N VAL T 776 -43.19 -25.74 -39.73
CA VAL T 776 -42.63 -26.03 -38.42
C VAL T 776 -41.28 -26.74 -38.51
N ASP T 777 -40.78 -27.03 -39.72
CA ASP T 777 -39.62 -27.91 -39.87
C ASP T 777 -38.34 -27.30 -39.29
N ASN T 778 -37.90 -26.16 -39.81
CA ASN T 778 -36.85 -25.46 -39.12
C ASN T 778 -37.45 -24.65 -37.98
N GLN T 779 -36.60 -24.20 -37.06
CA GLN T 779 -37.12 -23.53 -35.88
C GLN T 779 -37.53 -22.09 -36.17
N ARG T 780 -37.04 -21.47 -37.24
CA ARG T 780 -37.48 -20.12 -37.54
C ARG T 780 -38.95 -20.11 -37.94
N TYR T 781 -39.58 -18.96 -37.72
CA TYR T 781 -40.98 -18.62 -37.48
C TYR T 781 -41.42 -18.98 -36.06
N GLN T 782 -40.63 -19.73 -35.30
CA GLN T 782 -40.92 -19.98 -33.89
C GLN T 782 -39.65 -19.92 -33.05
N PRO T 783 -39.11 -18.74 -32.77
CA PRO T 783 -38.10 -18.63 -31.75
C PRO T 783 -38.75 -18.27 -30.41
N GLY T 784 -37.95 -18.36 -29.36
CA GLY T 784 -38.47 -18.31 -28.02
C GLY T 784 -38.91 -19.67 -27.50
N TRP T 785 -39.21 -20.61 -28.38
CA TRP T 785 -39.35 -22.00 -27.98
C TRP T 785 -38.00 -22.50 -27.52
N THR T 786 -37.85 -22.69 -26.22
CA THR T 786 -36.57 -23.13 -25.67
C THR T 786 -36.34 -24.61 -25.95
N GLN T 787 -37.36 -25.44 -25.77
CA GLN T 787 -37.24 -26.84 -26.14
C GLN T 787 -37.42 -26.99 -27.64
N SER T 788 -37.05 -28.15 -28.15
CA SER T 788 -37.19 -28.47 -29.57
C SER T 788 -38.46 -29.30 -29.74
N LEU T 789 -39.55 -28.64 -30.09
CA LEU T 789 -40.84 -29.28 -30.24
C LEU T 789 -41.11 -29.73 -31.67
N VAL T 790 -40.08 -29.77 -32.53
CA VAL T 790 -40.30 -30.08 -33.93
C VAL T 790 -40.67 -31.55 -34.12
N SER T 791 -40.10 -32.45 -33.33
CA SER T 791 -40.40 -33.87 -33.46
C SER T 791 -41.82 -34.19 -33.01
N SER T 792 -42.22 -33.67 -31.85
CA SER T 792 -43.57 -33.89 -31.35
C SER T 792 -44.61 -33.21 -32.22
N MET T 793 -44.30 -32.02 -32.74
CA MET T 793 -45.25 -31.31 -33.59
C MET T 793 -45.42 -32.01 -34.93
N ARG T 794 -44.34 -32.48 -35.55
CA ARG T 794 -44.49 -33.23 -36.79
C ARG T 794 -45.14 -34.59 -36.58
N GLY T 795 -44.94 -35.20 -35.40
CA GLY T 795 -45.62 -36.44 -35.12
C GLY T 795 -47.12 -36.27 -34.96
N THR T 796 -47.55 -35.24 -34.24
CA THR T 796 -48.98 -35.02 -34.14
C THR T 796 -49.58 -34.47 -35.42
N LEU T 797 -48.79 -33.83 -36.30
CA LEU T 797 -49.35 -33.51 -37.61
C LEU T 797 -49.49 -34.74 -38.49
N GLY T 798 -48.56 -35.70 -38.38
CA GLY T 798 -48.75 -36.97 -39.07
C GLY T 798 -49.95 -37.73 -38.57
N LYS T 799 -50.22 -37.67 -37.25
CA LYS T 799 -51.40 -38.31 -36.70
C LYS T 799 -52.68 -37.62 -37.13
N LEU T 800 -52.67 -36.29 -37.26
CA LEU T 800 -53.84 -35.61 -37.84
C LEU T 800 -54.01 -35.93 -39.31
N LYS T 801 -52.91 -36.13 -40.04
CA LYS T 801 -52.99 -36.42 -41.46
C LYS T 801 -53.56 -37.80 -41.73
N LEU T 802 -53.17 -38.78 -40.91
CA LEU T 802 -53.54 -40.17 -41.12
C LEU T 802 -54.56 -40.57 -40.06
N ILE T 803 -55.84 -40.33 -40.35
CA ILE T 803 -56.91 -40.63 -39.41
C ILE T 803 -58.06 -41.26 -40.20
N LYS T 804 -58.78 -42.18 -39.57
CA LYS T 804 -59.73 -43.01 -40.31
C LYS T 804 -61.15 -42.41 -40.33
N SER T 805 -61.24 -41.14 -40.65
CA SER T 805 -62.54 -40.47 -40.74
C SER T 805 -63.26 -40.88 -42.02
N MET T 806 -64.55 -41.14 -41.91
CA MET T 806 -65.38 -41.46 -43.05
C MET T 806 -66.20 -40.28 -43.54
N THR T 807 -66.07 -39.12 -42.90
CA THR T 807 -66.75 -37.92 -43.36
C THR T 807 -66.32 -37.44 -44.75
N PRO T 808 -65.03 -37.47 -45.18
CA PRO T 808 -64.74 -37.08 -46.56
C PRO T 808 -65.25 -38.04 -47.61
N MET T 809 -65.35 -39.34 -47.32
CA MET T 809 -65.96 -40.24 -48.28
C MET T 809 -67.47 -40.30 -48.11
N TYR T 810 -68.01 -39.64 -47.10
CA TYR T 810 -69.45 -39.51 -46.96
C TYR T 810 -69.98 -38.30 -47.71
N LEU T 811 -69.37 -37.13 -47.52
CA LEU T 811 -69.77 -35.92 -48.22
C LEU T 811 -69.54 -36.03 -49.72
N GLN T 812 -68.62 -36.89 -50.14
CA GLN T 812 -68.37 -37.12 -51.55
C GLN T 812 -69.54 -37.87 -52.20
N GLN T 813 -70.12 -38.83 -51.49
CA GLN T 813 -71.01 -39.80 -52.12
C GLN T 813 -72.44 -39.74 -51.59
N LEU T 814 -72.64 -39.91 -50.29
CA LEU T 814 -73.99 -40.17 -49.79
C LEU T 814 -74.75 -38.92 -49.42
N ALA T 815 -74.06 -37.87 -48.98
CA ALA T 815 -74.73 -36.61 -48.71
C ALA T 815 -75.39 -35.93 -49.92
N PRO T 816 -74.82 -35.93 -51.14
CA PRO T 816 -75.60 -35.40 -52.28
C PRO T 816 -76.83 -36.21 -52.60
N VAL T 817 -76.78 -37.53 -52.42
CA VAL T 817 -77.95 -38.36 -52.66
C VAL T 817 -79.05 -38.06 -51.65
N GLU T 818 -78.68 -37.86 -50.39
CA GLU T 818 -79.66 -37.51 -49.37
C GLU T 818 -80.25 -36.13 -49.59
N LEU T 819 -79.44 -35.16 -50.01
CA LEU T 819 -79.97 -33.85 -50.37
C LEU T 819 -80.92 -33.93 -51.55
N ALA T 820 -80.59 -34.76 -52.55
CA ALA T 820 -81.47 -34.91 -53.71
C ALA T 820 -82.76 -35.64 -53.38
N VAL T 821 -82.74 -36.53 -52.40
CA VAL T 821 -83.98 -37.18 -51.97
C VAL T 821 -84.86 -36.21 -51.20
N ILE T 822 -84.28 -35.46 -50.26
CA ILE T 822 -85.07 -34.56 -49.43
C ILE T 822 -85.59 -33.35 -50.21
N ALA T 823 -84.84 -32.89 -51.21
CA ALA T 823 -85.12 -31.60 -51.85
C ALA T 823 -86.49 -31.42 -52.52
N PRO T 824 -87.11 -32.41 -53.20
CA PRO T 824 -88.47 -32.14 -53.70
C PRO T 824 -89.53 -32.09 -52.63
N MET T 825 -89.31 -32.71 -51.47
CA MET T 825 -90.32 -32.78 -50.43
C MET T 825 -90.38 -31.55 -49.55
N LEU T 826 -89.57 -30.55 -49.81
CA LEU T 826 -89.49 -29.44 -48.87
C LEU T 826 -90.69 -28.50 -49.02
N PRO T 827 -91.10 -27.85 -47.93
CA PRO T 827 -92.16 -26.84 -48.06
C PRO T 827 -91.68 -25.61 -48.80
N PHE T 828 -90.45 -25.18 -48.56
CA PHE T 828 -89.81 -24.05 -49.22
C PHE T 828 -88.69 -24.61 -50.10
N PRO T 829 -88.96 -24.88 -51.38
CA PRO T 829 -88.03 -25.65 -52.22
C PRO T 829 -86.78 -24.84 -52.53
N PRO T 830 -85.66 -25.49 -52.87
CA PRO T 830 -84.36 -24.81 -52.76
C PRO T 830 -84.17 -23.71 -53.78
N PHE T 831 -83.46 -22.68 -53.33
CA PHE T 831 -83.29 -21.42 -54.05
C PHE T 831 -81.81 -21.12 -54.11
N GLN T 832 -81.18 -21.34 -55.27
CA GLN T 832 -79.74 -21.33 -55.36
C GLN T 832 -79.24 -20.33 -56.38
N VAL T 833 -78.03 -19.85 -56.13
CA VAL T 833 -77.29 -18.88 -56.93
C VAL T 833 -75.96 -19.57 -57.21
N PRO T 834 -75.40 -19.51 -58.43
CA PRO T 834 -74.32 -20.46 -58.81
C PRO T 834 -73.04 -20.29 -58.02
N TYR T 835 -72.55 -21.41 -57.50
CA TYR T 835 -71.26 -21.44 -56.82
C TYR T 835 -70.14 -21.30 -57.83
N VAL T 836 -69.26 -20.33 -57.59
CA VAL T 836 -68.01 -20.22 -58.31
C VAL T 836 -66.87 -20.29 -57.31
N ARG T 837 -65.75 -20.86 -57.73
CA ARG T 837 -64.53 -20.80 -56.95
C ARG T 837 -63.54 -19.93 -57.70
N LEU T 838 -62.88 -19.04 -56.97
CA LEU T 838 -61.64 -18.38 -57.37
C LEU T 838 -61.79 -17.38 -58.53
N ASP T 839 -62.98 -17.30 -59.13
CA ASP T 839 -63.22 -16.44 -60.28
C ASP T 839 -63.90 -15.18 -59.79
N ARG T 840 -63.23 -14.04 -59.93
CA ARG T 840 -63.70 -12.79 -59.34
C ARG T 840 -64.84 -12.19 -60.14
N ASP T 841 -64.82 -12.36 -61.46
CA ASP T 841 -65.77 -11.66 -62.31
C ASP T 841 -67.14 -12.31 -62.38
N ARG T 842 -67.38 -13.42 -61.68
CA ARG T 842 -68.68 -14.07 -61.73
C ARG T 842 -69.25 -14.31 -60.34
N VAL T 843 -68.71 -13.66 -59.33
CA VAL T 843 -69.24 -13.81 -57.97
C VAL T 843 -70.52 -13.00 -57.85
N PRO T 844 -71.61 -13.57 -57.35
CA PRO T 844 -72.81 -12.78 -57.07
C PRO T 844 -72.62 -11.88 -55.87
N THR T 845 -73.29 -10.72 -55.93
CA THR T 845 -73.21 -9.73 -54.85
C THR T 845 -74.54 -9.23 -54.34
N MET T 846 -75.63 -9.38 -55.09
CA MET T 846 -76.86 -8.70 -54.75
C MET T 846 -78.03 -9.43 -55.41
N VAL T 847 -79.12 -9.62 -54.66
CA VAL T 847 -80.31 -10.29 -55.17
C VAL T 847 -81.50 -9.38 -54.93
N GLY T 848 -82.25 -9.07 -56.00
CA GLY T 848 -83.38 -8.18 -55.90
C GLY T 848 -84.62 -8.80 -56.52
N VAL T 849 -85.76 -8.18 -56.22
CA VAL T 849 -87.06 -8.58 -56.75
C VAL T 849 -87.71 -7.37 -57.39
N THR T 850 -88.11 -7.52 -58.65
CA THR T 850 -88.67 -6.43 -59.44
C THR T 850 -90.19 -6.52 -59.47
N ARG T 851 -90.86 -5.42 -59.18
CA ARG T 851 -92.31 -5.34 -59.23
C ARG T 851 -92.83 -4.76 -60.53
N GLN T 852 -92.26 -3.65 -61.00
CA GLN T 852 -92.79 -2.95 -62.16
C GLN T 852 -92.44 -3.68 -63.45
N SER T 853 -92.94 -3.16 -64.55
CA SER T 853 -92.77 -3.80 -65.84
C SER T 853 -91.40 -3.50 -66.42
N ARG T 854 -91.21 -3.85 -67.69
CA ARG T 854 -89.91 -3.72 -68.33
C ARG T 854 -89.75 -2.41 -69.08
N ASP T 855 -90.80 -1.92 -69.73
CA ASP T 855 -90.71 -0.76 -70.59
C ASP T 855 -91.22 0.53 -69.94
N THR T 856 -91.14 0.62 -68.62
CA THR T 856 -91.55 1.82 -67.90
C THR T 856 -90.38 2.35 -67.08
N ILE T 857 -90.43 3.64 -66.78
CA ILE T 857 -89.42 4.31 -65.97
C ILE T 857 -90.13 4.90 -64.76
N THR T 858 -89.94 4.27 -63.60
CA THR T 858 -90.63 4.65 -62.37
C THR T 858 -89.60 5.02 -61.31
N GLN T 859 -90.09 5.22 -60.09
CA GLN T 859 -89.20 5.41 -58.95
C GLN T 859 -88.43 4.12 -58.71
N PRO T 860 -87.12 4.18 -58.47
CA PRO T 860 -86.38 2.94 -58.21
C PRO T 860 -86.71 2.40 -56.83
N ALA T 861 -87.53 1.36 -56.79
CA ALA T 861 -88.00 0.80 -55.52
C ALA T 861 -87.27 -0.53 -55.34
N LEU T 862 -86.08 -0.47 -54.77
CA LEU T 862 -85.33 -1.68 -54.51
C LEU T 862 -85.96 -2.44 -53.37
N SER T 863 -85.97 -3.77 -53.48
CA SER T 863 -86.57 -4.61 -52.47
C SER T 863 -85.65 -4.69 -51.25
N LEU T 864 -86.16 -5.34 -50.21
CA LEU T 864 -85.42 -5.42 -48.95
C LEU T 864 -84.20 -6.32 -49.04
N SER T 865 -84.20 -7.27 -49.97
CA SER T 865 -83.13 -8.25 -50.03
C SER T 865 -81.81 -7.67 -50.53
N THR T 866 -81.85 -6.50 -51.16
CA THR T 866 -80.61 -5.87 -51.64
C THR T 866 -79.86 -5.12 -50.57
N THR T 867 -80.36 -5.07 -49.34
CA THR T 867 -79.74 -4.25 -48.31
C THR T 867 -78.73 -5.01 -47.48
N ASN T 868 -78.45 -6.27 -47.80
CA ASN T 868 -77.45 -7.04 -47.08
C ASN T 868 -76.06 -6.76 -47.64
N THR T 869 -75.06 -6.87 -46.76
CA THR T 869 -73.68 -6.78 -47.21
C THR T 869 -73.31 -7.98 -48.06
N THR T 870 -73.59 -9.18 -47.56
CA THR T 870 -73.37 -10.41 -48.31
C THR T 870 -74.52 -10.62 -49.30
N VAL T 871 -74.58 -11.81 -49.89
CA VAL T 871 -75.65 -12.10 -50.83
C VAL T 871 -76.99 -12.31 -50.14
N GLY T 872 -76.99 -12.71 -48.87
CA GLY T 872 -78.22 -12.90 -48.15
C GLY T 872 -78.07 -12.57 -46.68
N VAL T 873 -78.95 -13.10 -45.85
CA VAL T 873 -78.83 -12.89 -44.40
C VAL T 873 -77.63 -13.68 -43.89
N PRO T 874 -76.70 -13.07 -43.19
CA PRO T 874 -75.53 -13.81 -42.71
C PRO T 874 -75.83 -14.60 -41.46
N LEU T 875 -75.17 -15.74 -41.34
CA LEU T 875 -75.20 -16.50 -40.09
C LEU T 875 -73.80 -16.95 -39.75
N ALA T 876 -73.56 -17.15 -38.47
CA ALA T 876 -72.26 -17.60 -37.99
C ALA T 876 -72.26 -19.10 -37.80
N LEU T 877 -71.06 -19.68 -37.85
CA LEU T 877 -70.86 -21.09 -37.60
C LEU T 877 -69.60 -21.26 -36.78
N ASP T 878 -69.61 -22.21 -35.86
CA ASP T 878 -68.43 -22.50 -35.07
C ASP T 878 -67.54 -23.44 -35.87
N ALA T 879 -66.30 -23.01 -36.12
CA ALA T 879 -65.35 -23.81 -36.89
C ALA T 879 -64.90 -25.05 -36.16
N ARG T 880 -64.92 -25.01 -34.82
CA ARG T 880 -64.51 -26.13 -33.99
C ARG T 880 -65.32 -27.38 -34.29
N ALA T 881 -66.66 -27.27 -34.25
CA ALA T 881 -67.50 -28.44 -34.43
C ALA T 881 -67.48 -28.97 -35.84
N ILE T 882 -67.37 -28.09 -36.84
CA ILE T 882 -67.21 -28.53 -38.22
C ILE T 882 -65.90 -29.29 -38.38
N THR T 883 -64.85 -28.82 -37.72
CA THR T 883 -63.56 -29.51 -37.82
C THR T 883 -63.60 -30.86 -37.12
N VAL T 884 -64.25 -30.95 -35.96
CA VAL T 884 -64.31 -32.23 -35.25
C VAL T 884 -65.20 -33.22 -36.01
N ALA T 885 -66.26 -32.73 -36.64
CA ALA T 885 -67.10 -33.60 -37.46
C ALA T 885 -66.39 -34.06 -38.72
N LEU T 886 -65.52 -33.23 -39.31
CA LEU T 886 -64.70 -33.71 -40.43
C LEU T 886 -63.65 -34.72 -39.97
N LEU T 887 -63.09 -34.54 -38.78
CA LEU T 887 -62.04 -35.43 -38.30
C LEU T 887 -62.54 -36.76 -37.76
N SER T 888 -63.78 -36.84 -37.27
CA SER T 888 -64.18 -38.02 -36.52
C SER T 888 -65.61 -38.40 -36.93
N GLY T 889 -65.73 -39.38 -37.81
CA GLY T 889 -67.01 -39.91 -38.19
C GLY T 889 -66.89 -41.31 -38.74
N LYS T 890 -67.87 -42.17 -38.48
CA LYS T 890 -67.81 -43.54 -38.97
C LYS T 890 -69.21 -44.06 -39.26
N TYR T 891 -69.25 -45.07 -40.12
CA TYR T 891 -70.47 -45.79 -40.45
C TYR T 891 -70.75 -46.84 -39.38
N PRO T 892 -71.96 -47.40 -39.35
CA PRO T 892 -72.18 -48.61 -38.58
C PRO T 892 -71.44 -49.79 -39.20
N PRO T 893 -71.18 -50.85 -38.44
CA PRO T 893 -70.48 -52.00 -39.02
C PRO T 893 -71.26 -52.75 -40.08
N ASP T 894 -72.55 -52.97 -39.89
CA ASP T 894 -73.33 -53.80 -40.81
C ASP T 894 -74.11 -52.98 -41.83
N LEU T 895 -73.51 -51.89 -42.32
CA LEU T 895 -74.22 -50.94 -43.16
C LEU T 895 -74.44 -51.51 -44.55
N VAL T 896 -75.71 -51.60 -44.96
CA VAL T 896 -76.09 -51.90 -46.33
C VAL T 896 -76.98 -50.74 -46.79
N THR T 897 -76.56 -50.08 -47.88
CA THR T 897 -77.26 -48.89 -48.33
C THR T 897 -78.65 -49.22 -48.86
N ASN T 898 -78.80 -50.35 -49.55
CA ASN T 898 -80.09 -50.74 -50.09
C ASN T 898 -81.09 -51.17 -49.02
N VAL T 899 -80.64 -51.38 -47.79
CA VAL T 899 -81.56 -51.55 -46.68
C VAL T 899 -81.80 -50.22 -45.97
N TRP T 900 -80.70 -49.51 -45.69
CA TRP T 900 -80.76 -48.30 -44.87
C TRP T 900 -81.56 -47.20 -45.55
N TYR T 901 -81.24 -46.90 -46.80
CA TYR T 901 -81.98 -45.83 -47.47
C TYR T 901 -83.39 -46.25 -47.85
N ALA T 902 -83.60 -47.53 -48.16
CA ALA T 902 -84.96 -48.01 -48.42
C ALA T 902 -85.84 -47.93 -47.19
N ASP T 903 -85.25 -48.05 -46.02
CA ASP T 903 -86.01 -47.87 -44.80
C ASP T 903 -86.14 -46.39 -44.43
N ALA T 904 -85.15 -45.57 -44.73
CA ALA T 904 -85.20 -44.17 -44.35
C ALA T 904 -86.08 -43.33 -45.27
N ILE T 905 -86.30 -43.77 -46.51
CA ILE T 905 -87.11 -42.99 -47.44
C ILE T 905 -88.60 -43.15 -47.14
N TYR T 906 -89.04 -44.34 -46.76
CA TYR T 906 -90.47 -44.69 -46.63
C TYR T 906 -91.29 -43.81 -45.67
N PRO T 907 -90.88 -43.50 -44.43
CA PRO T 907 -91.72 -42.60 -43.63
C PRO T 907 -91.65 -41.17 -44.09
N MET T 908 -90.61 -40.80 -44.85
CA MET T 908 -90.53 -39.45 -45.38
C MET T 908 -91.53 -39.24 -46.50
N TYR T 909 -91.50 -40.09 -47.53
CA TYR T 909 -92.46 -39.96 -48.61
C TYR T 909 -93.86 -40.33 -48.17
N ALA T 910 -94.00 -41.11 -47.10
CA ALA T 910 -95.29 -41.34 -46.49
C ALA T 910 -95.83 -40.10 -45.79
N ASP T 911 -95.02 -39.07 -45.61
CA ASP T 911 -95.49 -37.84 -44.98
C ASP T 911 -95.19 -36.66 -45.89
N THR T 912 -95.57 -36.78 -47.16
CA THR T 912 -95.28 -35.75 -48.14
C THR T 912 -96.36 -34.66 -48.13
N GLU T 913 -96.00 -33.49 -48.66
CA GLU T 913 -96.95 -32.40 -48.85
C GLU T 913 -96.79 -31.71 -50.19
N VAL T 914 -96.11 -32.34 -51.15
CA VAL T 914 -95.95 -31.76 -52.48
C VAL T 914 -97.30 -31.63 -53.16
N PHE T 915 -98.19 -32.59 -52.89
CA PHE T 915 -99.51 -32.61 -53.52
C PHE T 915 -100.37 -31.45 -53.04
N SER T 916 -100.21 -31.02 -51.80
CA SER T 916 -100.91 -29.83 -51.34
C SER T 916 -100.22 -28.56 -51.79
N ASN T 917 -98.88 -28.57 -51.84
CA ASN T 917 -98.16 -27.37 -52.22
C ASN T 917 -98.35 -27.00 -53.68
N LEU T 918 -98.57 -27.97 -54.56
CA LEU T 918 -98.87 -27.63 -55.95
C LEU T 918 -100.22 -26.94 -56.07
N GLN T 919 -101.23 -27.42 -55.34
CA GLN T 919 -102.52 -26.77 -55.34
C GLN T 919 -102.47 -25.39 -54.70
N ARG T 920 -101.56 -25.17 -53.76
CA ARG T 920 -101.41 -23.83 -53.22
C ARG T 920 -100.72 -22.90 -54.23
N ASP T 921 -99.76 -23.43 -54.98
CA ASP T 921 -99.08 -22.63 -55.99
C ASP T 921 -99.96 -22.33 -57.20
N VAL T 922 -101.06 -23.05 -57.38
CA VAL T 922 -102.08 -22.58 -58.31
C VAL T 922 -102.62 -21.24 -57.87
N ILE T 923 -103.15 -21.21 -56.64
CA ILE T 923 -103.91 -20.07 -56.13
C ILE T 923 -103.01 -18.86 -55.96
N THR T 924 -101.72 -19.07 -55.69
CA THR T 924 -100.80 -17.94 -55.53
C THR T 924 -100.63 -17.15 -56.83
N CYS T 925 -100.28 -17.84 -57.93
CA CYS T 925 -100.16 -17.17 -59.22
C CYS T 925 -101.48 -16.62 -59.70
N GLU T 926 -102.57 -17.35 -59.46
CA GLU T 926 -103.90 -16.91 -59.86
C GLU T 926 -104.30 -15.62 -59.15
N ALA T 927 -103.99 -15.51 -57.87
CA ALA T 927 -104.27 -14.32 -57.09
C ALA T 927 -103.38 -13.13 -57.45
N VAL T 928 -102.10 -13.37 -57.76
CA VAL T 928 -101.24 -12.28 -58.24
C VAL T 928 -101.76 -11.72 -59.55
N GLN T 929 -102.23 -12.59 -60.45
CA GLN T 929 -102.78 -12.14 -61.72
C GLN T 929 -104.05 -11.33 -61.54
N THR T 930 -104.98 -11.82 -60.73
CA THR T 930 -106.19 -11.04 -60.51
C THR T 930 -106.00 -9.91 -59.51
N LEU T 931 -104.80 -9.73 -58.96
CA LEU T 931 -104.50 -8.47 -58.30
C LEU T 931 -104.01 -7.41 -59.29
N VAL T 932 -103.11 -7.80 -60.20
CA VAL T 932 -102.63 -6.80 -61.14
C VAL T 932 -103.68 -6.46 -62.19
N THR T 933 -104.70 -7.31 -62.38
CA THR T 933 -105.79 -6.94 -63.25
C THR T 933 -106.67 -5.87 -62.60
N LEU T 934 -106.88 -5.97 -61.29
CA LEU T 934 -107.85 -5.11 -60.63
C LEU T 934 -107.27 -3.80 -60.09
N VAL T 935 -105.99 -3.77 -59.76
CA VAL T 935 -105.41 -2.50 -59.31
C VAL T 935 -105.29 -1.53 -60.48
N ALA T 936 -105.01 -2.06 -61.67
CA ALA T 936 -104.87 -1.28 -62.89
C ALA T 936 -106.16 -0.58 -63.31
N GLN T 937 -107.31 -1.00 -62.79
CA GLN T 937 -108.57 -0.35 -63.14
C GLN T 937 -108.72 0.99 -62.42
N ILE T 938 -108.31 1.06 -61.15
CA ILE T 938 -108.53 2.27 -60.36
C ILE T 938 -107.28 3.12 -60.22
N SER T 939 -106.10 2.59 -60.50
CA SER T 939 -104.89 3.38 -60.42
C SER T 939 -104.39 3.69 -61.82
N GLU T 940 -103.65 4.79 -61.94
CA GLU T 940 -103.02 5.11 -63.21
C GLU T 940 -101.79 4.23 -63.39
N THR T 941 -101.68 3.60 -64.56
CA THR T 941 -100.62 2.66 -64.85
C THR T 941 -100.56 2.46 -66.36
N GLN T 942 -99.65 1.60 -66.79
CA GLN T 942 -99.50 1.27 -68.21
C GLN T 942 -99.70 -0.21 -68.46
N TYR T 943 -100.54 -0.87 -67.66
CA TYR T 943 -100.88 -2.26 -67.92
C TYR T 943 -102.18 -2.31 -68.71
N PRO T 944 -102.16 -2.79 -69.94
CA PRO T 944 -103.34 -2.69 -70.83
C PRO T 944 -104.37 -3.81 -70.73
N VAL T 945 -105.29 -3.72 -69.77
CA VAL T 945 -106.38 -4.69 -69.67
C VAL T 945 -107.71 -3.94 -69.79
N ASP T 946 -108.12 -3.72 -71.05
CA ASP T 946 -109.50 -3.72 -71.54
C ASP T 946 -110.46 -2.65 -71.01
N ARG T 947 -110.18 -2.09 -69.83
CA ARG T 947 -110.85 -0.94 -69.18
C ARG T 947 -112.36 -0.88 -69.42
N TYR T 948 -113.06 -1.91 -68.95
CA TYR T 948 -114.47 -2.07 -69.29
C TYR T 948 -115.33 -1.02 -68.59
N LEU T 949 -115.35 -1.01 -67.26
CA LEU T 949 -116.16 -0.06 -66.53
C LEU T 949 -115.34 1.20 -66.32
N ASP T 950 -115.72 2.26 -67.02
CA ASP T 950 -115.12 3.58 -66.87
C ASP T 950 -116.15 4.67 -66.69
N TRP T 951 -117.41 4.43 -67.04
CA TRP T 951 -118.45 5.42 -66.83
C TRP T 951 -118.73 5.64 -65.35
N ILE T 952 -118.50 4.61 -64.54
CA ILE T 952 -118.54 4.75 -63.08
C ILE T 952 -117.41 5.68 -62.64
N PRO T 953 -117.62 6.62 -61.73
CA PRO T 953 -116.56 7.55 -61.38
C PRO T 953 -115.75 7.09 -60.17
N SER T 954 -114.48 7.51 -60.16
CA SER T 954 -113.61 7.36 -59.01
C SER T 954 -112.44 8.32 -59.13
N LEU T 955 -111.74 8.48 -58.02
CA LEU T 955 -110.47 9.16 -57.98
C LEU T 955 -109.41 8.22 -58.52
N ARG T 956 -108.29 8.78 -58.95
CA ARG T 956 -107.13 7.94 -59.24
C ARG T 956 -106.49 7.49 -57.94
N ALA T 957 -106.08 6.23 -57.90
CA ALA T 957 -105.58 5.69 -56.65
C ALA T 957 -104.17 6.17 -56.38
N SER T 958 -103.80 6.12 -55.11
CA SER T 958 -102.43 6.34 -54.67
C SER T 958 -101.92 5.05 -54.06
N ALA T 959 -100.65 5.07 -53.62
CA ALA T 959 -100.06 3.89 -53.02
C ALA T 959 -100.64 3.59 -51.64
N ALA T 960 -101.27 4.58 -51.00
CA ALA T 960 -101.92 4.36 -49.73
C ALA T 960 -103.35 3.83 -49.88
N THR T 961 -104.03 4.19 -50.97
CA THR T 961 -105.42 3.79 -51.15
C THR T 961 -105.50 2.44 -51.86
N ALA T 962 -104.66 2.24 -52.88
CA ALA T 962 -104.66 0.97 -53.60
C ALA T 962 -104.19 -0.18 -52.72
N ALA T 963 -103.35 0.10 -51.72
CA ALA T 963 -102.95 -0.95 -50.79
C ALA T 963 -104.12 -1.40 -49.92
N THR T 964 -104.95 -0.45 -49.48
CA THR T 964 -106.13 -0.83 -48.72
C THR T 964 -107.14 -1.55 -49.59
N PHE T 965 -107.20 -1.21 -50.88
CA PHE T 965 -108.02 -1.98 -51.82
C PHE T 965 -107.52 -3.41 -51.93
N ALA T 966 -106.22 -3.58 -52.12
CA ALA T 966 -105.64 -4.90 -52.30
C ALA T 966 -105.67 -5.73 -51.03
N GLU T 967 -105.76 -5.11 -49.86
CA GLU T 967 -105.94 -5.89 -48.64
C GLU T 967 -107.31 -6.58 -48.61
N TRP T 968 -108.37 -5.87 -49.01
CA TRP T 968 -109.67 -6.50 -49.11
C TRP T 968 -109.69 -7.55 -50.21
N VAL T 969 -109.00 -7.29 -51.33
CA VAL T 969 -108.90 -8.28 -52.40
C VAL T 969 -108.17 -9.54 -51.91
N ASN T 970 -107.19 -9.38 -51.02
CA ASN T 970 -106.49 -10.52 -50.46
C ASN T 970 -107.40 -11.32 -49.51
N THR T 971 -108.02 -10.65 -48.56
CA THR T 971 -108.78 -11.37 -47.56
C THR T 971 -110.07 -11.96 -48.12
N SER T 972 -110.62 -11.40 -49.20
CA SER T 972 -111.78 -11.98 -49.83
C SER T 972 -111.45 -13.28 -50.55
N MET T 973 -110.19 -13.53 -50.88
CA MET T 973 -109.80 -14.79 -51.48
C MET T 973 -109.30 -15.80 -50.46
N LYS T 974 -108.69 -15.34 -49.37
CA LYS T 974 -108.40 -16.25 -48.26
C LYS T 974 -109.69 -16.80 -47.68
N THR T 975 -110.69 -15.95 -47.48
CA THR T 975 -111.98 -16.37 -46.94
C THR T 975 -112.69 -17.32 -47.90
N ALA T 976 -112.51 -17.12 -49.20
CA ALA T 976 -113.13 -18.02 -50.17
C ALA T 976 -112.44 -19.38 -50.18
N PHE T 977 -111.15 -19.42 -50.51
CA PHE T 977 -110.49 -20.70 -50.70
C PHE T 977 -109.99 -21.33 -49.41
N ASP T 978 -110.37 -20.81 -48.24
CA ASP T 978 -110.12 -21.42 -46.93
C ASP T 978 -108.62 -21.54 -46.65
N LEU T 979 -107.95 -20.39 -46.60
CA LEU T 979 -106.54 -20.31 -46.29
C LEU T 979 -106.34 -19.73 -44.90
N SER T 980 -105.16 -19.95 -44.35
CA SER T 980 -104.82 -19.30 -43.10
C SER T 980 -103.47 -18.59 -43.15
N ASP T 981 -102.49 -19.14 -43.86
CA ASP T 981 -101.19 -18.52 -43.96
C ASP T 981 -101.20 -17.44 -45.03
N MET T 982 -100.02 -16.96 -45.41
CA MET T 982 -99.93 -15.76 -46.21
C MET T 982 -100.25 -16.03 -47.67
N LEU T 983 -100.72 -14.99 -48.36
CA LEU T 983 -101.06 -15.06 -49.77
C LEU T 983 -100.98 -13.64 -50.28
N LEU T 984 -99.98 -13.34 -51.11
CA LEU T 984 -99.65 -12.02 -51.66
C LEU T 984 -99.51 -10.91 -50.61
N GLU T 985 -99.31 -11.24 -49.34
CA GLU T 985 -99.00 -10.27 -48.31
C GLU T 985 -97.61 -9.62 -48.43
N PRO T 986 -96.57 -10.28 -48.97
CA PRO T 986 -95.36 -9.51 -49.32
C PRO T 986 -95.57 -8.48 -50.41
N LEU T 987 -96.60 -8.61 -51.26
CA LEU T 987 -96.88 -7.58 -52.23
C LEU T 987 -97.45 -6.33 -51.59
N LEU T 988 -97.95 -6.43 -50.36
CA LEU T 988 -98.57 -5.31 -49.67
C LEU T 988 -97.59 -4.58 -48.77
N SER T 989 -96.43 -4.21 -49.32
CA SER T 989 -95.39 -3.56 -48.56
C SER T 989 -94.99 -2.22 -49.16
N GLY T 990 -95.94 -1.51 -49.76
CA GLY T 990 -95.63 -0.24 -50.37
C GLY T 990 -95.66 -0.33 -51.88
N ASP T 991 -96.47 0.53 -52.48
CA ASP T 991 -96.78 0.62 -53.91
C ASP T 991 -97.17 -0.74 -54.51
N PRO T 992 -98.37 -1.26 -54.23
CA PRO T 992 -98.84 -2.48 -54.89
C PRO T 992 -99.58 -2.18 -56.20
N ARG T 993 -98.99 -1.32 -57.01
CA ARG T 993 -99.57 -0.91 -58.28
C ARG T 993 -98.71 -1.40 -59.42
N MET T 994 -98.26 -2.64 -59.32
CA MET T 994 -97.22 -3.14 -60.20
C MET T 994 -97.80 -4.01 -61.31
N THR T 995 -96.91 -4.49 -62.18
CA THR T 995 -97.31 -5.15 -63.41
C THR T 995 -96.86 -6.60 -63.51
N GLN T 996 -95.56 -6.87 -63.37
CA GLN T 996 -95.03 -8.21 -63.57
C GLN T 996 -93.96 -8.50 -62.54
N LEU T 997 -94.10 -9.61 -61.82
CA LEU T 997 -93.07 -10.05 -60.91
C LEU T 997 -91.88 -10.62 -61.66
N ALA T 998 -90.68 -10.29 -61.19
CA ALA T 998 -89.45 -10.83 -61.76
C ALA T 998 -88.38 -10.77 -60.69
N ILE T 999 -87.45 -11.71 -60.75
CA ILE T 999 -86.36 -11.77 -59.78
C ILE T 999 -85.04 -11.70 -60.54
N GLN T 1000 -84.02 -11.16 -59.89
CA GLN T 1000 -82.77 -10.89 -60.58
C GLN T 1000 -81.62 -10.88 -59.58
N TYR T 1001 -80.43 -11.20 -60.07
CA TYR T 1001 -79.23 -11.00 -59.28
C TYR T 1001 -78.14 -10.38 -60.14
N GLN T 1002 -77.13 -9.87 -59.47
CA GLN T 1002 -76.07 -9.09 -60.09
C GLN T 1002 -74.72 -9.70 -59.76
N GLN T 1003 -73.94 -9.99 -60.79
CA GLN T 1003 -72.56 -10.39 -60.57
C GLN T 1003 -71.71 -9.19 -60.16
N TYR T 1004 -70.56 -9.47 -59.58
CA TYR T 1004 -69.51 -8.48 -59.53
C TYR T 1004 -68.83 -8.43 -60.89
N ASN T 1005 -68.60 -7.21 -61.37
CA ASN T 1005 -68.42 -6.65 -62.73
C ASN T 1005 -69.75 -6.28 -63.38
N GLY T 1006 -70.83 -6.34 -62.61
CA GLY T 1006 -72.11 -5.81 -63.03
C GLY T 1006 -72.79 -6.47 -64.21
N ARG T 1007 -72.93 -7.79 -64.17
CA ARG T 1007 -73.74 -8.51 -65.14
C ARG T 1007 -75.05 -8.90 -64.46
N THR T 1008 -76.15 -8.38 -64.97
CA THR T 1008 -77.45 -8.61 -64.37
C THR T 1008 -78.21 -9.65 -65.19
N PHE T 1009 -78.62 -10.71 -64.52
CA PHE T 1009 -79.49 -11.72 -65.11
C PHE T 1009 -80.85 -11.63 -64.42
N ASN T 1010 -81.92 -11.70 -65.19
CA ASN T 1010 -83.25 -11.76 -64.57
C ASN T 1010 -84.06 -12.91 -65.14
N VAL T 1011 -84.93 -13.45 -64.29
CA VAL T 1011 -85.94 -14.41 -64.71
C VAL T 1011 -87.29 -13.74 -64.59
N ILE T 1012 -87.95 -13.56 -65.73
CA ILE T 1012 -89.27 -12.96 -65.78
C ILE T 1012 -90.22 -13.94 -66.45
N PRO T 1013 -90.94 -14.74 -65.66
CA PRO T 1013 -91.67 -15.87 -66.23
C PRO T 1013 -92.91 -15.45 -66.99
N GLU T 1014 -93.05 -15.96 -68.21
CA GLU T 1014 -94.27 -15.72 -68.96
C GLU T 1014 -95.42 -16.46 -68.30
N MET T 1015 -96.55 -15.80 -68.22
CA MET T 1015 -97.58 -16.24 -67.31
C MET T 1015 -98.78 -16.81 -68.04
N PRO T 1016 -99.34 -17.91 -67.57
CA PRO T 1016 -100.63 -18.35 -68.09
C PRO T 1016 -101.75 -17.52 -67.47
N GLY T 1017 -102.81 -17.33 -68.25
CA GLY T 1017 -103.89 -16.48 -67.80
C GLY T 1017 -104.70 -17.13 -66.70
N SER T 1018 -105.14 -16.32 -65.75
CA SER T 1018 -105.91 -16.83 -64.62
C SER T 1018 -107.40 -16.80 -64.94
N VAL T 1019 -108.08 -17.88 -64.58
CA VAL T 1019 -109.50 -18.01 -64.87
C VAL T 1019 -110.32 -17.05 -64.03
N ILE T 1020 -109.83 -16.64 -62.86
CA ILE T 1020 -110.54 -15.67 -62.03
C ILE T 1020 -110.58 -14.31 -62.70
N ALA T 1021 -109.42 -13.80 -63.13
CA ALA T 1021 -109.42 -12.50 -63.79
C ALA T 1021 -110.10 -12.54 -65.15
N ASP T 1022 -110.02 -13.67 -65.85
CA ASP T 1022 -110.77 -13.84 -67.10
C ASP T 1022 -112.27 -13.72 -66.86
N CYS T 1023 -112.79 -14.45 -65.87
CA CYS T 1023 -114.21 -14.39 -65.58
C CYS T 1023 -114.62 -13.07 -64.94
N VAL T 1024 -113.73 -12.39 -64.24
CA VAL T 1024 -114.07 -11.08 -63.68
C VAL T 1024 -114.22 -10.04 -64.80
N GLN T 1025 -113.31 -10.07 -65.78
CA GLN T 1025 -113.50 -9.18 -66.93
C GLN T 1025 -114.72 -9.56 -67.75
N LEU T 1026 -115.07 -10.86 -67.80
CA LEU T 1026 -116.32 -11.26 -68.45
C LEU T 1026 -117.54 -10.70 -67.74
N THR T 1027 -117.56 -10.79 -66.40
CA THR T 1027 -118.69 -10.25 -65.65
C THR T 1027 -118.77 -8.73 -65.74
N ALA T 1028 -117.62 -8.06 -65.84
CA ALA T 1028 -117.64 -6.61 -66.05
C ALA T 1028 -118.16 -6.26 -67.44
N GLU T 1029 -117.84 -7.08 -68.45
CA GLU T 1029 -118.40 -6.86 -69.78
C GLU T 1029 -119.90 -7.08 -69.81
N VAL T 1030 -120.40 -8.00 -68.98
CA VAL T 1030 -121.85 -8.18 -68.87
C VAL T 1030 -122.47 -7.02 -68.09
N PHE T 1031 -121.80 -6.57 -67.03
CA PHE T 1031 -122.26 -5.46 -66.19
C PHE T 1031 -122.33 -4.14 -66.95
N ASN T 1032 -121.54 -3.99 -68.00
CA ASN T 1032 -121.66 -2.80 -68.85
C ASN T 1032 -123.02 -2.71 -69.55
N HIS T 1033 -123.68 -3.83 -69.80
CA HIS T 1033 -124.96 -3.82 -70.51
C HIS T 1033 -126.15 -4.08 -69.60
N GLU T 1034 -126.02 -4.90 -68.57
CA GLU T 1034 -127.07 -5.01 -67.56
C GLU T 1034 -126.52 -4.44 -66.26
N TYR T 1035 -126.61 -3.13 -66.15
CA TYR T 1035 -126.03 -2.45 -65.00
C TYR T 1035 -126.93 -2.60 -63.79
N ASN T 1036 -128.22 -2.33 -63.94
CA ASN T 1036 -129.11 -2.16 -62.79
C ASN T 1036 -129.83 -3.45 -62.43
N LEU T 1037 -129.14 -4.58 -62.38
CA LEU T 1037 -129.67 -5.66 -61.58
C LEU T 1037 -129.09 -5.60 -60.19
N PHE T 1038 -127.92 -4.99 -60.07
CA PHE T 1038 -127.43 -4.39 -58.85
C PHE T 1038 -128.16 -3.07 -58.63
N GLY T 1039 -127.90 -2.40 -57.52
CA GLY T 1039 -128.55 -1.11 -57.33
C GLY T 1039 -127.66 0.01 -57.82
N ILE T 1040 -127.85 0.41 -59.07
CA ILE T 1040 -126.96 1.38 -59.70
C ILE T 1040 -127.71 1.93 -60.92
N ALA T 1041 -127.30 3.09 -61.39
CA ALA T 1041 -127.98 3.69 -62.52
C ALA T 1041 -126.98 4.36 -63.44
N ARG T 1042 -127.25 4.27 -64.75
CA ARG T 1042 -126.53 5.05 -65.73
C ARG T 1042 -127.11 6.46 -65.77
N GLY T 1043 -126.65 7.26 -66.72
CA GLY T 1043 -127.24 8.54 -66.98
C GLY T 1043 -127.01 9.59 -65.92
N ASP T 1044 -128.10 10.16 -65.43
CA ASP T 1044 -128.03 11.47 -64.82
C ASP T 1044 -129.35 11.75 -64.09
N ILE T 1045 -129.34 12.79 -63.24
CA ILE T 1045 -130.47 13.21 -62.44
C ILE T 1045 -130.77 14.66 -62.75
N ILE T 1046 -132.02 14.97 -63.09
CA ILE T 1046 -132.44 16.34 -63.37
C ILE T 1046 -133.45 16.75 -62.31
N ILE T 1047 -133.02 17.61 -61.39
CA ILE T 1047 -133.91 18.11 -60.35
C ILE T 1047 -134.67 19.32 -60.88
N GLY T 1048 -135.99 19.23 -60.85
CA GLY T 1048 -136.83 20.33 -61.27
C GLY T 1048 -138.30 20.01 -61.11
N ARG T 1049 -139.14 21.02 -60.91
CA ARG T 1049 -140.54 20.79 -60.62
C ARG T 1049 -141.30 20.42 -61.88
N VAL T 1050 -141.89 19.22 -61.90
CA VAL T 1050 -142.82 18.81 -62.94
C VAL T 1050 -144.02 18.19 -62.25
N GLN T 1051 -145.18 18.80 -62.41
CA GLN T 1051 -146.42 18.24 -61.90
C GLN T 1051 -147.40 18.06 -63.06
N SER T 1052 -148.13 16.95 -63.03
CA SER T 1052 -149.10 16.60 -64.05
C SER T 1052 -149.95 15.46 -63.50
N THR T 1053 -150.86 14.97 -64.33
CA THR T 1053 -151.58 13.74 -64.06
C THR T 1053 -151.14 12.62 -64.99
N HIS T 1054 -150.01 12.78 -65.66
CA HIS T 1054 -149.51 11.75 -66.55
C HIS T 1054 -148.76 10.69 -65.77
N LEU T 1055 -148.81 9.46 -66.27
CA LEU T 1055 -148.35 8.29 -65.53
C LEU T 1055 -147.05 7.71 -66.10
N TRP T 1056 -146.19 8.56 -66.66
CA TRP T 1056 -144.91 8.08 -67.13
C TRP T 1056 -143.97 7.87 -65.95
N SER T 1057 -143.05 6.92 -66.11
CA SER T 1057 -142.19 6.61 -64.96
C SER T 1057 -140.90 7.42 -65.03
N PRO T 1058 -140.41 7.87 -63.87
CA PRO T 1058 -139.16 8.65 -63.85
C PRO T 1058 -137.94 7.87 -64.25
N LEU T 1059 -138.00 6.54 -64.26
CA LEU T 1059 -136.91 5.74 -64.78
C LEU T 1059 -136.95 5.63 -66.30
N ALA T 1060 -137.91 6.26 -66.96
CA ALA T 1060 -137.95 6.33 -68.42
C ALA T 1060 -138.70 7.58 -68.82
N PRO T 1061 -138.06 8.74 -68.76
CA PRO T 1061 -138.78 9.99 -68.95
C PRO T 1061 -138.96 10.30 -70.43
N PRO T 1062 -139.98 11.08 -70.78
CA PRO T 1062 -140.11 11.55 -72.16
C PRO T 1062 -139.06 12.60 -72.46
N PRO T 1063 -138.70 12.80 -73.74
CA PRO T 1063 -137.59 13.71 -74.05
C PRO T 1063 -137.92 15.19 -73.92
N ASP T 1064 -139.15 15.55 -73.51
CA ASP T 1064 -139.46 16.95 -73.26
C ASP T 1064 -138.66 17.48 -72.08
N LEU T 1065 -138.56 16.70 -71.02
CA LEU T 1065 -138.08 17.21 -69.74
C LEU T 1065 -136.58 17.02 -69.54
N VAL T 1066 -135.85 16.70 -70.60
CA VAL T 1066 -134.40 16.52 -70.49
C VAL T 1066 -133.70 17.55 -71.38
N PHE T 1067 -132.46 17.85 -71.01
CA PHE T 1067 -131.63 18.76 -71.77
C PHE T 1067 -130.18 18.35 -71.55
N ASP T 1068 -129.29 18.89 -72.37
CA ASP T 1068 -127.89 18.48 -72.33
C ASP T 1068 -127.00 19.71 -72.51
N ARG T 1069 -125.73 19.43 -72.77
CA ARG T 1069 -124.77 20.50 -73.07
C ARG T 1069 -124.98 21.09 -74.45
N ASP T 1070 -125.69 20.39 -75.33
CA ASP T 1070 -125.96 20.88 -76.68
C ASP T 1070 -127.32 21.55 -76.81
N THR T 1071 -128.11 21.57 -75.75
CA THR T 1071 -129.40 22.22 -75.81
C THR T 1071 -129.20 23.74 -75.78
N PRO T 1072 -129.87 24.49 -76.65
CA PRO T 1072 -129.69 25.95 -76.65
C PRO T 1072 -130.33 26.59 -75.43
N GLY T 1073 -129.65 27.62 -74.90
CA GLY T 1073 -130.16 28.33 -73.74
C GLY T 1073 -129.89 27.67 -72.43
N VAL T 1074 -128.79 26.93 -72.31
CA VAL T 1074 -128.46 26.17 -71.12
C VAL T 1074 -127.11 26.64 -70.60
N HIS T 1075 -127.07 27.01 -69.32
CA HIS T 1075 -125.86 27.56 -68.73
C HIS T 1075 -125.10 26.48 -67.98
N ILE T 1076 -123.86 26.24 -68.39
CA ILE T 1076 -123.00 25.22 -67.80
C ILE T 1076 -122.11 25.87 -66.77
N PHE T 1077 -122.08 25.34 -65.56
CA PHE T 1077 -121.29 25.93 -64.49
C PHE T 1077 -120.06 25.07 -64.23
N GLY T 1078 -118.92 25.73 -64.03
CA GLY T 1078 -117.66 25.04 -63.97
C GLY T 1078 -117.20 24.72 -62.58
N ARG T 1079 -116.23 25.47 -62.07
CA ARG T 1079 -115.70 25.25 -60.73
C ARG T 1079 -115.89 26.44 -59.81
N ASP T 1080 -115.61 27.64 -60.29
CA ASP T 1080 -115.66 28.84 -59.46
C ASP T 1080 -116.99 29.59 -59.65
N CYS T 1081 -118.07 28.91 -59.31
CA CYS T 1081 -119.37 29.55 -59.30
C CYS T 1081 -119.48 30.38 -58.02
N ARG T 1082 -119.69 31.68 -58.16
CA ARG T 1082 -119.74 32.57 -57.02
C ARG T 1082 -121.06 33.33 -57.06
N ILE T 1083 -121.72 33.44 -55.90
CA ILE T 1083 -123.07 34.01 -55.82
C ILE T 1083 -123.00 35.39 -55.20
N SER T 1084 -123.47 36.40 -55.93
CA SER T 1084 -123.63 37.76 -55.42
C SER T 1084 -125.11 38.05 -55.25
N PHE T 1085 -125.46 38.69 -54.13
CA PHE T 1085 -126.86 38.97 -53.89
C PHE T 1085 -127.33 40.15 -54.72
N GLY T 1086 -128.63 40.41 -54.66
CA GLY T 1086 -129.20 41.52 -55.38
C GLY T 1086 -129.63 42.64 -54.45
N MET T 1087 -128.98 43.79 -54.57
CA MET T 1087 -129.30 44.90 -53.69
C MET T 1087 -130.57 45.60 -54.13
N ASN T 1088 -131.35 46.04 -53.13
CA ASN T 1088 -132.47 46.96 -53.29
C ASN T 1088 -133.57 46.40 -54.18
N GLY T 1089 -133.77 45.08 -54.15
CA GLY T 1089 -134.81 44.48 -54.94
C GLY T 1089 -134.34 44.05 -56.32
N ALA T 1090 -133.16 43.46 -56.38
CA ALA T 1090 -132.63 42.90 -57.62
C ALA T 1090 -132.43 41.41 -57.43
N ALA T 1091 -132.39 40.69 -58.53
CA ALA T 1091 -132.30 39.24 -58.44
C ALA T 1091 -130.86 38.82 -58.12
N PRO T 1092 -130.68 37.83 -57.26
CA PRO T 1092 -129.33 37.34 -57.00
C PRO T 1092 -128.81 36.54 -58.18
N MET T 1093 -127.49 36.57 -58.37
CA MET T 1093 -126.89 36.03 -59.58
C MET T 1093 -125.73 35.10 -59.24
N ILE T 1094 -125.47 34.17 -60.14
CA ILE T 1094 -124.44 33.16 -59.99
C ILE T 1094 -123.59 33.16 -61.26
N ARG T 1095 -122.32 32.79 -61.10
CA ARG T 1095 -121.32 32.97 -62.15
C ARG T 1095 -121.28 31.79 -63.11
N ASP T 1096 -121.41 32.09 -64.39
CA ASP T 1096 -121.25 31.12 -65.47
C ASP T 1096 -119.78 30.70 -65.58
N GLU T 1097 -119.54 29.58 -66.27
CA GLU T 1097 -118.16 29.17 -66.49
C GLU T 1097 -117.46 30.05 -67.51
N THR T 1098 -118.21 30.75 -68.36
CA THR T 1098 -117.63 31.70 -69.29
C THR T 1098 -117.36 33.05 -68.65
N GLY T 1099 -117.84 33.27 -67.42
CA GLY T 1099 -117.63 34.51 -66.71
C GLY T 1099 -118.87 35.36 -66.56
N MET T 1100 -119.98 34.97 -67.16
CA MET T 1100 -121.20 35.76 -67.06
C MET T 1100 -121.88 35.53 -65.73
N MET T 1101 -122.76 36.46 -65.36
CA MET T 1101 -123.58 36.36 -64.17
C MET T 1101 -125.03 36.16 -64.60
N VAL T 1102 -125.63 35.06 -64.16
CA VAL T 1102 -126.97 34.71 -64.61
C VAL T 1102 -127.92 34.67 -63.42
N PRO T 1103 -129.20 34.99 -63.59
CA PRO T 1103 -130.15 34.91 -62.47
C PRO T 1103 -130.53 33.47 -62.16
N PHE T 1104 -131.25 33.31 -61.05
CA PHE T 1104 -131.67 31.99 -60.58
C PHE T 1104 -132.92 31.54 -61.35
N GLU T 1105 -132.69 31.15 -62.61
CA GLU T 1105 -133.79 30.77 -63.48
C GLU T 1105 -133.24 29.90 -64.60
N GLY T 1106 -134.05 28.94 -65.04
CA GLY T 1106 -133.76 28.22 -66.27
C GLY T 1106 -133.15 26.86 -66.10
N ASN T 1107 -132.36 26.44 -67.08
CA ASN T 1107 -131.76 25.11 -67.11
C ASN T 1107 -130.28 25.24 -66.86
N TRP T 1108 -129.78 24.54 -65.83
CA TRP T 1108 -128.38 24.60 -65.45
C TRP T 1108 -127.79 23.20 -65.52
N ILE T 1109 -126.46 23.14 -65.52
CA ILE T 1109 -125.73 21.87 -65.47
C ILE T 1109 -124.65 21.99 -64.40
N PHE T 1110 -124.81 21.25 -63.33
CA PHE T 1110 -123.76 21.12 -62.33
C PHE T 1110 -122.96 19.85 -62.57
N PRO T 1111 -121.69 19.83 -62.21
CA PRO T 1111 -121.07 18.58 -61.81
C PRO T 1111 -121.47 18.24 -60.38
N LEU T 1112 -121.30 16.96 -60.02
CA LEU T 1112 -121.67 16.55 -58.67
C LEU T 1112 -120.74 17.15 -57.62
N ALA T 1113 -119.45 17.28 -57.96
CA ALA T 1113 -118.46 17.83 -57.03
C ALA T 1113 -118.75 19.28 -56.67
N LEU T 1114 -119.39 20.03 -57.57
CA LEU T 1114 -119.75 21.41 -57.27
C LEU T 1114 -120.77 21.49 -56.15
N TRP T 1115 -121.83 20.68 -56.23
CA TRP T 1115 -122.83 20.66 -55.17
C TRP T 1115 -122.28 20.04 -53.90
N GLN T 1116 -121.40 19.05 -54.05
CA GLN T 1116 -120.88 18.36 -52.88
C GLN T 1116 -119.83 19.18 -52.15
N MET T 1117 -119.21 20.15 -52.84
CA MET T 1117 -118.16 20.98 -52.26
C MET T 1117 -118.68 21.84 -51.12
N ASN T 1118 -119.94 22.25 -51.20
CA ASN T 1118 -120.58 22.98 -50.12
C ASN T 1118 -122.09 22.74 -50.18
N THR T 1119 -122.55 21.81 -49.35
CA THR T 1119 -123.94 21.41 -49.34
C THR T 1119 -124.78 22.23 -48.38
N ARG T 1120 -124.23 23.28 -47.80
CA ARG T 1120 -124.98 24.12 -46.87
C ARG T 1120 -125.29 25.49 -47.46
N TYR T 1121 -124.38 26.03 -48.27
CA TYR T 1121 -124.60 27.36 -48.81
C TYR T 1121 -125.59 27.33 -49.96
N PHE T 1122 -125.38 26.45 -50.94
CA PHE T 1122 -126.30 26.39 -52.07
C PHE T 1122 -127.68 25.90 -51.65
N ASN T 1123 -127.73 25.09 -50.59
CA ASN T 1123 -128.98 24.54 -50.12
C ASN T 1123 -129.86 25.63 -49.51
N GLN T 1124 -129.25 26.57 -48.78
CA GLN T 1124 -129.99 27.70 -48.25
C GLN T 1124 -130.48 28.63 -49.37
N GLN T 1125 -129.69 28.77 -50.43
CA GLN T 1125 -129.99 29.73 -51.49
C GLN T 1125 -130.94 29.20 -52.54
N PHE T 1126 -131.09 27.88 -52.67
CA PHE T 1126 -131.77 27.32 -53.83
C PHE T 1126 -133.13 26.71 -53.57
N ASP T 1127 -133.51 26.45 -52.31
CA ASP T 1127 -134.71 25.65 -52.04
C ASP T 1127 -135.98 26.39 -52.44
N ALA T 1128 -136.06 27.68 -52.14
CA ALA T 1128 -137.25 28.45 -52.52
C ALA T 1128 -137.34 28.67 -54.02
N TRP T 1129 -136.24 28.50 -54.75
CA TRP T 1129 -136.26 28.67 -56.19
C TRP T 1129 -136.52 27.38 -56.95
N ILE T 1130 -136.23 26.23 -56.34
CA ILE T 1130 -136.50 24.96 -56.98
C ILE T 1130 -137.91 24.50 -56.70
N LYS T 1131 -138.35 24.60 -55.44
CA LYS T 1131 -139.65 24.08 -55.04
C LYS T 1131 -140.80 24.87 -55.65
N THR T 1132 -140.71 26.19 -55.61
CA THR T 1132 -141.79 27.05 -56.11
C THR T 1132 -141.46 27.71 -57.43
N GLY T 1133 -140.22 28.16 -57.61
CA GLY T 1133 -139.83 28.88 -58.81
C GLY T 1133 -139.67 28.00 -60.03
N GLU T 1134 -138.84 28.47 -60.96
CA GLU T 1134 -138.69 27.84 -62.27
C GLU T 1134 -137.22 27.54 -62.54
N LEU T 1135 -136.57 26.91 -61.56
CA LEU T 1135 -135.18 26.50 -61.67
C LEU T 1135 -135.10 25.00 -61.85
N ARG T 1136 -134.35 24.54 -62.84
CA ARG T 1136 -134.16 23.13 -63.12
C ARG T 1136 -132.67 22.86 -63.28
N ILE T 1137 -132.14 21.92 -62.50
CA ILE T 1137 -130.71 21.70 -62.41
C ILE T 1137 -130.41 20.28 -62.83
N ARG T 1138 -129.45 20.13 -63.75
CA ARG T 1138 -128.92 18.83 -64.15
C ARG T 1138 -127.62 18.59 -63.41
N ILE T 1139 -127.55 17.51 -62.65
CA ILE T 1139 -126.41 17.24 -61.79
C ILE T 1139 -125.65 16.07 -62.39
N GLU T 1140 -124.45 16.34 -62.91
CA GLU T 1140 -123.66 15.36 -63.64
C GLU T 1140 -122.89 14.49 -62.67
N MET T 1141 -123.25 13.21 -62.60
CA MET T 1141 -122.54 12.29 -61.70
C MET T 1141 -122.19 10.94 -62.31
N GLY T 1142 -122.86 10.48 -63.36
CA GLY T 1142 -122.49 9.21 -63.98
C GLY T 1142 -123.15 8.00 -63.36
N ALA T 1143 -122.82 7.69 -62.12
CA ALA T 1143 -123.34 6.53 -61.42
C ALA T 1143 -123.91 6.93 -60.08
N TYR T 1144 -125.00 6.27 -59.68
CA TYR T 1144 -125.62 6.53 -58.40
C TYR T 1144 -126.53 5.36 -58.05
N PRO T 1145 -126.53 4.90 -56.80
CA PRO T 1145 -127.52 3.90 -56.40
C PRO T 1145 -128.86 4.57 -56.14
N TYR T 1146 -129.93 3.84 -56.44
CA TYR T 1146 -131.26 4.40 -56.33
C TYR T 1146 -132.08 3.61 -55.33
N MET T 1147 -133.08 4.28 -54.76
CA MET T 1147 -134.04 3.69 -53.83
C MET T 1147 -135.42 4.11 -54.27
N LEU T 1148 -136.30 3.14 -54.45
CA LEU T 1148 -137.60 3.42 -55.03
C LEU T 1148 -138.64 3.71 -53.95
N HIS T 1149 -139.68 4.42 -54.36
CA HIS T 1149 -140.87 4.63 -53.56
C HIS T 1149 -142.04 4.61 -54.51
N TYR T 1150 -143.09 3.85 -54.19
CA TYR T 1150 -144.27 3.83 -55.02
C TYR T 1150 -145.38 4.62 -54.35
N TYR T 1151 -146.41 4.93 -55.13
CA TYR T 1151 -147.54 5.68 -54.60
C TYR T 1151 -148.79 5.25 -55.33
N ASP T 1152 -149.92 5.68 -54.80
CA ASP T 1152 -151.20 5.36 -55.40
C ASP T 1152 -151.59 6.47 -56.36
N PRO T 1153 -151.79 6.19 -57.65
CA PRO T 1153 -152.00 7.28 -58.60
C PRO T 1153 -153.36 7.97 -58.51
N ARG T 1154 -154.28 7.51 -57.68
CA ARG T 1154 -155.50 8.25 -57.40
C ARG T 1154 -155.44 8.99 -56.07
N GLN T 1155 -154.25 9.11 -55.49
CA GLN T 1155 -154.01 9.91 -54.31
C GLN T 1155 -153.09 11.07 -54.66
N TYR T 1156 -153.14 12.12 -53.85
CA TYR T 1156 -152.23 13.24 -54.03
C TYR T 1156 -150.86 12.87 -53.50
N ALA T 1157 -149.82 13.14 -54.29
CA ALA T 1157 -148.47 12.76 -53.91
C ALA T 1157 -147.50 13.87 -54.24
N ASN T 1158 -146.68 14.24 -53.25
CA ASN T 1158 -145.67 15.26 -53.40
C ASN T 1158 -144.35 14.69 -52.93
N ALA T 1159 -143.27 15.07 -53.60
CA ALA T 1159 -141.96 14.47 -53.35
C ALA T 1159 -140.94 15.44 -52.79
N TRP T 1160 -141.37 16.60 -52.28
CA TRP T 1160 -140.42 17.53 -51.69
C TRP T 1160 -139.89 17.00 -50.37
N ASN T 1161 -140.70 16.27 -49.61
CA ASN T 1161 -140.27 15.74 -48.33
C ASN T 1161 -139.19 14.67 -48.47
N LEU T 1162 -139.06 14.08 -49.65
CA LEU T 1162 -137.96 13.16 -49.96
C LEU T 1162 -136.80 13.86 -50.66
N THR T 1163 -137.11 14.77 -51.58
CA THR T 1163 -136.08 15.45 -52.35
C THR T 1163 -135.25 16.37 -51.47
N SER T 1164 -135.91 17.15 -50.62
CA SER T 1164 -135.17 18.00 -49.69
C SER T 1164 -134.44 17.19 -48.64
N ALA T 1165 -134.95 16.02 -48.27
CA ALA T 1165 -134.22 15.13 -47.38
C ALA T 1165 -132.94 14.64 -48.03
N TRP T 1166 -132.98 14.33 -49.33
CA TRP T 1166 -131.76 13.95 -50.04
C TRP T 1166 -130.79 15.11 -50.15
N LEU T 1167 -131.30 16.29 -50.50
CA LEU T 1167 -130.46 17.47 -50.65
C LEU T 1167 -129.95 18.02 -49.32
N GLU T 1168 -130.48 17.57 -48.19
CA GLU T 1168 -129.87 17.88 -46.91
C GLU T 1168 -128.91 16.79 -46.44
N GLU T 1169 -129.23 15.52 -46.68
CA GLU T 1169 -128.34 14.45 -46.25
C GLU T 1169 -127.11 14.31 -47.12
N ILE T 1170 -127.09 14.95 -48.29
CA ILE T 1170 -125.86 14.99 -49.08
C ILE T 1170 -124.81 15.83 -48.35
N THR T 1171 -123.54 15.46 -48.51
CA THR T 1171 -122.49 15.92 -47.62
C THR T 1171 -121.17 15.82 -48.38
N PRO T 1172 -120.12 16.61 -47.98
CA PRO T 1172 -118.85 16.58 -48.73
C PRO T 1172 -118.09 15.25 -48.83
N THR T 1173 -118.55 14.21 -48.17
CA THR T 1173 -117.89 12.92 -48.27
C THR T 1173 -118.76 11.85 -48.89
N SER T 1174 -120.04 11.77 -48.54
CA SER T 1174 -120.86 10.66 -48.98
C SER T 1174 -122.12 11.14 -49.67
N ILE T 1175 -122.79 10.20 -50.34
CA ILE T 1175 -124.05 10.44 -51.05
C ILE T 1175 -125.09 9.45 -50.56
N PRO T 1176 -126.24 9.90 -50.07
CA PRO T 1176 -127.33 8.98 -49.81
C PRO T 1176 -128.03 8.57 -51.10
N SER T 1177 -128.66 7.40 -51.05
CA SER T 1177 -129.24 6.80 -52.25
C SER T 1177 -130.43 7.61 -52.74
N VAL T 1178 -130.49 7.80 -54.05
CA VAL T 1178 -131.36 8.81 -54.66
C VAL T 1178 -132.82 8.34 -54.66
N PRO T 1179 -133.73 9.09 -54.03
CA PRO T 1179 -135.12 8.63 -53.94
C PRO T 1179 -135.89 8.92 -55.21
N PHE T 1180 -136.56 7.89 -55.73
CA PHE T 1180 -137.45 8.01 -56.88
C PHE T 1180 -138.90 7.79 -56.43
N MET T 1181 -139.83 8.35 -57.21
CA MET T 1181 -141.24 8.24 -56.89
C MET T 1181 -141.98 7.90 -58.18
N VAL T 1182 -142.43 6.66 -58.29
CA VAL T 1182 -142.94 6.07 -59.53
C VAL T 1182 -144.25 5.34 -59.27
N PRO T 1183 -145.29 5.58 -60.08
CA PRO T 1183 -146.62 5.05 -59.76
C PRO T 1183 -146.79 3.55 -59.96
N ILE T 1184 -148.00 3.07 -59.69
CA ILE T 1184 -148.32 1.65 -59.66
C ILE T 1184 -149.36 1.37 -60.73
N SER T 1185 -149.08 0.41 -61.59
CA SER T 1185 -150.02 0.05 -62.64
C SER T 1185 -151.14 -0.82 -62.09
N SER T 1186 -152.27 -0.83 -62.80
CA SER T 1186 -153.43 -1.62 -62.44
C SER T 1186 -154.24 -1.85 -63.70
N ASP T 1187 -154.90 -3.00 -63.80
CA ASP T 1187 -155.57 -3.33 -65.05
C ASP T 1187 -156.87 -2.55 -65.23
N HIS T 1188 -157.68 -2.47 -64.18
CA HIS T 1188 -158.89 -1.65 -64.25
C HIS T 1188 -158.52 -0.18 -64.28
N ASP T 1189 -159.30 0.61 -65.00
CA ASP T 1189 -159.01 2.02 -65.14
C ASP T 1189 -159.30 2.78 -63.85
N ILE T 1190 -158.48 3.78 -63.56
CA ILE T 1190 -158.49 4.46 -62.28
C ILE T 1190 -158.80 5.93 -62.50
N SER T 1191 -159.06 6.63 -61.41
CA SER T 1191 -159.21 8.07 -61.43
C SER T 1191 -157.84 8.73 -61.33
N SER T 1192 -157.72 9.88 -61.97
CA SER T 1192 -156.44 10.60 -62.04
C SER T 1192 -156.36 11.66 -60.95
N ALA T 1193 -155.22 11.70 -60.28
CA ALA T 1193 -154.94 12.66 -59.22
C ALA T 1193 -153.70 13.45 -59.57
N PRO T 1194 -153.57 14.68 -59.08
CA PRO T 1194 -152.34 15.43 -59.31
C PRO T 1194 -151.18 14.83 -58.52
N ALA T 1195 -150.03 14.77 -59.16
CA ALA T 1195 -148.81 14.26 -58.57
C ALA T 1195 -147.67 15.22 -58.87
N VAL T 1196 -146.85 15.50 -57.86
CA VAL T 1196 -145.78 16.49 -57.96
C VAL T 1196 -144.48 15.76 -57.72
N GLN T 1197 -143.65 15.62 -58.75
CA GLN T 1197 -142.38 14.93 -58.62
C GLN T 1197 -141.25 15.79 -59.17
N TYR T 1198 -140.08 15.61 -58.58
CA TYR T 1198 -138.93 16.49 -58.77
C TYR T 1198 -137.74 15.79 -59.40
N ILE T 1199 -137.32 14.67 -58.85
CA ILE T 1199 -136.12 13.96 -59.30
C ILE T 1199 -136.53 12.99 -60.39
N ILE T 1200 -136.03 13.22 -61.60
CA ILE T 1200 -136.21 12.29 -62.71
C ILE T 1200 -134.84 11.85 -63.19
N SER T 1201 -134.83 10.76 -63.94
CA SER T 1201 -133.60 10.29 -64.54
C SER T 1201 -133.47 10.90 -65.93
N THR T 1202 -132.51 10.42 -66.70
CA THR T 1202 -132.21 10.95 -68.02
C THR T 1202 -132.41 9.94 -69.14
N GLU T 1203 -131.97 8.71 -68.96
CA GLU T 1203 -132.21 7.67 -69.93
C GLU T 1203 -132.92 6.49 -69.27
N TYR T 1204 -133.00 5.38 -70.02
CA TYR T 1204 -133.79 4.23 -69.61
C TYR T 1204 -133.19 3.58 -68.37
N ASN T 1205 -134.03 3.24 -67.41
CA ASN T 1205 -133.47 2.78 -66.15
C ASN T 1205 -134.19 1.60 -65.52
N ASP T 1206 -135.41 1.26 -65.92
CA ASP T 1206 -136.08 0.11 -65.33
C ASP T 1206 -135.91 -1.11 -66.23
N ARG T 1207 -134.64 -1.47 -66.38
CA ARG T 1207 -134.30 -2.75 -66.98
C ARG T 1207 -134.51 -3.88 -66.00
N SER T 1208 -134.38 -3.60 -64.70
CA SER T 1208 -134.80 -4.53 -63.65
C SER T 1208 -136.28 -4.31 -63.38
N LEU T 1209 -137.08 -4.66 -64.38
CA LEU T 1209 -138.52 -4.65 -64.27
C LEU T 1209 -138.96 -5.93 -64.94
N PHE T 1210 -139.45 -6.90 -64.17
CA PHE T 1210 -139.78 -8.17 -64.78
C PHE T 1210 -141.15 -8.12 -65.44
N CYS T 1211 -142.20 -7.90 -64.66
CA CYS T 1211 -143.54 -7.86 -65.21
C CYS T 1211 -144.43 -7.02 -64.32
N THR T 1212 -145.41 -6.38 -64.93
CA THR T 1212 -146.38 -5.55 -64.24
C THR T 1212 -147.76 -6.16 -64.44
N ASN T 1213 -148.44 -6.46 -63.32
CA ASN T 1213 -149.78 -7.07 -63.29
C ASN T 1213 -149.79 -8.40 -64.03
N SER T 1214 -149.05 -9.35 -63.46
CA SER T 1214 -148.81 -10.64 -64.11
C SER T 1214 -150.07 -11.50 -64.18
N SER T 1215 -151.05 -11.25 -63.34
CA SER T 1215 -152.27 -12.06 -63.30
C SER T 1215 -153.42 -11.42 -64.06
N SER T 1216 -153.18 -10.32 -64.73
CA SER T 1216 -154.20 -9.61 -65.49
C SER T 1216 -154.07 -9.92 -66.97
N PRO T 1217 -155.14 -9.75 -67.74
CA PRO T 1217 -154.99 -9.92 -69.20
C PRO T 1217 -154.18 -8.82 -69.84
N GLN T 1218 -154.29 -7.58 -69.37
CA GLN T 1218 -153.50 -6.49 -69.90
C GLN T 1218 -153.33 -5.43 -68.82
N THR T 1219 -152.75 -4.30 -69.19
CA THR T 1219 -152.50 -3.19 -68.27
C THR T 1219 -152.97 -1.91 -68.90
N ILE T 1220 -153.84 -1.19 -68.19
CA ILE T 1220 -154.38 0.09 -68.63
C ILE T 1220 -153.88 1.17 -67.68
N ALA T 1221 -153.28 2.23 -68.24
CA ALA T 1221 -152.84 3.41 -67.52
C ALA T 1221 -151.81 3.06 -66.43
N GLY T 1222 -150.67 2.61 -66.90
CA GLY T 1222 -149.52 2.40 -66.05
C GLY T 1222 -148.30 2.06 -66.88
N PRO T 1223 -147.14 1.99 -66.25
CA PRO T 1223 -145.97 1.46 -66.95
C PRO T 1223 -146.10 -0.04 -67.19
N ASP T 1224 -146.37 -0.43 -68.42
CA ASP T 1224 -146.61 -1.83 -68.72
C ASP T 1224 -145.34 -2.52 -69.20
N LYS T 1225 -145.25 -3.82 -68.92
CA LYS T 1225 -144.21 -4.66 -69.48
C LYS T 1225 -144.69 -6.10 -69.42
N HIS T 1226 -144.56 -6.82 -70.53
CA HIS T 1226 -144.88 -8.24 -70.55
C HIS T 1226 -143.69 -9.03 -70.01
N ILE T 1227 -143.75 -10.35 -70.09
CA ILE T 1227 -142.61 -11.18 -69.73
C ILE T 1227 -141.50 -10.96 -70.74
N PRO T 1228 -140.25 -10.72 -70.31
CA PRO T 1228 -139.18 -10.43 -71.29
C PRO T 1228 -138.82 -11.63 -72.14
N VAL T 1229 -139.27 -11.57 -73.39
CA VAL T 1229 -139.08 -12.65 -74.35
C VAL T 1229 -137.62 -12.79 -74.74
N GLU T 1230 -136.90 -11.67 -74.76
CA GLU T 1230 -135.49 -11.66 -75.13
C GLU T 1230 -134.60 -12.34 -74.09
N ARG T 1231 -135.10 -12.60 -72.90
CA ARG T 1231 -134.36 -13.32 -71.87
C ARG T 1231 -134.64 -14.82 -71.85
N TYR T 1232 -135.72 -15.26 -72.48
CA TYR T 1232 -136.03 -16.69 -72.58
C TYR T 1232 -135.93 -17.04 -74.06
N ASN T 1233 -134.72 -17.33 -74.51
CA ASN T 1233 -134.50 -17.50 -75.93
C ASN T 1233 -134.96 -18.88 -76.39
N ILE T 1234 -134.40 -19.92 -75.77
CA ILE T 1234 -134.56 -21.28 -76.29
C ILE T 1234 -135.94 -21.87 -76.03
N LEU T 1235 -136.81 -21.18 -75.29
CA LEU T 1235 -138.21 -21.55 -75.37
C LEU T 1235 -138.86 -20.97 -76.62
N THR T 1236 -138.71 -19.66 -76.79
CA THR T 1236 -139.53 -18.90 -77.72
C THR T 1236 -139.15 -19.14 -79.17
N ASN T 1237 -137.87 -18.92 -79.49
CA ASN T 1237 -137.39 -19.08 -80.85
C ASN T 1237 -137.24 -20.57 -81.16
N PRO T 1238 -137.93 -21.09 -82.18
CA PRO T 1238 -137.68 -22.49 -82.58
C PRO T 1238 -136.39 -22.64 -83.35
N ASP T 1239 -135.86 -21.56 -83.89
CA ASP T 1239 -134.69 -21.59 -84.74
C ASP T 1239 -133.38 -21.49 -83.97
N ALA T 1240 -133.43 -21.19 -82.69
CA ALA T 1240 -132.20 -21.09 -81.94
C ALA T 1240 -131.72 -22.48 -81.52
N PRO T 1241 -130.41 -22.73 -81.61
CA PRO T 1241 -129.88 -23.99 -81.11
C PRO T 1241 -129.92 -24.02 -79.59
N PRO T 1242 -129.93 -25.21 -78.98
CA PRO T 1242 -130.08 -25.26 -77.52
C PRO T 1242 -128.90 -24.71 -76.75
N THR T 1243 -127.69 -24.75 -77.30
CA THR T 1243 -126.51 -24.25 -76.61
C THR T 1243 -126.18 -22.80 -76.95
N GLN T 1244 -127.19 -22.01 -77.30
CA GLN T 1244 -126.97 -20.65 -77.75
C GLN T 1244 -127.11 -19.67 -76.60
N ILE T 1245 -126.20 -18.69 -76.55
CA ILE T 1245 -126.26 -17.58 -75.62
C ILE T 1245 -125.97 -16.30 -76.39
N GLN T 1246 -126.36 -15.17 -75.79
CA GLN T 1246 -125.88 -13.85 -76.22
C GLN T 1246 -125.36 -13.16 -74.97
N LEU T 1247 -124.11 -13.47 -74.63
CA LEU T 1247 -123.63 -13.24 -73.27
C LEU T 1247 -123.34 -11.78 -72.93
N PRO T 1248 -122.58 -10.99 -73.71
CA PRO T 1248 -122.30 -9.62 -73.24
C PRO T 1248 -123.48 -8.68 -73.36
N GLU T 1249 -124.53 -9.03 -74.08
CA GLU T 1249 -125.65 -8.12 -74.28
C GLU T 1249 -126.71 -8.25 -73.18
N VAL T 1250 -127.24 -9.46 -72.97
CA VAL T 1250 -128.29 -9.68 -71.98
C VAL T 1250 -128.11 -11.08 -71.42
N VAL T 1251 -128.31 -11.22 -70.10
CA VAL T 1251 -128.18 -12.55 -69.51
C VAL T 1251 -129.37 -13.39 -69.94
N ASP T 1252 -129.14 -14.68 -70.06
CA ASP T 1252 -130.11 -15.59 -70.64
C ASP T 1252 -130.50 -16.56 -69.55
N LEU T 1253 -131.63 -16.31 -68.91
CA LEU T 1253 -132.19 -17.29 -68.00
C LEU T 1253 -132.69 -18.49 -68.78
N TYR T 1254 -132.80 -19.64 -68.10
CA TYR T 1254 -133.20 -20.92 -68.68
C TYR T 1254 -132.28 -21.36 -69.81
N ASN T 1255 -131.09 -21.88 -69.49
CA ASN T 1255 -130.35 -22.57 -70.55
C ASN T 1255 -129.84 -23.95 -70.14
N VAL T 1256 -128.99 -24.53 -70.99
CA VAL T 1256 -128.42 -25.85 -70.74
C VAL T 1256 -127.37 -25.71 -69.64
N VAL T 1257 -127.37 -26.66 -68.71
CA VAL T 1257 -126.26 -26.80 -67.79
C VAL T 1257 -125.84 -28.27 -67.73
N THR T 1258 -124.55 -28.52 -67.94
CA THR T 1258 -124.01 -29.86 -67.82
C THR T 1258 -123.71 -30.15 -66.35
N ARG T 1259 -123.99 -31.37 -65.92
CA ARG T 1259 -123.96 -31.69 -64.49
C ARG T 1259 -123.23 -33.01 -64.28
N TYR T 1260 -122.32 -33.03 -63.31
CA TYR T 1260 -121.36 -34.12 -63.16
C TYR T 1260 -121.49 -34.80 -61.81
N ALA T 1261 -120.76 -35.91 -61.67
CA ALA T 1261 -120.62 -36.62 -60.41
C ALA T 1261 -119.33 -37.42 -60.48
N TYR T 1262 -118.39 -37.11 -59.61
CA TYR T 1262 -117.02 -37.58 -59.77
C TYR T 1262 -116.59 -38.47 -58.61
N GLU T 1263 -115.32 -38.88 -58.66
CA GLU T 1263 -114.63 -39.52 -57.57
C GLU T 1263 -113.29 -38.82 -57.37
N THR T 1264 -112.89 -38.66 -56.11
CA THR T 1264 -111.57 -38.14 -55.79
C THR T 1264 -110.94 -39.13 -54.82
N PRO T 1265 -110.26 -40.14 -55.33
CA PRO T 1265 -109.68 -41.16 -54.47
C PRO T 1265 -108.43 -40.62 -53.79
N PRO T 1266 -108.09 -41.13 -52.61
CA PRO T 1266 -106.83 -40.75 -51.99
C PRO T 1266 -105.64 -41.34 -52.73
N ILE T 1267 -104.48 -40.74 -52.49
CA ILE T 1267 -103.26 -41.18 -53.15
C ILE T 1267 -102.83 -42.50 -52.55
N THR T 1268 -102.96 -43.58 -53.32
CA THR T 1268 -102.62 -44.91 -52.88
C THR T 1268 -101.32 -45.33 -53.56
N ALA T 1269 -100.37 -45.86 -52.79
CA ALA T 1269 -99.14 -46.38 -53.38
C ALA T 1269 -98.56 -47.45 -52.49
N VAL T 1270 -98.57 -48.67 -52.98
CA VAL T 1270 -97.74 -49.73 -52.41
C VAL T 1270 -96.33 -49.48 -52.92
N VAL T 1271 -95.33 -49.74 -52.07
CA VAL T 1271 -93.98 -49.26 -52.33
C VAL T 1271 -92.98 -50.27 -51.80
N MET T 1272 -91.98 -50.61 -52.62
CA MET T 1272 -91.16 -51.79 -52.42
C MET T 1272 -89.69 -51.46 -52.55
N GLY T 1273 -88.85 -52.28 -51.94
CA GLY T 1273 -87.42 -52.07 -51.99
C GLY T 1273 -86.76 -52.80 -53.13
N VAL T 1274 -85.59 -52.30 -53.53
CA VAL T 1274 -84.79 -52.97 -54.56
C VAL T 1274 -83.78 -53.85 -53.85
N PRO T 1275 -83.32 -54.95 -54.45
CA PRO T 1275 -82.35 -55.80 -53.76
C PRO T 1275 -80.95 -55.19 -53.75
N GLN U 182 -97.82 81.50 -16.14
CA GLN U 182 -96.38 81.28 -16.18
C GLN U 182 -95.71 82.29 -17.10
N CYS U 183 -94.41 82.44 -16.93
CA CYS U 183 -93.65 83.45 -17.66
C CYS U 183 -93.45 83.04 -19.10
N HIS U 184 -93.71 83.95 -20.03
CA HIS U 184 -93.48 83.71 -21.45
C HIS U 184 -92.22 84.37 -21.96
N VAL U 185 -91.34 84.81 -21.07
CA VAL U 185 -90.10 85.47 -21.44
C VAL U 185 -88.90 84.56 -21.23
N CYS U 186 -88.76 84.03 -20.03
CA CYS U 186 -87.70 83.06 -19.73
C CYS U 186 -88.24 81.66 -19.52
N SER U 187 -89.51 81.43 -19.85
CA SER U 187 -90.21 80.14 -19.72
C SER U 187 -90.17 79.60 -18.29
N ALA U 188 -90.20 80.48 -17.30
CA ALA U 188 -90.18 80.03 -15.91
C ALA U 188 -91.56 79.56 -15.51
N VAL U 189 -91.62 78.40 -14.86
CA VAL U 189 -92.87 77.83 -14.41
C VAL U 189 -93.09 78.26 -12.96
N LEU U 190 -94.07 79.11 -12.73
CA LEU U 190 -94.45 79.50 -11.38
C LEU U 190 -95.95 79.27 -11.22
N PHE U 191 -96.34 78.82 -10.03
CA PHE U 191 -97.63 78.15 -9.86
C PHE U 191 -98.77 79.15 -9.68
N SER U 192 -98.59 80.16 -8.85
CA SER U 192 -99.66 81.11 -8.58
C SER U 192 -99.59 82.25 -9.59
N PRO U 193 -100.66 82.52 -10.33
CA PRO U 193 -100.63 83.62 -11.32
C PRO U 193 -100.77 85.01 -10.73
N LEU U 194 -100.62 85.19 -9.41
CA LEU U 194 -100.76 86.50 -8.81
C LEU U 194 -99.49 87.03 -8.15
N ASP U 195 -98.37 86.30 -8.21
CA ASP U 195 -97.07 86.86 -7.87
C ASP U 195 -96.11 86.78 -9.05
N LEU U 196 -96.64 86.85 -10.27
CA LEU U 196 -95.83 86.81 -11.47
C LEU U 196 -95.04 88.10 -11.67
N ASP U 197 -95.51 89.19 -11.07
CA ASP U 197 -94.77 90.46 -11.12
C ASP U 197 -93.45 90.35 -10.37
N ALA U 198 -93.39 89.54 -9.31
CA ALA U 198 -92.15 89.35 -8.57
C ALA U 198 -91.09 88.68 -9.42
N HIS U 199 -91.49 87.85 -10.39
CA HIS U 199 -90.52 87.27 -11.30
C HIS U 199 -90.20 88.20 -12.46
N VAL U 200 -91.22 88.78 -13.10
CA VAL U 200 -90.95 89.58 -14.30
C VAL U 200 -90.45 90.98 -13.99
N ALA U 201 -90.32 91.35 -12.71
CA ALA U 201 -89.55 92.55 -12.39
C ALA U 201 -88.07 92.34 -12.63
N SER U 202 -87.60 91.09 -12.60
CA SER U 202 -86.21 90.77 -12.86
C SER U 202 -85.85 90.80 -14.34
N HIS U 203 -86.84 90.87 -15.23
CA HIS U 203 -86.58 91.03 -16.65
C HIS U 203 -86.70 92.47 -17.10
N GLY U 204 -86.84 93.41 -16.17
CA GLY U 204 -86.98 94.80 -16.51
C GLY U 204 -88.39 95.21 -16.86
N LEU U 205 -89.40 94.52 -16.37
CA LEU U 205 -90.79 94.82 -16.67
C LEU U 205 -91.49 95.20 -15.37
N HIS U 206 -92.09 96.38 -15.35
CA HIS U 206 -92.72 96.90 -14.15
C HIS U 206 -94.08 96.25 -13.94
N GLY U 207 -94.29 95.67 -12.77
CA GLY U 207 -95.56 95.05 -12.44
C GLY U 207 -96.32 95.77 -11.34
N ARG U 218 -83.36 90.45 -4.30
CA ARG U 218 -83.34 89.40 -3.29
C ARG U 218 -82.40 88.27 -3.67
N HIS U 219 -82.63 87.71 -4.85
CA HIS U 219 -81.77 86.68 -5.40
C HIS U 219 -80.53 87.32 -6.02
N ILE U 220 -79.44 86.56 -6.05
CA ILE U 220 -78.20 87.02 -6.68
C ILE U 220 -78.17 86.67 -8.15
N THR U 221 -78.40 85.41 -8.48
CA THR U 221 -78.56 85.01 -9.88
C THR U 221 -79.62 83.93 -9.98
N GLU U 222 -80.23 83.83 -11.15
CA GLU U 222 -81.34 82.92 -11.39
C GLU U 222 -81.17 82.32 -12.78
N PHE U 223 -80.78 81.06 -12.86
CA PHE U 223 -80.72 80.39 -14.14
C PHE U 223 -81.86 79.40 -14.26
N ILE U 224 -82.28 79.13 -15.48
CA ILE U 224 -83.25 78.08 -15.76
C ILE U 224 -82.79 77.31 -16.97
N SER U 225 -82.92 75.99 -16.92
CA SER U 225 -82.47 75.12 -17.97
C SER U 225 -83.46 75.10 -19.13
N SER U 226 -83.13 74.35 -20.17
CA SER U 226 -83.95 74.27 -21.36
C SER U 226 -84.47 72.88 -21.65
N TRP U 227 -84.07 71.88 -20.87
CA TRP U 227 -84.50 70.51 -21.12
C TRP U 227 -85.11 69.84 -19.89
N GLN U 228 -85.08 70.48 -18.74
CA GLN U 228 -85.59 69.86 -17.53
C GLN U 228 -86.20 70.90 -16.62
N ASN U 229 -87.14 70.46 -15.78
CA ASN U 229 -87.85 71.35 -14.87
C ASN U 229 -87.08 71.42 -13.56
N HIS U 230 -86.01 72.21 -13.58
CA HIS U 230 -85.13 72.32 -12.42
C HIS U 230 -84.37 73.64 -12.42
N PRO U 231 -84.97 74.74 -11.98
CA PRO U 231 -84.23 76.00 -11.89
C PRO U 231 -83.33 76.00 -10.67
N ILE U 232 -82.29 76.82 -10.74
CA ILE U 232 -81.30 76.93 -9.69
C ILE U 232 -81.16 78.39 -9.30
N VAL U 233 -81.31 78.68 -8.00
CA VAL U 233 -81.30 80.02 -7.46
C VAL U 233 -80.16 80.14 -6.47
N GLN U 234 -79.36 81.21 -6.59
CA GLN U 234 -78.22 81.42 -5.73
C GLN U 234 -78.48 82.64 -4.85
N VAL U 235 -78.32 82.46 -3.54
CA VAL U 235 -78.75 83.44 -2.55
C VAL U 235 -77.58 83.73 -1.62
N SER U 236 -77.66 84.83 -0.88
CA SER U 236 -76.58 85.27 -0.01
C SER U 236 -76.40 84.32 1.18
N ALA U 237 -75.28 84.49 1.87
CA ALA U 237 -74.83 83.51 2.86
C ALA U 237 -75.33 83.78 4.26
N ASP U 238 -76.21 84.77 4.46
CA ASP U 238 -76.86 85.00 5.75
C ASP U 238 -78.36 84.79 5.59
N VAL U 239 -78.77 83.52 5.67
CA VAL U 239 -80.16 83.13 5.50
C VAL U 239 -80.64 82.35 6.72
N GLU U 240 -81.96 82.31 6.88
CA GLU U 240 -82.57 81.50 7.92
C GLU U 240 -83.01 80.14 7.41
N ASN U 241 -83.33 80.04 6.12
CA ASN U 241 -83.61 78.75 5.49
C ASN U 241 -83.22 78.83 4.01
N ARG U 242 -83.59 77.80 3.25
CA ARG U 242 -83.36 77.78 1.82
C ARG U 242 -84.45 76.91 1.18
N LYS U 243 -84.93 77.35 0.02
CA LYS U 243 -86.00 76.67 -0.71
C LYS U 243 -85.43 75.76 -1.80
N THR U 244 -84.52 74.89 -1.37
CA THR U 244 -83.51 74.25 -2.21
C THR U 244 -82.82 75.31 -3.07
N ALA U 245 -82.11 76.18 -2.36
CA ALA U 245 -81.37 77.28 -2.95
C ALA U 245 -79.90 77.15 -2.57
N GLN U 246 -79.02 77.43 -3.52
CA GLN U 246 -77.60 77.34 -3.25
C GLN U 246 -77.09 78.71 -2.78
N LEU U 247 -75.85 78.73 -2.32
CA LEU U 247 -75.27 79.90 -1.68
C LEU U 247 -74.08 80.39 -2.48
N LEU U 248 -73.61 81.59 -2.15
CA LEU U 248 -72.32 82.07 -2.63
C LEU U 248 -71.42 82.33 -1.42
N HIS U 249 -70.31 81.61 -1.37
CA HIS U 249 -69.32 81.79 -0.31
C HIS U 249 -68.24 82.77 -0.73
N ALA U 250 -68.65 83.93 -1.23
CA ALA U 250 -67.72 84.94 -1.70
C ALA U 250 -67.90 86.18 -0.86
N ASP U 251 -66.81 86.69 -0.31
CA ASP U 251 -66.90 87.90 0.49
C ASP U 251 -67.04 89.10 -0.44
N THR U 252 -68.24 89.33 -0.92
CA THR U 252 -68.41 90.44 -1.83
C THR U 252 -68.57 91.74 -1.06
N PRO U 253 -68.09 92.85 -1.59
CA PRO U 253 -68.32 94.14 -0.95
C PRO U 253 -69.70 94.69 -1.29
N ARG U 254 -70.10 95.69 -0.53
CA ARG U 254 -71.37 96.38 -0.75
C ARG U 254 -71.06 97.66 -1.52
N LEU U 255 -71.25 97.61 -2.83
CA LEU U 255 -70.93 98.75 -3.68
C LEU U 255 -72.09 99.73 -3.78
N VAL U 256 -73.29 99.23 -4.04
CA VAL U 256 -74.45 100.10 -4.25
C VAL U 256 -75.19 100.23 -2.92
N THR U 257 -75.00 101.36 -2.25
CA THR U 257 -75.72 101.69 -1.03
C THR U 257 -76.40 103.03 -1.21
N TRP U 258 -77.58 103.17 -0.64
CA TRP U 258 -78.45 104.30 -0.94
C TRP U 258 -78.59 105.24 0.25
N ASP U 259 -78.84 106.51 -0.05
CA ASP U 259 -78.96 107.56 0.95
C ASP U 259 -80.17 108.42 0.58
N ALA U 260 -81.14 108.48 1.48
CA ALA U 260 -82.33 109.27 1.24
C ALA U 260 -82.32 110.61 1.95
N GLY U 261 -81.47 110.80 2.94
CA GLY U 261 -81.43 112.02 3.72
C GLY U 261 -80.58 113.09 3.07
N LEU U 262 -80.17 114.06 3.88
CA LEU U 262 -79.38 115.17 3.39
C LEU U 262 -77.94 114.73 3.12
N CYS U 263 -77.38 115.25 2.04
CA CYS U 263 -76.01 114.96 1.64
C CYS U 263 -75.06 116.02 2.15
N THR U 264 -75.06 116.20 3.47
CA THR U 264 -74.17 117.13 4.13
C THR U 264 -73.45 116.42 5.27
N SER U 265 -72.37 117.05 5.74
CA SER U 265 -71.60 116.52 6.85
C SER U 265 -71.25 117.57 7.88
N PHE U 266 -71.40 118.85 7.58
CA PHE U 266 -71.21 119.93 8.52
C PHE U 266 -72.55 120.31 9.13
N LYS U 267 -72.52 120.74 10.39
CA LYS U 267 -73.73 121.20 11.05
C LYS U 267 -73.39 122.39 11.91
N ILE U 268 -74.42 123.15 12.26
CA ILE U 268 -74.26 124.39 13.01
C ILE U 268 -74.95 124.23 14.34
N VAL U 269 -74.18 124.31 15.42
CA VAL U 269 -74.71 124.08 16.76
C VAL U 269 -74.85 125.40 17.50
N PRO U 270 -75.84 125.55 18.37
CA PRO U 270 -75.89 126.72 19.24
C PRO U 270 -75.00 126.53 20.45
N ILE U 271 -74.41 127.62 20.91
CA ILE U 271 -73.46 127.56 22.01
C ILE U 271 -73.49 128.88 22.78
N VAL U 272 -73.79 128.78 24.08
CA VAL U 272 -74.27 129.87 24.92
C VAL U 272 -75.48 130.51 24.26
N PRO U 273 -76.65 129.91 24.38
CA PRO U 273 -77.85 130.45 23.74
C PRO U 273 -78.36 131.69 24.45
N ALA U 274 -79.31 132.36 23.80
CA ALA U 274 -79.94 133.54 24.36
C ALA U 274 -81.29 133.73 23.71
N GLN U 275 -82.10 134.59 24.32
CA GLN U 275 -83.37 134.99 23.76
C GLN U 275 -83.48 136.51 23.78
N VAL U 276 -84.27 137.05 22.87
CA VAL U 276 -84.49 138.49 22.81
C VAL U 276 -85.99 138.75 22.81
N PRO U 277 -86.41 139.95 23.19
CA PRO U 277 -87.77 140.38 22.87
C PRO U 277 -87.88 140.74 21.40
N GLN U 278 -89.00 140.39 20.80
CA GLN U 278 -89.15 140.50 19.37
C GLN U 278 -90.43 141.24 18.99
N ASP U 279 -90.46 141.67 17.74
CA ASP U 279 -91.66 142.01 16.99
C ASP U 279 -92.28 140.74 16.45
N VAL U 280 -93.08 140.87 15.38
CA VAL U 280 -94.14 139.97 14.92
C VAL U 280 -93.83 138.49 15.05
N LEU U 281 -94.70 137.77 15.73
CA LEU U 281 -94.37 136.47 16.31
C LEU U 281 -94.86 135.29 15.49
N ALA U 282 -95.92 135.46 14.71
CA ALA U 282 -96.47 134.36 13.94
C ALA U 282 -97.20 134.91 12.73
N TYR U 283 -97.56 134.02 11.82
CA TYR U 283 -98.30 134.36 10.62
C TYR U 283 -99.76 133.95 10.82
N THR U 284 -100.67 134.87 10.58
CA THR U 284 -102.10 134.62 10.73
C THR U 284 -102.76 134.58 9.35
N PHE U 285 -103.43 133.47 9.05
CA PHE U 285 -104.01 133.33 7.72
C PHE U 285 -105.47 133.75 7.68
N PHE U 286 -106.35 133.04 8.37
CA PHE U 286 -107.66 133.57 8.73
C PHE U 286 -107.85 133.59 10.23
N THR U 287 -107.72 132.44 10.88
CA THR U 287 -107.82 132.30 12.33
C THR U 287 -106.59 131.58 12.83
N SER U 288 -106.04 130.70 11.99
CA SER U 288 -104.91 129.88 12.38
C SER U 288 -103.65 130.72 12.48
N SER U 289 -102.71 130.24 13.29
CA SER U 289 -101.43 130.91 13.48
C SER U 289 -100.32 129.91 13.22
N TYR U 290 -99.40 130.28 12.35
CA TYR U 290 -98.24 129.45 12.02
C TYR U 290 -97.00 130.10 12.62
N ALA U 291 -96.29 129.35 13.45
CA ALA U 291 -95.13 129.88 14.14
C ALA U 291 -93.97 130.05 13.18
N ILE U 292 -93.01 130.88 13.58
CA ILE U 292 -91.89 131.23 12.73
C ILE U 292 -90.75 130.25 12.99
N GLN U 293 -90.44 129.43 11.99
CA GLN U 293 -89.32 128.52 12.07
C GLN U 293 -88.09 129.15 11.44
N SER U 294 -86.92 128.82 11.99
CA SER U 294 -85.70 129.46 11.54
C SER U 294 -84.71 128.42 11.03
N PRO U 295 -83.98 128.73 9.95
CA PRO U 295 -82.99 127.77 9.45
C PRO U 295 -81.73 127.71 10.29
N PHE U 296 -81.55 128.62 11.24
CA PHE U 296 -80.32 128.66 12.02
C PHE U 296 -80.67 128.85 13.49
N PRO U 297 -79.89 128.25 14.39
CA PRO U 297 -80.20 128.34 15.83
C PRO U 297 -80.00 129.74 16.36
N GLU U 298 -81.06 130.29 16.97
CA GLU U 298 -81.03 131.62 17.55
C GLU U 298 -80.23 131.56 18.84
N ALA U 299 -78.96 131.89 18.77
CA ALA U 299 -78.08 131.85 19.92
C ALA U 299 -77.19 133.08 19.91
N ALA U 300 -76.53 133.32 21.04
CA ALA U 300 -75.58 134.42 21.11
C ALA U 300 -74.32 134.11 20.31
N VAL U 301 -73.87 132.85 20.37
CA VAL U 301 -72.74 132.37 19.58
C VAL U 301 -73.18 131.09 18.90
N SER U 302 -72.80 130.92 17.64
CA SER U 302 -73.05 129.67 16.93
C SER U 302 -71.88 129.41 16.01
N ARG U 303 -71.40 128.17 15.98
CA ARG U 303 -70.24 127.86 15.17
C ARG U 303 -70.34 126.44 14.62
N ILE U 304 -69.62 126.21 13.54
CA ILE U 304 -69.77 124.98 12.74
C ILE U 304 -68.93 123.88 13.35
N VAL U 305 -69.54 122.71 13.55
CA VAL U 305 -68.79 121.51 13.92
C VAL U 305 -69.03 120.47 12.85
N VAL U 306 -68.43 119.30 13.01
CA VAL U 306 -68.47 118.25 12.00
C VAL U 306 -69.06 116.98 12.61
N HIS U 307 -70.22 116.57 12.11
CA HIS U 307 -70.86 115.32 12.48
C HIS U 307 -71.38 114.71 11.18
N THR U 308 -70.55 113.94 10.50
CA THR U 308 -70.90 113.45 9.18
C THR U 308 -71.98 112.39 9.25
N ARG U 309 -72.87 112.40 8.25
CA ARG U 309 -74.18 111.73 8.28
C ARG U 309 -74.96 112.09 9.54
N TRP U 310 -75.32 113.36 9.65
CA TRP U 310 -76.21 113.76 10.73
C TRP U 310 -77.66 113.89 10.31
N ALA U 311 -77.93 113.96 9.01
CA ALA U 311 -79.29 113.91 8.47
C ALA U 311 -79.26 112.88 7.35
N SER U 312 -79.44 111.61 7.72
CA SER U 312 -79.19 110.52 6.80
C SER U 312 -80.16 109.38 7.08
N ASN U 313 -80.57 108.70 6.01
CA ASN U 313 -81.51 107.59 6.12
C ASN U 313 -81.02 106.42 5.26
N VAL U 314 -79.76 106.06 5.43
CA VAL U 314 -79.18 104.98 4.65
C VAL U 314 -79.66 103.63 5.19
N ASP U 315 -79.50 102.61 4.36
CA ASP U 315 -79.39 101.24 4.82
C ASP U 315 -77.93 100.82 4.71
N PHE U 316 -77.49 100.00 5.66
CA PHE U 316 -76.10 99.52 5.76
C PHE U 316 -75.13 100.69 5.88
N ASP U 317 -75.12 101.28 7.08
CA ASP U 317 -74.13 102.30 7.38
C ASP U 317 -72.71 101.76 7.29
N ARG U 318 -71.79 102.62 6.87
CA ARG U 318 -70.42 102.22 6.60
C ARG U 318 -69.60 101.99 7.86
N ASP U 319 -70.13 102.35 9.04
CA ASP U 319 -69.49 102.14 10.35
C ASP U 319 -68.15 102.85 10.44
N SER U 320 -68.10 104.08 9.93
CA SER U 320 -66.91 104.92 10.09
C SER U 320 -67.40 106.36 10.12
N SER U 321 -67.64 106.89 11.31
CA SER U 321 -68.12 108.25 11.43
C SER U 321 -67.01 109.16 11.95
N VAL U 322 -67.21 110.45 11.75
CA VAL U 322 -66.35 111.50 12.31
C VAL U 322 -67.28 112.39 13.13
N ILE U 323 -67.30 112.17 14.44
CA ILE U 323 -68.19 112.87 15.35
C ILE U 323 -67.37 113.83 16.18
N MET U 324 -67.69 115.12 16.09
CA MET U 324 -66.99 116.13 16.87
C MET U 324 -67.97 116.85 17.76
N ALA U 325 -67.63 116.94 19.04
CA ALA U 325 -68.38 117.72 19.99
C ALA U 325 -68.17 119.20 19.72
N PRO U 326 -69.06 120.06 20.20
CA PRO U 326 -68.80 121.50 20.12
C PRO U 326 -67.58 121.86 20.92
N PRO U 327 -66.88 122.95 20.53
CA PRO U 327 -65.55 123.21 21.09
C PRO U 327 -65.50 123.58 22.57
N THR U 328 -66.62 123.63 23.29
CA THR U 328 -66.51 123.65 24.74
C THR U 328 -66.11 122.29 25.28
N GLU U 329 -66.61 121.23 24.66
CA GLU U 329 -66.28 119.89 25.11
C GLU U 329 -64.91 119.49 24.57
N ASN U 330 -64.40 118.38 25.10
CA ASN U 330 -63.04 117.95 24.81
C ASN U 330 -63.05 117.11 23.54
N ASN U 331 -62.38 117.61 22.49
CA ASN U 331 -62.28 116.89 21.23
C ASN U 331 -60.93 116.19 21.06
N ILE U 332 -60.35 115.69 22.16
CA ILE U 332 -58.99 115.16 22.08
C ILE U 332 -58.98 113.65 21.91
N HIS U 333 -60.13 112.99 22.07
CA HIS U 333 -60.19 111.55 21.87
C HIS U 333 -60.09 111.15 20.40
N LEU U 334 -60.14 112.10 19.48
CA LEU U 334 -59.98 111.77 18.07
C LEU U 334 -58.52 111.62 17.68
N PHE U 335 -57.63 112.37 18.32
CA PHE U 335 -56.25 112.44 17.89
C PHE U 335 -55.33 111.51 18.66
N LYS U 336 -55.82 110.92 19.74
CA LYS U 336 -55.10 109.86 20.44
C LYS U 336 -55.60 108.49 20.02
N GLN U 337 -56.06 108.37 18.78
CA GLN U 337 -56.83 107.20 18.37
C GLN U 337 -55.95 105.96 18.24
N LEU U 338 -54.97 105.97 17.34
CA LEU U 338 -54.16 104.75 17.23
C LEU U 338 -52.84 104.76 18.00
N LEU U 339 -51.94 105.66 17.60
CA LEU U 339 -50.52 105.37 17.73
C LEU U 339 -49.96 105.61 19.11
N ASN U 340 -50.63 106.38 19.95
CA ASN U 340 -50.23 106.49 21.35
C ASN U 340 -51.08 105.55 22.21
N THR U 341 -51.03 104.27 21.84
CA THR U 341 -51.72 103.24 22.60
C THR U 341 -51.10 103.09 23.97
N GLU U 342 -49.77 103.08 24.03
CA GLU U 342 -49.07 103.34 25.27
C GLU U 342 -48.85 104.84 25.38
N THR U 343 -49.32 105.44 26.46
CA THR U 343 -49.18 106.88 26.66
C THR U 343 -48.92 107.11 28.14
N LEU U 344 -48.09 108.11 28.46
CA LEU U 344 -47.88 108.49 29.85
C LEU U 344 -49.14 109.08 30.45
N SER U 345 -49.88 109.85 29.68
CA SER U 345 -51.06 110.55 30.19
C SER U 345 -52.23 110.28 29.27
N VAL U 346 -53.30 109.71 29.83
CA VAL U 346 -54.50 109.37 29.07
C VAL U 346 -55.33 110.61 28.74
N ARG U 347 -54.96 111.76 29.28
CA ARG U 347 -55.72 113.00 29.14
C ARG U 347 -55.06 113.93 28.12
N GLY U 348 -54.54 113.36 27.04
CA GLY U 348 -53.83 114.16 26.06
C GLY U 348 -53.63 113.41 24.77
N ALA U 349 -52.68 113.90 23.97
CA ALA U 349 -52.43 113.36 22.65
C ALA U 349 -50.98 113.60 22.23
N ASN U 350 -50.44 112.64 21.48
CA ASN U 350 -49.03 112.67 21.10
C ASN U 350 -48.83 113.63 19.94
N PRO U 351 -47.97 114.64 20.05
CA PRO U 351 -47.76 115.55 18.92
C PRO U 351 -46.93 114.98 17.78
N LEU U 352 -46.25 113.85 17.98
CA LEU U 352 -45.56 113.23 16.86
C LEU U 352 -46.49 112.44 15.95
N MET U 353 -47.73 112.23 16.36
CA MET U 353 -48.66 111.38 15.61
C MET U 353 -49.84 112.17 15.08
N PHE U 354 -49.75 113.50 15.11
CA PHE U 354 -50.83 114.36 14.64
C PHE U 354 -51.12 114.13 13.17
N ARG U 355 -50.07 113.98 12.36
CA ARG U 355 -50.26 113.83 10.92
C ARG U 355 -50.97 112.53 10.58
N ALA U 356 -50.55 111.43 11.20
CA ALA U 356 -51.21 110.15 10.99
C ALA U 356 -52.66 110.16 11.47
N ASN U 357 -52.94 110.80 12.60
CA ASN U 357 -54.31 110.78 13.10
C ASN U 357 -55.24 111.66 12.27
N VAL U 358 -54.78 112.86 11.90
CA VAL U 358 -55.58 113.75 11.06
C VAL U 358 -55.79 113.15 9.69
N LEU U 359 -54.76 112.51 9.14
CA LEU U 359 -54.87 111.89 7.84
C LEU U 359 -55.80 110.68 7.85
N HIS U 360 -55.79 109.90 8.93
CA HIS U 360 -56.71 108.77 9.03
C HIS U 360 -58.13 109.21 9.23
N MET U 361 -58.35 110.31 9.93
CA MET U 361 -59.74 110.74 9.99
C MET U 361 -60.18 111.47 8.73
N LEU U 362 -59.26 111.98 7.90
CA LEU U 362 -59.66 112.35 6.54
C LEU U 362 -60.08 111.13 5.73
N LEU U 363 -59.38 110.01 5.91
CA LEU U 363 -59.77 108.78 5.26
C LEU U 363 -61.16 108.31 5.71
N GLU U 364 -61.44 108.36 7.02
CA GLU U 364 -62.77 108.00 7.50
C GLU U 364 -63.83 108.98 7.03
N PHE U 365 -63.48 110.27 6.92
CA PHE U 365 -64.42 111.26 6.40
C PHE U 365 -64.76 111.01 4.94
N VAL U 366 -63.82 110.47 4.17
CA VAL U 366 -64.13 110.06 2.80
C VAL U 366 -65.01 108.82 2.82
N LEU U 367 -64.61 107.79 3.58
CA LEU U 367 -65.29 106.49 3.61
C LEU U 367 -66.68 106.55 4.21
N ASP U 368 -67.06 107.62 4.89
CA ASP U 368 -68.43 107.78 5.32
C ASP U 368 -69.33 108.37 4.24
N ASN U 369 -68.75 108.85 3.14
CA ASN U 369 -69.53 109.50 2.08
C ASN U 369 -69.57 108.68 0.81
N LEU U 370 -69.45 107.35 0.92
CA LEU U 370 -69.56 106.48 -0.24
C LEU U 370 -70.98 105.93 -0.31
N TYR U 371 -71.90 106.80 -0.71
CA TYR U 371 -73.29 106.42 -0.90
C TYR U 371 -73.77 106.95 -2.23
N LEU U 372 -74.99 106.58 -2.59
CA LEU U 372 -75.68 107.12 -3.74
C LEU U 372 -76.96 107.77 -3.26
N ASN U 373 -77.25 108.95 -3.78
CA ASN U 373 -78.42 109.69 -3.35
C ASN U 373 -79.69 109.08 -3.93
N ARG U 374 -80.75 109.08 -3.13
CA ARG U 374 -81.97 108.39 -3.47
C ARG U 374 -83.07 109.39 -3.80
N HIS U 375 -83.74 109.18 -4.93
CA HIS U 375 -84.89 109.99 -5.29
C HIS U 375 -86.04 109.73 -4.33
N THR U 376 -86.83 110.76 -4.07
CA THR U 376 -87.96 110.62 -3.15
C THR U 376 -89.08 111.54 -3.60
N GLY U 377 -90.22 111.42 -2.91
CA GLY U 377 -91.39 112.17 -3.29
C GLY U 377 -91.30 113.63 -2.95
N PHE U 378 -92.06 114.44 -3.67
CA PHE U 378 -92.04 115.89 -3.54
C PHE U 378 -93.39 116.37 -3.01
N SER U 379 -93.49 117.68 -2.77
CA SER U 379 -94.74 118.27 -2.31
C SER U 379 -94.75 119.74 -2.69
N GLN U 380 -95.63 120.11 -3.62
CA GLN U 380 -95.76 121.50 -4.02
C GLN U 380 -96.51 122.28 -2.96
N ASP U 381 -95.98 123.44 -2.57
CA ASP U 381 -96.64 124.30 -1.61
C ASP U 381 -97.01 125.63 -2.26
N HIS U 382 -97.68 126.48 -1.48
CA HIS U 382 -98.07 127.80 -1.96
C HIS U 382 -97.90 128.85 -0.87
N THR U 383 -96.90 128.68 -0.01
CA THR U 383 -96.56 129.72 0.94
C THR U 383 -96.04 130.96 0.22
N PRO U 384 -96.25 132.17 0.78
CA PRO U 384 -95.92 133.39 0.02
C PRO U 384 -94.44 133.72 -0.10
N PHE U 385 -93.55 132.78 0.22
CA PHE U 385 -92.12 132.96 0.00
C PHE U 385 -91.50 131.87 -0.84
N THR U 386 -92.13 130.71 -0.94
CA THR U 386 -91.68 129.59 -1.77
C THR U 386 -92.81 129.18 -2.68
N GLU U 387 -93.38 130.16 -3.37
CA GLU U 387 -94.55 129.94 -4.20
C GLU U 387 -94.22 129.10 -5.41
N GLY U 388 -94.95 128.00 -5.58
CA GLY U 388 -94.86 127.20 -6.79
C GLY U 388 -93.69 126.24 -6.88
N ALA U 389 -92.81 126.22 -5.89
CA ALA U 389 -91.67 125.30 -5.95
C ALA U 389 -92.11 123.89 -5.58
N ASN U 390 -91.28 122.93 -5.93
CA ASN U 390 -91.52 121.52 -5.63
C ASN U 390 -90.50 121.08 -4.60
N LEU U 391 -90.83 121.27 -3.33
CA LEU U 391 -89.91 120.90 -2.25
C LEU U 391 -89.94 119.39 -2.04
N ARG U 392 -88.80 118.83 -1.67
CA ARG U 392 -88.73 117.40 -1.40
C ARG U 392 -89.12 117.11 0.04
N SER U 393 -89.81 116.00 0.24
CA SER U 393 -90.17 115.54 1.57
C SER U 393 -89.28 114.37 1.94
N LEU U 394 -88.68 114.44 3.12
CA LEU U 394 -87.85 113.34 3.59
C LEU U 394 -88.73 112.14 3.94
N PRO U 395 -88.20 110.93 3.80
CA PRO U 395 -88.96 109.74 4.21
C PRO U 395 -89.11 109.64 5.72
N GLY U 396 -90.32 109.93 6.19
CA GLY U 396 -90.62 109.88 7.59
C GLY U 396 -92.07 110.28 7.79
N PRO U 397 -92.54 110.25 9.04
CA PRO U 397 -93.93 110.65 9.30
C PRO U 397 -94.16 112.14 9.12
N ASP U 398 -93.17 112.97 9.42
CA ASP U 398 -93.31 114.41 9.36
C ASP U 398 -92.55 114.96 8.16
N ALA U 399 -93.06 116.05 7.61
CA ALA U 399 -92.46 116.70 6.46
C ALA U 399 -92.17 118.17 6.69
N GLU U 400 -93.02 118.87 7.46
CA GLU U 400 -92.83 120.28 7.76
C GLU U 400 -91.63 120.51 8.68
N LYS U 401 -91.11 119.46 9.32
CA LYS U 401 -90.03 119.62 10.28
C LYS U 401 -88.70 119.94 9.59
N TRP U 402 -88.43 119.30 8.46
CA TRP U 402 -87.14 119.46 7.80
C TRP U 402 -87.10 120.61 6.80
N TYR U 403 -88.25 121.20 6.48
CA TYR U 403 -88.31 122.21 5.43
C TYR U 403 -87.59 123.49 5.80
N SER U 404 -87.69 123.90 7.08
CA SER U 404 -86.97 125.08 7.54
C SER U 404 -85.47 124.87 7.57
N ILE U 405 -85.02 123.66 7.89
CA ILE U 405 -83.59 123.38 7.90
C ILE U 405 -83.04 123.34 6.48
N MET U 406 -83.77 122.72 5.56
CA MET U 406 -83.23 122.56 4.21
C MET U 406 -83.31 123.85 3.41
N TYR U 407 -84.42 124.58 3.50
CA TYR U 407 -84.67 125.70 2.60
C TYR U 407 -84.67 127.00 3.38
N PRO U 408 -83.58 127.77 3.32
CA PRO U 408 -83.48 128.95 4.19
C PRO U 408 -84.37 130.10 3.78
N THR U 409 -84.72 130.23 2.51
CA THR U 409 -85.51 131.37 2.07
C THR U 409 -86.99 131.22 2.38
N ARG U 410 -87.43 130.10 2.95
CA ARG U 410 -88.86 129.94 3.21
C ARG U 410 -89.32 130.79 4.38
N MET U 411 -88.50 130.85 5.43
CA MET U 411 -88.67 131.87 6.46
C MET U 411 -88.56 133.25 5.84
N GLY U 412 -89.59 134.06 6.01
CA GLY U 412 -89.61 135.39 5.41
C GLY U 412 -88.77 136.39 6.18
N THR U 413 -89.17 137.65 6.13
CA THR U 413 -88.54 138.72 6.88
C THR U 413 -89.58 139.33 7.82
N PRO U 414 -89.81 138.71 8.99
CA PRO U 414 -90.81 139.30 9.89
C PRO U 414 -90.30 140.56 10.58
N ASN U 415 -89.05 140.55 11.03
CA ASN U 415 -88.52 141.63 11.86
C ASN U 415 -87.10 141.93 11.40
N VAL U 416 -86.39 142.70 12.21
CA VAL U 416 -85.03 143.11 11.91
C VAL U 416 -84.09 142.17 12.66
N SER U 417 -83.39 141.33 11.91
CA SER U 417 -82.44 140.40 12.50
C SER U 417 -81.30 140.20 11.52
N LYS U 418 -80.25 139.51 11.99
CA LYS U 418 -79.18 139.14 11.07
C LYS U 418 -79.64 138.06 10.10
N ILE U 419 -80.45 137.12 10.58
CA ILE U 419 -80.99 136.09 9.70
C ILE U 419 -82.00 136.70 8.73
N CYS U 420 -82.86 137.59 9.24
CA CYS U 420 -83.84 138.25 8.39
C CYS U 420 -83.21 139.31 7.50
N ASN U 421 -81.96 139.67 7.74
CA ASN U 421 -81.20 140.50 6.82
C ASN U 421 -80.56 139.65 5.73
N PHE U 422 -80.06 138.46 6.11
CA PHE U 422 -79.44 137.56 5.15
C PHE U 422 -80.45 137.03 4.14
N VAL U 423 -81.61 136.60 4.63
CA VAL U 423 -82.64 136.07 3.73
C VAL U 423 -83.19 137.16 2.83
N ALA U 424 -83.29 138.38 3.33
CA ALA U 424 -83.67 139.51 2.50
C ALA U 424 -82.61 139.84 1.46
N SER U 425 -81.34 139.61 1.78
CA SER U 425 -80.30 139.74 0.77
C SER U 425 -80.32 138.62 -0.27
N CYS U 426 -80.83 137.45 0.08
CA CYS U 426 -80.84 136.32 -0.85
C CYS U 426 -81.86 136.52 -1.98
N VAL U 427 -81.88 135.56 -2.90
CA VAL U 427 -82.80 135.59 -4.04
C VAL U 427 -83.89 134.55 -3.84
N ARG U 428 -84.88 134.56 -4.73
CA ARG U 428 -86.10 133.78 -4.53
C ARG U 428 -86.32 132.68 -5.55
N ASN U 429 -85.77 132.78 -6.76
CA ASN U 429 -86.16 131.86 -7.82
C ASN U 429 -85.56 130.47 -7.64
N ARG U 430 -84.37 130.37 -7.09
CA ARG U 430 -83.65 129.10 -7.01
C ARG U 430 -83.98 128.40 -5.69
N VAL U 431 -84.93 127.47 -5.77
CA VAL U 431 -85.40 126.74 -4.59
C VAL U 431 -86.09 125.48 -5.09
N GLY U 432 -85.94 124.39 -4.33
CA GLY U 432 -86.62 123.16 -4.68
C GLY U 432 -85.96 122.46 -5.86
N ARG U 433 -86.78 121.83 -6.69
CA ARG U 433 -86.28 121.11 -7.85
C ARG U 433 -85.92 122.08 -8.96
N PHE U 434 -84.74 121.90 -9.55
CA PHE U 434 -84.33 122.73 -10.68
C PHE U 434 -84.93 122.21 -11.98
N ASP U 435 -84.59 120.99 -12.38
CA ASP U 435 -85.30 120.33 -13.47
C ASP U 435 -85.34 118.83 -13.19
N ARG U 436 -85.81 118.06 -14.17
CA ARG U 436 -86.01 116.64 -13.96
C ARG U 436 -85.70 115.91 -15.26
N ALA U 437 -85.74 114.59 -15.19
CA ALA U 437 -85.47 113.77 -16.35
C ALA U 437 -86.66 113.77 -17.30
N GLN U 438 -86.49 113.13 -18.45
CA GLN U 438 -87.57 113.00 -19.40
C GLN U 438 -88.25 111.64 -19.29
N MET U 439 -87.48 110.59 -19.03
CA MET U 439 -88.02 109.26 -18.89
C MET U 439 -88.52 109.03 -17.48
N MET U 440 -89.60 108.27 -17.36
CA MET U 440 -90.32 108.09 -16.11
C MET U 440 -90.67 106.62 -15.96
N ASN U 441 -91.40 106.31 -14.89
CA ASN U 441 -92.21 105.10 -14.82
C ASN U 441 -93.55 105.48 -14.17
N GLY U 442 -94.48 105.89 -15.00
CA GLY U 442 -95.75 106.40 -14.48
C GLY U 442 -95.69 107.91 -14.26
N ALA U 443 -95.55 108.31 -13.00
CA ALA U 443 -95.50 109.71 -12.63
C ALA U 443 -94.17 110.11 -12.00
N MET U 444 -93.37 109.15 -11.57
CA MET U 444 -92.10 109.42 -10.92
C MET U 444 -91.00 109.43 -11.98
N SER U 445 -90.32 110.56 -12.12
CA SER U 445 -89.22 110.64 -13.06
C SER U 445 -88.00 109.91 -12.50
N GLU U 446 -87.03 109.64 -13.36
CA GLU U 446 -85.90 108.82 -12.95
C GLU U 446 -84.89 109.60 -12.11
N TRP U 447 -84.39 110.72 -12.63
CA TRP U 447 -83.45 111.53 -11.88
C TRP U 447 -83.88 112.99 -11.90
N VAL U 448 -83.70 113.66 -10.76
CA VAL U 448 -83.96 115.08 -10.61
C VAL U 448 -82.73 115.73 -10.00
N ASP U 449 -82.77 117.06 -9.88
CA ASP U 449 -81.80 117.78 -9.07
C ASP U 449 -82.51 118.84 -8.24
N VAL U 450 -82.05 119.02 -7.00
CA VAL U 450 -82.71 119.90 -6.07
C VAL U 450 -81.71 120.94 -5.58
N PHE U 451 -82.24 121.94 -4.90
CA PHE U 451 -81.45 123.03 -4.32
C PHE U 451 -81.62 122.99 -2.81
N GLU U 452 -80.72 122.30 -2.11
CA GLU U 452 -80.91 122.11 -0.69
C GLU U 452 -79.59 122.28 0.04
N THR U 453 -79.70 122.43 1.37
CA THR U 453 -78.55 122.57 2.26
C THR U 453 -77.66 121.33 2.20
N SER U 454 -76.45 121.49 1.68
CA SER U 454 -75.57 120.35 1.46
C SER U 454 -74.13 120.84 1.47
N ASP U 455 -73.19 119.92 1.31
CA ASP U 455 -71.78 120.24 1.28
C ASP U 455 -71.24 120.07 -0.13
N ALA U 456 -70.51 121.07 -0.61
CA ALA U 456 -69.84 120.96 -1.90
C ALA U 456 -68.81 119.84 -1.91
N LEU U 457 -68.10 119.65 -0.80
CA LEU U 457 -67.14 118.56 -0.70
C LEU U 457 -67.84 117.20 -0.73
N THR U 458 -68.97 117.08 -0.03
CA THR U 458 -69.67 115.81 0.01
C THR U 458 -70.31 115.47 -1.34
N VAL U 459 -70.88 116.47 -2.02
CA VAL U 459 -71.45 116.17 -3.33
C VAL U 459 -70.36 115.95 -4.37
N SER U 460 -69.16 116.51 -4.19
CA SER U 460 -68.06 116.18 -5.09
C SER U 460 -67.60 114.74 -4.89
N ILE U 461 -67.49 114.30 -3.63
CA ILE U 461 -67.10 112.93 -3.33
C ILE U 461 -68.13 111.95 -3.87
N ARG U 462 -69.43 112.26 -3.69
CA ARG U 462 -70.45 111.36 -4.19
C ARG U 462 -70.58 111.40 -5.69
N GLY U 463 -70.22 112.52 -6.33
CA GLY U 463 -70.15 112.53 -7.79
C GLY U 463 -69.03 111.66 -8.33
N ARG U 464 -67.88 111.67 -7.65
CA ARG U 464 -66.78 110.80 -8.09
C ARG U 464 -67.11 109.33 -7.87
N TRP U 465 -67.73 109.00 -6.73
CA TRP U 465 -68.16 107.63 -6.48
C TRP U 465 -69.28 107.22 -7.41
N MET U 466 -70.08 108.18 -7.87
CA MET U 466 -71.10 107.88 -8.88
C MET U 466 -70.46 107.55 -10.21
N ALA U 467 -69.47 108.34 -10.62
CA ALA U 467 -68.80 108.10 -11.90
C ALA U 467 -68.01 106.81 -11.90
N ARG U 468 -67.45 106.40 -10.76
CA ARG U 468 -66.70 105.14 -10.73
C ARG U 468 -67.63 103.95 -10.93
N LEU U 469 -68.82 103.98 -10.34
CA LEU U 469 -69.76 102.90 -10.59
C LEU U 469 -70.36 102.99 -11.98
N ALA U 470 -70.49 104.20 -12.53
CA ALA U 470 -71.04 104.33 -13.88
C ALA U 470 -70.06 103.83 -14.93
N ARG U 471 -68.76 103.91 -14.66
CA ARG U 471 -67.76 103.37 -15.58
C ARG U 471 -67.59 101.86 -15.49
N MET U 472 -68.54 101.14 -14.89
CA MET U 472 -68.32 99.77 -14.48
C MET U 472 -69.38 98.80 -14.99
N ASN U 473 -70.55 99.29 -15.41
CA ASN U 473 -71.67 98.40 -15.67
C ASN U 473 -71.53 97.66 -17.00
N ILE U 474 -72.56 96.91 -17.36
CA ILE U 474 -72.53 95.95 -18.44
C ILE U 474 -73.97 95.63 -18.80
N ASN U 475 -74.22 95.15 -20.00
CA ASN U 475 -75.59 94.77 -20.30
C ASN U 475 -75.71 93.26 -20.45
N PRO U 476 -76.91 92.70 -20.30
CA PRO U 476 -77.08 91.25 -20.45
C PRO U 476 -76.74 90.70 -21.83
N THR U 477 -76.66 91.54 -22.87
CA THR U 477 -76.12 91.09 -24.15
C THR U 477 -74.66 90.69 -24.03
N GLU U 478 -73.87 91.49 -23.33
CA GLU U 478 -72.50 91.10 -23.09
C GLU U 478 -72.36 90.00 -22.04
N ILE U 479 -73.32 89.90 -21.11
CA ILE U 479 -73.34 88.75 -20.20
C ILE U 479 -73.55 87.45 -20.97
N GLU U 480 -74.50 87.43 -21.90
CA GLU U 480 -74.73 86.21 -22.65
C GLU U 480 -73.64 85.94 -23.68
N TRP U 481 -72.97 86.98 -24.19
CA TRP U 481 -71.77 86.78 -25.01
C TRP U 481 -70.67 86.10 -24.22
N ALA U 482 -70.40 86.58 -23.01
CA ALA U 482 -69.31 86.03 -22.22
C ALA U 482 -69.62 84.61 -21.77
N LEU U 483 -70.86 84.34 -21.38
CA LEU U 483 -71.19 83.00 -20.96
C LEU U 483 -71.39 82.04 -22.13
N THR U 484 -71.58 82.54 -23.35
CA THR U 484 -71.50 81.65 -24.51
C THR U 484 -70.06 81.29 -24.82
N GLU U 485 -69.18 82.31 -24.85
CA GLU U 485 -67.79 82.08 -25.23
C GLU U 485 -67.03 81.26 -24.19
N CYS U 486 -67.37 81.43 -22.91
CA CYS U 486 -66.68 80.72 -21.84
C CYS U 486 -66.99 79.24 -21.83
N ALA U 487 -68.12 78.84 -22.38
CA ALA U 487 -68.60 77.46 -22.28
C ALA U 487 -68.06 76.55 -23.36
N GLN U 488 -67.14 77.04 -24.20
CA GLN U 488 -66.46 76.27 -25.25
C GLN U 488 -67.44 75.69 -26.28
N GLY U 489 -68.58 76.35 -26.47
CA GLY U 489 -69.51 75.96 -27.51
C GLY U 489 -70.32 74.70 -27.24
N TYR U 490 -70.18 74.07 -26.08
CA TYR U 490 -70.99 72.91 -25.77
C TYR U 490 -72.38 73.28 -25.31
N VAL U 491 -72.62 74.54 -24.96
CA VAL U 491 -73.94 74.99 -24.58
C VAL U 491 -74.04 76.48 -24.92
N THR U 492 -75.21 76.90 -25.37
CA THR U 492 -75.47 78.31 -25.57
C THR U 492 -76.13 78.88 -24.33
N VAL U 493 -76.39 80.18 -24.35
CA VAL U 493 -77.03 80.87 -23.25
C VAL U 493 -77.69 82.12 -23.82
N THR U 494 -78.85 82.47 -23.28
CA THR U 494 -79.51 83.69 -23.67
C THR U 494 -80.18 84.31 -22.46
N SER U 495 -80.23 85.64 -22.43
CA SER U 495 -80.71 86.39 -21.28
C SER U 495 -81.61 87.51 -21.78
N PRO U 496 -82.92 87.32 -21.76
CA PRO U 496 -83.82 88.35 -22.28
C PRO U 496 -83.96 89.51 -21.30
N TYR U 497 -84.20 90.70 -21.85
CA TYR U 497 -84.41 91.90 -21.04
C TYR U 497 -85.14 92.94 -21.86
N ALA U 498 -85.89 93.77 -21.16
CA ALA U 498 -86.57 94.92 -21.72
C ALA U 498 -85.62 96.11 -21.80
N PRO U 499 -85.82 97.03 -22.73
CA PRO U 499 -84.93 98.21 -22.82
C PRO U 499 -85.17 99.17 -21.66
N SER U 500 -84.11 99.51 -20.94
CA SER U 500 -84.21 100.39 -19.80
C SER U 500 -82.87 101.05 -19.53
N VAL U 501 -82.91 102.34 -19.19
CA VAL U 501 -81.71 103.06 -18.78
C VAL U 501 -81.46 102.89 -17.28
N ASN U 502 -82.47 102.42 -16.54
CA ASN U 502 -82.37 102.20 -15.10
C ASN U 502 -81.39 101.12 -14.70
N ARG U 503 -80.90 100.30 -15.63
CA ARG U 503 -80.03 99.19 -15.27
C ARG U 503 -78.68 99.70 -14.80
N LEU U 504 -78.21 99.14 -13.69
CA LEU U 504 -76.85 99.37 -13.21
C LEU U 504 -76.39 98.07 -12.58
N MET U 505 -75.56 97.33 -13.28
CA MET U 505 -74.98 96.09 -12.77
C MET U 505 -73.47 96.19 -12.88
N PRO U 506 -72.80 96.71 -11.84
CA PRO U 506 -71.37 96.98 -11.95
C PRO U 506 -70.51 95.72 -11.95
N TYR U 507 -70.02 95.32 -13.12
CA TYR U 507 -69.18 94.14 -13.19
C TYR U 507 -67.94 94.30 -14.06
N ARG U 508 -67.93 95.17 -15.06
CA ARG U 508 -66.77 95.29 -15.92
C ARG U 508 -65.67 96.06 -15.22
N ILE U 509 -64.51 95.43 -15.07
CA ILE U 509 -63.33 96.08 -14.55
C ILE U 509 -62.22 96.01 -15.59
N SER U 510 -61.14 96.72 -15.34
CA SER U 510 -60.04 96.75 -16.29
C SER U 510 -59.24 95.46 -16.19
N ASN U 511 -58.31 95.30 -17.13
CA ASN U 511 -57.47 94.11 -17.12
C ASN U 511 -56.36 94.23 -16.10
N ALA U 512 -55.99 95.46 -15.73
CA ALA U 512 -54.85 95.68 -14.87
C ALA U 512 -55.11 95.30 -13.43
N GLU U 513 -56.36 95.41 -12.96
CA GLU U 513 -56.64 95.20 -11.56
C GLU U 513 -56.71 93.73 -11.19
N ARG U 514 -57.08 92.87 -12.14
CA ARG U 514 -57.01 91.43 -11.93
C ARG U 514 -55.58 90.98 -11.67
N GLN U 515 -54.60 91.61 -12.33
CA GLN U 515 -53.21 91.23 -12.12
C GLN U 515 -52.73 91.60 -10.73
N ILE U 516 -53.13 92.78 -10.23
CA ILE U 516 -52.73 93.20 -8.89
C ILE U 516 -53.38 92.32 -7.83
N SER U 517 -54.66 91.97 -8.03
CA SER U 517 -55.31 91.03 -7.12
C SER U 517 -54.69 89.64 -7.18
N GLN U 518 -54.21 89.24 -8.36
CA GLN U 518 -53.51 87.97 -8.49
C GLN U 518 -52.19 87.99 -7.73
N ILE U 519 -51.47 89.11 -7.77
CA ILE U 519 -50.21 89.21 -7.04
C ILE U 519 -50.44 89.17 -5.54
N ILE U 520 -51.52 89.82 -5.07
CA ILE U 520 -51.85 89.76 -3.65
C ILE U 520 -52.24 88.34 -3.23
N ARG U 521 -53.01 87.64 -4.08
CA ARG U 521 -53.38 86.27 -3.75
C ARG U 521 -52.21 85.30 -3.84
N VAL U 522 -51.17 85.64 -4.61
CA VAL U 522 -49.95 84.83 -4.59
C VAL U 522 -49.16 85.09 -3.31
N MET U 523 -49.03 86.36 -2.92
CA MET U 523 -48.34 86.72 -1.68
C MET U 523 -49.06 86.21 -0.43
N ASN U 524 -50.34 85.85 -0.56
CA ASN U 524 -51.08 85.26 0.56
C ASN U 524 -50.48 83.92 0.99
N ILE U 525 -49.85 83.18 0.08
CA ILE U 525 -49.45 81.80 0.38
C ILE U 525 -48.27 81.79 1.34
N GLY U 526 -47.12 82.31 0.91
CA GLY U 526 -45.97 82.43 1.79
C GLY U 526 -45.41 81.13 2.29
N ASN U 527 -45.32 80.12 1.41
CA ASN U 527 -44.83 78.77 1.71
C ASN U 527 -45.64 78.09 2.81
N ASN U 528 -46.92 78.41 2.91
CA ASN U 528 -47.82 77.68 3.80
C ASN U 528 -48.45 76.56 2.99
N ALA U 529 -48.20 75.32 3.42
CA ALA U 529 -48.80 74.18 2.75
C ALA U 529 -50.29 74.05 3.04
N THR U 530 -50.77 74.70 4.10
CA THR U 530 -52.17 74.61 4.45
C THR U 530 -53.04 75.36 3.45
N VAL U 531 -52.60 76.54 3.00
CA VAL U 531 -53.47 77.41 2.22
C VAL U 531 -53.59 77.01 0.76
N ILE U 532 -52.96 75.92 0.32
CA ILE U 532 -53.12 75.44 -1.04
C ILE U 532 -53.61 74.01 -1.12
N GLN U 533 -53.75 73.32 0.01
CA GLN U 533 -54.27 71.95 -0.05
C GLN U 533 -55.77 71.91 -0.36
N PRO U 534 -56.65 72.74 0.23
CA PRO U 534 -58.02 72.77 -0.27
C PRO U 534 -58.21 73.54 -1.56
N VAL U 535 -57.14 73.99 -2.20
CA VAL U 535 -57.27 74.51 -3.55
C VAL U 535 -57.12 73.38 -4.56
N LEU U 536 -56.19 72.46 -4.31
CA LEU U 536 -55.92 71.39 -5.26
C LEU U 536 -56.77 70.15 -5.03
N GLN U 537 -57.00 69.77 -3.76
CA GLN U 537 -57.84 68.61 -3.47
C GLN U 537 -59.28 68.82 -3.95
N ASP U 538 -59.74 70.05 -3.89
CA ASP U 538 -61.08 70.44 -4.26
C ASP U 538 -61.32 70.36 -5.76
N ILE U 539 -60.38 70.88 -6.55
CA ILE U 539 -60.46 70.75 -7.99
C ILE U 539 -60.26 69.29 -8.41
N SER U 540 -59.49 68.53 -7.62
CA SER U 540 -59.33 67.11 -7.88
C SER U 540 -60.64 66.35 -7.69
N VAL U 541 -61.47 66.77 -6.74
CA VAL U 541 -62.79 66.15 -6.62
C VAL U 541 -63.71 66.60 -7.76
N LEU U 542 -63.67 67.89 -8.11
CA LEU U 542 -64.56 68.42 -9.13
C LEU U 542 -64.30 67.83 -10.51
N LEU U 543 -63.03 67.58 -10.85
CA LEU U 543 -62.73 66.91 -12.12
C LEU U 543 -63.23 65.48 -12.15
N GLN U 544 -63.23 64.78 -11.02
CA GLN U 544 -63.83 63.47 -10.95
C GLN U 544 -65.32 63.53 -11.19
N ARG U 545 -65.99 64.54 -10.63
CA ARG U 545 -67.43 64.65 -10.83
C ARG U 545 -67.82 65.07 -12.24
N ILE U 546 -66.97 65.80 -12.93
CA ILE U 546 -67.28 66.20 -14.31
C ILE U 546 -66.90 65.10 -15.31
N SER U 547 -65.81 64.39 -15.06
CA SER U 547 -65.17 63.56 -16.08
C SER U 547 -66.03 62.34 -16.44
N PRO U 548 -66.10 62.00 -17.73
CA PRO U 548 -66.74 60.74 -18.12
C PRO U 548 -65.87 59.54 -17.84
N LEU U 549 -64.58 59.73 -17.59
CA LEU U 549 -63.63 58.63 -17.47
C LEU U 549 -63.84 57.90 -16.16
N GLN U 550 -64.08 56.60 -16.24
CA GLN U 550 -64.29 55.74 -15.08
C GLN U 550 -63.07 54.85 -14.96
N ILE U 551 -62.19 55.17 -14.02
CA ILE U 551 -60.96 54.40 -13.84
C ILE U 551 -61.32 53.12 -13.11
N ASP U 552 -61.38 52.01 -13.85
CA ASP U 552 -61.69 50.70 -13.29
C ASP U 552 -60.46 49.82 -13.44
N PRO U 553 -59.76 49.48 -12.35
CA PRO U 553 -58.50 48.74 -12.49
C PRO U 553 -58.65 47.27 -12.80
N THR U 554 -59.86 46.76 -12.99
CA THR U 554 -60.02 45.34 -13.26
C THR U 554 -59.66 44.95 -14.68
N ILE U 555 -59.37 45.91 -15.57
CA ILE U 555 -58.91 45.59 -16.92
C ILE U 555 -57.56 44.89 -16.88
N ILE U 556 -56.68 45.35 -15.98
CA ILE U 556 -55.36 44.73 -15.83
C ILE U 556 -55.49 43.31 -15.30
N SER U 557 -56.35 43.12 -14.31
CA SER U 557 -56.59 41.79 -13.77
C SER U 557 -57.26 40.88 -14.77
N ASN U 558 -58.11 41.41 -15.66
CA ASN U 558 -58.70 40.58 -16.69
C ASN U 558 -57.71 40.22 -17.79
N THR U 559 -56.73 41.08 -18.07
CA THR U 559 -55.71 40.70 -19.04
C THR U 559 -54.69 39.73 -18.47
N MET U 560 -54.43 39.78 -17.16
CA MET U 560 -53.38 38.95 -16.59
C MET U 560 -53.89 37.86 -15.64
N SER U 561 -55.19 37.61 -15.60
CA SER U 561 -55.68 36.46 -14.85
C SER U 561 -55.42 35.17 -15.62
N THR U 562 -55.42 35.25 -16.95
CA THR U 562 -55.14 34.08 -17.76
C THR U 562 -53.66 33.71 -17.74
N VAL U 563 -52.80 34.60 -17.29
CA VAL U 563 -51.37 34.34 -17.26
C VAL U 563 -51.02 33.81 -15.86
N SER U 564 -50.86 32.51 -15.76
CA SER U 564 -50.40 31.85 -14.55
C SER U 564 -49.06 31.18 -14.86
N GLU U 565 -48.47 30.55 -13.85
CA GLU U 565 -47.17 29.93 -14.00
C GLU U 565 -47.18 28.54 -13.40
N SER U 566 -46.11 27.79 -13.65
CA SER U 566 -46.05 26.40 -13.22
C SER U 566 -45.86 26.31 -11.71
N THR U 567 -46.08 25.11 -11.18
CA THR U 567 -46.04 24.89 -9.75
C THR U 567 -44.63 24.74 -9.20
N THR U 568 -43.64 24.54 -10.07
CA THR U 568 -42.29 24.23 -9.62
C THR U 568 -41.45 25.47 -9.34
N GLN U 569 -41.45 26.42 -10.28
CA GLN U 569 -40.51 27.53 -10.21
C GLN U 569 -41.04 28.63 -9.30
N THR U 570 -40.10 29.46 -8.81
CA THR U 570 -40.42 30.45 -7.77
C THR U 570 -40.99 31.73 -8.34
N LEU U 571 -40.18 32.47 -9.10
CA LEU U 571 -40.41 33.89 -9.35
C LEU U 571 -41.12 34.12 -10.67
N SER U 572 -42.11 35.00 -10.65
CA SER U 572 -43.00 35.14 -11.78
C SER U 572 -43.38 36.58 -12.10
N PRO U 573 -43.23 37.00 -13.36
CA PRO U 573 -43.43 38.42 -13.69
C PRO U 573 -44.88 38.85 -13.62
N ALA U 574 -45.82 37.99 -14.02
CA ALA U 574 -47.23 38.37 -14.00
C ALA U 574 -47.75 38.52 -12.59
N SER U 575 -47.32 37.68 -11.67
CA SER U 575 -47.70 37.89 -10.29
C SER U 575 -46.96 39.04 -9.66
N SER U 576 -45.73 39.32 -10.10
CA SER U 576 -44.97 40.45 -9.58
C SER U 576 -45.59 41.79 -9.93
N ILE U 577 -46.01 41.97 -11.19
CA ILE U 577 -46.63 43.23 -11.58
C ILE U 577 -47.97 43.42 -10.88
N LEU U 578 -48.72 42.34 -10.63
CA LEU U 578 -50.00 42.52 -9.96
C LEU U 578 -49.82 42.78 -8.48
N GLY U 579 -48.83 42.15 -7.84
CA GLY U 579 -48.51 42.48 -6.46
C GLY U 579 -47.92 43.86 -6.30
N LYS U 580 -47.36 44.44 -7.36
CA LYS U 580 -46.86 45.80 -7.30
C LYS U 580 -47.91 46.85 -7.64
N LEU U 581 -48.74 46.60 -8.65
CA LEU U 581 -49.79 47.54 -9.02
C LEU U 581 -50.90 47.57 -7.99
N ARG U 582 -51.29 46.40 -7.45
CA ARG U 582 -52.36 46.19 -6.48
C ARG U 582 -53.67 46.79 -6.95
N PRO U 583 -54.37 46.19 -7.92
CA PRO U 583 -55.62 46.78 -8.41
C PRO U 583 -56.79 46.65 -7.46
N SER U 584 -56.62 46.08 -6.27
CA SER U 584 -57.68 46.12 -5.27
C SER U 584 -57.86 47.51 -4.68
N ASN U 585 -56.77 48.26 -4.56
CA ASN U 585 -56.84 49.61 -4.03
C ASN U 585 -57.48 50.53 -5.07
N SER U 586 -58.43 51.34 -4.65
CA SER U 586 -59.25 52.14 -5.55
C SER U 586 -59.26 53.61 -5.11
N ASP U 587 -58.08 54.16 -4.84
CA ASP U 587 -57.95 55.57 -4.49
C ASP U 587 -57.02 56.21 -5.52
N PHE U 588 -57.61 56.98 -6.42
CA PHE U 588 -56.90 57.56 -7.56
C PHE U 588 -56.78 59.08 -7.43
N SER U 589 -56.57 59.55 -6.21
CA SER U 589 -56.48 61.00 -6.00
C SER U 589 -55.18 61.57 -6.54
N SER U 590 -54.13 60.76 -6.58
CA SER U 590 -52.84 61.20 -7.10
C SER U 590 -52.87 61.43 -8.60
N PHE U 591 -53.87 60.91 -9.29
CA PHE U 591 -54.01 61.20 -10.71
C PHE U 591 -54.64 62.56 -10.94
N ARG U 592 -55.74 62.84 -10.26
CA ARG U 592 -56.47 64.07 -10.51
C ARG U 592 -55.86 65.27 -9.81
N VAL U 593 -55.08 65.09 -8.74
CA VAL U 593 -54.29 66.20 -8.22
C VAL U 593 -53.22 66.60 -9.22
N ALA U 594 -52.64 65.63 -9.92
CA ALA U 594 -51.69 65.93 -10.98
C ALA U 594 -52.36 66.62 -12.16
N LEU U 595 -53.58 66.23 -12.50
CA LEU U 595 -54.31 66.95 -13.54
C LEU U 595 -54.69 68.35 -13.11
N ALA U 596 -54.98 68.57 -11.82
CA ALA U 596 -55.28 69.93 -11.38
C ALA U 596 -54.04 70.79 -11.23
N GLY U 597 -52.88 70.18 -11.00
CA GLY U 597 -51.66 70.93 -10.79
C GLY U 597 -51.09 71.55 -12.05
N TRP U 598 -51.63 71.23 -13.23
CA TRP U 598 -51.18 71.85 -14.46
C TRP U 598 -51.52 73.32 -14.52
N LEU U 599 -52.53 73.76 -13.78
CA LEU U 599 -52.92 75.16 -13.76
C LEU U 599 -52.08 76.00 -12.83
N TYR U 600 -51.24 75.42 -12.00
CA TYR U 600 -50.66 76.17 -10.89
C TYR U 600 -49.19 75.88 -10.69
N ASN U 601 -48.39 75.80 -11.76
CA ASN U 601 -46.97 75.74 -11.52
C ASN U 601 -46.44 77.14 -11.20
N GLY U 602 -45.45 77.19 -10.33
CA GLY U 602 -44.98 78.47 -9.87
C GLY U 602 -45.36 78.72 -8.43
N VAL U 603 -46.54 78.29 -8.03
CA VAL U 603 -46.92 78.36 -6.63
C VAL U 603 -46.77 76.97 -6.01
N VAL U 604 -46.90 75.94 -6.84
CA VAL U 604 -46.77 74.56 -6.39
C VAL U 604 -46.29 73.72 -7.56
N THR U 605 -45.33 72.84 -7.29
CA THR U 605 -44.84 71.93 -8.31
C THR U 605 -45.01 70.51 -7.82
N THR U 606 -45.37 69.60 -8.72
CA THR U 606 -45.63 68.22 -8.37
C THR U 606 -44.45 67.37 -8.77
N VAL U 607 -43.97 66.54 -7.86
CA VAL U 607 -42.90 65.59 -8.14
C VAL U 607 -43.40 64.20 -7.78
N ILE U 608 -42.80 63.19 -8.41
CA ILE U 608 -43.02 61.81 -7.98
C ILE U 608 -42.28 61.59 -6.68
N ASP U 609 -42.97 61.02 -5.69
CA ASP U 609 -42.44 60.89 -4.35
C ASP U 609 -41.27 59.92 -4.31
N ASP U 610 -40.41 60.11 -3.32
CA ASP U 610 -39.48 59.08 -2.92
C ASP U 610 -40.25 57.86 -2.43
N SER U 611 -39.57 56.71 -2.43
CA SER U 611 -40.15 55.37 -2.26
C SER U 611 -41.19 55.06 -3.33
N SER U 612 -41.03 55.68 -4.51
CA SER U 612 -41.55 55.15 -5.75
C SER U 612 -40.43 54.88 -6.73
N TYR U 613 -39.21 55.24 -6.37
CA TYR U 613 -38.00 54.87 -7.09
C TYR U 613 -37.59 53.47 -6.66
N PRO U 614 -36.66 52.84 -7.38
CA PRO U 614 -36.08 51.59 -6.86
C PRO U 614 -35.36 51.80 -5.54
N LYS U 615 -35.51 50.82 -4.66
CA LYS U 615 -34.84 50.87 -3.36
C LYS U 615 -33.35 50.71 -3.55
N ASP U 616 -32.58 51.59 -2.89
CA ASP U 616 -31.12 51.69 -2.77
C ASP U 616 -30.31 51.27 -3.99
N GLY U 617 -30.58 51.90 -5.12
CA GLY U 617 -29.95 51.50 -6.37
C GLY U 617 -30.96 50.94 -7.35
N GLY U 618 -30.97 49.62 -7.51
CA GLY U 618 -31.99 48.97 -8.30
C GLY U 618 -31.53 47.80 -9.14
N SER U 619 -30.34 47.85 -9.74
CA SER U 619 -29.59 46.66 -10.15
C SER U 619 -30.33 45.66 -11.04
N VAL U 620 -30.43 45.92 -12.36
CA VAL U 620 -31.33 45.24 -13.30
C VAL U 620 -31.35 43.71 -13.29
N THR U 621 -30.40 43.08 -12.59
CA THR U 621 -30.52 41.67 -12.23
C THR U 621 -31.80 41.38 -11.47
N SER U 622 -32.27 42.30 -10.65
CA SER U 622 -33.46 42.08 -9.85
C SER U 622 -34.72 42.11 -10.70
N LEU U 623 -35.70 41.30 -10.31
CA LEU U 623 -36.95 41.22 -11.03
C LEU U 623 -37.88 42.38 -10.70
N GLU U 624 -37.93 42.74 -9.42
CA GLU U 624 -38.91 43.71 -8.93
C GLU U 624 -38.60 45.13 -9.42
N ASN U 625 -37.31 45.46 -9.54
CA ASN U 625 -36.93 46.80 -9.91
C ASN U 625 -37.17 47.11 -11.37
N LEU U 626 -37.28 46.09 -12.23
CA LEU U 626 -37.68 46.34 -13.62
C LEU U 626 -39.11 46.82 -13.69
N TRP U 627 -40.02 46.19 -12.93
CA TRP U 627 -41.39 46.66 -12.90
C TRP U 627 -41.49 48.00 -12.19
N ASP U 628 -40.63 48.23 -11.21
CA ASP U 628 -40.61 49.54 -10.56
C ASP U 628 -40.16 50.64 -11.52
N PHE U 629 -39.16 50.35 -12.36
CA PHE U 629 -38.75 51.28 -13.40
C PHE U 629 -39.85 51.52 -14.40
N PHE U 630 -40.61 50.48 -14.75
CA PHE U 630 -41.70 50.65 -15.72
C PHE U 630 -42.79 51.56 -15.16
N ILE U 631 -43.24 51.27 -13.93
CA ILE U 631 -44.29 52.06 -13.29
C ILE U 631 -43.84 53.50 -13.07
N LEU U 632 -42.54 53.70 -12.81
CA LEU U 632 -42.01 55.05 -12.68
C LEU U 632 -42.02 55.79 -14.02
N ALA U 633 -41.38 55.20 -15.03
CA ALA U 633 -41.16 55.88 -16.30
C ALA U 633 -42.44 56.07 -17.11
N LEU U 634 -43.49 55.32 -16.80
CA LEU U 634 -44.74 55.59 -17.48
C LEU U 634 -45.52 56.73 -16.83
N ALA U 635 -45.28 57.00 -15.56
CA ALA U 635 -46.00 58.04 -14.82
C ALA U 635 -45.26 59.36 -14.76
N LEU U 636 -43.96 59.37 -15.06
CA LEU U 636 -43.21 60.63 -15.08
C LEU U 636 -43.70 61.75 -16.00
N PRO U 637 -44.22 61.53 -17.21
CA PRO U 637 -44.56 62.69 -18.05
C PRO U 637 -45.74 63.54 -17.60
N LEU U 638 -46.40 63.25 -16.47
CA LEU U 638 -47.55 64.05 -16.08
C LEU U 638 -47.27 65.01 -14.94
N THR U 639 -46.12 64.92 -14.30
CA THR U 639 -45.78 65.91 -13.29
C THR U 639 -45.34 67.20 -13.95
N THR U 640 -45.60 68.31 -13.29
CA THR U 640 -45.15 69.62 -13.78
C THR U 640 -43.75 69.96 -13.27
N ASP U 641 -42.85 69.01 -13.42
CA ASP U 641 -41.49 69.10 -12.91
C ASP U 641 -40.57 69.27 -14.10
N PRO U 642 -39.75 70.30 -14.16
CA PRO U 642 -38.92 70.52 -15.35
C PRO U 642 -37.79 69.53 -15.52
N CYS U 643 -37.47 68.72 -14.50
CA CYS U 643 -36.36 67.79 -14.56
C CYS U 643 -36.81 66.33 -14.58
N ALA U 644 -38.09 66.10 -14.90
CA ALA U 644 -38.59 64.75 -15.06
C ALA U 644 -37.90 63.92 -16.15
N PRO U 645 -37.51 64.45 -17.33
CA PRO U 645 -36.72 63.59 -18.23
C PRO U 645 -35.36 63.20 -17.68
N VAL U 646 -34.70 64.08 -16.94
CA VAL U 646 -33.40 63.72 -16.38
C VAL U 646 -33.56 62.69 -15.28
N LYS U 647 -34.64 62.78 -14.49
CA LYS U 647 -34.95 61.72 -13.54
C LYS U 647 -35.22 60.39 -14.23
N ALA U 648 -35.96 60.43 -15.35
CA ALA U 648 -36.26 59.23 -16.11
C ALA U 648 -35.01 58.59 -16.70
N PHE U 649 -34.04 59.41 -17.10
CA PHE U 649 -32.80 58.85 -17.63
C PHE U 649 -31.92 58.30 -16.51
N MET U 650 -31.76 59.06 -15.43
CA MET U 650 -30.82 58.65 -14.40
C MET U 650 -31.33 57.50 -13.55
N THR U 651 -32.63 57.19 -13.58
CA THR U 651 -33.10 55.98 -12.91
C THR U 651 -32.51 54.73 -13.58
N LEU U 652 -32.60 54.66 -14.91
CA LEU U 652 -32.01 53.53 -15.60
C LEU U 652 -30.49 53.59 -15.57
N ALA U 653 -29.92 54.80 -15.52
CA ALA U 653 -28.47 54.91 -15.37
C ALA U 653 -28.01 54.41 -14.00
N ASN U 654 -28.83 54.56 -12.97
CA ASN U 654 -28.52 53.96 -11.68
C ASN U 654 -28.65 52.45 -11.73
N MET U 655 -29.69 51.96 -12.39
CA MET U 655 -29.92 50.52 -12.44
C MET U 655 -28.88 49.77 -13.25
N MET U 656 -28.27 50.41 -14.24
CA MET U 656 -27.27 49.75 -15.08
C MET U 656 -25.85 49.87 -14.57
N VAL U 657 -25.64 50.19 -13.30
CA VAL U 657 -24.28 50.40 -12.80
C VAL U 657 -23.59 49.05 -12.67
N GLY U 658 -22.47 48.90 -13.38
CA GLY U 658 -21.71 47.68 -13.40
C GLY U 658 -21.79 46.93 -14.71
N PHE U 659 -22.83 47.18 -15.51
CA PHE U 659 -22.99 46.50 -16.79
C PHE U 659 -22.62 47.38 -17.96
N GLU U 660 -22.93 48.68 -17.88
CA GLU U 660 -22.61 49.60 -18.95
C GLU U 660 -22.48 51.00 -18.36
N THR U 661 -21.43 51.70 -18.76
CA THR U 661 -21.01 52.94 -18.12
C THR U 661 -21.17 54.11 -19.07
N ILE U 662 -21.48 55.27 -18.51
CA ILE U 662 -21.57 56.51 -19.27
C ILE U 662 -20.54 57.47 -18.68
N PRO U 663 -20.03 58.40 -19.48
CA PRO U 663 -19.12 59.40 -18.91
C PRO U 663 -19.87 60.47 -18.13
N MET U 664 -19.20 60.98 -17.11
CA MET U 664 -19.67 62.10 -16.33
C MET U 664 -18.60 63.18 -16.38
N ASP U 665 -18.77 64.24 -15.59
CA ASP U 665 -17.90 65.40 -15.74
C ASP U 665 -16.84 65.56 -14.65
N ASN U 666 -17.22 65.47 -13.37
CA ASN U 666 -16.37 66.01 -12.32
C ASN U 666 -15.90 65.01 -11.27
N GLN U 667 -16.05 63.71 -11.51
CA GLN U 667 -15.58 62.60 -10.68
C GLN U 667 -16.23 62.55 -9.30
N ILE U 668 -17.19 63.43 -9.00
CA ILE U 668 -17.91 63.38 -7.74
C ILE U 668 -19.39 63.14 -7.92
N TYR U 669 -19.95 63.38 -9.10
CA TYR U 669 -21.32 63.00 -9.39
C TYR U 669 -21.24 61.75 -10.26
N THR U 670 -21.04 60.63 -9.61
CA THR U 670 -20.87 59.34 -10.26
C THR U 670 -22.20 58.92 -10.89
N GLN U 671 -22.14 57.94 -11.81
CA GLN U 671 -23.33 57.34 -12.42
C GLN U 671 -24.27 56.77 -11.38
N SER U 672 -23.75 56.31 -10.24
CA SER U 672 -24.57 55.75 -9.18
C SER U 672 -25.12 56.80 -8.22
N ARG U 673 -25.15 58.07 -8.61
CA ARG U 673 -25.86 59.07 -7.81
C ARG U 673 -27.35 58.96 -8.10
N ARG U 674 -28.14 58.95 -7.03
CA ARG U 674 -29.58 58.68 -7.12
C ARG U 674 -30.32 59.69 -7.97
N ALA U 675 -31.25 59.20 -8.79
CA ALA U 675 -32.04 60.04 -9.68
C ALA U 675 -33.02 60.94 -8.93
N SER U 676 -33.29 60.67 -7.66
CA SER U 676 -34.11 61.57 -6.87
C SER U 676 -33.42 62.89 -6.61
N ALA U 677 -32.09 62.92 -6.60
CA ALA U 677 -31.36 64.14 -6.32
C ALA U 677 -31.34 65.10 -7.50
N PHE U 678 -31.56 64.62 -8.71
CA PHE U 678 -31.58 65.48 -9.89
C PHE U 678 -32.90 66.24 -9.90
N SER U 679 -32.93 67.33 -9.15
CA SER U 679 -34.14 68.11 -8.96
C SER U 679 -34.06 69.50 -9.57
N THR U 680 -32.88 69.97 -9.92
CA THR U 680 -32.60 71.35 -10.31
C THR U 680 -31.96 71.37 -11.68
N PRO U 681 -32.04 72.49 -12.41
CA PRO U 681 -31.45 72.53 -13.75
C PRO U 681 -29.93 72.51 -13.78
N HIS U 682 -29.26 72.82 -12.67
CA HIS U 682 -27.81 72.81 -12.67
C HIS U 682 -27.23 71.45 -12.36
N THR U 683 -28.04 70.40 -12.40
CA THR U 683 -27.55 69.04 -12.21
C THR U 683 -27.67 68.20 -13.46
N TRP U 684 -28.04 68.79 -14.58
CA TRP U 684 -28.21 68.00 -15.79
C TRP U 684 -26.83 67.74 -16.38
N PRO U 685 -26.45 66.48 -16.58
CA PRO U 685 -25.06 66.18 -16.97
C PRO U 685 -24.80 66.52 -18.43
N ARG U 686 -23.53 66.42 -18.80
CA ARG U 686 -23.14 66.65 -20.18
C ARG U 686 -23.53 65.48 -21.07
N CYS U 687 -23.44 64.26 -20.52
CA CYS U 687 -23.78 63.06 -21.27
C CYS U 687 -25.25 62.98 -21.61
N PHE U 688 -26.12 63.64 -20.84
CA PHE U 688 -27.52 63.69 -21.22
C PHE U 688 -27.79 64.75 -22.27
N MET U 689 -27.17 65.91 -22.14
CA MET U 689 -27.44 66.99 -23.07
C MET U 689 -26.80 66.77 -24.43
N ASN U 690 -25.77 65.94 -24.52
CA ASN U 690 -25.20 65.57 -25.82
C ASN U 690 -25.21 64.05 -25.91
N ILE U 691 -25.98 63.52 -26.86
CA ILE U 691 -26.19 62.09 -26.95
C ILE U 691 -24.94 61.39 -27.48
N GLN U 692 -24.13 62.11 -28.27
CA GLN U 692 -22.99 61.51 -28.94
C GLN U 692 -21.87 61.10 -27.98
N LEU U 693 -21.87 61.61 -26.75
CA LEU U 693 -20.89 61.15 -25.78
C LEU U 693 -21.19 59.74 -25.29
N ILE U 694 -22.47 59.35 -25.27
CA ILE U 694 -22.84 57.98 -24.92
C ILE U 694 -22.51 57.09 -26.10
N SER U 695 -21.48 56.28 -25.95
CA SER U 695 -21.07 55.42 -27.05
C SER U 695 -21.92 54.15 -27.08
N PRO U 696 -22.47 53.78 -28.24
CA PRO U 696 -23.30 52.56 -28.30
C PRO U 696 -22.50 51.29 -28.21
N ILE U 697 -21.18 51.35 -28.41
CA ILE U 697 -20.35 50.16 -28.25
C ILE U 697 -20.17 49.82 -26.78
N ASP U 698 -20.39 50.76 -25.88
CA ASP U 698 -20.29 50.54 -24.45
C ASP U 698 -21.66 50.49 -23.78
N ALA U 699 -22.52 51.47 -24.05
CA ALA U 699 -23.84 51.53 -23.43
C ALA U 699 -24.92 51.61 -24.50
N PRO U 700 -25.29 50.49 -25.12
CA PRO U 700 -26.34 50.54 -26.15
C PRO U 700 -27.72 50.86 -25.60
N ILE U 701 -28.08 50.28 -24.45
CA ILE U 701 -29.41 50.54 -23.93
C ILE U 701 -29.51 51.92 -23.31
N LEU U 702 -28.42 52.44 -22.72
CA LEU U 702 -28.43 53.84 -22.30
C LEU U 702 -28.50 54.78 -23.49
N ARG U 703 -27.85 54.43 -24.61
CA ARG U 703 -27.95 55.24 -25.82
C ARG U 703 -29.38 55.26 -26.35
N GLN U 704 -30.03 54.10 -26.39
CA GLN U 704 -31.42 54.03 -26.86
C GLN U 704 -32.36 54.74 -25.90
N TRP U 705 -32.09 54.65 -24.59
CA TRP U 705 -32.98 55.29 -23.64
C TRP U 705 -32.83 56.79 -23.63
N ALA U 706 -31.62 57.30 -23.92
CA ALA U 706 -31.49 58.74 -24.10
C ALA U 706 -32.14 59.21 -25.38
N GLU U 707 -32.04 58.41 -26.44
CA GLU U 707 -32.60 58.83 -27.70
C GLU U 707 -34.12 58.81 -27.70
N ILE U 708 -34.73 57.83 -27.01
CA ILE U 708 -36.18 57.77 -26.90
C ILE U 708 -36.71 58.97 -26.13
N ILE U 709 -36.01 59.39 -25.08
CA ILE U 709 -36.40 60.59 -24.34
C ILE U 709 -36.26 61.83 -25.22
N HIS U 710 -35.19 61.93 -26.01
CA HIS U 710 -35.01 63.11 -26.84
C HIS U 710 -35.97 63.14 -28.02
N ARG U 711 -36.52 62.01 -28.44
CA ARG U 711 -37.50 62.01 -29.52
C ARG U 711 -38.94 62.10 -29.02
N TYR U 712 -39.39 61.12 -28.24
CA TYR U 712 -40.80 60.86 -28.00
C TYR U 712 -41.32 61.32 -26.64
N TRP U 713 -40.58 62.16 -25.92
CA TRP U 713 -41.15 62.76 -24.73
C TRP U 713 -42.22 63.77 -25.15
N PRO U 714 -43.33 63.88 -24.41
CA PRO U 714 -44.45 64.72 -24.85
C PRO U 714 -44.12 66.19 -24.91
N ASN U 715 -44.67 66.86 -25.91
CA ASN U 715 -44.51 68.26 -26.30
C ASN U 715 -45.60 69.12 -25.68
N PRO U 716 -45.25 70.30 -25.18
CA PRO U 716 -46.27 71.19 -24.62
C PRO U 716 -47.09 71.85 -25.72
N SER U 717 -48.21 72.43 -25.30
CA SER U 717 -49.13 73.11 -26.19
C SER U 717 -49.94 74.10 -25.38
N GLN U 718 -50.81 74.85 -26.04
CA GLN U 718 -51.64 75.83 -25.36
C GLN U 718 -53.04 75.84 -25.98
N ILE U 719 -54.01 76.26 -25.18
CA ILE U 719 -55.41 76.25 -25.56
C ILE U 719 -56.06 77.55 -25.08
N ARG U 720 -57.02 78.05 -25.86
CA ARG U 720 -57.72 79.27 -25.51
C ARG U 720 -58.79 78.98 -24.48
N TYR U 721 -59.13 80.01 -23.70
CA TYR U 721 -60.15 79.88 -22.67
C TYR U 721 -60.65 81.28 -22.34
N GLY U 722 -61.63 81.32 -21.44
CA GLY U 722 -62.17 82.50 -20.83
C GLY U 722 -62.74 83.49 -21.84
N THR U 723 -62.84 84.74 -21.39
CA THR U 723 -63.30 85.82 -22.22
C THR U 723 -62.30 86.98 -22.13
N PRO U 724 -61.83 87.50 -23.24
CA PRO U 724 -61.41 88.90 -23.27
C PRO U 724 -62.64 89.79 -23.42
N ASN U 725 -62.45 91.06 -23.06
CA ASN U 725 -63.39 92.20 -23.18
C ASN U 725 -64.56 92.12 -22.20
N VAL U 726 -64.75 90.97 -21.56
CA VAL U 726 -65.58 90.79 -20.37
C VAL U 726 -64.73 89.88 -19.50
N PHE U 727 -64.84 90.07 -18.17
CA PHE U 727 -64.20 89.29 -17.10
C PHE U 727 -62.71 89.57 -16.97
N GLY U 728 -62.14 90.35 -17.88
CA GLY U 728 -60.71 90.59 -17.87
C GLY U 728 -59.90 89.32 -18.12
N SER U 729 -58.69 89.32 -17.58
CA SER U 729 -57.78 88.19 -17.73
C SER U 729 -56.77 88.27 -16.60
N ALA U 730 -56.81 87.33 -15.68
CA ALA U 730 -56.05 87.43 -14.45
C ALA U 730 -54.70 86.74 -14.53
N ASN U 731 -54.19 86.45 -15.73
CA ASN U 731 -52.89 85.82 -15.84
C ASN U 731 -51.82 86.82 -16.22
N LEU U 732 -50.59 86.46 -15.91
CA LEU U 732 -49.42 87.23 -16.25
C LEU U 732 -48.30 86.27 -16.64
N PHE U 733 -47.34 86.79 -17.41
CA PHE U 733 -46.28 86.14 -18.19
C PHE U 733 -46.78 85.37 -19.39
N THR U 734 -48.08 85.28 -19.60
CA THR U 734 -48.66 84.62 -20.75
C THR U 734 -49.47 85.63 -21.53
N PRO U 735 -49.83 85.33 -22.78
CA PRO U 735 -50.88 86.09 -23.42
C PRO U 735 -52.18 85.95 -22.66
N PRO U 736 -53.04 86.96 -22.69
CA PRO U 736 -54.19 86.99 -21.77
C PRO U 736 -55.34 86.05 -22.10
N GLU U 737 -55.15 85.09 -23.01
CA GLU U 737 -56.23 84.17 -23.32
C GLU U 737 -55.80 82.72 -23.47
N VAL U 738 -54.52 82.41 -23.38
CA VAL U 738 -54.07 81.06 -23.68
C VAL U 738 -53.75 80.35 -22.37
N LEU U 739 -53.92 79.03 -22.40
CA LEU U 739 -53.69 78.15 -21.25
C LEU U 739 -52.70 77.08 -21.66
N LEU U 740 -51.44 77.23 -21.28
CA LEU U 740 -50.40 76.33 -21.76
C LEU U 740 -50.25 75.16 -20.80
N LEU U 741 -50.23 73.95 -21.35
CA LEU U 741 -50.26 72.71 -20.60
C LEU U 741 -49.35 71.73 -21.31
N PRO U 742 -48.70 70.81 -20.60
CA PRO U 742 -47.55 70.10 -21.18
C PRO U 742 -47.87 69.00 -22.16
N ILE U 743 -49.12 68.84 -22.62
CA ILE U 743 -49.50 67.77 -23.51
C ILE U 743 -50.07 68.37 -24.78
N ASP U 744 -49.72 67.81 -25.93
CA ASP U 744 -50.40 68.16 -27.17
C ASP U 744 -51.85 67.71 -27.10
N HIS U 745 -52.77 68.62 -27.37
CA HIS U 745 -54.18 68.31 -27.39
C HIS U 745 -54.66 68.19 -28.83
N GLN U 746 -55.83 67.58 -28.99
CA GLN U 746 -56.43 67.32 -30.28
C GLN U 746 -57.88 67.77 -30.25
N PRO U 747 -58.48 68.06 -31.41
CA PRO U 747 -59.94 68.28 -31.43
C PRO U 747 -60.68 67.01 -31.06
N ALA U 748 -61.76 67.19 -30.30
CA ALA U 748 -62.40 66.09 -29.59
C ALA U 748 -63.43 65.42 -30.48
N ASN U 749 -63.16 64.18 -30.85
CA ASN U 749 -64.18 63.24 -31.26
C ASN U 749 -64.11 62.03 -30.33
N VAL U 750 -64.85 60.98 -30.66
CA VAL U 750 -64.97 59.82 -29.80
C VAL U 750 -64.41 58.56 -30.44
N THR U 751 -64.69 58.34 -31.72
CA THR U 751 -64.40 57.07 -32.38
C THR U 751 -62.97 56.98 -32.93
N THR U 752 -61.99 57.30 -32.11
CA THR U 752 -60.61 57.06 -32.51
C THR U 752 -60.26 55.60 -32.29
N PRO U 753 -59.23 55.09 -32.97
CA PRO U 753 -58.73 53.76 -32.63
C PRO U 753 -58.09 53.77 -31.25
N THR U 754 -58.26 52.66 -30.53
CA THR U 754 -57.64 52.54 -29.22
C THR U 754 -56.13 52.46 -29.33
N LEU U 755 -55.63 51.70 -30.30
CA LEU U 755 -54.19 51.50 -30.47
C LEU U 755 -53.65 52.51 -31.49
N ASP U 756 -53.88 53.78 -31.20
CA ASP U 756 -53.44 54.87 -32.06
C ASP U 756 -52.06 55.32 -31.60
N PHE U 757 -51.05 55.12 -32.44
CA PHE U 757 -49.70 55.51 -32.05
C PHE U 757 -49.35 56.93 -32.49
N THR U 758 -50.25 57.60 -33.19
CA THR U 758 -50.13 59.05 -33.36
C THR U 758 -50.32 59.75 -32.03
N ASN U 759 -51.15 59.17 -31.16
CA ASN U 759 -51.32 59.64 -29.80
C ASN U 759 -50.01 59.56 -29.04
N GLU U 760 -49.72 60.63 -28.28
CA GLU U 760 -48.40 60.83 -27.70
C GLU U 760 -48.15 59.90 -26.53
N LEU U 761 -49.10 59.79 -25.61
CA LEU U 761 -48.92 58.92 -24.46
C LEU U 761 -48.98 57.45 -24.82
N THR U 762 -49.76 57.08 -25.83
CA THR U 762 -49.75 55.70 -26.30
C THR U 762 -48.43 55.38 -27.00
N ASN U 763 -47.89 56.34 -27.75
CA ASN U 763 -46.55 56.22 -28.30
C ASN U 763 -45.51 56.04 -27.19
N TRP U 764 -45.68 56.77 -26.08
CA TRP U 764 -44.74 56.67 -24.97
C TRP U 764 -44.78 55.30 -24.30
N ARG U 765 -45.99 54.78 -24.05
CA ARG U 765 -46.12 53.45 -23.48
C ARG U 765 -45.54 52.38 -24.40
N ALA U 766 -45.77 52.52 -25.72
CA ALA U 766 -45.21 51.57 -26.68
C ALA U 766 -43.69 51.61 -26.72
N ARG U 767 -43.07 52.79 -26.67
CA ARG U 767 -41.62 52.87 -26.67
C ARG U 767 -40.99 52.34 -25.39
N VAL U 768 -41.64 52.57 -24.24
CA VAL U 768 -41.10 52.05 -22.99
C VAL U 768 -41.18 50.52 -22.96
N CYS U 769 -42.32 49.96 -23.39
CA CYS U 769 -42.42 48.49 -23.48
C CYS U 769 -41.46 47.89 -24.49
N GLU U 770 -41.20 48.59 -25.60
CA GLU U 770 -40.26 48.08 -26.58
C GLU U 770 -38.83 48.08 -26.07
N LEU U 771 -38.42 49.12 -25.33
CA LEU U 771 -37.08 49.08 -24.75
C LEU U 771 -36.98 48.06 -23.62
N MET U 772 -38.07 47.83 -22.89
CA MET U 772 -38.02 46.80 -21.85
C MET U 772 -37.85 45.40 -22.44
N LYS U 773 -38.54 45.10 -23.54
CA LYS U 773 -38.35 43.81 -24.18
C LYS U 773 -37.11 43.76 -25.07
N ASN U 774 -36.45 44.90 -25.32
CA ASN U 774 -35.07 44.86 -25.78
C ASN U 774 -34.09 44.56 -24.66
N LEU U 775 -34.40 44.99 -23.44
CA LEU U 775 -33.54 44.74 -22.30
C LEU U 775 -33.56 43.28 -21.90
N VAL U 776 -34.74 42.67 -21.81
CA VAL U 776 -34.86 41.30 -21.31
C VAL U 776 -34.35 40.26 -22.30
N ASP U 777 -34.32 40.59 -23.59
CA ASP U 777 -34.27 39.60 -24.68
C ASP U 777 -33.00 38.75 -24.67
N ASN U 778 -31.85 39.34 -24.35
CA ASN U 778 -30.60 38.63 -24.54
C ASN U 778 -30.11 37.90 -23.30
N GLN U 779 -30.61 38.26 -22.11
CA GLN U 779 -30.06 37.85 -20.82
C GLN U 779 -28.56 38.20 -20.75
N ARG U 780 -28.22 39.40 -21.19
CA ARG U 780 -26.88 39.89 -20.94
C ARG U 780 -26.74 40.47 -19.56
N TYR U 781 -27.86 40.79 -18.92
CA TYR U 781 -27.86 41.59 -17.72
C TYR U 781 -28.29 40.85 -16.48
N GLN U 782 -28.87 39.66 -16.63
CA GLN U 782 -29.44 38.93 -15.51
C GLN U 782 -28.88 37.52 -15.45
N PRO U 783 -27.66 37.36 -14.93
CA PRO U 783 -27.24 36.03 -14.51
C PRO U 783 -27.90 35.69 -13.19
N GLY U 784 -27.89 34.41 -12.87
CA GLY U 784 -28.55 33.94 -11.69
C GLY U 784 -29.99 33.53 -11.88
N TRP U 785 -30.64 33.98 -12.95
CA TRP U 785 -31.96 33.44 -13.30
C TRP U 785 -31.78 32.00 -13.75
N THR U 786 -32.17 31.07 -12.88
CA THR U 786 -31.96 29.65 -13.17
C THR U 786 -32.92 29.14 -14.24
N GLN U 787 -34.08 29.75 -14.38
CA GLN U 787 -34.99 29.44 -15.48
C GLN U 787 -34.65 30.35 -16.65
N SER U 788 -35.52 30.36 -17.65
CA SER U 788 -35.44 31.32 -18.74
C SER U 788 -36.74 32.11 -18.73
N LEU U 789 -36.73 33.28 -18.09
CA LEU U 789 -37.92 34.08 -17.94
C LEU U 789 -38.16 35.01 -19.11
N VAL U 790 -37.41 34.85 -20.21
CA VAL U 790 -37.54 35.76 -21.33
C VAL U 790 -38.88 35.60 -22.04
N SER U 791 -39.41 34.38 -22.16
CA SER U 791 -40.70 34.16 -22.78
C SER U 791 -41.85 34.71 -21.96
N SER U 792 -41.88 34.43 -20.66
CA SER U 792 -42.94 34.94 -19.79
C SER U 792 -42.88 36.44 -19.66
N MET U 793 -41.68 37.01 -19.55
CA MET U 793 -41.52 38.45 -19.45
C MET U 793 -41.95 39.15 -20.72
N ARG U 794 -41.52 38.64 -21.87
CA ARG U 794 -41.89 39.25 -23.13
C ARG U 794 -43.38 39.11 -23.39
N GLY U 795 -43.99 38.01 -22.93
CA GLY U 795 -45.43 37.86 -23.05
C GLY U 795 -46.20 38.84 -22.18
N THR U 796 -45.78 39.03 -20.94
CA THR U 796 -46.47 39.96 -20.07
C THR U 796 -46.13 41.41 -20.36
N LEU U 797 -45.13 41.68 -21.19
CA LEU U 797 -44.96 43.01 -21.72
C LEU U 797 -45.81 43.22 -22.98
N GLY U 798 -45.97 42.19 -23.80
CA GLY U 798 -46.82 42.32 -24.98
C GLY U 798 -48.28 42.44 -24.62
N LYS U 799 -48.72 41.75 -23.57
CA LYS U 799 -50.09 41.90 -23.10
C LYS U 799 -50.32 43.23 -22.40
N LEU U 800 -49.26 43.92 -22.03
CA LEU U 800 -49.37 45.18 -21.33
C LEU U 800 -49.24 46.38 -22.24
N LYS U 801 -48.53 46.22 -23.35
CA LYS U 801 -48.37 47.31 -24.31
C LYS U 801 -49.68 47.62 -25.01
N LEU U 802 -50.31 46.61 -25.61
CA LEU U 802 -51.54 46.84 -26.37
C LEU U 802 -52.80 46.62 -25.52
N ILE U 803 -52.79 47.22 -24.34
CA ILE U 803 -53.96 47.13 -23.47
C ILE U 803 -54.99 48.15 -23.95
N LYS U 804 -56.27 47.82 -23.79
CA LYS U 804 -57.31 48.79 -24.10
C LYS U 804 -57.44 49.76 -22.93
N SER U 805 -57.28 51.04 -23.21
CA SER U 805 -57.24 52.06 -22.17
C SER U 805 -57.56 53.39 -22.83
N MET U 806 -58.61 54.04 -22.36
CA MET U 806 -59.06 55.29 -22.95
C MET U 806 -58.47 56.50 -22.27
N THR U 807 -57.55 56.31 -21.32
CA THR U 807 -56.91 57.42 -20.63
C THR U 807 -55.97 58.24 -21.53
N PRO U 808 -55.11 57.67 -22.40
CA PRO U 808 -54.31 58.55 -23.27
C PRO U 808 -55.13 59.27 -24.33
N MET U 809 -56.26 58.69 -24.75
CA MET U 809 -57.19 59.40 -25.60
C MET U 809 -57.90 60.52 -24.85
N TYR U 810 -58.26 60.26 -23.60
CA TYR U 810 -58.97 61.22 -22.78
C TYR U 810 -58.12 62.43 -22.47
N LEU U 811 -56.87 62.22 -22.05
CA LEU U 811 -55.98 63.30 -21.66
C LEU U 811 -55.59 64.21 -22.80
N GLN U 812 -55.77 63.80 -24.06
CA GLN U 812 -55.53 64.68 -25.17
C GLN U 812 -56.79 65.19 -25.84
N GLN U 813 -57.96 64.61 -25.57
CA GLN U 813 -59.13 65.10 -26.26
C GLN U 813 -60.14 65.80 -25.37
N LEU U 814 -60.38 65.30 -24.17
CA LEU U 814 -61.47 65.83 -23.37
C LEU U 814 -61.02 66.51 -22.09
N ALA U 815 -59.87 66.13 -21.56
CA ALA U 815 -59.33 66.75 -20.36
C ALA U 815 -58.89 68.22 -20.54
N PRO U 816 -58.25 68.65 -21.65
CA PRO U 816 -58.00 70.10 -21.78
C PRO U 816 -59.26 70.91 -21.94
N VAL U 817 -60.30 70.34 -22.53
CA VAL U 817 -61.60 71.00 -22.62
C VAL U 817 -62.18 71.20 -21.22
N GLU U 818 -62.12 70.18 -20.38
CA GLU U 818 -62.66 70.30 -19.02
C GLU U 818 -61.81 71.21 -18.14
N LEU U 819 -60.51 71.33 -18.42
CA LEU U 819 -59.73 72.33 -17.71
C LEU U 819 -60.10 73.73 -18.15
N ALA U 820 -60.26 73.95 -19.46
CA ALA U 820 -60.55 75.28 -19.98
C ALA U 820 -61.96 75.73 -19.68
N VAL U 821 -62.88 74.81 -19.42
CA VAL U 821 -64.23 75.22 -19.03
C VAL U 821 -64.24 75.73 -17.60
N ILE U 822 -63.69 74.96 -16.65
CA ILE U 822 -63.75 75.36 -15.25
C ILE U 822 -62.67 76.35 -14.85
N ALA U 823 -61.72 76.65 -15.73
CA ALA U 823 -60.66 77.60 -15.38
C ALA U 823 -61.11 79.04 -15.09
N PRO U 824 -62.09 79.64 -15.79
CA PRO U 824 -62.53 80.97 -15.35
C PRO U 824 -63.36 80.96 -14.08
N MET U 825 -64.00 79.86 -13.72
CA MET U 825 -64.90 79.84 -12.58
C MET U 825 -64.19 79.71 -11.24
N LEU U 826 -62.87 79.56 -11.23
CA LEU U 826 -62.15 79.29 -9.99
C LEU U 826 -62.00 80.55 -9.15
N PRO U 827 -61.96 80.40 -7.81
CA PRO U 827 -61.77 81.59 -6.97
C PRO U 827 -60.35 82.12 -7.02
N PHE U 828 -59.36 81.23 -7.09
CA PHE U 828 -57.96 81.60 -7.28
C PHE U 828 -57.59 81.25 -8.71
N PRO U 829 -57.69 82.19 -9.65
CA PRO U 829 -57.55 81.89 -11.08
C PRO U 829 -56.12 81.49 -11.41
N PRO U 830 -55.90 80.74 -12.50
CA PRO U 830 -54.62 80.05 -12.68
C PRO U 830 -53.44 80.98 -12.88
N PHE U 831 -52.28 80.47 -12.49
CA PHE U 831 -51.04 81.23 -12.40
C PHE U 831 -49.95 80.32 -12.95
N GLN U 832 -49.66 80.45 -14.24
CA GLN U 832 -48.80 79.50 -14.91
C GLN U 832 -47.47 80.12 -15.32
N VAL U 833 -46.44 79.27 -15.32
CA VAL U 833 -45.07 79.59 -15.65
C VAL U 833 -44.71 78.64 -16.79
N PRO U 834 -44.07 79.11 -17.88
CA PRO U 834 -44.09 78.35 -19.14
C PRO U 834 -43.37 77.01 -19.11
N TYR U 835 -43.97 76.03 -19.79
CA TYR U 835 -43.43 74.69 -19.89
C TYR U 835 -42.40 74.61 -21.01
N VAL U 836 -41.32 73.89 -20.74
CA VAL U 836 -40.31 73.56 -21.73
C VAL U 836 -40.06 72.06 -21.67
N ARG U 837 -39.15 71.58 -22.51
CA ARG U 837 -38.63 70.23 -22.41
C ARG U 837 -37.23 70.20 -23.00
N LEU U 838 -36.32 69.55 -22.24
CA LEU U 838 -34.97 69.22 -22.70
C LEU U 838 -34.17 70.45 -23.09
N ASP U 839 -34.32 71.53 -22.32
CA ASP U 839 -33.77 72.83 -22.71
C ASP U 839 -33.50 73.61 -21.43
N ARG U 840 -32.26 73.56 -20.92
CA ARG U 840 -32.01 74.29 -19.68
C ARG U 840 -31.60 75.73 -19.94
N ASP U 841 -32.27 76.41 -20.86
CA ASP U 841 -32.08 77.84 -21.04
C ASP U 841 -33.34 78.62 -20.77
N ARG U 842 -34.49 77.96 -20.82
CA ARG U 842 -35.77 78.59 -20.51
C ARG U 842 -36.47 77.88 -19.36
N VAL U 843 -35.74 77.08 -18.59
CA VAL U 843 -36.32 76.45 -17.41
C VAL U 843 -36.41 77.50 -16.31
N PRO U 844 -37.61 77.76 -15.78
CA PRO U 844 -37.71 78.68 -14.65
C PRO U 844 -37.16 78.06 -13.38
N THR U 845 -36.48 78.88 -12.58
CA THR U 845 -35.85 78.41 -11.36
C THR U 845 -36.32 79.14 -10.11
N MET U 846 -36.99 80.28 -10.23
CA MET U 846 -37.19 81.17 -9.11
C MET U 846 -38.27 82.20 -9.38
N VAL U 847 -39.27 82.32 -8.50
CA VAL U 847 -40.36 83.29 -8.66
C VAL U 847 -40.39 84.17 -7.42
N GLY U 848 -40.31 85.49 -7.63
CA GLY U 848 -40.33 86.42 -6.52
C GLY U 848 -41.22 87.60 -6.83
N VAL U 849 -41.63 88.29 -5.77
CA VAL U 849 -42.53 89.43 -5.86
C VAL U 849 -41.77 90.66 -5.38
N THR U 850 -41.51 91.59 -6.29
CA THR U 850 -40.82 92.83 -5.96
C THR U 850 -41.82 93.83 -5.42
N ARG U 851 -41.50 94.43 -4.28
CA ARG U 851 -42.40 95.36 -3.62
C ARG U 851 -42.02 96.82 -3.85
N GLN U 852 -40.73 97.12 -3.91
CA GLN U 852 -40.28 98.49 -4.09
C GLN U 852 -40.41 98.94 -5.54
N SER U 853 -39.97 100.16 -5.82
CA SER U 853 -40.10 100.74 -7.14
C SER U 853 -38.96 100.25 -8.04
N ARG U 854 -38.81 100.87 -9.19
CA ARG U 854 -37.81 100.47 -10.17
C ARG U 854 -36.53 101.30 -10.11
N ASP U 855 -36.65 102.62 -9.94
CA ASP U 855 -35.49 103.50 -9.96
C ASP U 855 -34.94 103.79 -8.58
N THR U 856 -35.18 102.90 -7.61
CA THR U 856 -34.67 103.08 -6.26
C THR U 856 -33.81 101.90 -5.86
N ILE U 857 -32.79 102.17 -5.08
CA ILE U 857 -31.89 101.13 -4.57
C ILE U 857 -32.06 101.08 -3.06
N THR U 858 -32.68 100.02 -2.57
CA THR U 858 -32.94 99.84 -1.15
C THR U 858 -32.35 98.53 -0.67
N GLN U 859 -32.70 98.12 0.54
CA GLN U 859 -32.34 96.79 1.02
C GLN U 859 -33.01 95.74 0.14
N PRO U 860 -32.29 94.70 -0.26
CA PRO U 860 -32.94 93.66 -1.07
C PRO U 860 -33.87 92.82 -0.22
N ALA U 861 -35.16 93.09 -0.31
CA ALA U 861 -36.15 92.37 0.48
C ALA U 861 -36.81 91.35 -0.44
N LEU U 862 -36.14 90.22 -0.59
CA LEU U 862 -36.69 89.14 -1.37
C LEU U 862 -37.90 88.54 -0.66
N SER U 863 -38.87 88.09 -1.44
CA SER U 863 -40.13 87.62 -0.88
C SER U 863 -39.95 86.25 -0.25
N LEU U 864 -41.03 85.69 0.28
CA LEU U 864 -40.93 84.36 0.87
C LEU U 864 -40.83 83.30 -0.20
N SER U 865 -41.48 83.51 -1.34
CA SER U 865 -41.61 82.49 -2.37
C SER U 865 -40.31 82.22 -3.12
N THR U 866 -39.31 83.07 -2.99
CA THR U 866 -38.05 82.84 -3.68
C THR U 866 -37.17 81.81 -2.97
N THR U 867 -37.51 81.42 -1.74
CA THR U 867 -36.68 80.49 -0.98
C THR U 867 -37.14 79.05 -1.14
N ASN U 868 -37.33 78.61 -2.38
CA ASN U 868 -37.69 77.23 -2.66
C ASN U 868 -36.64 76.62 -3.57
N THR U 869 -36.42 75.32 -3.38
CA THR U 869 -35.47 74.60 -4.23
C THR U 869 -36.01 74.48 -5.65
N THR U 870 -37.26 74.07 -5.78
CA THR U 870 -37.89 74.05 -7.09
C THR U 870 -38.62 75.39 -7.26
N VAL U 871 -39.46 75.53 -8.28
CA VAL U 871 -40.06 76.82 -8.58
C VAL U 871 -41.18 77.17 -7.59
N GLY U 872 -41.84 76.18 -7.00
CA GLY U 872 -42.87 76.46 -6.02
C GLY U 872 -42.82 75.55 -4.82
N VAL U 873 -43.97 75.36 -4.18
CA VAL U 873 -44.04 74.43 -3.04
C VAL U 873 -43.96 73.01 -3.57
N PRO U 874 -43.06 72.18 -3.05
CA PRO U 874 -42.97 70.80 -3.54
C PRO U 874 -44.14 69.96 -3.08
N LEU U 875 -44.74 69.25 -4.02
CA LEU U 875 -45.86 68.35 -3.79
C LEU U 875 -45.48 66.96 -4.27
N ALA U 876 -45.71 65.96 -3.45
CA ALA U 876 -45.35 64.59 -3.79
C ALA U 876 -46.55 63.83 -4.29
N LEU U 877 -46.32 62.89 -5.20
CA LEU U 877 -47.37 62.08 -5.77
C LEU U 877 -46.88 60.64 -5.84
N ASP U 878 -47.83 59.72 -5.81
CA ASP U 878 -47.49 58.30 -5.94
C ASP U 878 -47.52 57.94 -7.42
N ALA U 879 -46.44 57.33 -7.90
CA ALA U 879 -46.40 56.90 -9.29
C ALA U 879 -47.27 55.70 -9.54
N ARG U 880 -47.56 54.91 -8.51
CA ARG U 880 -48.39 53.71 -8.64
C ARG U 880 -49.79 54.05 -9.13
N ALA U 881 -50.48 54.93 -8.42
CA ALA U 881 -51.85 55.24 -8.78
C ALA U 881 -51.96 56.21 -9.94
N ILE U 882 -50.86 56.82 -10.39
CA ILE U 882 -50.88 57.47 -11.69
C ILE U 882 -50.78 56.42 -12.79
N THR U 883 -49.93 55.40 -12.58
CA THR U 883 -49.67 54.41 -13.62
C THR U 883 -50.88 53.51 -13.85
N VAL U 884 -51.52 53.05 -12.78
CA VAL U 884 -52.68 52.19 -12.97
C VAL U 884 -53.87 52.97 -13.51
N ALA U 885 -53.96 54.27 -13.20
CA ALA U 885 -54.97 55.12 -13.81
C ALA U 885 -54.70 55.34 -15.29
N LEU U 886 -53.45 55.39 -15.70
CA LEU U 886 -53.15 55.40 -17.14
C LEU U 886 -53.51 54.08 -17.78
N LEU U 887 -53.14 52.96 -17.15
CA LEU U 887 -53.31 51.65 -17.74
C LEU U 887 -54.76 51.19 -17.81
N SER U 888 -55.65 51.73 -16.98
CA SER U 888 -57.02 51.22 -16.94
C SER U 888 -58.00 52.38 -16.90
N GLY U 889 -58.72 52.60 -18.00
CA GLY U 889 -59.71 53.65 -18.05
C GLY U 889 -60.66 53.50 -19.22
N LYS U 890 -61.96 53.68 -18.97
CA LYS U 890 -62.95 53.47 -20.01
C LYS U 890 -64.06 54.51 -19.88
N TYR U 891 -64.85 54.62 -20.93
CA TYR U 891 -66.01 55.49 -21.04
C TYR U 891 -67.29 54.72 -20.74
N PRO U 892 -68.39 55.40 -20.46
CA PRO U 892 -69.68 54.72 -20.45
C PRO U 892 -70.07 54.28 -21.84
N PRO U 893 -70.80 53.17 -21.98
CA PRO U 893 -71.12 52.64 -23.31
C PRO U 893 -72.23 53.36 -24.05
N ASP U 894 -72.69 54.52 -23.60
CA ASP U 894 -73.59 55.37 -24.38
C ASP U 894 -73.18 56.83 -24.20
N LEU U 895 -71.89 57.08 -24.30
CA LEU U 895 -71.35 58.41 -24.09
C LEU U 895 -71.66 59.29 -25.29
N VAL U 896 -72.44 60.33 -25.07
CA VAL U 896 -72.68 61.38 -26.06
C VAL U 896 -72.19 62.69 -25.44
N THR U 897 -71.24 63.34 -26.10
CA THR U 897 -70.58 64.50 -25.51
C THR U 897 -71.53 65.69 -25.40
N ASN U 898 -72.36 65.90 -26.42
CA ASN U 898 -73.28 67.04 -26.40
C ASN U 898 -74.39 66.89 -25.40
N VAL U 899 -74.58 65.70 -24.83
CA VAL U 899 -75.49 65.54 -23.70
C VAL U 899 -74.75 65.61 -22.38
N TRP U 900 -73.63 64.88 -22.28
CA TRP U 900 -72.88 64.80 -21.03
C TRP U 900 -72.32 66.15 -20.61
N TYR U 901 -71.68 66.86 -21.53
CA TYR U 901 -71.07 68.13 -21.14
C TYR U 901 -72.11 69.23 -20.98
N ALA U 902 -73.18 69.21 -21.78
CA ALA U 902 -74.24 70.18 -21.57
C ALA U 902 -75.01 69.92 -20.28
N ASP U 903 -74.95 68.72 -19.75
CA ASP U 903 -75.54 68.46 -18.45
C ASP U 903 -74.57 68.72 -17.32
N ALA U 904 -73.27 68.57 -17.53
CA ALA U 904 -72.30 68.80 -16.47
C ALA U 904 -71.93 70.27 -16.31
N ILE U 905 -72.02 71.05 -17.39
CA ILE U 905 -71.66 72.46 -17.34
C ILE U 905 -72.71 73.27 -16.60
N TYR U 906 -73.98 72.86 -16.69
CA TYR U 906 -75.07 73.70 -16.18
C TYR U 906 -75.10 73.90 -14.66
N PRO U 907 -75.00 72.88 -13.79
CA PRO U 907 -75.08 73.19 -12.36
C PRO U 907 -73.85 73.87 -11.79
N MET U 908 -72.72 73.87 -12.50
CA MET U 908 -71.57 74.61 -12.00
C MET U 908 -71.47 76.02 -12.56
N TYR U 909 -72.10 76.31 -13.69
CA TYR U 909 -72.29 77.71 -14.05
C TYR U 909 -73.45 78.33 -13.28
N ALA U 910 -74.39 77.52 -12.81
CA ALA U 910 -75.50 78.07 -12.03
C ALA U 910 -75.09 78.45 -10.63
N ASP U 911 -73.87 78.11 -10.22
CA ASP U 911 -73.35 78.51 -8.91
C ASP U 911 -72.02 79.22 -9.16
N THR U 912 -72.01 80.17 -10.07
CA THR U 912 -70.81 80.95 -10.31
C THR U 912 -70.69 82.07 -9.29
N GLU U 913 -69.45 82.52 -9.07
CA GLU U 913 -69.17 83.65 -8.20
C GLU U 913 -68.15 84.59 -8.83
N VAL U 914 -67.88 84.41 -10.13
CA VAL U 914 -66.99 85.29 -10.87
C VAL U 914 -67.51 86.72 -10.87
N PHE U 915 -68.83 86.88 -10.85
CA PHE U 915 -69.42 88.20 -10.79
C PHE U 915 -69.18 88.89 -9.45
N SER U 916 -68.95 88.15 -8.38
CA SER U 916 -68.53 88.78 -7.13
C SER U 916 -67.02 88.96 -7.07
N ASN U 917 -66.26 88.03 -7.64
CA ASN U 917 -64.81 88.17 -7.64
C ASN U 917 -64.32 89.29 -8.54
N LEU U 918 -65.13 89.71 -9.51
CA LEU U 918 -64.80 90.91 -10.25
C LEU U 918 -64.96 92.16 -9.39
N GLN U 919 -66.02 92.19 -8.58
CA GLN U 919 -66.26 93.37 -7.74
C GLN U 919 -65.27 93.47 -6.61
N ARG U 920 -64.74 92.34 -6.15
CA ARG U 920 -63.77 92.35 -5.06
C ARG U 920 -62.45 93.01 -5.47
N ASP U 921 -62.10 92.93 -6.74
CA ASP U 921 -60.77 93.35 -7.17
C ASP U 921 -60.63 94.86 -7.35
N VAL U 922 -61.74 95.57 -7.58
CA VAL U 922 -61.74 97.02 -7.49
C VAL U 922 -61.30 97.47 -6.11
N ILE U 923 -61.88 96.84 -5.08
CA ILE U 923 -61.55 97.20 -3.71
C ILE U 923 -60.12 96.79 -3.36
N THR U 924 -59.64 95.68 -3.93
CA THR U 924 -58.26 95.26 -3.67
C THR U 924 -57.25 96.23 -4.29
N CYS U 925 -57.43 96.60 -5.56
CA CYS U 925 -56.54 97.57 -6.19
C CYS U 925 -56.64 98.95 -5.53
N GLU U 926 -57.84 99.34 -5.10
CA GLU U 926 -58.00 100.63 -4.44
C GLU U 926 -57.32 100.63 -3.08
N ALA U 927 -57.34 99.50 -2.37
CA ALA U 927 -56.65 99.42 -1.10
C ALA U 927 -55.14 99.45 -1.27
N VAL U 928 -54.62 98.82 -2.32
CA VAL U 928 -53.20 98.91 -2.62
C VAL U 928 -52.79 100.36 -2.89
N GLN U 929 -53.58 101.08 -3.70
CA GLN U 929 -53.23 102.46 -4.00
C GLN U 929 -53.38 103.38 -2.78
N THR U 930 -54.38 103.12 -1.94
CA THR U 930 -54.57 103.90 -0.74
C THR U 930 -53.43 103.72 0.25
N LEU U 931 -52.93 102.49 0.39
CA LEU U 931 -51.75 102.29 1.23
C LEU U 931 -50.53 102.98 0.66
N VAL U 932 -50.28 102.83 -0.65
CA VAL U 932 -49.02 103.38 -1.17
C VAL U 932 -49.06 104.90 -1.26
N THR U 933 -50.24 105.51 -1.17
CA THR U 933 -50.27 106.96 -1.03
C THR U 933 -50.16 107.39 0.43
N LEU U 934 -50.96 106.80 1.31
CA LEU U 934 -51.10 107.30 2.66
C LEU U 934 -49.91 106.94 3.56
N VAL U 935 -49.18 105.87 3.25
CA VAL U 935 -47.98 105.60 4.01
C VAL U 935 -46.86 106.52 3.56
N ALA U 936 -46.77 106.76 2.25
CA ALA U 936 -45.78 107.67 1.69
C ALA U 936 -46.00 109.11 2.12
N GLN U 937 -47.22 109.47 2.55
CA GLN U 937 -47.42 110.79 3.14
C GLN U 937 -46.61 111.00 4.41
N ILE U 938 -46.44 109.97 5.23
CA ILE U 938 -45.77 110.14 6.52
C ILE U 938 -44.34 109.61 6.55
N SER U 939 -43.99 108.65 5.70
CA SER U 939 -42.62 108.15 5.68
C SER U 939 -41.82 108.85 4.59
N GLU U 940 -40.54 108.51 4.52
CA GLU U 940 -39.69 108.99 3.44
C GLU U 940 -39.49 107.88 2.42
N THR U 941 -39.73 108.21 1.16
CA THR U 941 -39.65 107.27 0.05
C THR U 941 -39.59 108.07 -1.24
N GLN U 942 -39.66 107.37 -2.37
CA GLN U 942 -39.60 108.03 -3.66
C GLN U 942 -40.88 107.83 -4.45
N TYR U 943 -42.02 108.02 -3.80
CA TYR U 943 -43.32 108.04 -4.47
C TYR U 943 -43.89 109.45 -4.33
N PRO U 944 -43.58 110.36 -5.24
CA PRO U 944 -44.05 111.75 -5.10
C PRO U 944 -45.48 111.94 -5.59
N VAL U 945 -46.38 112.20 -4.65
CA VAL U 945 -47.74 112.64 -4.98
C VAL U 945 -48.06 113.88 -4.12
N ASP U 946 -47.68 115.05 -4.64
CA ASP U 946 -48.32 116.35 -4.45
C ASP U 946 -48.27 116.97 -3.07
N ARG U 947 -47.99 116.17 -2.02
CA ARG U 947 -47.61 116.53 -0.64
C ARG U 947 -48.36 117.74 -0.07
N TYR U 948 -49.66 117.61 0.18
CA TYR U 948 -50.44 118.80 0.53
C TYR U 948 -50.17 119.25 1.97
N LEU U 949 -50.43 118.40 2.96
CA LEU U 949 -50.30 118.83 4.34
C LEU U 949 -48.92 118.48 4.87
N ASP U 950 -48.18 119.51 5.28
CA ASP U 950 -46.86 119.39 5.88
C ASP U 950 -46.72 120.17 7.17
N TRP U 951 -47.52 121.21 7.37
CA TRP U 951 -47.42 122.05 8.55
C TRP U 951 -47.80 121.30 9.82
N ILE U 952 -48.62 120.28 9.70
CA ILE U 952 -48.87 119.37 10.82
C ILE U 952 -47.61 118.56 11.08
N PRO U 953 -47.07 118.58 12.30
CA PRO U 953 -45.79 117.92 12.55
C PRO U 953 -45.95 116.41 12.70
N SER U 954 -44.87 115.71 12.39
CA SER U 954 -44.80 114.26 12.57
C SER U 954 -43.34 113.85 12.65
N LEU U 955 -43.12 112.54 12.57
CA LEU U 955 -41.79 111.95 12.58
C LEU U 955 -41.66 111.02 11.40
N ARG U 956 -40.43 110.84 10.94
CA ARG U 956 -40.16 109.93 9.83
C ARG U 956 -40.34 108.51 10.32
N ALA U 957 -41.50 107.93 10.00
CA ALA U 957 -41.92 106.68 10.62
C ALA U 957 -41.11 105.51 10.09
N SER U 958 -40.71 104.63 11.00
CA SER U 958 -39.99 103.43 10.63
C SER U 958 -40.99 102.32 10.33
N ALA U 959 -40.50 101.08 10.22
CA ALA U 959 -41.31 100.00 9.71
C ALA U 959 -42.38 99.57 10.71
N ALA U 960 -42.05 99.55 12.01
CA ALA U 960 -43.03 99.13 13.00
C ALA U 960 -44.13 100.16 13.18
N THR U 961 -43.84 101.44 12.91
CA THR U 961 -44.87 102.47 12.98
C THR U 961 -45.73 102.48 11.73
N ALA U 962 -45.09 102.41 10.55
CA ALA U 962 -45.83 102.40 9.30
C ALA U 962 -46.66 101.15 9.13
N ALA U 963 -46.23 100.03 9.70
CA ALA U 963 -46.99 98.80 9.57
C ALA U 963 -48.27 98.83 10.40
N THR U 964 -48.21 99.34 11.62
CA THR U 964 -49.44 99.44 12.40
C THR U 964 -50.34 100.54 11.89
N PHE U 965 -49.79 101.61 11.29
CA PHE U 965 -50.63 102.57 10.58
C PHE U 965 -51.34 101.93 9.39
N ALA U 966 -50.64 101.06 8.66
CA ALA U 966 -51.25 100.45 7.50
C ALA U 966 -52.26 99.37 7.87
N GLU U 967 -52.00 98.63 8.95
CA GLU U 967 -53.01 97.73 9.52
C GLU U 967 -54.24 98.50 9.95
N TRP U 968 -54.05 99.69 10.48
CA TRP U 968 -55.18 100.51 10.91
C TRP U 968 -55.92 101.14 9.74
N VAL U 969 -55.27 101.26 8.57
CA VAL U 969 -55.99 101.59 7.33
C VAL U 969 -56.80 100.39 6.84
N ASN U 970 -56.18 99.21 6.91
CA ASN U 970 -56.79 97.97 6.43
C ASN U 970 -58.07 97.65 7.18
N THR U 971 -58.02 97.70 8.50
CA THR U 971 -59.19 97.36 9.31
C THR U 971 -60.26 98.42 9.26
N SER U 972 -59.95 99.62 8.77
CA SER U 972 -60.98 100.61 8.47
C SER U 972 -61.66 100.35 7.14
N MET U 973 -60.90 99.99 6.10
CA MET U 973 -61.51 99.70 4.81
C MET U 973 -62.34 98.43 4.81
N LYS U 974 -61.92 97.38 5.52
CA LYS U 974 -62.74 96.19 5.64
C LYS U 974 -64.03 96.46 6.40
N THR U 975 -63.98 97.33 7.41
CA THR U 975 -65.18 97.73 8.13
C THR U 975 -66.11 98.52 7.23
N ALA U 976 -65.55 99.39 6.39
CA ALA U 976 -66.37 100.20 5.49
C ALA U 976 -67.02 99.37 4.39
N PHE U 977 -66.38 98.29 3.94
CA PHE U 977 -66.92 97.53 2.83
C PHE U 977 -67.46 96.16 3.19
N ASP U 978 -67.54 95.81 4.48
CA ASP U 978 -68.07 94.54 4.99
C ASP U 978 -67.28 93.35 4.42
N LEU U 979 -66.00 93.31 4.77
CA LEU U 979 -65.08 92.31 4.24
C LEU U 979 -64.45 91.56 5.40
N SER U 980 -64.87 90.31 5.59
CA SER U 980 -64.31 89.46 6.64
C SER U 980 -63.20 88.55 6.12
N ASP U 981 -63.05 88.43 4.81
CA ASP U 981 -61.95 87.69 4.22
C ASP U 981 -60.68 88.55 4.30
N MET U 982 -59.55 87.95 3.93
CA MET U 982 -58.31 88.72 3.85
C MET U 982 -58.38 89.73 2.72
N LEU U 983 -57.74 90.87 2.97
CA LEU U 983 -57.59 91.93 1.98
C LEU U 983 -56.45 92.79 2.49
N LEU U 984 -55.45 93.04 1.64
CA LEU U 984 -54.35 93.96 1.84
C LEU U 984 -53.37 93.49 2.94
N GLU U 985 -53.64 92.37 3.61
CA GLU U 985 -52.85 91.75 4.67
C GLU U 985 -51.51 91.13 4.26
N PRO U 986 -51.32 90.56 3.07
CA PRO U 986 -49.95 90.13 2.71
C PRO U 986 -48.96 91.25 2.47
N LEU U 987 -49.40 92.51 2.37
CA LEU U 987 -48.50 93.63 2.20
C LEU U 987 -48.00 94.19 3.51
N LEU U 988 -48.07 93.42 4.59
CA LEU U 988 -47.77 93.93 5.92
C LEU U 988 -46.67 93.18 6.65
N SER U 989 -46.38 91.94 6.28
CA SER U 989 -45.28 91.21 6.88
C SER U 989 -43.98 91.78 6.35
N GLY U 990 -43.42 92.75 7.06
CA GLY U 990 -42.15 93.31 6.67
C GLY U 990 -42.16 94.82 6.54
N ASP U 991 -41.86 95.33 5.36
CA ASP U 991 -41.72 96.75 5.16
C ASP U 991 -42.84 97.24 4.26
N PRO U 992 -43.87 97.91 4.80
CA PRO U 992 -44.94 98.45 3.96
C PRO U 992 -44.63 99.82 3.36
N ARG U 993 -43.43 100.35 3.56
CA ARG U 993 -43.03 101.56 2.85
C ARG U 993 -42.76 101.19 1.40
N MET U 994 -43.81 101.14 0.58
CA MET U 994 -43.72 100.56 -0.75
C MET U 994 -44.22 101.54 -1.79
N THR U 995 -43.89 101.25 -3.03
CA THR U 995 -44.28 102.08 -4.15
C THR U 995 -45.16 101.37 -5.16
N GLN U 996 -44.74 100.20 -5.66
CA GLN U 996 -45.45 99.61 -6.78
C GLN U 996 -45.25 98.10 -6.76
N LEU U 997 -46.33 97.36 -6.96
CA LEU U 997 -46.26 95.91 -7.00
C LEU U 997 -45.75 95.43 -8.34
N ALA U 998 -44.92 94.40 -8.31
CA ALA U 998 -44.44 93.74 -9.51
C ALA U 998 -44.11 92.30 -9.15
N ILE U 999 -43.96 91.47 -10.18
CA ILE U 999 -43.68 90.05 -9.99
C ILE U 999 -42.81 89.59 -11.15
N GLN U 1000 -41.83 88.74 -10.86
CA GLN U 1000 -40.89 88.32 -11.89
C GLN U 1000 -40.44 86.89 -11.64
N TYR U 1001 -40.03 86.23 -12.71
CA TYR U 1001 -39.26 85.01 -12.58
C TYR U 1001 -37.99 85.13 -13.40
N GLN U 1002 -37.04 84.24 -13.11
CA GLN U 1002 -35.85 84.11 -13.92
C GLN U 1002 -35.81 82.72 -14.52
N GLN U 1003 -35.21 82.62 -15.69
CA GLN U 1003 -34.93 81.33 -16.28
C GLN U 1003 -33.52 80.93 -15.86
N TYR U 1004 -32.96 79.87 -16.45
CA TYR U 1004 -31.71 79.35 -15.93
C TYR U 1004 -30.51 80.15 -16.39
N ASN U 1005 -30.53 80.68 -17.61
CA ASN U 1005 -29.32 81.32 -18.12
C ASN U 1005 -29.12 82.72 -17.60
N GLY U 1006 -29.96 83.21 -16.70
CA GLY U 1006 -29.77 84.48 -16.04
C GLY U 1006 -30.77 85.54 -16.43
N ARG U 1007 -31.39 85.44 -17.59
CA ARG U 1007 -32.36 86.44 -17.99
C ARG U 1007 -33.63 86.32 -17.17
N THR U 1008 -34.26 87.47 -16.94
CA THR U 1008 -35.50 87.53 -16.17
C THR U 1008 -36.63 88.05 -17.05
N PHE U 1009 -37.83 88.00 -16.52
CA PHE U 1009 -39.01 88.59 -17.15
C PHE U 1009 -39.76 89.36 -16.08
N ASN U 1010 -39.89 90.67 -16.27
CA ASN U 1010 -40.49 91.53 -15.28
C ASN U 1010 -41.84 92.02 -15.77
N VAL U 1011 -42.89 91.67 -15.05
CA VAL U 1011 -44.25 92.14 -15.33
C VAL U 1011 -44.58 93.21 -14.31
N ILE U 1012 -44.77 94.43 -14.77
CA ILE U 1012 -45.13 95.55 -13.91
C ILE U 1012 -46.54 95.97 -14.31
N PRO U 1013 -47.56 95.56 -13.55
CA PRO U 1013 -48.94 95.93 -13.90
C PRO U 1013 -49.18 97.42 -13.67
N GLU U 1014 -49.51 98.12 -14.75
CA GLU U 1014 -49.77 99.54 -14.67
C GLU U 1014 -51.06 99.80 -13.92
N MET U 1015 -51.23 101.03 -13.45
CA MET U 1015 -52.38 101.31 -12.64
C MET U 1015 -53.35 102.23 -13.35
N PRO U 1016 -54.64 102.01 -13.20
CA PRO U 1016 -55.63 102.99 -13.67
C PRO U 1016 -55.85 104.06 -12.61
N GLY U 1017 -56.83 104.93 -12.83
CA GLY U 1017 -57.17 105.90 -11.81
C GLY U 1017 -57.82 105.24 -10.61
N SER U 1018 -57.50 105.74 -9.43
CA SER U 1018 -58.09 105.29 -8.18
C SER U 1018 -58.93 106.42 -7.59
N VAL U 1019 -60.06 106.06 -7.00
CA VAL U 1019 -61.05 107.05 -6.61
C VAL U 1019 -60.91 107.47 -5.15
N ILE U 1020 -60.78 106.49 -4.24
CA ILE U 1020 -60.66 106.80 -2.82
C ILE U 1020 -59.37 107.55 -2.52
N ALA U 1021 -58.29 107.22 -3.23
CA ALA U 1021 -57.01 107.88 -2.99
C ALA U 1021 -57.02 109.35 -3.39
N ASP U 1022 -57.47 109.67 -4.60
CA ASP U 1022 -57.47 111.08 -4.94
C ASP U 1022 -58.64 111.84 -4.34
N CYS U 1023 -59.69 111.16 -3.85
CA CYS U 1023 -60.66 111.89 -3.03
C CYS U 1023 -60.11 112.21 -1.64
N VAL U 1024 -59.25 111.34 -1.08
CA VAL U 1024 -58.54 111.70 0.14
C VAL U 1024 -57.59 112.86 -0.12
N GLN U 1025 -56.96 112.88 -1.30
CA GLN U 1025 -56.11 114.01 -1.69
C GLN U 1025 -56.92 115.30 -1.83
N LEU U 1026 -58.14 115.20 -2.36
CA LEU U 1026 -59.00 116.37 -2.51
C LEU U 1026 -59.46 116.90 -1.15
N THR U 1027 -59.86 116.01 -0.25
CA THR U 1027 -60.26 116.50 1.06
C THR U 1027 -59.07 116.96 1.89
N ALA U 1028 -57.86 116.51 1.59
CA ALA U 1028 -56.69 117.11 2.21
C ALA U 1028 -56.45 118.52 1.69
N GLU U 1029 -56.67 118.74 0.39
CA GLU U 1029 -56.60 120.11 -0.14
C GLU U 1029 -57.66 121.01 0.48
N VAL U 1030 -58.85 120.48 0.75
CA VAL U 1030 -59.88 121.26 1.42
C VAL U 1030 -59.51 121.53 2.88
N PHE U 1031 -58.92 120.54 3.54
CA PHE U 1031 -58.49 120.69 4.92
C PHE U 1031 -57.38 121.71 5.08
N ASN U 1032 -56.52 121.87 4.06
CA ASN U 1032 -55.45 122.85 4.07
C ASN U 1032 -55.98 124.27 4.29
N HIS U 1033 -57.16 124.58 3.77
CA HIS U 1033 -57.76 125.89 4.01
C HIS U 1033 -58.79 125.88 5.11
N GLU U 1034 -59.38 124.74 5.43
CA GLU U 1034 -60.41 124.71 6.46
C GLU U 1034 -60.01 123.82 7.63
N TYR U 1035 -58.77 124.00 8.09
CA TYR U 1035 -58.29 123.32 9.30
C TYR U 1035 -59.11 123.63 10.54
N ASN U 1036 -59.71 124.84 10.59
CA ASN U 1036 -60.45 125.27 11.78
C ASN U 1036 -61.65 124.41 12.07
N LEU U 1037 -62.35 123.98 11.04
CA LEU U 1037 -63.65 123.34 11.22
C LEU U 1037 -63.51 121.93 11.76
N PHE U 1038 -62.34 121.33 11.67
CA PHE U 1038 -62.15 120.01 12.25
C PHE U 1038 -61.55 120.08 13.64
N GLY U 1039 -61.38 121.28 14.18
CA GLY U 1039 -60.84 121.43 15.51
C GLY U 1039 -59.34 121.57 15.62
N ILE U 1040 -58.63 121.60 14.50
CA ILE U 1040 -57.18 121.79 14.51
C ILE U 1040 -56.91 123.27 14.32
N ALA U 1041 -55.97 123.80 15.10
CA ALA U 1041 -55.53 125.16 14.91
C ALA U 1041 -54.12 125.18 14.33
N ARG U 1042 -53.88 126.16 13.45
CA ARG U 1042 -52.62 126.29 12.74
C ARG U 1042 -51.86 127.49 13.30
N GLY U 1043 -50.54 127.38 13.32
CA GLY U 1043 -49.70 128.43 13.84
C GLY U 1043 -49.12 128.03 15.17
N ASP U 1044 -49.06 128.96 16.11
CA ASP U 1044 -48.53 128.68 17.43
C ASP U 1044 -49.11 129.65 18.44
N ILE U 1045 -48.75 129.46 19.71
CA ILE U 1045 -49.33 130.22 20.80
C ILE U 1045 -48.24 131.04 21.48
N ILE U 1046 -48.68 132.02 22.25
CA ILE U 1046 -47.80 132.90 23.01
C ILE U 1046 -48.28 132.94 24.44
N ILE U 1047 -47.49 132.39 25.35
CA ILE U 1047 -47.83 132.35 26.77
C ILE U 1047 -47.32 133.64 27.39
N GLY U 1048 -48.23 134.53 27.76
CA GLY U 1048 -47.84 135.80 28.35
C GLY U 1048 -49.03 136.56 28.91
N ARG U 1049 -48.82 137.23 30.03
CA ARG U 1049 -49.93 137.89 30.73
C ARG U 1049 -50.36 139.15 30.00
N VAL U 1050 -51.66 139.31 29.82
CA VAL U 1050 -52.25 140.51 29.24
C VAL U 1050 -53.32 141.00 30.20
N GLN U 1051 -53.10 142.17 30.78
CA GLN U 1051 -54.02 142.78 31.73
C GLN U 1051 -54.74 143.92 31.02
N SER U 1052 -55.94 143.65 30.53
CA SER U 1052 -56.68 144.66 29.79
C SER U 1052 -58.17 144.39 29.92
N THR U 1053 -58.95 145.45 29.69
CA THR U 1053 -60.40 145.36 29.67
C THR U 1053 -60.94 145.33 28.25
N HIS U 1054 -60.09 145.11 27.25
CA HIS U 1054 -60.51 145.13 25.87
C HIS U 1054 -61.18 143.81 25.49
N LEU U 1055 -61.91 143.85 24.38
CA LEU U 1055 -62.72 142.73 23.90
C LEU U 1055 -62.22 142.38 22.51
N TRP U 1056 -61.29 141.44 22.40
CA TRP U 1056 -60.72 141.13 21.10
C TRP U 1056 -60.55 139.64 20.80
N SER U 1057 -61.12 138.75 21.63
CA SER U 1057 -61.28 137.34 21.32
C SER U 1057 -60.02 136.58 20.94
N PRO U 1058 -59.20 136.11 21.89
CA PRO U 1058 -57.89 135.55 21.55
C PRO U 1058 -57.86 134.28 20.69
N LEU U 1059 -58.48 134.36 19.52
CA LEU U 1059 -58.11 133.58 18.36
C LEU U 1059 -57.85 134.49 17.17
N ALA U 1060 -58.06 135.80 17.32
CA ALA U 1060 -57.73 136.78 16.29
C ALA U 1060 -57.05 137.95 16.97
N PRO U 1061 -55.75 137.83 17.24
CA PRO U 1061 -55.06 138.82 18.07
C PRO U 1061 -54.69 140.05 17.26
N PRO U 1062 -54.50 141.18 17.92
CA PRO U 1062 -53.94 142.35 17.22
C PRO U 1062 -52.44 142.17 17.04
N PRO U 1063 -51.82 142.90 16.10
CA PRO U 1063 -50.39 142.67 15.85
C PRO U 1063 -49.46 143.22 16.92
N ASP U 1064 -49.96 143.82 17.99
CA ASP U 1064 -49.08 144.30 19.05
C ASP U 1064 -48.50 143.14 19.85
N LEU U 1065 -49.33 142.16 20.19
CA LEU U 1065 -48.93 141.15 21.15
C LEU U 1065 -48.10 140.04 20.52
N VAL U 1066 -48.11 139.90 19.21
CA VAL U 1066 -47.37 138.83 18.57
C VAL U 1066 -45.98 139.33 18.16
N PHE U 1067 -45.07 138.38 17.99
CA PHE U 1067 -43.69 138.67 17.63
C PHE U 1067 -43.12 137.43 16.99
N ASP U 1068 -42.03 137.60 16.25
CA ASP U 1068 -41.43 136.48 15.56
C ASP U 1068 -39.91 136.67 15.53
N ARG U 1069 -39.25 135.91 14.66
CA ARG U 1069 -37.80 136.00 14.54
C ARG U 1069 -37.34 137.28 13.86
N ASP U 1070 -38.26 137.99 13.19
CA ASP U 1070 -37.93 139.29 12.62
C ASP U 1070 -38.00 140.41 13.63
N THR U 1071 -38.63 140.19 14.77
CA THR U 1071 -38.82 141.24 15.76
C THR U 1071 -37.49 141.51 16.47
N PRO U 1072 -37.08 142.77 16.61
CA PRO U 1072 -35.79 143.07 17.25
C PRO U 1072 -35.80 142.74 18.74
N GLY U 1073 -34.79 142.00 19.17
CA GLY U 1073 -34.62 141.71 20.58
C GLY U 1073 -35.41 140.50 21.04
N VAL U 1074 -35.41 139.45 20.24
CA VAL U 1074 -36.11 138.21 20.56
C VAL U 1074 -35.09 137.08 20.54
N HIS U 1075 -35.02 136.33 21.63
CA HIS U 1075 -34.01 135.29 21.79
C HIS U 1075 -34.55 133.94 21.36
N ILE U 1076 -33.85 133.29 20.44
CA ILE U 1076 -34.22 131.98 19.91
C ILE U 1076 -33.47 130.93 20.70
N PHE U 1077 -34.17 129.92 21.21
CA PHE U 1077 -33.53 128.92 22.07
C PHE U 1077 -33.51 127.58 21.34
N GLY U 1078 -32.31 127.01 21.21
CA GLY U 1078 -32.13 125.69 20.65
C GLY U 1078 -32.28 124.62 21.70
N ARG U 1079 -31.68 123.45 21.42
CA ARG U 1079 -31.88 122.31 22.31
C ARG U 1079 -31.09 122.45 23.61
N ASP U 1080 -29.86 122.94 23.55
CA ASP U 1080 -28.97 122.96 24.71
C ASP U 1080 -29.18 124.20 25.59
N CYS U 1081 -30.43 124.39 26.00
CA CYS U 1081 -30.78 125.44 26.94
C CYS U 1081 -30.43 124.98 28.35
N ARG U 1082 -29.56 125.71 29.01
CA ARG U 1082 -29.09 125.33 30.34
C ARG U 1082 -29.32 126.49 31.29
N ILE U 1083 -29.77 126.17 32.51
CA ILE U 1083 -30.16 127.17 33.49
C ILE U 1083 -29.14 127.16 34.62
N SER U 1084 -28.55 128.32 34.88
CA SER U 1084 -27.67 128.51 36.02
C SER U 1084 -28.36 129.40 37.03
N PHE U 1085 -28.34 129.01 38.30
CA PHE U 1085 -29.00 129.84 39.30
C PHE U 1085 -28.14 131.03 39.65
N GLY U 1086 -28.79 132.09 40.09
CA GLY U 1086 -28.09 133.28 40.53
C GLY U 1086 -27.56 133.11 41.95
N MET U 1087 -26.42 133.74 42.21
CA MET U 1087 -25.76 133.65 43.50
C MET U 1087 -25.74 135.01 44.17
N ASN U 1088 -26.19 135.04 45.44
CA ASN U 1088 -26.10 136.21 46.32
C ASN U 1088 -26.86 137.40 45.75
N GLY U 1089 -28.07 137.16 45.29
CA GLY U 1089 -28.91 138.21 44.79
C GLY U 1089 -28.77 138.50 43.32
N ALA U 1090 -28.28 137.55 42.53
CA ALA U 1090 -28.19 137.71 41.09
C ALA U 1090 -29.34 136.98 40.43
N ALA U 1091 -29.68 137.42 39.23
CA ALA U 1091 -30.80 136.80 38.55
C ALA U 1091 -30.36 135.49 37.89
N PRO U 1092 -31.17 134.45 37.95
CA PRO U 1092 -30.84 133.21 37.25
C PRO U 1092 -30.97 133.38 35.74
N MET U 1093 -30.09 132.72 35.01
CA MET U 1093 -29.97 132.95 33.57
C MET U 1093 -30.09 131.65 32.80
N ILE U 1094 -30.34 131.78 31.50
CA ILE U 1094 -30.51 130.65 30.60
C ILE U 1094 -29.78 130.96 29.29
N ARG U 1095 -29.30 129.91 28.64
CA ARG U 1095 -28.47 130.03 27.45
C ARG U 1095 -29.33 129.95 26.19
N ASP U 1096 -29.10 130.87 25.26
CA ASP U 1096 -29.80 130.86 23.99
C ASP U 1096 -29.05 129.99 22.99
N GLU U 1097 -29.40 130.09 21.71
CA GLU U 1097 -28.71 129.27 20.71
C GLU U 1097 -27.30 129.77 20.42
N THR U 1098 -27.07 131.08 20.50
CA THR U 1098 -25.79 131.65 20.15
C THR U 1098 -24.81 131.69 21.32
N GLY U 1099 -25.18 131.09 22.45
CA GLY U 1099 -24.27 130.92 23.56
C GLY U 1099 -24.43 131.92 24.68
N MET U 1100 -25.13 133.02 24.45
CA MET U 1100 -25.23 134.07 25.46
C MET U 1100 -26.22 133.69 26.55
N MET U 1101 -25.95 134.16 27.75
CA MET U 1101 -26.82 133.92 28.89
C MET U 1101 -27.75 135.11 29.06
N VAL U 1102 -29.05 134.85 29.12
CA VAL U 1102 -30.05 135.92 29.21
C VAL U 1102 -30.86 135.74 30.48
N PRO U 1103 -31.35 136.82 31.10
CA PRO U 1103 -32.17 136.68 32.30
C PRO U 1103 -33.57 136.22 31.96
N PHE U 1104 -34.33 135.87 32.99
CA PHE U 1104 -35.70 135.40 32.83
C PHE U 1104 -36.61 136.60 32.59
N GLU U 1105 -36.56 137.11 31.36
CA GLU U 1105 -37.18 138.39 31.04
C GLU U 1105 -37.26 138.51 29.52
N GLY U 1106 -38.33 139.12 29.04
CA GLY U 1106 -38.42 139.49 27.65
C GLY U 1106 -39.26 138.54 26.81
N ASN U 1107 -38.94 138.52 25.52
CA ASN U 1107 -39.67 137.75 24.53
C ASN U 1107 -38.81 136.60 24.05
N TRP U 1108 -39.29 135.37 24.22
CA TRP U 1108 -38.54 134.18 23.89
C TRP U 1108 -39.27 133.39 22.81
N ILE U 1109 -38.58 132.41 22.23
CA ILE U 1109 -39.17 131.47 21.29
C ILE U 1109 -38.73 130.06 21.70
N PHE U 1110 -39.60 129.32 22.31
CA PHE U 1110 -39.27 127.92 22.40
C PHE U 1110 -39.75 127.19 21.17
N PRO U 1111 -39.16 126.05 20.84
CA PRO U 1111 -39.91 124.97 20.24
C PRO U 1111 -40.55 124.12 21.33
N LEU U 1112 -41.61 123.43 20.96
CA LEU U 1112 -42.37 122.65 21.93
C LEU U 1112 -41.58 121.46 22.48
N ALA U 1113 -40.61 120.97 21.72
CA ALA U 1113 -39.77 119.88 22.18
C ALA U 1113 -38.98 120.22 23.42
N LEU U 1114 -38.59 121.49 23.62
CA LEU U 1114 -37.86 121.88 24.83
C LEU U 1114 -38.72 121.72 26.08
N TRP U 1115 -39.94 122.25 26.03
CA TRP U 1115 -40.86 122.10 27.15
C TRP U 1115 -41.21 120.63 27.38
N GLN U 1116 -41.32 119.84 26.32
CA GLN U 1116 -41.59 118.42 26.57
C GLN U 1116 -40.39 117.68 27.12
N MET U 1117 -39.17 118.10 26.79
CA MET U 1117 -38.00 117.48 27.41
C MET U 1117 -37.92 117.82 28.89
N ASN U 1118 -38.09 119.10 29.22
CA ASN U 1118 -37.82 119.56 30.57
C ASN U 1118 -39.06 120.09 31.24
N THR U 1119 -40.18 119.40 31.05
CA THR U 1119 -41.29 119.56 31.98
C THR U 1119 -40.90 119.04 33.36
N ARG U 1120 -41.61 119.57 34.36
CA ARG U 1120 -41.41 119.44 35.81
C ARG U 1120 -40.15 120.14 36.31
N TYR U 1121 -39.31 120.62 35.40
CA TYR U 1121 -38.15 121.42 35.75
C TYR U 1121 -38.32 122.86 35.30
N PHE U 1122 -38.62 123.09 34.02
CA PHE U 1122 -38.97 124.43 33.57
C PHE U 1122 -40.24 124.90 34.25
N ASN U 1123 -41.14 123.97 34.56
CA ASN U 1123 -42.36 124.24 35.30
C ASN U 1123 -42.08 124.73 36.71
N GLN U 1124 -40.92 124.42 37.26
CA GLN U 1124 -40.59 124.90 38.60
C GLN U 1124 -40.19 126.36 38.59
N GLN U 1125 -39.28 126.75 37.71
CA GLN U 1125 -38.78 128.12 37.76
C GLN U 1125 -39.61 129.10 36.94
N PHE U 1126 -40.16 128.71 35.80
CA PHE U 1126 -40.74 129.69 34.89
C PHE U 1126 -42.10 130.22 35.34
N ASP U 1127 -42.81 129.50 36.22
CA ASP U 1127 -44.18 129.88 36.52
C ASP U 1127 -44.26 131.16 37.35
N ALA U 1128 -43.36 131.33 38.31
CA ALA U 1128 -43.37 132.54 39.12
C ALA U 1128 -42.96 133.76 38.32
N TRP U 1129 -42.26 133.58 37.20
CA TRP U 1129 -41.92 134.69 36.34
C TRP U 1129 -43.00 134.99 35.31
N ILE U 1130 -43.68 133.97 34.80
CA ILE U 1130 -44.78 134.20 33.87
C ILE U 1130 -45.97 134.82 34.58
N LYS U 1131 -46.29 134.32 35.78
CA LYS U 1131 -47.50 134.74 36.48
C LYS U 1131 -47.41 136.19 36.96
N THR U 1132 -46.24 136.65 37.35
CA THR U 1132 -46.09 137.98 37.93
C THR U 1132 -45.15 138.87 37.11
N GLY U 1133 -43.98 138.36 36.72
CA GLY U 1133 -43.00 139.16 36.03
C GLY U 1133 -43.31 139.42 34.57
N GLU U 1134 -42.28 139.56 33.77
CA GLU U 1134 -42.42 139.99 32.38
C GLU U 1134 -41.81 138.99 31.43
N LEU U 1135 -42.09 137.72 31.63
CA LEU U 1135 -41.64 136.67 30.73
C LEU U 1135 -42.78 136.28 29.79
N ARG U 1136 -42.50 136.30 28.48
CA ARG U 1136 -43.50 136.00 27.47
C ARG U 1136 -42.90 135.03 26.47
N ILE U 1137 -43.43 133.81 26.42
CA ILE U 1137 -42.82 132.70 25.71
C ILE U 1137 -43.70 132.31 24.54
N ARG U 1138 -43.10 132.16 23.36
CA ARG U 1138 -43.80 131.70 22.16
C ARG U 1138 -43.43 130.25 21.89
N ILE U 1139 -44.37 129.34 22.12
CA ILE U 1139 -44.17 127.92 21.88
C ILE U 1139 -44.52 127.62 20.43
N GLU U 1140 -43.53 127.46 19.57
CA GLU U 1140 -43.82 127.16 18.18
C GLU U 1140 -44.11 125.67 18.01
N MET U 1141 -45.28 125.35 17.46
CA MET U 1141 -45.69 123.96 17.35
C MET U 1141 -46.37 123.57 16.05
N GLY U 1142 -46.85 124.51 15.24
CA GLY U 1142 -47.46 124.14 13.97
C GLY U 1142 -48.93 123.80 14.05
N ALA U 1143 -49.28 122.77 14.80
CA ALA U 1143 -50.66 122.30 14.89
C ALA U 1143 -50.99 121.95 16.33
N TYR U 1144 -52.23 122.23 16.74
CA TYR U 1144 -52.64 121.87 18.08
C TYR U 1144 -54.16 121.78 18.13
N PRO U 1145 -54.70 120.88 18.93
CA PRO U 1145 -56.14 120.92 19.22
C PRO U 1145 -56.45 122.05 20.18
N TYR U 1146 -57.70 122.49 20.17
CA TYR U 1146 -58.09 123.58 21.05
C TYR U 1146 -59.48 123.31 21.60
N MET U 1147 -59.75 123.90 22.76
CA MET U 1147 -61.10 123.95 23.29
C MET U 1147 -61.32 125.34 23.88
N LEU U 1148 -62.57 125.79 23.82
CA LEU U 1148 -62.91 127.14 24.22
C LEU U 1148 -63.51 127.15 25.62
N HIS U 1149 -63.48 128.32 26.24
CA HIS U 1149 -64.12 128.53 27.53
C HIS U 1149 -64.70 129.94 27.50
N TYR U 1150 -66.01 130.04 27.26
CA TYR U 1150 -66.64 131.34 27.17
C TYR U 1150 -66.84 131.89 28.57
N TYR U 1151 -66.66 133.20 28.72
CA TYR U 1151 -66.85 133.87 30.00
C TYR U 1151 -67.70 135.11 29.83
N ASP U 1152 -68.34 135.51 30.92
CA ASP U 1152 -69.08 136.75 30.95
C ASP U 1152 -68.10 137.91 30.99
N PRO U 1153 -68.11 138.82 30.02
CA PRO U 1153 -67.15 139.92 30.01
C PRO U 1153 -67.51 141.10 30.89
N ARG U 1154 -68.48 140.97 31.80
CA ARG U 1154 -68.76 142.00 32.78
C ARG U 1154 -68.49 141.53 34.20
N GLN U 1155 -67.73 140.44 34.35
CA GLN U 1155 -67.26 139.97 35.63
C GLN U 1155 -65.76 139.68 35.54
N TYR U 1156 -65.16 139.46 36.69
CA TYR U 1156 -63.72 139.22 36.76
C TYR U 1156 -63.39 137.83 36.25
N ALA U 1157 -62.25 137.71 35.57
CA ALA U 1157 -61.86 136.44 34.98
C ALA U 1157 -60.35 136.29 35.01
N ASN U 1158 -59.88 135.19 35.57
CA ASN U 1158 -58.46 134.88 35.65
C ASN U 1158 -58.22 133.59 34.90
N ALA U 1159 -57.30 133.63 33.93
CA ALA U 1159 -57.01 132.46 33.11
C ALA U 1159 -55.85 131.65 33.66
N TRP U 1160 -55.37 131.95 34.86
CA TRP U 1160 -54.20 131.24 35.37
C TRP U 1160 -54.53 129.82 35.78
N ASN U 1161 -55.73 129.59 36.33
CA ASN U 1161 -56.10 128.25 36.76
C ASN U 1161 -56.31 127.31 35.59
N LEU U 1162 -56.56 127.84 34.39
CA LEU U 1162 -56.59 127.03 33.18
C LEU U 1162 -55.20 126.91 32.56
N THR U 1163 -54.45 128.01 32.54
CA THR U 1163 -53.14 128.01 31.88
C THR U 1163 -52.13 127.15 32.61
N SER U 1164 -52.07 127.27 33.93
CA SER U 1164 -51.15 126.46 34.71
C SER U 1164 -51.56 125.00 34.71
N ALA U 1165 -52.86 124.72 34.67
CA ALA U 1165 -53.31 123.33 34.55
C ALA U 1165 -52.98 122.75 33.19
N TRP U 1166 -52.93 123.58 32.15
CA TRP U 1166 -52.43 123.11 30.88
C TRP U 1166 -50.92 122.87 30.92
N LEU U 1167 -50.19 123.73 31.62
CA LEU U 1167 -48.73 123.59 31.66
C LEU U 1167 -48.25 122.42 32.51
N GLU U 1168 -49.00 122.07 33.57
CA GLU U 1168 -48.56 120.99 34.44
C GLU U 1168 -48.71 119.62 33.79
N GLU U 1169 -49.49 119.51 32.73
CA GLU U 1169 -49.86 118.20 32.19
C GLU U 1169 -49.12 117.83 30.93
N ILE U 1170 -48.17 118.65 30.47
CA ILE U 1170 -47.45 118.34 29.25
C ILE U 1170 -46.36 117.34 29.61
N THR U 1171 -46.63 116.07 29.40
CA THR U 1171 -45.74 114.94 29.60
C THR U 1171 -44.88 114.78 28.34
N PRO U 1172 -43.75 114.06 28.41
CA PRO U 1172 -42.90 113.91 27.21
C PRO U 1172 -43.54 113.23 26.00
N THR U 1173 -44.60 112.43 26.17
CA THR U 1173 -45.20 111.76 25.02
C THR U 1173 -46.56 112.31 24.64
N SER U 1174 -47.05 113.34 25.32
CA SER U 1174 -48.39 113.80 25.03
C SER U 1174 -48.56 115.24 25.47
N ILE U 1175 -49.61 115.87 24.94
CA ILE U 1175 -49.94 117.24 25.32
C ILE U 1175 -51.46 117.36 25.37
N PRO U 1176 -52.03 118.03 26.36
CA PRO U 1176 -53.48 118.27 26.37
C PRO U 1176 -53.84 119.43 25.47
N SER U 1177 -55.14 119.52 25.16
CA SER U 1177 -55.62 120.51 24.23
C SER U 1177 -55.56 121.90 24.84
N VAL U 1178 -55.22 122.88 24.01
CA VAL U 1178 -54.90 124.22 24.48
C VAL U 1178 -56.17 124.95 24.89
N PRO U 1179 -56.30 125.38 26.14
CA PRO U 1179 -57.53 126.06 26.56
C PRO U 1179 -57.50 127.55 26.25
N PHE U 1180 -58.54 128.04 25.58
CA PHE U 1180 -58.68 129.45 25.30
C PHE U 1180 -59.83 130.04 26.10
N MET U 1181 -59.72 131.32 26.41
CA MET U 1181 -60.69 132.03 27.23
C MET U 1181 -61.16 133.23 26.42
N VAL U 1182 -62.20 133.04 25.64
CA VAL U 1182 -62.68 134.06 24.70
C VAL U 1182 -64.03 134.59 25.18
N PRO U 1183 -64.33 135.87 24.99
CA PRO U 1183 -65.51 136.45 25.62
C PRO U 1183 -66.80 136.19 24.85
N ILE U 1184 -67.90 136.53 25.50
CA ILE U 1184 -69.23 136.36 24.95
C ILE U 1184 -69.70 137.71 24.42
N SER U 1185 -70.10 137.75 23.15
CA SER U 1185 -70.65 138.97 22.59
C SER U 1185 -72.04 139.23 23.14
N SER U 1186 -72.50 140.47 22.99
CA SER U 1186 -73.77 140.88 23.57
C SER U 1186 -74.53 141.74 22.59
N ASP U 1187 -75.79 142.03 22.94
CA ASP U 1187 -76.62 142.90 22.13
C ASP U 1187 -76.54 144.34 22.60
N HIS U 1188 -76.94 144.58 23.84
CA HIS U 1188 -76.83 145.88 24.48
C HIS U 1188 -75.42 146.09 25.02
N ASP U 1189 -75.08 147.34 25.29
CA ASP U 1189 -73.77 147.65 25.84
C ASP U 1189 -73.69 147.22 27.29
N ILE U 1190 -72.50 146.80 27.70
CA ILE U 1190 -72.32 146.18 29.01
C ILE U 1190 -71.31 146.95 29.85
N SER U 1191 -71.08 146.47 31.05
CA SER U 1191 -70.09 147.04 31.94
C SER U 1191 -68.72 146.45 31.66
N SER U 1192 -67.69 147.28 31.78
CA SER U 1192 -66.32 146.87 31.53
C SER U 1192 -65.70 146.33 32.82
N ALA U 1193 -65.17 145.11 32.76
CA ALA U 1193 -64.52 144.44 33.86
C ALA U 1193 -63.12 144.00 33.45
N PRO U 1194 -62.17 143.97 34.37
CA PRO U 1194 -60.81 143.57 34.01
C PRO U 1194 -60.72 142.08 33.76
N ALA U 1195 -59.91 141.71 32.78
CA ALA U 1195 -59.74 140.32 32.39
C ALA U 1195 -58.26 140.00 32.30
N VAL U 1196 -57.91 138.81 32.78
CA VAL U 1196 -56.52 138.35 32.77
C VAL U 1196 -56.43 137.18 31.80
N GLN U 1197 -55.56 137.30 30.81
CA GLN U 1197 -55.38 136.28 29.79
C GLN U 1197 -53.91 135.94 29.65
N TYR U 1198 -53.63 134.67 29.43
CA TYR U 1198 -52.25 134.21 29.30
C TYR U 1198 -51.96 133.58 27.96
N ILE U 1199 -52.85 132.76 27.42
CA ILE U 1199 -52.61 132.04 26.18
C ILE U 1199 -53.38 132.74 25.07
N ILE U 1200 -52.67 133.20 24.06
CA ILE U 1200 -53.29 133.77 22.86
C ILE U 1200 -52.76 133.03 21.65
N SER U 1201 -53.48 133.13 20.55
CA SER U 1201 -53.04 132.54 19.30
C SER U 1201 -52.17 133.53 18.54
N THR U 1202 -51.67 133.11 17.38
CA THR U 1202 -50.81 133.95 16.57
C THR U 1202 -51.53 134.50 15.34
N GLU U 1203 -52.11 133.63 14.54
CA GLU U 1203 -52.81 134.03 13.33
C GLU U 1203 -54.31 133.92 13.55
N TYR U 1204 -55.07 134.16 12.47
CA TYR U 1204 -56.52 134.10 12.53
C TYR U 1204 -56.96 132.67 12.73
N ASN U 1205 -57.91 132.46 13.64
CA ASN U 1205 -58.10 131.08 14.07
C ASN U 1205 -59.57 130.74 14.30
N ASP U 1206 -60.50 131.48 13.74
CA ASP U 1206 -61.89 131.03 13.75
C ASP U 1206 -62.54 131.31 12.39
N ARG U 1207 -62.37 130.36 11.49
CA ARG U 1207 -63.29 130.22 10.38
C ARG U 1207 -64.43 129.29 10.75
N SER U 1208 -64.36 128.69 11.93
CA SER U 1208 -65.43 127.86 12.44
C SER U 1208 -66.59 128.70 12.95
N LEU U 1209 -66.33 129.93 13.35
CA LEU U 1209 -67.36 130.80 13.90
C LEU U 1209 -68.36 131.19 12.82
N PHE U 1210 -69.64 130.89 13.05
CA PHE U 1210 -70.66 131.12 12.04
C PHE U 1210 -71.32 132.49 12.20
N CYS U 1211 -71.94 132.75 13.33
CA CYS U 1211 -72.57 134.04 13.56
C CYS U 1211 -72.65 134.33 15.05
N THR U 1212 -72.55 135.61 15.38
CA THR U 1212 -72.66 136.08 16.76
C THR U 1212 -73.94 136.88 16.90
N ASN U 1213 -74.76 136.50 17.89
CA ASN U 1213 -76.05 137.14 18.21
C ASN U 1213 -76.98 137.13 17.00
N SER U 1214 -77.32 135.93 16.55
CA SER U 1214 -78.12 135.80 15.33
C SER U 1214 -79.62 135.87 15.60
N SER U 1215 -80.03 136.85 16.38
CA SER U 1215 -81.43 137.24 16.45
C SER U 1215 -81.60 138.75 16.59
N SER U 1216 -80.54 139.48 16.88
CA SER U 1216 -80.59 140.91 17.17
C SER U 1216 -80.41 141.70 15.90
N PRO U 1217 -80.65 143.02 15.94
CA PRO U 1217 -80.23 143.86 14.80
C PRO U 1217 -78.72 143.91 14.60
N GLN U 1218 -77.95 144.05 15.67
CA GLN U 1218 -76.51 144.16 15.53
C GLN U 1218 -75.84 143.73 16.83
N THR U 1219 -74.56 143.41 16.73
CA THR U 1219 -73.73 143.08 17.87
C THR U 1219 -72.89 144.29 18.22
N ILE U 1220 -73.16 144.90 19.36
CA ILE U 1220 -72.45 146.11 19.75
C ILE U 1220 -71.09 145.79 20.34
N ALA U 1221 -71.07 145.05 21.44
CA ALA U 1221 -69.82 144.76 22.15
C ALA U 1221 -69.46 143.30 22.00
N GLY U 1222 -68.18 143.04 21.75
CA GLY U 1222 -67.69 141.70 21.60
C GLY U 1222 -67.27 141.40 20.18
N PRO U 1223 -67.00 140.13 19.89
CA PRO U 1223 -66.69 139.75 18.51
C PRO U 1223 -67.92 139.85 17.63
N ASP U 1224 -67.72 140.45 16.46
CA ASP U 1224 -68.81 140.70 15.51
C ASP U 1224 -68.61 139.79 14.31
N LYS U 1225 -69.62 138.97 14.01
CA LYS U 1225 -69.52 138.06 12.87
C LYS U 1225 -70.90 137.87 12.28
N HIS U 1226 -71.08 138.34 11.05
CA HIS U 1226 -72.34 138.16 10.35
C HIS U 1226 -72.41 136.78 9.72
N ILE U 1227 -73.49 136.52 9.00
CA ILE U 1227 -73.64 135.25 8.27
C ILE U 1227 -72.62 135.21 7.13
N PRO U 1228 -71.83 134.15 6.99
CA PRO U 1228 -70.86 134.10 5.90
C PRO U 1228 -71.51 133.99 4.54
N VAL U 1229 -71.46 135.10 3.79
CA VAL U 1229 -72.14 135.19 2.52
C VAL U 1229 -71.44 134.37 1.45
N GLU U 1230 -70.15 134.10 1.61
CA GLU U 1230 -69.41 133.34 0.61
C GLU U 1230 -69.68 131.85 0.69
N ARG U 1231 -70.23 131.35 1.78
CA ARG U 1231 -70.60 129.95 1.83
C ARG U 1231 -71.95 129.71 1.18
N TYR U 1232 -72.83 130.71 1.20
CA TYR U 1232 -74.07 130.66 0.43
C TYR U 1232 -73.88 131.47 -0.83
N ASN U 1233 -73.14 130.86 -1.76
CA ASN U 1233 -72.63 131.58 -2.92
C ASN U 1233 -73.74 131.82 -3.93
N ILE U 1234 -74.43 130.75 -4.33
CA ILE U 1234 -75.28 130.82 -5.52
C ILE U 1234 -76.55 131.62 -5.31
N LEU U 1235 -76.96 131.86 -4.05
CA LEU U 1235 -78.11 132.74 -3.88
C LEU U 1235 -77.68 134.19 -4.04
N THR U 1236 -76.72 134.61 -3.24
CA THR U 1236 -76.37 136.02 -3.15
C THR U 1236 -75.61 136.51 -4.36
N ASN U 1237 -75.06 135.62 -5.18
CA ASN U 1237 -74.33 136.05 -6.37
C ASN U 1237 -75.28 136.03 -7.55
N PRO U 1238 -75.55 137.16 -8.19
CA PRO U 1238 -76.49 137.12 -9.32
C PRO U 1238 -75.89 136.51 -10.58
N ASP U 1239 -74.66 136.87 -10.95
CA ASP U 1239 -74.06 136.36 -12.19
C ASP U 1239 -73.21 135.12 -11.91
N ALA U 1240 -73.85 134.12 -11.31
CA ALA U 1240 -73.21 132.87 -11.00
C ALA U 1240 -74.06 131.75 -11.57
N PRO U 1241 -73.48 130.80 -12.30
CA PRO U 1241 -74.23 129.63 -12.71
C PRO U 1241 -74.47 128.73 -11.51
N PRO U 1242 -75.54 127.92 -11.53
CA PRO U 1242 -75.81 127.04 -10.38
C PRO U 1242 -74.78 125.96 -10.19
N THR U 1243 -74.08 125.55 -11.25
CA THR U 1243 -73.10 124.47 -11.14
C THR U 1243 -71.86 124.91 -10.38
N GLN U 1244 -71.52 126.20 -10.45
CA GLN U 1244 -70.20 126.67 -10.02
C GLN U 1244 -70.05 126.63 -8.50
N ILE U 1245 -68.91 126.12 -8.06
CA ILE U 1245 -68.48 126.15 -6.67
C ILE U 1245 -67.03 126.61 -6.64
N GLN U 1246 -66.56 126.94 -5.44
CA GLN U 1246 -65.12 127.07 -5.19
C GLN U 1246 -64.74 125.91 -4.27
N LEU U 1247 -63.99 124.97 -4.79
CA LEU U 1247 -63.79 123.76 -4.01
C LEU U 1247 -62.65 123.82 -2.99
N PRO U 1248 -61.39 124.25 -3.31
CA PRO U 1248 -60.37 124.16 -2.27
C PRO U 1248 -60.37 125.31 -1.28
N GLU U 1249 -60.84 126.49 -1.70
CA GLU U 1249 -60.69 127.69 -0.89
C GLU U 1249 -61.67 127.70 0.28
N VAL U 1250 -62.97 127.66 -0.01
CA VAL U 1250 -63.98 127.62 1.04
C VAL U 1250 -65.14 126.75 0.56
N VAL U 1251 -65.54 125.79 1.40
CA VAL U 1251 -66.63 124.90 1.02
C VAL U 1251 -67.93 125.69 1.04
N ASP U 1252 -68.86 125.31 0.17
CA ASP U 1252 -70.12 126.01 0.05
C ASP U 1252 -71.25 125.17 0.66
N LEU U 1253 -72.21 125.86 1.24
CA LEU U 1253 -73.48 125.24 1.61
C LEU U 1253 -74.51 125.60 0.55
N TYR U 1254 -75.64 124.87 0.55
CA TYR U 1254 -76.72 125.03 -0.43
C TYR U 1254 -76.20 124.80 -1.86
N ASN U 1255 -75.88 123.53 -2.14
CA ASN U 1255 -75.36 123.16 -3.44
C ASN U 1255 -76.46 122.56 -4.32
N VAL U 1256 -76.06 122.04 -5.48
CA VAL U 1256 -76.97 121.45 -6.44
C VAL U 1256 -76.64 119.96 -6.49
N VAL U 1257 -77.50 119.14 -5.90
CA VAL U 1257 -77.27 117.71 -5.85
C VAL U 1257 -78.27 117.01 -6.76
N THR U 1258 -77.79 116.04 -7.53
CA THR U 1258 -78.60 115.23 -8.42
C THR U 1258 -78.94 113.93 -7.73
N ARG U 1259 -80.21 113.55 -7.74
CA ARG U 1259 -80.67 112.36 -7.05
C ARG U 1259 -81.14 111.31 -8.04
N TYR U 1260 -80.85 110.05 -7.75
CA TYR U 1260 -81.13 108.96 -8.66
C TYR U 1260 -82.06 107.95 -8.02
N ALA U 1261 -82.56 107.03 -8.86
CA ALA U 1261 -83.38 105.91 -8.40
C ALA U 1261 -83.22 104.80 -9.42
N TYR U 1262 -82.43 103.79 -9.09
CA TYR U 1262 -82.04 102.78 -10.05
C TYR U 1262 -82.71 101.45 -9.75
N GLU U 1263 -82.50 100.50 -10.65
CA GLU U 1263 -82.76 99.10 -10.42
C GLU U 1263 -81.44 98.36 -10.28
N THR U 1264 -81.50 97.16 -9.72
CA THR U 1264 -80.37 96.24 -9.73
C THR U 1264 -80.94 94.84 -9.86
N PRO U 1265 -81.23 94.41 -11.08
CA PRO U 1265 -81.83 93.09 -11.26
C PRO U 1265 -80.80 92.00 -11.07
N PRO U 1266 -81.21 90.83 -10.61
CA PRO U 1266 -80.28 89.70 -10.54
C PRO U 1266 -79.96 89.19 -11.92
N ILE U 1267 -78.82 88.50 -12.01
CA ILE U 1267 -78.31 88.03 -13.29
C ILE U 1267 -79.12 86.81 -13.71
N THR U 1268 -79.95 86.98 -14.75
CA THR U 1268 -80.75 85.89 -15.28
C THR U 1268 -80.14 85.39 -16.57
N ALA U 1269 -80.42 84.13 -16.87
CA ALA U 1269 -79.93 83.48 -18.09
C ALA U 1269 -80.73 82.22 -18.35
N VAL U 1270 -81.16 82.05 -19.58
CA VAL U 1270 -81.73 80.80 -20.04
C VAL U 1270 -80.63 80.03 -20.75
N VAL U 1271 -80.36 78.82 -20.28
CA VAL U 1271 -79.23 78.03 -20.74
C VAL U 1271 -79.75 76.95 -21.67
N MET U 1272 -79.44 77.07 -22.95
CA MET U 1272 -80.00 76.22 -23.99
C MET U 1272 -78.94 75.27 -24.51
N GLY U 1273 -79.23 73.97 -24.45
CA GLY U 1273 -78.28 72.98 -24.92
C GLY U 1273 -78.11 72.99 -26.43
N VAL U 1274 -77.04 72.37 -26.88
CA VAL U 1274 -76.61 72.40 -28.28
C VAL U 1274 -76.62 70.97 -28.81
N PRO U 1275 -77.27 70.68 -29.94
CA PRO U 1275 -77.30 69.35 -30.55
C PRO U 1275 -75.92 68.87 -31.00
N GLN V 182 13.30 99.22 76.20
CA GLN V 182 14.02 98.11 75.61
C GLN V 182 15.43 98.52 75.21
N CYS V 183 16.19 97.57 74.68
CA CYS V 183 17.57 97.81 74.29
C CYS V 183 17.63 98.34 72.85
N HIS V 184 18.35 99.44 72.67
CA HIS V 184 18.56 100.02 71.34
C HIS V 184 19.83 99.53 70.67
N VAL V 185 20.66 98.74 71.36
CA VAL V 185 21.89 98.26 70.77
C VAL V 185 21.61 97.04 69.89
N CYS V 186 21.08 95.98 70.48
CA CYS V 186 20.83 94.74 69.77
C CYS V 186 19.36 94.57 69.38
N SER V 187 18.54 95.59 69.65
CA SER V 187 17.12 95.62 69.30
C SER V 187 16.34 94.46 69.92
N ALA V 188 16.53 94.24 71.21
CA ALA V 188 15.82 93.21 71.96
C ALA V 188 14.75 93.84 72.82
N VAL V 189 13.60 93.18 72.90
CA VAL V 189 12.49 93.66 73.71
C VAL V 189 12.67 93.15 75.13
N LEU V 190 12.83 94.06 76.08
CA LEU V 190 12.99 93.69 77.48
C LEU V 190 11.81 94.22 78.27
N PHE V 191 11.65 93.68 79.48
CA PHE V 191 10.46 93.92 80.28
C PHE V 191 10.75 94.70 81.55
N SER V 192 11.66 94.23 82.40
CA SER V 192 11.90 95.01 83.60
C SER V 192 13.17 95.84 83.47
N PRO V 193 13.28 96.98 84.17
CA PRO V 193 14.53 97.76 84.10
C PRO V 193 15.72 97.06 84.70
N LEU V 194 15.49 96.17 85.68
CA LEU V 194 16.56 95.28 86.12
C LEU V 194 17.00 94.36 85.00
N ASP V 195 16.08 93.92 84.16
CA ASP V 195 16.46 93.11 83.01
C ASP V 195 17.16 93.94 81.95
N LEU V 196 16.86 95.23 81.87
CA LEU V 196 17.61 96.11 80.97
C LEU V 196 19.05 96.27 81.45
N ASP V 197 19.23 96.48 82.76
CA ASP V 197 20.58 96.59 83.32
C ASP V 197 21.33 95.27 83.25
N ALA V 198 20.61 94.15 83.26
CA ALA V 198 21.24 92.86 83.05
C ALA V 198 21.59 92.62 81.58
N HIS V 199 20.78 93.16 80.67
CA HIS V 199 20.99 92.90 79.25
C HIS V 199 22.09 93.76 78.65
N VAL V 200 22.27 94.99 79.14
CA VAL V 200 23.38 95.81 78.66
C VAL V 200 24.72 95.35 79.19
N ALA V 201 24.73 94.49 80.22
CA ALA V 201 25.98 93.92 80.70
C ALA V 201 26.61 92.99 79.68
N SER V 202 25.81 92.38 78.82
CA SER V 202 26.35 91.57 77.74
C SER V 202 26.97 92.42 76.65
N HIS V 203 26.53 93.67 76.49
CA HIS V 203 27.15 94.58 75.54
C HIS V 203 28.32 95.34 76.14
N GLY V 204 28.45 95.35 77.47
CA GLY V 204 29.55 96.01 78.12
C GLY V 204 29.22 97.33 78.75
N LEU V 205 27.96 97.76 78.68
CA LEU V 205 27.53 98.98 79.34
C LEU V 205 27.22 98.67 80.80
N HIS V 206 27.84 99.42 81.70
CA HIS V 206 27.67 99.18 83.12
C HIS V 206 26.31 99.68 83.59
N GLY V 207 25.68 98.93 84.48
CA GLY V 207 24.39 99.29 85.03
C GLY V 207 24.25 98.96 86.50
N ARG V 218 22.77 83.55 83.82
CA ARG V 218 23.77 82.56 83.42
C ARG V 218 23.58 82.14 81.97
N HIS V 219 24.13 82.94 81.05
CA HIS V 219 24.02 82.68 79.63
C HIS V 219 25.41 82.42 79.06
N ILE V 220 25.44 81.92 77.83
CA ILE V 220 26.69 81.63 77.14
C ILE V 220 26.74 82.39 75.83
N THR V 221 25.74 82.19 74.98
CA THR V 221 25.59 82.98 73.76
C THR V 221 24.18 83.54 73.72
N GLU V 222 24.05 84.74 73.14
CA GLU V 222 22.77 85.44 73.03
C GLU V 222 22.64 86.01 71.63
N PHE V 223 21.99 85.27 70.73
CA PHE V 223 21.79 85.76 69.38
C PHE V 223 20.37 86.25 69.20
N ILE V 224 20.19 87.25 68.33
CA ILE V 224 18.88 87.78 68.01
C ILE V 224 18.80 87.99 66.50
N SER V 225 17.67 87.59 65.92
CA SER V 225 17.48 87.71 64.49
C SER V 225 16.97 89.09 64.11
N SER V 226 17.00 89.39 62.83
CA SER V 226 16.69 90.72 62.32
C SER V 226 15.36 90.81 61.62
N TRP V 227 14.87 89.73 61.04
CA TRP V 227 13.61 89.79 60.32
C TRP V 227 12.42 89.33 61.15
N GLN V 228 12.66 88.57 62.21
CA GLN V 228 11.60 88.03 63.04
C GLN V 228 11.89 88.34 64.50
N ASN V 229 11.02 87.83 65.37
CA ASN V 229 11.12 88.05 66.82
C ASN V 229 11.27 86.69 67.49
N HIS V 230 12.50 86.20 67.58
CA HIS V 230 12.77 84.97 68.30
C HIS V 230 14.23 84.94 68.73
N PRO V 231 14.56 85.41 69.93
CA PRO V 231 15.93 85.26 70.42
C PRO V 231 16.20 83.82 70.82
N ILE V 232 17.44 83.39 70.60
CA ILE V 232 17.88 82.05 70.98
C ILE V 232 19.09 82.19 71.88
N VAL V 233 19.02 81.56 73.06
CA VAL V 233 20.06 81.69 74.09
C VAL V 233 20.55 80.30 74.46
N GLN V 234 21.86 80.09 74.36
CA GLN V 234 22.44 78.86 74.87
C GLN V 234 22.63 78.94 76.38
N VAL V 235 22.62 77.77 77.02
CA VAL V 235 22.86 77.66 78.45
C VAL V 235 23.55 76.32 78.68
N SER V 236 24.31 76.24 79.77
CA SER V 236 25.11 75.04 80.04
C SER V 236 24.22 73.85 80.37
N ALA V 237 24.62 72.68 79.92
CA ALA V 237 23.75 71.50 79.96
C ALA V 237 23.65 70.85 81.32
N ASP V 238 24.51 71.21 82.29
CA ASP V 238 24.49 70.56 83.58
C ASP V 238 23.48 71.17 84.56
N VAL V 239 22.63 72.09 84.09
CA VAL V 239 21.65 72.71 84.97
C VAL V 239 20.54 71.72 85.30
N GLU V 240 20.04 71.80 86.52
CA GLU V 240 18.99 70.87 86.94
C GLU V 240 17.63 71.25 86.39
N ASN V 241 17.43 72.52 86.07
CA ASN V 241 16.16 73.01 85.54
C ASN V 241 16.47 73.91 84.35
N ARG V 242 16.55 73.33 83.16
CA ARG V 242 16.57 74.13 81.96
C ARG V 242 15.14 74.48 81.57
N LYS V 243 14.98 75.67 80.99
CA LYS V 243 13.67 76.09 80.51
C LYS V 243 13.88 77.09 79.38
N THR V 244 13.06 76.97 78.34
CA THR V 244 12.95 77.81 77.13
C THR V 244 14.29 78.24 76.52
N ALA V 245 15.32 77.42 76.66
CA ALA V 245 16.66 77.77 76.22
C ALA V 245 17.29 76.57 75.54
N GLN V 246 18.49 76.78 75.02
CA GLN V 246 19.20 75.76 74.27
C GLN V 246 20.43 75.29 75.05
N LEU V 247 20.80 74.04 74.82
CA LEU V 247 21.79 73.37 75.63
C LEU V 247 23.14 73.38 74.93
N LEU V 248 24.20 73.21 75.72
CA LEU V 248 25.56 73.11 75.22
C LEU V 248 26.06 71.72 75.58
N HIS V 249 25.93 70.79 74.65
CA HIS V 249 26.25 69.39 74.93
C HIS V 249 27.74 69.09 74.85
N ALA V 250 28.55 70.02 74.36
CA ALA V 250 29.99 69.80 74.30
C ALA V 250 30.59 69.81 75.69
N ASP V 251 31.64 69.03 75.87
CA ASP V 251 32.31 68.95 77.16
C ASP V 251 33.28 70.12 77.26
N THR V 252 32.80 71.24 77.75
CA THR V 252 33.68 72.40 77.83
C THR V 252 34.56 72.31 79.07
N PRO V 253 35.79 72.80 78.98
CA PRO V 253 36.64 72.89 80.17
C PRO V 253 36.39 74.22 80.88
N ARG V 254 36.79 74.26 82.14
CA ARG V 254 36.62 75.42 82.99
C ARG V 254 37.97 76.13 83.04
N LEU V 255 38.16 77.10 82.15
CA LEU V 255 39.42 77.80 82.06
C LEU V 255 39.54 78.91 83.10
N VAL V 256 38.66 79.91 83.01
CA VAL V 256 38.75 81.08 83.85
C VAL V 256 38.11 80.79 85.20
N THR V 257 38.92 80.79 86.26
CA THR V 257 38.44 80.49 87.60
C THR V 257 39.17 81.39 88.58
N TRP V 258 38.42 82.05 89.44
CA TRP V 258 38.93 83.15 90.24
C TRP V 258 39.25 82.74 91.67
N ASP V 259 40.06 83.56 92.31
CA ASP V 259 40.60 83.26 93.64
C ASP V 259 40.62 84.54 94.47
N ALA V 260 40.04 84.46 95.67
CA ALA V 260 40.21 85.48 96.68
C ALA V 260 40.91 84.84 97.87
N GLY V 261 41.79 85.59 98.50
CA GLY V 261 42.55 85.07 99.61
C GLY V 261 44.03 85.11 99.32
N LEU V 262 44.79 84.45 100.19
CA LEU V 262 46.24 84.52 100.10
C LEU V 262 46.75 83.63 98.97
N CYS V 263 47.71 84.17 98.21
CA CYS V 263 48.27 83.46 97.07
C CYS V 263 49.55 82.75 97.49
N THR V 264 49.37 81.67 98.25
CA THR V 264 50.51 80.95 98.79
C THR V 264 50.13 79.48 98.97
N SER V 265 51.14 78.65 99.24
CA SER V 265 50.91 77.24 99.49
C SER V 265 51.76 76.70 100.61
N PHE V 266 52.47 77.54 101.35
CA PHE V 266 53.33 77.13 102.44
C PHE V 266 52.78 77.74 103.72
N LYS V 267 52.39 76.92 104.68
CA LYS V 267 51.98 77.43 105.98
C LYS V 267 52.99 77.01 107.04
N ILE V 268 53.07 77.82 108.09
CA ILE V 268 53.99 77.58 109.20
C ILE V 268 53.19 77.08 110.38
N VAL V 269 53.46 75.85 110.79
CA VAL V 269 52.70 75.24 111.89
C VAL V 269 53.59 75.15 113.13
N PRO V 270 53.03 75.23 114.33
CA PRO V 270 53.81 74.95 115.53
C PRO V 270 53.87 73.45 115.78
N ILE V 271 54.97 73.02 116.37
CA ILE V 271 55.21 71.61 116.65
C ILE V 271 55.17 71.33 118.14
N VAL V 272 55.86 72.14 118.93
CA VAL V 272 55.76 72.07 120.38
C VAL V 272 55.34 73.45 120.90
N PRO V 273 54.16 73.58 121.49
CA PRO V 273 53.77 74.86 122.07
C PRO V 273 54.46 75.09 123.39
N ALA V 274 54.84 76.34 123.63
CA ALA V 274 55.49 76.72 124.89
C ALA V 274 55.28 78.21 125.09
N GLN V 275 54.54 78.57 126.13
CA GLN V 275 54.35 79.97 126.47
C GLN V 275 55.37 80.39 127.53
N VAL V 276 55.77 81.65 127.45
CA VAL V 276 56.84 82.19 128.29
C VAL V 276 56.28 83.36 129.06
N PRO V 277 56.94 83.78 130.14
CA PRO V 277 56.58 85.07 130.76
C PRO V 277 56.84 86.23 129.81
N GLN V 278 55.93 87.19 129.84
CA GLN V 278 55.87 88.25 128.86
C GLN V 278 56.08 89.60 129.55
N ASP V 279 56.86 90.46 128.90
CA ASP V 279 57.09 91.78 129.48
C ASP V 279 55.95 92.73 129.17
N VAL V 280 55.71 93.00 127.88
CA VAL V 280 54.69 93.94 127.44
C VAL V 280 53.48 93.16 126.95
N LEU V 281 52.32 93.46 127.52
CA LEU V 281 51.12 92.67 127.30
C LEU V 281 50.20 93.22 126.22
N ALA V 282 49.90 94.52 126.26
CA ALA V 282 48.94 95.07 125.31
C ALA V 282 49.21 96.55 125.09
N TYR V 283 48.61 97.07 124.02
CA TYR V 283 48.66 98.50 123.71
C TYR V 283 47.48 99.21 124.33
N THR V 284 47.70 100.43 124.78
CA THR V 284 46.66 101.26 125.40
C THR V 284 46.54 102.56 124.63
N PHE V 285 45.37 102.81 124.03
CA PHE V 285 45.19 104.04 123.28
C PHE V 285 44.78 105.21 124.19
N PHE V 286 43.58 105.14 124.76
CA PHE V 286 43.26 105.93 125.95
C PHE V 286 42.92 105.03 127.12
N THR V 287 41.89 104.21 126.98
CA THR V 287 41.44 103.27 128.00
C THR V 287 41.27 101.92 127.33
N SER V 288 41.00 101.95 126.03
CA SER V 288 40.78 100.73 125.28
C SER V 288 42.11 100.02 125.07
N SER V 289 42.12 98.71 125.33
CA SER V 289 43.30 97.89 125.18
C SER V 289 43.20 97.04 123.94
N TYR V 290 44.32 96.88 123.24
CA TYR V 290 44.38 96.10 122.02
C TYR V 290 45.45 95.02 122.17
N ALA V 291 45.08 93.78 121.84
CA ALA V 291 45.95 92.64 122.05
C ALA V 291 47.02 92.55 120.97
N ILE V 292 48.21 92.13 121.37
CA ILE V 292 49.32 91.97 120.43
C ILE V 292 49.12 90.69 119.63
N GLN V 293 49.04 90.82 118.30
CA GLN V 293 48.83 89.70 117.41
C GLN V 293 50.12 89.38 116.67
N SER V 294 50.57 88.14 116.77
CA SER V 294 51.85 87.83 116.15
C SER V 294 51.67 87.18 114.79
N PRO V 295 52.51 87.52 113.82
CA PRO V 295 52.42 86.87 112.51
C PRO V 295 52.89 85.43 112.51
N PHE V 296 53.69 85.03 113.48
CA PHE V 296 54.25 83.69 113.49
C PHE V 296 53.88 82.97 114.77
N PRO V 297 53.69 81.64 114.72
CA PRO V 297 53.27 80.89 115.91
C PRO V 297 54.36 80.89 116.98
N GLU V 298 54.04 81.49 118.11
CA GLU V 298 54.96 81.56 119.25
C GLU V 298 55.02 80.19 119.90
N ALA V 299 56.05 79.43 119.55
CA ALA V 299 56.17 78.04 119.98
C ALA V 299 57.64 77.72 120.17
N ALA V 300 57.90 76.49 120.63
CA ALA V 300 59.28 76.06 120.83
C ALA V 300 59.94 75.76 119.50
N VAL V 301 59.30 74.97 118.66
CA VAL V 301 59.81 74.61 117.34
C VAL V 301 58.72 74.86 116.32
N SER V 302 58.99 75.71 115.34
CA SER V 302 58.09 75.94 114.22
C SER V 302 58.70 75.35 112.96
N ARG V 303 57.86 74.71 112.14
CA ARG V 303 58.31 74.15 110.89
C ARG V 303 57.39 74.61 109.76
N ILE V 304 57.85 74.39 108.54
CA ILE V 304 57.13 74.81 107.34
C ILE V 304 56.61 73.55 106.66
N VAL V 305 55.29 73.40 106.63
CA VAL V 305 54.66 72.30 105.92
C VAL V 305 53.92 72.89 104.72
N VAL V 306 53.45 72.00 103.85
CA VAL V 306 52.92 72.38 102.55
C VAL V 306 51.47 71.92 102.49
N HIS V 307 50.54 72.86 102.64
CA HIS V 307 49.13 72.62 102.40
C HIS V 307 48.72 73.47 101.22
N THR V 308 48.00 72.87 100.28
CA THR V 308 47.70 73.57 99.04
C THR V 308 46.62 74.61 99.28
N ARG V 309 47.06 75.86 99.27
CA ARG V 309 46.39 77.16 99.37
C ARG V 309 45.86 77.53 100.73
N TRP V 310 45.43 76.57 101.57
CA TRP V 310 45.16 76.65 103.01
C TRP V 310 44.40 77.86 103.57
N ALA V 311 44.17 78.88 102.73
CA ALA V 311 43.39 80.07 103.06
C ALA V 311 43.01 80.68 101.72
N SER V 312 41.80 80.41 101.25
CA SER V 312 41.42 80.83 99.91
C SER V 312 39.91 80.80 99.77
N ASN V 313 39.38 81.73 98.97
CA ASN V 313 37.97 81.79 98.65
C ASN V 313 37.83 81.58 97.14
N VAL V 314 37.29 80.44 96.75
CA VAL V 314 37.33 79.98 95.36
C VAL V 314 35.93 79.52 94.97
N ASP V 315 35.47 79.94 93.80
CA ASP V 315 34.15 79.55 93.33
C ASP V 315 34.10 78.14 92.76
N PHE V 316 35.24 77.54 92.40
CA PHE V 316 35.26 76.21 91.79
C PHE V 316 36.64 75.61 92.04
N ASP V 317 36.72 74.68 92.98
CA ASP V 317 38.00 74.08 93.32
C ASP V 317 38.43 73.05 92.28
N ARG V 318 39.74 72.85 92.17
CA ARG V 318 40.29 71.93 91.19
C ARG V 318 40.30 70.49 91.65
N ASP V 319 40.00 70.22 92.92
CA ASP V 319 39.98 68.87 93.52
C ASP V 319 41.33 68.17 93.35
N SER V 320 42.41 68.91 93.59
CA SER V 320 43.75 68.32 93.57
C SER V 320 44.56 69.04 94.65
N SER V 321 44.56 68.47 95.84
CA SER V 321 45.22 69.09 96.98
C SER V 321 46.43 68.28 97.38
N VAL V 322 47.55 68.97 97.61
CA VAL V 322 48.72 68.38 98.23
C VAL V 322 48.67 68.83 99.69
N ILE V 323 48.08 68.00 100.53
CA ILE V 323 47.90 68.29 101.94
C ILE V 323 48.92 67.49 102.73
N MET V 324 49.70 68.17 103.56
CA MET V 324 50.71 67.51 104.37
C MET V 324 50.43 67.69 105.85
N ALA V 325 50.59 66.60 106.59
CA ALA V 325 50.53 66.62 108.03
C ALA V 325 51.81 67.26 108.57
N PRO V 326 51.84 67.66 109.84
CA PRO V 326 53.10 68.02 110.46
C PRO V 326 54.03 66.82 110.52
N PRO V 327 55.35 67.06 110.56
CA PRO V 327 56.30 65.93 110.48
C PRO V 327 56.33 65.02 111.70
N THR V 328 55.64 65.36 112.78
CA THR V 328 55.49 64.39 113.86
C THR V 328 54.49 63.31 113.49
N GLU V 329 53.55 63.61 112.61
CA GLU V 329 52.57 62.63 112.18
C GLU V 329 53.16 61.72 111.12
N ASN V 330 52.39 60.71 110.73
CA ASN V 330 52.82 59.83 109.66
C ASN V 330 52.68 60.53 108.32
N ASN V 331 53.54 60.18 107.39
CA ASN V 331 53.56 60.86 106.10
C ASN V 331 53.77 59.85 104.98
N ILE V 332 53.06 58.74 105.04
CA ILE V 332 53.27 57.66 104.07
C ILE V 332 52.12 57.58 103.06
N HIS V 333 50.97 58.19 103.36
CA HIS V 333 49.84 58.08 102.46
C HIS V 333 50.02 58.92 101.21
N LEU V 334 50.94 59.88 101.22
CA LEU V 334 51.23 60.62 100.01
C LEU V 334 52.00 59.81 98.99
N PHE V 335 52.75 58.80 99.43
CA PHE V 335 53.56 57.98 98.55
C PHE V 335 52.99 56.59 98.39
N LYS V 336 51.91 56.28 99.11
CA LYS V 336 51.20 55.03 99.01
C LYS V 336 50.08 55.11 97.97
N GLN V 337 50.30 55.90 96.93
CA GLN V 337 49.22 56.40 96.09
C GLN V 337 49.15 55.72 94.73
N LEU V 338 50.23 55.73 93.94
CA LEU V 338 50.10 55.31 92.55
C LEU V 338 50.13 53.79 92.37
N LEU V 339 51.27 53.17 92.66
CA LEU V 339 51.55 51.86 92.11
C LEU V 339 51.81 50.77 93.13
N ASN V 340 51.85 51.08 94.41
CA ASN V 340 52.07 50.09 95.44
C ASN V 340 50.72 49.60 95.99
N THR V 341 49.88 49.11 95.08
CA THR V 341 48.50 48.78 95.39
C THR V 341 48.30 47.33 95.77
N GLU V 342 49.37 46.55 95.87
CA GLU V 342 49.29 45.14 96.25
C GLU V 342 50.18 44.85 97.45
N THR V 343 50.61 45.89 98.17
CA THR V 343 51.81 45.85 98.99
C THR V 343 51.68 44.91 100.18
N LEU V 344 52.76 44.16 100.44
CA LEU V 344 52.81 43.25 101.57
C LEU V 344 52.75 43.98 102.91
N SER V 345 53.11 45.26 102.95
CA SER V 345 53.05 46.05 104.17
C SER V 345 52.28 47.32 103.87
N VAL V 346 51.08 47.45 104.45
CA VAL V 346 50.16 48.52 104.08
C VAL V 346 50.51 49.86 104.72
N ARG V 347 51.59 49.92 105.50
CA ARG V 347 52.05 51.14 106.14
C ARG V 347 53.37 51.64 105.57
N GLY V 348 53.77 51.10 104.42
CA GLY V 348 55.01 51.49 103.80
C GLY V 348 54.81 51.77 102.32
N ALA V 349 55.82 52.41 101.73
CA ALA V 349 55.79 52.80 100.33
C ALA V 349 56.86 52.08 99.55
N ASN V 350 56.54 51.70 98.32
CA ASN V 350 57.44 50.95 97.47
C ASN V 350 58.63 51.82 97.09
N PRO V 351 59.86 51.44 97.39
CA PRO V 351 61.01 52.30 97.07
C PRO V 351 61.35 52.33 95.60
N LEU V 352 60.75 51.50 94.77
CA LEU V 352 60.97 51.59 93.34
C LEU V 352 60.05 52.58 92.68
N MET V 353 59.20 53.26 93.45
CA MET V 353 58.16 54.11 92.89
C MET V 353 58.21 55.53 93.43
N PHE V 354 59.35 55.92 94.04
CA PHE V 354 59.46 57.27 94.60
C PHE V 354 59.32 58.33 93.53
N ARG V 355 59.99 58.13 92.38
CA ARG V 355 59.98 59.13 91.33
C ARG V 355 58.60 59.28 90.72
N ALA V 356 57.87 58.16 90.56
CA ALA V 356 56.51 58.23 90.05
C ALA V 356 55.59 58.98 90.99
N ASN V 357 55.64 58.66 92.29
CA ASN V 357 54.79 59.35 93.25
C ASN V 357 55.13 60.83 93.38
N VAL V 358 56.42 61.17 93.33
CA VAL V 358 56.81 62.57 93.49
C VAL V 358 56.46 63.39 92.24
N LEU V 359 56.61 62.80 91.05
CA LEU V 359 56.19 63.51 89.84
C LEU V 359 54.68 63.69 89.78
N HIS V 360 53.92 62.71 90.27
CA HIS V 360 52.47 62.90 90.34
C HIS V 360 52.09 63.95 91.36
N MET V 361 52.84 64.06 92.47
CA MET V 361 52.60 65.12 93.43
C MET V 361 52.90 66.49 92.85
N LEU V 362 53.99 66.61 92.09
CA LEU V 362 54.31 67.89 91.47
C LEU V 362 53.33 68.25 90.38
N LEU V 363 52.81 67.26 89.66
CA LEU V 363 51.76 67.51 88.69
C LEU V 363 50.48 68.01 89.37
N GLU V 364 50.14 67.44 90.53
CA GLU V 364 48.98 67.97 91.25
C GLU V 364 49.24 69.37 91.80
N PHE V 365 50.48 69.66 92.20
CA PHE V 365 50.78 70.98 92.73
C PHE V 365 50.76 72.05 91.65
N VAL V 366 51.14 71.70 90.43
CA VAL V 366 51.02 72.62 89.30
C VAL V 366 49.60 72.69 88.76
N LEU V 367 48.87 71.58 88.82
CA LEU V 367 47.53 71.51 88.29
C LEU V 367 46.51 72.14 89.23
N ASP V 368 46.88 72.33 90.49
CA ASP V 368 46.23 73.28 91.36
C ASP V 368 47.06 74.57 91.33
N ASN V 369 46.50 75.64 91.91
CA ASN V 369 46.97 77.02 91.72
C ASN V 369 46.96 77.43 90.25
N LEU V 370 45.96 76.95 89.52
CA LEU V 370 45.67 77.47 88.18
C LEU V 370 44.56 78.51 88.26
N TYR V 371 44.82 79.54 89.05
CA TYR V 371 43.80 80.53 89.39
C TYR V 371 44.30 81.92 89.05
N LEU V 372 43.40 82.72 88.50
CA LEU V 372 43.61 84.15 88.43
C LEU V 372 43.07 84.74 89.73
N ASN V 373 43.89 85.52 90.42
CA ASN V 373 43.40 86.05 91.68
C ASN V 373 42.55 87.30 91.46
N ARG V 374 41.68 87.59 92.42
CA ARG V 374 40.63 88.59 92.26
C ARG V 374 40.94 89.81 93.12
N HIS V 375 40.76 90.98 92.52
CA HIS V 375 40.79 92.24 93.28
C HIS V 375 39.55 92.32 94.16
N THR V 376 39.75 92.66 95.44
CA THR V 376 38.71 92.43 96.43
C THR V 376 38.33 93.62 97.30
N GLY V 377 39.08 94.72 97.28
CA GLY V 377 38.70 95.86 98.09
C GLY V 377 39.57 96.04 99.32
N PHE V 378 39.83 97.29 99.70
CA PHE V 378 40.86 97.63 100.67
C PHE V 378 40.26 98.32 101.88
N SER V 379 41.14 98.78 102.76
CA SER V 379 40.78 99.55 103.95
C SER V 379 42.03 100.27 104.45
N GLN V 380 41.92 101.57 104.66
CA GLN V 380 43.07 102.37 105.08
C GLN V 380 43.35 102.16 106.56
N ASP V 381 44.62 102.14 106.92
CA ASP V 381 45.07 101.94 108.29
C ASP V 381 45.73 103.21 108.81
N HIS V 382 45.62 103.42 110.12
CA HIS V 382 46.35 104.48 110.81
C HIS V 382 46.96 103.96 112.10
N THR V 383 47.36 102.69 112.09
CA THR V 383 48.15 102.13 113.17
C THR V 383 49.49 102.86 113.23
N PRO V 384 50.04 103.14 114.42
CA PRO V 384 51.35 103.81 114.50
C PRO V 384 52.52 103.03 113.90
N PHE V 385 52.36 101.74 113.65
CA PHE V 385 53.41 100.96 113.00
C PHE V 385 53.14 100.70 111.53
N THR V 386 51.93 101.00 111.06
CA THR V 386 51.59 100.96 109.63
C THR V 386 50.70 102.16 109.38
N GLU V 387 51.31 103.30 109.06
CA GLU V 387 50.63 104.59 109.07
C GLU V 387 50.32 105.01 107.65
N GLY V 388 49.04 105.03 107.31
CA GLY V 388 48.61 105.52 106.01
C GLY V 388 48.90 104.57 104.88
N ALA V 389 48.61 103.28 105.09
CA ALA V 389 48.85 102.27 104.08
C ALA V 389 47.56 101.52 103.82
N ASN V 390 47.12 101.53 102.57
CA ASN V 390 45.87 100.88 102.18
C ASN V 390 46.07 99.37 102.23
N LEU V 391 45.59 98.75 103.29
CA LEU V 391 45.77 97.32 103.45
C LEU V 391 44.66 96.57 102.72
N ARG V 392 44.97 95.34 102.31
CA ARG V 392 43.99 94.48 101.67
C ARG V 392 43.07 93.89 102.73
N SER V 393 41.85 93.54 102.32
CA SER V 393 40.90 92.90 103.24
C SER V 393 40.18 91.78 102.50
N LEU V 394 40.25 90.57 103.06
CA LEU V 394 39.55 89.43 102.51
C LEU V 394 38.04 89.60 102.59
N PRO V 395 37.29 88.94 101.71
CA PRO V 395 35.84 88.89 101.89
C PRO V 395 35.45 87.94 102.99
N GLY V 396 34.33 88.27 103.65
CA GLY V 396 33.81 87.44 104.71
C GLY V 396 33.18 88.26 105.82
N PRO V 397 32.90 87.61 106.96
CA PRO V 397 32.29 88.35 108.07
C PRO V 397 33.25 89.27 108.79
N ASP V 398 34.53 88.91 108.84
CA ASP V 398 35.54 89.68 109.57
C ASP V 398 36.75 89.86 108.67
N ALA V 399 37.28 91.08 108.65
CA ALA V 399 38.50 91.38 107.92
C ALA V 399 39.72 91.48 108.83
N GLU V 400 39.51 91.69 110.13
CA GLU V 400 40.61 91.81 111.09
C GLU V 400 41.35 90.50 111.31
N LYS V 401 40.72 89.37 110.95
CA LYS V 401 41.27 88.04 111.21
C LYS V 401 42.62 87.82 110.55
N TRP V 402 42.86 88.42 109.39
CA TRP V 402 43.96 88.03 108.54
C TRP V 402 45.08 89.06 108.45
N TYR V 403 44.94 90.21 109.12
CA TYR V 403 45.91 91.29 108.96
C TYR V 403 47.27 90.92 109.50
N SER V 404 47.31 90.31 110.68
CA SER V 404 48.58 89.89 111.27
C SER V 404 49.19 88.72 110.52
N ILE V 405 48.37 87.82 110.00
CA ILE V 405 48.88 86.69 109.23
C ILE V 405 49.47 87.16 107.91
N MET V 406 48.89 88.19 107.30
CA MET V 406 49.48 88.79 106.11
C MET V 406 50.79 89.50 106.43
N TYR V 407 50.74 90.46 107.34
CA TYR V 407 51.74 91.52 107.39
C TYR V 407 52.61 91.39 108.64
N PRO V 408 53.85 90.92 108.52
CA PRO V 408 54.72 90.86 109.71
C PRO V 408 55.22 92.21 110.15
N THR V 409 55.18 93.21 109.27
CA THR V 409 55.63 94.54 109.61
C THR V 409 54.69 95.21 110.60
N ARG V 410 53.40 94.88 110.54
CA ARG V 410 52.37 95.66 111.22
C ARG V 410 52.48 95.55 112.74
N MET V 411 52.75 94.36 113.25
CA MET V 411 53.07 94.22 114.66
C MET V 411 54.38 94.94 114.95
N GLY V 412 54.39 95.80 115.95
CA GLY V 412 55.56 96.57 116.27
C GLY V 412 56.60 95.75 117.02
N THR V 413 57.49 96.47 117.70
CA THR V 413 58.51 95.85 118.55
C THR V 413 58.27 96.31 119.99
N PRO V 414 57.43 95.62 120.74
CA PRO V 414 57.19 96.03 122.13
C PRO V 414 58.19 95.43 123.11
N ASN V 415 58.79 94.30 122.76
CA ASN V 415 59.62 93.57 123.71
C ASN V 415 60.86 93.03 122.99
N VAL V 416 61.55 92.11 123.64
CA VAL V 416 62.77 91.52 123.12
C VAL V 416 62.48 90.04 122.84
N SER V 417 62.45 89.68 121.56
CA SER V 417 62.18 88.30 121.17
C SER V 417 62.74 88.07 119.78
N LYS V 418 62.58 86.84 119.29
CA LYS V 418 63.10 86.46 117.98
C LYS V 418 62.33 87.11 116.84
N ILE V 419 61.11 87.59 117.09
CA ILE V 419 60.36 88.31 116.07
C ILE V 419 60.56 89.80 116.23
N CYS V 420 60.71 90.26 117.46
CA CYS V 420 60.84 91.69 117.72
C CYS V 420 62.27 92.17 117.69
N ASN V 421 63.23 91.32 117.34
CA ASN V 421 64.49 91.80 116.80
C ASN V 421 64.57 91.62 115.31
N PHE V 422 63.52 91.06 114.70
CA PHE V 422 63.42 90.89 113.26
C PHE V 422 62.65 92.03 112.60
N VAL V 423 61.54 92.43 113.22
CA VAL V 423 60.78 93.57 112.75
C VAL V 423 61.60 94.85 112.89
N ALA V 424 62.48 94.91 113.89
CA ALA V 424 63.40 96.03 114.02
C ALA V 424 64.44 96.06 112.90
N SER V 425 64.74 94.93 112.28
CA SER V 425 65.62 94.89 111.13
C SER V 425 64.88 95.10 109.82
N CYS V 426 63.58 94.89 109.81
CA CYS V 426 62.71 95.04 108.66
C CYS V 426 62.58 96.51 108.23
N VAL V 427 61.96 96.72 107.06
CA VAL V 427 61.75 98.06 106.50
C VAL V 427 60.26 98.38 106.48
N ARG V 428 59.95 99.67 106.37
CA ARG V 428 58.65 100.15 106.82
C ARG V 428 57.73 100.66 105.73
N ASN V 429 58.24 101.02 104.55
CA ASN V 429 57.40 101.60 103.50
C ASN V 429 56.90 100.57 102.50
N ARG V 430 56.97 99.28 102.83
CA ARG V 430 56.61 98.22 101.89
C ARG V 430 55.53 97.34 102.51
N VAL V 431 54.27 97.76 102.36
CA VAL V 431 53.13 97.02 102.88
C VAL V 431 51.90 97.51 102.14
N GLY V 432 50.92 96.63 101.95
CA GLY V 432 49.68 97.01 101.33
C GLY V 432 49.81 97.17 99.83
N ARG V 433 49.02 98.09 99.29
CA ARG V 433 49.03 98.36 97.86
C ARG V 433 50.28 99.13 97.47
N PHE V 434 50.90 98.70 96.37
CA PHE V 434 52.09 99.34 95.84
C PHE V 434 51.78 100.18 94.61
N ASP V 435 50.98 99.67 93.68
CA ASP V 435 50.70 100.36 92.43
C ASP V 435 49.33 99.92 91.92
N ARG V 436 48.48 100.88 91.61
CA ARG V 436 47.16 100.60 91.07
C ARG V 436 47.08 101.05 89.63
N ALA V 437 46.01 100.63 88.95
CA ALA V 437 45.82 100.98 87.56
C ALA V 437 45.39 102.44 87.43
N GLN V 438 45.44 102.95 86.21
CA GLN V 438 44.96 104.29 85.94
C GLN V 438 43.48 104.29 85.61
N MET V 439 43.10 103.55 84.57
CA MET V 439 41.69 103.43 84.23
C MET V 439 40.98 102.55 85.24
N MET V 440 39.67 102.74 85.34
CA MET V 440 38.88 102.14 86.41
C MET V 440 37.41 102.22 86.03
N ASN V 441 36.57 101.66 86.88
CA ASN V 441 35.14 101.92 86.84
C ASN V 441 34.64 102.18 88.26
N GLY V 442 33.72 103.12 88.38
CA GLY V 442 33.21 103.51 89.67
C GLY V 442 34.29 104.18 90.50
N ALA V 443 34.77 103.47 91.49
CA ALA V 443 35.92 103.92 92.27
C ALA V 443 37.06 102.93 92.30
N MET V 444 36.78 101.62 92.25
CA MET V 444 37.83 100.64 92.31
C MET V 444 38.52 100.51 90.96
N SER V 445 39.80 100.15 91.00
CA SER V 445 40.66 100.13 89.82
C SER V 445 40.46 98.84 89.04
N GLU V 446 41.27 98.67 88.01
CA GLU V 446 41.21 97.46 87.20
C GLU V 446 42.20 96.41 87.68
N TRP V 447 43.40 96.83 88.06
CA TRP V 447 44.39 95.92 88.60
C TRP V 447 45.25 96.69 89.60
N VAL V 448 45.68 96.01 90.66
CA VAL V 448 46.54 96.62 91.65
C VAL V 448 47.76 95.73 91.89
N ASP V 449 48.84 96.35 92.34
CA ASP V 449 50.01 95.66 92.84
C ASP V 449 49.99 95.76 94.35
N VAL V 450 49.88 94.62 95.03
CA VAL V 450 49.83 94.60 96.48
C VAL V 450 51.04 93.87 97.03
N PHE V 451 51.49 94.32 98.19
CA PHE V 451 52.43 93.56 98.99
C PHE V 451 51.64 92.76 100.00
N GLU V 452 51.88 91.46 100.04
CA GLU V 452 51.26 90.57 101.02
C GLU V 452 52.08 89.29 101.06
N THR V 453 51.73 88.41 102.01
CA THR V 453 52.42 87.14 102.11
C THR V 453 51.96 86.22 101.00
N SER V 454 52.91 85.47 100.46
CA SER V 454 52.72 84.70 99.24
C SER V 454 53.87 83.69 99.19
N ASP V 455 54.11 83.12 98.01
CA ASP V 455 55.43 82.59 97.69
C ASP V 455 55.65 82.63 96.17
N ALA V 456 56.91 82.77 95.80
CA ALA V 456 57.31 82.93 94.40
C ALA V 456 56.89 81.74 93.55
N LEU V 457 56.90 80.54 94.12
CA LEU V 457 56.55 79.35 93.35
C LEU V 457 55.08 79.35 92.95
N THR V 458 54.20 79.92 93.76
CA THR V 458 52.81 80.00 93.37
C THR V 458 52.57 81.21 92.46
N VAL V 459 53.16 82.36 92.80
CA VAL V 459 52.84 83.56 92.02
C VAL V 459 53.48 83.51 90.64
N SER V 460 54.57 82.75 90.46
CA SER V 460 55.13 82.58 89.13
C SER V 460 54.27 81.70 88.25
N ILE V 461 53.74 80.61 88.82
CA ILE V 461 52.83 79.73 88.07
C ILE V 461 51.57 80.47 87.68
N ARG V 462 51.01 81.25 88.61
CA ARG V 462 49.79 81.98 88.27
C ARG V 462 50.05 83.13 87.31
N GLY V 463 51.22 83.77 87.38
CA GLY V 463 51.55 84.80 86.42
C GLY V 463 51.71 84.25 85.01
N ARG V 464 52.40 83.12 84.88
CA ARG V 464 52.55 82.54 83.55
C ARG V 464 51.28 81.86 83.06
N TRP V 465 50.39 81.43 83.95
CA TRP V 465 49.07 80.96 83.52
C TRP V 465 48.21 82.11 83.00
N MET V 466 48.28 83.27 83.66
CA MET V 466 47.61 84.46 83.15
C MET V 466 48.21 84.87 81.81
N ALA V 467 49.53 84.76 81.67
CA ALA V 467 50.18 85.10 80.41
C ALA V 467 49.79 84.14 79.30
N ARG V 468 49.47 82.89 79.62
CA ARG V 468 48.96 82.00 78.59
C ARG V 468 47.53 82.38 78.22
N LEU V 469 46.68 82.64 79.23
CA LEU V 469 45.28 82.92 78.92
C LEU V 469 45.08 84.27 78.25
N ALA V 470 45.99 85.22 78.46
CA ALA V 470 45.84 86.51 77.80
C ALA V 470 46.18 86.43 76.31
N ARG V 471 46.95 85.42 75.90
CA ARG V 471 47.30 85.25 74.50
C ARG V 471 46.21 84.57 73.69
N MET V 472 45.04 84.31 74.27
CA MET V 472 43.90 83.81 73.54
C MET V 472 42.82 84.86 73.36
N ASN V 473 43.13 86.14 73.62
CA ASN V 473 42.10 87.17 73.69
C ASN V 473 41.60 87.48 72.29
N ILE V 474 40.28 87.49 72.12
CA ILE V 474 39.66 87.74 70.84
C ILE V 474 38.79 88.98 70.98
N ASN V 475 38.51 89.59 69.87
CA ASN V 475 37.79 90.80 69.53
C ASN V 475 36.42 90.46 68.98
N PRO V 476 35.34 91.11 69.44
CA PRO V 476 34.03 90.90 68.80
C PRO V 476 33.97 91.31 67.34
N THR V 477 34.82 92.25 66.91
CA THR V 477 34.96 92.51 65.48
C THR V 477 35.51 91.28 64.75
N GLU V 478 36.42 90.56 65.38
CA GLU V 478 36.91 89.32 64.80
C GLU V 478 35.86 88.21 64.86
N ILE V 479 35.00 88.22 65.87
CA ILE V 479 33.85 87.31 65.90
C ILE V 479 32.94 87.57 64.70
N GLU V 480 32.70 88.85 64.41
CA GLU V 480 31.86 89.25 63.28
C GLU V 480 32.48 88.82 61.96
N TRP V 481 33.78 89.09 61.79
CA TRP V 481 34.49 88.65 60.59
C TRP V 481 34.47 87.14 60.43
N ALA V 482 34.61 86.41 61.55
CA ALA V 482 34.62 84.97 61.54
C ALA V 482 33.30 84.41 61.05
N LEU V 483 32.19 84.86 61.65
CA LEU V 483 30.90 84.29 61.28
C LEU V 483 30.45 84.75 59.89
N THR V 484 30.75 86.00 59.51
CA THR V 484 30.37 86.48 58.19
C THR V 484 31.14 85.76 57.09
N GLU V 485 32.45 85.56 57.29
CA GLU V 485 33.24 84.82 56.32
C GLU V 485 32.87 83.34 56.31
N CYS V 486 32.45 82.79 57.46
CA CYS V 486 32.15 81.38 57.56
C CYS V 486 30.80 81.03 56.98
N ALA V 487 29.87 81.98 56.94
CA ALA V 487 28.52 81.68 56.46
C ALA V 487 28.41 81.61 54.94
N GLN V 488 29.51 81.82 54.20
CA GLN V 488 29.55 81.79 52.73
C GLN V 488 28.55 82.77 52.11
N GLY V 489 28.48 83.96 52.67
CA GLY V 489 27.41 84.86 52.31
C GLY V 489 26.14 84.52 53.07
N TYR V 490 25.02 84.93 52.48
CA TYR V 490 23.64 84.61 52.84
C TYR V 490 23.14 85.22 54.14
N VAL V 491 24.04 85.71 55.00
CA VAL V 491 23.70 86.49 56.19
C VAL V 491 24.85 87.43 56.42
N THR V 492 24.61 88.46 57.23
CA THR V 492 25.67 89.33 57.74
C THR V 492 25.43 89.49 59.22
N VAL V 493 26.32 88.97 60.04
CA VAL V 493 26.21 89.15 61.47
C VAL V 493 26.84 90.48 61.84
N THR V 494 26.56 90.95 63.05
CA THR V 494 27.24 92.10 63.61
C THR V 494 27.21 91.96 65.13
N SER V 495 28.23 92.50 65.78
CA SER V 495 28.37 92.36 67.23
C SER V 495 28.95 93.65 67.78
N PRO V 496 28.10 94.61 68.10
CA PRO V 496 28.60 95.89 68.59
C PRO V 496 28.92 95.83 70.08
N TYR V 497 29.80 96.72 70.51
CA TYR V 497 30.25 96.74 71.89
C TYR V 497 30.76 98.12 72.24
N ALA V 498 30.97 98.32 73.52
CA ALA V 498 31.50 99.48 74.21
C ALA V 498 33.00 99.33 74.42
N PRO V 499 33.77 100.43 74.38
CA PRO V 499 35.23 100.30 74.48
C PRO V 499 35.68 99.99 75.90
N SER V 500 36.38 98.88 76.04
CA SER V 500 36.98 98.50 77.32
C SER V 500 38.17 97.60 77.05
N VAL V 501 39.01 97.44 78.07
CA VAL V 501 40.20 96.60 77.94
C VAL V 501 40.17 95.39 78.85
N ASN V 502 39.39 95.39 79.92
CA ASN V 502 39.49 94.29 80.87
C ASN V 502 38.68 93.06 80.47
N ARG V 503 37.89 93.13 79.40
CA ARG V 503 37.20 91.93 78.97
C ARG V 503 38.21 90.96 78.37
N LEU V 504 37.94 89.68 78.55
CA LEU V 504 38.76 88.66 77.91
C LEU V 504 37.84 87.55 77.45
N MET V 505 38.10 87.05 76.26
CA MET V 505 37.31 85.98 75.64
C MET V 505 38.30 85.00 75.07
N PRO V 506 38.78 84.04 75.87
CA PRO V 506 39.82 83.15 75.39
C PRO V 506 39.32 82.15 74.35
N TYR V 507 39.60 82.41 73.08
CA TYR V 507 39.11 81.54 72.01
C TYR V 507 40.07 81.36 70.85
N ARG V 508 41.28 81.92 70.89
CA ARG V 508 42.20 81.84 69.76
C ARG V 508 43.23 80.75 70.01
N ILE V 509 43.28 79.76 69.12
CA ILE V 509 44.25 78.68 69.19
C ILE V 509 45.10 78.73 67.93
N SER V 510 46.08 77.83 67.87
CA SER V 510 46.90 77.70 66.68
C SER V 510 46.52 76.44 65.91
N ASN V 511 46.95 76.40 64.64
CA ASN V 511 46.65 75.29 63.75
C ASN V 511 47.25 73.99 64.25
N ALA V 512 48.42 74.04 64.88
CA ALA V 512 49.02 72.82 65.40
C ALA V 512 48.22 72.26 66.57
N GLU V 513 47.76 73.14 67.45
CA GLU V 513 46.92 72.72 68.57
C GLU V 513 45.57 72.21 68.09
N ARG V 514 45.11 72.64 66.92
CA ARG V 514 43.91 72.06 66.35
C ARG V 514 44.18 70.69 65.73
N GLN V 515 45.29 70.55 65.01
CA GLN V 515 45.61 69.31 64.31
C GLN V 515 45.92 68.17 65.25
N ILE V 516 46.54 68.45 66.40
CA ILE V 516 46.86 67.36 67.32
C ILE V 516 45.60 66.77 67.94
N SER V 517 44.65 67.63 68.30
CA SER V 517 43.35 67.14 68.75
C SER V 517 42.57 66.45 67.65
N GLN V 518 42.77 66.85 66.39
CA GLN V 518 42.22 66.08 65.28
C GLN V 518 42.81 64.68 65.22
N ILE V 519 44.11 64.53 65.45
CA ILE V 519 44.73 63.22 65.50
C ILE V 519 44.19 62.38 66.65
N ILE V 520 43.91 63.02 67.79
CA ILE V 520 43.33 62.29 68.93
C ILE V 520 41.92 61.80 68.60
N ARG V 521 41.13 62.65 67.93
CA ARG V 521 39.79 62.24 67.52
C ARG V 521 39.83 61.11 66.50
N VAL V 522 40.86 61.08 65.64
CA VAL V 522 41.00 59.95 64.71
C VAL V 522 41.39 58.69 65.47
N MET V 523 42.30 58.80 66.44
CA MET V 523 42.72 57.64 67.22
C MET V 523 41.65 57.14 68.17
N ASN V 524 40.59 57.92 68.40
CA ASN V 524 39.47 57.44 69.21
C ASN V 524 38.83 56.18 68.64
N ILE V 525 38.75 56.06 67.32
CA ILE V 525 37.85 55.10 66.70
C ILE V 525 38.39 53.69 66.82
N GLY V 526 39.51 53.40 66.16
CA GLY V 526 40.10 52.08 66.18
C GLY V 526 39.19 50.98 65.69
N ASN V 527 38.64 51.16 64.49
CA ASN V 527 37.74 50.22 63.82
C ASN V 527 36.47 49.94 64.63
N ASN V 528 36.04 50.90 65.43
CA ASN V 528 34.78 50.84 66.14
C ASN V 528 33.76 51.61 65.30
N ALA V 529 32.81 50.91 64.70
CA ALA V 529 31.79 51.58 63.92
C ALA V 529 30.73 52.25 64.78
N THR V 530 30.68 51.89 66.07
CA THR V 530 29.71 52.47 66.98
C THR V 530 30.00 53.94 67.23
N VAL V 531 31.28 54.34 67.27
CA VAL V 531 31.60 55.75 67.44
C VAL V 531 31.56 56.53 66.14
N ILE V 532 31.21 55.89 65.02
CA ILE V 532 31.10 56.58 63.74
C ILE V 532 29.63 56.77 63.42
N GLN V 533 28.80 55.78 63.80
CA GLN V 533 27.39 55.76 63.38
C GLN V 533 26.54 56.99 63.76
N PRO V 534 26.53 57.51 64.99
CA PRO V 534 25.63 58.65 65.27
C PRO V 534 26.08 59.92 64.58
N VAL V 535 27.37 60.06 64.32
CA VAL V 535 27.90 61.22 63.60
C VAL V 535 27.33 61.28 62.19
N LEU V 536 27.48 60.20 61.43
CA LEU V 536 26.97 60.16 60.07
C LEU V 536 25.45 60.24 60.03
N GLN V 537 24.77 59.58 60.97
CA GLN V 537 23.31 59.61 60.99
C GLN V 537 22.78 61.01 61.29
N ASP V 538 23.39 61.71 62.24
CA ASP V 538 22.87 63.02 62.61
C ASP V 538 23.27 64.10 61.61
N ILE V 539 24.43 63.98 60.98
CA ILE V 539 24.76 64.88 59.86
C ILE V 539 23.82 64.63 58.69
N SER V 540 23.41 63.37 58.48
CA SER V 540 22.41 63.06 57.46
C SER V 540 21.07 63.71 57.74
N VAL V 541 20.59 63.63 58.98
CA VAL V 541 19.29 64.21 59.33
C VAL V 541 19.34 65.73 59.21
N LEU V 542 20.44 66.35 59.67
CA LEU V 542 20.57 67.80 59.57
C LEU V 542 20.65 68.25 58.11
N LEU V 543 21.38 67.50 57.28
CA LEU V 543 21.51 67.85 55.88
C LEU V 543 20.21 67.61 55.13
N GLN V 544 19.38 66.69 55.60
CA GLN V 544 18.05 66.54 55.03
C GLN V 544 17.16 67.71 55.39
N ARG V 545 17.24 68.21 56.62
CA ARG V 545 16.32 69.25 57.03
C ARG V 545 16.73 70.66 56.60
N ILE V 546 18.00 70.88 56.28
CA ILE V 546 18.40 72.18 55.73
C ILE V 546 17.97 72.32 54.28
N SER V 547 18.01 71.23 53.51
CA SER V 547 18.02 71.28 52.06
C SER V 547 16.70 71.80 51.50
N PRO V 548 16.74 72.63 50.45
CA PRO V 548 15.50 73.04 49.79
C PRO V 548 14.82 71.91 49.08
N LEU V 549 15.57 70.91 48.68
CA LEU V 549 15.05 69.87 47.81
C LEU V 549 14.22 68.89 48.61
N GLN V 550 13.02 68.60 48.12
CA GLN V 550 12.25 67.46 48.57
C GLN V 550 12.24 66.42 47.46
N ILE V 551 12.43 65.16 47.85
CA ILE V 551 12.43 64.06 46.89
C ILE V 551 10.98 63.64 46.71
N ASP V 552 10.36 64.15 45.66
CA ASP V 552 9.00 63.72 45.44
C ASP V 552 8.99 62.36 44.73
N PRO V 553 7.94 61.56 44.93
CA PRO V 553 7.85 60.28 44.24
C PRO V 553 7.13 60.33 42.92
N THR V 554 6.49 61.44 42.59
CA THR V 554 5.48 61.46 41.54
C THR V 554 6.05 61.69 40.15
N ILE V 555 7.33 62.08 40.04
CA ILE V 555 7.90 62.35 38.72
C ILE V 555 8.04 61.07 37.91
N ILE V 556 8.51 59.99 38.54
CA ILE V 556 8.64 58.72 37.85
C ILE V 556 7.25 58.11 37.60
N SER V 557 6.32 58.37 38.52
CA SER V 557 4.99 57.78 38.40
C SER V 557 4.15 58.47 37.34
N ASN V 558 4.40 59.75 37.08
CA ASN V 558 3.70 60.45 36.01
C ASN V 558 4.28 60.16 34.64
N THR V 559 5.30 59.33 34.55
CA THR V 559 5.94 59.01 33.29
C THR V 559 5.85 57.53 32.96
N MET V 560 6.10 56.65 33.92
CA MET V 560 6.42 55.27 33.56
C MET V 560 5.19 54.36 33.54
N SER V 561 4.23 54.55 34.45
CA SER V 561 2.91 53.91 34.37
C SER V 561 2.92 52.38 34.43
N THR V 562 2.99 51.81 35.64
CA THR V 562 3.04 50.37 35.98
C THR V 562 2.12 49.44 35.19
N VAL V 563 1.06 49.99 34.60
CA VAL V 563 0.09 49.29 33.75
C VAL V 563 0.76 48.46 32.66
N SER V 564 1.84 49.00 32.06
CA SER V 564 2.11 48.99 30.62
C SER V 564 1.73 47.72 29.85
N GLU V 565 2.33 46.58 30.17
CA GLU V 565 2.19 45.28 29.50
C GLU V 565 2.31 45.40 27.97
N SER V 566 3.54 45.68 27.54
CA SER V 566 3.91 45.64 26.12
C SER V 566 3.57 44.29 25.49
N THR V 567 4.21 43.23 25.97
CA THR V 567 3.85 41.89 25.52
C THR V 567 2.69 41.37 26.36
N THR V 568 2.27 40.14 26.08
CA THR V 568 1.20 39.52 26.84
C THR V 568 1.69 38.40 27.74
N GLN V 569 2.92 37.93 27.56
CA GLN V 569 3.40 36.81 28.36
C GLN V 569 3.84 37.25 29.74
N THR V 570 4.84 38.11 29.80
CA THR V 570 5.44 38.54 31.07
C THR V 570 5.37 40.06 31.17
N LEU V 571 6.08 40.61 32.14
CA LEU V 571 6.02 42.04 32.40
C LEU V 571 6.74 42.83 31.31
N SER V 572 6.28 44.07 31.13
CA SER V 572 6.89 44.99 30.19
C SER V 572 8.19 45.53 30.77
N PRO V 573 9.04 46.15 29.96
CA PRO V 573 10.18 46.88 30.53
C PRO V 573 9.77 48.02 31.44
N ALA V 574 8.70 48.74 31.09
CA ALA V 574 8.25 49.87 31.90
C ALA V 574 7.69 49.41 33.24
N SER V 575 6.94 48.31 33.25
CA SER V 575 6.46 47.77 34.51
C SER V 575 7.49 46.94 35.24
N SER V 576 8.59 46.60 34.58
CA SER V 576 9.64 45.83 35.22
C SER V 576 10.68 46.71 35.90
N ILE V 577 10.89 47.91 35.38
CA ILE V 577 11.81 48.83 36.07
C ILE V 577 11.16 49.39 37.33
N LEU V 578 9.84 49.53 37.36
CA LEU V 578 9.20 50.11 38.53
C LEU V 578 9.16 49.14 39.69
N GLY V 579 9.13 47.83 39.40
CA GLY V 579 9.25 46.83 40.45
C GLY V 579 10.60 46.80 41.10
N LYS V 580 11.62 47.34 40.45
CA LYS V 580 12.93 47.54 41.05
C LYS V 580 13.10 48.91 41.68
N LEU V 581 12.64 49.96 41.01
CA LEU V 581 12.82 51.31 41.51
C LEU V 581 12.03 51.52 42.78
N ARG V 582 10.77 51.08 42.80
CA ARG V 582 9.85 51.12 43.93
C ARG V 582 9.76 52.54 44.48
N PRO V 583 9.02 53.44 43.84
CA PRO V 583 9.13 54.87 44.15
C PRO V 583 8.52 55.31 45.48
N SER V 584 8.30 54.36 46.39
CA SER V 584 7.81 54.57 47.75
C SER V 584 8.54 55.66 48.53
N ASN V 585 7.86 56.18 49.56
CA ASN V 585 8.35 57.29 50.37
C ASN V 585 8.96 56.81 51.68
N SER V 586 9.69 55.70 51.66
CA SER V 586 10.28 55.16 52.89
C SER V 586 11.30 56.11 53.51
N ASP V 587 12.43 56.29 52.84
CA ASP V 587 13.47 57.25 53.21
C ASP V 587 14.50 57.28 52.09
N PHE V 588 15.44 58.19 52.21
CA PHE V 588 16.57 58.29 51.30
C PHE V 588 17.83 58.53 52.12
N SER V 589 17.93 57.78 53.22
CA SER V 589 19.12 57.80 54.04
C SER V 589 20.34 57.27 53.29
N SER V 590 20.14 56.36 52.34
CA SER V 590 21.25 55.87 51.54
C SER V 590 21.80 56.93 50.59
N PHE V 591 21.03 57.99 50.34
CA PHE V 591 21.49 59.14 49.56
C PHE V 591 22.09 60.22 50.45
N ARG V 592 21.43 60.53 51.57
CA ARG V 592 21.93 61.60 52.42
C ARG V 592 23.20 61.19 53.17
N VAL V 593 23.31 59.92 53.58
CA VAL V 593 24.54 59.43 54.21
C VAL V 593 25.66 59.38 53.19
N ALA V 594 25.33 59.10 51.93
CA ALA V 594 26.33 59.15 50.86
C ALA V 594 26.86 60.55 50.66
N LEU V 595 26.00 61.56 50.76
CA LEU V 595 26.49 62.93 50.76
C LEU V 595 27.32 63.27 52.00
N ALA V 596 26.91 62.78 53.17
CA ALA V 596 27.65 63.09 54.39
C ALA V 596 28.99 62.39 54.46
N GLY V 597 29.16 61.29 53.73
CA GLY V 597 30.43 60.57 53.72
C GLY V 597 31.53 61.22 52.91
N TRP V 598 31.21 62.24 52.13
CA TRP V 598 32.23 62.98 51.40
C TRP V 598 33.15 63.74 52.33
N LEU V 599 32.64 64.12 53.51
CA LEU V 599 33.44 64.88 54.45
C LEU V 599 34.46 64.01 55.17
N TYR V 600 34.18 62.72 55.35
CA TYR V 600 35.02 61.86 56.17
C TYR V 600 35.56 60.78 55.24
N ASN V 601 36.69 61.06 54.60
CA ASN V 601 37.22 60.13 53.61
C ASN V 601 38.22 59.16 54.24
N GLY V 602 39.11 59.67 55.09
CA GLY V 602 40.14 58.85 55.67
C GLY V 602 39.71 58.00 56.84
N VAL V 603 38.44 58.04 57.20
CA VAL V 603 37.89 57.26 58.29
C VAL V 603 36.98 56.16 57.79
N VAL V 604 35.98 56.53 57.00
CA VAL V 604 34.97 55.60 56.51
C VAL V 604 34.90 55.76 55.00
N THR V 605 34.68 54.66 54.29
CA THR V 605 34.54 54.72 52.85
C THR V 605 33.21 54.11 52.43
N THR V 606 32.55 54.78 51.50
CA THR V 606 31.20 54.43 51.09
C THR V 606 31.26 53.53 49.87
N VAL V 607 30.61 52.38 49.94
CA VAL V 607 30.49 51.49 48.80
C VAL V 607 29.03 51.19 48.55
N ILE V 608 28.75 50.66 47.37
CA ILE V 608 27.45 50.07 47.09
C ILE V 608 27.44 48.67 47.67
N ASP V 609 26.36 48.31 48.36
CA ASP V 609 26.26 47.03 49.03
C ASP V 609 26.28 45.88 48.04
N ASP V 610 26.81 44.75 48.50
CA ASP V 610 26.59 43.48 47.82
C ASP V 610 25.09 43.17 47.79
N SER V 611 24.69 42.39 46.78
CA SER V 611 23.30 42.12 46.43
C SER V 611 22.54 43.39 46.06
N SER V 612 23.26 44.39 45.56
CA SER V 612 22.70 45.36 44.64
C SER V 612 23.22 45.15 43.24
N TYR V 613 24.15 44.23 43.08
CA TYR V 613 24.69 43.81 41.80
C TYR V 613 23.73 42.79 41.18
N PRO V 614 23.92 42.43 39.91
CA PRO V 614 23.16 41.30 39.36
C PRO V 614 23.45 40.01 40.12
N LYS V 615 22.38 39.27 40.38
CA LYS V 615 22.51 37.96 40.99
C LYS V 615 23.25 37.03 40.04
N ASP V 616 24.19 36.26 40.59
CA ASP V 616 24.77 35.09 39.95
C ASP V 616 25.60 35.48 38.72
N GLY V 617 26.15 36.70 38.73
CA GLY V 617 26.89 37.20 37.60
C GLY V 617 26.03 38.05 36.71
N GLY V 618 24.81 37.61 36.46
CA GLY V 618 23.92 38.29 35.56
C GLY V 618 24.20 37.94 34.13
N SER V 619 23.18 38.09 33.29
CA SER V 619 23.34 37.83 31.87
C SER V 619 22.62 38.91 31.09
N VAL V 620 23.09 39.13 29.88
CA VAL V 620 22.49 40.14 29.02
C VAL V 620 21.14 39.67 28.50
N THR V 621 20.98 38.35 28.37
CA THR V 621 19.76 37.77 27.81
C THR V 621 18.55 37.92 28.72
N SER V 622 18.73 38.33 29.97
CA SER V 622 17.62 38.48 30.89
C SER V 622 17.17 39.94 30.93
N LEU V 623 15.87 40.12 31.19
CA LEU V 623 15.31 41.46 31.21
C LEU V 623 15.67 42.20 32.48
N GLU V 624 15.71 41.49 33.61
CA GLU V 624 15.89 42.14 34.90
C GLU V 624 17.32 42.60 35.11
N ASN V 625 18.29 41.84 34.60
CA ASN V 625 19.69 42.18 34.81
C ASN V 625 20.12 43.43 34.06
N LEU V 626 19.46 43.76 32.96
CA LEU V 626 19.77 45.02 32.27
C LEU V 626 19.36 46.22 33.11
N TRP V 627 18.17 46.15 33.72
CA TRP V 627 17.76 47.26 34.57
C TRP V 627 18.53 47.29 35.88
N ASP V 628 18.99 46.12 36.35
CA ASP V 628 19.85 46.10 37.52
C ASP V 628 21.19 46.76 37.23
N PHE V 629 21.76 46.50 36.06
CA PHE V 629 22.96 47.19 35.64
C PHE V 629 22.72 48.68 35.46
N PHE V 630 21.54 49.07 34.99
CA PHE V 630 21.24 50.49 34.81
C PHE V 630 21.19 51.22 36.16
N ILE V 631 20.48 50.64 37.13
CA ILE V 631 20.41 51.22 38.47
C ILE V 631 21.78 51.29 39.11
N LEU V 632 22.57 50.24 38.95
CA LEU V 632 23.89 50.18 39.56
C LEU V 632 24.85 51.19 38.93
N ALA V 633 24.87 51.26 37.60
CA ALA V 633 25.80 52.17 36.92
C ALA V 633 25.34 53.61 37.02
N LEU V 634 24.07 53.86 37.32
CA LEU V 634 23.67 55.23 37.59
C LEU V 634 23.98 55.64 39.02
N ALA V 635 23.97 54.69 39.96
CA ALA V 635 24.20 55.01 41.35
C ALA V 635 25.66 55.04 41.76
N LEU V 636 26.57 54.42 40.99
CA LEU V 636 27.97 54.37 41.41
C LEU V 636 28.73 55.68 41.61
N PRO V 637 28.64 56.74 40.78
CA PRO V 637 29.60 57.85 40.94
C PRO V 637 29.41 58.74 42.16
N LEU V 638 28.53 58.41 43.11
CA LEU V 638 28.44 59.15 44.35
C LEU V 638 29.21 58.50 45.49
N THR V 639 29.67 57.27 45.32
CA THR V 639 30.43 56.64 46.38
C THR V 639 31.83 57.21 46.46
N THR V 640 32.43 57.11 47.64
CA THR V 640 33.80 57.50 47.84
C THR V 640 34.77 56.35 47.60
N ASP V 641 34.29 55.25 47.07
CA ASP V 641 35.13 54.10 46.79
C ASP V 641 36.01 54.41 45.59
N PRO V 642 37.35 54.37 45.72
CA PRO V 642 38.19 54.77 44.59
C PRO V 642 38.32 53.74 43.48
N CYS V 643 37.64 52.60 43.58
CA CYS V 643 37.65 51.56 42.54
C CYS V 643 36.26 51.40 41.93
N ALA V 644 35.41 52.40 42.16
CA ALA V 644 34.10 52.42 41.53
C ALA V 644 34.09 52.43 40.00
N PRO V 645 35.02 53.08 39.27
CA PRO V 645 35.01 52.89 37.81
C PRO V 645 35.36 51.49 37.37
N VAL V 646 36.26 50.80 38.07
CA VAL V 646 36.58 49.42 37.70
C VAL V 646 35.40 48.51 38.00
N LYS V 647 34.68 48.78 39.08
CA LYS V 647 33.44 48.04 39.33
C LYS V 647 32.39 48.32 38.27
N ALA V 648 32.30 49.58 37.81
CA ALA V 648 31.34 49.95 36.77
C ALA V 648 31.66 49.26 35.45
N PHE V 649 32.93 49.10 35.13
CA PHE V 649 33.29 48.40 33.91
C PHE V 649 33.05 46.90 34.05
N MET V 650 33.52 46.31 35.14
CA MET V 650 33.51 44.87 35.21
C MET V 650 32.15 44.29 35.57
N THR V 651 31.17 45.11 35.98
CA THR V 651 29.82 44.58 36.04
C THR V 651 29.29 44.25 34.66
N LEU V 652 29.49 45.14 33.68
CA LEU V 652 29.08 44.86 32.31
C LEU V 652 29.94 43.77 31.69
N ALA V 653 31.25 43.81 31.95
CA ALA V 653 32.12 42.77 31.41
C ALA V 653 31.86 41.40 32.02
N ASN V 654 31.31 41.36 33.24
CA ASN V 654 30.85 40.12 33.82
C ASN V 654 29.53 39.70 33.23
N MET V 655 28.67 40.66 32.91
CA MET V 655 27.35 40.32 32.40
C MET V 655 27.42 39.85 30.95
N MET V 656 28.43 40.25 30.20
CA MET V 656 28.54 39.90 28.78
C MET V 656 29.47 38.73 28.52
N VAL V 657 29.52 37.75 29.42
CA VAL V 657 30.33 36.56 29.20
C VAL V 657 29.58 35.64 28.25
N GLY V 658 30.20 35.29 27.14
CA GLY V 658 29.57 34.45 26.15
C GLY V 658 29.07 35.15 24.92
N PHE V 659 29.27 36.43 24.82
CA PHE V 659 29.00 37.18 23.60
C PHE V 659 30.18 38.01 23.16
N GLU V 660 30.94 38.56 24.09
CA GLU V 660 32.15 39.33 23.79
C GLU V 660 33.25 38.91 24.74
N THR V 661 34.47 38.90 24.23
CA THR V 661 35.64 38.47 24.98
C THR V 661 36.65 39.59 25.05
N ILE V 662 37.26 39.77 26.21
CA ILE V 662 38.31 40.75 26.41
C ILE V 662 39.57 40.01 26.86
N PRO V 663 40.75 40.58 26.62
CA PRO V 663 41.97 39.95 27.15
C PRO V 663 42.13 40.22 28.64
N MET V 664 42.73 39.25 29.32
CA MET V 664 43.08 39.40 30.73
C MET V 664 44.54 39.07 30.91
N ASP V 665 44.99 38.95 32.16
CA ASP V 665 46.42 38.85 32.44
C ASP V 665 46.87 37.62 33.20
N ASN V 666 45.97 36.88 33.84
CA ASN V 666 46.37 35.96 34.88
C ASN V 666 46.03 34.52 34.60
N GLN V 667 44.98 34.26 33.82
CA GLN V 667 44.30 32.98 33.55
C GLN V 667 43.62 32.38 34.77
N ILE V 668 43.66 33.04 35.94
CA ILE V 668 42.77 32.70 37.04
C ILE V 668 41.87 33.86 37.45
N TYR V 669 42.25 35.11 37.14
CA TYR V 669 41.34 36.25 37.26
C TYR V 669 40.76 36.48 35.87
N THR V 670 39.81 35.65 35.50
CA THR V 670 39.27 35.67 34.15
C THR V 670 38.25 36.80 34.02
N GLN V 671 37.52 36.79 32.90
CA GLN V 671 36.52 37.83 32.66
C GLN V 671 35.33 37.65 33.59
N SER V 672 34.96 36.41 33.87
CA SER V 672 33.78 36.16 34.70
C SER V 672 34.12 36.13 36.18
N ARG V 673 34.82 37.15 36.65
CA ARG V 673 35.03 37.35 38.07
C ARG V 673 34.08 38.42 38.56
N ARG V 674 33.51 38.22 39.73
CA ARG V 674 32.43 39.07 40.21
C ARG V 674 32.94 40.48 40.52
N ALA V 675 32.14 41.47 40.13
CA ALA V 675 32.58 42.86 40.18
C ALA V 675 32.71 43.38 41.60
N SER V 676 32.12 42.70 42.59
CA SER V 676 32.27 43.12 43.97
C SER V 676 33.67 42.88 44.50
N ALA V 677 34.43 41.98 43.89
CA ALA V 677 35.72 41.57 44.41
C ALA V 677 36.86 42.47 43.96
N PHE V 678 36.58 43.52 43.19
CA PHE V 678 37.61 44.42 42.68
C PHE V 678 37.73 45.66 43.57
N SER V 679 37.99 45.43 44.85
CA SER V 679 37.87 46.47 45.87
C SER V 679 39.21 47.09 46.25
N THR V 680 40.29 46.72 45.56
CA THR V 680 41.63 47.16 45.93
C THR V 680 42.38 47.44 44.63
N PRO V 681 43.11 48.56 44.55
CA PRO V 681 43.68 49.00 43.25
C PRO V 681 44.71 48.09 42.62
N HIS V 682 45.22 47.06 43.31
CA HIS V 682 46.08 46.12 42.61
C HIS V 682 45.29 45.19 41.70
N THR V 683 43.98 45.10 41.89
CA THR V 683 43.14 44.22 41.09
C THR V 683 42.69 44.85 39.79
N TRP V 684 43.13 46.06 39.47
CA TRP V 684 42.62 46.75 38.29
C TRP V 684 43.22 46.14 37.04
N PRO V 685 42.41 45.70 36.08
CA PRO V 685 42.95 44.99 34.93
C PRO V 685 43.58 45.93 33.93
N ARG V 686 44.60 45.41 33.24
CA ARG V 686 45.27 46.20 32.21
C ARG V 686 44.37 46.44 31.01
N CYS V 687 43.40 45.55 30.79
CA CYS V 687 42.43 45.76 29.72
C CYS V 687 41.52 46.94 30.02
N PHE V 688 41.27 47.23 31.29
CA PHE V 688 40.59 48.46 31.62
C PHE V 688 41.54 49.64 31.60
N MET V 689 42.81 49.42 31.94
CA MET V 689 43.75 50.54 32.01
C MET V 689 44.05 51.11 30.63
N ASN V 690 44.51 50.28 29.71
CA ASN V 690 44.75 50.71 28.34
C ASN V 690 43.63 50.14 27.48
N ILE V 691 42.71 51.01 27.06
CA ILE V 691 41.54 50.55 26.31
C ILE V 691 41.83 50.26 24.85
N GLN V 692 43.06 50.49 24.40
CA GLN V 692 43.44 50.07 23.06
C GLN V 692 43.54 48.57 22.92
N LEU V 693 43.74 47.85 24.02
CA LEU V 693 43.83 46.40 23.95
C LEU V 693 42.47 45.74 23.80
N ILE V 694 41.39 46.47 24.05
CA ILE V 694 40.05 45.95 23.78
C ILE V 694 39.76 46.16 22.30
N SER V 695 39.73 45.08 21.54
CA SER V 695 39.56 45.20 20.10
C SER V 695 38.10 45.49 19.78
N PRO V 696 37.82 46.47 18.93
CA PRO V 696 36.41 46.79 18.61
C PRO V 696 35.74 45.77 17.72
N ILE V 697 36.49 44.82 17.16
CA ILE V 697 35.87 43.72 16.43
C ILE V 697 35.27 42.73 17.42
N ASP V 698 36.00 42.40 18.48
CA ASP V 698 35.53 41.40 19.42
C ASP V 698 34.57 41.99 20.45
N ALA V 699 34.82 43.22 20.91
CA ALA V 699 34.00 43.84 21.95
C ALA V 699 33.57 45.24 21.54
N PRO V 700 32.62 45.37 20.61
CA PRO V 700 32.23 46.71 20.14
C PRO V 700 31.35 47.46 21.13
N ILE V 701 30.93 46.85 22.22
CA ILE V 701 30.13 47.51 23.24
C ILE V 701 30.93 47.70 24.52
N LEU V 702 31.75 46.72 24.88
CA LEU V 702 32.68 46.90 25.99
C LEU V 702 33.74 47.95 25.68
N ARG V 703 34.12 48.09 24.40
CA ARG V 703 35.01 49.18 24.00
C ARG V 703 34.35 50.54 24.21
N GLN V 704 33.07 50.65 23.86
CA GLN V 704 32.34 51.90 24.06
C GLN V 704 32.19 52.22 25.54
N TRP V 705 31.93 51.20 26.36
CA TRP V 705 31.75 51.42 27.79
C TRP V 705 33.07 51.81 28.46
N ALA V 706 34.17 51.16 28.08
CA ALA V 706 35.48 51.56 28.59
C ALA V 706 35.89 52.94 28.12
N GLU V 707 35.42 53.37 26.95
CA GLU V 707 35.69 54.74 26.51
C GLU V 707 34.85 55.75 27.27
N ILE V 708 33.57 55.45 27.50
CA ILE V 708 32.68 56.37 28.20
C ILE V 708 33.08 56.56 29.65
N ILE V 709 33.60 55.50 30.29
CA ILE V 709 34.10 55.66 31.66
C ILE V 709 35.32 56.58 31.68
N HIS V 710 36.28 56.37 30.79
CA HIS V 710 37.49 57.19 30.81
C HIS V 710 37.24 58.62 30.34
N ARG V 711 36.19 58.87 29.58
CA ARG V 711 35.91 60.24 29.16
C ARG V 711 35.01 61.00 30.12
N TYR V 712 33.86 60.44 30.48
CA TYR V 712 32.77 61.20 31.08
C TYR V 712 32.52 60.84 32.54
N TRP V 713 33.49 60.22 33.20
CA TRP V 713 33.39 60.06 34.65
C TRP V 713 33.55 61.43 35.31
N PRO V 714 32.86 61.68 36.42
CA PRO V 714 32.92 63.01 37.05
C PRO V 714 34.29 63.34 37.62
N ASN V 715 34.64 64.62 37.53
CA ASN V 715 35.89 65.24 37.92
C ASN V 715 35.80 65.78 39.35
N PRO V 716 36.78 65.50 40.19
CA PRO V 716 36.78 66.09 41.53
C PRO V 716 37.11 67.57 41.49
N SER V 717 36.72 68.26 42.55
CA SER V 717 36.94 69.69 42.67
C SER V 717 37.05 70.05 44.15
N GLN V 718 37.20 71.34 44.42
CA GLN V 718 37.40 71.79 45.79
C GLN V 718 36.81 73.17 45.99
N ILE V 719 36.45 73.47 47.24
CA ILE V 719 35.83 74.74 47.61
C ILE V 719 36.34 75.10 49.01
N ARG V 720 36.48 76.39 49.26
CA ARG V 720 36.92 76.80 50.58
C ARG V 720 35.76 76.78 51.58
N TYR V 721 36.11 76.88 52.86
CA TYR V 721 35.13 77.05 53.92
C TYR V 721 35.82 77.69 55.11
N GLY V 722 35.01 78.14 56.06
CA GLY V 722 35.42 78.67 57.35
C GLY V 722 36.35 79.87 57.25
N THR V 723 37.09 80.08 58.33
CA THR V 723 38.10 81.11 58.39
C THR V 723 39.45 80.48 58.70
N PRO V 724 40.51 80.85 58.00
CA PRO V 724 41.83 80.30 58.34
C PRO V 724 42.50 81.02 59.50
N ASN V 725 42.36 82.34 59.59
CA ASN V 725 43.15 83.11 60.55
C ASN V 725 42.61 82.96 61.97
N VAL V 726 41.30 83.06 62.12
CA VAL V 726 40.62 82.73 63.36
C VAL V 726 39.91 81.41 63.13
N PHE V 727 39.71 80.65 64.21
CA PHE V 727 39.19 79.30 64.35
C PHE V 727 40.20 78.24 63.94
N GLY V 728 41.33 78.60 63.35
CA GLY V 728 42.29 77.65 62.84
C GLY V 728 41.70 76.82 61.71
N SER V 729 42.27 75.63 61.54
CA SER V 729 41.81 74.67 60.55
C SER V 729 42.36 73.30 60.93
N ALA V 730 41.49 72.30 61.02
CA ALA V 730 41.90 70.94 61.34
C ALA V 730 42.25 70.13 60.10
N ASN V 731 42.63 70.78 59.01
CA ASN V 731 42.83 70.12 57.75
C ASN V 731 44.21 69.47 57.72
N LEU V 732 44.24 68.15 57.90
CA LEU V 732 45.43 67.37 57.68
C LEU V 732 45.50 66.94 56.21
N PHE V 733 46.71 66.98 55.65
CA PHE V 733 47.10 66.61 54.28
C PHE V 733 46.55 67.55 53.21
N THR V 734 45.77 68.55 53.57
CA THR V 734 45.17 69.48 52.62
C THR V 734 45.50 70.90 53.06
N PRO V 735 45.52 71.85 52.14
CA PRO V 735 45.69 73.25 52.54
C PRO V 735 44.53 73.72 53.38
N PRO V 736 44.74 74.72 54.25
CA PRO V 736 43.81 74.91 55.38
C PRO V 736 42.43 75.44 55.03
N GLU V 737 42.14 75.90 53.81
CA GLU V 737 40.74 76.14 53.44
C GLU V 737 40.43 75.52 52.07
N VAL V 738 40.23 74.20 52.08
CA VAL V 738 39.74 73.49 50.91
C VAL V 738 38.82 72.39 51.42
N LEU V 739 37.87 72.01 50.59
CA LEU V 739 36.95 70.91 50.88
C LEU V 739 36.91 70.06 49.63
N LEU V 740 37.60 68.93 49.66
CA LEU V 740 37.74 68.10 48.47
C LEU V 740 36.42 67.40 48.19
N LEU V 741 35.83 67.70 47.05
CA LEU V 741 34.58 67.09 46.67
C LEU V 741 34.80 66.16 45.48
N PRO V 742 34.06 65.07 45.39
CA PRO V 742 34.21 64.17 44.24
C PRO V 742 33.35 64.57 43.05
N ILE V 743 32.88 65.81 43.02
CA ILE V 743 31.99 66.29 41.97
C ILE V 743 32.35 67.75 41.68
N ASP V 744 32.14 68.17 40.44
CA ASP V 744 32.42 69.53 40.03
C ASP V 744 31.26 70.45 40.41
N HIS V 745 31.57 71.72 40.68
CA HIS V 745 30.55 72.68 41.06
C HIS V 745 30.71 73.97 40.27
N GLN V 746 29.58 74.61 39.98
CA GLN V 746 29.47 75.91 39.35
C GLN V 746 28.74 76.84 40.31
N PRO V 747 28.78 78.16 40.10
CA PRO V 747 27.96 79.05 40.93
C PRO V 747 26.47 78.82 40.74
N ALA V 748 25.72 79.07 41.82
CA ALA V 748 24.36 78.61 41.95
C ALA V 748 23.38 79.63 41.38
N ASN V 749 22.48 79.16 40.52
CA ASN V 749 21.27 79.88 40.15
C ASN V 749 20.13 78.90 40.02
N VAL V 750 18.91 79.42 40.09
CA VAL V 750 17.74 78.55 40.01
C VAL V 750 17.15 78.44 38.61
N THR V 751 17.37 79.43 37.74
CA THR V 751 16.82 79.42 36.39
C THR V 751 17.80 78.84 35.38
N THR V 752 18.37 77.69 35.68
CA THR V 752 19.18 76.98 34.71
C THR V 752 18.39 75.80 34.17
N PRO V 753 18.53 75.43 32.90
CA PRO V 753 17.66 74.40 32.32
C PRO V 753 17.96 73.02 32.86
N THR V 754 16.92 72.19 32.89
CA THR V 754 17.02 70.86 33.48
C THR V 754 17.84 69.92 32.59
N LEU V 755 17.63 69.99 31.28
CA LEU V 755 18.35 69.16 30.32
C LEU V 755 19.66 69.82 29.90
N ASP V 756 20.46 70.17 30.91
CA ASP V 756 21.77 70.78 30.70
C ASP V 756 22.76 69.63 30.61
N PHE V 757 23.26 69.36 29.41
CA PHE V 757 24.23 68.29 29.26
C PHE V 757 25.65 68.75 29.58
N THR V 758 25.85 70.04 29.84
CA THR V 758 27.11 70.50 30.42
C THR V 758 27.24 70.02 31.86
N ASN V 759 26.11 69.88 32.56
CA ASN V 759 26.11 69.31 33.90
C ASN V 759 26.56 67.86 33.85
N GLU V 760 27.38 67.49 34.84
CA GLU V 760 28.15 66.27 34.74
C GLU V 760 27.30 65.03 34.99
N LEU V 761 26.45 65.07 36.01
CA LEU V 761 25.62 63.91 36.30
C LEU V 761 24.52 63.73 35.27
N THR V 762 24.03 64.83 34.69
CA THR V 762 23.08 64.74 33.59
C THR V 762 23.75 64.15 32.35
N ASN V 763 24.99 64.55 32.09
CA ASN V 763 25.77 63.93 31.01
C ASN V 763 25.97 62.44 31.26
N TRP V 764 26.24 62.07 32.51
CA TRP V 764 26.43 60.66 32.84
C TRP V 764 25.16 59.86 32.65
N ARG V 765 24.01 60.41 33.05
CA ARG V 765 22.74 59.73 32.84
C ARG V 765 22.43 59.58 31.36
N ALA V 766 22.68 60.62 30.57
CA ALA V 766 22.45 60.54 29.14
C ALA V 766 23.35 59.52 28.44
N ARG V 767 24.62 59.44 28.83
CA ARG V 767 25.50 58.46 28.19
C ARG V 767 25.20 57.03 28.60
N VAL V 768 24.83 56.80 29.86
CA VAL V 768 24.47 55.44 30.27
C VAL V 768 23.17 55.00 29.60
N CYS V 769 22.18 55.91 29.49
CA CYS V 769 20.98 55.60 28.74
C CYS V 769 21.24 55.36 27.26
N GLU V 770 22.19 56.10 26.66
CA GLU V 770 22.49 55.91 25.26
C GLU V 770 23.19 54.57 25.01
N LEU V 771 24.12 54.16 25.89
CA LEU V 771 24.76 52.87 25.70
C LEU V 771 23.80 51.73 25.98
N MET V 772 22.88 51.91 26.93
CA MET V 772 21.88 50.88 27.16
C MET V 772 20.90 50.79 26.00
N LYS V 773 20.71 51.88 25.28
CA LYS V 773 19.93 51.83 24.06
C LYS V 773 20.67 51.07 22.96
N ASN V 774 21.94 51.43 22.72
CA ASN V 774 22.76 50.79 21.69
C ASN V 774 23.03 49.32 21.96
N LEU V 775 22.94 48.88 23.20
CA LEU V 775 23.03 47.44 23.47
C LEU V 775 21.81 46.70 22.96
N VAL V 776 20.62 47.26 23.16
CA VAL V 776 19.39 46.56 22.83
C VAL V 776 19.06 46.63 21.33
N ASP V 777 19.49 47.72 20.66
CA ASP V 777 19.04 48.05 19.31
C ASP V 777 19.26 46.96 18.27
N ASN V 778 20.24 46.09 18.47
CA ASN V 778 20.60 45.16 17.43
C ASN V 778 19.95 43.79 17.56
N GLN V 779 19.53 43.41 18.78
CA GLN V 779 19.15 42.04 19.14
C GLN V 779 20.23 41.05 18.68
N ARG V 780 21.47 41.40 18.96
CA ARG V 780 22.55 40.44 18.81
C ARG V 780 22.71 39.65 20.09
N TYR V 781 22.26 40.20 21.21
CA TYR V 781 22.62 39.71 22.53
C TYR V 781 21.44 39.12 23.29
N GLN V 782 20.24 39.13 22.71
CA GLN V 782 19.07 38.54 23.35
C GLN V 782 18.35 37.62 22.38
N PRO V 783 18.81 36.37 22.24
CA PRO V 783 17.91 35.36 21.68
C PRO V 783 17.03 34.82 22.78
N GLY V 784 15.85 34.34 22.39
CA GLY V 784 14.86 33.90 23.32
C GLY V 784 13.73 34.88 23.54
N TRP V 785 13.97 36.17 23.29
CA TRP V 785 12.88 37.14 23.24
C TRP V 785 12.07 36.85 21.98
N THR V 786 10.94 36.19 22.14
CA THR V 786 10.14 35.77 21.00
C THR V 786 9.33 36.91 20.39
N GLN V 787 9.32 38.08 21.00
CA GLN V 787 8.69 39.25 20.41
C GLN V 787 9.66 40.42 20.44
N SER V 788 9.41 41.37 19.56
CA SER V 788 10.29 42.54 19.45
C SER V 788 10.06 43.50 20.61
N LEU V 789 10.87 43.39 21.65
CA LEU V 789 10.80 44.32 22.77
C LEU V 789 11.72 45.51 22.60
N VAL V 790 12.35 45.65 21.43
CA VAL V 790 13.31 46.73 21.23
C VAL V 790 12.63 48.09 21.16
N SER V 791 11.38 48.15 20.68
CA SER V 791 10.66 49.41 20.65
C SER V 791 10.28 49.90 22.04
N SER V 792 9.72 49.01 22.87
CA SER V 792 9.38 49.35 24.24
C SER V 792 10.61 49.67 25.07
N MET V 793 11.70 48.92 24.88
CA MET V 793 12.94 49.18 25.61
C MET V 793 13.54 50.52 25.23
N ARG V 794 13.62 50.81 23.94
CA ARG V 794 14.18 52.08 23.48
C ARG V 794 13.32 53.25 23.92
N GLY V 795 12.00 53.08 23.95
CA GLY V 795 11.14 54.15 24.42
C GLY V 795 11.28 54.42 25.91
N THR V 796 11.32 53.37 26.73
CA THR V 796 11.48 53.63 28.16
C THR V 796 12.88 54.10 28.52
N LEU V 797 13.90 53.74 27.73
CA LEU V 797 15.21 54.34 27.98
C LEU V 797 15.25 55.80 27.56
N GLY V 798 14.50 56.16 26.52
CA GLY V 798 14.33 57.57 26.20
C GLY V 798 13.63 58.34 27.30
N LYS V 799 12.64 57.71 27.94
CA LYS V 799 11.99 58.35 29.09
C LYS V 799 12.93 58.51 30.28
N LEU V 800 13.72 57.48 30.58
CA LEU V 800 14.72 57.60 31.65
C LEU V 800 15.78 58.65 31.34
N LYS V 801 16.11 58.84 30.06
CA LYS V 801 17.07 59.87 29.70
C LYS V 801 16.47 61.25 29.84
N LEU V 802 15.22 61.43 29.43
CA LEU V 802 14.62 62.75 29.34
C LEU V 802 13.73 63.08 30.53
N ILE V 803 13.83 62.33 31.62
CA ILE V 803 13.11 62.69 32.84
C ILE V 803 13.67 64.00 33.40
N LYS V 804 12.80 64.82 33.97
CA LYS V 804 13.24 66.05 34.62
C LYS V 804 13.36 65.81 36.12
N SER V 805 14.50 66.23 36.68
CA SER V 805 14.76 66.11 38.11
C SER V 805 15.89 67.06 38.43
N MET V 806 15.72 67.85 39.49
CA MET V 806 16.68 68.87 39.82
C MET V 806 17.70 68.43 40.85
N THR V 807 17.86 67.12 41.05
CA THR V 807 18.97 66.65 41.87
C THR V 807 20.35 66.71 41.22
N PRO V 808 20.53 66.54 39.89
CA PRO V 808 21.84 66.89 39.32
C PRO V 808 22.09 68.38 39.29
N MET V 809 21.05 69.20 39.39
CA MET V 809 21.25 70.62 39.63
C MET V 809 21.66 70.88 41.07
N TYR V 810 21.04 70.16 42.00
CA TYR V 810 21.25 70.39 43.42
C TYR V 810 22.64 69.95 43.87
N LEU V 811 23.02 68.71 43.56
CA LEU V 811 24.32 68.15 43.91
C LEU V 811 25.47 68.91 43.26
N GLN V 812 25.21 69.63 42.19
CA GLN V 812 26.22 70.39 41.49
C GLN V 812 26.28 71.85 41.92
N GLN V 813 25.20 72.41 42.46
CA GLN V 813 25.23 73.81 42.86
C GLN V 813 25.06 74.02 44.36
N LEU V 814 24.00 73.53 44.96
CA LEU V 814 23.63 73.95 46.31
C LEU V 814 24.12 73.02 47.40
N ALA V 815 24.44 71.79 47.09
CA ALA V 815 25.05 70.90 48.07
C ALA V 815 26.48 71.27 48.47
N PRO V 816 27.37 71.76 47.58
CA PRO V 816 28.69 72.20 48.09
C PRO V 816 28.64 73.38 49.03
N VAL V 817 27.78 74.37 48.78
CA VAL V 817 27.72 75.50 49.70
C VAL V 817 27.07 75.09 51.02
N GLU V 818 26.17 74.11 51.03
CA GLU V 818 25.64 73.63 52.29
C GLU V 818 26.65 72.81 53.07
N LEU V 819 27.49 72.02 52.39
CA LEU V 819 28.58 71.35 53.10
C LEU V 819 29.58 72.36 53.65
N ALA V 820 29.86 73.43 52.91
CA ALA V 820 30.74 74.48 53.40
C ALA V 820 30.15 75.26 54.56
N VAL V 821 28.82 75.34 54.66
CA VAL V 821 28.20 76.00 55.80
C VAL V 821 28.15 75.08 57.03
N ILE V 822 27.83 73.80 56.83
CA ILE V 822 27.72 72.87 57.95
C ILE V 822 29.10 72.58 58.56
N ALA V 823 30.11 72.40 57.70
CA ALA V 823 31.35 71.74 58.10
C ALA V 823 32.17 72.42 59.22
N PRO V 824 32.28 73.75 59.36
CA PRO V 824 33.04 74.27 60.51
C PRO V 824 32.32 74.14 61.84
N MET V 825 31.01 73.91 61.86
CA MET V 825 30.27 73.77 63.11
C MET V 825 30.04 72.32 63.50
N LEU V 826 30.99 71.46 63.23
CA LEU V 826 30.86 70.05 63.57
C LEU V 826 31.71 69.72 64.78
N PRO V 827 31.33 68.68 65.54
CA PRO V 827 32.24 68.21 66.61
C PRO V 827 33.48 67.55 66.07
N PHE V 828 33.36 66.75 65.02
CA PHE V 828 34.47 66.08 64.36
C PHE V 828 34.68 66.74 63.01
N PRO V 829 35.59 67.71 62.92
CA PRO V 829 35.76 68.45 61.66
C PRO V 829 36.40 67.56 60.61
N PRO V 830 36.16 67.82 59.32
CA PRO V 830 36.32 66.78 58.29
C PRO V 830 37.78 66.37 58.06
N PHE V 831 37.99 65.06 58.07
CA PHE V 831 39.29 64.45 57.85
C PHE V 831 39.28 63.84 56.47
N GLN V 832 39.89 64.51 55.50
CA GLN V 832 39.81 64.10 54.11
C GLN V 832 41.16 63.65 53.57
N VAL V 833 41.09 62.74 52.62
CA VAL V 833 42.22 62.13 51.94
C VAL V 833 41.93 62.28 50.45
N PRO V 834 42.89 62.71 49.62
CA PRO V 834 42.55 63.27 48.30
C PRO V 834 41.89 62.30 47.33
N TYR V 835 40.84 62.80 46.68
CA TYR V 835 40.12 62.04 45.66
C TYR V 835 40.90 62.04 44.36
N VAL V 836 40.92 60.89 43.70
CA VAL V 836 41.51 60.77 42.38
C VAL V 836 40.47 60.20 41.44
N ARG V 837 40.56 60.56 40.17
CA ARG V 837 39.58 60.11 39.20
C ARG V 837 39.91 58.72 38.69
N LEU V 838 41.03 58.59 37.98
CA LEU V 838 41.45 57.31 37.44
C LEU V 838 42.93 57.08 37.59
N ASP V 839 43.63 57.90 38.36
CA ASP V 839 45.07 57.79 38.50
C ASP V 839 45.37 56.58 39.38
N ARG V 840 45.74 55.47 38.75
CA ARG V 840 46.10 54.26 39.50
C ARG V 840 47.39 54.46 40.27
N ASP V 841 48.26 55.36 39.80
CA ASP V 841 49.56 55.58 40.43
C ASP V 841 49.41 56.21 41.81
N ARG V 842 48.35 56.97 42.04
CA ARG V 842 48.05 57.51 43.37
C ARG V 842 46.60 57.16 43.72
N VAL V 843 46.44 56.09 44.47
CA VAL V 843 45.19 55.82 45.19
C VAL V 843 45.58 55.54 46.63
N PRO V 844 45.03 56.25 47.60
CA PRO V 844 45.36 55.97 49.00
C PRO V 844 44.80 54.63 49.45
N THR V 845 45.67 53.81 50.03
CA THR V 845 45.31 52.46 50.42
C THR V 845 45.39 52.19 51.91
N MET V 846 46.04 53.05 52.69
CA MET V 846 46.31 52.75 54.09
C MET V 846 46.59 54.05 54.83
N VAL V 847 45.96 54.23 55.98
CA VAL V 847 46.17 55.42 56.82
C VAL V 847 46.61 54.94 58.20
N GLY V 848 47.73 55.50 58.68
CA GLY V 848 48.27 55.10 59.96
C GLY V 848 48.67 56.31 60.78
N VAL V 849 48.79 56.08 62.09
CA VAL V 849 49.17 57.10 63.07
C VAL V 849 50.38 56.60 63.84
N THR V 850 51.44 57.41 63.87
CA THR V 850 52.72 57.03 64.45
C THR V 850 52.90 57.76 65.78
N ARG V 851 53.16 57.00 66.84
CA ARG V 851 53.39 57.57 68.16
C ARG V 851 54.85 57.94 68.40
N GLN V 852 55.79 57.23 67.77
CA GLN V 852 57.17 57.36 68.14
C GLN V 852 57.82 58.54 67.41
N SER V 853 59.11 58.74 67.67
CA SER V 853 59.84 59.87 67.13
C SER V 853 60.27 59.60 65.70
N ARG V 854 61.16 60.45 65.19
CA ARG V 854 61.66 60.34 63.83
C ARG V 854 63.00 59.63 63.75
N ASP V 855 63.98 60.06 64.55
CA ASP V 855 65.30 59.44 64.53
C ASP V 855 65.46 58.33 65.56
N THR V 856 64.50 57.42 65.61
CA THR V 856 64.58 56.25 66.48
C THR V 856 64.15 55.02 65.69
N ILE V 857 64.61 53.86 66.15
CA ILE V 857 64.22 52.58 65.59
C ILE V 857 63.68 51.75 66.74
N THR V 858 62.36 51.60 66.79
CA THR V 858 61.68 50.81 67.80
C THR V 858 60.94 49.67 67.11
N GLN V 859 60.12 48.96 67.88
CA GLN V 859 59.23 47.97 67.32
C GLN V 859 58.20 48.64 66.41
N PRO V 860 57.81 48.00 65.33
CA PRO V 860 56.76 48.59 64.48
C PRO V 860 55.41 48.50 65.15
N ALA V 861 54.96 49.63 65.72
CA ALA V 861 53.70 49.67 66.44
C ALA V 861 52.67 50.29 65.51
N LEU V 862 52.23 49.50 64.54
CA LEU V 862 51.26 49.97 63.58
C LEU V 862 49.89 50.11 64.24
N SER V 863 49.19 51.18 63.90
CA SER V 863 47.91 51.47 64.51
C SER V 863 46.85 50.51 63.99
N LEU V 864 45.68 50.58 64.63
CA LEU V 864 44.58 49.69 64.27
C LEU V 864 44.01 50.04 62.91
N SER V 865 44.09 51.32 62.52
CA SER V 865 43.44 51.80 61.31
C SER V 865 44.12 51.31 60.04
N THR V 866 45.34 50.79 60.13
CA THR V 866 45.98 50.21 58.97
C THR V 866 45.40 48.85 58.62
N THR V 867 44.71 48.20 59.54
CA THR V 867 44.22 46.84 59.33
C THR V 867 42.84 46.82 58.69
N ASN V 868 42.70 47.51 57.57
CA ASN V 868 41.48 47.46 56.78
C ASN V 868 41.84 47.11 55.35
N THR V 869 40.90 46.46 54.67
CA THR V 869 41.08 46.19 53.24
C THR V 869 41.06 47.49 52.45
N THR V 870 40.08 48.33 52.71
CA THR V 870 39.97 49.63 52.09
C THR V 870 40.79 50.65 52.89
N VAL V 871 40.57 51.93 52.60
CA VAL V 871 41.28 52.99 53.31
C VAL V 871 40.75 53.15 54.73
N GLY V 872 39.51 52.73 54.99
CA GLY V 872 38.96 52.86 56.32
C GLY V 872 37.86 51.86 56.61
N VAL V 873 36.95 52.22 57.50
CA VAL V 873 35.83 51.36 57.85
C VAL V 873 34.88 51.26 56.65
N PRO V 874 34.44 50.07 56.26
CA PRO V 874 33.50 49.97 55.15
C PRO V 874 32.12 50.46 55.53
N LEU V 875 31.33 50.75 54.51
CA LEU V 875 30.02 51.36 54.69
C LEU V 875 29.17 51.02 53.48
N ALA V 876 28.19 50.13 53.66
CA ALA V 876 27.35 49.70 52.55
C ALA V 876 26.20 50.67 52.35
N LEU V 877 25.83 50.87 51.09
CA LEU V 877 24.73 51.74 50.71
C LEU V 877 23.86 51.02 49.69
N ASP V 878 22.60 51.39 49.65
CA ASP V 878 21.65 50.79 48.72
C ASP V 878 21.61 51.62 47.46
N ALA V 879 21.86 50.98 46.32
CA ALA V 879 21.84 51.69 45.05
C ALA V 879 20.45 52.06 44.60
N ARG V 880 19.43 51.35 45.10
CA ARG V 880 18.04 51.59 44.75
C ARG V 880 17.61 53.00 45.12
N ALA V 881 17.78 53.36 46.41
CA ALA V 881 17.35 54.66 46.88
C ALA V 881 18.19 55.80 46.31
N ILE V 882 19.48 55.56 46.07
CA ILE V 882 20.33 56.55 45.41
C ILE V 882 19.83 56.81 43.99
N THR V 883 19.43 55.77 43.28
CA THR V 883 18.97 55.95 41.91
C THR V 883 17.61 56.64 41.87
N VAL V 884 16.71 56.30 42.80
CA VAL V 884 15.43 57.01 42.89
C VAL V 884 15.63 58.47 43.28
N ALA V 885 16.60 58.75 44.14
CA ALA V 885 16.88 60.13 44.52
C ALA V 885 17.47 60.92 43.37
N LEU V 886 18.34 60.31 42.57
CA LEU V 886 18.82 60.99 41.37
C LEU V 886 17.71 61.20 40.34
N LEU V 887 16.81 60.24 40.18
CA LEU V 887 15.82 60.37 39.12
C LEU V 887 14.62 61.23 39.49
N SER V 888 14.39 61.49 40.78
CA SER V 888 13.22 62.29 41.13
C SER V 888 13.60 63.22 42.28
N GLY V 889 13.47 64.52 42.07
CA GLY V 889 13.69 65.49 43.11
C GLY V 889 13.46 66.90 42.62
N LYS V 890 12.70 67.71 43.36
CA LYS V 890 12.35 69.03 42.90
C LYS V 890 12.40 70.03 44.04
N TYR V 891 12.38 71.31 43.67
CA TYR V 891 12.32 72.42 44.59
C TYR V 891 10.87 72.76 44.90
N PRO V 892 10.62 73.56 45.94
CA PRO V 892 9.31 74.19 46.06
C PRO V 892 9.12 75.24 44.98
N PRO V 893 7.88 75.60 44.66
CA PRO V 893 7.67 76.61 43.61
C PRO V 893 8.07 78.02 44.01
N ASP V 894 8.03 78.37 45.29
CA ASP V 894 8.50 79.67 45.75
C ASP V 894 9.84 79.49 46.47
N LEU V 895 10.89 79.44 45.69
CA LEU V 895 12.23 79.25 46.23
C LEU V 895 13.02 80.52 45.98
N VAL V 896 13.25 81.28 47.03
CA VAL V 896 14.23 82.35 47.03
C VAL V 896 15.36 81.90 47.94
N THR V 897 16.58 81.84 47.38
CA THR V 897 17.71 81.35 48.15
C THR V 897 18.06 82.28 49.29
N ASN V 898 17.94 83.59 49.08
CA ASN V 898 18.24 84.55 50.12
C ASN V 898 17.19 84.55 51.23
N VAL V 899 16.03 83.94 51.01
CA VAL V 899 15.12 83.68 52.12
C VAL V 899 15.43 82.36 52.79
N TRP V 900 15.51 81.29 51.98
CA TRP V 900 15.65 79.93 52.50
C TRP V 900 16.94 79.76 53.31
N TYR V 901 18.08 80.16 52.74
CA TYR V 901 19.34 79.89 53.43
C TYR V 901 19.58 80.85 54.57
N ALA V 902 19.16 82.10 54.46
CA ALA V 902 19.23 83.01 55.60
C ALA V 902 18.34 82.56 56.73
N ASP V 903 17.26 81.86 56.42
CA ASP V 903 16.46 81.28 57.47
C ASP V 903 17.11 80.04 58.07
N ALA V 904 17.62 79.14 57.24
CA ALA V 904 18.09 77.85 57.73
C ALA V 904 19.43 77.95 58.43
N ILE V 905 20.22 78.97 58.11
CA ILE V 905 21.53 79.13 58.73
C ILE V 905 21.40 79.59 60.17
N TYR V 906 20.42 80.43 60.47
CA TYR V 906 20.30 81.10 61.76
C TYR V 906 20.14 80.22 63.01
N PRO V 907 19.28 79.18 63.06
CA PRO V 907 19.20 78.42 64.31
C PRO V 907 20.42 77.54 64.55
N MET V 908 21.01 76.98 63.51
CA MET V 908 22.19 76.15 63.75
C MET V 908 23.44 76.96 63.98
N TYR V 909 23.45 78.26 63.66
CA TYR V 909 24.51 79.09 64.20
C TYR V 909 24.17 79.59 65.59
N ALA V 910 22.88 79.70 65.92
CA ALA V 910 22.51 80.02 67.29
C ALA V 910 22.83 78.88 68.24
N ASP V 911 22.90 77.66 67.75
CA ASP V 911 23.34 76.52 68.55
C ASP V 911 24.72 76.04 68.08
N THR V 912 25.62 76.98 67.81
CA THR V 912 26.96 76.62 67.39
C THR V 912 27.77 76.14 68.58
N GLU V 913 28.81 75.35 68.28
CA GLU V 913 29.68 74.76 69.30
C GLU V 913 31.15 74.86 68.91
N VAL V 914 31.50 75.83 68.07
CA VAL V 914 32.88 75.99 67.66
C VAL V 914 33.73 76.46 68.84
N PHE V 915 33.16 77.31 69.68
CA PHE V 915 33.89 77.97 70.75
C PHE V 915 34.31 77.03 71.85
N SER V 916 33.40 76.13 72.27
CA SER V 916 33.75 75.13 73.27
C SER V 916 34.80 74.16 72.76
N ASN V 917 34.76 73.81 71.47
CA ASN V 917 35.78 72.93 70.93
C ASN V 917 37.13 73.62 70.87
N LEU V 918 37.15 74.91 70.55
CA LEU V 918 38.39 75.67 70.57
C LEU V 918 38.95 75.77 71.98
N GLN V 919 38.08 75.85 72.99
CA GLN V 919 38.57 75.81 74.37
C GLN V 919 39.10 74.43 74.73
N ARG V 920 38.48 73.36 74.24
CA ARG V 920 38.88 72.02 74.64
C ARG V 920 40.20 71.59 74.00
N ASP V 921 40.46 72.05 72.77
CA ASP V 921 41.65 71.60 72.06
C ASP V 921 42.95 72.09 72.68
N VAL V 922 42.91 73.22 73.40
CA VAL V 922 44.06 73.67 74.18
C VAL V 922 44.40 72.66 75.26
N ILE V 923 43.38 72.20 75.99
CA ILE V 923 43.59 71.26 77.08
C ILE V 923 44.11 69.93 76.56
N THR V 924 43.60 69.49 75.41
CA THR V 924 44.09 68.24 74.83
C THR V 924 45.53 68.35 74.36
N CYS V 925 45.86 69.42 73.62
CA CYS V 925 47.22 69.59 73.11
C CYS V 925 48.22 69.91 74.21
N GLU V 926 47.76 70.42 75.35
CA GLU V 926 48.63 70.62 76.49
C GLU V 926 48.87 69.33 77.25
N ALA V 927 47.83 68.51 77.41
CA ALA V 927 47.97 67.23 78.10
C ALA V 927 48.88 66.26 77.36
N VAL V 928 48.89 66.32 76.02
CA VAL V 928 49.79 65.45 75.25
C VAL V 928 51.25 65.76 75.56
N GLN V 929 51.61 67.05 75.60
CA GLN V 929 52.99 67.41 75.87
C GLN V 929 53.35 67.17 77.33
N THR V 930 52.39 67.34 78.24
CA THR V 930 52.59 66.95 79.63
C THR V 930 52.88 65.44 79.74
N LEU V 931 52.19 64.63 78.95
CA LEU V 931 52.43 63.19 78.97
C LEU V 931 53.83 62.84 78.47
N VAL V 932 54.23 63.40 77.32
CA VAL V 932 55.56 63.05 76.80
C VAL V 932 56.67 63.66 77.64
N THR V 933 56.39 64.70 78.42
CA THR V 933 57.42 65.22 79.29
C THR V 933 57.56 64.39 80.55
N LEU V 934 56.43 63.90 81.09
CA LEU V 934 56.50 63.19 82.37
C LEU V 934 56.83 61.72 82.25
N VAL V 935 56.48 61.06 81.13
CA VAL V 935 56.78 59.63 81.06
C VAL V 935 58.27 59.41 80.81
N ALA V 936 58.91 60.31 80.07
CA ALA V 936 60.34 60.20 79.79
C ALA V 936 61.21 60.38 81.02
N GLN V 937 60.66 60.93 82.11
CA GLN V 937 61.41 61.03 83.34
C GLN V 937 61.53 59.68 84.03
N ILE V 938 60.59 58.77 83.80
CA ILE V 938 60.59 57.48 84.50
C ILE V 938 60.79 56.30 83.57
N SER V 939 60.98 56.53 82.27
CA SER V 939 61.28 55.41 81.38
C SER V 939 62.51 55.74 80.54
N GLU V 940 62.99 54.74 79.82
CA GLU V 940 64.09 54.91 78.87
C GLU V 940 63.51 55.40 77.55
N THR V 941 63.68 56.69 77.27
CA THR V 941 63.25 57.28 76.02
C THR V 941 64.34 58.23 75.56
N GLN V 942 64.66 58.17 74.27
CA GLN V 942 65.72 59.01 73.71
C GLN V 942 65.35 60.49 73.63
N TYR V 943 64.09 60.85 73.87
CA TYR V 943 63.60 62.22 73.86
C TYR V 943 64.20 63.02 75.01
N PRO V 944 65.02 64.03 74.76
CA PRO V 944 65.64 64.75 75.87
C PRO V 944 64.80 65.92 76.37
N VAL V 945 64.40 65.89 77.65
CA VAL V 945 63.90 67.08 78.34
C VAL V 945 64.53 67.12 79.73
N ASP V 946 65.70 67.74 79.82
CA ASP V 946 66.22 68.54 80.93
C ASP V 946 66.54 67.81 82.23
N ARG V 947 66.01 66.60 82.44
CA ARG V 947 66.37 65.60 83.45
C ARG V 947 66.67 66.17 84.85
N TYR V 948 65.67 66.71 85.52
CA TYR V 948 65.94 67.49 86.73
C TYR V 948 66.23 66.61 87.94
N LEU V 949 65.36 65.64 88.24
CA LEU V 949 65.54 64.82 89.42
C LEU V 949 65.90 63.39 89.02
N ASP V 950 67.03 62.91 89.52
CA ASP V 950 67.51 61.55 89.26
C ASP V 950 67.84 60.87 90.57
N TRP V 951 68.21 61.67 91.58
CA TRP V 951 68.65 61.12 92.85
C TRP V 951 67.52 60.43 93.59
N ILE V 952 66.29 60.84 93.31
CA ILE V 952 65.10 60.13 93.74
C ILE V 952 65.04 58.81 92.97
N PRO V 953 65.17 57.67 93.63
CA PRO V 953 65.38 56.42 92.89
C PRO V 953 64.09 55.81 92.38
N SER V 954 64.20 55.13 91.24
CA SER V 954 63.07 54.41 90.67
C SER V 954 63.61 53.32 89.75
N LEU V 955 62.72 52.77 88.94
CA LEU V 955 63.00 51.61 88.12
C LEU V 955 62.84 51.97 86.65
N ARG V 956 63.44 51.15 85.80
CA ARG V 956 63.26 51.28 84.35
C ARG V 956 61.87 50.78 84.01
N ALA V 957 60.92 51.69 83.88
CA ALA V 957 59.52 51.32 83.76
C ALA V 957 59.23 50.74 82.38
N SER V 958 58.45 49.66 82.36
CA SER V 958 58.00 49.08 81.12
C SER V 958 56.68 49.72 80.71
N ALA V 959 56.06 49.18 79.65
CA ALA V 959 54.79 49.72 79.18
C ALA V 959 53.67 49.45 80.17
N ALA V 960 53.71 48.30 80.84
CA ALA V 960 52.64 47.95 81.78
C ALA V 960 52.66 48.81 83.02
N THR V 961 53.80 49.42 83.35
CA THR V 961 53.90 50.34 84.46
C THR V 961 53.65 51.78 84.01
N ALA V 962 54.16 52.14 82.83
CA ALA V 962 53.98 53.49 82.33
C ALA V 962 52.53 53.77 81.97
N ALA V 963 51.77 52.75 81.55
CA ALA V 963 50.36 52.95 81.25
C ALA V 963 49.56 53.20 82.52
N THR V 964 49.89 52.49 83.59
CA THR V 964 49.25 52.74 84.87
C THR V 964 49.59 54.12 85.41
N PHE V 965 50.83 54.57 85.22
CA PHE V 965 51.20 55.93 85.63
C PHE V 965 50.44 56.97 84.82
N ALA V 966 50.35 56.77 83.52
CA ALA V 966 49.68 57.74 82.66
C ALA V 966 48.17 57.76 82.84
N GLU V 967 47.58 56.68 83.34
CA GLU V 967 46.16 56.72 83.66
C GLU V 967 45.87 57.65 84.84
N TRP V 968 46.72 57.61 85.86
CA TRP V 968 46.57 58.56 86.97
C TRP V 968 46.85 59.99 86.52
N VAL V 969 47.83 60.17 85.63
CA VAL V 969 48.07 61.48 85.03
C VAL V 969 46.84 61.97 84.29
N ASN V 970 46.18 61.07 83.55
CA ASN V 970 44.98 61.42 82.78
C ASN V 970 43.84 61.85 83.69
N THR V 971 43.53 61.04 84.70
CA THR V 971 42.40 61.40 85.54
C THR V 971 42.69 62.63 86.41
N SER V 972 43.96 62.89 86.72
CA SER V 972 44.29 64.14 87.38
C SER V 972 44.15 65.33 86.45
N MET V 973 44.46 65.17 85.16
CA MET V 973 44.18 66.24 84.19
C MET V 973 42.69 66.48 84.02
N LYS V 974 41.88 65.42 84.09
CA LYS V 974 40.45 65.57 83.83
C LYS V 974 39.70 66.18 85.00
N THR V 975 40.08 65.82 86.23
CA THR V 975 39.33 66.23 87.42
C THR V 975 39.37 67.74 87.63
N ALA V 976 40.51 68.37 87.35
CA ALA V 976 40.61 69.81 87.57
C ALA V 976 39.90 70.63 86.51
N PHE V 977 39.95 70.20 85.26
CA PHE V 977 39.32 70.95 84.19
C PHE V 977 37.90 70.50 83.90
N ASP V 978 37.35 69.62 84.74
CA ASP V 978 35.92 69.28 84.80
C ASP V 978 35.45 68.67 83.48
N LEU V 979 36.05 67.54 83.15
CA LEU V 979 35.74 66.84 81.92
C LEU V 979 35.21 65.46 82.22
N SER V 980 34.39 64.92 81.33
CA SER V 980 33.86 63.59 81.50
C SER V 980 33.95 62.79 80.20
N ASP V 981 34.74 63.27 79.23
CA ASP V 981 34.89 62.60 77.95
C ASP V 981 36.36 62.32 77.70
N MET V 982 36.71 61.97 76.47
CA MET V 982 38.06 61.51 76.17
C MET V 982 39.10 62.61 76.32
N LEU V 983 40.25 62.21 76.82
CA LEU V 983 41.46 63.03 76.87
C LEU V 983 42.57 62.02 77.13
N LEU V 984 43.52 61.90 76.20
CA LEU V 984 44.67 60.99 76.27
C LEU V 984 44.29 59.50 76.37
N GLU V 985 43.02 59.17 76.23
CA GLU V 985 42.55 57.79 76.36
C GLU V 985 42.85 56.91 75.14
N PRO V 986 42.86 57.41 73.89
CA PRO V 986 43.45 56.58 72.82
C PRO V 986 44.94 56.38 72.93
N LEU V 987 45.65 57.16 73.75
CA LEU V 987 47.09 56.96 73.86
C LEU V 987 47.44 55.72 74.66
N LEU V 988 46.53 55.25 75.52
CA LEU V 988 46.87 54.23 76.49
C LEU V 988 46.56 52.83 76.00
N SER V 989 46.51 52.64 74.69
CA SER V 989 46.25 51.32 74.12
C SER V 989 47.56 50.63 73.79
N GLY V 990 48.38 50.45 74.81
CA GLY V 990 49.66 49.79 74.62
C GLY V 990 50.75 50.75 74.24
N ASP V 991 51.89 50.64 74.92
CA ASP V 991 53.10 51.43 74.78
C ASP V 991 52.85 52.94 74.84
N PRO V 992 52.61 53.52 76.02
CA PRO V 992 52.52 54.98 76.12
C PRO V 992 53.86 55.68 76.07
N ARG V 993 54.96 54.94 76.07
CA ARG V 993 56.30 55.53 76.04
C ARG V 993 56.56 56.06 74.63
N MET V 994 55.97 57.23 74.36
CA MET V 994 55.99 57.78 73.01
C MET V 994 56.47 59.22 73.06
N THR V 995 56.78 59.74 71.87
CA THR V 995 57.49 60.99 71.73
C THR V 995 56.67 62.06 71.04
N GLN V 996 56.12 61.79 69.86
CA GLN V 996 55.45 62.83 69.11
C GLN V 996 54.38 62.21 68.22
N LEU V 997 53.21 62.83 68.21
CA LEU V 997 52.12 62.35 67.38
C LEU V 997 52.41 62.69 65.92
N ALA V 998 52.05 61.78 65.02
CA ALA V 998 52.23 61.98 63.59
C ALA V 998 51.23 61.10 62.87
N ILE V 999 50.77 61.56 61.72
CA ILE V 999 49.77 60.85 60.95
C ILE V 999 50.26 60.76 59.51
N GLN V 1000 49.88 59.69 58.82
CA GLN V 1000 50.43 59.42 57.50
C GLN V 1000 49.52 58.51 56.71
N TYR V 1001 49.56 58.67 55.38
CA TYR V 1001 48.99 57.68 54.48
C TYR V 1001 50.00 57.39 53.39
N GLN V 1002 49.72 56.36 52.59
CA GLN V 1002 50.54 56.03 51.43
C GLN V 1002 49.68 55.96 50.18
N GLN V 1003 50.33 56.16 49.04
CA GLN V 1003 49.69 56.01 47.73
C GLN V 1003 49.74 54.54 47.32
N TYR V 1004 49.43 54.26 46.06
CA TYR V 1004 49.64 52.90 45.58
C TYR V 1004 51.11 52.64 45.30
N ASN V 1005 51.81 53.60 44.71
CA ASN V 1005 53.18 53.36 44.28
C ASN V 1005 54.20 53.44 45.40
N GLY V 1006 53.79 53.45 46.65
CA GLY V 1006 54.71 53.45 47.77
C GLY V 1006 55.05 54.80 48.33
N ARG V 1007 54.70 55.88 47.64
CA ARG V 1007 55.00 57.21 48.16
C ARG V 1007 54.06 57.54 49.31
N THR V 1008 54.64 57.90 50.44
CA THR V 1008 53.90 58.24 51.63
C THR V 1008 53.83 59.75 51.79
N PHE V 1009 53.09 60.19 52.79
CA PHE V 1009 53.02 61.61 53.16
C PHE V 1009 53.00 61.70 54.67
N ASN V 1010 54.01 62.33 55.23
CA ASN V 1010 54.15 62.41 56.68
C ASN V 1010 53.86 63.85 57.10
N VAL V 1011 52.73 64.05 57.74
CA VAL V 1011 52.36 65.35 58.31
C VAL V 1011 52.68 65.28 59.80
N ILE V 1012 53.66 66.05 60.22
CA ILE V 1012 54.06 66.16 61.62
C ILE V 1012 53.79 67.60 62.05
N PRO V 1013 52.76 67.85 62.86
CA PRO V 1013 52.55 69.20 63.38
C PRO V 1013 53.62 69.54 64.40
N GLU V 1014 54.15 70.76 64.30
CA GLU V 1014 55.14 71.21 65.27
C GLU V 1014 54.47 71.41 66.62
N MET V 1015 55.20 71.13 67.69
CA MET V 1015 54.64 71.31 69.00
C MET V 1015 54.88 72.73 69.48
N PRO V 1016 53.84 73.50 69.78
CA PRO V 1016 54.02 74.86 70.28
C PRO V 1016 54.41 74.84 71.76
N GLY V 1017 54.53 76.03 72.33
CA GLY V 1017 54.94 76.17 73.71
C GLY V 1017 53.93 75.69 74.73
N SER V 1018 54.26 74.59 75.39
CA SER V 1018 53.42 74.10 76.48
C SER V 1018 53.62 74.93 77.74
N VAL V 1019 52.64 74.87 78.63
CA VAL V 1019 52.61 75.68 79.83
C VAL V 1019 52.63 74.83 81.10
N ILE V 1020 51.74 73.84 81.16
CA ILE V 1020 51.70 72.97 82.33
C ILE V 1020 52.97 72.13 82.40
N ALA V 1021 53.54 71.75 81.25
CA ALA V 1021 54.76 70.96 81.23
C ALA V 1021 55.95 71.73 81.78
N ASP V 1022 56.19 72.95 81.29
CA ASP V 1022 57.35 73.63 81.82
C ASP V 1022 57.08 74.30 83.18
N CYS V 1023 55.83 74.43 83.61
CA CYS V 1023 55.60 74.74 85.02
C CYS V 1023 55.94 73.56 85.92
N VAL V 1024 55.63 72.33 85.49
CA VAL V 1024 56.06 71.14 86.21
C VAL V 1024 57.58 71.05 86.25
N GLN V 1025 58.23 71.42 85.14
CA GLN V 1025 59.69 71.44 85.12
C GLN V 1025 60.27 72.51 86.05
N LEU V 1026 59.61 73.68 86.13
CA LEU V 1026 60.07 74.70 87.06
C LEU V 1026 59.92 74.24 88.50
N THR V 1027 58.79 73.62 88.84
CA THR V 1027 58.63 73.18 90.22
C THR V 1027 59.49 71.95 90.53
N ALA V 1028 59.91 71.19 89.50
CA ALA V 1028 60.88 70.13 89.76
C ALA V 1028 62.25 70.70 90.04
N GLU V 1029 62.63 71.77 89.32
CA GLU V 1029 63.87 72.47 89.61
C GLU V 1029 63.86 73.07 91.02
N VAL V 1030 62.70 73.55 91.46
CA VAL V 1030 62.61 74.14 92.80
C VAL V 1030 62.54 73.07 93.89
N PHE V 1031 61.95 71.90 93.58
CA PHE V 1031 61.97 70.80 94.52
C PHE V 1031 63.36 70.19 94.66
N ASN V 1032 64.19 70.29 93.62
CA ASN V 1032 65.60 69.91 93.73
C ASN V 1032 66.35 70.72 94.78
N HIS V 1033 65.87 71.92 95.14
CA HIS V 1033 66.50 72.71 96.17
C HIS V 1033 65.76 72.72 97.49
N GLU V 1034 64.43 72.66 97.51
CA GLU V 1034 63.76 72.28 98.76
C GLU V 1034 63.12 70.90 98.55
N TYR V 1035 63.96 69.88 98.67
CA TYR V 1035 63.52 68.52 98.91
C TYR V 1035 62.94 68.35 100.30
N ASN V 1036 63.34 69.20 101.25
CA ASN V 1036 62.97 69.01 102.66
C ASN V 1036 61.51 69.32 102.91
N LEU V 1037 60.99 70.37 102.27
CA LEU V 1037 59.67 70.89 102.62
C LEU V 1037 58.54 69.96 102.22
N PHE V 1038 58.80 68.98 101.36
CA PHE V 1038 57.76 68.04 100.99
C PHE V 1038 57.90 66.73 101.74
N GLY V 1039 58.86 66.64 102.66
CA GLY V 1039 59.04 65.43 103.45
C GLY V 1039 60.04 64.44 102.88
N ILE V 1040 61.11 64.93 102.26
CA ILE V 1040 62.14 64.09 101.65
C ILE V 1040 63.48 64.54 102.20
N ALA V 1041 64.40 63.59 102.37
CA ALA V 1041 65.80 63.92 102.63
C ALA V 1041 66.67 63.38 101.51
N ARG V 1042 67.88 63.93 101.38
CA ARG V 1042 68.86 63.39 100.47
C ARG V 1042 69.62 62.27 101.15
N GLY V 1043 70.58 61.70 100.44
CA GLY V 1043 71.61 60.92 101.09
C GLY V 1043 71.24 59.53 101.53
N ASP V 1044 71.49 59.24 102.80
CA ASP V 1044 71.55 57.88 103.30
C ASP V 1044 71.40 57.89 104.82
N ILE V 1045 71.48 56.70 105.41
CA ILE V 1045 71.25 56.48 106.82
C ILE V 1045 72.48 55.79 107.40
N ILE V 1046 72.95 56.26 108.55
CA ILE V 1046 73.92 55.51 109.34
C ILE V 1046 73.20 54.98 110.56
N ILE V 1047 73.07 53.67 110.66
CA ILE V 1047 72.51 53.00 111.81
C ILE V 1047 73.67 52.58 112.70
N GLY V 1048 73.80 53.22 113.84
CA GLY V 1048 74.87 52.90 114.77
C GLY V 1048 74.66 53.57 116.10
N ARG V 1049 75.06 52.92 117.18
CA ARG V 1049 74.82 53.45 118.51
C ARG V 1049 75.71 54.64 118.78
N VAL V 1050 75.10 55.79 119.06
CA VAL V 1050 75.80 56.97 119.53
C VAL V 1050 75.17 57.33 120.87
N GLN V 1051 75.91 57.09 121.95
CA GLN V 1051 75.44 57.36 123.30
C GLN V 1051 76.27 58.49 123.88
N SER V 1052 75.66 59.66 124.04
CA SER V 1052 76.36 60.78 124.62
C SER V 1052 75.35 61.74 125.23
N THR V 1053 75.86 62.87 125.70
CA THR V 1053 75.06 63.93 126.31
C THR V 1053 74.67 65.02 125.31
N HIS V 1054 75.47 65.18 124.26
CA HIS V 1054 75.43 66.34 123.38
C HIS V 1054 74.10 66.45 122.63
N LEU V 1055 73.83 67.67 122.16
CA LEU V 1055 72.52 68.07 121.68
C LEU V 1055 72.51 68.28 120.16
N TRP V 1056 73.20 67.41 119.44
CA TRP V 1056 73.65 67.78 118.11
C TRP V 1056 72.63 67.57 117.00
N SER V 1057 71.37 67.20 117.31
CA SER V 1057 70.24 67.29 116.39
C SER V 1057 70.40 66.49 115.10
N PRO V 1058 70.15 65.17 115.10
CA PRO V 1058 70.54 64.29 113.99
C PRO V 1058 70.02 64.57 112.58
N LEU V 1059 69.26 65.65 112.37
CA LEU V 1059 69.09 66.15 111.01
C LEU V 1059 70.36 66.82 110.49
N ALA V 1060 71.25 67.25 111.37
CA ALA V 1060 72.48 67.94 110.98
C ALA V 1060 73.64 67.37 111.78
N PRO V 1061 74.34 66.38 111.24
CA PRO V 1061 75.38 65.69 112.00
C PRO V 1061 76.73 66.38 111.86
N PRO V 1062 77.62 66.21 112.83
CA PRO V 1062 79.00 66.66 112.65
C PRO V 1062 79.76 65.68 111.78
N PRO V 1063 80.91 66.06 111.22
CA PRO V 1063 81.63 65.13 110.34
C PRO V 1063 82.32 63.98 111.06
N ASP V 1064 82.24 63.92 112.39
CA ASP V 1064 82.86 62.84 113.14
C ASP V 1064 82.18 61.50 112.84
N LEU V 1065 80.86 61.50 112.80
CA LEU V 1065 80.12 60.25 112.75
C LEU V 1065 79.92 59.73 111.33
N VAL V 1066 79.97 60.61 110.34
CA VAL V 1066 79.65 60.18 108.98
C VAL V 1066 80.89 59.64 108.30
N PHE V 1067 80.67 58.75 107.34
CA PHE V 1067 81.73 58.20 106.51
C PHE V 1067 81.14 57.93 105.13
N ASP V 1068 82.00 57.49 104.22
CA ASP V 1068 81.59 57.30 102.83
C ASP V 1068 82.38 56.12 102.25
N ARG V 1069 82.39 56.04 100.92
CA ARG V 1069 83.23 55.05 100.26
C ARG V 1069 84.70 55.41 100.35
N ASP V 1070 85.01 56.70 100.47
CA ASP V 1070 86.39 57.17 100.49
C ASP V 1070 87.02 57.09 101.88
N THR V 1071 86.25 56.76 102.91
CA THR V 1071 86.80 56.67 104.25
C THR V 1071 87.65 55.41 104.36
N PRO V 1072 88.87 55.50 104.87
CA PRO V 1072 89.75 54.32 104.92
C PRO V 1072 89.29 53.31 105.96
N GLY V 1073 89.31 52.04 105.56
CA GLY V 1073 88.91 50.97 106.44
C GLY V 1073 87.42 50.68 106.44
N VAL V 1074 86.74 50.88 105.32
CA VAL V 1074 85.30 50.72 105.22
C VAL V 1074 85.02 49.68 104.15
N HIS V 1075 84.20 48.68 104.48
CA HIS V 1075 83.98 47.53 103.61
C HIS V 1075 82.69 47.70 102.82
N ILE V 1076 82.84 47.99 101.54
CA ILE V 1076 81.71 48.06 100.60
C ILE V 1076 81.17 46.64 100.41
N PHE V 1077 79.85 46.49 100.41
CA PHE V 1077 79.23 45.19 100.21
C PHE V 1077 78.42 45.19 98.93
N GLY V 1078 78.69 44.22 98.08
CA GLY V 1078 77.98 44.04 96.83
C GLY V 1078 76.68 43.29 97.02
N ARG V 1079 76.30 42.50 96.01
CA ARG V 1079 75.05 41.78 96.11
C ARG V 1079 75.21 40.46 96.86
N ASP V 1080 76.29 39.71 96.58
CA ASP V 1080 76.46 38.38 97.17
C ASP V 1080 77.03 38.44 98.59
N CYS V 1081 76.32 39.15 99.45
CA CYS V 1081 76.63 39.12 100.88
C CYS V 1081 76.20 37.78 101.45
N ARG V 1082 77.16 36.89 101.68
CA ARG V 1082 76.88 35.56 102.18
C ARG V 1082 77.48 35.42 103.57
N ILE V 1083 76.70 34.86 104.50
CA ILE V 1083 77.08 34.80 105.90
C ILE V 1083 77.39 33.35 106.24
N SER V 1084 78.61 33.10 106.70
CA SER V 1084 79.03 31.79 107.19
C SER V 1084 79.19 31.87 108.70
N PHE V 1085 78.63 30.89 109.40
CA PHE V 1085 78.71 30.93 110.85
C PHE V 1085 80.09 30.53 111.32
N GLY V 1086 80.46 31.02 112.49
CA GLY V 1086 81.69 30.61 113.10
C GLY V 1086 81.55 29.28 113.81
N MET V 1087 82.61 28.49 113.76
CA MET V 1087 82.64 27.20 114.40
C MET V 1087 83.49 27.28 115.66
N ASN V 1088 82.91 26.82 116.77
CA ASN V 1088 83.62 26.61 118.04
C ASN V 1088 84.20 27.90 118.60
N GLY V 1089 83.37 28.93 118.67
CA GLY V 1089 83.76 30.19 119.27
C GLY V 1089 84.29 31.22 118.31
N ALA V 1090 84.51 30.86 117.05
CA ALA V 1090 84.98 31.82 116.06
C ALA V 1090 83.85 32.76 115.67
N ALA V 1091 84.23 33.93 115.20
CA ALA V 1091 83.24 34.95 114.88
C ALA V 1091 82.60 34.66 113.52
N PRO V 1092 81.30 34.91 113.37
CA PRO V 1092 80.68 34.74 112.05
C PRO V 1092 81.11 35.85 111.10
N MET V 1093 81.20 35.51 109.83
CA MET V 1093 81.74 36.42 108.83
C MET V 1093 80.77 36.60 107.67
N ILE V 1094 80.95 37.70 106.95
CA ILE V 1094 80.11 38.08 105.82
C ILE V 1094 81.02 38.45 104.66
N ARG V 1095 80.52 38.22 103.44
CA ARG V 1095 81.35 38.31 102.24
C ARG V 1095 81.48 39.75 101.75
N ASP V 1096 82.69 40.27 101.79
CA ASP V 1096 83.04 41.52 101.13
C ASP V 1096 82.90 41.37 99.63
N GLU V 1097 82.66 42.48 98.93
CA GLU V 1097 82.52 42.40 97.48
C GLU V 1097 83.85 42.18 96.77
N THR V 1098 84.97 42.43 97.44
CA THR V 1098 86.28 42.10 96.89
C THR V 1098 86.61 40.61 97.04
N GLY V 1099 85.73 39.82 97.64
CA GLY V 1099 85.95 38.40 97.80
C GLY V 1099 86.38 37.99 99.18
N MET V 1100 86.58 38.93 100.10
CA MET V 1100 87.05 38.62 101.43
C MET V 1100 85.88 38.37 102.38
N MET V 1101 86.20 37.87 103.57
CA MET V 1101 85.23 37.60 104.62
C MET V 1101 85.59 38.47 105.81
N VAL V 1102 84.64 39.26 106.29
CA VAL V 1102 84.92 40.19 107.39
C VAL V 1102 84.02 39.88 108.59
N PRO V 1103 84.51 40.04 109.81
CA PRO V 1103 83.67 39.81 110.99
C PRO V 1103 82.68 40.96 111.18
N PHE V 1104 81.73 40.74 112.09
CA PHE V 1104 80.63 41.68 112.31
C PHE V 1104 81.13 42.84 113.16
N GLU V 1105 81.87 43.74 112.51
CA GLU V 1105 82.55 44.82 113.22
C GLU V 1105 82.95 45.89 112.22
N GLY V 1106 82.83 47.15 112.62
CA GLY V 1106 83.40 48.25 111.87
C GLY V 1106 82.38 49.06 111.08
N ASN V 1107 82.92 49.83 110.14
CA ASN V 1107 82.13 50.73 109.30
C ASN V 1107 81.79 49.99 108.01
N TRP V 1108 80.51 49.83 107.73
CA TRP V 1108 80.06 49.06 106.58
C TRP V 1108 79.25 49.92 105.62
N ILE V 1109 78.92 49.33 104.48
CA ILE V 1109 78.13 49.98 103.44
C ILE V 1109 77.15 48.95 102.87
N PHE V 1110 75.87 49.27 102.91
CA PHE V 1110 74.86 48.51 102.20
C PHE V 1110 74.29 49.32 101.07
N PRO V 1111 73.92 48.70 99.96
CA PRO V 1111 72.79 49.22 99.18
C PRO V 1111 71.51 48.89 99.92
N LEU V 1112 70.46 49.66 99.63
CA LEU V 1112 69.18 49.43 100.30
C LEU V 1112 68.54 48.13 99.84
N ALA V 1113 68.92 47.63 98.66
CA ALA V 1113 68.26 46.47 98.11
C ALA V 1113 68.60 45.18 98.84
N LEU V 1114 69.76 45.10 99.50
CA LEU V 1114 70.14 43.88 100.20
C LEU V 1114 69.24 43.62 101.40
N TRP V 1115 69.00 44.67 102.18
CA TRP V 1115 68.13 44.59 103.34
C TRP V 1115 66.70 44.22 102.96
N GLN V 1116 66.27 44.54 101.75
CA GLN V 1116 64.98 44.06 101.29
C GLN V 1116 65.06 42.67 100.67
N MET V 1117 66.22 42.26 100.17
CA MET V 1117 66.35 40.90 99.71
C MET V 1117 66.27 39.91 100.85
N ASN V 1118 66.83 40.24 102.00
CA ASN V 1118 67.00 39.25 103.06
C ASN V 1118 66.56 39.78 104.40
N THR V 1119 65.33 40.29 104.47
CA THR V 1119 64.91 41.11 105.60
C THR V 1119 64.68 40.33 106.89
N ARG V 1120 64.39 39.04 106.82
CA ARG V 1120 64.23 38.28 108.04
C ARG V 1120 65.49 37.53 108.42
N TYR V 1121 66.34 37.19 107.45
CA TYR V 1121 67.61 36.56 107.77
C TYR V 1121 68.58 37.56 108.36
N PHE V 1122 68.51 38.82 107.93
CA PHE V 1122 69.53 39.78 108.36
C PHE V 1122 69.31 40.22 109.80
N ASN V 1123 68.10 40.66 110.14
CA ASN V 1123 67.88 41.18 111.49
C ASN V 1123 67.88 40.09 112.55
N GLN V 1124 67.85 38.82 112.16
CA GLN V 1124 68.21 37.76 113.09
C GLN V 1124 69.70 37.83 113.42
N GLN V 1125 70.53 38.22 112.45
CA GLN V 1125 71.97 38.16 112.61
C GLN V 1125 72.59 39.46 113.09
N PHE V 1126 72.00 40.60 112.75
CA PHE V 1126 72.67 41.88 112.93
C PHE V 1126 72.18 42.67 114.13
N ASP V 1127 70.98 42.38 114.64
CA ASP V 1127 70.40 43.23 115.69
C ASP V 1127 71.14 43.13 117.01
N ALA V 1128 71.69 41.97 117.33
CA ALA V 1128 72.46 41.85 118.56
C ALA V 1128 73.80 42.54 118.46
N TRP V 1129 74.30 42.79 117.26
CA TRP V 1129 75.58 43.44 117.08
C TRP V 1129 75.46 44.94 116.92
N ILE V 1130 74.31 45.43 116.43
CA ILE V 1130 74.09 46.86 116.35
C ILE V 1130 73.78 47.42 117.74
N LYS V 1131 72.96 46.70 118.49
CA LYS V 1131 72.48 47.21 119.78
C LYS V 1131 73.60 47.23 120.83
N THR V 1132 74.40 46.17 120.87
CA THR V 1132 75.43 46.04 121.90
C THR V 1132 76.84 46.28 121.36
N GLY V 1133 77.19 45.65 120.25
CA GLY V 1133 78.55 45.70 119.75
C GLY V 1133 78.90 47.00 119.06
N GLU V 1134 80.01 46.96 118.33
CA GLU V 1134 80.58 48.13 117.67
C GLU V 1134 80.21 48.20 116.20
N LEU V 1135 79.23 47.43 115.76
CA LEU V 1135 78.83 47.40 114.37
C LEU V 1135 77.94 48.59 114.03
N ARG V 1136 78.36 49.40 113.06
CA ARG V 1136 77.51 50.44 112.50
C ARG V 1136 77.52 50.33 110.98
N ILE V 1137 76.39 50.68 110.37
CA ILE V 1137 76.10 50.33 108.98
C ILE V 1137 75.59 51.56 108.25
N ARG V 1138 76.17 51.85 107.10
CA ARG V 1138 75.58 52.83 106.19
C ARG V 1138 74.59 52.08 105.32
N ILE V 1139 73.43 52.68 105.08
CA ILE V 1139 72.46 52.14 104.13
C ILE V 1139 72.23 53.21 103.07
N GLU V 1140 72.74 52.95 101.88
CA GLU V 1140 72.72 53.92 100.79
C GLU V 1140 71.41 53.79 100.04
N MET V 1141 70.56 54.82 100.12
CA MET V 1141 69.24 54.69 99.55
C MET V 1141 68.71 55.91 98.81
N GLY V 1142 69.42 57.04 98.80
CA GLY V 1142 68.95 58.17 98.01
C GLY V 1142 67.95 59.05 98.74
N ALA V 1143 66.66 58.84 98.45
CA ALA V 1143 65.58 59.57 99.08
C ALA V 1143 64.85 58.69 100.07
N TYR V 1144 64.25 59.32 101.08
CA TYR V 1144 63.43 58.61 102.04
C TYR V 1144 62.48 59.57 102.72
N PRO V 1145 61.22 59.20 102.92
CA PRO V 1145 60.35 59.99 103.80
C PRO V 1145 60.74 59.78 105.25
N TYR V 1146 60.29 60.68 106.10
CA TYR V 1146 60.72 60.65 107.49
C TYR V 1146 59.67 61.23 108.40
N MET V 1147 59.69 60.80 109.66
CA MET V 1147 58.84 61.33 110.72
C MET V 1147 59.72 61.60 111.93
N LEU V 1148 59.20 62.36 112.88
CA LEU V 1148 60.01 62.84 113.99
C LEU V 1148 59.36 62.48 115.33
N HIS V 1149 60.18 62.49 116.37
CA HIS V 1149 59.72 62.21 117.73
C HIS V 1149 60.53 63.12 118.65
N TYR V 1150 59.91 64.13 119.24
CA TYR V 1150 60.71 64.99 120.11
C TYR V 1150 60.79 64.42 121.51
N TYR V 1151 61.84 64.80 122.21
CA TYR V 1151 62.05 64.39 123.60
C TYR V 1151 62.66 65.54 124.35
N ASP V 1152 62.34 65.63 125.65
CA ASP V 1152 63.22 66.61 126.27
C ASP V 1152 64.51 65.93 126.74
N PRO V 1153 65.62 66.63 126.66
CA PRO V 1153 66.88 66.02 127.08
C PRO V 1153 67.15 66.18 128.57
N ARG V 1154 66.14 66.53 129.35
CA ARG V 1154 66.25 66.47 130.79
C ARG V 1154 66.04 65.07 131.35
N GLN V 1155 65.62 64.12 130.51
CA GLN V 1155 65.36 62.76 130.96
C GLN V 1155 66.04 61.74 130.05
N TYR V 1156 65.82 60.47 130.34
CA TYR V 1156 66.44 59.40 129.58
C TYR V 1156 65.73 59.22 128.24
N ALA V 1157 66.48 58.77 127.24
CA ALA V 1157 65.93 58.52 125.92
C ALA V 1157 66.69 57.38 125.28
N ASN V 1158 65.95 56.46 124.65
CA ASN V 1158 66.55 55.32 123.98
C ASN V 1158 65.82 55.10 122.68
N ALA V 1159 66.57 55.04 121.57
CA ALA V 1159 65.99 54.92 120.25
C ALA V 1159 65.91 53.49 119.75
N TRP V 1160 66.15 52.50 120.60
CA TRP V 1160 66.14 51.14 120.10
C TRP V 1160 64.73 50.63 119.83
N ASN V 1161 63.77 51.02 120.65
CA ASN V 1161 62.39 50.58 120.45
C ASN V 1161 61.77 51.18 119.20
N LEU V 1162 62.33 52.25 118.67
CA LEU V 1162 61.91 52.81 117.40
C LEU V 1162 62.75 52.26 116.24
N THR V 1163 64.05 52.11 116.46
CA THR V 1163 64.95 51.67 115.40
C THR V 1163 64.70 50.22 115.04
N SER V 1164 64.56 49.36 116.04
CA SER V 1164 64.23 47.97 115.78
C SER V 1164 62.83 47.83 115.19
N ALA V 1165 61.90 48.69 115.61
CA ALA V 1165 60.57 48.69 115.00
C ALA V 1165 60.60 49.13 113.55
N TRP V 1166 61.55 49.98 113.17
CA TRP V 1166 61.71 50.29 111.75
C TRP V 1166 62.37 49.13 111.00
N LEU V 1167 63.38 48.51 111.60
CA LEU V 1167 64.12 47.46 110.91
C LEU V 1167 63.33 46.18 110.76
N GLU V 1168 62.38 45.90 111.65
CA GLU V 1168 61.60 44.68 111.50
C GLU V 1168 60.55 44.81 110.39
N GLU V 1169 60.15 46.03 110.07
CA GLU V 1169 59.01 46.23 109.18
C GLU V 1169 59.37 46.38 107.71
N ILE V 1170 60.66 46.50 107.38
CA ILE V 1170 61.04 46.63 105.98
C ILE V 1170 60.81 45.28 105.29
N THR V 1171 59.83 45.23 104.46
CA THR V 1171 59.43 44.08 103.67
C THR V 1171 60.10 44.18 102.29
N PRO V 1172 60.17 43.10 101.51
CA PRO V 1172 60.77 43.21 100.16
C PRO V 1172 60.02 44.08 99.16
N THR V 1173 58.94 44.76 99.53
CA THR V 1173 58.24 45.60 98.58
C THR V 1173 57.90 46.99 99.10
N SER V 1174 58.27 47.35 100.33
CA SER V 1174 58.01 48.70 100.83
C SER V 1174 58.93 49.03 101.99
N ILE V 1175 58.95 50.31 102.35
CA ILE V 1175 59.71 50.86 103.47
C ILE V 1175 58.78 51.70 104.34
N PRO V 1176 58.71 51.48 105.64
CA PRO V 1176 58.04 52.45 106.51
C PRO V 1176 58.92 53.67 106.72
N SER V 1177 58.26 54.82 106.93
CA SER V 1177 58.97 56.10 106.97
C SER V 1177 59.92 56.17 108.15
N VAL V 1178 61.12 56.64 107.89
CA VAL V 1178 62.27 56.51 108.78
C VAL V 1178 62.09 57.33 110.04
N PRO V 1179 62.07 56.72 111.21
CA PRO V 1179 61.84 57.48 112.44
C PRO V 1179 63.11 58.10 113.01
N PHE V 1180 63.08 59.39 113.25
CA PHE V 1180 64.16 60.11 113.92
C PHE V 1180 63.73 60.45 115.33
N MET V 1181 64.69 60.90 116.14
CA MET V 1181 64.34 61.67 117.33
C MET V 1181 65.38 62.76 117.51
N VAL V 1182 64.92 64.00 117.60
CA VAL V 1182 65.82 65.14 117.76
C VAL V 1182 65.42 65.80 119.08
N PRO V 1183 66.30 66.53 119.76
CA PRO V 1183 65.94 67.11 121.05
C PRO V 1183 65.07 68.36 120.87
N ILE V 1184 64.64 68.89 122.00
CA ILE V 1184 63.82 70.07 122.04
C ILE V 1184 64.70 71.24 122.45
N SER V 1185 64.30 72.45 122.08
CA SER V 1185 65.07 73.65 122.36
C SER V 1185 64.40 74.44 123.48
N SER V 1186 65.22 75.00 124.37
CA SER V 1186 64.72 75.74 125.52
C SER V 1186 65.53 77.01 125.70
N ASP V 1187 64.97 77.97 126.44
CA ASP V 1187 65.70 79.20 126.67
C ASP V 1187 66.61 79.09 127.89
N HIS V 1188 66.09 78.67 129.02
CA HIS V 1188 66.91 78.50 130.21
C HIS V 1188 67.78 77.25 130.07
N ASP V 1189 68.88 77.23 130.82
CA ASP V 1189 69.75 76.08 130.78
C ASP V 1189 69.12 74.90 131.52
N ILE V 1190 69.43 73.70 131.06
CA ILE V 1190 68.75 72.50 131.51
C ILE V 1190 69.72 71.50 132.10
N SER V 1191 69.20 70.36 132.54
CA SER V 1191 70.03 69.26 133.01
C SER V 1191 70.69 68.56 131.84
N SER V 1192 71.54 67.58 132.15
CA SER V 1192 72.33 66.88 131.16
C SER V 1192 72.12 65.38 131.35
N ALA V 1193 71.07 64.85 130.74
CA ALA V 1193 70.71 63.44 130.86
C ALA V 1193 71.18 62.66 129.65
N PRO V 1194 71.63 61.42 129.83
CA PRO V 1194 72.18 60.66 128.70
C PRO V 1194 71.08 60.18 127.78
N ALA V 1195 71.44 60.03 126.50
CA ALA V 1195 70.50 59.60 125.49
C ALA V 1195 71.23 58.72 124.48
N VAL V 1196 70.49 57.78 123.89
CA VAL V 1196 71.05 56.80 122.96
C VAL V 1196 70.32 56.96 121.64
N GLN V 1197 71.06 57.31 120.59
CA GLN V 1197 70.51 57.50 119.26
C GLN V 1197 71.13 56.52 118.29
N TYR V 1198 70.31 55.94 117.41
CA TYR V 1198 70.77 54.95 116.44
C TYR V 1198 70.68 55.44 115.01
N ILE V 1199 69.51 55.88 114.57
CA ILE V 1199 69.32 56.29 113.18
C ILE V 1199 69.63 57.77 113.06
N ILE V 1200 70.69 58.08 112.30
CA ILE V 1200 71.08 59.46 112.06
C ILE V 1200 71.21 59.69 110.56
N SER V 1201 71.04 60.94 110.16
CA SER V 1201 71.27 61.33 108.77
C SER V 1201 72.74 61.63 108.56
N THR V 1202 73.10 61.90 107.31
CA THR V 1202 74.50 62.15 106.95
C THR V 1202 74.73 63.54 106.39
N GLU V 1203 73.85 64.02 105.51
CA GLU V 1203 73.96 65.36 104.96
C GLU V 1203 72.99 66.27 105.69
N TYR V 1204 72.89 67.52 105.23
CA TYR V 1204 72.09 68.51 105.93
C TYR V 1204 70.61 68.29 105.65
N ASN V 1205 69.81 68.27 106.70
CA ASN V 1205 68.40 67.97 106.55
C ASN V 1205 67.50 68.95 107.31
N ASP V 1206 68.04 69.72 108.25
CA ASP V 1206 67.26 70.60 109.11
C ASP V 1206 67.00 71.91 108.39
N ARG V 1207 66.22 71.83 107.31
CA ARG V 1207 65.84 73.00 106.55
C ARG V 1207 64.37 73.36 106.70
N SER V 1208 63.49 72.37 106.85
CA SER V 1208 62.07 72.63 107.03
C SER V 1208 61.75 73.28 108.36
N LEU V 1209 62.68 73.23 109.31
CA LEU V 1209 62.53 73.93 110.58
C LEU V 1209 62.57 75.44 110.33
N PHE V 1210 61.54 76.15 110.80
CA PHE V 1210 61.47 77.58 110.57
C PHE V 1210 62.27 78.35 111.60
N CYS V 1211 61.88 78.27 112.87
CA CYS V 1211 62.55 79.05 113.91
C CYS V 1211 62.34 78.39 115.26
N THR V 1212 63.41 78.22 116.02
CA THR V 1212 63.33 77.62 117.33
C THR V 1212 63.17 78.71 118.38
N ASN V 1213 62.24 78.49 119.32
CA ASN V 1213 62.06 79.25 120.55
C ASN V 1213 61.78 80.73 120.24
N SER V 1214 60.62 80.92 119.60
CA SER V 1214 60.35 82.17 118.90
C SER V 1214 60.07 83.34 119.82
N SER V 1215 59.73 83.08 121.08
CA SER V 1215 59.40 84.15 121.99
C SER V 1215 60.54 84.54 122.91
N SER V 1216 61.57 83.73 123.03
CA SER V 1216 62.66 84.03 123.93
C SER V 1216 63.57 85.08 123.32
N PRO V 1217 64.45 85.70 124.11
CA PRO V 1217 65.52 86.50 123.51
C PRO V 1217 66.51 85.67 122.74
N GLN V 1218 66.82 84.47 123.21
CA GLN V 1218 67.79 83.60 122.56
C GLN V 1218 67.53 82.17 122.98
N THR V 1219 68.29 81.25 122.39
CA THR V 1219 68.22 79.83 122.70
C THR V 1219 69.58 79.39 123.23
N ILE V 1220 69.65 79.07 124.51
CA ILE V 1220 70.92 78.69 125.11
C ILE V 1220 71.27 77.24 124.78
N ALA V 1221 70.37 76.32 125.12
CA ALA V 1221 70.62 74.89 124.92
C ALA V 1221 69.69 74.37 123.83
N GLY V 1222 70.27 73.61 122.90
CA GLY V 1222 69.52 73.04 121.82
C GLY V 1222 69.90 73.64 120.48
N PRO V 1223 69.35 73.10 119.39
CA PRO V 1223 69.64 73.67 118.07
C PRO V 1223 68.95 75.00 117.86
N ASP V 1224 69.73 76.07 117.75
CA ASP V 1224 69.12 77.38 117.55
C ASP V 1224 68.90 77.67 116.06
N LYS V 1225 67.97 78.58 115.82
CA LYS V 1225 67.66 79.02 114.46
C LYS V 1225 66.95 80.36 114.56
N HIS V 1226 67.48 81.37 113.90
CA HIS V 1226 66.80 82.66 113.84
C HIS V 1226 65.68 82.60 112.81
N ILE V 1227 64.97 83.70 112.65
CA ILE V 1227 64.05 83.84 111.53
C ILE V 1227 64.84 83.84 110.23
N PRO V 1228 64.47 83.04 109.23
CA PRO V 1228 65.27 82.98 108.00
C PRO V 1228 65.21 84.26 107.18
N VAL V 1229 66.30 85.02 107.25
CA VAL V 1229 66.36 86.32 106.61
C VAL V 1229 66.50 86.20 105.11
N GLU V 1230 66.98 85.05 104.61
CA GLU V 1230 67.12 84.85 103.18
C GLU V 1230 65.79 84.66 102.48
N ARG V 1231 64.72 84.36 103.21
CA ARG V 1231 63.41 84.23 102.61
C ARG V 1231 62.61 85.52 102.62
N TYR V 1232 62.95 86.47 103.48
CA TYR V 1232 62.29 87.77 103.45
C TYR V 1232 63.23 88.80 102.83
N ASN V 1233 63.34 88.72 101.51
CA ASN V 1233 64.40 89.43 100.80
C ASN V 1233 64.07 90.91 100.67
N ILE V 1234 62.81 91.22 100.34
CA ILE V 1234 62.45 92.59 100.00
C ILE V 1234 62.12 93.40 101.23
N LEU V 1235 62.42 92.85 102.41
CA LEU V 1235 62.23 93.53 103.67
C LEU V 1235 63.54 93.83 104.36
N THR V 1236 64.58 93.06 104.08
CA THR V 1236 65.85 93.18 104.77
C THR V 1236 67.00 93.60 103.86
N ASN V 1237 66.87 93.39 102.56
CA ASN V 1237 67.86 93.89 101.61
C ASN V 1237 67.40 95.27 101.18
N PRO V 1238 68.13 96.33 101.50
CA PRO V 1238 67.67 97.67 101.09
C PRO V 1238 67.84 97.96 99.62
N ASP V 1239 68.77 97.29 98.93
CA ASP V 1239 68.95 97.47 97.49
C ASP V 1239 68.39 96.26 96.77
N ALA V 1240 67.09 96.28 96.54
CA ALA V 1240 66.43 95.21 95.84
C ALA V 1240 65.14 95.73 95.22
N PRO V 1241 64.95 95.54 93.91
CA PRO V 1241 63.64 95.85 93.34
C PRO V 1241 62.62 94.85 93.82
N PRO V 1242 61.36 95.28 93.99
CA PRO V 1242 60.35 94.37 94.54
C PRO V 1242 59.96 93.24 93.62
N THR V 1243 60.29 93.33 92.34
CA THR V 1243 60.02 92.24 91.40
C THR V 1243 60.96 91.06 91.62
N GLN V 1244 62.11 91.28 92.26
CA GLN V 1244 63.21 90.31 92.27
C GLN V 1244 62.86 89.07 93.09
N ILE V 1245 63.18 87.90 92.54
CA ILE V 1245 62.91 86.62 93.16
C ILE V 1245 64.11 85.70 92.96
N GLN V 1246 64.53 85.02 94.02
CA GLN V 1246 65.61 84.04 93.91
C GLN V 1246 65.06 82.62 93.75
N LEU V 1247 64.13 82.47 92.82
CA LEU V 1247 63.32 81.24 92.71
C LEU V 1247 64.07 79.94 92.41
N PRO V 1248 65.16 79.88 91.63
CA PRO V 1248 65.88 78.59 91.55
C PRO V 1248 66.51 78.12 92.85
N GLU V 1249 66.97 79.04 93.70
CA GLU V 1249 67.70 78.62 94.89
C GLU V 1249 66.78 78.41 96.09
N VAL V 1250 66.08 79.45 96.51
CA VAL V 1250 65.14 79.37 97.61
C VAL V 1250 63.94 80.24 97.31
N VAL V 1251 62.74 79.69 97.50
CA VAL V 1251 61.52 80.47 97.34
C VAL V 1251 61.41 81.46 98.50
N ASP V 1252 60.98 82.67 98.20
CA ASP V 1252 60.69 83.64 99.25
C ASP V 1252 59.22 83.55 99.64
N LEU V 1253 58.85 84.21 100.73
CA LEU V 1253 57.49 84.06 101.23
C LEU V 1253 56.71 85.37 101.29
N TYR V 1254 57.16 86.40 100.58
CA TYR V 1254 56.53 87.71 100.59
C TYR V 1254 57.02 88.46 99.38
N ASN V 1255 56.13 88.79 98.44
CA ASN V 1255 56.56 89.52 97.25
C ASN V 1255 55.39 90.26 96.64
N VAL V 1256 55.61 90.81 95.45
CA VAL V 1256 54.54 91.48 94.72
C VAL V 1256 53.60 90.43 94.17
N VAL V 1257 52.30 90.66 94.32
CA VAL V 1257 51.30 89.87 93.63
C VAL V 1257 50.26 90.83 93.09
N THR V 1258 49.74 90.54 91.90
CA THR V 1258 48.95 91.49 91.14
C THR V 1258 47.55 90.94 90.94
N ARG V 1259 46.56 91.63 91.50
CA ARG V 1259 45.19 91.15 91.54
C ARG V 1259 44.32 91.87 90.52
N TYR V 1260 43.37 91.14 89.96
CA TYR V 1260 42.68 91.53 88.75
C TYR V 1260 41.18 91.65 88.99
N ALA V 1261 40.52 92.38 88.08
CA ALA V 1261 39.07 92.45 88.03
C ALA V 1261 38.70 92.43 86.55
N TYR V 1262 38.53 91.24 85.99
CA TYR V 1262 38.19 91.09 84.59
C TYR V 1262 36.70 90.87 84.43
N GLU V 1263 36.27 90.85 83.17
CA GLU V 1263 34.89 90.56 82.82
C GLU V 1263 34.86 89.52 81.72
N THR V 1264 33.95 88.56 81.85
CA THR V 1264 33.74 87.51 80.84
C THR V 1264 32.33 87.68 80.31
N PRO V 1265 32.15 88.48 79.27
CA PRO V 1265 30.81 88.69 78.74
C PRO V 1265 30.40 87.52 77.87
N PRO V 1266 29.11 87.30 77.68
CA PRO V 1266 28.68 86.28 76.73
C PRO V 1266 28.87 86.72 75.29
N ILE V 1267 28.51 85.87 74.35
CA ILE V 1267 28.88 86.03 72.94
C ILE V 1267 27.60 86.37 72.18
N THR V 1268 27.44 87.64 71.84
CA THR V 1268 26.23 88.11 71.19
C THR V 1268 26.48 88.43 69.72
N ALA V 1269 25.41 88.38 68.93
CA ALA V 1269 25.46 88.73 67.53
C ALA V 1269 24.05 89.07 67.06
N VAL V 1270 23.98 89.94 66.07
CA VAL V 1270 22.71 90.30 65.44
C VAL V 1270 22.79 89.83 63.99
N VAL V 1271 22.05 88.78 63.67
CA VAL V 1271 22.14 88.15 62.36
C VAL V 1271 21.17 88.85 61.42
N MET V 1272 21.71 89.54 60.42
CA MET V 1272 20.91 90.24 59.43
C MET V 1272 20.88 89.47 58.13
N GLY V 1273 19.76 89.57 57.42
CA GLY V 1273 19.64 88.94 56.13
C GLY V 1273 20.11 89.84 55.00
N VAL V 1274 20.55 89.21 53.91
CA VAL V 1274 21.06 89.95 52.76
C VAL V 1274 20.04 89.83 51.64
N PRO V 1275 19.76 90.90 50.87
CA PRO V 1275 18.80 90.81 49.78
C PRO V 1275 19.26 89.92 48.63
ZN ZN W . -2.55 -27.68 52.86
ZN ZN X . -13.56 -30.40 24.22
ZN ZN Y . 72.39 -37.43 95.14
ZN ZN Z . -6.88 -128.05 17.85
ZN ZN AA . -106.50 -52.19 -50.89
ZN ZN BA . -89.34 85.53 -16.38
ZN ZN CA . 21.20 94.55 74.12
#